data_4V6H
#
_entry.id   4V6H
#
_cell.length_a   185.656
_cell.length_b   164.873
_cell.length_c   278.901
_cell.angle_alpha   90.00
_cell.angle_beta   92.01
_cell.angle_gamma   90.00
#
_symmetry.space_group_name_H-M   'P 1 21 1'
#
loop_
_entity.id
_entity.type
_entity.pdbx_description
1 polymer 'Succinate-semialdehyde dehydrogenase (NADP+)'
2 water water
#
_entity_poly.entity_id   1
_entity_poly.type   'polypeptide(L)'
_entity_poly.pdbx_seq_one_letter_code
;GPGSMKDPSLLRHQAYIGGEWQAADSDATFEVFDPATGESLGTVPKMGAAETARAIEAAQAAWAGWRMKTAKERAAILRR
WFDLVIANSDDLALILTTEQGKPLAEAKGEIAYAASFIEWFAEEGKRVAGDTLPTPDANKRIVVVKEPIGVCAAITPWNF
PAAMIARKVGPALAAGCPIVVKPAESTPFSALAMAFLAERAGVPKGVLSVVIGDPKAIGTEITSNPIVRKLSFTGSTAVG
RLLMAQSAPTVKKLTLELGGNAPFIVFDDADLDAAVEGAIASKYRNNGQTCVCTNRFFVHERVYDAFADKLAAAVSKLKV
GRGTESGATLGPLINEAAVKKVESHIADALAKGASLMTGGKRHALGHGFFEPTVLTGVKPDMDVAKEETFGPLAPLFRFA
SEEELVRLANDTEFGLAAYLYSRDIGRVWRVAEALEYGMVGINTGLISNEVAPFGGVKQSGLGREGSHYGIDDYVVIKYL
CVAV
;
_entity_poly.pdbx_strand_id   A,B,C,D,E,F,G,H,I,J,K,L,M,N,O,P,Q,R,S,T,U,V,W,X,Y,Z,1,2,3,4,5,6
#
# COMPACT_ATOMS: atom_id res chain seq x y z
N GLY A 3 -77.55 55.24 70.20
CA GLY A 3 -77.77 56.67 70.59
C GLY A 3 -79.12 57.21 70.14
N SER A 4 -79.10 58.02 69.09
CA SER A 4 -80.33 58.57 68.50
C SER A 4 -80.62 57.97 67.13
N MET A 5 -80.91 56.66 67.14
CA MET A 5 -81.18 55.88 65.93
C MET A 5 -82.36 54.94 66.15
N LYS A 6 -83.07 54.62 65.07
CA LYS A 6 -84.20 53.69 65.13
C LYS A 6 -83.83 52.34 65.74
N ASP A 7 -82.64 51.85 65.41
CA ASP A 7 -82.15 50.61 65.99
C ASP A 7 -80.83 50.86 66.71
N PRO A 8 -80.91 51.33 67.98
CA PRO A 8 -79.69 51.65 68.73
C PRO A 8 -78.69 50.50 68.78
N SER A 9 -79.19 49.26 68.71
CA SER A 9 -78.32 48.09 68.81
C SER A 9 -77.43 47.88 67.57
N LEU A 10 -77.56 48.76 66.57
CA LEU A 10 -76.66 48.72 65.41
C LEU A 10 -75.22 49.15 65.75
N LEU A 11 -75.08 50.09 66.70
CA LEU A 11 -73.77 50.48 67.20
C LEU A 11 -73.21 49.36 68.04
N ARG A 12 -72.00 48.92 67.70
CA ARG A 12 -71.39 47.76 68.37
C ARG A 12 -70.12 48.11 69.13
N HIS A 13 -69.96 47.48 70.29
CA HIS A 13 -68.83 47.74 71.16
C HIS A 13 -68.10 46.45 71.50
N GLN A 14 -68.38 45.42 70.72
CA GLN A 14 -67.64 44.16 70.78
C GLN A 14 -67.32 43.69 69.37
N ALA A 15 -66.23 42.93 69.23
CA ALA A 15 -65.84 42.38 67.94
C ALA A 15 -66.64 41.12 67.62
N TYR A 16 -66.50 40.62 66.40
CA TYR A 16 -67.25 39.44 65.98
C TYR A 16 -66.28 38.30 65.67
N ILE A 17 -65.85 37.61 66.72
CA ILE A 17 -64.89 36.54 66.57
C ILE A 17 -65.61 35.21 66.46
N GLY A 18 -65.51 34.60 65.27
CA GLY A 18 -66.04 33.26 65.02
C GLY A 18 -67.54 33.09 65.15
N GLY A 19 -68.28 34.17 64.95
CA GLY A 19 -69.74 34.13 65.01
C GLY A 19 -70.31 34.41 66.39
N GLU A 20 -69.48 34.90 67.30
CA GLU A 20 -69.93 35.31 68.63
C GLU A 20 -69.29 36.63 69.06
N TRP A 21 -70.10 37.49 69.68
CA TRP A 21 -69.66 38.82 70.09
C TRP A 21 -68.81 38.79 71.36
N GLN A 22 -67.60 39.33 71.28
CA GLN A 22 -66.60 39.16 72.33
C GLN A 22 -65.80 40.42 72.58
N ALA A 23 -65.35 40.58 73.83
CA ALA A 23 -64.36 41.57 74.19
C ALA A 23 -62.97 40.96 74.00
N ALA A 24 -61.92 41.75 74.19
CA ALA A 24 -60.56 41.23 74.08
C ALA A 24 -60.32 40.19 75.14
N ASP A 25 -59.46 39.21 74.84
CA ASP A 25 -59.07 38.19 75.82
C ASP A 25 -58.63 38.80 77.15
N SER A 26 -58.11 40.02 77.09
CA SER A 26 -57.63 40.75 78.26
C SER A 26 -58.34 42.10 78.45
N ASP A 27 -59.65 42.13 78.17
CA ASP A 27 -60.52 43.28 78.48
C ASP A 27 -60.09 44.65 77.93
N ALA A 28 -58.96 44.66 77.23
CA ALA A 28 -58.37 45.89 76.71
C ALA A 28 -59.25 46.48 75.61
N THR A 29 -59.28 47.81 75.56
CA THR A 29 -60.02 48.54 74.54
C THR A 29 -59.18 49.72 74.06
N PHE A 30 -59.75 50.47 73.11
CA PHE A 30 -59.26 51.78 72.72
C PHE A 30 -60.48 52.57 72.29
N GLU A 31 -60.33 53.89 72.18
CA GLU A 31 -61.43 54.79 71.94
C GLU A 31 -61.56 55.16 70.46
N VAL A 32 -62.79 55.51 70.05
CA VAL A 32 -63.05 55.98 68.69
C VAL A 32 -63.71 57.35 68.77
N PHE A 33 -63.19 58.29 68.00
CA PHE A 33 -63.61 59.69 68.09
C PHE A 33 -64.25 60.19 66.80
N ASP A 34 -65.23 61.08 66.97
CA ASP A 34 -65.85 61.82 65.87
C ASP A 34 -64.80 62.78 65.27
N PRO A 35 -64.56 62.70 63.95
CA PRO A 35 -63.53 63.53 63.31
C PRO A 35 -63.93 65.00 63.11
N ALA A 36 -65.20 65.31 63.32
CA ALA A 36 -65.71 66.67 63.11
C ALA A 36 -65.79 67.48 64.41
N THR A 37 -66.00 66.78 65.53
CA THR A 37 -66.21 67.43 66.83
C THR A 37 -65.42 66.81 67.99
N GLY A 38 -64.65 65.77 67.72
CA GLY A 38 -63.70 65.23 68.70
C GLY A 38 -64.26 64.40 69.82
N GLU A 39 -65.59 64.27 69.89
CA GLU A 39 -66.24 63.59 71.01
C GLU A 39 -66.01 62.09 70.98
N SER A 40 -65.93 61.50 72.17
CA SER A 40 -65.82 60.06 72.34
C SER A 40 -67.09 59.37 71.85
N LEU A 41 -66.94 58.50 70.86
CA LEU A 41 -68.06 57.77 70.31
C LEU A 41 -68.26 56.45 71.06
N GLY A 42 -67.31 56.11 71.93
CA GLY A 42 -67.40 54.89 72.74
C GLY A 42 -66.14 54.06 72.63
N THR A 43 -66.22 52.81 73.07
CA THR A 43 -65.06 51.92 73.04
C THR A 43 -65.26 50.64 72.23
N VAL A 44 -64.14 50.09 71.78
CA VAL A 44 -64.10 48.84 71.04
C VAL A 44 -62.86 48.08 71.52
N PRO A 45 -62.90 46.73 71.47
CA PRO A 45 -61.81 45.86 71.93
C PRO A 45 -60.44 46.14 71.30
N LYS A 46 -59.37 45.73 72.00
CA LYS A 46 -58.00 45.86 71.49
C LYS A 46 -57.35 44.48 71.48
N MET A 47 -57.61 43.73 70.40
CA MET A 47 -57.18 42.34 70.28
C MET A 47 -55.86 42.20 69.53
N GLY A 48 -55.39 40.96 69.43
CA GLY A 48 -54.16 40.63 68.72
C GLY A 48 -54.13 39.17 68.30
N ALA A 49 -52.92 38.62 68.18
CA ALA A 49 -52.67 37.26 67.68
C ALA A 49 -53.60 36.17 68.21
N ALA A 50 -53.83 36.14 69.52
CA ALA A 50 -54.69 35.12 70.14
C ALA A 50 -56.11 35.13 69.57
N GLU A 51 -56.77 36.29 69.64
CA GLU A 51 -58.14 36.45 69.17
C GLU A 51 -58.26 36.22 67.66
N THR A 52 -57.28 36.73 66.90
CA THR A 52 -57.20 36.53 65.46
C THR A 52 -57.05 35.05 65.10
N ALA A 53 -56.32 34.29 65.91
CA ALA A 53 -56.13 32.86 65.67
C ALA A 53 -57.41 32.03 65.87
N ARG A 54 -58.24 32.43 66.84
CA ARG A 54 -59.53 31.80 67.04
C ARG A 54 -60.45 32.06 65.85
N ALA A 55 -60.46 33.31 65.38
CA ALA A 55 -61.26 33.71 64.22
C ALA A 55 -60.90 32.88 62.99
N ILE A 56 -59.60 32.86 62.68
CA ILE A 56 -59.06 32.03 61.62
C ILE A 56 -59.43 30.54 61.78
N GLU A 57 -59.26 29.99 62.99
CA GLU A 57 -59.60 28.59 63.29
C GLU A 57 -61.10 28.31 63.21
N ALA A 58 -61.90 29.34 63.51
CA ALA A 58 -63.35 29.25 63.40
C ALA A 58 -63.79 29.22 61.92
N ALA A 59 -63.07 29.96 61.08
CA ALA A 59 -63.39 30.04 59.66
C ALA A 59 -63.16 28.71 58.95
N GLN A 60 -62.15 27.97 59.39
CA GLN A 60 -61.83 26.66 58.84
C GLN A 60 -62.89 25.63 59.23
N ALA A 61 -63.36 25.71 60.48
CA ALA A 61 -64.42 24.81 60.97
C ALA A 61 -65.77 25.10 60.29
N ALA A 62 -65.99 26.34 59.87
CA ALA A 62 -67.24 26.73 59.21
C ALA A 62 -67.25 26.46 57.70
N TRP A 63 -66.08 26.23 57.12
CA TRP A 63 -65.92 26.19 55.67
C TRP A 63 -66.63 25.00 55.02
N ALA A 64 -66.42 23.80 55.55
CA ALA A 64 -67.07 22.59 55.04
C ALA A 64 -68.59 22.74 54.87
N GLY A 65 -69.26 23.28 55.90
CA GLY A 65 -70.70 23.45 55.89
C GLY A 65 -71.16 24.62 55.03
N TRP A 66 -70.31 25.62 54.85
CA TRP A 66 -70.65 26.75 54.00
C TRP A 66 -70.49 26.41 52.52
N ARG A 67 -69.40 25.76 52.15
CA ARG A 67 -69.16 25.41 50.75
C ARG A 67 -70.13 24.35 50.22
N MET A 68 -70.70 23.58 51.14
CA MET A 68 -71.62 22.48 50.84
C MET A 68 -73.01 22.96 50.39
N LYS A 69 -73.39 24.15 50.85
CA LYS A 69 -74.56 24.86 50.32
C LYS A 69 -74.40 25.09 48.82
N THR A 70 -75.54 25.18 48.14
CA THR A 70 -75.53 25.56 46.73
C THR A 70 -75.28 27.06 46.64
N ALA A 71 -74.82 27.50 45.46
CA ALA A 71 -74.70 28.91 45.17
C ALA A 71 -76.06 29.61 45.38
N LYS A 72 -77.13 28.94 44.95
CA LYS A 72 -78.50 29.39 45.16
C LYS A 72 -78.76 29.74 46.63
N GLU A 73 -78.51 28.78 47.52
CA GLU A 73 -78.64 28.97 48.97
C GLU A 73 -77.81 30.14 49.53
N ARG A 74 -76.52 30.19 49.21
CA ARG A 74 -75.66 31.27 49.70
C ARG A 74 -76.15 32.63 49.19
N ALA A 75 -76.62 32.65 47.94
CA ALA A 75 -77.19 33.85 47.35
C ALA A 75 -78.37 34.38 48.18
N ALA A 76 -79.20 33.46 48.68
CA ALA A 76 -80.37 33.82 49.48
C ALA A 76 -79.97 34.46 50.79
N ILE A 77 -78.99 33.87 51.46
CA ILE A 77 -78.49 34.41 52.72
C ILE A 77 -77.86 35.79 52.51
N LEU A 78 -77.13 35.96 51.41
CA LEU A 78 -76.51 37.26 51.09
C LEU A 78 -77.57 38.30 50.69
N ARG A 79 -78.62 37.82 50.04
CA ARG A 79 -79.73 38.65 49.64
C ARG A 79 -80.52 39.15 50.85
N ARG A 80 -80.69 38.29 51.85
CA ARG A 80 -81.33 38.70 53.10
C ARG A 80 -80.50 39.79 53.78
N TRP A 81 -79.18 39.68 53.65
CA TRP A 81 -78.23 40.68 54.16
C TRP A 81 -78.34 41.97 53.37
N PHE A 82 -78.45 41.84 52.04
CA PHE A 82 -78.67 42.98 51.15
C PHE A 82 -79.90 43.80 51.58
N ASP A 83 -81.04 43.10 51.75
CA ASP A 83 -82.31 43.71 52.15
C ASP A 83 -82.20 44.49 53.46
N LEU A 84 -81.54 43.88 54.44
CA LEU A 84 -81.33 44.51 55.73
C LEU A 84 -80.40 45.71 55.62
N VAL A 85 -79.39 45.62 54.76
CA VAL A 85 -78.51 46.76 54.55
C VAL A 85 -79.31 47.92 53.95
N ILE A 86 -80.26 47.60 53.06
CA ILE A 86 -81.15 48.59 52.46
C ILE A 86 -82.16 49.11 53.49
N ALA A 87 -82.77 48.19 54.24
CA ALA A 87 -83.76 48.56 55.25
C ALA A 87 -83.19 49.51 56.31
N ASN A 88 -81.96 49.24 56.75
CA ASN A 88 -81.32 50.02 57.81
C ASN A 88 -80.39 51.12 57.28
N SER A 89 -80.63 51.53 56.04
CA SER A 89 -79.77 52.48 55.34
C SER A 89 -79.53 53.78 56.11
N ASP A 90 -80.58 54.31 56.74
CA ASP A 90 -80.52 55.60 57.42
C ASP A 90 -79.64 55.58 58.69
N ASP A 91 -79.78 54.53 59.49
CA ASP A 91 -78.94 54.34 60.68
C ASP A 91 -77.47 54.12 60.31
N LEU A 92 -77.24 53.26 59.31
CA LEU A 92 -75.89 52.92 58.87
C LEU A 92 -75.14 54.12 58.28
N ALA A 93 -75.89 55.03 57.67
CA ALA A 93 -75.33 56.30 57.22
C ALA A 93 -74.79 57.14 58.40
N LEU A 94 -75.62 57.33 59.43
CA LEU A 94 -75.26 58.20 60.54
C LEU A 94 -74.06 57.66 61.32
N ILE A 95 -74.01 56.35 61.54
CA ILE A 95 -72.85 55.71 62.15
C ILE A 95 -71.59 56.02 61.33
N LEU A 96 -71.72 55.90 60.00
CA LEU A 96 -70.63 56.17 59.08
C LEU A 96 -70.21 57.64 59.10
N THR A 97 -71.18 58.55 59.05
CA THR A 97 -70.87 59.97 59.09
C THR A 97 -70.27 60.34 60.44
N THR A 98 -70.86 59.83 61.51
CA THR A 98 -70.40 60.11 62.86
C THR A 98 -68.96 59.62 63.09
N GLU A 99 -68.62 58.46 62.54
CA GLU A 99 -67.30 57.88 62.79
C GLU A 99 -66.25 58.19 61.73
N GLN A 100 -66.69 58.61 60.54
CA GLN A 100 -65.77 58.89 59.43
C GLN A 100 -65.74 60.36 58.99
N GLY A 101 -66.90 61.01 58.96
CA GLY A 101 -66.94 62.44 58.67
C GLY A 101 -67.68 62.92 57.42
N LYS A 102 -67.70 62.11 56.37
CA LYS A 102 -68.37 62.50 55.12
C LYS A 102 -69.84 62.88 55.34
N PRO A 103 -70.37 63.82 54.54
CA PRO A 103 -71.77 64.24 54.65
C PRO A 103 -72.77 63.05 54.58
N LEU A 104 -73.99 63.26 55.07
CA LEU A 104 -75.06 62.24 54.99
C LEU A 104 -75.39 61.76 53.57
N ALA A 105 -75.67 62.70 52.66
CA ALA A 105 -75.98 62.36 51.26
C ALA A 105 -74.96 61.37 50.74
N GLU A 106 -73.69 61.63 51.05
CA GLU A 106 -72.55 60.81 50.65
C GLU A 106 -72.51 59.45 51.35
N ALA A 107 -72.79 59.45 52.65
CA ALA A 107 -72.83 58.19 53.41
C ALA A 107 -73.98 57.30 52.94
N LYS A 108 -75.12 57.92 52.63
CA LYS A 108 -76.26 57.19 52.08
C LYS A 108 -75.90 56.58 50.72
N GLY A 109 -75.30 57.41 49.86
CA GLY A 109 -74.72 56.96 48.58
C GLY A 109 -73.77 55.78 48.74
N GLU A 110 -72.95 55.82 49.80
CA GLU A 110 -72.03 54.71 50.08
C GLU A 110 -72.74 53.46 50.55
N ILE A 111 -73.79 53.61 51.34
CA ILE A 111 -74.53 52.43 51.81
C ILE A 111 -75.16 51.69 50.62
N ALA A 112 -75.63 52.44 49.63
CA ALA A 112 -76.22 51.87 48.41
C ALA A 112 -75.16 51.15 47.56
N TYR A 113 -74.07 51.87 47.27
CA TYR A 113 -72.86 51.31 46.71
C TYR A 113 -72.49 49.99 47.38
N ALA A 114 -72.34 50.01 48.71
CA ALA A 114 -72.01 48.81 49.48
C ALA A 114 -73.01 47.68 49.24
N ALA A 115 -74.30 48.03 49.25
CA ALA A 115 -75.37 47.06 49.07
C ALA A 115 -75.36 46.47 47.66
N SER A 116 -75.15 47.33 46.66
CA SER A 116 -75.12 46.88 45.26
C SER A 116 -74.03 45.82 45.05
N PHE A 117 -72.97 45.88 45.85
CA PHE A 117 -71.91 44.87 45.82
C PHE A 117 -72.34 43.54 46.42
N ILE A 118 -73.08 43.56 47.52
CA ILE A 118 -73.58 42.34 48.12
C ILE A 118 -74.46 41.63 47.09
N GLU A 119 -75.41 42.38 46.53
CA GLU A 119 -76.30 41.88 45.49
C GLU A 119 -75.53 41.25 44.32
N TRP A 120 -74.57 42.00 43.78
CA TRP A 120 -73.82 41.58 42.61
C TRP A 120 -73.10 40.22 42.73
N PHE A 121 -72.46 39.99 43.88
CA PHE A 121 -71.71 38.75 44.10
C PHE A 121 -72.64 37.60 44.52
N ALA A 122 -73.76 37.94 45.14
CA ALA A 122 -74.81 36.97 45.36
C ALA A 122 -75.15 36.30 44.02
N GLU A 123 -75.34 37.14 43.00
CA GLU A 123 -75.61 36.69 41.63
C GLU A 123 -74.40 36.05 40.94
N GLU A 124 -73.19 36.57 41.21
CA GLU A 124 -71.97 36.05 40.56
C GLU A 124 -71.58 34.70 41.11
N GLY A 125 -71.92 34.47 42.38
CA GLY A 125 -71.69 33.19 43.01
C GLY A 125 -72.31 32.06 42.21
N LYS A 126 -73.48 32.33 41.63
CA LYS A 126 -74.19 31.32 40.84
C LYS A 126 -73.65 31.14 39.42
N ARG A 127 -72.62 31.91 39.06
CA ARG A 127 -72.14 31.93 37.67
C ARG A 127 -70.64 31.62 37.51
N VAL A 128 -70.00 31.23 38.61
CA VAL A 128 -68.59 30.85 38.59
C VAL A 128 -68.48 29.60 37.73
N ALA A 129 -67.81 29.72 36.59
CA ALA A 129 -67.83 28.65 35.60
C ALA A 129 -66.46 28.06 35.24
N GLY A 130 -66.44 26.74 35.04
CA GLY A 130 -65.27 26.03 34.55
C GLY A 130 -65.41 25.78 33.06
N ASP A 131 -64.76 24.73 32.58
CA ASP A 131 -64.57 24.51 31.15
C ASP A 131 -64.67 23.03 30.78
N THR A 132 -65.17 22.76 29.59
CA THR A 132 -64.87 21.50 28.89
C THR A 132 -64.15 21.84 27.59
N LEU A 133 -63.01 21.20 27.37
CA LEU A 133 -62.09 21.61 26.31
C LEU A 133 -61.84 20.50 25.29
N PRO A 134 -61.61 20.87 24.01
CA PRO A 134 -61.28 19.85 23.01
C PRO A 134 -59.94 19.22 23.35
N THR A 135 -59.92 17.90 23.43
CA THR A 135 -58.74 17.16 23.86
C THR A 135 -57.67 17.07 22.74
N PRO A 136 -56.38 17.09 23.15
CA PRO A 136 -55.25 16.86 22.26
C PRO A 136 -54.77 15.39 22.24
N ASP A 137 -55.45 14.54 23.02
CA ASP A 137 -55.20 13.09 23.04
C ASP A 137 -56.56 12.38 23.08
N ALA A 138 -56.88 11.65 22.02
CA ALA A 138 -58.21 11.08 21.81
C ALA A 138 -58.72 10.17 22.93
N ASN A 139 -57.81 9.57 23.70
CA ASN A 139 -58.19 8.70 24.80
C ASN A 139 -58.38 9.43 26.13
N LYS A 140 -58.47 10.76 26.08
CA LYS A 140 -58.69 11.56 27.28
C LYS A 140 -59.72 12.65 27.05
N ARG A 141 -60.21 13.20 28.16
CA ARG A 141 -61.21 14.27 28.17
C ARG A 141 -60.79 15.29 29.23
N ILE A 142 -60.94 16.57 28.90
CA ILE A 142 -60.52 17.66 29.80
C ILE A 142 -61.71 18.38 30.40
N VAL A 143 -61.79 18.35 31.72
CA VAL A 143 -62.81 19.09 32.44
C VAL A 143 -62.14 19.97 33.46
N VAL A 144 -62.47 21.26 33.42
CA VAL A 144 -61.97 22.20 34.39
C VAL A 144 -63.13 22.59 35.28
N VAL A 145 -62.88 22.63 36.58
CA VAL A 145 -63.85 23.09 37.56
C VAL A 145 -63.20 24.11 38.48
N LYS A 146 -64.04 24.83 39.21
CA LYS A 146 -63.59 25.88 40.09
C LYS A 146 -64.18 25.71 41.48
N GLU A 147 -63.35 25.84 42.50
CA GLU A 147 -63.77 25.66 43.90
C GLU A 147 -63.26 26.80 44.75
N PRO A 148 -63.91 27.08 45.89
CA PRO A 148 -63.43 28.14 46.78
C PRO A 148 -61.98 27.93 47.16
N ILE A 149 -61.24 29.01 47.38
CA ILE A 149 -59.83 28.90 47.71
C ILE A 149 -59.59 28.29 49.10
N GLY A 150 -60.40 28.71 50.06
CA GLY A 150 -60.16 28.43 51.47
C GLY A 150 -60.42 29.68 52.28
N VAL A 151 -60.03 29.65 53.55
CA VAL A 151 -60.18 30.80 54.43
C VAL A 151 -59.49 32.02 53.81
N CYS A 152 -60.24 33.10 53.69
CA CYS A 152 -59.73 34.34 53.15
C CYS A 152 -59.58 35.31 54.30
N ALA A 153 -58.77 36.34 54.10
CA ALA A 153 -58.68 37.44 55.04
C ALA A 153 -58.71 38.79 54.32
N ALA A 154 -59.23 39.80 55.01
CA ALA A 154 -59.35 41.13 54.44
C ALA A 154 -58.91 42.20 55.43
N ILE A 155 -58.15 43.16 54.93
CA ILE A 155 -57.75 44.34 55.68
C ILE A 155 -58.22 45.56 54.90
N THR A 156 -59.17 46.30 55.47
CA THR A 156 -59.86 47.37 54.77
C THR A 156 -59.49 48.75 55.34
N PRO A 157 -59.59 49.80 54.51
CA PRO A 157 -59.28 51.15 54.96
C PRO A 157 -60.45 51.88 55.62
N TRP A 158 -60.22 53.15 55.96
CA TRP A 158 -61.17 54.00 56.67
C TRP A 158 -62.03 54.88 55.76
N ASN A 159 -61.59 55.16 54.53
CA ASN A 159 -62.34 56.10 53.69
C ASN A 159 -63.69 55.60 53.17
N PHE A 160 -63.84 54.29 53.03
CA PHE A 160 -65.12 53.69 52.70
C PHE A 160 -65.41 52.51 53.63
N PRO A 161 -65.70 52.80 54.91
CA PRO A 161 -65.74 51.73 55.90
C PRO A 161 -66.96 50.80 55.80
N ALA A 162 -67.94 51.18 54.98
CA ALA A 162 -69.08 50.31 54.68
C ALA A 162 -68.82 49.55 53.39
N ALA A 163 -68.52 50.29 52.33
CA ALA A 163 -68.30 49.72 51.00
C ALA A 163 -67.20 48.65 50.93
N MET A 164 -66.10 48.89 51.65
CA MET A 164 -64.94 47.98 51.64
C MET A 164 -65.22 46.62 52.28
N ILE A 165 -66.18 46.61 53.21
CA ILE A 165 -66.60 45.40 53.89
C ILE A 165 -67.44 44.57 52.93
N ALA A 166 -68.20 45.27 52.07
CA ALA A 166 -69.07 44.63 51.09
C ALA A 166 -68.27 44.06 49.92
N ARG A 167 -67.23 44.81 49.53
CA ARG A 167 -66.43 44.49 48.36
C ARG A 167 -65.50 43.32 48.60
N LYS A 168 -65.32 42.97 49.87
CA LYS A 168 -64.39 41.92 50.22
C LYS A 168 -65.11 40.74 50.83
N VAL A 169 -66.11 41.01 51.65
CA VAL A 169 -66.91 39.93 52.24
C VAL A 169 -67.82 39.32 51.17
N GLY A 170 -68.42 40.18 50.36
CA GLY A 170 -69.31 39.75 49.27
C GLY A 170 -68.76 38.66 48.37
N PRO A 171 -67.67 38.96 47.62
CA PRO A 171 -67.17 37.94 46.68
C PRO A 171 -66.59 36.70 47.37
N ALA A 172 -66.11 36.84 48.59
CA ALA A 172 -65.59 35.68 49.34
C ALA A 172 -66.72 34.71 49.65
N LEU A 173 -67.66 35.15 50.49
CA LEU A 173 -68.79 34.32 50.87
C LEU A 173 -69.50 33.74 49.67
N ALA A 174 -69.68 34.57 48.64
CA ALA A 174 -70.30 34.13 47.38
C ALA A 174 -69.59 32.95 46.73
N ALA A 175 -68.25 32.97 46.73
CA ALA A 175 -67.45 31.92 46.09
C ALA A 175 -67.43 30.61 46.89
N GLY A 176 -68.03 30.62 48.08
CA GLY A 176 -68.03 29.47 48.97
C GLY A 176 -67.00 29.61 50.09
N CYS A 177 -66.55 30.84 50.34
CA CYS A 177 -65.39 31.13 51.20
C CYS A 177 -65.75 31.80 52.53
N PRO A 178 -65.10 31.38 53.62
CA PRO A 178 -65.22 32.12 54.87
C PRO A 178 -64.24 33.28 54.85
N ILE A 179 -64.41 34.24 55.75
CA ILE A 179 -63.56 35.42 55.72
C ILE A 179 -63.35 35.98 57.12
N VAL A 180 -62.12 36.40 57.38
CA VAL A 180 -61.80 37.09 58.62
C VAL A 180 -61.39 38.51 58.25
N VAL A 181 -62.11 39.49 58.79
CA VAL A 181 -61.92 40.91 58.44
C VAL A 181 -61.30 41.73 59.58
N LYS A 182 -60.31 42.55 59.24
CA LYS A 182 -59.83 43.57 60.17
C LYS A 182 -60.03 44.96 59.57
N PRO A 183 -61.07 45.66 60.03
CA PRO A 183 -61.40 46.99 59.53
C PRO A 183 -60.43 48.03 60.08
N ALA A 184 -60.39 49.20 59.44
CA ALA A 184 -59.49 50.27 59.87
C ALA A 184 -59.92 50.73 61.24
N GLU A 185 -58.98 50.71 62.20
CA GLU A 185 -59.31 50.97 63.61
C GLU A 185 -59.81 52.40 63.87
N SER A 186 -59.78 53.23 62.83
CA SER A 186 -60.29 54.59 62.89
C SER A 186 -61.82 54.65 62.67
N THR A 187 -62.38 53.64 61.99
CA THR A 187 -63.82 53.56 61.69
C THR A 187 -64.36 52.13 61.81
N PRO A 188 -64.33 51.54 63.01
CA PRO A 188 -64.68 50.12 63.12
C PRO A 188 -66.18 49.80 63.27
N PHE A 189 -66.99 50.81 63.60
CA PHE A 189 -68.42 50.60 63.85
C PHE A 189 -69.17 50.14 62.61
N SER A 190 -68.81 50.71 61.46
CA SER A 190 -69.44 50.41 60.18
C SER A 190 -69.26 48.95 59.74
N ALA A 191 -68.12 48.37 60.07
CA ALA A 191 -67.88 46.96 59.78
C ALA A 191 -68.67 46.06 60.74
N LEU A 192 -68.70 46.45 62.02
CA LEU A 192 -69.40 45.69 63.04
C LEU A 192 -70.91 45.69 62.80
N ALA A 193 -71.43 46.84 62.36
CA ALA A 193 -72.85 46.96 62.00
C ALA A 193 -73.21 45.98 60.88
N MET A 194 -72.40 45.97 59.83
CA MET A 194 -72.56 45.06 58.69
C MET A 194 -72.61 43.61 59.15
N ALA A 195 -71.66 43.26 60.03
CA ALA A 195 -71.53 41.90 60.55
C ALA A 195 -72.78 41.51 61.34
N PHE A 196 -73.31 42.47 62.09
CA PHE A 196 -74.51 42.28 62.89
C PHE A 196 -75.70 41.93 62.00
N LEU A 197 -75.89 42.68 60.91
CA LEU A 197 -76.93 42.37 59.92
C LEU A 197 -76.71 41.05 59.18
N ALA A 198 -75.44 40.65 59.01
CA ALA A 198 -75.13 39.35 58.41
C ALA A 198 -75.54 38.20 59.33
N GLU A 199 -75.49 38.43 60.64
CA GLU A 199 -75.99 37.49 61.64
C GLU A 199 -77.50 37.34 61.45
N ARG A 200 -78.18 38.48 61.32
CA ARG A 200 -79.62 38.52 61.07
C ARG A 200 -80.03 37.85 59.76
N ALA A 201 -79.18 37.96 58.75
CA ALA A 201 -79.44 37.35 57.45
C ALA A 201 -79.32 35.83 57.54
N GLY A 202 -78.49 35.36 58.47
CA GLY A 202 -78.34 33.94 58.70
C GLY A 202 -77.03 33.36 58.20
N VAL A 203 -75.98 34.17 58.22
CA VAL A 203 -74.63 33.72 57.89
C VAL A 203 -74.13 32.85 59.05
N PRO A 204 -73.88 31.55 58.79
CA PRO A 204 -73.56 30.63 59.89
C PRO A 204 -72.29 31.00 60.65
N LYS A 205 -72.38 30.98 61.98
CA LYS A 205 -71.27 31.30 62.87
C LYS A 205 -69.94 30.72 62.40
N GLY A 206 -68.96 31.60 62.25
CA GLY A 206 -67.62 31.20 61.82
C GLY A 206 -67.31 31.60 60.39
N VAL A 207 -68.35 31.75 59.57
CA VAL A 207 -68.19 32.16 58.17
C VAL A 207 -67.68 33.62 58.05
N LEU A 208 -68.17 34.49 58.93
CA LEU A 208 -67.69 35.87 59.02
C LEU A 208 -67.10 36.21 60.39
N SER A 209 -65.97 36.92 60.37
CA SER A 209 -65.33 37.42 61.58
C SER A 209 -64.78 38.83 61.36
N VAL A 210 -65.14 39.74 62.26
CA VAL A 210 -64.59 41.08 62.23
C VAL A 210 -63.77 41.26 63.50
N VAL A 211 -62.44 41.32 63.32
CA VAL A 211 -61.47 41.42 64.39
C VAL A 211 -61.05 42.87 64.53
N ILE A 212 -61.05 43.37 65.75
CA ILE A 212 -60.62 44.74 66.01
C ILE A 212 -59.55 44.80 67.10
N GLY A 213 -58.56 45.67 66.88
CA GLY A 213 -57.50 45.90 67.84
C GLY A 213 -56.21 46.39 67.21
N ASP A 214 -55.11 45.78 67.64
CA ASP A 214 -53.75 46.13 67.20
C ASP A 214 -53.59 45.81 65.72
N PRO A 215 -53.42 46.84 64.88
CA PRO A 215 -53.25 46.64 63.43
C PRO A 215 -52.10 45.66 63.12
N LYS A 216 -50.96 45.84 63.79
CA LYS A 216 -49.75 45.07 63.49
C LYS A 216 -49.83 43.61 63.96
N ALA A 217 -50.48 43.39 65.10
CA ALA A 217 -50.62 42.05 65.68
C ALA A 217 -51.63 41.18 64.93
N ILE A 218 -52.78 41.76 64.61
CA ILE A 218 -53.79 41.09 63.79
C ILE A 218 -53.21 40.86 62.39
N GLY A 219 -52.55 41.87 61.85
CA GLY A 219 -51.87 41.78 60.54
C GLY A 219 -50.83 40.69 60.46
N THR A 220 -49.91 40.66 61.43
CA THR A 220 -48.80 39.70 61.48
C THR A 220 -49.28 38.27 61.74
N GLU A 221 -50.40 38.13 62.43
CA GLU A 221 -51.03 36.82 62.66
C GLU A 221 -51.78 36.33 61.39
N ILE A 222 -52.50 37.23 60.73
CA ILE A 222 -53.09 36.97 59.42
C ILE A 222 -52.04 36.47 58.40
N THR A 223 -50.91 37.16 58.30
CA THR A 223 -49.89 36.84 57.30
C THR A 223 -49.04 35.61 57.63
N SER A 224 -48.90 35.31 58.92
CA SER A 224 -48.07 34.17 59.32
C SER A 224 -48.85 32.86 59.33
N ASN A 225 -50.16 32.94 59.51
CA ASN A 225 -51.01 31.75 59.62
C ASN A 225 -51.25 31.04 58.29
N PRO A 226 -50.87 29.74 58.20
CA PRO A 226 -50.97 28.97 56.95
C PRO A 226 -52.40 28.60 56.53
N ILE A 227 -53.38 28.83 57.41
CA ILE A 227 -54.77 28.54 57.09
C ILE A 227 -55.36 29.64 56.20
N VAL A 228 -54.94 30.88 56.43
CA VAL A 228 -55.27 32.00 55.55
C VAL A 228 -54.59 31.74 54.19
N ARG A 229 -55.37 31.30 53.21
CA ARG A 229 -54.83 30.94 51.91
C ARG A 229 -54.86 32.09 50.93
N LYS A 230 -55.69 33.09 51.24
CA LYS A 230 -55.74 34.32 50.46
C LYS A 230 -56.06 35.53 51.32
N LEU A 231 -55.41 36.64 51.00
CA LEU A 231 -55.59 37.88 51.72
C LEU A 231 -55.86 38.98 50.73
N SER A 232 -56.70 39.91 51.14
CA SER A 232 -57.03 41.04 50.30
C SER A 232 -56.72 42.33 51.06
N PHE A 233 -55.90 43.18 50.46
CA PHE A 233 -55.53 44.44 51.11
C PHE A 233 -55.86 45.65 50.27
N THR A 234 -56.44 46.67 50.94
CA THR A 234 -56.74 47.94 50.32
C THR A 234 -56.23 49.06 51.23
N GLY A 235 -55.24 49.79 50.74
CA GLY A 235 -54.57 50.82 51.53
C GLY A 235 -53.35 51.35 50.80
N SER A 236 -52.37 51.83 51.57
CA SER A 236 -51.18 52.49 51.02
C SER A 236 -50.24 51.46 50.40
N THR A 237 -49.50 51.88 49.37
CA THR A 237 -48.49 51.04 48.71
C THR A 237 -47.42 50.59 49.71
N ALA A 238 -46.95 51.52 50.52
CA ALA A 238 -46.03 51.21 51.62
C ALA A 238 -46.42 49.91 52.35
N VAL A 239 -47.61 49.86 52.92
CA VAL A 239 -48.06 48.71 53.71
C VAL A 239 -48.37 47.51 52.81
N GLY A 240 -48.85 47.78 51.61
CA GLY A 240 -49.07 46.71 50.64
C GLY A 240 -47.83 45.89 50.33
N ARG A 241 -46.69 46.57 50.16
CA ARG A 241 -45.38 45.93 49.90
C ARG A 241 -44.93 45.05 51.04
N LEU A 242 -45.11 45.52 52.27
CA LEU A 242 -44.81 44.74 53.47
C LEU A 242 -45.65 43.47 53.53
N LEU A 243 -46.96 43.62 53.38
CA LEU A 243 -47.89 42.49 53.49
C LEU A 243 -47.61 41.39 52.47
N MET A 244 -47.21 41.77 51.26
CA MET A 244 -46.82 40.78 50.26
C MET A 244 -45.64 39.94 50.75
N ALA A 245 -44.65 40.61 51.34
CA ALA A 245 -43.45 39.97 51.87
C ALA A 245 -43.78 39.03 53.02
N GLN A 246 -44.51 39.55 54.02
CA GLN A 246 -44.97 38.75 55.15
C GLN A 246 -45.77 37.54 54.65
N SER A 247 -46.40 37.69 53.48
CA SER A 247 -47.24 36.64 52.91
C SER A 247 -46.48 35.64 52.03
N ALA A 248 -45.19 35.90 51.78
CA ALA A 248 -44.38 34.98 50.96
C ALA A 248 -44.16 33.55 51.52
N PRO A 249 -43.94 33.40 52.85
CA PRO A 249 -43.64 32.06 53.38
C PRO A 249 -44.76 31.03 53.22
N THR A 250 -46.00 31.50 52.96
CA THR A 250 -47.10 30.58 52.67
C THR A 250 -47.67 30.75 51.27
N VAL A 251 -47.05 31.65 50.49
CA VAL A 251 -47.42 31.86 49.08
C VAL A 251 -48.93 32.14 48.93
N LYS A 252 -49.41 33.13 49.66
CA LYS A 252 -50.83 33.46 49.67
C LYS A 252 -51.28 34.07 48.34
N LYS A 253 -52.56 33.96 48.06
CA LYS A 253 -53.15 34.64 46.92
C LYS A 253 -53.40 36.06 47.38
N LEU A 254 -53.03 37.03 46.56
CA LEU A 254 -53.12 38.41 46.99
C LEU A 254 -53.91 39.31 46.05
N THR A 255 -54.89 40.00 46.62
CA THR A 255 -55.51 41.16 46.03
C THR A 255 -54.90 42.35 46.77
N LEU A 256 -54.29 43.25 46.01
CA LEU A 256 -53.73 44.49 46.56
C LEU A 256 -54.31 45.70 45.85
N GLU A 257 -55.09 46.50 46.57
CA GLU A 257 -55.60 47.77 46.03
C GLU A 257 -54.82 48.90 46.71
N LEU A 258 -53.84 49.46 46.00
CA LEU A 258 -52.88 50.38 46.62
C LEU A 258 -53.08 51.84 46.22
N GLY A 259 -52.07 52.67 46.45
CA GLY A 259 -52.15 54.09 46.15
C GLY A 259 -52.10 54.40 44.67
N GLY A 260 -52.61 55.57 44.31
CA GLY A 260 -52.57 56.05 42.93
C GLY A 260 -51.91 57.41 42.85
N ASN A 261 -52.04 58.04 41.69
CA ASN A 261 -51.61 59.40 41.46
C ASN A 261 -52.39 59.91 40.26
N ALA A 262 -53.71 59.89 40.40
CA ALA A 262 -54.64 60.13 39.30
C ALA A 262 -54.43 61.46 38.59
N PRO A 263 -54.12 61.43 37.29
CA PRO A 263 -54.14 62.67 36.53
C PRO A 263 -55.57 62.95 36.05
N PHE A 264 -55.97 64.21 36.12
CA PHE A 264 -57.22 64.66 35.51
C PHE A 264 -56.84 65.50 34.30
N ILE A 265 -57.10 64.97 33.11
CA ILE A 265 -56.62 65.59 31.88
C ILE A 265 -57.71 66.37 31.16
N VAL A 266 -57.51 67.68 31.06
CA VAL A 266 -58.41 68.54 30.30
C VAL A 266 -57.73 69.01 29.03
N PHE A 267 -58.27 68.58 27.89
CA PHE A 267 -57.70 68.95 26.62
C PHE A 267 -58.21 70.25 26.05
N ASP A 268 -57.42 70.73 25.08
CA ASP A 268 -57.69 71.85 24.21
C ASP A 268 -59.17 72.01 23.82
N ASP A 269 -59.76 70.95 23.27
CA ASP A 269 -61.10 71.00 22.69
C ASP A 269 -62.17 70.37 23.58
N ALA A 270 -61.92 70.34 24.87
CA ALA A 270 -62.88 69.82 25.85
C ALA A 270 -64.06 70.76 26.08
N ASP A 271 -65.18 70.17 26.52
CA ASP A 271 -66.29 70.90 27.11
C ASP A 271 -65.88 71.34 28.52
N LEU A 272 -65.46 72.60 28.65
CA LEU A 272 -64.94 73.15 29.91
C LEU A 272 -65.86 72.99 31.11
N ASP A 273 -67.16 73.17 30.88
CA ASP A 273 -68.17 73.10 31.95
C ASP A 273 -68.40 71.71 32.50
N ALA A 274 -68.22 70.70 31.65
CA ALA A 274 -68.37 69.31 32.09
C ALA A 274 -67.10 68.86 32.81
N ALA A 275 -65.97 69.38 32.35
CA ALA A 275 -64.68 69.12 33.00
C ALA A 275 -64.65 69.68 34.41
N VAL A 276 -65.30 70.81 34.62
CA VAL A 276 -65.38 71.38 35.96
C VAL A 276 -66.30 70.53 36.84
N GLU A 277 -67.45 70.11 36.30
CA GLU A 277 -68.33 69.20 37.02
C GLU A 277 -67.57 67.92 37.39
N GLY A 278 -66.78 67.42 36.43
CA GLY A 278 -65.93 66.26 36.63
C GLY A 278 -64.86 66.44 37.69
N ALA A 279 -64.25 67.63 37.69
CA ALA A 279 -63.24 67.98 38.68
C ALA A 279 -63.80 67.95 40.10
N ILE A 280 -64.96 68.56 40.31
CA ILE A 280 -65.60 68.63 41.62
C ILE A 280 -65.81 67.23 42.19
N ALA A 281 -66.42 66.37 41.39
CA ALA A 281 -66.79 65.03 41.82
C ALA A 281 -65.56 64.14 42.03
N SER A 282 -64.58 64.24 41.14
CA SER A 282 -63.38 63.41 41.26
C SER A 282 -62.37 63.97 42.27
N LYS A 283 -62.41 65.28 42.55
CA LYS A 283 -61.48 65.88 43.50
C LYS A 283 -62.01 66.06 44.93
N TYR A 284 -63.24 66.55 45.08
CA TYR A 284 -63.70 67.01 46.39
C TYR A 284 -64.69 66.11 47.10
N ARG A 285 -65.12 65.04 46.43
CA ARG A 285 -65.99 64.09 47.08
C ARG A 285 -65.22 63.30 48.14
N ASN A 286 -65.89 63.02 49.26
CA ASN A 286 -65.23 62.51 50.45
C ASN A 286 -63.94 63.28 50.74
N ASN A 287 -64.04 64.61 50.59
CA ASN A 287 -62.96 65.56 50.87
C ASN A 287 -61.60 65.20 50.26
N GLY A 288 -61.63 64.58 49.08
CA GLY A 288 -60.40 64.19 48.39
C GLY A 288 -59.75 62.94 48.95
N GLN A 289 -60.50 62.18 49.76
CA GLN A 289 -59.96 61.04 50.51
C GLN A 289 -60.29 59.67 49.92
N THR A 290 -60.48 59.60 48.60
CA THR A 290 -60.72 58.33 47.95
C THR A 290 -59.51 57.91 47.14
N CYS A 291 -59.38 56.60 46.94
CA CYS A 291 -58.25 55.99 46.27
C CYS A 291 -58.17 56.44 44.82
N VAL A 292 -59.32 56.79 44.26
CA VAL A 292 -59.40 57.21 42.86
C VAL A 292 -59.42 58.73 42.69
N CYS A 293 -59.40 59.45 43.81
CA CYS A 293 -59.43 60.91 43.78
C CYS A 293 -58.31 61.50 42.97
N THR A 294 -58.66 62.42 42.07
CA THR A 294 -57.69 63.18 41.29
C THR A 294 -56.57 63.69 42.20
N ASN A 295 -55.33 63.48 41.77
CA ASN A 295 -54.22 64.00 42.54
C ASN A 295 -53.51 65.15 41.84
N ARG A 296 -53.58 65.15 40.51
CA ARG A 296 -52.91 66.14 39.67
C ARG A 296 -53.84 66.49 38.52
N PHE A 297 -54.11 67.78 38.33
CA PHE A 297 -54.83 68.22 37.15
C PHE A 297 -53.82 68.63 36.10
N PHE A 298 -54.02 68.15 34.87
CA PHE A 298 -53.27 68.63 33.72
C PHE A 298 -54.21 69.34 32.75
N VAL A 299 -54.03 70.65 32.64
CA VAL A 299 -54.86 71.46 31.76
C VAL A 299 -54.02 72.02 30.65
N HIS A 300 -54.51 71.86 29.43
CA HIS A 300 -53.86 72.40 28.24
C HIS A 300 -53.66 73.90 28.39
N GLU A 301 -52.48 74.34 27.99
CA GLU A 301 -52.10 75.74 27.93
C GLU A 301 -53.23 76.65 27.44
N ARG A 302 -53.86 76.26 26.33
CA ARG A 302 -54.82 77.08 25.63
C ARG A 302 -56.09 77.39 26.44
N VAL A 303 -56.42 76.53 27.40
CA VAL A 303 -57.64 76.70 28.19
C VAL A 303 -57.41 76.75 29.70
N TYR A 304 -56.13 76.90 30.09
CA TYR A 304 -55.73 76.98 31.51
C TYR A 304 -56.53 77.97 32.34
N ASP A 305 -56.36 79.27 32.04
CA ASP A 305 -57.06 80.35 32.76
C ASP A 305 -58.56 80.12 32.79
N ALA A 306 -59.15 79.87 31.61
CA ALA A 306 -60.59 79.63 31.51
C ALA A 306 -61.05 78.50 32.43
N PHE A 307 -60.25 77.44 32.56
CA PHE A 307 -60.58 76.32 33.42
C PHE A 307 -60.40 76.65 34.90
N ALA A 308 -59.26 77.26 35.24
CA ALA A 308 -58.99 77.66 36.62
C ALA A 308 -60.10 78.55 37.20
N ASP A 309 -60.49 79.58 36.44
CA ASP A 309 -61.56 80.50 36.85
C ASP A 309 -62.85 79.76 37.19
N LYS A 310 -63.30 78.90 36.27
CA LYS A 310 -64.53 78.12 36.46
C LYS A 310 -64.43 77.12 37.62
N LEU A 311 -63.24 76.57 37.82
CA LEU A 311 -62.98 75.66 38.94
C LEU A 311 -63.02 76.40 40.29
N ALA A 312 -62.38 77.57 40.34
CA ALA A 312 -62.43 78.45 41.51
C ALA A 312 -63.88 78.79 41.89
N ALA A 313 -64.66 79.20 40.90
CA ALA A 313 -66.08 79.53 41.09
C ALA A 313 -66.89 78.38 41.68
N ALA A 314 -66.69 77.17 41.16
CA ALA A 314 -67.46 76.02 41.60
C ALA A 314 -67.03 75.50 42.96
N VAL A 315 -65.73 75.65 43.26
CA VAL A 315 -65.20 75.31 44.57
C VAL A 315 -65.85 76.20 45.63
N SER A 316 -65.91 77.50 45.35
CA SER A 316 -66.51 78.47 46.27
C SER A 316 -67.99 78.17 46.52
N LYS A 317 -68.62 77.45 45.59
CA LYS A 317 -70.02 77.08 45.73
C LYS A 317 -70.26 75.88 46.67
N LEU A 318 -69.20 75.36 47.28
CA LEU A 318 -69.30 74.21 48.17
C LEU A 318 -69.35 74.63 49.64
N LYS A 319 -70.09 73.89 50.45
CA LYS A 319 -70.29 74.24 51.85
C LYS A 319 -69.52 73.31 52.79
N VAL A 320 -68.57 73.87 53.53
CA VAL A 320 -67.82 73.13 54.54
C VAL A 320 -68.65 73.10 55.83
N GLY A 321 -68.64 71.95 56.51
CA GLY A 321 -69.37 71.80 57.77
C GLY A 321 -69.58 70.35 58.17
N ARG A 322 -70.14 70.14 59.36
CA ARG A 322 -70.41 68.79 59.87
C ARG A 322 -71.43 68.01 59.02
N GLY A 323 -71.22 66.70 58.91
CA GLY A 323 -72.03 65.83 58.05
C GLY A 323 -73.53 65.79 58.33
N THR A 324 -73.88 65.88 59.61
CA THR A 324 -75.27 65.83 60.09
C THR A 324 -76.06 67.08 59.72
N GLU A 325 -75.37 68.21 59.53
CA GLU A 325 -75.99 69.47 59.12
C GLU A 325 -76.45 69.38 57.68
N SER A 326 -77.60 69.97 57.38
CA SER A 326 -78.19 69.91 56.05
C SER A 326 -77.54 70.88 55.08
N GLY A 327 -77.20 70.38 53.89
CA GLY A 327 -76.59 71.21 52.84
C GLY A 327 -75.08 71.12 52.79
N ALA A 328 -74.48 70.59 53.85
CA ALA A 328 -73.02 70.48 53.98
C ALA A 328 -72.42 69.51 52.96
N THR A 329 -71.45 70.00 52.20
CA THR A 329 -70.89 69.24 51.09
C THR A 329 -69.42 68.85 51.28
N LEU A 330 -68.84 69.26 52.41
CA LEU A 330 -67.43 68.96 52.73
C LEU A 330 -67.21 68.72 54.22
N GLY A 331 -66.93 67.46 54.57
CA GLY A 331 -66.63 67.11 55.96
C GLY A 331 -65.18 67.38 56.33
N PRO A 332 -64.73 66.86 57.48
CA PRO A 332 -63.35 67.06 57.93
C PRO A 332 -62.41 65.99 57.36
N LEU A 333 -61.10 66.18 57.55
CA LEU A 333 -60.12 65.15 57.23
C LEU A 333 -60.06 64.19 58.40
N ILE A 334 -60.07 62.89 58.12
CA ILE A 334 -60.32 61.88 59.15
C ILE A 334 -59.52 62.00 60.45
N ASN A 335 -58.35 62.64 60.38
CA ASN A 335 -57.49 62.85 61.55
C ASN A 335 -56.50 64.01 61.36
N GLU A 336 -55.73 64.28 62.42
CA GLU A 336 -54.80 65.42 62.47
C GLU A 336 -53.60 65.24 61.55
N ALA A 337 -53.06 64.02 61.50
CA ALA A 337 -51.95 63.70 60.60
C ALA A 337 -52.31 63.94 59.14
N ALA A 338 -53.58 63.75 58.80
CA ALA A 338 -54.09 63.98 57.45
C ALA A 338 -54.14 65.46 57.15
N VAL A 339 -54.47 66.25 58.17
CA VAL A 339 -54.44 67.71 58.09
C VAL A 339 -52.99 68.16 57.85
N LYS A 340 -52.04 67.51 58.53
CA LYS A 340 -50.61 67.85 58.39
C LYS A 340 -50.02 67.45 57.02
N LYS A 341 -50.57 66.42 56.39
CA LYS A 341 -50.15 66.03 55.03
C LYS A 341 -50.55 67.10 54.02
N VAL A 342 -51.83 67.51 54.06
CA VAL A 342 -52.33 68.58 53.20
C VAL A 342 -51.52 69.87 53.35
N GLU A 343 -51.23 70.24 54.60
CA GLU A 343 -50.42 71.42 54.90
C GLU A 343 -49.02 71.29 54.31
N SER A 344 -48.43 70.12 54.52
CA SER A 344 -47.10 69.81 53.99
C SER A 344 -47.03 70.00 52.48
N HIS A 345 -48.12 69.65 51.79
CA HIS A 345 -48.19 69.72 50.32
C HIS A 345 -48.40 71.12 49.79
N ILE A 346 -49.22 71.88 50.51
CA ILE A 346 -49.49 73.27 50.18
C ILE A 346 -48.24 74.13 50.37
N ALA A 347 -47.65 74.02 51.57
CA ALA A 347 -46.43 74.74 51.93
C ALA A 347 -45.32 74.50 50.90
N ASP A 348 -45.22 73.27 50.41
CA ASP A 348 -44.21 72.89 49.43
C ASP A 348 -44.48 73.49 48.05
N ALA A 349 -45.75 73.58 47.67
CA ALA A 349 -46.13 74.15 46.38
C ALA A 349 -45.80 75.64 46.31
N LEU A 350 -46.28 76.40 47.30
CA LEU A 350 -45.93 77.81 47.46
C LEU A 350 -44.43 78.06 47.41
N ALA A 351 -43.69 77.32 48.25
CA ALA A 351 -42.24 77.43 48.36
C ALA A 351 -41.54 77.27 47.01
N LYS A 352 -42.12 76.46 46.13
CA LYS A 352 -41.53 76.20 44.83
C LYS A 352 -42.20 77.01 43.72
N GLY A 353 -43.05 77.97 44.09
CA GLY A 353 -43.56 78.97 43.14
C GLY A 353 -45.04 78.96 42.77
N ALA A 354 -45.83 78.11 43.41
CA ALA A 354 -47.26 78.04 43.10
C ALA A 354 -48.02 79.20 43.74
N SER A 355 -49.10 79.61 43.08
CA SER A 355 -49.97 80.66 43.61
C SER A 355 -51.25 80.07 44.16
N LEU A 356 -51.63 80.52 45.35
CA LEU A 356 -52.88 80.13 45.99
C LEU A 356 -54.05 80.84 45.29
N MET A 357 -55.16 80.13 45.10
CA MET A 357 -56.31 80.69 44.39
C MET A 357 -57.59 80.64 45.24
N THR A 358 -57.62 79.75 46.23
CA THR A 358 -58.68 79.68 47.23
C THR A 358 -58.27 78.77 48.37
N GLY A 359 -58.72 79.10 49.59
CA GLY A 359 -58.39 78.34 50.79
C GLY A 359 -56.91 78.41 51.13
N GLY A 360 -56.32 77.26 51.46
CA GLY A 360 -54.88 77.19 51.70
C GLY A 360 -54.53 77.00 53.16
N LYS A 361 -55.50 77.15 54.04
CA LYS A 361 -55.27 76.99 55.47
C LYS A 361 -56.38 76.13 56.10
N ARG A 362 -56.23 75.82 57.39
CA ARG A 362 -57.23 75.03 58.11
C ARG A 362 -58.52 75.85 58.27
N HIS A 363 -59.65 75.16 58.36
CA HIS A 363 -60.94 75.82 58.49
C HIS A 363 -61.25 76.24 59.93
N ALA A 364 -62.12 77.22 60.08
CA ALA A 364 -62.55 77.74 61.38
C ALA A 364 -63.16 76.70 62.32
N LEU A 365 -63.91 75.76 61.77
CA LEU A 365 -64.58 74.71 62.56
C LEU A 365 -63.58 73.83 63.34
N GLY A 366 -62.30 73.97 63.00
CA GLY A 366 -61.22 73.27 63.70
C GLY A 366 -61.11 71.80 63.35
N HIS A 367 -60.59 71.02 64.30
CA HIS A 367 -60.38 69.59 64.14
C HIS A 367 -59.85 69.22 62.73
N GLY A 368 -60.55 68.33 62.04
CA GLY A 368 -60.10 67.85 60.75
C GLY A 368 -60.49 68.71 59.57
N PHE A 369 -61.22 69.80 59.83
CA PHE A 369 -61.75 70.65 58.77
C PHE A 369 -60.68 71.50 58.08
N PHE A 370 -60.55 71.34 56.77
CA PHE A 370 -59.61 72.15 55.98
C PHE A 370 -60.35 72.85 54.86
N GLU A 371 -59.87 74.02 54.47
CA GLU A 371 -60.52 74.80 53.44
C GLU A 371 -60.32 74.20 52.06
N PRO A 372 -61.40 74.18 51.24
CA PRO A 372 -61.29 73.79 49.85
C PRO A 372 -60.21 74.63 49.19
N THR A 373 -59.25 73.97 48.57
CA THR A 373 -58.05 74.65 48.08
C THR A 373 -57.79 74.39 46.61
N VAL A 374 -57.47 75.46 45.88
CA VAL A 374 -57.06 75.38 44.48
C VAL A 374 -55.70 76.07 44.32
N LEU A 375 -54.81 75.43 43.56
CA LEU A 375 -53.48 75.99 43.29
C LEU A 375 -53.19 76.10 41.80
N THR A 376 -52.52 77.17 41.40
CA THR A 376 -52.10 77.32 40.02
C THR A 376 -50.58 77.40 39.94
N GLY A 377 -50.04 77.41 38.72
CA GLY A 377 -48.58 77.42 38.50
C GLY A 377 -47.85 76.23 39.12
N VAL A 378 -48.53 75.09 39.20
CA VAL A 378 -47.96 73.90 39.82
C VAL A 378 -47.09 73.14 38.81
N LYS A 379 -45.95 72.64 39.27
CA LYS A 379 -44.95 72.02 38.39
C LYS A 379 -44.44 70.66 38.92
N PRO A 380 -43.73 69.88 38.08
CA PRO A 380 -43.25 68.53 38.47
C PRO A 380 -42.21 68.44 39.61
N ASP A 381 -41.52 69.53 39.93
CA ASP A 381 -40.58 69.53 41.05
C ASP A 381 -41.29 69.52 42.42
N MET A 382 -42.61 69.70 42.40
CA MET A 382 -43.39 69.74 43.63
C MET A 382 -43.75 68.37 44.21
N ASP A 383 -43.94 68.33 45.53
CA ASP A 383 -44.25 67.09 46.25
C ASP A 383 -45.56 66.45 45.79
N VAL A 384 -46.55 67.28 45.49
CA VAL A 384 -47.86 66.84 45.03
C VAL A 384 -47.76 66.11 43.68
N ALA A 385 -46.70 66.41 42.93
CA ALA A 385 -46.41 65.72 41.68
C ALA A 385 -46.13 64.22 41.89
N LYS A 386 -45.69 63.85 43.08
CA LYS A 386 -45.23 62.49 43.32
C LYS A 386 -45.93 61.74 44.47
N GLU A 387 -46.53 62.50 45.39
CA GLU A 387 -47.29 61.91 46.51
C GLU A 387 -48.78 62.22 46.40
N GLU A 388 -49.60 61.33 46.95
CA GLU A 388 -51.03 61.55 47.08
C GLU A 388 -51.36 62.42 48.29
N THR A 389 -52.02 63.55 48.04
CA THR A 389 -52.39 64.50 49.09
C THR A 389 -53.38 63.90 50.09
N PHE A 390 -54.38 63.20 49.56
CA PHE A 390 -55.53 62.71 50.34
C PHE A 390 -56.28 63.83 51.07
N GLY A 391 -56.60 64.87 50.32
CA GLY A 391 -57.28 66.05 50.84
C GLY A 391 -57.76 66.95 49.71
N PRO A 392 -58.55 67.98 50.04
CA PRO A 392 -59.23 68.87 49.09
C PRO A 392 -58.29 69.86 48.40
N LEU A 393 -57.27 69.33 47.73
CA LEU A 393 -56.26 70.16 47.08
C LEU A 393 -56.29 69.94 45.58
N ALA A 394 -56.47 71.02 44.83
CA ALA A 394 -56.54 70.96 43.37
C ALA A 394 -55.30 71.57 42.70
N PRO A 395 -54.27 70.75 42.46
CA PRO A 395 -53.04 71.28 41.88
C PRO A 395 -53.09 71.29 40.36
N LEU A 396 -53.10 72.47 39.77
CA LEU A 396 -53.24 72.59 38.32
C LEU A 396 -51.88 72.72 37.64
N PHE A 397 -51.60 71.76 36.77
CA PHE A 397 -50.39 71.71 35.95
C PHE A 397 -50.73 72.16 34.53
N ARG A 398 -49.72 72.67 33.83
CA ARG A 398 -49.84 73.17 32.46
C ARG A 398 -49.22 72.17 31.48
N PHE A 399 -49.71 72.13 30.24
CA PHE A 399 -49.08 71.33 29.16
C PHE A 399 -49.40 71.84 27.75
N ALA A 400 -48.50 71.57 26.81
CA ALA A 400 -48.52 72.22 25.49
C ALA A 400 -48.81 71.29 24.30
N SER A 401 -48.79 69.97 24.55
CA SER A 401 -49.02 69.00 23.48
C SER A 401 -49.51 67.65 24.01
N GLU A 402 -49.98 66.82 23.08
CA GLU A 402 -50.34 65.44 23.35
C GLU A 402 -49.13 64.63 23.84
N GLU A 403 -48.04 64.64 23.04
CA GLU A 403 -46.82 63.92 23.40
C GLU A 403 -46.36 64.24 24.82
N GLU A 404 -46.40 65.53 25.17
CA GLU A 404 -45.97 65.99 26.49
C GLU A 404 -46.90 65.52 27.60
N LEU A 405 -48.20 65.49 27.35
CA LEU A 405 -49.16 65.04 28.36
C LEU A 405 -48.97 63.58 28.77
N VAL A 406 -48.84 62.71 27.77
CA VAL A 406 -48.67 61.28 27.99
C VAL A 406 -47.48 61.07 28.90
N ARG A 407 -46.36 61.70 28.56
CA ARG A 407 -45.14 61.67 29.38
C ARG A 407 -45.34 62.17 30.83
N LEU A 408 -46.11 63.25 31.01
CA LEU A 408 -46.39 63.82 32.33
C LEU A 408 -47.33 62.95 33.18
N ALA A 409 -48.35 62.39 32.52
CA ALA A 409 -49.34 61.54 33.18
C ALA A 409 -48.74 60.22 33.60
N ASN A 410 -47.75 59.76 32.83
CA ASN A 410 -47.15 58.46 33.08
C ASN A 410 -45.91 58.51 33.96
N ASP A 411 -45.36 59.70 34.17
CA ASP A 411 -44.16 59.86 34.99
C ASP A 411 -44.45 59.64 36.48
N THR A 412 -44.94 58.44 36.79
CA THR A 412 -45.29 58.06 38.15
C THR A 412 -45.16 56.56 38.33
N GLU A 413 -44.87 56.16 39.57
CA GLU A 413 -44.79 54.75 39.95
C GLU A 413 -46.19 54.13 39.98
N PHE A 414 -47.21 54.96 40.17
CA PHE A 414 -48.60 54.50 40.36
C PHE A 414 -49.44 54.49 39.07
N GLY A 415 -50.55 53.74 39.11
CA GLY A 415 -51.41 53.57 37.95
C GLY A 415 -52.79 53.04 38.28
N LEU A 416 -53.52 53.77 39.11
CA LEU A 416 -54.87 53.40 39.48
C LEU A 416 -55.91 54.04 38.53
N ALA A 417 -56.42 55.21 38.88
CA ALA A 417 -57.44 55.87 38.07
C ALA A 417 -56.85 57.04 37.29
N ALA A 418 -57.52 57.40 36.20
CA ALA A 418 -57.14 58.53 35.37
C ALA A 418 -58.39 59.07 34.69
N TYR A 419 -58.38 60.35 34.37
CA TYR A 419 -59.55 61.03 33.82
C TYR A 419 -59.13 61.87 32.65
N LEU A 420 -59.93 61.84 31.60
CA LEU A 420 -59.55 62.46 30.33
C LEU A 420 -60.75 63.18 29.72
N TYR A 421 -60.59 64.46 29.45
CA TYR A 421 -61.63 65.26 28.80
C TYR A 421 -61.21 65.75 27.44
N SER A 422 -61.84 65.20 26.40
CA SER A 422 -61.56 65.58 25.03
C SER A 422 -62.76 65.17 24.18
N ARG A 423 -62.84 65.68 22.96
CA ARG A 423 -63.99 65.39 22.11
C ARG A 423 -63.60 64.58 20.88
N ASP A 424 -62.34 64.70 20.48
CA ASP A 424 -61.85 64.07 19.27
C ASP A 424 -61.61 62.57 19.45
N ILE A 425 -62.54 61.78 18.92
CA ILE A 425 -62.47 60.32 18.91
C ILE A 425 -61.03 59.77 18.80
N GLY A 426 -60.24 60.34 17.88
CA GLY A 426 -58.88 59.87 17.62
C GLY A 426 -57.89 60.16 18.73
N ARG A 427 -58.02 61.33 19.37
CA ARG A 427 -57.17 61.68 20.50
C ARG A 427 -57.53 60.91 21.79
N VAL A 428 -58.83 60.63 21.97
CA VAL A 428 -59.29 59.87 23.12
C VAL A 428 -58.63 58.48 23.19
N TRP A 429 -58.76 57.73 22.10
CA TRP A 429 -58.21 56.37 22.03
C TRP A 429 -56.68 56.34 22.12
N ARG A 430 -56.02 57.26 21.42
CA ARG A 430 -54.56 57.36 21.51
C ARG A 430 -54.09 57.59 22.94
N VAL A 431 -54.70 58.56 23.63
CA VAL A 431 -54.34 58.87 25.02
C VAL A 431 -54.81 57.81 26.02
N ALA A 432 -56.05 57.34 25.91
CA ALA A 432 -56.55 56.27 26.77
C ALA A 432 -55.66 55.03 26.71
N GLU A 433 -55.21 54.67 25.50
CA GLU A 433 -54.35 53.51 25.33
C GLU A 433 -52.97 53.74 25.90
N ALA A 434 -52.42 54.93 25.68
CA ALA A 434 -51.07 55.28 26.16
C ALA A 434 -50.96 55.38 27.68
N LEU A 435 -52.11 55.54 28.34
CA LEU A 435 -52.18 55.74 29.78
C LEU A 435 -51.94 54.45 30.55
N GLU A 436 -50.96 54.46 31.42
CA GLU A 436 -50.61 53.28 32.19
C GLU A 436 -51.43 53.22 33.46
N TYR A 437 -52.73 53.02 33.29
CA TYR A 437 -53.68 53.02 34.39
C TYR A 437 -54.68 51.87 34.27
N GLY A 438 -55.11 51.38 35.43
CA GLY A 438 -56.11 50.31 35.49
C GLY A 438 -57.50 50.74 35.06
N MET A 439 -57.82 52.02 35.26
CA MET A 439 -59.16 52.56 35.00
C MET A 439 -59.05 53.97 34.47
N VAL A 440 -59.79 54.24 33.39
CA VAL A 440 -59.78 55.55 32.75
C VAL A 440 -61.22 56.05 32.54
N GLY A 441 -61.53 57.22 33.14
CA GLY A 441 -62.80 57.89 32.92
C GLY A 441 -62.68 58.82 31.74
N ILE A 442 -63.59 58.68 30.77
CA ILE A 442 -63.58 59.49 29.56
C ILE A 442 -64.76 60.45 29.57
N ASN A 443 -64.44 61.74 29.65
CA ASN A 443 -65.45 62.82 29.76
C ASN A 443 -66.41 62.63 30.95
N THR A 444 -65.92 61.92 31.95
CA THR A 444 -66.62 61.79 33.22
C THR A 444 -65.62 61.79 34.37
N GLY A 445 -66.08 62.17 35.56
CA GLY A 445 -65.24 62.17 36.74
C GLY A 445 -65.61 61.11 37.76
N LEU A 446 -66.67 60.36 37.48
CA LEU A 446 -67.13 59.27 38.34
C LEU A 446 -67.23 57.97 37.57
N ILE A 447 -66.54 56.95 38.08
CA ILE A 447 -66.30 55.72 37.33
C ILE A 447 -66.48 54.47 38.20
N SER A 448 -66.63 54.68 39.49
CA SER A 448 -66.84 53.59 40.43
C SER A 448 -68.25 53.02 40.33
N ASN A 449 -68.33 51.70 40.20
CA ASN A 449 -69.60 50.94 40.22
C ASN A 449 -69.32 49.44 40.33
N GLU A 450 -70.38 48.65 40.52
CA GLU A 450 -70.23 47.23 40.80
C GLU A 450 -69.92 46.35 39.57
N VAL A 451 -70.28 46.80 38.39
CA VAL A 451 -70.11 45.95 37.19
C VAL A 451 -68.73 46.02 36.55
N ALA A 452 -67.94 47.03 36.93
CA ALA A 452 -66.64 47.29 36.30
C ALA A 452 -65.48 46.75 37.12
N PRO A 453 -64.42 46.25 36.46
CA PRO A 453 -63.24 45.76 37.17
C PRO A 453 -62.43 46.88 37.79
N PHE A 454 -62.41 46.91 39.12
CA PHE A 454 -61.76 47.94 39.88
C PHE A 454 -60.41 47.47 40.40
N GLY A 455 -59.36 48.21 40.07
CA GLY A 455 -58.00 47.83 40.40
C GLY A 455 -57.02 48.67 39.61
N GLY A 456 -55.75 48.59 39.97
CA GLY A 456 -54.73 49.37 39.30
C GLY A 456 -53.65 48.51 38.69
N VAL A 457 -52.69 49.16 38.07
CA VAL A 457 -51.50 48.50 37.53
C VAL A 457 -50.26 49.07 38.22
N LYS A 458 -49.09 48.59 37.80
CA LYS A 458 -47.82 49.07 38.33
C LYS A 458 -47.78 48.96 39.86
N GLN A 459 -47.47 50.05 40.55
CA GLN A 459 -47.37 50.02 42.02
C GLN A 459 -48.71 50.26 42.72
N SER A 460 -49.79 50.16 41.94
CA SER A 460 -51.14 50.30 42.49
C SER A 460 -51.74 48.93 42.84
N GLY A 461 -51.06 47.87 42.43
CA GLY A 461 -51.37 46.54 42.93
C GLY A 461 -51.74 45.48 41.92
N LEU A 462 -52.54 44.53 42.39
CA LEU A 462 -52.89 43.31 41.67
C LEU A 462 -54.34 42.93 41.90
N GLY A 463 -54.91 42.17 40.97
CA GLY A 463 -56.27 41.68 41.09
C GLY A 463 -57.28 42.74 40.73
N ARG A 464 -58.55 42.34 40.65
CA ARG A 464 -59.65 43.26 40.38
C ARG A 464 -60.85 42.92 41.27
N GLU A 465 -61.45 43.94 41.88
CA GLU A 465 -62.68 43.79 42.65
C GLU A 465 -63.88 44.16 41.78
N GLY A 466 -65.02 43.50 42.01
CA GLY A 466 -66.23 43.77 41.23
C GLY A 466 -66.17 43.18 39.84
N SER A 467 -67.22 43.45 39.05
CA SER A 467 -67.41 42.85 37.71
C SER A 467 -67.55 41.34 37.82
N HIS A 468 -67.44 40.62 36.70
CA HIS A 468 -67.31 39.17 36.76
C HIS A 468 -65.87 38.72 37.09
N TYR A 469 -64.91 39.64 36.98
CA TYR A 469 -63.50 39.37 37.31
C TYR A 469 -63.27 39.29 38.82
N GLY A 470 -64.16 39.92 39.59
CA GLY A 470 -64.01 40.10 41.04
C GLY A 470 -64.02 38.84 41.88
N ILE A 471 -64.80 37.86 41.46
CA ILE A 471 -64.93 36.60 42.20
C ILE A 471 -63.81 35.61 41.85
N ASP A 472 -63.10 35.90 40.76
CA ASP A 472 -62.14 34.95 40.21
C ASP A 472 -60.91 34.75 41.07
N ASP A 473 -60.55 35.77 41.83
CA ASP A 473 -59.41 35.68 42.75
C ASP A 473 -59.75 34.93 44.04
N TYR A 474 -61.05 34.64 44.23
CA TYR A 474 -61.56 33.93 45.41
C TYR A 474 -61.84 32.45 45.14
N VAL A 475 -61.53 32.01 43.92
CA VAL A 475 -61.66 30.62 43.54
C VAL A 475 -60.34 30.09 42.96
N VAL A 476 -60.11 28.80 43.14
CA VAL A 476 -58.92 28.16 42.62
C VAL A 476 -59.36 27.20 41.54
N ILE A 477 -58.56 27.00 40.52
CA ILE A 477 -59.01 26.16 39.41
C ILE A 477 -58.44 24.74 39.42
N LYS A 478 -59.29 23.76 39.16
CA LYS A 478 -58.90 22.37 39.17
C LYS A 478 -59.10 21.73 37.81
N TYR A 479 -58.05 21.11 37.29
CA TYR A 479 -58.10 20.44 36.00
C TYR A 479 -58.26 18.92 36.20
N LEU A 480 -59.33 18.37 35.64
CA LEU A 480 -59.61 16.95 35.71
C LEU A 480 -59.32 16.28 34.37
N CYS A 481 -58.32 15.41 34.35
CA CYS A 481 -57.97 14.67 33.15
C CYS A 481 -58.60 13.30 33.24
N VAL A 482 -59.52 12.99 32.34
CA VAL A 482 -60.33 11.80 32.48
C VAL A 482 -60.11 10.82 31.34
N ALA A 483 -59.60 9.62 31.66
CA ALA A 483 -59.42 8.57 30.66
C ALA A 483 -60.78 8.11 30.18
N VAL A 484 -60.91 7.86 28.87
CA VAL A 484 -62.22 7.61 28.25
C VAL A 484 -62.75 6.19 28.46
N GLY B 3 -112.99 32.11 43.82
CA GLY B 3 -113.76 32.17 45.10
C GLY B 3 -113.06 31.46 46.25
N SER B 4 -112.11 30.59 45.92
CA SER B 4 -111.39 29.81 46.93
C SER B 4 -109.97 30.35 47.17
N MET B 5 -109.74 31.58 46.74
CA MET B 5 -108.41 32.19 46.81
C MET B 5 -108.35 33.33 47.80
N LYS B 6 -107.14 33.55 48.32
CA LYS B 6 -106.86 34.71 49.16
C LYS B 6 -107.01 35.99 48.35
N ASP B 7 -106.78 35.89 47.04
CA ASP B 7 -106.96 37.02 46.14
C ASP B 7 -107.59 36.55 44.83
N PRO B 8 -108.94 36.60 44.76
CA PRO B 8 -109.68 36.14 43.57
C PRO B 8 -109.53 37.01 42.32
N SER B 9 -108.84 38.14 42.43
CA SER B 9 -108.58 38.99 41.26
C SER B 9 -107.44 38.45 40.39
N LEU B 10 -106.84 37.34 40.83
CA LEU B 10 -105.80 36.65 40.07
C LEU B 10 -106.36 35.79 38.96
N LEU B 11 -107.59 35.32 39.13
CA LEU B 11 -108.31 34.63 38.07
C LEU B 11 -108.92 35.65 37.12
N ARG B 12 -108.42 35.69 35.89
CA ARG B 12 -108.78 36.72 34.92
C ARG B 12 -109.62 36.16 33.77
N HIS B 13 -110.62 36.92 33.35
CA HIS B 13 -111.47 36.48 32.25
C HIS B 13 -111.38 37.44 31.06
N GLN B 14 -110.30 38.22 31.04
CA GLN B 14 -109.97 39.10 29.93
C GLN B 14 -108.53 38.83 29.49
N ALA B 15 -108.21 39.10 28.23
CA ALA B 15 -106.83 39.06 27.77
C ALA B 15 -106.11 40.37 28.12
N TYR B 16 -104.78 40.39 27.96
CA TYR B 16 -103.97 41.56 28.29
C TYR B 16 -103.31 42.08 27.02
N ILE B 17 -103.88 43.14 26.44
CA ILE B 17 -103.40 43.68 25.16
C ILE B 17 -102.86 45.10 25.31
N GLY B 18 -101.54 45.23 25.13
CA GLY B 18 -100.87 46.53 25.21
C GLY B 18 -100.98 47.26 26.54
N GLY B 19 -101.09 46.48 27.62
CA GLY B 19 -101.14 47.04 28.96
C GLY B 19 -102.55 47.15 29.53
N GLU B 20 -103.55 46.93 28.67
CA GLU B 20 -104.95 46.97 29.10
C GLU B 20 -105.61 45.60 29.12
N TRP B 21 -106.46 45.40 30.12
CA TRP B 21 -107.32 44.23 30.18
C TRP B 21 -108.52 44.42 29.26
N GLN B 22 -108.77 43.44 28.39
CA GLN B 22 -109.76 43.61 27.32
C GLN B 22 -110.49 42.32 27.00
N ALA B 23 -111.71 42.47 26.50
CA ALA B 23 -112.46 41.36 25.94
C ALA B 23 -112.17 41.30 24.44
N ALA B 24 -112.58 40.20 23.79
CA ALA B 24 -112.45 40.11 22.33
C ALA B 24 -113.22 41.23 21.63
N ASP B 25 -112.74 41.62 20.44
CA ASP B 25 -113.38 42.69 19.65
C ASP B 25 -114.82 42.38 19.26
N SER B 26 -115.13 41.10 19.11
CA SER B 26 -116.46 40.64 18.77
C SER B 26 -117.26 40.22 20.00
N ASP B 27 -116.58 40.16 21.15
CA ASP B 27 -117.17 39.66 22.40
C ASP B 27 -117.30 38.13 22.42
N ALA B 28 -116.75 37.48 21.40
CA ALA B 28 -116.63 36.03 21.40
C ALA B 28 -115.79 35.59 22.60
N THR B 29 -116.19 34.50 23.23
CA THR B 29 -115.43 33.88 24.33
C THR B 29 -115.54 32.37 24.21
N PHE B 30 -114.53 31.65 24.70
CA PHE B 30 -114.64 30.20 24.81
C PHE B 30 -114.49 29.78 26.26
N GLU B 31 -114.83 28.53 26.55
CA GLU B 31 -114.93 28.07 27.92
C GLU B 31 -113.72 27.23 28.31
N VAL B 32 -113.40 27.24 29.61
CA VAL B 32 -112.28 26.47 30.13
C VAL B 32 -112.78 25.57 31.24
N PHE B 33 -112.45 24.29 31.14
CA PHE B 33 -112.97 23.29 32.06
C PHE B 33 -111.89 22.69 32.94
N ASP B 34 -112.27 22.34 34.16
CA ASP B 34 -111.43 21.59 35.08
C ASP B 34 -111.31 20.17 34.52
N PRO B 35 -110.06 19.74 34.26
CA PRO B 35 -109.86 18.43 33.65
C PRO B 35 -110.20 17.25 34.56
N ALA B 36 -110.28 17.48 35.86
CA ALA B 36 -110.58 16.40 36.80
C ALA B 36 -112.09 16.19 37.03
N THR B 37 -112.85 17.28 36.99
CA THR B 37 -114.27 17.24 37.34
C THR B 37 -115.15 17.54 36.13
N GLY B 38 -114.58 18.21 35.14
CA GLY B 38 -115.31 18.55 33.92
C GLY B 38 -116.14 19.81 34.04
N GLU B 39 -116.18 20.38 35.24
CA GLU B 39 -117.01 21.56 35.50
C GLU B 39 -116.43 22.82 34.89
N SER B 40 -117.29 23.80 34.64
CA SER B 40 -116.88 25.06 34.02
C SER B 40 -116.13 25.92 35.02
N LEU B 41 -115.05 26.54 34.54
CA LEU B 41 -114.25 27.44 35.37
C LEU B 41 -114.43 28.88 34.87
N GLY B 42 -115.35 29.05 33.93
CA GLY B 42 -115.64 30.36 33.34
C GLY B 42 -115.12 30.49 31.92
N THR B 43 -115.25 31.70 31.36
CA THR B 43 -114.86 31.95 29.98
C THR B 43 -113.66 32.88 29.89
N VAL B 44 -112.92 32.77 28.79
CA VAL B 44 -111.88 33.72 28.44
C VAL B 44 -112.13 34.19 27.01
N PRO B 45 -111.62 35.38 26.63
CA PRO B 45 -111.78 35.94 25.28
C PRO B 45 -111.32 35.03 24.16
N LYS B 46 -112.01 35.10 23.02
CA LYS B 46 -111.65 34.35 21.81
C LYS B 46 -111.21 35.33 20.75
N MET B 47 -110.00 35.84 20.94
CA MET B 47 -109.44 36.88 20.09
C MET B 47 -108.81 36.30 18.82
N GLY B 48 -108.38 37.18 17.93
CA GLY B 48 -107.77 36.75 16.67
C GLY B 48 -106.76 37.75 16.12
N ALA B 49 -106.61 37.74 14.80
CA ALA B 49 -105.61 38.54 14.10
C ALA B 49 -105.59 40.05 14.44
N ALA B 50 -106.77 40.67 14.53
CA ALA B 50 -106.84 42.12 14.75
C ALA B 50 -106.24 42.54 16.10
N GLU B 51 -106.65 41.85 17.16
CA GLU B 51 -106.17 42.13 18.52
C GLU B 51 -104.67 41.81 18.70
N THR B 52 -104.20 40.77 18.02
CA THR B 52 -102.78 40.40 18.03
C THR B 52 -101.96 41.49 17.36
N ALA B 53 -102.52 42.06 16.29
CA ALA B 53 -101.88 43.15 15.56
C ALA B 53 -101.70 44.36 16.46
N ARG B 54 -102.66 44.61 17.33
CA ARG B 54 -102.58 45.74 18.25
C ARG B 54 -101.54 45.45 19.32
N ALA B 55 -101.50 44.20 19.77
CA ALA B 55 -100.50 43.75 20.74
C ALA B 55 -99.08 43.90 20.18
N ILE B 56 -98.90 43.53 18.92
CA ILE B 56 -97.61 43.70 18.26
C ILE B 56 -97.20 45.18 18.14
N GLU B 57 -98.14 46.03 17.69
CA GLU B 57 -97.90 47.49 17.58
C GLU B 57 -97.55 48.12 18.91
N ALA B 58 -98.31 47.76 19.94
CA ALA B 58 -98.05 48.26 21.28
C ALA B 58 -96.61 47.92 21.71
N ALA B 59 -96.22 46.65 21.52
CA ALA B 59 -94.87 46.18 21.82
C ALA B 59 -93.81 46.99 21.10
N GLN B 60 -94.05 47.31 19.82
CA GLN B 60 -93.13 48.16 19.05
C GLN B 60 -93.01 49.53 19.69
N ALA B 61 -94.16 50.11 20.05
CA ALA B 61 -94.23 51.44 20.64
C ALA B 61 -93.62 51.46 22.05
N ALA B 62 -93.66 50.32 22.73
CA ALA B 62 -93.12 50.24 24.09
C ALA B 62 -91.62 49.97 24.11
N TRP B 63 -91.05 49.59 22.96
CA TRP B 63 -89.66 49.15 22.91
C TRP B 63 -88.64 50.23 23.27
N ALA B 64 -88.67 51.36 22.58
CA ALA B 64 -87.68 52.44 22.77
C ALA B 64 -87.50 52.87 24.22
N GLY B 65 -88.61 53.01 24.94
CA GLY B 65 -88.62 53.36 26.36
C GLY B 65 -88.11 52.25 27.24
N TRP B 66 -88.35 51.00 26.84
CA TRP B 66 -87.96 49.86 27.67
C TRP B 66 -86.47 49.55 27.52
N ARG B 67 -85.97 49.59 26.28
CA ARG B 67 -84.54 49.39 26.02
C ARG B 67 -83.66 50.51 26.61
N MET B 68 -84.23 51.70 26.74
CA MET B 68 -83.55 52.90 27.24
C MET B 68 -83.23 52.81 28.75
N LYS B 69 -83.94 51.92 29.46
CA LYS B 69 -83.64 51.63 30.85
C LYS B 69 -82.33 50.83 30.94
N THR B 70 -81.67 50.94 32.09
CA THR B 70 -80.51 50.09 32.36
C THR B 70 -81.00 48.68 32.71
N ALA B 71 -80.10 47.70 32.59
CA ALA B 71 -80.41 46.32 32.98
C ALA B 71 -80.78 46.25 34.47
N LYS B 72 -80.06 47.02 35.29
CA LYS B 72 -80.31 47.13 36.73
C LYS B 72 -81.76 47.57 37.03
N GLU B 73 -82.20 48.59 36.30
CA GLU B 73 -83.57 49.07 36.40
C GLU B 73 -84.61 48.02 35.97
N ARG B 74 -84.44 47.47 34.77
CA ARG B 74 -85.29 46.37 34.32
C ARG B 74 -85.35 45.22 35.36
N ALA B 75 -84.19 44.91 35.96
CA ALA B 75 -84.09 43.90 37.01
C ALA B 75 -84.82 44.28 38.30
N ALA B 76 -84.98 45.56 38.57
CA ALA B 76 -85.72 45.98 39.76
C ALA B 76 -87.22 45.66 39.60
N ILE B 77 -87.73 45.86 38.39
CA ILE B 77 -89.10 45.49 38.04
C ILE B 77 -89.26 43.97 38.02
N LEU B 78 -88.33 43.28 37.34
CA LEU B 78 -88.38 41.83 37.21
C LEU B 78 -88.30 41.12 38.56
N ARG B 79 -87.45 41.63 39.45
CA ARG B 79 -87.33 41.07 40.78
C ARG B 79 -88.55 41.40 41.64
N ARG B 80 -89.20 42.54 41.37
CA ARG B 80 -90.47 42.83 42.03
C ARG B 80 -91.54 41.86 41.55
N TRP B 81 -91.52 41.55 40.25
CA TRP B 81 -92.40 40.52 39.68
C TRP B 81 -92.12 39.17 40.31
N PHE B 82 -90.83 38.83 40.43
CA PHE B 82 -90.40 37.60 41.10
C PHE B 82 -91.04 37.48 42.48
N ASP B 83 -90.92 38.54 43.28
CA ASP B 83 -91.39 38.57 44.65
C ASP B 83 -92.90 38.34 44.75
N LEU B 84 -93.63 38.93 43.80
CA LEU B 84 -95.08 38.82 43.75
C LEU B 84 -95.49 37.37 43.47
N VAL B 85 -94.77 36.73 42.56
CA VAL B 85 -94.96 35.32 42.27
C VAL B 85 -94.73 34.47 43.52
N ILE B 86 -93.63 34.71 44.23
CA ILE B 86 -93.38 34.03 45.51
C ILE B 86 -94.52 34.29 46.50
N ALA B 87 -94.94 35.55 46.62
CA ALA B 87 -95.95 35.96 47.59
C ALA B 87 -97.33 35.33 47.34
N ASN B 88 -97.67 35.11 46.07
CA ASN B 88 -98.96 34.55 45.69
C ASN B 88 -98.87 33.08 45.30
N SER B 89 -97.86 32.40 45.84
CA SER B 89 -97.55 31.03 45.48
C SER B 89 -98.74 30.07 45.62
N ASP B 90 -99.42 30.14 46.77
CA ASP B 90 -100.54 29.25 47.09
C ASP B 90 -101.72 29.37 46.11
N ASP B 91 -102.01 30.59 45.67
CA ASP B 91 -103.10 30.84 44.73
C ASP B 91 -102.76 30.41 43.31
N LEU B 92 -101.57 30.82 42.85
CA LEU B 92 -101.07 30.50 41.52
C LEU B 92 -101.09 29.01 41.30
N ALA B 93 -100.67 28.28 42.34
CA ALA B 93 -100.69 26.82 42.34
C ALA B 93 -102.12 26.25 42.27
N LEU B 94 -103.02 26.77 43.11
CA LEU B 94 -104.42 26.37 43.04
C LEU B 94 -105.06 26.63 41.67
N ILE B 95 -104.77 27.79 41.08
CA ILE B 95 -105.27 28.14 39.75
C ILE B 95 -104.78 27.14 38.71
N LEU B 96 -103.50 26.78 38.80
CA LEU B 96 -102.87 25.86 37.89
C LEU B 96 -103.44 24.45 38.05
N THR B 97 -103.47 23.96 39.29
CA THR B 97 -104.02 22.63 39.58
C THR B 97 -105.41 22.52 38.98
N THR B 98 -106.24 23.52 39.23
CA THR B 98 -107.62 23.54 38.74
C THR B 98 -107.70 23.47 37.22
N GLU B 99 -106.88 24.25 36.51
CA GLU B 99 -107.00 24.30 35.05
C GLU B 99 -106.19 23.26 34.29
N GLN B 100 -105.11 22.75 34.88
CA GLN B 100 -104.23 21.85 34.16
C GLN B 100 -104.27 20.42 34.68
N GLY B 101 -104.50 20.24 35.98
CA GLY B 101 -104.69 18.92 36.54
C GLY B 101 -103.71 18.46 37.61
N LYS B 102 -102.44 18.82 37.46
CA LYS B 102 -101.39 18.28 38.33
C LYS B 102 -101.63 18.54 39.84
N PRO B 103 -101.15 17.62 40.71
CA PRO B 103 -101.36 17.75 42.16
C PRO B 103 -100.73 19.00 42.73
N LEU B 104 -101.37 19.60 43.74
CA LEU B 104 -100.92 20.86 44.30
C LEU B 104 -99.43 20.93 44.60
N ALA B 105 -98.86 19.82 45.08
CA ALA B 105 -97.43 19.78 45.39
C ALA B 105 -96.56 20.00 44.14
N GLU B 106 -96.96 19.38 43.02
CA GLU B 106 -96.32 19.58 41.73
C GLU B 106 -96.48 20.99 41.19
N ALA B 107 -97.63 21.60 41.42
CA ALA B 107 -97.93 22.96 40.95
C ALA B 107 -97.19 24.00 41.80
N LYS B 108 -96.98 23.72 43.07
CA LYS B 108 -96.13 24.55 43.91
C LYS B 108 -94.64 24.42 43.51
N GLY B 109 -94.24 23.22 43.10
CA GLY B 109 -92.95 23.00 42.46
C GLY B 109 -92.82 23.86 41.22
N GLU B 110 -93.84 23.82 40.36
CA GLU B 110 -93.85 24.61 39.14
C GLU B 110 -93.77 26.12 39.37
N ILE B 111 -94.46 26.61 40.40
CA ILE B 111 -94.41 28.04 40.71
C ILE B 111 -93.02 28.46 41.16
N ALA B 112 -92.40 27.71 42.07
CA ALA B 112 -91.03 27.99 42.50
C ALA B 112 -90.05 27.91 41.33
N TYR B 113 -90.24 26.88 40.50
CA TYR B 113 -89.50 26.69 39.27
C TYR B 113 -89.62 27.92 38.38
N ALA B 114 -90.85 28.32 38.08
CA ALA B 114 -91.15 29.54 37.31
C ALA B 114 -90.51 30.78 37.93
N ALA B 115 -90.77 30.99 39.21
CA ALA B 115 -90.19 32.09 39.95
C ALA B 115 -88.67 32.19 39.70
N SER B 116 -87.98 31.05 39.74
CA SER B 116 -86.53 31.06 39.57
C SER B 116 -86.07 31.53 38.17
N PHE B 117 -86.87 31.33 37.13
CA PHE B 117 -86.48 31.83 35.80
C PHE B 117 -86.52 33.35 35.72
N ILE B 118 -87.50 33.97 36.39
CA ILE B 118 -87.62 35.43 36.46
C ILE B 118 -86.36 36.01 37.13
N GLU B 119 -86.00 35.44 38.28
CA GLU B 119 -84.82 35.86 39.04
C GLU B 119 -83.53 35.71 38.24
N TRP B 120 -83.39 34.55 37.60
CA TRP B 120 -82.22 34.23 36.81
C TRP B 120 -82.01 35.22 35.66
N PHE B 121 -83.07 35.52 34.93
CA PHE B 121 -82.95 36.42 33.81
C PHE B 121 -82.84 37.89 34.22
N ALA B 122 -83.33 38.21 35.41
CA ALA B 122 -83.12 39.55 35.98
C ALA B 122 -81.62 39.78 36.11
N GLU B 123 -80.94 38.80 36.71
CA GLU B 123 -79.50 38.82 36.89
C GLU B 123 -78.73 38.71 35.58
N GLU B 124 -79.19 37.87 34.65
CA GLU B 124 -78.49 37.72 33.36
C GLU B 124 -78.49 39.00 32.54
N GLY B 125 -79.61 39.73 32.60
CA GLY B 125 -79.73 40.99 31.91
C GLY B 125 -78.54 41.90 32.14
N LYS B 126 -77.99 41.84 33.35
CA LYS B 126 -76.85 42.67 33.75
C LYS B 126 -75.49 42.17 33.25
N ARG B 127 -75.50 41.05 32.53
CA ARG B 127 -74.26 40.39 32.12
C ARG B 127 -74.14 40.12 30.62
N VAL B 128 -75.14 40.51 29.84
CA VAL B 128 -75.07 40.42 28.38
C VAL B 128 -73.85 41.23 27.91
N ALA B 129 -72.84 40.54 27.39
CA ALA B 129 -71.51 41.11 27.23
C ALA B 129 -70.95 40.93 25.83
N GLY B 130 -70.30 41.98 25.33
CA GLY B 130 -69.60 41.92 24.07
C GLY B 130 -68.12 41.65 24.26
N ASP B 131 -67.33 42.11 23.30
CA ASP B 131 -65.93 41.78 23.23
C ASP B 131 -65.13 43.01 22.81
N THR B 132 -63.89 43.09 23.26
CA THR B 132 -62.90 43.89 22.55
C THR B 132 -61.88 42.86 22.09
N LEU B 133 -61.52 42.91 20.82
CA LEU B 133 -60.70 41.85 20.22
C LEU B 133 -59.42 42.38 19.60
N PRO B 134 -58.40 41.51 19.46
CA PRO B 134 -57.13 41.94 18.87
C PRO B 134 -57.28 42.17 17.39
N THR B 135 -56.78 43.32 16.92
CA THR B 135 -56.98 43.74 15.55
C THR B 135 -56.02 43.06 14.59
N PRO B 136 -56.49 42.69 13.38
CA PRO B 136 -55.57 42.21 12.37
C PRO B 136 -54.92 43.35 11.59
N ASP B 137 -55.48 44.56 11.70
CA ASP B 137 -54.94 45.75 11.07
C ASP B 137 -54.56 46.76 12.15
N ALA B 138 -53.31 47.22 12.13
CA ALA B 138 -52.78 48.10 13.18
C ALA B 138 -53.48 49.45 13.25
N ASN B 139 -54.04 49.89 12.14
CA ASN B 139 -54.77 51.16 12.08
C ASN B 139 -56.25 51.02 12.45
N LYS B 140 -56.61 49.88 13.05
CA LYS B 140 -58.01 49.60 13.39
C LYS B 140 -58.16 48.93 14.73
N ARG B 141 -59.32 49.15 15.37
CA ARG B 141 -59.70 48.52 16.64
C ARG B 141 -61.04 47.82 16.48
N ILE B 142 -61.20 46.68 17.15
CA ILE B 142 -62.44 45.89 17.06
C ILE B 142 -63.20 45.87 18.38
N VAL B 143 -64.44 46.33 18.31
CA VAL B 143 -65.35 46.42 19.45
C VAL B 143 -66.64 45.76 19.01
N VAL B 144 -67.20 44.93 19.88
CA VAL B 144 -68.42 44.21 19.58
C VAL B 144 -69.40 44.46 20.73
N VAL B 145 -70.61 44.89 20.40
CA VAL B 145 -71.65 45.10 21.39
C VAL B 145 -72.89 44.26 21.09
N LYS B 146 -73.77 44.16 22.09
CA LYS B 146 -75.02 43.44 21.96
C LYS B 146 -76.18 44.34 22.35
N GLU B 147 -77.31 44.16 21.67
CA GLU B 147 -78.47 45.00 21.85
C GLU B 147 -79.72 44.19 21.55
N PRO B 148 -80.85 44.50 22.23
CA PRO B 148 -82.08 43.72 22.01
C PRO B 148 -82.39 43.52 20.54
N ILE B 149 -83.01 42.39 20.19
CA ILE B 149 -83.31 42.11 18.78
C ILE B 149 -84.50 42.92 18.29
N GLY B 150 -85.45 43.16 19.19
CA GLY B 150 -86.69 43.83 18.85
C GLY B 150 -87.89 43.16 19.48
N VAL B 151 -89.02 43.27 18.81
CA VAL B 151 -90.27 42.74 19.33
C VAL B 151 -90.26 41.21 19.27
N CYS B 152 -90.45 40.58 20.42
CA CYS B 152 -90.48 39.13 20.49
C CYS B 152 -91.90 38.61 20.57
N ALA B 153 -92.07 37.34 20.23
CA ALA B 153 -93.33 36.64 20.40
C ALA B 153 -93.06 35.24 20.93
N ALA B 154 -94.05 34.64 21.59
CA ALA B 154 -93.90 33.31 22.16
C ALA B 154 -95.23 32.58 22.23
N ILE B 155 -95.24 31.35 21.72
CA ILE B 155 -96.40 30.47 21.79
C ILE B 155 -96.11 29.32 22.74
N THR B 156 -96.66 29.38 23.94
CA THR B 156 -96.36 28.41 24.99
C THR B 156 -97.42 27.32 25.09
N PRO B 157 -97.04 26.13 25.62
CA PRO B 157 -97.93 24.98 25.77
C PRO B 157 -98.62 24.91 27.13
N TRP B 158 -99.44 23.87 27.29
CA TRP B 158 -100.36 23.72 28.42
C TRP B 158 -99.81 22.89 29.59
N ASN B 159 -98.78 22.08 29.33
CA ASN B 159 -98.29 21.13 30.34
C ASN B 159 -97.50 21.76 31.47
N PHE B 160 -97.04 23.00 31.26
CA PHE B 160 -96.46 23.83 32.31
C PHE B 160 -96.88 25.27 32.06
N PRO B 161 -98.14 25.59 32.42
CA PRO B 161 -98.76 26.85 32.04
C PRO B 161 -98.11 28.08 32.68
N ALA B 162 -97.39 27.89 33.77
CA ALA B 162 -96.76 29.01 34.47
C ALA B 162 -95.27 29.13 34.16
N ALA B 163 -94.54 28.03 34.32
CA ALA B 163 -93.11 27.98 34.04
C ALA B 163 -92.84 28.47 32.63
N MET B 164 -93.64 28.01 31.68
CA MET B 164 -93.47 28.35 30.28
C MET B 164 -93.55 29.85 30.02
N ILE B 165 -94.32 30.55 30.83
CA ILE B 165 -94.46 32.00 30.65
C ILE B 165 -93.18 32.71 31.12
N ALA B 166 -92.71 32.33 32.31
CA ALA B 166 -91.49 32.88 32.92
C ALA B 166 -90.24 32.62 32.11
N ARG B 167 -90.18 31.46 31.45
CA ARG B 167 -89.04 31.03 30.64
C ARG B 167 -88.91 31.84 29.37
N LYS B 168 -90.02 32.32 28.84
CA LYS B 168 -90.01 33.04 27.59
C LYS B 168 -90.14 34.54 27.81
N VAL B 169 -90.88 34.95 28.82
CA VAL B 169 -90.98 36.36 29.12
C VAL B 169 -89.68 36.85 29.76
N GLY B 170 -89.20 36.11 30.77
CA GLY B 170 -88.02 36.50 31.51
C GLY B 170 -86.84 37.00 30.70
N PRO B 171 -86.37 36.21 29.71
CA PRO B 171 -85.18 36.61 28.98
C PRO B 171 -85.41 37.81 28.07
N ALA B 172 -86.54 37.83 27.37
CA ALA B 172 -86.85 38.91 26.43
C ALA B 172 -86.82 40.27 27.12
N LEU B 173 -87.63 40.43 28.16
CA LEU B 173 -87.62 41.64 28.96
C LEU B 173 -86.23 41.93 29.52
N ALA B 174 -85.55 40.89 30.01
CA ALA B 174 -84.20 41.01 30.52
C ALA B 174 -83.20 41.49 29.47
N ALA B 175 -83.36 41.04 28.22
CA ALA B 175 -82.50 41.52 27.14
C ALA B 175 -82.83 42.95 26.68
N GLY B 176 -84.01 43.45 27.07
CA GLY B 176 -84.47 44.78 26.66
C GLY B 176 -85.48 44.75 25.53
N CYS B 177 -86.23 43.66 25.46
CA CYS B 177 -87.25 43.43 24.42
C CYS B 177 -88.65 43.39 25.01
N PRO B 178 -89.65 43.89 24.27
CA PRO B 178 -91.04 43.63 24.61
C PRO B 178 -91.49 42.31 23.97
N ILE B 179 -92.55 41.71 24.50
CA ILE B 179 -92.97 40.38 24.05
C ILE B 179 -94.49 40.22 24.00
N VAL B 180 -94.95 39.49 22.98
CA VAL B 180 -96.36 39.10 22.83
C VAL B 180 -96.46 37.58 23.03
N VAL B 181 -97.20 37.16 24.04
CA VAL B 181 -97.33 35.74 24.36
C VAL B 181 -98.73 35.20 24.05
N LYS B 182 -98.80 34.14 23.25
CA LYS B 182 -100.06 33.38 23.13
C LYS B 182 -99.95 32.07 23.92
N PRO B 183 -100.64 31.99 25.06
CA PRO B 183 -100.60 30.76 25.85
C PRO B 183 -101.57 29.72 25.33
N ALA B 184 -101.54 28.53 25.92
CA ALA B 184 -102.38 27.43 25.49
C ALA B 184 -103.84 27.64 25.87
N GLU B 185 -104.74 27.37 24.91
CA GLU B 185 -106.19 27.57 25.09
C GLU B 185 -106.76 26.75 26.25
N SER B 186 -106.18 25.58 26.47
CA SER B 186 -106.52 24.71 27.59
C SER B 186 -106.30 25.35 28.93
N THR B 187 -105.26 26.18 29.02
CA THR B 187 -104.78 26.67 30.32
C THR B 187 -104.35 28.14 30.27
N PRO B 188 -105.32 29.07 30.10
CA PRO B 188 -104.94 30.48 29.94
C PRO B 188 -104.78 31.23 31.25
N PHE B 189 -105.40 30.73 32.32
CA PHE B 189 -105.45 31.45 33.59
C PHE B 189 -104.08 31.66 34.23
N SER B 190 -103.23 30.64 34.21
CA SER B 190 -101.89 30.73 34.76
C SER B 190 -101.08 31.83 34.08
N ALA B 191 -101.27 31.97 32.77
CA ALA B 191 -100.58 32.98 31.98
C ALA B 191 -101.06 34.38 32.33
N LEU B 192 -102.37 34.53 32.47
CA LEU B 192 -102.98 35.81 32.83
C LEU B 192 -102.67 36.19 34.27
N ALA B 193 -102.62 35.20 35.15
CA ALA B 193 -102.19 35.39 36.53
C ALA B 193 -100.77 35.95 36.58
N MET B 194 -99.91 35.48 35.69
CA MET B 194 -98.55 36.00 35.55
C MET B 194 -98.57 37.44 35.01
N ALA B 195 -99.38 37.67 33.97
CA ALA B 195 -99.50 39.00 33.37
C ALA B 195 -99.91 40.05 34.39
N PHE B 196 -100.94 39.72 35.18
CA PHE B 196 -101.46 40.59 36.24
C PHE B 196 -100.39 40.99 37.26
N LEU B 197 -99.58 40.03 37.71
CA LEU B 197 -98.51 40.29 38.68
C LEU B 197 -97.34 41.06 38.07
N ALA B 198 -97.11 40.83 36.78
CA ALA B 198 -96.13 41.59 36.04
C ALA B 198 -96.57 43.05 35.92
N GLU B 199 -97.87 43.26 35.75
CA GLU B 199 -98.44 44.60 35.74
C GLU B 199 -98.21 45.29 37.08
N ARG B 200 -98.52 44.59 38.17
CA ARG B 200 -98.33 45.14 39.52
C ARG B 200 -96.87 45.48 39.79
N ALA B 201 -95.96 44.63 39.29
CA ALA B 201 -94.53 44.80 39.48
C ALA B 201 -94.01 46.11 38.90
N GLY B 202 -94.72 46.62 37.89
CA GLY B 202 -94.36 47.84 37.21
C GLY B 202 -93.83 47.63 35.81
N VAL B 203 -94.29 46.58 35.15
CA VAL B 203 -93.98 46.40 33.74
C VAL B 203 -94.78 47.42 32.94
N PRO B 204 -94.09 48.28 32.17
CA PRO B 204 -94.74 49.34 31.41
C PRO B 204 -95.74 48.77 30.41
N LYS B 205 -96.86 49.46 30.23
CA LYS B 205 -97.88 49.08 29.26
C LYS B 205 -97.24 48.81 27.89
N GLY B 206 -97.61 47.68 27.29
CA GLY B 206 -97.15 47.32 25.94
C GLY B 206 -95.96 46.36 25.92
N VAL B 207 -95.10 46.48 26.93
CA VAL B 207 -93.91 45.65 27.07
C VAL B 207 -94.28 44.17 27.22
N LEU B 208 -95.44 43.91 27.83
CA LEU B 208 -95.97 42.53 27.95
C LEU B 208 -97.44 42.42 27.51
N SER B 209 -97.71 41.45 26.64
CA SER B 209 -99.04 41.17 26.15
C SER B 209 -99.33 39.67 26.15
N VAL B 210 -100.43 39.27 26.77
CA VAL B 210 -100.91 37.89 26.73
C VAL B 210 -102.21 37.83 25.93
N VAL B 211 -102.17 37.16 24.78
CA VAL B 211 -103.28 37.09 23.81
C VAL B 211 -103.97 35.74 23.85
N ILE B 212 -105.29 35.73 23.89
CA ILE B 212 -106.04 34.47 24.00
C ILE B 212 -107.16 34.34 22.98
N GLY B 213 -107.13 33.24 22.23
CA GLY B 213 -108.15 32.97 21.22
C GLY B 213 -107.81 31.84 20.27
N ASP B 214 -107.90 32.12 18.98
CA ASP B 214 -107.75 31.12 17.94
C ASP B 214 -106.28 31.00 17.54
N PRO B 215 -105.69 29.79 17.71
CA PRO B 215 -104.25 29.56 17.54
C PRO B 215 -103.77 29.75 16.10
N LYS B 216 -104.65 29.48 15.13
CA LYS B 216 -104.32 29.69 13.72
C LYS B 216 -104.38 31.17 13.37
N ALA B 217 -105.36 31.88 13.93
CA ALA B 217 -105.52 33.31 13.66
C ALA B 217 -104.42 34.12 14.32
N ILE B 218 -104.21 33.88 15.62
CA ILE B 218 -103.14 34.55 16.39
C ILE B 218 -101.76 34.13 15.90
N GLY B 219 -101.54 32.82 15.81
CA GLY B 219 -100.32 32.27 15.25
C GLY B 219 -99.94 32.83 13.89
N THR B 220 -100.93 32.94 13.00
CA THR B 220 -100.74 33.44 11.62
C THR B 220 -100.31 34.90 11.61
N GLU B 221 -100.93 35.68 12.49
CA GLU B 221 -100.60 37.09 12.60
C GLU B 221 -99.15 37.22 13.05
N ILE B 222 -98.81 36.50 14.12
CA ILE B 222 -97.47 36.51 14.70
C ILE B 222 -96.40 36.21 13.65
N THR B 223 -96.65 35.20 12.82
CA THR B 223 -95.65 34.75 11.86
C THR B 223 -95.61 35.57 10.59
N SER B 224 -96.69 36.30 10.29
CA SER B 224 -96.68 37.12 9.08
C SER B 224 -96.31 38.58 9.36
N ASN B 225 -96.37 38.99 10.62
CA ASN B 225 -96.13 40.37 11.00
C ASN B 225 -94.65 40.74 11.02
N PRO B 226 -94.23 41.64 10.11
CA PRO B 226 -92.80 41.97 9.98
C PRO B 226 -92.22 42.72 11.20
N ILE B 227 -93.08 43.19 12.10
CA ILE B 227 -92.61 43.87 13.32
C ILE B 227 -92.00 42.87 14.31
N VAL B 228 -92.57 41.67 14.38
CA VAL B 228 -92.05 40.60 15.21
C VAL B 228 -90.75 40.09 14.59
N ARG B 229 -89.67 40.21 15.34
CA ARG B 229 -88.35 39.85 14.84
C ARG B 229 -87.85 38.50 15.33
N LYS B 230 -88.38 38.03 16.46
CA LYS B 230 -88.05 36.71 16.96
C LYS B 230 -89.23 36.01 17.62
N LEU B 231 -89.30 34.70 17.39
CA LEU B 231 -90.41 33.91 17.84
C LEU B 231 -89.88 32.70 18.57
N SER B 232 -90.50 32.42 19.71
CA SER B 232 -90.22 31.21 20.46
C SER B 232 -91.46 30.36 20.44
N PHE B 233 -91.29 29.05 20.21
CA PHE B 233 -92.40 28.09 20.21
C PHE B 233 -92.04 26.81 20.92
N THR B 234 -92.89 26.43 21.87
CA THR B 234 -92.76 25.14 22.55
C THR B 234 -94.05 24.35 22.38
N GLY B 235 -93.95 23.27 21.61
CA GLY B 235 -95.11 22.42 21.31
C GLY B 235 -94.72 21.23 20.48
N SER B 236 -95.59 20.82 19.57
CA SER B 236 -95.31 19.66 18.74
C SER B 236 -94.34 20.00 17.60
N THR B 237 -93.55 19.00 17.21
CA THR B 237 -92.64 19.09 16.08
C THR B 237 -93.37 19.44 14.78
N ALA B 238 -94.54 18.84 14.59
CA ALA B 238 -95.35 19.09 13.40
C ALA B 238 -95.70 20.57 13.27
N VAL B 239 -96.20 21.17 14.35
CA VAL B 239 -96.60 22.57 14.35
C VAL B 239 -95.38 23.45 14.19
N GLY B 240 -94.31 23.12 14.90
CA GLY B 240 -93.05 23.86 14.81
C GLY B 240 -92.47 23.97 13.40
N ARG B 241 -92.62 22.91 12.61
CA ARG B 241 -92.20 22.94 11.22
C ARG B 241 -92.98 23.97 10.43
N LEU B 242 -94.27 24.10 10.73
CA LEU B 242 -95.12 25.05 10.02
C LEU B 242 -94.80 26.50 10.42
N LEU B 243 -94.47 26.70 11.69
CA LEU B 243 -94.19 28.04 12.20
C LEU B 243 -92.90 28.58 11.61
N MET B 244 -91.95 27.68 11.39
CA MET B 244 -90.70 27.99 10.73
C MET B 244 -90.97 28.44 9.30
N ALA B 245 -91.90 27.75 8.63
CA ALA B 245 -92.30 28.08 7.26
C ALA B 245 -92.96 29.45 7.15
N GLN B 246 -93.82 29.77 8.11
CA GLN B 246 -94.54 31.04 8.09
C GLN B 246 -93.67 32.22 8.55
N SER B 247 -92.58 31.92 9.26
CA SER B 247 -91.60 32.95 9.64
C SER B 247 -90.55 33.17 8.57
N ALA B 248 -90.51 32.29 7.57
CA ALA B 248 -89.48 32.34 6.51
C ALA B 248 -89.48 33.61 5.65
N PRO B 249 -90.68 34.12 5.28
CA PRO B 249 -90.71 35.38 4.53
C PRO B 249 -89.99 36.54 5.23
N THR B 250 -90.01 36.59 6.57
CA THR B 250 -89.33 37.68 7.28
C THR B 250 -88.10 37.21 8.07
N VAL B 251 -87.60 36.02 7.73
CA VAL B 251 -86.30 35.53 8.21
C VAL B 251 -86.15 35.70 9.76
N LYS B 252 -87.20 35.37 10.50
CA LYS B 252 -87.20 35.53 11.96
C LYS B 252 -86.20 34.63 12.65
N LYS B 253 -85.63 35.14 13.75
CA LYS B 253 -84.79 34.34 14.63
C LYS B 253 -85.70 33.43 15.42
N LEU B 254 -85.40 32.14 15.38
CA LEU B 254 -86.31 31.16 15.94
C LEU B 254 -85.71 30.37 17.09
N THR B 255 -86.51 30.19 18.14
CA THR B 255 -86.25 29.15 19.13
C THR B 255 -87.39 28.17 18.97
N LEU B 256 -87.04 26.89 18.83
CA LEU B 256 -88.02 25.82 18.70
C LEU B 256 -87.77 24.71 19.70
N GLU B 257 -88.78 24.45 20.53
CA GLU B 257 -88.71 23.45 21.58
C GLU B 257 -89.78 22.39 21.29
N LEU B 258 -89.35 21.33 20.62
CA LEU B 258 -90.29 20.44 19.96
C LEU B 258 -90.41 19.10 20.65
N GLY B 259 -90.96 18.10 19.96
CA GLY B 259 -91.14 16.77 20.54
C GLY B 259 -89.84 16.08 20.92
N GLY B 260 -89.91 15.20 21.90
CA GLY B 260 -88.78 14.34 22.26
C GLY B 260 -89.15 12.90 22.06
N ASN B 261 -88.35 12.01 22.65
CA ASN B 261 -88.59 10.56 22.65
C ASN B 261 -87.59 9.94 23.65
N ALA B 262 -87.57 10.50 24.86
CA ALA B 262 -86.59 10.16 25.87
C ALA B 262 -86.36 8.67 26.10
N PRO B 263 -85.17 8.16 25.75
CA PRO B 263 -84.83 6.82 26.23
C PRO B 263 -84.37 6.92 27.67
N PHE B 264 -84.70 5.91 28.46
CA PHE B 264 -84.23 5.83 29.84
C PHE B 264 -83.57 4.46 29.94
N ILE B 265 -82.27 4.48 30.20
CA ILE B 265 -81.43 3.32 30.01
C ILE B 265 -80.94 2.71 31.33
N VAL B 266 -81.37 1.49 31.61
CA VAL B 266 -80.93 0.81 32.82
C VAL B 266 -79.97 -0.31 32.49
N PHE B 267 -78.68 -0.10 32.77
CA PHE B 267 -77.64 -1.03 32.40
C PHE B 267 -77.47 -2.20 33.35
N ASP B 268 -76.95 -3.27 32.78
CA ASP B 268 -76.28 -4.36 33.47
C ASP B 268 -75.86 -4.03 34.91
N ASP B 269 -75.12 -2.94 35.07
CA ASP B 269 -74.45 -2.59 36.34
C ASP B 269 -75.06 -1.41 37.11
N ALA B 270 -76.22 -0.94 36.66
CA ALA B 270 -76.92 0.15 37.34
C ALA B 270 -77.31 -0.23 38.77
N ASP B 271 -77.41 0.77 39.65
CA ASP B 271 -78.12 0.59 40.90
C ASP B 271 -79.61 0.54 40.58
N LEU B 272 -80.20 -0.64 40.75
CA LEU B 272 -81.57 -0.89 40.32
C LEU B 272 -82.59 -0.02 41.06
N ASP B 273 -82.49 0.01 42.39
CA ASP B 273 -83.44 0.75 43.22
C ASP B 273 -83.50 2.21 42.81
N ALA B 274 -82.33 2.83 42.69
CA ALA B 274 -82.21 4.24 42.32
C ALA B 274 -82.75 4.53 40.91
N ALA B 275 -82.51 3.60 39.98
CA ALA B 275 -83.09 3.71 38.63
C ALA B 275 -84.62 3.70 38.68
N VAL B 276 -85.16 2.91 39.60
CA VAL B 276 -86.59 2.86 39.85
C VAL B 276 -87.06 4.19 40.46
N GLU B 277 -86.31 4.73 41.43
CA GLU B 277 -86.62 6.07 41.95
C GLU B 277 -86.64 7.12 40.83
N GLY B 278 -85.66 7.03 39.93
CA GLY B 278 -85.52 7.95 38.80
C GLY B 278 -86.45 7.68 37.64
N ALA B 279 -86.98 6.46 37.60
CA ALA B 279 -87.98 6.13 36.59
C ALA B 279 -89.34 6.69 36.98
N ILE B 280 -89.68 6.63 38.27
CA ILE B 280 -90.95 7.19 38.72
C ILE B 280 -90.97 8.69 38.45
N ALA B 281 -89.88 9.36 38.81
CA ALA B 281 -89.76 10.80 38.58
C ALA B 281 -89.82 11.19 37.09
N SER B 282 -89.12 10.46 36.22
CA SER B 282 -89.03 10.85 34.81
C SER B 282 -90.20 10.39 33.95
N LYS B 283 -91.06 9.53 34.49
CA LYS B 283 -92.16 8.97 33.70
C LYS B 283 -93.54 9.40 34.19
N TYR B 284 -93.67 9.64 35.50
CA TYR B 284 -94.99 9.78 36.12
C TYR B 284 -95.31 11.13 36.73
N ARG B 285 -94.29 11.96 36.97
CA ARG B 285 -94.59 13.33 37.36
C ARG B 285 -95.27 14.03 36.19
N ASN B 286 -96.23 14.90 36.52
CA ASN B 286 -97.16 15.51 35.56
C ASN B 286 -97.84 14.47 34.68
N ASN B 287 -98.01 13.27 35.24
CA ASN B 287 -98.68 12.16 34.56
C ASN B 287 -98.05 11.77 33.21
N GLY B 288 -96.75 12.01 33.09
CA GLY B 288 -95.97 11.71 31.88
C GLY B 288 -96.15 12.67 30.73
N GLN B 289 -96.62 13.88 31.02
CA GLN B 289 -97.05 14.80 29.96
C GLN B 289 -96.00 15.85 29.61
N THR B 290 -94.88 15.86 30.32
CA THR B 290 -93.79 16.84 30.11
C THR B 290 -92.99 16.58 28.83
N CYS B 291 -92.27 17.60 28.35
CA CYS B 291 -91.41 17.46 27.17
C CYS B 291 -90.33 16.44 27.43
N VAL B 292 -89.86 16.42 28.67
CA VAL B 292 -88.69 15.66 29.06
C VAL B 292 -89.00 14.25 29.52
N CYS B 293 -90.27 13.87 29.52
CA CYS B 293 -90.67 12.60 30.10
C CYS B 293 -90.18 11.40 29.32
N THR B 294 -89.74 10.38 30.05
CA THR B 294 -89.36 9.09 29.46
C THR B 294 -90.46 8.55 28.54
N ASN B 295 -90.06 8.11 27.36
CA ASN B 295 -91.02 7.58 26.38
C ASN B 295 -90.72 6.12 26.04
N ARG B 296 -89.51 5.70 26.39
CA ARG B 296 -88.99 4.37 26.10
C ARG B 296 -88.04 3.97 27.22
N PHE B 297 -88.30 2.82 27.84
CA PHE B 297 -87.34 2.25 28.76
C PHE B 297 -86.52 1.21 28.05
N PHE B 298 -85.21 1.31 28.19
CA PHE B 298 -84.30 0.29 27.68
C PHE B 298 -83.59 -0.34 28.86
N VAL B 299 -83.82 -1.64 29.01
CA VAL B 299 -83.30 -2.40 30.15
C VAL B 299 -82.50 -3.58 29.67
N HIS B 300 -81.37 -3.83 30.33
CA HIS B 300 -80.46 -4.92 29.99
C HIS B 300 -81.02 -6.28 30.36
N GLU B 301 -80.88 -7.24 29.44
CA GLU B 301 -81.30 -8.64 29.66
C GLU B 301 -81.10 -9.09 31.10
N ARG B 302 -79.92 -8.83 31.64
CA ARG B 302 -79.48 -9.41 32.89
C ARG B 302 -80.17 -8.81 34.14
N VAL B 303 -80.84 -7.67 33.96
CA VAL B 303 -81.61 -7.07 35.06
C VAL B 303 -83.07 -6.77 34.68
N TYR B 304 -83.46 -7.13 33.47
CA TYR B 304 -84.82 -6.85 32.96
C TYR B 304 -85.90 -7.33 33.92
N ASP B 305 -85.86 -8.62 34.25
CA ASP B 305 -86.83 -9.23 35.17
C ASP B 305 -86.88 -8.55 36.54
N ALA B 306 -85.70 -8.27 37.11
CA ALA B 306 -85.61 -7.63 38.42
C ALA B 306 -86.07 -6.16 38.39
N PHE B 307 -85.71 -5.43 37.33
CA PHE B 307 -86.12 -4.03 37.19
C PHE B 307 -87.63 -3.89 37.05
N ALA B 308 -88.21 -4.73 36.19
CA ALA B 308 -89.66 -4.72 35.95
C ALA B 308 -90.50 -4.94 37.22
N ASP B 309 -90.08 -5.85 38.10
CA ASP B 309 -90.82 -6.10 39.35
C ASP B 309 -90.74 -4.88 40.25
N LYS B 310 -89.52 -4.40 40.48
CA LYS B 310 -89.28 -3.24 41.33
C LYS B 310 -90.08 -2.03 40.88
N LEU B 311 -90.18 -1.84 39.56
CA LEU B 311 -90.93 -0.74 38.96
C LEU B 311 -92.43 -0.92 39.13
N ALA B 312 -92.93 -2.12 38.83
CA ALA B 312 -94.34 -2.47 39.05
C ALA B 312 -94.76 -2.16 40.48
N ALA B 313 -93.93 -2.58 41.44
CA ALA B 313 -94.13 -2.28 42.85
C ALA B 313 -94.23 -0.77 43.06
N ALA B 314 -93.16 -0.06 42.70
CA ALA B 314 -93.09 1.40 42.85
C ALA B 314 -94.36 2.10 42.36
N VAL B 315 -94.76 1.75 41.13
CA VAL B 315 -95.95 2.30 40.49
C VAL B 315 -97.22 2.09 41.33
N SER B 316 -97.35 0.90 41.92
CA SER B 316 -98.55 0.58 42.70
C SER B 316 -98.70 1.39 44.00
N LYS B 317 -97.62 2.05 44.42
CA LYS B 317 -97.64 2.96 45.58
C LYS B 317 -98.01 4.41 45.19
N LEU B 318 -98.25 4.66 43.90
CA LEU B 318 -98.68 5.97 43.43
C LEU B 318 -100.21 6.06 43.48
N LYS B 319 -100.70 7.16 44.05
CA LYS B 319 -102.14 7.37 44.25
C LYS B 319 -102.69 8.26 43.15
N VAL B 320 -103.85 7.89 42.63
CA VAL B 320 -104.54 8.67 41.60
C VAL B 320 -105.73 9.39 42.24
N GLY B 321 -105.90 10.68 41.92
CA GLY B 321 -107.01 11.47 42.45
C GLY B 321 -106.90 12.96 42.12
N ARG B 322 -107.94 13.73 42.44
CA ARG B 322 -107.99 15.16 42.14
C ARG B 322 -106.87 15.91 42.85
N GLY B 323 -106.23 16.82 42.12
CA GLY B 323 -105.02 17.52 42.58
C GLY B 323 -105.09 18.15 43.95
N THR B 324 -106.32 18.47 44.37
CA THR B 324 -106.61 19.14 45.65
C THR B 324 -106.76 18.16 46.82
N GLU B 325 -106.69 16.87 46.53
CA GLU B 325 -106.81 15.83 47.55
C GLU B 325 -105.42 15.41 48.06
N SER B 326 -105.34 15.10 49.35
CA SER B 326 -104.05 14.74 49.96
C SER B 326 -103.66 13.28 49.71
N GLY B 327 -102.36 13.08 49.50
CA GLY B 327 -101.82 11.78 49.14
C GLY B 327 -101.79 11.61 47.64
N ALA B 328 -102.55 12.46 46.94
CA ALA B 328 -102.70 12.40 45.49
C ALA B 328 -101.45 12.85 44.75
N THR B 329 -100.98 11.97 43.87
CA THR B 329 -99.72 12.18 43.16
C THR B 329 -99.85 12.07 41.63
N LEU B 330 -100.90 11.40 41.16
CA LEU B 330 -101.21 11.37 39.73
C LEU B 330 -102.59 12.00 39.46
N GLY B 331 -102.60 13.09 38.70
CA GLY B 331 -103.84 13.76 38.33
C GLY B 331 -104.40 13.22 37.02
N PRO B 332 -105.40 13.90 36.45
CA PRO B 332 -105.95 13.43 35.17
C PRO B 332 -105.03 13.79 34.02
N LEU B 333 -105.19 13.08 32.91
CA LEU B 333 -104.65 13.52 31.63
C LEU B 333 -105.40 14.78 31.23
N ILE B 334 -104.76 15.64 30.45
CA ILE B 334 -105.31 16.98 30.25
C ILE B 334 -106.72 17.03 29.63
N ASN B 335 -106.96 16.22 28.60
CA ASN B 335 -108.22 16.21 27.89
C ASN B 335 -108.56 14.84 27.33
N GLU B 336 -109.72 14.76 26.71
CA GLU B 336 -110.25 13.51 26.18
C GLU B 336 -109.32 12.90 25.14
N ALA B 337 -108.71 13.75 24.31
CA ALA B 337 -107.84 13.29 23.24
C ALA B 337 -106.54 12.70 23.77
N ALA B 338 -106.11 13.17 24.94
CA ALA B 338 -104.92 12.64 25.59
C ALA B 338 -105.13 11.20 26.03
N VAL B 339 -106.33 10.90 26.53
CA VAL B 339 -106.67 9.55 27.01
C VAL B 339 -106.69 8.58 25.85
N LYS B 340 -107.31 9.00 24.75
CA LYS B 340 -107.47 8.15 23.57
C LYS B 340 -106.13 7.79 22.93
N LYS B 341 -105.12 8.63 23.16
CA LYS B 341 -103.77 8.41 22.66
C LYS B 341 -103.06 7.28 23.43
N VAL B 342 -103.16 7.32 24.76
CA VAL B 342 -102.58 6.27 25.60
C VAL B 342 -103.16 4.91 25.23
N GLU B 343 -104.47 4.84 25.12
CA GLU B 343 -105.18 3.61 24.78
C GLU B 343 -104.71 3.04 23.45
N SER B 344 -104.43 3.95 22.52
CA SER B 344 -103.95 3.62 21.19
C SER B 344 -102.59 2.95 21.24
N HIS B 345 -101.69 3.51 22.05
CA HIS B 345 -100.36 2.94 22.23
C HIS B 345 -100.40 1.59 22.93
N ILE B 346 -101.23 1.47 23.95
CA ILE B 346 -101.41 0.22 24.67
C ILE B 346 -101.96 -0.85 23.72
N ALA B 347 -102.96 -0.46 22.92
CA ALA B 347 -103.60 -1.33 21.95
C ALA B 347 -102.63 -1.83 20.90
N ASP B 348 -101.80 -0.93 20.39
CA ASP B 348 -100.77 -1.27 19.40
C ASP B 348 -99.74 -2.25 19.98
N ALA B 349 -99.33 -2.02 21.22
CA ALA B 349 -98.39 -2.90 21.88
C ALA B 349 -98.95 -4.30 22.07
N LEU B 350 -100.16 -4.36 22.61
CA LEU B 350 -100.85 -5.63 22.87
C LEU B 350 -101.02 -6.47 21.61
N ALA B 351 -101.46 -5.83 20.53
CA ALA B 351 -101.61 -6.48 19.23
C ALA B 351 -100.29 -6.99 18.66
N LYS B 352 -99.18 -6.40 19.11
CA LYS B 352 -97.86 -6.77 18.60
C LYS B 352 -97.08 -7.72 19.51
N GLY B 353 -97.68 -8.10 20.64
CA GLY B 353 -97.14 -9.17 21.49
C GLY B 353 -96.75 -8.79 22.90
N ALA B 354 -96.94 -7.53 23.26
CA ALA B 354 -96.58 -7.01 24.58
C ALA B 354 -97.45 -7.58 25.70
N SER B 355 -96.95 -7.49 26.93
CA SER B 355 -97.66 -7.96 28.12
C SER B 355 -97.98 -6.82 29.08
N LEU B 356 -99.24 -6.75 29.47
CA LEU B 356 -99.66 -5.77 30.46
C LEU B 356 -99.22 -6.26 31.83
N MET B 357 -98.30 -5.51 32.44
CA MET B 357 -97.81 -5.82 33.78
C MET B 357 -98.75 -5.27 34.85
N THR B 358 -99.28 -4.07 34.61
CA THR B 358 -100.19 -3.38 35.54
C THR B 358 -100.95 -2.28 34.79
N GLY B 359 -102.04 -1.79 35.39
CA GLY B 359 -102.88 -0.74 34.80
C GLY B 359 -103.44 -1.16 33.46
N GLY B 360 -103.49 -0.21 32.52
CA GLY B 360 -103.83 -0.53 31.14
C GLY B 360 -105.11 0.07 30.63
N LYS B 361 -105.89 0.65 31.54
CA LYS B 361 -107.22 1.17 31.21
C LYS B 361 -107.52 2.52 31.88
N ARG B 362 -108.65 3.12 31.52
CA ARG B 362 -109.13 4.35 32.16
C ARG B 362 -109.50 4.09 33.60
N HIS B 363 -109.24 5.08 34.45
CA HIS B 363 -109.57 5.01 35.86
C HIS B 363 -111.07 5.24 36.09
N ALA B 364 -111.61 4.53 37.10
CA ALA B 364 -113.03 4.59 37.45
C ALA B 364 -113.51 6.00 37.78
N LEU B 365 -112.60 6.85 38.23
CA LEU B 365 -112.92 8.25 38.53
C LEU B 365 -113.29 9.04 37.26
N GLY B 366 -112.95 8.48 36.09
CA GLY B 366 -113.43 9.01 34.81
C GLY B 366 -112.59 10.15 34.27
N HIS B 367 -113.21 10.98 33.43
CA HIS B 367 -112.57 12.12 32.79
C HIS B 367 -111.18 11.80 32.23
N GLY B 368 -110.16 12.50 32.70
CA GLY B 368 -108.79 12.32 32.22
C GLY B 368 -107.96 11.29 32.97
N PHE B 369 -108.50 10.75 34.05
CA PHE B 369 -107.76 9.80 34.87
C PHE B 369 -107.51 8.49 34.16
N PHE B 370 -106.26 8.01 34.24
CA PHE B 370 -105.83 6.78 33.57
C PHE B 370 -104.93 5.99 34.49
N GLU B 371 -105.06 4.66 34.47
CA GLU B 371 -104.28 3.81 35.37
C GLU B 371 -102.83 3.75 34.93
N PRO B 372 -101.89 4.05 35.86
CA PRO B 372 -100.45 3.98 35.55
C PRO B 372 -100.12 2.61 34.99
N THR B 373 -99.48 2.59 33.83
CA THR B 373 -99.32 1.36 33.09
C THR B 373 -97.85 0.98 32.88
N VAL B 374 -97.57 -0.32 32.97
CA VAL B 374 -96.26 -0.85 32.66
C VAL B 374 -96.42 -1.94 31.62
N LEU B 375 -95.58 -1.92 30.59
CA LEU B 375 -95.60 -2.92 29.56
C LEU B 375 -94.26 -3.64 29.46
N THR B 376 -94.31 -4.95 29.25
CA THR B 376 -93.10 -5.74 29.02
C THR B 376 -93.12 -6.32 27.61
N GLY B 377 -91.96 -6.80 27.14
CA GLY B 377 -91.84 -7.37 25.80
C GLY B 377 -92.16 -6.36 24.72
N VAL B 378 -91.80 -5.10 24.95
CA VAL B 378 -92.01 -4.05 23.96
C VAL B 378 -90.93 -4.13 22.89
N LYS B 379 -91.35 -4.19 21.65
CA LYS B 379 -90.47 -4.27 20.50
C LYS B 379 -90.50 -2.95 19.73
N PRO B 380 -89.52 -2.73 18.81
CA PRO B 380 -89.44 -1.45 18.10
C PRO B 380 -90.35 -1.34 16.87
N ASP B 381 -91.22 -2.33 16.66
CA ASP B 381 -92.25 -2.25 15.63
C ASP B 381 -93.52 -1.61 16.18
N MET B 382 -93.53 -1.37 17.48
CA MET B 382 -94.68 -0.80 18.17
C MET B 382 -94.63 0.73 18.06
N ASP B 383 -95.81 1.35 18.10
CA ASP B 383 -95.93 2.80 17.89
C ASP B 383 -95.23 3.62 18.97
N VAL B 384 -95.18 3.07 20.17
CA VAL B 384 -94.59 3.74 21.33
C VAL B 384 -93.07 3.89 21.18
N ALA B 385 -92.49 3.13 20.25
CA ALA B 385 -91.07 3.22 19.96
C ALA B 385 -90.73 4.46 19.12
N LYS B 386 -91.73 4.92 18.36
CA LYS B 386 -91.56 6.00 17.40
C LYS B 386 -92.34 7.27 17.74
N GLU B 387 -93.37 7.16 18.60
CA GLU B 387 -94.21 8.31 18.97
C GLU B 387 -94.21 8.54 20.46
N GLU B 388 -94.41 9.79 20.85
CA GLU B 388 -94.57 10.14 22.25
C GLU B 388 -95.97 9.79 22.74
N THR B 389 -96.05 9.23 23.93
CA THR B 389 -97.33 8.85 24.53
C THR B 389 -98.00 10.06 25.16
N PHE B 390 -97.19 10.88 25.84
CA PHE B 390 -97.66 11.96 26.70
C PHE B 390 -98.59 11.50 27.81
N GLY B 391 -98.42 10.26 28.25
CA GLY B 391 -99.25 9.69 29.33
C GLY B 391 -98.48 8.72 30.18
N PRO B 392 -99.10 8.23 31.27
CA PRO B 392 -98.41 7.45 32.29
C PRO B 392 -98.16 5.98 31.91
N LEU B 393 -97.38 5.77 30.86
CA LEU B 393 -97.15 4.45 30.30
C LEU B 393 -95.65 4.13 30.24
N ALA B 394 -95.26 2.99 30.81
CA ALA B 394 -93.86 2.63 30.90
C ALA B 394 -93.59 1.41 30.04
N PRO B 395 -93.16 1.62 28.78
CA PRO B 395 -92.87 0.52 27.91
C PRO B 395 -91.42 0.05 28.06
N LEU B 396 -91.22 -1.24 28.33
CA LEU B 396 -89.87 -1.76 28.59
C LEU B 396 -89.31 -2.59 27.43
N PHE B 397 -88.36 -2.01 26.70
CA PHE B 397 -87.65 -2.70 25.64
C PHE B 397 -86.47 -3.45 26.24
N ARG B 398 -86.03 -4.50 25.55
CA ARG B 398 -84.88 -5.27 25.99
C ARG B 398 -83.66 -5.01 25.08
N PHE B 399 -82.49 -4.80 25.68
CA PHE B 399 -81.26 -4.75 24.91
C PHE B 399 -80.18 -5.69 25.47
N ALA B 400 -79.29 -6.15 24.59
CA ALA B 400 -78.24 -7.10 24.99
C ALA B 400 -76.88 -6.44 25.23
N SER B 401 -76.54 -5.49 24.37
CA SER B 401 -75.20 -4.91 24.32
C SER B 401 -75.22 -3.40 24.18
N GLU B 402 -74.23 -2.77 24.80
CA GLU B 402 -74.01 -1.34 24.67
C GLU B 402 -74.06 -0.84 23.21
N GLU B 403 -73.50 -1.62 22.29
CA GLU B 403 -73.49 -1.26 20.87
C GLU B 403 -74.90 -1.30 20.25
N GLU B 404 -75.74 -2.22 20.74
CA GLU B 404 -77.12 -2.35 20.27
C GLU B 404 -77.98 -1.23 20.86
N LEU B 405 -77.70 -0.90 22.12
CA LEU B 405 -78.43 0.15 22.81
C LEU B 405 -78.34 1.49 22.09
N VAL B 406 -77.11 1.90 21.78
CA VAL B 406 -76.85 3.21 21.17
C VAL B 406 -77.57 3.33 19.83
N ARG B 407 -77.57 2.24 19.06
CA ARG B 407 -78.30 2.17 17.81
C ARG B 407 -79.80 2.31 18.08
N LEU B 408 -80.28 1.63 19.12
CA LEU B 408 -81.67 1.71 19.55
C LEU B 408 -82.09 3.10 20.04
N ALA B 409 -81.31 3.66 20.96
CA ALA B 409 -81.62 4.95 21.59
C ALA B 409 -81.65 6.08 20.56
N ASN B 410 -80.70 6.07 19.64
CA ASN B 410 -80.60 7.10 18.62
C ASN B 410 -81.56 6.92 17.45
N ASP B 411 -82.04 5.70 17.24
CA ASP B 411 -82.96 5.42 16.11
C ASP B 411 -84.29 6.15 16.27
N THR B 412 -84.25 7.47 16.17
CA THR B 412 -85.43 8.31 16.32
C THR B 412 -85.19 9.66 15.65
N GLU B 413 -86.28 10.25 15.15
CA GLU B 413 -86.27 11.58 14.55
C GLU B 413 -85.76 12.64 15.54
N PHE B 414 -86.15 12.48 16.81
CA PHE B 414 -86.00 13.50 17.84
C PHE B 414 -84.72 13.30 18.68
N GLY B 415 -84.39 14.31 19.49
CA GLY B 415 -83.23 14.26 20.39
C GLY B 415 -83.28 15.30 21.49
N LEU B 416 -84.29 15.20 22.35
CA LEU B 416 -84.44 16.13 23.47
C LEU B 416 -83.72 15.64 24.74
N ALA B 417 -84.44 14.97 25.64
CA ALA B 417 -83.84 14.45 26.88
C ALA B 417 -83.52 12.96 26.78
N ALA B 418 -82.61 12.50 27.63
CA ALA B 418 -82.25 11.09 27.72
C ALA B 418 -81.70 10.81 29.11
N TYR B 419 -81.95 9.61 29.61
CA TYR B 419 -81.52 9.25 30.95
C TYR B 419 -80.75 7.94 30.93
N LEU B 420 -79.77 7.84 31.81
CA LEU B 420 -78.81 6.76 31.78
C LEU B 420 -78.37 6.37 33.19
N TYR B 421 -78.55 5.09 33.52
CA TYR B 421 -78.11 4.55 34.79
C TYR B 421 -77.03 3.50 34.60
N SER B 422 -75.84 3.84 35.06
CA SER B 422 -74.69 2.96 35.04
C SER B 422 -73.74 3.46 36.09
N ARG B 423 -72.88 2.56 36.55
CA ARG B 423 -72.00 2.89 37.63
C ARG B 423 -70.54 2.92 37.14
N ASP B 424 -70.33 2.47 35.90
CA ASP B 424 -68.99 2.46 35.29
C ASP B 424 -68.68 3.77 34.57
N ILE B 425 -67.62 4.43 35.02
CA ILE B 425 -67.27 5.79 34.59
C ILE B 425 -67.03 5.89 33.08
N GLY B 426 -66.34 4.90 32.51
CA GLY B 426 -66.01 4.90 31.09
C GLY B 426 -67.17 4.55 30.18
N ARG B 427 -68.05 3.67 30.66
CA ARG B 427 -69.28 3.35 29.93
C ARG B 427 -70.24 4.54 29.92
N VAL B 428 -70.30 5.25 31.04
CA VAL B 428 -71.18 6.41 31.16
C VAL B 428 -70.85 7.45 30.09
N TRP B 429 -69.59 7.87 30.04
CA TRP B 429 -69.09 8.81 29.03
C TRP B 429 -69.29 8.31 27.59
N ARG B 430 -68.92 7.06 27.34
CA ARG B 430 -69.01 6.52 25.98
C ARG B 430 -70.44 6.59 25.47
N VAL B 431 -71.39 6.28 26.35
CA VAL B 431 -72.80 6.28 25.97
C VAL B 431 -73.35 7.69 25.95
N ALA B 432 -73.05 8.48 26.98
CA ALA B 432 -73.49 9.88 26.99
C ALA B 432 -73.02 10.63 25.74
N GLU B 433 -71.76 10.44 25.35
CA GLU B 433 -71.19 11.09 24.17
C GLU B 433 -71.81 10.61 22.87
N ALA B 434 -72.12 9.32 22.80
CA ALA B 434 -72.70 8.72 21.61
C ALA B 434 -74.15 9.11 21.40
N LEU B 435 -74.85 9.43 22.49
CA LEU B 435 -76.27 9.75 22.44
C LEU B 435 -76.59 11.07 21.75
N GLU B 436 -77.43 11.01 20.70
CA GLU B 436 -77.85 12.22 19.98
C GLU B 436 -79.02 12.93 20.71
N TYR B 437 -78.69 13.58 21.82
CA TYR B 437 -79.68 14.23 22.68
C TYR B 437 -79.11 15.51 23.25
N GLY B 438 -79.97 16.52 23.40
CA GLY B 438 -79.52 17.80 23.95
C GLY B 438 -79.23 17.75 25.44
N MET B 439 -79.87 16.81 26.13
CA MET B 439 -79.80 16.70 27.57
C MET B 439 -79.72 15.23 27.98
N VAL B 440 -78.84 14.92 28.93
CA VAL B 440 -78.66 13.55 29.36
C VAL B 440 -78.55 13.45 30.87
N GLY B 441 -79.48 12.72 31.48
CA GLY B 441 -79.47 12.48 32.92
C GLY B 441 -78.63 11.26 33.25
N ILE B 442 -77.63 11.46 34.10
CA ILE B 442 -76.73 10.38 34.49
C ILE B 442 -77.00 9.98 35.95
N ASN B 443 -77.55 8.79 36.12
CA ASN B 443 -78.09 8.33 37.40
C ASN B 443 -79.04 9.31 38.10
N THR B 444 -79.79 10.05 37.29
CA THR B 444 -80.84 10.93 37.80
C THR B 444 -81.99 10.96 36.82
N GLY B 445 -83.21 11.07 37.35
CA GLY B 445 -84.41 11.17 36.50
C GLY B 445 -84.90 12.59 36.35
N LEU B 446 -84.30 13.51 37.10
CA LEU B 446 -84.70 14.91 37.11
C LEU B 446 -83.52 15.81 36.74
N ILE B 447 -83.63 16.43 35.56
CA ILE B 447 -82.53 17.21 35.01
C ILE B 447 -82.84 18.69 34.82
N SER B 448 -84.10 19.07 34.97
CA SER B 448 -84.57 20.43 34.66
C SER B 448 -84.34 21.45 35.77
N ASN B 449 -83.70 22.55 35.39
CA ASN B 449 -83.42 23.69 36.28
C ASN B 449 -83.04 24.96 35.49
N GLU B 450 -82.95 26.08 36.19
CA GLU B 450 -82.82 27.41 35.56
C GLU B 450 -81.43 27.72 35.00
N VAL B 451 -80.42 26.99 35.43
CA VAL B 451 -79.03 27.37 35.15
C VAL B 451 -78.43 26.54 34.01
N ALA B 452 -79.02 25.39 33.74
CA ALA B 452 -78.54 24.50 32.69
C ALA B 452 -79.30 24.76 31.40
N PRO B 453 -78.58 24.68 30.27
CA PRO B 453 -79.21 24.94 28.98
C PRO B 453 -80.18 23.82 28.58
N PHE B 454 -81.41 24.22 28.32
CA PHE B 454 -82.50 23.32 28.00
C PHE B 454 -82.79 23.45 26.52
N GLY B 455 -82.87 22.31 25.85
CA GLY B 455 -83.21 22.27 24.44
C GLY B 455 -82.84 20.94 23.86
N GLY B 456 -83.16 20.73 22.59
CA GLY B 456 -82.88 19.48 21.93
C GLY B 456 -82.04 19.63 20.68
N VAL B 457 -81.75 18.52 20.03
CA VAL B 457 -81.09 18.53 18.74
C VAL B 457 -81.96 17.81 17.72
N LYS B 458 -81.48 17.68 16.49
CA LYS B 458 -82.24 17.04 15.43
C LYS B 458 -83.63 17.67 15.36
N GLN B 459 -84.65 16.83 15.20
CA GLN B 459 -86.02 17.31 15.06
C GLN B 459 -86.62 17.89 16.35
N SER B 460 -85.87 17.87 17.45
CA SER B 460 -86.34 18.46 18.71
C SER B 460 -86.13 19.97 18.73
N GLY B 461 -85.57 20.51 17.66
CA GLY B 461 -85.59 21.95 17.43
C GLY B 461 -84.29 22.71 17.56
N LEU B 462 -84.43 24.01 17.84
CA LEU B 462 -83.33 24.98 17.77
C LEU B 462 -83.28 25.89 18.99
N GLY B 463 -82.07 26.21 19.44
CA GLY B 463 -81.88 27.16 20.54
C GLY B 463 -81.81 26.48 21.89
N ARG B 464 -81.51 27.28 22.91
CA ARG B 464 -81.40 26.81 24.28
C ARG B 464 -81.99 27.82 25.26
N GLU B 465 -82.78 27.32 26.22
CA GLU B 465 -83.42 28.17 27.23
C GLU B 465 -82.82 27.93 28.60
N GLY B 466 -82.86 28.96 29.44
CA GLY B 466 -82.14 28.93 30.72
C GLY B 466 -80.65 29.13 30.53
N SER B 467 -79.89 29.06 31.62
CA SER B 467 -78.45 29.27 31.63
C SER B 467 -78.01 30.63 31.08
N HIS B 468 -76.71 30.79 30.88
CA HIS B 468 -76.17 31.98 30.26
C HIS B 468 -76.37 31.93 28.75
N TYR B 469 -76.75 30.75 28.26
CA TYR B 469 -77.04 30.54 26.85
C TYR B 469 -78.43 31.05 26.48
N GLY B 470 -79.32 31.13 27.47
CA GLY B 470 -80.71 31.53 27.24
C GLY B 470 -80.91 32.89 26.59
N ILE B 471 -80.23 33.90 27.12
CA ILE B 471 -80.40 35.28 26.68
C ILE B 471 -79.87 35.57 25.27
N ASP B 472 -78.98 34.72 24.78
CA ASP B 472 -78.24 34.96 23.53
C ASP B 472 -79.13 35.12 22.32
N ASP B 473 -80.23 34.37 22.29
CA ASP B 473 -81.11 34.38 21.13
C ASP B 473 -81.95 35.65 21.05
N TYR B 474 -82.07 36.34 22.18
CA TYR B 474 -82.90 37.54 22.31
C TYR B 474 -82.15 38.84 22.03
N VAL B 475 -80.84 38.76 21.90
CA VAL B 475 -80.02 39.91 21.53
C VAL B 475 -79.40 39.68 20.16
N VAL B 476 -78.86 40.74 19.60
CA VAL B 476 -78.23 40.66 18.30
C VAL B 476 -76.88 41.39 18.37
N ILE B 477 -75.93 41.01 17.54
CA ILE B 477 -74.59 41.54 17.73
C ILE B 477 -74.16 42.57 16.68
N LYS B 478 -73.35 43.53 17.14
CA LYS B 478 -72.89 44.63 16.31
C LYS B 478 -71.38 44.71 16.32
N TYR B 479 -70.80 44.72 15.14
CA TYR B 479 -69.38 44.86 14.98
C TYR B 479 -69.06 46.32 14.67
N LEU B 480 -68.26 46.92 15.55
CA LEU B 480 -67.72 48.25 15.37
C LEU B 480 -66.22 48.19 15.04
N CYS B 481 -65.90 48.68 13.86
CA CYS B 481 -64.54 48.71 13.37
C CYS B 481 -64.11 50.18 13.42
N VAL B 482 -63.28 50.49 14.40
CA VAL B 482 -62.89 51.86 14.69
C VAL B 482 -61.48 52.19 14.18
N ALA B 483 -61.40 53.17 13.29
CA ALA B 483 -60.12 53.66 12.79
C ALA B 483 -59.38 54.42 13.90
N VAL B 484 -58.11 54.08 14.09
CA VAL B 484 -57.31 54.66 15.16
C VAL B 484 -56.32 55.68 14.61
N GLY C 3 -54.69 27.95 -18.72
CA GLY C 3 -53.44 27.39 -19.31
C GLY C 3 -52.19 28.23 -19.09
N SER C 4 -52.38 29.45 -18.59
CA SER C 4 -51.27 30.37 -18.27
C SER C 4 -50.79 30.17 -16.83
N MET C 5 -51.02 28.99 -16.28
CA MET C 5 -50.70 28.71 -14.88
C MET C 5 -49.44 27.90 -14.72
N LYS C 6 -48.77 28.08 -13.57
CA LYS C 6 -47.69 27.21 -13.17
C LYS C 6 -48.20 25.77 -12.98
N ASP C 7 -49.45 25.64 -12.53
CA ASP C 7 -50.08 24.34 -12.31
C ASP C 7 -51.45 24.27 -13.01
N PRO C 8 -51.48 23.83 -14.28
CA PRO C 8 -52.72 23.82 -15.09
C PRO C 8 -53.81 22.84 -14.62
N SER C 9 -53.47 21.93 -13.71
CA SER C 9 -54.44 20.97 -13.17
C SER C 9 -55.35 21.56 -12.08
N LEU C 10 -55.09 22.81 -11.71
CA LEU C 10 -55.95 23.55 -10.79
C LEU C 10 -57.26 23.98 -11.45
N LEU C 11 -57.23 24.10 -12.78
CA LEU C 11 -58.43 24.43 -13.53
C LEU C 11 -59.20 23.15 -13.77
N ARG C 12 -60.34 23.02 -13.08
CA ARG C 12 -61.09 21.77 -13.04
C ARG C 12 -62.33 21.81 -13.88
N HIS C 13 -62.64 20.71 -14.56
CA HIS C 13 -63.82 20.64 -15.41
C HIS C 13 -64.76 19.53 -14.99
N GLN C 14 -64.38 18.87 -13.89
CA GLN C 14 -65.23 17.87 -13.27
C GLN C 14 -65.57 18.26 -11.83
N ALA C 15 -66.77 17.90 -11.39
CA ALA C 15 -67.19 18.17 -10.02
C ALA C 15 -66.50 17.21 -9.05
N TYR C 16 -66.55 17.55 -7.77
CA TYR C 16 -65.90 16.77 -6.73
C TYR C 16 -66.95 16.23 -5.78
N ILE C 17 -67.25 14.94 -5.90
CA ILE C 17 -68.30 14.27 -5.13
C ILE C 17 -67.69 13.17 -4.30
N GLY C 18 -68.10 13.05 -3.04
CA GLY C 18 -67.61 12.01 -2.16
C GLY C 18 -66.11 11.80 -2.23
N GLY C 19 -65.39 12.87 -2.56
CA GLY C 19 -63.95 12.79 -2.76
C GLY C 19 -63.58 12.10 -4.07
N GLU C 20 -64.43 12.27 -5.08
CA GLU C 20 -64.19 11.72 -6.41
C GLU C 20 -64.61 12.72 -7.50
N TRP C 21 -63.68 12.96 -8.41
CA TRP C 21 -63.92 13.84 -9.56
C TRP C 21 -64.82 13.12 -10.57
N GLN C 22 -65.99 13.71 -10.84
CA GLN C 22 -67.02 13.05 -11.62
C GLN C 22 -67.77 14.05 -12.48
N ALA C 23 -68.21 13.61 -13.66
CA ALA C 23 -69.11 14.38 -14.48
C ALA C 23 -70.55 14.04 -14.08
N ALA C 24 -71.51 14.82 -14.61
CA ALA C 24 -72.92 14.57 -14.36
C ALA C 24 -73.30 13.15 -14.75
N ASP C 25 -74.28 12.58 -14.03
CA ASP C 25 -74.77 11.24 -14.32
C ASP C 25 -75.28 11.08 -15.75
N SER C 26 -75.76 12.17 -16.35
CA SER C 26 -76.24 12.17 -17.73
C SER C 26 -75.23 12.79 -18.69
N ASP C 27 -74.01 13.01 -18.19
CA ASP C 27 -72.90 13.58 -18.97
C ASP C 27 -73.11 15.03 -19.42
N ALA C 28 -74.18 15.65 -18.92
CA ALA C 28 -74.54 17.03 -19.27
C ALA C 28 -73.55 18.06 -18.73
N THR C 29 -73.53 19.24 -19.37
CA THR C 29 -72.66 20.34 -19.00
C THR C 29 -73.32 21.70 -19.19
N PHE C 30 -72.69 22.74 -18.65
CA PHE C 30 -72.95 24.12 -19.04
C PHE C 30 -71.63 24.85 -19.19
N GLU C 31 -71.66 26.00 -19.84
CA GLU C 31 -70.44 26.71 -20.22
C GLU C 31 -70.16 27.90 -19.28
N VAL C 32 -68.89 28.09 -18.92
CA VAL C 32 -68.48 29.27 -18.17
C VAL C 32 -67.77 30.28 -19.09
N PHE C 33 -68.18 31.54 -19.02
CA PHE C 33 -67.61 32.57 -19.87
C PHE C 33 -66.75 33.59 -19.11
N ASP C 34 -65.82 34.21 -19.81
CA ASP C 34 -64.99 35.27 -19.25
C ASP C 34 -65.74 36.59 -19.35
N PRO C 35 -66.15 37.16 -18.19
CA PRO C 35 -66.99 38.36 -18.13
C PRO C 35 -66.39 39.60 -18.78
N ALA C 36 -65.06 39.60 -18.92
CA ALA C 36 -64.34 40.74 -19.48
C ALA C 36 -64.26 40.68 -21.01
N THR C 37 -64.07 39.47 -21.55
CA THR C 37 -63.79 39.28 -22.98
C THR C 37 -64.81 38.42 -23.73
N GLY C 38 -65.79 37.89 -23.02
CA GLY C 38 -66.89 37.14 -23.63
C GLY C 38 -66.53 35.72 -24.03
N GLU C 39 -65.24 35.39 -23.97
CA GLU C 39 -64.76 34.09 -24.43
C GLU C 39 -65.20 32.93 -23.53
N SER C 40 -64.90 31.70 -23.95
CA SER C 40 -65.27 30.51 -23.20
C SER C 40 -64.12 30.07 -22.32
N LEU C 41 -64.38 29.93 -21.03
CA LEU C 41 -63.37 29.45 -20.08
C LEU C 41 -63.38 27.92 -19.95
N GLY C 42 -64.40 27.28 -20.52
CA GLY C 42 -64.52 25.83 -20.53
C GLY C 42 -65.92 25.36 -20.14
N THR C 43 -66.03 24.10 -19.73
CA THR C 43 -67.31 23.56 -19.29
C THR C 43 -67.17 22.85 -17.95
N VAL C 44 -68.28 22.80 -17.21
CA VAL C 44 -68.37 22.09 -15.94
C VAL C 44 -69.65 21.25 -15.94
N PRO C 45 -69.72 20.22 -15.07
CA PRO C 45 -70.91 19.38 -15.05
C PRO C 45 -72.18 20.16 -14.73
N LYS C 46 -73.28 19.79 -15.39
CA LYS C 46 -74.62 20.25 -15.02
C LYS C 46 -75.34 19.15 -14.25
N MET C 47 -74.96 18.97 -13.01
CA MET C 47 -75.53 17.92 -12.16
C MET C 47 -76.86 18.35 -11.56
N GLY C 48 -77.48 17.47 -10.78
CA GLY C 48 -78.77 17.75 -10.15
C GLY C 48 -78.98 16.98 -8.86
N ALA C 49 -80.22 16.56 -8.64
CA ALA C 49 -80.63 15.88 -7.41
C ALA C 49 -79.77 14.68 -7.05
N ALA C 50 -79.71 13.70 -7.96
CA ALA C 50 -79.08 12.40 -7.67
C ALA C 50 -77.60 12.52 -7.30
N GLU C 51 -76.89 13.43 -7.95
CA GLU C 51 -75.47 13.66 -7.66
C GLU C 51 -75.30 14.33 -6.30
N THR C 52 -76.23 15.22 -5.97
CA THR C 52 -76.26 15.89 -4.68
C THR C 52 -76.60 14.88 -3.57
N ALA C 53 -77.50 13.95 -3.89
CA ALA C 53 -77.90 12.90 -2.94
C ALA C 53 -76.71 12.03 -2.55
N ARG C 54 -75.89 11.66 -3.53
CA ARG C 54 -74.72 10.81 -3.27
C ARG C 54 -73.67 11.62 -2.50
N ALA C 55 -73.56 12.89 -2.84
CA ALA C 55 -72.73 13.84 -2.09
C ALA C 55 -73.12 13.88 -0.62
N ILE C 56 -74.42 13.92 -0.36
CA ILE C 56 -74.98 14.04 0.98
C ILE C 56 -74.77 12.74 1.78
N GLU C 57 -75.04 11.60 1.16
CA GLU C 57 -74.78 10.30 1.80
C GLU C 57 -73.30 10.09 2.07
N ALA C 58 -72.45 10.55 1.16
CA ALA C 58 -70.99 10.41 1.32
C ALA C 58 -70.53 11.14 2.56
N ALA C 59 -70.99 12.37 2.71
CA ALA C 59 -70.73 13.16 3.89
C ALA C 59 -71.08 12.39 5.18
N GLN C 60 -72.27 11.79 5.24
CA GLN C 60 -72.71 11.05 6.44
C GLN C 60 -71.82 9.86 6.73
N ALA C 61 -71.47 9.15 5.66
CA ALA C 61 -70.55 8.01 5.73
C ALA C 61 -69.19 8.45 6.26
N ALA C 62 -68.77 9.65 5.88
CA ALA C 62 -67.47 10.19 6.30
C ALA C 62 -67.44 10.77 7.72
N TRP C 63 -68.62 11.04 8.30
CA TRP C 63 -68.71 11.78 9.56
C TRP C 63 -68.08 11.10 10.80
N ALA C 64 -68.45 9.85 11.06
CA ALA C 64 -67.88 9.11 12.21
C ALA C 64 -66.35 9.24 12.31
N GLY C 65 -65.66 9.00 11.19
CA GLY C 65 -64.20 9.08 11.13
C GLY C 65 -63.62 10.46 11.34
N TRP C 66 -64.23 11.45 10.70
CA TRP C 66 -63.76 12.84 10.78
C TRP C 66 -63.94 13.45 12.18
N ARG C 67 -65.11 13.22 12.79
CA ARG C 67 -65.36 13.70 14.15
C ARG C 67 -64.51 12.99 15.23
N MET C 68 -64.05 11.78 14.94
CA MET C 68 -63.24 11.01 15.89
C MET C 68 -61.76 11.42 15.92
N LYS C 69 -61.33 12.17 14.91
CA LYS C 69 -60.03 12.84 14.95
C LYS C 69 -60.02 13.92 16.05
N THR C 70 -58.86 14.17 16.65
CA THR C 70 -58.77 15.29 17.62
C THR C 70 -58.83 16.63 16.88
N ALA C 71 -59.19 17.68 17.62
CA ALA C 71 -59.19 19.03 17.09
C ALA C 71 -57.85 19.38 16.45
N LYS C 72 -56.78 18.97 17.13
CA LYS C 72 -55.39 19.16 16.68
C LYS C 72 -55.12 18.44 15.36
N GLU C 73 -55.56 17.19 15.26
CA GLU C 73 -55.40 16.42 14.03
C GLU C 73 -56.15 17.06 12.86
N ARG C 74 -57.35 17.56 13.13
CA ARG C 74 -58.10 18.27 12.10
C ARG C 74 -57.40 19.58 11.72
N ALA C 75 -56.84 20.25 12.72
CA ALA C 75 -56.07 21.47 12.50
C ALA C 75 -54.91 21.24 11.52
N ALA C 76 -54.14 20.17 11.74
CA ALA C 76 -53.05 19.76 10.85
C ALA C 76 -53.44 19.82 9.37
N ILE C 77 -54.55 19.16 9.06
CA ILE C 77 -55.00 19.04 7.68
C ILE C 77 -55.46 20.39 7.11
N LEU C 78 -56.28 21.10 7.88
CA LEU C 78 -56.73 22.42 7.50
C LEU C 78 -55.57 23.38 7.26
N ARG C 79 -54.53 23.29 8.09
CA ARG C 79 -53.34 24.12 7.97
C ARG C 79 -52.51 23.76 6.74
N ARG C 80 -52.54 22.49 6.33
CA ARG C 80 -51.88 22.10 5.09
C ARG C 80 -52.61 22.71 3.90
N TRP C 81 -53.93 22.74 4.00
CA TRP C 81 -54.80 23.36 3.01
C TRP C 81 -54.59 24.87 2.98
N PHE C 82 -54.35 25.44 4.15
CA PHE C 82 -54.00 26.85 4.25
C PHE C 82 -52.70 27.10 3.45
N ASP C 83 -51.64 26.40 3.83
CA ASP C 83 -50.35 26.49 3.14
C ASP C 83 -50.43 26.25 1.64
N LEU C 84 -51.20 25.24 1.24
CA LEU C 84 -51.38 24.94 -0.18
C LEU C 84 -52.11 26.06 -0.91
N VAL C 85 -53.04 26.71 -0.22
CA VAL C 85 -53.76 27.87 -0.79
C VAL C 85 -52.81 29.07 -0.93
N ILE C 86 -51.96 29.29 0.08
CA ILE C 86 -50.95 30.35 0.05
C ILE C 86 -49.93 30.10 -1.07
N ALA C 87 -49.39 28.88 -1.11
CA ALA C 87 -48.40 28.48 -2.10
C ALA C 87 -48.85 28.71 -3.54
N ASN C 88 -50.14 28.49 -3.79
CA ASN C 88 -50.71 28.53 -5.15
C ASN C 88 -51.49 29.80 -5.39
N SER C 89 -51.08 30.85 -4.67
CA SER C 89 -51.76 32.14 -4.66
C SER C 89 -51.92 32.72 -6.06
N ASP C 90 -50.81 32.81 -6.80
CA ASP C 90 -50.81 33.41 -8.15
C ASP C 90 -51.81 32.74 -9.10
N ASP C 91 -51.77 31.40 -9.19
CA ASP C 91 -52.67 30.64 -10.08
C ASP C 91 -54.12 30.84 -9.68
N LEU C 92 -54.39 30.68 -8.38
CA LEU C 92 -55.72 30.89 -7.83
C LEU C 92 -56.24 32.30 -8.17
N ALA C 93 -55.34 33.27 -8.08
CA ALA C 93 -55.67 34.66 -8.43
C ALA C 93 -56.00 34.83 -9.92
N LEU C 94 -55.25 34.16 -10.78
CA LEU C 94 -55.51 34.14 -12.23
C LEU C 94 -56.87 33.50 -12.52
N ILE C 95 -57.09 32.29 -12.01
CA ILE C 95 -58.37 31.60 -12.22
C ILE C 95 -59.53 32.47 -11.80
N LEU C 96 -59.39 33.12 -10.66
CA LEU C 96 -60.45 33.93 -10.07
C LEU C 96 -60.77 35.14 -10.94
N THR C 97 -59.74 35.92 -11.27
CA THR C 97 -59.88 37.09 -12.15
C THR C 97 -60.56 36.70 -13.46
N THR C 98 -60.06 35.62 -14.07
CA THR C 98 -60.54 35.13 -15.36
C THR C 98 -62.05 34.92 -15.40
N GLU C 99 -62.59 34.23 -14.39
CA GLU C 99 -64.02 33.93 -14.37
C GLU C 99 -64.91 35.02 -13.74
N GLN C 100 -64.36 35.79 -12.80
CA GLN C 100 -65.15 36.73 -12.00
C GLN C 100 -65.04 38.20 -12.45
N GLY C 101 -63.87 38.58 -12.94
CA GLY C 101 -63.68 39.93 -13.43
C GLY C 101 -62.73 40.80 -12.63
N LYS C 102 -62.68 40.61 -11.31
CA LYS C 102 -61.89 41.51 -10.45
C LYS C 102 -60.40 41.55 -10.83
N PRO C 103 -59.74 42.71 -10.64
CA PRO C 103 -58.31 42.82 -10.94
C PRO C 103 -57.47 41.78 -10.19
N LEU C 104 -56.28 41.51 -10.70
CA LEU C 104 -55.36 40.56 -10.07
C LEU C 104 -55.00 40.94 -8.64
N ALA C 105 -54.84 42.23 -8.39
CA ALA C 105 -54.50 42.72 -7.06
C ALA C 105 -55.61 42.37 -6.08
N GLU C 106 -56.86 42.57 -6.50
CA GLU C 106 -58.03 42.21 -5.70
C GLU C 106 -58.25 40.71 -5.63
N ALA C 107 -57.84 39.99 -6.68
CA ALA C 107 -57.92 38.54 -6.71
C ALA C 107 -56.93 37.97 -5.71
N LYS C 108 -55.70 38.46 -5.76
CA LYS C 108 -54.67 38.07 -4.80
C LYS C 108 -55.06 38.48 -3.39
N GLY C 109 -55.75 39.62 -3.25
CA GLY C 109 -56.26 40.07 -1.98
C GLY C 109 -57.21 39.07 -1.36
N GLU C 110 -58.05 38.48 -2.21
CA GLU C 110 -59.06 37.55 -1.77
C GLU C 110 -58.49 36.20 -1.36
N ILE C 111 -57.51 35.72 -2.12
CA ILE C 111 -56.90 34.42 -1.80
C ILE C 111 -56.29 34.52 -0.41
N ALA C 112 -55.55 35.60 -0.18
CA ALA C 112 -54.96 35.92 1.12
C ALA C 112 -56.00 35.95 2.25
N TYR C 113 -57.12 36.60 1.97
CA TYR C 113 -58.26 36.74 2.87
C TYR C 113 -58.87 35.37 3.13
N ALA C 114 -59.09 34.62 2.06
CA ALA C 114 -59.65 33.26 2.13
C ALA C 114 -58.81 32.36 3.00
N ALA C 115 -57.50 32.42 2.79
CA ALA C 115 -56.54 31.64 3.55
C ALA C 115 -56.64 31.90 5.05
N SER C 116 -56.68 33.17 5.44
CA SER C 116 -56.71 33.55 6.85
C SER C 116 -57.93 32.99 7.59
N PHE C 117 -59.02 32.74 6.85
CA PHE C 117 -60.16 32.04 7.41
C PHE C 117 -59.84 30.58 7.71
N ILE C 118 -59.21 29.91 6.76
CA ILE C 118 -58.84 28.51 6.95
C ILE C 118 -57.98 28.39 8.19
N GLU C 119 -56.99 29.27 8.31
CA GLU C 119 -56.10 29.26 9.45
C GLU C 119 -56.86 29.54 10.73
N TRP C 120 -57.75 30.53 10.68
CA TRP C 120 -58.47 30.98 11.87
C TRP C 120 -59.30 29.82 12.46
N PHE C 121 -60.04 29.13 11.62
CA PHE C 121 -60.90 28.06 12.10
C PHE C 121 -60.14 26.80 12.50
N ALA C 122 -59.05 26.52 11.80
CA ALA C 122 -58.12 25.50 12.24
C ALA C 122 -57.83 25.71 13.74
N GLU C 123 -57.42 26.93 14.08
CA GLU C 123 -57.16 27.32 15.46
C GLU C 123 -58.39 27.32 16.38
N GLU C 124 -59.53 27.81 15.88
CA GLU C 124 -60.76 27.87 16.68
C GLU C 124 -61.26 26.49 17.08
N GLY C 125 -61.10 25.52 16.19
CA GLY C 125 -61.50 24.14 16.44
C GLY C 125 -60.92 23.62 17.72
N LYS C 126 -59.69 24.02 18.03
CA LYS C 126 -59.02 23.59 19.24
C LYS C 126 -59.56 24.30 20.48
N ARG C 127 -60.56 25.16 20.27
CA ARG C 127 -61.05 26.05 21.32
C ARG C 127 -62.57 26.02 21.59
N VAL C 128 -63.31 25.29 20.76
CA VAL C 128 -64.75 25.13 20.96
C VAL C 128 -64.93 24.58 22.37
N ALA C 129 -65.64 25.32 23.23
CA ALA C 129 -65.65 24.98 24.65
C ALA C 129 -67.02 24.95 25.32
N GLY C 130 -67.17 24.06 26.30
CA GLY C 130 -68.36 23.99 27.13
C GLY C 130 -68.12 24.59 28.51
N ASP C 131 -69.00 24.26 29.45
CA ASP C 131 -69.04 24.86 30.78
C ASP C 131 -69.02 23.82 31.86
N THR C 132 -68.64 24.23 33.06
CA THR C 132 -69.11 23.56 34.27
C THR C 132 -69.67 24.64 35.19
N LEU C 133 -70.94 24.49 35.54
CA LEU C 133 -71.67 25.53 36.23
C LEU C 133 -72.03 25.13 37.65
N PRO C 134 -72.24 26.11 38.56
CA PRO C 134 -72.60 25.79 39.93
C PRO C 134 -74.01 25.26 39.98
N THR C 135 -74.16 24.11 40.63
CA THR C 135 -75.42 23.39 40.66
C THR C 135 -76.46 24.07 41.56
N PRO C 136 -77.74 24.08 41.14
CA PRO C 136 -78.81 24.47 42.04
C PRO C 136 -79.30 23.31 42.95
N ASP C 137 -78.86 22.08 42.67
CA ASP C 137 -79.13 20.95 43.56
C ASP C 137 -77.83 20.28 44.01
N ALA C 138 -77.67 20.15 45.32
CA ALA C 138 -76.47 19.56 45.94
C ALA C 138 -76.18 18.11 45.51
N ASN C 139 -77.20 17.42 45.03
CA ASN C 139 -77.07 16.01 44.65
C ASN C 139 -76.72 15.84 43.18
N LYS C 140 -76.50 16.96 42.50
CA LYS C 140 -76.30 16.94 41.06
C LYS C 140 -75.13 17.81 40.62
N ARG C 141 -74.64 17.54 39.42
CA ARG C 141 -73.50 18.26 38.84
C ARG C 141 -73.78 18.62 37.40
N ILE C 142 -73.48 19.87 37.03
CA ILE C 142 -73.75 20.38 35.69
C ILE C 142 -72.49 20.45 34.82
N VAL C 143 -72.51 19.68 33.73
CA VAL C 143 -71.43 19.68 32.76
C VAL C 143 -72.02 19.91 31.38
N VAL C 144 -71.48 20.89 30.68
CA VAL C 144 -71.95 21.24 29.36
C VAL C 144 -70.83 20.96 28.37
N VAL C 145 -71.17 20.24 27.31
CA VAL C 145 -70.20 19.98 26.25
C VAL C 145 -70.74 20.37 24.88
N LYS C 146 -69.84 20.50 23.92
CA LYS C 146 -70.21 20.87 22.57
C LYS C 146 -69.76 19.79 21.58
N GLU C 147 -70.59 19.52 20.57
CA GLU C 147 -70.25 18.51 19.57
C GLU C 147 -70.81 18.88 18.20
N PRO C 148 -70.13 18.46 17.11
CA PRO C 148 -70.58 18.72 15.74
C PRO C 148 -72.08 18.45 15.55
N ILE C 149 -72.74 19.32 14.79
CA ILE C 149 -74.18 19.23 14.55
C ILE C 149 -74.54 18.07 13.64
N GLY C 150 -73.71 17.85 12.62
CA GLY C 150 -73.97 16.85 11.59
C GLY C 150 -73.49 17.31 10.22
N VAL C 151 -74.09 16.75 9.19
CA VAL C 151 -73.73 17.07 7.82
C VAL C 151 -74.18 18.48 7.50
N CYS C 152 -73.28 19.27 6.90
CA CYS C 152 -73.58 20.66 6.59
C CYS C 152 -73.64 20.90 5.10
N ALA C 153 -74.32 21.96 4.72
CA ALA C 153 -74.38 22.39 3.33
C ALA C 153 -74.20 23.89 3.25
N ALA C 154 -73.58 24.34 2.17
CA ALA C 154 -73.44 25.77 1.91
C ALA C 154 -73.67 26.09 0.44
N ILE C 155 -74.42 27.16 0.20
CA ILE C 155 -74.58 27.68 -1.14
C ILE C 155 -73.91 29.06 -1.15
N THR C 156 -72.95 29.23 -2.05
CA THR C 156 -72.15 30.46 -2.10
C THR C 156 -72.42 31.27 -3.37
N PRO C 157 -72.12 32.59 -3.33
CA PRO C 157 -72.30 33.47 -4.49
C PRO C 157 -71.02 33.66 -5.31
N TRP C 158 -71.11 34.47 -6.37
CA TRP C 158 -70.01 34.68 -7.31
C TRP C 158 -69.05 35.83 -6.99
N ASN C 159 -69.47 36.78 -6.15
CA ASN C 159 -68.67 37.98 -5.92
C ASN C 159 -67.39 37.73 -5.17
N PHE C 160 -67.40 36.74 -4.28
CA PHE C 160 -66.18 36.28 -3.63
C PHE C 160 -66.13 34.76 -3.72
N PRO C 161 -65.77 34.24 -4.91
CA PRO C 161 -65.97 32.83 -5.21
C PRO C 161 -64.94 31.93 -4.58
N ALA C 162 -63.92 32.53 -3.94
CA ALA C 162 -62.88 31.78 -3.23
C ALA C 162 -63.04 31.92 -1.72
N ALA C 163 -63.22 33.17 -1.27
CA ALA C 163 -63.34 33.50 0.13
C ALA C 163 -64.55 32.82 0.78
N MET C 164 -65.68 32.87 0.08
CA MET C 164 -66.93 32.27 0.57
C MET C 164 -66.78 30.78 0.86
N ILE C 165 -65.93 30.12 0.09
CA ILE C 165 -65.66 28.70 0.27
C ILE C 165 -64.89 28.48 1.57
N ALA C 166 -63.84 29.25 1.77
CA ALA C 166 -63.07 29.20 3.02
C ALA C 166 -63.91 29.60 4.24
N ARG C 167 -64.81 30.56 4.05
CA ARG C 167 -65.66 31.07 5.12
C ARG C 167 -66.72 30.09 5.57
N LYS C 168 -67.03 29.10 4.75
CA LYS C 168 -68.08 28.16 5.08
C LYS C 168 -67.61 26.73 5.23
N VAL C 169 -66.60 26.33 4.47
CA VAL C 169 -66.01 25.02 4.63
C VAL C 169 -65.21 25.00 5.92
N GLY C 170 -64.44 26.07 6.13
CA GLY C 170 -63.50 26.18 7.25
C GLY C 170 -64.07 25.93 8.63
N PRO C 171 -65.12 26.68 9.03
CA PRO C 171 -65.73 26.46 10.34
C PRO C 171 -66.35 25.06 10.49
N ALA C 172 -67.03 24.58 9.46
CA ALA C 172 -67.69 23.27 9.49
C ALA C 172 -66.67 22.18 9.83
N LEU C 173 -65.61 22.10 9.02
CA LEU C 173 -64.57 21.10 9.20
C LEU C 173 -63.91 21.19 10.56
N ALA C 174 -63.62 22.41 11.00
CA ALA C 174 -62.98 22.65 12.29
C ALA C 174 -63.82 22.08 13.43
N ALA C 175 -65.13 22.27 13.33
CA ALA C 175 -66.08 21.76 14.31
C ALA C 175 -66.03 20.23 14.39
N GLY C 176 -65.88 19.59 13.22
CA GLY C 176 -65.89 18.14 13.10
C GLY C 176 -67.00 17.70 12.15
N CYS C 177 -67.40 18.60 11.24
CA CYS C 177 -68.51 18.37 10.32
C CYS C 177 -68.04 18.18 8.89
N PRO C 178 -68.70 17.28 8.14
CA PRO C 178 -68.57 17.22 6.70
C PRO C 178 -69.55 18.18 6.01
N ILE C 179 -69.14 18.73 4.87
CA ILE C 179 -69.91 19.78 4.20
C ILE C 179 -70.06 19.57 2.68
N VAL C 180 -71.28 19.76 2.19
CA VAL C 180 -71.55 19.75 0.76
C VAL C 180 -71.74 21.18 0.29
N VAL C 181 -70.97 21.58 -0.71
CA VAL C 181 -70.95 22.97 -1.16
C VAL C 181 -71.40 23.15 -2.61
N LYS C 182 -72.48 23.90 -2.80
CA LYS C 182 -72.95 24.23 -4.14
C LYS C 182 -72.70 25.72 -4.42
N PRO C 183 -71.63 26.03 -5.18
CA PRO C 183 -71.22 27.39 -5.46
C PRO C 183 -71.93 27.97 -6.67
N ALA C 184 -71.72 29.27 -6.92
CA ALA C 184 -72.37 29.96 -8.03
C ALA C 184 -71.92 29.41 -9.38
N GLU C 185 -72.88 29.30 -10.29
CA GLU C 185 -72.63 28.71 -11.61
C GLU C 185 -71.78 29.62 -12.48
N SER C 186 -71.80 30.92 -12.17
CA SER C 186 -70.96 31.87 -12.87
C SER C 186 -69.49 31.71 -12.53
N THR C 187 -69.20 31.18 -11.34
CA THR C 187 -67.83 31.11 -10.85
C THR C 187 -67.54 29.79 -10.10
N PRO C 188 -67.47 28.67 -10.83
CA PRO C 188 -67.29 27.39 -10.16
C PRO C 188 -65.85 26.95 -9.99
N PHE C 189 -64.96 27.46 -10.83
CA PHE C 189 -63.56 26.99 -10.87
C PHE C 189 -62.82 27.27 -9.57
N SER C 190 -63.05 28.46 -9.00
CA SER C 190 -62.45 28.87 -7.71
C SER C 190 -62.81 27.90 -6.62
N ALA C 191 -64.08 27.47 -6.61
CA ALA C 191 -64.60 26.50 -5.65
C ALA C 191 -63.93 25.15 -5.79
N LEU C 192 -63.74 24.73 -7.03
CA LEU C 192 -63.14 23.43 -7.35
C LEU C 192 -61.67 23.38 -7.03
N ALA C 193 -60.96 24.46 -7.38
CA ALA C 193 -59.53 24.53 -7.17
C ALA C 193 -59.12 24.34 -5.72
N MET C 194 -59.96 24.81 -4.79
CA MET C 194 -59.65 24.62 -3.37
C MET C 194 -60.02 23.25 -2.85
N ALA C 195 -61.09 22.69 -3.41
CA ALA C 195 -61.45 21.30 -3.15
C ALA C 195 -60.28 20.41 -3.57
N PHE C 196 -59.72 20.72 -4.73
CA PHE C 196 -58.53 20.05 -5.25
C PHE C 196 -57.36 20.22 -4.31
N LEU C 197 -57.16 21.44 -3.79
CA LEU C 197 -56.08 21.68 -2.85
C LEU C 197 -56.36 21.09 -1.48
N ALA C 198 -57.65 21.02 -1.11
CA ALA C 198 -58.06 20.36 0.13
C ALA C 198 -57.84 18.84 0.07
N GLU C 199 -58.17 18.25 -1.08
CA GLU C 199 -57.92 16.84 -1.36
C GLU C 199 -56.44 16.48 -1.18
N ARG C 200 -55.57 17.35 -1.67
CA ARG C 200 -54.13 17.12 -1.59
C ARG C 200 -53.62 17.33 -0.16
N ALA C 201 -54.40 18.05 0.64
CA ALA C 201 -54.00 18.39 2.00
C ALA C 201 -54.26 17.25 2.97
N GLY C 202 -55.16 16.33 2.59
CA GLY C 202 -55.44 15.16 3.41
C GLY C 202 -56.84 15.11 3.99
N VAL C 203 -57.69 16.03 3.58
CA VAL C 203 -59.13 15.95 3.83
C VAL C 203 -59.62 14.57 3.33
N PRO C 204 -60.09 13.69 4.25
CA PRO C 204 -60.58 12.38 3.86
C PRO C 204 -61.80 12.45 2.95
N LYS C 205 -62.02 11.39 2.16
CA LYS C 205 -63.08 11.36 1.15
C LYS C 205 -64.45 11.44 1.79
N GLY C 206 -65.31 12.30 1.26
CA GLY C 206 -66.65 12.50 1.80
C GLY C 206 -66.81 13.72 2.73
N VAL C 207 -65.72 14.18 3.31
CA VAL C 207 -65.77 15.36 4.18
C VAL C 207 -66.06 16.65 3.39
N LEU C 208 -65.52 16.76 2.18
CA LEU C 208 -65.88 17.88 1.31
C LEU C 208 -66.42 17.44 -0.05
N SER C 209 -67.48 18.09 -0.49
CA SER C 209 -67.99 17.92 -1.85
C SER C 209 -68.28 19.29 -2.45
N VAL C 210 -68.05 19.41 -3.75
CA VAL C 210 -68.41 20.61 -4.49
C VAL C 210 -69.25 20.18 -5.70
N VAL C 211 -70.55 20.39 -5.60
CA VAL C 211 -71.50 19.95 -6.59
C VAL C 211 -71.88 21.12 -7.51
N ILE C 212 -71.98 20.86 -8.81
CA ILE C 212 -72.17 21.94 -9.78
C ILE C 212 -73.25 21.59 -10.80
N GLY C 213 -74.13 22.55 -11.08
CA GLY C 213 -75.21 22.34 -12.04
C GLY C 213 -76.44 23.14 -11.69
N ASP C 214 -77.61 22.53 -11.85
CA ASP C 214 -78.90 23.21 -11.72
C ASP C 214 -79.16 23.74 -10.30
N PRO C 215 -79.16 25.08 -10.14
CA PRO C 215 -79.30 25.71 -8.82
C PRO C 215 -80.61 25.35 -8.08
N LYS C 216 -81.71 25.22 -8.81
CA LYS C 216 -82.97 24.80 -8.22
C LYS C 216 -82.94 23.32 -7.84
N ALA C 217 -82.52 22.46 -8.76
CA ALA C 217 -82.52 21.01 -8.54
C ALA C 217 -81.60 20.62 -7.39
N ILE C 218 -80.38 21.16 -7.40
CA ILE C 218 -79.42 20.94 -6.31
C ILE C 218 -79.90 21.57 -5.01
N GLY C 219 -80.46 22.78 -5.10
CA GLY C 219 -81.04 23.47 -3.95
C GLY C 219 -82.15 22.70 -3.25
N THR C 220 -83.14 22.24 -4.02
CA THR C 220 -84.26 21.44 -3.51
C THR C 220 -83.77 20.16 -2.82
N GLU C 221 -82.75 19.53 -3.40
CA GLU C 221 -82.27 18.28 -2.83
C GLU C 221 -81.66 18.52 -1.46
N ILE C 222 -80.82 19.56 -1.37
CA ILE C 222 -80.19 19.98 -0.12
C ILE C 222 -81.22 20.31 0.96
N THR C 223 -82.19 21.15 0.63
CA THR C 223 -83.18 21.60 1.62
C THR C 223 -84.17 20.53 2.09
N SER C 224 -84.51 19.58 1.22
CA SER C 224 -85.48 18.54 1.56
C SER C 224 -84.83 17.31 2.17
N ASN C 225 -83.53 17.12 1.95
CA ASN C 225 -82.83 15.96 2.48
C ASN C 225 -82.67 16.03 4.01
N PRO C 226 -83.15 14.99 4.73
CA PRO C 226 -83.12 14.93 6.20
C PRO C 226 -81.72 14.76 6.77
N ILE C 227 -80.77 14.36 5.94
CA ILE C 227 -79.40 14.13 6.41
C ILE C 227 -78.70 15.46 6.68
N VAL C 228 -79.09 16.49 5.94
CA VAL C 228 -78.56 17.84 6.13
C VAL C 228 -79.20 18.50 7.37
N ARG C 229 -78.37 18.73 8.40
CA ARG C 229 -78.83 19.28 9.69
C ARG C 229 -78.60 20.78 9.85
N LYS C 230 -77.67 21.32 9.05
CA LYS C 230 -77.43 22.75 9.02
C LYS C 230 -77.07 23.22 7.61
N LEU C 231 -77.57 24.40 7.27
CA LEU C 231 -77.33 24.96 5.96
C LEU C 231 -76.94 26.42 6.08
N SER C 232 -75.91 26.79 5.35
CA SER C 232 -75.44 28.16 5.27
C SER C 232 -75.76 28.68 3.89
N PHE C 233 -76.20 29.92 3.81
CA PHE C 233 -76.46 30.53 2.52
C PHE C 233 -76.09 31.99 2.49
N THR C 234 -75.29 32.37 1.49
CA THR C 234 -74.99 33.77 1.23
C THR C 234 -75.46 34.10 -0.17
N GLY C 235 -76.38 35.05 -0.29
CA GLY C 235 -76.88 35.50 -1.58
C GLY C 235 -77.97 36.55 -1.42
N SER C 236 -78.96 36.51 -2.32
CA SER C 236 -80.06 37.47 -2.30
C SER C 236 -81.10 37.10 -1.27
N THR C 237 -81.66 38.12 -0.62
CA THR C 237 -82.67 37.97 0.41
C THR C 237 -83.90 37.18 -0.06
N ALA C 238 -84.30 37.37 -1.31
CA ALA C 238 -85.46 36.66 -1.87
C ALA C 238 -85.29 35.12 -1.86
N VAL C 239 -84.09 34.66 -2.16
CA VAL C 239 -83.75 33.22 -2.17
C VAL C 239 -83.57 32.68 -0.75
N GLY C 240 -83.00 33.53 0.12
CA GLY C 240 -82.81 33.18 1.52
C GLY C 240 -84.12 32.80 2.17
N ARG C 241 -85.13 33.65 1.97
CA ARG C 241 -86.47 33.43 2.48
C ARG C 241 -87.02 32.06 2.03
N LEU C 242 -86.84 31.74 0.75
CA LEU C 242 -87.36 30.49 0.20
C LEU C 242 -86.61 29.28 0.71
N LEU C 243 -85.29 29.41 0.83
CA LEU C 243 -84.47 28.34 1.42
C LEU C 243 -84.86 28.07 2.88
N MET C 244 -85.18 29.12 3.64
CA MET C 244 -85.69 28.95 5.01
C MET C 244 -87.04 28.26 5.01
N ALA C 245 -87.87 28.56 4.03
CA ALA C 245 -89.15 27.85 3.88
C ALA C 245 -88.95 26.38 3.56
N GLN C 246 -88.06 26.09 2.60
CA GLN C 246 -87.78 24.72 2.18
C GLN C 246 -87.10 23.86 3.24
N SER C 247 -86.34 24.49 4.14
CA SER C 247 -85.63 23.79 5.21
C SER C 247 -86.53 23.49 6.39
N ALA C 248 -87.73 24.07 6.39
CA ALA C 248 -88.64 23.96 7.53
C ALA C 248 -89.05 22.53 7.94
N PRO C 249 -89.50 21.68 6.98
CA PRO C 249 -89.91 20.31 7.34
C PRO C 249 -88.89 19.52 8.17
N THR C 250 -87.63 19.96 8.14
CA THR C 250 -86.58 19.30 8.91
C THR C 250 -85.94 20.19 10.00
N VAL C 251 -86.42 21.44 10.10
CA VAL C 251 -86.02 22.34 11.19
C VAL C 251 -84.49 22.40 11.26
N LYS C 252 -83.88 22.72 10.13
CA LYS C 252 -82.44 22.84 10.01
C LYS C 252 -81.96 24.10 10.70
N LYS C 253 -80.73 24.05 11.23
CA LYS C 253 -80.05 25.22 11.71
C LYS C 253 -79.64 26.05 10.49
N LEU C 254 -80.12 27.28 10.41
CA LEU C 254 -79.84 28.16 9.30
C LEU C 254 -78.90 29.31 9.65
N THR C 255 -77.94 29.53 8.76
CA THR C 255 -77.14 30.73 8.74
C THR C 255 -77.46 31.42 7.43
N LEU C 256 -77.87 32.69 7.50
CA LEU C 256 -78.20 33.45 6.29
C LEU C 256 -77.42 34.77 6.18
N GLU C 257 -76.59 34.91 5.15
CA GLU C 257 -75.91 36.17 4.88
C GLU C 257 -76.57 36.79 3.66
N LEU C 258 -77.69 37.48 3.87
CA LEU C 258 -78.54 37.97 2.79
C LEU C 258 -78.15 39.36 2.32
N GLY C 259 -79.07 40.05 1.64
CA GLY C 259 -78.80 41.36 1.05
C GLY C 259 -78.61 42.49 2.05
N GLY C 260 -78.07 43.61 1.57
CA GLY C 260 -77.87 44.81 2.41
C GLY C 260 -78.42 46.04 1.74
N ASN C 261 -78.04 47.21 2.27
CA ASN C 261 -78.38 48.54 1.74
C ASN C 261 -77.56 49.58 2.52
N ALA C 262 -76.24 49.46 2.41
CA ALA C 262 -75.30 50.17 3.28
C ALA C 262 -75.36 51.70 3.20
N PRO C 263 -75.56 52.36 4.36
CA PRO C 263 -75.38 53.80 4.42
C PRO C 263 -73.92 54.14 4.70
N PHE C 264 -73.36 55.05 3.90
CA PHE C 264 -72.06 55.63 4.18
C PHE C 264 -72.38 57.04 4.64
N ILE C 265 -71.99 57.37 5.87
CA ILE C 265 -72.46 58.57 6.54
C ILE C 265 -71.36 59.60 6.77
N VAL C 266 -71.49 60.76 6.12
CA VAL C 266 -70.51 61.83 6.21
C VAL C 266 -71.05 63.02 6.99
N PHE C 267 -70.52 63.21 8.19
CA PHE C 267 -71.01 64.26 9.10
C PHE C 267 -70.32 65.59 8.95
N ASP C 268 -71.01 66.59 9.48
CA ASP C 268 -70.52 67.95 9.73
C ASP C 268 -69.00 68.06 9.94
N ASP C 269 -68.50 67.31 10.93
CA ASP C 269 -67.11 67.36 11.37
C ASP C 269 -66.24 66.18 10.88
N ALA C 270 -66.66 65.50 9.82
CA ALA C 270 -65.85 64.46 9.18
C ALA C 270 -64.56 65.03 8.64
N ASP C 271 -63.52 64.22 8.58
CA ASP C 271 -62.31 64.55 7.83
C ASP C 271 -62.58 64.13 6.38
N LEU C 272 -62.89 65.11 5.53
CA LEU C 272 -63.36 64.85 4.15
C LEU C 272 -62.43 64.04 3.28
N ASP C 273 -61.12 64.32 3.38
CA ASP C 273 -60.11 63.59 2.60
C ASP C 273 -60.06 62.12 3.01
N ALA C 274 -60.16 61.86 4.31
CA ALA C 274 -60.28 60.50 4.84
C ALA C 274 -61.62 59.88 4.43
N ALA C 275 -62.68 60.66 4.52
CA ALA C 275 -64.01 60.25 4.08
C ALA C 275 -64.02 59.81 2.62
N VAL C 276 -63.41 60.62 1.75
CA VAL C 276 -63.37 60.30 0.33
C VAL C 276 -62.54 59.04 0.09
N GLU C 277 -61.45 58.89 0.84
CA GLU C 277 -60.63 57.68 0.78
C GLU C 277 -61.45 56.43 1.16
N GLY C 278 -62.31 56.55 2.17
CA GLY C 278 -63.15 55.46 2.61
C GLY C 278 -64.31 55.17 1.67
N ALA C 279 -64.81 56.24 1.05
CA ALA C 279 -65.89 56.17 0.07
C ALA C 279 -65.48 55.34 -1.14
N ILE C 280 -64.34 55.69 -1.73
CA ILE C 280 -63.78 54.98 -2.87
C ILE C 280 -63.60 53.50 -2.56
N ALA C 281 -63.11 53.21 -1.35
CA ALA C 281 -62.85 51.84 -0.94
C ALA C 281 -64.11 51.04 -0.63
N SER C 282 -65.07 51.65 0.06
CA SER C 282 -66.32 50.96 0.41
C SER C 282 -67.27 50.84 -0.76
N LYS C 283 -67.06 51.64 -1.81
CA LYS C 283 -67.97 51.68 -2.96
C LYS C 283 -67.43 50.97 -4.19
N TYR C 284 -66.15 51.17 -4.50
CA TYR C 284 -65.62 50.73 -5.79
C TYR C 284 -64.78 49.45 -5.75
N ARG C 285 -64.57 48.91 -4.55
CA ARG C 285 -64.09 47.55 -4.36
C ARG C 285 -64.96 46.62 -5.22
N ASN C 286 -64.32 45.73 -5.97
CA ASN C 286 -65.00 44.69 -6.74
C ASN C 286 -66.12 45.24 -7.62
N ASN C 287 -65.84 46.37 -8.27
CA ASN C 287 -66.79 47.11 -9.08
C ASN C 287 -68.14 47.33 -8.38
N GLY C 288 -68.11 47.49 -7.07
CA GLY C 288 -69.31 47.75 -6.26
C GLY C 288 -70.19 46.54 -6.00
N GLN C 289 -69.59 45.35 -6.11
CA GLN C 289 -70.35 44.10 -6.11
C GLN C 289 -70.20 43.26 -4.83
N THR C 290 -69.76 43.87 -3.73
CA THR C 290 -69.70 43.16 -2.46
C THR C 290 -71.02 43.36 -1.72
N CYS C 291 -71.33 42.41 -0.83
CA CYS C 291 -72.53 42.48 0.02
C CYS C 291 -72.52 43.69 0.95
N VAL C 292 -71.32 44.12 1.34
CA VAL C 292 -71.15 45.24 2.26
C VAL C 292 -70.80 46.58 1.59
N CYS C 293 -71.00 46.66 0.27
CA CYS C 293 -70.69 47.90 -0.48
C CYS C 293 -71.69 48.99 -0.16
N THR C 294 -71.20 50.23 -0.10
CA THR C 294 -72.08 51.38 0.10
C THR C 294 -73.14 51.40 -0.97
N ASN C 295 -74.40 51.52 -0.55
CA ASN C 295 -75.49 51.71 -1.49
C ASN C 295 -75.98 53.16 -1.50
N ARG C 296 -76.03 53.76 -0.32
CA ARG C 296 -76.54 55.11 -0.12
C ARG C 296 -75.52 56.00 0.62
N PHE C 297 -75.01 57.00 -0.08
CA PHE C 297 -74.19 58.02 0.56
C PHE C 297 -75.05 59.10 1.20
N PHE C 298 -74.87 59.33 2.50
CA PHE C 298 -75.54 60.42 3.18
C PHE C 298 -74.54 61.45 3.64
N VAL C 299 -74.63 62.65 3.07
CA VAL C 299 -73.66 63.69 3.36
C VAL C 299 -74.36 64.91 3.97
N HIS C 300 -73.75 65.46 5.01
CA HIS C 300 -74.30 66.64 5.71
C HIS C 300 -74.23 67.87 4.80
N GLU C 301 -75.17 68.78 4.98
CA GLU C 301 -75.31 69.91 4.06
C GLU C 301 -74.14 70.89 4.07
N ARG C 302 -73.44 71.00 5.19
CA ARG C 302 -72.27 71.88 5.29
C ARG C 302 -71.14 71.39 4.38
N VAL C 303 -70.94 70.08 4.33
CA VAL C 303 -69.82 69.50 3.56
C VAL C 303 -70.24 68.84 2.24
N TYR C 304 -71.54 68.90 1.94
CA TYR C 304 -72.08 68.24 0.76
C TYR C 304 -71.40 68.60 -0.55
N ASP C 305 -71.26 69.88 -0.84
CA ASP C 305 -70.70 70.30 -2.13
C ASP C 305 -69.21 69.96 -2.23
N ALA C 306 -68.50 70.08 -1.11
CA ALA C 306 -67.07 69.83 -1.05
C ALA C 306 -66.73 68.34 -1.20
N PHE C 307 -67.53 67.49 -0.54
CA PHE C 307 -67.37 66.04 -0.60
C PHE C 307 -67.66 65.53 -2.01
N ALA C 308 -68.77 66.02 -2.56
CA ALA C 308 -69.18 65.73 -3.93
C ALA C 308 -68.08 66.01 -4.95
N ASP C 309 -67.52 67.22 -4.92
CA ASP C 309 -66.42 67.58 -5.81
C ASP C 309 -65.16 66.72 -5.62
N LYS C 310 -64.83 66.42 -4.37
CA LYS C 310 -63.65 65.61 -4.05
C LYS C 310 -63.85 64.14 -4.45
N LEU C 311 -65.05 63.61 -4.19
CA LEU C 311 -65.37 62.25 -4.62
C LEU C 311 -65.38 62.14 -6.14
N ALA C 312 -66.17 62.98 -6.80
CA ALA C 312 -66.27 63.03 -8.26
C ALA C 312 -64.90 63.06 -8.94
N ALA C 313 -64.02 63.94 -8.44
CA ALA C 313 -62.66 64.07 -8.95
C ALA C 313 -61.84 62.78 -8.80
N ALA C 314 -61.98 62.12 -7.64
CA ALA C 314 -61.26 60.88 -7.34
C ALA C 314 -61.75 59.72 -8.22
N VAL C 315 -63.08 59.58 -8.30
CA VAL C 315 -63.71 58.53 -9.11
C VAL C 315 -63.27 58.61 -10.56
N SER C 316 -63.18 59.84 -11.08
CA SER C 316 -62.83 60.09 -12.47
C SER C 316 -61.38 59.72 -12.82
N LYS C 317 -60.54 59.57 -11.81
CA LYS C 317 -59.14 59.20 -12.05
C LYS C 317 -58.91 57.68 -11.90
N LEU C 318 -59.98 56.94 -11.55
CA LEU C 318 -59.93 55.47 -11.47
C LEU C 318 -59.89 54.83 -12.86
N LYS C 319 -59.01 53.85 -13.03
CA LYS C 319 -58.74 53.28 -14.35
C LYS C 319 -59.50 51.97 -14.59
N VAL C 320 -60.34 51.95 -15.63
CA VAL C 320 -61.14 50.76 -15.98
C VAL C 320 -60.42 49.87 -17.02
N GLY C 321 -60.27 48.58 -16.70
CA GLY C 321 -59.68 47.61 -17.62
C GLY C 321 -59.85 46.14 -17.23
N ARG C 322 -59.45 45.24 -18.13
CA ARG C 322 -59.49 43.80 -17.87
C ARG C 322 -58.56 43.49 -16.70
N GLY C 323 -58.96 42.53 -15.87
CA GLY C 323 -58.23 42.20 -14.63
C GLY C 323 -56.75 41.91 -14.77
N THR C 324 -56.35 41.36 -15.91
CA THR C 324 -54.96 40.99 -16.16
C THR C 324 -54.09 42.16 -16.64
N GLU C 325 -54.75 43.25 -17.01
CA GLU C 325 -54.09 44.46 -17.49
C GLU C 325 -53.56 45.27 -16.31
N SER C 326 -52.25 45.44 -16.25
CA SER C 326 -51.59 46.21 -15.19
C SER C 326 -52.10 47.66 -15.17
N GLY C 327 -52.32 48.18 -13.98
CA GLY C 327 -52.78 49.55 -13.80
C GLY C 327 -54.29 49.69 -13.69
N ALA C 328 -55.01 48.62 -14.03
CA ALA C 328 -56.46 48.62 -13.96
C ALA C 328 -56.92 48.32 -12.54
N THR C 329 -57.85 49.14 -12.04
CA THR C 329 -58.43 48.93 -10.71
C THR C 329 -59.90 48.53 -10.75
N LEU C 330 -60.56 48.81 -11.87
CA LEU C 330 -61.96 48.44 -12.05
C LEU C 330 -62.11 47.43 -13.19
N GLY C 331 -62.59 46.23 -12.85
CA GLY C 331 -62.85 45.19 -13.84
C GLY C 331 -64.28 45.28 -14.34
N PRO C 332 -64.80 44.20 -14.93
CA PRO C 332 -66.18 44.26 -15.40
C PRO C 332 -67.22 43.84 -14.36
N LEU C 333 -68.43 44.35 -14.51
CA LEU C 333 -69.60 43.74 -13.91
C LEU C 333 -69.68 42.32 -14.46
N ILE C 334 -70.32 41.42 -13.71
CA ILE C 334 -70.29 39.99 -14.03
C ILE C 334 -71.09 39.57 -15.29
N ASN C 335 -72.27 40.14 -15.48
CA ASN C 335 -73.14 39.79 -16.62
C ASN C 335 -73.96 40.97 -17.15
N GLU C 336 -74.66 40.72 -18.26
CA GLU C 336 -75.58 41.71 -18.87
C GLU C 336 -76.67 42.23 -17.94
N ALA C 337 -77.21 41.34 -17.09
CA ALA C 337 -78.26 41.72 -16.16
C ALA C 337 -77.78 42.80 -15.20
N ALA C 338 -76.56 42.63 -14.70
CA ALA C 338 -75.92 43.59 -13.79
C ALA C 338 -75.79 44.99 -14.42
N VAL C 339 -75.34 45.04 -15.68
CA VAL C 339 -75.19 46.30 -16.38
C VAL C 339 -76.54 47.02 -16.46
N LYS C 340 -77.57 46.29 -16.92
CA LYS C 340 -78.89 46.86 -17.11
C LYS C 340 -79.46 47.42 -15.81
N LYS C 341 -79.19 46.73 -14.69
CA LYS C 341 -79.61 47.17 -13.36
C LYS C 341 -79.02 48.54 -12.99
N VAL C 342 -77.72 48.69 -13.25
CA VAL C 342 -77.03 49.97 -13.03
C VAL C 342 -77.63 51.07 -13.90
N GLU C 343 -77.87 50.77 -15.17
CA GLU C 343 -78.48 51.70 -16.12
C GLU C 343 -79.88 52.11 -15.68
N SER C 344 -80.62 51.14 -15.14
CA SER C 344 -81.97 51.40 -14.63
C SER C 344 -81.94 52.36 -13.44
N HIS C 345 -80.97 52.15 -12.56
CA HIS C 345 -80.83 52.97 -11.36
C HIS C 345 -80.46 54.41 -11.70
N ILE C 346 -79.55 54.55 -12.67
CA ILE C 346 -79.16 55.87 -13.20
C ILE C 346 -80.32 56.61 -13.88
N ALA C 347 -80.95 55.95 -14.85
CA ALA C 347 -82.08 56.53 -15.60
C ALA C 347 -83.19 56.97 -14.66
N ASP C 348 -83.50 56.12 -13.70
CA ASP C 348 -84.47 56.41 -12.65
C ASP C 348 -84.12 57.70 -11.88
N ALA C 349 -82.89 57.78 -11.39
CA ALA C 349 -82.44 58.94 -10.61
C ALA C 349 -82.45 60.22 -11.44
N LEU C 350 -81.94 60.11 -12.67
CA LEU C 350 -81.93 61.22 -13.62
C LEU C 350 -83.34 61.74 -13.89
N ALA C 351 -84.27 60.82 -14.13
CA ALA C 351 -85.67 61.17 -14.37
C ALA C 351 -86.27 61.94 -13.20
N LYS C 352 -85.85 61.60 -11.99
CA LYS C 352 -86.42 62.18 -10.78
C LYS C 352 -85.67 63.42 -10.28
N GLY C 353 -84.75 63.92 -11.11
CA GLY C 353 -84.12 65.22 -10.87
C GLY C 353 -82.69 65.24 -10.36
N ALA C 354 -82.05 64.08 -10.32
CA ALA C 354 -80.66 63.99 -9.86
C ALA C 354 -79.70 64.40 -10.99
N SER C 355 -78.41 64.52 -10.67
CA SER C 355 -77.43 65.00 -11.65
C SER C 355 -76.18 64.14 -11.75
N LEU C 356 -75.67 64.04 -12.97
CA LEU C 356 -74.53 63.21 -13.28
C LEU C 356 -73.25 64.04 -13.14
N MET C 357 -72.28 63.49 -12.43
CA MET C 357 -71.08 64.23 -12.06
C MET C 357 -69.85 63.65 -12.76
N THR C 358 -69.85 62.33 -12.92
CA THR C 358 -68.85 61.60 -13.69
C THR C 358 -69.50 60.31 -14.23
N GLY C 359 -68.95 59.78 -15.32
CA GLY C 359 -69.45 58.58 -15.96
C GLY C 359 -70.93 58.63 -16.33
N GLY C 360 -71.62 57.50 -16.12
CA GLY C 360 -73.03 57.37 -16.43
C GLY C 360 -73.33 56.39 -17.56
N LYS C 361 -72.35 56.18 -18.43
CA LYS C 361 -72.55 55.37 -19.62
C LYS C 361 -71.78 54.05 -19.55
N ARG C 362 -72.03 53.15 -20.50
CA ARG C 362 -71.26 51.92 -20.62
C ARG C 362 -69.87 52.26 -21.14
N HIS C 363 -68.88 51.43 -20.80
CA HIS C 363 -67.50 51.70 -21.18
C HIS C 363 -67.19 51.19 -22.60
N ALA C 364 -66.35 51.93 -23.31
CA ALA C 364 -65.97 51.62 -24.69
C ALA C 364 -65.58 50.15 -24.88
N LEU C 365 -64.88 49.58 -23.89
CA LEU C 365 -64.43 48.20 -23.93
C LEU C 365 -65.59 47.17 -23.94
N GLY C 366 -66.82 47.67 -23.79
CA GLY C 366 -68.03 46.84 -23.90
C GLY C 366 -68.20 45.78 -22.82
N HIS C 367 -68.91 44.71 -23.18
CA HIS C 367 -69.16 43.56 -22.28
C HIS C 367 -69.81 43.93 -20.95
N GLY C 368 -69.04 43.83 -19.86
CA GLY C 368 -69.54 44.18 -18.54
C GLY C 368 -68.92 45.45 -17.98
N PHE C 369 -68.19 46.18 -18.82
CA PHE C 369 -67.49 47.38 -18.37
C PHE C 369 -68.38 48.62 -18.34
N PHE C 370 -68.54 49.18 -17.15
CA PHE C 370 -69.38 50.35 -16.94
C PHE C 370 -68.58 51.48 -16.28
N GLU C 371 -68.86 52.72 -16.68
CA GLU C 371 -68.13 53.88 -16.18
C GLU C 371 -68.46 54.14 -14.70
N PRO C 372 -67.41 54.25 -13.86
CA PRO C 372 -67.64 54.53 -12.44
C PRO C 372 -68.36 55.85 -12.32
N THR C 373 -69.48 55.85 -11.59
CA THR C 373 -70.48 56.92 -11.69
C THR C 373 -70.74 57.61 -10.35
N VAL C 374 -70.91 58.93 -10.38
CA VAL C 374 -71.31 59.68 -9.20
C VAL C 374 -72.55 60.52 -9.49
N LEU C 375 -73.53 60.47 -8.58
CA LEU C 375 -74.77 61.22 -8.75
C LEU C 375 -75.08 62.15 -7.56
N THR C 376 -75.27 63.44 -7.86
CA THR C 376 -75.76 64.43 -6.88
C THR C 376 -77.27 64.54 -6.96
N GLY C 377 -77.87 65.16 -5.95
CA GLY C 377 -79.31 65.41 -5.94
C GLY C 377 -80.18 64.17 -5.87
N VAL C 378 -79.69 63.14 -5.19
CA VAL C 378 -80.43 61.89 -5.04
C VAL C 378 -81.34 61.97 -3.81
N LYS C 379 -82.62 61.66 -4.01
CA LYS C 379 -83.64 61.75 -2.97
C LYS C 379 -84.22 60.35 -2.62
N PRO C 380 -84.87 60.19 -1.45
CA PRO C 380 -85.34 58.86 -1.03
C PRO C 380 -86.47 58.24 -1.87
N ASP C 381 -87.02 59.01 -2.81
CA ASP C 381 -88.06 58.52 -3.70
C ASP C 381 -87.50 57.72 -4.88
N MET C 382 -86.19 57.85 -5.14
CA MET C 382 -85.53 57.17 -6.26
C MET C 382 -85.21 55.72 -5.92
N ASP C 383 -85.18 54.86 -6.94
CA ASP C 383 -85.10 53.40 -6.75
C ASP C 383 -83.89 52.94 -5.95
N VAL C 384 -82.72 53.49 -6.26
CA VAL C 384 -81.46 53.12 -5.60
C VAL C 384 -81.52 53.31 -4.08
N ALA C 385 -82.48 54.10 -3.61
CA ALA C 385 -82.70 54.29 -2.18
C ALA C 385 -83.20 53.00 -1.52
N LYS C 386 -83.74 52.09 -2.33
CA LYS C 386 -84.37 50.88 -1.81
C LYS C 386 -83.80 49.56 -2.34
N GLU C 387 -83.21 49.58 -3.53
CA GLU C 387 -82.54 48.40 -4.10
C GLU C 387 -81.03 48.54 -4.00
N GLU C 388 -80.33 47.41 -3.85
CA GLU C 388 -78.88 47.36 -4.01
C GLU C 388 -78.55 47.52 -5.48
N THR C 389 -77.53 48.31 -5.79
CA THR C 389 -77.13 48.51 -7.18
C THR C 389 -76.28 47.33 -7.62
N PHE C 390 -75.29 46.98 -6.80
CA PHE C 390 -74.25 46.02 -7.16
C PHE C 390 -73.44 46.48 -8.36
N GLY C 391 -73.15 47.77 -8.40
CA GLY C 391 -72.35 48.38 -9.48
C GLY C 391 -71.63 49.66 -9.05
N PRO C 392 -70.76 50.22 -9.91
CA PRO C 392 -69.99 51.40 -9.52
C PRO C 392 -70.80 52.70 -9.58
N LEU C 393 -71.75 52.85 -8.66
CA LEU C 393 -72.61 54.01 -8.63
C LEU C 393 -72.64 54.64 -7.24
N ALA C 394 -72.15 55.88 -7.16
CA ALA C 394 -72.22 56.64 -5.93
C ALA C 394 -73.39 57.64 -5.96
N PRO C 395 -74.51 57.27 -5.31
CA PRO C 395 -75.64 58.19 -5.19
C PRO C 395 -75.58 59.04 -3.91
N LEU C 396 -75.49 60.35 -4.07
CA LEU C 396 -75.30 61.23 -2.93
C LEU C 396 -76.62 61.79 -2.43
N PHE C 397 -77.05 61.31 -1.26
CA PHE C 397 -78.21 61.83 -0.57
C PHE C 397 -77.71 62.92 0.36
N ARG C 398 -78.65 63.57 1.03
CA ARG C 398 -78.39 64.81 1.72
C ARG C 398 -79.12 64.82 3.03
N PHE C 399 -78.46 65.25 4.09
CA PHE C 399 -79.12 65.37 5.37
C PHE C 399 -78.65 66.59 6.16
N ALA C 400 -79.48 67.02 7.10
CA ALA C 400 -79.20 68.23 7.85
C ALA C 400 -78.93 67.96 9.34
N SER C 401 -79.73 67.09 9.95
CA SER C 401 -79.61 66.82 11.38
C SER C 401 -79.26 65.37 11.72
N GLU C 402 -78.95 65.14 12.99
CA GLU C 402 -78.66 63.81 13.52
C GLU C 402 -79.92 62.95 13.69
N GLU C 403 -81.03 63.54 14.13
CA GLU C 403 -82.33 62.84 14.18
C GLU C 403 -82.72 62.31 12.79
N GLU C 404 -82.61 63.17 11.78
CA GLU C 404 -83.00 62.87 10.41
C GLU C 404 -82.21 61.71 9.80
N LEU C 405 -80.89 61.73 10.02
CA LEU C 405 -80.01 60.73 9.43
C LEU C 405 -80.26 59.33 9.99
N VAL C 406 -80.50 59.21 11.29
CA VAL C 406 -80.79 57.91 11.88
C VAL C 406 -82.05 57.34 11.26
N ARG C 407 -83.06 58.19 11.11
CA ARG C 407 -84.32 57.82 10.49
C ARG C 407 -84.11 57.28 9.07
N LEU C 408 -83.38 58.03 8.24
CA LEU C 408 -83.16 57.67 6.83
C LEU C 408 -82.33 56.41 6.63
N ALA C 409 -81.26 56.29 7.41
CA ALA C 409 -80.34 55.17 7.33
C ALA C 409 -81.02 53.87 7.74
N ASN C 410 -81.86 53.92 8.78
CA ASN C 410 -82.61 52.75 9.24
C ASN C 410 -83.90 52.51 8.47
N ASP C 411 -84.20 53.41 7.52
CA ASP C 411 -85.41 53.31 6.74
C ASP C 411 -85.28 52.29 5.61
N THR C 412 -85.09 51.03 6.00
CA THR C 412 -84.91 49.92 5.08
C THR C 412 -85.17 48.61 5.82
N GLU C 413 -85.50 47.57 5.08
CA GLU C 413 -85.67 46.25 5.65
C GLU C 413 -84.32 45.60 5.95
N PHE C 414 -83.26 46.11 5.32
CA PHE C 414 -81.91 45.58 5.43
C PHE C 414 -81.13 46.21 6.60
N GLY C 415 -80.04 45.56 6.98
CA GLY C 415 -79.21 46.00 8.11
C GLY C 415 -77.90 45.24 8.23
N LEU C 416 -77.11 45.24 7.16
CA LEU C 416 -75.86 44.51 7.14
C LEU C 416 -74.70 45.41 7.59
N ALA C 417 -74.16 46.17 6.65
CA ALA C 417 -73.03 47.05 6.90
C ALA C 417 -73.42 48.53 6.80
N ALA C 418 -72.73 49.36 7.57
CA ALA C 418 -72.94 50.81 7.56
C ALA C 418 -71.60 51.47 7.84
N TYR C 419 -71.44 52.69 7.36
CA TYR C 419 -70.19 53.41 7.57
C TYR C 419 -70.45 54.83 8.06
N LEU C 420 -69.60 55.28 8.98
CA LEU C 420 -69.84 56.52 9.70
C LEU C 420 -68.54 57.29 9.83
N TYR C 421 -68.54 58.52 9.34
CA TYR C 421 -67.37 59.40 9.44
C TYR C 421 -67.75 60.65 10.23
N SER C 422 -67.13 60.80 11.38
CA SER C 422 -67.30 61.95 12.26
C SER C 422 -66.16 61.93 13.25
N ARG C 423 -65.86 63.10 13.80
CA ARG C 423 -64.72 63.28 14.67
C ARG C 423 -65.15 63.37 16.14
N ASP C 424 -66.42 63.72 16.39
CA ASP C 424 -66.92 63.84 17.75
C ASP C 424 -67.31 62.49 18.36
N ILE C 425 -66.56 62.11 19.40
CA ILE C 425 -66.72 60.86 20.14
C ILE C 425 -68.16 60.61 20.60
N GLY C 426 -68.81 61.64 21.17
CA GLY C 426 -70.20 61.56 21.62
C GLY C 426 -71.20 61.26 20.49
N ARG C 427 -71.02 61.93 19.36
CA ARG C 427 -71.80 61.70 18.17
C ARG C 427 -71.59 60.30 17.63
N VAL C 428 -70.33 59.89 17.57
CA VAL C 428 -69.96 58.56 17.07
C VAL C 428 -70.74 57.45 17.80
N TRP C 429 -70.64 57.41 19.13
CA TRP C 429 -71.38 56.43 19.95
C TRP C 429 -72.90 56.53 19.77
N ARG C 430 -73.42 57.77 19.81
CA ARG C 430 -74.86 58.01 19.62
C ARG C 430 -75.37 57.37 18.33
N VAL C 431 -74.72 57.71 17.21
CA VAL C 431 -75.15 57.21 15.91
C VAL C 431 -74.89 55.70 15.75
N ALA C 432 -73.74 55.24 16.24
CA ALA C 432 -73.42 53.81 16.17
C ALA C 432 -74.44 52.93 16.91
N GLU C 433 -75.05 53.45 17.97
CA GLU C 433 -76.02 52.67 18.73
C GLU C 433 -77.39 52.69 18.06
N ALA C 434 -77.75 53.82 17.47
CA ALA C 434 -79.08 54.01 16.87
C ALA C 434 -79.22 53.28 15.53
N LEU C 435 -78.09 53.08 14.86
CA LEU C 435 -78.03 52.35 13.59
C LEU C 435 -78.39 50.88 13.76
N GLU C 436 -79.38 50.40 13.00
CA GLU C 436 -79.76 48.99 13.03
C GLU C 436 -79.02 48.18 11.95
N TYR C 437 -77.76 47.86 12.25
CA TYR C 437 -76.85 47.15 11.36
C TYR C 437 -75.97 46.25 12.20
N GLY C 438 -75.57 45.12 11.65
CA GLY C 438 -74.69 44.19 12.35
C GLY C 438 -73.24 44.67 12.35
N MET C 439 -72.90 45.53 11.38
CA MET C 439 -71.53 45.98 11.22
C MET C 439 -71.46 47.47 10.92
N VAL C 440 -70.58 48.17 11.61
CA VAL C 440 -70.44 49.61 11.44
C VAL C 440 -68.97 50.01 11.36
N GLY C 441 -68.59 50.60 10.24
CA GLY C 441 -67.27 51.17 10.07
C GLY C 441 -67.23 52.58 10.63
N ILE C 442 -66.30 52.84 11.52
CA ILE C 442 -66.18 54.17 12.13
C ILE C 442 -64.87 54.82 11.68
N ASN C 443 -65.02 55.86 10.85
CA ASN C 443 -63.95 56.52 10.13
C ASN C 443 -63.17 55.58 9.21
N THR C 444 -63.83 54.54 8.74
CA THR C 444 -63.24 53.65 7.75
C THR C 444 -64.27 53.10 6.77
N GLY C 445 -63.80 52.67 5.60
CA GLY C 445 -64.66 52.04 4.61
C GLY C 445 -64.30 50.59 4.36
N LEU C 446 -63.31 50.08 5.09
CA LEU C 446 -62.91 48.68 5.00
C LEU C 446 -63.01 48.05 6.38
N ILE C 447 -63.89 47.06 6.51
CA ILE C 447 -64.22 46.53 7.83
C ILE C 447 -64.07 45.01 7.95
N SER C 448 -63.97 44.33 6.80
CA SER C 448 -64.06 42.88 6.76
C SER C 448 -62.76 42.19 7.10
N ASN C 449 -62.81 41.33 8.11
CA ASN C 449 -61.66 40.49 8.49
C ASN C 449 -62.13 39.17 9.11
N GLU C 450 -61.19 38.37 9.61
CA GLU C 450 -61.50 37.04 10.11
C GLU C 450 -61.72 36.95 11.62
N VAL C 451 -61.29 37.99 12.34
CA VAL C 451 -61.40 38.02 13.80
C VAL C 451 -62.69 38.71 14.27
N ALA C 452 -63.33 39.42 13.34
CA ALA C 452 -64.56 40.14 13.64
C ALA C 452 -65.78 39.39 13.10
N PRO C 453 -66.87 39.36 13.89
CA PRO C 453 -68.11 38.67 13.53
C PRO C 453 -68.89 39.38 12.42
N PHE C 454 -69.14 38.65 11.34
CA PHE C 454 -69.71 39.19 10.12
C PHE C 454 -71.16 38.70 9.94
N GLY C 455 -72.08 39.64 9.76
CA GLY C 455 -73.49 39.33 9.55
C GLY C 455 -74.40 40.52 9.78
N GLY C 456 -75.67 40.38 9.41
CA GLY C 456 -76.61 41.47 9.55
C GLY C 456 -77.76 41.17 10.48
N VAL C 457 -78.65 42.16 10.61
CA VAL C 457 -79.85 42.05 11.41
C VAL C 457 -81.03 42.30 10.48
N LYS C 458 -82.24 42.15 11.01
CA LYS C 458 -83.45 42.36 10.21
C LYS C 458 -83.42 41.42 9.02
N GLN C 459 -83.61 41.95 7.82
CA GLN C 459 -83.71 41.12 6.62
C GLN C 459 -82.36 40.81 5.97
N SER C 460 -81.29 41.22 6.63
CA SER C 460 -79.95 40.90 6.16
C SER C 460 -79.50 39.50 6.60
N GLY C 461 -80.17 38.93 7.61
CA GLY C 461 -79.98 37.51 7.90
C GLY C 461 -79.86 37.06 9.34
N LEU C 462 -79.30 35.87 9.51
CA LEU C 462 -79.20 35.19 10.79
C LEU C 462 -77.80 34.63 10.97
N GLY C 463 -77.25 34.79 12.18
CA GLY C 463 -75.93 34.26 12.52
C GLY C 463 -74.76 35.13 12.13
N ARG C 464 -73.57 34.71 12.57
CA ARG C 464 -72.33 35.45 12.34
C ARG C 464 -71.21 34.56 11.82
N GLU C 465 -70.32 35.12 11.02
CA GLU C 465 -69.17 34.37 10.51
C GLU C 465 -67.87 35.07 10.83
N GLY C 466 -66.85 34.27 11.15
CA GLY C 466 -65.58 34.79 11.62
C GLY C 466 -65.63 34.89 13.12
N SER C 467 -64.50 35.29 13.72
CA SER C 467 -64.37 35.42 15.18
C SER C 467 -64.62 34.10 15.91
N HIS C 468 -64.73 34.14 17.23
CA HIS C 468 -65.14 32.97 17.98
C HIS C 468 -66.63 32.66 17.78
N TYR C 469 -67.34 33.60 17.18
CA TYR C 469 -68.77 33.43 16.93
C TYR C 469 -69.08 32.51 15.75
N GLY C 470 -68.20 32.51 14.75
CA GLY C 470 -68.42 31.79 13.50
C GLY C 470 -68.65 30.28 13.65
N ILE C 471 -67.96 29.67 14.60
CA ILE C 471 -68.01 28.24 14.79
C ILE C 471 -69.26 27.75 15.56
N ASP C 472 -69.90 28.63 16.33
CA ASP C 472 -70.98 28.23 17.24
C ASP C 472 -72.18 27.63 16.51
N ASP C 473 -72.38 28.03 15.26
CA ASP C 473 -73.49 27.54 14.46
C ASP C 473 -73.24 26.17 13.83
N TYR C 474 -72.08 25.59 14.11
CA TYR C 474 -71.72 24.27 13.54
C TYR C 474 -71.62 23.23 14.64
N VAL C 475 -71.86 23.68 15.88
CA VAL C 475 -71.84 22.77 16.99
C VAL C 475 -73.22 22.76 17.67
N VAL C 476 -73.39 21.77 18.51
CA VAL C 476 -74.66 21.52 19.13
C VAL C 476 -74.27 21.32 20.58
N ILE C 477 -75.07 21.80 21.51
CA ILE C 477 -74.64 21.72 22.91
C ILE C 477 -75.34 20.58 23.65
N LYS C 478 -74.66 20.00 24.62
CA LYS C 478 -75.23 18.88 25.36
C LYS C 478 -75.13 19.13 26.86
N TYR C 479 -76.27 19.06 27.53
CA TYR C 479 -76.30 19.21 28.96
C TYR C 479 -76.18 17.85 29.62
N LEU C 480 -75.24 17.73 30.56
CA LEU C 480 -75.05 16.51 31.31
C LEU C 480 -75.37 16.77 32.76
N CYS C 481 -76.41 16.12 33.25
CA CYS C 481 -76.80 16.20 34.66
C CYS C 481 -76.27 14.96 35.36
N VAL C 482 -75.30 15.15 36.23
CA VAL C 482 -74.57 14.05 36.83
C VAL C 482 -74.95 13.96 38.29
N ALA C 483 -75.62 12.87 38.64
CA ALA C 483 -75.99 12.58 40.02
C ALA C 483 -74.74 12.28 40.82
N VAL C 484 -74.61 12.94 41.98
CA VAL C 484 -73.43 12.82 42.82
C VAL C 484 -73.74 12.02 44.09
N GLY D 3 -20.94 18.49 17.66
CA GLY D 3 -20.07 17.31 17.36
C GLY D 3 -20.69 16.36 16.35
N SER D 4 -21.62 15.52 16.82
CA SER D 4 -22.41 14.66 15.93
C SER D 4 -23.87 15.13 15.86
N MET D 5 -24.05 16.35 15.36
CA MET D 5 -25.37 16.96 15.21
C MET D 5 -25.46 17.66 13.88
N LYS D 6 -26.54 17.37 13.15
CA LYS D 6 -26.79 17.98 11.83
C LYS D 6 -26.43 19.48 11.74
N ASP D 7 -26.64 20.21 12.82
CA ASP D 7 -26.33 21.64 12.87
C ASP D 7 -25.58 21.97 14.16
N PRO D 8 -24.23 21.88 14.13
CA PRO D 8 -23.39 22.03 15.33
C PRO D 8 -23.42 23.42 15.94
N SER D 9 -24.00 24.39 15.22
CA SER D 9 -24.12 25.75 15.72
C SER D 9 -25.30 25.92 16.70
N LEU D 10 -26.11 24.86 16.86
CA LEU D 10 -27.18 24.86 17.84
C LEU D 10 -26.63 24.81 19.26
N LEU D 11 -25.42 24.28 19.41
CA LEU D 11 -24.76 24.26 20.70
C LEU D 11 -24.07 25.62 20.91
N ARG D 12 -24.52 26.36 21.91
CA ARG D 12 -24.04 27.72 22.17
C ARG D 12 -23.24 27.76 23.47
N HIS D 13 -22.12 28.47 23.43
CA HIS D 13 -21.27 28.59 24.60
C HIS D 13 -21.28 30.02 25.08
N GLN D 14 -22.19 30.81 24.52
CA GLN D 14 -22.35 32.20 24.89
C GLN D 14 -23.80 32.55 25.27
N ALA D 15 -23.97 33.51 26.17
CA ALA D 15 -25.29 34.01 26.56
C ALA D 15 -25.95 34.82 25.45
N TYR D 16 -27.24 35.15 25.62
CA TYR D 16 -27.99 35.93 24.64
C TYR D 16 -28.60 37.14 25.32
N ILE D 17 -27.98 38.30 25.10
CA ILE D 17 -28.37 39.50 25.82
C ILE D 17 -28.79 40.58 24.84
N GLY D 18 -30.04 41.01 24.98
CA GLY D 18 -30.59 42.08 24.17
C GLY D 18 -30.44 41.89 22.68
N GLY D 19 -30.27 40.65 22.23
CA GLY D 19 -30.17 40.33 20.81
C GLY D 19 -28.76 40.12 20.27
N GLU D 20 -27.77 40.08 21.16
CA GLU D 20 -26.42 39.71 20.78
C GLU D 20 -25.82 38.64 21.71
N TRP D 21 -25.01 37.76 21.12
CA TRP D 21 -24.33 36.71 21.86
C TRP D 21 -23.08 37.28 22.52
N GLN D 22 -23.05 37.26 23.84
CA GLN D 22 -21.92 37.82 24.58
C GLN D 22 -21.35 36.81 25.56
N ALA D 23 -20.06 36.95 25.86
CA ALA D 23 -19.46 36.33 27.02
C ALA D 23 -19.64 37.35 28.13
N ALA D 24 -19.39 36.94 29.37
CA ALA D 24 -19.53 37.84 30.53
C ALA D 24 -18.62 39.07 30.42
N ASP D 25 -18.91 40.10 31.22
CA ASP D 25 -18.09 41.30 31.30
C ASP D 25 -16.70 40.95 31.81
N SER D 26 -16.67 40.09 32.82
CA SER D 26 -15.44 39.68 33.50
C SER D 26 -14.77 38.49 32.80
N ASP D 27 -15.39 38.01 31.73
CA ASP D 27 -14.92 36.82 30.97
C ASP D 27 -14.95 35.51 31.77
N ALA D 28 -15.49 35.56 33.00
CA ALA D 28 -15.64 34.40 33.86
C ALA D 28 -16.56 33.35 33.24
N THR D 29 -16.31 32.08 33.56
CA THR D 29 -17.22 31.00 33.14
C THR D 29 -17.41 29.95 34.23
N PHE D 30 -18.17 28.91 33.88
CA PHE D 30 -18.27 27.68 34.67
C PHE D 30 -18.64 26.53 33.74
N GLU D 31 -18.39 25.30 34.21
CA GLU D 31 -18.41 24.12 33.36
C GLU D 31 -19.72 23.35 33.44
N VAL D 32 -20.12 22.75 32.31
CA VAL D 32 -21.35 21.94 32.23
C VAL D 32 -21.01 20.48 31.87
N PHE D 33 -21.35 19.56 32.78
CA PHE D 33 -21.02 18.15 32.64
C PHE D 33 -22.20 17.32 32.14
N ASP D 34 -21.90 16.19 31.50
CA ASP D 34 -22.86 15.14 31.19
C ASP D 34 -23.16 14.37 32.49
N PRO D 35 -24.45 14.18 32.82
CA PRO D 35 -24.79 13.53 34.09
C PRO D 35 -24.73 11.99 34.02
N ALA D 36 -24.49 11.46 32.83
CA ALA D 36 -24.38 10.03 32.59
C ALA D 36 -22.93 9.55 32.44
N THR D 37 -22.01 10.49 32.21
CA THR D 37 -20.59 10.14 32.04
C THR D 37 -19.64 10.99 32.88
N GLY D 38 -19.99 12.27 33.05
CA GLY D 38 -19.14 13.17 33.80
C GLY D 38 -18.20 13.94 32.89
N GLU D 39 -18.17 13.56 31.62
CA GLU D 39 -17.32 14.23 30.64
C GLU D 39 -17.81 15.65 30.31
N SER D 40 -16.87 16.59 30.34
CA SER D 40 -17.13 18.02 30.12
C SER D 40 -17.86 18.26 28.80
N LEU D 41 -18.88 19.10 28.82
CA LEU D 41 -19.67 19.37 27.60
C LEU D 41 -19.39 20.77 27.03
N GLY D 42 -18.53 21.52 27.72
CA GLY D 42 -18.17 22.88 27.32
C GLY D 42 -18.28 23.87 28.45
N THR D 43 -18.21 25.15 28.11
CA THR D 43 -18.35 26.21 29.11
C THR D 43 -19.45 27.19 28.72
N VAL D 44 -19.98 27.88 29.74
CA VAL D 44 -20.98 28.91 29.55
C VAL D 44 -20.62 30.11 30.42
N PRO D 45 -20.95 31.33 29.98
CA PRO D 45 -20.64 32.53 30.76
C PRO D 45 -21.21 32.47 32.17
N LYS D 46 -20.48 33.04 33.14
CA LYS D 46 -20.95 33.17 34.51
C LYS D 46 -21.24 34.65 34.76
N MET D 47 -22.41 35.09 34.29
CA MET D 47 -22.81 36.49 34.33
C MET D 47 -23.40 36.89 35.70
N GLY D 48 -23.63 38.18 35.89
CA GLY D 48 -24.17 38.66 37.16
C GLY D 48 -25.24 39.71 36.99
N ALA D 49 -25.32 40.63 37.95
CA ALA D 49 -26.25 41.74 37.92
C ALA D 49 -26.09 42.60 36.66
N ALA D 50 -24.87 43.08 36.43
CA ALA D 50 -24.57 44.00 35.32
C ALA D 50 -25.09 43.51 33.98
N GLU D 51 -24.85 42.25 33.68
CA GLU D 51 -25.31 41.66 32.42
C GLU D 51 -26.83 41.49 32.37
N THR D 52 -27.44 41.18 33.51
CA THR D 52 -28.90 41.06 33.60
C THR D 52 -29.55 42.42 33.37
N ALA D 53 -29.15 43.41 34.17
CA ALA D 53 -29.61 44.81 34.02
C ALA D 53 -29.67 45.29 32.57
N ARG D 54 -28.68 44.92 31.78
CA ARG D 54 -28.62 45.32 30.37
C ARG D 54 -29.71 44.65 29.57
N ALA D 55 -29.80 43.32 29.70
CA ALA D 55 -30.86 42.56 29.07
C ALA D 55 -32.25 43.11 29.40
N ILE D 56 -32.45 43.50 30.65
CA ILE D 56 -33.71 44.13 31.06
C ILE D 56 -33.96 45.48 30.36
N GLU D 57 -32.98 46.40 30.38
CA GLU D 57 -33.12 47.66 29.64
C GLU D 57 -33.38 47.43 28.17
N ALA D 58 -32.69 46.45 27.58
CA ALA D 58 -32.88 46.12 26.17
C ALA D 58 -34.29 45.61 25.93
N ALA D 59 -34.84 44.93 26.92
CA ALA D 59 -36.24 44.49 26.89
C ALA D 59 -37.18 45.69 26.91
N GLN D 60 -36.93 46.65 27.80
CA GLN D 60 -37.77 47.85 27.89
C GLN D 60 -37.78 48.63 26.60
N ALA D 61 -36.61 48.74 25.97
CA ALA D 61 -36.45 49.42 24.70
C ALA D 61 -37.25 48.72 23.59
N ALA D 62 -37.17 47.39 23.57
CA ALA D 62 -37.76 46.62 22.47
C ALA D 62 -39.26 46.50 22.59
N TRP D 63 -39.80 46.87 23.75
CA TRP D 63 -41.23 46.70 24.04
C TRP D 63 -42.13 47.43 23.05
N ALA D 64 -42.01 48.76 22.97
CA ALA D 64 -42.87 49.57 22.11
C ALA D 64 -43.03 49.00 20.68
N GLY D 65 -41.91 48.67 20.05
CA GLY D 65 -41.93 48.09 18.70
C GLY D 65 -42.48 46.68 18.62
N TRP D 66 -42.54 45.99 19.75
CA TRP D 66 -43.05 44.62 19.82
C TRP D 66 -44.55 44.62 20.07
N ARG D 67 -44.98 45.45 21.02
CA ARG D 67 -46.41 45.63 21.31
C ARG D 67 -47.16 46.28 20.15
N MET D 68 -46.43 47.02 19.31
CA MET D 68 -47.02 47.78 18.22
C MET D 68 -47.50 46.87 17.09
N LYS D 69 -46.76 45.79 16.83
CA LYS D 69 -47.16 44.76 15.88
C LYS D 69 -48.52 44.19 16.24
N THR D 70 -49.27 43.73 15.23
CA THR D 70 -50.55 43.08 15.49
C THR D 70 -50.29 41.72 16.13
N ALA D 71 -51.33 41.11 16.68
CA ALA D 71 -51.19 39.75 17.21
C ALA D 71 -50.84 38.77 16.10
N LYS D 72 -51.41 38.98 14.91
CA LYS D 72 -51.14 38.14 13.74
C LYS D 72 -49.67 38.21 13.29
N GLU D 73 -49.10 39.43 13.34
CA GLU D 73 -47.71 39.63 13.00
C GLU D 73 -46.75 38.94 13.99
N ARG D 74 -47.13 38.93 15.27
CA ARG D 74 -46.34 38.25 16.31
C ARG D 74 -46.49 36.75 16.17
N ALA D 75 -47.65 36.33 15.70
CA ALA D 75 -47.97 34.92 15.51
C ALA D 75 -47.14 34.27 14.40
N ALA D 76 -46.88 35.04 13.33
CA ALA D 76 -46.05 34.60 12.20
C ALA D 76 -44.60 34.40 12.61
N ILE D 77 -44.13 35.20 13.55
CA ILE D 77 -42.78 35.08 14.10
C ILE D 77 -42.70 33.88 15.05
N LEU D 78 -43.76 33.67 15.82
CA LEU D 78 -43.80 32.55 16.76
C LEU D 78 -44.01 31.22 16.04
N ARG D 79 -44.74 31.25 14.93
CA ARG D 79 -44.95 30.03 14.16
C ARG D 79 -43.70 29.58 13.39
N ARG D 80 -42.84 30.53 13.00
CA ARG D 80 -41.55 30.20 12.38
C ARG D 80 -40.60 29.59 13.41
N TRP D 81 -40.72 30.04 14.66
CA TRP D 81 -39.95 29.50 15.77
C TRP D 81 -40.43 28.09 16.06
N PHE D 82 -41.74 27.90 16.03
CA PHE D 82 -42.35 26.59 16.08
C PHE D 82 -41.75 25.72 14.98
N ASP D 83 -41.83 26.20 13.74
CA ASP D 83 -41.37 25.49 12.55
C ASP D 83 -39.88 25.18 12.56
N LEU D 84 -39.12 25.89 13.39
CA LEU D 84 -37.69 25.65 13.48
C LEU D 84 -37.32 24.71 14.61
N VAL D 85 -38.22 24.54 15.56
CA VAL D 85 -37.97 23.66 16.70
C VAL D 85 -38.29 22.23 16.28
N ILE D 86 -39.35 22.09 15.48
CA ILE D 86 -39.81 20.82 14.92
C ILE D 86 -38.78 20.24 13.95
N ALA D 87 -38.22 21.11 13.09
CA ALA D 87 -37.28 20.72 12.04
C ALA D 87 -35.90 20.36 12.58
N ASN D 88 -35.54 20.97 13.71
CA ASN D 88 -34.26 20.72 14.35
C ASN D 88 -34.45 19.92 15.63
N SER D 89 -35.53 19.15 15.69
CA SER D 89 -35.88 18.43 16.92
C SER D 89 -34.90 17.30 17.22
N ASP D 90 -34.39 16.66 16.15
CA ASP D 90 -33.38 15.62 16.27
C ASP D 90 -32.16 16.06 17.08
N ASP D 91 -31.54 17.17 16.68
CA ASP D 91 -30.37 17.68 17.41
C ASP D 91 -30.74 18.15 18.82
N LEU D 92 -31.86 18.87 18.91
CA LEU D 92 -32.34 19.45 20.17
C LEU D 92 -32.62 18.39 21.23
N ALA D 93 -33.19 17.28 20.79
CA ALA D 93 -33.32 16.12 21.66
C ALA D 93 -31.96 15.63 22.15
N LEU D 94 -30.99 15.57 21.24
CA LEU D 94 -29.66 15.05 21.57
C LEU D 94 -28.93 15.96 22.55
N ILE D 95 -29.01 17.27 22.32
CA ILE D 95 -28.48 18.26 23.27
C ILE D 95 -29.09 18.03 24.65
N LEU D 96 -30.41 17.89 24.67
CA LEU D 96 -31.18 17.71 25.91
C LEU D 96 -30.79 16.45 26.69
N THR D 97 -30.75 15.31 26.02
CA THR D 97 -30.28 14.06 26.64
C THR D 97 -28.90 14.27 27.26
N THR D 98 -27.96 14.74 26.44
CA THR D 98 -26.58 15.00 26.83
C THR D 98 -26.46 15.85 28.10
N GLU D 99 -27.19 16.96 28.16
CA GLU D 99 -27.07 17.88 29.31
C GLU D 99 -27.88 17.47 30.56
N GLN D 100 -28.95 16.70 30.36
CA GLN D 100 -29.91 16.42 31.44
C GLN D 100 -30.09 14.95 31.84
N GLY D 101 -29.88 14.03 30.90
CA GLY D 101 -29.94 12.61 31.21
C GLY D 101 -31.04 11.78 30.54
N LYS D 102 -32.29 12.23 30.65
CA LYS D 102 -33.46 11.51 30.14
C LYS D 102 -33.27 10.85 28.76
N PRO D 103 -33.90 9.67 28.53
CA PRO D 103 -33.75 8.92 27.30
C PRO D 103 -33.99 9.71 26.03
N LEU D 104 -33.23 9.41 24.98
CA LEU D 104 -33.34 10.12 23.71
C LEU D 104 -34.79 10.26 23.28
N ALA D 105 -35.55 9.15 23.33
CA ALA D 105 -36.97 9.15 22.98
C ALA D 105 -37.81 10.09 23.86
N GLU D 106 -37.52 10.12 25.16
CA GLU D 106 -38.19 11.05 26.07
C GLU D 106 -37.87 12.50 25.73
N ALA D 107 -36.60 12.77 25.41
CA ALA D 107 -36.16 14.10 25.04
C ALA D 107 -36.91 14.61 23.82
N LYS D 108 -37.23 13.69 22.91
CA LYS D 108 -37.99 14.02 21.70
C LYS D 108 -39.42 14.41 22.05
N GLY D 109 -40.04 13.66 22.94
CA GLY D 109 -41.37 13.97 23.45
C GLY D 109 -41.45 15.37 24.05
N GLU D 110 -40.41 15.77 24.79
CA GLU D 110 -40.31 17.12 25.36
C GLU D 110 -40.15 18.21 24.28
N ILE D 111 -39.42 17.92 23.22
CA ILE D 111 -39.29 18.88 22.13
C ILE D 111 -40.65 19.14 21.51
N ALA D 112 -41.35 18.05 21.15
CA ALA D 112 -42.69 18.16 20.56
C ALA D 112 -43.70 18.77 21.54
N TYR D 113 -43.39 18.71 22.83
CA TYR D 113 -44.23 19.25 23.88
C TYR D 113 -44.01 20.76 23.98
N ALA D 114 -42.74 21.14 24.09
CA ALA D 114 -42.31 22.53 24.04
C ALA D 114 -42.83 23.28 22.80
N ALA D 115 -42.68 22.67 21.63
CA ALA D 115 -43.16 23.25 20.37
C ALA D 115 -44.69 23.45 20.35
N SER D 116 -45.42 22.52 20.99
CA SER D 116 -46.88 22.62 21.11
C SER D 116 -47.30 23.89 21.88
N PHE D 117 -46.53 24.25 22.90
CA PHE D 117 -46.73 25.50 23.60
C PHE D 117 -46.49 26.74 22.74
N ILE D 118 -45.43 26.73 21.96
CA ILE D 118 -45.13 27.85 21.07
C ILE D 118 -46.34 28.05 20.15
N GLU D 119 -46.76 26.99 19.47
CA GLU D 119 -47.93 27.02 18.59
C GLU D 119 -49.18 27.56 19.30
N TRP D 120 -49.54 26.93 20.40
CA TRP D 120 -50.74 27.26 21.16
C TRP D 120 -50.84 28.77 21.43
N PHE D 121 -49.75 29.36 21.91
CA PHE D 121 -49.75 30.77 22.28
C PHE D 121 -49.71 31.73 21.09
N ALA D 122 -49.10 31.31 19.99
CA ALA D 122 -49.20 32.08 18.77
C ALA D 122 -50.70 32.29 18.47
N GLU D 123 -51.46 31.22 18.59
CA GLU D 123 -52.89 31.26 18.34
C GLU D 123 -53.63 32.05 19.43
N GLU D 124 -53.17 31.94 20.68
CA GLU D 124 -53.84 32.58 21.82
C GLU D 124 -53.70 34.09 21.82
N GLY D 125 -52.51 34.56 21.47
CA GLY D 125 -52.23 35.99 21.36
C GLY D 125 -53.26 36.70 20.52
N LYS D 126 -53.81 35.98 19.53
CA LYS D 126 -54.84 36.53 18.63
C LYS D 126 -56.24 36.57 19.24
N ARG D 127 -56.37 36.06 20.47
CA ARG D 127 -57.67 35.84 21.10
C ARG D 127 -57.82 36.48 22.48
N VAL D 128 -56.79 37.21 22.91
CA VAL D 128 -56.88 37.96 24.16
C VAL D 128 -58.03 38.97 24.03
N ALA D 129 -59.02 38.89 24.91
CA ALA D 129 -60.25 39.64 24.73
C ALA D 129 -60.72 40.38 25.97
N GLY D 130 -61.19 41.61 25.77
CA GLY D 130 -61.91 42.34 26.80
C GLY D 130 -63.41 42.19 26.62
N ASP D 131 -64.19 42.98 27.35
CA ASP D 131 -65.65 42.91 27.28
C ASP D 131 -66.29 44.28 27.07
N THR D 132 -67.55 44.27 26.63
CA THR D 132 -68.43 45.43 26.71
C THR D 132 -69.60 45.02 27.59
N LEU D 133 -69.82 45.78 28.66
CA LEU D 133 -70.73 45.35 29.73
C LEU D 133 -71.95 46.26 29.90
N PRO D 134 -73.08 45.70 30.37
CA PRO D 134 -74.31 46.50 30.51
C PRO D 134 -74.18 47.48 31.67
N THR D 135 -74.25 48.76 31.33
CA THR D 135 -74.01 49.87 32.25
C THR D 135 -75.08 49.99 33.34
N PRO D 136 -74.65 50.36 34.55
CA PRO D 136 -75.61 50.64 35.62
C PRO D 136 -76.02 52.11 35.61
N ASP D 137 -75.53 52.85 34.63
CA ASP D 137 -75.80 54.28 34.51
C ASP D 137 -75.92 54.70 33.05
N ALA D 138 -77.13 55.10 32.66
CA ALA D 138 -77.46 55.50 31.30
C ALA D 138 -76.47 56.49 30.67
N ASN D 139 -75.84 57.34 31.49
CA ASN D 139 -74.93 58.36 30.97
C ASN D 139 -73.56 57.84 30.56
N LYS D 140 -73.28 56.58 30.90
CA LYS D 140 -71.93 56.03 30.75
C LYS D 140 -71.92 54.70 30.02
N ARG D 141 -70.74 54.35 29.49
CA ARG D 141 -70.54 53.09 28.81
C ARG D 141 -69.32 52.38 29.38
N ILE D 142 -69.42 51.06 29.52
CA ILE D 142 -68.36 50.26 30.11
C ILE D 142 -67.64 49.46 29.04
N VAL D 143 -66.36 49.73 28.89
CA VAL D 143 -65.52 49.06 27.90
C VAL D 143 -64.27 48.56 28.62
N VAL D 144 -63.97 47.28 28.49
CA VAL D 144 -62.79 46.68 29.10
C VAL D 144 -61.85 46.18 28.01
N VAL D 145 -60.60 46.61 28.03
CA VAL D 145 -59.58 46.07 27.12
C VAL D 145 -58.42 45.44 27.89
N LYS D 146 -57.62 44.66 27.18
CA LYS D 146 -56.48 43.98 27.78
C LYS D 146 -55.24 44.44 27.06
N GLU D 147 -54.17 44.70 27.82
CA GLU D 147 -52.89 45.03 27.18
C GLU D 147 -51.72 44.36 27.88
N PRO D 148 -50.58 44.19 27.18
CA PRO D 148 -49.41 43.55 27.79
C PRO D 148 -49.01 44.23 29.10
N ILE D 149 -48.53 43.44 30.06
CA ILE D 149 -48.15 43.96 31.36
C ILE D 149 -46.86 44.80 31.28
N GLY D 150 -45.92 44.38 30.45
CA GLY D 150 -44.60 45.00 30.40
C GLY D 150 -43.49 43.97 30.38
N VAL D 151 -42.32 44.35 30.87
CA VAL D 151 -41.13 43.51 30.85
C VAL D 151 -41.28 42.32 31.82
N CYS D 152 -41.11 41.13 31.27
CA CYS D 152 -41.30 39.89 31.99
C CYS D 152 -39.98 39.19 32.25
N ALA D 153 -39.91 38.48 33.37
CA ALA D 153 -38.78 37.63 33.67
C ALA D 153 -39.24 36.21 33.98
N ALA D 154 -38.41 35.24 33.59
CA ALA D 154 -38.67 33.83 33.82
C ALA D 154 -37.42 33.14 34.37
N ILE D 155 -37.62 32.30 35.38
CA ILE D 155 -36.54 31.53 35.99
C ILE D 155 -36.96 30.08 35.91
N THR D 156 -36.25 29.29 35.10
CA THR D 156 -36.67 27.93 34.79
C THR D 156 -35.72 26.83 35.32
N PRO D 157 -36.28 25.65 35.63
CA PRO D 157 -35.53 24.57 36.26
C PRO D 157 -34.90 23.64 35.23
N TRP D 158 -34.35 22.53 35.70
CA TRP D 158 -33.58 21.62 34.85
C TRP D 158 -34.32 20.41 34.28
N ASN D 159 -35.35 19.92 34.97
CA ASN D 159 -36.05 18.70 34.53
C ASN D 159 -36.59 18.80 33.13
N PHE D 160 -37.00 20.00 32.75
CA PHE D 160 -37.47 20.25 31.38
C PHE D 160 -36.79 21.50 30.84
N PRO D 161 -35.56 21.36 30.34
CA PRO D 161 -34.78 22.53 29.96
C PRO D 161 -35.31 23.16 28.68
N ALA D 162 -36.15 22.44 27.93
CA ALA D 162 -36.72 22.97 26.71
C ALA D 162 -38.16 23.43 26.90
N ALA D 163 -39.01 22.52 27.37
CA ALA D 163 -40.45 22.80 27.55
C ALA D 163 -40.74 23.99 28.48
N MET D 164 -39.94 24.15 29.52
CA MET D 164 -40.15 25.25 30.46
C MET D 164 -39.83 26.59 29.82
N ILE D 165 -38.87 26.61 28.90
CA ILE D 165 -38.56 27.83 28.18
C ILE D 165 -39.84 28.25 27.45
N ALA D 166 -40.35 27.36 26.61
CA ALA D 166 -41.55 27.59 25.81
C ALA D 166 -42.83 27.84 26.63
N ARG D 167 -42.90 27.27 27.84
CA ARG D 167 -44.07 27.46 28.71
C ARG D 167 -44.20 28.90 29.21
N LYS D 168 -43.07 29.61 29.25
CA LYS D 168 -43.01 30.95 29.81
C LYS D 168 -42.81 32.02 28.74
N VAL D 169 -42.06 31.70 27.69
CA VAL D 169 -41.74 32.66 26.63
C VAL D 169 -42.91 32.81 25.68
N GLY D 170 -43.48 31.69 25.27
CA GLY D 170 -44.64 31.67 24.39
C GLY D 170 -45.71 32.67 24.80
N PRO D 171 -46.31 32.47 26.00
CA PRO D 171 -47.39 33.35 26.44
C PRO D 171 -46.96 34.81 26.57
N ALA D 172 -45.71 35.05 26.96
CA ALA D 172 -45.18 36.41 27.16
C ALA D 172 -45.10 37.19 25.85
N LEU D 173 -44.39 36.62 24.87
CA LEU D 173 -44.27 37.21 23.56
C LEU D 173 -45.62 37.34 22.88
N ALA D 174 -46.50 36.36 23.12
CA ALA D 174 -47.82 36.40 22.51
C ALA D 174 -48.68 37.54 23.08
N ALA D 175 -48.49 37.82 24.36
CA ALA D 175 -49.19 38.91 25.03
C ALA D 175 -48.75 40.30 24.54
N GLY D 176 -47.50 40.41 24.08
CA GLY D 176 -46.93 41.67 23.62
C GLY D 176 -45.84 42.13 24.56
N CYS D 177 -45.19 41.18 25.21
CA CYS D 177 -44.15 41.45 26.18
C CYS D 177 -42.77 41.02 25.69
N PRO D 178 -41.71 41.64 26.20
CA PRO D 178 -40.39 41.07 26.03
C PRO D 178 -40.09 40.22 27.25
N ILE D 179 -39.06 39.37 27.18
CA ILE D 179 -38.76 38.47 28.30
C ILE D 179 -37.27 38.18 28.52
N VAL D 180 -36.88 38.28 29.78
CA VAL D 180 -35.53 37.94 30.24
C VAL D 180 -35.59 36.63 30.99
N VAL D 181 -34.93 35.62 30.45
CA VAL D 181 -35.01 34.25 30.96
C VAL D 181 -33.68 33.84 31.56
N LYS D 182 -33.71 33.35 32.80
CA LYS D 182 -32.53 32.71 33.37
C LYS D 182 -32.82 31.25 33.62
N PRO D 183 -32.27 30.36 32.77
CA PRO D 183 -32.52 28.93 32.86
C PRO D 183 -31.71 28.27 33.97
N ALA D 184 -31.89 26.97 34.16
CA ALA D 184 -31.17 26.25 35.20
C ALA D 184 -29.70 26.20 34.83
N GLU D 185 -28.84 26.57 35.79
CA GLU D 185 -27.39 26.62 35.57
C GLU D 185 -26.86 25.26 35.13
N SER D 186 -27.56 24.21 35.53
CA SER D 186 -27.16 22.84 35.22
C SER D 186 -27.55 22.36 33.82
N THR D 187 -28.47 23.04 33.15
CA THR D 187 -28.90 22.61 31.79
C THR D 187 -29.19 23.78 30.84
N PRO D 188 -28.16 24.58 30.50
CA PRO D 188 -28.42 25.85 29.81
C PRO D 188 -28.49 25.75 28.29
N PHE D 189 -28.11 24.60 27.73
CA PHE D 189 -27.98 24.51 26.28
C PHE D 189 -29.31 24.45 25.54
N SER D 190 -30.38 24.03 26.21
CA SER D 190 -31.68 23.93 25.56
C SER D 190 -32.30 25.31 25.41
N ALA D 191 -32.16 26.12 26.46
CA ALA D 191 -32.53 27.51 26.45
C ALA D 191 -31.82 28.21 25.30
N LEU D 192 -30.49 28.07 25.25
CA LEU D 192 -29.67 28.78 24.29
C LEU D 192 -29.95 28.36 22.85
N ALA D 193 -30.14 27.07 22.63
CA ALA D 193 -30.46 26.57 21.29
C ALA D 193 -31.79 27.14 20.81
N MET D 194 -32.76 27.19 21.72
CA MET D 194 -34.05 27.75 21.36
C MET D 194 -34.07 29.25 21.24
N ALA D 195 -33.26 29.93 22.04
CA ALA D 195 -33.00 31.35 21.85
C ALA D 195 -32.41 31.59 20.46
N PHE D 196 -31.44 30.75 20.08
CA PHE D 196 -30.80 30.85 18.77
C PHE D 196 -31.81 30.69 17.64
N LEU D 197 -32.73 29.74 17.83
CA LEU D 197 -33.74 29.47 16.83
C LEU D 197 -34.71 30.63 16.74
N ALA D 198 -35.04 31.20 17.91
CA ALA D 198 -35.87 32.40 18.00
C ALA D 198 -35.24 33.59 17.28
N GLU D 199 -33.93 33.73 17.41
CA GLU D 199 -33.21 34.75 16.66
C GLU D 199 -33.37 34.52 15.16
N ARG D 200 -33.21 33.27 14.75
CA ARG D 200 -33.32 32.91 13.34
C ARG D 200 -34.77 33.04 12.87
N ALA D 201 -35.69 32.92 13.82
CA ALA D 201 -37.14 33.01 13.55
C ALA D 201 -37.60 34.43 13.25
N GLY D 202 -36.84 35.41 13.72
CA GLY D 202 -37.11 36.80 13.41
C GLY D 202 -37.61 37.54 14.62
N VAL D 203 -37.41 36.96 15.80
CA VAL D 203 -37.77 37.61 17.05
C VAL D 203 -36.85 38.81 17.15
N PRO D 204 -37.42 40.03 17.15
CA PRO D 204 -36.62 41.27 17.22
C PRO D 204 -35.66 41.25 18.40
N LYS D 205 -34.52 41.92 18.26
CA LYS D 205 -33.52 41.97 19.32
C LYS D 205 -34.09 42.63 20.57
N GLY D 206 -33.77 42.07 21.74
CA GLY D 206 -34.25 42.66 23.00
C GLY D 206 -35.57 42.08 23.48
N VAL D 207 -36.35 41.55 22.55
CA VAL D 207 -37.62 40.94 22.91
C VAL D 207 -37.39 39.69 23.75
N LEU D 208 -36.39 38.90 23.38
CA LEU D 208 -36.00 37.73 24.17
C LEU D 208 -34.52 37.76 24.55
N SER D 209 -34.23 37.60 25.83
CA SER D 209 -32.86 37.41 26.32
C SER D 209 -32.77 36.19 27.22
N VAL D 210 -31.67 35.46 27.10
CA VAL D 210 -31.33 34.34 28.00
C VAL D 210 -30.01 34.62 28.72
N VAL D 211 -30.09 34.76 30.05
CA VAL D 211 -28.98 35.12 30.93
C VAL D 211 -28.46 33.91 31.70
N ILE D 212 -27.15 33.70 31.67
CA ILE D 212 -26.54 32.56 32.36
C ILE D 212 -25.45 33.01 33.31
N GLY D 213 -25.48 32.45 34.52
CA GLY D 213 -24.49 32.80 35.52
C GLY D 213 -24.93 32.46 36.93
N ASP D 214 -24.53 33.31 37.88
CA ASP D 214 -24.79 33.07 39.29
C ASP D 214 -26.28 33.21 39.60
N PRO D 215 -26.93 32.10 40.02
CA PRO D 215 -28.35 32.10 40.37
C PRO D 215 -28.74 33.23 41.33
N LYS D 216 -27.96 33.42 42.40
CA LYS D 216 -28.23 34.44 43.42
C LYS D 216 -28.09 35.87 42.89
N ALA D 217 -27.07 36.10 42.05
CA ALA D 217 -26.80 37.44 41.51
C ALA D 217 -27.81 37.87 40.44
N ILE D 218 -28.09 36.98 39.49
CA ILE D 218 -29.05 37.25 38.42
C ILE D 218 -30.47 37.38 38.98
N GLY D 219 -30.86 36.41 39.79
CA GLY D 219 -32.17 36.41 40.43
C GLY D 219 -32.47 37.68 41.20
N THR D 220 -31.48 38.16 41.95
CA THR D 220 -31.65 39.32 42.81
C THR D 220 -31.82 40.61 41.99
N GLU D 221 -31.13 40.69 40.86
CA GLU D 221 -31.26 41.83 39.99
C GLU D 221 -32.67 41.83 39.38
N ILE D 222 -33.07 40.68 38.85
CA ILE D 222 -34.42 40.46 38.32
C ILE D 222 -35.53 40.91 39.27
N THR D 223 -35.42 40.49 40.54
CA THR D 223 -36.45 40.76 41.55
C THR D 223 -36.40 42.19 42.09
N SER D 224 -35.23 42.81 42.07
CA SER D 224 -35.09 44.17 42.60
C SER D 224 -35.36 45.27 41.55
N ASN D 225 -35.20 44.94 40.28
CA ASN D 225 -35.40 45.93 39.22
C ASN D 225 -36.88 46.28 39.00
N PRO D 226 -37.22 47.59 39.07
CA PRO D 226 -38.60 48.04 38.91
C PRO D 226 -39.13 47.93 37.48
N ILE D 227 -38.23 47.81 36.51
CA ILE D 227 -38.61 47.59 35.11
C ILE D 227 -39.34 46.25 34.95
N VAL D 228 -38.83 45.20 35.60
CA VAL D 228 -39.49 43.89 35.61
C VAL D 228 -40.82 43.99 36.34
N ARG D 229 -41.92 43.84 35.58
CA ARG D 229 -43.27 44.05 36.14
C ARG D 229 -44.01 42.75 36.41
N LYS D 230 -43.48 41.64 35.92
CA LYS D 230 -43.99 40.33 36.28
C LYS D 230 -42.92 39.25 36.20
N LEU D 231 -43.03 38.26 37.09
CA LEU D 231 -42.06 37.19 37.18
C LEU D 231 -42.69 35.81 37.20
N SER D 232 -42.29 34.99 36.24
CA SER D 232 -42.69 33.61 36.19
C SER D 232 -41.56 32.71 36.69
N PHE D 233 -41.90 31.83 37.64
CA PHE D 233 -40.93 30.89 38.21
C PHE D 233 -41.44 29.46 38.32
N THR D 234 -40.57 28.51 38.02
CA THR D 234 -40.83 27.08 38.23
C THR D 234 -39.64 26.43 38.94
N GLY D 235 -39.91 25.91 40.13
CA GLY D 235 -38.92 25.13 40.88
C GLY D 235 -39.42 24.76 42.26
N SER D 236 -38.50 24.78 43.23
CA SER D 236 -38.82 24.35 44.58
C SER D 236 -39.69 25.40 45.25
N THR D 237 -40.52 24.95 46.18
CA THR D 237 -41.37 25.83 46.96
C THR D 237 -40.53 26.80 47.78
N ALA D 238 -39.38 26.33 48.25
CA ALA D 238 -38.54 27.15 49.11
C ALA D 238 -38.05 28.38 48.35
N VAL D 239 -37.57 28.19 47.12
CA VAL D 239 -37.09 29.30 46.29
C VAL D 239 -38.24 30.22 45.88
N GLY D 240 -39.39 29.61 45.58
CA GLY D 240 -40.61 30.33 45.28
C GLY D 240 -41.00 31.34 46.35
N ARG D 241 -40.94 30.92 47.60
CA ARG D 241 -41.21 31.80 48.74
C ARG D 241 -40.23 32.98 48.83
N LEU D 242 -38.97 32.75 48.43
CA LEU D 242 -37.96 33.79 48.51
C LEU D 242 -38.20 34.84 47.43
N LEU D 243 -38.47 34.38 46.22
CA LEU D 243 -38.71 35.26 45.07
C LEU D 243 -39.93 36.16 45.25
N MET D 244 -40.97 35.62 45.87
CA MET D 244 -42.15 36.40 46.21
C MET D 244 -41.80 37.46 47.26
N ALA D 245 -40.88 37.14 48.15
CA ALA D 245 -40.41 38.10 49.15
C ALA D 245 -39.57 39.19 48.46
N GLN D 246 -38.62 38.77 47.63
CA GLN D 246 -37.76 39.69 46.88
C GLN D 246 -38.54 40.61 45.92
N SER D 247 -39.65 40.10 45.37
CA SER D 247 -40.48 40.86 44.43
C SER D 247 -41.45 41.82 45.13
N ALA D 248 -41.59 41.68 46.44
CA ALA D 248 -42.57 42.47 47.21
C ALA D 248 -42.38 43.99 47.20
N PRO D 249 -41.13 44.49 47.19
CA PRO D 249 -40.95 45.95 47.18
C PRO D 249 -41.51 46.63 45.93
N THR D 250 -41.71 45.85 44.86
CA THR D 250 -42.31 46.39 43.63
C THR D 250 -43.59 45.68 43.17
N VAL D 251 -44.22 44.92 44.07
CA VAL D 251 -45.56 44.35 43.83
C VAL D 251 -45.70 43.60 42.47
N LYS D 252 -44.69 42.84 42.10
CA LYS D 252 -44.67 42.18 40.79
C LYS D 252 -45.80 41.16 40.68
N LYS D 253 -46.33 41.00 39.47
CA LYS D 253 -47.28 39.93 39.21
C LYS D 253 -46.51 38.61 39.13
N LEU D 254 -46.89 37.65 39.96
CA LEU D 254 -46.21 36.35 40.03
C LEU D 254 -46.97 35.19 39.42
N THR D 255 -46.26 34.39 38.62
CA THR D 255 -46.69 33.04 38.30
C THR D 255 -45.70 32.11 38.99
N LEU D 256 -46.22 31.27 39.88
CA LEU D 256 -45.39 30.33 40.61
C LEU D 256 -45.89 28.91 40.41
N GLU D 257 -45.06 28.09 39.75
CA GLU D 257 -45.25 26.63 39.72
C GLU D 257 -44.26 26.03 40.71
N LEU D 258 -44.75 25.63 41.88
CA LEU D 258 -43.85 25.19 42.95
C LEU D 258 -43.84 23.67 43.10
N GLY D 259 -43.35 23.19 44.24
CA GLY D 259 -43.19 21.75 44.46
C GLY D 259 -44.49 21.02 44.71
N GLY D 260 -44.46 19.72 44.45
CA GLY D 260 -45.63 18.86 44.67
C GLY D 260 -45.52 17.89 45.84
N ASN D 261 -46.38 16.87 45.81
CA ASN D 261 -46.43 15.78 46.79
C ASN D 261 -47.55 14.83 46.34
N ALA D 262 -47.54 14.52 45.06
CA ALA D 262 -48.64 13.84 44.40
C ALA D 262 -48.99 12.50 45.03
N PRO D 263 -50.30 12.28 45.29
CA PRO D 263 -50.79 10.98 45.65
C PRO D 263 -51.35 10.28 44.42
N PHE D 264 -50.93 9.05 44.21
CA PHE D 264 -51.50 8.21 43.17
C PHE D 264 -52.36 7.24 43.93
N ILE D 265 -53.65 7.25 43.65
CA ILE D 265 -54.62 6.55 44.49
C ILE D 265 -55.22 5.37 43.75
N VAL D 266 -54.99 4.18 44.30
CA VAL D 266 -55.52 2.94 43.73
C VAL D 266 -56.58 2.38 44.66
N PHE D 267 -57.82 2.49 44.20
CA PHE D 267 -59.00 2.06 44.93
C PHE D 267 -59.38 0.61 44.63
N ASP D 268 -60.03 0.01 45.62
CA ASP D 268 -60.78 -1.25 45.55
C ASP D 268 -61.17 -1.75 44.17
N ASP D 269 -61.75 -0.85 43.37
CA ASP D 269 -62.38 -1.22 42.10
C ASP D 269 -61.62 -0.74 40.86
N ALA D 270 -60.31 -0.49 41.00
CA ALA D 270 -59.50 -0.10 39.86
C ALA D 270 -59.21 -1.28 38.94
N ASP D 271 -59.01 -1.00 37.65
CA ASP D 271 -58.40 -1.97 36.74
C ASP D 271 -56.93 -1.98 37.09
N LEU D 272 -56.50 -3.02 37.77
CA LEU D 272 -55.16 -3.08 38.37
C LEU D 272 -54.04 -2.97 37.32
N ASP D 273 -54.23 -3.60 36.16
CA ASP D 273 -53.25 -3.54 35.08
C ASP D 273 -53.09 -2.11 34.58
N ALA D 274 -54.23 -1.43 34.38
CA ALA D 274 -54.23 -0.04 33.94
C ALA D 274 -53.65 0.90 35.01
N ALA D 275 -53.91 0.59 36.28
CA ALA D 275 -53.37 1.39 37.38
C ALA D 275 -51.84 1.26 37.46
N VAL D 276 -51.34 0.09 37.09
CA VAL D 276 -49.89 -0.12 37.00
C VAL D 276 -49.30 0.66 35.82
N GLU D 277 -49.95 0.58 34.66
CA GLU D 277 -49.55 1.32 33.46
C GLU D 277 -49.48 2.81 33.72
N GLY D 278 -50.23 3.26 34.72
CA GLY D 278 -50.26 4.66 35.11
C GLY D 278 -49.28 4.96 36.21
N ALA D 279 -48.98 3.95 37.02
CA ALA D 279 -47.96 4.06 38.05
C ALA D 279 -46.57 4.23 37.39
N ILE D 280 -46.26 3.32 36.47
CA ILE D 280 -45.01 3.35 35.71
C ILE D 280 -44.86 4.69 34.98
N ALA D 281 -45.95 5.15 34.38
CA ALA D 281 -45.95 6.40 33.62
C ALA D 281 -45.84 7.66 34.49
N SER D 282 -46.25 7.57 35.76
CA SER D 282 -46.26 8.77 36.62
C SER D 282 -45.15 8.80 37.67
N LYS D 283 -44.41 7.72 37.78
CA LYS D 283 -43.38 7.61 38.81
C LYS D 283 -41.97 7.50 38.20
N TYR D 284 -41.87 6.97 36.98
CA TYR D 284 -40.55 6.70 36.40
C TYR D 284 -40.27 7.46 35.11
N ARG D 285 -41.24 8.25 34.67
CA ARG D 285 -41.03 9.20 33.59
C ARG D 285 -39.99 10.19 34.10
N ASN D 286 -39.00 10.49 33.24
CA ASN D 286 -37.87 11.36 33.56
C ASN D 286 -37.17 10.94 34.86
N ASN D 287 -37.17 9.63 35.11
CA ASN D 287 -36.51 9.03 36.28
C ASN D 287 -37.01 9.60 37.61
N GLY D 288 -38.31 9.89 37.66
CA GLY D 288 -38.95 10.39 38.87
C GLY D 288 -38.68 11.86 39.14
N GLN D 289 -38.17 12.55 38.13
CA GLN D 289 -37.68 13.93 38.28
C GLN D 289 -38.63 15.03 37.79
N THR D 290 -39.83 14.66 37.34
CA THR D 290 -40.85 15.64 36.98
C THR D 290 -41.50 16.21 38.25
N CYS D 291 -42.02 17.43 38.17
CA CYS D 291 -42.67 18.08 39.31
C CYS D 291 -44.08 17.52 39.61
N VAL D 292 -44.70 16.90 38.62
CA VAL D 292 -46.01 16.26 38.81
C VAL D 292 -45.88 14.77 39.12
N CYS D 293 -44.64 14.33 39.35
CA CYS D 293 -44.35 12.93 39.69
C CYS D 293 -45.08 12.46 40.91
N THR D 294 -45.52 11.22 40.84
CA THR D 294 -46.12 10.55 41.97
C THR D 294 -45.10 10.49 43.10
N ASN D 295 -45.52 10.89 44.29
CA ASN D 295 -44.63 10.84 45.44
C ASN D 295 -45.14 9.86 46.47
N ARG D 296 -46.47 9.72 46.55
CA ARG D 296 -47.10 8.81 47.48
C ARG D 296 -48.12 7.92 46.77
N PHE D 297 -47.83 6.62 46.73
CA PHE D 297 -48.81 5.65 46.24
C PHE D 297 -49.70 5.24 47.40
N PHE D 298 -51.00 5.48 47.27
CA PHE D 298 -52.00 4.96 48.23
C PHE D 298 -52.82 3.86 47.58
N VAL D 299 -52.56 2.62 47.99
CA VAL D 299 -53.28 1.45 47.47
C VAL D 299 -54.13 0.85 48.58
N HIS D 300 -55.36 0.46 48.22
CA HIS D 300 -56.38 -0.05 49.15
C HIS D 300 -55.99 -1.43 49.66
N GLU D 301 -56.53 -1.81 50.82
CA GLU D 301 -56.21 -3.07 51.46
C GLU D 301 -56.49 -4.31 50.61
N ARG D 302 -57.67 -4.35 50.01
CA ARG D 302 -58.07 -5.50 49.21
C ARG D 302 -57.13 -5.75 48.03
N VAL D 303 -56.63 -4.66 47.44
CA VAL D 303 -55.79 -4.74 46.25
C VAL D 303 -54.29 -4.52 46.49
N TYR D 304 -53.90 -4.25 47.74
CA TYR D 304 -52.52 -3.89 48.08
C TYR D 304 -51.50 -4.88 47.51
N ASP D 305 -51.46 -6.08 48.09
CA ASP D 305 -50.60 -7.16 47.63
C ASP D 305 -50.56 -7.25 46.10
N ALA D 306 -51.72 -7.51 45.51
CA ALA D 306 -51.81 -7.71 44.06
C ALA D 306 -51.20 -6.55 43.25
N PHE D 307 -51.31 -5.33 43.78
CA PHE D 307 -50.72 -4.17 43.11
C PHE D 307 -49.19 -4.26 43.10
N ALA D 308 -48.60 -4.32 44.30
CA ALA D 308 -47.15 -4.46 44.46
C ALA D 308 -46.53 -5.51 43.51
N ASP D 309 -47.02 -6.75 43.56
CA ASP D 309 -46.49 -7.80 42.69
C ASP D 309 -46.42 -7.33 41.24
N LYS D 310 -47.56 -6.87 40.70
CA LYS D 310 -47.63 -6.35 39.33
C LYS D 310 -46.71 -5.14 39.05
N LEU D 311 -46.44 -4.32 40.08
CA LEU D 311 -45.59 -3.14 39.93
C LEU D 311 -44.13 -3.52 39.65
N ALA D 312 -43.52 -4.24 40.60
CA ALA D 312 -42.22 -4.85 40.42
C ALA D 312 -42.12 -5.63 39.11
N ALA D 313 -43.21 -6.31 38.76
CA ALA D 313 -43.29 -7.10 37.52
C ALA D 313 -43.18 -6.28 36.23
N ALA D 314 -43.38 -4.97 36.33
CA ALA D 314 -43.22 -4.07 35.18
C ALA D 314 -41.91 -3.29 35.26
N VAL D 315 -41.41 -3.10 36.49
CA VAL D 315 -40.14 -2.43 36.74
C VAL D 315 -38.93 -3.20 36.14
N SER D 316 -39.02 -4.53 36.18
CA SER D 316 -38.00 -5.44 35.64
C SER D 316 -37.82 -5.33 34.13
N LYS D 317 -38.88 -4.89 33.44
CA LYS D 317 -38.85 -4.64 32.00
C LYS D 317 -38.15 -3.31 31.65
N LEU D 318 -38.06 -2.41 32.63
CA LEU D 318 -37.43 -1.08 32.47
C LEU D 318 -35.90 -1.16 32.48
N LYS D 319 -35.29 -0.86 31.33
CA LYS D 319 -33.84 -0.94 31.19
C LYS D 319 -33.17 0.39 31.55
N VAL D 320 -32.41 0.37 32.66
CA VAL D 320 -31.54 1.48 33.02
C VAL D 320 -30.35 1.49 32.07
N GLY D 321 -30.08 2.67 31.49
CA GLY D 321 -28.97 2.84 30.56
C GLY D 321 -28.84 4.28 30.12
N ARG D 322 -27.66 4.64 29.60
CA ARG D 322 -27.41 5.98 29.09
C ARG D 322 -28.40 6.29 27.97
N GLY D 323 -28.89 7.53 27.96
CA GLY D 323 -29.91 8.00 27.03
C GLY D 323 -29.79 7.65 25.56
N THR D 324 -28.55 7.52 25.07
CA THR D 324 -28.31 7.22 23.64
C THR D 324 -28.38 5.74 23.28
N GLU D 325 -28.27 4.87 24.28
CA GLU D 325 -28.37 3.42 24.10
C GLU D 325 -29.82 3.04 23.82
N SER D 326 -30.04 2.26 22.76
CA SER D 326 -31.39 1.78 22.41
C SER D 326 -31.95 0.83 23.48
N GLY D 327 -33.19 1.09 23.88
CA GLY D 327 -33.84 0.33 24.93
C GLY D 327 -33.75 0.99 26.30
N ALA D 328 -32.94 2.05 26.40
CA ALA D 328 -32.76 2.76 27.67
C ALA D 328 -34.01 3.56 28.04
N THR D 329 -34.69 3.12 29.10
CA THR D 329 -35.90 3.79 29.55
C THR D 329 -35.67 4.57 30.85
N LEU D 330 -34.51 4.38 31.46
CA LEU D 330 -34.15 5.11 32.68
C LEU D 330 -32.74 5.67 32.65
N GLY D 331 -32.62 6.95 32.30
CA GLY D 331 -31.36 7.69 32.39
C GLY D 331 -31.03 8.01 33.84
N PRO D 332 -29.87 8.67 34.07
CA PRO D 332 -29.42 8.96 35.43
C PRO D 332 -30.16 10.15 36.04
N LEU D 333 -30.11 10.26 37.37
CA LEU D 333 -30.56 11.47 38.05
C LEU D 333 -29.63 12.61 37.67
N ILE D 334 -29.96 13.83 38.06
CA ILE D 334 -29.20 14.95 37.53
C ILE D 334 -27.78 15.10 38.12
N ASN D 335 -27.67 14.97 39.45
CA ASN D 335 -26.39 15.10 40.12
C ASN D 335 -26.34 14.28 41.41
N GLU D 336 -25.18 14.28 42.07
CA GLU D 336 -24.95 13.49 43.29
C GLU D 336 -25.94 13.83 44.40
N ALA D 337 -26.28 15.10 44.53
CA ALA D 337 -27.19 15.54 45.59
C ALA D 337 -28.56 14.85 45.47
N ALA D 338 -29.05 14.71 44.24
CA ALA D 338 -30.29 13.99 43.98
C ALA D 338 -30.19 12.52 44.41
N VAL D 339 -29.05 11.89 44.12
CA VAL D 339 -28.80 10.48 44.46
C VAL D 339 -28.73 10.29 45.97
N LYS D 340 -28.13 11.26 46.66
CA LYS D 340 -28.02 11.24 48.12
C LYS D 340 -29.40 11.35 48.77
N LYS D 341 -30.33 12.01 48.06
CA LYS D 341 -31.70 12.22 48.55
C LYS D 341 -32.55 10.95 48.48
N VAL D 342 -32.49 10.28 47.33
CA VAL D 342 -33.19 9.01 47.13
C VAL D 342 -32.77 8.01 48.20
N GLU D 343 -31.46 7.87 48.39
CA GLU D 343 -30.89 6.99 49.40
C GLU D 343 -31.30 7.41 50.80
N SER D 344 -31.45 8.72 51.00
CA SER D 344 -31.90 9.23 52.30
C SER D 344 -33.31 8.75 52.65
N HIS D 345 -34.20 8.71 51.67
CA HIS D 345 -35.59 8.28 51.89
C HIS D 345 -35.64 6.76 52.11
N ILE D 346 -34.98 6.02 51.21
CA ILE D 346 -34.98 4.56 51.27
C ILE D 346 -34.48 4.04 52.62
N ALA D 347 -33.43 4.66 53.14
CA ALA D 347 -32.87 4.31 54.43
C ALA D 347 -33.81 4.67 55.58
N ASP D 348 -34.47 5.81 55.48
CA ASP D 348 -35.42 6.26 56.52
C ASP D 348 -36.66 5.36 56.53
N ALA D 349 -37.10 4.96 55.35
CA ALA D 349 -38.26 4.08 55.21
C ALA D 349 -37.98 2.70 55.78
N LEU D 350 -36.85 2.12 55.38
CA LEU D 350 -36.38 0.86 55.95
C LEU D 350 -36.28 0.93 57.48
N ALA D 351 -35.71 2.03 57.97
CA ALA D 351 -35.52 2.24 59.40
C ALA D 351 -36.81 2.29 60.19
N LYS D 352 -37.92 2.60 59.52
CA LYS D 352 -39.21 2.78 60.19
C LYS D 352 -40.21 1.65 59.94
N GLY D 353 -39.85 0.69 59.10
CA GLY D 353 -40.64 -0.52 58.94
C GLY D 353 -40.88 -1.01 57.55
N ALA D 354 -40.61 -0.18 56.55
CA ALA D 354 -40.91 -0.51 55.16
C ALA D 354 -40.09 -1.68 54.67
N SER D 355 -40.44 -2.20 53.50
CA SER D 355 -39.73 -3.32 52.90
C SER D 355 -39.37 -3.10 51.44
N LEU D 356 -38.22 -3.62 51.06
CA LEU D 356 -37.69 -3.45 49.74
C LEU D 356 -38.21 -4.52 48.80
N MET D 357 -38.93 -4.06 47.77
CA MET D 357 -39.48 -4.97 46.80
C MET D 357 -38.52 -5.21 45.63
N THR D 358 -38.02 -4.12 45.04
CA THR D 358 -36.99 -4.17 44.00
C THR D 358 -36.13 -2.91 44.09
N GLY D 359 -34.99 -2.94 43.41
CA GLY D 359 -34.02 -1.84 43.47
C GLY D 359 -33.52 -1.60 44.89
N GLY D 360 -33.28 -0.33 45.22
CA GLY D 360 -32.82 0.07 46.56
C GLY D 360 -31.35 0.48 46.62
N LYS D 361 -30.65 0.34 45.50
CA LYS D 361 -29.23 0.63 45.44
C LYS D 361 -28.83 1.47 44.22
N ARG D 362 -27.60 1.98 44.25
CA ARG D 362 -27.00 2.69 43.12
C ARG D 362 -26.65 1.71 42.01
N HIS D 363 -26.90 2.12 40.76
CA HIS D 363 -26.63 1.25 39.62
C HIS D 363 -25.13 1.14 39.34
N ALA D 364 -24.71 -0.04 38.90
CA ALA D 364 -23.31 -0.30 38.55
C ALA D 364 -22.72 0.82 37.70
N LEU D 365 -23.48 1.26 36.70
CA LEU D 365 -23.08 2.32 35.77
C LEU D 365 -22.48 3.56 36.46
N GLY D 366 -22.83 3.74 37.74
CA GLY D 366 -22.28 4.80 38.57
C GLY D 366 -22.77 6.18 38.22
N HIS D 367 -22.02 7.19 38.68
CA HIS D 367 -22.35 8.61 38.50
C HIS D 367 -23.61 9.04 39.26
N GLY D 368 -24.75 8.88 38.60
CA GLY D 368 -26.05 9.27 39.13
C GLY D 368 -27.16 8.35 38.69
N PHE D 369 -26.78 7.23 38.07
CA PHE D 369 -27.71 6.16 37.76
C PHE D 369 -28.14 5.47 39.05
N PHE D 370 -29.38 4.99 39.08
CA PHE D 370 -29.95 4.42 40.31
C PHE D 370 -31.03 3.40 39.99
N GLU D 371 -31.04 2.31 40.75
CA GLU D 371 -32.00 1.22 40.52
C GLU D 371 -33.44 1.67 40.85
N PRO D 372 -34.37 1.45 39.90
CA PRO D 372 -35.79 1.70 40.12
C PRO D 372 -36.26 0.94 41.35
N THR D 373 -36.79 1.68 42.33
CA THR D 373 -37.09 1.15 43.64
C THR D 373 -38.58 1.19 43.96
N VAL D 374 -39.09 0.10 44.54
CA VAL D 374 -40.45 0.02 45.04
C VAL D 374 -40.41 -0.35 46.53
N LEU D 375 -41.21 0.34 47.35
CA LEU D 375 -41.24 0.09 48.79
C LEU D 375 -42.66 -0.22 49.27
N THR D 376 -42.82 -1.35 49.97
CA THR D 376 -44.09 -1.71 50.57
C THR D 376 -44.04 -1.40 52.05
N GLY D 377 -45.21 -1.24 52.67
CA GLY D 377 -45.30 -0.95 54.09
C GLY D 377 -44.73 0.42 54.46
N VAL D 378 -45.14 1.43 53.69
CA VAL D 378 -44.77 2.81 53.98
C VAL D 378 -45.87 3.47 54.80
N LYS D 379 -45.48 4.27 55.78
CA LYS D 379 -46.41 4.89 56.71
C LYS D 379 -46.27 6.42 56.67
N PRO D 380 -47.27 7.15 57.24
CA PRO D 380 -47.21 8.63 57.26
C PRO D 380 -46.02 9.22 58.02
N ASP D 381 -45.46 8.47 58.97
CA ASP D 381 -44.38 9.00 59.83
C ASP D 381 -43.00 9.06 59.16
N MET D 382 -42.91 8.52 57.95
CA MET D 382 -41.66 8.50 57.19
C MET D 382 -41.43 9.81 56.42
N ASP D 383 -40.21 9.99 55.92
CA ASP D 383 -39.80 11.26 55.30
C ASP D 383 -40.47 11.46 53.96
N VAL D 384 -40.42 10.41 53.13
CA VAL D 384 -40.99 10.42 51.79
C VAL D 384 -42.50 10.68 51.82
N ALA D 385 -43.06 10.68 53.03
CA ALA D 385 -44.47 11.01 53.22
C ALA D 385 -44.73 12.53 53.15
N LYS D 386 -43.71 13.32 53.50
CA LYS D 386 -43.82 14.78 53.55
C LYS D 386 -42.94 15.52 52.53
N GLU D 387 -41.84 14.89 52.11
CA GLU D 387 -40.89 15.48 51.15
C GLU D 387 -40.92 14.80 49.79
N GLU D 388 -40.56 15.55 48.76
CA GLU D 388 -40.44 15.02 47.39
C GLU D 388 -39.11 14.34 47.15
N THR D 389 -39.16 13.08 46.71
CA THR D 389 -37.97 12.31 46.42
C THR D 389 -37.20 12.91 45.26
N PHE D 390 -37.93 13.13 44.16
CA PHE D 390 -37.32 13.52 42.89
C PHE D 390 -36.43 12.43 42.34
N GLY D 391 -36.68 11.20 42.80
CA GLY D 391 -35.99 10.01 42.32
C GLY D 391 -36.94 8.88 42.00
N PRO D 392 -36.43 7.78 41.42
CA PRO D 392 -37.24 6.62 41.09
C PRO D 392 -37.56 5.82 42.35
N LEU D 393 -38.59 6.24 43.05
CA LEU D 393 -38.97 5.60 44.29
C LEU D 393 -40.49 5.53 44.42
N ALA D 394 -41.02 4.32 44.39
CA ALA D 394 -42.44 4.09 44.55
C ALA D 394 -42.74 3.60 45.97
N PRO D 395 -43.11 4.53 46.87
CA PRO D 395 -43.50 4.12 48.21
C PRO D 395 -45.00 3.82 48.30
N LEU D 396 -45.32 2.55 48.58
CA LEU D 396 -46.72 2.15 48.62
C LEU D 396 -47.30 2.28 50.03
N PHE D 397 -48.26 3.19 50.18
CA PHE D 397 -49.03 3.38 51.41
C PHE D 397 -50.31 2.55 51.34
N ARG D 398 -50.76 2.13 52.52
CA ARG D 398 -51.95 1.32 52.72
C ARG D 398 -53.09 2.22 53.21
N PHE D 399 -54.31 1.98 52.69
CA PHE D 399 -55.51 2.65 53.22
C PHE D 399 -56.75 1.73 53.22
N ALA D 400 -57.71 2.08 54.07
CA ALA D 400 -58.92 1.27 54.27
C ALA D 400 -60.19 1.97 53.75
N SER D 401 -60.67 2.98 54.47
CA SER D 401 -61.91 3.68 54.07
C SER D 401 -61.65 4.80 53.05
N GLU D 402 -62.73 5.29 52.45
CA GLU D 402 -62.65 6.45 51.55
C GLU D 402 -62.36 7.72 52.35
N GLU D 403 -63.10 7.93 53.44
CA GLU D 403 -62.94 9.09 54.29
C GLU D 403 -61.50 9.23 54.81
N GLU D 404 -60.88 8.08 55.11
CA GLU D 404 -59.49 8.02 55.53
C GLU D 404 -58.58 8.54 54.42
N LEU D 405 -58.77 8.01 53.21
CA LEU D 405 -57.92 8.37 52.06
C LEU D 405 -57.84 9.87 51.80
N VAL D 406 -58.99 10.54 51.83
CA VAL D 406 -59.06 11.97 51.59
C VAL D 406 -58.19 12.70 52.61
N ARG D 407 -58.30 12.29 53.88
CA ARG D 407 -57.47 12.89 54.93
C ARG D 407 -55.97 12.67 54.67
N LEU D 408 -55.59 11.45 54.33
CA LEU D 408 -54.19 11.15 54.06
C LEU D 408 -53.66 11.87 52.82
N ALA D 409 -54.42 11.83 51.73
CA ALA D 409 -54.04 12.49 50.48
C ALA D 409 -53.83 14.00 50.61
N ASN D 410 -54.66 14.66 51.42
CA ASN D 410 -54.57 16.10 51.66
C ASN D 410 -53.73 16.52 52.88
N ASP D 411 -53.21 15.55 53.63
CA ASP D 411 -52.34 15.86 54.76
C ASP D 411 -50.93 16.28 54.30
N THR D 412 -50.87 17.43 53.64
CA THR D 412 -49.63 18.02 53.12
C THR D 412 -49.88 19.46 52.74
N GLU D 413 -48.84 20.29 52.85
CA GLU D 413 -48.95 21.70 52.49
C GLU D 413 -49.01 21.92 50.97
N PHE D 414 -48.52 20.94 50.20
CA PHE D 414 -48.46 21.04 48.74
C PHE D 414 -49.71 20.50 48.07
N GLY D 415 -49.86 20.79 46.79
CA GLY D 415 -51.02 20.38 46.00
C GLY D 415 -50.94 20.70 44.51
N LEU D 416 -49.99 20.09 43.82
CA LEU D 416 -49.87 20.27 42.38
C LEU D 416 -50.73 19.23 41.69
N ALA D 417 -50.17 18.04 41.48
CA ALA D 417 -50.89 16.97 40.81
C ALA D 417 -51.37 15.92 41.79
N ALA D 418 -52.43 15.21 41.39
CA ALA D 418 -52.96 14.07 42.11
C ALA D 418 -53.41 13.06 41.06
N TYR D 419 -53.39 11.78 41.41
CA TYR D 419 -53.82 10.75 40.48
C TYR D 419 -54.80 9.82 41.19
N LEU D 420 -55.82 9.36 40.46
CA LEU D 420 -56.95 8.66 41.05
C LEU D 420 -57.47 7.57 40.14
N TYR D 421 -57.43 6.34 40.63
CA TYR D 421 -57.91 5.19 39.87
C TYR D 421 -59.07 4.53 40.58
N SER D 422 -60.21 4.55 39.92
CA SER D 422 -61.45 3.99 40.43
C SER D 422 -62.42 3.94 39.28
N ARG D 423 -63.40 3.05 39.40
CA ARG D 423 -64.25 2.75 38.27
C ARG D 423 -65.70 3.16 38.55
N ASP D 424 -66.00 3.43 39.82
CA ASP D 424 -67.31 3.90 40.23
C ASP D 424 -67.41 5.40 40.01
N ILE D 425 -68.37 5.78 39.16
CA ILE D 425 -68.55 7.18 38.76
C ILE D 425 -68.74 8.09 39.96
N GLY D 426 -69.52 7.62 40.94
CA GLY D 426 -69.86 8.41 42.13
C GLY D 426 -68.65 8.68 43.02
N ARG D 427 -67.76 7.69 43.10
CA ARG D 427 -66.56 7.77 43.94
C ARG D 427 -65.53 8.72 43.33
N VAL D 428 -65.30 8.55 42.04
CA VAL D 428 -64.39 9.40 41.27
C VAL D 428 -64.71 10.86 41.44
N TRP D 429 -66.00 11.19 41.40
CA TRP D 429 -66.44 12.59 41.58
C TRP D 429 -66.35 13.06 43.03
N ARG D 430 -66.74 12.21 43.98
CA ARG D 430 -66.63 12.56 45.39
C ARG D 430 -65.19 12.83 45.79
N VAL D 431 -64.29 11.94 45.34
CA VAL D 431 -62.89 12.04 45.71
C VAL D 431 -62.18 13.17 44.96
N ALA D 432 -62.36 13.21 43.64
CA ALA D 432 -61.77 14.26 42.82
C ALA D 432 -62.18 15.67 43.25
N GLU D 433 -63.39 15.82 43.79
CA GLU D 433 -63.82 17.10 44.32
C GLU D 433 -63.20 17.42 45.69
N ALA D 434 -62.98 16.38 46.49
CA ALA D 434 -62.44 16.56 47.84
C ALA D 434 -60.92 16.79 47.90
N LEU D 435 -60.20 16.31 46.88
CA LEU D 435 -58.74 16.48 46.79
C LEU D 435 -58.30 17.93 46.57
N GLU D 436 -57.54 18.47 47.52
CA GLU D 436 -56.96 19.82 47.42
C GLU D 436 -55.71 19.85 46.51
N TYR D 437 -55.96 19.79 45.20
CA TYR D 437 -54.92 19.76 44.17
C TYR D 437 -55.36 20.52 42.92
N GLY D 438 -54.39 21.15 42.24
CA GLY D 438 -54.68 21.89 41.02
C GLY D 438 -55.03 20.99 39.85
N MET D 439 -54.53 19.76 39.87
CA MET D 439 -54.76 18.81 38.77
C MET D 439 -54.96 17.39 39.30
N VAL D 440 -55.99 16.72 38.79
CA VAL D 440 -56.31 15.35 39.20
C VAL D 440 -56.46 14.48 37.96
N GLY D 441 -55.65 13.44 37.87
CA GLY D 441 -55.71 12.50 36.75
C GLY D 441 -56.63 11.36 37.09
N ILE D 442 -57.63 11.11 36.22
CA ILE D 442 -58.64 10.08 36.44
C ILE D 442 -58.40 8.85 35.57
N ASN D 443 -57.92 7.78 36.20
CA ASN D 443 -57.55 6.53 35.51
C ASN D 443 -56.45 6.72 34.44
N THR D 444 -55.52 7.64 34.70
CA THR D 444 -54.40 7.89 33.81
C THR D 444 -53.23 8.51 34.56
N GLY D 445 -52.01 8.22 34.11
CA GLY D 445 -50.79 8.69 34.79
C GLY D 445 -50.17 9.89 34.10
N LEU D 446 -50.60 10.11 32.86
CA LEU D 446 -50.15 11.24 32.04
C LEU D 446 -51.25 12.27 31.89
N ILE D 447 -51.03 13.46 32.43
CA ILE D 447 -52.03 14.53 32.36
C ILE D 447 -51.60 15.75 31.55
N SER D 448 -50.28 16.01 31.52
CA SER D 448 -49.73 17.23 30.91
C SER D 448 -50.03 17.35 29.43
N ASN D 449 -50.55 18.51 29.02
CA ASN D 449 -50.65 18.89 27.61
C ASN D 449 -50.75 20.42 27.51
N GLU D 450 -50.84 20.94 26.29
CA GLU D 450 -50.85 22.41 26.09
C GLU D 450 -52.20 23.12 26.29
N VAL D 451 -53.31 22.39 26.17
CA VAL D 451 -54.63 23.02 26.17
C VAL D 451 -55.26 23.10 27.56
N ALA D 452 -54.65 22.43 28.53
CA ALA D 452 -55.19 22.35 29.88
C ALA D 452 -54.43 23.24 30.85
N PRO D 453 -55.15 23.87 31.80
CA PRO D 453 -54.52 24.72 32.79
C PRO D 453 -53.68 23.93 33.77
N PHE D 454 -52.39 24.25 33.81
CA PHE D 454 -51.38 23.55 34.57
C PHE D 454 -50.92 24.42 35.73
N GLY D 455 -50.90 23.86 36.93
CA GLY D 455 -50.53 24.61 38.13
C GLY D 455 -51.11 24.01 39.39
N GLY D 456 -50.73 24.58 40.53
CA GLY D 456 -51.11 24.02 41.80
C GLY D 456 -51.88 24.96 42.69
N VAL D 457 -52.36 24.42 43.80
CA VAL D 457 -53.06 25.19 44.82
C VAL D 457 -52.17 25.17 46.04
N LYS D 458 -52.56 25.86 47.11
CA LYS D 458 -51.77 25.88 48.35
C LYS D 458 -50.29 26.21 48.08
N GLN D 459 -49.37 25.59 48.80
CA GLN D 459 -47.92 25.86 48.68
C GLN D 459 -47.33 25.40 47.37
N SER D 460 -48.20 25.00 46.45
CA SER D 460 -47.75 24.56 45.15
C SER D 460 -47.79 25.69 44.15
N GLY D 461 -48.27 26.85 44.59
CA GLY D 461 -48.08 28.07 43.81
C GLY D 461 -49.29 28.84 43.34
N LEU D 462 -49.08 29.66 42.32
CA LEU D 462 -50.05 30.64 41.86
C LEU D 462 -50.04 30.70 40.36
N GLY D 463 -51.22 30.77 39.76
CA GLY D 463 -51.34 30.93 38.33
C GLY D 463 -51.34 29.62 37.57
N ARG D 464 -51.63 29.71 36.29
CA ARG D 464 -51.74 28.52 35.45
C ARG D 464 -50.93 28.69 34.17
N GLU D 465 -50.39 27.58 33.67
CA GLU D 465 -49.63 27.58 32.43
C GLU D 465 -50.30 26.69 31.37
N GLY D 466 -50.18 27.07 30.10
CA GLY D 466 -50.96 26.42 29.05
C GLY D 466 -52.42 26.82 29.15
N SER D 467 -53.22 26.39 28.18
CA SER D 467 -54.65 26.77 28.07
C SER D 467 -54.88 28.28 27.88
N HIS D 468 -56.15 28.67 27.69
CA HIS D 468 -56.53 30.08 27.57
C HIS D 468 -56.22 30.87 28.84
N TYR D 469 -56.07 30.15 29.97
CA TYR D 469 -55.76 30.76 31.25
C TYR D 469 -54.28 31.18 31.35
N GLY D 470 -53.46 30.57 30.51
CA GLY D 470 -52.02 30.81 30.52
C GLY D 470 -51.63 32.24 30.23
N ILE D 471 -52.33 32.87 29.28
CA ILE D 471 -51.98 34.21 28.84
C ILE D 471 -52.42 35.35 29.81
N ASP D 472 -53.37 35.05 30.68
CA ASP D 472 -53.99 36.07 31.56
C ASP D 472 -53.02 36.76 32.51
N ASP D 473 -51.99 36.03 32.92
CA ASP D 473 -50.98 36.58 33.82
C ASP D 473 -49.98 37.48 33.09
N TYR D 474 -50.06 37.49 31.77
CA TYR D 474 -49.16 38.28 30.95
C TYR D 474 -49.79 39.57 30.43
N VAL D 475 -51.04 39.80 30.81
CA VAL D 475 -51.77 40.98 30.40
C VAL D 475 -52.39 41.70 31.58
N VAL D 476 -52.82 42.92 31.29
CA VAL D 476 -53.34 43.80 32.29
C VAL D 476 -54.73 44.32 31.83
N ILE D 477 -55.64 44.48 32.79
CA ILE D 477 -57.02 44.91 32.52
C ILE D 477 -57.18 46.43 32.59
N LYS D 478 -57.69 47.03 31.53
CA LYS D 478 -57.99 48.46 31.53
C LYS D 478 -59.46 48.71 31.31
N TYR D 479 -60.09 49.29 32.32
CA TYR D 479 -61.50 49.62 32.30
C TYR D 479 -61.65 51.04 31.82
N LEU D 480 -62.49 51.23 30.81
CA LEU D 480 -62.75 52.53 30.23
C LEU D 480 -64.20 52.96 30.46
N CYS D 481 -64.40 53.94 31.33
CA CYS D 481 -65.74 54.47 31.59
C CYS D 481 -65.99 55.67 30.69
N VAL D 482 -66.70 55.43 29.60
CA VAL D 482 -66.97 56.47 28.59
C VAL D 482 -68.31 57.17 28.80
N ALA D 483 -68.27 58.48 28.99
CA ALA D 483 -69.48 59.29 29.05
C ALA D 483 -70.06 59.43 27.65
N VAL D 484 -71.37 59.28 27.54
CA VAL D 484 -72.00 59.33 26.22
C VAL D 484 -73.10 60.39 26.17
N GLY E 3 -22.73 30.14 1.80
CA GLY E 3 -23.23 31.45 2.28
C GLY E 3 -24.44 31.90 1.47
N SER E 4 -24.18 32.61 0.37
CA SER E 4 -25.22 33.03 -0.56
C SER E 4 -25.12 32.26 -1.89
N MET E 5 -25.54 31.01 -1.85
CA MET E 5 -25.55 30.12 -3.01
C MET E 5 -26.76 29.20 -2.96
N LYS E 6 -27.47 29.09 -4.09
CA LYS E 6 -28.65 28.23 -4.19
C LYS E 6 -28.39 26.83 -3.63
N ASP E 7 -27.12 26.43 -3.63
CA ASP E 7 -26.70 25.14 -3.10
C ASP E 7 -25.30 25.27 -2.47
N PRO E 8 -25.26 25.57 -1.16
CA PRO E 8 -24.01 25.83 -0.43
C PRO E 8 -23.03 24.66 -0.43
N SER E 9 -23.53 23.46 -0.74
CA SER E 9 -22.73 22.23 -0.69
C SER E 9 -21.72 22.09 -1.85
N LEU E 10 -21.82 22.96 -2.85
CA LEU E 10 -20.89 22.97 -3.98
C LEU E 10 -19.51 23.51 -3.60
N LEU E 11 -19.46 24.35 -2.56
CA LEU E 11 -18.19 24.84 -2.04
C LEU E 11 -17.61 23.80 -1.10
N ARG E 12 -16.52 23.18 -1.53
CA ARG E 12 -15.93 22.06 -0.82
C ARG E 12 -14.61 22.49 -0.16
N HIS E 13 -14.38 22.01 1.05
CA HIS E 13 -13.17 22.32 1.76
C HIS E 13 -12.41 21.03 2.02
N GLN E 14 -12.77 19.99 1.27
CA GLN E 14 -12.09 18.70 1.30
C GLN E 14 -11.62 18.28 -0.10
N ALA E 15 -10.64 17.39 -0.16
CA ALA E 15 -10.17 16.84 -1.43
C ALA E 15 -10.96 15.59 -1.82
N TYR E 16 -10.99 15.29 -3.11
CA TYR E 16 -11.64 14.08 -3.60
C TYR E 16 -10.62 13.00 -3.86
N ILE E 17 -10.54 12.04 -2.95
CA ILE E 17 -9.51 11.00 -3.02
C ILE E 17 -10.13 9.61 -3.14
N GLY E 18 -10.05 9.05 -4.34
CA GLY E 18 -10.55 7.72 -4.64
C GLY E 18 -12.04 7.56 -4.44
N GLY E 19 -12.80 8.62 -4.69
CA GLY E 19 -14.25 8.60 -4.51
C GLY E 19 -14.70 9.05 -3.13
N GLU E 20 -13.73 9.21 -2.22
CA GLU E 20 -13.94 9.62 -0.84
C GLU E 20 -13.52 11.07 -0.61
N TRP E 21 -14.33 11.81 0.15
CA TRP E 21 -13.94 13.16 0.58
C TRP E 21 -13.10 13.08 1.86
N GLN E 22 -11.91 13.66 1.80
CA GLN E 22 -10.95 13.56 2.91
C GLN E 22 -10.26 14.88 3.21
N ALA E 23 -9.70 14.98 4.41
CA ALA E 23 -8.69 15.98 4.73
C ALA E 23 -7.32 15.31 4.64
N ALA E 24 -6.25 16.09 4.69
CA ALA E 24 -4.89 15.53 4.63
C ALA E 24 -4.60 14.61 5.81
N ASP E 25 -3.79 13.57 5.57
CA ASP E 25 -3.38 12.62 6.60
C ASP E 25 -2.78 13.31 7.84
N SER E 26 -2.14 14.45 7.61
CA SER E 26 -1.52 15.24 8.67
C SER E 26 -2.42 16.37 9.17
N ASP E 27 -3.61 16.48 8.57
CA ASP E 27 -4.60 17.54 8.88
C ASP E 27 -4.20 18.96 8.45
N ALA E 28 -3.06 19.09 7.77
CA ALA E 28 -2.61 20.38 7.23
C ALA E 28 -3.57 20.94 6.18
N THR E 29 -3.68 22.27 6.17
CA THR E 29 -4.51 23.01 5.23
C THR E 29 -3.81 24.32 4.86
N PHE E 30 -4.07 24.82 3.66
CA PHE E 30 -3.67 26.20 3.34
C PHE E 30 -4.91 27.03 3.08
N GLU E 31 -4.70 28.33 2.88
CA GLU E 31 -5.80 29.29 2.74
C GLU E 31 -5.98 29.75 1.29
N VAL E 32 -7.24 29.95 0.92
CA VAL E 32 -7.61 30.43 -0.42
C VAL E 32 -8.21 31.83 -0.28
N PHE E 33 -7.78 32.75 -1.14
CA PHE E 33 -8.21 34.15 -1.07
C PHE E 33 -8.87 34.63 -2.35
N ASP E 34 -9.80 35.57 -2.17
CA ASP E 34 -10.40 36.30 -3.28
C ASP E 34 -9.38 37.35 -3.72
N PRO E 35 -8.95 37.29 -5.00
CA PRO E 35 -7.98 38.24 -5.54
C PRO E 35 -8.52 39.66 -5.75
N ALA E 36 -9.81 39.86 -5.53
CA ALA E 36 -10.42 41.17 -5.73
C ALA E 36 -10.48 42.00 -4.44
N THR E 37 -10.55 41.31 -3.30
CA THR E 37 -10.79 41.96 -2.02
C THR E 37 -9.80 41.49 -0.95
N GLY E 38 -9.05 40.44 -1.27
CA GLY E 38 -8.03 39.91 -0.37
C GLY E 38 -8.58 39.10 0.79
N GLU E 39 -9.90 38.94 0.83
CA GLU E 39 -10.54 38.29 1.96
C GLU E 39 -10.42 36.77 1.89
N SER E 40 -10.48 36.14 3.07
CA SER E 40 -10.37 34.68 3.19
C SER E 40 -11.64 34.02 2.68
N LEU E 41 -11.48 32.95 1.92
CA LEU E 41 -12.63 32.26 1.35
C LEU E 41 -12.65 30.80 1.81
N GLY E 42 -12.02 30.54 2.96
CA GLY E 42 -12.00 29.22 3.57
C GLY E 42 -10.69 28.48 3.36
N THR E 43 -10.63 27.24 3.83
CA THR E 43 -9.42 26.42 3.74
C THR E 43 -9.62 25.12 2.94
N VAL E 44 -8.52 24.54 2.50
CA VAL E 44 -8.52 23.26 1.77
C VAL E 44 -7.35 22.41 2.25
N PRO E 45 -7.41 21.08 2.08
CA PRO E 45 -6.30 20.20 2.49
C PRO E 45 -4.95 20.59 1.89
N LYS E 46 -3.87 20.23 2.56
CA LYS E 46 -2.51 20.45 2.03
C LYS E 46 -1.83 19.10 1.96
N MET E 47 -2.20 18.34 0.94
CA MET E 47 -1.78 16.95 0.80
C MET E 47 -0.47 16.84 0.04
N GLY E 48 0.09 15.62 0.00
CA GLY E 48 1.35 15.36 -0.69
C GLY E 48 1.42 13.99 -1.34
N ALA E 49 2.57 13.34 -1.20
CA ALA E 49 2.82 12.05 -1.83
C ALA E 49 1.90 10.92 -1.36
N ALA E 50 1.61 10.88 -0.06
CA ALA E 50 0.83 9.79 0.52
C ALA E 50 -0.58 9.71 -0.10
N GLU E 51 -1.27 10.84 -0.16
CA GLU E 51 -2.64 10.85 -0.67
C GLU E 51 -2.70 10.75 -2.20
N THR E 52 -1.67 11.25 -2.88
CA THR E 52 -1.57 11.15 -4.33
C THR E 52 -1.40 9.69 -4.74
N ALA E 53 -0.65 8.93 -3.94
CA ALA E 53 -0.42 7.51 -4.22
C ALA E 53 -1.73 6.74 -4.10
N ARG E 54 -2.52 7.09 -3.09
CA ARG E 54 -3.80 6.45 -2.83
C ARG E 54 -4.79 6.78 -3.94
N ALA E 55 -4.74 8.03 -4.41
CA ALA E 55 -5.56 8.46 -5.56
C ALA E 55 -5.20 7.63 -6.79
N ILE E 56 -3.90 7.57 -7.08
CA ILE E 56 -3.39 6.78 -8.18
C ILE E 56 -3.76 5.30 -8.03
N GLU E 57 -3.62 4.75 -6.82
CA GLU E 57 -3.97 3.34 -6.57
C GLU E 57 -5.47 3.08 -6.76
N ALA E 58 -6.32 3.93 -6.20
CA ALA E 58 -7.78 3.81 -6.37
C ALA E 58 -8.19 3.87 -7.86
N ALA E 59 -7.48 4.68 -8.63
CA ALA E 59 -7.74 4.83 -10.06
C ALA E 59 -7.45 3.55 -10.83
N GLN E 60 -6.37 2.86 -10.43
CA GLN E 60 -6.03 1.55 -10.98
C GLN E 60 -7.08 0.52 -10.61
N ALA E 61 -7.56 0.59 -9.37
CA ALA E 61 -8.56 -0.36 -8.88
C ALA E 61 -9.90 -0.18 -9.62
N ALA E 62 -10.25 1.07 -9.89
CA ALA E 62 -11.53 1.38 -10.52
C ALA E 62 -11.53 1.19 -12.05
N TRP E 63 -10.35 1.02 -12.64
CA TRP E 63 -10.22 1.02 -14.10
C TRP E 63 -10.91 -0.17 -14.77
N ALA E 64 -10.69 -1.38 -14.26
CA ALA E 64 -11.28 -2.58 -14.87
C ALA E 64 -12.82 -2.51 -15.03
N GLY E 65 -13.49 -1.95 -14.04
CA GLY E 65 -14.96 -1.86 -14.05
C GLY E 65 -15.51 -0.72 -14.90
N TRP E 66 -14.72 0.34 -15.03
CA TRP E 66 -15.08 1.49 -15.83
C TRP E 66 -14.90 1.19 -17.32
N ARG E 67 -13.76 0.57 -17.67
CA ARG E 67 -13.48 0.19 -19.05
C ARG E 67 -14.43 -0.90 -19.56
N MET E 68 -14.95 -1.70 -18.64
CA MET E 68 -15.89 -2.77 -18.95
C MET E 68 -17.26 -2.27 -19.40
N LYS E 69 -17.63 -1.07 -18.95
CA LYS E 69 -18.83 -0.39 -19.43
C LYS E 69 -18.66 -0.10 -20.91
N THR E 70 -19.77 0.00 -21.63
CA THR E 70 -19.76 0.41 -23.04
C THR E 70 -19.56 1.91 -23.07
N ALA E 71 -19.18 2.43 -24.23
CA ALA E 71 -19.06 3.88 -24.40
C ALA E 71 -20.41 4.55 -24.14
N LYS E 72 -21.46 3.92 -24.66
CA LYS E 72 -22.86 4.34 -24.43
C LYS E 72 -23.16 4.54 -22.92
N GLU E 73 -22.85 3.53 -22.12
CA GLU E 73 -22.97 3.61 -20.67
C GLU E 73 -22.15 4.75 -20.05
N ARG E 74 -20.85 4.80 -20.35
CA ARG E 74 -20.02 5.90 -19.85
C ARG E 74 -20.58 7.24 -20.31
N ALA E 75 -21.12 7.29 -21.53
CA ALA E 75 -21.70 8.53 -22.07
C ALA E 75 -22.98 8.95 -21.35
N ALA E 76 -23.68 8.00 -20.76
CA ALA E 76 -24.90 8.29 -20.01
C ALA E 76 -24.57 8.99 -18.70
N ILE E 77 -23.53 8.51 -18.01
CA ILE E 77 -23.01 9.15 -16.82
C ILE E 77 -22.44 10.54 -17.13
N LEU E 78 -21.64 10.62 -18.19
CA LEU E 78 -20.98 11.85 -18.57
C LEU E 78 -22.00 12.91 -18.95
N ARG E 79 -23.11 12.46 -19.53
CA ARG E 79 -24.18 13.36 -19.93
C ARG E 79 -24.94 13.88 -18.71
N ARG E 80 -25.12 13.02 -17.72
CA ARG E 80 -25.76 13.41 -16.47
C ARG E 80 -24.90 14.40 -15.69
N TRP E 81 -23.59 14.32 -15.89
CA TRP E 81 -22.64 15.28 -15.34
C TRP E 81 -22.74 16.61 -16.07
N PHE E 82 -22.92 16.55 -17.39
CA PHE E 82 -23.14 17.72 -18.23
C PHE E 82 -24.44 18.45 -17.85
N ASP E 83 -25.49 17.68 -17.59
CA ASP E 83 -26.77 18.24 -17.16
C ASP E 83 -26.64 18.96 -15.83
N LEU E 84 -25.95 18.32 -14.88
CA LEU E 84 -25.71 18.93 -13.58
C LEU E 84 -24.96 20.26 -13.65
N VAL E 85 -23.96 20.34 -14.52
CA VAL E 85 -23.17 21.55 -14.68
C VAL E 85 -24.08 22.66 -15.22
N ILE E 86 -24.86 22.34 -16.26
CA ILE E 86 -25.79 23.29 -16.85
C ILE E 86 -26.79 23.76 -15.81
N ALA E 87 -27.31 22.83 -15.02
CA ALA E 87 -28.28 23.15 -13.97
C ALA E 87 -27.71 24.12 -12.93
N ASN E 88 -26.56 23.74 -12.37
CA ASN E 88 -25.91 24.55 -11.34
C ASN E 88 -24.96 25.60 -11.88
N SER E 89 -25.34 26.22 -13.00
CA SER E 89 -24.47 27.17 -13.68
C SER E 89 -24.14 28.38 -12.79
N ASP E 90 -25.18 29.16 -12.46
CA ASP E 90 -25.04 30.37 -11.64
C ASP E 90 -24.13 30.21 -10.42
N ASP E 91 -24.31 29.11 -9.69
CA ASP E 91 -23.49 28.83 -8.52
C ASP E 91 -22.02 28.62 -8.93
N LEU E 92 -21.77 27.61 -9.75
CA LEU E 92 -20.43 27.34 -10.29
C LEU E 92 -19.74 28.59 -10.81
N ALA E 93 -20.51 29.47 -11.47
CA ALA E 93 -19.98 30.73 -11.96
C ALA E 93 -19.58 31.70 -10.84
N LEU E 94 -20.33 31.69 -9.74
CA LEU E 94 -20.04 32.59 -8.62
C LEU E 94 -18.84 32.11 -7.81
N ILE E 95 -18.69 30.79 -7.69
CA ILE E 95 -17.48 30.18 -7.13
C ILE E 95 -16.28 30.66 -7.94
N LEU E 96 -16.39 30.50 -9.26
CA LEU E 96 -15.33 30.84 -10.18
C LEU E 96 -14.89 32.29 -9.98
N THR E 97 -15.82 33.22 -10.19
CA THR E 97 -15.57 34.65 -10.04
C THR E 97 -14.92 35.02 -8.71
N THR E 98 -15.43 34.43 -7.63
CA THR E 98 -14.92 34.66 -6.27
C THR E 98 -13.46 34.25 -6.11
N GLU E 99 -13.12 33.05 -6.60
CA GLU E 99 -11.79 32.49 -6.38
C GLU E 99 -10.77 32.88 -7.46
N GLN E 100 -11.27 33.29 -8.63
CA GLN E 100 -10.38 33.57 -9.75
C GLN E 100 -10.36 35.05 -10.17
N GLY E 101 -11.48 35.74 -10.01
CA GLY E 101 -11.52 37.17 -10.26
C GLY E 101 -12.30 37.60 -11.48
N LYS E 102 -12.49 36.71 -12.46
CA LYS E 102 -13.16 37.11 -13.69
C LYS E 102 -14.63 37.52 -13.48
N PRO E 103 -15.14 38.46 -14.29
CA PRO E 103 -16.53 38.91 -14.15
C PRO E 103 -17.51 37.75 -14.33
N LEU E 104 -18.58 37.75 -13.53
CA LEU E 104 -19.64 36.72 -13.62
C LEU E 104 -20.07 36.35 -15.04
N ALA E 105 -20.33 37.35 -15.88
CA ALA E 105 -20.73 37.10 -17.28
C ALA E 105 -19.73 36.18 -18.00
N GLU E 106 -18.46 36.35 -17.67
CA GLU E 106 -17.40 35.53 -18.23
C GLU E 106 -17.36 34.17 -17.57
N ALA E 107 -17.47 34.15 -16.25
CA ALA E 107 -17.53 32.90 -15.49
C ALA E 107 -18.64 32.01 -16.04
N LYS E 108 -19.81 32.62 -16.25
CA LYS E 108 -20.94 31.94 -16.85
C LYS E 108 -20.57 31.38 -18.22
N GLY E 109 -19.89 32.18 -19.03
CA GLY E 109 -19.43 31.77 -20.35
C GLY E 109 -18.46 30.62 -20.31
N GLU E 110 -17.60 30.61 -19.28
CA GLU E 110 -16.68 29.50 -19.07
C GLU E 110 -17.42 28.23 -18.66
N ILE E 111 -18.47 28.38 -17.85
CA ILE E 111 -19.24 27.22 -17.39
C ILE E 111 -19.95 26.54 -18.56
N ALA E 112 -20.45 27.34 -19.50
CA ALA E 112 -21.05 26.83 -20.75
C ALA E 112 -20.01 26.11 -21.63
N TYR E 113 -18.84 26.71 -21.73
CA TYR E 113 -17.69 26.18 -22.45
C TYR E 113 -17.20 24.84 -21.85
N ALA E 114 -17.06 24.79 -20.54
CA ALA E 114 -16.71 23.55 -19.85
C ALA E 114 -17.72 22.45 -20.17
N ALA E 115 -19.00 22.74 -19.92
CA ALA E 115 -20.10 21.84 -20.23
C ALA E 115 -20.05 21.29 -21.66
N SER E 116 -19.73 22.15 -22.62
CA SER E 116 -19.70 21.72 -24.01
C SER E 116 -18.55 20.74 -24.30
N PHE E 117 -17.43 20.85 -23.57
CA PHE E 117 -16.39 19.82 -23.63
C PHE E 117 -16.86 18.48 -23.09
N ILE E 118 -17.54 18.49 -21.95
CA ILE E 118 -18.09 17.26 -21.35
C ILE E 118 -19.00 16.57 -22.35
N GLU E 119 -19.93 17.31 -22.92
CA GLU E 119 -20.88 16.79 -23.91
C GLU E 119 -20.15 16.24 -25.13
N TRP E 120 -19.23 17.03 -25.68
CA TRP E 120 -18.46 16.61 -26.84
C TRP E 120 -17.77 15.25 -26.70
N PHE E 121 -17.12 15.01 -25.57
CA PHE E 121 -16.35 13.78 -25.40
C PHE E 121 -17.19 12.56 -25.08
N ALA E 122 -18.37 12.78 -24.50
CA ALA E 122 -19.37 11.73 -24.35
C ALA E 122 -19.69 11.18 -25.73
N GLU E 123 -19.82 12.07 -26.69
CA GLU E 123 -20.06 11.69 -28.06
C GLU E 123 -18.81 11.12 -28.73
N GLU E 124 -17.64 11.72 -28.50
CA GLU E 124 -16.42 11.20 -29.06
C GLU E 124 -16.16 9.78 -28.62
N GLY E 125 -16.40 9.51 -27.34
CA GLY E 125 -16.14 8.20 -26.76
C GLY E 125 -16.78 7.07 -27.55
N LYS E 126 -17.93 7.36 -28.15
CA LYS E 126 -18.69 6.36 -28.89
C LYS E 126 -18.16 6.14 -30.31
N ARG E 127 -17.07 6.83 -30.64
CA ARG E 127 -16.60 6.89 -32.02
C ARG E 127 -15.10 6.62 -32.18
N VAL E 128 -14.45 6.19 -31.10
CA VAL E 128 -13.05 5.80 -31.15
C VAL E 128 -12.98 4.55 -32.04
N ALA E 129 -12.25 4.66 -33.15
CA ALA E 129 -12.29 3.62 -34.18
C ALA E 129 -10.92 3.09 -34.60
N GLY E 130 -10.88 1.83 -34.98
CA GLY E 130 -9.65 1.19 -35.46
C GLY E 130 -9.76 0.88 -36.94
N ASP E 131 -9.05 -0.16 -37.38
CA ASP E 131 -8.84 -0.41 -38.80
C ASP E 131 -8.94 -1.86 -39.17
N THR E 132 -9.59 -2.13 -40.29
CA THR E 132 -9.36 -3.36 -41.03
C THR E 132 -8.69 -2.96 -42.34
N LEU E 133 -7.47 -3.43 -42.55
CA LEU E 133 -6.62 -2.98 -43.66
C LEU E 133 -6.34 -4.11 -44.65
N PRO E 134 -6.06 -3.75 -45.93
CA PRO E 134 -5.69 -4.74 -46.94
C PRO E 134 -4.40 -5.43 -46.55
N THR E 135 -4.41 -6.76 -46.57
CA THR E 135 -3.25 -7.50 -46.12
C THR E 135 -2.15 -7.61 -47.19
N PRO E 136 -0.87 -7.57 -46.76
CA PRO E 136 0.25 -7.82 -47.66
C PRO E 136 0.75 -9.28 -47.63
N ASP E 137 0.03 -10.14 -46.92
CA ASP E 137 0.25 -11.60 -46.94
C ASP E 137 -1.11 -12.29 -46.87
N ALA E 138 -1.46 -12.97 -47.95
CA ALA E 138 -2.75 -13.67 -48.09
C ALA E 138 -3.14 -14.50 -46.87
N ASN E 139 -2.13 -15.06 -46.20
CA ASN E 139 -2.35 -15.90 -45.01
C ASN E 139 -2.65 -15.13 -43.72
N LYS E 140 -2.58 -13.80 -43.79
CA LYS E 140 -2.74 -12.94 -42.61
C LYS E 140 -3.91 -11.97 -42.77
N ARG E 141 -4.45 -11.54 -41.64
CA ARG E 141 -5.44 -10.47 -41.59
C ARG E 141 -4.98 -9.39 -40.61
N ILE E 142 -5.14 -8.13 -41.02
CA ILE E 142 -4.78 -7.03 -40.15
C ILE E 142 -6.01 -6.36 -39.54
N VAL E 143 -6.21 -6.59 -38.25
CA VAL E 143 -7.23 -5.88 -37.51
C VAL E 143 -6.49 -4.94 -36.57
N VAL E 144 -6.98 -3.71 -36.49
CA VAL E 144 -6.45 -2.73 -35.56
C VAL E 144 -7.59 -2.26 -34.68
N VAL E 145 -7.38 -2.30 -33.38
CA VAL E 145 -8.35 -1.80 -32.40
C VAL E 145 -7.68 -0.82 -31.43
N LYS E 146 -8.50 -0.03 -30.76
CA LYS E 146 -8.05 0.98 -29.80
C LYS E 146 -8.64 0.70 -28.45
N GLU E 147 -7.84 0.89 -27.40
CA GLU E 147 -8.33 0.73 -26.04
C GLU E 147 -7.71 1.79 -25.11
N PRO E 148 -8.33 2.01 -23.92
CA PRO E 148 -7.82 3.02 -22.99
C PRO E 148 -6.36 2.77 -22.60
N ILE E 149 -5.61 3.85 -22.39
CA ILE E 149 -4.18 3.80 -22.08
C ILE E 149 -3.89 3.29 -20.68
N GLY E 150 -4.78 3.58 -19.74
CA GLY E 150 -4.56 3.27 -18.34
C GLY E 150 -4.79 4.49 -17.47
N VAL E 151 -4.29 4.44 -16.24
CA VAL E 151 -4.45 5.56 -15.33
C VAL E 151 -3.78 6.80 -15.93
N CYS E 152 -4.56 7.89 -16.02
CA CYS E 152 -4.11 9.19 -16.52
C CYS E 152 -4.05 10.19 -15.40
N ALA E 153 -3.29 11.27 -15.62
CA ALA E 153 -3.20 12.35 -14.67
C ALA E 153 -3.30 13.71 -15.37
N ALA E 154 -3.76 14.71 -14.64
CA ALA E 154 -3.94 16.05 -15.20
C ALA E 154 -3.50 17.10 -14.19
N ILE E 155 -2.66 18.02 -14.66
CA ILE E 155 -2.28 19.18 -13.85
C ILE E 155 -2.81 20.38 -14.61
N THR E 156 -3.67 21.14 -13.95
CA THR E 156 -4.43 22.21 -14.59
C THR E 156 -4.10 23.57 -13.98
N PRO E 157 -4.19 24.65 -14.79
CA PRO E 157 -3.89 25.99 -14.32
C PRO E 157 -5.09 26.72 -13.69
N TRP E 158 -4.84 27.95 -13.23
CA TRP E 158 -5.84 28.79 -12.58
C TRP E 158 -6.62 29.71 -13.52
N ASN E 159 -6.13 29.92 -14.74
CA ASN E 159 -6.78 30.88 -15.66
C ASN E 159 -8.19 30.49 -16.08
N PHE E 160 -8.42 29.20 -16.31
CA PHE E 160 -9.76 28.70 -16.56
C PHE E 160 -10.04 27.52 -15.63
N PRO E 161 -10.40 27.82 -14.37
CA PRO E 161 -10.41 26.79 -13.32
C PRO E 161 -11.48 25.73 -13.45
N ALA E 162 -12.45 25.94 -14.33
CA ALA E 162 -13.49 24.94 -14.60
C ALA E 162 -13.27 24.24 -15.95
N ALA E 163 -13.08 25.04 -16.99
CA ALA E 163 -12.97 24.50 -18.34
C ALA E 163 -11.84 23.47 -18.44
N MET E 164 -10.75 23.75 -17.72
CA MET E 164 -9.58 22.88 -17.69
C MET E 164 -9.86 21.49 -17.13
N ILE E 165 -10.70 21.43 -16.10
CA ILE E 165 -11.10 20.16 -15.51
C ILE E 165 -11.85 19.34 -16.55
N ALA E 166 -12.85 19.96 -17.18
CA ALA E 166 -13.70 19.31 -18.18
C ALA E 166 -12.91 18.90 -19.41
N ARG E 167 -11.94 19.74 -19.78
CA ARG E 167 -11.12 19.52 -20.96
C ARG E 167 -10.19 18.36 -20.80
N LYS E 168 -9.91 17.99 -19.57
CA LYS E 168 -8.94 16.93 -19.32
C LYS E 168 -9.54 15.66 -18.75
N VAL E 169 -10.72 15.80 -18.12
CA VAL E 169 -11.40 14.67 -17.50
C VAL E 169 -12.32 14.01 -18.51
N GLY E 170 -13.04 14.84 -19.25
CA GLY E 170 -13.93 14.38 -20.31
C GLY E 170 -13.30 13.37 -21.26
N PRO E 171 -12.21 13.76 -21.96
CA PRO E 171 -11.72 12.81 -22.96
C PRO E 171 -11.14 11.56 -22.29
N ALA E 172 -10.56 11.71 -21.11
CA ALA E 172 -10.03 10.60 -20.34
C ALA E 172 -11.16 9.63 -20.02
N LEU E 173 -12.15 10.10 -19.24
CA LEU E 173 -13.30 9.25 -18.89
C LEU E 173 -13.99 8.65 -20.11
N ALA E 174 -14.28 9.47 -21.11
CA ALA E 174 -14.85 9.01 -22.39
C ALA E 174 -14.09 7.85 -23.04
N ALA E 175 -12.75 7.93 -22.99
CA ALA E 175 -11.88 6.92 -23.57
C ALA E 175 -11.83 5.62 -22.76
N GLY E 176 -12.43 5.65 -21.57
CA GLY E 176 -12.46 4.50 -20.67
C GLY E 176 -11.37 4.54 -19.62
N CYS E 177 -10.88 5.75 -19.32
CA CYS E 177 -9.73 5.94 -18.41
C CYS E 177 -10.10 6.59 -17.07
N PRO E 178 -9.48 6.12 -15.97
CA PRO E 178 -9.58 6.85 -14.72
C PRO E 178 -8.60 8.01 -14.75
N ILE E 179 -8.84 9.02 -13.93
CA ILE E 179 -7.96 10.17 -13.96
C ILE E 179 -7.77 10.74 -12.56
N VAL E 180 -6.55 11.17 -12.30
CA VAL E 180 -6.22 11.86 -11.07
C VAL E 180 -5.81 13.28 -11.47
N VAL E 181 -6.48 14.26 -10.85
CA VAL E 181 -6.33 15.66 -11.25
C VAL E 181 -5.81 16.49 -10.09
N LYS E 182 -4.73 17.23 -10.33
CA LYS E 182 -4.21 18.19 -9.37
C LYS E 182 -4.41 19.61 -9.91
N PRO E 183 -5.48 20.29 -9.45
CA PRO E 183 -5.84 21.61 -9.92
C PRO E 183 -4.92 22.66 -9.33
N ALA E 184 -5.03 23.90 -9.80
CA ALA E 184 -4.20 24.98 -9.29
C ALA E 184 -4.58 25.34 -7.84
N GLU E 185 -3.57 25.64 -7.02
CA GLU E 185 -3.81 25.99 -5.60
C GLU E 185 -4.44 27.38 -5.43
N SER E 186 -4.34 28.24 -6.44
CA SER E 186 -5.11 29.49 -6.49
C SER E 186 -6.63 29.29 -6.56
N THR E 187 -7.09 28.27 -7.29
CA THR E 187 -8.51 28.17 -7.67
C THR E 187 -9.05 26.73 -7.65
N PRO E 188 -9.05 26.08 -6.47
CA PRO E 188 -9.39 24.66 -6.42
C PRO E 188 -10.89 24.37 -6.23
N PHE E 189 -11.66 25.37 -5.84
CA PHE E 189 -13.07 25.18 -5.54
C PHE E 189 -13.84 24.77 -6.78
N SER E 190 -13.52 25.40 -7.92
CA SER E 190 -14.13 25.07 -9.22
C SER E 190 -13.86 23.61 -9.57
N ALA E 191 -12.62 23.17 -9.37
CA ALA E 191 -12.29 21.76 -9.57
C ALA E 191 -13.07 20.86 -8.61
N LEU E 192 -13.13 21.23 -7.33
CA LEU E 192 -13.86 20.46 -6.32
C LEU E 192 -15.37 20.43 -6.56
N ALA E 193 -15.93 21.57 -6.94
CA ALA E 193 -17.34 21.66 -7.34
C ALA E 193 -17.68 20.65 -8.43
N MET E 194 -16.93 20.72 -9.53
CA MET E 194 -17.07 19.83 -10.69
C MET E 194 -17.03 18.38 -10.26
N ALA E 195 -16.15 18.06 -9.32
CA ALA E 195 -16.00 16.70 -8.81
C ALA E 195 -17.25 16.23 -8.08
N PHE E 196 -17.82 17.12 -7.26
CA PHE E 196 -19.02 16.84 -6.50
C PHE E 196 -20.19 16.54 -7.44
N LEU E 197 -20.29 17.29 -8.53
CA LEU E 197 -21.30 17.05 -9.56
C LEU E 197 -21.07 15.72 -10.25
N ALA E 198 -19.82 15.43 -10.57
CA ALA E 198 -19.43 14.16 -11.17
C ALA E 198 -19.82 12.96 -10.30
N GLU E 199 -19.60 13.09 -8.98
CA GLU E 199 -20.03 12.09 -8.01
C GLU E 199 -21.55 11.90 -8.07
N ARG E 200 -22.29 13.01 -8.02
CA ARG E 200 -23.75 12.98 -8.13
C ARG E 200 -24.28 12.44 -9.46
N ALA E 201 -23.44 12.44 -10.50
CA ALA E 201 -23.85 11.99 -11.82
C ALA E 201 -23.73 10.47 -11.97
N GLY E 202 -22.95 9.87 -11.09
CA GLY E 202 -22.82 8.42 -11.06
C GLY E 202 -21.46 7.86 -11.42
N VAL E 203 -20.45 8.73 -11.52
CA VAL E 203 -19.08 8.32 -11.80
C VAL E 203 -18.57 7.46 -10.65
N PRO E 204 -18.32 6.16 -10.91
CA PRO E 204 -17.94 5.24 -9.82
C PRO E 204 -16.70 5.68 -9.05
N LYS E 205 -16.69 5.40 -7.75
CA LYS E 205 -15.61 5.79 -6.84
C LYS E 205 -14.21 5.39 -7.33
N GLY E 206 -13.35 6.38 -7.52
CA GLY E 206 -11.94 6.13 -7.86
C GLY E 206 -11.61 6.40 -9.31
N VAL E 207 -12.63 6.58 -10.12
CA VAL E 207 -12.48 6.91 -11.53
C VAL E 207 -12.00 8.36 -11.69
N LEU E 208 -12.50 9.24 -10.83
CA LEU E 208 -12.02 10.62 -10.77
C LEU E 208 -11.52 10.99 -9.37
N SER E 209 -10.27 11.44 -9.27
CA SER E 209 -9.75 12.02 -8.02
C SER E 209 -9.28 13.45 -8.24
N VAL E 210 -9.43 14.26 -7.20
CA VAL E 210 -8.99 15.66 -7.24
C VAL E 210 -8.12 15.91 -6.01
N VAL E 211 -6.81 16.06 -6.26
CA VAL E 211 -5.81 16.16 -5.19
C VAL E 211 -5.41 17.61 -4.99
N ILE E 212 -5.36 18.03 -3.73
CA ILE E 212 -5.12 19.42 -3.38
C ILE E 212 -3.97 19.54 -2.39
N GLY E 213 -3.06 20.46 -2.65
CA GLY E 213 -2.00 20.74 -1.68
C GLY E 213 -0.68 21.23 -2.24
N ASP E 214 0.38 20.48 -1.96
CA ASP E 214 1.75 20.87 -2.31
C ASP E 214 2.07 20.45 -3.74
N PRO E 215 2.15 21.43 -4.67
CA PRO E 215 2.33 21.17 -6.09
C PRO E 215 3.58 20.35 -6.39
N LYS E 216 4.66 20.61 -5.65
CA LYS E 216 5.93 19.91 -5.84
C LYS E 216 5.82 18.44 -5.40
N ALA E 217 5.27 18.20 -4.21
CA ALA E 217 5.10 16.84 -3.71
C ALA E 217 4.12 16.01 -4.56
N ILE E 218 2.91 16.54 -4.76
CA ILE E 218 1.90 15.85 -5.58
C ILE E 218 2.40 15.60 -7.00
N GLY E 219 3.13 16.57 -7.56
CA GLY E 219 3.70 16.46 -8.90
C GLY E 219 4.79 15.40 -9.00
N THR E 220 5.65 15.35 -7.99
CA THR E 220 6.74 14.36 -7.97
C THR E 220 6.20 12.93 -7.85
N GLU E 221 5.10 12.77 -7.11
CA GLU E 221 4.44 11.45 -7.01
C GLU E 221 3.83 11.03 -8.35
N ILE E 222 3.17 11.96 -9.04
CA ILE E 222 2.58 11.72 -10.36
C ILE E 222 3.63 11.29 -11.42
N THR E 223 4.74 12.01 -11.50
CA THR E 223 5.73 11.74 -12.54
C THR E 223 6.61 10.53 -12.24
N SER E 224 6.83 10.23 -10.97
CA SER E 224 7.64 9.07 -10.61
C SER E 224 6.84 7.77 -10.67
N ASN E 225 5.58 7.83 -10.24
CA ASN E 225 4.70 6.65 -10.16
C ASN E 225 4.51 5.89 -11.49
N PRO E 226 4.79 4.58 -11.50
CA PRO E 226 4.64 3.82 -12.75
C PRO E 226 3.18 3.59 -13.18
N ILE E 227 2.25 3.59 -12.23
CA ILE E 227 0.83 3.33 -12.57
C ILE E 227 0.31 4.36 -13.57
N VAL E 228 0.72 5.62 -13.39
CA VAL E 228 0.38 6.70 -14.29
C VAL E 228 1.04 6.48 -15.64
N ARG E 229 0.20 6.22 -16.65
CA ARG E 229 0.69 5.87 -17.97
C ARG E 229 0.65 7.04 -18.95
N LYS E 230 -0.21 8.01 -18.67
CA LYS E 230 -0.17 9.29 -19.38
C LYS E 230 -0.47 10.47 -18.47
N LEU E 231 0.08 11.62 -18.82
CA LEU E 231 -0.06 12.81 -18.01
C LEU E 231 -0.38 14.00 -18.91
N SER E 232 -1.26 14.88 -18.45
CA SER E 232 -1.63 16.05 -19.23
C SER E 232 -1.38 17.34 -18.48
N PHE E 233 -0.51 18.18 -19.01
CA PHE E 233 -0.12 19.41 -18.33
C PHE E 233 -0.50 20.67 -19.10
N THR E 234 -1.06 21.64 -18.37
CA THR E 234 -1.35 22.95 -18.92
C THR E 234 -0.84 24.05 -18.00
N GLY E 235 0.19 24.75 -18.45
CA GLY E 235 0.84 25.81 -17.70
C GLY E 235 2.08 26.26 -18.42
N SER E 236 3.03 26.81 -17.68
CA SER E 236 4.22 27.42 -18.27
C SER E 236 5.08 26.40 -19.02
N THR E 237 5.80 26.89 -20.03
CA THR E 237 6.77 26.10 -20.76
C THR E 237 7.88 25.61 -19.84
N ALA E 238 8.40 26.50 -18.99
CA ALA E 238 9.49 26.16 -18.08
C ALA E 238 9.19 24.93 -17.23
N VAL E 239 7.97 24.86 -16.68
CA VAL E 239 7.51 23.74 -15.87
C VAL E 239 7.15 22.52 -16.73
N GLY E 240 6.63 22.76 -17.92
CA GLY E 240 6.40 21.68 -18.88
C GLY E 240 7.65 20.90 -19.20
N ARG E 241 8.77 21.60 -19.36
CA ARG E 241 10.07 20.98 -19.68
C ARG E 241 10.52 20.08 -18.54
N LEU E 242 10.31 20.56 -17.31
CA LEU E 242 10.60 19.79 -16.11
C LEU E 242 9.76 18.52 -16.03
N LEU E 243 8.44 18.68 -16.10
CA LEU E 243 7.53 17.52 -16.02
C LEU E 243 7.84 16.43 -17.06
N MET E 244 8.24 16.84 -18.26
CA MET E 244 8.59 15.87 -19.29
C MET E 244 9.82 15.08 -18.88
N ALA E 245 10.82 15.77 -18.31
CA ALA E 245 12.03 15.14 -17.79
C ALA E 245 11.70 14.14 -16.68
N GLN E 246 10.95 14.61 -15.69
CA GLN E 246 10.47 13.77 -14.58
C GLN E 246 9.64 12.57 -15.08
N SER E 247 8.98 12.73 -16.21
CA SER E 247 8.15 11.65 -16.76
C SER E 247 8.92 10.68 -17.65
N ALA E 248 10.20 10.98 -17.91
CA ALA E 248 11.03 10.12 -18.78
C ALA E 248 11.29 8.67 -18.26
N PRO E 249 11.60 8.50 -16.97
CA PRO E 249 11.92 7.13 -16.50
C PRO E 249 10.83 6.08 -16.76
N THR E 250 9.59 6.52 -16.94
CA THR E 250 8.47 5.59 -17.18
C THR E 250 7.79 5.80 -18.52
N VAL E 251 8.40 6.66 -19.34
CA VAL E 251 8.07 6.77 -20.76
C VAL E 251 6.58 7.10 -20.95
N LYS E 252 6.14 8.10 -20.19
CA LYS E 252 4.74 8.48 -20.14
C LYS E 252 4.28 9.20 -21.40
N LYS E 253 3.04 8.96 -21.78
CA LYS E 253 2.40 9.70 -22.84
C LYS E 253 2.07 11.09 -22.31
N LEU E 254 2.32 12.10 -23.13
CA LEU E 254 2.27 13.47 -22.67
C LEU E 254 1.47 14.36 -23.60
N THR E 255 0.47 15.03 -23.04
CA THR E 255 -0.15 16.17 -23.66
C THR E 255 0.35 17.39 -22.91
N LEU E 256 1.01 18.30 -23.62
CA LEU E 256 1.51 19.53 -23.01
C LEU E 256 0.93 20.78 -23.68
N GLU E 257 0.12 21.53 -22.94
CA GLU E 257 -0.43 22.79 -23.42
C GLU E 257 0.33 23.92 -22.73
N LEU E 258 1.35 24.44 -23.42
CA LEU E 258 2.32 25.35 -22.79
C LEU E 258 2.12 26.79 -23.24
N GLY E 259 3.08 27.65 -22.89
CA GLY E 259 3.01 29.07 -23.24
C GLY E 259 3.21 29.36 -24.71
N GLY E 260 2.67 30.51 -25.13
CA GLY E 260 2.83 31.01 -26.48
C GLY E 260 3.34 32.42 -26.45
N ASN E 261 3.16 33.14 -27.56
CA ASN E 261 3.56 34.54 -27.70
C ASN E 261 2.77 35.07 -28.88
N ALA E 262 1.45 35.10 -28.71
CA ALA E 262 0.52 35.29 -29.81
C ALA E 262 0.67 36.64 -30.53
N PRO E 263 0.99 36.59 -31.84
CA PRO E 263 1.01 37.80 -32.66
C PRO E 263 -0.40 38.11 -33.16
N PHE E 264 -0.81 39.37 -33.09
CA PHE E 264 -2.09 39.82 -33.62
C PHE E 264 -1.79 40.72 -34.79
N ILE E 265 -2.02 40.21 -36.00
CA ILE E 265 -1.56 40.86 -37.21
C ILE E 265 -2.69 41.65 -37.86
N VAL E 266 -2.47 42.95 -37.99
CA VAL E 266 -3.43 43.85 -38.65
C VAL E 266 -2.80 44.45 -39.91
N PHE E 267 -3.27 44.01 -41.07
CA PHE E 267 -2.71 44.45 -42.35
C PHE E 267 -3.25 45.78 -42.89
N ASP E 268 -2.52 46.29 -43.88
CA ASP E 268 -2.87 47.40 -44.74
C ASP E 268 -4.38 47.50 -45.02
N ASP E 269 -5.00 46.36 -45.37
CA ASP E 269 -6.34 46.36 -45.92
C ASP E 269 -7.42 45.84 -44.97
N ALA E 270 -7.07 45.75 -43.68
CA ALA E 270 -7.97 45.19 -42.68
C ALA E 270 -9.17 46.10 -42.40
N ASP E 271 -10.27 45.49 -41.98
CA ASP E 271 -11.42 46.22 -41.47
C ASP E 271 -11.06 46.65 -40.05
N LEU E 272 -10.58 47.89 -39.93
CA LEU E 272 -10.01 48.39 -38.68
C LEU E 272 -10.97 48.28 -37.49
N ASP E 273 -12.26 48.47 -37.74
CA ASP E 273 -13.27 48.32 -36.69
C ASP E 273 -13.37 46.88 -36.21
N ALA E 274 -13.36 45.94 -37.16
CA ALA E 274 -13.37 44.52 -36.86
C ALA E 274 -12.10 44.07 -36.14
N ALA E 275 -10.95 44.58 -36.56
CA ALA E 275 -9.68 44.28 -35.89
C ALA E 275 -9.66 44.77 -34.44
N VAL E 276 -10.25 45.95 -34.21
CA VAL E 276 -10.34 46.48 -32.84
C VAL E 276 -11.23 45.58 -32.00
N GLU E 277 -12.39 45.19 -32.53
CA GLU E 277 -13.26 44.25 -31.85
C GLU E 277 -12.50 42.98 -31.43
N GLY E 278 -11.71 42.44 -32.36
CA GLY E 278 -10.87 41.27 -32.11
C GLY E 278 -9.72 41.55 -31.15
N ALA E 279 -9.12 42.74 -31.28
CA ALA E 279 -8.10 43.15 -30.33
C ALA E 279 -8.60 43.12 -28.89
N ILE E 280 -9.78 43.69 -28.66
CA ILE E 280 -10.39 43.70 -27.33
C ILE E 280 -10.64 42.29 -26.83
N ALA E 281 -11.11 41.42 -27.72
CA ALA E 281 -11.49 40.07 -27.34
C ALA E 281 -10.27 39.17 -27.17
N SER E 282 -9.30 39.28 -28.07
CA SER E 282 -8.07 38.49 -28.01
C SER E 282 -7.12 38.92 -26.91
N LYS E 283 -7.24 40.17 -26.45
CA LYS E 283 -6.30 40.76 -25.50
C LYS E 283 -6.85 40.95 -24.08
N TYR E 284 -8.08 41.46 -23.96
CA TYR E 284 -8.60 41.88 -22.64
C TYR E 284 -9.61 40.93 -22.01
N ARG E 285 -10.02 39.91 -22.76
CA ARG E 285 -10.78 38.81 -22.21
C ARG E 285 -9.97 38.23 -21.03
N ASN E 286 -10.68 37.89 -19.95
CA ASN E 286 -10.06 37.36 -18.73
C ASN E 286 -8.86 38.19 -18.28
N ASN E 287 -8.96 39.51 -18.46
CA ASN E 287 -7.93 40.50 -18.12
C ASN E 287 -6.56 40.23 -18.77
N GLY E 288 -6.58 39.63 -19.96
CA GLY E 288 -5.36 39.26 -20.68
C GLY E 288 -4.66 38.01 -20.18
N GLN E 289 -5.32 37.23 -19.33
CA GLN E 289 -4.67 36.07 -18.69
C GLN E 289 -4.97 34.70 -19.31
N THR E 290 -5.39 34.68 -20.57
CA THR E 290 -5.61 33.43 -21.28
C THR E 290 -4.31 33.04 -21.98
N CYS E 291 -4.12 31.73 -22.21
CA CYS E 291 -2.93 31.21 -22.85
C CYS E 291 -2.87 31.60 -24.32
N VAL E 292 -4.03 31.90 -24.89
CA VAL E 292 -4.11 32.30 -26.30
C VAL E 292 -4.15 33.81 -26.48
N CYS E 293 -4.03 34.55 -25.38
CA CYS E 293 -4.08 36.01 -25.44
C CYS E 293 -3.07 36.56 -26.38
N THR E 294 -3.43 37.67 -27.03
CA THR E 294 -2.50 38.41 -27.85
C THR E 294 -1.37 38.86 -26.93
N ASN E 295 -0.13 38.64 -27.36
CA ASN E 295 1.02 39.16 -26.62
C ASN E 295 1.73 40.29 -27.36
N ARG E 296 1.61 40.27 -28.69
CA ARG E 296 2.25 41.25 -29.55
C ARG E 296 1.28 41.69 -30.62
N PHE E 297 0.88 42.95 -30.61
CA PHE E 297 0.16 43.50 -31.74
C PHE E 297 1.13 43.94 -32.84
N PHE E 298 0.94 43.40 -34.04
CA PHE E 298 1.71 43.84 -35.21
C PHE E 298 0.79 44.57 -36.16
N VAL E 299 1.06 45.87 -36.32
CA VAL E 299 0.20 46.73 -37.12
C VAL E 299 0.98 47.35 -38.27
N HIS E 300 0.40 47.29 -39.46
CA HIS E 300 1.05 47.83 -40.65
C HIS E 300 1.27 49.32 -40.53
N GLU E 301 2.48 49.74 -40.84
CA GLU E 301 2.86 51.13 -40.92
C GLU E 301 1.72 52.04 -41.35
N ARG E 302 1.04 51.64 -42.42
CA ARG E 302 0.12 52.50 -43.15
C ARG E 302 -1.19 52.77 -42.41
N VAL E 303 -1.45 51.99 -41.36
CA VAL E 303 -2.69 52.12 -40.59
C VAL E 303 -2.44 52.19 -39.09
N TYR E 304 -1.16 52.21 -38.72
CA TYR E 304 -0.74 52.30 -37.32
C TYR E 304 -1.55 53.31 -36.51
N ASP E 305 -1.51 54.58 -36.93
CA ASP E 305 -2.19 55.67 -36.21
C ASP E 305 -3.70 55.43 -36.03
N ALA E 306 -4.38 55.16 -37.15
CA ALA E 306 -5.81 54.90 -37.14
C ALA E 306 -6.20 53.77 -36.18
N PHE E 307 -5.41 52.70 -36.16
CA PHE E 307 -5.69 51.56 -35.30
C PHE E 307 -5.51 51.88 -33.81
N ALA E 308 -4.41 52.56 -33.48
CA ALA E 308 -4.11 52.88 -32.09
C ALA E 308 -5.21 53.76 -31.49
N ASP E 309 -5.62 54.78 -32.22
CA ASP E 309 -6.71 55.65 -31.80
C ASP E 309 -7.95 54.80 -31.49
N LYS E 310 -8.32 53.95 -32.43
CA LYS E 310 -9.51 53.10 -32.28
C LYS E 310 -9.43 52.12 -31.11
N LEU E 311 -8.22 51.61 -30.85
CA LEU E 311 -8.01 50.70 -29.72
C LEU E 311 -8.05 51.43 -28.39
N ALA E 312 -7.49 52.64 -28.35
CA ALA E 312 -7.58 53.48 -27.15
C ALA E 312 -9.03 53.88 -26.86
N ALA E 313 -9.78 54.13 -27.92
CA ALA E 313 -11.19 54.47 -27.81
C ALA E 313 -11.99 53.28 -27.29
N ALA E 314 -11.56 52.07 -27.65
CA ALA E 314 -12.30 50.88 -27.26
C ALA E 314 -11.98 50.44 -25.83
N VAL E 315 -10.71 50.60 -25.45
CA VAL E 315 -10.24 50.27 -24.11
C VAL E 315 -10.82 51.23 -23.07
N SER E 316 -11.20 52.43 -23.54
CA SER E 316 -11.82 53.41 -22.65
C SER E 316 -13.21 52.99 -22.20
N LYS E 317 -13.92 52.24 -23.06
CA LYS E 317 -15.27 51.78 -22.78
C LYS E 317 -15.31 50.56 -21.84
N LEU E 318 -14.15 49.98 -21.57
CA LEU E 318 -14.04 48.87 -20.63
C LEU E 318 -14.07 49.36 -19.18
N LYS E 319 -14.61 48.54 -18.28
CA LYS E 319 -14.84 48.96 -16.91
C LYS E 319 -14.21 48.03 -15.88
N VAL E 320 -13.25 48.57 -15.11
CA VAL E 320 -12.58 47.83 -14.05
C VAL E 320 -13.46 47.74 -12.81
N GLY E 321 -13.68 46.52 -12.32
CA GLY E 321 -14.48 46.29 -11.12
C GLY E 321 -14.42 44.87 -10.62
N ARG E 322 -14.90 44.64 -9.40
CA ARG E 322 -14.96 43.30 -8.81
C ARG E 322 -15.94 42.42 -9.60
N GLY E 323 -15.66 41.12 -9.64
CA GLY E 323 -16.42 40.18 -10.46
C GLY E 323 -17.94 40.29 -10.36
N THR E 324 -18.44 40.48 -9.14
CA THR E 324 -19.87 40.48 -8.85
C THR E 324 -20.59 41.76 -9.25
N GLU E 325 -19.85 42.86 -9.29
CA GLU E 325 -20.43 44.19 -9.54
C GLU E 325 -20.99 44.31 -10.95
N SER E 326 -22.25 44.72 -11.02
CA SER E 326 -22.97 44.90 -12.29
C SER E 326 -22.19 45.77 -13.27
N GLY E 327 -22.05 45.30 -14.51
CA GLY E 327 -21.39 46.07 -15.58
C GLY E 327 -19.87 45.99 -15.67
N ALA E 328 -19.23 45.38 -14.68
CA ALA E 328 -17.76 45.25 -14.64
C ALA E 328 -17.24 44.22 -15.66
N THR E 329 -16.22 44.61 -16.41
CA THR E 329 -15.72 43.74 -17.50
C THR E 329 -14.30 43.28 -17.31
N LEU E 330 -13.55 44.01 -16.48
CA LEU E 330 -12.15 43.72 -16.19
C LEU E 330 -11.96 43.45 -14.71
N GLY E 331 -11.74 42.19 -14.36
CA GLY E 331 -11.48 41.81 -12.97
C GLY E 331 -10.05 42.11 -12.57
N PRO E 332 -9.57 41.51 -11.48
CA PRO E 332 -8.16 41.70 -11.13
C PRO E 332 -7.27 40.60 -11.71
N LEU E 333 -5.96 40.88 -11.80
CA LEU E 333 -4.92 39.86 -11.98
C LEU E 333 -4.98 38.90 -10.80
N ILE E 334 -4.65 37.64 -11.00
CA ILE E 334 -4.86 36.65 -9.92
C ILE E 334 -4.08 36.91 -8.63
N ASN E 335 -2.92 37.53 -8.73
CA ASN E 335 -2.05 37.75 -7.56
C ASN E 335 -1.09 38.93 -7.75
N GLU E 336 -0.34 39.24 -6.69
CA GLU E 336 0.59 40.38 -6.70
C GLU E 336 1.76 40.16 -7.67
N ALA E 337 2.33 38.95 -7.63
CA ALA E 337 3.42 38.54 -8.53
C ALA E 337 3.11 38.76 -10.00
N ALA E 338 1.82 38.71 -10.35
CA ALA E 338 1.34 38.96 -11.71
C ALA E 338 1.20 40.45 -12.02
N VAL E 339 1.00 41.25 -10.98
CA VAL E 339 0.94 42.70 -11.11
C VAL E 339 2.34 43.24 -11.39
N LYS E 340 3.32 42.65 -10.71
CA LYS E 340 4.71 43.06 -10.87
C LYS E 340 5.26 42.68 -12.26
N LYS E 341 4.77 41.59 -12.84
CA LYS E 341 5.13 41.21 -14.22
C LYS E 341 4.64 42.24 -15.21
N VAL E 342 3.38 42.65 -15.07
CA VAL E 342 2.80 43.69 -15.92
C VAL E 342 3.57 45.00 -15.77
N GLU E 343 3.82 45.40 -14.52
CA GLU E 343 4.65 46.57 -14.22
C GLU E 343 6.04 46.48 -14.84
N SER E 344 6.70 45.33 -14.70
CA SER E 344 8.04 45.07 -15.22
C SER E 344 8.11 45.25 -16.73
N HIS E 345 7.10 44.71 -17.42
CA HIS E 345 6.97 44.82 -18.86
C HIS E 345 6.71 46.27 -19.31
N ILE E 346 5.96 47.00 -18.50
CA ILE E 346 5.64 48.38 -18.84
C ILE E 346 6.84 49.29 -18.61
N ALA E 347 7.56 49.05 -17.52
CA ALA E 347 8.75 49.83 -17.20
C ALA E 347 9.90 49.59 -18.18
N ASP E 348 9.95 48.39 -18.78
CA ASP E 348 10.97 48.07 -19.77
C ASP E 348 10.67 48.71 -21.13
N ALA E 349 9.41 48.69 -21.53
CA ALA E 349 9.02 49.32 -22.79
C ALA E 349 9.36 50.81 -22.72
N LEU E 350 8.83 51.48 -21.70
CA LEU E 350 9.10 52.89 -21.47
C LEU E 350 10.59 53.23 -21.50
N ALA E 351 11.40 52.39 -20.85
CA ALA E 351 12.84 52.61 -20.77
C ALA E 351 13.51 52.52 -22.14
N LYS E 352 12.92 51.77 -23.05
CA LYS E 352 13.48 51.57 -24.38
C LYS E 352 12.81 52.42 -25.47
N GLY E 353 12.01 53.40 -25.04
CA GLY E 353 11.47 54.38 -25.96
C GLY E 353 10.00 54.25 -26.33
N ALA E 354 9.26 53.41 -25.62
CA ALA E 354 7.84 53.23 -25.86
C ALA E 354 7.05 54.39 -25.27
N SER E 355 5.76 54.48 -25.63
CA SER E 355 4.90 55.57 -25.18
C SER E 355 3.61 55.05 -24.55
N LEU E 356 3.29 55.58 -23.38
CA LEU E 356 2.07 55.26 -22.67
C LEU E 356 0.91 55.96 -23.34
N MET E 357 -0.01 55.20 -23.90
CA MET E 357 -1.15 55.79 -24.57
C MET E 357 -2.37 55.87 -23.66
N THR E 358 -2.51 54.87 -22.79
CA THR E 358 -3.58 54.81 -21.78
C THR E 358 -3.15 53.81 -20.72
N GLY E 359 -3.63 53.99 -19.48
CA GLY E 359 -3.28 53.11 -18.37
C GLY E 359 -1.82 53.19 -17.95
N GLY E 360 -1.27 52.06 -17.50
CA GLY E 360 0.13 51.98 -17.09
C GLY E 360 0.40 51.91 -15.59
N LYS E 361 -0.65 51.90 -14.79
CA LYS E 361 -0.49 51.94 -13.33
C LYS E 361 -1.48 51.02 -12.61
N ARG E 362 -1.12 50.59 -11.41
CA ARG E 362 -2.00 49.77 -10.57
C ARG E 362 -3.31 50.51 -10.29
N HIS E 363 -4.43 49.78 -10.35
CA HIS E 363 -5.74 50.42 -10.18
C HIS E 363 -6.02 50.75 -8.73
N ALA E 364 -6.82 51.80 -8.52
CA ALA E 364 -7.11 52.33 -7.18
C ALA E 364 -7.91 51.38 -6.28
N LEU E 365 -8.59 50.40 -6.88
CA LEU E 365 -9.27 49.36 -6.10
C LEU E 365 -8.25 48.44 -5.44
N GLY E 366 -7.00 48.53 -5.89
CA GLY E 366 -5.87 47.88 -5.23
C GLY E 366 -5.82 46.39 -5.51
N HIS E 367 -5.20 45.65 -4.61
CA HIS E 367 -5.02 44.21 -4.73
C HIS E 367 -4.42 43.82 -6.08
N GLY E 368 -5.14 43.04 -6.87
CA GLY E 368 -4.65 42.60 -8.17
C GLY E 368 -5.10 43.47 -9.32
N PHE E 369 -5.86 44.52 -9.04
CA PHE E 369 -6.41 45.38 -10.08
C PHE E 369 -5.34 46.26 -10.75
N PHE E 370 -5.34 46.27 -12.08
CA PHE E 370 -4.40 47.07 -12.85
C PHE E 370 -5.16 47.77 -13.98
N GLU E 371 -4.72 48.98 -14.33
CA GLU E 371 -5.35 49.73 -15.44
C GLU E 371 -5.14 49.05 -16.78
N PRO E 372 -6.19 49.00 -17.63
CA PRO E 372 -6.01 48.50 -18.99
C PRO E 372 -5.07 49.42 -19.77
N THR E 373 -4.05 48.85 -20.38
CA THR E 373 -2.91 49.61 -20.89
C THR E 373 -2.66 49.38 -22.37
N VAL E 374 -2.37 50.47 -23.08
CA VAL E 374 -1.97 50.43 -24.48
C VAL E 374 -0.65 51.18 -24.61
N LEU E 375 0.34 50.53 -25.24
CA LEU E 375 1.63 51.15 -25.53
C LEU E 375 1.82 51.29 -27.03
N THR E 376 2.49 52.36 -27.44
CA THR E 376 2.89 52.53 -28.83
C THR E 376 4.40 52.61 -28.91
N GLY E 377 4.93 52.51 -30.13
CA GLY E 377 6.37 52.55 -30.36
C GLY E 377 7.10 51.41 -29.69
N VAL E 378 6.41 50.28 -29.57
CA VAL E 378 6.99 49.07 -28.99
C VAL E 378 7.88 48.40 -30.03
N LYS E 379 9.05 47.95 -29.58
CA LYS E 379 10.09 47.44 -30.48
C LYS E 379 10.56 46.05 -30.04
N PRO E 380 11.22 45.29 -30.94
CA PRO E 380 11.64 43.93 -30.60
C PRO E 380 12.71 43.80 -29.53
N ASP E 381 13.36 44.89 -29.17
CA ASP E 381 14.40 44.85 -28.14
C ASP E 381 13.83 44.85 -26.73
N MET E 382 12.50 44.87 -26.64
CA MET E 382 11.81 44.95 -25.35
C MET E 382 11.36 43.59 -24.84
N ASP E 383 11.27 43.45 -23.52
CA ASP E 383 10.95 42.20 -22.86
C ASP E 383 9.64 41.56 -23.33
N VAL E 384 8.64 42.40 -23.60
CA VAL E 384 7.34 41.95 -24.05
C VAL E 384 7.38 41.28 -25.42
N ALA E 385 8.45 41.51 -26.18
CA ALA E 385 8.65 40.86 -27.46
C ALA E 385 9.07 39.40 -27.31
N LYS E 386 9.47 39.03 -26.10
CA LYS E 386 9.99 37.67 -25.84
C LYS E 386 9.21 36.89 -24.78
N GLU E 387 8.82 37.53 -23.67
CA GLU E 387 8.02 36.86 -22.62
C GLU E 387 6.56 37.28 -22.67
N GLU E 388 5.67 36.40 -22.21
CA GLU E 388 4.25 36.72 -22.08
C GLU E 388 3.98 37.65 -20.89
N THR E 389 3.23 38.72 -21.14
CA THR E 389 2.82 39.66 -20.10
C THR E 389 1.84 39.02 -19.12
N PHE E 390 0.86 38.31 -19.67
CA PHE E 390 -0.25 37.76 -18.89
C PHE E 390 -0.97 38.84 -18.10
N GLY E 391 -1.54 39.81 -18.81
CA GLY E 391 -2.20 40.96 -18.21
C GLY E 391 -2.63 41.96 -19.26
N PRO E 392 -3.53 42.90 -18.87
CA PRO E 392 -4.22 43.78 -19.82
C PRO E 392 -3.31 44.80 -20.53
N LEU E 393 -2.30 44.30 -21.24
CA LEU E 393 -1.31 45.17 -21.86
C LEU E 393 -1.28 45.00 -23.37
N ALA E 394 -1.52 46.09 -24.09
CA ALA E 394 -1.52 46.06 -25.55
C ALA E 394 -0.28 46.73 -26.10
N PRO E 395 0.69 45.93 -26.58
CA PRO E 395 1.91 46.54 -27.11
C PRO E 395 1.84 46.59 -28.62
N LEU E 396 1.93 47.79 -29.17
CA LEU E 396 1.75 47.96 -30.60
C LEU E 396 3.08 48.09 -31.31
N PHE E 397 3.36 47.09 -32.16
CA PHE E 397 4.56 47.05 -32.99
C PHE E 397 4.19 47.52 -34.38
N ARG E 398 5.20 47.87 -35.17
CA ARG E 398 5.03 48.43 -36.50
C ARG E 398 5.69 47.49 -37.51
N PHE E 399 5.11 47.34 -38.70
CA PHE E 399 5.77 46.59 -39.79
C PHE E 399 5.45 47.18 -41.18
N ALA E 400 6.42 47.09 -42.08
CA ALA E 400 6.32 47.75 -43.39
C ALA E 400 5.93 46.86 -44.56
N SER E 401 6.20 45.55 -44.45
CA SER E 401 5.87 44.61 -45.52
C SER E 401 5.50 43.22 -45.00
N GLU E 402 4.88 42.42 -45.88
CA GLU E 402 4.53 41.02 -45.60
C GLU E 402 5.77 40.20 -45.22
N GLU E 403 6.83 40.30 -46.02
CA GLU E 403 8.09 39.62 -45.74
C GLU E 403 8.58 39.91 -44.33
N GLU E 404 8.51 41.18 -43.93
CA GLU E 404 8.93 41.59 -42.60
C GLU E 404 8.03 41.00 -41.52
N LEU E 405 6.74 40.92 -41.79
CA LEU E 405 5.78 40.45 -40.81
C LEU E 405 5.96 38.98 -40.43
N VAL E 406 6.11 38.12 -41.44
CA VAL E 406 6.29 36.68 -41.23
C VAL E 406 7.55 36.44 -40.39
N ARG E 407 8.63 37.13 -40.73
CA ARG E 407 9.89 37.08 -40.00
C ARG E 407 9.68 37.47 -38.53
N LEU E 408 8.88 38.49 -38.32
CA LEU E 408 8.68 39.12 -37.02
C LEU E 408 7.78 38.27 -36.11
N ALA E 409 6.73 37.69 -36.71
CA ALA E 409 5.77 36.88 -35.99
C ALA E 409 6.36 35.53 -35.56
N ASN E 410 7.27 35.00 -36.36
CA ASN E 410 7.90 33.71 -36.10
C ASN E 410 9.20 33.80 -35.32
N ASP E 411 9.69 35.01 -35.09
CA ASP E 411 10.88 35.24 -34.27
C ASP E 411 10.59 34.99 -32.79
N THR E 412 10.25 33.74 -32.49
CA THR E 412 9.86 33.32 -31.15
C THR E 412 9.95 31.79 -31.05
N GLU E 413 10.26 31.30 -29.87
CA GLU E 413 10.38 29.86 -29.63
C GLU E 413 8.99 29.22 -29.50
N PHE E 414 7.99 30.04 -29.19
CA PHE E 414 6.60 29.58 -28.96
C PHE E 414 5.73 29.64 -30.22
N GLY E 415 4.68 28.82 -30.23
CA GLY E 415 3.84 28.68 -31.41
C GLY E 415 2.44 28.16 -31.11
N LEU E 416 1.74 28.84 -30.22
CA LEU E 416 0.38 28.46 -29.88
C LEU E 416 -0.64 29.13 -30.80
N ALA E 417 -1.07 30.33 -30.47
CA ALA E 417 -2.12 31.03 -31.23
C ALA E 417 -1.60 32.25 -31.98
N ALA E 418 -2.30 32.59 -33.06
CA ALA E 418 -1.97 33.75 -33.87
C ALA E 418 -3.26 34.33 -34.42
N TYR E 419 -3.20 35.57 -34.91
CA TYR E 419 -4.39 36.25 -35.41
C TYR E 419 -4.00 37.09 -36.61
N LEU E 420 -4.83 37.03 -37.65
CA LEU E 420 -4.49 37.65 -38.91
C LEU E 420 -5.68 38.39 -39.49
N TYR E 421 -5.53 39.71 -39.63
CA TYR E 421 -6.57 40.54 -40.22
C TYR E 421 -6.21 41.08 -41.61
N SER E 422 -6.95 40.65 -42.61
CA SER E 422 -6.68 41.01 -44.00
C SER E 422 -7.81 40.48 -44.87
N ARG E 423 -8.01 41.11 -46.01
CA ARG E 423 -9.11 40.77 -46.90
C ARG E 423 -8.65 40.05 -48.16
N ASP E 424 -7.39 40.21 -48.54
CA ASP E 424 -6.88 39.59 -49.76
C ASP E 424 -6.58 38.11 -49.54
N ILE E 425 -7.43 37.28 -50.17
CA ILE E 425 -7.43 35.83 -50.05
C ILE E 425 -6.04 35.22 -50.23
N GLY E 426 -5.26 35.79 -51.14
CA GLY E 426 -3.90 35.33 -51.42
C GLY E 426 -2.88 35.71 -50.37
N ARG E 427 -3.12 36.81 -49.67
CA ARG E 427 -2.24 37.19 -48.57
C ARG E 427 -2.57 36.34 -47.35
N VAL E 428 -3.86 36.11 -47.12
CA VAL E 428 -4.29 35.28 -46.00
C VAL E 428 -3.67 33.88 -46.04
N TRP E 429 -3.71 33.23 -47.20
CA TRP E 429 -3.18 31.89 -47.36
C TRP E 429 -1.66 31.81 -47.14
N ARG E 430 -0.93 32.72 -47.79
CA ARG E 430 0.53 32.78 -47.71
C ARG E 430 1.00 32.91 -46.27
N VAL E 431 0.42 33.89 -45.58
CA VAL E 431 0.79 34.20 -44.21
C VAL E 431 0.33 33.09 -43.26
N ALA E 432 -0.91 32.63 -43.40
CA ALA E 432 -1.41 31.54 -42.57
C ALA E 432 -0.55 30.28 -42.73
N GLU E 433 0.02 30.06 -43.91
CA GLU E 433 0.88 28.92 -44.11
C GLU E 433 2.26 29.15 -43.53
N ALA E 434 2.72 30.40 -43.56
CA ALA E 434 4.05 30.74 -43.06
C ALA E 434 4.12 30.87 -41.53
N LEU E 435 2.99 31.16 -40.89
CA LEU E 435 2.95 31.27 -39.44
C LEU E 435 3.18 29.93 -38.75
N GLU E 436 4.24 29.85 -37.95
CA GLU E 436 4.53 28.62 -37.21
C GLU E 436 3.74 28.57 -35.90
N TYR E 437 2.45 28.31 -36.02
CA TYR E 437 1.52 28.27 -34.90
C TYR E 437 0.52 27.12 -35.02
N GLY E 438 0.02 26.66 -33.89
CA GLY E 438 -0.94 25.55 -33.86
C GLY E 438 -2.30 26.00 -34.33
N MET E 439 -2.60 27.28 -34.04
CA MET E 439 -3.94 27.86 -34.24
C MET E 439 -3.81 29.28 -34.79
N VAL E 440 -4.53 29.57 -35.88
CA VAL E 440 -4.51 30.90 -36.46
C VAL E 440 -5.95 31.36 -36.67
N GLY E 441 -6.29 32.53 -36.12
CA GLY E 441 -7.58 33.15 -36.32
C GLY E 441 -7.57 34.13 -37.49
N ILE E 442 -8.49 33.92 -38.44
CA ILE E 442 -8.54 34.73 -39.65
C ILE E 442 -9.71 35.70 -39.60
N ASN E 443 -9.37 36.97 -39.41
CA ASN E 443 -10.37 38.04 -39.25
C ASN E 443 -11.28 37.88 -38.03
N THR E 444 -10.74 37.26 -36.99
CA THR E 444 -11.46 37.08 -35.73
C THR E 444 -10.45 36.88 -34.63
N GLY E 445 -10.81 37.34 -33.44
CA GLY E 445 -9.94 37.23 -32.27
C GLY E 445 -10.37 36.19 -31.26
N LEU E 446 -11.39 35.39 -31.63
CA LEU E 446 -11.89 34.28 -30.79
C LEU E 446 -11.99 32.98 -31.58
N ILE E 447 -11.26 31.97 -31.10
CA ILE E 447 -11.01 30.77 -31.87
C ILE E 447 -11.20 29.51 -31.00
N SER E 448 -11.14 29.69 -29.69
CA SER E 448 -11.38 28.63 -28.73
C SER E 448 -12.81 28.08 -28.81
N ASN E 449 -12.92 26.79 -29.12
CA ASN E 449 -14.20 26.07 -29.07
C ASN E 449 -13.96 24.55 -28.96
N GLU E 450 -15.02 23.77 -28.76
CA GLU E 450 -14.87 22.33 -28.50
C GLU E 450 -14.59 21.42 -29.70
N VAL E 451 -14.94 21.86 -30.91
CA VAL E 451 -14.86 20.96 -32.07
C VAL E 451 -13.52 21.04 -32.80
N ALA E 452 -12.68 22.00 -32.45
CA ALA E 452 -11.41 22.21 -33.13
C ALA E 452 -10.22 21.80 -32.28
N PRO E 453 -9.14 21.32 -32.91
CA PRO E 453 -7.98 20.86 -32.15
C PRO E 453 -7.19 22.00 -31.53
N PHE E 454 -7.10 21.99 -30.20
CA PHE E 454 -6.43 23.01 -29.44
C PHE E 454 -5.02 22.56 -29.05
N GLY E 455 -4.01 23.35 -29.39
CA GLY E 455 -2.64 23.05 -29.02
C GLY E 455 -1.63 23.85 -29.83
N GLY E 456 -0.36 23.69 -29.48
CA GLY E 456 0.67 24.46 -30.14
C GLY E 456 1.78 23.63 -30.74
N VAL E 457 2.61 24.28 -31.54
CA VAL E 457 3.80 23.67 -32.10
C VAL E 457 4.97 24.20 -31.30
N LYS E 458 6.17 23.70 -31.62
CA LYS E 458 7.42 24.22 -31.06
C LYS E 458 7.44 24.13 -29.53
N GLN E 459 7.89 25.19 -28.85
CA GLN E 459 7.97 25.18 -27.40
C GLN E 459 6.62 25.46 -26.71
N SER E 460 5.53 25.35 -27.48
CA SER E 460 4.17 25.51 -26.94
C SER E 460 3.54 24.16 -26.54
N GLY E 461 4.28 23.08 -26.77
CA GLY E 461 3.89 21.76 -26.25
C GLY E 461 3.53 20.74 -27.30
N LEU E 462 2.86 19.68 -26.86
CA LEU E 462 2.45 18.62 -27.78
C LEU E 462 1.12 18.00 -27.41
N GLY E 463 0.52 17.33 -28.40
CA GLY E 463 -0.83 16.81 -28.28
C GLY E 463 -1.83 17.83 -28.80
N ARG E 464 -3.10 17.43 -28.81
CA ARG E 464 -4.21 18.34 -29.08
C ARG E 464 -5.40 17.98 -28.20
N GLU E 465 -6.18 18.99 -27.84
CA GLU E 465 -7.37 18.82 -27.03
C GLU E 465 -8.59 19.26 -27.84
N GLY E 466 -9.74 18.62 -27.59
CA GLY E 466 -10.95 18.90 -28.35
C GLY E 466 -10.86 18.29 -29.73
N SER E 467 -11.94 18.43 -30.52
CA SER E 467 -12.10 17.80 -31.85
C SER E 467 -12.00 16.27 -31.76
N HIS E 468 -11.92 15.58 -32.89
CA HIS E 468 -11.71 14.12 -32.88
C HIS E 468 -10.30 13.75 -32.45
N TYR E 469 -9.36 14.69 -32.57
CA TYR E 469 -7.97 14.48 -32.20
C TYR E 469 -7.76 14.46 -30.69
N GLY E 470 -8.71 15.05 -29.97
CA GLY E 470 -8.63 15.19 -28.51
C GLY E 470 -8.62 13.88 -27.73
N ILE E 471 -9.39 12.89 -28.19
CA ILE E 471 -9.50 11.62 -27.49
C ILE E 471 -8.33 10.67 -27.80
N ASP E 472 -7.70 10.85 -28.95
CA ASP E 472 -6.67 9.91 -29.41
C ASP E 472 -5.42 9.83 -28.54
N ASP E 473 -5.11 10.90 -27.81
CA ASP E 473 -3.98 10.86 -26.88
C ASP E 473 -4.28 10.01 -25.63
N TYR E 474 -5.54 9.59 -25.50
CA TYR E 474 -5.98 8.83 -24.32
C TYR E 474 -6.20 7.35 -24.62
N VAL E 475 -5.98 6.96 -25.87
CA VAL E 475 -6.11 5.57 -26.26
C VAL E 475 -4.84 5.05 -26.90
N VAL E 476 -4.55 3.79 -26.65
CA VAL E 476 -3.35 3.20 -27.15
C VAL E 476 -3.78 2.28 -28.28
N ILE E 477 -2.98 2.17 -29.34
CA ILE E 477 -3.42 1.42 -30.51
C ILE E 477 -2.86 0.01 -30.57
N LYS E 478 -3.73 -0.97 -30.77
CA LYS E 478 -3.33 -2.39 -30.79
C LYS E 478 -3.51 -3.07 -32.14
N TYR E 479 -2.47 -3.76 -32.58
CA TYR E 479 -2.43 -4.47 -33.87
C TYR E 479 -2.60 -5.98 -33.70
N LEU E 480 -3.70 -6.49 -34.23
CA LEU E 480 -3.93 -7.92 -34.25
C LEU E 480 -3.61 -8.44 -35.63
N CYS E 481 -2.73 -9.44 -35.67
CA CYS E 481 -2.37 -10.09 -36.90
C CYS E 481 -2.95 -11.47 -36.84
N VAL E 482 -4.06 -11.67 -37.54
CA VAL E 482 -4.76 -12.94 -37.47
C VAL E 482 -4.34 -13.82 -38.61
N ALA E 483 -3.87 -15.03 -38.27
CA ALA E 483 -3.61 -16.07 -39.28
C ALA E 483 -4.92 -16.66 -39.73
N VAL E 484 -5.06 -16.86 -41.04
CA VAL E 484 -6.26 -17.47 -41.64
C VAL E 484 -5.89 -18.59 -42.62
N GLY F 3 -56.78 6.92 -25.63
CA GLY F 3 -57.70 6.79 -24.46
C GLY F 3 -57.14 5.91 -23.35
N SER F 4 -56.38 4.90 -23.73
CA SER F 4 -55.70 4.03 -22.78
C SER F 4 -54.28 4.55 -22.45
N MET F 5 -54.05 5.82 -22.78
CA MET F 5 -52.71 6.42 -22.71
C MET F 5 -52.67 7.62 -21.79
N LYS F 6 -51.50 7.89 -21.21
CA LYS F 6 -51.29 9.03 -20.32
C LYS F 6 -51.34 10.37 -21.06
N ASP F 7 -51.47 10.32 -22.39
CA ASP F 7 -51.60 11.52 -23.23
C ASP F 7 -52.31 11.17 -24.54
N PRO F 8 -53.66 11.10 -24.53
CA PRO F 8 -54.42 10.71 -25.72
C PRO F 8 -54.13 11.53 -26.98
N SER F 9 -53.53 12.71 -26.82
CA SER F 9 -53.23 13.60 -27.94
C SER F 9 -52.08 13.08 -28.82
N LEU F 10 -51.45 11.99 -28.38
CA LEU F 10 -50.38 11.35 -29.14
C LEU F 10 -50.89 10.62 -30.37
N LEU F 11 -52.13 10.14 -30.29
CA LEU F 11 -52.82 9.46 -31.39
C LEU F 11 -53.38 10.53 -32.34
N ARG F 12 -53.01 10.45 -33.61
CA ARG F 12 -53.34 11.50 -34.57
C ARG F 12 -54.18 10.95 -35.73
N HIS F 13 -55.21 11.71 -36.10
CA HIS F 13 -56.09 11.31 -37.20
C HIS F 13 -55.98 12.31 -38.36
N GLN F 14 -54.82 12.92 -38.46
CA GLN F 14 -54.50 13.87 -39.51
C GLN F 14 -53.03 13.72 -39.93
N ALA F 15 -52.74 13.95 -41.20
CA ALA F 15 -51.37 13.94 -41.69
C ALA F 15 -50.64 15.26 -41.42
N TYR F 16 -49.32 15.21 -41.31
CA TYR F 16 -48.53 16.39 -41.01
C TYR F 16 -47.92 16.91 -42.30
N ILE F 17 -48.48 17.99 -42.84
CA ILE F 17 -48.06 18.56 -44.11
C ILE F 17 -47.51 19.97 -43.92
N GLY F 18 -46.21 20.12 -44.10
CA GLY F 18 -45.54 21.42 -44.00
C GLY F 18 -45.67 22.09 -42.64
N GLY F 19 -45.74 21.29 -41.58
CA GLY F 19 -45.88 21.82 -40.24
C GLY F 19 -47.32 22.00 -39.79
N GLU F 20 -48.26 21.74 -40.71
CA GLU F 20 -49.70 21.82 -40.44
C GLU F 20 -50.34 20.46 -40.26
N TRP F 21 -51.26 20.37 -39.30
CA TRP F 21 -52.10 19.19 -39.15
C TRP F 21 -53.32 19.25 -40.07
N GLN F 22 -53.44 18.29 -40.97
CA GLN F 22 -54.44 18.36 -42.05
C GLN F 22 -55.07 17.02 -42.40
N ALA F 23 -56.28 17.09 -42.95
CA ALA F 23 -56.90 15.97 -43.63
C ALA F 23 -56.72 16.23 -45.12
N ALA F 24 -57.05 15.23 -45.95
CA ALA F 24 -56.93 15.35 -47.42
C ALA F 24 -57.84 16.43 -48.00
N ASP F 25 -57.43 16.99 -49.13
CA ASP F 25 -58.19 18.06 -49.81
C ASP F 25 -59.60 17.61 -50.25
N SER F 26 -59.86 16.31 -50.15
CA SER F 26 -61.11 15.72 -50.59
C SER F 26 -61.87 15.16 -49.40
N ASP F 27 -61.30 15.29 -48.21
CA ASP F 27 -61.83 14.70 -46.96
C ASP F 27 -61.87 13.17 -46.94
N ALA F 28 -61.22 12.53 -47.91
CA ALA F 28 -61.14 11.07 -47.97
C ALA F 28 -60.23 10.51 -46.88
N THR F 29 -60.71 9.49 -46.19
CA THR F 29 -59.97 8.82 -45.13
C THR F 29 -60.00 7.32 -45.34
N PHE F 30 -59.05 6.60 -44.74
CA PHE F 30 -59.15 5.14 -44.66
C PHE F 30 -58.98 4.66 -43.22
N GLU F 31 -59.32 3.40 -42.98
CA GLU F 31 -59.43 2.87 -41.63
C GLU F 31 -58.23 2.02 -41.29
N VAL F 32 -57.82 2.05 -40.02
CA VAL F 32 -56.73 1.22 -39.53
C VAL F 32 -57.28 0.25 -38.49
N PHE F 33 -56.74 -0.96 -38.47
CA PHE F 33 -57.22 -2.01 -37.60
C PHE F 33 -56.12 -2.59 -36.71
N ASP F 34 -56.54 -3.10 -35.56
CA ASP F 34 -55.69 -3.83 -34.66
C ASP F 34 -55.56 -5.24 -35.22
N PRO F 35 -54.34 -5.65 -35.63
CA PRO F 35 -54.09 -6.95 -36.25
C PRO F 35 -54.37 -8.16 -35.35
N ALA F 36 -54.59 -7.91 -34.05
CA ALA F 36 -54.81 -8.99 -33.08
C ALA F 36 -56.29 -9.22 -32.76
N THR F 37 -57.10 -8.19 -32.92
CA THR F 37 -58.51 -8.22 -32.54
C THR F 37 -59.43 -7.84 -33.70
N GLY F 38 -58.88 -7.15 -34.70
CA GLY F 38 -59.62 -6.80 -35.91
C GLY F 38 -60.43 -5.52 -35.79
N GLU F 39 -60.59 -5.03 -34.57
CA GLU F 39 -61.40 -3.84 -34.34
C GLU F 39 -60.76 -2.58 -34.87
N SER F 40 -61.61 -1.69 -35.39
CA SER F 40 -61.19 -0.41 -35.92
C SER F 40 -60.48 0.42 -34.87
N LEU F 41 -59.45 1.14 -35.31
CA LEU F 41 -58.70 2.03 -34.43
C LEU F 41 -58.83 3.47 -34.93
N GLY F 42 -59.89 3.73 -35.70
CA GLY F 42 -60.18 5.07 -36.21
C GLY F 42 -59.69 5.30 -37.63
N THR F 43 -59.85 6.52 -38.12
CA THR F 43 -59.48 6.83 -39.50
C THR F 43 -58.24 7.73 -39.60
N VAL F 44 -57.60 7.70 -40.77
CA VAL F 44 -56.51 8.61 -41.13
C VAL F 44 -56.74 9.10 -42.56
N PRO F 45 -56.13 10.25 -42.94
CA PRO F 45 -56.31 10.76 -44.29
C PRO F 45 -55.92 9.80 -45.41
N LYS F 46 -56.63 9.86 -46.53
CA LYS F 46 -56.26 9.12 -47.73
C LYS F 46 -55.78 10.15 -48.74
N MET F 47 -54.64 10.74 -48.44
CA MET F 47 -54.06 11.81 -49.25
C MET F 47 -53.49 11.29 -50.57
N GLY F 48 -53.20 12.21 -51.48
CA GLY F 48 -52.67 11.86 -52.79
C GLY F 48 -51.54 12.77 -53.22
N ALA F 49 -51.48 13.05 -54.52
CA ALA F 49 -50.36 13.74 -55.10
C ALA F 49 -50.31 15.23 -54.74
N ALA F 50 -51.46 15.91 -54.81
CA ALA F 50 -51.54 17.33 -54.49
C ALA F 50 -50.92 17.65 -53.14
N GLU F 51 -51.25 16.85 -52.12
CA GLU F 51 -50.76 17.05 -50.76
C GLU F 51 -49.25 16.75 -50.63
N THR F 52 -48.80 15.73 -51.35
CA THR F 52 -47.39 15.38 -51.39
C THR F 52 -46.60 16.49 -52.05
N ALA F 53 -47.17 17.08 -53.11
CA ALA F 53 -46.56 18.22 -53.76
C ALA F 53 -46.36 19.38 -52.78
N ARG F 54 -47.38 19.67 -51.97
CA ARG F 54 -47.33 20.76 -51.00
C ARG F 54 -46.34 20.43 -49.90
N ALA F 55 -46.24 19.16 -49.53
CA ALA F 55 -45.24 18.72 -48.56
C ALA F 55 -43.84 18.98 -49.09
N ILE F 56 -43.62 18.60 -50.35
CA ILE F 56 -42.33 18.77 -51.02
C ILE F 56 -41.93 20.24 -51.18
N GLU F 57 -42.85 21.09 -51.66
CA GLU F 57 -42.57 22.52 -51.80
C GLU F 57 -42.25 23.16 -50.45
N ALA F 58 -42.98 22.77 -49.42
CA ALA F 58 -42.81 23.30 -48.07
C ALA F 58 -41.42 23.00 -47.55
N ALA F 59 -40.94 21.79 -47.83
CA ALA F 59 -39.57 21.38 -47.50
C ALA F 59 -38.54 22.23 -48.25
N GLN F 60 -38.78 22.50 -49.54
CA GLN F 60 -37.88 23.37 -50.30
C GLN F 60 -37.80 24.74 -49.65
N ALA F 61 -38.96 25.25 -49.23
CA ALA F 61 -39.06 26.57 -48.65
C ALA F 61 -38.37 26.63 -47.29
N ALA F 62 -38.41 25.52 -46.55
CA ALA F 62 -37.88 25.48 -45.19
C ALA F 62 -36.38 25.15 -45.14
N TRP F 63 -35.80 24.83 -46.30
CA TRP F 63 -34.43 24.35 -46.35
C TRP F 63 -33.39 25.40 -45.95
N ALA F 64 -33.31 26.49 -46.72
CA ALA F 64 -32.33 27.57 -46.49
C ALA F 64 -32.16 27.94 -45.01
N GLY F 65 -33.29 28.11 -44.32
CA GLY F 65 -33.30 28.42 -42.89
C GLY F 65 -32.76 27.31 -42.02
N TRP F 66 -33.14 26.07 -42.32
CA TRP F 66 -32.73 24.90 -41.54
C TRP F 66 -31.25 24.59 -41.71
N ARG F 67 -30.75 24.70 -42.95
CA ARG F 67 -29.32 24.52 -43.23
C ARG F 67 -28.43 25.66 -42.71
N MET F 68 -29.03 26.84 -42.56
CA MET F 68 -28.37 28.04 -42.06
C MET F 68 -28.02 27.90 -40.57
N LYS F 69 -28.71 27.01 -39.86
CA LYS F 69 -28.41 26.71 -38.46
C LYS F 69 -27.08 25.97 -38.37
N THR F 70 -26.51 25.91 -37.17
CA THR F 70 -25.32 25.11 -36.98
C THR F 70 -25.75 23.67 -36.73
N ALA F 71 -24.80 22.74 -36.81
CA ALA F 71 -25.10 21.33 -36.52
C ALA F 71 -25.39 21.15 -35.04
N LYS F 72 -24.77 22.00 -34.22
CA LYS F 72 -25.00 22.06 -32.78
C LYS F 72 -26.42 22.49 -32.49
N GLU F 73 -26.90 23.50 -33.21
CA GLU F 73 -28.27 23.99 -33.07
C GLU F 73 -29.30 22.95 -33.54
N ARG F 74 -29.03 22.30 -34.66
CA ARG F 74 -29.89 21.23 -35.15
C ARG F 74 -29.91 20.06 -34.16
N ALA F 75 -28.77 19.83 -33.51
CA ALA F 75 -28.62 18.80 -32.46
C ALA F 75 -29.48 19.07 -31.23
N ALA F 76 -29.54 20.33 -30.80
CA ALA F 76 -30.36 20.72 -29.66
C ALA F 76 -31.82 20.29 -29.86
N ILE F 77 -32.36 20.59 -31.05
CA ILE F 77 -33.75 20.25 -31.40
C ILE F 77 -33.96 18.72 -31.46
N LEU F 78 -33.01 18.02 -32.07
CA LEU F 78 -33.10 16.57 -32.19
C LEU F 78 -32.95 15.92 -30.83
N ARG F 79 -32.13 16.50 -29.97
CA ARG F 79 -31.98 15.95 -28.63
C ARG F 79 -33.23 16.20 -27.78
N ARG F 80 -33.93 17.31 -28.04
CA ARG F 80 -35.21 17.56 -27.38
C ARG F 80 -36.27 16.58 -27.87
N TRP F 81 -36.19 16.21 -29.15
CA TRP F 81 -37.04 15.19 -29.75
C TRP F 81 -36.75 13.81 -29.13
N PHE F 82 -35.47 13.44 -29.10
CA PHE F 82 -34.99 12.26 -28.37
C PHE F 82 -35.56 12.22 -26.96
N ASP F 83 -35.44 13.31 -26.21
CA ASP F 83 -35.90 13.38 -24.83
C ASP F 83 -37.41 13.14 -24.74
N LEU F 84 -38.15 13.71 -25.71
CA LEU F 84 -39.59 13.57 -25.74
C LEU F 84 -40.01 12.13 -26.03
N VAL F 85 -39.35 11.51 -27.01
CA VAL F 85 -39.58 10.10 -27.34
C VAL F 85 -39.38 9.21 -26.11
N ILE F 86 -38.25 9.39 -25.43
CA ILE F 86 -37.94 8.66 -24.20
C ILE F 86 -39.03 8.84 -23.14
N ALA F 87 -39.43 10.09 -22.92
CA ALA F 87 -40.40 10.43 -21.87
C ALA F 87 -41.81 9.91 -22.18
N ASN F 88 -42.13 9.78 -23.48
CA ASN F 88 -43.44 9.28 -23.92
C ASN F 88 -43.42 7.82 -24.37
N SER F 89 -42.44 7.07 -23.88
CA SER F 89 -42.13 5.70 -24.31
C SER F 89 -43.28 4.68 -24.15
N ASP F 90 -43.89 4.66 -22.97
CA ASP F 90 -45.00 3.78 -22.65
C ASP F 90 -46.21 4.00 -23.58
N ASP F 91 -46.52 5.27 -23.86
CA ASP F 91 -47.63 5.59 -24.75
C ASP F 91 -47.32 5.24 -26.21
N LEU F 92 -46.13 5.62 -26.67
CA LEU F 92 -45.64 5.30 -28.02
C LEU F 92 -45.65 3.79 -28.28
N ALA F 93 -45.17 3.02 -27.30
CA ALA F 93 -45.12 1.57 -27.39
C ALA F 93 -46.49 0.92 -27.29
N LEU F 94 -47.47 1.60 -26.71
CA LEU F 94 -48.83 1.05 -26.71
C LEU F 94 -49.51 1.33 -28.04
N ILE F 95 -49.21 2.48 -28.62
CA ILE F 95 -49.67 2.80 -29.97
C ILE F 95 -49.12 1.72 -30.92
N LEU F 96 -47.82 1.48 -30.82
CA LEU F 96 -47.13 0.51 -31.66
C LEU F 96 -47.77 -0.89 -31.58
N THR F 97 -47.91 -1.41 -30.37
CA THR F 97 -48.52 -2.72 -30.17
C THR F 97 -49.92 -2.81 -30.76
N THR F 98 -50.73 -1.78 -30.49
CA THR F 98 -52.11 -1.75 -30.95
C THR F 98 -52.21 -1.82 -32.47
N GLU F 99 -51.36 -1.06 -33.16
CA GLU F 99 -51.46 -0.98 -34.63
C GLU F 99 -50.62 -2.02 -35.39
N GLN F 100 -49.52 -2.50 -34.80
CA GLN F 100 -48.61 -3.38 -35.52
C GLN F 100 -48.67 -4.83 -35.04
N GLY F 101 -48.87 -5.04 -33.74
CA GLY F 101 -49.01 -6.39 -33.23
C GLY F 101 -47.97 -6.87 -32.24
N LYS F 102 -46.74 -6.39 -32.33
CA LYS F 102 -45.63 -6.91 -31.50
C LYS F 102 -45.89 -6.73 -29.99
N PRO F 103 -45.40 -7.68 -29.17
CA PRO F 103 -45.60 -7.58 -27.73
C PRO F 103 -45.05 -6.27 -27.16
N LEU F 104 -45.55 -5.89 -25.99
CA LEU F 104 -45.17 -4.63 -25.35
C LEU F 104 -43.68 -4.53 -25.11
N ALA F 105 -43.07 -5.63 -24.69
CA ALA F 105 -41.65 -5.68 -24.45
C ALA F 105 -40.90 -5.35 -25.73
N GLU F 106 -41.36 -5.93 -26.84
CA GLU F 106 -40.76 -5.67 -28.15
C GLU F 106 -41.02 -4.24 -28.62
N ALA F 107 -42.20 -3.71 -28.32
CA ALA F 107 -42.52 -2.32 -28.66
C ALA F 107 -41.65 -1.34 -27.88
N LYS F 108 -41.42 -1.61 -26.60
CA LYS F 108 -40.58 -0.75 -25.78
C LYS F 108 -39.12 -0.80 -26.22
N GLY F 109 -38.66 -1.99 -26.57
CA GLY F 109 -37.37 -2.17 -27.22
C GLY F 109 -37.23 -1.34 -28.50
N GLU F 110 -38.27 -1.36 -29.34
CA GLU F 110 -38.23 -0.58 -30.57
C GLU F 110 -38.16 0.93 -30.34
N ILE F 111 -38.89 1.41 -29.34
CA ILE F 111 -38.87 2.83 -29.04
C ILE F 111 -37.49 3.26 -28.52
N ALA F 112 -36.86 2.41 -27.73
CA ALA F 112 -35.49 2.64 -27.29
C ALA F 112 -34.54 2.64 -28.49
N TYR F 113 -34.71 1.64 -29.36
CA TYR F 113 -33.97 1.53 -30.62
C TYR F 113 -34.14 2.81 -31.45
N ALA F 114 -35.37 3.29 -31.55
CA ALA F 114 -35.70 4.52 -32.27
C ALA F 114 -35.00 5.72 -31.62
N ALA F 115 -35.30 5.95 -30.35
CA ALA F 115 -34.66 7.02 -29.61
C ALA F 115 -33.16 7.04 -29.87
N SER F 116 -32.50 5.92 -29.66
CA SER F 116 -31.05 5.83 -29.81
C SER F 116 -30.56 6.28 -31.20
N PHE F 117 -31.40 6.15 -32.22
CA PHE F 117 -31.03 6.65 -33.55
C PHE F 117 -31.01 8.16 -33.60
N ILE F 118 -32.08 8.79 -33.14
CA ILE F 118 -32.16 10.25 -33.10
C ILE F 118 -30.93 10.85 -32.40
N GLU F 119 -30.63 10.34 -31.19
CA GLU F 119 -29.46 10.78 -30.42
C GLU F 119 -28.16 10.67 -31.23
N TRP F 120 -27.89 9.47 -31.74
CA TRP F 120 -26.73 9.17 -32.55
C TRP F 120 -26.52 10.18 -33.70
N PHE F 121 -27.58 10.48 -34.44
CA PHE F 121 -27.45 11.38 -35.58
C PHE F 121 -27.34 12.84 -35.20
N ALA F 122 -27.90 13.21 -34.06
CA ALA F 122 -27.65 14.53 -33.48
C ALA F 122 -26.15 14.72 -33.29
N GLU F 123 -25.49 13.70 -32.74
CA GLU F 123 -24.04 13.66 -32.59
C GLU F 123 -23.30 13.58 -33.92
N GLU F 124 -23.84 12.84 -34.89
CA GLU F 124 -23.14 12.67 -36.17
C GLU F 124 -23.09 13.96 -36.98
N GLY F 125 -24.22 14.67 -37.03
CA GLY F 125 -24.32 15.93 -37.74
C GLY F 125 -23.20 16.91 -37.45
N LYS F 126 -22.63 16.82 -36.23
CA LYS F 126 -21.55 17.69 -35.75
C LYS F 126 -20.17 17.25 -36.25
N ARG F 127 -20.10 16.12 -36.95
CA ARG F 127 -18.83 15.54 -37.33
C ARG F 127 -18.73 15.25 -38.82
N VAL F 128 -19.72 15.70 -39.58
CA VAL F 128 -19.71 15.55 -41.03
C VAL F 128 -18.48 16.31 -41.53
N ALA F 129 -17.46 15.55 -41.92
CA ALA F 129 -16.12 16.11 -42.12
C ALA F 129 -15.65 16.10 -43.57
N GLY F 130 -14.94 17.16 -43.94
CA GLY F 130 -14.31 17.26 -45.25
C GLY F 130 -12.81 17.05 -45.14
N ASP F 131 -12.07 17.51 -46.14
CA ASP F 131 -10.69 17.16 -46.29
C ASP F 131 -9.84 18.35 -46.73
N THR F 132 -8.61 18.37 -46.25
CA THR F 132 -7.55 19.15 -46.88
C THR F 132 -6.51 18.13 -47.38
N LEU F 133 -6.29 18.14 -48.69
CA LEU F 133 -5.48 17.12 -49.35
C LEU F 133 -4.17 17.67 -49.89
N PRO F 134 -3.12 16.82 -49.96
CA PRO F 134 -1.85 17.27 -50.51
C PRO F 134 -1.99 17.55 -52.01
N THR F 135 -1.58 18.74 -52.42
CA THR F 135 -1.80 19.20 -53.79
C THR F 135 -0.81 18.57 -54.78
N PRO F 136 -1.28 18.27 -56.00
CA PRO F 136 -0.37 17.76 -57.01
C PRO F 136 0.35 18.87 -57.78
N ASP F 137 -0.13 20.11 -57.59
CA ASP F 137 0.40 21.28 -58.29
C ASP F 137 0.71 22.34 -57.24
N ALA F 138 1.94 22.87 -57.27
CA ALA F 138 2.42 23.78 -56.22
C ALA F 138 1.65 25.09 -56.10
N ASN F 139 1.06 25.55 -57.20
CA ASN F 139 0.26 26.79 -57.22
C ASN F 139 -1.21 26.60 -56.84
N LYS F 140 -1.61 25.38 -56.49
CA LYS F 140 -2.98 25.10 -56.11
C LYS F 140 -3.08 24.54 -54.70
N ARG F 141 -4.26 24.66 -54.11
CA ARG F 141 -4.56 24.09 -52.79
C ARG F 141 -5.90 23.37 -52.81
N ILE F 142 -5.93 22.19 -52.20
CA ILE F 142 -7.12 21.33 -52.26
C ILE F 142 -7.86 21.30 -50.93
N VAL F 143 -9.14 21.64 -51.01
CA VAL F 143 -10.03 21.71 -49.86
C VAL F 143 -11.32 21.05 -50.30
N VAL F 144 -11.85 20.18 -49.43
CA VAL F 144 -13.07 19.45 -49.73
C VAL F 144 -14.05 19.72 -48.61
N VAL F 145 -15.26 20.17 -48.98
CA VAL F 145 -16.32 20.43 -48.01
C VAL F 145 -17.55 19.58 -48.33
N LYS F 146 -18.37 19.36 -47.31
CA LYS F 146 -19.60 18.60 -47.49
C LYS F 146 -20.76 19.48 -47.10
N GLU F 147 -21.91 19.29 -47.76
CA GLU F 147 -23.10 20.09 -47.47
C GLU F 147 -24.36 19.33 -47.82
N PRO F 148 -25.47 19.65 -47.12
CA PRO F 148 -26.73 18.95 -47.35
C PRO F 148 -27.06 18.82 -48.83
N ILE F 149 -27.61 17.67 -49.21
CA ILE F 149 -27.97 17.40 -50.61
C ILE F 149 -29.18 18.20 -51.08
N GLY F 150 -30.15 18.39 -50.19
CA GLY F 150 -31.41 19.01 -50.55
C GLY F 150 -32.61 18.27 -49.98
N VAL F 151 -33.76 18.45 -50.62
CA VAL F 151 -35.01 17.88 -50.15
C VAL F 151 -34.99 16.36 -50.27
N CYS F 152 -35.10 15.70 -49.13
CA CYS F 152 -35.09 14.25 -49.06
C CYS F 152 -36.51 13.71 -48.94
N ALA F 153 -36.69 12.44 -49.30
CA ALA F 153 -37.98 11.76 -49.15
C ALA F 153 -37.74 10.34 -48.69
N ALA F 154 -38.74 9.78 -47.99
CA ALA F 154 -38.62 8.43 -47.42
C ALA F 154 -39.94 7.67 -47.36
N ILE F 155 -39.92 6.43 -47.85
CA ILE F 155 -41.04 5.52 -47.77
C ILE F 155 -40.61 4.39 -46.84
N THR F 156 -41.30 4.26 -45.71
CA THR F 156 -40.92 3.34 -44.63
C THR F 156 -41.98 2.27 -44.48
N PRO F 157 -41.58 1.05 -44.05
CA PRO F 157 -42.50 -0.07 -43.97
C PRO F 157 -43.17 -0.19 -42.60
N TRP F 158 -43.93 -1.26 -42.43
CA TRP F 158 -44.83 -1.44 -41.30
C TRP F 158 -44.26 -2.22 -40.14
N ASN F 159 -43.20 -2.99 -40.37
CA ASN F 159 -42.72 -3.95 -39.37
C ASN F 159 -41.94 -3.36 -38.21
N PHE F 160 -41.44 -2.14 -38.41
CA PHE F 160 -40.86 -1.33 -37.35
C PHE F 160 -41.33 0.11 -37.56
N PRO F 161 -42.58 0.41 -37.15
CA PRO F 161 -43.17 1.72 -37.50
C PRO F 161 -42.51 2.91 -36.81
N ALA F 162 -41.86 2.67 -35.67
CA ALA F 162 -41.17 3.74 -34.93
C ALA F 162 -39.71 3.91 -35.38
N ALA F 163 -38.95 2.83 -35.30
CA ALA F 163 -37.53 2.80 -35.62
C ALA F 163 -37.25 3.32 -37.02
N MET F 164 -38.12 2.96 -37.96
CA MET F 164 -37.93 3.31 -39.36
C MET F 164 -38.03 4.81 -39.60
N ILE F 165 -38.93 5.48 -38.89
CA ILE F 165 -39.02 6.93 -39.02
C ILE F 165 -37.72 7.54 -38.50
N ALA F 166 -37.27 7.09 -37.32
CA ALA F 166 -36.06 7.61 -36.67
C ALA F 166 -34.78 7.38 -37.48
N ARG F 167 -34.67 6.21 -38.11
CA ARG F 167 -33.54 5.80 -38.97
C ARG F 167 -33.38 6.64 -40.24
N LYS F 168 -34.46 7.24 -40.71
CA LYS F 168 -34.42 7.99 -41.96
C LYS F 168 -34.55 9.48 -41.75
N VAL F 169 -35.28 9.87 -40.70
CA VAL F 169 -35.47 11.28 -40.42
C VAL F 169 -34.24 11.84 -39.74
N GLY F 170 -33.74 11.12 -38.74
CA GLY F 170 -32.55 11.51 -37.98
C GLY F 170 -31.33 11.98 -38.77
N PRO F 171 -30.81 11.13 -39.68
CA PRO F 171 -29.65 11.55 -40.47
C PRO F 171 -29.97 12.68 -41.45
N ALA F 172 -31.17 12.67 -42.03
CA ALA F 172 -31.58 13.69 -42.99
C ALA F 172 -31.47 15.08 -42.38
N LEU F 173 -32.15 15.27 -41.25
CA LEU F 173 -32.13 16.52 -40.53
C LEU F 173 -30.75 16.85 -39.97
N ALA F 174 -30.10 15.88 -39.33
CA ALA F 174 -28.76 16.09 -38.79
C ALA F 174 -27.80 16.64 -39.85
N ALA F 175 -27.99 16.21 -41.09
CA ALA F 175 -27.16 16.68 -42.21
C ALA F 175 -27.52 18.08 -42.71
N GLY F 176 -28.63 18.63 -42.24
CA GLY F 176 -29.10 19.93 -42.68
C GLY F 176 -30.11 19.89 -43.81
N CYS F 177 -30.88 18.80 -43.90
CA CYS F 177 -31.93 18.63 -44.92
C CYS F 177 -33.33 18.54 -44.30
N PRO F 178 -34.36 18.97 -45.05
CA PRO F 178 -35.74 18.61 -44.75
C PRO F 178 -36.12 17.28 -45.40
N ILE F 179 -37.21 16.68 -44.92
CA ILE F 179 -37.60 15.34 -45.36
C ILE F 179 -39.13 15.17 -45.50
N VAL F 180 -39.54 14.47 -46.57
CA VAL F 180 -40.94 14.09 -46.73
C VAL F 180 -41.09 12.58 -46.57
N VAL F 181 -41.72 12.17 -45.48
CA VAL F 181 -41.91 10.77 -45.15
C VAL F 181 -43.32 10.27 -45.50
N LYS F 182 -43.40 9.22 -46.32
CA LYS F 182 -44.65 8.48 -46.43
C LYS F 182 -44.48 7.17 -45.68
N PRO F 183 -45.14 7.05 -44.51
CA PRO F 183 -45.07 5.82 -43.73
C PRO F 183 -46.01 4.76 -44.30
N ALA F 184 -45.98 3.57 -43.71
CA ALA F 184 -46.79 2.47 -44.19
C ALA F 184 -48.25 2.60 -43.74
N GLU F 185 -49.15 2.59 -44.71
CA GLU F 185 -50.57 2.82 -44.49
C GLU F 185 -51.20 1.91 -43.42
N SER F 186 -50.60 0.73 -43.20
CA SER F 186 -51.16 -0.19 -42.21
C SER F 186 -50.81 0.20 -40.78
N THR F 187 -49.72 0.95 -40.62
CA THR F 187 -49.25 1.37 -39.28
C THR F 187 -48.85 2.83 -39.23
N PRO F 188 -49.79 3.76 -39.51
CA PRO F 188 -49.40 5.17 -39.58
C PRO F 188 -49.30 5.87 -38.22
N PHE F 189 -49.87 5.29 -37.16
CA PHE F 189 -49.97 6.01 -35.89
C PHE F 189 -48.62 6.26 -35.23
N SER F 190 -47.72 5.29 -35.34
CA SER F 190 -46.39 5.45 -34.76
C SER F 190 -45.58 6.56 -35.44
N ALA F 191 -45.81 6.74 -36.73
CA ALA F 191 -45.11 7.76 -37.50
C ALA F 191 -45.61 9.16 -37.14
N LEU F 192 -46.92 9.26 -36.94
CA LEU F 192 -47.55 10.53 -36.65
C LEU F 192 -47.21 10.98 -35.25
N ALA F 193 -47.13 10.02 -34.34
CA ALA F 193 -46.74 10.26 -32.95
C ALA F 193 -45.36 10.88 -32.90
N MET F 194 -44.40 10.27 -33.62
CA MET F 194 -43.03 10.76 -33.75
C MET F 194 -42.99 12.17 -34.33
N ALA F 195 -43.82 12.42 -35.33
CA ALA F 195 -43.91 13.73 -35.98
C ALA F 195 -44.45 14.75 -34.99
N PHE F 196 -45.50 14.37 -34.27
CA PHE F 196 -46.08 15.27 -33.26
C PHE F 196 -45.01 15.71 -32.25
N LEU F 197 -44.24 14.75 -31.74
CA LEU F 197 -43.16 15.01 -30.79
C LEU F 197 -42.00 15.79 -31.38
N ALA F 198 -41.77 15.63 -32.68
CA ALA F 198 -40.79 16.44 -33.40
C ALA F 198 -41.21 17.91 -33.42
N GLU F 199 -42.52 18.13 -33.61
CA GLU F 199 -43.08 19.47 -33.64
C GLU F 199 -42.94 20.10 -32.27
N ARG F 200 -43.29 19.33 -31.25
CA ARG F 200 -43.11 19.74 -29.86
C ARG F 200 -41.66 20.05 -29.50
N ALA F 201 -40.71 19.40 -30.16
CA ALA F 201 -39.29 19.55 -29.86
C ALA F 201 -38.72 20.83 -30.45
N GLY F 202 -39.39 21.35 -31.46
CA GLY F 202 -38.98 22.60 -32.10
C GLY F 202 -38.49 22.43 -33.53
N VAL F 203 -39.06 21.48 -34.26
CA VAL F 203 -38.69 21.29 -35.66
C VAL F 203 -39.48 22.28 -36.51
N PRO F 204 -38.79 23.28 -37.10
CA PRO F 204 -39.46 24.37 -37.81
C PRO F 204 -40.41 23.83 -38.87
N LYS F 205 -41.54 24.52 -39.04
CA LYS F 205 -42.57 24.10 -40.00
C LYS F 205 -41.97 23.91 -41.41
N GLY F 206 -42.26 22.77 -42.02
CA GLY F 206 -41.76 22.42 -43.36
C GLY F 206 -40.57 21.48 -43.40
N VAL F 207 -39.81 21.42 -42.31
CA VAL F 207 -38.59 20.61 -42.23
C VAL F 207 -38.92 19.12 -42.12
N LEU F 208 -40.11 18.82 -41.58
CA LEU F 208 -40.65 17.45 -41.54
C LEU F 208 -42.13 17.34 -41.94
N SER F 209 -42.39 16.49 -42.92
CA SER F 209 -43.76 16.17 -43.33
C SER F 209 -43.99 14.67 -43.24
N VAL F 210 -45.21 14.31 -42.83
CA VAL F 210 -45.60 12.92 -42.80
C VAL F 210 -46.90 12.79 -43.59
N VAL F 211 -46.79 12.32 -44.82
CA VAL F 211 -47.92 12.15 -45.72
C VAL F 211 -48.50 10.75 -45.57
N ILE F 212 -49.81 10.66 -45.40
CA ILE F 212 -50.51 9.38 -45.35
C ILE F 212 -51.51 9.30 -46.49
N GLY F 213 -51.55 8.16 -47.17
CA GLY F 213 -52.54 7.96 -48.21
C GLY F 213 -52.22 6.86 -49.20
N ASP F 214 -52.43 7.17 -50.48
CA ASP F 214 -52.31 6.21 -51.56
C ASP F 214 -50.84 6.06 -51.98
N PRO F 215 -50.24 4.90 -51.65
CA PRO F 215 -48.82 4.66 -51.85
C PRO F 215 -48.35 4.90 -53.29
N LYS F 216 -49.17 4.56 -54.28
CA LYS F 216 -48.81 4.75 -55.69
C LYS F 216 -48.91 6.22 -56.09
N ALA F 217 -50.00 6.88 -55.73
CA ALA F 217 -50.15 8.32 -55.99
C ALA F 217 -49.03 9.12 -55.32
N ILE F 218 -48.75 8.82 -54.05
CA ILE F 218 -47.71 9.51 -53.28
C ILE F 218 -46.29 9.12 -53.74
N GLY F 219 -46.09 7.84 -54.01
CA GLY F 219 -44.80 7.34 -54.47
C GLY F 219 -44.40 7.96 -55.79
N THR F 220 -45.39 8.09 -56.67
CA THR F 220 -45.17 8.68 -58.01
C THR F 220 -44.83 10.16 -57.92
N GLU F 221 -45.57 10.91 -57.12
CA GLU F 221 -45.29 12.32 -56.93
C GLU F 221 -43.87 12.49 -56.38
N ILE F 222 -43.54 11.71 -55.35
CA ILE F 222 -42.20 11.71 -54.78
C ILE F 222 -41.13 11.42 -55.84
N THR F 223 -41.35 10.38 -56.67
CA THR F 223 -40.33 9.98 -57.63
C THR F 223 -40.24 10.87 -58.86
N SER F 224 -41.35 11.49 -59.25
CA SER F 224 -41.32 12.33 -60.45
C SER F 224 -40.97 13.79 -60.15
N ASN F 225 -41.05 14.19 -58.87
CA ASN F 225 -40.88 15.58 -58.48
C ASN F 225 -39.41 16.04 -58.53
N PRO F 226 -39.07 16.91 -59.50
CA PRO F 226 -37.67 17.33 -59.64
C PRO F 226 -37.04 17.95 -58.38
N ILE F 227 -37.88 18.39 -57.44
CA ILE F 227 -37.40 19.02 -56.20
C ILE F 227 -36.69 18.02 -55.28
N VAL F 228 -37.25 16.82 -55.14
CA VAL F 228 -36.64 15.75 -54.33
C VAL F 228 -35.35 15.24 -54.95
N ARG F 229 -34.25 15.34 -54.20
CA ARG F 229 -32.94 14.97 -54.73
C ARG F 229 -32.43 13.67 -54.16
N LYS F 230 -33.08 13.20 -53.10
CA LYS F 230 -32.65 12.03 -52.36
C LYS F 230 -33.88 11.26 -51.87
N LEU F 231 -34.02 10.01 -52.30
CA LEU F 231 -35.09 9.17 -51.79
C LEU F 231 -34.54 7.94 -51.09
N SER F 232 -35.12 7.64 -49.93
CA SER F 232 -34.78 6.44 -49.18
C SER F 232 -35.99 5.52 -49.10
N PHE F 233 -35.83 4.28 -49.57
CA PHE F 233 -36.92 3.29 -49.52
C PHE F 233 -36.54 2.01 -48.77
N THR F 234 -37.44 1.58 -47.88
CA THR F 234 -37.28 0.29 -47.21
C THR F 234 -38.54 -0.56 -47.37
N GLY F 235 -38.38 -1.70 -48.03
CA GLY F 235 -39.50 -2.61 -48.30
C GLY F 235 -39.11 -3.72 -49.27
N SER F 236 -40.07 -4.18 -50.07
CA SER F 236 -39.83 -5.31 -50.96
C SER F 236 -38.99 -4.93 -52.18
N THR F 237 -38.05 -5.81 -52.52
CA THR F 237 -37.18 -5.67 -53.70
C THR F 237 -37.97 -5.30 -54.95
N ALA F 238 -39.06 -6.03 -55.20
CA ALA F 238 -39.93 -5.79 -56.36
C ALA F 238 -40.29 -4.30 -56.51
N VAL F 239 -40.76 -3.70 -55.41
CA VAL F 239 -41.14 -2.28 -55.35
C VAL F 239 -39.94 -1.36 -55.51
N GLY F 240 -38.89 -1.62 -54.73
CA GLY F 240 -37.65 -0.86 -54.83
C GLY F 240 -37.13 -0.70 -56.25
N ARG F 241 -37.23 -1.77 -57.04
CA ARG F 241 -36.79 -1.76 -58.44
C ARG F 241 -37.62 -0.77 -59.24
N LEU F 242 -38.92 -0.71 -58.95
CA LEU F 242 -39.81 0.22 -59.65
C LEU F 242 -39.44 1.65 -59.27
N LEU F 243 -39.23 1.87 -57.98
CA LEU F 243 -38.91 3.21 -57.48
C LEU F 243 -37.62 3.75 -58.06
N MET F 244 -36.67 2.87 -58.35
CA MET F 244 -35.42 3.27 -58.96
C MET F 244 -35.67 3.71 -60.40
N ALA F 245 -36.47 2.93 -61.12
CA ALA F 245 -36.85 3.27 -62.48
C ALA F 245 -37.61 4.61 -62.53
N GLN F 246 -38.53 4.82 -61.60
CA GLN F 246 -39.27 6.09 -61.51
C GLN F 246 -38.38 7.28 -61.10
N SER F 247 -37.36 7.03 -60.28
CA SER F 247 -36.41 8.07 -59.85
C SER F 247 -35.36 8.41 -60.91
N ALA F 248 -35.25 7.58 -61.94
CA ALA F 248 -34.17 7.71 -62.91
C ALA F 248 -34.19 8.97 -63.79
N PRO F 249 -35.40 9.46 -64.19
CA PRO F 249 -35.46 10.72 -64.96
C PRO F 249 -34.78 11.93 -64.27
N THR F 250 -34.81 11.98 -62.94
CA THR F 250 -34.12 13.05 -62.23
C THR F 250 -32.82 12.62 -61.55
N VAL F 251 -32.43 11.35 -61.78
CA VAL F 251 -31.10 10.85 -61.37
C VAL F 251 -30.86 11.02 -59.85
N LYS F 252 -31.87 10.63 -59.07
CA LYS F 252 -31.87 10.83 -57.63
C LYS F 252 -30.82 9.97 -56.94
N LYS F 253 -30.24 10.52 -55.88
CA LYS F 253 -29.42 9.76 -54.95
C LYS F 253 -30.35 8.83 -54.17
N LEU F 254 -30.07 7.53 -54.24
CA LEU F 254 -30.95 6.50 -53.67
C LEU F 254 -30.33 5.70 -52.53
N THR F 255 -31.14 5.43 -51.50
CA THR F 255 -30.82 4.45 -50.47
C THR F 255 -31.93 3.40 -50.57
N LEU F 256 -31.56 2.16 -50.85
CA LEU F 256 -32.55 1.08 -50.92
C LEU F 256 -32.21 -0.06 -49.94
N GLU F 257 -33.02 -0.22 -48.90
CA GLU F 257 -32.96 -1.37 -48.01
C GLU F 257 -34.09 -2.31 -48.45
N LEU F 258 -33.74 -3.41 -49.10
CA LEU F 258 -34.76 -4.25 -49.72
C LEU F 258 -34.89 -5.63 -49.06
N GLY F 259 -35.36 -6.62 -49.81
CA GLY F 259 -35.54 -7.97 -49.29
C GLY F 259 -34.24 -8.67 -48.95
N GLY F 260 -34.33 -9.77 -48.19
CA GLY F 260 -33.16 -10.59 -47.89
C GLY F 260 -33.50 -12.04 -48.19
N ASN F 261 -32.63 -12.94 -47.73
CA ASN F 261 -32.91 -14.37 -47.64
C ASN F 261 -31.93 -14.95 -46.64
N ALA F 262 -32.12 -14.60 -45.37
CA ALA F 262 -31.12 -14.81 -44.33
C ALA F 262 -30.82 -16.27 -43.97
N PRO F 263 -29.54 -16.68 -44.13
CA PRO F 263 -29.12 -18.01 -43.71
C PRO F 263 -28.60 -18.03 -42.26
N PHE F 264 -29.11 -18.97 -41.49
CA PHE F 264 -28.63 -19.19 -40.14
C PHE F 264 -27.88 -20.50 -40.18
N ILE F 265 -26.57 -20.42 -40.02
CA ILE F 265 -25.67 -21.54 -40.29
C ILE F 265 -25.11 -22.14 -39.00
N VAL F 266 -25.40 -23.41 -38.78
CA VAL F 266 -24.95 -24.12 -37.58
C VAL F 266 -23.92 -25.18 -37.96
N PHE F 267 -22.68 -24.95 -37.55
CA PHE F 267 -21.61 -25.86 -37.95
C PHE F 267 -21.40 -27.05 -37.04
N ASP F 268 -20.71 -28.03 -37.63
CA ASP F 268 -20.14 -29.18 -36.96
C ASP F 268 -19.82 -28.97 -35.50
N ASP F 269 -19.22 -27.82 -35.18
CA ASP F 269 -18.58 -27.58 -33.89
C ASP F 269 -19.15 -26.39 -33.13
N ALA F 270 -20.38 -26.01 -33.45
CA ALA F 270 -21.06 -24.94 -32.74
C ALA F 270 -21.43 -25.34 -31.30
N ASP F 271 -21.63 -24.35 -30.43
CA ASP F 271 -22.36 -24.56 -29.19
C ASP F 271 -23.83 -24.63 -29.56
N LEU F 272 -24.43 -25.80 -29.38
CA LEU F 272 -25.79 -26.04 -29.83
C LEU F 272 -26.85 -25.25 -29.03
N ASP F 273 -26.64 -25.09 -27.73
CA ASP F 273 -27.60 -24.35 -26.90
C ASP F 273 -27.63 -22.88 -27.27
N ALA F 274 -26.44 -22.30 -27.43
CA ALA F 274 -26.29 -20.90 -27.82
C ALA F 274 -26.83 -20.63 -29.22
N ALA F 275 -26.57 -21.55 -30.16
CA ALA F 275 -27.14 -21.45 -31.48
C ALA F 275 -28.68 -21.50 -31.43
N VAL F 276 -29.22 -22.32 -30.53
CA VAL F 276 -30.67 -22.36 -30.32
C VAL F 276 -31.17 -21.01 -29.76
N GLU F 277 -30.41 -20.39 -28.85
CA GLU F 277 -30.80 -19.07 -28.34
C GLU F 277 -30.78 -18.00 -29.45
N GLY F 278 -29.75 -18.04 -30.28
CA GLY F 278 -29.62 -17.15 -31.44
C GLY F 278 -30.65 -17.44 -32.53
N ALA F 279 -31.03 -18.70 -32.65
CA ALA F 279 -32.08 -19.12 -33.60
C ALA F 279 -33.46 -18.59 -33.20
N ILE F 280 -33.77 -18.62 -31.91
CA ILE F 280 -35.04 -18.09 -31.42
C ILE F 280 -35.10 -16.57 -31.58
N ALA F 281 -33.98 -15.91 -31.30
CA ALA F 281 -33.85 -14.47 -31.45
C ALA F 281 -33.97 -14.01 -32.91
N SER F 282 -33.27 -14.69 -33.82
CA SER F 282 -33.22 -14.32 -35.23
C SER F 282 -34.49 -14.69 -35.99
N LYS F 283 -35.18 -15.75 -35.57
CA LYS F 283 -36.34 -16.22 -36.32
C LYS F 283 -37.67 -15.68 -35.82
N TYR F 284 -37.83 -15.61 -34.51
CA TYR F 284 -39.17 -15.39 -33.93
C TYR F 284 -39.45 -13.97 -33.42
N ARG F 285 -38.40 -13.18 -33.23
CA ARG F 285 -38.56 -11.76 -32.88
C ARG F 285 -39.44 -11.11 -33.93
N ASN F 286 -40.40 -10.31 -33.48
CA ASN F 286 -41.41 -9.69 -34.35
C ASN F 286 -42.19 -10.73 -35.20
N ASN F 287 -42.19 -11.99 -34.75
CA ASN F 287 -42.95 -13.08 -35.41
C ASN F 287 -42.40 -13.46 -36.79
N GLY F 288 -41.10 -13.31 -36.95
CA GLY F 288 -40.41 -13.55 -38.21
C GLY F 288 -40.50 -12.44 -39.22
N GLN F 289 -40.99 -11.27 -38.82
CA GLN F 289 -41.37 -10.24 -39.77
C GLN F 289 -40.36 -9.12 -40.02
N THR F 290 -39.14 -9.25 -39.48
CA THR F 290 -38.09 -8.23 -39.68
C THR F 290 -37.31 -8.47 -40.97
N CYS F 291 -36.57 -7.47 -41.44
CA CYS F 291 -35.80 -7.57 -42.68
C CYS F 291 -34.67 -8.56 -42.53
N VAL F 292 -34.17 -8.69 -41.31
CA VAL F 292 -32.99 -9.51 -41.04
C VAL F 292 -33.32 -10.89 -40.48
N CYS F 293 -34.60 -11.26 -40.48
CA CYS F 293 -35.00 -12.54 -39.94
C CYS F 293 -34.49 -13.70 -40.77
N THR F 294 -33.92 -14.69 -40.07
CA THR F 294 -33.51 -15.97 -40.66
C THR F 294 -34.63 -16.48 -41.54
N ASN F 295 -34.31 -16.73 -42.81
CA ASN F 295 -35.27 -17.33 -43.71
C ASN F 295 -34.94 -18.79 -43.94
N ARG F 296 -33.67 -19.16 -43.78
CA ARG F 296 -33.23 -20.54 -43.96
C ARG F 296 -32.27 -20.96 -42.85
N PHE F 297 -32.52 -22.10 -42.23
CA PHE F 297 -31.57 -22.68 -41.26
C PHE F 297 -30.75 -23.75 -41.95
N PHE F 298 -29.43 -23.58 -41.95
CA PHE F 298 -28.55 -24.56 -42.54
C PHE F 298 -27.81 -25.26 -41.42
N VAL F 299 -28.10 -26.54 -41.20
CA VAL F 299 -27.49 -27.31 -40.12
C VAL F 299 -26.65 -28.45 -40.68
N HIS F 300 -25.43 -28.59 -40.17
CA HIS F 300 -24.52 -29.68 -40.57
C HIS F 300 -25.12 -31.04 -40.21
N GLU F 301 -24.87 -32.04 -41.07
CA GLU F 301 -25.31 -33.43 -40.87
C GLU F 301 -25.17 -33.91 -39.44
N ARG F 302 -23.99 -33.71 -38.88
CA ARG F 302 -23.59 -34.40 -37.66
C ARG F 302 -24.29 -33.88 -36.40
N VAL F 303 -24.97 -32.73 -36.50
CA VAL F 303 -25.70 -32.16 -35.37
C VAL F 303 -27.16 -31.90 -35.67
N TYR F 304 -27.59 -32.26 -36.88
CA TYR F 304 -28.94 -31.96 -37.37
C TYR F 304 -30.01 -32.38 -36.38
N ASP F 305 -30.04 -33.68 -36.06
CA ASP F 305 -30.98 -34.24 -35.09
C ASP F 305 -30.92 -33.51 -33.75
N ALA F 306 -29.72 -33.38 -33.20
CA ALA F 306 -29.51 -32.73 -31.91
C ALA F 306 -30.00 -31.28 -31.90
N PHE F 307 -29.69 -30.54 -32.97
CA PHE F 307 -30.11 -29.15 -33.09
C PHE F 307 -31.63 -29.02 -33.25
N ALA F 308 -32.22 -29.88 -34.07
CA ALA F 308 -33.67 -29.85 -34.34
C ALA F 308 -34.52 -30.12 -33.10
N ASP F 309 -34.06 -31.00 -32.23
CA ASP F 309 -34.77 -31.34 -31.00
C ASP F 309 -34.75 -30.18 -30.01
N LYS F 310 -33.55 -29.64 -29.78
CA LYS F 310 -33.36 -28.50 -28.89
C LYS F 310 -34.12 -27.25 -29.36
N LEU F 311 -34.15 -27.01 -30.68
CA LEU F 311 -34.90 -25.88 -31.23
C LEU F 311 -36.39 -26.06 -31.01
N ALA F 312 -36.88 -27.27 -31.31
CA ALA F 312 -38.28 -27.63 -31.10
C ALA F 312 -38.67 -27.48 -29.63
N ALA F 313 -37.73 -27.80 -28.75
CA ALA F 313 -37.92 -27.62 -27.32
C ALA F 313 -38.12 -26.14 -27.01
N ALA F 314 -37.19 -25.31 -27.46
CA ALA F 314 -37.21 -23.88 -27.15
C ALA F 314 -38.40 -23.14 -27.76
N VAL F 315 -38.92 -23.64 -28.87
CA VAL F 315 -40.02 -23.01 -29.61
C VAL F 315 -41.37 -23.21 -28.90
N SER F 316 -41.52 -24.36 -28.25
CA SER F 316 -42.74 -24.67 -27.52
C SER F 316 -42.84 -23.84 -26.24
N LYS F 317 -41.69 -23.41 -25.71
CA LYS F 317 -41.67 -22.50 -24.56
C LYS F 317 -41.99 -21.05 -24.95
N LEU F 318 -42.35 -20.82 -26.22
CA LEU F 318 -42.83 -19.51 -26.67
C LEU F 318 -44.34 -19.41 -26.51
N LYS F 319 -44.85 -18.20 -26.28
CA LYS F 319 -46.27 -17.98 -26.03
C LYS F 319 -46.92 -16.99 -26.98
N VAL F 320 -48.00 -17.44 -27.59
CA VAL F 320 -48.79 -16.64 -28.51
C VAL F 320 -49.87 -15.91 -27.72
N GLY F 321 -50.11 -14.64 -28.05
CA GLY F 321 -51.15 -13.86 -27.39
C GLY F 321 -51.12 -12.41 -27.81
N ARG F 322 -52.20 -11.69 -27.50
CA ARG F 322 -52.29 -10.26 -27.75
C ARG F 322 -51.13 -9.56 -27.08
N GLY F 323 -50.58 -8.55 -27.76
CA GLY F 323 -49.35 -7.89 -27.32
C GLY F 323 -49.41 -7.23 -25.96
N THR F 324 -50.61 -6.78 -25.59
CA THR F 324 -50.84 -6.12 -24.31
C THR F 324 -50.87 -7.11 -23.16
N GLU F 325 -51.27 -8.34 -23.46
CA GLU F 325 -51.25 -9.41 -22.46
C GLU F 325 -49.80 -9.73 -22.06
N SER F 326 -49.50 -9.62 -20.77
CA SER F 326 -48.19 -10.02 -20.25
C SER F 326 -48.00 -11.53 -20.31
N GLY F 327 -46.77 -11.95 -20.59
CA GLY F 327 -46.46 -13.36 -20.79
C GLY F 327 -46.41 -13.71 -22.26
N ALA F 328 -47.09 -12.92 -23.08
CA ALA F 328 -47.13 -13.15 -24.52
C ALA F 328 -45.83 -12.72 -25.19
N THR F 329 -45.20 -13.65 -25.90
CA THR F 329 -43.98 -13.35 -26.64
C THR F 329 -44.20 -13.37 -28.17
N LEU F 330 -45.37 -13.83 -28.61
CA LEU F 330 -45.70 -13.84 -30.04
C LEU F 330 -47.04 -13.18 -30.37
N GLY F 331 -46.97 -12.13 -31.17
CA GLY F 331 -48.16 -11.43 -31.64
C GLY F 331 -48.71 -12.03 -32.93
N PRO F 332 -49.75 -11.39 -33.51
CA PRO F 332 -50.28 -11.80 -34.80
C PRO F 332 -49.42 -11.29 -35.96
N LEU F 333 -49.58 -11.91 -37.13
CA LEU F 333 -48.99 -11.38 -38.36
C LEU F 333 -49.72 -10.10 -38.70
N ILE F 334 -49.08 -9.24 -39.49
CA ILE F 334 -49.65 -7.93 -39.75
C ILE F 334 -51.09 -7.97 -40.29
N ASN F 335 -51.38 -8.92 -41.17
CA ASN F 335 -52.70 -9.06 -41.75
C ASN F 335 -52.96 -10.44 -42.39
N GLU F 336 -54.14 -10.59 -42.99
CA GLU F 336 -54.51 -11.84 -43.66
C GLU F 336 -53.49 -12.31 -44.67
N ALA F 337 -53.11 -11.43 -45.60
CA ALA F 337 -52.16 -11.78 -46.65
C ALA F 337 -50.91 -12.45 -46.09
N ALA F 338 -50.41 -11.92 -44.96
CA ALA F 338 -49.21 -12.45 -44.31
C ALA F 338 -49.36 -13.90 -43.87
N VAL F 339 -50.57 -14.24 -43.41
CA VAL F 339 -50.86 -15.58 -42.90
C VAL F 339 -50.87 -16.60 -44.03
N LYS F 340 -51.56 -16.24 -45.12
CA LYS F 340 -51.70 -17.11 -46.30
C LYS F 340 -50.36 -17.42 -46.98
N LYS F 341 -49.40 -16.49 -46.87
CA LYS F 341 -48.04 -16.67 -47.36
C LYS F 341 -47.31 -17.77 -46.60
N VAL F 342 -47.43 -17.74 -45.27
CA VAL F 342 -46.83 -18.77 -44.42
C VAL F 342 -47.43 -20.15 -44.74
N GLU F 343 -48.74 -20.19 -44.93
CA GLU F 343 -49.43 -21.41 -45.27
C GLU F 343 -48.96 -21.92 -46.62
N SER F 344 -48.79 -20.98 -47.55
CA SER F 344 -48.29 -21.27 -48.88
C SER F 344 -46.93 -21.98 -48.83
N HIS F 345 -46.06 -21.48 -47.95
CA HIS F 345 -44.71 -22.01 -47.80
C HIS F 345 -44.66 -23.39 -47.17
N ILE F 346 -45.53 -23.61 -46.17
CA ILE F 346 -45.60 -24.87 -45.47
C ILE F 346 -46.14 -25.96 -46.40
N ALA F 347 -47.20 -25.61 -47.13
CA ALA F 347 -47.83 -26.49 -48.10
C ALA F 347 -46.86 -26.92 -49.19
N ASP F 348 -46.12 -25.95 -49.74
CA ASP F 348 -45.08 -26.23 -50.71
C ASP F 348 -44.07 -27.24 -50.15
N ALA F 349 -43.52 -26.95 -48.98
CA ALA F 349 -42.52 -27.82 -48.36
C ALA F 349 -43.07 -29.23 -48.09
N LEU F 350 -44.30 -29.30 -47.60
CA LEU F 350 -45.00 -30.56 -47.38
C LEU F 350 -45.20 -31.35 -48.67
N ALA F 351 -45.65 -30.66 -49.71
CA ALA F 351 -45.82 -31.24 -51.04
C ALA F 351 -44.51 -31.80 -51.60
N LYS F 352 -43.39 -31.21 -51.20
CA LYS F 352 -42.07 -31.62 -51.69
C LYS F 352 -41.29 -32.53 -50.74
N GLY F 353 -41.98 -33.02 -49.71
CA GLY F 353 -41.46 -34.11 -48.88
C GLY F 353 -40.98 -33.77 -47.49
N ALA F 354 -41.22 -32.54 -47.05
CA ALA F 354 -40.76 -32.08 -45.73
C ALA F 354 -41.62 -32.61 -44.59
N SER F 355 -40.97 -32.82 -43.44
CA SER F 355 -41.65 -33.24 -42.20
C SER F 355 -42.01 -32.04 -41.33
N LEU F 356 -43.22 -32.05 -40.81
CA LEU F 356 -43.66 -31.03 -39.84
C LEU F 356 -43.29 -31.48 -38.44
N MET F 357 -42.58 -30.63 -37.72
CA MET F 357 -42.06 -31.00 -36.41
C MET F 357 -42.93 -30.43 -35.30
N THR F 358 -43.39 -29.20 -35.47
CA THR F 358 -44.33 -28.55 -34.55
C THR F 358 -45.02 -27.37 -35.25
N GLY F 359 -46.23 -27.05 -34.80
CA GLY F 359 -47.03 -25.99 -35.40
C GLY F 359 -47.53 -26.33 -36.79
N GLY F 360 -47.46 -25.35 -37.68
CA GLY F 360 -47.81 -25.56 -39.08
C GLY F 360 -49.21 -25.12 -39.46
N LYS F 361 -49.90 -24.44 -38.55
CA LYS F 361 -51.28 -24.03 -38.81
C LYS F 361 -51.65 -22.69 -38.17
N ARG F 362 -52.78 -22.12 -38.62
CA ARG F 362 -53.37 -20.95 -37.98
C ARG F 362 -53.66 -21.27 -36.51
N HIS F 363 -53.31 -20.35 -35.64
CA HIS F 363 -53.55 -20.49 -34.20
C HIS F 363 -55.03 -20.39 -33.91
N ALA F 364 -55.46 -21.00 -32.79
CA ALA F 364 -56.84 -20.95 -32.32
C ALA F 364 -57.46 -19.53 -32.14
N LEU F 365 -56.62 -18.55 -31.81
CA LEU F 365 -57.06 -17.18 -31.53
C LEU F 365 -57.55 -16.40 -32.76
N GLY F 366 -57.40 -17.00 -33.94
CA GLY F 366 -57.84 -16.39 -35.19
C GLY F 366 -56.92 -15.28 -35.67
N HIS F 367 -57.46 -14.43 -36.55
CA HIS F 367 -56.80 -13.23 -37.05
C HIS F 367 -55.40 -13.50 -37.64
N GLY F 368 -54.39 -12.78 -37.16
CA GLY F 368 -53.03 -12.91 -37.69
C GLY F 368 -52.19 -13.95 -36.96
N PHE F 369 -52.78 -14.59 -35.95
CA PHE F 369 -52.07 -15.52 -35.09
C PHE F 369 -51.75 -16.84 -35.79
N PHE F 370 -50.50 -17.27 -35.68
CA PHE F 370 -50.03 -18.47 -36.36
C PHE F 370 -49.02 -19.18 -35.48
N GLU F 371 -49.25 -20.48 -35.29
CA GLU F 371 -48.38 -21.31 -34.46
C GLU F 371 -46.93 -21.30 -34.94
N PRO F 372 -45.99 -21.15 -34.01
CA PRO F 372 -44.59 -21.27 -34.40
C PRO F 372 -44.39 -22.60 -35.09
N THR F 373 -43.69 -22.60 -36.22
CA THR F 373 -43.48 -23.82 -36.97
C THR F 373 -41.99 -24.14 -37.18
N VAL F 374 -41.66 -25.42 -37.05
CA VAL F 374 -40.34 -25.95 -37.37
C VAL F 374 -40.54 -27.03 -38.42
N LEU F 375 -39.75 -27.00 -39.48
CA LEU F 375 -39.82 -28.01 -40.54
C LEU F 375 -38.45 -28.64 -40.78
N THR F 376 -38.43 -29.97 -40.87
CA THR F 376 -37.24 -30.68 -41.26
C THR F 376 -37.44 -31.29 -42.64
N GLY F 377 -36.36 -31.80 -43.23
CA GLY F 377 -36.41 -32.38 -44.57
C GLY F 377 -36.64 -31.31 -45.61
N VAL F 378 -36.18 -30.09 -45.31
CA VAL F 378 -36.35 -28.96 -46.21
C VAL F 378 -35.23 -28.92 -47.25
N LYS F 379 -35.62 -28.75 -48.51
CA LYS F 379 -34.70 -28.87 -49.65
C LYS F 379 -34.68 -27.58 -50.51
N PRO F 380 -33.66 -27.43 -51.39
CA PRO F 380 -33.54 -26.20 -52.20
C PRO F 380 -34.58 -26.00 -53.30
N ASP F 381 -35.40 -27.02 -53.57
CA ASP F 381 -36.50 -26.90 -54.55
C ASP F 381 -37.79 -26.34 -53.93
N MET F 382 -37.80 -26.13 -52.63
CA MET F 382 -38.96 -25.60 -51.93
C MET F 382 -38.94 -24.08 -51.94
N ASP F 383 -40.12 -23.46 -52.02
CA ASP F 383 -40.26 -22.00 -52.13
C ASP F 383 -39.51 -21.24 -51.05
N VAL F 384 -39.54 -21.78 -49.84
CA VAL F 384 -38.92 -21.17 -48.68
C VAL F 384 -37.40 -21.00 -48.86
N ALA F 385 -36.81 -21.74 -49.79
CA ALA F 385 -35.39 -21.60 -50.09
C ALA F 385 -35.09 -20.39 -50.97
N LYS F 386 -36.07 -19.97 -51.75
CA LYS F 386 -35.90 -18.94 -52.76
C LYS F 386 -36.49 -17.59 -52.37
N GLU F 387 -37.44 -17.57 -51.43
CA GLU F 387 -38.14 -16.34 -51.06
C GLU F 387 -38.56 -16.28 -49.60
N GLU F 388 -38.78 -15.06 -49.12
CA GLU F 388 -39.00 -14.77 -47.71
C GLU F 388 -40.39 -15.13 -47.22
N THR F 389 -40.44 -15.69 -46.02
CA THR F 389 -41.69 -16.09 -45.37
C THR F 389 -42.35 -14.91 -44.67
N PHE F 390 -41.55 -14.04 -44.04
CA PHE F 390 -42.03 -13.03 -43.09
C PHE F 390 -43.01 -13.58 -42.04
N GLY F 391 -42.64 -14.70 -41.41
CA GLY F 391 -43.55 -15.39 -40.51
C GLY F 391 -42.82 -16.44 -39.70
N PRO F 392 -43.43 -16.91 -38.61
CA PRO F 392 -42.75 -17.76 -37.61
C PRO F 392 -42.32 -19.16 -38.08
N LEU F 393 -41.68 -19.25 -39.26
CA LEU F 393 -41.38 -20.55 -39.85
C LEU F 393 -39.88 -20.89 -39.91
N ALA F 394 -39.51 -22.01 -39.29
CA ALA F 394 -38.13 -22.48 -39.26
C ALA F 394 -37.89 -23.68 -40.16
N PRO F 395 -37.36 -23.45 -41.38
CA PRO F 395 -37.02 -24.54 -42.27
C PRO F 395 -35.56 -24.98 -42.13
N LEU F 396 -35.33 -26.23 -41.74
CA LEU F 396 -33.97 -26.71 -41.49
C LEU F 396 -33.42 -27.52 -42.66
N PHE F 397 -32.38 -26.98 -43.29
CA PHE F 397 -31.67 -27.61 -44.40
C PHE F 397 -30.46 -28.36 -43.85
N ARG F 398 -30.12 -29.46 -44.50
CA ARG F 398 -28.94 -30.24 -44.19
C ARG F 398 -27.80 -29.82 -45.12
N PHE F 399 -26.56 -29.91 -44.64
CA PHE F 399 -25.38 -29.78 -45.50
C PHE F 399 -24.25 -30.62 -44.93
N ALA F 400 -23.28 -30.97 -45.76
CA ALA F 400 -22.23 -31.91 -45.37
C ALA F 400 -20.87 -31.25 -45.24
N SER F 401 -20.64 -30.18 -45.98
CA SER F 401 -19.31 -29.56 -46.00
C SER F 401 -19.34 -28.03 -46.09
N GLU F 402 -18.21 -27.44 -45.71
CA GLU F 402 -17.99 -26.02 -45.83
C GLU F 402 -18.22 -25.53 -47.27
N GLU F 403 -17.57 -26.20 -48.23
CA GLU F 403 -17.65 -25.87 -49.65
C GLU F 403 -19.11 -25.84 -50.14
N GLU F 404 -19.90 -26.83 -49.71
CA GLU F 404 -21.31 -26.98 -50.12
C GLU F 404 -22.17 -25.87 -49.50
N LEU F 405 -21.93 -25.59 -48.22
CA LEU F 405 -22.66 -24.57 -47.50
C LEU F 405 -22.51 -23.20 -48.17
N VAL F 406 -21.27 -22.77 -48.38
CA VAL F 406 -21.02 -21.47 -49.02
C VAL F 406 -21.77 -21.36 -50.35
N ARG F 407 -21.80 -22.44 -51.11
CA ARG F 407 -22.52 -22.50 -52.37
C ARG F 407 -24.02 -22.36 -52.10
N LEU F 408 -24.51 -23.11 -51.11
CA LEU F 408 -25.92 -23.05 -50.71
C LEU F 408 -26.33 -21.67 -50.23
N ALA F 409 -25.53 -21.10 -49.34
CA ALA F 409 -25.86 -19.82 -48.72
C ALA F 409 -26.01 -18.71 -49.74
N ASN F 410 -25.01 -18.60 -50.63
CA ASN F 410 -24.95 -17.54 -51.64
C ASN F 410 -25.87 -17.74 -52.85
N ASP F 411 -26.45 -18.93 -52.97
CA ASP F 411 -27.28 -19.28 -54.13
C ASP F 411 -28.63 -18.56 -54.07
N THR F 412 -28.57 -17.23 -54.09
CA THR F 412 -29.74 -16.39 -53.92
C THR F 412 -29.46 -15.00 -54.43
N GLU F 413 -30.46 -14.40 -55.06
CA GLU F 413 -30.40 -13.02 -55.54
C GLU F 413 -30.09 -12.02 -54.41
N PHE F 414 -30.43 -12.39 -53.18
CA PHE F 414 -30.37 -11.48 -52.04
C PHE F 414 -29.07 -11.60 -51.21
N GLY F 415 -28.94 -10.75 -50.21
CA GLY F 415 -27.71 -10.69 -49.43
C GLY F 415 -27.71 -9.64 -48.34
N LEU F 416 -28.71 -9.72 -47.47
CA LEU F 416 -28.83 -8.77 -46.37
C LEU F 416 -28.08 -9.26 -45.13
N ALA F 417 -28.77 -9.96 -44.25
CA ALA F 417 -28.16 -10.48 -43.03
C ALA F 417 -27.87 -11.95 -43.20
N ALA F 418 -26.92 -12.44 -42.42
CA ALA F 418 -26.59 -13.86 -42.35
C ALA F 418 -26.04 -14.18 -40.96
N TYR F 419 -26.06 -15.45 -40.59
CA TYR F 419 -25.69 -15.86 -39.23
C TYR F 419 -24.83 -17.10 -39.21
N LEU F 420 -23.84 -17.11 -38.32
CA LEU F 420 -22.82 -18.14 -38.34
C LEU F 420 -22.39 -18.59 -36.95
N TYR F 421 -22.74 -19.82 -36.59
CA TYR F 421 -22.28 -20.45 -35.35
C TYR F 421 -21.21 -21.53 -35.60
N SER F 422 -20.00 -21.18 -35.20
CA SER F 422 -18.87 -22.07 -35.27
C SER F 422 -17.94 -21.63 -34.18
N ARG F 423 -17.14 -22.56 -33.71
CA ARG F 423 -16.26 -22.27 -32.60
C ARG F 423 -14.83 -22.09 -33.07
N ASP F 424 -14.56 -22.43 -34.34
CA ASP F 424 -13.21 -22.36 -34.90
C ASP F 424 -12.89 -21.03 -35.62
N ILE F 425 -11.79 -20.38 -35.20
CA ILE F 425 -11.37 -19.06 -35.69
C ILE F 425 -11.23 -18.98 -37.23
N GLY F 426 -10.54 -19.96 -37.81
CA GLY F 426 -10.29 -20.00 -39.25
C GLY F 426 -11.55 -20.20 -40.08
N ARG F 427 -12.40 -21.13 -39.64
CA ARG F 427 -13.68 -21.40 -40.32
C ARG F 427 -14.60 -20.20 -40.27
N VAL F 428 -14.64 -19.52 -39.13
CA VAL F 428 -15.44 -18.31 -38.97
C VAL F 428 -15.01 -17.27 -40.00
N TRP F 429 -13.71 -16.97 -40.04
CA TRP F 429 -13.18 -15.96 -40.96
C TRP F 429 -13.32 -16.36 -42.44
N ARG F 430 -13.02 -17.61 -42.76
CA ARG F 430 -13.14 -18.10 -44.14
C ARG F 430 -14.56 -17.94 -44.67
N VAL F 431 -15.53 -18.33 -43.86
CA VAL F 431 -16.91 -18.37 -44.33
C VAL F 431 -17.52 -16.98 -44.32
N ALA F 432 -17.25 -16.18 -43.29
CA ALA F 432 -17.74 -14.81 -43.23
C ALA F 432 -17.30 -14.02 -44.46
N GLU F 433 -16.02 -14.15 -44.80
CA GLU F 433 -15.46 -13.50 -45.98
C GLU F 433 -16.09 -14.00 -47.28
N ALA F 434 -16.41 -15.29 -47.34
CA ALA F 434 -16.96 -15.91 -48.54
C ALA F 434 -18.44 -15.59 -48.77
N LEU F 435 -19.16 -15.33 -47.67
CA LEU F 435 -20.58 -15.02 -47.71
C LEU F 435 -20.91 -13.68 -48.35
N GLU F 436 -21.87 -13.69 -49.26
CA GLU F 436 -22.28 -12.46 -49.95
C GLU F 436 -23.44 -11.77 -49.23
N TYR F 437 -23.15 -11.18 -48.09
CA TYR F 437 -24.15 -10.54 -47.25
C TYR F 437 -23.62 -9.25 -46.68
N GLY F 438 -24.50 -8.28 -46.44
CA GLY F 438 -24.09 -7.00 -45.89
C GLY F 438 -23.73 -7.04 -44.41
N MET F 439 -24.40 -7.94 -43.69
CA MET F 439 -24.19 -8.09 -42.26
C MET F 439 -24.18 -9.56 -41.89
N VAL F 440 -23.25 -9.92 -41.01
CA VAL F 440 -23.05 -11.32 -40.63
C VAL F 440 -22.90 -11.44 -39.11
N GLY F 441 -23.85 -12.13 -38.49
CA GLY F 441 -23.75 -12.43 -37.07
C GLY F 441 -22.87 -13.63 -36.83
N ILE F 442 -21.91 -13.47 -35.93
CA ILE F 442 -21.01 -14.56 -35.56
C ILE F 442 -21.27 -15.02 -34.13
N ASN F 443 -21.81 -16.23 -34.00
CA ASN F 443 -22.20 -16.80 -32.74
C ASN F 443 -23.18 -15.89 -31.98
N THR F 444 -23.97 -15.15 -32.74
CA THR F 444 -25.04 -14.32 -32.21
C THR F 444 -26.12 -14.27 -33.29
N GLY F 445 -27.37 -14.19 -32.85
CA GLY F 445 -28.52 -14.07 -33.74
C GLY F 445 -29.13 -12.70 -33.69
N LEU F 446 -28.52 -11.80 -32.92
CA LEU F 446 -28.95 -10.40 -32.85
C LEU F 446 -27.82 -9.47 -33.23
N ILE F 447 -28.06 -8.64 -34.23
CA ILE F 447 -26.97 -7.82 -34.78
C ILE F 447 -27.30 -6.31 -34.97
N SER F 448 -28.59 -6.00 -35.06
CA SER F 448 -29.05 -4.64 -35.39
C SER F 448 -28.87 -3.62 -34.28
N ASN F 449 -28.21 -2.51 -34.60
CA ASN F 449 -28.00 -1.39 -33.68
C ASN F 449 -27.62 -0.09 -34.41
N GLU F 450 -27.44 0.99 -33.65
CA GLU F 450 -27.26 2.34 -34.21
C GLU F 450 -25.86 2.67 -34.75
N VAL F 451 -24.85 1.92 -34.33
CA VAL F 451 -23.45 2.26 -34.62
C VAL F 451 -22.82 1.45 -35.76
N ALA F 452 -23.43 0.31 -36.06
CA ALA F 452 -22.98 -0.55 -37.15
C ALA F 452 -23.68 -0.22 -38.45
N PRO F 453 -22.97 -0.37 -39.57
CA PRO F 453 -23.62 -0.04 -40.84
C PRO F 453 -24.58 -1.13 -41.28
N PHE F 454 -25.81 -0.71 -41.54
CA PHE F 454 -26.92 -1.61 -41.81
C PHE F 454 -27.25 -1.48 -43.28
N GLY F 455 -27.31 -2.62 -43.97
CA GLY F 455 -27.62 -2.66 -45.38
C GLY F 455 -27.17 -3.96 -45.98
N GLY F 456 -27.51 -4.17 -47.24
CA GLY F 456 -27.18 -5.42 -47.89
C GLY F 456 -26.48 -5.23 -49.21
N VAL F 457 -26.34 -6.33 -49.94
CA VAL F 457 -25.67 -6.34 -51.24
C VAL F 457 -26.55 -7.06 -52.26
N LYS F 458 -26.05 -7.13 -53.50
CA LYS F 458 -26.76 -7.81 -54.58
C LYS F 458 -28.16 -7.17 -54.72
N GLN F 459 -29.22 -7.95 -54.53
CA GLN F 459 -30.58 -7.43 -54.72
C GLN F 459 -31.23 -6.93 -53.42
N SER F 460 -30.42 -6.84 -52.36
CA SER F 460 -30.89 -6.30 -51.08
C SER F 460 -30.62 -4.81 -50.97
N GLY F 461 -30.10 -4.23 -52.05
CA GLY F 461 -30.10 -2.78 -52.22
C GLY F 461 -28.78 -2.04 -52.20
N LEU F 462 -28.90 -0.71 -52.07
CA LEU F 462 -27.79 0.23 -52.15
C LEU F 462 -27.76 1.10 -50.90
N GLY F 463 -26.58 1.26 -50.33
CA GLY F 463 -26.38 2.21 -49.24
C GLY F 463 -26.36 1.60 -47.86
N ARG F 464 -26.01 2.42 -46.88
CA ARG F 464 -25.86 1.99 -45.49
C ARG F 464 -26.53 2.94 -44.53
N GLU F 465 -27.24 2.39 -43.54
CA GLU F 465 -27.92 3.17 -42.51
C GLU F 465 -27.25 2.99 -41.14
N GLY F 466 -27.39 4.00 -40.27
CA GLY F 466 -26.67 4.01 -38.99
C GLY F 466 -25.17 4.15 -39.18
N SER F 467 -24.41 3.98 -38.10
CA SER F 467 -22.96 4.22 -38.07
C SER F 467 -22.60 5.63 -38.52
N HIS F 468 -21.33 5.87 -38.83
CA HIS F 468 -20.94 7.13 -39.45
C HIS F 468 -21.07 7.03 -40.96
N TYR F 469 -21.29 5.81 -41.47
CA TYR F 469 -21.58 5.62 -42.89
C TYR F 469 -22.98 6.12 -43.26
N GLY F 470 -23.87 6.16 -42.28
CA GLY F 470 -25.29 6.46 -42.53
C GLY F 470 -25.59 7.88 -42.97
N ILE F 471 -24.79 8.84 -42.52
CA ILE F 471 -25.04 10.24 -42.82
C ILE F 471 -24.43 10.68 -44.17
N ASP F 472 -23.55 9.84 -44.72
CA ASP F 472 -22.81 10.16 -45.96
C ASP F 472 -23.70 10.37 -47.18
N ASP F 473 -24.83 9.67 -47.22
CA ASP F 473 -25.69 9.70 -48.40
C ASP F 473 -26.63 10.91 -48.44
N TYR F 474 -26.63 11.68 -47.38
CA TYR F 474 -27.52 12.83 -47.27
C TYR F 474 -26.75 14.11 -47.54
N VAL F 475 -25.45 13.96 -47.76
CA VAL F 475 -24.56 15.08 -47.98
C VAL F 475 -23.88 14.94 -49.33
N VAL F 476 -23.43 16.06 -49.85
CA VAL F 476 -22.93 16.14 -51.20
C VAL F 476 -21.52 16.72 -51.09
N ILE F 477 -20.58 16.16 -51.82
CA ILE F 477 -19.22 16.66 -51.69
C ILE F 477 -18.88 17.81 -52.67
N LYS F 478 -18.09 18.78 -52.18
CA LYS F 478 -17.65 19.90 -52.97
C LYS F 478 -16.13 20.00 -52.97
N TYR F 479 -15.56 20.09 -54.17
CA TYR F 479 -14.12 20.25 -54.32
C TYR F 479 -13.77 21.70 -54.62
N LEU F 480 -12.90 22.28 -53.78
CA LEU F 480 -12.45 23.65 -53.95
C LEU F 480 -10.99 23.67 -54.31
N CYS F 481 -10.71 23.93 -55.58
CA CYS F 481 -9.33 24.11 -56.04
C CYS F 481 -8.99 25.59 -55.99
N VAL F 482 -8.19 25.96 -54.99
CA VAL F 482 -7.85 27.35 -54.68
C VAL F 482 -6.43 27.67 -55.14
N ALA F 483 -6.33 28.68 -56.00
CA ALA F 483 -5.02 29.15 -56.47
C ALA F 483 -4.26 29.87 -55.35
N VAL F 484 -2.93 29.75 -55.36
CA VAL F 484 -2.08 30.42 -54.36
C VAL F 484 -1.27 31.57 -54.97
N GLY G 3 1.14 2.93 -88.06
CA GLY G 3 1.77 3.19 -89.39
C GLY G 3 2.97 4.11 -89.30
N SER G 4 2.78 5.27 -88.69
CA SER G 4 3.85 6.24 -88.49
C SER G 4 4.30 6.25 -87.02
N MET G 5 4.47 5.05 -86.47
CA MET G 5 4.69 4.87 -85.03
C MET G 5 5.88 3.99 -84.71
N LYS G 6 6.51 4.26 -83.57
CA LYS G 6 7.62 3.45 -83.08
C LYS G 6 7.21 1.98 -82.83
N ASP G 7 5.94 1.79 -82.51
CA ASP G 7 5.35 0.47 -82.30
C ASP G 7 3.99 0.37 -82.99
N PRO G 8 3.98 -0.08 -84.26
CA PRO G 8 2.74 -0.09 -85.04
C PRO G 8 1.68 -1.08 -84.55
N SER G 9 2.03 -1.98 -83.63
CA SER G 9 1.08 -2.98 -83.13
C SER G 9 0.15 -2.46 -82.03
N LEU G 10 0.42 -1.24 -81.55
CA LEU G 10 -0.45 -0.57 -80.59
C LEU G 10 -1.79 -0.17 -81.23
N LEU G 11 -1.79 0.04 -82.55
CA LEU G 11 -3.02 0.36 -83.27
C LEU G 11 -3.77 -0.93 -83.54
N ARG G 12 -4.88 -1.12 -82.84
CA ARG G 12 -5.61 -2.38 -82.86
C ARG G 12 -6.88 -2.27 -83.68
N HIS G 13 -7.12 -3.29 -84.51
CA HIS G 13 -8.32 -3.31 -85.32
C HIS G 13 -9.23 -4.44 -84.85
N GLN G 14 -8.86 -5.01 -83.71
CA GLN G 14 -9.67 -6.04 -83.06
C GLN G 14 -10.07 -5.66 -81.62
N ALA G 15 -11.28 -6.06 -81.24
CA ALA G 15 -11.76 -5.85 -79.88
C ALA G 15 -11.14 -6.88 -78.94
N TYR G 16 -11.15 -6.57 -77.65
CA TYR G 16 -10.56 -7.42 -76.62
C TYR G 16 -11.67 -8.04 -75.80
N ILE G 17 -11.84 -9.35 -75.91
CA ILE G 17 -12.90 -10.05 -75.22
C ILE G 17 -12.30 -11.20 -74.42
N GLY G 18 -12.55 -11.20 -73.11
CA GLY G 18 -12.10 -12.26 -72.24
C GLY G 18 -10.59 -12.41 -72.18
N GLY G 19 -9.87 -11.38 -72.64
CA GLY G 19 -8.42 -11.44 -72.77
C GLY G 19 -7.98 -12.06 -74.08
N GLU G 20 -8.87 -11.99 -75.08
CA GLU G 20 -8.63 -12.56 -76.41
C GLU G 20 -9.06 -11.58 -77.50
N TRP G 21 -8.14 -11.26 -78.41
CA TRP G 21 -8.40 -10.36 -79.54
C TRP G 21 -9.31 -11.02 -80.57
N GLN G 22 -10.44 -10.38 -80.88
CA GLN G 22 -11.47 -11.01 -81.72
C GLN G 22 -12.14 -10.03 -82.67
N ALA G 23 -12.61 -10.54 -83.79
CA ALA G 23 -13.53 -9.79 -84.63
C ALA G 23 -14.95 -10.07 -84.12
N ALA G 24 -15.95 -9.43 -84.69
CA ALA G 24 -17.33 -9.68 -84.30
C ALA G 24 -17.69 -11.14 -84.56
N ASP G 25 -18.77 -11.62 -83.96
CA ASP G 25 -19.28 -12.95 -84.22
C ASP G 25 -19.72 -13.07 -85.69
N SER G 26 -20.04 -11.92 -86.31
CA SER G 26 -20.52 -11.90 -87.70
C SER G 26 -19.52 -11.26 -88.68
N ASP G 27 -18.28 -11.06 -88.23
CA ASP G 27 -17.21 -10.43 -89.01
C ASP G 27 -17.48 -8.97 -89.44
N ALA G 28 -18.64 -8.44 -89.07
CA ALA G 28 -19.02 -7.06 -89.33
C ALA G 28 -18.07 -6.04 -88.64
N THR G 29 -17.90 -4.91 -89.31
CA THR G 29 -17.02 -3.84 -88.84
C THR G 29 -17.73 -2.50 -89.02
N PHE G 30 -17.19 -1.47 -88.38
CA PHE G 30 -17.51 -0.11 -88.79
C PHE G 30 -16.23 0.69 -88.98
N GLU G 31 -16.37 1.87 -89.60
CA GLU G 31 -15.21 2.65 -89.99
C GLU G 31 -14.97 3.84 -89.06
N VAL G 32 -13.68 4.13 -88.84
CA VAL G 32 -13.25 5.25 -88.00
C VAL G 32 -12.45 6.26 -88.84
N PHE G 33 -12.91 7.51 -88.85
CA PHE G 33 -12.25 8.58 -89.62
C PHE G 33 -11.45 9.56 -88.78
N ASP G 34 -10.40 10.11 -89.39
CA ASP G 34 -9.59 11.18 -88.78
C ASP G 34 -10.40 12.48 -88.83
N PRO G 35 -10.65 13.10 -87.67
CA PRO G 35 -11.55 14.25 -87.59
C PRO G 35 -11.00 15.52 -88.26
N ALA G 36 -9.68 15.55 -88.45
CA ALA G 36 -9.02 16.68 -89.08
C ALA G 36 -9.01 16.60 -90.61
N THR G 37 -8.81 15.40 -91.15
CA THR G 37 -8.57 15.24 -92.58
C THR G 37 -9.70 14.55 -93.32
N GLY G 38 -10.37 13.61 -92.67
CA GLY G 38 -11.44 12.85 -93.30
C GLY G 38 -10.96 11.50 -93.79
N GLU G 39 -9.65 11.26 -93.66
CA GLU G 39 -9.02 9.98 -93.99
C GLU G 39 -9.61 8.85 -93.14
N SER G 40 -9.68 7.64 -93.70
CA SER G 40 -10.05 6.46 -92.92
C SER G 40 -8.85 5.95 -92.15
N LEU G 41 -9.09 5.55 -90.90
CA LEU G 41 -8.00 5.09 -90.04
C LEU G 41 -7.97 3.57 -89.93
N GLY G 42 -8.92 2.93 -90.61
CA GLY G 42 -9.07 1.47 -90.59
C GLY G 42 -10.47 1.08 -90.13
N THR G 43 -10.61 -0.15 -89.64
CA THR G 43 -11.88 -0.58 -89.07
C THR G 43 -11.72 -1.18 -87.68
N VAL G 44 -12.84 -1.18 -86.96
CA VAL G 44 -12.97 -1.89 -85.70
C VAL G 44 -14.23 -2.77 -85.76
N PRO G 45 -14.26 -3.88 -85.00
CA PRO G 45 -15.41 -4.78 -84.99
C PRO G 45 -16.69 -4.07 -84.57
N LYS G 46 -17.80 -4.44 -85.22
CA LYS G 46 -19.12 -3.93 -84.81
C LYS G 46 -19.86 -5.05 -84.10
N MET G 47 -19.58 -5.19 -82.81
CA MET G 47 -20.14 -6.26 -82.00
C MET G 47 -21.47 -5.87 -81.39
N GLY G 48 -22.08 -6.81 -80.67
CA GLY G 48 -23.36 -6.58 -80.04
C GLY G 48 -23.50 -7.34 -78.74
N ALA G 49 -24.74 -7.71 -78.43
CA ALA G 49 -25.11 -8.32 -77.16
C ALA G 49 -24.34 -9.58 -76.85
N ALA G 50 -24.23 -10.45 -77.86
CA ALA G 50 -23.67 -11.78 -77.71
C ALA G 50 -22.21 -11.78 -77.29
N GLU G 51 -21.42 -10.88 -77.86
CA GLU G 51 -20.00 -10.78 -77.51
C GLU G 51 -19.80 -10.09 -76.16
N THR G 52 -20.75 -9.24 -75.79
CA THR G 52 -20.68 -8.52 -74.53
C THR G 52 -21.00 -9.46 -73.38
N ALA G 53 -21.97 -10.34 -73.61
CA ALA G 53 -22.33 -11.39 -72.64
C ALA G 53 -21.12 -12.27 -72.34
N ARG G 54 -20.33 -12.56 -73.37
CA ARG G 54 -19.15 -13.42 -73.20
C ARG G 54 -18.07 -12.66 -72.43
N ALA G 55 -17.97 -11.35 -72.69
CA ALA G 55 -17.08 -10.47 -71.93
C ALA G 55 -17.46 -10.49 -70.45
N ILE G 56 -18.77 -10.35 -70.20
CA ILE G 56 -19.34 -10.34 -68.87
C ILE G 56 -19.15 -11.69 -68.15
N GLU G 57 -19.40 -12.78 -68.87
CA GLU G 57 -19.23 -14.11 -68.29
C GLU G 57 -17.77 -14.36 -67.93
N ALA G 58 -16.87 -13.94 -68.81
CA ALA G 58 -15.44 -14.14 -68.61
C ALA G 58 -14.94 -13.32 -67.45
N ALA G 59 -15.49 -12.12 -67.29
CA ALA G 59 -15.25 -11.30 -66.12
C ALA G 59 -15.60 -12.04 -64.84
N GLN G 60 -16.81 -12.58 -64.75
CA GLN G 60 -17.26 -13.36 -63.58
C GLN G 60 -16.39 -14.58 -63.27
N ALA G 61 -15.93 -15.25 -64.32
CA ALA G 61 -15.06 -16.42 -64.16
C ALA G 61 -13.68 -16.02 -63.69
N ALA G 62 -13.26 -14.81 -64.07
CA ALA G 62 -11.92 -14.31 -63.76
C ALA G 62 -11.81 -13.75 -62.33
N TRP G 63 -12.96 -13.32 -61.80
CA TRP G 63 -13.02 -12.58 -60.54
C TRP G 63 -12.37 -13.30 -59.36
N ALA G 64 -12.74 -14.55 -59.13
CA ALA G 64 -12.24 -15.30 -57.96
C ALA G 64 -10.72 -15.29 -57.86
N GLY G 65 -10.05 -15.56 -58.99
CA GLY G 65 -8.59 -15.54 -59.07
C GLY G 65 -7.99 -14.16 -58.88
N TRP G 66 -8.69 -13.13 -59.38
CA TRP G 66 -8.22 -11.75 -59.28
C TRP G 66 -8.29 -11.20 -57.85
N ARG G 67 -9.47 -11.34 -57.23
CA ARG G 67 -9.71 -10.88 -55.85
C ARG G 67 -8.86 -11.60 -54.80
N MET G 68 -8.43 -12.81 -55.13
CA MET G 68 -7.62 -13.65 -54.24
C MET G 68 -6.20 -13.12 -54.02
N LYS G 69 -5.69 -12.37 -55.01
CA LYS G 69 -4.39 -11.72 -54.91
C LYS G 69 -4.39 -10.60 -53.87
N THR G 70 -3.25 -10.37 -53.23
CA THR G 70 -3.12 -9.25 -52.29
C THR G 70 -3.23 -7.93 -53.05
N ALA G 71 -3.71 -6.90 -52.36
CA ALA G 71 -3.75 -5.56 -52.91
C ALA G 71 -2.36 -5.20 -53.45
N LYS G 72 -1.34 -5.59 -52.67
CA LYS G 72 0.06 -5.40 -53.04
C LYS G 72 0.39 -6.07 -54.41
N GLU G 73 -0.07 -7.31 -54.61
CA GLU G 73 0.17 -8.03 -55.86
C GLU G 73 -0.51 -7.36 -57.04
N ARG G 74 -1.73 -6.87 -56.83
CA ARG G 74 -2.47 -6.13 -57.87
C ARG G 74 -1.81 -4.79 -58.21
N ALA G 75 -1.33 -4.10 -57.17
CA ALA G 75 -0.56 -2.89 -57.33
C ALA G 75 0.61 -3.12 -58.28
N ALA G 76 1.25 -4.29 -58.15
CA ALA G 76 2.43 -4.61 -58.95
C ALA G 76 2.13 -4.63 -60.45
N ILE G 77 1.05 -5.32 -60.81
CA ILE G 77 0.57 -5.41 -62.18
C ILE G 77 0.15 -4.04 -62.71
N LEU G 78 -0.64 -3.33 -61.92
CA LEU G 78 -1.16 -2.03 -62.33
C LEU G 78 -0.05 -1.00 -62.53
N ARG G 79 0.99 -1.10 -61.71
CA ARG G 79 2.15 -0.24 -61.80
C ARG G 79 3.03 -0.57 -63.02
N ARG G 80 3.01 -1.83 -63.44
CA ARG G 80 3.71 -2.20 -64.68
C ARG G 80 2.94 -1.64 -65.86
N TRP G 81 1.62 -1.56 -65.72
CA TRP G 81 0.76 -0.99 -66.74
C TRP G 81 1.02 0.49 -66.80
N PHE G 82 1.11 1.09 -65.61
CA PHE G 82 1.46 2.49 -65.48
C PHE G 82 2.71 2.73 -66.31
N ASP G 83 3.74 1.92 -66.07
CA ASP G 83 5.03 2.05 -66.75
C ASP G 83 4.93 2.03 -68.27
N LEU G 84 4.26 1.03 -68.82
CA LEU G 84 4.08 0.90 -70.26
C LEU G 84 3.31 2.07 -70.88
N VAL G 85 2.40 2.68 -70.12
CA VAL G 85 1.68 3.85 -70.61
C VAL G 85 2.62 5.05 -70.73
N ILE G 86 3.48 5.23 -69.73
CA ILE G 86 4.51 6.26 -69.71
C ILE G 86 5.55 6.03 -70.82
N ALA G 87 6.03 4.78 -70.90
CA ALA G 87 7.03 4.37 -71.88
C ALA G 87 6.57 4.54 -73.32
N ASN G 88 5.27 4.36 -73.57
CA ASN G 88 4.73 4.45 -74.91
C ASN G 88 3.94 5.74 -75.12
N SER G 89 4.28 6.76 -74.32
CA SER G 89 3.60 8.05 -74.33
C SER G 89 3.48 8.63 -75.75
N ASP G 90 4.59 8.66 -76.47
CA ASP G 90 4.65 9.22 -77.83
C ASP G 90 3.60 8.61 -78.76
N ASP G 91 3.57 7.28 -78.84
CA ASP G 91 2.65 6.60 -79.75
C ASP G 91 1.19 6.75 -79.33
N LEU G 92 0.94 6.60 -78.03
CA LEU G 92 -0.41 6.78 -77.47
C LEU G 92 -0.96 8.16 -77.78
N ALA G 93 -0.08 9.17 -77.73
CA ALA G 93 -0.46 10.54 -78.05
C ALA G 93 -0.81 10.69 -79.54
N LEU G 94 -0.03 10.03 -80.39
CA LEU G 94 -0.22 10.13 -81.83
C LEU G 94 -1.52 9.48 -82.29
N ILE G 95 -1.79 8.28 -81.76
CA ILE G 95 -3.07 7.61 -82.02
C ILE G 95 -4.22 8.49 -81.55
N LEU G 96 -4.10 9.01 -80.33
CA LEU G 96 -5.12 9.83 -79.71
C LEU G 96 -5.47 11.07 -80.55
N THR G 97 -4.46 11.85 -80.92
CA THR G 97 -4.65 13.01 -81.80
C THR G 97 -5.33 12.58 -83.09
N THR G 98 -4.83 11.49 -83.66
CA THR G 98 -5.28 11.06 -84.97
C THR G 98 -6.78 10.75 -85.00
N GLU G 99 -7.28 10.07 -83.96
CA GLU G 99 -8.71 9.72 -83.89
C GLU G 99 -9.62 10.78 -83.26
N GLN G 100 -9.07 11.58 -82.32
CA GLN G 100 -9.88 12.55 -81.53
C GLN G 100 -9.77 14.01 -82.01
N GLY G 101 -8.58 14.42 -82.41
CA GLY G 101 -8.39 15.76 -82.97
C GLY G 101 -7.46 16.67 -82.18
N LYS G 102 -7.55 16.63 -80.86
CA LYS G 102 -6.73 17.50 -79.99
C LYS G 102 -5.23 17.39 -80.33
N PRO G 103 -4.48 18.50 -80.15
CA PRO G 103 -3.06 18.51 -80.54
C PRO G 103 -2.19 17.53 -79.76
N LEU G 104 -1.04 17.18 -80.32
CA LEU G 104 -0.06 16.31 -79.66
C LEU G 104 0.25 16.73 -78.22
N ALA G 105 0.45 18.03 -78.00
CA ALA G 105 0.75 18.59 -76.68
C ALA G 105 -0.34 18.22 -75.66
N GLU G 106 -1.60 18.44 -76.04
CA GLU G 106 -2.73 18.08 -75.19
C GLU G 106 -2.84 16.58 -75.03
N ALA G 107 -2.49 15.86 -76.09
CA ALA G 107 -2.56 14.41 -76.12
C ALA G 107 -1.50 13.82 -75.20
N LYS G 108 -0.29 14.40 -75.23
CA LYS G 108 0.76 13.98 -74.30
C LYS G 108 0.29 14.24 -72.86
N GLY G 109 -0.32 15.41 -72.66
CA GLY G 109 -0.87 15.80 -71.37
C GLY G 109 -1.89 14.81 -70.86
N GLU G 110 -2.73 14.32 -71.78
CA GLU G 110 -3.76 13.34 -71.44
C GLU G 110 -3.16 12.01 -71.01
N ILE G 111 -2.17 11.54 -71.78
CA ILE G 111 -1.50 10.28 -71.46
C ILE G 111 -0.87 10.37 -70.07
N ALA G 112 -0.28 11.52 -69.74
CA ALA G 112 0.28 11.76 -68.41
C ALA G 112 -0.79 11.71 -67.32
N TYR G 113 -1.91 12.38 -67.60
CA TYR G 113 -3.09 12.44 -66.75
C TYR G 113 -3.62 11.05 -66.48
N ALA G 114 -3.76 10.24 -67.52
CA ALA G 114 -4.29 8.89 -67.39
C ALA G 114 -3.35 8.01 -66.56
N ALA G 115 -2.06 8.14 -66.81
CA ALA G 115 -1.06 7.37 -66.09
C ALA G 115 -1.16 7.62 -64.59
N SER G 116 -1.16 8.91 -64.21
CA SER G 116 -1.29 9.30 -62.83
C SER G 116 -2.50 8.67 -62.14
N PHE G 117 -3.57 8.45 -62.89
CA PHE G 117 -4.74 7.77 -62.37
C PHE G 117 -4.44 6.31 -62.06
N ILE G 118 -3.77 5.64 -63.01
CA ILE G 118 -3.42 4.24 -62.82
C ILE G 118 -2.54 4.11 -61.59
N GLU G 119 -1.53 4.96 -61.51
CA GLU G 119 -0.63 4.95 -60.36
C GLU G 119 -1.42 5.17 -59.08
N TRP G 120 -2.34 6.13 -59.10
CA TRP G 120 -3.08 6.52 -57.89
C TRP G 120 -3.88 5.37 -57.29
N PHE G 121 -4.56 4.62 -58.14
CA PHE G 121 -5.45 3.59 -57.68
C PHE G 121 -4.73 2.33 -57.33
N ALA G 122 -3.61 2.09 -58.00
CA ALA G 122 -2.70 1.03 -57.58
C ALA G 122 -2.41 1.21 -56.10
N GLU G 123 -2.11 2.46 -55.73
CA GLU G 123 -1.82 2.83 -54.35
C GLU G 123 -3.04 2.78 -53.42
N GLU G 124 -4.23 3.10 -53.94
CA GLU G 124 -5.44 3.15 -53.12
C GLU G 124 -5.88 1.78 -52.69
N GLY G 125 -5.76 0.81 -53.60
CA GLY G 125 -6.15 -0.57 -53.33
C GLY G 125 -5.48 -1.11 -52.08
N LYS G 126 -4.24 -0.69 -51.84
CA LYS G 126 -3.50 -1.07 -50.64
C LYS G 126 -3.98 -0.32 -49.37
N ARG G 127 -5.07 0.44 -49.49
CA ARG G 127 -5.52 1.32 -48.41
C ARG G 127 -7.02 1.28 -48.14
N VAL G 128 -7.77 0.56 -48.97
CA VAL G 128 -9.22 0.47 -48.77
C VAL G 128 -9.44 -0.14 -47.41
N ALA G 129 -10.11 0.59 -46.52
CA ALA G 129 -10.19 0.18 -45.12
C ALA G 129 -11.58 0.28 -44.52
N GLY G 130 -11.93 -0.72 -43.73
CA GLY G 130 -13.08 -0.63 -42.84
C GLY G 130 -12.58 -0.20 -41.47
N ASP G 131 -13.39 -0.42 -40.44
CA ASP G 131 -13.01 0.03 -39.10
C ASP G 131 -13.48 -0.89 -38.01
N THR G 132 -12.99 -0.65 -36.80
CA THR G 132 -13.52 -1.31 -35.61
C THR G 132 -14.14 -0.22 -34.76
N LEU G 133 -15.32 -0.49 -34.22
CA LEU G 133 -16.10 0.56 -33.59
C LEU G 133 -16.50 0.18 -32.16
N PRO G 134 -16.69 1.18 -31.27
CA PRO G 134 -17.05 0.83 -29.91
C PRO G 134 -18.46 0.30 -29.84
N THR G 135 -18.59 -0.92 -29.32
CA THR G 135 -19.87 -1.62 -29.24
C THR G 135 -20.85 -0.94 -28.30
N PRO G 136 -22.14 -0.93 -28.66
CA PRO G 136 -23.17 -0.54 -27.72
C PRO G 136 -23.72 -1.76 -26.97
N ASP G 137 -22.96 -2.85 -26.95
CA ASP G 137 -23.36 -4.10 -26.30
C ASP G 137 -22.14 -4.97 -25.93
N ALA G 138 -21.89 -5.07 -24.63
CA ALA G 138 -20.69 -5.73 -24.08
C ALA G 138 -20.43 -7.16 -24.56
N ASN G 139 -21.49 -7.84 -25.00
CA ASN G 139 -21.35 -9.24 -25.43
C ASN G 139 -21.04 -9.36 -26.92
N LYS G 140 -20.86 -8.20 -27.55
CA LYS G 140 -20.62 -8.13 -28.99
C LYS G 140 -19.47 -7.18 -29.35
N ARG G 141 -18.92 -7.38 -30.53
CA ARG G 141 -17.89 -6.49 -31.08
C ARG G 141 -18.23 -6.16 -32.53
N ILE G 142 -17.94 -4.92 -32.93
CA ILE G 142 -18.23 -4.46 -34.28
C ILE G 142 -16.97 -4.40 -35.13
N VAL G 143 -16.93 -5.21 -36.18
CA VAL G 143 -15.85 -5.18 -37.15
C VAL G 143 -16.43 -4.90 -38.54
N VAL G 144 -15.85 -3.95 -39.24
CA VAL G 144 -16.34 -3.62 -40.56
C VAL G 144 -15.21 -3.90 -41.53
N VAL G 145 -15.52 -4.68 -42.57
CA VAL G 145 -14.59 -4.90 -43.67
C VAL G 145 -15.14 -4.43 -45.01
N LYS G 146 -14.25 -4.26 -45.98
CA LYS G 146 -14.63 -3.84 -47.31
C LYS G 146 -14.11 -4.83 -48.34
N GLU G 147 -14.95 -5.17 -49.30
CA GLU G 147 -14.60 -6.17 -50.31
C GLU G 147 -15.21 -5.80 -51.65
N PRO G 148 -14.57 -6.25 -52.75
CA PRO G 148 -14.95 -5.84 -54.10
C PRO G 148 -16.42 -6.14 -54.36
N ILE G 149 -17.07 -5.28 -55.13
CA ILE G 149 -18.52 -5.38 -55.37
C ILE G 149 -18.91 -6.57 -56.24
N GLY G 150 -18.06 -6.86 -57.24
CA GLY G 150 -18.34 -7.82 -58.29
C GLY G 150 -17.93 -7.31 -59.67
N VAL G 151 -18.59 -7.81 -60.71
CA VAL G 151 -18.29 -7.43 -62.08
C VAL G 151 -18.79 -6.01 -62.34
N CYS G 152 -17.91 -5.19 -62.89
CA CYS G 152 -18.21 -3.80 -63.22
C CYS G 152 -18.23 -3.56 -64.72
N ALA G 153 -18.95 -2.54 -65.13
CA ALA G 153 -18.92 -2.10 -66.53
C ALA G 153 -18.78 -0.59 -66.57
N ALA G 154 -18.05 -0.09 -67.56
CA ALA G 154 -17.89 1.34 -67.78
C ALA G 154 -18.24 1.69 -69.23
N ILE G 155 -18.98 2.78 -69.39
CA ILE G 155 -19.27 3.32 -70.71
C ILE G 155 -18.62 4.69 -70.77
N THR G 156 -17.70 4.87 -71.70
CA THR G 156 -16.87 6.06 -71.76
C THR G 156 -17.08 6.89 -73.04
N PRO G 157 -16.86 8.21 -72.96
CA PRO G 157 -17.06 9.08 -74.12
C PRO G 157 -15.77 9.26 -74.92
N TRP G 158 -15.80 10.21 -75.87
CA TRP G 158 -14.73 10.36 -76.88
C TRP G 158 -13.72 11.47 -76.58
N ASN G 159 -14.13 12.44 -75.76
CA ASN G 159 -13.34 13.67 -75.51
C ASN G 159 -12.02 13.45 -74.77
N PHE G 160 -11.99 12.45 -73.91
CA PHE G 160 -10.75 11.95 -73.33
C PHE G 160 -10.75 10.43 -73.48
N PRO G 161 -10.37 9.94 -74.69
CA PRO G 161 -10.46 8.51 -75.01
C PRO G 161 -9.46 7.66 -74.25
N ALA G 162 -8.41 8.29 -73.70
CA ALA G 162 -7.42 7.59 -72.90
C ALA G 162 -7.68 7.76 -71.39
N ALA G 163 -7.78 9.01 -70.95
CA ALA G 163 -7.97 9.33 -69.53
C ALA G 163 -9.16 8.58 -68.91
N MET G 164 -10.29 8.59 -69.61
CA MET G 164 -11.53 7.99 -69.15
C MET G 164 -11.41 6.50 -68.86
N ILE G 165 -10.60 5.82 -69.65
CA ILE G 165 -10.35 4.40 -69.47
C ILE G 165 -9.63 4.15 -68.16
N ALA G 166 -8.55 4.89 -67.90
CA ALA G 166 -7.77 4.73 -66.66
C ALA G 166 -8.55 5.14 -65.40
N ARG G 167 -9.31 6.22 -65.52
CA ARG G 167 -10.20 6.70 -64.46
C ARG G 167 -11.26 5.69 -64.05
N LYS G 168 -11.48 4.68 -64.89
CA LYS G 168 -12.58 3.76 -64.68
C LYS G 168 -12.17 2.30 -64.54
N VAL G 169 -11.07 1.93 -65.19
CA VAL G 169 -10.50 0.59 -65.07
C VAL G 169 -9.64 0.52 -63.81
N GLY G 170 -8.83 1.56 -63.60
CA GLY G 170 -7.91 1.64 -62.46
C GLY G 170 -8.55 1.37 -61.10
N PRO G 171 -9.64 2.09 -60.78
CA PRO G 171 -10.26 1.90 -59.46
C PRO G 171 -10.92 0.52 -59.29
N ALA G 172 -11.58 0.03 -60.33
CA ALA G 172 -12.17 -1.33 -60.29
C ALA G 172 -11.11 -2.37 -60.02
N LEU G 173 -10.01 -2.32 -60.77
CA LEU G 173 -8.95 -3.30 -60.60
C LEU G 173 -8.30 -3.22 -59.24
N ALA G 174 -8.15 -2.00 -58.74
CA ALA G 174 -7.49 -1.78 -57.46
C ALA G 174 -8.39 -2.30 -56.34
N ALA G 175 -9.70 -2.18 -56.53
CA ALA G 175 -10.67 -2.66 -55.56
C ALA G 175 -10.69 -4.19 -55.48
N GLY G 176 -10.42 -4.86 -56.62
CA GLY G 176 -10.41 -6.32 -56.70
C GLY G 176 -11.45 -6.81 -57.69
N CYS G 177 -11.89 -5.93 -58.59
CA CYS G 177 -12.98 -6.21 -59.50
C CYS G 177 -12.48 -6.38 -60.91
N PRO G 178 -13.17 -7.21 -61.72
CA PRO G 178 -12.95 -7.26 -63.15
C PRO G 178 -13.90 -6.26 -63.84
N ILE G 179 -13.54 -5.81 -65.05
CA ILE G 179 -14.30 -4.74 -65.70
C ILE G 179 -14.49 -4.91 -67.22
N VAL G 180 -15.74 -4.69 -67.65
CA VAL G 180 -16.12 -4.66 -69.06
C VAL G 180 -16.31 -3.21 -69.51
N VAL G 181 -15.48 -2.77 -70.45
CA VAL G 181 -15.53 -1.38 -70.92
C VAL G 181 -16.01 -1.33 -72.37
N LYS G 182 -16.97 -0.45 -72.62
CA LYS G 182 -17.42 -0.13 -73.97
C LYS G 182 -17.15 1.35 -74.19
N PRO G 183 -16.11 1.67 -74.99
CA PRO G 183 -15.70 3.05 -75.18
C PRO G 183 -16.45 3.70 -76.34
N ALA G 184 -16.19 4.98 -76.59
CA ALA G 184 -16.88 5.71 -77.65
C ALA G 184 -16.50 5.20 -79.02
N GLU G 185 -17.51 4.95 -79.85
CA GLU G 185 -17.34 4.37 -81.17
C GLU G 185 -16.48 5.28 -82.04
N SER G 186 -16.55 6.59 -81.79
CA SER G 186 -15.78 7.54 -82.56
C SER G 186 -14.29 7.57 -82.23
N THR G 187 -13.89 6.89 -81.15
CA THR G 187 -12.49 6.90 -80.70
C THR G 187 -12.12 5.60 -79.96
N PRO G 188 -11.98 4.49 -80.70
CA PRO G 188 -11.77 3.21 -80.02
C PRO G 188 -10.30 2.84 -79.79
N PHE G 189 -9.39 3.43 -80.54
CA PHE G 189 -8.02 2.93 -80.59
C PHE G 189 -7.23 3.16 -79.31
N SER G 190 -7.57 4.24 -78.61
CA SER G 190 -6.90 4.60 -77.35
C SER G 190 -7.24 3.62 -76.24
N ALA G 191 -8.49 3.16 -76.23
CA ALA G 191 -8.95 2.14 -75.31
C ALA G 191 -8.32 0.78 -75.59
N LEU G 192 -8.31 0.39 -76.87
CA LEU G 192 -7.66 -0.86 -77.29
C LEU G 192 -6.17 -0.86 -77.02
N ALA G 193 -5.50 0.26 -77.31
CA ALA G 193 -4.07 0.39 -77.03
C ALA G 193 -3.74 0.24 -75.55
N MET G 194 -4.63 0.77 -74.71
CA MET G 194 -4.49 0.69 -73.26
C MET G 194 -4.65 -0.77 -72.81
N ALA G 195 -5.65 -1.43 -73.36
CA ALA G 195 -5.87 -2.86 -73.11
C ALA G 195 -4.65 -3.68 -73.48
N PHE G 196 -4.14 -3.48 -74.70
CA PHE G 196 -2.92 -4.15 -75.15
C PHE G 196 -1.80 -3.95 -74.12
N LEU G 197 -1.72 -2.74 -73.58
CA LEU G 197 -0.72 -2.42 -72.58
C LEU G 197 -1.05 -3.04 -71.22
N ALA G 198 -2.34 -3.24 -70.95
CA ALA G 198 -2.76 -3.95 -69.74
C ALA G 198 -2.41 -5.44 -69.82
N GLU G 199 -2.79 -6.09 -70.92
CA GLU G 199 -2.39 -7.46 -71.24
C GLU G 199 -0.89 -7.64 -71.00
N ARG G 200 -0.08 -6.83 -71.68
CA ARG G 200 1.38 -6.89 -71.52
C ARG G 200 1.82 -6.74 -70.06
N ALA G 201 1.11 -5.86 -69.33
CA ALA G 201 1.40 -5.58 -67.92
C ALA G 201 1.22 -6.80 -67.02
N GLY G 202 0.34 -7.70 -67.42
CA GLY G 202 0.14 -8.95 -66.68
C GLY G 202 -1.26 -9.14 -66.13
N VAL G 203 -2.20 -8.32 -66.59
CA VAL G 203 -3.61 -8.42 -66.24
C VAL G 203 -4.18 -9.74 -66.75
N PRO G 204 -4.64 -10.60 -65.84
CA PRO G 204 -5.16 -11.90 -66.25
C PRO G 204 -6.34 -11.78 -67.20
N LYS G 205 -6.51 -12.80 -68.05
CA LYS G 205 -7.58 -12.82 -69.04
C LYS G 205 -8.93 -12.84 -68.33
N GLY G 206 -9.85 -12.01 -68.80
CA GLY G 206 -11.18 -11.91 -68.19
C GLY G 206 -11.34 -10.76 -67.23
N VAL G 207 -10.23 -10.27 -66.68
CA VAL G 207 -10.24 -9.14 -65.75
C VAL G 207 -10.49 -7.82 -66.50
N LEU G 208 -10.12 -7.80 -67.78
CA LEU G 208 -10.40 -6.63 -68.61
C LEU G 208 -10.90 -7.04 -69.98
N SER G 209 -11.95 -6.34 -70.42
CA SER G 209 -12.52 -6.49 -71.75
C SER G 209 -12.89 -5.12 -72.32
N VAL G 210 -12.57 -4.89 -73.58
CA VAL G 210 -12.95 -3.66 -74.26
C VAL G 210 -13.76 -4.04 -75.47
N VAL G 211 -15.03 -3.66 -75.46
CA VAL G 211 -16.03 -4.12 -76.41
C VAL G 211 -16.45 -2.98 -77.31
N ILE G 212 -16.19 -3.14 -78.60
CA ILE G 212 -16.54 -2.12 -79.60
C ILE G 212 -17.73 -2.58 -80.44
N GLY G 213 -18.64 -1.68 -80.75
CA GLY G 213 -19.74 -1.98 -81.65
C GLY G 213 -21.00 -1.14 -81.47
N ASP G 214 -22.14 -1.73 -81.82
CA ASP G 214 -23.46 -1.13 -81.68
C ASP G 214 -23.65 -0.60 -80.24
N PRO G 215 -23.82 0.73 -80.10
CA PRO G 215 -23.94 1.38 -78.79
C PRO G 215 -25.19 0.92 -78.01
N LYS G 216 -26.33 0.80 -78.70
CA LYS G 216 -27.58 0.38 -78.07
C LYS G 216 -27.51 -1.07 -77.61
N ALA G 217 -27.09 -1.96 -78.49
CA ALA G 217 -27.07 -3.40 -78.22
C ALA G 217 -26.09 -3.80 -77.11
N ILE G 218 -24.93 -3.17 -77.08
CA ILE G 218 -23.95 -3.44 -76.02
C ILE G 218 -24.44 -2.86 -74.70
N GLY G 219 -24.86 -1.59 -74.72
CA GLY G 219 -25.41 -0.92 -73.55
C GLY G 219 -26.55 -1.70 -72.91
N THR G 220 -27.47 -2.20 -73.74
CA THR G 220 -28.65 -2.92 -73.27
C THR G 220 -28.28 -4.25 -72.61
N GLU G 221 -27.23 -4.89 -73.10
CA GLU G 221 -26.79 -6.15 -72.51
C GLU G 221 -26.20 -5.88 -71.12
N ILE G 222 -25.33 -4.89 -71.04
CA ILE G 222 -24.72 -4.46 -69.77
C ILE G 222 -25.78 -4.14 -68.73
N THR G 223 -26.74 -3.30 -69.09
CA THR G 223 -27.74 -2.84 -68.13
C THR G 223 -28.71 -3.95 -67.70
N SER G 224 -29.02 -4.88 -68.60
CA SER G 224 -29.92 -5.99 -68.26
C SER G 224 -29.24 -7.24 -67.69
N ASN G 225 -27.93 -7.38 -67.89
CA ASN G 225 -27.21 -8.53 -67.34
C ASN G 225 -27.04 -8.47 -65.82
N PRO G 226 -27.63 -9.44 -65.09
CA PRO G 226 -27.56 -9.51 -63.62
C PRO G 226 -26.15 -9.72 -63.05
N ILE G 227 -25.24 -10.26 -63.85
CA ILE G 227 -23.85 -10.45 -63.42
C ILE G 227 -23.18 -9.11 -63.15
N VAL G 228 -23.63 -8.07 -63.85
CA VAL G 228 -23.11 -6.73 -63.69
C VAL G 228 -23.67 -6.06 -62.43
N ARG G 229 -22.80 -5.84 -61.46
CA ARG G 229 -23.23 -5.31 -60.16
C ARG G 229 -22.98 -3.80 -59.98
N LYS G 230 -22.01 -3.26 -60.71
CA LYS G 230 -21.88 -1.82 -60.81
C LYS G 230 -21.58 -1.36 -62.24
N LEU G 231 -22.20 -0.25 -62.61
CA LEU G 231 -22.02 0.35 -63.92
C LEU G 231 -21.59 1.80 -63.76
N SER G 232 -20.61 2.20 -64.56
CA SER G 232 -20.13 3.57 -64.58
C SER G 232 -20.36 4.16 -65.96
N PHE G 233 -20.83 5.40 -66.00
CA PHE G 233 -21.08 6.08 -67.26
C PHE G 233 -20.71 7.55 -67.24
N THR G 234 -19.98 7.97 -68.27
CA THR G 234 -19.73 9.38 -68.54
C THR G 234 -20.32 9.68 -69.90
N GLY G 235 -21.04 10.79 -70.00
CA GLY G 235 -21.72 11.18 -71.24
C GLY G 235 -22.90 12.07 -70.94
N SER G 236 -23.83 12.17 -71.91
CA SER G 236 -24.96 13.08 -71.82
C SER G 236 -25.94 12.65 -70.75
N THR G 237 -26.45 13.65 -70.03
CA THR G 237 -27.51 13.44 -69.05
C THR G 237 -28.70 12.63 -69.61
N ALA G 238 -29.04 12.85 -70.88
CA ALA G 238 -30.14 12.12 -71.52
C ALA G 238 -29.92 10.59 -71.49
N VAL G 239 -28.71 10.16 -71.81
CA VAL G 239 -28.39 8.73 -71.87
C VAL G 239 -28.29 8.16 -70.47
N GLY G 240 -27.69 8.95 -69.57
CA GLY G 240 -27.54 8.59 -68.16
C GLY G 240 -28.85 8.25 -67.49
N ARG G 241 -29.86 9.06 -67.76
CA ARG G 241 -31.19 8.85 -67.20
C ARG G 241 -31.76 7.49 -67.61
N LEU G 242 -31.55 7.13 -68.88
CA LEU G 242 -31.99 5.86 -69.42
C LEU G 242 -31.16 4.69 -68.90
N LEU G 243 -29.85 4.89 -68.76
CA LEU G 243 -28.99 3.84 -68.21
C LEU G 243 -29.40 3.50 -66.78
N MET G 244 -29.68 4.52 -65.97
CA MET G 244 -30.18 4.32 -64.62
C MET G 244 -31.52 3.57 -64.60
N ALA G 245 -32.44 3.97 -65.46
CA ALA G 245 -33.73 3.28 -65.56
C ALA G 245 -33.54 1.83 -65.99
N GLN G 246 -32.67 1.62 -66.97
CA GLN G 246 -32.38 0.28 -67.49
C GLN G 246 -31.66 -0.58 -66.44
N SER G 247 -30.98 0.06 -65.50
CA SER G 247 -30.21 -0.65 -64.47
C SER G 247 -31.04 -0.97 -63.23
N ALA G 248 -32.28 -0.48 -63.21
CA ALA G 248 -33.17 -0.61 -62.05
C ALA G 248 -33.60 -2.05 -61.71
N PRO G 249 -33.92 -2.88 -62.73
CA PRO G 249 -34.37 -4.24 -62.43
C PRO G 249 -33.36 -5.10 -61.68
N THR G 250 -32.09 -4.69 -61.67
CA THR G 250 -31.08 -5.38 -60.88
C THR G 250 -30.38 -4.48 -59.86
N VAL G 251 -30.97 -3.31 -59.61
CA VAL G 251 -30.57 -2.44 -58.49
C VAL G 251 -29.05 -2.29 -58.48
N LYS G 252 -28.51 -1.87 -59.62
CA LYS G 252 -27.06 -1.74 -59.80
C LYS G 252 -26.53 -0.49 -59.14
N LYS G 253 -25.32 -0.58 -58.61
CA LYS G 253 -24.63 0.59 -58.08
C LYS G 253 -24.08 1.40 -59.24
N LEU G 254 -24.46 2.67 -59.28
CA LEU G 254 -24.14 3.56 -60.41
C LEU G 254 -23.21 4.71 -60.03
N THR G 255 -22.21 4.94 -60.87
CA THR G 255 -21.48 6.19 -60.91
C THR G 255 -21.89 6.85 -62.22
N LEU G 256 -22.43 8.07 -62.15
CA LEU G 256 -22.79 8.82 -63.37
C LEU G 256 -22.10 10.20 -63.41
N GLU G 257 -21.26 10.40 -64.41
CA GLU G 257 -20.59 11.70 -64.67
C GLU G 257 -21.28 12.34 -65.88
N LEU G 258 -22.34 13.10 -65.62
CA LEU G 258 -23.21 13.54 -66.70
C LEU G 258 -22.81 14.90 -67.30
N GLY G 259 -23.78 15.66 -67.77
CA GLY G 259 -23.50 16.93 -68.44
C GLY G 259 -23.29 18.08 -67.48
N GLY G 260 -22.72 19.16 -67.99
CA GLY G 260 -22.52 20.37 -67.19
C GLY G 260 -23.17 21.61 -67.78
N ASN G 261 -22.85 22.76 -67.18
CA ASN G 261 -23.20 24.11 -67.65
C ASN G 261 -22.35 25.09 -66.83
N ALA G 262 -21.04 24.92 -66.93
CA ALA G 262 -20.06 25.61 -66.09
C ALA G 262 -20.13 27.14 -66.14
N PRO G 263 -20.33 27.77 -64.97
CA PRO G 263 -20.23 29.22 -64.91
C PRO G 263 -18.81 29.68 -64.54
N PHE G 264 -18.26 30.59 -65.33
CA PHE G 264 -16.94 31.16 -65.05
C PHE G 264 -17.16 32.59 -64.64
N ILE G 265 -16.97 32.86 -63.36
CA ILE G 265 -17.42 34.09 -62.75
C ILE G 265 -16.29 35.10 -62.55
N VAL G 266 -16.47 36.30 -63.09
CA VAL G 266 -15.49 37.38 -62.92
C VAL G 266 -16.08 38.53 -62.12
N PHE G 267 -15.54 38.76 -60.93
CA PHE G 267 -16.00 39.83 -60.05
C PHE G 267 -15.19 41.09 -60.19
N ASP G 268 -15.91 42.20 -60.08
CA ASP G 268 -15.40 43.49 -59.61
C ASP G 268 -13.90 43.56 -59.34
N ASP G 269 -13.44 42.78 -58.37
CA ASP G 269 -12.07 42.86 -57.85
C ASP G 269 -11.12 41.77 -58.34
N ALA G 270 -11.55 41.00 -59.34
CA ALA G 270 -10.71 39.96 -59.94
C ALA G 270 -9.45 40.53 -60.58
N ASP G 271 -8.39 39.74 -60.65
CA ASP G 271 -7.20 40.09 -61.39
C ASP G 271 -7.45 39.70 -62.84
N LEU G 272 -7.68 40.71 -63.68
CA LEU G 272 -8.19 40.50 -65.04
C LEU G 272 -7.29 39.68 -65.97
N ASP G 273 -5.98 39.86 -65.85
CA ASP G 273 -5.02 39.09 -66.65
C ASP G 273 -5.02 37.62 -66.25
N ALA G 274 -5.08 37.36 -64.95
CA ALA G 274 -5.25 36.00 -64.44
C ALA G 274 -6.64 35.43 -64.78
N ALA G 275 -7.67 36.28 -64.75
CA ALA G 275 -9.02 35.90 -65.17
C ALA G 275 -9.11 35.59 -66.68
N VAL G 276 -8.31 36.27 -67.49
CA VAL G 276 -8.25 36.00 -68.93
C VAL G 276 -7.49 34.69 -69.21
N GLU G 277 -6.39 34.47 -68.49
CA GLU G 277 -5.62 33.21 -68.60
C GLU G 277 -6.46 32.01 -68.17
N GLY G 278 -7.27 32.19 -67.12
CA GLY G 278 -8.20 31.16 -66.65
C GLY G 278 -9.29 30.89 -67.67
N ALA G 279 -9.80 31.95 -68.28
CA ALA G 279 -10.83 31.85 -69.30
C ALA G 279 -10.37 31.02 -70.51
N ILE G 280 -9.17 31.33 -71.02
CA ILE G 280 -8.62 30.61 -72.18
C ILE G 280 -8.49 29.12 -71.87
N ALA G 281 -7.87 28.82 -70.72
CA ALA G 281 -7.62 27.45 -70.29
C ALA G 281 -8.90 26.64 -70.00
N SER G 282 -9.84 27.21 -69.24
CA SER G 282 -11.11 26.53 -68.95
C SER G 282 -12.04 26.41 -70.15
N LYS G 283 -11.84 27.25 -71.16
CA LYS G 283 -12.77 27.28 -72.30
C LYS G 283 -12.27 26.54 -73.52
N TYR G 284 -11.00 26.77 -73.88
CA TYR G 284 -10.50 26.37 -75.18
C TYR G 284 -9.65 25.09 -75.15
N ARG G 285 -9.46 24.51 -73.97
CA ARG G 285 -8.89 23.17 -73.86
C ARG G 285 -9.81 22.17 -74.57
N ASN G 286 -9.20 21.27 -75.36
CA ASN G 286 -9.90 20.25 -76.17
C ASN G 286 -10.96 20.86 -77.08
N ASN G 287 -10.64 22.05 -77.56
CA ASN G 287 -11.53 22.89 -78.38
C ASN G 287 -12.88 23.15 -77.71
N GLY G 288 -12.88 23.25 -76.38
CA GLY G 288 -14.09 23.52 -75.61
C GLY G 288 -14.98 22.32 -75.41
N GLN G 289 -14.42 21.14 -75.66
CA GLN G 289 -15.17 19.89 -75.68
C GLN G 289 -14.95 19.05 -74.44
N THR G 290 -14.99 19.66 -73.26
CA THR G 290 -14.82 18.91 -72.01
C THR G 290 -15.96 19.17 -71.06
N CYS G 291 -16.34 18.13 -70.30
CA CYS G 291 -17.47 18.18 -69.38
C CYS G 291 -17.39 19.36 -68.41
N VAL G 292 -16.16 19.71 -68.02
CA VAL G 292 -15.89 20.82 -67.11
C VAL G 292 -15.60 22.17 -67.78
N CYS G 293 -15.79 22.25 -69.11
CA CYS G 293 -15.54 23.49 -69.84
C CYS G 293 -16.55 24.55 -69.51
N THR G 294 -16.07 25.78 -69.35
CA THR G 294 -16.96 26.94 -69.19
C THR G 294 -18.00 26.97 -70.30
N ASN G 295 -19.26 27.13 -69.92
CA ASN G 295 -20.32 27.30 -70.89
C ASN G 295 -20.86 28.71 -70.85
N ARG G 296 -20.84 29.31 -69.66
CA ARG G 296 -21.31 30.66 -69.45
C ARG G 296 -20.30 31.52 -68.68
N PHE G 297 -19.80 32.57 -69.31
CA PHE G 297 -19.01 33.58 -68.63
C PHE G 297 -19.93 34.59 -67.99
N PHE G 298 -19.76 34.82 -66.70
CA PHE G 298 -20.51 35.85 -65.99
C PHE G 298 -19.54 36.94 -65.54
N VAL G 299 -19.71 38.15 -66.05
CA VAL G 299 -18.75 39.21 -65.77
C VAL G 299 -19.42 40.47 -65.20
N HIS G 300 -18.87 40.97 -64.10
CA HIS G 300 -19.33 42.19 -63.43
C HIS G 300 -19.24 43.43 -64.34
N GLU G 301 -20.29 44.26 -64.28
CA GLU G 301 -20.42 45.46 -65.11
C GLU G 301 -19.15 46.30 -65.24
N ARG G 302 -18.54 46.60 -64.09
CA ARG G 302 -17.36 47.45 -64.02
C ARG G 302 -16.18 46.89 -64.83
N VAL G 303 -15.99 45.58 -64.77
CA VAL G 303 -14.87 44.96 -65.46
C VAL G 303 -15.27 44.39 -66.82
N TYR G 304 -16.58 44.34 -67.08
CA TYR G 304 -17.09 43.71 -68.30
C TYR G 304 -16.33 44.08 -69.57
N ASP G 305 -16.22 45.38 -69.86
CA ASP G 305 -15.65 45.86 -71.11
C ASP G 305 -14.17 45.48 -71.29
N ALA G 306 -13.38 45.72 -70.23
CA ALA G 306 -11.96 45.42 -70.23
C ALA G 306 -11.66 43.93 -70.35
N PHE G 307 -12.49 43.10 -69.70
CA PHE G 307 -12.37 41.64 -69.77
C PHE G 307 -12.68 41.18 -71.19
N ALA G 308 -13.85 41.59 -71.69
CA ALA G 308 -14.27 41.26 -73.04
C ALA G 308 -13.19 41.55 -74.07
N ASP G 309 -12.62 42.76 -74.04
CA ASP G 309 -11.53 43.15 -74.92
C ASP G 309 -10.28 42.29 -74.75
N LYS G 310 -9.92 42.01 -73.50
CA LYS G 310 -8.69 41.26 -73.21
C LYS G 310 -8.82 39.83 -73.70
N LEU G 311 -9.99 39.24 -73.45
CA LEU G 311 -10.30 37.90 -73.91
C LEU G 311 -10.32 37.82 -75.44
N ALA G 312 -11.08 38.71 -76.08
CA ALA G 312 -11.17 38.77 -77.55
C ALA G 312 -9.81 38.83 -78.24
N ALA G 313 -8.94 39.68 -77.71
CA ALA G 313 -7.59 39.84 -78.23
C ALA G 313 -6.79 38.54 -78.10
N ALA G 314 -6.95 37.89 -76.95
CA ALA G 314 -6.21 36.66 -76.66
C ALA G 314 -6.69 35.50 -77.52
N VAL G 315 -8.00 35.36 -77.65
CA VAL G 315 -8.56 34.32 -78.50
C VAL G 315 -8.07 34.48 -79.94
N SER G 316 -8.18 35.68 -80.49
CA SER G 316 -7.82 35.96 -81.88
C SER G 316 -6.38 35.54 -82.23
N LYS G 317 -5.53 35.42 -81.21
CA LYS G 317 -4.14 35.04 -81.38
C LYS G 317 -3.89 33.55 -81.09
N LEU G 318 -4.95 32.75 -81.00
CA LEU G 318 -4.82 31.29 -80.87
C LEU G 318 -4.81 30.65 -82.25
N LYS G 319 -3.90 29.69 -82.47
CA LYS G 319 -3.73 29.07 -83.78
C LYS G 319 -4.53 27.78 -83.94
N VAL G 320 -5.29 27.70 -85.03
CA VAL G 320 -6.11 26.54 -85.36
C VAL G 320 -5.44 25.71 -86.44
N GLY G 321 -5.28 24.41 -86.19
CA GLY G 321 -4.70 23.50 -87.18
C GLY G 321 -4.81 22.02 -86.83
N ARG G 322 -4.35 21.17 -87.76
CA ARG G 322 -4.26 19.73 -87.49
C ARG G 322 -3.29 19.50 -86.34
N GLY G 323 -3.62 18.54 -85.49
CA GLY G 323 -2.92 18.34 -84.21
C GLY G 323 -1.43 18.07 -84.29
N THR G 324 -1.02 17.42 -85.37
CA THR G 324 0.38 17.09 -85.62
C THR G 324 1.24 18.30 -86.01
N GLU G 325 0.60 19.46 -86.20
CA GLU G 325 1.26 20.64 -86.74
C GLU G 325 1.80 21.58 -85.66
N SER G 326 3.07 21.97 -85.83
CA SER G 326 3.75 22.92 -84.93
C SER G 326 2.97 24.20 -84.64
N GLY G 327 2.81 24.47 -83.35
CA GLY G 327 2.14 25.68 -82.89
C GLY G 327 0.63 25.67 -83.07
N ALA G 328 0.07 24.55 -83.51
CA ALA G 328 -1.38 24.41 -83.54
C ALA G 328 -1.84 24.03 -82.13
N THR G 329 -2.70 24.85 -81.56
CA THR G 329 -3.17 24.63 -80.19
C THR G 329 -4.67 24.31 -80.13
N LEU G 330 -5.36 24.49 -81.24
CA LEU G 330 -6.78 24.15 -81.33
C LEU G 330 -7.03 23.23 -82.53
N GLY G 331 -7.52 22.02 -82.24
CA GLY G 331 -7.82 21.05 -83.27
C GLY G 331 -9.24 21.21 -83.77
N PRO G 332 -9.79 20.17 -84.41
CA PRO G 332 -11.14 20.26 -84.91
C PRO G 332 -12.17 19.79 -83.88
N LEU G 333 -13.41 20.22 -84.05
CA LEU G 333 -14.54 19.57 -83.41
C LEU G 333 -14.63 18.11 -83.90
N ILE G 334 -15.20 17.23 -83.09
CA ILE G 334 -15.15 15.78 -83.32
C ILE G 334 -15.83 15.30 -84.61
N ASN G 335 -16.97 15.90 -84.93
CA ASN G 335 -17.73 15.53 -86.12
C ASN G 335 -18.59 16.68 -86.65
N GLU G 336 -19.23 16.45 -87.80
CA GLU G 336 -20.06 17.46 -88.44
C GLU G 336 -21.18 17.97 -87.54
N ALA G 337 -21.78 17.09 -86.75
CA ALA G 337 -22.91 17.44 -85.88
C ALA G 337 -22.51 18.46 -84.83
N ALA G 338 -21.27 18.36 -84.34
CA ALA G 338 -20.75 19.30 -83.37
C ALA G 338 -20.71 20.72 -83.95
N VAL G 339 -20.23 20.82 -85.18
CA VAL G 339 -20.13 22.08 -85.90
C VAL G 339 -21.51 22.73 -86.00
N LYS G 340 -22.52 21.95 -86.38
CA LYS G 340 -23.89 22.47 -86.48
C LYS G 340 -24.40 23.00 -85.13
N LYS G 341 -24.01 22.34 -84.05
CA LYS G 341 -24.42 22.72 -82.70
C LYS G 341 -23.90 24.11 -82.33
N VAL G 342 -22.63 24.35 -82.62
CA VAL G 342 -21.99 25.64 -82.34
C VAL G 342 -22.64 26.73 -83.21
N GLU G 343 -22.74 26.46 -84.51
CA GLU G 343 -23.37 27.36 -85.48
C GLU G 343 -24.78 27.73 -85.07
N SER G 344 -25.44 26.83 -84.36
CA SER G 344 -26.80 27.07 -83.88
C SER G 344 -26.79 28.03 -82.69
N HIS G 345 -25.83 27.83 -81.80
CA HIS G 345 -25.72 28.65 -80.59
C HIS G 345 -25.36 30.07 -80.94
N ILE G 346 -24.45 30.22 -81.92
CA ILE G 346 -24.05 31.53 -82.44
C ILE G 346 -25.22 32.27 -83.10
N ALA G 347 -25.85 31.62 -84.10
CA ALA G 347 -26.97 32.18 -84.85
C ALA G 347 -28.13 32.63 -83.95
N ASP G 348 -28.48 31.80 -82.96
CA ASP G 348 -29.51 32.17 -81.99
C ASP G 348 -29.07 33.40 -81.22
N ALA G 349 -27.92 33.29 -80.56
CA ALA G 349 -27.33 34.41 -79.81
C ALA G 349 -27.30 35.70 -80.61
N LEU G 350 -26.78 35.65 -81.83
CA LEU G 350 -26.71 36.81 -82.71
C LEU G 350 -28.08 37.43 -82.92
N ALA G 351 -29.06 36.59 -83.21
CA ALA G 351 -30.42 37.04 -83.51
C ALA G 351 -31.07 37.71 -82.30
N LYS G 352 -30.71 37.26 -81.12
CA LYS G 352 -31.34 37.72 -79.89
C LYS G 352 -30.67 38.95 -79.28
N GLY G 353 -29.76 39.57 -80.03
CA GLY G 353 -29.22 40.87 -79.65
C GLY G 353 -27.72 40.94 -79.38
N ALA G 354 -27.07 39.79 -79.35
CA ALA G 354 -25.65 39.72 -79.06
C ALA G 354 -24.82 40.19 -80.26
N SER G 355 -23.50 40.28 -80.07
CA SER G 355 -22.60 40.62 -81.16
C SER G 355 -21.26 39.88 -81.12
N LEU G 356 -20.77 39.55 -82.30
CA LEU G 356 -19.55 38.81 -82.48
C LEU G 356 -18.34 39.71 -82.23
N MET G 357 -17.34 39.19 -81.54
CA MET G 357 -16.10 39.94 -81.31
C MET G 357 -14.91 39.32 -82.02
N THR G 358 -14.95 38.00 -82.19
CA THR G 358 -13.91 37.27 -82.93
C THR G 358 -14.42 35.91 -83.37
N GLY G 359 -13.86 35.37 -84.46
CA GLY G 359 -14.29 34.11 -85.03
C GLY G 359 -15.72 34.17 -85.53
N GLY G 360 -16.46 33.10 -85.29
CA GLY G 360 -17.90 33.07 -85.60
C GLY G 360 -18.34 32.21 -86.77
N LYS G 361 -17.38 31.63 -87.50
CA LYS G 361 -17.67 30.80 -88.67
C LYS G 361 -16.66 29.66 -88.79
N ARG G 362 -16.90 28.75 -89.73
CA ARG G 362 -16.04 27.60 -89.95
C ARG G 362 -14.68 27.98 -90.56
N HIS G 363 -13.62 27.30 -90.13
CA HIS G 363 -12.25 27.65 -90.53
C HIS G 363 -11.95 27.18 -91.97
N ALA G 364 -11.03 27.87 -92.63
CA ALA G 364 -10.64 27.57 -94.02
C ALA G 364 -10.30 26.08 -94.26
N LEU G 365 -9.74 25.42 -93.25
CA LEU G 365 -9.35 24.01 -93.35
C LEU G 365 -10.56 23.07 -93.38
N GLY G 366 -11.75 23.63 -93.14
CA GLY G 366 -13.02 22.93 -93.30
C GLY G 366 -13.33 21.88 -92.24
N HIS G 367 -13.66 20.67 -92.70
CA HIS G 367 -13.87 19.49 -91.85
C HIS G 367 -14.60 19.75 -90.52
N GLY G 368 -13.84 19.70 -89.42
CA GLY G 368 -14.40 19.97 -88.09
C GLY G 368 -13.85 21.24 -87.49
N PHE G 369 -13.03 21.94 -88.25
CA PHE G 369 -12.38 23.15 -87.78
C PHE G 369 -13.31 24.35 -87.76
N PHE G 370 -13.33 25.01 -86.62
CA PHE G 370 -14.17 26.19 -86.40
C PHE G 370 -13.32 27.29 -85.78
N GLU G 371 -13.66 28.54 -86.10
CA GLU G 371 -12.94 29.70 -85.55
C GLU G 371 -13.26 29.89 -84.05
N PRO G 372 -12.23 30.01 -83.21
CA PRO G 372 -12.47 30.26 -81.78
C PRO G 372 -13.25 31.56 -81.63
N THR G 373 -14.42 31.47 -81.01
CA THR G 373 -15.40 32.56 -81.01
C THR G 373 -15.61 33.19 -79.64
N VAL G 374 -15.94 34.48 -79.61
CA VAL G 374 -16.33 35.19 -78.39
C VAL G 374 -17.54 36.04 -78.71
N LEU G 375 -18.51 36.06 -77.81
CA LEU G 375 -19.71 36.87 -77.98
C LEU G 375 -19.98 37.77 -76.76
N THR G 376 -20.33 39.03 -77.02
CA THR G 376 -20.78 39.95 -75.97
C THR G 376 -22.29 40.13 -76.04
N GLY G 377 -22.87 40.65 -74.98
CA GLY G 377 -24.31 40.95 -74.94
C GLY G 377 -25.20 39.72 -74.89
N VAL G 378 -24.69 38.64 -74.29
CA VAL G 378 -25.43 37.38 -74.14
C VAL G 378 -26.33 37.43 -72.91
N LYS G 379 -27.63 37.21 -73.12
CA LYS G 379 -28.62 37.31 -72.07
C LYS G 379 -29.28 35.93 -71.84
N PRO G 380 -29.90 35.70 -70.66
CA PRO G 380 -30.41 34.37 -70.30
C PRO G 380 -31.48 33.77 -71.22
N ASP G 381 -32.04 34.58 -72.12
CA ASP G 381 -33.01 34.11 -73.10
C ASP G 381 -32.39 33.28 -74.22
N MET G 382 -31.06 33.26 -74.29
CA MET G 382 -30.35 32.59 -75.39
C MET G 382 -30.08 31.11 -75.13
N ASP G 383 -29.98 30.32 -76.21
CA ASP G 383 -29.86 28.86 -76.13
C ASP G 383 -28.65 28.44 -75.29
N VAL G 384 -27.53 29.12 -75.51
CA VAL G 384 -26.27 28.79 -74.86
C VAL G 384 -26.32 28.96 -73.33
N ALA G 385 -27.33 29.65 -72.84
CA ALA G 385 -27.53 29.79 -71.41
C ALA G 385 -27.99 28.49 -70.76
N LYS G 386 -28.61 27.61 -71.55
CA LYS G 386 -29.17 26.35 -71.05
C LYS G 386 -28.46 25.10 -71.58
N GLU G 387 -28.14 25.10 -72.88
CA GLU G 387 -27.42 23.99 -73.52
C GLU G 387 -25.91 24.17 -73.44
N GLU G 388 -25.19 23.05 -73.34
CA GLU G 388 -23.74 23.04 -73.48
C GLU G 388 -23.41 23.21 -74.96
N THR G 389 -22.34 23.94 -75.25
CA THR G 389 -21.93 24.17 -76.63
C THR G 389 -21.05 23.02 -77.14
N PHE G 390 -20.21 22.50 -76.24
CA PHE G 390 -19.14 21.54 -76.59
C PHE G 390 -18.35 22.02 -77.79
N GLY G 391 -18.10 23.32 -77.83
CA GLY G 391 -17.30 23.95 -78.87
C GLY G 391 -16.53 25.13 -78.34
N PRO G 392 -15.74 25.80 -79.20
CA PRO G 392 -14.89 26.92 -78.82
C PRO G 392 -15.63 28.27 -78.84
N LEU G 393 -16.62 28.39 -77.96
CA LEU G 393 -17.49 29.56 -77.92
C LEU G 393 -17.53 30.18 -76.52
N ALA G 394 -17.04 31.41 -76.43
CA ALA G 394 -17.09 32.17 -75.18
C ALA G 394 -18.24 33.17 -75.21
N PRO G 395 -19.32 32.90 -74.46
CA PRO G 395 -20.41 33.87 -74.38
C PRO G 395 -20.39 34.66 -73.08
N LEU G 396 -20.44 35.98 -73.18
CA LEU G 396 -20.25 36.84 -72.02
C LEU G 396 -21.57 37.40 -71.51
N PHE G 397 -21.91 37.01 -70.28
CA PHE G 397 -23.08 37.51 -69.58
C PHE G 397 -22.63 38.59 -68.62
N ARG G 398 -23.58 39.42 -68.19
CA ARG G 398 -23.31 40.57 -67.36
C ARG G 398 -24.08 40.48 -66.05
N PHE G 399 -23.44 40.87 -64.95
CA PHE G 399 -24.13 40.96 -63.66
C PHE G 399 -23.69 42.18 -62.83
N ALA G 400 -24.52 42.53 -61.86
CA ALA G 400 -24.34 43.76 -61.10
C ALA G 400 -24.08 43.53 -59.62
N SER G 401 -24.66 42.48 -59.06
CA SER G 401 -24.53 42.21 -57.63
C SER G 401 -24.29 40.73 -57.34
N GLU G 402 -23.68 40.45 -56.19
CA GLU G 402 -23.49 39.11 -55.65
C GLU G 402 -24.78 38.26 -55.72
N GLU G 403 -25.84 38.72 -55.07
CA GLU G 403 -27.13 38.03 -55.03
C GLU G 403 -27.70 37.73 -56.44
N GLU G 404 -27.48 38.63 -57.40
CA GLU G 404 -27.90 38.41 -58.78
C GLU G 404 -27.16 37.23 -59.39
N LEU G 405 -25.83 37.22 -59.21
CA LEU G 405 -24.97 36.21 -59.80
C LEU G 405 -25.26 34.81 -59.30
N VAL G 406 -25.52 34.67 -58.00
CA VAL G 406 -25.77 33.36 -57.45
C VAL G 406 -27.02 32.76 -58.07
N ARG G 407 -28.08 33.56 -58.16
CA ARG G 407 -29.30 33.19 -58.86
C ARG G 407 -29.05 32.71 -60.29
N LEU G 408 -28.29 33.47 -61.05
CA LEU G 408 -28.00 33.11 -62.46
C LEU G 408 -27.23 31.81 -62.60
N ALA G 409 -26.14 31.71 -61.85
CA ALA G 409 -25.24 30.55 -61.87
C ALA G 409 -25.92 29.27 -61.41
N ASN G 410 -26.77 29.38 -60.39
CA ASN G 410 -27.52 28.22 -59.89
C ASN G 410 -28.83 27.96 -60.65
N ASP G 411 -29.10 28.76 -61.68
CA ASP G 411 -30.30 28.60 -62.48
C ASP G 411 -30.08 27.67 -63.68
N THR G 412 -29.86 26.41 -63.36
CA THR G 412 -29.64 25.35 -64.34
C THR G 412 -29.90 24.04 -63.62
N GLU G 413 -30.17 22.99 -64.39
CA GLU G 413 -30.41 21.67 -63.83
C GLU G 413 -29.09 20.99 -63.44
N PHE G 414 -28.00 21.37 -64.11
CA PHE G 414 -26.68 20.77 -63.92
C PHE G 414 -25.92 21.42 -62.77
N GLY G 415 -24.93 20.69 -62.27
CA GLY G 415 -24.13 21.17 -61.15
C GLY G 415 -22.78 20.49 -61.09
N LEU G 416 -21.98 20.67 -62.14
CA LEU G 416 -20.69 20.00 -62.26
C LEU G 416 -19.52 20.90 -61.85
N ALA G 417 -19.06 21.76 -62.76
CA ALA G 417 -17.86 22.59 -62.56
C ALA G 417 -18.19 24.06 -62.59
N ALA G 418 -17.47 24.84 -61.79
CA ALA G 418 -17.59 26.30 -61.76
C ALA G 418 -16.26 26.94 -61.41
N TYR G 419 -16.07 28.18 -61.83
CA TYR G 419 -14.84 28.90 -61.60
C TYR G 419 -15.16 30.31 -61.11
N LEU G 420 -14.35 30.79 -60.17
CA LEU G 420 -14.62 32.03 -59.50
C LEU G 420 -13.35 32.86 -59.39
N TYR G 421 -13.39 34.09 -59.86
CA TYR G 421 -12.27 35.00 -59.69
C TYR G 421 -12.67 36.20 -58.84
N SER G 422 -12.04 36.30 -57.67
CA SER G 422 -12.16 37.44 -56.78
C SER G 422 -10.97 37.47 -55.81
N ARG G 423 -10.72 38.62 -55.18
CA ARG G 423 -9.60 38.78 -54.26
C ARG G 423 -10.04 38.84 -52.82
N ASP G 424 -11.32 39.16 -52.61
CA ASP G 424 -11.86 39.29 -51.26
C ASP G 424 -12.22 37.93 -50.66
N ILE G 425 -11.53 37.56 -49.59
CA ILE G 425 -11.72 36.29 -48.90
C ILE G 425 -13.18 36.01 -48.53
N GLY G 426 -13.90 37.04 -48.08
CA GLY G 426 -15.28 36.87 -47.63
C GLY G 426 -16.24 36.59 -48.78
N ARG G 427 -16.03 37.29 -49.88
CA ARG G 427 -16.79 37.07 -51.10
C ARG G 427 -16.54 35.67 -51.68
N VAL G 428 -15.27 35.26 -51.69
CA VAL G 428 -14.90 33.95 -52.19
C VAL G 428 -15.62 32.82 -51.43
N TRP G 429 -15.59 32.88 -50.10
CA TRP G 429 -16.28 31.89 -49.28
C TRP G 429 -17.81 31.93 -49.37
N ARG G 430 -18.41 33.13 -49.35
CA ARG G 430 -19.86 33.25 -49.52
C ARG G 430 -20.31 32.60 -50.84
N VAL G 431 -19.74 33.06 -51.94
CA VAL G 431 -20.09 32.60 -53.30
C VAL G 431 -19.84 31.12 -53.49
N ALA G 432 -18.64 30.66 -53.14
CA ALA G 432 -18.29 29.24 -53.28
C ALA G 432 -19.24 28.32 -52.52
N GLU G 433 -19.72 28.75 -51.36
CA GLU G 433 -20.69 27.97 -50.57
C GLU G 433 -22.07 27.96 -51.21
N ALA G 434 -22.41 29.06 -51.90
CA ALA G 434 -23.74 29.25 -52.48
C ALA G 434 -23.88 28.59 -53.84
N LEU G 435 -22.75 28.37 -54.51
CA LEU G 435 -22.70 27.70 -55.80
C LEU G 435 -23.07 26.23 -55.68
N GLU G 436 -24.08 25.82 -56.43
CA GLU G 436 -24.52 24.42 -56.40
C GLU G 436 -23.74 23.61 -57.46
N TYR G 437 -22.45 23.41 -57.18
CA TYR G 437 -21.54 22.67 -58.06
C TYR G 437 -20.67 21.72 -57.25
N GLY G 438 -20.35 20.58 -57.86
CA GLY G 438 -19.51 19.57 -57.23
C GLY G 438 -18.07 20.04 -57.13
N MET G 439 -17.68 20.92 -58.06
CA MET G 439 -16.30 21.35 -58.20
C MET G 439 -16.18 22.84 -58.53
N VAL G 440 -15.39 23.56 -57.74
CA VAL G 440 -15.27 25.00 -57.90
C VAL G 440 -13.81 25.44 -57.88
N GLY G 441 -13.39 26.03 -59.00
CA GLY G 441 -12.08 26.63 -59.11
C GLY G 441 -12.08 28.08 -58.65
N ILE G 442 -11.10 28.41 -57.81
CA ILE G 442 -11.00 29.74 -57.22
C ILE G 442 -9.70 30.40 -57.66
N ASN G 443 -9.86 31.42 -58.51
CA ASN G 443 -8.76 32.12 -59.18
C ASN G 443 -7.93 31.21 -60.09
N THR G 444 -8.58 30.18 -60.63
CA THR G 444 -7.95 29.30 -61.60
C THR G 444 -9.02 28.68 -62.49
N GLY G 445 -8.61 28.31 -63.72
CA GLY G 445 -9.49 27.64 -64.68
C GLY G 445 -9.12 26.20 -64.99
N LEU G 446 -8.11 25.68 -64.31
CA LEU G 446 -7.76 24.27 -64.42
C LEU G 446 -7.85 23.66 -63.05
N ILE G 447 -8.75 22.68 -62.88
CA ILE G 447 -9.00 22.13 -61.56
C ILE G 447 -8.79 20.61 -61.44
N SER G 448 -8.76 19.92 -62.58
CA SER G 448 -8.81 18.45 -62.62
C SER G 448 -7.48 17.76 -62.37
N ASN G 449 -7.53 16.72 -61.52
CA ASN G 449 -6.37 15.91 -61.17
C ASN G 449 -6.79 14.63 -60.43
N GLU G 450 -5.81 13.79 -60.10
CA GLU G 450 -6.07 12.45 -59.55
C GLU G 450 -6.33 12.43 -58.04
N VAL G 451 -5.83 13.44 -57.34
CA VAL G 451 -5.94 13.48 -55.87
C VAL G 451 -7.21 14.19 -55.41
N ALA G 452 -7.94 14.74 -56.38
CA ALA G 452 -9.20 15.42 -56.12
C ALA G 452 -10.41 14.55 -56.47
N PRO G 453 -11.49 14.67 -55.68
CA PRO G 453 -12.76 14.06 -55.99
C PRO G 453 -13.45 14.83 -57.12
N PHE G 454 -13.88 14.10 -58.15
CA PHE G 454 -14.39 14.68 -59.38
C PHE G 454 -15.77 14.15 -59.71
N GLY G 455 -16.74 15.06 -59.76
CA GLY G 455 -18.13 14.70 -60.05
C GLY G 455 -19.05 15.88 -59.86
N GLY G 456 -20.32 15.71 -60.19
CA GLY G 456 -21.28 16.80 -60.10
C GLY G 456 -22.41 16.52 -59.14
N VAL G 457 -23.28 17.50 -58.97
CA VAL G 457 -24.49 17.36 -58.14
C VAL G 457 -25.70 17.65 -59.03
N LYS G 458 -26.91 17.49 -58.46
CA LYS G 458 -28.14 17.69 -59.23
C LYS G 458 -28.08 16.78 -60.46
N GLN G 459 -28.42 17.29 -61.64
CA GLN G 459 -28.50 16.45 -62.85
C GLN G 459 -27.14 16.15 -63.49
N SER G 460 -26.06 16.60 -62.83
CA SER G 460 -24.70 16.33 -63.29
C SER G 460 -24.19 14.95 -62.86
N GLY G 461 -24.94 14.24 -62.03
CA GLY G 461 -24.67 12.83 -61.76
C GLY G 461 -24.49 12.38 -60.33
N LEU G 462 -23.98 11.16 -60.19
CA LEU G 462 -23.89 10.47 -58.89
C LEU G 462 -22.49 9.94 -58.67
N GLY G 463 -21.99 10.10 -57.44
CA GLY G 463 -20.69 9.56 -57.04
C GLY G 463 -19.51 10.38 -57.49
N ARG G 464 -18.31 9.98 -57.06
CA ARG G 464 -17.07 10.73 -57.34
C ARG G 464 -15.95 9.84 -57.91
N GLU G 465 -15.04 10.47 -58.65
CA GLU G 465 -13.88 9.76 -59.17
C GLU G 465 -12.60 10.49 -58.85
N GLY G 466 -11.54 9.72 -58.57
CA GLY G 466 -10.28 10.28 -58.11
C GLY G 466 -10.32 10.46 -56.60
N SER G 467 -9.20 10.87 -56.03
CA SER G 467 -9.00 10.97 -54.57
C SER G 467 -9.29 9.64 -53.86
N HIS G 468 -9.39 9.69 -52.54
CA HIS G 468 -9.75 8.51 -51.75
C HIS G 468 -11.25 8.17 -51.82
N TYR G 469 -12.04 9.08 -52.40
CA TYR G 469 -13.46 8.83 -52.60
C TYR G 469 -13.74 7.95 -53.83
N GLY G 470 -12.73 7.82 -54.69
CA GLY G 470 -12.88 7.18 -56.00
C GLY G 470 -13.08 5.69 -56.00
N ILE G 471 -12.44 5.00 -55.06
CA ILE G 471 -12.49 3.55 -54.96
C ILE G 471 -13.72 3.07 -54.17
N ASP G 472 -14.29 3.93 -53.34
CA ASP G 472 -15.40 3.56 -52.48
C ASP G 472 -16.62 3.05 -53.26
N ASP G 473 -16.83 3.59 -54.44
CA ASP G 473 -17.96 3.16 -55.27
C ASP G 473 -17.80 1.76 -55.81
N TYR G 474 -16.59 1.20 -55.68
CA TYR G 474 -16.26 -0.10 -56.24
C TYR G 474 -16.27 -1.23 -55.21
N VAL G 475 -16.34 -0.85 -53.94
CA VAL G 475 -16.38 -1.83 -52.87
C VAL G 475 -17.71 -1.84 -52.17
N VAL G 476 -17.91 -2.90 -51.40
CA VAL G 476 -19.15 -3.18 -50.72
C VAL G 476 -18.79 -3.34 -49.25
N ILE G 477 -19.55 -2.75 -48.34
CA ILE G 477 -19.16 -2.84 -46.93
C ILE G 477 -19.85 -4.02 -46.24
N LYS G 478 -19.11 -4.69 -45.35
CA LYS G 478 -19.61 -5.84 -44.59
C LYS G 478 -19.46 -5.59 -43.10
N TYR G 479 -20.57 -5.69 -42.38
CA TYR G 479 -20.59 -5.56 -40.92
C TYR G 479 -20.49 -6.93 -40.27
N LEU G 480 -19.47 -7.11 -39.43
CA LEU G 480 -19.29 -8.33 -38.67
C LEU G 480 -19.65 -8.12 -37.22
N CYS G 481 -20.63 -8.88 -36.74
CA CYS G 481 -21.05 -8.83 -35.35
C CYS G 481 -20.57 -10.08 -34.62
N VAL G 482 -19.62 -9.88 -33.72
CA VAL G 482 -18.90 -10.98 -33.06
C VAL G 482 -19.26 -11.09 -31.58
N ALA G 483 -19.99 -12.16 -31.24
CA ALA G 483 -20.26 -12.49 -29.85
C ALA G 483 -18.96 -12.79 -29.13
N VAL G 484 -18.83 -12.27 -27.92
CA VAL G 484 -17.55 -12.34 -27.23
C VAL G 484 -17.42 -13.54 -26.25
N GLY H 3 34.65 -5.32 -52.07
CA GLY H 3 35.45 -6.56 -52.36
C GLY H 3 34.84 -7.44 -53.44
N SER H 4 33.89 -8.29 -53.06
CA SER H 4 33.22 -9.21 -53.98
C SER H 4 31.79 -8.78 -54.35
N MET H 5 31.56 -7.47 -54.36
CA MET H 5 30.26 -6.90 -54.69
C MET H 5 30.21 -6.43 -56.14
N LYS H 6 29.08 -6.68 -56.79
CA LYS H 6 28.88 -6.28 -58.19
C LYS H 6 29.00 -4.76 -58.39
N ASP H 7 29.20 -4.04 -57.28
CA ASP H 7 29.53 -2.60 -57.24
C ASP H 7 30.15 -2.29 -55.88
N PRO H 8 31.50 -2.21 -55.82
CA PRO H 8 32.19 -2.06 -54.54
C PRO H 8 32.15 -0.62 -53.95
N SER H 9 31.57 0.31 -54.70
CA SER H 9 31.43 1.70 -54.23
C SER H 9 30.31 1.86 -53.19
N LEU H 10 29.41 0.86 -53.11
CA LEU H 10 28.37 0.83 -52.09
C LEU H 10 28.93 0.66 -50.69
N LEU H 11 30.08 0.01 -50.55
CA LEU H 11 30.78 -0.08 -49.28
C LEU H 11 31.50 1.24 -49.03
N ARG H 12 31.00 2.01 -48.06
CA ARG H 12 31.46 3.38 -47.82
C ARG H 12 32.32 3.45 -46.56
N HIS H 13 33.33 4.32 -46.57
CA HIS H 13 34.22 4.44 -45.42
C HIS H 13 34.25 5.86 -44.88
N GLN H 14 33.39 6.68 -45.47
CA GLN H 14 33.18 8.07 -45.08
C GLN H 14 31.72 8.28 -44.63
N ALA H 15 31.52 9.23 -43.72
CA ALA H 15 30.19 9.64 -43.32
C ALA H 15 29.61 10.64 -44.31
N TYR H 16 28.28 10.74 -44.32
CA TYR H 16 27.54 11.60 -45.23
C TYR H 16 26.93 12.78 -44.48
N ILE H 17 27.55 13.94 -44.62
CA ILE H 17 27.15 15.12 -43.87
C ILE H 17 26.72 16.24 -44.81
N GLY H 18 25.45 16.61 -44.72
CA GLY H 18 24.91 17.75 -45.47
C GLY H 18 25.03 17.60 -46.97
N GLY H 19 24.96 16.36 -47.45
CA GLY H 19 24.96 16.08 -48.89
C GLY H 19 26.34 15.88 -49.50
N GLU H 20 27.38 15.91 -48.67
CA GLU H 20 28.72 15.53 -49.11
C GLU H 20 29.40 14.53 -48.15
N TRP H 21 30.14 13.60 -48.74
CA TRP H 21 30.89 12.59 -48.00
C TRP H 21 32.18 13.20 -47.45
N GLN H 22 32.46 12.95 -46.17
CA GLN H 22 33.61 13.56 -45.51
C GLN H 22 34.02 12.81 -44.25
N ALA H 23 35.24 13.05 -43.78
CA ALA H 23 35.78 12.39 -42.59
C ALA H 23 35.63 13.27 -41.36
N ALA H 24 35.90 12.70 -40.19
CA ALA H 24 35.87 13.47 -38.94
C ALA H 24 36.82 14.68 -39.04
N ASP H 25 36.40 15.80 -38.49
CA ASP H 25 37.21 17.01 -38.48
C ASP H 25 38.59 16.71 -37.91
N SER H 26 38.62 15.77 -36.96
CA SER H 26 39.84 15.36 -36.28
C SER H 26 40.55 14.22 -37.01
N ASP H 27 39.98 13.80 -38.15
CA ASP H 27 40.48 12.67 -38.95
C ASP H 27 40.48 11.33 -38.21
N ALA H 28 39.94 11.31 -36.98
CA ALA H 28 39.85 10.09 -36.18
C ALA H 28 38.91 9.08 -36.84
N THR H 29 39.00 7.83 -36.39
CA THR H 29 38.20 6.72 -36.94
C THR H 29 37.99 5.63 -35.90
N PHE H 30 37.16 4.64 -36.25
CA PHE H 30 37.12 3.38 -35.51
C PHE H 30 36.89 2.20 -36.46
N GLU H 31 37.07 0.99 -35.95
CA GLU H 31 37.11 -0.22 -36.78
C GLU H 31 35.90 -1.13 -36.63
N VAL H 32 35.39 -1.65 -37.74
CA VAL H 32 34.22 -2.53 -37.74
C VAL H 32 34.59 -3.97 -38.14
N PHE H 33 34.11 -4.92 -37.33
CA PHE H 33 34.51 -6.32 -37.45
C PHE H 33 33.37 -7.23 -37.87
N ASP H 34 33.69 -8.22 -38.70
CA ASP H 34 32.76 -9.30 -39.06
C ASP H 34 32.49 -10.11 -37.80
N PRO H 35 31.23 -10.20 -37.36
CA PRO H 35 30.92 -10.83 -36.07
C PRO H 35 31.04 -12.36 -36.12
N ALA H 36 31.11 -12.90 -37.32
CA ALA H 36 31.29 -14.34 -37.53
C ALA H 36 32.76 -14.73 -37.52
N THR H 37 33.63 -13.81 -37.93
CA THR H 37 35.05 -14.09 -38.05
C THR H 37 35.88 -13.39 -36.98
N GLY H 38 35.51 -12.16 -36.64
CA GLY H 38 36.34 -11.33 -35.78
C GLY H 38 37.31 -10.49 -36.59
N GLU H 39 37.22 -10.60 -37.93
CA GLU H 39 38.12 -9.88 -38.83
C GLU H 39 37.65 -8.47 -39.20
N SER H 40 38.58 -7.65 -39.68
CA SER H 40 38.33 -6.25 -40.00
C SER H 40 37.60 -6.02 -41.31
N LEU H 41 36.59 -5.13 -41.28
CA LEU H 41 35.91 -4.66 -42.48
C LEU H 41 36.42 -3.27 -42.90
N GLY H 42 37.27 -2.68 -42.07
CA GLY H 42 37.76 -1.34 -42.33
C GLY H 42 37.36 -0.29 -41.30
N THR H 43 37.50 0.97 -41.68
CA THR H 43 37.27 2.08 -40.77
C THR H 43 36.11 2.95 -41.21
N VAL H 44 35.47 3.57 -40.22
CA VAL H 44 34.50 4.63 -40.44
C VAL H 44 34.81 5.80 -39.49
N PRO H 45 34.48 7.04 -39.89
CA PRO H 45 34.80 8.23 -39.10
C PRO H 45 34.28 8.17 -37.67
N LYS H 46 35.08 8.68 -36.74
CA LYS H 46 34.65 8.89 -35.37
C LYS H 46 34.35 10.38 -35.21
N MET H 47 33.11 10.75 -35.54
CA MET H 47 32.66 12.14 -35.48
C MET H 47 31.99 12.46 -34.14
N GLY H 48 31.92 13.75 -33.82
CA GLY H 48 31.34 14.21 -32.57
C GLY H 48 30.24 15.24 -32.76
N ALA H 49 30.17 16.18 -31.82
CA ALA H 49 29.17 17.26 -31.81
C ALA H 49 29.28 18.17 -33.03
N ALA H 50 30.49 18.61 -33.35
CA ALA H 50 30.70 19.59 -34.40
C ALA H 50 30.18 19.14 -35.76
N GLU H 51 30.41 17.86 -36.06
CA GLU H 51 29.95 17.27 -37.33
C GLU H 51 28.44 17.11 -37.34
N THR H 52 27.86 16.80 -36.17
CA THR H 52 26.43 16.59 -36.03
C THR H 52 25.71 17.91 -36.27
N ALA H 53 26.23 18.98 -35.66
CA ALA H 53 25.69 20.33 -35.78
C ALA H 53 25.70 20.83 -37.20
N ARG H 54 26.75 20.49 -37.96
CA ARG H 54 26.79 20.84 -39.38
C ARG H 54 25.64 20.19 -40.12
N ALA H 55 25.46 18.88 -39.90
CA ALA H 55 24.37 18.14 -40.54
C ALA H 55 23.00 18.75 -40.20
N ILE H 56 22.79 19.03 -38.91
CA ILE H 56 21.57 19.68 -38.41
C ILE H 56 21.33 21.07 -39.03
N GLU H 57 22.39 21.87 -39.15
CA GLU H 57 22.31 23.19 -39.80
C GLU H 57 22.00 23.04 -41.27
N ALA H 58 22.64 22.07 -41.92
CA ALA H 58 22.42 21.79 -43.33
C ALA H 58 21.00 21.34 -43.57
N ALA H 59 20.50 20.50 -42.66
CA ALA H 59 19.10 20.03 -42.67
C ALA H 59 18.12 21.21 -42.61
N GLN H 60 18.36 22.13 -41.67
CA GLN H 60 17.53 23.32 -41.50
C GLN H 60 17.52 24.12 -42.79
N ALA H 61 18.69 24.29 -43.39
CA ALA H 61 18.84 25.02 -44.65
C ALA H 61 18.12 24.34 -45.82
N ALA H 62 18.15 23.00 -45.86
CA ALA H 62 17.53 22.25 -46.95
C ALA H 62 16.02 22.13 -46.85
N TRP H 63 15.46 22.50 -45.70
CA TRP H 63 14.03 22.31 -45.42
C TRP H 63 13.14 23.06 -46.40
N ALA H 64 13.21 24.39 -46.43
CA ALA H 64 12.32 25.19 -47.28
C ALA H 64 12.16 24.65 -48.73
N GLY H 65 13.28 24.39 -49.42
CA GLY H 65 13.24 23.84 -50.77
C GLY H 65 12.59 22.46 -50.85
N TRP H 66 12.93 21.58 -49.91
CA TRP H 66 12.36 20.24 -49.83
C TRP H 66 10.86 20.25 -49.56
N ARG H 67 10.42 21.08 -48.61
CA ARG H 67 8.98 21.20 -48.31
C ARG H 67 8.19 21.89 -49.41
N MET H 68 8.88 22.72 -50.20
CA MET H 68 8.29 23.44 -51.33
C MET H 68 7.83 22.46 -52.41
N LYS H 69 8.54 21.36 -52.58
CA LYS H 69 8.12 20.29 -53.48
C LYS H 69 6.76 19.72 -53.11
N THR H 70 6.00 19.30 -54.12
CA THR H 70 4.72 18.65 -53.88
C THR H 70 5.00 17.25 -53.39
N ALA H 71 4.01 16.62 -52.75
CA ALA H 71 4.13 15.21 -52.33
C ALA H 71 4.51 14.29 -53.51
N LYS H 72 3.87 14.53 -54.66
CA LYS H 72 4.12 13.78 -55.90
C LYS H 72 5.58 13.88 -56.33
N GLU H 73 6.15 15.07 -56.26
CA GLU H 73 7.54 15.31 -56.63
C GLU H 73 8.51 14.58 -55.69
N ARG H 74 8.22 14.62 -54.39
CA ARG H 74 8.99 13.91 -53.37
C ARG H 74 8.88 12.39 -53.52
N ALA H 75 7.73 11.93 -54.01
CA ALA H 75 7.47 10.50 -54.25
C ALA H 75 8.28 9.95 -55.43
N ALA H 76 8.49 10.78 -56.45
CA ALA H 76 9.31 10.40 -57.60
C ALA H 76 10.73 10.12 -57.15
N ILE H 77 11.24 11.00 -56.29
CA ILE H 77 12.58 10.87 -55.73
C ILE H 77 12.69 9.64 -54.83
N LEU H 78 11.70 9.44 -53.96
CA LEU H 78 11.66 8.29 -53.07
C LEU H 78 11.50 6.98 -53.82
N ARG H 79 10.68 6.99 -54.88
CA ARG H 79 10.46 5.79 -55.68
C ARG H 79 11.73 5.36 -56.43
N ARG H 80 12.57 6.32 -56.84
CA ARG H 80 13.85 6.01 -57.45
C ARG H 80 14.78 5.36 -56.43
N TRP H 81 14.78 5.90 -55.20
CA TRP H 81 15.52 5.32 -54.09
C TRP H 81 15.03 3.92 -53.83
N PHE H 82 13.76 3.69 -54.11
CA PHE H 82 13.14 2.37 -53.97
C PHE H 82 13.65 1.46 -55.08
N ASP H 83 13.54 1.94 -56.32
CA ASP H 83 14.00 1.21 -57.49
C ASP H 83 15.47 0.84 -57.35
N LEU H 84 16.25 1.77 -56.78
CA LEU H 84 17.68 1.59 -56.64
C LEU H 84 18.02 0.61 -55.54
N VAL H 85 17.19 0.53 -54.51
CA VAL H 85 17.44 -0.41 -53.42
C VAL H 85 17.14 -1.85 -53.86
N ILE H 86 16.05 -2.02 -54.60
CA ILE H 86 15.64 -3.32 -55.14
C ILE H 86 16.68 -3.87 -56.13
N ALA H 87 17.19 -2.99 -57.02
CA ALA H 87 18.21 -3.35 -58.02
C ALA H 87 19.55 -3.76 -57.41
N ASN H 88 19.84 -3.27 -56.20
CA ASN H 88 21.12 -3.57 -55.55
C ASN H 88 20.95 -4.46 -54.31
N SER H 89 19.85 -5.20 -54.29
CA SER H 89 19.52 -6.11 -53.21
C SER H 89 20.66 -7.06 -52.87
N ASP H 90 21.21 -7.71 -53.90
CA ASP H 90 22.30 -8.68 -53.73
C ASP H 90 23.44 -8.13 -52.89
N ASP H 91 23.97 -6.97 -53.28
CA ASP H 91 25.11 -6.35 -52.58
C ASP H 91 24.78 -5.85 -51.17
N LEU H 92 23.61 -5.24 -51.03
CA LEU H 92 23.19 -4.67 -49.75
C LEU H 92 22.99 -5.76 -48.71
N ALA H 93 22.40 -6.86 -49.14
CA ALA H 93 22.22 -8.03 -48.27
C ALA H 93 23.57 -8.64 -47.89
N LEU H 94 24.51 -8.62 -48.83
CA LEU H 94 25.84 -9.14 -48.58
C LEU H 94 26.57 -8.26 -47.54
N ILE H 95 26.61 -6.94 -47.77
CA ILE H 95 27.12 -6.01 -46.77
C ILE H 95 26.49 -6.27 -45.40
N LEU H 96 25.16 -6.32 -45.38
CA LEU H 96 24.40 -6.53 -44.15
C LEU H 96 24.85 -7.78 -43.39
N THR H 97 24.92 -8.92 -44.08
CA THR H 97 25.39 -10.17 -43.49
C THR H 97 26.80 -10.00 -42.93
N THR H 98 27.73 -9.56 -43.79
CA THR H 98 29.11 -9.36 -43.41
C THR H 98 29.25 -8.56 -42.12
N GLU H 99 28.49 -7.47 -41.99
CA GLU H 99 28.63 -6.59 -40.82
C GLU H 99 27.78 -6.97 -39.62
N GLN H 100 26.70 -7.71 -39.84
CA GLN H 100 25.73 -7.99 -38.78
C GLN H 100 25.61 -9.49 -38.38
N GLY H 101 25.69 -10.39 -39.37
CA GLY H 101 25.76 -11.82 -39.06
C GLY H 101 24.65 -12.70 -39.60
N LYS H 102 23.45 -12.15 -39.71
CA LYS H 102 22.29 -12.91 -40.14
C LYS H 102 22.52 -13.59 -41.50
N PRO H 103 21.89 -14.77 -41.71
CA PRO H 103 21.96 -15.48 -43.00
C PRO H 103 21.68 -14.56 -44.20
N LEU H 104 22.36 -14.83 -45.31
CA LEU H 104 22.20 -14.03 -46.52
C LEU H 104 20.73 -13.98 -46.86
N ALA H 105 20.08 -15.15 -46.76
CA ALA H 105 18.64 -15.29 -47.01
C ALA H 105 17.79 -14.35 -46.16
N GLU H 106 18.19 -14.14 -44.90
CA GLU H 106 17.50 -13.19 -44.02
C GLU H 106 17.78 -11.73 -44.40
N ALA H 107 19.02 -11.43 -44.76
CA ALA H 107 19.43 -10.08 -45.11
C ALA H 107 18.81 -9.61 -46.43
N LYS H 108 18.53 -10.55 -47.32
CA LYS H 108 17.75 -10.24 -48.52
C LYS H 108 16.31 -9.93 -48.14
N GLY H 109 15.77 -10.71 -47.18
CA GLY H 109 14.47 -10.46 -46.60
C GLY H 109 14.37 -9.04 -46.06
N GLU H 110 15.39 -8.62 -45.31
CA GLU H 110 15.42 -7.28 -44.74
C GLU H 110 15.51 -6.17 -45.78
N ILE H 111 16.21 -6.41 -46.89
CA ILE H 111 16.33 -5.41 -47.94
C ILE H 111 14.97 -5.17 -48.59
N ALA H 112 14.26 -6.27 -48.88
CA ALA H 112 12.91 -6.21 -49.44
C ALA H 112 11.89 -5.54 -48.49
N TYR H 113 12.10 -5.75 -47.19
CA TYR H 113 11.31 -5.17 -46.12
C TYR H 113 11.57 -3.67 -46.06
N ALA H 114 12.85 -3.30 -46.10
CA ALA H 114 13.27 -1.90 -46.11
C ALA H 114 12.68 -1.13 -47.29
N ALA H 115 12.80 -1.69 -48.48
CA ALA H 115 12.33 -1.05 -49.70
C ALA H 115 10.81 -0.79 -49.64
N SER H 116 10.08 -1.77 -49.14
CA SER H 116 8.63 -1.68 -49.06
C SER H 116 8.19 -0.51 -48.16
N PHE H 117 8.97 -0.21 -47.13
CA PHE H 117 8.77 0.98 -46.30
C PHE H 117 9.03 2.28 -47.06
N ILE H 118 10.05 2.29 -47.91
CA ILE H 118 10.36 3.47 -48.70
C ILE H 118 9.18 3.73 -49.61
N GLU H 119 8.73 2.68 -50.32
CA GLU H 119 7.63 2.78 -51.27
C GLU H 119 6.36 3.25 -50.60
N TRP H 120 5.99 2.56 -49.52
CA TRP H 120 4.77 2.82 -48.77
C TRP H 120 4.65 4.29 -48.41
N PHE H 121 5.72 4.85 -47.88
CA PHE H 121 5.73 6.23 -47.44
C PHE H 121 5.77 7.24 -48.58
N ALA H 122 6.29 6.83 -49.74
CA ALA H 122 6.17 7.64 -50.93
C ALA H 122 4.70 7.80 -51.29
N GLU H 123 3.93 6.74 -51.09
CA GLU H 123 2.48 6.76 -51.27
C GLU H 123 1.75 7.49 -50.12
N GLU H 124 2.31 7.44 -48.91
CA GLU H 124 1.65 8.05 -47.75
C GLU H 124 1.75 9.57 -47.73
N GLY H 125 2.90 10.08 -48.16
CA GLY H 125 3.09 11.52 -48.32
C GLY H 125 2.00 12.16 -49.14
N LYS H 126 1.51 11.45 -50.15
CA LYS H 126 0.46 11.96 -51.02
C LYS H 126 -0.91 12.00 -50.37
N ARG H 127 -1.01 11.47 -49.14
CA ARG H 127 -2.29 11.24 -48.48
C ARG H 127 -2.42 11.83 -47.08
N VAL H 128 -1.45 12.65 -46.67
CA VAL H 128 -1.51 13.32 -45.37
C VAL H 128 -2.61 14.38 -45.43
N ALA H 129 -3.64 14.20 -44.59
CA ALA H 129 -4.88 14.93 -44.78
C ALA H 129 -5.40 15.64 -43.53
N GLY H 130 -5.89 16.85 -43.73
CA GLY H 130 -6.59 17.60 -42.68
C GLY H 130 -8.09 17.55 -42.86
N ASP H 131 -8.81 18.44 -42.20
CA ASP H 131 -10.27 18.39 -42.18
C ASP H 131 -10.91 19.72 -42.48
N THR H 132 -12.20 19.65 -42.82
CA THR H 132 -13.10 20.78 -42.75
C THR H 132 -14.28 20.32 -41.90
N LEU H 133 -14.47 20.96 -40.75
CA LEU H 133 -15.44 20.49 -39.75
C LEU H 133 -16.65 21.42 -39.55
N PRO H 134 -17.79 20.88 -39.10
CA PRO H 134 -18.97 21.71 -38.85
C PRO H 134 -18.73 22.68 -37.72
N THR H 135 -19.00 23.96 -37.97
CA THR H 135 -18.74 25.03 -37.02
C THR H 135 -19.76 25.09 -35.85
N PRO H 136 -19.30 25.49 -34.65
CA PRO H 136 -20.21 25.74 -33.55
C PRO H 136 -20.73 27.18 -33.52
N ASP H 137 -20.32 27.97 -34.50
CA ASP H 137 -20.59 29.41 -34.56
C ASP H 137 -20.66 29.81 -36.02
N ALA H 138 -21.83 30.26 -36.44
CA ALA H 138 -22.13 30.51 -37.87
C ALA H 138 -21.27 31.59 -38.53
N ASN H 139 -20.64 32.43 -37.74
CA ASN H 139 -19.79 33.49 -38.27
C ASN H 139 -18.39 32.99 -38.62
N LYS H 140 -18.14 31.72 -38.33
CA LYS H 140 -16.80 31.15 -38.40
C LYS H 140 -16.78 29.80 -39.13
N ARG H 141 -15.60 29.44 -39.62
CA ARG H 141 -15.40 28.22 -40.39
C ARG H 141 -14.20 27.48 -39.85
N ILE H 142 -14.25 26.16 -39.83
CA ILE H 142 -13.14 25.38 -39.28
C ILE H 142 -12.35 24.62 -40.34
N VAL H 143 -11.06 24.93 -40.43
CA VAL H 143 -10.16 24.29 -41.39
C VAL H 143 -8.91 23.81 -40.66
N VAL H 144 -8.56 22.56 -40.88
CA VAL H 144 -7.38 21.98 -40.26
C VAL H 144 -6.47 21.52 -41.41
N VAL H 145 -5.22 21.94 -41.36
CA VAL H 145 -4.22 21.49 -42.32
C VAL H 145 -3.07 20.80 -41.58
N LYS H 146 -2.27 20.05 -42.32
CA LYS H 146 -1.11 19.38 -41.73
C LYS H 146 0.13 19.78 -42.47
N GLU H 147 1.21 19.97 -41.74
CA GLU H 147 2.49 20.35 -42.36
C GLU H 147 3.70 19.80 -41.59
N PRO H 148 4.83 19.64 -42.29
CA PRO H 148 5.99 18.97 -41.70
C PRO H 148 6.39 19.63 -40.39
N ILE H 149 6.79 18.82 -39.42
CA ILE H 149 7.12 19.32 -38.09
C ILE H 149 8.36 20.20 -38.16
N GLY H 150 9.34 19.79 -38.98
CA GLY H 150 10.62 20.45 -39.08
C GLY H 150 11.78 19.48 -39.25
N VAL H 151 12.93 19.84 -38.68
CA VAL H 151 14.13 19.02 -38.76
C VAL H 151 14.02 17.80 -37.83
N CYS H 152 14.24 16.62 -38.40
CA CYS H 152 14.08 15.36 -37.69
C CYS H 152 15.41 14.68 -37.42
N ALA H 153 15.41 13.79 -36.43
CA ALA H 153 16.57 12.98 -36.12
C ALA H 153 16.15 11.56 -35.83
N ALA H 154 17.00 10.61 -36.22
CA ALA H 154 16.78 9.20 -35.94
C ALA H 154 18.05 8.55 -35.43
N ILE H 155 17.89 7.72 -34.41
CA ILE H 155 18.95 6.88 -33.87
C ILE H 155 18.53 5.41 -34.04
N THR H 156 19.24 4.69 -34.90
CA THR H 156 18.84 3.34 -35.29
C THR H 156 19.75 2.25 -34.69
N PRO H 157 19.19 1.05 -34.46
CA PRO H 157 19.96 -0.02 -33.83
C PRO H 157 20.71 -0.90 -34.82
N TRP H 158 21.40 -1.92 -34.32
CA TRP H 158 22.22 -2.82 -35.14
C TRP H 158 21.48 -4.02 -35.76
N ASN H 159 20.45 -4.54 -35.07
CA ASN H 159 19.78 -5.78 -35.50
C ASN H 159 19.10 -5.70 -36.87
N PHE H 160 18.59 -4.52 -37.22
CA PHE H 160 18.10 -4.27 -38.56
C PHE H 160 18.74 -3.01 -39.14
N PRO H 161 19.97 -3.13 -39.63
CA PRO H 161 20.71 -1.92 -40.01
C PRO H 161 20.20 -1.30 -41.32
N ALA H 162 19.32 -2.00 -42.02
CA ALA H 162 18.78 -1.48 -43.26
C ALA H 162 17.33 -1.04 -43.09
N ALA H 163 16.51 -1.91 -42.52
CA ALA H 163 15.08 -1.64 -42.40
C ALA H 163 14.79 -0.44 -41.51
N MET H 164 15.60 -0.27 -40.47
CA MET H 164 15.42 0.81 -39.50
C MET H 164 15.65 2.17 -40.14
N ILE H 165 16.66 2.26 -41.00
CA ILE H 165 16.89 3.46 -41.79
C ILE H 165 15.61 3.80 -42.53
N ALA H 166 15.08 2.85 -43.30
CA ALA H 166 13.88 3.10 -44.10
C ALA H 166 12.63 3.41 -43.25
N ARG H 167 12.55 2.81 -42.07
CA ARG H 167 11.39 2.98 -41.20
C ARG H 167 11.31 4.38 -40.62
N LYS H 168 12.40 5.13 -40.74
CA LYS H 168 12.48 6.45 -40.13
C LYS H 168 12.76 7.55 -41.14
N VAL H 169 13.63 7.30 -42.11
CA VAL H 169 13.90 8.28 -43.17
C VAL H 169 12.67 8.36 -44.09
N GLY H 170 12.16 7.18 -44.48
CA GLY H 170 10.97 7.08 -45.33
C GLY H 170 9.84 8.04 -44.96
N PRO H 171 9.23 7.86 -43.78
CA PRO H 171 8.11 8.73 -43.41
C PRO H 171 8.53 10.20 -43.25
N ALA H 172 9.67 10.46 -42.63
CA ALA H 172 10.21 11.82 -42.43
C ALA H 172 10.34 12.62 -43.72
N LEU H 173 10.97 12.01 -44.73
CA LEU H 173 11.12 12.63 -46.04
C LEU H 173 9.77 12.86 -46.68
N ALA H 174 8.93 11.83 -46.63
CA ALA H 174 7.63 11.88 -47.28
C ALA H 174 6.76 13.01 -46.73
N ALA H 175 6.95 13.33 -45.45
CA ALA H 175 6.20 14.40 -44.80
C ALA H 175 6.66 15.80 -45.23
N GLY H 176 7.86 15.90 -45.79
CA GLY H 176 8.46 17.18 -46.14
C GLY H 176 9.56 17.58 -45.17
N CYS H 177 10.03 16.61 -44.39
CA CYS H 177 11.06 16.86 -43.40
C CYS H 177 12.44 16.42 -43.88
N PRO H 178 13.49 17.15 -43.48
CA PRO H 178 14.85 16.66 -43.63
C PRO H 178 15.20 15.83 -42.41
N ILE H 179 16.17 14.93 -42.51
CA ILE H 179 16.48 14.08 -41.37
C ILE H 179 17.98 13.79 -41.20
N VAL H 180 18.42 13.82 -39.96
CA VAL H 180 19.81 13.50 -39.61
C VAL H 180 19.85 12.19 -38.82
N VAL H 181 20.49 11.17 -39.40
CA VAL H 181 20.47 9.81 -38.87
C VAL H 181 21.82 9.42 -38.32
N LYS H 182 21.85 8.89 -37.11
CA LYS H 182 23.06 8.30 -36.54
C LYS H 182 22.84 6.81 -36.29
N PRO H 183 23.42 5.94 -37.15
CA PRO H 183 23.24 4.50 -37.10
C PRO H 183 24.05 3.86 -35.98
N ALA H 184 23.83 2.58 -35.75
CA ALA H 184 24.57 1.86 -34.73
C ALA H 184 26.05 1.82 -35.12
N GLU H 185 26.91 1.91 -34.12
CA GLU H 185 28.36 1.85 -34.34
C GLU H 185 28.78 0.47 -34.89
N SER H 186 28.15 -0.59 -34.38
CA SER H 186 28.40 -1.95 -34.86
C SER H 186 28.07 -2.18 -36.33
N THR H 187 27.05 -1.51 -36.85
CA THR H 187 26.59 -1.77 -38.23
C THR H 187 26.30 -0.51 -39.06
N PRO H 188 27.34 0.29 -39.36
CA PRO H 188 27.11 1.57 -40.05
C PRO H 188 27.11 1.49 -41.58
N PHE H 189 27.47 0.33 -42.13
CA PHE H 189 27.64 0.21 -43.57
C PHE H 189 26.33 0.19 -44.33
N SER H 190 25.34 -0.55 -43.83
CA SER H 190 24.01 -0.61 -44.45
C SER H 190 23.40 0.78 -44.60
N ALA H 191 23.44 1.54 -43.50
CA ALA H 191 22.99 2.93 -43.49
C ALA H 191 23.69 3.77 -44.53
N LEU H 192 25.02 3.68 -44.57
CA LEU H 192 25.82 4.47 -45.50
C LEU H 192 25.53 4.12 -46.95
N ALA H 193 25.36 2.82 -47.22
CA ALA H 193 24.98 2.35 -48.55
C ALA H 193 23.61 2.88 -48.95
N MET H 194 22.66 2.77 -48.02
CA MET H 194 21.31 3.30 -48.21
C MET H 194 21.36 4.80 -48.50
N ALA H 195 22.16 5.53 -47.72
CA ALA H 195 22.37 6.96 -47.91
C ALA H 195 22.95 7.25 -49.29
N PHE H 196 23.96 6.46 -49.69
CA PHE H 196 24.59 6.60 -50.99
C PHE H 196 23.56 6.44 -52.09
N LEU H 197 22.77 5.38 -52.02
CA LEU H 197 21.72 5.13 -53.00
C LEU H 197 20.73 6.29 -53.06
N ALA H 198 20.41 6.85 -51.90
CA ALA H 198 19.58 8.04 -51.83
C ALA H 198 20.15 9.25 -52.59
N GLU H 199 21.47 9.43 -52.55
CA GLU H 199 22.14 10.44 -53.36
C GLU H 199 21.95 10.20 -54.86
N ARG H 200 22.06 8.92 -55.28
CA ARG H 200 21.86 8.58 -56.67
C ARG H 200 20.42 8.80 -57.09
N ALA H 201 19.49 8.66 -56.14
CA ALA H 201 18.07 8.91 -56.38
C ALA H 201 17.73 10.37 -56.68
N GLY H 202 18.46 11.30 -56.06
CA GLY H 202 18.21 12.72 -56.28
C GLY H 202 17.70 13.39 -55.02
N VAL H 203 17.97 12.78 -53.87
CA VAL H 203 17.64 13.37 -52.58
C VAL H 203 18.58 14.57 -52.44
N PRO H 204 18.01 15.79 -52.42
CA PRO H 204 18.80 17.02 -52.40
C PRO H 204 19.70 17.12 -51.16
N LYS H 205 20.88 17.71 -51.36
CA LYS H 205 21.85 17.92 -50.30
C LYS H 205 21.18 18.56 -49.08
N GLY H 206 21.40 17.96 -47.91
CA GLY H 206 20.85 18.48 -46.68
C GLY H 206 19.66 17.71 -46.15
N VAL H 207 18.81 17.22 -47.06
CA VAL H 207 17.58 16.51 -46.66
C VAL H 207 17.87 15.23 -45.87
N LEU H 208 18.91 14.52 -46.26
CA LEU H 208 19.37 13.36 -45.51
C LEU H 208 20.81 13.56 -45.10
N SER H 209 21.15 13.12 -43.88
CA SER H 209 22.54 13.04 -43.44
C SER H 209 22.73 11.86 -42.51
N VAL H 210 23.86 11.17 -42.67
CA VAL H 210 24.21 10.01 -41.85
C VAL H 210 25.52 10.29 -41.11
N VAL H 211 25.45 10.35 -39.77
CA VAL H 211 26.60 10.70 -38.93
C VAL H 211 27.14 9.46 -38.19
N ILE H 212 28.44 9.26 -38.25
CA ILE H 212 29.03 8.08 -37.63
C ILE H 212 30.06 8.50 -36.57
N GLY H 213 29.97 7.90 -35.39
CA GLY H 213 30.94 8.19 -34.34
C GLY H 213 30.47 7.95 -32.93
N ASP H 214 31.00 8.74 -32.01
CA ASP H 214 30.77 8.61 -30.59
C ASP H 214 29.29 8.80 -30.27
N PRO H 215 28.60 7.70 -29.90
CA PRO H 215 27.17 7.78 -29.61
C PRO H 215 26.82 8.80 -28.51
N LYS H 216 27.62 8.83 -27.45
CA LYS H 216 27.38 9.76 -26.34
C LYS H 216 27.46 11.24 -26.76
N ALA H 217 28.39 11.58 -27.65
CA ALA H 217 28.61 12.95 -28.11
C ALA H 217 27.68 13.38 -29.26
N ILE H 218 27.42 12.46 -30.19
CA ILE H 218 26.49 12.71 -31.29
C ILE H 218 25.06 12.86 -30.78
N GLY H 219 24.63 11.89 -29.97
CA GLY H 219 23.32 11.90 -29.34
C GLY H 219 23.01 13.13 -28.52
N THR H 220 23.98 13.58 -27.72
CA THR H 220 23.82 14.78 -26.89
C THR H 220 23.64 16.05 -27.73
N GLU H 221 24.32 16.12 -28.87
CA GLU H 221 24.14 17.25 -29.77
C GLU H 221 22.75 17.19 -30.39
N ILE H 222 22.36 16.00 -30.84
CA ILE H 222 21.02 15.78 -31.37
C ILE H 222 19.93 16.24 -30.40
N THR H 223 20.07 15.86 -29.13
CA THR H 223 19.02 16.06 -28.14
C THR H 223 19.04 17.44 -27.46
N SER H 224 20.11 18.19 -27.65
CA SER H 224 20.23 19.51 -27.05
C SER H 224 20.04 20.63 -28.07
N ASN H 225 20.26 20.32 -29.35
CA ASN H 225 20.13 21.32 -30.37
C ASN H 225 18.67 21.64 -30.61
N PRO H 226 18.28 22.92 -30.45
CA PRO H 226 16.89 23.36 -30.57
C PRO H 226 16.32 23.21 -31.98
N ILE H 227 17.18 23.10 -32.97
CA ILE H 227 16.74 22.96 -34.36
C ILE H 227 15.99 21.63 -34.61
N VAL H 228 16.53 20.52 -34.09
CA VAL H 228 15.86 19.23 -34.15
C VAL H 228 14.54 19.33 -33.36
N ARG H 229 13.42 19.20 -34.07
CA ARG H 229 12.08 19.36 -33.47
C ARG H 229 11.38 18.00 -33.24
N LYS H 230 11.92 16.96 -33.86
CA LYS H 230 11.38 15.60 -33.71
C LYS H 230 12.49 14.57 -33.67
N LEU H 231 12.38 13.63 -32.73
CA LEU H 231 13.35 12.54 -32.60
C LEU H 231 12.69 11.17 -32.68
N SER H 232 13.28 10.31 -33.51
CA SER H 232 12.88 8.92 -33.61
C SER H 232 14.02 8.01 -33.19
N PHE H 233 13.71 7.06 -32.31
CA PHE H 233 14.71 6.15 -31.74
C PHE H 233 14.17 4.74 -31.65
N THR H 234 15.00 3.79 -32.07
CA THR H 234 14.79 2.38 -31.80
C THR H 234 16.00 1.83 -31.04
N GLY H 235 15.73 1.22 -29.89
CA GLY H 235 16.77 0.58 -29.09
C GLY H 235 16.25 0.17 -27.73
N SER H 236 17.16 0.02 -26.77
CA SER H 236 16.80 -0.43 -25.42
C SER H 236 15.97 0.61 -24.70
N THR H 237 15.13 0.14 -23.78
CA THR H 237 14.32 1.00 -22.94
C THR H 237 15.20 1.99 -22.17
N ALA H 238 16.34 1.52 -21.67
CA ALA H 238 17.23 2.38 -20.87
C ALA H 238 17.68 3.67 -21.60
N VAL H 239 18.17 3.52 -22.83
CA VAL H 239 18.55 4.66 -23.68
C VAL H 239 17.31 5.49 -24.06
N GLY H 240 16.20 4.80 -24.35
CA GLY H 240 14.90 5.43 -24.48
C GLY H 240 14.57 6.47 -23.43
N ARG H 241 14.65 6.12 -22.15
CA ARG H 241 14.37 7.06 -21.07
C ARG H 241 15.40 8.20 -21.01
N LEU H 242 16.64 7.87 -21.36
CA LEU H 242 17.72 8.86 -21.44
C LEU H 242 17.35 9.93 -22.49
N LEU H 243 17.01 9.49 -23.69
CA LEU H 243 16.76 10.41 -24.80
C LEU H 243 15.56 11.30 -24.55
N MET H 244 14.55 10.73 -23.91
CA MET H 244 13.36 11.49 -23.50
C MET H 244 13.67 12.59 -22.47
N ALA H 245 14.58 12.34 -21.53
CA ALA H 245 14.95 13.39 -20.58
C ALA H 245 15.81 14.47 -21.26
N GLN H 246 16.76 14.03 -22.09
CA GLN H 246 17.64 14.93 -22.83
C GLN H 246 16.87 15.86 -23.75
N SER H 247 15.74 15.38 -24.26
CA SER H 247 14.93 16.07 -25.25
C SER H 247 13.86 16.97 -24.62
N ALA H 248 13.78 16.97 -23.29
CA ALA H 248 12.78 17.74 -22.56
C ALA H 248 12.98 19.27 -22.55
N PRO H 249 14.23 19.76 -22.50
CA PRO H 249 14.34 21.22 -22.40
C PRO H 249 13.93 21.95 -23.67
N THR H 250 13.73 21.21 -24.75
CA THR H 250 13.19 21.76 -25.98
C THR H 250 11.92 21.01 -26.40
N VAL H 251 11.40 20.22 -25.48
CA VAL H 251 10.10 19.54 -25.62
C VAL H 251 9.85 18.88 -27.00
N LYS H 252 10.81 18.07 -27.45
CA LYS H 252 10.72 17.44 -28.77
C LYS H 252 9.59 16.42 -28.88
N LYS H 253 9.13 16.19 -30.11
CA LYS H 253 8.18 15.15 -30.40
C LYS H 253 8.97 13.87 -30.56
N LEU H 254 8.61 12.85 -29.78
CA LEU H 254 9.28 11.56 -29.79
C LEU H 254 8.49 10.42 -30.43
N THR H 255 9.21 9.62 -31.20
CA THR H 255 8.78 8.29 -31.57
C THR H 255 9.78 7.36 -30.89
N LEU H 256 9.30 6.56 -29.95
CA LEU H 256 10.14 5.63 -29.21
C LEU H 256 9.74 4.18 -29.46
N GLU H 257 10.64 3.42 -30.06
CA GLU H 257 10.47 1.97 -30.24
C GLU H 257 11.48 1.31 -29.31
N LEU H 258 11.01 0.81 -28.16
CA LEU H 258 11.93 0.34 -27.12
C LEU H 258 11.91 -1.19 -26.90
N GLY H 259 12.43 -1.65 -25.76
CA GLY H 259 12.45 -3.06 -25.43
C GLY H 259 11.09 -3.67 -25.13
N GLY H 260 10.96 -4.96 -25.41
CA GLY H 260 9.74 -5.72 -25.08
C GLY H 260 10.06 -6.83 -24.09
N ASN H 261 9.07 -7.68 -23.82
CA ASN H 261 9.24 -8.90 -23.04
C ASN H 261 8.19 -9.92 -23.50
N ALA H 262 8.28 -10.24 -24.79
CA ALA H 262 7.20 -10.89 -25.53
C ALA H 262 6.82 -12.30 -25.07
N PRO H 263 5.52 -12.51 -24.77
CA PRO H 263 5.04 -13.83 -24.42
C PRO H 263 4.41 -14.52 -25.62
N PHE H 264 4.84 -15.74 -25.87
CA PHE H 264 4.25 -16.59 -26.89
C PHE H 264 3.35 -17.58 -26.15
N ILE H 265 2.05 -17.53 -26.42
CA ILE H 265 1.11 -18.24 -25.57
C ILE H 265 0.47 -19.40 -26.30
N VAL H 266 0.62 -20.59 -25.72
CA VAL H 266 0.09 -21.85 -26.29
C VAL H 266 -0.98 -22.44 -25.38
N PHE H 267 -2.19 -22.57 -25.93
CA PHE H 267 -3.33 -23.05 -25.18
C PHE H 267 -3.66 -24.51 -25.42
N ASP H 268 -4.28 -25.10 -24.40
CA ASP H 268 -5.18 -26.23 -24.49
C ASP H 268 -5.55 -26.69 -25.92
N ASP H 269 -6.20 -25.80 -26.67
CA ASP H 269 -6.77 -26.14 -27.97
C ASP H 269 -5.91 -25.75 -29.18
N ALA H 270 -4.69 -25.29 -28.93
CA ALA H 270 -3.78 -24.89 -30.01
C ALA H 270 -3.48 -26.02 -31.01
N ASP H 271 -3.30 -25.66 -32.28
CA ASP H 271 -2.66 -26.57 -33.23
C ASP H 271 -1.20 -26.57 -32.84
N LEU H 272 -0.75 -27.71 -32.33
CA LEU H 272 0.57 -27.85 -31.71
C LEU H 272 1.74 -27.77 -32.69
N ASP H 273 1.53 -28.27 -33.91
CA ASP H 273 2.57 -28.22 -34.95
C ASP H 273 2.68 -26.82 -35.54
N ALA H 274 1.55 -26.12 -35.65
CA ALA H 274 1.53 -24.75 -36.10
C ALA H 274 2.22 -23.86 -35.06
N ALA H 275 1.98 -24.18 -33.79
CA ALA H 275 2.56 -23.46 -32.66
C ALA H 275 4.08 -23.59 -32.61
N VAL H 276 4.58 -24.74 -33.02
CA VAL H 276 6.00 -24.96 -33.10
C VAL H 276 6.62 -24.14 -34.25
N GLU H 277 5.95 -24.09 -35.40
CA GLU H 277 6.41 -23.31 -36.55
C GLU H 277 6.48 -21.81 -36.21
N GLY H 278 5.46 -21.31 -35.54
CA GLY H 278 5.40 -19.91 -35.14
C GLY H 278 6.44 -19.57 -34.09
N ALA H 279 6.73 -20.55 -33.24
CA ALA H 279 7.71 -20.40 -32.17
C ALA H 279 9.13 -20.39 -32.72
N ILE H 280 9.43 -21.27 -33.67
CA ILE H 280 10.73 -21.27 -34.35
C ILE H 280 10.89 -19.95 -35.09
N ALA H 281 9.82 -19.52 -35.77
CA ALA H 281 9.81 -18.25 -36.49
C ALA H 281 9.93 -17.04 -35.57
N SER H 282 9.29 -17.08 -34.40
CA SER H 282 9.28 -15.91 -33.53
C SER H 282 10.52 -15.77 -32.67
N LYS H 283 11.16 -16.89 -32.33
CA LYS H 283 12.25 -16.90 -31.35
C LYS H 283 13.65 -17.02 -31.97
N TYR H 284 13.76 -17.64 -33.14
CA TYR H 284 15.08 -17.87 -33.70
C TYR H 284 15.37 -17.12 -35.00
N ARG H 285 14.47 -16.23 -35.41
CA ARG H 285 14.75 -15.31 -36.52
C ARG H 285 15.77 -14.30 -36.02
N ASN H 286 16.74 -13.98 -36.87
CA ASN H 286 17.86 -13.09 -36.52
C ASN H 286 18.58 -13.53 -35.25
N ASN H 287 18.60 -14.85 -35.03
CA ASN H 287 19.24 -15.46 -33.87
C ASN H 287 18.68 -14.97 -32.52
N GLY H 288 17.38 -14.69 -32.52
CA GLY H 288 16.70 -14.23 -31.31
C GLY H 288 16.99 -12.78 -30.99
N GLN H 289 17.36 -12.02 -32.03
CA GLN H 289 17.85 -10.67 -31.84
C GLN H 289 16.91 -9.57 -32.37
N THR H 290 15.64 -9.90 -32.57
CA THR H 290 14.65 -8.90 -32.96
C THR H 290 14.00 -8.28 -31.71
N CYS H 291 13.36 -7.11 -31.88
CA CYS H 291 12.64 -6.45 -30.79
C CYS H 291 11.39 -7.25 -30.45
N VAL H 292 10.81 -7.86 -31.49
CA VAL H 292 9.57 -8.59 -31.36
C VAL H 292 9.80 -10.06 -31.06
N CYS H 293 11.04 -10.42 -30.75
CA CYS H 293 11.33 -11.78 -30.36
C CYS H 293 10.58 -12.26 -29.13
N THR H 294 10.07 -13.47 -29.24
CA THR H 294 9.57 -14.21 -28.09
C THR H 294 10.67 -14.27 -27.03
N ASN H 295 10.35 -13.77 -25.85
CA ASN H 295 11.25 -13.85 -24.74
C ASN H 295 10.77 -14.89 -23.74
N ARG H 296 9.47 -15.17 -23.77
CA ARG H 296 8.83 -16.09 -22.85
C ARG H 296 7.83 -16.98 -23.56
N PHE H 297 7.96 -18.30 -23.35
CA PHE H 297 6.96 -19.23 -23.84
C PHE H 297 6.06 -19.60 -22.68
N PHE H 298 4.75 -19.38 -22.83
CA PHE H 298 3.78 -19.85 -21.85
C PHE H 298 2.92 -20.95 -22.47
N VAL H 299 3.06 -22.16 -21.93
CA VAL H 299 2.38 -23.34 -22.46
C VAL H 299 1.44 -23.93 -21.42
N HIS H 300 0.20 -24.23 -21.83
CA HIS H 300 -0.82 -24.77 -20.94
C HIS H 300 -0.46 -26.19 -20.47
N GLU H 301 -0.68 -26.43 -19.18
CA GLU H 301 -0.40 -27.72 -18.52
C GLU H 301 -0.56 -28.95 -19.42
N ARG H 302 -1.76 -29.11 -19.95
CA ARG H 302 -2.15 -30.30 -20.69
C ARG H 302 -1.31 -30.58 -21.92
N VAL H 303 -0.72 -29.55 -22.51
CA VAL H 303 0.05 -29.69 -23.73
C VAL H 303 1.54 -29.41 -23.55
N TYR H 304 1.93 -29.06 -22.32
CA TYR H 304 3.31 -28.69 -21.99
C TYR H 304 4.31 -29.68 -22.55
N ASP H 305 4.33 -30.87 -21.96
CA ASP H 305 5.24 -31.94 -22.36
C ASP H 305 5.24 -32.14 -23.87
N ALA H 306 4.05 -32.28 -24.47
CA ALA H 306 3.92 -32.49 -25.91
C ALA H 306 4.58 -31.37 -26.72
N PHE H 307 4.39 -30.11 -26.30
CA PHE H 307 5.00 -28.95 -26.95
C PHE H 307 6.51 -28.91 -26.77
N ALA H 308 6.96 -29.01 -25.52
CA ALA H 308 8.39 -29.01 -25.20
C ALA H 308 9.20 -30.03 -26.01
N ASP H 309 8.69 -31.26 -26.10
CA ASP H 309 9.33 -32.33 -26.88
C ASP H 309 9.44 -31.93 -28.34
N LYS H 310 8.31 -31.51 -28.91
CA LYS H 310 8.23 -31.08 -30.31
C LYS H 310 9.20 -29.93 -30.63
N LEU H 311 9.30 -28.94 -29.73
CA LEU H 311 10.14 -27.77 -29.97
C LEU H 311 11.63 -28.08 -29.89
N ALA H 312 12.04 -28.71 -28.79
CA ALA H 312 13.42 -29.14 -28.59
C ALA H 312 13.93 -30.00 -29.76
N ALA H 313 13.04 -30.80 -30.33
CA ALA H 313 13.32 -31.58 -31.53
C ALA H 313 13.64 -30.68 -32.71
N ALA H 314 12.76 -29.72 -32.99
CA ALA H 314 12.91 -28.81 -34.13
C ALA H 314 14.11 -27.86 -33.96
N VAL H 315 14.33 -27.42 -32.74
CA VAL H 315 15.43 -26.50 -32.42
C VAL H 315 16.81 -27.11 -32.69
N SER H 316 17.01 -28.36 -32.31
CA SER H 316 18.31 -29.04 -32.49
C SER H 316 18.59 -29.38 -33.96
N LYS H 317 17.52 -29.54 -34.75
CA LYS H 317 17.64 -29.78 -36.19
C LYS H 317 17.70 -28.47 -37.02
N LEU H 318 18.41 -27.46 -36.47
CA LEU H 318 18.67 -26.19 -37.15
C LEU H 318 20.18 -25.95 -37.28
N LYS H 319 20.61 -25.50 -38.47
CA LYS H 319 22.04 -25.39 -38.78
C LYS H 319 22.67 -24.04 -38.41
N VAL H 320 23.55 -24.08 -37.42
CA VAL H 320 24.35 -22.92 -37.03
C VAL H 320 25.47 -22.74 -38.05
N GLY H 321 25.81 -21.50 -38.38
CA GLY H 321 26.87 -21.20 -39.34
C GLY H 321 26.86 -19.81 -39.93
N ARG H 322 27.99 -19.44 -40.53
CA ARG H 322 28.18 -18.12 -41.17
C ARG H 322 27.19 -17.88 -42.30
N GLY H 323 26.76 -16.62 -42.43
CA GLY H 323 25.73 -16.21 -43.38
C GLY H 323 25.96 -16.53 -44.86
N THR H 324 27.23 -16.60 -45.27
CA THR H 324 27.56 -16.88 -46.68
C THR H 324 27.42 -18.36 -47.05
N GLU H 325 27.41 -19.23 -46.05
CA GLU H 325 27.41 -20.68 -46.26
C GLU H 325 25.99 -21.21 -46.48
N SER H 326 25.67 -21.52 -47.73
CA SER H 326 24.36 -22.06 -48.11
C SER H 326 23.97 -23.25 -47.24
N GLY H 327 23.08 -22.98 -46.29
CA GLY H 327 22.62 -23.99 -45.35
C GLY H 327 22.38 -23.41 -43.97
N ALA H 328 23.19 -22.42 -43.60
CA ALA H 328 23.10 -21.81 -42.28
C ALA H 328 21.81 -21.02 -42.12
N THR H 329 21.03 -21.35 -41.08
CA THR H 329 19.81 -20.60 -40.81
C THR H 329 19.95 -19.74 -39.55
N LEU H 330 20.95 -20.05 -38.73
CA LEU H 330 21.31 -19.22 -37.56
C LEU H 330 22.74 -18.72 -37.66
N GLY H 331 22.92 -17.41 -37.54
CA GLY H 331 24.25 -16.80 -37.54
C GLY H 331 24.79 -16.50 -36.16
N PRO H 332 25.87 -15.71 -36.08
CA PRO H 332 26.44 -15.34 -34.77
C PRO H 332 25.69 -14.21 -34.09
N LEU H 333 25.80 -14.13 -32.77
CA LEU H 333 25.38 -12.92 -32.04
C LEU H 333 26.38 -11.80 -32.31
N ILE H 334 25.95 -10.56 -32.11
CA ILE H 334 26.74 -9.41 -32.55
C ILE H 334 28.05 -9.12 -31.80
N ASN H 335 28.13 -9.49 -30.52
CA ASN H 335 29.38 -9.35 -29.75
C ASN H 335 29.49 -10.24 -28.50
N GLU H 336 30.57 -10.06 -27.76
CA GLU H 336 30.83 -10.82 -26.54
C GLU H 336 29.77 -10.65 -25.46
N ALA H 337 29.44 -9.40 -25.13
CA ALA H 337 28.46 -9.10 -24.08
C ALA H 337 27.10 -9.76 -24.36
N ALA H 338 26.77 -9.91 -25.65
CA ALA H 338 25.58 -10.60 -26.10
C ALA H 338 25.62 -12.09 -25.71
N VAL H 339 26.70 -12.76 -26.09
CA VAL H 339 26.92 -14.17 -25.73
C VAL H 339 26.89 -14.29 -24.20
N LYS H 340 27.72 -13.49 -23.54
CA LYS H 340 27.83 -13.48 -22.08
C LYS H 340 26.51 -13.18 -21.35
N LYS H 341 25.50 -12.73 -22.09
CA LYS H 341 24.16 -12.44 -21.53
C LYS H 341 23.24 -13.66 -21.63
N VAL H 342 23.27 -14.33 -22.77
CA VAL H 342 22.51 -15.55 -22.94
C VAL H 342 22.94 -16.56 -21.87
N GLU H 343 24.26 -16.61 -21.61
CA GLU H 343 24.85 -17.52 -20.60
C GLU H 343 24.41 -17.18 -19.19
N SER H 344 24.35 -15.89 -18.89
CA SER H 344 23.89 -15.44 -17.57
C SER H 344 22.42 -15.86 -17.32
N HIS H 345 21.61 -15.84 -18.37
CA HIS H 345 20.20 -16.20 -18.30
C HIS H 345 20.02 -17.70 -18.14
N ILE H 346 20.82 -18.47 -18.87
CA ILE H 346 20.81 -19.93 -18.77
C ILE H 346 21.26 -20.39 -17.39
N ALA H 347 22.37 -19.85 -16.91
CA ALA H 347 22.94 -20.21 -15.62
C ALA H 347 22.04 -19.83 -14.45
N ASP H 348 21.37 -18.69 -14.56
CA ASP H 348 20.41 -18.25 -13.55
C ASP H 348 19.23 -19.22 -13.50
N ALA H 349 18.79 -19.65 -14.68
CA ALA H 349 17.68 -20.57 -14.83
C ALA H 349 17.99 -21.91 -14.18
N LEU H 350 19.09 -22.53 -14.61
CA LEU H 350 19.57 -23.79 -14.03
C LEU H 350 19.69 -23.68 -12.51
N ALA H 351 20.38 -22.65 -12.05
CA ALA H 351 20.54 -22.37 -10.61
C ALA H 351 19.22 -22.41 -9.84
N LYS H 352 18.14 -21.96 -10.47
CA LYS H 352 16.83 -21.83 -9.80
C LYS H 352 15.86 -22.99 -10.05
N GLY H 353 16.30 -23.99 -10.80
CA GLY H 353 15.52 -25.20 -10.99
C GLY H 353 15.20 -25.64 -12.41
N ALA H 354 15.46 -24.78 -13.39
CA ALA H 354 15.12 -25.09 -14.78
C ALA H 354 15.98 -26.22 -15.32
N SER H 355 15.51 -26.84 -16.40
CA SER H 355 16.20 -27.97 -17.00
C SER H 355 16.50 -27.77 -18.48
N LEU H 356 17.73 -28.10 -18.85
CA LEU H 356 18.26 -27.87 -20.18
C LEU H 356 17.88 -28.99 -21.13
N MET H 357 17.15 -28.63 -22.18
CA MET H 357 16.57 -29.60 -23.10
C MET H 357 17.43 -29.83 -24.35
N THR H 358 17.93 -28.74 -24.95
CA THR H 358 18.88 -28.81 -26.07
C THR H 358 19.79 -27.59 -26.06
N GLY H 359 20.94 -27.69 -26.73
CA GLY H 359 21.92 -26.61 -26.74
C GLY H 359 22.29 -26.15 -25.35
N GLY H 360 22.78 -24.92 -25.23
CA GLY H 360 23.09 -24.36 -23.91
C GLY H 360 24.56 -24.05 -23.67
N LYS H 361 25.35 -24.02 -24.74
CA LYS H 361 26.78 -23.71 -24.65
C LYS H 361 27.25 -22.92 -25.86
N ARG H 362 28.46 -22.39 -25.77
CA ARG H 362 29.09 -21.74 -26.90
C ARG H 362 29.35 -22.79 -28.00
N HIS H 363 29.03 -22.43 -29.25
CA HIS H 363 29.25 -23.30 -30.40
C HIS H 363 30.75 -23.41 -30.73
N ALA H 364 31.14 -24.51 -31.36
CA ALA H 364 32.54 -24.77 -31.71
C ALA H 364 33.15 -23.73 -32.64
N LEU H 365 32.36 -23.21 -33.58
CA LEU H 365 32.80 -22.19 -34.53
C LEU H 365 33.25 -20.92 -33.81
N GLY H 366 33.03 -20.87 -32.49
CA GLY H 366 33.51 -19.79 -31.64
C GLY H 366 32.96 -18.42 -31.93
N HIS H 367 33.70 -17.40 -31.49
CA HIS H 367 33.36 -15.98 -31.63
C HIS H 367 32.00 -15.63 -31.04
N GLY H 368 31.00 -15.49 -31.92
CA GLY H 368 29.67 -15.10 -31.51
C GLY H 368 28.66 -16.22 -31.54
N PHE H 369 28.94 -17.26 -32.32
CA PHE H 369 28.03 -18.39 -32.48
C PHE H 369 27.66 -19.08 -31.17
N PHE H 370 26.37 -19.30 -30.95
CA PHE H 370 25.88 -19.96 -29.73
C PHE H 370 24.86 -21.03 -30.10
N GLU H 371 24.75 -22.06 -29.25
CA GLU H 371 23.84 -23.17 -29.51
C GLU H 371 22.39 -22.81 -29.21
N PRO H 372 21.47 -23.12 -30.15
CA PRO H 372 20.03 -22.98 -29.94
C PRO H 372 19.56 -23.76 -28.70
N THR H 373 19.03 -23.02 -27.73
CA THR H 373 18.68 -23.56 -26.41
C THR H 373 17.16 -23.56 -26.17
N VAL H 374 16.67 -24.69 -25.66
CA VAL H 374 15.32 -24.77 -25.09
C VAL H 374 15.48 -25.17 -23.62
N LEU H 375 14.81 -24.41 -22.74
CA LEU H 375 14.76 -24.72 -21.30
C LEU H 375 13.34 -25.13 -20.91
N THR H 376 13.20 -26.11 -20.03
CA THR H 376 11.90 -26.41 -19.38
C THR H 376 11.93 -26.08 -17.90
N GLY H 377 10.76 -26.09 -17.28
CA GLY H 377 10.60 -25.75 -15.87
C GLY H 377 11.12 -24.37 -15.54
N VAL H 378 10.70 -23.37 -16.33
CA VAL H 378 11.12 -21.99 -16.11
C VAL H 378 10.03 -21.27 -15.31
N LYS H 379 10.47 -20.61 -14.24
CA LYS H 379 9.55 -19.98 -13.30
C LYS H 379 9.68 -18.44 -13.34
N PRO H 380 8.72 -17.72 -12.76
CA PRO H 380 8.77 -16.24 -12.73
C PRO H 380 9.93 -15.62 -11.95
N ASP H 381 10.60 -16.42 -11.11
CA ASP H 381 11.67 -15.90 -10.25
C ASP H 381 13.02 -15.85 -10.97
N MET H 382 13.00 -16.16 -12.26
CA MET H 382 14.23 -16.23 -13.07
C MET H 382 14.45 -14.96 -13.91
N ASP H 383 15.73 -14.65 -14.15
CA ASP H 383 16.16 -13.42 -14.83
C ASP H 383 15.38 -13.20 -16.13
N VAL H 384 15.36 -14.24 -16.96
CA VAL H 384 14.71 -14.21 -18.27
C VAL H 384 13.22 -13.81 -18.20
N ALA H 385 12.57 -14.05 -17.07
CA ALA H 385 11.17 -13.66 -16.86
C ALA H 385 10.97 -12.15 -16.73
N LYS H 386 12.03 -11.41 -16.38
CA LYS H 386 11.93 -9.96 -16.21
C LYS H 386 12.83 -9.17 -17.16
N GLU H 387 13.50 -9.88 -18.07
CA GLU H 387 14.60 -9.29 -18.84
C GLU H 387 14.74 -9.94 -20.22
N GLU H 388 15.12 -9.14 -21.21
CA GLU H 388 15.34 -9.61 -22.57
C GLU H 388 16.66 -10.33 -22.76
N THR H 389 16.59 -11.49 -23.39
CA THR H 389 17.76 -12.30 -23.68
C THR H 389 18.52 -11.76 -24.86
N PHE H 390 17.80 -11.51 -25.95
CA PHE H 390 18.39 -11.10 -27.23
C PHE H 390 19.35 -12.18 -27.76
N GLY H 391 18.93 -13.43 -27.60
CA GLY H 391 19.68 -14.59 -28.06
C GLY H 391 18.74 -15.74 -28.39
N PRO H 392 19.29 -16.90 -28.76
CA PRO H 392 18.48 -18.06 -29.14
C PRO H 392 18.07 -18.91 -27.93
N LEU H 393 17.38 -18.31 -26.98
CA LEU H 393 16.92 -19.02 -25.79
C LEU H 393 15.40 -19.09 -25.69
N ALA H 394 14.88 -20.32 -25.70
CA ALA H 394 13.45 -20.59 -25.55
C ALA H 394 13.15 -21.11 -24.14
N PRO H 395 12.75 -20.22 -23.22
CA PRO H 395 12.40 -20.65 -21.86
C PRO H 395 10.91 -20.96 -21.70
N LEU H 396 10.59 -22.22 -21.42
CA LEU H 396 9.18 -22.61 -21.33
C LEU H 396 8.63 -22.40 -19.93
N PHE H 397 7.59 -21.57 -19.83
CA PHE H 397 6.85 -21.37 -18.60
C PHE H 397 5.54 -22.15 -18.65
N ARG H 398 4.98 -22.43 -17.49
CA ARG H 398 3.80 -23.28 -17.35
C ARG H 398 2.62 -22.46 -16.83
N PHE H 399 1.42 -22.75 -17.34
CA PHE H 399 0.17 -22.18 -16.81
C PHE H 399 -1.01 -23.17 -16.91
N ALA H 400 -2.02 -22.94 -16.07
CA ALA H 400 -3.16 -23.85 -15.92
C ALA H 400 -4.50 -23.22 -16.32
N SER H 401 -4.68 -21.92 -16.04
CA SER H 401 -5.94 -21.26 -16.32
C SER H 401 -5.75 -19.96 -17.11
N GLU H 402 -6.77 -19.64 -17.90
CA GLU H 402 -6.77 -18.44 -18.72
C GLU H 402 -6.60 -17.16 -17.89
N GLU H 403 -7.27 -17.11 -16.74
CA GLU H 403 -7.18 -15.98 -15.83
C GLU H 403 -5.76 -15.81 -15.27
N GLU H 404 -5.10 -16.94 -15.00
CA GLU H 404 -3.72 -16.95 -14.53
C GLU H 404 -2.79 -16.44 -15.64
N LEU H 405 -3.01 -16.93 -16.84
CA LEU H 405 -2.17 -16.60 -17.99
C LEU H 405 -2.10 -15.09 -18.27
N VAL H 406 -3.25 -14.43 -18.24
CA VAL H 406 -3.34 -13.01 -18.46
C VAL H 406 -2.52 -12.28 -17.40
N ARG H 407 -2.63 -12.72 -16.15
CA ARG H 407 -1.88 -12.10 -15.05
C ARG H 407 -0.38 -12.23 -15.27
N LEU H 408 0.06 -13.44 -15.63
CA LEU H 408 1.47 -13.70 -15.86
C LEU H 408 2.01 -12.97 -17.08
N ALA H 409 1.24 -12.95 -18.16
CA ALA H 409 1.65 -12.29 -19.39
C ALA H 409 1.82 -10.79 -19.22
N ASN H 410 0.95 -10.15 -18.47
CA ASN H 410 0.98 -8.71 -18.32
C ASN H 410 1.85 -8.21 -17.17
N ASP H 411 2.35 -9.13 -16.35
CA ASP H 411 3.17 -8.75 -15.19
C ASP H 411 4.58 -8.37 -15.64
N THR H 412 4.66 -7.20 -16.26
CA THR H 412 5.89 -6.67 -16.83
C THR H 412 5.65 -5.20 -17.17
N GLU H 413 6.70 -4.40 -17.09
CA GLU H 413 6.65 -3.00 -17.49
C GLU H 413 6.61 -2.85 -19.02
N PHE H 414 7.18 -3.81 -19.73
CA PHE H 414 7.24 -3.79 -21.19
C PHE H 414 5.95 -4.31 -21.81
N GLY H 415 5.78 -4.06 -23.11
CA GLY H 415 4.56 -4.41 -23.82
C GLY H 415 4.63 -4.19 -25.32
N LEU H 416 5.64 -4.78 -25.96
CA LEU H 416 5.78 -4.62 -27.40
C LEU H 416 4.94 -5.65 -28.17
N ALA H 417 5.50 -6.82 -28.43
CA ALA H 417 4.76 -7.87 -29.13
C ALA H 417 4.29 -8.96 -28.18
N ALA H 418 3.26 -9.67 -28.60
CA ALA H 418 2.78 -10.86 -27.92
C ALA H 418 2.31 -11.82 -29.01
N TYR H 419 2.28 -13.11 -28.70
CA TYR H 419 1.79 -14.13 -29.63
C TYR H 419 0.86 -15.08 -28.92
N LEU H 420 -0.06 -15.67 -29.67
CA LEU H 420 -1.18 -16.39 -29.10
C LEU H 420 -1.75 -17.46 -30.02
N TYR H 421 -1.59 -18.71 -29.60
CA TYR H 421 -2.12 -19.85 -30.33
C TYR H 421 -3.30 -20.52 -29.62
N SER H 422 -4.48 -20.40 -30.24
CA SER H 422 -5.69 -21.07 -29.80
C SER H 422 -6.69 -21.04 -30.95
N ARG H 423 -7.64 -21.97 -30.94
CA ARG H 423 -8.62 -22.06 -32.01
C ARG H 423 -10.02 -21.58 -31.61
N ASP H 424 -10.31 -21.53 -30.31
CA ASP H 424 -11.60 -21.01 -29.85
C ASP H 424 -11.66 -19.50 -30.06
N ILE H 425 -12.60 -19.08 -30.90
CA ILE H 425 -12.77 -17.69 -31.35
C ILE H 425 -12.99 -16.75 -30.17
N GLY H 426 -13.71 -17.24 -29.16
CA GLY H 426 -14.02 -16.48 -27.96
C GLY H 426 -12.79 -16.25 -27.12
N ARG H 427 -11.99 -17.30 -26.94
CA ARG H 427 -10.74 -17.22 -26.19
C ARG H 427 -9.78 -16.24 -26.83
N VAL H 428 -9.50 -16.46 -28.11
CA VAL H 428 -8.62 -15.59 -28.90
C VAL H 428 -8.93 -14.10 -28.71
N TRP H 429 -10.22 -13.76 -28.64
CA TRP H 429 -10.62 -12.37 -28.45
C TRP H 429 -10.43 -11.86 -27.02
N ARG H 430 -10.85 -12.66 -26.04
CA ARG H 430 -10.74 -12.27 -24.62
C ARG H 430 -9.30 -12.01 -24.23
N VAL H 431 -8.42 -12.91 -24.67
CA VAL H 431 -7.01 -12.83 -24.33
C VAL H 431 -6.36 -11.71 -25.13
N ALA H 432 -6.68 -11.62 -26.42
CA ALA H 432 -6.17 -10.53 -27.25
C ALA H 432 -6.52 -9.15 -26.67
N GLU H 433 -7.70 -9.01 -26.10
CA GLU H 433 -8.10 -7.74 -25.50
C GLU H 433 -7.40 -7.45 -24.17
N ALA H 434 -7.20 -8.50 -23.36
CA ALA H 434 -6.57 -8.36 -22.05
C ALA H 434 -5.06 -8.12 -22.11
N LEU H 435 -4.39 -8.64 -23.14
CA LEU H 435 -2.93 -8.47 -23.27
C LEU H 435 -2.52 -7.01 -23.51
N GLU H 436 -1.72 -6.50 -22.57
CA GLU H 436 -1.21 -5.14 -22.62
C GLU H 436 0.02 -5.07 -23.51
N TYR H 437 -0.21 -5.15 -24.82
CA TYR H 437 0.84 -5.15 -25.84
C TYR H 437 0.37 -4.36 -27.08
N GLY H 438 1.31 -3.70 -27.75
CA GLY H 438 1.01 -2.97 -28.97
C GLY H 438 0.66 -3.84 -30.17
N MET H 439 1.18 -5.07 -30.19
CA MET H 439 0.93 -6.00 -31.28
C MET H 439 0.74 -7.44 -30.80
N VAL H 440 -0.31 -8.07 -31.32
CA VAL H 440 -0.65 -9.44 -30.97
C VAL H 440 -0.73 -10.27 -32.24
N GLY H 441 0.13 -11.28 -32.34
CA GLY H 441 0.02 -12.27 -33.39
C GLY H 441 -0.93 -13.36 -32.95
N ILE H 442 -1.78 -13.81 -33.86
CA ILE H 442 -2.78 -14.83 -33.55
C ILE H 442 -2.64 -16.02 -34.50
N ASN H 443 -2.16 -17.13 -33.95
CA ASN H 443 -1.81 -18.33 -34.72
C ASN H 443 -0.75 -18.08 -35.79
N THR H 444 0.15 -17.15 -35.50
CA THR H 444 1.27 -16.82 -36.35
C THR H 444 2.43 -16.29 -35.50
N GLY H 445 3.65 -16.55 -35.92
CA GLY H 445 4.84 -16.12 -35.19
C GLY H 445 5.61 -15.01 -35.89
N LEU H 446 5.03 -14.50 -36.99
CA LEU H 446 5.59 -13.41 -37.78
C LEU H 446 4.48 -12.39 -38.04
N ILE H 447 4.77 -11.12 -37.75
CA ILE H 447 3.74 -10.08 -37.77
C ILE H 447 4.16 -8.80 -38.49
N SER H 448 5.47 -8.63 -38.62
CA SER H 448 6.05 -7.41 -39.19
C SER H 448 5.80 -7.29 -40.69
N ASN H 449 5.11 -6.21 -41.07
CA ASN H 449 4.94 -5.80 -42.47
C ASN H 449 4.86 -4.29 -42.50
N GLU H 450 4.68 -3.70 -43.68
CA GLU H 450 4.71 -2.24 -43.78
C GLU H 450 3.36 -1.55 -43.57
N VAL H 451 2.27 -2.30 -43.67
CA VAL H 451 0.96 -1.66 -43.65
C VAL H 451 0.37 -1.57 -42.24
N ALA H 452 0.92 -2.34 -41.30
CA ALA H 452 0.38 -2.45 -39.95
C ALA H 452 1.07 -1.52 -38.95
N PRO H 453 0.28 -0.90 -38.05
CA PRO H 453 0.87 0.01 -37.05
C PRO H 453 1.77 -0.74 -36.09
N PHE H 454 3.02 -0.32 -36.00
CA PHE H 454 4.06 -1.09 -35.35
C PHE H 454 4.63 -0.29 -34.19
N GLY H 455 4.53 -0.83 -32.99
CA GLY H 455 5.00 -0.14 -31.78
C GLY H 455 4.45 -0.77 -30.52
N GLY H 456 4.81 -0.20 -29.37
CA GLY H 456 4.43 -0.79 -28.10
C GLY H 456 3.66 0.12 -27.17
N VAL H 457 3.28 -0.42 -26.02
CA VAL H 457 2.58 0.33 -24.98
C VAL H 457 3.47 0.36 -23.75
N LYS H 458 3.07 1.09 -22.72
CA LYS H 458 3.83 1.11 -21.46
C LYS H 458 5.31 1.42 -21.74
N GLN H 459 6.21 0.64 -21.17
CA GLN H 459 7.65 0.91 -21.28
C GLN H 459 8.25 0.48 -22.60
N SER H 460 7.40 0.07 -23.54
CA SER H 460 7.85 -0.34 -24.85
C SER H 460 7.98 0.82 -25.83
N GLY H 461 7.51 1.99 -25.41
CA GLY H 461 7.73 3.20 -26.18
C GLY H 461 6.49 3.99 -26.54
N LEU H 462 6.64 4.87 -27.52
CA LEU H 462 5.58 5.79 -27.91
C LEU H 462 5.54 5.89 -29.41
N GLY H 463 4.33 6.03 -29.94
CA GLY H 463 4.14 6.22 -31.36
C GLY H 463 4.17 4.93 -32.15
N ARG H 464 3.86 5.06 -33.44
CA ARG H 464 3.73 3.91 -34.30
C ARG H 464 4.51 4.10 -35.60
N GLU H 465 5.13 3.01 -36.07
CA GLU H 465 5.82 3.03 -37.36
C GLU H 465 5.12 2.14 -38.37
N GLY H 466 5.18 2.52 -39.63
CA GLY H 466 4.44 1.84 -40.69
C GLY H 466 2.97 2.22 -40.64
N SER H 467 2.19 1.71 -41.58
CA SER H 467 0.76 2.04 -41.74
C SER H 467 0.52 3.53 -42.03
N HIS H 468 -0.74 3.94 -41.96
CA HIS H 468 -1.10 5.35 -42.10
C HIS H 468 -0.75 6.16 -40.85
N TYR H 469 -0.53 5.47 -39.73
CA TYR H 469 -0.13 6.10 -38.46
C TYR H 469 1.36 6.49 -38.40
N GLY H 470 2.15 5.92 -39.31
CA GLY H 470 3.60 6.10 -39.30
C GLY H 470 4.04 7.51 -39.63
N ILE H 471 3.23 8.19 -40.42
CA ILE H 471 3.53 9.54 -40.91
C ILE H 471 3.03 10.65 -39.96
N ASP H 472 2.17 10.29 -39.02
CA ASP H 472 1.46 11.23 -38.16
C ASP H 472 2.37 12.04 -37.24
N ASP H 473 3.44 11.38 -36.81
CA ASP H 473 4.36 12.00 -35.88
C ASP H 473 5.36 12.93 -36.56
N TYR H 474 5.37 12.91 -37.89
CA TYR H 474 6.28 13.75 -38.68
C TYR H 474 5.61 15.00 -39.21
N VAL H 475 4.31 15.12 -38.94
CA VAL H 475 3.54 16.30 -39.31
C VAL H 475 2.93 16.96 -38.09
N VAL H 476 2.68 18.24 -38.22
CA VAL H 476 2.14 19.02 -37.14
C VAL H 476 0.80 19.56 -37.65
N ILE H 477 -0.18 19.75 -36.78
CA ILE H 477 -1.50 20.19 -37.27
C ILE H 477 -1.74 21.70 -37.05
N LYS H 478 -2.48 22.31 -37.96
CA LYS H 478 -2.77 23.73 -37.87
C LYS H 478 -4.27 23.97 -38.00
N TYR H 479 -4.87 24.48 -36.94
CA TYR H 479 -6.29 24.79 -36.92
C TYR H 479 -6.49 26.24 -37.34
N LEU H 480 -7.36 26.44 -38.33
CA LEU H 480 -7.64 27.78 -38.87
C LEU H 480 -9.08 28.15 -38.63
N CYS H 481 -9.29 29.29 -37.99
CA CYS H 481 -10.63 29.74 -37.67
C CYS H 481 -10.97 30.93 -38.55
N VAL H 482 -11.80 30.69 -39.57
CA VAL H 482 -12.04 31.70 -40.59
C VAL H 482 -13.36 32.44 -40.38
N ALA H 483 -13.28 33.75 -40.19
CA ALA H 483 -14.47 34.58 -40.13
C ALA H 483 -15.10 34.73 -41.51
N VAL H 484 -16.43 34.69 -41.57
CA VAL H 484 -17.15 34.90 -42.81
C VAL H 484 -18.33 35.84 -42.56
N GLY I 3 -29.48 41.90 -44.66
CA GLY I 3 -28.52 40.84 -45.14
C GLY I 3 -27.13 40.99 -44.56
N SER I 4 -26.50 42.15 -44.80
CA SER I 4 -25.17 42.43 -44.25
C SER I 4 -25.17 43.55 -43.20
N MET I 5 -26.34 43.80 -42.62
CA MET I 5 -26.46 44.72 -41.47
C MET I 5 -26.48 43.92 -40.18
N LYS I 6 -25.70 44.37 -39.20
CA LYS I 6 -25.61 43.69 -37.89
C LYS I 6 -26.98 43.49 -37.23
N ASP I 7 -27.99 44.22 -37.72
CA ASP I 7 -29.34 44.13 -37.18
C ASP I 7 -30.40 44.20 -38.30
N PRO I 8 -30.73 43.04 -38.89
CA PRO I 8 -31.65 42.96 -40.03
C PRO I 8 -33.11 43.29 -39.69
N SER I 9 -33.44 43.44 -38.41
CA SER I 9 -34.81 43.76 -38.01
C SER I 9 -35.12 45.24 -38.21
N LEU I 10 -34.19 45.94 -38.87
CA LEU I 10 -34.34 47.36 -39.18
C LEU I 10 -34.86 47.56 -40.60
N LEU I 11 -34.57 46.61 -41.49
CA LEU I 11 -35.10 46.65 -42.85
C LEU I 11 -36.55 46.15 -42.83
N ARG I 12 -37.44 47.04 -42.40
CA ARG I 12 -38.84 46.71 -42.18
C ARG I 12 -39.59 46.51 -43.49
N HIS I 13 -40.73 45.82 -43.44
CA HIS I 13 -41.60 45.60 -44.60
C HIS I 13 -43.06 45.75 -44.19
N GLN I 14 -43.26 46.27 -42.98
CA GLN I 14 -44.58 46.61 -42.47
C GLN I 14 -44.61 48.07 -42.07
N ALA I 15 -45.74 48.74 -42.28
CA ALA I 15 -45.92 50.12 -41.86
C ALA I 15 -46.16 50.20 -40.35
N TYR I 16 -45.80 51.34 -39.75
CA TYR I 16 -45.98 51.55 -38.33
C TYR I 16 -47.24 52.37 -38.09
N ILE I 17 -48.28 51.71 -37.61
CA ILE I 17 -49.60 52.33 -37.42
C ILE I 17 -50.06 52.22 -35.97
N GLY I 18 -50.18 53.36 -35.30
CA GLY I 18 -50.70 53.44 -33.93
C GLY I 18 -49.92 52.66 -32.89
N GLY I 19 -48.61 52.48 -33.12
CA GLY I 19 -47.78 51.72 -32.21
C GLY I 19 -47.47 50.32 -32.73
N GLU I 20 -48.26 49.85 -33.68
CA GLU I 20 -48.18 48.46 -34.13
C GLU I 20 -47.84 48.29 -35.60
N TRP I 21 -47.05 47.25 -35.86
CA TRP I 21 -46.58 46.93 -37.20
C TRP I 21 -47.65 46.19 -37.97
N GLN I 22 -47.99 46.73 -39.15
CA GLN I 22 -49.09 46.23 -39.94
C GLN I 22 -48.78 46.31 -41.43
N ALA I 23 -49.48 45.50 -42.21
CA ALA I 23 -49.60 45.71 -43.65
C ALA I 23 -51.03 46.23 -43.88
N ALA I 24 -51.33 46.56 -45.14
CA ALA I 24 -52.64 47.13 -45.49
C ALA I 24 -53.84 46.28 -45.04
N ASP I 25 -55.03 46.84 -45.17
CA ASP I 25 -56.28 46.09 -44.97
C ASP I 25 -56.52 45.12 -46.15
N SER I 26 -56.18 45.58 -47.35
CA SER I 26 -56.33 44.78 -48.58
C SER I 26 -55.22 43.73 -48.73
N ASP I 27 -54.09 43.98 -48.08
CA ASP I 27 -52.85 43.18 -48.21
C ASP I 27 -51.95 43.63 -49.36
N ALA I 28 -52.41 44.62 -50.13
CA ALA I 28 -51.63 45.16 -51.25
C ALA I 28 -50.30 45.76 -50.78
N THR I 29 -49.28 45.67 -51.65
CA THR I 29 -47.96 46.21 -51.38
C THR I 29 -47.33 46.73 -52.67
N PHE I 30 -46.21 47.46 -52.54
CA PHE I 30 -45.41 47.86 -53.70
C PHE I 30 -43.94 47.56 -53.43
N GLU I 31 -43.10 47.71 -54.45
CA GLU I 31 -41.73 47.24 -54.39
C GLU I 31 -40.73 48.40 -54.43
N VAL I 32 -39.60 48.24 -53.76
CA VAL I 32 -38.56 49.27 -53.70
C VAL I 32 -37.27 48.78 -54.35
N PHE I 33 -36.71 49.59 -55.24
CA PHE I 33 -35.55 49.19 -56.05
C PHE I 33 -34.29 50.05 -55.81
N ASP I 34 -33.21 49.38 -55.38
CA ASP I 34 -31.89 49.99 -55.30
C ASP I 34 -31.48 50.50 -56.69
N PRO I 35 -31.34 51.83 -56.84
CA PRO I 35 -31.14 52.44 -58.17
C PRO I 35 -29.68 52.72 -58.53
N ALA I 36 -28.75 52.13 -57.78
CA ALA I 36 -27.34 52.14 -58.14
C ALA I 36 -27.02 50.94 -59.03
N THR I 37 -27.84 49.90 -58.91
CA THR I 37 -27.62 48.63 -59.63
C THR I 37 -28.93 48.07 -60.24
N GLY I 38 -30.07 48.60 -59.83
CA GLY I 38 -31.34 48.35 -60.51
C GLY I 38 -32.23 47.27 -59.92
N GLU I 39 -31.69 46.48 -58.99
CA GLU I 39 -32.39 45.28 -58.49
C GLU I 39 -33.28 45.55 -57.28
N SER I 40 -34.25 44.65 -57.08
CA SER I 40 -35.22 44.73 -55.98
C SER I 40 -34.57 44.63 -54.61
N LEU I 41 -35.08 45.42 -53.68
CA LEU I 41 -34.59 45.46 -52.30
C LEU I 41 -35.59 44.82 -51.33
N GLY I 42 -36.81 44.60 -51.81
CA GLY I 42 -37.91 44.08 -50.99
C GLY I 42 -39.16 44.88 -51.22
N THR I 43 -40.26 44.46 -50.58
CA THR I 43 -41.56 45.13 -50.75
C THR I 43 -42.07 45.76 -49.45
N VAL I 44 -43.00 46.72 -49.60
CA VAL I 44 -43.58 47.47 -48.47
C VAL I 44 -45.04 47.78 -48.76
N PRO I 45 -45.89 47.80 -47.71
CA PRO I 45 -47.35 47.92 -47.88
C PRO I 45 -47.78 49.09 -48.75
N LYS I 46 -48.90 48.93 -49.45
CA LYS I 46 -49.49 50.00 -50.23
C LYS I 46 -50.82 50.37 -49.59
N MET I 47 -50.74 51.27 -48.61
CA MET I 47 -51.91 51.67 -47.85
C MET I 47 -52.60 52.89 -48.44
N GLY I 48 -53.86 53.07 -48.05
CA GLY I 48 -54.67 54.21 -48.48
C GLY I 48 -55.31 54.92 -47.31
N ALA I 49 -56.57 55.31 -47.48
CA ALA I 49 -57.27 56.15 -46.51
C ALA I 49 -57.50 55.48 -45.16
N ALA I 50 -58.26 54.38 -45.15
CA ALA I 50 -58.72 53.75 -43.91
C ALA I 50 -57.61 53.48 -42.88
N GLU I 51 -56.42 53.11 -43.36
CA GLU I 51 -55.24 52.96 -42.49
C GLU I 51 -54.87 54.28 -41.81
N THR I 52 -54.84 55.34 -42.61
CA THR I 52 -54.46 56.67 -42.14
C THR I 52 -55.44 57.20 -41.09
N ALA I 53 -56.74 57.06 -41.35
CA ALA I 53 -57.77 57.46 -40.37
C ALA I 53 -57.58 56.77 -39.02
N ARG I 54 -57.01 55.57 -39.04
CA ARG I 54 -56.76 54.83 -37.80
C ARG I 54 -55.52 55.33 -37.08
N ALA I 55 -54.46 55.62 -37.84
CA ALA I 55 -53.24 56.19 -37.27
C ALA I 55 -53.51 57.56 -36.64
N ILE I 56 -54.44 58.30 -37.23
CA ILE I 56 -54.80 59.63 -36.78
C ILE I 56 -55.71 59.53 -35.53
N GLU I 57 -56.55 58.51 -35.49
CA GLU I 57 -57.38 58.23 -34.32
C GLU I 57 -56.47 57.82 -33.17
N ALA I 58 -55.39 57.12 -33.51
CA ALA I 58 -54.41 56.66 -32.54
C ALA I 58 -53.70 57.84 -31.88
N ALA I 59 -53.27 58.78 -32.71
CA ALA I 59 -52.55 59.96 -32.26
C ALA I 59 -53.37 60.86 -31.33
N GLN I 60 -54.67 60.99 -31.58
CA GLN I 60 -55.54 61.75 -30.70
C GLN I 60 -55.76 61.04 -29.37
N ALA I 61 -55.92 59.71 -29.43
CA ALA I 61 -56.07 58.88 -28.24
C ALA I 61 -54.84 58.97 -27.33
N ALA I 62 -53.67 59.06 -27.95
CA ALA I 62 -52.40 59.04 -27.24
C ALA I 62 -52.01 60.40 -26.66
N TRP I 63 -52.53 61.47 -27.24
CA TRP I 63 -52.05 62.83 -26.96
C TRP I 63 -52.05 63.20 -25.49
N ALA I 64 -53.21 63.05 -24.83
CA ALA I 64 -53.39 63.42 -23.44
C ALA I 64 -52.29 62.87 -22.53
N GLY I 65 -51.97 61.59 -22.69
CA GLY I 65 -50.93 60.93 -21.90
C GLY I 65 -49.52 61.37 -22.23
N TRP I 66 -49.32 61.86 -23.46
CA TRP I 66 -48.01 62.32 -23.94
C TRP I 66 -47.69 63.77 -23.51
N ARG I 67 -48.70 64.65 -23.58
CA ARG I 67 -48.56 66.03 -23.10
C ARG I 67 -48.50 66.08 -21.58
N MET I 68 -49.06 65.06 -20.92
CA MET I 68 -49.10 65.02 -19.47
C MET I 68 -47.73 64.75 -18.84
N LYS I 69 -46.84 64.19 -19.65
CA LYS I 69 -45.44 64.02 -19.27
C LYS I 69 -44.76 65.37 -19.21
N THR I 70 -43.74 65.50 -18.37
CA THR I 70 -42.94 66.71 -18.31
C THR I 70 -42.05 66.82 -19.55
N ALA I 71 -41.55 68.03 -19.80
CA ALA I 71 -40.55 68.25 -20.85
C ALA I 71 -39.37 67.29 -20.69
N LYS I 72 -38.90 67.15 -19.45
CA LYS I 72 -37.77 66.27 -19.10
C LYS I 72 -38.09 64.80 -19.39
N GLU I 73 -39.26 64.35 -18.92
CA GLU I 73 -39.76 63.01 -19.21
C GLU I 73 -39.71 62.72 -20.72
N ARG I 74 -40.16 63.67 -21.53
CA ARG I 74 -40.14 63.52 -22.98
C ARG I 74 -38.71 63.57 -23.52
N ALA I 75 -37.89 64.46 -22.96
CA ALA I 75 -36.50 64.63 -23.37
C ALA I 75 -35.68 63.37 -23.13
N ALA I 76 -35.97 62.66 -22.04
CA ALA I 76 -35.32 61.40 -21.67
C ALA I 76 -35.54 60.34 -22.75
N ILE I 77 -36.82 60.17 -23.12
CA ILE I 77 -37.24 59.25 -24.17
C ILE I 77 -36.58 59.58 -25.51
N LEU I 78 -36.52 60.87 -25.84
CA LEU I 78 -35.95 61.30 -27.12
C LEU I 78 -34.44 61.08 -27.18
N ARG I 79 -33.78 61.29 -26.05
CA ARG I 79 -32.35 61.04 -25.90
C ARG I 79 -32.00 59.55 -26.01
N ARG I 80 -32.91 58.68 -25.58
CA ARG I 80 -32.79 57.23 -25.83
C ARG I 80 -32.90 56.93 -27.32
N TRP I 81 -33.87 57.56 -28.00
CA TRP I 81 -34.00 57.45 -29.45
C TRP I 81 -32.74 58.00 -30.13
N PHE I 82 -32.26 59.13 -29.63
CA PHE I 82 -31.02 59.72 -30.11
C PHE I 82 -29.87 58.72 -30.00
N ASP I 83 -29.61 58.25 -28.78
CA ASP I 83 -28.48 57.35 -28.48
C ASP I 83 -28.46 56.07 -29.33
N LEU I 84 -29.64 55.50 -29.58
CA LEU I 84 -29.79 54.31 -30.41
C LEU I 84 -29.52 54.60 -31.89
N VAL I 85 -29.95 55.77 -32.34
CA VAL I 85 -29.66 56.22 -33.71
C VAL I 85 -28.15 56.27 -33.94
N ILE I 86 -27.41 56.83 -32.97
CA ILE I 86 -25.96 56.82 -32.99
C ILE I 86 -25.36 55.42 -32.74
N ALA I 87 -26.07 54.60 -31.96
CA ALA I 87 -25.67 53.20 -31.73
C ALA I 87 -25.75 52.29 -32.97
N ASN I 88 -26.76 52.53 -33.82
CA ASN I 88 -26.90 51.80 -35.07
C ASN I 88 -26.56 52.67 -36.28
N SER I 89 -25.61 53.58 -36.08
CA SER I 89 -25.17 54.53 -37.11
C SER I 89 -24.81 53.86 -38.45
N ASP I 90 -23.98 52.82 -38.37
CA ASP I 90 -23.57 52.04 -39.55
C ASP I 90 -24.74 51.36 -40.28
N ASP I 91 -25.55 50.61 -39.54
CA ASP I 91 -26.71 49.88 -40.10
C ASP I 91 -27.61 50.80 -40.89
N LEU I 92 -28.08 51.86 -40.22
CA LEU I 92 -28.97 52.85 -40.81
C LEU I 92 -28.35 53.51 -42.04
N ALA I 93 -27.07 53.87 -41.92
CA ALA I 93 -26.34 54.52 -43.00
C ALA I 93 -26.04 53.60 -44.20
N LEU I 94 -26.20 52.29 -43.99
CA LEU I 94 -26.06 51.32 -45.08
C LEU I 94 -27.38 51.17 -45.81
N ILE I 95 -28.48 51.19 -45.05
CA ILE I 95 -29.84 51.17 -45.60
C ILE I 95 -30.04 52.38 -46.51
N LEU I 96 -29.62 53.54 -46.02
CA LEU I 96 -29.67 54.79 -46.77
C LEU I 96 -28.98 54.66 -48.12
N THR I 97 -27.67 54.39 -48.09
CA THR I 97 -26.85 54.21 -49.29
C THR I 97 -27.51 53.24 -50.28
N THR I 98 -28.11 52.18 -49.73
CA THR I 98 -28.77 51.15 -50.53
C THR I 98 -30.05 51.69 -51.19
N GLU I 99 -30.94 52.27 -50.40
CA GLU I 99 -32.23 52.73 -50.90
C GLU I 99 -32.23 54.10 -51.61
N GLN I 100 -31.18 54.91 -51.41
CA GLN I 100 -31.13 56.26 -52.00
C GLN I 100 -30.05 56.47 -53.07
N GLY I 101 -28.86 55.93 -52.84
CA GLY I 101 -27.76 56.06 -53.78
C GLY I 101 -26.49 56.69 -53.23
N LYS I 102 -26.63 57.78 -52.49
CA LYS I 102 -25.47 58.55 -52.00
C LYS I 102 -24.43 57.67 -51.29
N PRO I 103 -23.14 58.05 -51.37
CA PRO I 103 -22.06 57.27 -50.76
C PRO I 103 -22.28 57.02 -49.26
N LEU I 104 -21.61 56.00 -48.72
CA LEU I 104 -21.63 55.75 -47.28
C LEU I 104 -21.20 57.00 -46.49
N ALA I 105 -20.04 57.56 -46.86
CA ALA I 105 -19.47 58.73 -46.16
C ALA I 105 -20.47 59.87 -46.00
N GLU I 106 -21.23 60.15 -47.06
CA GLU I 106 -22.31 61.14 -47.05
C GLU I 106 -23.50 60.66 -46.23
N ALA I 107 -23.91 59.40 -46.44
CA ALA I 107 -25.09 58.84 -45.77
C ALA I 107 -24.88 58.70 -44.27
N LYS I 108 -23.66 58.37 -43.87
CA LYS I 108 -23.28 58.34 -42.45
C LYS I 108 -23.46 59.72 -41.83
N GLY I 109 -23.03 60.74 -42.59
CA GLY I 109 -23.16 62.14 -42.21
C GLY I 109 -24.61 62.55 -41.99
N GLU I 110 -25.52 62.03 -42.82
CA GLU I 110 -26.95 62.28 -42.61
C GLU I 110 -27.44 61.74 -41.26
N ILE I 111 -26.89 60.61 -40.81
CA ILE I 111 -27.25 60.05 -39.50
C ILE I 111 -26.74 60.95 -38.36
N ALA I 112 -25.46 61.32 -38.39
CA ALA I 112 -24.91 62.29 -37.45
C ALA I 112 -25.72 63.59 -37.45
N TYR I 113 -26.26 63.92 -38.62
CA TYR I 113 -27.04 65.12 -38.87
C TYR I 113 -28.47 64.92 -38.41
N ALA I 114 -29.04 63.76 -38.71
CA ALA I 114 -30.37 63.39 -38.24
C ALA I 114 -30.44 63.34 -36.72
N ALA I 115 -29.41 62.76 -36.10
CA ALA I 115 -29.33 62.61 -34.65
C ALA I 115 -29.20 63.96 -33.95
N SER I 116 -28.44 64.87 -34.54
CA SER I 116 -28.27 66.21 -33.98
C SER I 116 -29.62 66.95 -33.85
N PHE I 117 -30.57 66.65 -34.74
CA PHE I 117 -31.94 67.21 -34.72
C PHE I 117 -32.80 66.66 -33.58
N ILE I 118 -32.75 65.35 -33.36
CA ILE I 118 -33.48 64.70 -32.28
C ILE I 118 -32.90 65.13 -30.93
N GLU I 119 -31.57 65.27 -30.89
CA GLU I 119 -30.85 65.73 -29.72
C GLU I 119 -31.35 67.15 -29.41
N TRP I 120 -31.17 68.03 -30.40
CA TRP I 120 -31.55 69.43 -30.34
C TRP I 120 -32.96 69.66 -29.83
N PHE I 121 -33.93 68.95 -30.41
CA PHE I 121 -35.32 69.20 -30.07
C PHE I 121 -35.72 68.68 -28.70
N ALA I 122 -35.08 67.61 -28.24
CA ALA I 122 -35.24 67.16 -26.86
C ALA I 122 -34.90 68.30 -25.91
N GLU I 123 -33.82 69.00 -26.26
CA GLU I 123 -33.31 70.13 -25.49
C GLU I 123 -34.23 71.36 -25.58
N GLU I 124 -34.76 71.60 -26.78
CA GLU I 124 -35.69 72.73 -27.00
C GLU I 124 -36.99 72.57 -26.25
N GLY I 125 -37.49 71.34 -26.19
CA GLY I 125 -38.77 71.04 -25.54
C GLY I 125 -38.83 71.48 -24.09
N LYS I 126 -37.66 71.55 -23.46
CA LYS I 126 -37.50 71.96 -22.06
C LYS I 126 -37.47 73.49 -21.89
N ARG I 127 -37.58 74.22 -23.01
CA ARG I 127 -37.32 75.66 -23.03
C ARG I 127 -38.40 76.48 -23.76
N VAL I 128 -39.52 75.84 -24.07
CA VAL I 128 -40.64 76.49 -24.73
C VAL I 128 -41.31 77.41 -23.72
N ALA I 129 -41.15 78.71 -23.94
CA ALA I 129 -41.40 79.73 -22.91
C ALA I 129 -42.47 80.76 -23.28
N GLY I 130 -43.31 81.10 -22.31
CA GLY I 130 -44.31 82.15 -22.46
C GLY I 130 -43.83 83.45 -21.85
N ASP I 131 -44.78 84.24 -21.32
CA ASP I 131 -44.51 85.62 -20.92
C ASP I 131 -45.31 86.07 -19.72
N THR I 132 -44.70 86.89 -18.88
CA THR I 132 -45.46 87.76 -17.98
C THR I 132 -45.19 89.19 -18.43
N LEU I 133 -46.26 89.92 -18.74
CA LEU I 133 -46.14 91.22 -19.38
C LEU I 133 -46.69 92.35 -18.48
N PRO I 134 -46.19 93.58 -18.66
CA PRO I 134 -46.73 94.73 -17.95
C PRO I 134 -48.15 95.05 -18.41
N THR I 135 -49.04 95.22 -17.46
CA THR I 135 -50.45 95.39 -17.76
C THR I 135 -50.72 96.86 -18.15
N PRO I 136 -51.73 97.10 -19.02
CA PRO I 136 -52.21 98.46 -19.22
C PRO I 136 -53.38 98.78 -18.29
N ASP I 137 -53.78 97.82 -17.47
CA ASP I 137 -54.89 97.97 -16.55
C ASP I 137 -54.49 97.44 -15.17
N ALA I 138 -54.38 98.33 -14.20
CA ALA I 138 -53.90 97.98 -12.86
C ALA I 138 -54.71 96.86 -12.18
N ASN I 139 -55.97 96.72 -12.60
CA ASN I 139 -56.86 95.70 -12.05
C ASN I 139 -56.66 94.31 -12.66
N LYS I 140 -55.70 94.18 -13.57
CA LYS I 140 -55.50 92.95 -14.35
C LYS I 140 -54.03 92.61 -14.61
N ARG I 141 -53.78 91.35 -14.94
CA ARG I 141 -52.43 90.82 -15.13
C ARG I 141 -52.33 89.98 -16.41
N ILE I 142 -51.35 90.29 -17.26
CA ILE I 142 -51.15 89.52 -18.49
C ILE I 142 -50.16 88.37 -18.26
N VAL I 143 -50.65 87.15 -18.47
CA VAL I 143 -49.83 85.95 -18.40
C VAL I 143 -50.03 85.18 -19.70
N VAL I 144 -48.95 84.84 -20.38
CA VAL I 144 -49.01 84.07 -21.62
C VAL I 144 -48.32 82.72 -21.44
N VAL I 145 -49.03 81.65 -21.77
CA VAL I 145 -48.45 80.31 -21.73
C VAL I 145 -48.44 79.69 -23.13
N LYS I 146 -47.68 78.61 -23.29
CA LYS I 146 -47.66 77.86 -24.54
C LYS I 146 -48.00 76.41 -24.32
N GLU I 147 -48.62 75.80 -25.34
CA GLU I 147 -49.07 74.42 -25.25
C GLU I 147 -49.19 73.77 -26.63
N PRO I 148 -48.93 72.45 -26.72
CA PRO I 148 -48.92 71.69 -27.97
C PRO I 148 -50.19 71.92 -28.80
N ILE I 149 -50.02 72.01 -30.12
CA ILE I 149 -51.13 72.32 -31.03
C ILE I 149 -52.12 71.18 -31.12
N GLY I 150 -51.60 69.95 -31.08
CA GLY I 150 -52.43 68.75 -31.24
C GLY I 150 -51.79 67.78 -32.20
N VAL I 151 -52.61 67.00 -32.90
CA VAL I 151 -52.11 65.96 -33.79
C VAL I 151 -51.43 66.59 -34.99
N CYS I 152 -50.22 66.12 -35.29
CA CYS I 152 -49.45 66.61 -36.41
C CYS I 152 -49.31 65.58 -37.51
N ALA I 153 -49.07 66.07 -38.72
CA ALA I 153 -48.75 65.24 -39.87
C ALA I 153 -47.39 65.65 -40.40
N ALA I 154 -46.85 64.86 -41.32
CA ALA I 154 -45.57 65.16 -41.95
C ALA I 154 -45.42 64.37 -43.24
N ILE I 155 -45.24 65.08 -44.36
CA ILE I 155 -44.99 64.45 -45.66
C ILE I 155 -43.56 64.80 -46.05
N THR I 156 -42.70 63.80 -46.19
CA THR I 156 -41.27 64.01 -46.41
C THR I 156 -40.78 63.63 -47.81
N PRO I 157 -39.62 64.17 -48.23
CA PRO I 157 -39.00 63.80 -49.49
C PRO I 157 -37.99 62.65 -49.36
N TRP I 158 -37.27 62.39 -50.46
CA TRP I 158 -36.33 61.29 -50.57
C TRP I 158 -34.88 61.78 -50.67
N ASN I 159 -34.70 63.10 -50.64
CA ASN I 159 -33.37 63.71 -50.76
C ASN I 159 -32.55 63.39 -49.51
N PHE I 160 -33.22 63.44 -48.37
CA PHE I 160 -32.65 63.10 -47.07
C PHE I 160 -33.74 62.33 -46.32
N PRO I 161 -34.06 61.10 -46.77
CA PRO I 161 -35.24 60.37 -46.30
C PRO I 161 -35.15 59.85 -44.87
N ALA I 162 -33.99 60.05 -44.25
CA ALA I 162 -33.81 59.74 -42.83
C ALA I 162 -33.90 61.01 -41.96
N ALA I 163 -33.03 61.97 -42.26
CA ALA I 163 -32.97 63.25 -41.52
C ALA I 163 -34.28 64.03 -41.49
N MET I 164 -35.01 64.03 -42.61
CA MET I 164 -36.30 64.69 -42.70
C MET I 164 -37.24 64.19 -41.62
N ILE I 165 -37.29 62.86 -41.47
CA ILE I 165 -38.10 62.23 -40.43
C ILE I 165 -37.73 62.74 -39.03
N ALA I 166 -36.43 62.92 -38.78
CA ALA I 166 -35.96 63.51 -37.53
C ALA I 166 -36.37 64.97 -37.40
N ARG I 167 -36.31 65.68 -38.52
CA ARG I 167 -36.63 67.12 -38.57
C ARG I 167 -38.10 67.46 -38.36
N LYS I 168 -38.97 66.46 -38.45
CA LYS I 168 -40.40 66.71 -38.30
C LYS I 168 -40.96 66.04 -37.07
N VAL I 169 -40.60 64.78 -36.85
CA VAL I 169 -41.00 64.05 -35.65
C VAL I 169 -40.35 64.66 -34.40
N GLY I 170 -39.12 65.16 -34.57
CA GLY I 170 -38.36 65.74 -33.46
C GLY I 170 -39.08 66.85 -32.73
N PRO I 171 -39.28 68.00 -33.40
CA PRO I 171 -40.04 69.11 -32.82
C PRO I 171 -41.47 68.75 -32.42
N ALA I 172 -42.18 67.99 -33.27
CA ALA I 172 -43.54 67.57 -32.94
C ALA I 172 -43.60 66.97 -31.53
N LEU I 173 -42.80 65.93 -31.30
CA LEU I 173 -42.77 65.22 -30.02
C LEU I 173 -42.28 66.09 -28.86
N ALA I 174 -41.31 66.95 -29.14
CA ALA I 174 -40.70 67.78 -28.09
C ALA I 174 -41.68 68.81 -27.57
N ALA I 175 -42.43 69.42 -28.50
CA ALA I 175 -43.47 70.38 -28.19
C ALA I 175 -44.62 69.74 -27.40
N GLY I 176 -44.67 68.41 -27.41
CA GLY I 176 -45.74 67.66 -26.73
C GLY I 176 -46.82 67.13 -27.67
N CYS I 177 -46.46 66.94 -28.94
CA CYS I 177 -47.41 66.50 -29.96
C CYS I 177 -47.16 65.09 -30.45
N PRO I 178 -48.25 64.38 -30.83
CA PRO I 178 -48.21 63.12 -31.56
C PRO I 178 -48.22 63.37 -33.07
N ILE I 179 -47.57 62.49 -33.83
CA ILE I 179 -47.36 62.72 -35.27
C ILE I 179 -47.61 61.50 -36.17
N VAL I 180 -48.18 61.77 -37.34
CA VAL I 180 -48.38 60.81 -38.42
C VAL I 180 -47.51 61.24 -39.59
N VAL I 181 -46.51 60.43 -39.92
CA VAL I 181 -45.56 60.78 -40.98
C VAL I 181 -45.81 59.94 -42.23
N LYS I 182 -45.91 60.60 -43.38
CA LYS I 182 -45.83 59.91 -44.66
C LYS I 182 -44.44 60.11 -45.27
N PRO I 183 -43.64 59.04 -45.32
CA PRO I 183 -42.34 59.08 -45.97
C PRO I 183 -42.48 59.02 -47.49
N ALA I 184 -41.37 59.29 -48.18
CA ALA I 184 -41.32 59.26 -49.64
C ALA I 184 -41.70 57.87 -50.13
N GLU I 185 -42.82 57.80 -50.86
CA GLU I 185 -43.31 56.54 -51.46
C GLU I 185 -42.27 55.94 -52.43
N SER I 186 -40.99 56.06 -52.09
CA SER I 186 -39.86 55.59 -52.90
C SER I 186 -38.67 55.09 -52.08
N THR I 187 -38.29 55.83 -51.03
CA THR I 187 -37.19 55.42 -50.12
C THR I 187 -37.65 55.39 -48.65
N PRO I 188 -38.39 54.33 -48.25
CA PRO I 188 -39.12 54.34 -46.98
C PRO I 188 -38.48 53.57 -45.82
N PHE I 189 -37.45 52.78 -46.09
CA PHE I 189 -36.85 51.98 -45.02
C PHE I 189 -36.27 52.88 -43.94
N SER I 190 -35.46 53.87 -44.35
CA SER I 190 -34.88 54.85 -43.43
C SER I 190 -35.93 55.33 -42.43
N ALA I 191 -37.12 55.64 -42.95
CA ALA I 191 -38.25 56.06 -42.14
C ALA I 191 -38.72 54.97 -41.19
N LEU I 192 -38.87 53.75 -41.71
CA LEU I 192 -39.39 52.64 -40.92
C LEU I 192 -38.42 52.18 -39.84
N ALA I 193 -37.12 52.28 -40.14
CA ALA I 193 -36.07 52.01 -39.17
C ALA I 193 -36.19 52.98 -38.01
N MET I 194 -36.22 54.27 -38.36
CA MET I 194 -36.35 55.37 -37.42
C MET I 194 -37.50 55.15 -36.44
N ALA I 195 -38.65 54.77 -36.97
CA ALA I 195 -39.83 54.50 -36.15
C ALA I 195 -39.61 53.32 -35.21
N PHE I 196 -38.92 52.28 -35.71
CA PHE I 196 -38.69 51.08 -34.91
C PHE I 196 -37.79 51.36 -33.70
N LEU I 197 -36.71 52.10 -33.94
CA LEU I 197 -35.80 52.54 -32.88
C LEU I 197 -36.52 53.45 -31.88
N ALA I 198 -37.48 54.23 -32.37
CA ALA I 198 -38.26 55.11 -31.52
C ALA I 198 -39.06 54.28 -30.50
N GLU I 199 -39.46 53.08 -30.94
CA GLU I 199 -40.15 52.14 -30.06
C GLU I 199 -39.23 51.61 -28.98
N ARG I 200 -38.02 51.22 -29.37
CA ARG I 200 -37.03 50.70 -28.43
C ARG I 200 -36.69 51.78 -27.40
N ALA I 201 -36.68 53.03 -27.87
CA ALA I 201 -36.44 54.20 -27.03
C ALA I 201 -37.53 54.38 -25.99
N GLY I 202 -38.78 54.14 -26.41
CA GLY I 202 -39.91 54.11 -25.49
C GLY I 202 -41.09 54.99 -25.86
N VAL I 203 -41.13 55.48 -27.11
CA VAL I 203 -42.20 56.36 -27.55
C VAL I 203 -43.53 55.62 -27.52
N PRO I 204 -44.45 56.06 -26.64
CA PRO I 204 -45.73 55.39 -26.42
C PRO I 204 -46.48 55.07 -27.71
N LYS I 205 -47.25 53.98 -27.65
CA LYS I 205 -48.09 53.55 -28.76
C LYS I 205 -49.01 54.68 -29.19
N GLY I 206 -48.97 55.02 -30.48
CA GLY I 206 -49.90 56.00 -31.06
C GLY I 206 -49.31 57.38 -31.25
N VAL I 207 -48.30 57.71 -30.45
CA VAL I 207 -47.61 58.99 -30.55
C VAL I 207 -46.95 59.14 -31.92
N LEU I 208 -46.29 58.09 -32.39
CA LEU I 208 -45.69 58.09 -33.73
C LEU I 208 -46.34 57.05 -34.66
N SER I 209 -46.39 57.39 -35.95
CA SER I 209 -46.92 56.53 -36.99
C SER I 209 -46.22 56.83 -38.31
N VAL I 210 -45.84 55.78 -39.04
CA VAL I 210 -45.29 55.91 -40.39
C VAL I 210 -46.22 55.19 -41.37
N VAL I 211 -46.95 55.97 -42.17
CA VAL I 211 -47.90 55.42 -43.13
C VAL I 211 -47.23 55.27 -44.50
N ILE I 212 -47.28 54.07 -45.06
CA ILE I 212 -46.77 53.82 -46.40
C ILE I 212 -47.88 53.37 -47.35
N GLY I 213 -47.79 53.84 -48.59
CA GLY I 213 -48.79 53.53 -49.62
C GLY I 213 -49.00 54.62 -50.66
N ASP I 214 -50.26 54.88 -50.96
CA ASP I 214 -50.64 55.78 -52.04
C ASP I 214 -50.54 57.23 -51.57
N PRO I 215 -49.53 57.97 -52.09
CA PRO I 215 -49.32 59.36 -51.66
C PRO I 215 -50.59 60.21 -51.76
N LYS I 216 -51.37 60.05 -52.83
CA LYS I 216 -52.63 60.77 -52.99
C LYS I 216 -53.64 60.38 -51.92
N ALA I 217 -53.91 59.08 -51.80
CA ALA I 217 -54.93 58.59 -50.86
C ALA I 217 -54.64 59.03 -49.43
N ILE I 218 -53.42 58.74 -48.95
CA ILE I 218 -52.95 59.21 -47.65
C ILE I 218 -53.07 60.74 -47.59
N GLY I 219 -52.46 61.42 -48.57
CA GLY I 219 -52.54 62.88 -48.69
C GLY I 219 -53.93 63.46 -48.53
N THR I 220 -54.91 62.85 -49.18
CA THR I 220 -56.29 63.31 -49.10
C THR I 220 -56.88 63.10 -47.70
N GLU I 221 -56.51 62.02 -47.04
CA GLU I 221 -57.02 61.74 -45.71
C GLU I 221 -56.47 62.73 -44.67
N ILE I 222 -55.16 62.95 -44.70
CA ILE I 222 -54.49 63.87 -43.80
C ILE I 222 -55.11 65.27 -43.88
N THR I 223 -55.19 65.81 -45.10
CA THR I 223 -55.57 67.21 -45.33
C THR I 223 -57.03 67.54 -45.04
N SER I 224 -57.88 66.52 -45.03
CA SER I 224 -59.31 66.75 -44.81
C SER I 224 -59.82 66.25 -43.45
N ASN I 225 -58.98 65.50 -42.74
CA ASN I 225 -59.33 64.98 -41.42
C ASN I 225 -59.27 66.13 -40.41
N PRO I 226 -60.44 66.49 -39.83
CA PRO I 226 -60.46 67.57 -38.84
C PRO I 226 -59.55 67.33 -37.64
N ILE I 227 -59.22 66.08 -37.34
CA ILE I 227 -58.35 65.77 -36.19
C ILE I 227 -56.97 66.40 -36.36
N VAL I 228 -56.45 66.36 -37.59
CA VAL I 228 -55.15 66.96 -37.90
C VAL I 228 -55.21 68.48 -37.77
N ARG I 229 -54.32 69.06 -36.96
CA ARG I 229 -54.37 70.48 -36.64
C ARG I 229 -53.20 71.25 -37.21
N LYS I 230 -52.08 70.57 -37.45
CA LYS I 230 -51.03 71.14 -38.27
C LYS I 230 -50.41 70.07 -39.15
N LEU I 231 -49.74 70.50 -40.20
CA LEU I 231 -49.12 69.59 -41.15
C LEU I 231 -47.88 70.23 -41.71
N SER I 232 -46.84 69.43 -41.88
CA SER I 232 -45.59 69.89 -42.42
C SER I 232 -45.25 69.07 -43.66
N PHE I 233 -44.97 69.76 -44.77
CA PHE I 233 -44.62 69.12 -46.04
C PHE I 233 -43.31 69.67 -46.60
N THR I 234 -42.47 68.77 -47.09
CA THR I 234 -41.27 69.14 -47.82
C THR I 234 -41.26 68.40 -49.16
N GLY I 235 -41.28 69.18 -50.25
CA GLY I 235 -41.28 68.65 -51.60
C GLY I 235 -41.46 69.74 -52.65
N SER I 236 -42.07 69.38 -53.78
CA SER I 236 -42.28 70.32 -54.88
C SER I 236 -43.34 71.37 -54.54
N THR I 237 -43.14 72.56 -55.09
CA THR I 237 -44.02 73.70 -54.88
C THR I 237 -45.46 73.46 -55.40
N ALA I 238 -45.58 72.67 -56.47
CA ALA I 238 -46.90 72.32 -57.03
C ALA I 238 -47.79 71.55 -56.03
N VAL I 239 -47.17 70.60 -55.33
CA VAL I 239 -47.86 69.71 -54.40
C VAL I 239 -48.24 70.45 -53.13
N GLY I 240 -47.31 71.25 -52.62
CA GLY I 240 -47.57 72.14 -51.48
C GLY I 240 -48.69 73.12 -51.72
N ARG I 241 -48.77 73.67 -52.94
CA ARG I 241 -49.82 74.59 -53.32
C ARG I 241 -51.16 73.88 -53.25
N LEU I 242 -51.17 72.61 -53.64
CA LEU I 242 -52.39 71.81 -53.59
C LEU I 242 -52.74 71.41 -52.16
N LEU I 243 -51.71 71.07 -51.38
CA LEU I 243 -51.87 70.70 -49.98
C LEU I 243 -52.42 71.83 -49.11
N MET I 244 -52.00 73.07 -49.39
CA MET I 244 -52.57 74.25 -48.75
C MET I 244 -54.06 74.32 -49.06
N ALA I 245 -54.39 74.31 -50.35
CA ALA I 245 -55.77 74.29 -50.82
C ALA I 245 -56.65 73.25 -50.10
N GLN I 246 -56.11 72.04 -49.90
CA GLN I 246 -56.85 70.96 -49.26
C GLN I 246 -56.94 71.13 -47.75
N SER I 247 -55.92 71.75 -47.15
CA SER I 247 -55.92 72.05 -45.71
C SER I 247 -56.84 73.21 -45.35
N ALA I 248 -57.16 74.05 -46.35
CA ALA I 248 -58.07 75.19 -46.19
C ALA I 248 -59.35 74.94 -45.37
N PRO I 249 -60.15 73.90 -45.69
CA PRO I 249 -61.44 73.74 -45.01
C PRO I 249 -61.34 73.47 -43.50
N THR I 250 -60.19 73.01 -43.03
CA THR I 250 -59.99 72.86 -41.59
C THR I 250 -58.99 73.87 -41.04
N VAL I 251 -58.44 74.67 -41.95
CA VAL I 251 -57.62 75.82 -41.57
C VAL I 251 -56.45 75.37 -40.68
N LYS I 252 -55.62 74.50 -41.25
CA LYS I 252 -54.48 73.91 -40.54
C LYS I 252 -53.28 74.85 -40.52
N LYS I 253 -52.50 74.84 -39.44
CA LYS I 253 -51.21 75.51 -39.46
C LYS I 253 -50.27 74.72 -40.35
N LEU I 254 -49.55 75.42 -41.21
CA LEU I 254 -48.75 74.76 -42.23
C LEU I 254 -47.28 75.15 -42.17
N THR I 255 -46.41 74.18 -42.41
CA THR I 255 -44.99 74.45 -42.64
C THR I 255 -44.58 73.80 -43.95
N LEU I 256 -44.35 74.64 -44.96
CA LEU I 256 -44.05 74.15 -46.29
C LEU I 256 -42.62 74.50 -46.68
N GLU I 257 -41.77 73.47 -46.68
CA GLU I 257 -40.40 73.60 -47.14
C GLU I 257 -40.37 73.14 -48.60
N LEU I 258 -40.55 74.09 -49.50
CA LEU I 258 -40.69 73.77 -50.92
C LEU I 258 -39.39 74.01 -51.69
N GLY I 259 -39.51 74.22 -53.00
CA GLY I 259 -38.34 74.31 -53.88
C GLY I 259 -37.77 75.70 -54.06
N GLY I 260 -36.47 75.74 -54.33
CA GLY I 260 -35.75 76.99 -54.54
C GLY I 260 -35.17 77.11 -55.93
N ASN I 261 -34.15 77.95 -56.06
CA ASN I 261 -33.49 78.24 -57.34
C ASN I 261 -32.13 78.85 -57.03
N ALA I 262 -31.39 78.17 -56.16
CA ALA I 262 -30.22 78.74 -55.49
C ALA I 262 -29.15 79.33 -56.43
N PRO I 263 -28.88 80.64 -56.29
CA PRO I 263 -27.77 81.23 -57.01
C PRO I 263 -26.48 81.07 -56.21
N PHE I 264 -25.37 80.89 -56.93
CA PHE I 264 -24.06 80.84 -56.32
C PHE I 264 -23.29 81.95 -56.98
N ILE I 265 -22.90 82.96 -56.21
CA ILE I 265 -22.34 84.19 -56.77
C ILE I 265 -20.83 84.34 -56.54
N VAL I 266 -20.09 84.41 -57.64
CA VAL I 266 -18.65 84.61 -57.59
C VAL I 266 -18.32 85.99 -58.12
N PHE I 267 -17.96 86.88 -57.20
CA PHE I 267 -17.63 88.27 -57.52
C PHE I 267 -16.15 88.46 -57.88
N ASP I 268 -15.91 89.51 -58.68
CA ASP I 268 -14.64 90.21 -58.79
C ASP I 268 -13.54 89.71 -57.85
N ASP I 269 -13.71 90.00 -56.55
CA ASP I 269 -12.63 89.85 -55.58
C ASP I 269 -12.69 88.57 -54.72
N ALA I 270 -13.59 87.66 -55.08
CA ALA I 270 -13.72 86.39 -54.38
C ALA I 270 -12.40 85.62 -54.38
N ASP I 271 -12.18 84.81 -53.35
CA ASP I 271 -11.09 83.84 -53.35
C ASP I 271 -11.55 82.69 -54.23
N LEU I 272 -10.92 82.54 -55.40
CA LEU I 272 -11.37 81.61 -56.44
C LEU I 272 -11.34 80.13 -56.03
N ASP I 273 -10.26 79.74 -55.35
CA ASP I 273 -10.12 78.37 -54.85
C ASP I 273 -11.16 78.01 -53.79
N ALA I 274 -11.32 78.90 -52.80
CA ALA I 274 -12.36 78.76 -51.78
C ALA I 274 -13.76 78.73 -52.41
N ALA I 275 -13.94 79.50 -53.48
CA ALA I 275 -15.20 79.52 -54.24
C ALA I 275 -15.43 78.19 -54.95
N VAL I 276 -14.34 77.61 -55.47
CA VAL I 276 -14.35 76.27 -56.07
C VAL I 276 -14.68 75.20 -55.01
N GLU I 277 -13.94 75.21 -53.90
CA GLU I 277 -14.15 74.23 -52.81
C GLU I 277 -15.59 74.28 -52.30
N GLY I 278 -16.20 75.48 -52.34
CA GLY I 278 -17.61 75.65 -52.01
C GLY I 278 -18.53 75.25 -53.15
N ALA I 279 -18.09 75.51 -54.38
CA ALA I 279 -18.82 75.17 -55.61
C ALA I 279 -19.13 73.67 -55.66
N ILE I 280 -18.11 72.85 -55.42
CA ILE I 280 -18.28 71.40 -55.36
C ILE I 280 -19.33 71.01 -54.32
N ALA I 281 -19.11 71.44 -53.07
CA ALA I 281 -19.98 71.07 -51.94
C ALA I 281 -21.45 71.48 -52.13
N SER I 282 -21.67 72.68 -52.66
CA SER I 282 -23.04 73.17 -52.93
C SER I 282 -23.70 72.41 -54.06
N LYS I 283 -22.92 72.09 -55.08
CA LYS I 283 -23.49 71.56 -56.32
C LYS I 283 -23.57 70.03 -56.37
N TYR I 284 -22.58 69.34 -55.78
CA TYR I 284 -22.46 67.88 -55.95
C TYR I 284 -22.71 66.99 -54.71
N ARG I 285 -23.19 67.58 -53.61
CA ARG I 285 -23.68 66.80 -52.46
C ARG I 285 -24.91 66.03 -52.90
N ASN I 286 -25.04 64.78 -52.45
CA ASN I 286 -26.20 63.95 -52.77
C ASN I 286 -26.56 63.95 -54.28
N ASN I 287 -25.55 64.21 -55.12
CA ASN I 287 -25.69 64.30 -56.58
C ASN I 287 -26.67 65.39 -57.03
N GLY I 288 -26.48 66.61 -56.50
CA GLY I 288 -27.29 67.78 -56.83
C GLY I 288 -28.76 67.66 -56.49
N GLN I 289 -29.09 66.72 -55.62
CA GLN I 289 -30.49 66.39 -55.33
C GLN I 289 -31.02 66.93 -54.00
N THR I 290 -30.32 67.92 -53.42
CA THR I 290 -30.75 68.57 -52.18
C THR I 290 -31.54 69.85 -52.47
N CYS I 291 -32.53 70.14 -51.62
CA CYS I 291 -33.37 71.36 -51.68
C CYS I 291 -32.58 72.64 -51.97
N VAL I 292 -31.44 72.78 -51.30
CA VAL I 292 -30.61 73.99 -51.30
C VAL I 292 -29.47 73.98 -52.33
N CYS I 293 -29.49 72.99 -53.23
CA CYS I 293 -28.45 72.86 -54.25
C CYS I 293 -28.46 74.00 -55.27
N THR I 294 -27.27 74.56 -55.49
CA THR I 294 -27.09 75.63 -56.46
C THR I 294 -27.71 75.23 -57.78
N ASN I 295 -28.62 76.05 -58.28
CA ASN I 295 -29.29 75.81 -59.55
C ASN I 295 -28.78 76.77 -60.64
N ARG I 296 -28.04 77.79 -60.21
CA ARG I 296 -27.51 78.80 -61.12
C ARG I 296 -26.19 79.36 -60.59
N PHE I 297 -25.08 78.99 -61.22
CA PHE I 297 -23.81 79.64 -60.91
C PHE I 297 -23.78 80.97 -61.63
N PHE I 298 -23.70 82.07 -60.88
CA PHE I 298 -23.51 83.40 -61.44
C PHE I 298 -22.08 83.88 -61.17
N VAL I 299 -21.27 83.91 -62.23
CA VAL I 299 -19.86 84.29 -62.10
C VAL I 299 -19.59 85.65 -62.76
N HIS I 300 -18.60 86.37 -62.24
CA HIS I 300 -18.26 87.71 -62.75
C HIS I 300 -17.35 87.66 -63.99
N GLU I 301 -17.65 88.52 -64.96
CA GLU I 301 -16.93 88.59 -66.24
C GLU I 301 -15.41 88.63 -66.11
N ARG I 302 -14.91 89.44 -65.16
CA ARG I 302 -13.47 89.60 -64.96
C ARG I 302 -12.74 88.37 -64.41
N VAL I 303 -13.50 87.37 -63.95
CA VAL I 303 -12.91 86.11 -63.43
C VAL I 303 -13.61 84.84 -63.93
N TYR I 304 -14.55 85.00 -64.85
CA TYR I 304 -15.33 83.88 -65.44
C TYR I 304 -14.48 82.68 -65.87
N ASP I 305 -13.48 82.94 -66.72
CA ASP I 305 -12.63 81.91 -67.31
C ASP I 305 -11.89 81.06 -66.25
N ALA I 306 -10.90 81.69 -65.61
CA ALA I 306 -10.06 81.02 -64.59
C ALA I 306 -10.87 80.30 -63.50
N PHE I 307 -12.09 80.77 -63.25
CA PHE I 307 -13.00 80.10 -62.33
C PHE I 307 -13.51 78.81 -62.97
N ALA I 308 -14.06 78.93 -64.18
CA ALA I 308 -14.54 77.78 -64.95
C ALA I 308 -13.45 76.71 -65.04
N ASP I 309 -12.25 77.14 -65.45
CA ASP I 309 -11.10 76.24 -65.65
C ASP I 309 -10.68 75.51 -64.37
N LYS I 310 -10.79 76.19 -63.23
CA LYS I 310 -10.51 75.56 -61.94
C LYS I 310 -11.64 74.61 -61.54
N LEU I 311 -12.87 75.03 -61.79
CA LEU I 311 -14.03 74.23 -61.43
C LEU I 311 -13.94 72.86 -62.07
N ALA I 312 -13.87 72.83 -63.40
CA ALA I 312 -13.78 71.59 -64.16
C ALA I 312 -12.69 70.65 -63.65
N ALA I 313 -11.56 71.22 -63.21
CA ALA I 313 -10.42 70.44 -62.69
C ALA I 313 -10.78 69.68 -61.41
N ALA I 314 -11.41 70.36 -60.45
CA ALA I 314 -11.85 69.73 -59.21
C ALA I 314 -12.96 68.71 -59.47
N VAL I 315 -13.76 68.98 -60.50
CA VAL I 315 -14.85 68.12 -60.95
C VAL I 315 -14.35 66.77 -61.48
N SER I 316 -13.29 66.83 -62.28
CA SER I 316 -12.66 65.63 -62.81
C SER I 316 -11.80 64.91 -61.76
N LYS I 317 -11.59 65.56 -60.61
CA LYS I 317 -10.87 64.92 -59.48
C LYS I 317 -11.79 63.99 -58.67
N LEU I 318 -13.09 64.28 -58.70
CA LEU I 318 -14.08 63.45 -57.99
C LEU I 318 -14.25 62.12 -58.73
N LYS I 319 -14.75 61.10 -58.03
CA LYS I 319 -14.90 59.76 -58.59
C LYS I 319 -16.31 59.18 -58.47
N VAL I 320 -17.00 59.10 -59.60
CA VAL I 320 -18.33 58.48 -59.68
C VAL I 320 -18.24 56.97 -59.36
N GLY I 321 -19.31 56.44 -58.76
CA GLY I 321 -19.35 55.02 -58.34
C GLY I 321 -20.39 54.75 -57.27
N ARG I 322 -20.77 53.48 -57.12
CA ARG I 322 -21.78 53.05 -56.15
C ARG I 322 -21.46 53.53 -54.73
N GLY I 323 -22.51 53.77 -53.94
CA GLY I 323 -22.35 54.21 -52.55
C GLY I 323 -21.38 53.36 -51.73
N THR I 324 -21.60 52.05 -51.72
CA THR I 324 -20.84 51.09 -50.91
C THR I 324 -19.40 50.81 -51.37
N GLU I 325 -18.93 51.55 -52.38
CA GLU I 325 -17.54 51.44 -52.83
C GLU I 325 -16.66 52.45 -52.06
N SER I 326 -15.34 52.25 -52.14
CA SER I 326 -14.36 53.15 -51.53
C SER I 326 -13.69 54.07 -52.55
N GLY I 327 -13.70 55.38 -52.25
CA GLY I 327 -13.24 56.39 -53.20
C GLY I 327 -14.39 57.00 -54.00
N ALA I 328 -15.56 56.37 -53.95
CA ALA I 328 -16.77 56.91 -54.56
C ALA I 328 -17.24 58.17 -53.82
N THR I 329 -16.98 59.32 -54.45
CA THR I 329 -17.31 60.63 -53.90
C THR I 329 -18.55 61.23 -54.56
N LEU I 330 -19.21 60.43 -55.39
CA LEU I 330 -20.38 60.86 -56.15
C LEU I 330 -21.19 59.63 -56.52
N GLY I 331 -22.51 59.74 -56.41
CA GLY I 331 -23.39 58.58 -56.58
C GLY I 331 -24.29 58.60 -57.80
N PRO I 332 -25.32 57.73 -57.81
CA PRO I 332 -26.31 57.63 -58.89
C PRO I 332 -27.53 58.51 -58.64
N LEU I 333 -28.23 58.91 -59.71
CA LEU I 333 -29.51 59.59 -59.57
C LEU I 333 -30.58 58.66 -59.05
N ILE I 334 -31.63 59.23 -58.48
CA ILE I 334 -32.62 58.47 -57.73
C ILE I 334 -33.53 57.62 -58.62
N ASN I 335 -34.13 58.21 -59.64
CA ASN I 335 -34.97 57.45 -60.57
C ASN I 335 -34.66 57.80 -62.03
N GLU I 336 -35.49 57.32 -62.96
CA GLU I 336 -35.25 57.55 -64.39
C GLU I 336 -35.95 58.83 -64.88
N ALA I 337 -37.04 59.21 -64.20
CA ALA I 337 -37.74 60.47 -64.50
C ALA I 337 -36.86 61.67 -64.16
N ALA I 338 -36.09 61.55 -63.08
CA ALA I 338 -35.13 62.57 -62.69
C ALA I 338 -33.95 62.62 -63.66
N VAL I 339 -33.73 61.50 -64.35
CA VAL I 339 -32.69 61.42 -65.37
C VAL I 339 -33.13 62.20 -66.60
N LYS I 340 -34.40 62.00 -67.00
CA LYS I 340 -34.98 62.71 -68.13
C LYS I 340 -34.78 64.22 -67.93
N LYS I 341 -35.08 64.68 -66.71
CA LYS I 341 -34.89 66.07 -66.31
C LYS I 341 -33.49 66.56 -66.68
N VAL I 342 -32.48 65.96 -66.06
CA VAL I 342 -31.08 66.36 -66.27
C VAL I 342 -30.75 66.40 -67.76
N GLU I 343 -31.23 65.39 -68.49
CA GLU I 343 -31.11 65.32 -69.96
C GLU I 343 -31.73 66.55 -70.63
N SER I 344 -33.02 66.75 -70.35
CA SER I 344 -33.82 67.74 -71.07
C SER I 344 -33.43 69.18 -70.69
N HIS I 345 -32.65 69.32 -69.63
CA HIS I 345 -32.06 70.60 -69.26
C HIS I 345 -30.78 70.87 -70.06
N ILE I 346 -29.91 69.86 -70.16
CA ILE I 346 -28.68 69.96 -70.98
C ILE I 346 -29.01 70.06 -72.49
N ALA I 347 -30.14 69.46 -72.88
CA ALA I 347 -30.62 69.55 -74.26
C ALA I 347 -31.12 70.98 -74.55
N ASP I 348 -31.96 71.49 -73.64
CA ASP I 348 -32.47 72.87 -73.66
C ASP I 348 -31.35 73.91 -73.69
N ALA I 349 -30.21 73.57 -73.11
CA ALA I 349 -29.09 74.50 -72.94
C ALA I 349 -28.23 74.59 -74.19
N LEU I 350 -27.70 73.43 -74.61
CA LEU I 350 -26.98 73.29 -75.88
C LEU I 350 -27.81 73.75 -77.08
N ALA I 351 -29.14 73.58 -76.98
CA ALA I 351 -30.08 74.10 -77.98
C ALA I 351 -29.93 75.62 -78.16
N LYS I 352 -29.83 76.34 -77.04
CA LYS I 352 -29.81 77.80 -77.04
C LYS I 352 -28.40 78.43 -76.95
N GLY I 353 -27.37 77.66 -77.31
CA GLY I 353 -26.02 78.19 -77.45
C GLY I 353 -25.03 77.92 -76.34
N ALA I 354 -25.45 77.12 -75.35
CA ALA I 354 -24.56 76.75 -74.24
C ALA I 354 -23.64 75.62 -74.67
N SER I 355 -22.40 75.63 -74.16
CA SER I 355 -21.38 74.65 -74.54
C SER I 355 -20.87 73.83 -73.36
N LEU I 356 -20.67 72.53 -73.59
CA LEU I 356 -20.14 71.64 -72.55
C LEU I 356 -18.66 71.93 -72.28
N MET I 357 -18.21 71.56 -71.08
CA MET I 357 -16.83 71.82 -70.65
C MET I 357 -16.18 70.56 -70.08
N THR I 358 -16.95 69.83 -69.26
CA THR I 358 -16.54 68.55 -68.67
C THR I 358 -17.81 67.78 -68.28
N GLY I 359 -17.79 66.46 -68.50
CA GLY I 359 -19.01 65.67 -68.41
C GLY I 359 -19.89 65.91 -69.63
N GLY I 360 -21.19 65.64 -69.51
CA GLY I 360 -22.14 65.90 -70.59
C GLY I 360 -22.94 64.69 -71.08
N LYS I 361 -22.55 63.49 -70.68
CA LYS I 361 -23.24 62.25 -71.10
C LYS I 361 -23.86 61.48 -69.93
N ARG I 362 -24.46 60.33 -70.22
CA ARG I 362 -24.90 59.39 -69.20
C ARG I 362 -23.77 58.39 -68.94
N HIS I 363 -23.38 58.25 -67.67
CA HIS I 363 -22.16 57.51 -67.27
C HIS I 363 -22.14 56.05 -67.75
N ALA I 364 -20.92 55.56 -68.02
CA ALA I 364 -20.70 54.21 -68.58
C ALA I 364 -21.26 53.05 -67.74
N LEU I 365 -21.32 53.23 -66.42
CA LEU I 365 -21.94 52.26 -65.50
C LEU I 365 -23.48 52.28 -65.57
N GLY I 366 -24.04 53.24 -66.30
CA GLY I 366 -25.48 53.26 -66.63
C GLY I 366 -26.43 53.42 -65.46
N HIS I 367 -27.57 52.72 -65.56
CA HIS I 367 -28.71 52.82 -64.61
C HIS I 367 -29.19 54.26 -64.39
N GLY I 368 -28.80 54.80 -63.24
CA GLY I 368 -29.10 56.19 -62.88
C GLY I 368 -27.83 56.97 -62.66
N PHE I 369 -26.69 56.39 -63.02
CA PHE I 369 -25.42 57.08 -62.93
C PHE I 369 -25.30 58.11 -64.03
N PHE I 370 -25.07 59.35 -63.61
CA PHE I 370 -24.93 60.47 -64.53
C PHE I 370 -23.56 61.13 -64.33
N GLU I 371 -23.11 61.85 -65.35
CA GLU I 371 -21.76 62.40 -65.35
C GLU I 371 -21.75 63.81 -64.75
N PRO I 372 -20.73 64.14 -63.95
CA PRO I 372 -20.59 65.48 -63.39
C PRO I 372 -20.43 66.54 -64.50
N THR I 373 -21.47 67.36 -64.67
CA THR I 373 -21.62 68.26 -65.83
C THR I 373 -21.40 69.73 -65.48
N VAL I 374 -20.64 70.43 -66.33
CA VAL I 374 -20.28 71.84 -66.12
C VAL I 374 -20.41 72.60 -67.46
N LEU I 375 -21.38 73.51 -67.55
CA LEU I 375 -21.61 74.25 -68.78
C LEU I 375 -20.95 75.63 -68.80
N THR I 376 -20.81 76.22 -69.99
CA THR I 376 -20.37 77.62 -70.15
C THR I 376 -21.29 78.40 -71.10
N GLY I 377 -21.28 79.73 -70.97
CA GLY I 377 -22.08 80.62 -71.81
C GLY I 377 -23.58 80.45 -71.61
N VAL I 378 -24.00 80.46 -70.34
CA VAL I 378 -25.42 80.26 -70.03
C VAL I 378 -26.16 81.60 -69.85
N LYS I 379 -27.22 81.75 -70.65
CA LYS I 379 -28.05 82.94 -70.69
C LYS I 379 -29.43 82.66 -70.08
N PRO I 380 -30.17 83.72 -69.67
CA PRO I 380 -31.42 83.55 -68.91
C PRO I 380 -32.63 83.05 -69.71
N ASP I 381 -32.47 82.85 -71.01
CA ASP I 381 -33.53 82.26 -71.84
C ASP I 381 -33.68 80.75 -71.58
N MET I 382 -32.56 80.11 -71.23
CA MET I 382 -32.48 78.66 -70.97
C MET I 382 -33.31 78.23 -69.76
N ASP I 383 -34.06 77.15 -69.92
CA ASP I 383 -35.13 76.79 -68.99
C ASP I 383 -34.69 76.48 -67.56
N VAL I 384 -33.42 76.07 -67.40
CA VAL I 384 -32.85 75.84 -66.07
C VAL I 384 -32.91 77.11 -65.21
N ALA I 385 -32.81 78.27 -65.86
CA ALA I 385 -32.88 79.56 -65.17
C ALA I 385 -34.30 79.89 -64.71
N LYS I 386 -35.19 78.90 -64.77
CA LYS I 386 -36.53 79.03 -64.21
C LYS I 386 -37.04 77.73 -63.58
N GLU I 387 -36.19 76.70 -63.55
CA GLU I 387 -36.62 75.38 -63.07
C GLU I 387 -35.54 74.55 -62.35
N GLU I 388 -35.98 73.77 -61.37
CA GLU I 388 -35.12 72.91 -60.54
C GLU I 388 -34.52 71.73 -61.31
N THR I 389 -33.19 71.67 -61.34
CA THR I 389 -32.48 70.56 -61.96
C THR I 389 -32.61 69.27 -61.15
N PHE I 390 -32.11 69.29 -59.92
CA PHE I 390 -31.97 68.08 -59.09
C PHE I 390 -30.97 67.09 -59.70
N GLY I 391 -29.87 67.62 -60.23
CA GLY I 391 -28.81 66.82 -60.85
C GLY I 391 -27.43 67.45 -60.68
N PRO I 392 -26.39 66.79 -61.24
CA PRO I 392 -25.00 67.26 -61.09
C PRO I 392 -24.62 68.24 -62.19
N LEU I 393 -25.58 69.11 -62.54
CA LEU I 393 -25.42 70.11 -63.58
C LEU I 393 -25.05 71.47 -62.99
N ALA I 394 -23.87 71.96 -63.33
CA ALA I 394 -23.37 73.24 -62.82
C ALA I 394 -23.32 74.36 -63.87
N PRO I 395 -24.49 74.98 -64.21
CA PRO I 395 -24.47 75.97 -65.29
C PRO I 395 -23.94 77.33 -64.85
N LEU I 396 -22.82 77.76 -65.45
CA LEU I 396 -22.28 79.12 -65.22
C LEU I 396 -23.00 80.18 -66.04
N PHE I 397 -23.50 81.22 -65.35
CA PHE I 397 -24.09 82.42 -65.96
C PHE I 397 -23.07 83.56 -65.88
N ARG I 398 -23.33 84.64 -66.62
CA ARG I 398 -22.42 85.80 -66.67
C ARG I 398 -23.08 87.11 -66.25
N PHE I 399 -22.48 87.78 -65.27
CA PHE I 399 -22.97 89.09 -64.84
C PHE I 399 -21.86 90.14 -64.86
N ALA I 400 -22.25 91.38 -65.11
CA ALA I 400 -21.32 92.51 -65.12
C ALA I 400 -21.36 93.33 -63.82
N SER I 401 -22.48 93.98 -63.56
CA SER I 401 -22.62 94.89 -62.42
C SER I 401 -23.30 94.24 -61.21
N GLU I 402 -22.95 94.75 -60.02
CA GLU I 402 -23.60 94.35 -58.77
C GLU I 402 -25.12 94.54 -58.85
N GLU I 403 -25.53 95.70 -59.36
CA GLU I 403 -26.94 96.05 -59.51
C GLU I 403 -27.66 95.03 -60.41
N GLU I 404 -26.97 94.58 -61.46
CA GLU I 404 -27.52 93.61 -62.41
C GLU I 404 -27.80 92.27 -61.76
N LEU I 405 -26.81 91.76 -61.02
CA LEU I 405 -26.92 90.47 -60.33
C LEU I 405 -28.16 90.37 -59.44
N VAL I 406 -28.40 91.40 -58.64
CA VAL I 406 -29.51 91.38 -57.67
C VAL I 406 -30.83 91.12 -58.38
N ARG I 407 -31.06 91.90 -59.44
CA ARG I 407 -32.23 91.81 -60.29
C ARG I 407 -32.36 90.40 -60.88
N LEU I 408 -31.22 89.82 -61.28
CA LEU I 408 -31.14 88.46 -61.81
C LEU I 408 -31.49 87.38 -60.76
N ALA I 409 -30.79 87.42 -59.62
CA ALA I 409 -30.99 86.44 -58.55
C ALA I 409 -32.41 86.46 -57.99
N ASN I 410 -33.02 87.64 -57.95
CA ASN I 410 -34.38 87.78 -57.43
C ASN I 410 -35.45 87.70 -58.52
N ASP I 411 -35.04 87.29 -59.72
CA ASP I 411 -35.93 87.22 -60.89
C ASP I 411 -36.90 86.05 -60.79
N THR I 412 -36.41 84.93 -60.27
CA THR I 412 -37.20 83.72 -60.07
C THR I 412 -38.26 83.87 -58.99
N GLU I 413 -39.33 83.07 -59.10
CA GLU I 413 -40.45 83.09 -58.17
C GLU I 413 -40.17 82.43 -56.81
N PHE I 414 -38.97 81.83 -56.66
CA PHE I 414 -38.57 81.16 -55.42
C PHE I 414 -37.54 81.97 -54.63
N GLY I 415 -37.23 81.49 -53.43
CA GLY I 415 -36.21 82.10 -52.58
C GLY I 415 -35.94 81.26 -51.35
N LEU I 416 -35.09 80.25 -51.50
CA LEU I 416 -34.79 79.32 -50.41
C LEU I 416 -33.37 79.52 -49.93
N ALA I 417 -32.41 79.13 -50.77
CA ALA I 417 -31.00 79.29 -50.43
C ALA I 417 -30.27 80.07 -51.50
N ALA I 418 -29.27 80.82 -51.09
CA ALA I 418 -28.42 81.59 -51.99
C ALA I 418 -27.01 81.61 -51.45
N TYR I 419 -26.04 81.59 -52.34
CA TYR I 419 -24.66 81.56 -51.93
C TYR I 419 -23.94 82.73 -52.60
N LEU I 420 -22.85 83.18 -51.98
CA LEU I 420 -22.20 84.43 -52.34
C LEU I 420 -20.75 84.41 -51.88
N TYR I 421 -19.84 84.67 -52.81
CA TYR I 421 -18.41 84.73 -52.52
C TYR I 421 -17.85 86.09 -52.87
N SER I 422 -17.06 86.65 -51.95
CA SER I 422 -16.45 87.97 -52.11
C SER I 422 -15.61 88.29 -50.88
N ARG I 423 -14.84 89.36 -50.97
CA ARG I 423 -13.92 89.74 -49.91
C ARG I 423 -14.28 91.09 -49.28
N ASP I 424 -14.97 91.94 -50.06
CA ASP I 424 -15.36 93.28 -49.62
C ASP I 424 -16.53 93.22 -48.66
N ILE I 425 -16.25 93.52 -47.39
CA ILE I 425 -17.24 93.52 -46.29
C ILE I 425 -18.53 94.29 -46.66
N GLY I 426 -18.37 95.48 -47.25
CA GLY I 426 -19.49 96.31 -47.67
C GLY I 426 -20.34 95.69 -48.76
N ARG I 427 -19.70 95.08 -49.77
CA ARG I 427 -20.43 94.47 -50.87
C ARG I 427 -21.18 93.21 -50.43
N VAL I 428 -20.64 92.51 -49.44
CA VAL I 428 -21.30 91.33 -48.90
C VAL I 428 -22.64 91.70 -48.27
N TRP I 429 -22.64 92.67 -47.36
CA TRP I 429 -23.86 93.09 -46.65
C TRP I 429 -24.92 93.66 -47.58
N ARG I 430 -24.51 94.42 -48.59
CA ARG I 430 -25.46 94.98 -49.55
C ARG I 430 -26.22 93.90 -50.30
N VAL I 431 -25.48 92.92 -50.81
CA VAL I 431 -26.05 91.82 -51.60
C VAL I 431 -26.92 90.93 -50.71
N ALA I 432 -26.40 90.57 -49.55
CA ALA I 432 -27.11 89.69 -48.61
C ALA I 432 -28.50 90.23 -48.25
N GLU I 433 -28.58 91.52 -47.93
CA GLU I 433 -29.86 92.14 -47.59
C GLU I 433 -30.85 92.13 -48.76
N ALA I 434 -30.34 92.42 -49.95
CA ALA I 434 -31.17 92.58 -51.15
C ALA I 434 -31.66 91.26 -51.74
N LEU I 435 -30.99 90.16 -51.39
CA LEU I 435 -31.36 88.84 -51.90
C LEU I 435 -32.63 88.33 -51.23
N GLU I 436 -33.68 88.13 -52.02
CA GLU I 436 -34.97 87.68 -51.49
C GLU I 436 -34.97 86.15 -51.24
N TYR I 437 -34.13 85.74 -50.29
CA TYR I 437 -33.93 84.34 -49.95
C TYR I 437 -33.92 84.15 -48.42
N GLY I 438 -34.52 83.04 -47.97
CA GLY I 438 -34.61 82.74 -46.54
C GLY I 438 -33.28 82.36 -45.89
N MET I 439 -32.35 81.87 -46.70
CA MET I 439 -31.02 81.47 -46.22
C MET I 439 -29.97 81.85 -47.27
N VAL I 440 -28.90 82.50 -46.82
CA VAL I 440 -27.78 82.85 -47.69
C VAL I 440 -26.45 82.39 -47.05
N GLY I 441 -25.62 81.72 -47.84
CA GLY I 441 -24.26 81.35 -47.41
C GLY I 441 -23.28 82.39 -47.91
N ILE I 442 -22.30 82.73 -47.07
CA ILE I 442 -21.27 83.71 -47.43
C ILE I 442 -19.89 83.06 -47.35
N ASN I 443 -19.27 82.86 -48.52
CA ASN I 443 -17.98 82.20 -48.62
C ASN I 443 -17.96 80.76 -48.10
N THR I 444 -19.09 80.07 -48.28
CA THR I 444 -19.24 78.63 -48.00
C THR I 444 -20.40 78.06 -48.84
N GLY I 445 -20.32 76.75 -49.12
CA GLY I 445 -21.40 76.03 -49.79
C GLY I 445 -22.21 75.18 -48.84
N LEU I 446 -21.65 74.90 -47.66
CA LEU I 446 -22.38 74.15 -46.62
C LEU I 446 -22.92 75.12 -45.58
N ILE I 447 -24.25 75.17 -45.45
CA ILE I 447 -24.91 76.09 -44.53
C ILE I 447 -25.82 75.41 -43.48
N SER I 448 -26.31 74.21 -43.79
CA SER I 448 -27.33 73.57 -42.97
C SER I 448 -26.80 72.91 -41.69
N ASN I 449 -27.42 73.26 -40.56
CA ASN I 449 -27.15 72.63 -39.28
C ASN I 449 -28.41 72.67 -38.41
N GLU I 450 -28.34 72.06 -37.23
CA GLU I 450 -29.52 71.99 -36.35
C GLU I 450 -29.88 73.32 -35.67
N VAL I 451 -28.88 74.17 -35.46
CA VAL I 451 -29.08 75.40 -34.69
C VAL I 451 -29.54 76.57 -35.58
N ALA I 452 -29.46 76.40 -36.89
CA ALA I 452 -29.85 77.44 -37.84
C ALA I 452 -31.34 77.36 -38.21
N PRO I 453 -32.00 78.52 -38.31
CA PRO I 453 -33.38 78.57 -38.80
C PRO I 453 -33.46 78.24 -40.29
N PHE I 454 -34.03 77.08 -40.60
CA PHE I 454 -34.09 76.59 -41.98
C PHE I 454 -35.47 76.77 -42.60
N GLY I 455 -35.50 77.49 -43.72
CA GLY I 455 -36.72 77.70 -44.46
C GLY I 455 -36.51 78.75 -45.54
N GLY I 456 -37.59 79.06 -46.25
CA GLY I 456 -37.52 79.98 -47.38
C GLY I 456 -38.63 81.02 -47.37
N VAL I 457 -38.63 81.85 -48.41
CA VAL I 457 -39.55 82.97 -48.58
C VAL I 457 -40.23 82.82 -49.93
N LYS I 458 -41.15 83.73 -50.25
CA LYS I 458 -41.81 83.72 -51.54
C LYS I 458 -42.41 82.34 -51.79
N GLN I 459 -42.06 81.72 -52.92
CA GLN I 459 -42.63 80.42 -53.29
C GLN I 459 -41.84 79.20 -52.76
N SER I 460 -40.74 79.45 -52.07
CA SER I 460 -40.03 78.41 -51.35
C SER I 460 -40.77 77.95 -50.07
N GLY I 461 -41.80 78.69 -49.68
CA GLY I 461 -42.70 78.24 -48.62
C GLY I 461 -42.86 79.14 -47.41
N LEU I 462 -43.22 78.53 -46.29
CA LEU I 462 -43.41 79.30 -45.05
C LEU I 462 -43.18 78.47 -43.79
N GLY I 463 -42.76 79.17 -42.73
CA GLY I 463 -42.39 78.53 -41.46
C GLY I 463 -40.91 78.24 -41.41
N ARG I 464 -40.44 77.80 -40.24
CA ARG I 464 -39.05 77.40 -40.10
C ARG I 464 -38.90 76.04 -39.41
N GLU I 465 -37.88 75.31 -39.82
CA GLU I 465 -37.51 74.03 -39.21
C GLU I 465 -36.07 74.14 -38.71
N GLY I 466 -35.83 73.69 -37.48
CA GLY I 466 -34.51 73.86 -36.86
C GLY I 466 -34.42 75.15 -36.05
N SER I 467 -33.31 75.32 -35.34
CA SER I 467 -33.12 76.41 -34.37
C SER I 467 -34.20 76.40 -33.28
N HIS I 468 -34.37 77.53 -32.59
CA HIS I 468 -35.43 77.65 -31.60
C HIS I 468 -36.79 77.99 -32.21
N TYR I 469 -36.78 78.56 -33.42
CA TYR I 469 -38.00 78.90 -34.17
C TYR I 469 -38.75 77.63 -34.60
N GLY I 470 -38.02 76.52 -34.69
CA GLY I 470 -38.55 75.26 -35.20
C GLY I 470 -39.70 74.71 -34.39
N ILE I 471 -39.56 74.79 -33.06
CA ILE I 471 -40.58 74.28 -32.16
C ILE I 471 -41.82 75.18 -32.10
N ASP I 472 -41.65 76.47 -32.40
CA ASP I 472 -42.73 77.46 -32.27
C ASP I 472 -43.94 77.10 -33.11
N ASP I 473 -43.70 76.50 -34.28
CA ASP I 473 -44.76 76.15 -35.19
C ASP I 473 -45.67 75.04 -34.63
N TYR I 474 -45.13 74.25 -33.69
CA TYR I 474 -45.83 73.09 -33.14
C TYR I 474 -46.60 73.36 -31.85
N VAL I 475 -46.40 74.55 -31.29
CA VAL I 475 -47.16 75.00 -30.11
C VAL I 475 -48.16 76.10 -30.42
N VAL I 476 -49.03 76.37 -29.45
CA VAL I 476 -50.10 77.32 -29.61
C VAL I 476 -50.05 78.29 -28.40
N ILE I 477 -50.26 79.58 -28.65
CA ILE I 477 -50.12 80.56 -27.56
C ILE I 477 -51.46 80.86 -26.87
N LYS I 478 -51.44 80.91 -25.54
CA LYS I 478 -52.65 81.16 -24.77
C LYS I 478 -52.48 82.39 -23.88
N TYR I 479 -53.40 83.33 -24.03
CA TYR I 479 -53.38 84.55 -23.25
C TYR I 479 -54.32 84.41 -22.06
N LEU I 480 -53.76 84.56 -20.87
CA LEU I 480 -54.56 84.56 -19.66
C LEU I 480 -54.59 85.97 -19.09
N CYS I 481 -55.79 86.52 -18.98
CA CYS I 481 -55.97 87.82 -18.35
C CYS I 481 -56.56 87.66 -16.95
N VAL I 482 -55.70 87.78 -15.95
CA VAL I 482 -56.09 87.54 -14.57
C VAL I 482 -56.44 88.83 -13.84
N ALA I 483 -57.68 88.92 -13.37
CA ALA I 483 -58.12 90.02 -12.53
C ALA I 483 -57.45 89.88 -11.18
N VAL I 484 -57.01 91.00 -10.61
CA VAL I 484 -56.33 90.95 -9.33
C VAL I 484 -56.99 91.85 -8.28
N GLY J 3 -13.20 52.23 0.36
CA GLY J 3 -13.42 51.47 1.63
C GLY J 3 -14.61 50.54 1.52
N SER J 4 -15.79 51.11 1.31
CA SER J 4 -17.00 50.33 1.01
C SER J 4 -17.60 50.76 -0.33
N MET J 5 -16.73 51.24 -1.22
CA MET J 5 -17.14 51.81 -2.50
C MET J 5 -16.63 51.02 -3.70
N LYS J 6 -17.46 51.00 -4.74
CA LYS J 6 -17.15 50.28 -5.97
C LYS J 6 -15.95 50.87 -6.69
N ASP J 7 -15.71 52.17 -6.47
CA ASP J 7 -14.60 52.87 -7.09
C ASP J 7 -14.03 53.83 -6.05
N PRO J 8 -13.11 53.33 -5.18
CA PRO J 8 -12.60 54.15 -4.08
C PRO J 8 -11.55 55.18 -4.54
N SER J 9 -11.36 55.26 -5.86
CA SER J 9 -10.52 56.29 -6.47
C SER J 9 -11.22 57.65 -6.42
N LEU J 10 -12.53 57.63 -6.17
CA LEU J 10 -13.33 58.84 -6.06
C LEU J 10 -12.96 59.60 -4.81
N LEU J 11 -12.72 58.88 -3.71
CA LEU J 11 -12.29 59.49 -2.46
C LEU J 11 -10.84 59.95 -2.57
N ARG J 12 -10.66 61.26 -2.72
CA ARG J 12 -9.34 61.87 -2.91
C ARG J 12 -8.84 62.52 -1.63
N HIS J 13 -7.53 62.55 -1.49
CA HIS J 13 -6.89 63.19 -0.35
C HIS J 13 -5.91 64.28 -0.84
N GLN J 14 -6.05 64.66 -2.10
CA GLN J 14 -5.25 65.72 -2.71
C GLN J 14 -6.12 66.69 -3.50
N ALA J 15 -5.67 67.94 -3.61
CA ALA J 15 -6.34 68.97 -4.41
C ALA J 15 -6.18 68.73 -5.92
N TYR J 16 -6.85 69.54 -6.73
CA TYR J 16 -6.78 69.41 -8.18
C TYR J 16 -6.39 70.74 -8.79
N ILE J 17 -5.08 71.01 -8.79
CA ILE J 17 -4.56 72.30 -9.25
C ILE J 17 -4.25 72.28 -10.74
N GLY J 18 -5.01 73.04 -11.50
CA GLY J 18 -4.79 73.20 -12.94
C GLY J 18 -4.42 71.93 -13.69
N GLY J 19 -5.25 70.90 -13.54
CA GLY J 19 -5.07 69.66 -14.31
C GLY J 19 -4.49 68.49 -13.54
N GLU J 20 -3.66 68.78 -12.54
CA GLU J 20 -3.02 67.70 -11.76
C GLU J 20 -3.35 67.72 -10.27
N TRP J 21 -3.20 66.56 -9.64
CA TRP J 21 -3.53 66.38 -8.23
C TRP J 21 -2.32 66.63 -7.35
N GLN J 22 -1.99 67.90 -7.19
CA GLN J 22 -0.88 68.30 -6.32
C GLN J 22 -1.26 68.15 -4.85
N ALA J 23 -0.25 68.13 -3.98
CA ALA J 23 -0.46 68.27 -2.55
C ALA J 23 -0.06 69.70 -2.22
N ALA J 24 -0.26 70.12 -0.97
CA ALA J 24 0.12 71.46 -0.53
C ALA J 24 1.62 71.72 -0.69
N ASP J 25 2.00 72.95 -0.99
CA ASP J 25 3.42 73.32 -1.07
C ASP J 25 4.17 72.91 0.20
N SER J 26 3.73 73.40 1.36
CA SER J 26 4.36 73.06 2.63
C SER J 26 3.96 71.68 3.15
N ASP J 27 3.39 70.86 2.25
CA ASP J 27 2.89 69.52 2.58
C ASP J 27 1.86 69.49 3.70
N ALA J 28 1.42 70.67 4.12
CA ALA J 28 0.48 70.82 5.25
C ALA J 28 -0.92 70.24 4.96
N THR J 29 -1.59 69.78 6.02
CA THR J 29 -2.93 69.19 5.93
C THR J 29 -3.82 69.57 7.11
N PHE J 30 -5.12 69.36 6.99
CA PHE J 30 -6.04 69.40 8.13
C PHE J 30 -6.97 68.18 8.11
N GLU J 31 -7.44 67.79 9.29
CA GLU J 31 -8.27 66.60 9.42
C GLU J 31 -9.74 66.92 9.15
N VAL J 32 -10.46 65.93 8.60
CA VAL J 32 -11.89 66.03 8.35
C VAL J 32 -12.60 64.89 9.07
N PHE J 33 -13.50 65.24 10.00
CA PHE J 33 -14.25 64.24 10.76
C PHE J 33 -15.62 63.94 10.14
N ASP J 34 -16.38 63.08 10.82
CA ASP J 34 -17.72 62.68 10.41
C ASP J 34 -18.69 63.30 11.43
N PRO J 35 -19.73 64.01 10.94
CA PRO J 35 -20.64 64.74 11.84
C PRO J 35 -21.44 63.84 12.80
N ALA J 36 -21.65 62.59 12.40
CA ALA J 36 -22.49 61.64 13.14
C ALA J 36 -21.70 60.75 14.11
N THR J 37 -20.72 60.04 13.58
CA THR J 37 -19.90 59.12 14.37
C THR J 37 -18.78 59.86 15.10
N GLY J 38 -18.01 60.68 14.38
CA GLY J 38 -16.95 61.49 14.97
C GLY J 38 -15.56 61.06 14.55
N GLU J 39 -15.50 59.95 13.81
CA GLU J 39 -14.22 59.32 13.43
C GLU J 39 -13.62 59.94 12.18
N SER J 40 -12.31 60.19 12.23
CA SER J 40 -11.57 60.78 11.11
C SER J 40 -11.88 60.13 9.77
N LEU J 41 -12.21 60.94 8.78
CA LEU J 41 -12.48 60.46 7.43
C LEU J 41 -11.26 60.63 6.53
N GLY J 42 -10.13 61.02 7.13
CA GLY J 42 -8.88 61.20 6.39
C GLY J 42 -8.36 62.62 6.54
N THR J 43 -7.48 63.02 5.61
CA THR J 43 -6.91 64.37 5.60
C THR J 43 -6.87 64.92 4.19
N VAL J 44 -6.87 66.25 4.09
CA VAL J 44 -6.77 66.94 2.80
C VAL J 44 -5.73 68.06 2.92
N PRO J 45 -5.17 68.51 1.78
CA PRO J 45 -4.18 69.58 1.79
C PRO J 45 -4.68 70.87 2.42
N LYS J 46 -3.84 71.54 3.19
CA LYS J 46 -4.12 72.89 3.64
C LYS J 46 -3.26 73.85 2.83
N MET J 47 -3.86 74.42 1.80
CA MET J 47 -3.15 75.31 0.88
C MET J 47 -3.39 76.77 1.20
N GLY J 48 -2.68 77.63 0.48
CA GLY J 48 -2.71 79.07 0.69
C GLY J 48 -2.51 79.80 -0.61
N ALA J 49 -2.00 81.03 -0.50
CA ALA J 49 -1.89 81.97 -1.62
C ALA J 49 -1.21 81.42 -2.88
N ALA J 50 0.00 80.86 -2.70
CA ALA J 50 0.83 80.39 -3.83
C ALA J 50 0.16 79.34 -4.72
N GLU J 51 -0.63 78.47 -4.08
CA GLU J 51 -1.29 77.37 -4.78
C GLU J 51 -2.48 77.89 -5.60
N THR J 52 -3.21 78.83 -5.01
CA THR J 52 -4.35 79.40 -5.69
C THR J 52 -3.90 80.14 -6.94
N ALA J 53 -2.86 80.97 -6.80
CA ALA J 53 -2.24 81.65 -7.94
C ALA J 53 -1.90 80.68 -9.07
N ARG J 54 -1.48 79.47 -8.72
CA ARG J 54 -1.17 78.45 -9.71
C ARG J 54 -2.43 77.96 -10.43
N ALA J 55 -3.48 77.70 -9.66
CA ALA J 55 -4.78 77.31 -10.24
C ALA J 55 -5.25 78.38 -11.23
N ILE J 56 -5.03 79.65 -10.87
CA ILE J 56 -5.47 80.80 -11.65
C ILE J 56 -4.68 80.96 -12.96
N GLU J 57 -3.37 81.15 -12.86
CA GLU J 57 -2.52 81.24 -14.06
C GLU J 57 -2.85 80.11 -15.04
N ALA J 58 -3.03 78.90 -14.49
CA ALA J 58 -3.37 77.72 -15.29
C ALA J 58 -4.66 77.94 -16.09
N ALA J 59 -5.68 78.43 -15.39
CA ALA J 59 -6.98 78.71 -16.01
C ALA J 59 -6.86 79.76 -17.10
N GLN J 60 -6.02 80.76 -16.88
CA GLN J 60 -5.77 81.78 -17.90
C GLN J 60 -5.15 81.18 -19.17
N ALA J 61 -4.14 80.32 -18.98
CA ALA J 61 -3.43 79.71 -20.10
C ALA J 61 -4.26 78.63 -20.80
N ALA J 62 -5.26 78.09 -20.10
CA ALA J 62 -6.14 77.06 -20.68
C ALA J 62 -7.38 77.62 -21.39
N TRP J 63 -7.64 78.91 -21.19
CA TRP J 63 -8.84 79.57 -21.72
C TRP J 63 -8.91 79.55 -23.25
N ALA J 64 -7.93 80.17 -23.91
CA ALA J 64 -7.90 80.29 -25.37
C ALA J 64 -8.28 78.98 -26.09
N GLY J 65 -7.76 77.87 -25.59
CA GLY J 65 -8.03 76.57 -26.17
C GLY J 65 -9.42 76.07 -25.83
N TRP J 66 -9.90 76.41 -24.64
CA TRP J 66 -11.20 75.94 -24.17
C TRP J 66 -12.37 76.71 -24.82
N ARG J 67 -12.15 78.00 -25.07
CA ARG J 67 -13.18 78.86 -25.65
C ARG J 67 -13.26 78.69 -27.15
N MET J 68 -12.15 78.24 -27.75
CA MET J 68 -12.03 78.08 -29.20
C MET J 68 -12.81 76.85 -29.73
N LYS J 69 -13.13 75.92 -28.84
CA LYS J 69 -14.02 74.82 -29.20
C LYS J 69 -15.40 75.39 -29.52
N THR J 70 -16.19 74.64 -30.29
CA THR J 70 -17.61 74.95 -30.49
C THR J 70 -18.39 74.57 -29.23
N ALA J 71 -19.45 75.31 -28.93
CA ALA J 71 -20.32 75.02 -27.77
C ALA J 71 -20.75 73.55 -27.73
N LYS J 72 -21.09 73.02 -28.90
CA LYS J 72 -21.43 71.60 -29.09
C LYS J 72 -20.33 70.66 -28.58
N GLU J 73 -19.08 70.96 -28.96
CA GLU J 73 -17.93 70.19 -28.51
C GLU J 73 -17.85 70.22 -26.98
N ARG J 74 -17.94 71.42 -26.40
CA ARG J 74 -17.98 71.58 -24.94
C ARG J 74 -19.09 70.77 -24.28
N ALA J 75 -20.29 70.81 -24.86
CA ALA J 75 -21.45 70.13 -24.28
C ALA J 75 -21.30 68.62 -24.20
N ALA J 76 -20.69 68.03 -25.22
CA ALA J 76 -20.43 66.58 -25.23
C ALA J 76 -19.48 66.17 -24.11
N ILE J 77 -18.41 66.94 -23.92
CA ILE J 77 -17.51 66.76 -22.79
C ILE J 77 -18.29 66.87 -21.47
N LEU J 78 -19.19 67.85 -21.42
CA LEU J 78 -20.01 68.10 -20.24
C LEU J 78 -21.02 66.98 -20.01
N ARG J 79 -21.61 66.51 -21.10
CA ARG J 79 -22.54 65.39 -21.06
C ARG J 79 -21.90 64.10 -20.54
N ARG J 80 -20.64 63.85 -20.92
CA ARG J 80 -19.86 62.75 -20.36
C ARG J 80 -19.70 62.90 -18.84
N TRP J 81 -19.45 64.13 -18.39
CA TRP J 81 -19.40 64.44 -16.96
C TRP J 81 -20.75 64.25 -16.30
N PHE J 82 -21.82 64.54 -17.03
CA PHE J 82 -23.16 64.22 -16.57
C PHE J 82 -23.30 62.71 -16.44
N ASP J 83 -23.03 61.99 -17.53
CA ASP J 83 -23.17 60.54 -17.57
C ASP J 83 -22.37 59.87 -16.46
N LEU J 84 -21.11 60.31 -16.30
CA LEU J 84 -20.23 59.77 -15.28
C LEU J 84 -20.80 59.95 -13.88
N VAL J 85 -21.32 61.14 -13.59
CA VAL J 85 -21.93 61.45 -12.29
C VAL J 85 -23.17 60.57 -12.00
N ILE J 86 -23.96 60.29 -13.04
CA ILE J 86 -25.14 59.43 -12.89
C ILE J 86 -24.73 57.98 -12.63
N ALA J 87 -23.80 57.49 -13.45
CA ALA J 87 -23.18 56.18 -13.26
C ALA J 87 -22.75 55.98 -11.80
N ASN J 88 -22.01 56.94 -11.26
CA ASN J 88 -21.40 56.82 -9.94
C ASN J 88 -22.24 57.39 -8.81
N SER J 89 -23.55 57.30 -8.92
CA SER J 89 -24.47 57.94 -7.98
C SER J 89 -24.34 57.44 -6.54
N ASP J 90 -24.37 56.12 -6.36
CA ASP J 90 -24.38 55.51 -5.02
C ASP J 90 -23.09 55.76 -4.24
N ASP J 91 -21.99 55.91 -4.96
CA ASP J 91 -20.69 56.23 -4.38
C ASP J 91 -20.65 57.67 -3.85
N LEU J 92 -20.95 58.62 -4.75
CA LEU J 92 -20.93 60.05 -4.43
C LEU J 92 -21.86 60.37 -3.26
N ALA J 93 -23.01 59.70 -3.22
CA ALA J 93 -23.98 59.87 -2.16
C ALA J 93 -23.42 59.40 -0.83
N LEU J 94 -22.70 58.28 -0.85
CA LEU J 94 -22.12 57.70 0.37
C LEU J 94 -21.02 58.59 0.93
N ILE J 95 -20.23 59.20 0.04
CA ILE J 95 -19.22 60.16 0.44
C ILE J 95 -19.88 61.38 1.07
N LEU J 96 -20.81 61.99 0.33
CA LEU J 96 -21.57 63.15 0.79
C LEU J 96 -22.20 62.92 2.18
N THR J 97 -22.83 61.77 2.37
CA THR J 97 -23.45 61.44 3.64
C THR J 97 -22.41 61.28 4.75
N THR J 98 -21.26 60.69 4.42
CA THR J 98 -20.17 60.53 5.39
C THR J 98 -19.63 61.87 5.88
N GLU J 99 -19.38 62.80 4.95
CA GLU J 99 -18.80 64.10 5.30
C GLU J 99 -19.79 65.19 5.70
N GLN J 100 -21.01 65.15 5.15
CA GLN J 100 -22.02 66.18 5.42
C GLN J 100 -22.97 65.82 6.56
N GLY J 101 -23.56 64.62 6.49
CA GLY J 101 -24.46 64.15 7.55
C GLY J 101 -25.88 63.80 7.13
N LYS J 102 -26.30 64.32 5.97
CA LYS J 102 -27.67 64.11 5.47
C LYS J 102 -27.92 62.66 5.04
N PRO J 103 -29.13 62.14 5.33
CA PRO J 103 -29.64 60.82 4.92
C PRO J 103 -29.26 60.42 3.51
N LEU J 104 -29.06 59.11 3.31
CA LEU J 104 -28.57 58.60 2.05
C LEU J 104 -29.53 58.90 0.90
N ALA J 105 -30.83 58.84 1.17
CA ALA J 105 -31.83 59.14 0.13
C ALA J 105 -31.68 60.59 -0.37
N GLU J 106 -31.60 61.54 0.56
CA GLU J 106 -31.37 62.94 0.24
C GLU J 106 -30.04 63.13 -0.49
N ALA J 107 -29.05 62.33 -0.14
CA ALA J 107 -27.75 62.39 -0.77
C ALA J 107 -27.85 62.00 -2.25
N LYS J 108 -28.59 60.94 -2.54
CA LYS J 108 -28.86 60.53 -3.92
C LYS J 108 -29.72 61.58 -4.61
N GLY J 109 -30.61 62.18 -3.82
CA GLY J 109 -31.40 63.34 -4.24
C GLY J 109 -30.51 64.48 -4.70
N GLU J 110 -29.52 64.84 -3.88
CA GLU J 110 -28.59 65.91 -4.25
C GLU J 110 -27.82 65.57 -5.51
N ILE J 111 -27.45 64.31 -5.69
CA ILE J 111 -26.67 63.94 -6.86
C ILE J 111 -27.48 64.11 -8.16
N ALA J 112 -28.71 63.59 -8.18
CA ALA J 112 -29.63 63.80 -9.32
C ALA J 112 -29.74 65.30 -9.67
N TYR J 113 -30.07 66.10 -8.68
CA TYR J 113 -30.06 67.56 -8.74
C TYR J 113 -28.76 68.05 -9.37
N ALA J 114 -27.65 67.75 -8.72
CA ALA J 114 -26.34 68.12 -9.24
C ALA J 114 -26.21 67.76 -10.71
N ALA J 115 -26.57 66.52 -11.05
CA ALA J 115 -26.43 66.02 -12.41
C ALA J 115 -27.29 66.81 -13.39
N SER J 116 -28.48 67.22 -12.95
CA SER J 116 -29.41 67.94 -13.81
C SER J 116 -28.93 69.34 -14.23
N PHE J 117 -28.15 69.99 -13.35
CA PHE J 117 -27.56 71.29 -13.64
C PHE J 117 -26.51 71.16 -14.73
N ILE J 118 -25.72 70.09 -14.65
CA ILE J 118 -24.69 69.84 -15.65
C ILE J 118 -25.38 69.56 -16.97
N GLU J 119 -26.40 68.71 -16.93
CA GLU J 119 -27.22 68.43 -18.11
C GLU J 119 -27.79 69.73 -18.67
N TRP J 120 -28.40 70.54 -17.80
CA TRP J 120 -29.02 71.80 -18.20
C TRP J 120 -28.06 72.82 -18.83
N PHE J 121 -26.96 73.11 -18.14
CA PHE J 121 -26.03 74.11 -18.66
C PHE J 121 -25.26 73.64 -19.89
N ALA J 122 -25.13 72.33 -20.05
CA ALA J 122 -24.59 71.79 -21.28
C ALA J 122 -25.49 72.25 -22.43
N GLU J 123 -26.77 71.92 -22.33
CA GLU J 123 -27.78 72.35 -23.27
C GLU J 123 -27.80 73.88 -23.41
N GLU J 124 -27.70 74.61 -22.28
CA GLU J 124 -27.74 76.08 -22.31
C GLU J 124 -26.60 76.73 -23.08
N GLY J 125 -25.44 76.08 -23.10
CA GLY J 125 -24.24 76.61 -23.75
C GLY J 125 -24.33 76.77 -25.27
N LYS J 126 -25.15 75.95 -25.91
CA LYS J 126 -25.33 76.02 -27.36
C LYS J 126 -26.35 77.08 -27.70
N ARG J 127 -26.79 77.82 -26.69
CA ARG J 127 -27.93 78.74 -26.83
C ARG J 127 -27.69 80.17 -26.34
N VAL J 128 -26.53 80.43 -25.75
CA VAL J 128 -26.08 81.80 -25.47
C VAL J 128 -26.36 82.67 -26.70
N ALA J 129 -27.26 83.63 -26.57
CA ALA J 129 -27.72 84.35 -27.75
C ALA J 129 -27.58 85.87 -27.69
N GLY J 130 -26.88 86.42 -28.69
CA GLY J 130 -26.91 87.85 -28.96
C GLY J 130 -28.04 88.18 -29.93
N ASP J 131 -27.93 89.29 -30.63
CA ASP J 131 -29.01 89.77 -31.49
C ASP J 131 -28.63 90.82 -32.56
N THR J 132 -29.50 90.94 -33.57
CA THR J 132 -29.36 91.97 -34.60
C THR J 132 -30.53 92.96 -34.44
N LEU J 133 -30.20 94.24 -34.25
CA LEU J 133 -31.19 95.25 -33.90
C LEU J 133 -31.49 96.25 -35.03
N PRO J 134 -32.72 96.81 -35.06
CA PRO J 134 -33.04 97.79 -36.10
C PRO J 134 -32.27 99.07 -35.85
N THR J 135 -31.57 99.52 -36.87
CA THR J 135 -30.65 100.65 -36.75
C THR J 135 -31.42 101.96 -36.50
N PRO J 136 -30.80 102.92 -35.77
CA PRO J 136 -31.32 104.28 -35.73
C PRO J 136 -30.62 105.18 -36.77
N ASP J 137 -29.66 104.62 -37.49
CA ASP J 137 -28.90 105.35 -38.50
C ASP J 137 -28.75 104.51 -39.76
N ALA J 138 -29.27 105.01 -40.88
CA ALA J 138 -29.29 104.26 -42.15
C ALA J 138 -27.92 103.78 -42.61
N ASN J 139 -26.89 104.59 -42.38
CA ASN J 139 -25.52 104.26 -42.78
C ASN J 139 -24.88 103.12 -41.97
N LYS J 140 -25.62 102.57 -40.99
CA LYS J 140 -25.01 101.64 -40.04
C LYS J 140 -25.85 100.41 -39.70
N ARG J 141 -25.18 99.36 -39.23
CA ARG J 141 -25.83 98.13 -38.76
C ARG J 141 -25.43 97.78 -37.33
N ILE J 142 -26.38 97.29 -36.55
CA ILE J 142 -26.12 96.94 -35.14
C ILE J 142 -26.11 95.43 -34.91
N VAL J 143 -24.94 94.90 -34.60
CA VAL J 143 -24.79 93.47 -34.31
C VAL J 143 -24.33 93.30 -32.87
N VAL J 144 -24.98 92.41 -32.14
CA VAL J 144 -24.56 92.10 -30.78
C VAL J 144 -24.31 90.61 -30.60
N VAL J 145 -23.13 90.27 -30.10
CA VAL J 145 -22.75 88.90 -29.79
C VAL J 145 -22.45 88.81 -28.30
N LYS J 146 -22.25 87.58 -27.83
CA LYS J 146 -21.86 87.34 -26.43
C LYS J 146 -20.66 86.42 -26.37
N GLU J 147 -19.69 86.75 -25.52
CA GLU J 147 -18.49 85.91 -25.36
C GLU J 147 -18.13 85.73 -23.89
N PRO J 148 -17.53 84.57 -23.53
CA PRO J 148 -17.18 84.25 -22.15
C PRO J 148 -16.41 85.38 -21.46
N ILE J 149 -16.69 85.57 -20.17
CA ILE J 149 -16.10 86.69 -19.42
C ILE J 149 -14.58 86.53 -19.20
N GLY J 150 -14.15 85.30 -18.99
CA GLY J 150 -12.75 85.02 -18.64
C GLY J 150 -12.60 84.03 -17.49
N VAL J 151 -11.57 84.23 -16.67
CA VAL J 151 -11.30 83.29 -15.60
C VAL J 151 -12.33 83.47 -14.49
N CYS J 152 -12.99 82.37 -14.13
CA CYS J 152 -14.03 82.37 -13.09
C CYS J 152 -13.56 81.71 -11.80
N ALA J 153 -14.11 82.14 -10.68
CA ALA J 153 -13.79 81.57 -9.38
C ALA J 153 -15.04 81.43 -8.53
N ALA J 154 -15.10 80.38 -7.73
CA ALA J 154 -16.34 80.06 -7.03
C ALA J 154 -16.10 79.51 -5.64
N ILE J 155 -16.74 80.11 -4.64
CA ILE J 155 -16.60 79.67 -3.25
C ILE J 155 -17.93 79.10 -2.73
N THR J 156 -17.96 77.78 -2.55
CA THR J 156 -19.19 77.07 -2.21
C THR J 156 -19.27 76.75 -0.72
N PRO J 157 -20.48 76.48 -0.21
CA PRO J 157 -20.60 76.11 1.19
C PRO J 157 -20.73 74.59 1.42
N TRP J 158 -20.99 74.20 2.67
CA TRP J 158 -20.98 72.81 3.09
C TRP J 158 -22.31 72.08 3.02
N ASN J 159 -23.40 72.86 3.01
CA ASN J 159 -24.77 72.31 3.09
C ASN J 159 -25.24 71.52 1.87
N PHE J 160 -24.68 71.85 0.70
CA PHE J 160 -24.95 71.08 -0.52
C PHE J 160 -23.64 70.90 -1.29
N PRO J 161 -22.76 70.01 -0.80
CA PRO J 161 -21.36 69.99 -1.24
C PRO J 161 -21.09 69.36 -2.60
N ALA J 162 -22.14 68.88 -3.27
CA ALA J 162 -22.01 68.40 -4.64
C ALA J 162 -22.77 69.31 -5.60
N ALA J 163 -24.04 69.57 -5.28
CA ALA J 163 -24.93 70.42 -6.09
C ALA J 163 -24.32 71.78 -6.38
N MET J 164 -23.74 72.39 -5.35
CA MET J 164 -23.14 73.70 -5.45
C MET J 164 -22.04 73.79 -6.50
N ILE J 165 -21.29 72.70 -6.68
CA ILE J 165 -20.22 72.63 -7.68
C ILE J 165 -20.81 72.56 -9.08
N ALA J 166 -21.74 71.64 -9.30
CA ALA J 166 -22.50 71.58 -10.54
C ALA J 166 -23.07 72.94 -10.93
N ARG J 167 -23.60 73.64 -9.94
CA ARG J 167 -24.27 74.92 -10.14
C ARG J 167 -23.33 76.03 -10.59
N LYS J 168 -22.12 76.03 -10.06
CA LYS J 168 -21.16 77.08 -10.35
C LYS J 168 -20.12 76.67 -11.40
N VAL J 169 -19.92 75.37 -11.59
CA VAL J 169 -19.02 74.86 -12.62
C VAL J 169 -19.74 74.68 -13.96
N GLY J 170 -20.99 74.23 -13.90
CA GLY J 170 -21.84 74.06 -15.08
C GLY J 170 -21.81 75.27 -16.01
N PRO J 171 -22.38 76.41 -15.57
CA PRO J 171 -22.47 77.62 -16.38
C PRO J 171 -21.13 78.18 -16.84
N ALA J 172 -20.17 78.30 -15.92
CA ALA J 172 -18.84 78.84 -16.24
C ALA J 172 -18.17 78.10 -17.40
N LEU J 173 -18.05 76.78 -17.28
CA LEU J 173 -17.51 75.95 -18.37
C LEU J 173 -18.38 76.09 -19.62
N ALA J 174 -19.69 76.05 -19.43
CA ALA J 174 -20.66 76.10 -20.54
C ALA J 174 -20.57 77.37 -21.40
N ALA J 175 -20.10 78.46 -20.77
CA ALA J 175 -20.02 79.76 -21.42
C ALA J 175 -18.72 79.90 -22.21
N GLY J 176 -17.70 79.14 -21.80
CA GLY J 176 -16.38 79.17 -22.43
C GLY J 176 -15.33 79.63 -21.43
N CYS J 177 -15.63 79.43 -20.15
CA CYS J 177 -14.82 79.95 -19.04
C CYS J 177 -14.19 78.83 -18.21
N PRO J 178 -12.89 78.96 -17.88
CA PRO J 178 -12.26 78.09 -16.91
C PRO J 178 -12.66 78.52 -15.52
N ILE J 179 -12.63 77.60 -14.56
CA ILE J 179 -13.00 77.95 -13.18
C ILE J 179 -12.09 77.39 -12.09
N VAL J 180 -11.84 78.24 -11.09
CA VAL J 180 -11.08 77.89 -9.90
C VAL J 180 -12.07 77.85 -8.73
N VAL J 181 -12.30 76.65 -8.18
CA VAL J 181 -13.30 76.47 -7.12
C VAL J 181 -12.64 76.16 -5.78
N LYS J 182 -13.12 76.78 -4.72
CA LYS J 182 -12.71 76.47 -3.36
C LYS J 182 -13.91 75.94 -2.59
N PRO J 183 -14.01 74.60 -2.45
CA PRO J 183 -15.10 74.00 -1.69
C PRO J 183 -14.94 74.28 -0.23
N ALA J 184 -15.93 73.91 0.57
CA ALA J 184 -15.90 74.23 1.98
C ALA J 184 -14.96 73.29 2.73
N GLU J 185 -14.27 73.83 3.74
CA GLU J 185 -13.34 73.08 4.59
C GLU J 185 -14.06 71.94 5.32
N SER J 186 -15.36 72.08 5.49
CA SER J 186 -16.15 71.14 6.25
C SER J 186 -16.44 69.88 5.42
N THR J 187 -16.64 70.07 4.12
CA THR J 187 -17.08 68.99 3.23
C THR J 187 -16.30 68.99 1.90
N PRO J 188 -15.00 68.66 1.97
CA PRO J 188 -14.15 68.86 0.80
C PRO J 188 -14.20 67.71 -0.19
N PHE J 189 -14.63 66.53 0.27
CA PHE J 189 -14.54 65.32 -0.55
C PHE J 189 -15.46 65.32 -1.75
N SER J 190 -16.75 65.59 -1.52
CA SER J 190 -17.75 65.64 -2.61
C SER J 190 -17.27 66.48 -3.79
N ALA J 191 -16.55 67.55 -3.50
CA ALA J 191 -16.06 68.45 -4.53
C ALA J 191 -14.94 67.84 -5.35
N LEU J 192 -13.98 67.22 -4.65
CA LEU J 192 -12.84 66.58 -5.33
C LEU J 192 -13.31 65.44 -6.20
N ALA J 193 -14.24 64.64 -5.66
CA ALA J 193 -14.91 63.57 -6.41
C ALA J 193 -15.54 64.10 -7.70
N MET J 194 -16.12 65.28 -7.63
CA MET J 194 -16.75 65.93 -8.77
C MET J 194 -15.69 66.35 -9.79
N ALA J 195 -14.56 66.83 -9.27
CA ALA J 195 -13.42 67.17 -10.10
C ALA J 195 -12.79 65.95 -10.76
N PHE J 196 -12.78 64.80 -10.06
CA PHE J 196 -12.18 63.58 -10.61
C PHE J 196 -12.96 63.07 -11.81
N LEU J 197 -14.29 63.07 -11.70
CA LEU J 197 -15.12 62.64 -12.79
C LEU J 197 -14.95 63.61 -13.97
N ALA J 198 -14.88 64.91 -13.67
CA ALA J 198 -14.60 65.92 -14.70
C ALA J 198 -13.32 65.60 -15.47
N GLU J 199 -12.32 65.11 -14.73
CA GLU J 199 -11.04 64.70 -15.33
C GLU J 199 -11.28 63.54 -16.28
N ARG J 200 -12.01 62.53 -15.80
CA ARG J 200 -12.29 61.32 -16.57
C ARG J 200 -13.17 61.64 -17.78
N ALA J 201 -13.88 62.76 -17.70
CA ALA J 201 -14.83 63.16 -18.74
C ALA J 201 -14.17 63.81 -19.95
N GLY J 202 -13.01 64.43 -19.71
CA GLY J 202 -12.24 65.05 -20.80
C GLY J 202 -12.09 66.55 -20.68
N VAL J 203 -12.35 67.08 -19.48
CA VAL J 203 -12.18 68.50 -19.18
C VAL J 203 -10.68 68.82 -19.13
N PRO J 204 -10.14 69.40 -20.23
CA PRO J 204 -8.69 69.53 -20.42
C PRO J 204 -7.95 70.21 -19.28
N LYS J 205 -6.68 69.85 -19.13
CA LYS J 205 -5.84 70.37 -18.05
C LYS J 205 -5.86 71.89 -18.05
N GLY J 206 -6.31 72.47 -16.95
CA GLY J 206 -6.33 73.92 -16.80
C GLY J 206 -7.71 74.55 -16.70
N VAL J 207 -8.70 74.00 -17.39
CA VAL J 207 -10.08 74.54 -17.33
C VAL J 207 -10.63 74.49 -15.90
N LEU J 208 -10.70 73.30 -15.31
CA LEU J 208 -11.18 73.17 -13.94
C LEU J 208 -10.04 72.99 -12.94
N SER J 209 -10.17 73.69 -11.81
CA SER J 209 -9.25 73.54 -10.70
C SER J 209 -10.03 73.52 -9.40
N VAL J 210 -9.58 72.72 -8.44
CA VAL J 210 -10.24 72.63 -7.13
C VAL J 210 -9.20 72.77 -6.03
N VAL J 211 -9.21 73.92 -5.35
CA VAL J 211 -8.24 74.23 -4.29
C VAL J 211 -8.85 74.04 -2.89
N ILE J 212 -8.06 73.46 -1.99
CA ILE J 212 -8.50 73.22 -0.61
C ILE J 212 -7.44 73.75 0.36
N GLY J 213 -7.88 74.38 1.45
CA GLY J 213 -6.96 74.94 2.43
C GLY J 213 -7.55 76.09 3.21
N ASP J 214 -6.70 77.02 3.64
CA ASP J 214 -7.13 78.13 4.50
C ASP J 214 -8.10 79.05 3.76
N PRO J 215 -9.32 79.24 4.32
CA PRO J 215 -10.32 80.12 3.72
C PRO J 215 -9.82 81.54 3.51
N LYS J 216 -9.41 82.19 4.60
CA LYS J 216 -8.98 83.60 4.58
C LYS J 216 -7.77 83.84 3.68
N ALA J 217 -6.97 82.81 3.46
CA ALA J 217 -5.77 82.93 2.63
C ALA J 217 -6.07 82.68 1.16
N ILE J 218 -6.88 81.67 0.88
CA ILE J 218 -7.28 81.37 -0.49
C ILE J 218 -8.29 82.42 -0.97
N GLY J 219 -9.17 82.83 -0.05
CA GLY J 219 -10.08 83.95 -0.31
C GLY J 219 -9.35 85.16 -0.85
N THR J 220 -8.42 85.68 -0.05
CA THR J 220 -7.62 86.87 -0.42
C THR J 220 -6.94 86.78 -1.79
N GLU J 221 -6.47 85.59 -2.17
CA GLU J 221 -5.78 85.43 -3.44
C GLU J 221 -6.74 85.45 -4.64
N ILE J 222 -7.98 85.02 -4.41
CA ILE J 222 -9.02 85.06 -5.43
C ILE J 222 -9.52 86.49 -5.62
N THR J 223 -9.82 87.15 -4.51
CA THR J 223 -10.43 88.48 -4.56
C THR J 223 -9.48 89.56 -5.07
N SER J 224 -8.17 89.34 -4.93
CA SER J 224 -7.23 90.41 -5.31
C SER J 224 -6.46 90.14 -6.60
N ASN J 225 -6.41 88.88 -7.03
CA ASN J 225 -5.70 88.54 -8.26
C ASN J 225 -6.43 89.07 -9.49
N PRO J 226 -5.82 90.06 -10.18
CA PRO J 226 -6.50 90.74 -11.30
C PRO J 226 -6.88 89.82 -12.47
N ILE J 227 -6.50 88.55 -12.40
CA ILE J 227 -6.79 87.61 -13.48
C ILE J 227 -8.22 87.07 -13.34
N VAL J 228 -8.63 86.85 -12.09
CA VAL J 228 -10.00 86.46 -11.76
C VAL J 228 -10.98 87.56 -12.21
N ARG J 229 -11.70 87.32 -13.31
CA ARG J 229 -12.61 88.33 -13.85
C ARG J 229 -14.02 88.30 -13.26
N LYS J 230 -14.42 87.16 -12.70
CA LYS J 230 -15.67 87.08 -11.96
C LYS J 230 -15.65 86.01 -10.88
N LEU J 231 -16.24 86.37 -9.75
CA LEU J 231 -16.29 85.54 -8.56
C LEU J 231 -17.74 85.24 -8.23
N SER J 232 -18.00 84.00 -7.83
CA SER J 232 -19.31 83.59 -7.40
C SER J 232 -19.17 83.09 -5.96
N PHE J 233 -20.00 83.61 -5.06
CA PHE J 233 -19.96 83.21 -3.64
C PHE J 233 -21.32 82.74 -3.16
N THR J 234 -21.31 81.80 -2.23
CA THR J 234 -22.53 81.33 -1.57
C THR J 234 -22.17 80.98 -0.14
N GLY J 235 -22.82 81.66 0.79
CA GLY J 235 -22.58 81.44 2.20
C GLY J 235 -23.29 82.47 3.04
N SER J 236 -22.62 82.93 4.10
CA SER J 236 -23.21 83.90 5.01
C SER J 236 -23.21 85.29 4.39
N THR J 237 -24.14 86.12 4.83
CA THR J 237 -24.22 87.51 4.38
C THR J 237 -22.97 88.30 4.78
N ALA J 238 -22.54 88.13 6.03
CA ALA J 238 -21.37 88.84 6.55
C ALA J 238 -20.12 88.63 5.69
N VAL J 239 -19.94 87.41 5.21
CA VAL J 239 -18.72 87.01 4.49
C VAL J 239 -18.77 87.50 3.05
N GLY J 240 -19.97 87.53 2.47
CA GLY J 240 -20.17 88.04 1.11
C GLY J 240 -20.00 89.54 0.97
N ARG J 241 -20.32 90.27 2.04
CA ARG J 241 -20.04 91.70 2.12
C ARG J 241 -18.55 91.96 2.04
N LEU J 242 -17.77 91.17 2.78
CA LEU J 242 -16.31 91.32 2.79
C LEU J 242 -15.70 91.02 1.43
N LEU J 243 -16.23 90.00 0.76
CA LEU J 243 -15.65 89.59 -0.52
C LEU J 243 -15.88 90.62 -1.62
N MET J 244 -17.04 91.30 -1.58
CA MET J 244 -17.33 92.35 -2.53
C MET J 244 -16.32 93.50 -2.40
N ALA J 245 -16.07 93.93 -1.16
CA ALA J 245 -15.10 94.99 -0.88
C ALA J 245 -13.67 94.65 -1.32
N GLN J 246 -13.39 93.35 -1.50
CA GLN J 246 -12.06 92.90 -1.81
C GLN J 246 -11.88 92.70 -3.30
N SER J 247 -13.01 92.47 -3.98
CA SER J 247 -13.05 92.30 -5.42
C SER J 247 -13.10 93.65 -6.10
N ALA J 248 -13.48 94.67 -5.33
CA ALA J 248 -13.61 96.06 -5.76
C ALA J 248 -12.43 96.60 -6.59
N PRO J 249 -11.18 96.46 -6.08
CA PRO J 249 -10.00 96.96 -6.79
C PRO J 249 -9.87 96.49 -8.23
N THR J 250 -10.55 95.40 -8.59
CA THR J 250 -10.52 94.90 -9.96
C THR J 250 -11.90 94.81 -10.62
N VAL J 251 -12.91 95.32 -9.92
CA VAL J 251 -14.25 95.51 -10.48
C VAL J 251 -14.79 94.20 -11.10
N LYS J 252 -14.81 93.15 -10.27
CA LYS J 252 -15.23 91.82 -10.71
C LYS J 252 -16.73 91.74 -10.85
N LYS J 253 -17.20 90.98 -11.83
CA LYS J 253 -18.61 90.58 -11.88
C LYS J 253 -18.85 89.71 -10.65
N LEU J 254 -19.92 89.99 -9.93
CA LEU J 254 -20.23 89.22 -8.73
C LEU J 254 -21.59 88.56 -8.77
N THR J 255 -21.63 87.30 -8.34
CA THR J 255 -22.85 86.60 -7.95
C THR J 255 -22.71 86.29 -6.46
N LEU J 256 -23.69 86.72 -5.66
CA LEU J 256 -23.69 86.42 -4.23
C LEU J 256 -25.01 85.76 -3.77
N GLU J 257 -24.99 84.44 -3.59
CA GLU J 257 -26.13 83.74 -3.00
C GLU J 257 -25.94 83.79 -1.48
N LEU J 258 -26.62 84.72 -0.81
CA LEU J 258 -26.38 84.95 0.61
C LEU J 258 -27.46 84.37 1.54
N GLY J 259 -27.64 84.99 2.70
CA GLY J 259 -28.56 84.49 3.71
C GLY J 259 -29.99 84.92 3.48
N GLY J 260 -30.93 84.14 4.00
CA GLY J 260 -32.36 84.45 3.90
C GLY J 260 -32.98 84.57 5.27
N ASN J 261 -34.31 84.59 5.30
CA ASN J 261 -35.10 84.48 6.53
C ASN J 261 -36.51 84.07 6.11
N ALA J 262 -36.60 82.92 5.44
CA ALA J 262 -37.83 82.45 4.82
C ALA J 262 -39.05 82.37 5.75
N PRO J 263 -40.11 83.12 5.40
CA PRO J 263 -41.39 82.97 6.09
C PRO J 263 -42.28 81.95 5.39
N PHE J 264 -42.86 81.06 6.18
CA PHE J 264 -43.81 80.07 5.68
C PHE J 264 -45.19 80.52 6.16
N ILE J 265 -45.99 81.01 5.23
CA ILE J 265 -47.23 81.71 5.54
C ILE J 265 -48.43 80.80 5.34
N VAL J 266 -49.13 80.49 6.43
CA VAL J 266 -50.31 79.64 6.38
C VAL J 266 -51.55 80.46 6.70
N PHE J 267 -52.36 80.72 5.67
CA PHE J 267 -53.59 81.50 5.80
C PHE J 267 -54.81 80.72 6.27
N ASP J 268 -55.70 81.44 6.94
CA ASP J 268 -57.12 81.16 7.08
C ASP J 268 -57.68 80.00 6.26
N ASP J 269 -57.54 80.07 4.94
CA ASP J 269 -58.21 79.15 4.03
C ASP J 269 -57.29 78.10 3.44
N ALA J 270 -56.08 77.98 3.98
CA ALA J 270 -55.14 76.96 3.52
C ALA J 270 -55.72 75.56 3.71
N ASP J 271 -55.27 74.63 2.85
CA ASP J 271 -55.50 73.20 3.05
C ASP J 271 -54.47 72.72 4.08
N LEU J 272 -54.95 72.44 5.29
CA LEU J 272 -54.08 72.29 6.45
C LEU J 272 -53.10 71.13 6.39
N ASP J 273 -53.58 69.96 6.02
CA ASP J 273 -52.70 68.79 5.88
C ASP J 273 -51.58 69.01 4.85
N ALA J 274 -51.93 69.60 3.71
CA ALA J 274 -50.94 69.98 2.70
C ALA J 274 -49.97 71.03 3.26
N ALA J 275 -50.50 72.00 4.00
CA ALA J 275 -49.65 73.02 4.63
C ALA J 275 -48.62 72.35 5.53
N VAL J 276 -49.06 71.41 6.37
CA VAL J 276 -48.17 70.61 7.21
C VAL J 276 -47.14 69.82 6.38
N GLU J 277 -47.61 69.18 5.30
CA GLU J 277 -46.71 68.43 4.41
C GLU J 277 -45.63 69.32 3.78
N GLY J 278 -45.95 70.59 3.54
CA GLY J 278 -44.97 71.52 2.99
C GLY J 278 -44.09 72.13 4.07
N ALA J 279 -44.64 72.23 5.29
CA ALA J 279 -43.89 72.71 6.44
C ALA J 279 -42.77 71.72 6.77
N ILE J 280 -43.10 70.44 6.78
CA ILE J 280 -42.15 69.37 7.03
C ILE J 280 -41.04 69.35 5.98
N ALA J 281 -41.42 69.55 4.71
CA ALA J 281 -40.45 69.55 3.61
C ALA J 281 -39.54 70.78 3.63
N SER J 282 -40.13 71.97 3.76
CA SER J 282 -39.37 73.22 3.76
C SER J 282 -38.52 73.43 5.01
N LYS J 283 -38.89 72.81 6.13
CA LYS J 283 -38.20 73.05 7.40
C LYS J 283 -37.21 71.95 7.81
N TYR J 284 -37.39 70.74 7.30
CA TYR J 284 -36.63 69.59 7.83
C TYR J 284 -35.76 68.80 6.84
N ARG J 285 -35.87 69.09 5.55
CA ARG J 285 -34.93 68.54 4.58
C ARG J 285 -33.55 69.14 4.87
N ASN J 286 -32.51 68.32 4.79
CA ASN J 286 -31.15 68.64 5.27
C ASN J 286 -31.10 69.06 6.75
N ASN J 287 -32.07 68.59 7.52
CA ASN J 287 -32.15 68.86 8.97
C ASN J 287 -32.24 70.36 9.30
N GLY J 288 -32.82 71.13 8.37
CA GLY J 288 -33.07 72.56 8.54
C GLY J 288 -31.93 73.47 8.07
N GLN J 289 -30.98 72.89 7.35
CA GLN J 289 -29.71 73.55 7.05
C GLN J 289 -29.53 74.00 5.60
N THR J 290 -30.63 74.23 4.92
CA THR J 290 -30.55 74.79 3.58
C THR J 290 -30.79 76.29 3.67
N CYS J 291 -30.26 77.03 2.70
CA CYS J 291 -30.43 78.48 2.69
C CYS J 291 -31.88 78.91 2.43
N VAL J 292 -32.66 78.03 1.82
CA VAL J 292 -34.08 78.30 1.54
C VAL J 292 -35.04 77.77 2.60
N CYS J 293 -34.49 77.13 3.63
CA CYS J 293 -35.30 76.62 4.73
C CYS J 293 -36.14 77.68 5.41
N THR J 294 -37.41 77.34 5.65
CA THR J 294 -38.29 78.14 6.47
C THR J 294 -37.57 78.50 7.76
N ASN J 295 -37.52 79.79 8.07
CA ASN J 295 -36.99 80.22 9.35
C ASN J 295 -38.10 80.68 10.26
N ARG J 296 -39.20 81.12 9.65
CA ARG J 296 -40.34 81.63 10.42
C ARG J 296 -41.63 81.14 9.80
N PHE J 297 -42.45 80.43 10.60
CA PHE J 297 -43.80 80.08 10.21
C PHE J 297 -44.76 81.15 10.70
N PHE J 298 -45.60 81.65 9.79
CA PHE J 298 -46.66 82.57 10.16
C PHE J 298 -47.99 81.88 9.92
N VAL J 299 -48.77 81.75 10.98
CA VAL J 299 -50.04 81.02 10.91
C VAL J 299 -51.15 81.90 11.45
N HIS J 300 -52.26 81.94 10.71
CA HIS J 300 -53.40 82.78 11.01
C HIS J 300 -54.08 82.36 12.32
N GLU J 301 -54.52 83.34 13.11
CA GLU J 301 -55.25 83.10 14.36
C GLU J 301 -56.16 81.88 14.32
N ARG J 302 -57.00 81.83 13.27
CA ARG J 302 -58.13 80.91 13.22
C ARG J 302 -57.76 79.45 12.92
N VAL J 303 -56.59 79.25 12.30
CA VAL J 303 -56.08 77.90 12.04
C VAL J 303 -54.82 77.54 12.86
N TYR J 304 -54.33 78.50 13.66
CA TYR J 304 -53.09 78.36 14.43
C TYR J 304 -53.03 77.11 15.32
N ASP J 305 -54.10 76.84 16.07
CA ASP J 305 -54.17 75.69 16.97
C ASP J 305 -54.09 74.35 16.23
N ALA J 306 -54.91 74.19 15.20
CA ALA J 306 -54.93 72.94 14.44
C ALA J 306 -53.59 72.69 13.75
N PHE J 307 -53.14 73.66 12.96
CA PHE J 307 -51.84 73.58 12.28
C PHE J 307 -50.72 73.17 13.26
N ALA J 308 -50.75 73.73 14.46
CA ALA J 308 -49.74 73.44 15.47
C ALA J 308 -49.80 72.00 15.95
N ASP J 309 -51.01 71.49 16.16
CA ASP J 309 -51.22 70.07 16.49
C ASP J 309 -50.75 69.13 15.37
N LYS J 310 -51.15 69.42 14.14
CA LYS J 310 -50.87 68.52 13.01
C LYS J 310 -49.39 68.48 12.66
N LEU J 311 -48.70 69.59 12.94
CA LEU J 311 -47.25 69.69 12.71
C LEU J 311 -46.47 69.02 13.82
N ALA J 312 -46.88 69.28 15.07
CA ALA J 312 -46.23 68.67 16.21
C ALA J 312 -46.31 67.14 16.16
N ALA J 313 -47.47 66.63 15.74
CA ALA J 313 -47.66 65.19 15.60
C ALA J 313 -46.79 64.62 14.48
N ALA J 314 -46.63 65.38 13.41
CA ALA J 314 -45.86 64.95 12.26
C ALA J 314 -44.35 64.96 12.54
N VAL J 315 -43.91 65.92 13.35
CA VAL J 315 -42.49 66.06 13.68
C VAL J 315 -42.06 64.95 14.63
N SER J 316 -42.91 64.66 15.62
CA SER J 316 -42.66 63.61 16.60
C SER J 316 -42.44 62.25 15.95
N LYS J 317 -43.05 62.05 14.78
CA LYS J 317 -42.99 60.77 14.07
C LYS J 317 -41.90 60.73 12.99
N LEU J 318 -40.93 61.63 13.10
CA LEU J 318 -39.74 61.62 12.24
C LEU J 318 -38.60 60.91 12.96
N LYS J 319 -37.71 60.25 12.20
CA LYS J 319 -36.67 59.45 12.83
C LYS J 319 -35.26 60.01 12.62
N VAL J 320 -34.58 60.22 13.74
CA VAL J 320 -33.21 60.71 13.77
C VAL J 320 -32.22 59.55 13.89
N GLY J 321 -31.28 59.47 12.94
CA GLY J 321 -30.27 58.43 12.93
C GLY J 321 -29.15 58.76 11.98
N ARG J 322 -28.01 58.08 12.15
CA ARG J 322 -26.85 58.27 11.29
C ARG J 322 -27.27 58.06 9.84
N GLY J 323 -26.80 58.92 8.95
CA GLY J 323 -27.16 58.87 7.53
C GLY J 323 -27.32 57.50 6.88
N THR J 324 -26.39 56.59 7.18
CA THR J 324 -26.33 55.24 6.55
C THR J 324 -27.44 54.26 6.97
N GLU J 325 -28.12 54.56 8.07
CA GLU J 325 -29.14 53.71 8.70
C GLU J 325 -30.39 53.48 7.83
N SER J 326 -31.37 52.75 8.38
CA SER J 326 -32.68 52.55 7.74
C SER J 326 -33.81 53.26 8.48
N GLY J 327 -34.53 54.12 7.74
CA GLY J 327 -35.58 54.95 8.31
C GLY J 327 -35.07 56.25 8.93
N ALA J 328 -33.77 56.49 8.79
CA ALA J 328 -33.17 57.73 9.27
C ALA J 328 -33.48 58.86 8.28
N THR J 329 -34.36 59.76 8.68
CA THR J 329 -34.76 60.90 7.83
C THR J 329 -34.10 62.22 8.22
N LEU J 330 -33.74 62.36 9.49
CA LEU J 330 -33.01 63.54 9.97
C LEU J 330 -31.57 63.20 10.34
N GLY J 331 -30.60 63.78 9.64
CA GLY J 331 -29.19 63.62 9.96
C GLY J 331 -28.77 64.44 11.18
N PRO J 332 -27.46 64.47 11.47
CA PRO J 332 -27.01 65.38 12.52
C PRO J 332 -26.74 66.78 11.98
N LEU J 333 -26.71 67.76 12.89
CA LEU J 333 -26.17 69.07 12.59
C LEU J 333 -24.67 68.94 12.31
N ILE J 334 -24.15 69.79 11.42
CA ILE J 334 -22.79 69.60 10.91
C ILE J 334 -21.64 69.71 11.93
N ASN J 335 -21.80 70.56 12.94
CA ASN J 335 -20.79 70.66 13.99
C ASN J 335 -21.33 71.16 15.33
N GLU J 336 -20.47 71.14 16.35
CA GLU J 336 -20.87 71.51 17.71
C GLU J 336 -21.47 72.92 17.83
N ALA J 337 -20.87 73.90 17.13
CA ALA J 337 -21.31 75.30 17.18
C ALA J 337 -22.72 75.54 16.60
N ALA J 338 -23.09 74.74 15.59
CA ALA J 338 -24.44 74.78 15.02
C ALA J 338 -25.47 74.35 16.05
N VAL J 339 -25.13 73.34 16.85
CA VAL J 339 -26.00 72.83 17.92
C VAL J 339 -26.26 73.93 18.96
N LYS J 340 -25.21 74.64 19.35
CA LYS J 340 -25.32 75.67 20.38
C LYS J 340 -26.23 76.81 19.92
N LYS J 341 -26.16 77.12 18.62
CA LYS J 341 -27.04 78.11 17.99
C LYS J 341 -28.52 77.71 18.09
N VAL J 342 -28.81 76.43 17.85
CA VAL J 342 -30.16 75.92 17.94
C VAL J 342 -30.57 75.92 19.39
N GLU J 343 -29.66 75.48 20.26
CA GLU J 343 -29.87 75.50 21.70
C GLU J 343 -30.22 76.90 22.19
N SER J 344 -29.54 77.90 21.61
CA SER J 344 -29.65 79.30 22.05
C SER J 344 -30.96 79.95 21.61
N HIS J 345 -31.36 79.68 20.36
CA HIS J 345 -32.64 80.14 19.82
C HIS J 345 -33.81 79.55 20.64
N ILE J 346 -33.73 78.25 20.93
CA ILE J 346 -34.74 77.58 21.75
C ILE J 346 -34.82 78.12 23.17
N ALA J 347 -33.65 78.38 23.78
CA ALA J 347 -33.59 78.93 25.14
C ALA J 347 -34.13 80.36 25.24
N ASP J 348 -33.77 81.20 24.25
CA ASP J 348 -34.23 82.58 24.18
C ASP J 348 -35.76 82.65 24.03
N ALA J 349 -36.26 82.00 22.98
CA ALA J 349 -37.70 81.92 22.74
C ALA J 349 -38.44 81.36 23.97
N LEU J 350 -37.88 80.29 24.54
CA LEU J 350 -38.40 79.66 25.74
C LEU J 350 -38.55 80.70 26.86
N ALA J 351 -37.51 81.50 27.07
CA ALA J 351 -37.45 82.49 28.16
C ALA J 351 -38.35 83.73 27.99
N LYS J 352 -39.15 83.75 26.94
CA LYS J 352 -40.01 84.90 26.65
C LYS J 352 -41.49 84.54 26.50
N GLY J 353 -41.84 83.30 26.82
CA GLY J 353 -43.24 82.88 26.82
C GLY J 353 -43.58 81.86 25.75
N ALA J 354 -42.59 81.45 24.97
CA ALA J 354 -42.80 80.39 23.99
C ALA J 354 -42.93 79.03 24.67
N SER J 355 -43.64 78.11 24.02
CA SER J 355 -43.88 76.80 24.57
C SER J 355 -43.22 75.74 23.73
N LEU J 356 -42.66 74.74 24.41
CA LEU J 356 -42.11 73.58 23.75
C LEU J 356 -43.24 72.63 23.41
N MET J 357 -43.29 72.17 22.17
CA MET J 357 -44.39 71.33 21.74
C MET J 357 -43.92 69.93 21.40
N THR J 358 -42.64 69.84 21.01
CA THR J 358 -41.95 68.57 20.83
C THR J 358 -40.46 68.87 20.69
N GLY J 359 -39.61 67.89 20.99
CA GLY J 359 -38.16 68.07 20.94
C GLY J 359 -37.68 69.11 21.94
N GLY J 360 -36.65 69.86 21.56
CA GLY J 360 -36.14 70.97 22.36
C GLY J 360 -34.80 70.74 23.05
N LYS J 361 -34.34 69.49 23.01
CA LYS J 361 -33.14 69.06 23.71
C LYS J 361 -32.24 68.26 22.78
N ARG J 362 -30.99 68.06 23.18
CA ARG J 362 -30.03 67.29 22.40
C ARG J 362 -30.42 65.82 22.38
N HIS J 363 -30.18 65.15 21.25
CA HIS J 363 -30.57 63.77 21.04
C HIS J 363 -29.57 62.77 21.61
N ALA J 364 -30.09 61.64 22.09
CA ALA J 364 -29.29 60.58 22.70
C ALA J 364 -28.00 60.22 21.96
N LEU J 365 -28.07 60.04 20.64
CA LEU J 365 -26.91 59.64 19.82
C LEU J 365 -25.74 60.62 19.93
N GLY J 366 -25.97 61.75 20.60
CA GLY J 366 -24.91 62.69 20.97
C GLY J 366 -24.48 63.65 19.88
N HIS J 367 -23.29 63.41 19.34
CA HIS J 367 -22.56 64.29 18.42
C HIS J 367 -23.27 65.56 17.92
N GLY J 368 -23.78 65.52 16.69
CA GLY J 368 -24.47 66.66 16.11
C GLY J 368 -25.98 66.50 16.16
N PHE J 369 -26.44 65.26 16.34
CA PHE J 369 -27.86 64.96 16.35
C PHE J 369 -28.62 65.81 17.35
N PHE J 370 -29.78 66.31 16.91
CA PHE J 370 -30.66 67.13 17.73
C PHE J 370 -32.10 66.73 17.45
N GLU J 371 -32.93 66.78 18.49
CA GLU J 371 -34.36 66.46 18.36
C GLU J 371 -35.02 67.55 17.52
N PRO J 372 -35.83 67.14 16.52
CA PRO J 372 -36.62 68.11 15.74
C PRO J 372 -37.63 68.84 16.62
N THR J 373 -37.70 70.16 16.50
CA THR J 373 -38.39 70.97 17.49
C THR J 373 -39.50 71.84 16.90
N VAL J 374 -40.61 71.94 17.63
CA VAL J 374 -41.69 72.88 17.32
C VAL J 374 -41.94 73.77 18.53
N LEU J 375 -41.89 75.08 18.31
CA LEU J 375 -42.20 76.06 19.34
C LEU J 375 -43.45 76.83 18.95
N THR J 376 -44.28 77.14 19.93
CA THR J 376 -45.42 78.00 19.72
C THR J 376 -45.38 79.20 20.65
N GLY J 377 -46.23 80.18 20.39
CA GLY J 377 -46.23 81.41 21.17
C GLY J 377 -44.98 82.20 20.87
N VAL J 378 -44.47 82.02 19.66
CA VAL J 378 -43.29 82.73 19.21
C VAL J 378 -43.69 84.15 18.78
N LYS J 379 -43.02 85.14 19.36
CA LYS J 379 -43.31 86.55 19.11
C LYS J 379 -42.13 87.22 18.36
N PRO J 380 -42.34 88.43 17.79
CA PRO J 380 -41.30 89.09 16.99
C PRO J 380 -40.08 89.59 17.76
N ASP J 381 -40.18 89.71 19.08
CA ASP J 381 -39.07 90.19 19.92
C ASP J 381 -37.96 89.15 20.12
N MET J 382 -38.24 87.91 19.73
CA MET J 382 -37.31 86.79 19.96
C MET J 382 -36.19 86.70 18.91
N ASP J 383 -35.10 86.04 19.27
CA ASP J 383 -33.88 86.00 18.47
C ASP J 383 -34.06 85.32 17.12
N VAL J 384 -34.98 84.35 17.07
CA VAL J 384 -35.21 83.59 15.85
C VAL J 384 -35.91 84.42 14.75
N ALA J 385 -36.63 85.46 15.16
CA ALA J 385 -37.28 86.37 14.22
C ALA J 385 -36.30 87.11 13.30
N LYS J 386 -35.05 87.25 13.75
CA LYS J 386 -34.05 88.08 13.07
C LYS J 386 -32.79 87.33 12.61
N GLU J 387 -32.58 86.12 13.15
CA GLU J 387 -31.42 85.28 12.81
C GLU J 387 -31.87 83.95 12.20
N GLU J 388 -31.11 83.44 11.24
CA GLU J 388 -31.35 82.09 10.73
C GLU J 388 -30.87 81.05 11.74
N THR J 389 -31.68 80.00 11.91
CA THR J 389 -31.38 78.95 12.88
C THR J 389 -30.44 77.89 12.31
N PHE J 390 -30.62 77.56 11.02
CA PHE J 390 -29.88 76.50 10.34
C PHE J 390 -29.92 75.15 11.08
N GLY J 391 -31.13 74.71 11.41
CA GLY J 391 -31.33 73.51 12.20
C GLY J 391 -32.80 73.25 12.46
N PRO J 392 -33.15 72.01 12.84
CA PRO J 392 -34.53 71.53 12.97
C PRO J 392 -35.38 72.26 14.03
N LEU J 393 -35.63 73.55 13.79
CA LEU J 393 -36.44 74.36 14.68
C LEU J 393 -37.59 75.00 13.92
N ALA J 394 -38.82 74.69 14.34
CA ALA J 394 -40.01 75.27 13.74
C ALA J 394 -40.64 76.28 14.68
N PRO J 395 -40.39 77.58 14.42
CA PRO J 395 -40.99 78.62 15.25
C PRO J 395 -42.32 79.10 14.68
N LEU J 396 -43.39 79.00 15.46
CA LEU J 396 -44.72 79.40 14.98
C LEU J 396 -45.19 80.75 15.50
N PHE J 397 -45.21 81.71 14.58
CA PHE J 397 -45.65 83.07 14.83
C PHE J 397 -47.12 83.15 14.48
N ARG J 398 -47.79 84.15 15.02
CA ARG J 398 -49.21 84.35 14.79
C ARG J 398 -49.46 85.61 13.96
N PHE J 399 -50.56 85.61 13.21
CA PHE J 399 -51.08 86.86 12.62
C PHE J 399 -52.60 86.87 12.58
N ALA J 400 -53.17 88.03 12.34
CA ALA J 400 -54.64 88.20 12.33
C ALA J 400 -55.15 88.79 11.02
N SER J 401 -54.26 89.39 10.24
CA SER J 401 -54.69 90.11 9.05
C SER J 401 -53.63 90.08 7.98
N GLU J 402 -54.04 90.37 6.75
CA GLU J 402 -53.17 90.32 5.58
C GLU J 402 -52.22 91.53 5.58
N GLU J 403 -52.72 92.70 5.99
CA GLU J 403 -51.87 93.89 6.13
C GLU J 403 -50.74 93.62 7.15
N GLU J 404 -51.09 93.00 8.28
CA GLU J 404 -50.14 92.62 9.33
C GLU J 404 -49.12 91.59 8.87
N LEU J 405 -49.60 90.57 8.15
CA LEU J 405 -48.73 89.55 7.60
C LEU J 405 -47.58 90.14 6.79
N VAL J 406 -47.92 90.96 5.79
CA VAL J 406 -46.93 91.52 4.87
C VAL J 406 -45.85 92.34 5.60
N ARG J 407 -46.22 93.11 6.61
CA ARG J 407 -45.22 93.83 7.38
C ARG J 407 -44.31 92.84 8.15
N LEU J 408 -44.92 91.89 8.86
CA LEU J 408 -44.17 90.86 9.57
C LEU J 408 -43.21 90.10 8.64
N ALA J 409 -43.75 89.61 7.53
CA ALA J 409 -43.01 88.83 6.56
C ALA J 409 -41.80 89.58 6.00
N ASN J 410 -41.99 90.84 5.61
CA ASN J 410 -40.93 91.64 4.99
C ASN J 410 -40.00 92.34 5.98
N ASP J 411 -40.39 92.39 7.26
CA ASP J 411 -39.59 93.06 8.30
C ASP J 411 -38.27 92.32 8.57
N THR J 412 -37.38 92.37 7.58
CA THR J 412 -36.10 91.68 7.64
C THR J 412 -35.19 92.21 6.52
N GLU J 413 -33.89 92.16 6.76
CA GLU J 413 -32.89 92.63 5.80
C GLU J 413 -32.76 91.71 4.59
N PHE J 414 -33.14 90.43 4.76
CA PHE J 414 -32.94 89.40 3.75
C PHE J 414 -34.19 89.19 2.90
N GLY J 415 -34.04 88.47 1.79
CA GLY J 415 -35.16 88.18 0.91
C GLY J 415 -34.89 87.09 -0.12
N LEU J 416 -34.63 85.88 0.36
CA LEU J 416 -34.34 84.76 -0.52
C LEU J 416 -35.62 84.07 -0.92
N ALA J 417 -36.10 83.16 -0.06
CA ALA J 417 -37.29 82.36 -0.33
C ALA J 417 -38.43 82.68 0.61
N ALA J 418 -39.65 82.48 0.10
CA ALA J 418 -40.88 82.62 0.89
C ALA J 418 -41.85 81.50 0.49
N TYR J 419 -42.73 81.13 1.42
CA TYR J 419 -43.72 80.08 1.17
C TYR J 419 -45.11 80.54 1.59
N LEU J 420 -46.09 80.23 0.76
CA LEU J 420 -47.42 80.78 0.95
C LEU J 420 -48.50 79.74 0.69
N TYR J 421 -49.32 79.51 1.70
CA TYR J 421 -50.45 78.58 1.61
C TYR J 421 -51.79 79.28 1.78
N SER J 422 -52.52 79.36 0.68
CA SER J 422 -53.84 79.94 0.63
C SER J 422 -54.52 79.33 -0.58
N ARG J 423 -55.84 79.40 -0.58
CA ARG J 423 -56.64 78.76 -1.61
C ARG J 423 -57.24 79.81 -2.55
N ASP J 424 -57.49 81.01 -2.01
CA ASP J 424 -58.12 82.11 -2.77
C ASP J 424 -57.14 82.81 -3.71
N ILE J 425 -57.41 82.70 -5.01
CA ILE J 425 -56.54 83.24 -6.08
C ILE J 425 -56.21 84.75 -5.93
N GLY J 426 -57.17 85.54 -5.46
CA GLY J 426 -56.93 86.95 -5.20
C GLY J 426 -55.88 87.16 -4.12
N ARG J 427 -56.04 86.45 -3.01
CA ARG J 427 -55.11 86.54 -1.89
C ARG J 427 -53.70 86.13 -2.28
N VAL J 428 -53.61 85.09 -3.09
CA VAL J 428 -52.33 84.52 -3.48
C VAL J 428 -51.53 85.55 -4.26
N TRP J 429 -52.18 86.15 -5.27
CA TRP J 429 -51.55 87.15 -6.12
C TRP J 429 -51.15 88.43 -5.39
N ARG J 430 -52.02 88.89 -4.49
CA ARG J 430 -51.75 90.10 -3.69
C ARG J 430 -50.52 89.92 -2.82
N VAL J 431 -50.53 88.87 -2.00
CA VAL J 431 -49.45 88.58 -1.07
C VAL J 431 -48.14 88.18 -1.79
N ALA J 432 -48.26 87.40 -2.86
CA ALA J 432 -47.09 87.03 -3.66
C ALA J 432 -46.37 88.25 -4.22
N GLU J 433 -47.15 89.22 -4.70
CA GLU J 433 -46.61 90.47 -5.25
C GLU J 433 -45.96 91.35 -4.20
N ALA J 434 -46.57 91.43 -3.03
CA ALA J 434 -46.10 92.27 -1.93
C ALA J 434 -44.88 91.69 -1.20
N LEU J 435 -44.74 90.36 -1.27
CA LEU J 435 -43.64 89.67 -0.61
C LEU J 435 -42.29 90.02 -1.25
N GLU J 436 -41.38 90.52 -0.43
CA GLU J 436 -40.08 90.96 -0.94
C GLU J 436 -39.06 89.81 -0.93
N TYR J 437 -39.28 88.85 -1.80
CA TYR J 437 -38.46 87.67 -1.87
C TYR J 437 -38.20 87.31 -3.32
N GLY J 438 -37.02 86.75 -3.57
CA GLY J 438 -36.65 86.34 -4.92
C GLY J 438 -37.44 85.14 -5.40
N MET J 439 -37.85 84.29 -4.47
CA MET J 439 -38.53 83.05 -4.80
C MET J 439 -39.68 82.80 -3.83
N VAL J 440 -40.85 82.53 -4.37
CA VAL J 440 -42.03 82.27 -3.57
C VAL J 440 -42.68 80.96 -3.97
N GLY J 441 -42.83 80.07 -2.99
CA GLY J 441 -43.56 78.82 -3.19
C GLY J 441 -45.00 79.06 -2.84
N ILE J 442 -45.89 78.65 -3.74
CA ILE J 442 -47.33 78.83 -3.55
C ILE J 442 -48.00 77.47 -3.39
N ASN J 443 -48.48 77.21 -2.17
CA ASN J 443 -49.05 75.92 -1.80
C ASN J 443 -48.08 74.74 -1.99
N THR J 444 -46.78 75.02 -1.88
CA THR J 444 -45.72 74.02 -1.90
C THR J 444 -44.51 74.49 -1.10
N GLY J 445 -43.78 73.53 -0.53
CA GLY J 445 -42.65 73.84 0.33
C GLY J 445 -41.32 73.54 -0.32
N LEU J 446 -41.36 73.01 -1.53
CA LEU J 446 -40.15 72.74 -2.29
C LEU J 446 -40.25 73.43 -3.63
N ILE J 447 -39.22 74.19 -3.95
CA ILE J 447 -39.27 75.09 -5.10
C ILE J 447 -38.02 75.02 -6.01
N SER J 448 -37.01 74.28 -5.55
CA SER J 448 -35.71 74.24 -6.23
C SER J 448 -35.61 73.20 -7.35
N ASN J 449 -35.23 73.70 -8.52
CA ASN J 449 -34.93 72.91 -9.69
C ASN J 449 -33.91 73.67 -10.53
N GLU J 450 -33.60 73.17 -11.72
CA GLU J 450 -32.55 73.76 -12.54
C GLU J 450 -33.07 74.77 -13.55
N VAL J 451 -34.35 74.68 -13.87
CA VAL J 451 -34.96 75.51 -14.91
C VAL J 451 -35.47 76.84 -14.33
N ALA J 452 -35.68 76.88 -13.02
CA ALA J 452 -36.15 78.11 -12.36
C ALA J 452 -34.99 78.93 -11.83
N PRO J 453 -35.04 80.26 -12.05
CA PRO J 453 -33.99 81.18 -11.61
C PRO J 453 -33.93 81.26 -10.09
N PHE J 454 -32.73 81.06 -9.55
CA PHE J 454 -32.53 80.93 -8.12
C PHE J 454 -31.68 82.05 -7.59
N GLY J 455 -32.22 82.77 -6.62
CA GLY J 455 -31.48 83.84 -5.97
C GLY J 455 -32.42 84.65 -5.14
N GLY J 456 -31.89 85.69 -4.51
CA GLY J 456 -32.70 86.54 -3.64
C GLY J 456 -32.58 88.01 -3.96
N VAL J 457 -33.29 88.82 -3.20
CA VAL J 457 -33.25 90.27 -3.33
C VAL J 457 -32.81 90.86 -2.00
N LYS J 458 -32.62 92.19 -1.96
CA LYS J 458 -32.12 92.88 -0.76
C LYS J 458 -30.77 92.32 -0.33
N GLN J 459 -30.61 92.01 0.97
CA GLN J 459 -29.34 91.48 1.51
C GLN J 459 -29.06 89.99 1.23
N SER J 460 -29.91 89.37 0.40
CA SER J 460 -29.75 87.94 0.12
C SER J 460 -28.87 87.72 -1.12
N GLY J 461 -28.36 88.81 -1.67
CA GLY J 461 -27.36 88.74 -2.72
C GLY J 461 -27.71 89.35 -4.06
N LEU J 462 -27.01 88.90 -5.10
CA LEU J 462 -27.12 89.44 -6.46
C LEU J 462 -27.12 88.30 -7.45
N GLY J 463 -27.76 88.52 -8.60
CA GLY J 463 -27.78 87.55 -9.69
C GLY J 463 -28.66 86.33 -9.48
N ARG J 464 -28.76 85.51 -10.54
CA ARG J 464 -29.58 84.30 -10.52
C ARG J 464 -28.83 83.10 -11.12
N GLU J 465 -28.99 81.93 -10.48
CA GLU J 465 -28.37 80.68 -10.94
C GLU J 465 -29.45 79.74 -11.44
N GLY J 466 -29.18 79.03 -12.54
CA GLY J 466 -30.17 78.16 -13.16
C GLY J 466 -31.10 78.93 -14.09
N SER J 467 -31.79 78.19 -14.97
CA SER J 467 -32.61 78.76 -16.05
C SER J 467 -31.74 79.42 -17.12
N HIS J 468 -32.36 80.10 -18.09
CA HIS J 468 -31.61 80.83 -19.11
C HIS J 468 -30.87 82.05 -18.52
N TYR J 469 -31.27 82.47 -17.33
CA TYR J 469 -30.59 83.57 -16.63
C TYR J 469 -29.25 83.12 -16.06
N GLY J 470 -29.13 81.80 -15.85
CA GLY J 470 -27.97 81.21 -15.20
C GLY J 470 -26.63 81.48 -15.89
N ILE J 471 -26.65 81.56 -17.22
CA ILE J 471 -25.41 81.70 -18.00
C ILE J 471 -25.00 83.15 -18.28
N ASP J 472 -25.98 84.05 -18.39
CA ASP J 472 -25.73 85.48 -18.68
C ASP J 472 -24.61 86.11 -17.85
N ASP J 473 -24.57 85.75 -16.57
CA ASP J 473 -23.56 86.29 -15.65
C ASP J 473 -22.14 85.78 -15.96
N TYR J 474 -22.03 84.88 -16.94
CA TYR J 474 -20.75 84.27 -17.29
C TYR J 474 -20.27 84.70 -18.66
N VAL J 475 -21.16 85.36 -19.39
CA VAL J 475 -20.80 85.94 -20.68
C VAL J 475 -20.76 87.45 -20.54
N VAL J 476 -20.14 88.08 -21.51
CA VAL J 476 -20.08 89.53 -21.54
C VAL J 476 -20.46 89.94 -22.96
N ILE J 477 -21.03 91.13 -23.13
CA ILE J 477 -21.64 91.46 -24.42
C ILE J 477 -20.81 92.43 -25.28
N LYS J 478 -20.72 92.11 -26.56
CA LYS J 478 -19.99 92.94 -27.49
C LYS J 478 -20.92 93.55 -28.53
N TYR J 479 -20.98 94.87 -28.52
CA TYR J 479 -21.71 95.61 -29.53
C TYR J 479 -20.77 95.93 -30.69
N LEU J 480 -21.16 95.47 -31.89
CA LEU J 480 -20.40 95.73 -33.09
C LEU J 480 -21.21 96.63 -34.01
N CYS J 481 -20.62 97.76 -34.39
CA CYS J 481 -21.28 98.74 -35.24
C CYS J 481 -20.67 98.72 -36.63
N VAL J 482 -21.42 98.19 -37.60
CA VAL J 482 -20.92 97.93 -38.95
C VAL J 482 -21.36 99.01 -39.94
N ALA J 483 -20.38 99.65 -40.59
CA ALA J 483 -20.64 100.73 -41.53
C ALA J 483 -20.95 100.18 -42.90
N VAL J 484 -22.23 100.09 -43.22
CA VAL J 484 -22.67 99.57 -44.50
C VAL J 484 -22.31 100.52 -45.66
N GLY K 3 -30.41 134.13 -19.15
CA GLY K 3 -29.99 135.50 -19.55
C GLY K 3 -30.33 135.78 -21.01
N SER K 4 -29.55 135.18 -21.91
CA SER K 4 -29.85 135.26 -23.34
C SER K 4 -30.60 134.01 -23.80
N MET K 5 -31.76 133.77 -23.19
CA MET K 5 -32.60 132.60 -23.51
C MET K 5 -34.08 132.92 -23.51
N LYS K 6 -34.83 132.16 -24.31
CA LYS K 6 -36.29 132.28 -24.43
C LYS K 6 -36.98 132.06 -23.09
N ASP K 7 -36.57 130.99 -22.41
CA ASP K 7 -37.02 130.69 -21.05
C ASP K 7 -35.82 130.69 -20.11
N PRO K 8 -35.47 131.88 -19.55
CA PRO K 8 -34.33 131.99 -18.62
C PRO K 8 -34.49 131.28 -17.26
N SER K 9 -35.68 130.75 -16.97
CA SER K 9 -35.89 129.96 -15.76
C SER K 9 -35.41 128.51 -15.89
N LEU K 10 -34.96 128.14 -17.08
CA LEU K 10 -34.29 126.86 -17.32
C LEU K 10 -32.92 126.79 -16.65
N LEU K 11 -32.35 127.94 -16.32
CA LEU K 11 -31.12 128.00 -15.56
C LEU K 11 -31.47 128.03 -14.08
N ARG K 12 -30.99 127.04 -13.35
CA ARG K 12 -31.34 126.93 -11.94
C ARG K 12 -30.13 127.27 -11.07
N HIS K 13 -30.38 127.87 -9.91
CA HIS K 13 -29.29 128.11 -8.95
C HIS K 13 -29.53 127.40 -7.63
N GLN K 14 -30.55 126.55 -7.61
CA GLN K 14 -30.86 125.70 -6.48
C GLN K 14 -30.85 124.23 -6.92
N ALA K 15 -30.55 123.33 -5.99
CA ALA K 15 -30.60 121.89 -6.26
C ALA K 15 -32.03 121.41 -6.11
N TYR K 16 -32.27 120.14 -6.39
CA TYR K 16 -33.62 119.58 -6.41
C TYR K 16 -33.72 118.41 -5.43
N ILE K 17 -34.28 118.68 -4.25
CA ILE K 17 -34.28 117.71 -3.14
C ILE K 17 -35.71 117.31 -2.78
N GLY K 18 -36.03 116.05 -3.08
CA GLY K 18 -37.35 115.49 -2.80
C GLY K 18 -38.47 116.19 -3.54
N GLY K 19 -38.13 116.76 -4.69
CA GLY K 19 -39.11 117.47 -5.50
C GLY K 19 -39.30 118.92 -5.09
N GLU K 20 -38.31 119.46 -4.38
CA GLU K 20 -38.34 120.87 -4.00
C GLU K 20 -37.01 121.57 -4.20
N TRP K 21 -37.06 122.80 -4.70
CA TRP K 21 -35.87 123.57 -5.02
C TRP K 21 -35.27 124.17 -3.75
N GLN K 22 -33.99 123.90 -3.52
CA GLN K 22 -33.38 124.23 -2.23
C GLN K 22 -31.94 124.72 -2.32
N ALA K 23 -31.58 125.59 -1.39
CA ALA K 23 -30.18 125.89 -1.10
C ALA K 23 -29.64 124.87 -0.09
N ALA K 24 -28.32 124.79 0.03
CA ALA K 24 -27.70 123.96 1.06
C ALA K 24 -28.12 124.44 2.45
N ASP K 25 -28.10 123.52 3.41
CA ASP K 25 -28.42 123.84 4.80
C ASP K 25 -27.44 124.86 5.36
N SER K 26 -26.20 124.78 4.91
CA SER K 26 -25.14 125.69 5.31
C SER K 26 -25.12 126.97 4.49
N ASP K 27 -25.87 126.99 3.39
CA ASP K 27 -25.84 128.09 2.41
C ASP K 27 -24.54 128.13 1.60
N ALA K 28 -23.74 127.08 1.73
CA ALA K 28 -22.50 126.96 0.97
C ALA K 28 -22.78 126.76 -0.54
N THR K 29 -21.84 127.23 -1.37
CA THR K 29 -21.98 127.15 -2.82
C THR K 29 -20.63 126.93 -3.48
N PHE K 30 -20.63 126.44 -4.71
CA PHE K 30 -19.51 126.77 -5.60
C PHE K 30 -19.98 127.52 -6.84
N GLU K 31 -19.07 128.30 -7.40
CA GLU K 31 -19.33 129.12 -8.57
C GLU K 31 -18.98 128.31 -9.81
N VAL K 32 -19.79 128.45 -10.84
CA VAL K 32 -19.54 127.79 -12.11
C VAL K 32 -18.97 128.81 -13.09
N PHE K 33 -17.90 128.43 -13.76
CA PHE K 33 -17.20 129.31 -14.71
C PHE K 33 -17.25 128.77 -16.14
N ASP K 34 -17.46 129.65 -17.12
CA ASP K 34 -17.36 129.31 -18.54
C ASP K 34 -15.92 128.89 -18.83
N PRO K 35 -15.72 127.69 -19.41
CA PRO K 35 -14.34 127.30 -19.71
C PRO K 35 -13.75 127.98 -20.96
N ALA K 36 -14.58 128.78 -21.65
CA ALA K 36 -14.13 129.55 -22.82
C ALA K 36 -13.60 130.95 -22.49
N THR K 37 -14.22 131.62 -21.51
CA THR K 37 -13.90 133.01 -21.18
C THR K 37 -13.49 133.19 -19.72
N GLY K 38 -13.90 132.26 -18.88
CA GLY K 38 -13.58 132.31 -17.46
C GLY K 38 -14.61 133.12 -16.69
N GLU K 39 -15.67 133.55 -17.36
CA GLU K 39 -16.70 134.34 -16.69
C GLU K 39 -17.68 133.45 -15.89
N SER K 40 -18.21 134.02 -14.82
CA SER K 40 -19.05 133.29 -13.87
C SER K 40 -20.46 133.11 -14.38
N LEU K 41 -21.02 131.92 -14.14
CA LEU K 41 -22.41 131.64 -14.51
C LEU K 41 -23.29 131.66 -13.25
N GLY K 42 -22.73 132.18 -12.16
CA GLY K 42 -23.42 132.22 -10.88
C GLY K 42 -23.14 130.99 -10.05
N THR K 43 -24.02 130.73 -9.09
CA THR K 43 -23.77 129.67 -8.12
C THR K 43 -24.75 128.51 -8.16
N VAL K 44 -24.31 127.39 -7.59
CA VAL K 44 -25.17 126.25 -7.28
C VAL K 44 -24.83 125.82 -5.84
N PRO K 45 -25.77 125.15 -5.15
CA PRO K 45 -25.51 124.78 -3.76
C PRO K 45 -24.37 123.78 -3.61
N LYS K 46 -23.65 123.88 -2.50
CA LYS K 46 -22.68 122.88 -2.09
C LYS K 46 -23.23 122.18 -0.85
N MET K 47 -24.00 121.11 -1.09
CA MET K 47 -24.65 120.38 -0.03
C MET K 47 -23.80 119.17 0.37
N GLY K 48 -24.19 118.51 1.46
CA GLY K 48 -23.46 117.35 1.96
C GLY K 48 -24.34 116.12 2.20
N ALA K 49 -24.10 115.44 3.32
CA ALA K 49 -24.82 114.22 3.65
C ALA K 49 -26.28 114.46 4.01
N ALA K 50 -26.53 115.43 4.90
CA ALA K 50 -27.87 115.71 5.40
C ALA K 50 -28.90 115.83 4.29
N GLU K 51 -28.62 116.71 3.32
CA GLU K 51 -29.51 116.96 2.18
C GLU K 51 -29.66 115.73 1.27
N THR K 52 -28.59 114.95 1.15
CA THR K 52 -28.61 113.72 0.37
C THR K 52 -29.53 112.68 1.03
N ALA K 53 -29.43 112.53 2.34
CA ALA K 53 -30.33 111.66 3.10
C ALA K 53 -31.81 112.02 2.86
N ARG K 54 -32.12 113.31 2.84
CA ARG K 54 -33.50 113.74 2.67
C ARG K 54 -34.03 113.38 1.29
N ALA K 55 -33.18 113.61 0.28
CA ALA K 55 -33.44 113.19 -1.08
C ALA K 55 -33.66 111.69 -1.15
N ILE K 56 -32.81 110.93 -0.46
CA ILE K 56 -32.95 109.48 -0.37
C ILE K 56 -34.24 109.05 0.34
N GLU K 57 -34.53 109.61 1.51
CA GLU K 57 -35.75 109.28 2.25
C GLU K 57 -36.98 109.63 1.44
N ALA K 58 -36.90 110.73 0.70
CA ALA K 58 -37.99 111.17 -0.16
C ALA K 58 -38.20 110.23 -1.34
N ALA K 59 -37.12 109.65 -1.85
CA ALA K 59 -37.22 108.68 -2.93
C ALA K 59 -37.98 107.46 -2.44
N GLN K 60 -37.63 106.97 -1.26
CA GLN K 60 -38.32 105.84 -0.64
C GLN K 60 -39.80 106.10 -0.40
N ALA K 61 -40.14 107.30 0.05
CA ALA K 61 -41.55 107.64 0.30
C ALA K 61 -42.33 107.62 -1.01
N ALA K 62 -41.70 108.05 -2.09
CA ALA K 62 -42.36 108.15 -3.39
C ALA K 62 -42.52 106.81 -4.12
N TRP K 63 -41.74 105.80 -3.73
CA TRP K 63 -41.68 104.55 -4.48
C TRP K 63 -43.03 103.83 -4.63
N ALA K 64 -43.74 103.63 -3.53
CA ALA K 64 -45.06 102.93 -3.53
C ALA K 64 -46.08 103.53 -4.51
N GLY K 65 -46.16 104.86 -4.57
CA GLY K 65 -47.08 105.57 -5.45
C GLY K 65 -46.70 105.49 -6.91
N TRP K 66 -45.40 105.62 -7.18
CA TRP K 66 -44.82 105.59 -8.54
C TRP K 66 -44.91 104.20 -9.17
N ARG K 67 -44.65 103.15 -8.38
CA ARG K 67 -44.67 101.78 -8.87
C ARG K 67 -46.09 101.25 -9.08
N MET K 68 -47.05 101.87 -8.43
CA MET K 68 -48.46 101.46 -8.52
C MET K 68 -49.06 101.85 -9.87
N LYS K 69 -48.57 102.97 -10.41
CA LYS K 69 -48.87 103.36 -11.79
C LYS K 69 -48.50 102.24 -12.73
N THR K 70 -49.26 102.10 -13.80
CA THR K 70 -48.91 101.20 -14.87
C THR K 70 -47.70 101.72 -15.64
N ALA K 71 -47.05 100.85 -16.41
CA ALA K 71 -45.98 101.27 -17.31
C ALA K 71 -46.42 102.40 -18.26
N LYS K 72 -47.58 102.22 -18.89
CA LYS K 72 -48.20 103.17 -19.83
C LYS K 72 -48.32 104.59 -19.26
N GLU K 73 -48.80 104.69 -18.02
CA GLU K 73 -48.91 105.95 -17.28
C GLU K 73 -47.57 106.62 -17.03
N ARG K 74 -46.55 105.84 -16.72
CA ARG K 74 -45.21 106.36 -16.49
C ARG K 74 -44.59 106.77 -17.82
N ALA K 75 -44.97 106.05 -18.88
CA ALA K 75 -44.55 106.35 -20.24
C ALA K 75 -45.16 107.66 -20.73
N ALA K 76 -46.36 107.97 -20.23
CA ALA K 76 -47.07 109.22 -20.58
C ALA K 76 -46.29 110.40 -20.04
N ILE K 77 -45.84 110.26 -18.79
CA ILE K 77 -45.08 111.28 -18.10
C ILE K 77 -43.68 111.44 -18.71
N LEU K 78 -43.05 110.34 -19.08
CA LEU K 78 -41.74 110.41 -19.69
C LEU K 78 -41.79 111.02 -21.07
N ARG K 79 -42.88 110.75 -21.80
CA ARG K 79 -43.06 111.27 -23.15
C ARG K 79 -43.26 112.79 -23.12
N ARG K 80 -43.90 113.27 -22.06
CA ARG K 80 -44.01 114.70 -21.85
C ARG K 80 -42.66 115.34 -21.53
N TRP K 81 -41.87 114.64 -20.72
CA TRP K 81 -40.54 115.11 -20.39
C TRP K 81 -39.69 115.17 -21.66
N PHE K 82 -39.71 114.06 -22.41
CA PHE K 82 -39.17 114.00 -23.77
C PHE K 82 -39.60 115.20 -24.64
N ASP K 83 -40.90 115.47 -24.70
CA ASP K 83 -41.42 116.56 -25.53
C ASP K 83 -40.87 117.92 -25.12
N LEU K 84 -40.87 118.19 -23.82
CA LEU K 84 -40.34 119.45 -23.31
C LEU K 84 -38.87 119.62 -23.64
N VAL K 85 -38.08 118.55 -23.50
CA VAL K 85 -36.69 118.59 -23.92
C VAL K 85 -36.60 119.01 -25.38
N ILE K 86 -37.42 118.41 -26.24
CA ILE K 86 -37.45 118.76 -27.67
C ILE K 86 -37.87 120.23 -27.91
N ALA K 87 -38.88 120.69 -27.18
CA ALA K 87 -39.37 122.07 -27.32
C ALA K 87 -38.42 123.13 -26.77
N ASN K 88 -37.45 122.70 -25.96
CA ASN K 88 -36.49 123.63 -25.34
C ASN K 88 -35.08 123.31 -25.76
N SER K 89 -34.97 122.53 -26.84
CA SER K 89 -33.70 122.11 -27.39
C SER K 89 -32.70 123.25 -27.54
N ASP K 90 -33.17 124.40 -28.02
CA ASP K 90 -32.30 125.57 -28.22
C ASP K 90 -31.66 126.08 -26.93
N ASP K 91 -32.48 126.43 -25.93
CA ASP K 91 -31.97 126.95 -24.66
C ASP K 91 -31.05 125.96 -23.97
N LEU K 92 -31.47 124.69 -23.95
CA LEU K 92 -30.69 123.65 -23.30
C LEU K 92 -29.31 123.53 -23.92
N ALA K 93 -29.26 123.62 -25.25
CA ALA K 93 -28.02 123.54 -26.01
C ALA K 93 -27.07 124.67 -25.64
N LEU K 94 -27.65 125.86 -25.48
CA LEU K 94 -26.89 127.05 -25.10
C LEU K 94 -26.30 126.88 -23.71
N ILE K 95 -27.14 126.47 -22.75
CA ILE K 95 -26.70 126.14 -21.38
C ILE K 95 -25.50 125.20 -21.40
N LEU K 96 -25.61 124.14 -22.19
CA LEU K 96 -24.59 123.09 -22.27
C LEU K 96 -23.23 123.61 -22.78
N THR K 97 -23.26 124.32 -23.91
CA THR K 97 -22.06 124.97 -24.46
C THR K 97 -21.45 125.97 -23.45
N THR K 98 -22.28 126.90 -22.95
CA THR K 98 -21.85 127.89 -21.97
C THR K 98 -21.08 127.27 -20.80
N GLU K 99 -21.55 126.12 -20.30
CA GLU K 99 -20.97 125.53 -19.09
C GLU K 99 -19.89 124.46 -19.35
N GLN K 100 -20.01 123.72 -20.45
CA GLN K 100 -19.11 122.60 -20.72
C GLN K 100 -18.03 122.94 -21.75
N GLY K 101 -18.35 123.84 -22.68
CA GLY K 101 -17.38 124.33 -23.64
C GLY K 101 -17.65 123.97 -25.08
N LYS K 102 -18.16 122.75 -25.30
CA LYS K 102 -18.37 122.18 -26.65
C LYS K 102 -19.20 123.08 -27.60
N PRO K 103 -18.98 122.93 -28.92
CA PRO K 103 -19.74 123.72 -29.91
C PRO K 103 -21.25 123.51 -29.83
N LEU K 104 -22.01 124.54 -30.18
CA LEU K 104 -23.48 124.49 -30.23
C LEU K 104 -24.05 123.30 -31.02
N ALA K 105 -23.42 122.96 -32.13
CA ALA K 105 -23.90 121.85 -32.97
C ALA K 105 -23.79 120.54 -32.21
N GLU K 106 -22.65 120.33 -31.56
CA GLU K 106 -22.43 119.17 -30.71
C GLU K 106 -23.32 119.21 -29.47
N ALA K 107 -23.57 120.41 -28.95
CA ALA K 107 -24.54 120.59 -27.87
C ALA K 107 -25.94 120.20 -28.32
N LYS K 108 -26.36 120.66 -29.50
CA LYS K 108 -27.68 120.34 -30.02
C LYS K 108 -27.82 118.86 -30.34
N GLY K 109 -26.74 118.27 -30.84
CA GLY K 109 -26.66 116.82 -31.01
C GLY K 109 -26.99 116.12 -29.71
N GLU K 110 -26.24 116.44 -28.65
CA GLU K 110 -26.41 115.80 -27.35
C GLU K 110 -27.82 115.90 -26.78
N ILE K 111 -28.51 116.99 -27.08
CA ILE K 111 -29.89 117.16 -26.61
C ILE K 111 -30.78 116.15 -27.31
N ALA K 112 -30.65 116.05 -28.63
CA ALA K 112 -31.42 115.10 -29.42
C ALA K 112 -31.12 113.67 -28.95
N TYR K 113 -29.86 113.44 -28.61
CA TYR K 113 -29.36 112.17 -28.14
C TYR K 113 -29.88 111.85 -26.74
N ALA K 114 -29.96 112.87 -25.89
CA ALA K 114 -30.51 112.73 -24.54
C ALA K 114 -32.00 112.44 -24.60
N ALA K 115 -32.69 113.19 -25.42
CA ALA K 115 -34.11 112.99 -25.64
C ALA K 115 -34.41 111.58 -26.12
N SER K 116 -33.58 111.05 -27.02
CA SER K 116 -33.81 109.73 -27.60
C SER K 116 -33.80 108.61 -26.54
N PHE K 117 -32.95 108.75 -25.51
CA PHE K 117 -32.96 107.82 -24.39
C PHE K 117 -34.27 107.89 -23.61
N ILE K 118 -34.77 109.11 -23.40
CA ILE K 118 -36.03 109.31 -22.71
C ILE K 118 -37.16 108.57 -23.42
N GLU K 119 -37.26 108.76 -24.74
CA GLU K 119 -38.27 108.11 -25.57
C GLU K 119 -38.15 106.58 -25.49
N TRP K 120 -36.93 106.09 -25.66
CA TRP K 120 -36.67 104.67 -25.73
C TRP K 120 -37.17 103.95 -24.48
N PHE K 121 -36.84 104.49 -23.31
CA PHE K 121 -37.23 103.86 -22.05
C PHE K 121 -38.69 104.05 -21.66
N ALA K 122 -39.29 105.15 -22.08
CA ALA K 122 -40.75 105.26 -22.03
C ALA K 122 -41.34 103.98 -22.66
N GLU K 123 -40.83 103.60 -23.82
CA GLU K 123 -41.30 102.41 -24.54
C GLU K 123 -40.84 101.12 -23.90
N GLU K 124 -39.55 101.07 -23.54
CA GLU K 124 -39.00 99.91 -22.87
C GLU K 124 -39.79 99.54 -21.63
N GLY K 125 -40.26 100.54 -20.89
CA GLY K 125 -41.00 100.33 -19.66
C GLY K 125 -42.15 99.36 -19.81
N LYS K 126 -42.80 99.42 -20.97
CA LYS K 126 -43.99 98.63 -21.27
C LYS K 126 -43.66 97.22 -21.78
N ARG K 127 -42.38 96.92 -21.92
CA ARG K 127 -41.96 95.63 -22.44
C ARG K 127 -41.19 94.76 -21.45
N VAL K 128 -40.92 95.30 -20.26
CA VAL K 128 -40.23 94.59 -19.19
C VAL K 128 -40.99 93.29 -18.87
N ALA K 129 -40.38 92.15 -19.19
CA ALA K 129 -41.12 90.89 -19.19
C ALA K 129 -40.47 89.75 -18.46
N GLY K 130 -41.30 88.92 -17.83
CA GLY K 130 -40.86 87.66 -17.27
C GLY K 130 -41.23 86.51 -18.20
N ASP K 131 -41.24 85.28 -17.69
CA ASP K 131 -41.59 84.12 -18.51
C ASP K 131 -42.48 83.13 -17.77
N THR K 132 -43.05 82.22 -18.55
CA THR K 132 -43.69 81.02 -18.04
C THR K 132 -42.99 79.83 -18.71
N LEU K 133 -42.41 78.96 -17.88
CA LEU K 133 -41.49 77.92 -18.34
C LEU K 133 -42.01 76.50 -18.12
N PRO K 134 -41.56 75.53 -18.96
CA PRO K 134 -41.95 74.13 -18.79
C PRO K 134 -41.40 73.59 -17.47
N THR K 135 -42.26 72.99 -16.67
CA THR K 135 -41.89 72.57 -15.33
C THR K 135 -41.27 71.18 -15.35
N PRO K 136 -40.28 70.92 -14.48
CA PRO K 136 -39.69 69.59 -14.37
C PRO K 136 -40.37 68.73 -13.31
N ASP K 137 -41.54 69.16 -12.85
CA ASP K 137 -42.36 68.40 -11.90
C ASP K 137 -43.82 68.69 -12.20
N ALA K 138 -44.53 67.64 -12.64
CA ALA K 138 -45.91 67.76 -13.11
C ALA K 138 -46.88 68.41 -12.13
N ASN K 139 -46.57 68.35 -10.83
CA ASN K 139 -47.41 68.97 -9.80
C ASN K 139 -47.03 70.43 -9.47
N LYS K 140 -46.23 71.06 -10.33
CA LYS K 140 -45.75 72.43 -10.08
C LYS K 140 -45.63 73.25 -11.35
N ARG K 141 -45.89 74.56 -11.26
CA ARG K 141 -45.72 75.47 -12.40
C ARG K 141 -44.73 76.58 -12.11
N ILE K 142 -43.96 76.94 -13.14
CA ILE K 142 -42.93 77.96 -13.03
C ILE K 142 -43.34 79.23 -13.77
N VAL K 143 -43.55 80.29 -12.98
CA VAL K 143 -43.93 81.60 -13.47
C VAL K 143 -42.91 82.59 -12.93
N VAL K 144 -42.30 83.36 -13.83
CA VAL K 144 -41.30 84.34 -13.45
C VAL K 144 -41.78 85.75 -13.76
N VAL K 145 -41.78 86.62 -12.76
CA VAL K 145 -42.10 88.04 -12.97
C VAL K 145 -40.94 88.95 -12.60
N LYS K 146 -40.93 90.14 -13.18
CA LYS K 146 -39.92 91.17 -12.91
C LYS K 146 -40.58 92.37 -12.23
N GLU K 147 -39.86 93.01 -11.32
CA GLU K 147 -40.40 94.16 -10.58
C GLU K 147 -39.29 95.15 -10.20
N PRO K 148 -39.64 96.41 -9.89
CA PRO K 148 -38.62 97.43 -9.62
C PRO K 148 -37.76 97.12 -8.40
N ILE K 149 -36.45 97.30 -8.51
CA ILE K 149 -35.52 97.03 -7.40
C ILE K 149 -35.70 97.96 -6.20
N GLY K 150 -35.97 99.23 -6.46
CA GLY K 150 -36.19 100.22 -5.39
C GLY K 150 -35.48 101.54 -5.60
N VAL K 151 -35.02 102.14 -4.51
CA VAL K 151 -34.34 103.44 -4.57
C VAL K 151 -32.99 103.35 -5.30
N CYS K 152 -32.89 104.08 -6.40
CA CYS K 152 -31.68 104.07 -7.22
C CYS K 152 -30.90 105.36 -7.03
N ALA K 153 -29.60 105.30 -7.29
CA ALA K 153 -28.77 106.48 -7.29
C ALA K 153 -27.87 106.45 -8.52
N ALA K 154 -27.47 107.63 -8.97
CA ALA K 154 -26.58 107.80 -10.13
C ALA K 154 -25.59 108.94 -9.94
N ILE K 155 -24.33 108.68 -10.27
CA ILE K 155 -23.29 109.71 -10.23
C ILE K 155 -22.74 109.89 -11.64
N THR K 156 -22.86 111.10 -12.17
CA THR K 156 -22.62 111.37 -13.61
C THR K 156 -21.47 112.35 -13.84
N PRO K 157 -20.71 112.17 -14.94
CA PRO K 157 -19.56 113.01 -15.23
C PRO K 157 -19.94 114.28 -15.99
N TRP K 158 -18.94 115.07 -16.36
CA TRP K 158 -19.13 116.41 -16.94
C TRP K 158 -19.15 116.45 -18.46
N ASN K 159 -18.52 115.47 -19.11
CA ASN K 159 -18.33 115.53 -20.57
C ASN K 159 -19.60 115.49 -21.40
N PHE K 160 -20.62 114.81 -20.89
CA PHE K 160 -21.94 114.85 -21.52
C PHE K 160 -23.01 115.19 -20.47
N PRO K 161 -23.00 116.43 -19.98
CA PRO K 161 -23.80 116.79 -18.81
C PRO K 161 -25.32 116.62 -18.97
N ALA K 162 -25.79 116.38 -20.19
CA ALA K 162 -27.22 116.20 -20.42
C ALA K 162 -27.59 114.73 -20.64
N ALA K 163 -26.97 114.11 -21.64
CA ALA K 163 -27.25 112.71 -22.00
C ALA K 163 -27.10 111.73 -20.82
N MET K 164 -26.11 111.98 -19.97
CA MET K 164 -25.86 111.16 -18.78
C MET K 164 -27.07 111.13 -17.85
N ILE K 165 -27.72 112.28 -17.70
CA ILE K 165 -28.89 112.38 -16.85
C ILE K 165 -30.07 111.64 -17.49
N ALA K 166 -30.12 111.66 -18.82
CA ALA K 166 -31.16 110.96 -19.57
C ALA K 166 -30.97 109.45 -19.50
N ARG K 167 -29.72 109.03 -19.64
CA ARG K 167 -29.33 107.62 -19.65
C ARG K 167 -29.54 106.87 -18.35
N LYS K 168 -29.73 107.62 -17.25
CA LYS K 168 -29.78 106.99 -15.93
C LYS K 168 -31.12 107.17 -15.23
N VAL K 169 -31.70 108.36 -15.36
CA VAL K 169 -33.04 108.63 -14.85
C VAL K 169 -34.07 107.84 -15.67
N GLY K 170 -33.88 107.83 -17.00
CA GLY K 170 -34.82 107.22 -17.92
C GLY K 170 -35.15 105.77 -17.58
N PRO K 171 -34.15 104.88 -17.63
CA PRO K 171 -34.39 103.48 -17.28
C PRO K 171 -34.93 103.28 -15.87
N ALA K 172 -34.39 104.02 -14.90
CA ALA K 172 -34.84 103.95 -13.51
C ALA K 172 -36.33 104.22 -13.40
N LEU K 173 -36.76 105.38 -13.87
CA LEU K 173 -38.17 105.75 -13.84
C LEU K 173 -39.10 104.75 -14.57
N ALA K 174 -38.66 104.27 -15.73
CA ALA K 174 -39.46 103.37 -16.55
C ALA K 174 -39.54 101.97 -15.94
N ALA K 175 -38.55 101.63 -15.12
CA ALA K 175 -38.53 100.35 -14.45
C ALA K 175 -39.48 100.34 -13.27
N GLY K 176 -39.88 101.53 -12.82
CA GLY K 176 -40.72 101.68 -11.64
C GLY K 176 -39.98 102.26 -10.44
N CYS K 177 -38.77 102.77 -10.68
CA CYS K 177 -37.90 103.25 -9.60
C CYS K 177 -37.82 104.77 -9.45
N PRO K 178 -37.60 105.24 -8.21
CA PRO K 178 -37.21 106.62 -7.98
C PRO K 178 -35.69 106.72 -7.98
N ILE K 179 -35.15 107.90 -8.33
CA ILE K 179 -33.70 108.05 -8.48
C ILE K 179 -33.15 109.37 -7.91
N VAL K 180 -31.97 109.25 -7.29
CA VAL K 180 -31.24 110.39 -6.75
C VAL K 180 -29.96 110.57 -7.59
N VAL K 181 -29.81 111.73 -8.20
CA VAL K 181 -28.70 111.96 -9.10
C VAL K 181 -27.77 113.04 -8.56
N LYS K 182 -26.47 112.73 -8.56
CA LYS K 182 -25.42 113.70 -8.27
C LYS K 182 -24.64 113.95 -9.55
N PRO K 183 -24.95 115.06 -10.24
CA PRO K 183 -24.24 115.44 -11.46
C PRO K 183 -22.85 115.97 -11.13
N ALA K 184 -21.97 115.99 -12.13
CA ALA K 184 -20.62 116.54 -11.93
C ALA K 184 -20.69 118.02 -11.55
N GLU K 185 -19.82 118.43 -10.62
CA GLU K 185 -19.82 119.78 -10.04
C GLU K 185 -19.52 120.87 -11.08
N SER K 186 -18.61 120.59 -12.01
CA SER K 186 -18.22 121.59 -13.01
C SER K 186 -19.23 121.83 -14.14
N THR K 187 -20.26 120.99 -14.27
CA THR K 187 -21.32 121.21 -15.28
C THR K 187 -22.73 120.82 -14.81
N PRO K 188 -23.23 121.44 -13.73
CA PRO K 188 -24.49 120.99 -13.08
C PRO K 188 -25.76 121.56 -13.69
N PHE K 189 -25.64 122.59 -14.51
CA PHE K 189 -26.80 123.29 -15.03
C PHE K 189 -27.61 122.41 -15.97
N SER K 190 -26.93 121.61 -16.78
CA SER K 190 -27.61 120.70 -17.71
C SER K 190 -28.53 119.72 -16.97
N ALA K 191 -28.09 119.22 -15.81
CA ALA K 191 -28.89 118.29 -15.01
C ALA K 191 -30.08 118.97 -14.32
N LEU K 192 -29.83 120.13 -13.75
CA LEU K 192 -30.87 120.90 -13.04
C LEU K 192 -31.94 121.40 -13.99
N ALA K 193 -31.51 121.78 -15.19
CA ALA K 193 -32.41 122.23 -16.24
C ALA K 193 -33.39 121.12 -16.56
N MET K 194 -32.88 119.91 -16.69
CA MET K 194 -33.70 118.79 -17.05
C MET K 194 -34.54 118.20 -15.92
N ALA K 195 -34.11 118.43 -14.68
CA ALA K 195 -34.93 118.11 -13.54
C ALA K 195 -36.14 119.03 -13.59
N PHE K 196 -35.90 120.31 -13.88
CA PHE K 196 -36.94 121.32 -13.95
C PHE K 196 -37.99 121.00 -15.02
N LEU K 197 -37.53 120.47 -16.16
CA LEU K 197 -38.43 119.99 -17.21
C LEU K 197 -39.18 118.73 -16.79
N ALA K 198 -38.48 117.83 -16.11
CA ALA K 198 -39.08 116.63 -15.55
C ALA K 198 -40.16 116.96 -14.50
N GLU K 199 -39.89 117.98 -13.68
CA GLU K 199 -40.91 118.51 -12.77
C GLU K 199 -42.14 118.95 -13.53
N ARG K 200 -41.92 119.74 -14.58
CA ARG K 200 -43.03 120.33 -15.31
C ARG K 200 -43.83 119.30 -16.09
N ALA K 201 -43.17 118.23 -16.55
CA ALA K 201 -43.83 117.10 -17.20
C ALA K 201 -44.76 116.30 -16.28
N GLY K 202 -44.60 116.49 -14.97
CA GLY K 202 -45.45 115.81 -13.98
C GLY K 202 -44.84 114.57 -13.35
N VAL K 203 -43.51 114.53 -13.26
CA VAL K 203 -42.82 113.57 -12.39
C VAL K 203 -43.09 113.98 -10.92
N PRO K 204 -43.78 113.10 -10.16
CA PRO K 204 -44.18 113.33 -8.77
C PRO K 204 -43.03 113.73 -7.85
N LYS K 205 -43.31 114.64 -6.92
CA LYS K 205 -42.32 115.05 -5.92
C LYS K 205 -41.80 113.83 -5.17
N GLY K 206 -40.48 113.66 -5.18
CA GLY K 206 -39.84 112.49 -4.56
C GLY K 206 -39.18 111.54 -5.54
N VAL K 207 -39.83 111.33 -6.69
CA VAL K 207 -39.37 110.37 -7.70
C VAL K 207 -38.01 110.75 -8.32
N LEU K 208 -37.74 112.04 -8.42
CA LEU K 208 -36.47 112.51 -8.96
C LEU K 208 -35.85 113.53 -8.01
N SER K 209 -34.57 113.35 -7.71
CA SER K 209 -33.81 114.34 -6.96
C SER K 209 -32.49 114.56 -7.66
N VAL K 210 -32.11 115.84 -7.81
CA VAL K 210 -30.76 116.19 -8.29
C VAL K 210 -30.01 116.98 -7.21
N VAL K 211 -28.92 116.39 -6.74
CA VAL K 211 -28.19 116.86 -5.58
C VAL K 211 -26.81 117.37 -5.98
N ILE K 212 -26.53 118.63 -5.69
CA ILE K 212 -25.24 119.24 -6.00
C ILE K 212 -24.45 119.52 -4.72
N GLY K 213 -23.19 119.12 -4.71
CA GLY K 213 -22.29 119.39 -3.59
C GLY K 213 -20.95 118.67 -3.64
N ASP K 214 -20.42 118.37 -2.45
CA ASP K 214 -19.10 117.75 -2.32
C ASP K 214 -19.16 116.29 -2.76
N PRO K 215 -18.36 115.91 -3.76
CA PRO K 215 -18.36 114.53 -4.26
C PRO K 215 -18.15 113.49 -3.16
N LYS K 216 -17.25 113.77 -2.22
CA LYS K 216 -16.90 112.81 -1.17
C LYS K 216 -18.06 112.59 -0.20
N ALA K 217 -18.52 113.65 0.44
CA ALA K 217 -19.60 113.55 1.42
C ALA K 217 -20.90 112.96 0.85
N ILE K 218 -21.31 113.41 -0.34
CA ILE K 218 -22.52 112.92 -0.99
C ILE K 218 -22.39 111.47 -1.47
N GLY K 219 -21.24 111.14 -2.05
CA GLY K 219 -20.93 109.77 -2.45
C GLY K 219 -20.90 108.79 -1.28
N THR K 220 -20.27 109.20 -0.18
CA THR K 220 -20.23 108.37 1.03
C THR K 220 -21.63 108.08 1.54
N GLU K 221 -22.48 109.11 1.54
CA GLU K 221 -23.86 109.00 1.99
C GLU K 221 -24.64 108.01 1.14
N ILE K 222 -24.54 108.17 -0.18
CA ILE K 222 -25.21 107.29 -1.13
C ILE K 222 -24.80 105.84 -0.94
N THR K 223 -23.50 105.59 -0.77
CA THR K 223 -22.97 104.23 -0.63
C THR K 223 -23.20 103.58 0.74
N SER K 224 -23.37 104.39 1.77
CA SER K 224 -23.55 103.83 3.10
C SER K 224 -25.03 103.68 3.47
N ASN K 225 -25.89 104.47 2.84
CA ASN K 225 -27.32 104.45 3.16
C ASN K 225 -28.00 103.20 2.62
N PRO K 226 -28.55 102.36 3.55
CA PRO K 226 -29.18 101.06 3.21
C PRO K 226 -30.44 101.15 2.33
N ILE K 227 -31.03 102.34 2.22
CA ILE K 227 -32.17 102.57 1.34
C ILE K 227 -31.78 102.47 -0.14
N VAL K 228 -30.59 102.95 -0.48
CA VAL K 228 -30.13 102.92 -1.87
C VAL K 228 -29.77 101.50 -2.19
N ARG K 229 -30.46 100.93 -3.17
CA ARG K 229 -30.27 99.53 -3.52
C ARG K 229 -29.51 99.30 -4.81
N LYS K 230 -29.66 100.19 -5.79
CA LYS K 230 -28.79 100.16 -6.95
C LYS K 230 -28.12 101.50 -7.21
N LEU K 231 -26.85 101.45 -7.63
CA LEU K 231 -26.07 102.64 -7.92
C LEU K 231 -25.46 102.56 -9.30
N SER K 232 -25.64 103.61 -10.08
CA SER K 232 -25.03 103.73 -11.38
C SER K 232 -23.95 104.81 -11.31
N PHE K 233 -22.73 104.46 -11.67
CA PHE K 233 -21.63 105.42 -11.68
C PHE K 233 -21.01 105.52 -13.05
N THR K 234 -20.87 106.76 -13.53
CA THR K 234 -20.02 107.02 -14.68
C THR K 234 -18.94 108.00 -14.28
N GLY K 235 -17.69 107.64 -14.53
CA GLY K 235 -16.55 108.49 -14.20
C GLY K 235 -15.23 107.73 -14.29
N SER K 236 -14.25 108.15 -13.49
CA SER K 236 -12.94 107.55 -13.56
C SER K 236 -12.93 106.18 -12.91
N THR K 237 -12.12 105.28 -13.46
CA THR K 237 -11.97 103.93 -12.96
C THR K 237 -11.57 103.91 -11.47
N ALA K 238 -10.61 104.75 -11.10
CA ALA K 238 -10.13 104.81 -9.73
C ALA K 238 -11.27 105.03 -8.74
N VAL K 239 -12.15 105.97 -9.07
CA VAL K 239 -13.32 106.31 -8.24
C VAL K 239 -14.35 105.16 -8.26
N GLY K 240 -14.48 104.49 -9.41
CA GLY K 240 -15.29 103.28 -9.54
C GLY K 240 -14.96 102.25 -8.47
N ARG K 241 -13.68 101.86 -8.40
CA ARG K 241 -13.20 100.89 -7.41
C ARG K 241 -13.62 101.26 -5.99
N LEU K 242 -13.37 102.50 -5.59
CA LEU K 242 -13.70 102.94 -4.23
C LEU K 242 -15.20 102.91 -3.95
N LEU K 243 -16.01 103.21 -4.96
CA LEU K 243 -17.46 103.19 -4.75
C LEU K 243 -18.01 101.78 -4.59
N MET K 244 -17.37 100.81 -5.25
CA MET K 244 -17.75 99.41 -5.12
C MET K 244 -17.44 98.92 -3.72
N ALA K 245 -16.27 99.30 -3.21
CA ALA K 245 -15.86 98.93 -1.86
C ALA K 245 -16.81 99.51 -0.82
N GLN K 246 -17.34 100.70 -1.10
CA GLN K 246 -18.19 101.42 -0.15
C GLN K 246 -19.64 100.96 -0.22
N SER K 247 -19.99 100.28 -1.31
CA SER K 247 -21.32 99.72 -1.51
C SER K 247 -21.46 98.31 -0.93
N ALA K 248 -20.31 97.69 -0.65
CA ALA K 248 -20.26 96.29 -0.23
C ALA K 248 -21.01 95.99 1.06
N PRO K 249 -20.98 96.91 2.04
CA PRO K 249 -21.74 96.59 3.26
C PRO K 249 -23.24 96.33 3.05
N THR K 250 -23.78 96.76 1.90
CA THR K 250 -25.20 96.56 1.58
C THR K 250 -25.47 95.85 0.24
N VAL K 251 -24.43 95.27 -0.35
CA VAL K 251 -24.60 94.35 -1.47
C VAL K 251 -25.37 94.98 -2.63
N LYS K 252 -25.07 96.23 -2.93
CA LYS K 252 -25.84 96.99 -3.93
C LYS K 252 -25.64 96.45 -5.33
N LYS K 253 -26.67 96.55 -6.16
CA LYS K 253 -26.52 96.29 -7.59
C LYS K 253 -25.74 97.47 -8.15
N LEU K 254 -24.73 97.18 -8.97
CA LEU K 254 -23.84 98.21 -9.46
C LEU K 254 -23.77 98.25 -10.96
N THR K 255 -23.69 99.46 -11.49
CA THR K 255 -23.51 99.71 -12.92
C THR K 255 -22.36 100.69 -13.03
N LEU K 256 -21.30 100.26 -13.68
CA LEU K 256 -20.07 101.02 -13.73
C LEU K 256 -19.63 101.26 -15.16
N GLU K 257 -19.62 102.54 -15.55
CA GLU K 257 -19.08 102.93 -16.85
C GLU K 257 -17.82 103.72 -16.54
N LEU K 258 -16.68 103.06 -16.66
CA LEU K 258 -15.41 103.58 -16.19
C LEU K 258 -14.49 103.94 -17.37
N GLY K 259 -13.17 103.84 -17.15
CA GLY K 259 -12.18 104.27 -18.12
C GLY K 259 -11.99 103.37 -19.32
N GLY K 260 -11.63 103.97 -20.45
CA GLY K 260 -11.26 103.23 -21.64
C GLY K 260 -9.79 103.44 -21.96
N ASN K 261 -9.42 103.12 -23.20
CA ASN K 261 -8.11 103.39 -23.78
C ASN K 261 -8.24 103.02 -25.24
N ALA K 262 -9.13 103.72 -25.94
CA ALA K 262 -9.63 103.26 -27.24
C ALA K 262 -8.56 103.11 -28.32
N PRO K 263 -8.47 101.91 -28.91
CA PRO K 263 -7.66 101.72 -30.09
C PRO K 263 -8.48 101.96 -31.36
N PHE K 264 -7.93 102.79 -32.25
CA PHE K 264 -8.45 102.97 -33.59
C PHE K 264 -7.45 102.28 -34.51
N ILE K 265 -7.92 101.32 -35.30
CA ILE K 265 -7.05 100.48 -36.09
C ILE K 265 -7.26 100.67 -37.59
N VAL K 266 -6.19 101.13 -38.26
CA VAL K 266 -6.20 101.32 -39.70
C VAL K 266 -5.31 100.24 -40.32
N PHE K 267 -5.93 99.35 -41.09
CA PHE K 267 -5.23 98.19 -41.62
C PHE K 267 -4.61 98.35 -43.00
N ASP K 268 -4.03 97.25 -43.47
CA ASP K 268 -3.52 97.08 -44.83
C ASP K 268 -4.52 97.58 -45.89
N ASP K 269 -5.76 97.08 -45.83
CA ASP K 269 -6.76 97.33 -46.87
C ASP K 269 -7.94 98.20 -46.40
N ALA K 270 -7.64 99.17 -45.54
CA ALA K 270 -8.65 100.15 -45.12
C ALA K 270 -8.83 101.19 -46.23
N ASP K 271 -10.03 101.76 -46.32
CA ASP K 271 -10.26 102.95 -47.14
C ASP K 271 -9.71 104.14 -46.36
N LEU K 272 -8.54 104.62 -46.79
CA LEU K 272 -7.79 105.66 -46.06
C LEU K 272 -8.58 106.94 -45.75
N ASP K 273 -9.33 107.42 -46.75
CA ASP K 273 -10.16 108.62 -46.59
C ASP K 273 -11.26 108.41 -45.56
N ALA K 274 -11.86 107.22 -45.58
CA ALA K 274 -12.90 106.85 -44.63
C ALA K 274 -12.33 106.70 -43.22
N ALA K 275 -11.05 106.29 -43.14
CA ALA K 275 -10.36 106.18 -41.86
C ALA K 275 -10.06 107.56 -41.29
N VAL K 276 -9.85 108.53 -42.17
CA VAL K 276 -9.63 109.91 -41.76
C VAL K 276 -10.91 110.53 -41.17
N GLU K 277 -12.03 110.40 -41.91
CA GLU K 277 -13.35 110.86 -41.41
C GLU K 277 -13.67 110.21 -40.05
N GLY K 278 -13.49 108.88 -39.99
CA GLY K 278 -13.67 108.11 -38.75
C GLY K 278 -12.75 108.54 -37.62
N ALA K 279 -11.51 108.88 -37.97
CA ALA K 279 -10.53 109.37 -36.99
C ALA K 279 -10.98 110.69 -36.40
N ILE K 280 -11.25 111.66 -37.27
CA ILE K 280 -11.70 113.00 -36.86
C ILE K 280 -12.92 112.97 -35.94
N ALA K 281 -13.91 112.14 -36.29
CA ALA K 281 -15.14 112.05 -35.50
C ALA K 281 -14.94 111.36 -34.15
N SER K 282 -14.23 110.23 -34.15
CA SER K 282 -13.94 109.47 -32.92
C SER K 282 -12.94 110.15 -32.00
N LYS K 283 -12.00 110.90 -32.59
CA LYS K 283 -10.94 111.55 -31.81
C LYS K 283 -11.24 112.99 -31.38
N TYR K 284 -11.80 113.79 -32.27
CA TYR K 284 -11.85 115.24 -32.05
C TYR K 284 -13.20 115.83 -31.69
N ARG K 285 -14.29 115.05 -31.73
CA ARG K 285 -15.55 115.62 -31.25
C ARG K 285 -15.47 115.72 -29.73
N ASN K 286 -16.18 116.70 -29.17
CA ASN K 286 -16.07 117.05 -27.75
C ASN K 286 -14.61 117.27 -27.33
N ASN K 287 -13.79 117.70 -28.29
CA ASN K 287 -12.36 117.98 -28.08
C ASN K 287 -11.62 116.78 -27.47
N GLY K 288 -12.04 115.57 -27.86
CA GLY K 288 -11.45 114.33 -27.36
C GLY K 288 -11.71 114.05 -25.89
N GLN K 289 -12.81 114.59 -25.36
CA GLN K 289 -13.11 114.46 -23.93
C GLN K 289 -14.20 113.44 -23.59
N THR K 290 -14.48 112.52 -24.51
CA THR K 290 -15.49 111.50 -24.26
C THR K 290 -14.86 110.14 -23.97
N CYS K 291 -15.46 109.40 -23.04
CA CYS K 291 -15.01 108.05 -22.65
C CYS K 291 -14.81 107.12 -23.86
N VAL K 292 -15.58 107.35 -24.91
CA VAL K 292 -15.47 106.57 -26.16
C VAL K 292 -14.40 107.07 -27.14
N CYS K 293 -13.81 108.23 -26.86
CA CYS K 293 -12.81 108.85 -27.75
C CYS K 293 -11.55 108.00 -27.94
N THR K 294 -11.09 107.94 -29.18
CA THR K 294 -9.84 107.27 -29.52
C THR K 294 -8.75 107.79 -28.60
N ASN K 295 -8.02 106.88 -27.97
CA ASN K 295 -6.87 107.28 -27.16
C ASN K 295 -5.54 106.87 -27.80
N ARG K 296 -5.56 105.78 -28.57
CA ARG K 296 -4.39 105.31 -29.30
C ARG K 296 -4.77 104.99 -30.73
N PHE K 297 -4.03 105.55 -31.69
CA PHE K 297 -4.15 105.15 -33.08
C PHE K 297 -3.13 104.07 -33.41
N PHE K 298 -3.59 103.03 -34.09
CA PHE K 298 -2.71 102.00 -34.61
C PHE K 298 -2.81 102.01 -36.14
N VAL K 299 -1.66 102.22 -36.79
CA VAL K 299 -1.60 102.31 -38.25
C VAL K 299 -0.56 101.33 -38.80
N HIS K 300 -0.97 100.55 -39.79
CA HIS K 300 -0.14 99.52 -40.40
C HIS K 300 1.13 100.12 -41.01
N GLU K 301 2.17 99.29 -41.21
CA GLU K 301 3.42 99.74 -41.82
C GLU K 301 3.24 100.49 -43.14
N ARG K 302 2.43 99.91 -44.03
CA ARG K 302 2.34 100.35 -45.43
C ARG K 302 1.57 101.65 -45.65
N VAL K 303 0.60 101.93 -44.78
CA VAL K 303 -0.21 103.14 -44.91
C VAL K 303 0.16 104.21 -43.88
N TYR K 304 1.08 103.88 -42.99
CA TYR K 304 1.40 104.73 -41.85
C TYR K 304 1.57 106.21 -42.22
N ASP K 305 2.45 106.47 -43.18
CA ASP K 305 2.79 107.85 -43.56
C ASP K 305 1.63 108.51 -44.30
N ALA K 306 1.01 107.75 -45.21
CA ALA K 306 -0.12 108.23 -46.00
C ALA K 306 -1.29 108.66 -45.12
N PHE K 307 -1.55 107.87 -44.07
CA PHE K 307 -2.62 108.15 -43.09
C PHE K 307 -2.31 109.41 -42.30
N ALA K 308 -1.08 109.51 -41.79
CA ALA K 308 -0.60 110.68 -41.04
C ALA K 308 -0.61 111.95 -41.90
N ASP K 309 -0.36 111.80 -43.20
CA ASP K 309 -0.38 112.92 -44.12
C ASP K 309 -1.82 113.40 -44.38
N LYS K 310 -2.71 112.47 -44.75
CA LYS K 310 -4.12 112.78 -45.01
C LYS K 310 -4.88 113.29 -43.78
N LEU K 311 -4.49 112.80 -42.60
CA LEU K 311 -5.12 113.14 -41.32
C LEU K 311 -4.83 114.56 -40.86
N ALA K 312 -3.55 114.95 -40.94
CA ALA K 312 -3.09 116.30 -40.60
C ALA K 312 -3.69 117.36 -41.50
N ALA K 313 -4.05 116.97 -42.73
CA ALA K 313 -4.72 117.85 -43.66
C ALA K 313 -6.12 118.25 -43.15
N ALA K 314 -6.85 117.26 -42.63
CA ALA K 314 -8.18 117.47 -42.11
C ALA K 314 -8.16 118.20 -40.76
N VAL K 315 -7.12 117.94 -39.97
CA VAL K 315 -6.97 118.57 -38.65
C VAL K 315 -6.87 120.09 -38.77
N SER K 316 -6.11 120.58 -39.75
CA SER K 316 -6.00 122.00 -40.03
C SER K 316 -7.31 122.58 -40.57
N LYS K 317 -8.17 121.73 -41.14
CA LYS K 317 -9.50 122.17 -41.60
C LYS K 317 -10.42 122.55 -40.42
N LEU K 318 -10.14 122.01 -39.23
CA LEU K 318 -10.92 122.31 -38.03
C LEU K 318 -10.64 123.74 -37.55
N LYS K 319 -11.65 124.36 -36.95
CA LYS K 319 -11.50 125.71 -36.42
C LYS K 319 -11.80 125.77 -34.91
N VAL K 320 -10.82 126.26 -34.16
CA VAL K 320 -10.89 126.41 -32.71
C VAL K 320 -11.53 127.74 -32.32
N GLY K 321 -12.43 127.71 -31.33
CA GLY K 321 -13.11 128.92 -30.81
C GLY K 321 -14.27 128.61 -29.90
N ARG K 322 -14.87 129.65 -29.31
CA ARG K 322 -16.03 129.51 -28.43
C ARG K 322 -17.25 128.88 -29.14
N GLY K 323 -17.92 127.95 -28.46
CA GLY K 323 -19.05 127.21 -29.03
C GLY K 323 -20.23 128.02 -29.55
N THR K 324 -20.47 129.19 -28.95
CA THR K 324 -21.51 130.12 -29.40
C THR K 324 -21.13 130.85 -30.69
N GLU K 325 -19.89 130.66 -31.14
CA GLU K 325 -19.35 131.35 -32.31
C GLU K 325 -19.43 130.44 -33.53
N SER K 326 -19.93 130.98 -34.64
CA SER K 326 -20.16 130.25 -35.90
C SER K 326 -18.91 129.64 -36.53
N GLY K 327 -19.05 128.40 -36.98
CA GLY K 327 -17.98 127.70 -37.66
C GLY K 327 -17.08 126.92 -36.72
N ALA K 328 -17.08 127.31 -35.45
CA ALA K 328 -16.22 126.70 -34.43
C ALA K 328 -16.57 125.22 -34.20
N THR K 329 -15.62 124.36 -34.50
CA THR K 329 -15.83 122.92 -34.36
C THR K 329 -15.03 122.34 -33.20
N LEU K 330 -14.14 123.16 -32.63
CA LEU K 330 -13.38 122.80 -31.43
C LEU K 330 -13.48 123.86 -30.32
N GLY K 331 -14.03 123.46 -29.18
CA GLY K 331 -14.12 124.35 -28.02
C GLY K 331 -12.93 124.21 -27.08
N PRO K 332 -13.05 124.77 -25.86
CA PRO K 332 -11.94 124.60 -24.93
C PRO K 332 -12.04 123.26 -24.21
N LEU K 333 -10.92 122.84 -23.61
CA LEU K 333 -10.93 121.74 -22.66
C LEU K 333 -11.57 122.24 -21.35
N ILE K 334 -11.94 121.31 -20.48
CA ILE K 334 -12.73 121.66 -19.29
C ILE K 334 -12.02 122.63 -18.32
N ASN K 335 -10.79 122.30 -17.91
CA ASN K 335 -10.04 123.12 -16.93
C ASN K 335 -8.52 123.12 -17.16
N GLU K 336 -7.81 123.80 -16.27
CA GLU K 336 -6.35 123.88 -16.36
C GLU K 336 -5.70 122.55 -16.02
N ALA K 337 -6.36 121.75 -15.18
CA ALA K 337 -5.89 120.39 -14.84
C ALA K 337 -5.90 119.46 -16.06
N ALA K 338 -6.87 119.67 -16.95
CA ALA K 338 -6.98 118.88 -18.17
C ALA K 338 -6.05 119.39 -19.28
N VAL K 339 -5.72 120.68 -19.23
CA VAL K 339 -4.71 121.23 -20.11
C VAL K 339 -3.33 120.66 -19.75
N LYS K 340 -3.04 120.58 -18.44
CA LYS K 340 -1.79 120.01 -17.94
C LYS K 340 -1.58 118.58 -18.42
N LYS K 341 -2.63 117.75 -18.33
CA LYS K 341 -2.55 116.33 -18.70
C LYS K 341 -2.07 116.13 -20.15
N VAL K 342 -2.69 116.85 -21.08
CA VAL K 342 -2.32 116.81 -22.50
C VAL K 342 -0.87 117.27 -22.68
N GLU K 343 -0.52 118.38 -22.02
CA GLU K 343 0.83 118.93 -22.08
C GLU K 343 1.87 117.95 -21.57
N SER K 344 1.57 117.30 -20.42
CA SER K 344 2.42 116.26 -19.85
C SER K 344 2.51 115.05 -20.78
N HIS K 345 1.40 114.71 -21.42
CA HIS K 345 1.36 113.58 -22.35
C HIS K 345 2.23 113.82 -23.59
N ILE K 346 2.16 115.04 -24.12
CA ILE K 346 3.00 115.48 -25.23
C ILE K 346 4.49 115.47 -24.85
N ALA K 347 4.84 116.26 -23.83
CA ALA K 347 6.22 116.37 -23.37
C ALA K 347 6.85 115.01 -23.00
N ASP K 348 6.04 114.07 -22.51
CA ASP K 348 6.53 112.73 -22.20
C ASP K 348 6.78 111.91 -23.48
N ALA K 349 5.85 112.02 -24.43
CA ALA K 349 5.97 111.33 -25.71
C ALA K 349 7.17 111.86 -26.49
N LEU K 350 7.27 113.19 -26.57
CA LEU K 350 8.42 113.85 -27.19
C LEU K 350 9.75 113.37 -26.59
N ALA K 351 9.90 113.54 -25.29
CA ALA K 351 11.11 113.11 -24.58
C ALA K 351 11.46 111.63 -24.79
N LYS K 352 10.56 110.88 -25.45
CA LYS K 352 10.78 109.45 -25.69
C LYS K 352 10.83 109.06 -27.18
N GLY K 353 10.96 110.05 -28.06
CA GLY K 353 11.14 109.78 -29.49
C GLY K 353 9.93 109.92 -30.39
N ALA K 354 8.93 110.66 -29.93
CA ALA K 354 7.78 111.00 -30.77
C ALA K 354 8.04 112.33 -31.50
N SER K 355 7.22 112.62 -32.51
CA SER K 355 7.43 113.79 -33.37
C SER K 355 6.16 114.63 -33.56
N LEU K 356 6.29 115.93 -33.31
CA LEU K 356 5.19 116.86 -33.45
C LEU K 356 4.93 117.15 -34.93
N MET K 357 3.88 116.51 -35.47
CA MET K 357 3.49 116.73 -36.86
C MET K 357 2.70 118.04 -37.03
N THR K 358 1.74 118.28 -36.14
CA THR K 358 0.99 119.55 -36.10
C THR K 358 0.57 119.92 -34.67
N GLY K 359 0.12 121.17 -34.51
CA GLY K 359 -0.30 121.68 -33.20
C GLY K 359 0.79 121.58 -32.14
N GLY K 360 0.43 120.98 -31.00
CA GLY K 360 1.41 120.66 -29.96
C GLY K 360 1.58 121.66 -28.83
N LYS K 361 0.80 122.73 -28.85
CA LYS K 361 0.90 123.80 -27.85
C LYS K 361 -0.47 124.35 -27.44
N ARG K 362 -0.50 125.16 -26.38
CA ARG K 362 -1.74 125.82 -25.96
C ARG K 362 -2.16 126.82 -27.02
N HIS K 363 -3.46 126.96 -27.26
CA HIS K 363 -3.95 127.91 -28.26
C HIS K 363 -3.74 129.35 -27.78
N ALA K 364 -3.72 130.27 -28.74
CA ALA K 364 -3.55 131.70 -28.47
C ALA K 364 -4.78 132.34 -27.81
N LEU K 365 -5.94 131.71 -27.98
CA LEU K 365 -7.17 132.18 -27.33
C LEU K 365 -7.10 132.00 -25.81
N GLY K 366 -6.22 131.10 -25.36
CA GLY K 366 -5.92 130.92 -23.93
C GLY K 366 -6.84 129.97 -23.19
N HIS K 367 -6.97 130.19 -21.88
CA HIS K 367 -7.91 129.44 -21.02
C HIS K 367 -7.80 127.92 -21.14
N GLY K 368 -8.83 127.31 -21.73
CA GLY K 368 -8.88 125.87 -21.89
C GLY K 368 -8.44 125.44 -23.27
N PHE K 369 -8.50 126.36 -24.22
CA PHE K 369 -8.20 126.08 -25.63
C PHE K 369 -6.79 125.56 -25.83
N PHE K 370 -6.66 124.64 -26.78
CA PHE K 370 -5.41 123.96 -27.05
C PHE K 370 -5.40 123.45 -28.49
N GLU K 371 -4.24 123.57 -29.14
CA GLU K 371 -4.08 123.22 -30.55
C GLU K 371 -4.20 121.73 -30.81
N PRO K 372 -5.08 121.35 -31.76
CA PRO K 372 -5.25 119.95 -32.16
C PRO K 372 -3.91 119.36 -32.60
N THR K 373 -3.50 118.31 -31.89
CA THR K 373 -2.18 117.74 -32.08
C THR K 373 -2.24 116.35 -32.70
N VAL K 374 -1.28 116.06 -33.57
CA VAL K 374 -1.04 114.74 -34.09
C VAL K 374 0.42 114.43 -33.81
N LEU K 375 0.68 113.22 -33.35
CA LEU K 375 2.04 112.77 -33.10
C LEU K 375 2.37 111.56 -33.95
N THR K 376 3.62 111.45 -34.40
CA THR K 376 4.09 110.24 -35.09
C THR K 376 5.21 109.53 -34.33
N GLY K 377 5.47 108.28 -34.71
CA GLY K 377 6.47 107.43 -34.05
C GLY K 377 6.22 107.25 -32.55
N VAL K 378 4.96 107.09 -32.19
CA VAL K 378 4.56 106.89 -30.79
C VAL K 378 4.78 105.42 -30.44
N LYS K 379 5.38 105.19 -29.28
CA LYS K 379 5.78 103.85 -28.85
C LYS K 379 5.05 103.43 -27.57
N PRO K 380 4.79 102.11 -27.41
CA PRO K 380 4.00 101.61 -26.28
C PRO K 380 4.73 101.61 -24.93
N ASP K 381 5.54 102.64 -24.70
CA ASP K 381 6.19 102.84 -23.40
C ASP K 381 5.92 104.24 -22.88
N MET K 382 5.41 105.11 -23.76
CA MET K 382 4.99 106.46 -23.38
C MET K 382 3.73 106.41 -22.54
N ASP K 383 3.43 107.51 -21.83
CA ASP K 383 2.28 107.56 -20.92
C ASP K 383 0.94 107.37 -21.64
N VAL K 384 0.86 107.80 -22.89
CA VAL K 384 -0.37 107.74 -23.66
C VAL K 384 -0.80 106.29 -24.00
N ALA K 385 0.10 105.34 -23.78
CA ALA K 385 -0.18 103.95 -24.09
C ALA K 385 -0.99 103.25 -22.99
N LYS K 386 -0.87 103.74 -21.76
CA LYS K 386 -1.52 103.10 -20.62
C LYS K 386 -2.40 104.07 -19.83
N GLU K 387 -2.60 105.26 -20.39
CA GLU K 387 -3.39 106.32 -19.75
C GLU K 387 -4.18 107.13 -20.78
N GLU K 388 -5.39 107.56 -20.40
CA GLU K 388 -6.25 108.37 -21.27
C GLU K 388 -5.89 109.87 -21.22
N THR K 389 -5.70 110.45 -22.40
CA THR K 389 -5.36 111.87 -22.56
C THR K 389 -6.52 112.81 -22.20
N PHE K 390 -7.72 112.43 -22.65
CA PHE K 390 -8.90 113.30 -22.56
C PHE K 390 -8.66 114.66 -23.20
N GLY K 391 -8.12 114.65 -24.41
CA GLY K 391 -7.82 115.86 -25.16
C GLY K 391 -7.57 115.59 -26.65
N PRO K 392 -7.39 116.67 -27.44
CA PRO K 392 -7.26 116.53 -28.89
C PRO K 392 -5.84 116.14 -29.33
N LEU K 393 -5.41 114.94 -28.91
CA LEU K 393 -4.09 114.42 -29.23
C LEU K 393 -4.16 113.09 -29.98
N ALA K 394 -3.67 113.08 -31.22
CA ALA K 394 -3.72 111.90 -32.06
C ALA K 394 -2.36 111.17 -32.11
N PRO K 395 -2.14 110.25 -31.14
CA PRO K 395 -0.84 109.59 -31.04
C PRO K 395 -0.82 108.36 -31.93
N LEU K 396 0.11 108.34 -32.87
CA LEU K 396 0.13 107.28 -33.88
C LEU K 396 1.13 106.17 -33.57
N PHE K 397 0.60 104.96 -33.35
CA PHE K 397 1.40 103.76 -33.13
C PHE K 397 1.49 102.99 -34.45
N ARG K 398 2.41 102.03 -34.50
CA ARG K 398 2.74 101.30 -35.73
C ARG K 398 2.68 99.79 -35.49
N PHE K 399 2.34 99.02 -36.54
CA PHE K 399 2.32 97.56 -36.48
C PHE K 399 2.44 96.91 -37.86
N ALA K 400 2.76 95.61 -37.86
CA ALA K 400 3.02 94.88 -39.10
C ALA K 400 2.04 93.71 -39.33
N SER K 401 1.88 92.87 -38.32
CA SER K 401 0.99 91.71 -38.45
C SER K 401 -0.26 91.84 -37.58
N GLU K 402 -1.33 91.20 -38.05
CA GLU K 402 -2.58 91.06 -37.31
C GLU K 402 -2.30 90.60 -35.89
N GLU K 403 -1.63 89.45 -35.76
CA GLU K 403 -1.30 88.85 -34.46
C GLU K 403 -0.63 89.85 -33.51
N GLU K 404 0.08 90.82 -34.07
CA GLU K 404 0.81 91.82 -33.27
C GLU K 404 -0.09 92.98 -32.80
N LEU K 405 -1.08 93.32 -33.62
CA LEU K 405 -2.06 94.34 -33.25
C LEU K 405 -2.95 93.88 -32.09
N VAL K 406 -3.57 92.71 -32.26
CA VAL K 406 -4.45 92.12 -31.27
C VAL K 406 -3.75 92.04 -29.91
N ARG K 407 -2.48 91.63 -29.93
CA ARG K 407 -1.68 91.59 -28.71
C ARG K 407 -1.43 93.00 -28.13
N LEU K 408 -1.21 93.97 -29.03
CA LEU K 408 -0.90 95.37 -28.66
C LEU K 408 -2.11 96.18 -28.17
N ALA K 409 -3.26 95.96 -28.82
CA ALA K 409 -4.49 96.66 -28.49
C ALA K 409 -5.11 96.20 -27.16
N ASN K 410 -5.01 94.90 -26.89
CA ASN K 410 -5.55 94.31 -25.67
C ASN K 410 -4.61 94.43 -24.48
N ASP K 411 -3.41 94.96 -24.74
CA ASP K 411 -2.39 95.13 -23.70
C ASP K 411 -2.74 96.31 -22.78
N THR K 412 -3.94 96.25 -22.20
CA THR K 412 -4.43 97.30 -21.32
C THR K 412 -5.46 96.76 -20.32
N GLU K 413 -5.51 97.42 -19.16
CA GLU K 413 -6.49 97.13 -18.11
C GLU K 413 -7.93 97.38 -18.60
N PHE K 414 -8.11 98.47 -19.34
CA PHE K 414 -9.43 98.91 -19.79
C PHE K 414 -9.92 98.18 -21.05
N GLY K 415 -11.18 98.40 -21.39
CA GLY K 415 -11.82 97.72 -22.52
C GLY K 415 -13.19 98.26 -22.84
N LEU K 416 -13.26 99.55 -23.15
CA LEU K 416 -14.53 100.20 -23.46
C LEU K 416 -14.78 100.16 -24.97
N ALA K 417 -14.55 101.27 -25.68
CA ALA K 417 -14.79 101.34 -27.11
C ALA K 417 -13.53 100.98 -27.88
N ALA K 418 -13.73 100.41 -29.07
CA ALA K 418 -12.63 100.12 -29.99
C ALA K 418 -13.10 100.41 -31.41
N TYR K 419 -12.17 100.81 -32.27
CA TYR K 419 -12.50 101.18 -33.65
C TYR K 419 -11.60 100.45 -34.67
N LEU K 420 -12.18 100.00 -35.77
CA LEU K 420 -11.52 99.10 -36.73
C LEU K 420 -11.83 99.42 -38.19
N TYR K 421 -10.78 99.57 -38.99
CA TYR K 421 -10.90 99.96 -40.41
C TYR K 421 -10.16 98.99 -41.33
N SER K 422 -10.93 98.18 -42.05
CA SER K 422 -10.43 97.19 -42.99
C SER K 422 -11.61 96.67 -43.80
N ARG K 423 -11.36 96.47 -45.09
CA ARG K 423 -12.40 96.08 -46.04
C ARG K 423 -12.55 94.55 -46.17
N ASP K 424 -11.55 93.82 -45.66
CA ASP K 424 -11.53 92.36 -45.72
C ASP K 424 -12.45 91.75 -44.66
N ILE K 425 -13.52 91.12 -45.14
CA ILE K 425 -14.53 90.52 -44.26
C ILE K 425 -13.91 89.63 -43.17
N GLY K 426 -12.96 88.78 -43.56
CA GLY K 426 -12.35 87.84 -42.64
C GLY K 426 -11.54 88.51 -41.54
N ARG K 427 -10.80 89.55 -41.91
CA ARG K 427 -9.97 90.29 -40.96
C ARG K 427 -10.83 91.03 -39.94
N VAL K 428 -11.99 91.49 -40.40
CA VAL K 428 -12.94 92.19 -39.54
C VAL K 428 -13.43 91.27 -38.41
N TRP K 429 -14.09 90.17 -38.79
CA TRP K 429 -14.59 89.19 -37.83
C TRP K 429 -13.49 88.62 -36.95
N ARG K 430 -12.31 88.40 -37.52
CA ARG K 430 -11.16 87.88 -36.75
C ARG K 430 -10.69 88.88 -35.68
N VAL K 431 -10.39 90.10 -36.11
CA VAL K 431 -9.90 91.12 -35.19
C VAL K 431 -10.96 91.52 -34.15
N ALA K 432 -12.19 91.80 -34.61
CA ALA K 432 -13.26 92.24 -33.72
C ALA K 432 -13.63 91.18 -32.66
N GLU K 433 -13.55 89.91 -33.05
CA GLU K 433 -13.76 88.80 -32.10
C GLU K 433 -12.65 88.73 -31.07
N ALA K 434 -11.41 88.98 -31.52
CA ALA K 434 -10.24 88.96 -30.65
C ALA K 434 -10.21 90.14 -29.67
N LEU K 435 -10.66 91.30 -30.12
CA LEU K 435 -10.58 92.54 -29.35
C LEU K 435 -11.33 92.45 -28.02
N GLU K 436 -10.63 92.79 -26.93
CA GLU K 436 -11.18 92.70 -25.58
C GLU K 436 -11.87 94.01 -25.18
N TYR K 437 -12.99 94.28 -25.84
CA TYR K 437 -13.70 95.55 -25.73
C TYR K 437 -15.22 95.35 -25.77
N GLY K 438 -15.92 96.12 -24.95
CA GLY K 438 -17.37 96.06 -24.89
C GLY K 438 -18.07 96.48 -26.16
N MET K 439 -17.49 97.44 -26.90
CA MET K 439 -18.07 97.96 -28.13
C MET K 439 -17.01 98.15 -29.19
N VAL K 440 -17.32 97.74 -30.42
CA VAL K 440 -16.38 97.78 -31.53
C VAL K 440 -16.98 98.44 -32.77
N GLY K 441 -16.45 99.60 -33.15
CA GLY K 441 -16.86 100.30 -34.37
C GLY K 441 -16.11 99.80 -35.59
N ILE K 442 -16.84 99.27 -36.57
CA ILE K 442 -16.24 98.67 -37.75
C ILE K 442 -16.45 99.55 -38.99
N ASN K 443 -15.34 100.09 -39.50
CA ASN K 443 -15.36 101.03 -40.64
C ASN K 443 -16.13 102.32 -40.32
N THR K 444 -16.17 102.66 -39.04
CA THR K 444 -16.84 103.87 -38.56
C THR K 444 -16.18 104.42 -37.29
N GLY K 445 -16.40 105.70 -37.02
CA GLY K 445 -15.86 106.37 -35.85
C GLY K 445 -16.94 106.87 -34.90
N LEU K 446 -18.20 106.53 -35.19
CA LEU K 446 -19.34 106.92 -34.34
C LEU K 446 -20.28 105.75 -34.11
N ILE K 447 -20.45 105.37 -32.84
CA ILE K 447 -21.17 104.13 -32.52
C ILE K 447 -22.35 104.33 -31.56
N SER K 448 -22.27 105.36 -30.71
CA SER K 448 -23.22 105.59 -29.63
C SER K 448 -24.64 105.91 -30.11
N ASN K 449 -25.62 105.24 -29.49
CA ASN K 449 -27.03 105.53 -29.70
C ASN K 449 -27.92 104.76 -28.70
N GLU K 450 -29.20 105.10 -28.67
CA GLU K 450 -30.16 104.54 -27.71
C GLU K 450 -30.40 103.02 -27.78
N VAL K 451 -30.32 102.47 -28.98
CA VAL K 451 -30.75 101.08 -29.20
C VAL K 451 -29.65 100.05 -28.95
N ALA K 452 -28.41 100.53 -28.88
CA ALA K 452 -27.23 99.68 -28.69
C ALA K 452 -26.83 99.53 -27.23
N PRO K 453 -26.35 98.35 -26.83
CA PRO K 453 -25.91 98.18 -25.45
C PRO K 453 -24.55 98.84 -25.23
N PHE K 454 -24.51 99.73 -24.25
CA PHE K 454 -23.35 100.59 -24.05
C PHE K 454 -22.65 100.28 -22.75
N GLY K 455 -21.44 99.75 -22.87
CA GLY K 455 -20.61 99.49 -21.70
C GLY K 455 -19.31 98.83 -22.09
N GLY K 456 -18.45 98.63 -21.10
CA GLY K 456 -17.15 98.03 -21.34
C GLY K 456 -16.93 96.70 -20.65
N VAL K 457 -15.82 96.05 -21.01
CA VAL K 457 -15.39 94.84 -20.31
C VAL K 457 -14.22 95.20 -19.40
N LYS K 458 -13.67 94.21 -18.70
CA LYS K 458 -12.43 94.39 -17.94
C LYS K 458 -12.56 95.54 -16.94
N GLN K 459 -11.61 96.48 -16.95
CA GLN K 459 -11.59 97.59 -15.98
C GLN K 459 -12.46 98.78 -16.37
N SER K 460 -13.24 98.62 -17.43
CA SER K 460 -14.18 99.63 -17.88
C SER K 460 -15.50 99.56 -17.12
N GLY K 461 -15.76 98.44 -16.45
CA GLY K 461 -16.93 98.34 -15.58
C GLY K 461 -17.96 97.30 -15.92
N LEU K 462 -19.15 97.49 -15.35
CA LEU K 462 -20.18 96.45 -15.28
C LEU K 462 -21.57 96.93 -15.70
N GLY K 463 -22.33 96.01 -16.31
CA GLY K 463 -23.69 96.29 -16.74
C GLY K 463 -23.72 96.99 -18.09
N ARG K 464 -24.92 97.26 -18.58
CA ARG K 464 -25.09 97.97 -19.85
C ARG K 464 -26.19 99.04 -19.77
N GLU K 465 -26.09 100.06 -20.61
CA GLU K 465 -27.11 101.12 -20.72
C GLU K 465 -27.61 101.22 -22.15
N GLY K 466 -28.85 101.68 -22.32
CA GLY K 466 -29.49 101.69 -23.64
C GLY K 466 -29.83 100.26 -24.07
N SER K 467 -30.36 100.11 -25.29
CA SER K 467 -30.90 98.82 -25.77
C SER K 467 -31.98 98.29 -24.82
N HIS K 468 -32.48 97.10 -25.08
CA HIS K 468 -33.41 96.47 -24.12
C HIS K 468 -32.70 95.96 -22.87
N TYR K 469 -31.38 95.77 -22.96
CA TYR K 469 -30.55 95.31 -21.84
C TYR K 469 -30.43 96.36 -20.73
N GLY K 470 -30.61 97.62 -21.12
CA GLY K 470 -30.44 98.75 -20.21
C GLY K 470 -31.45 98.90 -19.08
N ILE K 471 -32.52 98.12 -19.10
CA ILE K 471 -33.52 98.17 -18.04
C ILE K 471 -33.39 96.99 -17.08
N ASP K 472 -32.76 95.92 -17.56
CA ASP K 472 -32.59 94.68 -16.81
C ASP K 472 -31.95 94.89 -15.45
N ASP K 473 -31.02 95.84 -15.37
CA ASP K 473 -30.28 96.10 -14.14
C ASP K 473 -31.10 96.92 -13.13
N TYR K 474 -32.26 97.42 -13.57
CA TYR K 474 -33.14 98.21 -12.72
C TYR K 474 -34.31 97.42 -12.17
N VAL K 475 -34.51 96.22 -12.70
CA VAL K 475 -35.53 95.32 -12.20
C VAL K 475 -34.92 94.18 -11.41
N VAL K 476 -35.78 93.43 -10.73
CA VAL K 476 -35.35 92.29 -9.96
C VAL K 476 -36.31 91.14 -10.28
N ILE K 477 -35.82 89.91 -10.26
CA ILE K 477 -36.65 88.79 -10.72
C ILE K 477 -37.29 88.00 -9.56
N LYS K 478 -38.59 87.80 -9.66
CA LYS K 478 -39.33 87.01 -8.68
C LYS K 478 -39.83 85.70 -9.29
N TYR K 479 -39.44 84.61 -8.66
CA TYR K 479 -39.79 83.28 -9.13
C TYR K 479 -40.97 82.73 -8.33
N LEU K 480 -42.05 82.47 -9.04
CA LEU K 480 -43.23 81.90 -8.43
C LEU K 480 -43.34 80.43 -8.83
N CYS K 481 -43.34 79.58 -7.80
CA CYS K 481 -43.50 78.15 -7.98
C CYS K 481 -44.85 77.78 -7.43
N VAL K 482 -45.76 77.44 -8.34
CA VAL K 482 -47.17 77.24 -8.01
C VAL K 482 -47.56 75.76 -8.00
N ALA K 483 -48.06 75.29 -6.87
CA ALA K 483 -48.61 73.95 -6.78
C ALA K 483 -49.89 73.90 -7.61
N VAL K 484 -49.95 73.00 -8.59
CA VAL K 484 -51.08 72.95 -9.52
C VAL K 484 -52.11 71.87 -9.19
N GLY L 3 -71.40 116.86 -41.30
CA GLY L 3 -72.68 117.55 -40.97
C GLY L 3 -72.66 118.20 -39.61
N SER L 4 -72.45 117.37 -38.57
CA SER L 4 -72.30 117.84 -37.19
C SER L 4 -70.95 117.40 -36.60
N MET L 5 -69.91 117.58 -37.39
CA MET L 5 -68.54 117.29 -36.97
C MET L 5 -67.72 118.56 -36.92
N LYS L 6 -66.62 118.51 -36.18
CA LYS L 6 -65.70 119.64 -36.09
C LYS L 6 -64.92 119.77 -37.41
N ASP L 7 -64.55 118.62 -37.97
CA ASP L 7 -63.88 118.54 -39.27
C ASP L 7 -64.69 117.61 -40.19
N PRO L 8 -65.64 118.18 -40.95
CA PRO L 8 -66.51 117.40 -41.80
C PRO L 8 -65.82 116.72 -42.99
N SER L 9 -64.59 117.09 -43.29
CA SER L 9 -63.87 116.40 -44.36
C SER L 9 -63.23 115.07 -43.91
N LEU L 10 -63.43 114.72 -42.65
CA LEU L 10 -63.12 113.38 -42.17
C LEU L 10 -64.05 112.35 -42.80
N LEU L 11 -65.24 112.81 -43.19
CA LEU L 11 -66.26 111.95 -43.81
C LEU L 11 -66.09 111.91 -45.34
N ARG L 12 -65.56 110.77 -45.83
CA ARG L 12 -65.16 110.61 -47.23
C ARG L 12 -66.20 109.88 -48.09
N HIS L 13 -66.15 110.10 -49.39
CA HIS L 13 -67.07 109.45 -50.31
C HIS L 13 -66.33 108.89 -51.52
N GLN L 14 -65.02 108.81 -51.39
CA GLN L 14 -64.16 108.23 -52.41
C GLN L 14 -63.23 107.22 -51.75
N ALA L 15 -62.61 106.37 -52.56
CA ALA L 15 -61.67 105.39 -52.05
C ALA L 15 -60.26 105.93 -52.15
N TYR L 16 -59.33 105.30 -51.45
CA TYR L 16 -57.96 105.78 -51.36
C TYR L 16 -57.01 104.82 -52.07
N ILE L 17 -56.71 105.10 -53.33
CA ILE L 17 -55.97 104.17 -54.18
C ILE L 17 -54.58 104.72 -54.44
N GLY L 18 -53.59 104.08 -53.82
CA GLY L 18 -52.19 104.50 -53.94
C GLY L 18 -51.93 105.97 -53.69
N GLY L 19 -52.64 106.55 -52.72
CA GLY L 19 -52.46 107.95 -52.32
C GLY L 19 -53.34 108.96 -53.05
N GLU L 20 -54.39 108.47 -53.70
CA GLU L 20 -55.33 109.32 -54.42
C GLU L 20 -56.77 109.01 -54.04
N TRP L 21 -57.57 110.06 -53.84
CA TRP L 21 -58.98 109.88 -53.61
C TRP L 21 -59.64 109.70 -54.97
N GLN L 22 -60.19 108.51 -55.18
CA GLN L 22 -60.63 108.10 -56.52
C GLN L 22 -62.06 107.62 -56.53
N ALA L 23 -62.67 107.75 -57.69
CA ALA L 23 -63.97 107.17 -57.95
C ALA L 23 -63.74 105.80 -58.59
N ALA L 24 -64.76 104.94 -58.53
CA ALA L 24 -64.74 103.66 -59.22
C ALA L 24 -64.60 103.91 -60.71
N ASP L 25 -63.82 103.08 -61.39
CA ASP L 25 -63.58 103.19 -62.84
C ASP L 25 -64.84 103.40 -63.67
N SER L 26 -65.99 102.99 -63.14
CA SER L 26 -67.27 103.08 -63.85
C SER L 26 -68.25 104.06 -63.20
N ASP L 27 -67.77 104.81 -62.20
CA ASP L 27 -68.60 105.72 -61.39
C ASP L 27 -69.72 104.98 -60.65
N ALA L 28 -69.57 103.66 -60.55
CA ALA L 28 -70.51 102.81 -59.81
C ALA L 28 -70.31 103.04 -58.32
N THR L 29 -71.42 103.12 -57.60
CA THR L 29 -71.42 103.38 -56.17
C THR L 29 -72.47 102.54 -55.45
N PHE L 30 -72.29 102.34 -54.15
CA PHE L 30 -73.38 101.84 -53.32
C PHE L 30 -73.61 102.79 -52.15
N GLU L 31 -74.74 102.59 -51.46
CA GLU L 31 -75.18 103.52 -50.43
C GLU L 31 -74.94 102.95 -49.03
N VAL L 32 -74.53 103.82 -48.10
CA VAL L 32 -74.34 103.44 -46.70
C VAL L 32 -75.44 104.09 -45.86
N PHE L 33 -76.10 103.28 -45.03
CA PHE L 33 -77.24 103.72 -44.23
C PHE L 33 -76.96 103.67 -42.73
N ASP L 34 -77.58 104.58 -41.98
CA ASP L 34 -77.57 104.52 -40.51
C ASP L 34 -78.45 103.33 -40.06
N PRO L 35 -77.83 102.32 -39.39
CA PRO L 35 -78.55 101.11 -38.99
C PRO L 35 -79.58 101.35 -37.87
N ALA L 36 -79.59 102.56 -37.32
CA ALA L 36 -80.52 102.92 -36.25
C ALA L 36 -81.77 103.69 -36.75
N THR L 37 -81.69 104.28 -37.94
CA THR L 37 -82.77 105.14 -38.45
C THR L 37 -83.13 104.83 -39.89
N GLY L 38 -82.22 104.21 -40.61
CA GLY L 38 -82.45 103.82 -41.99
C GLY L 38 -82.09 104.88 -43.02
N GLU L 39 -81.76 106.09 -42.56
CA GLU L 39 -81.48 107.15 -43.50
C GLU L 39 -80.08 107.07 -44.11
N SER L 40 -79.97 107.55 -45.35
CA SER L 40 -78.72 107.52 -46.09
C SER L 40 -77.61 108.34 -45.44
N LEU L 41 -76.38 107.89 -45.64
CA LEU L 41 -75.19 108.61 -45.17
C LEU L 41 -74.34 109.12 -46.35
N GLY L 42 -74.85 108.93 -47.56
CA GLY L 42 -74.10 109.25 -48.78
C GLY L 42 -73.64 107.97 -49.47
N THR L 43 -72.72 108.11 -50.42
CA THR L 43 -72.28 106.95 -51.19
C THR L 43 -70.79 106.71 -51.10
N VAL L 44 -70.36 105.53 -51.56
CA VAL L 44 -68.95 105.19 -51.74
C VAL L 44 -68.79 104.39 -53.04
N PRO L 45 -67.56 104.32 -53.61
CA PRO L 45 -67.35 103.57 -54.83
C PRO L 45 -67.70 102.09 -54.73
N LYS L 46 -68.22 101.53 -55.82
CA LYS L 46 -68.36 100.09 -55.97
C LYS L 46 -67.24 99.65 -56.91
N MET L 47 -66.02 99.68 -56.39
CA MET L 47 -64.85 99.30 -57.16
C MET L 47 -64.76 97.78 -57.30
N GLY L 48 -63.84 97.33 -58.15
CA GLY L 48 -63.66 95.92 -58.41
C GLY L 48 -62.21 95.51 -58.45
N ALA L 49 -61.86 94.66 -59.41
CA ALA L 49 -60.52 94.08 -59.51
C ALA L 49 -59.51 94.99 -60.17
N ALA L 50 -59.97 95.82 -61.10
CA ALA L 50 -59.07 96.72 -61.82
C ALA L 50 -58.38 97.67 -60.84
N GLU L 51 -59.19 98.32 -60.00
CA GLU L 51 -58.72 99.30 -59.02
C GLU L 51 -57.92 98.67 -57.87
N THR L 52 -58.37 97.51 -57.40
CA THR L 52 -57.63 96.72 -56.41
C THR L 52 -56.19 96.44 -56.88
N ALA L 53 -56.06 96.12 -58.17
CA ALA L 53 -54.77 95.81 -58.79
C ALA L 53 -53.87 97.05 -58.92
N ARG L 54 -54.48 98.23 -59.04
CA ARG L 54 -53.70 99.47 -59.08
C ARG L 54 -53.16 99.82 -57.68
N ALA L 55 -53.98 99.61 -56.66
CA ALA L 55 -53.54 99.68 -55.26
C ALA L 55 -52.37 98.73 -54.98
N ILE L 56 -52.46 97.50 -55.47
CA ILE L 56 -51.38 96.52 -55.30
C ILE L 56 -50.12 96.92 -56.08
N GLU L 57 -50.30 97.55 -57.24
CA GLU L 57 -49.18 98.11 -58.02
C GLU L 57 -48.49 99.23 -57.25
N ALA L 58 -49.28 100.19 -56.80
CA ALA L 58 -48.80 101.32 -56.01
C ALA L 58 -48.01 100.87 -54.79
N ALA L 59 -48.55 99.88 -54.08
CA ALA L 59 -47.92 99.29 -52.90
C ALA L 59 -46.49 98.80 -53.17
N GLN L 60 -46.30 98.04 -54.26
CA GLN L 60 -44.99 97.52 -54.63
C GLN L 60 -43.99 98.63 -54.97
N ALA L 61 -44.47 99.67 -55.66
CA ALA L 61 -43.64 100.81 -56.07
C ALA L 61 -43.22 101.62 -54.85
N ALA L 62 -44.08 101.62 -53.83
CA ALA L 62 -43.82 102.37 -52.60
C ALA L 62 -42.85 101.65 -51.66
N TRP L 63 -42.83 100.32 -51.75
CA TRP L 63 -42.08 99.47 -50.82
C TRP L 63 -40.59 99.80 -50.66
N ALA L 64 -39.91 100.10 -51.77
CA ALA L 64 -38.47 100.37 -51.73
C ALA L 64 -38.11 101.60 -50.90
N GLY L 65 -38.89 102.68 -51.04
CA GLY L 65 -38.69 103.90 -50.29
C GLY L 65 -39.08 103.78 -48.82
N TRP L 66 -40.09 102.96 -48.54
CA TRP L 66 -40.62 102.78 -47.20
C TRP L 66 -39.72 101.91 -46.32
N ARG L 67 -39.21 100.82 -46.87
CA ARG L 67 -38.28 99.97 -46.13
C ARG L 67 -36.90 100.61 -46.00
N MET L 68 -36.63 101.61 -46.82
CA MET L 68 -35.36 102.32 -46.86
C MET L 68 -35.21 103.28 -45.67
N LYS L 69 -36.35 103.67 -45.09
CA LYS L 69 -36.38 104.49 -43.87
C LYS L 69 -36.01 103.62 -42.69
N THR L 70 -35.49 104.23 -41.63
CA THR L 70 -35.24 103.50 -40.38
C THR L 70 -36.54 103.30 -39.63
N ALA L 71 -36.55 102.31 -38.73
CA ALA L 71 -37.70 102.04 -37.87
C ALA L 71 -38.15 103.31 -37.13
N LYS L 72 -37.18 104.08 -36.65
CA LYS L 72 -37.39 105.39 -36.02
C LYS L 72 -38.13 106.40 -36.93
N GLU L 73 -37.77 106.45 -38.21
CA GLU L 73 -38.39 107.38 -39.16
C GLU L 73 -39.82 107.02 -39.50
N ARG L 74 -40.09 105.72 -39.54
CA ARG L 74 -41.44 105.21 -39.71
C ARG L 74 -42.25 105.44 -38.43
N ALA L 75 -41.58 105.25 -37.29
CA ALA L 75 -42.18 105.44 -35.97
C ALA L 75 -42.71 106.85 -35.79
N ALA L 76 -41.94 107.83 -36.27
CA ALA L 76 -42.32 109.25 -36.20
C ALA L 76 -43.63 109.51 -36.94
N ILE L 77 -43.72 108.98 -38.17
CA ILE L 77 -44.90 109.13 -39.02
C ILE L 77 -46.13 108.48 -38.40
N LEU L 78 -45.94 107.28 -37.85
CA LEU L 78 -47.02 106.54 -37.23
C LEU L 78 -47.43 107.18 -35.92
N ARG L 79 -46.46 107.73 -35.21
CA ARG L 79 -46.80 108.49 -34.02
C ARG L 79 -47.62 109.73 -34.37
N ARG L 80 -47.27 110.42 -35.45
CA ARG L 80 -48.07 111.56 -35.93
C ARG L 80 -49.48 111.12 -36.30
N TRP L 81 -49.58 109.94 -36.90
CA TRP L 81 -50.86 109.32 -37.20
C TRP L 81 -51.64 109.02 -35.93
N PHE L 82 -50.96 108.44 -34.94
CA PHE L 82 -51.53 108.22 -33.63
C PHE L 82 -52.08 109.52 -33.01
N ASP L 83 -51.25 110.57 -33.01
CA ASP L 83 -51.66 111.85 -32.43
C ASP L 83 -52.87 112.45 -33.14
N LEU L 84 -52.96 112.22 -34.45
CA LEU L 84 -54.11 112.70 -35.21
C LEU L 84 -55.41 111.96 -34.88
N VAL L 85 -55.32 110.63 -34.79
CA VAL L 85 -56.48 109.83 -34.36
C VAL L 85 -56.94 110.28 -32.97
N ILE L 86 -55.99 110.41 -32.05
CA ILE L 86 -56.28 110.92 -30.69
C ILE L 86 -56.89 112.33 -30.70
N ALA L 87 -56.31 113.22 -31.50
CA ALA L 87 -56.78 114.62 -31.59
C ALA L 87 -58.16 114.80 -32.23
N ASN L 88 -58.60 113.77 -32.99
CA ASN L 88 -59.86 113.83 -33.72
C ASN L 88 -60.86 112.79 -33.24
N SER L 89 -60.68 112.38 -31.99
CA SER L 89 -61.44 111.28 -31.38
C SER L 89 -62.97 111.49 -31.40
N ASP L 90 -63.42 112.70 -31.12
CA ASP L 90 -64.85 113.01 -31.14
C ASP L 90 -65.49 112.75 -32.51
N ASP L 91 -64.91 113.31 -33.57
CA ASP L 91 -65.47 113.15 -34.90
C ASP L 91 -65.45 111.69 -35.29
N LEU L 92 -64.28 111.07 -35.16
CA LEU L 92 -64.13 109.66 -35.47
C LEU L 92 -65.19 108.82 -34.78
N ALA L 93 -65.41 109.08 -33.49
CA ALA L 93 -66.43 108.38 -32.70
C ALA L 93 -67.83 108.55 -33.27
N LEU L 94 -68.19 109.78 -33.64
CA LEU L 94 -69.52 110.08 -34.19
C LEU L 94 -69.73 109.44 -35.57
N ILE L 95 -68.70 109.41 -36.39
CA ILE L 95 -68.75 108.70 -37.67
C ILE L 95 -69.02 107.23 -37.38
N LEU L 96 -68.27 106.68 -36.44
CA LEU L 96 -68.37 105.26 -36.06
C LEU L 96 -69.77 104.86 -35.58
N THR L 97 -70.27 105.54 -34.56
CA THR L 97 -71.62 105.35 -34.05
C THR L 97 -72.70 105.40 -35.13
N THR L 98 -72.56 106.36 -36.04
CA THR L 98 -73.54 106.61 -37.10
C THR L 98 -73.66 105.45 -38.07
N GLU L 99 -72.53 104.94 -38.58
CA GLU L 99 -72.56 103.85 -39.57
C GLU L 99 -72.69 102.42 -39.00
N GLN L 100 -72.14 102.19 -37.80
CA GLN L 100 -72.07 100.86 -37.20
C GLN L 100 -73.16 100.63 -36.15
N GLY L 101 -73.46 101.67 -35.36
CA GLY L 101 -74.58 101.61 -34.44
C GLY L 101 -74.30 101.61 -32.94
N LYS L 102 -73.08 101.28 -32.53
CA LYS L 102 -72.77 101.23 -31.10
C LYS L 102 -72.88 102.60 -30.41
N PRO L 103 -73.14 102.62 -29.09
CA PRO L 103 -73.27 103.88 -28.34
C PRO L 103 -72.04 104.76 -28.48
N LEU L 104 -72.26 106.08 -28.40
CA LEU L 104 -71.18 107.05 -28.51
C LEU L 104 -69.99 106.67 -27.63
N ALA L 105 -70.27 106.35 -26.36
CA ALA L 105 -69.23 106.04 -25.37
C ALA L 105 -68.36 104.86 -25.78
N GLU L 106 -68.98 103.83 -26.33
CA GLU L 106 -68.27 102.65 -26.82
C GLU L 106 -67.45 102.96 -28.06
N ALA L 107 -67.96 103.88 -28.89
CA ALA L 107 -67.25 104.40 -30.06
C ALA L 107 -66.01 105.17 -29.66
N LYS L 108 -66.10 105.94 -28.58
CA LYS L 108 -64.93 106.60 -28.01
C LYS L 108 -63.94 105.60 -27.43
N GLY L 109 -64.46 104.57 -26.75
CA GLY L 109 -63.66 103.46 -26.24
C GLY L 109 -62.88 102.76 -27.35
N GLU L 110 -63.54 102.55 -28.49
CA GLU L 110 -62.90 101.94 -29.64
C GLU L 110 -61.78 102.79 -30.25
N ILE L 111 -62.00 104.08 -30.39
CA ILE L 111 -61.00 104.96 -31.00
C ILE L 111 -59.73 104.99 -30.14
N ALA L 112 -59.91 105.10 -28.82
CA ALA L 112 -58.77 105.08 -27.89
C ALA L 112 -58.01 103.78 -28.08
N TYR L 113 -58.78 102.69 -28.09
CA TYR L 113 -58.30 101.34 -28.27
C TYR L 113 -57.55 101.16 -29.59
N ALA L 114 -58.10 101.74 -30.66
CA ALA L 114 -57.47 101.71 -31.98
C ALA L 114 -56.15 102.48 -31.97
N ALA L 115 -56.17 103.70 -31.43
CA ALA L 115 -54.97 104.53 -31.32
C ALA L 115 -53.85 103.81 -30.57
N SER L 116 -54.20 103.14 -29.48
CA SER L 116 -53.21 102.43 -28.65
C SER L 116 -52.39 101.42 -29.47
N PHE L 117 -53.03 100.77 -30.44
CA PHE L 117 -52.37 99.85 -31.35
C PHE L 117 -51.40 100.53 -32.28
N ILE L 118 -51.77 101.70 -32.80
CA ILE L 118 -50.87 102.46 -33.68
C ILE L 118 -49.62 102.87 -32.91
N GLU L 119 -49.81 103.41 -31.70
CA GLU L 119 -48.70 103.69 -30.80
C GLU L 119 -47.88 102.43 -30.48
N TRP L 120 -48.57 101.34 -30.12
CA TRP L 120 -47.87 100.12 -29.75
C TRP L 120 -46.91 99.66 -30.83
N PHE L 121 -47.35 99.74 -32.09
CA PHE L 121 -46.55 99.23 -33.20
C PHE L 121 -45.51 100.20 -33.72
N ALA L 122 -45.76 101.49 -33.58
CA ALA L 122 -44.71 102.47 -33.87
C ALA L 122 -43.49 102.15 -32.99
N GLU L 123 -43.75 101.81 -31.73
CA GLU L 123 -42.69 101.44 -30.78
C GLU L 123 -42.12 100.04 -31.04
N GLU L 124 -42.99 99.10 -31.42
CA GLU L 124 -42.57 97.73 -31.71
C GLU L 124 -41.59 97.65 -32.88
N GLY L 125 -41.81 98.47 -33.90
CA GLY L 125 -40.98 98.47 -35.11
C GLY L 125 -39.51 98.68 -34.83
N LYS L 126 -39.19 99.44 -33.78
CA LYS L 126 -37.80 99.70 -33.43
C LYS L 126 -37.18 98.53 -32.66
N ARG L 127 -37.95 97.45 -32.50
CA ARG L 127 -37.53 96.29 -31.71
C ARG L 127 -37.69 94.93 -32.42
N VAL L 128 -37.86 94.95 -33.74
CA VAL L 128 -37.85 93.73 -34.55
C VAL L 128 -36.41 93.20 -34.56
N ALA L 129 -36.16 92.16 -33.77
CA ALA L 129 -34.79 91.70 -33.50
C ALA L 129 -34.50 90.29 -33.99
N GLY L 130 -33.34 90.13 -34.62
CA GLY L 130 -32.82 88.82 -35.01
C GLY L 130 -31.89 88.22 -33.96
N ASP L 131 -30.97 87.38 -34.41
CA ASP L 131 -30.13 86.58 -33.53
C ASP L 131 -28.68 86.55 -33.95
N THR L 132 -27.80 86.32 -32.98
CA THR L 132 -26.49 85.72 -33.23
C THR L 132 -26.41 84.46 -32.38
N LEU L 133 -26.07 83.35 -33.02
CA LEU L 133 -26.19 82.03 -32.40
C LEU L 133 -24.82 81.36 -32.31
N PRO L 134 -24.61 80.51 -31.29
CA PRO L 134 -23.34 79.79 -31.21
C PRO L 134 -23.23 78.80 -32.36
N THR L 135 -22.17 78.94 -33.15
CA THR L 135 -21.94 78.10 -34.31
C THR L 135 -21.68 76.65 -33.90
N PRO L 136 -22.24 75.70 -34.67
CA PRO L 136 -21.87 74.30 -34.45
C PRO L 136 -20.56 73.97 -35.16
N ASP L 137 -20.25 74.71 -36.23
CA ASP L 137 -19.04 74.53 -37.02
C ASP L 137 -18.09 75.72 -36.78
N ALA L 138 -16.88 75.45 -36.31
CA ALA L 138 -15.94 76.49 -35.86
C ALA L 138 -15.44 77.43 -36.97
N ASN L 139 -15.76 77.10 -38.21
CA ASN L 139 -15.38 77.93 -39.37
C ASN L 139 -16.49 78.83 -39.86
N LYS L 140 -17.65 78.77 -39.22
CA LYS L 140 -18.83 79.46 -39.70
C LYS L 140 -19.48 80.29 -38.59
N ARG L 141 -20.18 81.35 -38.99
CA ARG L 141 -20.94 82.18 -38.04
C ARG L 141 -22.41 82.19 -38.38
N ILE L 142 -23.24 82.06 -37.36
CA ILE L 142 -24.68 82.06 -37.55
C ILE L 142 -25.30 83.41 -37.17
N VAL L 143 -25.82 84.09 -38.17
CA VAL L 143 -26.41 85.42 -38.04
C VAL L 143 -27.83 85.45 -38.62
N VAL L 144 -28.81 85.76 -37.77
CA VAL L 144 -30.21 85.84 -38.19
C VAL L 144 -30.64 87.31 -38.19
N VAL L 145 -31.11 87.76 -39.34
CA VAL L 145 -31.73 89.09 -39.43
C VAL L 145 -33.20 88.93 -39.82
N LYS L 146 -34.01 89.91 -39.45
CA LYS L 146 -35.41 89.91 -39.87
C LYS L 146 -35.67 91.09 -40.81
N GLU L 147 -36.59 90.90 -41.75
CA GLU L 147 -36.89 91.91 -42.76
C GLU L 147 -38.35 91.86 -43.24
N PRO L 148 -38.87 92.97 -43.80
CA PRO L 148 -40.30 92.96 -44.14
C PRO L 148 -40.63 91.89 -45.17
N ILE L 149 -41.85 91.37 -45.12
CA ILE L 149 -42.28 90.35 -46.07
C ILE L 149 -42.50 90.95 -47.45
N GLY L 150 -43.23 92.06 -47.51
CA GLY L 150 -43.60 92.68 -48.78
C GLY L 150 -45.01 93.23 -48.75
N VAL L 151 -45.66 93.25 -49.90
CA VAL L 151 -46.97 93.84 -50.01
C VAL L 151 -47.99 93.04 -49.21
N CYS L 152 -48.58 93.69 -48.20
CA CYS L 152 -49.59 93.06 -47.36
C CYS L 152 -50.99 93.49 -47.77
N ALA L 153 -51.97 92.74 -47.32
CA ALA L 153 -53.35 93.03 -47.62
C ALA L 153 -54.17 92.61 -46.42
N ALA L 154 -55.30 93.29 -46.20
CA ALA L 154 -56.13 93.02 -45.05
C ALA L 154 -57.61 93.23 -45.34
N ILE L 155 -58.43 92.26 -45.00
CA ILE L 155 -59.87 92.39 -45.11
C ILE L 155 -60.39 92.42 -43.69
N THR L 156 -61.25 93.39 -43.40
CA THR L 156 -61.68 93.67 -42.04
C THR L 156 -63.20 93.82 -41.97
N PRO L 157 -63.81 93.45 -40.83
CA PRO L 157 -65.24 93.43 -40.69
C PRO L 157 -65.83 94.74 -40.15
N TRP L 158 -67.11 94.71 -39.77
CA TRP L 158 -67.90 95.88 -39.41
C TRP L 158 -68.05 96.16 -37.92
N ASN L 159 -67.80 95.17 -37.08
CA ASN L 159 -68.10 95.32 -35.66
C ASN L 159 -67.12 96.23 -34.94
N PHE L 160 -65.92 96.34 -35.51
CA PHE L 160 -64.91 97.26 -35.01
C PHE L 160 -64.20 97.92 -36.18
N PRO L 161 -64.92 98.81 -36.90
CA PRO L 161 -64.45 99.41 -38.14
C PRO L 161 -63.17 100.23 -37.99
N ALA L 162 -62.91 100.77 -36.80
CA ALA L 162 -61.72 101.58 -36.56
C ALA L 162 -60.56 100.73 -36.05
N ALA L 163 -60.84 99.93 -35.02
CA ALA L 163 -59.81 99.12 -34.35
C ALA L 163 -59.15 98.14 -35.31
N MET L 164 -59.97 97.51 -36.16
CA MET L 164 -59.48 96.47 -37.06
C MET L 164 -58.41 96.96 -38.02
N ILE L 165 -58.57 98.17 -38.56
CA ILE L 165 -57.60 98.73 -39.49
C ILE L 165 -56.28 98.98 -38.76
N ALA L 166 -56.34 99.72 -37.66
CA ALA L 166 -55.19 99.96 -36.80
C ALA L 166 -54.45 98.67 -36.46
N ARG L 167 -55.22 97.63 -36.14
CA ARG L 167 -54.70 96.32 -35.79
C ARG L 167 -53.93 95.66 -36.94
N LYS L 168 -54.24 96.04 -38.16
CA LYS L 168 -53.59 95.42 -39.33
C LYS L 168 -52.64 96.35 -40.05
N VAL L 169 -52.96 97.64 -40.07
CA VAL L 169 -52.07 98.62 -40.71
C VAL L 169 -50.86 98.93 -39.83
N GLY L 170 -51.09 99.07 -38.53
CA GLY L 170 -50.00 99.31 -37.58
C GLY L 170 -48.83 98.38 -37.79
N PRO L 171 -48.99 97.08 -37.45
CA PRO L 171 -47.89 96.12 -37.56
C PRO L 171 -47.29 96.00 -38.97
N ALA L 172 -48.11 96.05 -40.02
CA ALA L 172 -47.59 96.02 -41.39
C ALA L 172 -46.64 97.19 -41.69
N LEU L 173 -47.14 98.42 -41.53
CA LEU L 173 -46.31 99.61 -41.71
C LEU L 173 -45.09 99.61 -40.79
N ALA L 174 -45.29 99.28 -39.52
CA ALA L 174 -44.21 99.22 -38.55
C ALA L 174 -43.04 98.33 -39.00
N ALA L 175 -43.38 97.18 -39.59
CA ALA L 175 -42.41 96.20 -40.11
C ALA L 175 -41.71 96.65 -41.39
N GLY L 176 -42.28 97.64 -42.07
CA GLY L 176 -41.74 98.13 -43.33
C GLY L 176 -42.49 97.57 -44.53
N CYS L 177 -43.77 97.29 -44.34
CA CYS L 177 -44.63 96.80 -45.40
C CYS L 177 -45.60 97.87 -45.87
N PRO L 178 -45.94 97.86 -47.19
CA PRO L 178 -47.10 98.59 -47.64
C PRO L 178 -48.30 97.66 -47.53
N ILE L 179 -49.50 98.22 -47.52
CA ILE L 179 -50.70 97.42 -47.32
C ILE L 179 -51.90 97.95 -48.09
N VAL L 180 -52.72 97.02 -48.59
CA VAL L 180 -53.96 97.34 -49.27
C VAL L 180 -55.12 96.81 -48.42
N VAL L 181 -56.07 97.67 -48.05
CA VAL L 181 -57.15 97.27 -47.13
C VAL L 181 -58.56 97.39 -47.75
N LYS L 182 -59.34 96.31 -47.64
CA LYS L 182 -60.77 96.30 -48.01
C LYS L 182 -61.65 96.24 -46.75
N PRO L 183 -62.19 97.38 -46.32
CA PRO L 183 -63.03 97.35 -45.11
C PRO L 183 -64.40 96.77 -45.39
N ALA L 184 -65.21 96.57 -44.36
CA ALA L 184 -66.56 96.07 -44.54
C ALA L 184 -67.47 97.08 -45.24
N GLU L 185 -68.02 96.68 -46.39
CA GLU L 185 -68.94 97.52 -47.17
C GLU L 185 -70.08 98.11 -46.33
N SER L 186 -70.31 97.53 -45.17
CA SER L 186 -71.38 97.98 -44.27
C SER L 186 -70.94 99.20 -43.44
N THR L 187 -69.62 99.37 -43.28
CA THR L 187 -69.04 100.39 -42.41
C THR L 187 -67.71 100.96 -42.94
N PRO L 188 -67.71 101.49 -44.18
CA PRO L 188 -66.43 101.85 -44.83
C PRO L 188 -65.79 103.16 -44.37
N PHE L 189 -66.58 104.06 -43.78
CA PHE L 189 -66.14 105.45 -43.53
C PHE L 189 -64.97 105.58 -42.54
N SER L 190 -64.98 104.74 -41.50
CA SER L 190 -63.96 104.77 -40.48
C SER L 190 -62.57 104.48 -41.02
N ALA L 191 -62.51 103.51 -41.93
CA ALA L 191 -61.29 103.12 -42.58
C ALA L 191 -60.79 104.29 -43.43
N LEU L 192 -61.73 104.96 -44.09
CA LEU L 192 -61.41 106.07 -44.99
C LEU L 192 -60.98 107.30 -44.19
N ALA L 193 -61.69 107.57 -43.09
CA ALA L 193 -61.34 108.64 -42.15
C ALA L 193 -59.90 108.53 -41.67
N MET L 194 -59.50 107.32 -41.30
CA MET L 194 -58.16 107.10 -40.78
C MET L 194 -57.11 107.10 -41.86
N ALA L 195 -57.52 106.76 -43.08
CA ALA L 195 -56.66 106.84 -44.25
C ALA L 195 -56.34 108.30 -44.56
N PHE L 196 -57.35 109.16 -44.38
CA PHE L 196 -57.19 110.61 -44.53
C PHE L 196 -56.24 111.18 -43.48
N LEU L 197 -56.29 110.61 -42.28
CA LEU L 197 -55.43 111.08 -41.21
C LEU L 197 -54.02 110.55 -41.40
N ALA L 198 -53.92 109.38 -42.02
CA ALA L 198 -52.65 108.79 -42.38
C ALA L 198 -51.97 109.59 -43.49
N GLU L 199 -52.76 110.11 -44.42
CA GLU L 199 -52.25 111.05 -45.41
C GLU L 199 -51.63 112.26 -44.69
N ARG L 200 -52.40 112.86 -43.78
CA ARG L 200 -51.97 114.01 -42.98
C ARG L 200 -50.73 113.76 -42.14
N ALA L 201 -50.58 112.53 -41.66
CA ALA L 201 -49.46 112.17 -40.78
C ALA L 201 -48.17 112.02 -41.59
N GLY L 202 -48.32 111.82 -42.89
CA GLY L 202 -47.17 111.76 -43.77
C GLY L 202 -46.82 110.37 -44.27
N VAL L 203 -47.79 109.45 -44.22
CA VAL L 203 -47.61 108.14 -44.86
C VAL L 203 -47.54 108.36 -46.37
N PRO L 204 -46.39 108.00 -46.99
CA PRO L 204 -46.16 108.21 -48.41
C PRO L 204 -47.18 107.53 -49.32
N LYS L 205 -47.50 108.21 -50.43
CA LYS L 205 -48.35 107.67 -51.50
C LYS L 205 -47.99 106.23 -51.79
N GLY L 206 -49.01 105.37 -51.82
CA GLY L 206 -48.82 103.95 -52.14
C GLY L 206 -48.60 103.04 -50.94
N VAL L 207 -48.16 103.60 -49.83
CA VAL L 207 -47.89 102.77 -48.67
C VAL L 207 -49.19 102.25 -48.07
N LEU L 208 -50.28 102.99 -48.25
CA LEU L 208 -51.58 102.59 -47.72
C LEU L 208 -52.73 102.89 -48.68
N SER L 209 -53.50 101.86 -49.02
CA SER L 209 -54.71 102.01 -49.83
C SER L 209 -55.94 101.43 -49.14
N VAL L 210 -57.10 102.00 -49.43
CA VAL L 210 -58.35 101.49 -48.90
C VAL L 210 -59.35 101.31 -50.04
N VAL L 211 -59.46 100.06 -50.52
CA VAL L 211 -60.37 99.71 -51.63
C VAL L 211 -61.80 99.48 -51.17
N ILE L 212 -62.73 100.22 -51.76
CA ILE L 212 -64.14 100.05 -51.44
C ILE L 212 -64.82 99.46 -52.66
N GLY L 213 -65.71 98.49 -52.45
CA GLY L 213 -66.52 97.97 -53.52
C GLY L 213 -67.08 96.58 -53.31
N ASP L 214 -66.98 95.76 -54.35
CA ASP L 214 -67.51 94.39 -54.36
C ASP L 214 -66.55 93.43 -53.65
N PRO L 215 -67.02 92.79 -52.54
CA PRO L 215 -66.16 91.93 -51.71
C PRO L 215 -65.60 90.69 -52.43
N LYS L 216 -66.46 89.96 -53.14
CA LYS L 216 -66.02 88.83 -53.94
C LYS L 216 -64.99 89.29 -54.99
N ALA L 217 -65.35 90.32 -55.75
CA ALA L 217 -64.49 90.84 -56.81
C ALA L 217 -63.13 91.34 -56.32
N ILE L 218 -63.14 92.13 -55.25
CA ILE L 218 -61.90 92.66 -54.67
C ILE L 218 -61.10 91.55 -53.98
N GLY L 219 -61.79 90.73 -53.18
CA GLY L 219 -61.18 89.61 -52.48
C GLY L 219 -60.43 88.65 -53.39
N THR L 220 -60.98 88.45 -54.59
CA THR L 220 -60.41 87.51 -55.56
C THR L 220 -59.15 88.06 -56.21
N GLU L 221 -59.08 89.39 -56.36
CA GLU L 221 -57.86 90.00 -56.86
C GLU L 221 -56.74 89.89 -55.84
N ILE L 222 -57.09 90.17 -54.58
CA ILE L 222 -56.15 90.08 -53.46
C ILE L 222 -55.60 88.65 -53.31
N THR L 223 -56.49 87.66 -53.43
CA THR L 223 -56.09 86.26 -53.19
C THR L 223 -55.36 85.60 -54.37
N SER L 224 -55.46 86.19 -55.56
CA SER L 224 -54.75 85.66 -56.74
C SER L 224 -53.54 86.48 -57.20
N ASN L 225 -53.47 87.75 -56.80
CA ASN L 225 -52.32 88.57 -57.17
C ASN L 225 -51.07 88.11 -56.44
N PRO L 226 -50.00 87.79 -57.20
CA PRO L 226 -48.75 87.29 -56.63
C PRO L 226 -47.87 88.34 -55.92
N ILE L 227 -48.15 89.63 -56.14
CA ILE L 227 -47.41 90.69 -55.45
C ILE L 227 -47.77 90.75 -53.96
N VAL L 228 -49.01 90.36 -53.65
CA VAL L 228 -49.48 90.23 -52.27
C VAL L 228 -48.85 89.00 -51.61
N ARG L 229 -47.92 89.24 -50.71
CA ARG L 229 -47.20 88.15 -50.08
C ARG L 229 -47.76 87.78 -48.70
N LYS L 230 -48.63 88.61 -48.16
CA LYS L 230 -49.34 88.22 -46.95
C LYS L 230 -50.74 88.81 -46.86
N LEU L 231 -51.67 88.00 -46.33
CA LEU L 231 -53.07 88.36 -46.19
C LEU L 231 -53.53 88.22 -44.74
N SER L 232 -54.29 89.20 -44.27
CA SER L 232 -54.76 89.17 -42.91
C SER L 232 -56.27 89.40 -42.85
N PHE L 233 -57.02 88.35 -42.58
CA PHE L 233 -58.49 88.41 -42.62
C PHE L 233 -59.13 88.31 -41.23
N THR L 234 -60.23 89.03 -41.04
CA THR L 234 -61.01 88.94 -39.81
C THR L 234 -62.51 88.92 -40.15
N GLY L 235 -63.15 87.80 -39.85
CA GLY L 235 -64.58 87.61 -40.12
C GLY L 235 -65.01 86.19 -39.76
N SER L 236 -66.02 85.70 -40.46
CA SER L 236 -66.51 84.34 -40.28
C SER L 236 -65.45 83.27 -40.64
N THR L 237 -65.56 82.09 -40.03
CA THR L 237 -64.68 80.96 -40.36
C THR L 237 -64.95 80.46 -41.79
N ALA L 238 -66.22 80.52 -42.18
CA ALA L 238 -66.66 80.10 -43.50
C ALA L 238 -65.91 80.83 -44.62
N VAL L 239 -65.77 82.16 -44.50
CA VAL L 239 -65.07 82.96 -45.51
C VAL L 239 -63.58 82.72 -45.45
N GLY L 240 -63.06 82.65 -44.22
CA GLY L 240 -61.63 82.44 -43.98
C GLY L 240 -61.14 81.15 -44.61
N ARG L 241 -61.95 80.10 -44.51
CA ARG L 241 -61.65 78.84 -45.17
C ARG L 241 -61.39 79.11 -46.64
N LEU L 242 -62.31 79.84 -47.28
CA LEU L 242 -62.20 80.12 -48.71
C LEU L 242 -60.95 80.94 -49.06
N LEU L 243 -60.67 81.98 -48.27
CA LEU L 243 -59.52 82.83 -48.57
C LEU L 243 -58.21 82.06 -48.51
N MET L 244 -58.10 81.13 -47.57
CA MET L 244 -56.96 80.21 -47.48
C MET L 244 -56.83 79.36 -48.75
N ALA L 245 -57.98 78.87 -49.24
CA ALA L 245 -58.03 78.11 -50.47
C ALA L 245 -57.53 78.95 -51.63
N GLN L 246 -58.12 80.13 -51.80
CA GLN L 246 -57.82 81.05 -52.91
C GLN L 246 -56.36 81.54 -52.87
N SER L 247 -55.78 81.60 -51.68
CA SER L 247 -54.41 82.08 -51.50
C SER L 247 -53.38 80.96 -51.65
N ALA L 248 -53.85 79.72 -51.75
CA ALA L 248 -52.96 78.57 -51.93
C ALA L 248 -52.06 78.68 -53.16
N PRO L 249 -52.64 78.91 -54.36
CA PRO L 249 -51.78 78.96 -55.56
C PRO L 249 -50.51 79.80 -55.41
N THR L 250 -50.54 80.82 -54.54
CA THR L 250 -49.34 81.66 -54.29
C THR L 250 -48.73 81.49 -52.89
N VAL L 251 -49.29 80.54 -52.12
CA VAL L 251 -48.73 80.15 -50.81
C VAL L 251 -48.44 81.35 -49.86
N LYS L 252 -49.42 82.26 -49.81
CA LYS L 252 -49.34 83.47 -48.99
C LYS L 252 -49.26 83.19 -47.48
N LYS L 253 -48.53 84.04 -46.76
CA LYS L 253 -48.52 83.98 -45.30
C LYS L 253 -49.83 84.59 -44.79
N LEU L 254 -50.51 83.86 -43.90
CA LEU L 254 -51.89 84.22 -43.52
C LEU L 254 -52.09 84.48 -42.03
N THR L 255 -52.90 85.48 -41.72
CA THR L 255 -53.39 85.68 -40.36
C THR L 255 -54.92 85.68 -40.41
N LEU L 256 -55.52 84.70 -39.75
CA LEU L 256 -56.97 84.57 -39.74
C LEU L 256 -57.54 84.73 -38.32
N GLU L 257 -58.39 85.74 -38.16
CA GLU L 257 -59.08 85.99 -36.90
C GLU L 257 -60.56 85.63 -37.13
N LEU L 258 -60.89 84.37 -36.87
CA LEU L 258 -62.14 83.82 -37.35
C LEU L 258 -63.21 83.74 -36.27
N GLY L 259 -64.22 82.90 -36.51
CA GLY L 259 -65.33 82.76 -35.59
C GLY L 259 -64.95 82.12 -34.27
N GLY L 260 -65.79 82.32 -33.26
CA GLY L 260 -65.59 81.75 -31.95
C GLY L 260 -66.87 81.16 -31.39
N ASN L 261 -66.84 80.76 -30.12
CA ASN L 261 -68.01 80.22 -29.45
C ASN L 261 -67.78 80.35 -27.95
N ALA L 262 -67.45 81.57 -27.53
CA ALA L 262 -66.99 81.84 -26.17
C ALA L 262 -67.95 81.35 -25.09
N PRO L 263 -67.44 80.50 -24.17
CA PRO L 263 -68.15 80.14 -22.95
C PRO L 263 -67.80 81.08 -21.81
N PHE L 264 -68.83 81.51 -21.08
CA PHE L 264 -68.67 82.27 -19.85
C PHE L 264 -69.02 81.35 -18.67
N ILE L 265 -67.99 80.91 -17.94
CA ILE L 265 -68.08 79.85 -16.96
C ILE L 265 -68.15 80.39 -15.53
N VAL L 266 -69.20 80.02 -14.79
CA VAL L 266 -69.43 80.52 -13.43
C VAL L 266 -69.53 79.36 -12.43
N PHE L 267 -68.47 79.13 -11.66
CA PHE L 267 -68.45 78.02 -10.73
C PHE L 267 -69.22 78.26 -9.42
N ASP L 268 -69.42 77.17 -8.71
CA ASP L 268 -69.88 77.10 -7.32
C ASP L 268 -69.38 78.30 -6.45
N ASP L 269 -68.07 78.55 -6.45
CA ASP L 269 -67.45 79.53 -5.54
C ASP L 269 -67.27 80.95 -6.10
N ALA L 270 -67.61 81.16 -7.36
CA ALA L 270 -67.50 82.48 -8.01
C ALA L 270 -68.21 83.59 -7.24
N ASP L 271 -67.65 84.80 -7.31
CA ASP L 271 -68.35 85.98 -6.82
C ASP L 271 -69.45 86.33 -7.83
N LEU L 272 -70.70 86.15 -7.43
CA LEU L 272 -71.84 86.26 -8.35
C LEU L 272 -72.00 87.68 -8.91
N ASP L 273 -71.95 88.68 -8.04
CA ASP L 273 -71.98 90.08 -8.44
C ASP L 273 -70.85 90.46 -9.41
N ALA L 274 -69.66 89.91 -9.20
CA ALA L 274 -68.53 90.07 -10.12
C ALA L 274 -68.74 89.31 -11.43
N ALA L 275 -69.36 88.14 -11.33
CA ALA L 275 -69.65 87.29 -12.50
C ALA L 275 -70.64 87.97 -13.41
N VAL L 276 -71.62 88.62 -12.77
CA VAL L 276 -72.65 89.36 -13.48
C VAL L 276 -72.08 90.59 -14.21
N GLU L 277 -71.16 91.32 -13.56
CA GLU L 277 -70.51 92.48 -14.16
C GLU L 277 -69.63 92.07 -15.38
N GLY L 278 -69.11 90.85 -15.37
CA GLY L 278 -68.33 90.35 -16.49
C GLY L 278 -69.24 89.81 -17.58
N ALA L 279 -70.47 89.45 -17.19
CA ALA L 279 -71.44 88.90 -18.12
C ALA L 279 -71.99 90.03 -18.98
N ILE L 280 -72.38 91.12 -18.33
CA ILE L 280 -72.85 92.31 -19.01
C ILE L 280 -71.77 92.84 -19.96
N ALA L 281 -70.54 92.89 -19.46
CA ALA L 281 -69.42 93.37 -20.24
C ALA L 281 -69.11 92.50 -21.45
N SER L 282 -69.14 91.18 -21.25
CA SER L 282 -68.71 90.24 -22.30
C SER L 282 -69.81 89.82 -23.25
N LYS L 283 -71.06 89.93 -22.81
CA LYS L 283 -72.19 89.53 -23.62
C LYS L 283 -72.88 90.70 -24.33
N TYR L 284 -73.00 91.85 -23.66
CA TYR L 284 -73.84 92.94 -24.19
C TYR L 284 -73.11 94.16 -24.75
N ARG L 285 -71.79 94.11 -24.75
CA ARG L 285 -70.99 95.16 -25.36
C ARG L 285 -71.09 95.02 -26.87
N ASN L 286 -71.35 96.13 -27.56
CA ASN L 286 -71.57 96.16 -29.00
C ASN L 286 -72.78 95.28 -29.35
N ASN L 287 -73.75 95.25 -28.45
CA ASN L 287 -74.97 94.48 -28.59
C ASN L 287 -74.73 92.97 -28.79
N GLY L 288 -73.62 92.48 -28.27
CA GLY L 288 -73.25 91.08 -28.43
C GLY L 288 -72.59 90.74 -29.75
N GLN L 289 -72.04 91.74 -30.41
CA GLN L 289 -71.48 91.55 -31.76
C GLN L 289 -69.94 91.61 -31.82
N THR L 290 -69.29 91.68 -30.67
CA THR L 290 -67.83 91.60 -30.62
C THR L 290 -67.45 90.15 -30.85
N CYS L 291 -66.41 89.89 -31.64
CA CYS L 291 -66.02 88.51 -31.98
C CYS L 291 -65.59 87.65 -30.77
N VAL L 292 -65.26 88.31 -29.66
CA VAL L 292 -64.91 87.64 -28.41
C VAL L 292 -66.13 87.42 -27.50
N CYS L 293 -67.32 87.72 -28.01
CA CYS L 293 -68.53 87.70 -27.19
C CYS L 293 -68.89 86.33 -26.67
N THR L 294 -69.28 86.32 -25.40
CA THR L 294 -69.90 85.18 -24.77
C THR L 294 -71.04 84.71 -25.64
N ASN L 295 -71.02 83.42 -25.99
CA ASN L 295 -72.09 82.81 -26.76
C ASN L 295 -72.82 81.78 -25.92
N ARG L 296 -72.10 81.11 -25.03
CA ARG L 296 -72.68 80.11 -24.16
C ARG L 296 -72.34 80.41 -22.70
N PHE L 297 -73.35 80.70 -21.89
CA PHE L 297 -73.18 80.79 -20.44
C PHE L 297 -73.24 79.40 -19.80
N PHE L 298 -72.19 79.05 -19.06
CA PHE L 298 -72.12 77.80 -18.31
C PHE L 298 -72.07 78.10 -16.84
N VAL L 299 -73.22 77.89 -16.18
CA VAL L 299 -73.40 78.24 -14.77
C VAL L 299 -73.60 76.98 -13.94
N HIS L 300 -72.91 76.92 -12.81
CA HIS L 300 -73.02 75.77 -11.92
C HIS L 300 -74.43 75.66 -11.33
N GLU L 301 -74.97 74.45 -11.41
CA GLU L 301 -76.26 74.07 -10.84
C GLU L 301 -76.59 74.73 -9.49
N ARG L 302 -75.61 74.74 -8.59
CA ARG L 302 -75.84 75.15 -7.21
C ARG L 302 -75.98 76.68 -7.09
N VAL L 303 -75.61 77.41 -8.15
CA VAL L 303 -75.77 78.88 -8.20
C VAL L 303 -76.55 79.41 -9.43
N TYR L 304 -77.11 78.51 -10.23
CA TYR L 304 -77.88 78.87 -11.43
C TYR L 304 -79.00 79.87 -11.16
N ASP L 305 -79.93 79.50 -10.28
CA ASP L 305 -81.06 80.37 -9.94
C ASP L 305 -80.60 81.74 -9.48
N ALA L 306 -79.54 81.78 -8.68
CA ALA L 306 -79.05 83.04 -8.12
C ALA L 306 -78.42 83.92 -9.19
N PHE L 307 -77.62 83.30 -10.05
CA PHE L 307 -76.91 84.01 -11.12
C PHE L 307 -77.89 84.58 -12.15
N ALA L 308 -78.94 83.83 -12.48
CA ALA L 308 -79.98 84.29 -13.38
C ALA L 308 -80.72 85.52 -12.83
N ASP L 309 -81.18 85.42 -11.58
CA ASP L 309 -81.90 86.51 -10.94
C ASP L 309 -81.07 87.79 -10.99
N LYS L 310 -79.79 87.66 -10.66
CA LYS L 310 -78.87 88.79 -10.61
C LYS L 310 -78.57 89.35 -12.00
N LEU L 311 -78.49 88.48 -13.00
CA LEU L 311 -78.26 88.89 -14.38
C LEU L 311 -79.46 89.69 -14.93
N ALA L 312 -80.65 89.11 -14.84
CA ALA L 312 -81.88 89.79 -15.26
C ALA L 312 -82.05 91.17 -14.63
N ALA L 313 -81.67 91.30 -13.36
CA ALA L 313 -81.75 92.58 -12.70
C ALA L 313 -80.82 93.58 -13.40
N ALA L 314 -79.65 93.10 -13.83
CA ALA L 314 -78.65 93.94 -14.49
C ALA L 314 -79.02 94.24 -15.95
N VAL L 315 -79.63 93.27 -16.62
CA VAL L 315 -80.07 93.47 -18.00
C VAL L 315 -81.15 94.53 -18.04
N SER L 316 -82.04 94.49 -17.06
CA SER L 316 -83.12 95.48 -16.92
C SER L 316 -82.56 96.89 -16.73
N LYS L 317 -81.37 96.99 -16.16
CA LYS L 317 -80.73 98.30 -15.94
C LYS L 317 -80.10 98.88 -17.22
N LEU L 318 -80.05 98.08 -18.28
CA LEU L 318 -79.55 98.55 -19.57
C LEU L 318 -80.66 99.22 -20.37
N LYS L 319 -80.29 100.06 -21.32
CA LYS L 319 -81.26 100.80 -22.13
C LYS L 319 -80.94 100.80 -23.62
N VAL L 320 -81.93 100.41 -24.43
CA VAL L 320 -81.84 100.38 -25.88
C VAL L 320 -82.16 101.76 -26.48
N GLY L 321 -81.32 102.24 -27.38
CA GLY L 321 -81.53 103.55 -27.99
C GLY L 321 -80.50 103.90 -29.04
N ARG L 322 -80.79 104.96 -29.81
CA ARG L 322 -79.86 105.48 -30.81
C ARG L 322 -78.55 105.87 -30.15
N GLY L 323 -77.43 105.48 -30.77
CA GLY L 323 -76.10 105.71 -30.21
C GLY L 323 -75.73 107.12 -29.79
N THR L 324 -76.33 108.12 -30.45
CA THR L 324 -76.09 109.54 -30.14
C THR L 324 -76.91 110.00 -28.96
N GLU L 325 -77.89 109.19 -28.58
CA GLU L 325 -78.79 109.50 -27.47
C GLU L 325 -78.11 109.36 -26.11
N SER L 326 -78.38 110.31 -25.23
CA SER L 326 -77.75 110.38 -23.91
C SER L 326 -78.33 109.32 -22.97
N GLY L 327 -77.49 108.35 -22.60
CA GLY L 327 -77.90 107.29 -21.69
C GLY L 327 -78.08 105.92 -22.34
N ALA L 328 -78.17 105.92 -23.67
CA ALA L 328 -78.34 104.67 -24.41
C ALA L 328 -77.09 103.80 -24.34
N THR L 329 -77.28 102.54 -23.97
CA THR L 329 -76.17 101.60 -23.79
C THR L 329 -76.25 100.38 -24.72
N LEU L 330 -77.35 100.27 -25.45
CA LEU L 330 -77.54 99.19 -26.41
C LEU L 330 -78.07 99.75 -27.73
N GLY L 331 -77.25 99.66 -28.78
CA GLY L 331 -77.64 100.15 -30.10
C GLY L 331 -78.33 99.08 -30.90
N PRO L 332 -78.58 99.34 -32.19
CA PRO L 332 -79.20 98.30 -33.01
C PRO L 332 -78.16 97.32 -33.54
N LEU L 333 -78.62 96.16 -34.01
CA LEU L 333 -77.80 95.25 -34.80
C LEU L 333 -77.50 95.93 -36.14
N ILE L 334 -76.47 95.44 -36.84
CA ILE L 334 -76.02 96.12 -38.05
C ILE L 334 -77.04 96.06 -39.19
N ASN L 335 -77.61 94.89 -39.45
CA ASN L 335 -78.59 94.73 -40.52
C ASN L 335 -79.67 93.69 -40.22
N GLU L 336 -80.72 93.68 -41.03
CA GLU L 336 -81.84 92.74 -40.88
C GLU L 336 -81.48 91.26 -40.86
N ALA L 337 -80.40 90.88 -41.55
CA ALA L 337 -79.93 89.50 -41.52
C ALA L 337 -79.61 89.06 -40.09
N ALA L 338 -79.06 89.99 -39.30
CA ALA L 338 -78.67 89.72 -37.92
C ALA L 338 -79.86 89.67 -36.97
N VAL L 339 -80.93 90.39 -37.30
CA VAL L 339 -82.17 90.34 -36.51
C VAL L 339 -82.89 89.01 -36.67
N LYS L 340 -82.94 88.52 -37.91
CA LYS L 340 -83.58 87.25 -38.22
C LYS L 340 -82.77 86.07 -37.68
N LYS L 341 -81.47 86.27 -37.56
CA LYS L 341 -80.55 85.27 -36.97
C LYS L 341 -80.75 85.10 -35.47
N VAL L 342 -81.05 86.20 -34.78
CA VAL L 342 -81.27 86.15 -33.35
C VAL L 342 -82.62 85.50 -33.04
N GLU L 343 -83.66 85.94 -33.74
CA GLU L 343 -85.01 85.37 -33.58
C GLU L 343 -85.02 83.86 -33.76
N SER L 344 -84.24 83.40 -34.74
CA SER L 344 -84.05 81.98 -35.01
C SER L 344 -83.56 81.24 -33.76
N HIS L 345 -82.36 81.59 -33.28
CA HIS L 345 -81.74 80.97 -32.11
C HIS L 345 -82.69 80.88 -30.91
N ILE L 346 -83.53 81.92 -30.76
CA ILE L 346 -84.51 81.99 -29.67
C ILE L 346 -85.69 81.06 -29.92
N ALA L 347 -86.15 81.00 -31.16
CA ALA L 347 -87.24 80.10 -31.55
C ALA L 347 -86.81 78.64 -31.37
N ASP L 348 -85.61 78.31 -31.83
CA ASP L 348 -85.08 76.96 -31.72
C ASP L 348 -84.91 76.52 -30.26
N ALA L 349 -84.46 77.44 -29.42
CA ALA L 349 -84.25 77.15 -28.01
C ALA L 349 -85.55 76.91 -27.27
N LEU L 350 -86.59 77.66 -27.64
CA LEU L 350 -87.91 77.54 -27.02
C LEU L 350 -88.62 76.26 -27.47
N ALA L 351 -88.48 75.94 -28.75
CA ALA L 351 -88.99 74.70 -29.31
C ALA L 351 -88.41 73.49 -28.58
N LYS L 352 -87.15 73.63 -28.15
CA LYS L 352 -86.40 72.52 -27.58
C LYS L 352 -86.39 72.51 -26.05
N GLY L 353 -87.11 73.45 -25.43
CA GLY L 353 -87.37 73.37 -24.00
C GLY L 353 -87.08 74.58 -23.14
N ALA L 354 -86.46 75.60 -23.72
CA ALA L 354 -86.03 76.76 -22.95
C ALA L 354 -87.18 77.62 -22.47
N SER L 355 -86.92 78.45 -21.46
CA SER L 355 -87.88 79.43 -20.97
C SER L 355 -87.34 80.84 -21.22
N LEU L 356 -88.23 81.75 -21.61
CA LEU L 356 -87.87 83.15 -21.80
C LEU L 356 -87.88 83.82 -20.44
N MET L 357 -86.75 84.38 -20.05
CA MET L 357 -86.66 85.11 -18.79
C MET L 357 -86.89 86.61 -18.97
N THR L 358 -86.32 87.19 -20.02
CA THR L 358 -86.49 88.61 -20.31
C THR L 358 -86.30 88.85 -21.82
N GLY L 359 -87.01 89.82 -22.37
CA GLY L 359 -86.95 90.12 -23.81
C GLY L 359 -87.64 89.08 -24.67
N GLY L 360 -87.01 88.73 -25.79
CA GLY L 360 -87.54 87.71 -26.69
C GLY L 360 -88.00 88.19 -28.06
N LYS L 361 -88.17 89.50 -28.22
CA LYS L 361 -88.69 90.05 -29.46
C LYS L 361 -87.83 91.21 -29.95
N ARG L 362 -87.99 91.56 -31.22
CA ARG L 362 -87.46 92.82 -31.79
C ARG L 362 -87.99 93.97 -30.95
N HIS L 363 -87.20 95.03 -30.83
CA HIS L 363 -87.59 96.16 -30.00
C HIS L 363 -88.62 97.03 -30.72
N ALA L 364 -89.43 97.71 -29.91
CA ALA L 364 -90.44 98.66 -30.38
C ALA L 364 -89.88 99.71 -31.33
N LEU L 365 -88.61 100.08 -31.13
CA LEU L 365 -87.97 101.14 -31.94
C LEU L 365 -87.75 100.69 -33.38
N GLY L 366 -87.76 99.39 -33.62
CA GLY L 366 -87.70 98.85 -34.98
C GLY L 366 -86.29 98.59 -35.49
N HIS L 367 -86.11 98.72 -36.80
CA HIS L 367 -84.82 98.49 -37.48
C HIS L 367 -84.07 97.29 -36.89
N GLY L 368 -82.78 97.46 -36.64
CA GLY L 368 -81.96 96.42 -36.02
C GLY L 368 -82.06 96.31 -34.50
N PHE L 369 -82.96 97.08 -33.88
CA PHE L 369 -83.11 97.04 -32.42
C PHE L 369 -83.78 95.75 -31.96
N PHE L 370 -83.14 95.11 -30.98
CA PHE L 370 -83.61 93.85 -30.42
C PHE L 370 -83.61 93.93 -28.90
N GLU L 371 -84.64 93.36 -28.26
CA GLU L 371 -84.69 93.36 -26.79
C GLU L 371 -83.57 92.49 -26.22
N PRO L 372 -82.87 92.98 -25.18
CA PRO L 372 -81.84 92.17 -24.55
C PRO L 372 -82.48 90.95 -23.88
N THR L 373 -81.96 89.77 -24.19
CA THR L 373 -82.64 88.51 -23.88
C THR L 373 -81.84 87.55 -23.00
N VAL L 374 -82.47 87.08 -21.94
CA VAL L 374 -81.92 85.99 -21.12
C VAL L 374 -82.77 84.75 -21.31
N LEU L 375 -82.12 83.63 -21.55
CA LEU L 375 -82.79 82.33 -21.66
C LEU L 375 -82.29 81.33 -20.62
N THR L 376 -83.23 80.83 -19.80
CA THR L 376 -82.97 79.74 -18.84
C THR L 376 -83.23 78.38 -19.49
N GLY L 377 -82.70 77.32 -18.90
CA GLY L 377 -82.93 75.96 -19.35
C GLY L 377 -82.39 75.60 -20.72
N VAL L 378 -81.22 76.12 -21.05
CA VAL L 378 -80.65 75.92 -22.39
C VAL L 378 -79.79 74.68 -22.42
N LYS L 379 -79.85 73.95 -23.53
CA LYS L 379 -79.26 72.62 -23.64
C LYS L 379 -78.43 72.48 -24.92
N PRO L 380 -77.39 71.63 -24.91
CA PRO L 380 -76.44 71.48 -26.03
C PRO L 380 -77.02 71.03 -27.38
N ASP L 381 -78.28 70.62 -27.42
CA ASP L 381 -78.92 70.21 -28.67
C ASP L 381 -79.50 71.39 -29.46
N MET L 382 -79.54 72.55 -28.81
CA MET L 382 -80.08 73.78 -29.39
C MET L 382 -79.03 74.46 -30.28
N ASP L 383 -79.52 75.23 -31.27
CA ASP L 383 -78.65 75.89 -32.26
C ASP L 383 -77.55 76.76 -31.66
N VAL L 384 -77.89 77.53 -30.63
CA VAL L 384 -76.95 78.43 -29.95
C VAL L 384 -75.67 77.75 -29.41
N ALA L 385 -75.77 76.48 -29.02
CA ALA L 385 -74.61 75.69 -28.60
C ALA L 385 -73.62 75.45 -29.73
N LYS L 386 -74.12 75.44 -30.97
CA LYS L 386 -73.32 75.11 -32.15
C LYS L 386 -72.73 76.31 -32.89
N GLU L 387 -73.49 77.40 -33.02
CA GLU L 387 -73.03 78.59 -33.76
C GLU L 387 -73.27 79.92 -33.03
N GLU L 388 -72.54 80.96 -33.46
CA GLU L 388 -72.60 82.29 -32.86
C GLU L 388 -73.92 83.04 -33.08
N THR L 389 -74.51 83.49 -31.98
CA THR L 389 -75.71 84.32 -32.02
C THR L 389 -75.45 85.69 -32.64
N PHE L 390 -74.31 86.30 -32.29
CA PHE L 390 -73.95 87.66 -32.70
C PHE L 390 -75.06 88.68 -32.39
N GLY L 391 -75.58 88.61 -31.18
CA GLY L 391 -76.68 89.46 -30.75
C GLY L 391 -76.84 89.40 -29.24
N PRO L 392 -77.72 90.25 -28.68
CA PRO L 392 -77.84 90.39 -27.23
C PRO L 392 -78.69 89.30 -26.57
N LEU L 393 -78.21 88.06 -26.69
CA LEU L 393 -78.89 86.90 -26.13
C LEU L 393 -77.97 86.15 -25.19
N ALA L 394 -78.42 85.98 -23.97
CA ALA L 394 -77.68 85.23 -22.97
C ALA L 394 -78.32 83.86 -22.70
N PRO L 395 -77.84 82.81 -23.37
CA PRO L 395 -78.38 81.47 -23.11
C PRO L 395 -77.68 80.76 -21.93
N LEU L 396 -78.41 80.52 -20.85
CA LEU L 396 -77.81 79.94 -19.64
C LEU L 396 -77.90 78.41 -19.59
N PHE L 397 -76.76 77.77 -19.85
CA PHE L 397 -76.63 76.31 -19.73
C PHE L 397 -76.39 75.93 -18.27
N ARG L 398 -76.64 74.67 -17.93
CA ARG L 398 -76.41 74.15 -16.58
C ARG L 398 -75.19 73.22 -16.61
N PHE L 399 -74.43 73.19 -15.51
CA PHE L 399 -73.41 72.14 -15.32
C PHE L 399 -73.30 71.67 -13.88
N ALA L 400 -72.93 70.40 -13.70
CA ALA L 400 -72.91 69.76 -12.39
C ALA L 400 -71.52 69.58 -11.78
N SER L 401 -70.49 69.49 -12.63
CA SER L 401 -69.13 69.23 -12.17
C SER L 401 -68.07 69.87 -13.07
N GLU L 402 -66.87 70.02 -12.52
CA GLU L 402 -65.72 70.50 -13.28
C GLU L 402 -65.47 69.65 -14.52
N GLU L 403 -65.56 68.33 -14.35
CA GLU L 403 -65.28 67.40 -15.44
C GLU L 403 -66.23 67.66 -16.60
N GLU L 404 -67.50 67.77 -16.26
CA GLU L 404 -68.56 67.99 -17.22
C GLU L 404 -68.31 69.28 -17.99
N LEU L 405 -67.87 70.31 -17.26
CA LEU L 405 -67.65 71.63 -17.81
C LEU L 405 -66.61 71.65 -18.95
N VAL L 406 -65.44 71.09 -18.68
CA VAL L 406 -64.36 70.99 -19.66
C VAL L 406 -64.86 70.34 -20.94
N ARG L 407 -65.59 69.22 -20.79
CA ARG L 407 -66.16 68.51 -21.93
C ARG L 407 -67.08 69.43 -22.74
N LEU L 408 -68.08 70.00 -22.07
CA LEU L 408 -69.01 70.94 -22.66
C LEU L 408 -68.30 72.14 -23.31
N ALA L 409 -67.56 72.91 -22.50
CA ALA L 409 -66.85 74.09 -22.99
C ALA L 409 -66.05 73.79 -24.26
N ASN L 410 -65.36 72.64 -24.28
CA ASN L 410 -64.49 72.29 -25.40
C ASN L 410 -65.21 71.57 -26.54
N ASP L 411 -66.51 71.34 -26.38
CA ASP L 411 -67.29 70.68 -27.43
C ASP L 411 -67.74 71.68 -28.48
N THR L 412 -66.75 72.17 -29.23
CA THR L 412 -66.96 73.03 -30.38
C THR L 412 -65.70 72.98 -31.24
N GLU L 413 -65.84 73.31 -32.52
CA GLU L 413 -64.70 73.38 -33.43
C GLU L 413 -63.94 74.68 -33.26
N PHE L 414 -64.59 75.66 -32.63
CA PHE L 414 -64.02 76.99 -32.43
C PHE L 414 -63.28 77.11 -31.08
N GLY L 415 -62.29 78.00 -31.03
CA GLY L 415 -61.57 78.26 -29.78
C GLY L 415 -60.90 79.62 -29.76
N LEU L 416 -61.65 80.66 -29.43
CA LEU L 416 -61.13 82.03 -29.46
C LEU L 416 -60.98 82.61 -28.05
N ALA L 417 -62.09 83.04 -27.46
CA ALA L 417 -62.07 83.59 -26.12
C ALA L 417 -62.91 82.74 -25.20
N ALA L 418 -62.56 82.71 -23.92
CA ALA L 418 -63.39 82.06 -22.90
C ALA L 418 -63.29 82.86 -21.61
N TYR L 419 -64.28 82.71 -20.74
CA TYR L 419 -64.32 83.46 -19.49
C TYR L 419 -64.67 82.52 -18.35
N LEU L 420 -63.88 82.58 -17.29
CA LEU L 420 -63.96 81.60 -16.22
C LEU L 420 -63.94 82.28 -14.85
N TYR L 421 -65.03 82.14 -14.10
CA TYR L 421 -65.14 82.71 -12.75
C TYR L 421 -65.09 81.65 -11.63
N SER L 422 -63.99 81.67 -10.88
CA SER L 422 -63.83 80.88 -9.65
C SER L 422 -62.89 81.59 -8.67
N ARG L 423 -62.86 81.14 -7.43
CA ARG L 423 -61.94 81.70 -6.45
C ARG L 423 -60.79 80.74 -6.13
N ASP L 424 -61.01 79.45 -6.33
CA ASP L 424 -60.02 78.43 -5.99
C ASP L 424 -58.84 78.42 -6.95
N ILE L 425 -57.65 78.67 -6.42
CA ILE L 425 -56.42 78.74 -7.20
C ILE L 425 -56.22 77.51 -8.10
N GLY L 426 -56.47 76.33 -7.54
CA GLY L 426 -56.24 75.06 -8.23
C GLY L 426 -57.23 74.77 -9.33
N ARG L 427 -58.51 75.04 -9.05
CA ARG L 427 -59.56 74.89 -10.05
C ARG L 427 -59.31 75.80 -11.25
N VAL L 428 -58.99 77.05 -10.96
CA VAL L 428 -58.76 78.04 -12.00
C VAL L 428 -57.67 77.58 -12.96
N TRP L 429 -56.52 77.17 -12.43
CA TRP L 429 -55.40 76.71 -13.24
C TRP L 429 -55.69 75.41 -14.00
N ARG L 430 -56.37 74.47 -13.34
CA ARG L 430 -56.74 73.21 -14.00
C ARG L 430 -57.61 73.48 -15.21
N VAL L 431 -58.73 74.15 -14.97
CA VAL L 431 -59.70 74.45 -16.03
C VAL L 431 -59.10 75.36 -17.11
N ALA L 432 -58.40 76.42 -16.69
CA ALA L 432 -57.72 77.34 -17.61
C ALA L 432 -56.82 76.62 -18.62
N GLU L 433 -55.95 75.75 -18.11
CA GLU L 433 -55.08 74.94 -18.97
C GLU L 433 -55.91 74.02 -19.88
N ALA L 434 -56.99 73.45 -19.35
CA ALA L 434 -57.82 72.49 -20.07
C ALA L 434 -58.62 73.09 -21.22
N LEU L 435 -59.00 74.36 -21.09
CA LEU L 435 -59.82 75.05 -22.09
C LEU L 435 -59.05 75.22 -23.38
N GLU L 436 -59.61 74.70 -24.46
CA GLU L 436 -59.01 74.79 -25.78
C GLU L 436 -59.34 76.13 -26.45
N TYR L 437 -58.71 77.19 -25.94
CA TYR L 437 -58.98 78.55 -26.39
C TYR L 437 -57.72 79.40 -26.45
N GLY L 438 -57.69 80.34 -27.38
CA GLY L 438 -56.56 81.25 -27.55
C GLY L 438 -56.45 82.27 -26.44
N MET L 439 -57.57 82.56 -25.78
CA MET L 439 -57.63 83.62 -24.76
C MET L 439 -58.64 83.26 -23.69
N VAL L 440 -58.25 83.49 -22.45
CA VAL L 440 -59.08 83.15 -21.31
C VAL L 440 -59.07 84.32 -20.33
N GLY L 441 -60.25 84.76 -19.95
CA GLY L 441 -60.38 85.78 -18.92
C GLY L 441 -60.71 85.10 -17.62
N ILE L 442 -59.97 85.46 -16.57
CA ILE L 442 -60.19 84.85 -15.26
C ILE L 442 -60.73 85.88 -14.26
N ASN L 443 -62.01 85.72 -13.91
CA ASN L 443 -62.71 86.67 -13.05
C ASN L 443 -62.77 88.07 -13.65
N THR L 444 -62.68 88.14 -14.98
CA THR L 444 -62.98 89.36 -15.74
C THR L 444 -63.75 89.04 -17.03
N GLY L 445 -64.50 90.02 -17.52
CA GLY L 445 -65.23 89.90 -18.77
C GLY L 445 -64.54 90.59 -19.93
N LEU L 446 -63.61 91.49 -19.61
CA LEU L 446 -62.88 92.30 -20.60
C LEU L 446 -61.39 91.99 -20.62
N ILE L 447 -60.88 91.60 -21.78
CA ILE L 447 -59.50 91.10 -21.90
C ILE L 447 -58.65 91.76 -22.99
N SER L 448 -59.31 92.47 -23.90
CA SER L 448 -58.63 93.00 -25.10
C SER L 448 -57.79 94.24 -24.80
N ASN L 449 -56.55 94.21 -25.28
CA ASN L 449 -55.65 95.37 -25.21
C ASN L 449 -54.53 95.22 -26.24
N GLU L 450 -53.66 96.21 -26.31
CA GLU L 450 -52.61 96.25 -27.32
C GLU L 450 -51.39 95.41 -26.96
N VAL L 451 -51.24 95.05 -25.70
CA VAL L 451 -50.01 94.41 -25.26
C VAL L 451 -50.11 92.89 -25.14
N ALA L 452 -51.33 92.38 -25.01
CA ALA L 452 -51.55 90.94 -24.94
C ALA L 452 -51.89 90.35 -26.32
N PRO L 453 -51.40 89.13 -26.61
CA PRO L 453 -51.59 88.57 -27.94
C PRO L 453 -53.01 88.09 -28.18
N PHE L 454 -53.62 88.62 -29.22
CA PHE L 454 -55.01 88.39 -29.54
C PHE L 454 -55.13 87.40 -30.69
N GLY L 455 -55.84 86.31 -30.45
CA GLY L 455 -55.99 85.27 -31.47
C GLY L 455 -56.72 84.04 -30.96
N GLY L 456 -56.91 83.08 -31.85
CA GLY L 456 -57.65 81.87 -31.52
C GLY L 456 -56.96 80.59 -31.94
N VAL L 457 -57.42 79.47 -31.39
CA VAL L 457 -56.95 78.15 -31.79
C VAL L 457 -58.03 77.40 -32.55
N LYS L 458 -57.64 76.28 -33.17
CA LYS L 458 -58.58 75.42 -33.89
C LYS L 458 -59.19 76.19 -35.05
N GLN L 459 -60.53 76.27 -35.09
CA GLN L 459 -61.22 76.89 -36.22
C GLN L 459 -61.41 78.40 -36.06
N SER L 460 -60.81 78.95 -35.02
CA SER L 460 -60.75 80.39 -34.82
C SER L 460 -59.55 80.97 -35.53
N GLY L 461 -58.78 80.11 -36.21
CA GLY L 461 -57.76 80.55 -37.15
C GLY L 461 -56.30 80.56 -36.73
N LEU L 462 -55.54 81.43 -37.40
CA LEU L 462 -54.09 81.43 -37.32
C LEU L 462 -53.53 82.75 -36.79
N GLY L 463 -52.40 82.66 -36.10
CA GLY L 463 -51.64 83.83 -35.70
C GLY L 463 -52.24 84.70 -34.61
N ARG L 464 -51.46 85.66 -34.14
CA ARG L 464 -51.82 86.53 -33.03
C ARG L 464 -51.68 88.02 -33.38
N GLU L 465 -52.58 88.84 -32.83
CA GLU L 465 -52.54 90.29 -33.02
C GLU L 465 -52.23 91.05 -31.72
N GLY L 466 -51.62 92.23 -31.85
CA GLY L 466 -51.14 92.98 -30.69
C GLY L 466 -49.88 92.34 -30.13
N SER L 467 -49.45 92.82 -28.96
CA SER L 467 -48.22 92.35 -28.29
C SER L 467 -46.96 92.40 -29.18
N HIS L 468 -45.86 91.83 -28.68
CA HIS L 468 -44.65 91.69 -29.49
C HIS L 468 -44.78 90.58 -30.56
N TYR L 469 -45.66 89.62 -30.29
CA TYR L 469 -46.03 88.59 -31.25
C TYR L 469 -46.65 89.17 -32.53
N GLY L 470 -47.35 90.29 -32.39
CA GLY L 470 -48.13 90.89 -33.48
C GLY L 470 -47.37 91.22 -34.75
N ILE L 471 -46.12 91.64 -34.61
CA ILE L 471 -45.31 92.03 -35.73
C ILE L 471 -44.60 90.83 -36.39
N ASP L 472 -44.57 89.70 -35.69
CA ASP L 472 -43.95 88.45 -36.18
C ASP L 472 -44.38 88.06 -37.59
N ASP L 473 -45.68 88.12 -37.85
CA ASP L 473 -46.24 87.64 -39.12
C ASP L 473 -46.09 88.63 -40.30
N TYR L 474 -45.43 89.76 -40.06
CA TYR L 474 -45.19 90.77 -41.09
C TYR L 474 -43.72 90.82 -41.47
N VAL L 475 -42.90 90.06 -40.75
CA VAL L 475 -41.49 89.94 -41.10
C VAL L 475 -41.19 88.54 -41.55
N VAL L 476 -40.04 88.38 -42.20
CA VAL L 476 -39.60 87.10 -42.66
C VAL L 476 -38.12 86.95 -42.26
N ILE L 477 -37.70 85.75 -41.87
CA ILE L 477 -36.34 85.62 -41.30
C ILE L 477 -35.27 85.18 -42.33
N LYS L 478 -34.06 85.70 -42.17
CA LYS L 478 -32.96 85.40 -43.07
C LYS L 478 -31.74 84.91 -42.30
N TYR L 479 -31.36 83.66 -42.55
CA TYR L 479 -30.18 83.04 -41.97
C TYR L 479 -28.96 83.36 -42.83
N LEU L 480 -27.88 83.77 -42.18
CA LEU L 480 -26.64 84.12 -42.87
C LEU L 480 -25.48 83.30 -42.30
N CYS L 481 -24.71 82.68 -43.20
CA CYS L 481 -23.64 81.76 -42.79
C CYS L 481 -22.27 82.30 -43.20
N VAL L 482 -21.73 83.18 -42.37
CA VAL L 482 -20.46 83.85 -42.66
C VAL L 482 -19.27 82.92 -42.41
N ALA L 483 -18.40 82.80 -43.40
CA ALA L 483 -17.14 82.08 -43.23
C ALA L 483 -16.06 83.03 -42.74
N VAL L 484 -15.41 82.64 -41.64
CA VAL L 484 -14.27 83.38 -41.10
C VAL L 484 -13.41 82.45 -40.26
N GLY M 3 26.22 19.06 -115.13
CA GLY M 3 26.78 17.67 -115.19
C GLY M 3 27.97 17.45 -114.29
N SER M 4 29.05 18.20 -114.56
CA SER M 4 30.28 18.14 -113.76
C SER M 4 30.20 19.02 -112.50
N MET M 5 29.10 18.87 -111.76
CA MET M 5 28.78 19.75 -110.63
C MET M 5 28.83 19.05 -109.28
N LYS M 6 29.50 19.69 -108.32
CA LYS M 6 29.57 19.17 -106.95
C LYS M 6 28.18 18.79 -106.38
N ASP M 7 27.18 19.60 -106.70
CA ASP M 7 25.83 19.39 -106.17
C ASP M 7 24.78 19.49 -107.28
N PRO M 8 24.47 18.36 -107.92
CA PRO M 8 23.57 18.35 -109.08
C PRO M 8 22.09 18.63 -108.78
N SER M 9 21.72 18.72 -107.50
CA SER M 9 20.32 19.05 -107.15
C SER M 9 20.01 20.54 -107.34
N LEU M 10 21.06 21.34 -107.58
CA LEU M 10 20.92 22.76 -107.93
C LEU M 10 20.23 22.93 -109.28
N LEU M 11 20.53 22.05 -110.23
CA LEU M 11 19.85 22.06 -111.52
C LEU M 11 18.43 21.50 -111.39
N ARG M 12 17.44 22.39 -111.37
CA ARG M 12 16.04 22.03 -111.15
C ARG M 12 15.29 21.94 -112.48
N HIS M 13 14.29 21.07 -112.54
CA HIS M 13 13.47 20.90 -113.75
C HIS M 13 11.98 21.10 -113.44
N GLN M 14 11.70 21.47 -112.19
CA GLN M 14 10.37 21.86 -111.77
C GLN M 14 10.44 23.32 -111.32
N ALA M 15 9.28 23.95 -111.16
CA ALA M 15 9.24 25.35 -110.76
C ALA M 15 8.75 25.52 -109.32
N TYR M 16 9.03 26.69 -108.72
CA TYR M 16 8.82 26.91 -107.30
C TYR M 16 7.58 27.75 -107.04
N ILE M 17 6.44 27.09 -106.85
CA ILE M 17 5.18 27.77 -106.56
C ILE M 17 4.84 27.62 -105.08
N GLY M 18 4.84 28.74 -104.36
CA GLY M 18 4.33 28.80 -102.98
C GLY M 18 5.11 28.09 -101.90
N GLY M 19 6.33 27.67 -102.22
CA GLY M 19 7.14 26.87 -101.32
C GLY M 19 7.24 25.43 -101.75
N GLU M 20 6.34 25.02 -102.66
CA GLU M 20 6.32 23.67 -103.21
C GLU M 20 6.94 23.58 -104.61
N TRP M 21 7.78 22.55 -104.81
CA TRP M 21 8.34 22.28 -106.12
C TRP M 21 7.30 21.53 -106.94
N GLN M 22 6.97 22.12 -108.09
CA GLN M 22 5.81 21.73 -108.87
C GLN M 22 6.09 21.74 -110.36
N ALA M 23 5.56 20.74 -111.05
CA ALA M 23 5.43 20.76 -112.49
C ALA M 23 4.09 21.43 -112.80
N ALA M 24 3.84 21.68 -114.08
CA ALA M 24 2.58 22.32 -114.49
C ALA M 24 1.36 21.45 -114.20
N ASP M 25 0.22 22.09 -113.97
CA ASP M 25 -1.08 21.42 -113.87
C ASP M 25 -1.41 20.56 -115.11
N SER M 26 -0.91 20.98 -116.27
CA SER M 26 -1.18 20.30 -117.53
C SER M 26 -0.05 19.36 -117.93
N ASP M 27 1.06 19.44 -117.20
CA ASP M 27 2.26 18.66 -117.47
C ASP M 27 3.00 19.07 -118.75
N ALA M 28 2.46 20.03 -119.49
CA ALA M 28 3.16 20.63 -120.62
C ALA M 28 4.49 21.22 -120.15
N THR M 29 5.50 21.18 -121.01
CA THR M 29 6.85 21.59 -120.65
C THR M 29 7.49 22.27 -121.85
N PHE M 30 8.65 22.89 -121.65
CA PHE M 30 9.45 23.33 -122.79
C PHE M 30 10.94 23.10 -122.58
N GLU M 31 11.64 22.85 -123.67
CA GLU M 31 13.03 22.50 -123.64
C GLU M 31 13.88 23.74 -123.47
N VAL M 32 15.09 23.56 -122.95
CA VAL M 32 16.09 24.62 -122.86
C VAL M 32 17.31 24.17 -123.66
N PHE M 33 18.01 25.11 -124.27
CA PHE M 33 19.12 24.80 -125.16
C PHE M 33 20.40 25.58 -124.88
N ASP M 34 21.52 24.91 -125.07
CA ASP M 34 22.83 25.51 -124.94
C ASP M 34 23.11 26.33 -126.21
N PRO M 35 23.27 27.66 -126.07
CA PRO M 35 23.43 28.52 -127.24
C PRO M 35 24.80 28.41 -127.91
N ALA M 36 25.71 27.65 -127.30
CA ALA M 36 27.03 27.43 -127.88
C ALA M 36 27.13 26.10 -128.60
N THR M 37 26.28 25.14 -128.23
CA THR M 37 26.34 23.79 -128.79
C THR M 37 25.03 23.34 -129.44
N GLY M 38 23.92 23.97 -129.04
CA GLY M 38 22.60 23.60 -129.55
C GLY M 38 22.06 22.37 -128.86
N GLU M 39 22.77 21.86 -127.85
CA GLU M 39 22.36 20.65 -127.13
C GLU M 39 21.09 20.87 -126.33
N SER M 40 20.35 19.79 -126.06
CA SER M 40 19.17 19.86 -125.19
C SER M 40 19.59 19.78 -123.72
N LEU M 41 19.45 20.89 -123.01
CA LEU M 41 19.84 20.95 -121.60
C LEU M 41 18.71 20.52 -120.66
N GLY M 42 17.69 19.86 -121.22
CA GLY M 42 16.57 19.34 -120.43
C GLY M 42 15.30 20.15 -120.59
N THR M 43 14.28 19.81 -119.81
CA THR M 43 13.00 20.51 -119.90
C THR M 43 12.66 21.22 -118.59
N VAL M 44 11.80 22.23 -118.70
CA VAL M 44 11.20 22.92 -117.55
C VAL M 44 9.70 23.08 -117.81
N PRO M 45 8.87 23.29 -116.76
CA PRO M 45 7.42 23.34 -116.97
C PRO M 45 6.95 24.51 -117.87
N LYS M 46 5.76 24.37 -118.44
CA LYS M 46 5.14 25.44 -119.20
C LYS M 46 3.84 25.85 -118.54
N MET M 47 3.96 26.76 -117.57
CA MET M 47 2.83 27.20 -116.77
C MET M 47 2.12 28.40 -117.38
N GLY M 48 0.99 28.77 -116.76
CA GLY M 48 0.17 29.90 -117.20
C GLY M 48 -0.61 30.54 -116.07
N ALA M 49 -1.85 30.90 -116.37
CA ALA M 49 -2.70 31.68 -115.48
C ALA M 49 -2.92 31.09 -114.09
N ALA M 50 -3.29 29.81 -114.02
CA ALA M 50 -3.74 29.17 -112.77
C ALA M 50 -2.65 29.03 -111.70
N GLU M 51 -1.47 28.58 -112.11
CA GLU M 51 -0.34 28.45 -111.21
C GLU M 51 0.11 29.83 -110.69
N THR M 52 0.17 30.80 -111.61
CA THR M 52 0.55 32.18 -111.30
C THR M 52 -0.37 32.79 -110.25
N ALA M 53 -1.68 32.56 -110.41
CA ALA M 53 -2.67 32.98 -109.41
C ALA M 53 -2.44 32.30 -108.05
N ARG M 54 -2.10 31.01 -108.09
CA ARG M 54 -1.79 30.27 -106.85
C ARG M 54 -0.58 30.85 -106.14
N ALA M 55 0.46 31.18 -106.92
CA ALA M 55 1.71 31.73 -106.37
C ALA M 55 1.49 33.10 -105.74
N ILE M 56 0.65 33.89 -106.40
CA ILE M 56 0.20 35.20 -105.92
C ILE M 56 -0.61 35.03 -104.64
N GLU M 57 -1.54 34.08 -104.64
CA GLU M 57 -2.31 33.77 -103.44
C GLU M 57 -1.45 33.23 -102.28
N ALA M 58 -0.37 32.53 -102.61
CA ALA M 58 0.55 32.05 -101.58
C ALA M 58 1.39 33.19 -101.01
N ALA M 59 1.76 34.12 -101.90
CA ALA M 59 2.51 35.31 -101.54
C ALA M 59 1.71 36.17 -100.56
N GLN M 60 0.44 36.39 -100.84
CA GLN M 60 -0.40 37.16 -99.95
C GLN M 60 -0.64 36.45 -98.62
N ALA M 61 -0.66 35.11 -98.67
CA ALA M 61 -0.84 34.31 -97.46
C ALA M 61 0.37 34.44 -96.52
N ALA M 62 1.56 34.45 -97.12
CA ALA M 62 2.81 34.51 -96.39
C ALA M 62 3.15 35.90 -95.84
N TRP M 63 2.50 36.95 -96.36
CA TRP M 63 2.87 38.32 -96.04
C TRP M 63 2.79 38.66 -94.54
N ALA M 64 1.65 38.39 -93.92
CA ALA M 64 1.48 38.68 -92.50
C ALA M 64 2.63 38.16 -91.64
N GLY M 65 3.03 36.91 -91.89
CA GLY M 65 4.08 36.26 -91.11
C GLY M 65 5.45 36.85 -91.36
N TRP M 66 5.69 37.28 -92.60
CA TRP M 66 6.97 37.82 -93.03
C TRP M 66 7.25 39.26 -92.53
N ARG M 67 6.29 40.15 -92.69
CA ARG M 67 6.44 41.53 -92.20
C ARG M 67 6.43 41.61 -90.67
N MET M 68 5.95 40.56 -90.03
CA MET M 68 5.92 40.43 -88.56
C MET M 68 7.32 40.28 -87.98
N LYS M 69 8.20 39.62 -88.73
CA LYS M 69 9.61 39.50 -88.39
C LYS M 69 10.27 40.87 -88.37
N THR M 70 11.22 41.07 -87.45
CA THR M 70 11.99 42.29 -87.44
C THR M 70 12.83 42.33 -88.71
N ALA M 71 13.34 43.50 -89.05
CA ALA M 71 14.33 43.62 -90.12
C ALA M 71 15.53 42.71 -89.84
N LYS M 72 15.93 42.64 -88.57
CA LYS M 72 17.05 41.80 -88.10
C LYS M 72 16.80 40.32 -88.40
N GLU M 73 15.57 39.85 -88.13
CA GLU M 73 15.18 38.46 -88.39
C GLU M 73 15.24 38.11 -89.89
N ARG M 74 14.68 38.98 -90.73
CA ARG M 74 14.71 38.80 -92.18
C ARG M 74 16.12 38.86 -92.72
N ALA M 75 16.92 39.78 -92.16
CA ALA M 75 18.33 39.94 -92.49
C ALA M 75 19.13 38.67 -92.23
N ALA M 76 18.80 37.96 -91.15
CA ALA M 76 19.44 36.69 -90.85
C ALA M 76 19.15 35.66 -91.95
N ILE M 77 17.89 35.57 -92.36
CA ILE M 77 17.47 34.63 -93.40
C ILE M 77 18.11 34.97 -94.75
N LEU M 78 18.05 36.25 -95.14
CA LEU M 78 18.73 36.71 -96.33
C LEU M 78 20.22 36.39 -96.32
N ARG M 79 20.87 36.68 -95.20
CA ARG M 79 22.31 36.49 -95.08
C ARG M 79 22.73 35.02 -95.25
N ARG M 80 21.85 34.09 -94.84
CA ARG M 80 22.08 32.66 -95.10
C ARG M 80 22.04 32.36 -96.60
N TRP M 81 21.05 32.94 -97.28
CA TRP M 81 20.96 32.86 -98.73
C TRP M 81 22.26 33.37 -99.35
N PHE M 82 22.73 34.54 -98.85
CA PHE M 82 24.00 35.11 -99.29
C PHE M 82 25.14 34.10 -99.16
N ASP M 83 25.23 33.45 -98.00
CA ASP M 83 26.30 32.49 -97.68
C ASP M 83 26.30 31.32 -98.66
N LEU M 84 25.11 30.79 -98.93
CA LEU M 84 24.93 29.64 -99.83
C LEU M 84 25.26 29.95 -101.27
N VAL M 85 25.00 31.19 -101.67
CA VAL M 85 25.29 31.64 -103.03
C VAL M 85 26.81 31.70 -103.21
N ILE M 86 27.50 32.27 -102.24
CA ILE M 86 28.97 32.33 -102.27
C ILE M 86 29.60 30.94 -102.10
N ALA M 87 28.94 30.08 -101.32
CA ALA M 87 29.35 28.67 -101.18
C ALA M 87 29.22 27.88 -102.49
N ASN M 88 28.06 28.00 -103.14
CA ASN M 88 27.78 27.28 -104.39
C ASN M 88 28.10 28.08 -105.65
N SER M 89 28.92 29.11 -105.51
CA SER M 89 29.35 29.95 -106.63
C SER M 89 29.76 29.14 -107.87
N ASP M 90 30.75 28.26 -107.71
CA ASP M 90 31.28 27.44 -108.81
C ASP M 90 30.18 26.82 -109.67
N ASP M 91 29.28 26.08 -109.01
CA ASP M 91 28.23 25.34 -109.68
C ASP M 91 27.26 26.28 -110.38
N LEU M 92 26.78 27.27 -109.62
CA LEU M 92 25.90 28.31 -110.15
C LEU M 92 26.49 28.99 -111.38
N ALA M 93 27.81 29.21 -111.37
CA ALA M 93 28.53 29.79 -112.50
C ALA M 93 28.59 28.85 -113.69
N LEU M 94 28.52 27.54 -113.42
CA LEU M 94 28.53 26.54 -114.48
C LEU M 94 27.13 26.42 -115.12
N ILE M 95 26.09 26.49 -114.29
CA ILE M 95 24.72 26.51 -114.79
C ILE M 95 24.49 27.74 -115.66
N LEU M 96 25.02 28.87 -115.23
CA LEU M 96 24.86 30.12 -115.95
C LEU M 96 25.53 30.09 -117.34
N THR M 97 26.76 29.59 -117.40
CA THR M 97 27.50 29.54 -118.66
C THR M 97 26.90 28.55 -119.66
N THR M 98 26.35 27.44 -119.16
CA THR M 98 25.72 26.41 -120.00
C THR M 98 24.44 26.93 -120.67
N GLU M 99 23.58 27.57 -119.90
CA GLU M 99 22.29 28.04 -120.39
C GLU M 99 22.30 29.43 -121.09
N GLN M 100 23.40 30.18 -120.96
CA GLN M 100 23.40 31.57 -121.42
C GLN M 100 24.58 31.95 -122.31
N GLY M 101 25.74 31.34 -122.05
CA GLY M 101 26.84 31.42 -123.00
C GLY M 101 28.06 32.23 -122.60
N LYS M 102 27.93 33.12 -121.62
CA LYS M 102 29.07 33.94 -121.22
C LYS M 102 30.22 33.08 -120.67
N PRO M 103 31.47 33.57 -120.83
CA PRO M 103 32.64 32.86 -120.30
C PRO M 103 32.53 32.61 -118.79
N LEU M 104 33.13 31.53 -118.29
CA LEU M 104 33.08 31.18 -116.85
C LEU M 104 33.48 32.35 -115.92
N ALA M 105 34.55 33.07 -116.28
CA ALA M 105 35.02 34.19 -115.46
C ALA M 105 33.95 35.27 -115.27
N GLU M 106 33.19 35.57 -116.32
CA GLU M 106 32.10 36.53 -116.26
C GLU M 106 30.87 35.97 -115.52
N ALA M 107 30.65 34.67 -115.64
CA ALA M 107 29.57 34.00 -114.90
C ALA M 107 29.83 34.01 -113.39
N LYS M 108 31.08 33.66 -113.00
CA LYS M 108 31.56 33.77 -111.62
C LYS M 108 31.50 35.20 -111.13
N GLY M 109 31.82 36.14 -112.02
CA GLY M 109 31.70 37.57 -111.77
C GLY M 109 30.27 37.96 -111.46
N GLU M 110 29.34 37.48 -112.28
CA GLU M 110 27.93 37.73 -112.06
C GLU M 110 27.48 37.23 -110.69
N ILE M 111 27.91 36.03 -110.31
CA ILE M 111 27.53 35.43 -109.04
C ILE M 111 28.01 36.28 -107.85
N ALA M 112 29.24 36.77 -107.92
CA ALA M 112 29.78 37.68 -106.94
C ALA M 112 28.95 38.98 -106.91
N TYR M 113 28.62 39.50 -108.09
CA TYR M 113 27.80 40.69 -108.26
C TYR M 113 26.38 40.42 -107.76
N ALA M 114 25.89 39.21 -108.00
CA ALA M 114 24.59 38.77 -107.54
C ALA M 114 24.55 38.68 -106.02
N ALA M 115 25.59 38.11 -105.42
CA ALA M 115 25.67 37.92 -103.99
C ALA M 115 25.70 39.24 -103.25
N SER M 116 26.46 40.21 -103.76
CA SER M 116 26.56 41.52 -103.15
C SER M 116 25.18 42.18 -102.93
N PHE M 117 24.21 41.88 -103.82
CA PHE M 117 22.87 42.47 -103.76
C PHE M 117 22.01 41.90 -102.65
N ILE M 118 22.10 40.58 -102.46
CA ILE M 118 21.40 39.91 -101.37
C ILE M 118 21.96 40.43 -100.05
N GLU M 119 23.28 40.58 -99.99
CA GLU M 119 23.94 41.15 -98.83
C GLU M 119 23.52 42.60 -98.63
N TRP M 120 23.68 43.42 -99.67
CA TRP M 120 23.42 44.85 -99.58
C TRP M 120 22.02 45.17 -99.04
N PHE M 121 21.00 44.51 -99.58
CA PHE M 121 19.64 44.77 -99.16
C PHE M 121 19.29 44.19 -97.79
N ALA M 122 20.02 43.16 -97.37
CA ALA M 122 19.85 42.61 -96.03
C ALA M 122 20.10 43.71 -94.99
N GLU M 123 21.19 44.45 -95.20
CA GLU M 123 21.62 45.49 -94.27
C GLU M 123 20.70 46.67 -94.40
N GLU M 124 20.17 46.83 -95.61
CA GLU M 124 19.30 47.95 -95.96
C GLU M 124 17.91 47.81 -95.39
N GLY M 125 17.45 46.56 -95.23
CA GLY M 125 16.16 46.28 -94.61
C GLY M 125 16.09 46.90 -93.22
N LYS M 126 17.25 46.94 -92.57
CA LYS M 126 17.41 47.41 -91.19
C LYS M 126 17.47 48.95 -91.08
N ARG M 127 17.44 49.63 -92.21
CA ARG M 127 17.73 51.07 -92.23
C ARG M 127 16.67 51.93 -92.91
N VAL M 128 15.53 51.32 -93.21
CA VAL M 128 14.40 52.02 -93.81
C VAL M 128 13.80 52.97 -92.76
N ALA M 129 13.97 54.27 -92.97
CA ALA M 129 13.64 55.27 -91.96
C ALA M 129 12.61 56.31 -92.41
N GLY M 130 11.65 56.59 -91.53
CA GLY M 130 10.73 57.70 -91.74
C GLY M 130 11.24 58.97 -91.08
N ASP M 131 10.34 59.87 -90.75
CA ASP M 131 10.74 61.16 -90.22
C ASP M 131 9.85 61.60 -89.07
N THR M 132 10.42 62.39 -88.17
CA THR M 132 9.61 63.27 -87.32
C THR M 132 9.96 64.68 -87.72
N LEU M 133 8.94 65.41 -88.16
CA LEU M 133 9.13 66.72 -88.75
C LEU M 133 8.50 67.79 -87.85
N PRO M 134 8.95 69.05 -87.99
CA PRO M 134 8.41 70.15 -87.20
C PRO M 134 7.00 70.48 -87.63
N THR M 135 6.11 70.61 -86.66
CA THR M 135 4.70 70.86 -86.94
C THR M 135 4.46 72.32 -87.34
N PRO M 136 3.53 72.56 -88.28
CA PRO M 136 3.08 73.91 -88.58
C PRO M 136 1.84 74.29 -87.76
N ASP M 137 1.35 73.36 -86.96
CA ASP M 137 0.28 73.62 -86.01
C ASP M 137 0.63 72.98 -84.68
N ALA M 138 0.92 73.79 -83.67
CA ALA M 138 1.02 73.29 -82.30
C ALA M 138 -0.37 72.71 -82.02
N ASN M 139 -0.45 71.64 -81.24
CA ASN M 139 -1.68 70.84 -81.16
C ASN M 139 -1.56 69.58 -82.00
N LYS M 140 -0.62 69.58 -82.94
CA LYS M 140 -0.40 68.41 -83.79
C LYS M 140 1.07 68.05 -83.90
N ARG M 141 1.33 66.76 -84.09
CA ARG M 141 2.69 66.27 -84.35
C ARG M 141 2.64 65.46 -85.63
N ILE M 142 3.75 65.49 -86.37
CA ILE M 142 3.86 64.83 -87.66
C ILE M 142 4.86 63.69 -87.57
N VAL M 143 4.37 62.46 -87.68
CA VAL M 143 5.24 61.29 -87.72
C VAL M 143 5.03 60.58 -89.04
N VAL M 144 6.12 60.31 -89.75
CA VAL M 144 6.09 59.52 -90.99
C VAL M 144 6.74 58.16 -90.77
N VAL M 145 6.01 57.09 -91.05
CA VAL M 145 6.58 55.73 -91.02
C VAL M 145 6.58 55.09 -92.39
N LYS M 146 7.41 54.06 -92.56
CA LYS M 146 7.46 53.33 -93.82
C LYS M 146 7.16 51.86 -93.61
N GLU M 147 6.35 51.30 -94.51
CA GLU M 147 5.91 49.90 -94.41
C GLU M 147 5.86 49.20 -95.77
N PRO M 148 5.98 47.86 -95.77
CA PRO M 148 5.99 47.05 -97.01
C PRO M 148 4.80 47.32 -97.92
N ILE M 149 5.06 47.45 -99.22
CA ILE M 149 3.98 47.73 -100.17
C ILE M 149 2.97 46.59 -100.24
N GLY M 150 3.46 45.37 -100.36
CA GLY M 150 2.60 44.19 -100.50
C GLY M 150 3.17 43.18 -101.49
N VAL M 151 2.29 42.43 -102.13
CA VAL M 151 2.75 41.38 -103.04
C VAL M 151 3.42 42.00 -104.25
N CYS M 152 4.70 41.68 -104.42
CA CYS M 152 5.49 42.17 -105.56
C CYS M 152 5.59 41.09 -106.63
N ALA M 153 6.06 41.48 -107.82
CA ALA M 153 6.26 40.57 -108.93
C ALA M 153 7.42 41.05 -109.80
N ALA M 154 8.16 40.11 -110.40
CA ALA M 154 9.36 40.47 -111.15
C ALA M 154 9.56 39.72 -112.46
N ILE M 155 9.52 40.43 -113.58
CA ILE M 155 9.81 39.83 -114.87
C ILE M 155 11.23 40.24 -115.23
N THR M 156 12.11 39.23 -115.39
CA THR M 156 13.55 39.49 -115.58
C THR M 156 14.05 38.96 -116.93
N PRO M 157 15.18 39.51 -117.44
CA PRO M 157 15.68 39.02 -118.72
C PRO M 157 16.78 37.95 -118.59
N TRP M 158 17.27 37.50 -119.74
CA TRP M 158 18.27 36.44 -119.86
C TRP M 158 19.72 36.91 -119.72
N ASN M 159 20.01 38.18 -119.99
CA ASN M 159 21.41 38.61 -120.07
C ASN M 159 22.16 38.53 -118.73
N PHE M 160 21.44 38.69 -117.63
CA PHE M 160 22.01 38.42 -116.32
C PHE M 160 21.03 37.57 -115.55
N PRO M 161 20.94 36.27 -115.90
CA PRO M 161 19.87 35.39 -115.43
C PRO M 161 19.92 35.09 -113.94
N ALA M 162 21.03 35.44 -113.28
CA ALA M 162 21.17 35.24 -111.83
C ALA M 162 21.02 36.53 -111.03
N ALA M 163 21.87 37.52 -111.33
CA ALA M 163 21.93 38.78 -110.60
C ALA M 163 20.61 39.56 -110.62
N MET M 164 19.89 39.49 -111.74
CA MET M 164 18.57 40.12 -111.86
C MET M 164 17.64 39.68 -110.75
N ILE M 165 17.62 38.38 -110.49
CA ILE M 165 16.78 37.80 -109.44
C ILE M 165 17.15 38.40 -108.08
N ALA M 166 18.44 38.37 -107.76
CA ALA M 166 18.96 38.97 -106.53
C ALA M 166 18.61 40.45 -106.44
N ARG M 167 18.79 41.16 -107.55
CA ARG M 167 18.46 42.60 -107.65
C ARG M 167 17.02 42.95 -107.34
N LYS M 168 16.12 41.98 -107.42
CA LYS M 168 14.69 42.23 -107.23
C LYS M 168 14.08 41.43 -106.10
N VAL M 169 14.57 40.22 -105.87
CA VAL M 169 14.15 39.45 -104.70
C VAL M 169 14.75 40.09 -103.44
N GLY M 170 15.98 40.59 -103.57
CA GLY M 170 16.69 41.21 -102.46
C GLY M 170 15.91 42.32 -101.78
N PRO M 171 15.66 43.43 -102.49
CA PRO M 171 14.96 44.57 -101.90
C PRO M 171 13.54 44.25 -101.43
N ALA M 172 12.82 43.45 -102.21
CA ALA M 172 11.45 43.08 -101.86
C ALA M 172 11.38 42.41 -100.49
N LEU M 173 12.21 41.39 -100.28
CA LEU M 173 12.19 40.63 -99.03
C LEU M 173 12.69 41.46 -97.87
N ALA M 174 13.72 42.25 -98.12
CA ALA M 174 14.31 43.11 -97.11
C ALA M 174 13.33 44.18 -96.65
N ALA M 175 12.51 44.66 -97.59
CA ALA M 175 11.46 45.63 -97.28
C ALA M 175 10.33 45.00 -96.48
N GLY M 176 10.30 43.66 -96.43
CA GLY M 176 9.21 42.93 -95.77
C GLY M 176 8.09 42.51 -96.72
N CYS M 177 8.43 42.40 -98.01
CA CYS M 177 7.47 41.97 -99.04
C CYS M 177 7.80 40.59 -99.59
N PRO M 178 6.75 39.78 -99.88
CA PRO M 178 6.85 38.56 -100.67
C PRO M 178 6.87 38.88 -102.15
N ILE M 179 7.33 37.93 -102.97
CA ILE M 179 7.55 38.18 -104.38
C ILE M 179 7.30 36.95 -105.26
N VAL M 180 6.75 37.22 -106.43
CA VAL M 180 6.56 36.24 -107.48
C VAL M 180 7.47 36.65 -108.63
N VAL M 181 8.27 35.72 -109.13
CA VAL M 181 9.23 36.05 -110.19
C VAL M 181 8.95 35.19 -111.41
N LYS M 182 9.04 35.80 -112.58
CA LYS M 182 9.04 35.06 -113.84
C LYS M 182 10.34 35.39 -114.57
N PRO M 183 11.25 34.43 -114.62
CA PRO M 183 12.52 34.59 -115.33
C PRO M 183 12.33 34.44 -116.83
N ALA M 184 13.37 34.79 -117.58
CA ALA M 184 13.39 34.63 -119.03
C ALA M 184 13.10 33.20 -119.43
N GLU M 185 12.55 33.03 -120.63
CA GLU M 185 12.26 31.68 -121.15
C GLU M 185 13.56 30.94 -121.47
N SER M 186 14.59 31.68 -121.88
CA SER M 186 15.86 31.10 -122.31
C SER M 186 16.75 30.62 -121.17
N THR M 187 16.71 31.31 -120.04
CA THR M 187 17.62 31.04 -118.92
C THR M 187 16.88 30.81 -117.61
N PRO M 188 16.04 29.76 -117.54
CA PRO M 188 15.20 29.55 -116.35
C PRO M 188 15.93 28.92 -115.17
N PHE M 189 17.02 28.22 -115.44
CA PHE M 189 17.69 27.40 -114.42
C PHE M 189 18.27 28.20 -113.27
N SER M 190 19.02 29.26 -113.59
CA SER M 190 19.69 30.06 -112.57
C SER M 190 18.68 30.56 -111.56
N ALA M 191 17.55 31.03 -112.06
CA ALA M 191 16.47 31.48 -111.22
C ALA M 191 16.12 30.40 -110.21
N LEU M 192 15.89 29.18 -110.72
CA LEU M 192 15.43 28.06 -109.91
C LEU M 192 16.44 27.59 -108.87
N ALA M 193 17.72 27.60 -109.25
CA ALA M 193 18.79 27.26 -108.31
C ALA M 193 18.74 28.16 -107.08
N MET M 194 18.52 29.44 -107.29
CA MET M 194 18.58 30.39 -106.22
C MET M 194 17.35 30.38 -105.34
N ALA M 195 16.19 30.16 -105.95
CA ALA M 195 14.99 29.94 -105.16
C ALA M 195 15.23 28.74 -104.24
N PHE M 196 15.92 27.73 -104.77
CA PHE M 196 16.28 26.53 -104.04
C PHE M 196 17.21 26.84 -102.88
N LEU M 197 18.24 27.63 -103.13
CA LEU M 197 19.19 28.04 -102.09
C LEU M 197 18.50 28.91 -101.03
N ALA M 198 17.55 29.72 -101.48
CA ALA M 198 16.69 30.48 -100.58
C ALA M 198 15.86 29.54 -99.70
N GLU M 199 15.29 28.50 -100.32
CA GLU M 199 14.54 27.47 -99.60
C GLU M 199 15.41 26.90 -98.47
N ARG M 200 16.66 26.58 -98.82
CA ARG M 200 17.62 26.03 -97.87
C ARG M 200 17.97 27.05 -96.79
N ALA M 201 18.12 28.31 -97.20
CA ALA M 201 18.43 29.43 -96.29
C ALA M 201 17.31 29.69 -95.28
N GLY M 202 16.08 29.35 -95.66
CA GLY M 202 14.96 29.39 -94.73
C GLY M 202 13.90 30.43 -94.99
N VAL M 203 13.84 30.90 -96.25
CA VAL M 203 12.79 31.81 -96.70
C VAL M 203 11.48 31.03 -96.63
N PRO M 204 10.56 31.46 -95.75
CA PRO M 204 9.31 30.72 -95.51
C PRO M 204 8.49 30.51 -96.77
N LYS M 205 7.80 29.36 -96.81
CA LYS M 205 6.97 28.99 -97.94
C LYS M 205 6.02 30.12 -98.29
N GLY M 206 6.02 30.51 -99.57
CA GLY M 206 5.10 31.52 -100.08
C GLY M 206 5.73 32.86 -100.41
N VAL M 207 6.78 33.20 -99.66
CA VAL M 207 7.46 34.48 -99.78
C VAL M 207 8.16 34.62 -101.12
N LEU M 208 8.59 33.51 -101.70
CA LEU M 208 9.26 33.57 -102.99
C LEU M 208 8.74 32.47 -103.89
N SER M 209 8.33 32.88 -105.09
CA SER M 209 7.92 31.95 -106.13
C SER M 209 8.70 32.24 -107.40
N VAL M 210 9.00 31.18 -108.14
CA VAL M 210 9.58 31.32 -109.46
C VAL M 210 8.70 30.56 -110.44
N VAL M 211 7.80 31.29 -111.09
CA VAL M 211 6.87 30.73 -112.09
C VAL M 211 7.59 30.68 -113.44
N ILE M 212 7.46 29.55 -114.12
CA ILE M 212 8.14 29.33 -115.39
C ILE M 212 7.16 28.79 -116.41
N GLY M 213 7.20 29.33 -117.61
CA GLY M 213 6.28 28.92 -118.66
C GLY M 213 5.94 30.01 -119.65
N ASP M 214 4.65 30.15 -119.91
CA ASP M 214 4.17 31.02 -120.98
C ASP M 214 4.34 32.49 -120.62
N PRO M 215 5.25 33.19 -121.33
CA PRO M 215 5.57 34.59 -121.02
C PRO M 215 4.32 35.47 -121.00
N LYS M 216 3.54 35.39 -122.09
CA LYS M 216 2.34 36.21 -122.25
C LYS M 216 1.27 35.87 -121.23
N ALA M 217 1.06 34.59 -120.96
CA ALA M 217 0.01 34.15 -120.04
C ALA M 217 0.33 34.49 -118.58
N ILE M 218 1.58 34.29 -118.17
CA ILE M 218 2.02 34.63 -116.82
C ILE M 218 2.03 36.15 -116.64
N GLY M 219 2.58 36.85 -117.63
CA GLY M 219 2.61 38.31 -117.60
C GLY M 219 1.22 38.93 -117.41
N THR M 220 0.22 38.31 -118.04
CA THR M 220 -1.14 38.81 -118.04
C THR M 220 -1.81 38.60 -116.69
N GLU M 221 -1.53 37.47 -116.05
CA GLU M 221 -2.08 37.23 -114.72
C GLU M 221 -1.48 38.21 -113.70
N ILE M 222 -0.20 38.51 -113.85
CA ILE M 222 0.50 39.45 -112.97
C ILE M 222 -0.11 40.86 -113.07
N THR M 223 -0.23 41.39 -114.29
CA THR M 223 -0.68 42.77 -114.50
C THR M 223 -2.16 42.98 -114.19
N SER M 224 -2.95 41.92 -114.25
CA SER M 224 -4.38 42.06 -114.02
C SER M 224 -4.83 41.65 -112.61
N ASN M 225 -3.98 40.93 -111.88
CA ASN M 225 -4.33 40.44 -110.55
C ASN M 225 -4.31 41.57 -109.53
N PRO M 226 -5.43 41.77 -108.82
CA PRO M 226 -5.54 42.86 -107.84
C PRO M 226 -4.59 42.71 -106.65
N ILE M 227 -4.21 41.47 -106.34
CA ILE M 227 -3.30 41.21 -105.21
C ILE M 227 -1.89 41.79 -105.44
N VAL M 228 -1.37 41.64 -106.66
CA VAL M 228 -0.08 42.25 -107.01
C VAL M 228 -0.20 43.78 -106.93
N ARG M 229 0.62 44.39 -106.08
CA ARG M 229 0.58 45.82 -105.86
C ARG M 229 1.79 46.54 -106.43
N LYS M 230 2.84 45.80 -106.74
CA LYS M 230 3.97 46.41 -107.43
C LYS M 230 4.65 45.42 -108.36
N LEU M 231 5.17 45.93 -109.45
CA LEU M 231 5.79 45.08 -110.44
C LEU M 231 7.07 45.72 -110.91
N SER M 232 8.08 44.88 -111.05
CA SER M 232 9.38 45.27 -111.55
C SER M 232 9.61 44.51 -112.85
N PHE M 233 10.15 45.20 -113.84
CA PHE M 233 10.45 44.59 -115.13
C PHE M 233 11.75 45.18 -115.67
N THR M 234 12.62 44.27 -116.10
CA THR M 234 13.79 44.64 -116.87
C THR M 234 13.63 43.89 -118.19
N GLY M 235 13.90 44.59 -119.30
CA GLY M 235 13.75 44.01 -120.63
C GLY M 235 13.62 45.09 -121.69
N SER M 236 12.94 44.77 -122.79
CA SER M 236 12.76 45.69 -123.90
C SER M 236 11.75 46.79 -123.58
N THR M 237 11.99 47.98 -124.14
CA THR M 237 11.13 49.14 -123.95
C THR M 237 9.70 48.87 -124.42
N ALA M 238 9.56 48.33 -125.63
CA ALA M 238 8.24 47.98 -126.21
C ALA M 238 7.38 47.13 -125.27
N VAL M 239 7.95 46.05 -124.74
CA VAL M 239 7.23 45.15 -123.83
C VAL M 239 6.95 45.87 -122.50
N GLY M 240 7.88 46.73 -122.08
CA GLY M 240 7.68 47.59 -120.91
C GLY M 240 6.48 48.51 -121.06
N ARG M 241 6.39 49.18 -122.21
CA ARG M 241 5.27 50.06 -122.52
C ARG M 241 3.98 49.27 -122.42
N LEU M 242 3.99 48.05 -122.96
CA LEU M 242 2.81 47.21 -122.93
C LEU M 242 2.45 46.68 -121.54
N LEU M 243 3.46 46.47 -120.69
CA LEU M 243 3.21 45.99 -119.32
C LEU M 243 2.60 47.04 -118.38
N MET M 244 3.01 48.31 -118.57
CA MET M 244 2.47 49.47 -117.84
C MET M 244 1.01 49.70 -118.18
N ALA M 245 0.64 49.55 -119.45
CA ALA M 245 -0.75 49.73 -119.86
C ALA M 245 -1.64 48.67 -119.19
N GLN M 246 -1.11 47.46 -119.08
CA GLN M 246 -1.84 46.32 -118.50
C GLN M 246 -1.99 46.48 -116.99
N SER M 247 -1.09 47.24 -116.38
CA SER M 247 -1.08 47.47 -114.94
C SER M 247 -2.02 48.59 -114.52
N ALA M 248 -2.26 49.51 -115.45
CA ALA M 248 -3.13 50.67 -115.21
C ALA M 248 -4.45 50.38 -114.50
N PRO M 249 -5.19 49.33 -114.92
CA PRO M 249 -6.48 49.13 -114.24
C PRO M 249 -6.38 48.96 -112.71
N THR M 250 -5.23 48.52 -112.22
CA THR M 250 -5.02 48.40 -110.77
C THR M 250 -3.91 49.33 -110.26
N VAL M 251 -3.39 50.15 -111.17
CA VAL M 251 -2.58 51.31 -110.78
C VAL M 251 -1.36 50.87 -109.95
N LYS M 252 -0.67 49.86 -110.45
CA LYS M 252 0.46 49.25 -109.76
C LYS M 252 1.65 50.19 -109.73
N LYS M 253 2.34 50.21 -108.58
CA LYS M 253 3.64 50.87 -108.48
C LYS M 253 4.64 50.08 -109.33
N LEU M 254 5.36 50.78 -110.19
CA LEU M 254 6.17 50.13 -111.20
C LEU M 254 7.63 50.54 -111.15
N THR M 255 8.51 49.55 -111.19
CA THR M 255 9.91 49.79 -111.51
C THR M 255 10.15 49.22 -112.90
N LEU M 256 10.82 49.99 -113.76
CA LEU M 256 11.04 49.59 -115.15
C LEU M 256 12.44 49.94 -115.59
N GLU M 257 13.25 48.90 -115.83
CA GLU M 257 14.59 49.05 -116.39
C GLU M 257 14.48 48.63 -117.84
N LEU M 258 14.53 49.58 -118.76
CA LEU M 258 14.25 49.26 -120.16
C LEU M 258 15.46 49.36 -121.09
N GLY M 259 15.23 49.64 -122.36
CA GLY M 259 16.31 49.70 -123.33
C GLY M 259 17.09 50.98 -123.24
N GLY M 260 18.40 50.87 -123.49
CA GLY M 260 19.25 52.05 -123.58
C GLY M 260 19.61 52.35 -125.02
N ASN M 261 20.71 53.10 -125.19
CA ASN M 261 21.32 53.38 -126.49
C ASN M 261 22.64 54.10 -126.18
N ALA M 262 23.47 53.45 -125.37
CA ALA M 262 24.61 54.07 -124.71
C ALA M 262 25.69 54.61 -125.66
N PRO M 263 25.97 55.92 -125.59
CA PRO M 263 27.11 56.49 -126.30
C PRO M 263 28.39 56.34 -125.50
N PHE M 264 29.48 56.04 -126.19
CA PHE M 264 30.81 56.03 -125.61
C PHE M 264 31.55 57.22 -126.19
N ILE M 265 31.81 58.21 -125.35
CA ILE M 265 32.37 59.48 -125.79
C ILE M 265 33.89 59.56 -125.58
N VAL M 266 34.62 59.60 -126.69
CA VAL M 266 36.06 59.76 -126.64
C VAL M 266 36.41 61.16 -127.10
N PHE M 267 36.81 62.01 -126.16
CA PHE M 267 37.18 63.37 -126.50
C PHE M 267 38.60 63.52 -126.99
N ASP M 268 38.81 64.62 -127.72
CA ASP M 268 40.10 65.13 -128.16
C ASP M 268 41.23 64.82 -127.17
N ASP M 269 41.08 65.31 -125.95
CA ASP M 269 42.15 65.29 -124.94
C ASP M 269 42.30 63.97 -124.17
N ALA M 270 41.47 62.99 -124.48
CA ALA M 270 41.44 61.72 -123.73
C ALA M 270 42.77 60.95 -123.78
N ASP M 271 42.89 59.98 -122.88
CA ASP M 271 43.92 58.95 -122.97
C ASP M 271 43.28 57.83 -123.77
N LEU M 272 43.81 57.58 -124.97
CA LEU M 272 43.25 56.56 -125.89
C LEU M 272 43.42 55.13 -125.35
N ASP M 273 44.57 54.87 -124.72
CA ASP M 273 44.86 53.55 -124.17
C ASP M 273 43.81 53.12 -123.16
N ALA M 274 43.54 53.99 -122.18
CA ALA M 274 42.49 53.74 -121.19
C ALA M 274 41.11 53.79 -121.82
N ALA M 275 40.92 54.67 -122.81
CA ALA M 275 39.68 54.73 -123.58
C ALA M 275 39.38 53.40 -124.28
N VAL M 276 40.44 52.75 -124.77
CA VAL M 276 40.34 51.43 -125.39
C VAL M 276 39.92 50.33 -124.39
N GLU M 277 40.54 50.34 -123.21
CA GLU M 277 40.22 49.41 -122.12
C GLU M 277 38.73 49.47 -121.77
N GLY M 278 38.22 50.69 -121.63
CA GLY M 278 36.80 50.90 -121.36
C GLY M 278 35.90 50.52 -122.52
N ALA M 279 36.42 50.73 -123.74
CA ALA M 279 35.72 50.37 -124.97
C ALA M 279 35.49 48.87 -125.02
N ILE M 280 36.58 48.12 -124.83
CA ILE M 280 36.52 46.67 -124.74
C ILE M 280 35.53 46.22 -123.67
N ALA M 281 35.69 46.79 -122.47
CA ALA M 281 34.89 46.41 -121.30
C ALA M 281 33.39 46.68 -121.48
N SER M 282 33.06 47.85 -122.01
CA SER M 282 31.66 48.26 -122.19
C SER M 282 30.99 47.62 -123.41
N LYS M 283 31.74 47.40 -124.49
CA LYS M 283 31.14 46.91 -125.73
C LYS M 283 31.16 45.38 -125.87
N TYR M 284 32.21 44.74 -125.35
CA TYR M 284 32.45 43.31 -125.64
C TYR M 284 32.34 42.34 -124.45
N ARG M 285 31.83 42.80 -123.32
CA ARG M 285 31.55 41.88 -122.24
C ARG M 285 30.15 41.34 -122.43
N ASN M 286 29.96 40.07 -122.05
CA ASN M 286 28.70 39.36 -122.30
C ASN M 286 28.31 39.38 -123.79
N ASN M 287 29.29 39.68 -124.64
CA ASN M 287 29.11 39.79 -126.09
C ASN M 287 28.16 40.92 -126.48
N GLY M 288 28.33 42.07 -125.84
CA GLY M 288 27.53 43.27 -126.10
C GLY M 288 26.07 43.13 -125.71
N GLN M 289 25.77 42.10 -124.91
CA GLN M 289 24.37 41.72 -124.61
C GLN M 289 23.83 42.31 -123.30
N THR M 290 24.62 43.12 -122.61
CA THR M 290 24.14 43.81 -121.40
C THR M 290 23.30 45.05 -121.78
N CYS M 291 22.52 45.54 -120.82
CA CYS M 291 21.65 46.70 -121.03
C CYS M 291 22.43 48.02 -121.05
N VAL M 292 23.58 48.04 -120.40
CA VAL M 292 24.44 49.25 -120.35
C VAL M 292 25.58 49.21 -121.39
N CYS M 293 25.47 48.30 -122.36
CA CYS M 293 26.48 48.16 -123.40
C CYS M 293 26.46 49.35 -124.36
N THR M 294 27.66 49.87 -124.63
CA THR M 294 27.85 50.87 -125.68
C THR M 294 27.13 50.42 -126.93
N ASN M 295 26.23 51.27 -127.43
CA ASN M 295 25.55 51.01 -128.68
C ASN M 295 26.10 51.93 -129.76
N ARG M 296 26.85 52.94 -129.34
CA ARG M 296 27.31 54.00 -130.24
C ARG M 296 28.62 54.63 -129.77
N PHE M 297 29.70 54.35 -130.47
CA PHE M 297 30.96 55.06 -130.20
C PHE M 297 30.96 56.43 -130.89
N PHE M 298 31.20 57.49 -130.11
CA PHE M 298 31.38 58.83 -130.67
C PHE M 298 32.81 59.29 -130.41
N VAL M 299 33.61 59.37 -131.48
CA VAL M 299 35.03 59.71 -131.36
C VAL M 299 35.37 60.99 -132.11
N HIS M 300 36.22 61.82 -131.49
CA HIS M 300 36.59 63.12 -132.04
C HIS M 300 37.40 62.95 -133.34
N GLU M 301 37.24 63.91 -134.24
CA GLU M 301 37.96 63.97 -135.53
C GLU M 301 39.47 63.76 -135.40
N ARG M 302 40.10 64.63 -134.60
CA ARG M 302 41.56 64.74 -134.57
C ARG M 302 42.24 63.54 -133.89
N VAL M 303 41.44 62.60 -133.41
CA VAL M 303 41.94 61.36 -132.80
C VAL M 303 41.16 60.11 -133.24
N TYR M 304 40.43 60.23 -134.36
CA TYR M 304 39.59 59.16 -134.88
C TYR M 304 40.38 57.96 -135.38
N ASP M 305 41.38 58.21 -136.21
CA ASP M 305 42.13 57.15 -136.87
C ASP M 305 42.90 56.32 -135.84
N ALA M 306 43.63 57.02 -134.96
CA ALA M 306 44.46 56.37 -133.94
C ALA M 306 43.66 55.49 -132.98
N PHE M 307 42.44 55.92 -132.67
CA PHE M 307 41.55 55.16 -131.79
C PHE M 307 41.07 53.89 -132.47
N ALA M 308 40.69 53.99 -133.74
CA ALA M 308 40.25 52.84 -134.51
C ALA M 308 41.37 51.80 -134.59
N ASP M 309 42.57 52.25 -134.94
CA ASP M 309 43.73 51.39 -135.03
C ASP M 309 43.96 50.64 -133.74
N LYS M 310 44.00 51.40 -132.64
CA LYS M 310 44.20 50.84 -131.30
C LYS M 310 43.08 49.87 -130.92
N LEU M 311 41.84 50.27 -131.21
CA LEU M 311 40.67 49.47 -130.88
C LEU M 311 40.69 48.13 -131.62
N ALA M 312 40.91 48.18 -132.93
CA ALA M 312 41.02 46.98 -133.76
C ALA M 312 42.07 46.02 -133.22
N ALA M 313 43.19 46.57 -132.79
CA ALA M 313 44.29 45.80 -132.21
C ALA M 313 43.83 45.03 -130.97
N ALA M 314 43.27 45.75 -130.00
CA ALA M 314 42.85 45.15 -128.74
C ALA M 314 41.69 44.18 -128.92
N VAL M 315 40.90 44.41 -129.96
CA VAL M 315 39.80 43.50 -130.29
C VAL M 315 40.31 42.15 -130.80
N SER M 316 41.43 42.18 -131.53
CA SER M 316 42.02 40.98 -132.12
C SER M 316 42.42 39.97 -131.06
N LYS M 317 42.95 40.47 -129.94
CA LYS M 317 43.46 39.63 -128.85
C LYS M 317 42.39 38.97 -127.98
N LEU M 318 41.15 38.90 -128.51
CA LEU M 318 40.03 38.32 -127.80
C LEU M 318 39.59 36.99 -128.45
N LYS M 319 39.63 35.92 -127.68
CA LYS M 319 39.28 34.61 -128.20
C LYS M 319 37.77 34.41 -128.19
N VAL M 320 37.25 33.81 -129.26
CA VAL M 320 35.84 33.48 -129.36
C VAL M 320 35.63 31.99 -129.11
N GLY M 321 34.91 31.65 -128.06
CA GLY M 321 34.62 30.24 -127.76
C GLY M 321 33.56 30.07 -126.70
N ARG M 322 33.21 28.81 -126.41
CA ARG M 322 32.25 28.50 -125.36
C ARG M 322 32.82 28.82 -123.98
N GLY M 323 31.93 29.16 -123.05
CA GLY M 323 32.34 29.62 -121.71
C GLY M 323 33.15 28.62 -120.89
N THR M 324 32.81 27.34 -121.03
CA THR M 324 33.46 26.23 -120.34
C THR M 324 34.90 26.00 -120.83
N GLU M 325 35.24 26.55 -121.99
CA GLU M 325 36.57 26.44 -122.55
C GLU M 325 37.53 27.36 -121.80
N SER M 326 38.83 27.09 -121.90
CA SER M 326 39.86 27.90 -121.26
C SER M 326 40.29 29.01 -122.21
N GLY M 327 40.65 30.17 -121.64
CA GLY M 327 41.09 31.32 -122.43
C GLY M 327 39.98 32.02 -123.21
N ALA M 328 38.79 31.43 -123.23
CA ALA M 328 37.64 31.98 -123.95
C ALA M 328 37.10 33.24 -123.28
N THR M 329 37.10 34.35 -124.04
CA THR M 329 36.66 35.66 -123.52
C THR M 329 35.41 36.20 -124.22
N LEU M 330 34.97 35.52 -125.29
CA LEU M 330 33.75 35.90 -126.01
C LEU M 330 32.85 34.69 -126.29
N GLY M 331 31.66 34.70 -125.68
CA GLY M 331 30.70 33.62 -125.88
C GLY M 331 29.78 33.80 -127.08
N PRO M 332 28.73 32.98 -127.17
CA PRO M 332 27.78 33.10 -128.27
C PRO M 332 26.61 34.02 -127.94
N LEU M 333 25.96 34.54 -128.97
CA LEU M 333 24.69 35.23 -128.81
C LEU M 333 23.62 34.26 -128.36
N ILE M 334 22.65 34.77 -127.61
CA ILE M 334 21.62 33.95 -126.98
C ILE M 334 20.76 33.09 -127.93
N ASN M 335 20.64 33.51 -129.19
CA ASN M 335 19.85 32.78 -130.19
C ASN M 335 20.15 33.21 -131.62
N GLU M 336 19.40 32.66 -132.59
CA GLU M 336 19.63 32.96 -134.01
C GLU M 336 19.06 34.34 -134.40
N ALA M 337 17.94 34.72 -133.79
CA ALA M 337 17.34 36.05 -133.97
C ALA M 337 18.32 37.16 -133.61
N ALA M 338 19.11 36.93 -132.56
CA ALA M 338 20.11 37.88 -132.10
C ALA M 338 21.31 37.97 -133.04
N VAL M 339 21.58 36.86 -133.75
CA VAL M 339 22.61 36.84 -134.80
C VAL M 339 22.08 37.61 -136.00
N LYS M 340 20.83 37.32 -136.38
CA LYS M 340 20.16 38.01 -137.47
C LYS M 340 20.21 39.53 -137.31
N LYS M 341 19.86 40.02 -136.12
CA LYS M 341 19.85 41.46 -135.87
C LYS M 341 21.21 42.10 -136.11
N VAL M 342 22.25 41.51 -135.55
CA VAL M 342 23.60 42.04 -135.75
C VAL M 342 23.85 42.13 -137.26
N GLU M 343 23.57 41.02 -137.94
CA GLU M 343 23.69 40.95 -139.40
C GLU M 343 22.96 42.13 -140.03
N SER M 344 21.68 42.26 -139.71
CA SER M 344 20.80 43.32 -140.25
C SER M 344 21.42 44.69 -140.09
N HIS M 345 21.90 44.98 -138.87
CA HIS M 345 22.55 46.26 -138.55
C HIS M 345 23.79 46.50 -139.40
N ILE M 346 24.56 45.44 -139.61
CA ILE M 346 25.77 45.51 -140.43
C ILE M 346 25.39 45.75 -141.91
N ALA M 347 24.51 44.91 -142.44
CA ALA M 347 24.00 45.04 -143.81
C ALA M 347 23.54 46.48 -144.10
N ASP M 348 22.79 47.04 -143.16
CA ASP M 348 22.34 48.42 -143.22
C ASP M 348 23.51 49.40 -143.25
N ALA M 349 24.45 49.24 -142.32
CA ALA M 349 25.59 50.16 -142.19
C ALA M 349 26.47 50.18 -143.46
N LEU M 350 26.62 49.03 -144.09
CA LEU M 350 27.38 48.93 -145.34
C LEU M 350 26.62 49.56 -146.50
N ALA M 351 25.30 49.33 -146.55
CA ALA M 351 24.43 49.91 -147.57
C ALA M 351 24.51 51.43 -147.58
N LYS M 352 24.63 52.00 -146.38
CA LYS M 352 24.75 53.44 -146.21
C LYS M 352 26.21 53.90 -146.18
N GLY M 353 27.14 52.97 -146.44
CA GLY M 353 28.52 53.34 -146.81
C GLY M 353 29.56 53.38 -145.71
N ALA M 354 29.38 52.56 -144.68
CA ALA M 354 30.40 52.42 -143.63
C ALA M 354 31.50 51.44 -144.07
N SER M 355 32.70 51.59 -143.49
CA SER M 355 33.80 50.67 -143.79
C SER M 355 33.97 49.60 -142.72
N LEU M 356 33.80 48.35 -143.12
CA LEU M 356 34.08 47.19 -142.26
C LEU M 356 35.58 47.18 -141.91
N MET M 357 35.88 46.91 -140.64
CA MET M 357 37.27 46.96 -140.18
C MET M 357 37.76 45.61 -139.68
N THR M 358 36.88 44.84 -139.08
CA THR M 358 37.19 43.48 -138.62
C THR M 358 35.92 42.67 -138.41
N GLY M 359 36.02 41.35 -138.56
CA GLY M 359 34.85 40.47 -138.45
C GLY M 359 33.80 40.81 -139.49
N GLY M 360 32.53 40.73 -139.09
CA GLY M 360 31.44 41.10 -139.97
C GLY M 360 30.58 39.94 -140.41
N LYS M 361 31.09 38.73 -140.23
CA LYS M 361 30.38 37.49 -140.59
C LYS M 361 30.22 36.56 -139.37
N ARG M 362 29.26 35.64 -139.45
CA ARG M 362 29.07 34.62 -138.42
C ARG M 362 30.37 33.82 -138.26
N HIS M 363 30.75 33.55 -137.00
CA HIS M 363 32.03 32.90 -136.69
C HIS M 363 32.04 31.45 -137.18
N ALA M 364 33.22 30.99 -137.61
CA ALA M 364 33.40 29.61 -138.11
C ALA M 364 32.76 28.53 -137.24
N LEU M 365 32.58 28.82 -135.94
CA LEU M 365 32.02 27.85 -134.98
C LEU M 365 30.50 27.73 -135.03
N GLY M 366 29.86 28.55 -135.87
CA GLY M 366 28.41 28.49 -136.09
C GLY M 366 27.58 28.75 -134.84
N HIS M 367 26.33 28.29 -134.87
CA HIS M 367 25.35 28.55 -133.80
C HIS M 367 25.20 30.04 -133.45
N GLY M 368 25.38 30.38 -132.17
CA GLY M 368 25.24 31.75 -131.69
C GLY M 368 26.49 32.61 -131.88
N PHE M 369 27.59 31.98 -132.27
CA PHE M 369 28.87 32.68 -132.39
C PHE M 369 28.95 33.63 -133.57
N PHE M 370 29.21 34.90 -133.24
CA PHE M 370 29.41 35.95 -134.24
C PHE M 370 30.77 36.59 -134.01
N GLU M 371 31.47 36.92 -135.08
CA GLU M 371 32.82 37.47 -135.01
C GLU M 371 32.80 38.91 -134.46
N PRO M 372 33.72 39.26 -133.54
CA PRO M 372 33.80 40.63 -133.00
C PRO M 372 34.10 41.64 -134.11
N THR M 373 33.26 42.67 -134.19
CA THR M 373 33.14 43.53 -135.37
C THR M 373 33.24 45.02 -135.08
N VAL M 374 34.14 45.70 -135.80
CA VAL M 374 34.29 47.16 -135.75
C VAL M 374 33.99 47.80 -137.12
N LEU M 375 33.30 48.94 -137.11
CA LEU M 375 32.91 49.68 -138.32
C LEU M 375 33.29 51.15 -138.23
N THR M 376 34.05 51.63 -139.21
CA THR M 376 34.30 53.07 -139.34
C THR M 376 33.20 53.71 -140.19
N GLY M 377 33.26 55.04 -140.30
CA GLY M 377 32.38 55.83 -141.15
C GLY M 377 30.90 55.61 -140.86
N VAL M 378 30.53 55.68 -139.59
CA VAL M 378 29.15 55.48 -139.18
C VAL M 378 28.49 56.83 -139.04
N LYS M 379 27.19 56.89 -139.36
CA LYS M 379 26.43 58.15 -139.41
C LYS M 379 24.98 57.94 -138.97
N PRO M 380 24.35 59.00 -138.43
CA PRO M 380 23.00 58.98 -137.84
C PRO M 380 21.86 58.38 -138.68
N ASP M 381 22.08 58.15 -139.96
CA ASP M 381 21.01 57.60 -140.83
C ASP M 381 20.89 56.06 -140.78
N MET M 382 21.80 55.41 -140.06
CA MET M 382 21.85 53.95 -140.00
C MET M 382 21.03 53.38 -138.84
N ASP M 383 20.45 52.21 -139.06
CA ASP M 383 19.67 51.49 -138.04
C ASP M 383 20.30 51.61 -136.65
N VAL M 384 21.60 51.33 -136.57
CA VAL M 384 22.32 51.24 -135.31
C VAL M 384 22.27 52.56 -134.52
N ALA M 385 22.16 53.67 -135.24
CA ALA M 385 22.10 54.98 -134.59
C ALA M 385 20.78 55.20 -133.85
N LYS M 386 19.79 54.34 -134.11
CA LYS M 386 18.49 54.47 -133.48
C LYS M 386 17.98 53.19 -132.79
N GLU M 387 18.71 52.08 -132.93
CA GLU M 387 18.27 50.79 -132.38
C GLU M 387 19.41 50.02 -131.70
N GLU M 388 19.09 49.34 -130.60
CA GLU M 388 20.10 48.55 -129.86
C GLU M 388 20.51 47.24 -130.54
N THR M 389 21.83 47.07 -130.68
CA THR M 389 22.42 45.92 -131.35
C THR M 389 22.34 44.64 -130.52
N PHE M 390 22.80 44.70 -129.27
CA PHE M 390 22.94 43.51 -128.41
C PHE M 390 23.93 42.49 -128.99
N GLY M 391 25.03 43.02 -129.53
CA GLY M 391 26.04 42.17 -130.15
C GLY M 391 27.43 42.77 -130.02
N PRO M 392 28.46 42.02 -130.48
CA PRO M 392 29.82 42.52 -130.51
C PRO M 392 30.06 43.50 -131.67
N LEU M 393 29.20 44.51 -131.76
CA LEU M 393 29.26 45.48 -132.85
C LEU M 393 29.71 46.86 -132.37
N ALA M 394 30.91 47.25 -132.79
CA ALA M 394 31.48 48.55 -132.43
C ALA M 394 31.35 49.59 -133.55
N PRO M 395 30.28 50.41 -133.54
CA PRO M 395 30.11 51.40 -134.61
C PRO M 395 30.74 52.74 -134.25
N LEU M 396 31.75 53.16 -135.00
CA LEU M 396 32.46 54.39 -134.69
C LEU M 396 31.91 55.61 -135.46
N PHE M 397 31.22 56.48 -134.72
CA PHE M 397 30.74 57.76 -135.23
C PHE M 397 31.83 58.83 -135.04
N ARG M 398 31.67 59.94 -135.76
CA ARG M 398 32.64 61.03 -135.74
C ARG M 398 31.97 62.32 -135.27
N PHE M 399 32.73 63.17 -134.60
CA PHE M 399 32.23 64.50 -134.23
C PHE M 399 33.32 65.56 -134.24
N ALA M 400 32.92 66.78 -134.60
CA ALA M 400 33.85 67.89 -134.70
C ALA M 400 33.96 68.68 -133.38
N SER M 401 32.82 69.12 -132.85
CA SER M 401 32.82 69.99 -131.67
C SER M 401 32.12 69.38 -130.44
N GLU M 402 32.34 69.99 -129.29
CA GLU M 402 31.71 69.57 -128.04
C GLU M 402 30.19 69.74 -128.09
N GLU M 403 29.74 70.83 -128.72
CA GLU M 403 28.33 71.17 -128.87
C GLU M 403 27.58 70.15 -129.74
N GLU M 404 28.25 69.68 -130.79
CA GLU M 404 27.68 68.70 -131.72
C GLU M 404 27.46 67.36 -131.04
N LEU M 405 28.37 67.01 -130.13
CA LEU M 405 28.29 65.73 -129.44
C LEU M 405 27.07 65.60 -128.52
N VAL M 406 26.83 66.63 -127.71
CA VAL M 406 25.68 66.64 -126.79
C VAL M 406 24.37 66.37 -127.55
N ARG M 407 24.15 67.17 -128.61
CA ARG M 407 22.99 67.03 -129.49
C ARG M 407 22.85 65.61 -130.00
N LEU M 408 23.99 65.02 -130.39
CA LEU M 408 24.03 63.69 -130.98
C LEU M 408 23.67 62.59 -129.99
N ALA M 409 24.36 62.59 -128.86
CA ALA M 409 24.14 61.59 -127.82
C ALA M 409 22.74 61.67 -127.22
N ASN M 410 22.21 62.89 -127.11
CA ASN M 410 20.86 63.10 -126.59
C ASN M 410 19.74 62.91 -127.62
N ASP M 411 20.11 62.65 -128.88
CA ASP M 411 19.11 62.51 -129.95
C ASP M 411 18.63 61.08 -130.06
N THR M 412 17.83 60.68 -129.08
CA THR M 412 17.34 59.31 -128.93
C THR M 412 16.26 59.29 -127.89
N GLU M 413 15.25 58.45 -128.11
CA GLU M 413 14.16 58.25 -127.17
C GLU M 413 14.65 57.71 -125.81
N PHE M 414 15.87 57.15 -125.80
CA PHE M 414 16.43 56.42 -124.64
C PHE M 414 17.50 57.20 -123.86
N GLY M 415 17.70 56.80 -122.60
CA GLY M 415 18.71 57.41 -121.72
C GLY M 415 19.04 56.59 -120.48
N LEU M 416 19.87 55.55 -120.66
CA LEU M 416 20.24 54.64 -119.57
C LEU M 416 21.67 54.91 -119.09
N ALA M 417 22.64 54.23 -119.69
CA ALA M 417 24.04 54.46 -119.38
C ALA M 417 24.69 55.30 -120.49
N ALA M 418 25.81 55.93 -120.14
CA ALA M 418 26.64 56.65 -121.09
C ALA M 418 28.04 56.72 -120.53
N TYR M 419 29.03 56.83 -121.42
CA TYR M 419 30.43 56.74 -121.03
C TYR M 419 31.20 57.89 -121.64
N LEU M 420 32.14 58.44 -120.87
CA LEU M 420 32.83 59.67 -121.25
C LEU M 420 34.33 59.53 -120.98
N TYR M 421 35.13 60.05 -121.88
CA TYR M 421 36.57 60.04 -121.71
C TYR M 421 37.16 61.38 -122.11
N SER M 422 37.88 61.96 -121.17
CA SER M 422 38.50 63.26 -121.35
C SER M 422 39.27 63.55 -120.09
N ARG M 423 40.27 64.41 -120.20
CA ARG M 423 41.14 64.72 -119.07
C ARG M 423 40.79 66.05 -118.39
N ASP M 424 40.08 66.92 -119.11
CA ASP M 424 39.78 68.26 -118.64
C ASP M 424 38.63 68.27 -117.62
N ILE M 425 38.95 68.71 -116.41
CA ILE M 425 37.99 68.78 -115.30
C ILE M 425 36.72 69.56 -115.67
N GLY M 426 36.88 70.74 -116.29
CA GLY M 426 35.76 71.57 -116.72
C GLY M 426 34.92 71.00 -117.85
N ARG M 427 35.58 70.34 -118.81
CA ARG M 427 34.88 69.73 -119.94
C ARG M 427 34.05 68.51 -119.50
N VAL M 428 34.61 67.68 -118.61
CA VAL M 428 33.89 66.53 -118.09
C VAL M 428 32.54 66.91 -117.45
N TRP M 429 32.55 67.92 -116.58
CA TRP M 429 31.35 68.39 -115.89
C TRP M 429 30.27 68.87 -116.84
N ARG M 430 30.64 69.65 -117.85
CA ARG M 430 29.68 70.17 -118.81
C ARG M 430 28.93 69.04 -119.52
N VAL M 431 29.67 68.07 -120.03
CA VAL M 431 29.06 66.97 -120.78
C VAL M 431 28.18 66.10 -119.86
N ALA M 432 28.69 65.75 -118.68
CA ALA M 432 27.96 64.93 -117.71
C ALA M 432 26.60 65.51 -117.30
N GLU M 433 26.54 66.84 -117.18
CA GLU M 433 25.29 67.51 -116.87
C GLU M 433 24.36 67.46 -118.07
N ALA M 434 24.89 67.83 -119.23
CA ALA M 434 24.11 67.96 -120.45
C ALA M 434 23.58 66.65 -121.00
N LEU M 435 24.26 65.55 -120.67
CA LEU M 435 23.89 64.22 -121.17
C LEU M 435 22.61 63.75 -120.52
N GLU M 436 21.59 63.47 -121.33
CA GLU M 436 20.31 63.02 -120.81
C GLU M 436 20.31 61.50 -120.56
N TYR M 437 21.07 61.11 -119.54
CA TYR M 437 21.22 59.71 -119.18
C TYR M 437 21.18 59.51 -117.66
N GLY M 438 20.57 58.41 -117.24
CA GLY M 438 20.46 58.06 -115.82
C GLY M 438 21.79 57.76 -115.18
N MET M 439 22.73 57.24 -115.97
CA MET M 439 24.06 56.84 -115.49
C MET M 439 25.16 57.24 -116.45
N VAL M 440 26.22 57.86 -115.91
CA VAL M 440 27.40 58.21 -116.71
C VAL M 440 28.69 57.75 -116.03
N GLY M 441 29.52 56.99 -116.74
CA GLY M 441 30.85 56.61 -116.25
C GLY M 441 31.88 57.53 -116.85
N ILE M 442 32.73 58.10 -116.01
CA ILE M 442 33.73 59.07 -116.45
C ILE M 442 35.12 58.44 -116.40
N ASN M 443 35.78 58.40 -117.56
CA ASN M 443 37.07 57.73 -117.74
C ASN M 443 37.11 56.24 -117.35
N THR M 444 35.98 55.56 -117.51
CA THR M 444 35.86 54.10 -117.29
C THR M 444 34.68 53.54 -118.06
N GLY M 445 34.79 52.26 -118.41
CA GLY M 445 33.74 51.57 -119.15
C GLY M 445 32.94 50.62 -118.27
N LEU M 446 33.34 50.48 -117.01
CA LEU M 446 32.65 49.63 -116.04
C LEU M 446 32.13 50.48 -114.90
N ILE M 447 30.86 50.31 -114.56
CA ILE M 447 30.15 51.22 -113.66
C ILE M 447 29.16 50.55 -112.69
N SER M 448 28.84 49.29 -112.96
CA SER M 448 27.76 48.61 -112.25
C SER M 448 28.23 48.05 -110.91
N ASN M 449 27.60 48.51 -109.82
CA ASN M 449 27.81 47.94 -108.49
C ASN M 449 26.57 48.03 -107.62
N GLU M 450 26.62 47.48 -106.41
CA GLU M 450 25.43 47.35 -105.56
C GLU M 450 25.09 48.60 -104.73
N VAL M 451 26.03 49.54 -104.67
CA VAL M 451 25.86 50.72 -103.83
C VAL M 451 25.44 51.96 -104.64
N ALA M 452 25.60 51.88 -105.96
CA ALA M 452 25.22 52.96 -106.85
C ALA M 452 23.79 52.75 -107.37
N PRO M 453 23.01 53.84 -107.45
CA PRO M 453 21.65 53.75 -107.97
C PRO M 453 21.68 53.46 -109.47
N PHE M 454 20.89 52.47 -109.87
CA PHE M 454 20.90 51.93 -111.22
C PHE M 454 19.55 52.13 -111.89
N GLY M 455 19.59 52.81 -113.04
CA GLY M 455 18.38 53.09 -113.81
C GLY M 455 18.56 54.23 -114.79
N GLY M 456 17.52 54.46 -115.59
CA GLY M 456 17.60 55.44 -116.66
C GLY M 456 16.46 56.43 -116.68
N VAL M 457 16.49 57.31 -117.67
CA VAL M 457 15.51 58.38 -117.85
C VAL M 457 14.83 58.22 -119.20
N LYS M 458 13.87 59.10 -119.50
CA LYS M 458 13.18 59.10 -120.79
C LYS M 458 12.59 57.71 -121.03
N GLN M 459 12.89 57.10 -122.19
CA GLN M 459 12.30 55.80 -122.55
C GLN M 459 13.07 54.60 -121.99
N SER M 460 14.00 54.86 -121.07
CA SER M 460 14.74 53.79 -120.41
C SER M 460 14.09 53.38 -119.10
N GLY M 461 12.93 53.95 -118.80
CA GLY M 461 12.10 53.56 -117.66
C GLY M 461 12.07 54.50 -116.45
N LEU M 462 11.51 54.01 -115.36
CA LEU M 462 11.44 54.74 -114.10
C LEU M 462 11.98 53.93 -112.93
N GLY M 463 12.19 54.59 -111.80
CA GLY M 463 12.67 53.92 -110.58
C GLY M 463 14.16 53.64 -110.61
N ARG M 464 14.70 53.18 -109.48
CA ARG M 464 16.12 52.86 -109.40
C ARG M 464 16.36 51.54 -108.64
N GLU M 465 17.51 50.92 -108.87
CA GLU M 465 17.90 49.69 -108.16
C GLU M 465 19.32 49.77 -107.57
N GLY M 466 19.53 49.08 -106.45
CA GLY M 466 20.79 49.21 -105.70
C GLY M 466 20.73 50.43 -104.80
N SER M 467 21.86 50.79 -104.19
CA SER M 467 21.94 51.95 -103.27
C SER M 467 20.87 51.93 -102.18
N HIS M 468 20.72 53.01 -101.43
CA HIS M 468 19.60 53.12 -100.48
C HIS M 468 18.29 53.42 -101.23
N TYR M 469 18.45 53.82 -102.50
CA TYR M 469 17.34 54.19 -103.38
C TYR M 469 16.51 52.99 -103.85
N GLY M 470 17.15 51.83 -103.94
CA GLY M 470 16.52 50.61 -104.43
C GLY M 470 15.29 50.22 -103.64
N ILE M 471 15.47 50.12 -102.32
CA ILE M 471 14.41 49.67 -101.42
C ILE M 471 13.18 50.59 -101.36
N ASP M 472 13.37 51.88 -101.70
CA ASP M 472 12.31 52.90 -101.62
C ASP M 472 11.05 52.57 -102.38
N ASP M 473 11.19 52.01 -103.58
CA ASP M 473 10.06 51.65 -104.42
C ASP M 473 9.25 50.46 -103.87
N TYR M 474 9.81 49.77 -102.89
CA TYR M 474 9.16 48.60 -102.29
C TYR M 474 8.44 48.93 -100.99
N VAL M 475 8.67 50.13 -100.47
CA VAL M 475 7.95 50.58 -99.28
C VAL M 475 6.85 51.57 -99.68
N VAL M 476 5.96 51.82 -98.74
CA VAL M 476 4.88 52.74 -98.95
C VAL M 476 4.88 53.64 -97.71
N ILE M 477 4.60 54.92 -97.89
CA ILE M 477 4.79 55.83 -96.77
C ILE M 477 3.47 56.20 -96.10
N LYS M 478 3.52 56.34 -94.78
CA LYS M 478 2.35 56.61 -93.97
C LYS M 478 2.60 57.80 -93.09
N TYR M 479 1.72 58.79 -93.20
CA TYR M 479 1.82 60.01 -92.42
C TYR M 479 0.82 59.94 -91.28
N LEU M 480 1.32 60.05 -90.05
CA LEU M 480 0.49 60.13 -88.86
C LEU M 480 0.44 61.56 -88.34
N CYS M 481 -0.77 62.08 -88.17
CA CYS M 481 -0.93 63.40 -87.60
C CYS M 481 -1.50 63.27 -86.19
N VAL M 482 -0.63 63.36 -85.19
CA VAL M 482 -1.02 63.07 -83.81
C VAL M 482 -1.40 64.34 -83.05
N ALA M 483 -2.65 64.41 -82.61
CA ALA M 483 -3.14 65.52 -81.80
C ALA M 483 -2.57 65.39 -80.40
N VAL M 484 -1.98 66.48 -79.90
CA VAL M 484 -1.30 66.45 -78.60
C VAL M 484 -2.03 67.22 -77.50
N GLY N 3 41.17 28.93 -67.05
CA GLY N 3 40.76 27.72 -66.26
C GLY N 3 39.96 26.73 -67.09
N SER N 4 38.66 26.65 -66.80
CA SER N 4 37.77 25.73 -67.51
C SER N 4 37.12 26.40 -68.73
N MET N 5 37.94 26.63 -69.74
CA MET N 5 37.52 27.29 -70.98
C MET N 5 37.79 26.44 -72.21
N LYS N 6 36.92 26.56 -73.22
CA LYS N 6 37.16 25.95 -74.51
C LYS N 6 38.46 26.45 -75.12
N ASP N 7 38.69 27.76 -75.03
CA ASP N 7 39.85 28.40 -75.65
C ASP N 7 40.61 29.28 -74.64
N PRO N 8 41.49 28.66 -73.83
CA PRO N 8 42.14 29.34 -72.69
C PRO N 8 43.08 30.47 -73.09
N SER N 9 43.38 30.57 -74.39
CA SER N 9 44.22 31.64 -74.92
C SER N 9 43.45 32.97 -75.02
N LEU N 10 42.13 32.91 -74.87
CA LEU N 10 41.29 34.11 -74.79
C LEU N 10 41.61 34.96 -73.57
N LEU N 11 41.98 34.31 -72.48
CA LEU N 11 42.32 35.00 -71.24
C LEU N 11 43.76 35.50 -71.29
N ARG N 12 43.92 36.81 -71.45
CA ARG N 12 45.23 37.40 -71.67
C ARG N 12 45.79 38.08 -70.40
N HIS N 13 47.11 38.05 -70.26
CA HIS N 13 47.78 38.68 -69.13
C HIS N 13 48.76 39.73 -69.61
N GLN N 14 48.76 39.96 -70.93
CA GLN N 14 49.60 40.98 -71.54
C GLN N 14 48.72 42.00 -72.25
N ALA N 15 49.19 43.25 -72.29
CA ALA N 15 48.50 44.29 -73.02
C ALA N 15 48.82 44.17 -74.53
N TYR N 16 48.07 44.92 -75.34
CA TYR N 16 48.16 44.83 -76.79
C TYR N 16 48.52 46.19 -77.34
N ILE N 17 49.83 46.45 -77.45
CA ILE N 17 50.34 47.74 -77.89
C ILE N 17 50.66 47.76 -79.38
N GLY N 18 49.77 48.36 -80.15
CA GLY N 18 49.95 48.51 -81.59
C GLY N 18 50.39 47.22 -82.25
N GLY N 19 49.53 46.20 -82.15
CA GLY N 19 49.74 44.95 -82.88
C GLY N 19 50.45 43.87 -82.09
N GLU N 20 51.52 44.24 -81.39
CA GLU N 20 52.27 43.29 -80.57
C GLU N 20 51.72 43.15 -79.14
N TRP N 21 51.68 41.91 -78.65
CA TRP N 21 51.38 41.62 -77.26
C TRP N 21 52.64 41.84 -76.43
N GLN N 22 52.52 42.60 -75.35
CA GLN N 22 53.69 43.01 -74.58
C GLN N 22 53.42 43.08 -73.06
N ALA N 23 54.47 43.39 -72.30
CA ALA N 23 54.35 43.77 -70.90
C ALA N 23 54.83 45.21 -70.73
N ALA N 24 54.60 45.78 -69.55
CA ALA N 24 55.08 47.15 -69.23
C ALA N 24 56.60 47.26 -69.42
N ASP N 25 57.07 48.46 -69.76
CA ASP N 25 58.51 48.71 -69.94
C ASP N 25 59.30 48.34 -68.67
N SER N 26 58.73 48.70 -67.51
CA SER N 26 59.30 48.40 -66.21
C SER N 26 59.00 46.95 -65.77
N ASP N 27 58.20 46.25 -66.57
CA ASP N 27 57.82 44.87 -66.29
C ASP N 27 56.91 44.80 -65.05
N ALA N 28 56.39 45.97 -64.66
CA ALA N 28 55.46 46.10 -63.53
C ALA N 28 54.06 45.57 -63.85
N THR N 29 53.36 45.14 -62.80
CA THR N 29 52.01 44.57 -62.94
C THR N 29 51.04 45.07 -61.85
N PHE N 30 49.77 44.71 -62.01
CA PHE N 30 48.78 44.80 -60.92
C PHE N 30 47.80 43.65 -61.00
N GLU N 31 47.17 43.35 -59.87
CA GLU N 31 46.35 42.16 -59.73
C GLU N 31 44.86 42.44 -59.98
N VAL N 32 44.11 41.40 -60.32
CA VAL N 32 42.69 41.50 -60.57
C VAL N 32 41.97 40.43 -59.74
N PHE N 33 40.85 40.78 -59.12
CA PHE N 33 40.18 39.87 -58.20
C PHE N 33 38.73 39.58 -58.61
N ASP N 34 38.29 38.36 -58.32
CA ASP N 34 36.91 37.96 -58.54
C ASP N 34 36.04 38.61 -57.47
N PRO N 35 35.13 39.52 -57.87
CA PRO N 35 34.38 40.31 -56.87
C PRO N 35 33.40 39.47 -56.05
N ALA N 36 33.12 38.26 -56.51
CA ALA N 36 32.24 37.34 -55.79
C ALA N 36 32.93 36.62 -54.63
N THR N 37 34.17 36.18 -54.84
CA THR N 37 34.88 35.37 -53.84
C THR N 37 36.16 35.97 -53.27
N GLY N 38 36.82 36.85 -54.02
CA GLY N 38 38.07 37.46 -53.58
C GLY N 38 39.31 36.72 -54.06
N GLU N 39 39.12 35.63 -54.78
CA GLU N 39 40.25 34.89 -55.35
C GLU N 39 40.91 35.70 -56.45
N SER N 40 42.24 35.71 -56.45
CA SER N 40 43.01 36.44 -57.44
C SER N 40 42.77 35.85 -58.82
N LEU N 41 42.35 36.68 -59.77
CA LEU N 41 42.14 36.22 -61.14
C LEU N 41 43.40 36.34 -62.00
N GLY N 42 44.51 36.74 -61.38
CA GLY N 42 45.80 36.82 -62.07
C GLY N 42 46.37 38.22 -62.13
N THR N 43 47.37 38.42 -63.01
CA THR N 43 48.02 39.71 -63.17
C THR N 43 47.95 40.23 -64.61
N VAL N 44 47.93 41.56 -64.73
CA VAL N 44 47.96 42.26 -66.01
C VAL N 44 48.99 43.40 -65.92
N PRO N 45 49.52 43.89 -67.07
CA PRO N 45 50.53 44.94 -67.07
C PRO N 45 50.07 46.24 -66.41
N LYS N 46 51.02 46.96 -65.81
CA LYS N 46 50.76 48.29 -65.30
C LYS N 46 51.60 49.28 -66.10
N MET N 47 51.13 49.60 -67.30
CA MET N 47 51.85 50.49 -68.20
C MET N 47 51.47 51.94 -67.93
N GLY N 48 52.17 52.88 -68.57
CA GLY N 48 51.92 54.30 -68.37
C GLY N 48 52.08 55.12 -69.63
N ALA N 49 52.79 56.25 -69.50
CA ALA N 49 53.00 57.21 -70.58
C ALA N 49 53.68 56.64 -71.84
N ALA N 50 54.87 56.08 -71.66
CA ALA N 50 55.70 55.64 -72.78
C ALA N 50 54.99 54.66 -73.71
N GLU N 51 54.39 53.65 -73.11
CA GLU N 51 53.71 52.59 -73.85
C GLU N 51 52.50 53.14 -74.59
N THR N 52 51.77 54.04 -73.94
CA THR N 52 50.61 54.66 -74.54
C THR N 52 51.05 55.43 -75.78
N ALA N 53 52.08 56.28 -75.61
CA ALA N 53 52.66 57.04 -76.73
C ALA N 53 53.01 56.15 -77.92
N ARG N 54 53.59 54.98 -77.63
CA ARG N 54 53.97 54.01 -78.66
C ARG N 54 52.75 53.46 -79.38
N ALA N 55 51.68 53.17 -78.63
CA ALA N 55 50.41 52.71 -79.20
C ALA N 55 49.81 53.76 -80.13
N ILE N 56 49.87 55.01 -79.69
CA ILE N 56 49.42 56.17 -80.47
C ILE N 56 50.21 56.29 -81.77
N GLU N 57 51.54 56.25 -81.68
CA GLU N 57 52.37 56.29 -82.88
C GLU N 57 52.04 55.13 -83.82
N ALA N 58 51.88 53.93 -83.26
CA ALA N 58 51.61 52.73 -84.05
C ALA N 58 50.27 52.83 -84.79
N ALA N 59 49.31 53.53 -84.18
CA ALA N 59 48.01 53.77 -84.79
C ALA N 59 48.11 54.77 -85.95
N GLN N 60 48.93 55.80 -85.78
CA GLN N 60 49.18 56.76 -86.84
C GLN N 60 49.85 56.13 -88.06
N ALA N 61 50.80 55.22 -87.82
CA ALA N 61 51.49 54.52 -88.89
C ALA N 61 50.54 53.60 -89.62
N ALA N 62 49.60 53.01 -88.89
CA ALA N 62 48.66 52.05 -89.47
C ALA N 62 47.52 52.71 -90.28
N TRP N 63 47.32 54.01 -90.05
CA TRP N 63 46.17 54.74 -90.60
C TRP N 63 46.11 54.74 -92.14
N ALA N 64 47.11 55.32 -92.80
CA ALA N 64 47.12 55.48 -94.26
C ALA N 64 46.81 54.19 -95.02
N GLY N 65 47.26 53.06 -94.48
CA GLY N 65 46.93 51.75 -95.05
C GLY N 65 45.48 51.36 -94.81
N TRP N 66 45.03 51.51 -93.57
CA TRP N 66 43.67 51.15 -93.13
C TRP N 66 42.57 51.99 -93.78
N ARG N 67 42.85 53.28 -93.95
CA ARG N 67 41.89 54.20 -94.54
C ARG N 67 41.84 54.06 -96.06
N MET N 68 42.86 53.41 -96.62
CA MET N 68 42.97 53.18 -98.06
C MET N 68 42.28 51.88 -98.49
N LYS N 69 41.79 51.12 -97.51
CA LYS N 69 40.89 50.02 -97.81
C LYS N 69 39.51 50.59 -98.15
N THR N 70 38.72 49.82 -98.90
CA THR N 70 37.33 50.18 -99.15
C THR N 70 36.52 49.81 -97.93
N ALA N 71 35.41 50.52 -97.73
CA ALA N 71 34.49 50.22 -96.64
C ALA N 71 34.04 48.75 -96.65
N LYS N 72 33.91 48.18 -97.85
CA LYS N 72 33.51 46.77 -98.03
C LYS N 72 34.59 45.81 -97.52
N GLU N 73 35.86 46.16 -97.78
CA GLU N 73 36.99 45.34 -97.34
C GLU N 73 37.09 45.34 -95.81
N ARG N 74 36.79 46.49 -95.21
CA ARG N 74 36.77 46.63 -93.74
C ARG N 74 35.59 45.89 -93.12
N ALA N 75 34.46 45.90 -93.81
CA ALA N 75 33.27 45.17 -93.39
C ALA N 75 33.50 43.66 -93.33
N ALA N 76 34.43 43.18 -94.13
CA ALA N 76 34.79 41.76 -94.14
C ALA N 76 35.58 41.41 -92.88
N ILE N 77 36.62 42.20 -92.60
CA ILE N 77 37.43 42.02 -91.40
C ILE N 77 36.60 42.15 -90.12
N LEU N 78 35.73 43.15 -90.08
CA LEU N 78 34.87 43.38 -88.92
C LEU N 78 33.79 42.32 -88.80
N ARG N 79 33.31 41.80 -89.93
CA ARG N 79 32.34 40.71 -89.89
C ARG N 79 32.97 39.42 -89.35
N ARG N 80 34.23 39.17 -89.72
CA ARG N 80 34.95 38.02 -89.19
C ARG N 80 35.12 38.14 -87.68
N TRP N 81 35.36 39.36 -87.22
CA TRP N 81 35.36 39.65 -85.79
C TRP N 81 34.00 39.38 -85.15
N PHE N 82 32.94 39.89 -85.76
CA PHE N 82 31.58 39.58 -85.32
C PHE N 82 31.42 38.06 -85.10
N ASP N 83 31.65 37.29 -86.15
CA ASP N 83 31.56 35.82 -86.09
C ASP N 83 32.35 35.24 -84.92
N LEU N 84 33.61 35.68 -84.79
CA LEU N 84 34.51 35.21 -83.72
C LEU N 84 34.00 35.50 -82.31
N VAL N 85 33.15 36.51 -82.17
CA VAL N 85 32.57 36.85 -80.88
C VAL N 85 31.37 35.95 -80.60
N ILE N 86 30.59 35.69 -81.65
CA ILE N 86 29.47 34.77 -81.58
C ILE N 86 29.95 33.35 -81.29
N ALA N 87 30.94 32.88 -82.05
CA ALA N 87 31.46 31.52 -81.90
C ALA N 87 32.06 31.28 -80.51
N ASN N 88 32.84 32.24 -80.03
CA ASN N 88 33.50 32.14 -78.73
C ASN N 88 32.68 32.78 -77.60
N SER N 89 31.36 32.69 -77.74
CA SER N 89 30.43 33.35 -76.83
C SER N 89 30.56 32.87 -75.38
N ASP N 90 30.41 31.56 -75.17
CA ASP N 90 30.45 30.96 -73.82
C ASP N 90 31.72 31.31 -73.02
N ASP N 91 32.86 31.31 -73.70
CA ASP N 91 34.14 31.61 -73.05
C ASP N 91 34.14 33.05 -72.55
N LEU N 92 33.93 33.99 -73.47
CA LEU N 92 33.91 35.41 -73.16
C LEU N 92 32.93 35.73 -72.04
N ALA N 93 31.79 35.04 -72.04
CA ALA N 93 30.78 35.20 -71.00
C ALA N 93 31.35 34.84 -69.63
N LEU N 94 32.09 33.73 -69.57
CA LEU N 94 32.67 33.24 -68.33
C LEU N 94 33.78 34.18 -67.83
N ILE N 95 34.56 34.67 -68.77
CA ILE N 95 35.61 35.64 -68.44
C ILE N 95 34.96 36.88 -67.83
N LEU N 96 33.89 37.35 -68.46
CA LEU N 96 33.16 38.53 -68.01
C LEU N 96 32.60 38.34 -66.60
N THR N 97 31.97 37.20 -66.36
CA THR N 97 31.39 36.92 -65.05
C THR N 97 32.45 36.87 -63.94
N THR N 98 33.61 36.29 -64.26
CA THR N 98 34.68 36.10 -63.27
C THR N 98 35.27 37.44 -62.79
N GLU N 99 35.50 38.38 -63.72
CA GLU N 99 36.10 39.68 -63.38
C GLU N 99 35.09 40.74 -62.90
N GLN N 100 33.91 40.74 -63.50
CA GLN N 100 32.91 41.79 -63.25
C GLN N 100 31.82 41.35 -62.26
N GLY N 101 31.33 40.11 -62.37
CA GLY N 101 30.39 39.55 -61.40
C GLY N 101 28.97 39.25 -61.83
N LYS N 102 28.51 39.85 -62.93
CA LYS N 102 27.13 39.65 -63.39
C LYS N 102 26.87 38.18 -63.73
N PRO N 103 25.60 37.71 -63.61
CA PRO N 103 25.19 36.34 -63.92
C PRO N 103 25.59 35.90 -65.31
N LEU N 104 25.84 34.60 -65.48
CA LEU N 104 26.15 34.03 -66.80
C LEU N 104 25.15 34.43 -67.89
N ALA N 105 23.87 34.42 -67.56
CA ALA N 105 22.81 34.83 -68.48
C ALA N 105 22.94 36.30 -68.91
N GLU N 106 23.19 37.20 -67.97
CA GLU N 106 23.43 38.62 -68.31
C GLU N 106 24.74 38.82 -69.05
N ALA N 107 25.73 37.98 -68.72
CA ALA N 107 27.03 38.00 -69.39
C ALA N 107 26.90 37.54 -70.83
N LYS N 108 26.10 36.49 -71.04
CA LYS N 108 25.81 36.02 -72.39
C LYS N 108 25.06 37.10 -73.16
N GLY N 109 24.06 37.69 -72.50
CA GLY N 109 23.36 38.87 -73.03
C GLY N 109 24.32 39.98 -73.47
N GLU N 110 25.23 40.39 -72.59
CA GLU N 110 26.15 41.48 -72.92
C GLU N 110 26.99 41.18 -74.15
N ILE N 111 27.40 39.93 -74.33
CA ILE N 111 28.21 39.54 -75.47
C ILE N 111 27.39 39.67 -76.77
N ALA N 112 26.18 39.09 -76.78
CA ALA N 112 25.25 39.22 -77.92
C ALA N 112 25.00 40.68 -78.28
N TYR N 113 24.83 41.50 -77.24
CA TYR N 113 24.68 42.95 -77.37
C TYR N 113 25.93 43.55 -77.98
N ALA N 114 27.10 43.15 -77.47
CA ALA N 114 28.37 43.61 -78.02
C ALA N 114 28.51 43.16 -79.47
N ALA N 115 28.05 41.95 -79.75
CA ALA N 115 28.10 41.41 -81.10
C ALA N 115 27.31 42.29 -82.04
N SER N 116 26.10 42.69 -81.64
CA SER N 116 25.23 43.46 -82.52
C SER N 116 25.85 44.80 -82.91
N PHE N 117 26.57 45.43 -81.97
CA PHE N 117 27.30 46.65 -82.27
C PHE N 117 28.42 46.45 -83.27
N ILE N 118 29.09 45.31 -83.21
CA ILE N 118 30.16 45.02 -84.18
C ILE N 118 29.57 44.90 -85.59
N GLU N 119 28.48 44.14 -85.69
CA GLU N 119 27.80 43.91 -86.97
C GLU N 119 27.26 45.22 -87.53
N TRP N 120 26.56 45.96 -86.68
CA TRP N 120 25.92 47.21 -87.05
C TRP N 120 26.87 48.17 -87.73
N PHE N 121 28.05 48.36 -87.16
CA PHE N 121 28.99 49.35 -87.68
C PHE N 121 29.76 48.88 -88.91
N ALA N 122 29.92 47.57 -89.07
CA ALA N 122 30.50 47.05 -90.31
C ALA N 122 29.59 47.45 -91.47
N GLU N 123 28.30 47.42 -91.21
CA GLU N 123 27.28 47.79 -92.19
C GLU N 123 27.24 49.30 -92.36
N GLU N 124 27.33 50.03 -91.25
CA GLU N 124 27.31 51.48 -91.29
C GLU N 124 28.43 52.05 -92.16
N GLY N 125 29.61 51.44 -92.09
CA GLY N 125 30.78 51.92 -92.84
C GLY N 125 30.59 52.05 -94.34
N LYS N 126 29.70 51.23 -94.90
CA LYS N 126 29.45 51.24 -96.32
C LYS N 126 28.44 52.32 -96.71
N ARG N 127 27.97 53.07 -95.72
CA ARG N 127 26.86 54.01 -95.91
C ARG N 127 27.15 55.43 -95.44
N VAL N 128 28.42 55.73 -95.23
CA VAL N 128 28.84 57.09 -94.85
C VAL N 128 28.74 57.99 -96.09
N ALA N 129 27.73 58.85 -96.08
CA ALA N 129 27.43 59.65 -97.26
C ALA N 129 27.73 61.14 -97.11
N GLY N 130 28.18 61.76 -98.19
CA GLY N 130 28.23 63.21 -98.29
C GLY N 130 27.08 63.75 -99.12
N ASP N 131 27.28 64.95 -99.68
CA ASP N 131 26.23 65.66 -100.41
C ASP N 131 26.68 66.21 -101.77
N THR N 132 25.72 66.37 -102.68
CA THR N 132 25.85 67.34 -103.77
C THR N 132 24.64 68.26 -103.63
N LEU N 133 24.91 69.57 -103.48
CA LEU N 133 23.87 70.55 -103.13
C LEU N 133 23.61 71.58 -104.24
N PRO N 134 22.40 72.18 -104.26
CA PRO N 134 22.13 73.15 -105.33
C PRO N 134 22.88 74.46 -105.08
N THR N 135 23.61 74.90 -106.09
CA THR N 135 24.53 76.01 -105.96
C THR N 135 23.82 77.36 -105.88
N PRO N 136 24.36 78.29 -105.08
CA PRO N 136 23.88 79.67 -105.08
C PRO N 136 24.68 80.54 -106.05
N ASP N 137 25.45 79.90 -106.93
CA ASP N 137 26.23 80.60 -107.95
C ASP N 137 26.43 79.68 -109.15
N ALA N 138 25.98 80.13 -110.32
CA ALA N 138 25.94 79.31 -111.53
C ALA N 138 27.31 78.77 -111.99
N ASN N 139 28.38 79.48 -111.66
CA ASN N 139 29.72 79.10 -112.08
C ASN N 139 30.43 78.18 -111.08
N LYS N 140 29.70 77.73 -110.08
CA LYS N 140 30.25 76.84 -109.08
C LYS N 140 29.38 75.64 -108.81
N ARG N 141 29.99 74.58 -108.29
CA ARG N 141 29.27 73.40 -107.82
C ARG N 141 29.70 73.02 -106.43
N ILE N 142 28.76 72.50 -105.65
CA ILE N 142 29.01 72.09 -104.28
C ILE N 142 29.00 70.56 -104.15
N VAL N 143 30.13 70.00 -103.73
CA VAL N 143 30.23 68.58 -103.43
C VAL N 143 30.78 68.43 -102.02
N VAL N 144 30.07 67.68 -101.18
CA VAL N 144 30.53 67.41 -99.83
C VAL N 144 30.83 65.91 -99.64
N VAL N 145 32.01 65.61 -99.10
CA VAL N 145 32.42 64.23 -98.85
C VAL N 145 32.73 64.06 -97.38
N LYS N 146 32.95 62.82 -96.97
CA LYS N 146 33.29 62.52 -95.58
C LYS N 146 34.50 61.60 -95.50
N GLU N 147 35.39 61.91 -94.56
CA GLU N 147 36.64 61.18 -94.38
C GLU N 147 36.84 60.83 -92.91
N PRO N 148 37.59 59.75 -92.64
CA PRO N 148 38.03 59.42 -91.27
C PRO N 148 38.77 60.58 -90.62
N ILE N 149 38.52 60.80 -89.32
CA ILE N 149 39.09 61.96 -88.60
C ILE N 149 40.58 61.85 -88.30
N GLY N 150 41.05 60.69 -87.86
CA GLY N 150 42.43 60.51 -87.43
C GLY N 150 42.58 59.45 -86.37
N VAL N 151 43.59 59.59 -85.53
CA VAL N 151 43.80 58.61 -84.46
C VAL N 151 42.81 58.84 -83.34
N CYS N 152 42.12 57.76 -82.96
CA CYS N 152 41.05 57.80 -81.98
C CYS N 152 41.49 57.14 -80.67
N ALA N 153 40.89 57.58 -79.56
CA ALA N 153 41.13 56.97 -78.26
C ALA N 153 39.82 56.82 -77.52
N ALA N 154 39.70 55.74 -76.76
CA ALA N 154 38.46 55.47 -76.01
C ALA N 154 38.74 54.92 -74.62
N ILE N 155 38.16 55.56 -73.61
CA ILE N 155 38.27 55.14 -72.21
C ILE N 155 36.93 54.55 -71.76
N THR N 156 36.94 53.28 -71.38
CA THR N 156 35.72 52.51 -71.11
C THR N 156 35.65 52.14 -69.62
N PRO N 157 34.43 51.95 -69.09
CA PRO N 157 34.29 51.60 -67.69
C PRO N 157 34.13 50.11 -67.45
N TRP N 158 33.99 49.72 -66.19
CA TRP N 158 33.93 48.31 -65.78
C TRP N 158 32.54 47.70 -65.89
N ASN N 159 31.52 48.54 -65.97
CA ASN N 159 30.16 48.05 -65.83
C ASN N 159 29.67 47.20 -66.99
N PHE N 160 30.23 47.46 -68.17
CA PHE N 160 29.97 46.64 -69.35
C PHE N 160 31.29 46.39 -70.09
N PRO N 161 32.15 45.51 -69.53
CA PRO N 161 33.54 45.35 -69.95
C PRO N 161 33.74 44.84 -71.39
N ALA N 162 32.71 44.24 -71.97
CA ALA N 162 32.82 43.70 -73.32
C ALA N 162 32.08 44.55 -74.35
N ALA N 163 30.82 44.88 -74.06
CA ALA N 163 30.00 45.71 -74.93
C ALA N 163 30.61 47.09 -75.18
N MET N 164 31.13 47.72 -74.14
CA MET N 164 31.71 49.05 -74.28
C MET N 164 32.80 49.07 -75.36
N ILE N 165 33.57 47.99 -75.44
CA ILE N 165 34.67 47.91 -76.38
C ILE N 165 34.14 47.72 -77.81
N ALA N 166 33.07 46.96 -77.95
CA ALA N 166 32.37 46.86 -79.23
C ALA N 166 31.76 48.20 -79.62
N ARG N 167 31.17 48.89 -78.65
CA ARG N 167 30.50 50.16 -78.86
C ARG N 167 31.40 51.24 -79.40
N LYS N 168 32.69 51.18 -79.06
CA LYS N 168 33.62 52.27 -79.35
C LYS N 168 34.68 51.97 -80.41
N VAL N 169 35.09 50.71 -80.50
CA VAL N 169 36.01 50.28 -81.55
C VAL N 169 35.24 50.13 -82.86
N GLY N 170 34.03 49.59 -82.76
CA GLY N 170 33.13 49.38 -83.89
C GLY N 170 33.01 50.58 -84.83
N PRO N 171 32.49 51.71 -84.32
CA PRO N 171 32.30 52.87 -85.19
C PRO N 171 33.62 53.46 -85.66
N ALA N 172 34.66 53.39 -84.83
CA ALA N 172 35.95 53.94 -85.18
C ALA N 172 36.61 53.23 -86.37
N LEU N 173 36.57 51.90 -86.38
CA LEU N 173 37.17 51.12 -87.46
C LEU N 173 36.39 51.29 -88.75
N ALA N 174 35.07 51.14 -88.63
CA ALA N 174 34.12 51.34 -89.73
C ALA N 174 34.33 52.66 -90.47
N ALA N 175 34.75 53.69 -89.73
CA ALA N 175 34.96 55.01 -90.30
C ALA N 175 36.29 55.15 -91.04
N GLY N 176 37.18 54.18 -90.84
CA GLY N 176 38.52 54.21 -91.44
C GLY N 176 39.55 54.83 -90.51
N CYS N 177 39.33 54.66 -89.21
CA CYS N 177 40.19 55.21 -88.17
C CYS N 177 40.82 54.11 -87.33
N PRO N 178 42.06 54.35 -86.85
CA PRO N 178 42.69 53.51 -85.84
C PRO N 178 42.29 53.99 -84.44
N ILE N 179 42.38 53.12 -83.45
CA ILE N 179 41.92 53.50 -82.11
C ILE N 179 42.81 52.98 -80.97
N VAL N 180 42.85 53.75 -79.88
CA VAL N 180 43.62 53.39 -78.70
C VAL N 180 42.69 53.36 -77.50
N VAL N 181 42.40 52.15 -77.03
CA VAL N 181 41.46 51.92 -75.93
C VAL N 181 42.16 51.67 -74.59
N LYS N 182 41.75 52.43 -73.57
CA LYS N 182 42.12 52.12 -72.20
C LYS N 182 40.88 51.64 -71.44
N PRO N 183 40.80 50.31 -71.19
CA PRO N 183 39.71 49.73 -70.40
C PRO N 183 39.90 49.99 -68.91
N ALA N 184 38.87 49.67 -68.14
CA ALA N 184 38.92 49.86 -66.69
C ALA N 184 39.88 48.86 -66.04
N GLU N 185 40.73 49.36 -65.14
CA GLU N 185 41.66 48.52 -64.35
C GLU N 185 40.94 47.37 -63.65
N SER N 186 39.65 47.57 -63.40
CA SER N 186 38.83 46.62 -62.65
C SER N 186 38.48 45.37 -63.47
N THR N 187 38.24 45.55 -64.77
CA THR N 187 37.81 44.45 -65.64
C THR N 187 38.58 44.42 -66.97
N PRO N 188 39.89 44.10 -66.92
CA PRO N 188 40.73 44.23 -68.12
C PRO N 188 40.61 43.08 -69.13
N PHE N 189 40.15 41.92 -68.65
CA PHE N 189 40.20 40.68 -69.44
C PHE N 189 39.22 40.64 -70.61
N SER N 190 37.99 41.09 -70.39
CA SER N 190 36.99 41.15 -71.46
C SER N 190 37.42 42.03 -72.63
N ALA N 191 38.19 43.08 -72.32
CA ALA N 191 38.64 44.01 -73.32
C ALA N 191 39.79 43.43 -74.12
N LEU N 192 40.67 42.70 -73.43
CA LEU N 192 41.83 42.09 -74.07
C LEU N 192 41.42 40.92 -74.94
N ALA N 193 40.47 40.13 -74.44
CA ALA N 193 39.91 39.01 -75.20
C ALA N 193 39.33 39.51 -76.52
N MET N 194 38.57 40.60 -76.43
CA MET N 194 37.92 41.21 -77.59
C MET N 194 38.93 41.79 -78.59
N ALA N 195 40.09 42.19 -78.09
CA ALA N 195 41.16 42.67 -78.95
C ALA N 195 41.87 41.48 -79.60
N PHE N 196 41.98 40.40 -78.84
CA PHE N 196 42.67 39.19 -79.29
C PHE N 196 41.93 38.55 -80.46
N LEU N 197 40.60 38.53 -80.38
CA LEU N 197 39.77 38.04 -81.47
C LEU N 197 39.78 38.96 -82.69
N ALA N 198 40.02 40.24 -82.46
CA ALA N 198 40.15 41.20 -83.55
C ALA N 198 41.45 40.98 -84.32
N GLU N 199 42.44 40.43 -83.63
CA GLU N 199 43.71 40.04 -84.24
C GLU N 199 43.48 38.81 -85.12
N ARG N 200 42.79 37.82 -84.56
CA ARG N 200 42.40 36.59 -85.27
C ARG N 200 41.56 36.90 -86.51
N ALA N 201 40.70 37.93 -86.40
CA ALA N 201 39.86 38.36 -87.51
C ALA N 201 40.64 38.95 -88.68
N GLY N 202 41.82 39.48 -88.42
CA GLY N 202 42.66 40.04 -89.48
C GLY N 202 42.81 41.55 -89.45
N VAL N 203 42.58 42.15 -88.29
CA VAL N 203 42.77 43.59 -88.08
C VAL N 203 44.26 43.94 -88.10
N PRO N 204 44.72 44.67 -89.15
CA PRO N 204 46.14 45.01 -89.33
C PRO N 204 46.83 45.52 -88.05
N LYS N 205 48.02 45.00 -87.76
CA LYS N 205 48.80 45.41 -86.59
C LYS N 205 48.89 46.93 -86.53
N GLY N 206 48.48 47.50 -85.39
CA GLY N 206 48.53 48.94 -85.16
C GLY N 206 47.18 49.65 -85.18
N VAL N 207 46.19 49.05 -85.84
CA VAL N 207 44.85 49.64 -85.95
C VAL N 207 44.08 49.58 -84.62
N LEU N 208 44.39 48.58 -83.80
CA LEU N 208 43.79 48.45 -82.48
C LEU N 208 44.81 48.31 -81.33
N SER N 209 44.64 49.14 -80.30
CA SER N 209 45.46 49.07 -79.10
C SER N 209 44.59 48.94 -77.87
N VAL N 210 44.95 48.01 -76.99
CA VAL N 210 44.35 47.92 -75.67
C VAL N 210 45.42 48.13 -74.61
N VAL N 211 45.53 49.37 -74.14
CA VAL N 211 46.54 49.74 -73.16
C VAL N 211 46.00 49.45 -71.76
N ILE N 212 46.87 48.99 -70.86
CA ILE N 212 46.48 48.66 -69.49
C ILE N 212 47.47 49.21 -68.46
N GLY N 213 46.95 49.79 -67.37
CA GLY N 213 47.81 50.20 -66.27
C GLY N 213 47.32 51.35 -65.41
N ASP N 214 48.11 52.41 -65.37
CA ASP N 214 47.87 53.57 -64.52
C ASP N 214 46.90 54.52 -65.22
N PRO N 215 45.73 54.78 -64.62
CA PRO N 215 44.70 55.55 -65.31
C PRO N 215 45.06 57.03 -65.47
N LYS N 216 45.71 57.60 -64.47
CA LYS N 216 46.15 58.99 -64.52
C LYS N 216 47.27 59.20 -65.56
N ALA N 217 48.20 58.25 -65.61
CA ALA N 217 49.35 58.31 -66.52
C ALA N 217 48.95 58.07 -67.97
N ILE N 218 48.17 57.02 -68.18
CA ILE N 218 47.63 56.70 -69.50
C ILE N 218 46.66 57.79 -69.96
N GLY N 219 45.78 58.21 -69.05
CA GLY N 219 44.89 59.33 -69.29
C GLY N 219 45.61 60.56 -69.82
N THR N 220 46.66 60.99 -69.12
CA THR N 220 47.38 62.21 -69.47
C THR N 220 48.08 62.13 -70.83
N GLU N 221 48.58 60.96 -71.18
CA GLU N 221 49.27 60.82 -72.44
C GLU N 221 48.28 60.92 -73.59
N ILE N 222 47.12 60.31 -73.43
CA ILE N 222 46.05 60.34 -74.43
C ILE N 222 45.59 61.78 -74.70
N THR N 223 45.48 62.57 -73.64
CA THR N 223 44.87 63.90 -73.71
C THR N 223 45.81 65.03 -74.12
N SER N 224 47.11 64.81 -73.97
CA SER N 224 48.09 65.83 -74.36
C SER N 224 48.73 65.59 -75.74
N ASN N 225 48.90 64.33 -76.11
CA ASN N 225 49.48 63.95 -77.40
C ASN N 225 48.62 64.52 -78.53
N PRO N 226 49.23 65.30 -79.45
CA PRO N 226 48.51 65.95 -80.54
C PRO N 226 47.92 64.95 -81.54
N ILE N 227 48.60 63.82 -81.73
CA ILE N 227 48.24 62.81 -82.72
C ILE N 227 46.80 62.34 -82.54
N VAL N 228 46.35 62.27 -81.28
CA VAL N 228 44.99 61.87 -80.94
C VAL N 228 44.00 62.97 -81.32
N ARG N 229 43.11 62.67 -82.27
CA ARG N 229 42.21 63.68 -82.80
C ARG N 229 40.79 63.59 -82.27
N LYS N 230 40.42 62.41 -81.79
CA LYS N 230 39.12 62.23 -81.18
C LYS N 230 39.22 61.30 -79.98
N LEU N 231 38.58 61.71 -78.88
CA LEU N 231 38.57 60.93 -77.64
C LEU N 231 37.15 60.66 -77.19
N SER N 232 36.89 59.39 -76.88
CA SER N 232 35.59 58.95 -76.40
C SER N 232 35.68 58.41 -74.97
N PHE N 233 34.96 59.01 -74.03
CA PHE N 233 35.01 58.59 -72.63
C PHE N 233 33.65 58.26 -72.07
N THR N 234 33.53 57.09 -71.45
CA THR N 234 32.34 56.73 -70.68
C THR N 234 32.77 56.44 -69.25
N GLY N 235 32.09 57.06 -68.29
CA GLY N 235 32.42 56.87 -66.89
C GLY N 235 31.81 58.00 -66.11
N SER N 236 32.51 58.46 -65.07
CA SER N 236 31.96 59.46 -64.14
C SER N 236 31.92 60.88 -64.73
N THR N 237 30.92 61.64 -64.33
CA THR N 237 30.80 63.04 -64.73
C THR N 237 32.03 63.86 -64.34
N ALA N 238 32.50 63.66 -63.11
CA ALA N 238 33.64 64.38 -62.56
C ALA N 238 34.93 64.19 -63.39
N VAL N 239 35.16 62.97 -63.87
CA VAL N 239 36.34 62.65 -64.65
C VAL N 239 36.23 63.19 -66.07
N GLY N 240 35.02 63.08 -66.64
CA GLY N 240 34.72 63.62 -67.97
C GLY N 240 35.02 65.11 -68.07
N ARG N 241 34.58 65.86 -67.06
CA ARG N 241 34.83 67.29 -66.94
C ARG N 241 36.32 67.63 -67.01
N LEU N 242 37.14 66.85 -66.30
CA LEU N 242 38.59 67.04 -66.31
C LEU N 242 39.22 66.59 -67.63
N LEU N 243 38.69 65.52 -68.21
CA LEU N 243 39.19 64.99 -69.48
C LEU N 243 38.94 65.94 -70.66
N MET N 244 37.85 66.69 -70.60
CA MET N 244 37.58 67.74 -71.57
C MET N 244 38.58 68.87 -71.39
N ALA N 245 38.81 69.29 -70.15
CA ALA N 245 39.82 70.32 -69.88
C ALA N 245 41.21 69.91 -70.36
N GLN N 246 41.57 68.65 -70.16
CA GLN N 246 42.86 68.13 -70.61
C GLN N 246 43.00 68.11 -72.13
N SER N 247 41.88 67.88 -72.83
CA SER N 247 41.89 67.77 -74.29
C SER N 247 41.90 69.12 -75.00
N ALA N 248 41.49 70.17 -74.28
CA ALA N 248 41.41 71.53 -74.81
C ALA N 248 42.64 72.00 -75.60
N PRO N 249 43.86 71.82 -75.06
CA PRO N 249 45.04 72.30 -75.79
C PRO N 249 45.16 71.82 -77.24
N THR N 250 44.45 70.76 -77.61
CA THR N 250 44.53 70.24 -78.99
C THR N 250 43.16 70.11 -79.64
N VAL N 251 42.16 70.72 -79.01
CA VAL N 251 40.83 70.88 -79.58
C VAL N 251 40.24 69.58 -80.13
N LYS N 252 40.19 68.54 -79.30
CA LYS N 252 39.77 67.20 -79.73
C LYS N 252 38.26 67.09 -79.96
N LYS N 253 37.85 66.23 -80.89
CA LYS N 253 36.46 65.83 -81.01
C LYS N 253 36.16 64.98 -79.77
N LEU N 254 35.09 65.31 -79.07
CA LEU N 254 34.74 64.61 -77.85
C LEU N 254 33.38 63.91 -77.89
N THR N 255 33.36 62.67 -77.45
CA THR N 255 32.14 62.01 -77.04
C THR N 255 32.30 61.77 -75.54
N LEU N 256 31.33 62.23 -74.76
CA LEU N 256 31.32 61.96 -73.33
C LEU N 256 30.01 61.31 -72.90
N GLU N 257 30.08 60.05 -72.48
CA GLU N 257 28.94 59.34 -71.91
C GLU N 257 29.12 59.37 -70.40
N LEU N 258 28.43 60.30 -69.74
CA LEU N 258 28.66 60.55 -68.30
C LEU N 258 27.51 60.07 -67.41
N GLY N 259 27.28 60.77 -66.29
CA GLY N 259 26.35 60.31 -65.26
C GLY N 259 24.88 60.49 -65.58
N GLY N 260 24.03 59.67 -64.98
CA GLY N 260 22.58 59.84 -65.10
C GLY N 260 21.96 60.08 -63.74
N ASN N 261 20.64 60.17 -63.71
CA ASN N 261 19.87 60.09 -62.48
C ASN N 261 18.45 59.76 -62.92
N ALA N 262 18.30 58.54 -63.39
CA ALA N 262 17.16 58.13 -64.18
C ALA N 262 15.89 57.99 -63.35
N PRO N 263 14.86 58.80 -63.66
CA PRO N 263 13.55 58.66 -63.04
C PRO N 263 12.69 57.61 -63.75
N PHE N 264 12.08 56.74 -62.95
CA PHE N 264 11.14 55.75 -63.45
C PHE N 264 9.78 56.25 -62.97
N ILE N 265 8.90 56.58 -63.91
CA ILE N 265 7.66 57.26 -63.60
C ILE N 265 6.44 56.37 -63.79
N VAL N 266 5.72 56.14 -62.69
CA VAL N 266 4.54 55.28 -62.68
C VAL N 266 3.31 56.16 -62.42
N PHE N 267 2.52 56.35 -63.47
CA PHE N 267 1.32 57.17 -63.38
C PHE N 267 0.10 56.41 -62.88
N ASP N 268 -0.75 57.18 -62.21
CA ASP N 268 -2.18 56.96 -62.08
C ASP N 268 -2.79 55.81 -62.90
N ASP N 269 -2.60 55.85 -64.22
CA ASP N 269 -3.29 54.94 -65.15
C ASP N 269 -2.41 53.85 -65.75
N ALA N 270 -1.26 53.59 -65.13
CA ALA N 270 -0.33 52.59 -65.65
C ALA N 270 -0.88 51.17 -65.51
N ASP N 271 -0.36 50.24 -66.32
CA ASP N 271 -0.55 48.81 -66.06
C ASP N 271 0.45 48.45 -64.96
N LEU N 272 -0.06 48.28 -63.75
CA LEU N 272 0.78 48.17 -62.54
C LEU N 272 1.74 46.99 -62.55
N ASP N 273 1.27 45.83 -63.01
CA ASP N 273 2.13 44.67 -63.13
C ASP N 273 3.21 44.92 -64.16
N ALA N 274 2.84 45.53 -65.28
CA ALA N 274 3.78 45.81 -66.36
C ALA N 274 4.88 46.74 -65.86
N ALA N 275 4.48 47.73 -65.07
CA ALA N 275 5.42 48.67 -64.45
C ALA N 275 6.40 47.96 -63.53
N VAL N 276 5.90 47.01 -62.74
CA VAL N 276 6.76 46.27 -61.81
C VAL N 276 7.78 45.44 -62.59
N GLU N 277 7.33 44.83 -63.70
CA GLU N 277 8.24 44.09 -64.60
C GLU N 277 9.29 45.03 -65.22
N GLY N 278 8.89 46.27 -65.49
CA GLY N 278 9.82 47.29 -65.95
C GLY N 278 10.78 47.77 -64.86
N ALA N 279 10.24 47.93 -63.66
CA ALA N 279 11.01 48.35 -62.49
C ALA N 279 12.14 47.36 -62.20
N ILE N 280 11.82 46.08 -62.28
CA ILE N 280 12.79 45.02 -62.01
C ILE N 280 13.92 45.06 -63.04
N ALA N 281 13.56 45.24 -64.31
CA ALA N 281 14.53 45.23 -65.38
C ALA N 281 15.43 46.48 -65.38
N SER N 282 14.83 47.66 -65.21
CA SER N 282 15.60 48.89 -65.20
C SER N 282 16.48 49.05 -63.95
N LYS N 283 15.98 48.60 -62.80
CA LYS N 283 16.71 48.79 -61.55
C LYS N 283 17.70 47.66 -61.17
N TYR N 284 17.40 46.42 -61.56
CA TYR N 284 18.08 45.28 -60.94
C TYR N 284 19.05 44.45 -61.81
N ARG N 285 19.04 44.63 -63.13
CA ARG N 285 20.06 43.96 -63.94
C ARG N 285 21.41 44.62 -63.72
N ASN N 286 22.49 43.84 -63.82
CA ASN N 286 23.84 44.27 -63.44
C ASN N 286 23.87 44.85 -62.02
N ASN N 287 23.01 44.29 -61.16
CA ASN N 287 22.84 44.72 -59.76
C ASN N 287 22.70 46.22 -59.58
N GLY N 288 22.10 46.88 -60.56
CA GLY N 288 21.85 48.32 -60.49
C GLY N 288 23.02 49.19 -60.88
N GLN N 289 23.99 48.62 -61.58
CA GLN N 289 25.26 49.27 -61.86
C GLN N 289 25.44 49.79 -63.29
N THR N 290 24.42 49.65 -64.13
CA THR N 290 24.49 50.16 -65.50
C THR N 290 24.34 51.67 -65.47
N CYS N 291 24.84 52.37 -66.48
CA CYS N 291 24.72 53.82 -66.54
C CYS N 291 23.28 54.27 -66.77
N VAL N 292 22.42 53.38 -67.24
CA VAL N 292 21.01 53.72 -67.50
C VAL N 292 20.02 53.27 -66.43
N CYS N 293 20.52 52.71 -65.33
CA CYS N 293 19.66 52.20 -64.27
C CYS N 293 18.80 53.27 -63.59
N THR N 294 17.55 52.91 -63.31
CA THR N 294 16.68 53.75 -62.51
C THR N 294 17.36 54.11 -61.19
N ASN N 295 17.35 55.40 -60.87
CA ASN N 295 17.88 55.87 -59.61
C ASN N 295 16.78 56.41 -58.71
N ARG N 296 15.73 56.96 -59.32
CA ARG N 296 14.56 57.42 -58.56
C ARG N 296 13.27 56.83 -59.13
N PHE N 297 12.48 56.20 -58.28
CA PHE N 297 11.13 55.81 -58.67
C PHE N 297 10.15 56.89 -58.27
N PHE N 298 9.37 57.37 -59.25
CA PHE N 298 8.27 58.29 -58.98
C PHE N 298 6.95 57.59 -59.24
N VAL N 299 6.13 57.50 -58.20
CA VAL N 299 4.88 56.76 -58.27
C VAL N 299 3.77 57.66 -57.75
N HIS N 300 2.66 57.68 -58.48
CA HIS N 300 1.53 58.55 -58.17
C HIS N 300 0.85 58.05 -56.88
N GLU N 301 0.22 58.95 -56.14
CA GLU N 301 -0.42 58.64 -54.86
C GLU N 301 -1.37 57.43 -54.89
N ARG N 302 -2.21 57.36 -55.93
CA ARG N 302 -3.32 56.41 -56.00
C ARG N 302 -2.86 54.96 -56.21
N VAL N 303 -1.65 54.84 -56.73
CA VAL N 303 -1.09 53.55 -57.03
C VAL N 303 0.19 53.32 -56.23
N TYR N 304 0.53 54.25 -55.33
CA TYR N 304 1.76 54.15 -54.56
C TYR N 304 1.83 52.87 -53.74
N ASP N 305 0.85 52.68 -52.87
CA ASP N 305 0.80 51.52 -51.99
C ASP N 305 0.74 50.22 -52.81
N ALA N 306 -0.10 50.18 -53.84
CA ALA N 306 -0.25 48.97 -54.65
C ALA N 306 1.02 48.58 -55.41
N PHE N 307 1.68 49.58 -55.99
CA PHE N 307 2.96 49.39 -56.69
C PHE N 307 4.07 48.93 -55.74
N ALA N 308 4.11 49.53 -54.54
CA ALA N 308 5.13 49.20 -53.54
C ALA N 308 5.04 47.75 -53.07
N ASP N 309 3.82 47.26 -52.84
CA ASP N 309 3.62 45.87 -52.45
C ASP N 309 4.09 44.91 -53.54
N LYS N 310 3.72 45.21 -54.78
CA LYS N 310 4.02 44.35 -55.91
C LYS N 310 5.51 44.31 -56.19
N LEU N 311 6.17 45.45 -56.01
CA LEU N 311 7.61 45.51 -56.25
C LEU N 311 8.38 44.75 -55.18
N ALA N 312 7.97 44.93 -53.92
CA ALA N 312 8.62 44.25 -52.79
C ALA N 312 8.41 42.73 -52.85
N ALA N 313 7.24 42.30 -53.29
CA ALA N 313 6.97 40.88 -53.49
C ALA N 313 7.89 40.31 -54.58
N ALA N 314 8.11 41.09 -55.63
CA ALA N 314 8.93 40.66 -56.77
C ALA N 314 10.42 40.68 -56.45
N VAL N 315 10.85 41.68 -55.68
CA VAL N 315 12.27 41.82 -55.32
C VAL N 315 12.71 40.68 -54.42
N SER N 316 11.82 40.27 -53.51
CA SER N 316 12.07 39.16 -52.57
C SER N 316 12.28 37.82 -53.27
N LYS N 317 11.72 37.67 -54.46
CA LYS N 317 11.77 36.42 -55.23
C LYS N 317 13.01 36.33 -56.14
N LEU N 318 13.83 37.38 -56.13
CA LEU N 318 15.08 37.42 -56.90
C LEU N 318 16.19 36.79 -56.06
N LYS N 319 16.95 35.89 -56.67
CA LYS N 319 17.93 35.09 -55.94
C LYS N 319 19.36 35.61 -56.09
N VAL N 320 19.98 35.93 -54.95
CA VAL N 320 21.37 36.39 -54.89
C VAL N 320 22.30 35.18 -54.84
N GLY N 321 23.39 35.25 -55.61
CA GLY N 321 24.38 34.18 -55.66
C GLY N 321 25.46 34.47 -56.68
N ARG N 322 26.57 33.75 -56.60
CA ARG N 322 27.69 33.91 -57.52
C ARG N 322 27.23 33.72 -58.98
N GLY N 323 27.94 34.36 -59.90
CA GLY N 323 27.56 34.35 -61.32
C GLY N 323 27.40 33.00 -62.02
N THR N 324 28.18 32.01 -61.60
CA THR N 324 28.19 30.68 -62.24
C THR N 324 27.15 29.72 -61.65
N GLU N 325 26.33 30.24 -60.75
CA GLU N 325 25.34 29.44 -60.03
C GLU N 325 24.03 29.30 -60.81
N SER N 326 23.38 28.15 -60.67
CA SER N 326 22.03 27.95 -61.24
C SER N 326 20.99 28.78 -60.48
N GLY N 327 20.30 29.66 -61.21
CA GLY N 327 19.24 30.48 -60.64
C GLY N 327 19.67 31.81 -60.04
N ALA N 328 20.98 32.09 -60.06
CA ALA N 328 21.51 33.35 -59.54
C ALA N 328 21.24 34.49 -60.52
N THR N 329 20.39 35.42 -60.10
CA THR N 329 20.02 36.54 -60.95
C THR N 329 20.68 37.86 -60.54
N LEU N 330 21.25 37.89 -59.33
CA LEU N 330 21.91 39.09 -58.84
C LEU N 330 23.33 38.80 -58.38
N GLY N 331 24.31 39.40 -59.05
CA GLY N 331 25.72 39.23 -58.70
C GLY N 331 26.17 40.18 -57.60
N PRO N 332 27.48 40.19 -57.30
CA PRO N 332 27.99 41.12 -56.30
C PRO N 332 28.26 42.50 -56.89
N LEU N 333 28.27 43.52 -56.05
CA LEU N 333 28.74 44.85 -56.45
C LEU N 333 30.22 44.73 -56.77
N ILE N 334 30.74 45.63 -57.58
CA ILE N 334 32.11 45.50 -58.11
C ILE N 334 33.23 45.46 -57.04
N ASN N 335 33.12 46.29 -56.00
CA ASN N 335 34.14 46.36 -54.94
C ASN N 335 33.54 46.79 -53.60
N GLU N 336 34.37 46.80 -52.55
CA GLU N 336 33.88 47.15 -51.21
C GLU N 336 33.34 48.58 -51.11
N ALA N 337 33.93 49.49 -51.89
CA ALA N 337 33.50 50.89 -51.96
C ALA N 337 32.05 51.05 -52.45
N ALA N 338 31.68 50.26 -53.45
CA ALA N 338 30.32 50.25 -53.99
C ALA N 338 29.29 49.89 -52.93
N VAL N 339 29.68 48.98 -52.02
CA VAL N 339 28.81 48.52 -50.94
C VAL N 339 28.58 49.64 -49.94
N LYS N 340 29.65 50.37 -49.63
CA LYS N 340 29.59 51.43 -48.63
C LYS N 340 28.65 52.55 -49.08
N LYS N 341 28.69 52.88 -50.36
CA LYS N 341 27.78 53.90 -50.92
C LYS N 341 26.31 53.48 -50.90
N VAL N 342 26.03 52.23 -51.28
CA VAL N 342 24.69 51.67 -51.18
C VAL N 342 24.22 51.75 -49.74
N GLU N 343 25.08 51.31 -48.83
CA GLU N 343 24.83 51.32 -47.39
C GLU N 343 24.50 52.73 -46.92
N SER N 344 25.27 53.70 -47.42
CA SER N 344 25.17 55.10 -47.03
C SER N 344 23.86 55.76 -47.48
N HIS N 345 23.39 55.41 -48.68
CA HIS N 345 22.11 55.94 -49.18
C HIS N 345 20.94 55.40 -48.37
N ILE N 346 21.07 54.14 -47.95
CA ILE N 346 20.05 53.50 -47.12
C ILE N 346 19.99 54.13 -45.74
N ALA N 347 21.16 54.37 -45.14
CA ALA N 347 21.25 54.97 -43.81
C ALA N 347 20.71 56.39 -43.79
N ASP N 348 21.02 57.16 -44.83
CA ASP N 348 20.51 58.51 -44.95
C ASP N 348 18.99 58.51 -45.11
N ALA N 349 18.49 57.65 -45.98
CA ALA N 349 17.04 57.48 -46.16
C ALA N 349 16.37 57.11 -44.84
N LEU N 350 16.91 56.10 -44.17
CA LEU N 350 16.36 55.61 -42.90
C LEU N 350 16.36 56.68 -41.81
N ALA N 351 17.45 57.42 -41.70
CA ALA N 351 17.54 58.51 -40.72
C ALA N 351 16.58 59.66 -41.01
N LYS N 352 16.04 59.70 -42.23
CA LYS N 352 15.17 60.79 -42.67
C LYS N 352 13.70 60.39 -42.85
N GLY N 353 13.34 59.21 -42.38
CA GLY N 353 11.93 58.82 -42.35
C GLY N 353 11.48 57.71 -43.26
N ALA N 354 12.38 57.26 -44.13
CA ALA N 354 12.06 56.21 -45.11
C ALA N 354 11.88 54.85 -44.43
N SER N 355 11.12 53.96 -45.06
CA SER N 355 10.85 52.64 -44.49
C SER N 355 11.46 51.52 -45.31
N LEU N 356 12.05 50.57 -44.62
CA LEU N 356 12.65 49.42 -45.25
C LEU N 356 11.57 48.40 -45.56
N MET N 357 11.52 47.93 -46.80
CA MET N 357 10.44 47.06 -47.25
C MET N 357 10.94 45.66 -47.64
N THR N 358 12.20 45.59 -48.05
CA THR N 358 12.90 44.32 -48.28
C THR N 358 14.40 44.60 -48.30
N GLY N 359 15.20 43.61 -47.92
CA GLY N 359 16.65 43.76 -47.88
C GLY N 359 17.15 44.81 -46.90
N GLY N 360 18.14 45.58 -47.32
CA GLY N 360 18.64 46.71 -46.53
C GLY N 360 19.99 46.52 -45.86
N LYS N 361 20.61 45.37 -46.09
CA LYS N 361 21.88 45.02 -45.44
C LYS N 361 22.77 44.18 -46.35
N ARG N 362 24.04 44.02 -45.97
CA ARG N 362 24.97 43.15 -46.68
C ARG N 362 24.50 41.71 -46.59
N HIS N 363 24.76 40.94 -47.65
CA HIS N 363 24.33 39.55 -47.76
C HIS N 363 25.22 38.65 -46.90
N ALA N 364 24.73 37.45 -46.61
CA ALA N 364 25.51 36.41 -45.92
C ALA N 364 26.77 36.04 -46.70
N LEU N 365 26.63 35.92 -48.02
CA LEU N 365 27.71 35.47 -48.91
C LEU N 365 28.92 36.42 -48.90
N GLY N 366 28.79 37.53 -48.19
CA GLY N 366 29.90 38.48 -47.96
C GLY N 366 30.34 39.26 -49.18
N HIS N 367 31.62 39.62 -49.19
CA HIS N 367 32.26 40.30 -50.33
C HIS N 367 31.47 41.48 -50.91
N GLY N 368 31.07 41.38 -52.16
CA GLY N 368 30.34 42.45 -52.81
C GLY N 368 28.82 42.31 -52.78
N PHE N 369 28.32 41.17 -52.29
CA PHE N 369 26.89 40.86 -52.33
C PHE N 369 26.07 41.72 -51.38
N PHE N 370 24.94 42.22 -51.85
CA PHE N 370 24.07 43.05 -51.03
C PHE N 370 22.63 42.67 -51.27
N GLU N 371 21.81 42.76 -50.23
CA GLU N 371 20.40 42.40 -50.36
C GLU N 371 19.66 43.42 -51.22
N PRO N 372 18.86 42.95 -52.19
CA PRO N 372 18.03 43.82 -53.04
C PRO N 372 17.05 44.61 -52.17
N THR N 373 17.15 45.93 -52.23
CA THR N 373 16.44 46.77 -51.30
C THR N 373 15.34 47.58 -51.95
N VAL N 374 14.23 47.74 -51.23
CA VAL N 374 13.16 48.65 -51.61
C VAL N 374 12.90 49.53 -50.40
N LEU N 375 12.82 50.83 -50.65
CA LEU N 375 12.51 51.81 -49.61
C LEU N 375 11.31 52.65 -50.00
N THR N 376 10.39 52.82 -49.05
CA THR N 376 9.24 53.70 -49.21
C THR N 376 9.44 54.97 -48.38
N GLY N 377 8.57 55.95 -48.58
CA GLY N 377 8.64 57.22 -47.87
C GLY N 377 9.89 58.00 -48.20
N VAL N 378 10.41 57.81 -49.41
CA VAL N 378 11.63 58.49 -49.83
C VAL N 378 11.32 59.89 -50.39
N LYS N 379 11.99 60.89 -49.82
CA LYS N 379 11.70 62.29 -50.11
C LYS N 379 12.88 63.00 -50.82
N PRO N 380 12.63 64.17 -51.45
CA PRO N 380 13.69 64.87 -52.22
C PRO N 380 14.90 65.36 -51.42
N ASP N 381 14.75 65.55 -50.11
CA ASP N 381 15.89 65.97 -49.27
C ASP N 381 16.89 64.84 -48.95
N MET N 382 16.61 63.62 -49.41
CA MET N 382 17.49 62.47 -49.18
C MET N 382 18.60 62.36 -50.21
N ASP N 383 19.72 61.74 -49.82
CA ASP N 383 20.92 61.68 -50.65
C ASP N 383 20.70 61.04 -52.02
N VAL N 384 19.89 59.99 -52.06
CA VAL N 384 19.64 59.23 -53.28
C VAL N 384 19.01 60.07 -54.42
N ALA N 385 18.35 61.18 -54.05
CA ALA N 385 17.70 62.05 -55.03
C ALA N 385 18.71 62.87 -55.82
N LYS N 386 19.90 63.03 -55.27
CA LYS N 386 20.93 63.89 -55.84
C LYS N 386 22.14 63.11 -56.37
N GLU N 387 22.38 61.91 -55.83
CA GLU N 387 23.50 61.04 -56.26
C GLU N 387 23.00 59.73 -56.87
N GLU N 388 23.78 59.18 -57.80
CA GLU N 388 23.55 57.83 -58.30
C GLU N 388 23.96 56.80 -57.23
N THR N 389 23.20 55.72 -57.13
CA THR N 389 23.44 54.68 -56.15
C THR N 389 24.39 53.61 -56.68
N PHE N 390 24.25 53.30 -57.98
CA PHE N 390 24.94 52.18 -58.64
C PHE N 390 24.84 50.87 -57.86
N GLY N 391 23.62 50.54 -57.44
CA GLY N 391 23.36 49.34 -56.64
C GLY N 391 21.89 49.01 -56.51
N PRO N 392 21.57 47.81 -55.93
CA PRO N 392 20.21 47.29 -55.87
C PRO N 392 19.31 48.04 -54.88
N LEU N 393 19.11 49.33 -55.15
CA LEU N 393 18.28 50.17 -54.30
C LEU N 393 17.13 50.78 -55.10
N ALA N 394 15.91 50.45 -54.70
CA ALA N 394 14.70 51.03 -55.27
C ALA N 394 14.10 52.03 -54.28
N PRO N 395 14.30 53.33 -54.52
CA PRO N 395 13.72 54.37 -53.67
C PRO N 395 12.44 54.94 -54.24
N LEU N 396 11.34 54.80 -53.51
CA LEU N 396 10.03 55.22 -54.01
C LEU N 396 9.64 56.60 -53.51
N PHE N 397 9.50 57.52 -54.46
CA PHE N 397 9.05 58.87 -54.20
C PHE N 397 7.55 58.95 -54.47
N ARG N 398 6.90 59.98 -53.94
CA ARG N 398 5.47 60.21 -54.13
C ARG N 398 5.22 61.46 -55.00
N PHE N 399 4.20 61.43 -55.86
CA PHE N 399 3.77 62.65 -56.57
C PHE N 399 2.24 62.72 -56.73
N ALA N 400 1.72 63.94 -56.84
CA ALA N 400 0.26 64.17 -56.88
C ALA N 400 -0.25 64.61 -58.26
N SER N 401 0.45 65.55 -58.89
CA SER N 401 0.07 66.05 -60.20
C SER N 401 1.19 65.96 -61.24
N GLU N 402 0.85 66.24 -62.49
CA GLU N 402 1.77 66.15 -63.61
C GLU N 402 2.82 67.27 -63.59
N GLU N 403 2.37 68.50 -63.32
CA GLU N 403 3.27 69.67 -63.28
C GLU N 403 4.37 69.51 -62.20
N GLU N 404 4.01 68.82 -61.12
CA GLU N 404 4.89 68.51 -60.02
C GLU N 404 5.90 67.44 -60.43
N LEU N 405 5.41 66.37 -61.07
CA LEU N 405 6.27 65.31 -61.60
C LEU N 405 7.38 65.84 -62.52
N VAL N 406 6.98 66.56 -63.56
CA VAL N 406 7.95 67.15 -64.47
C VAL N 406 9.01 67.89 -63.68
N ARG N 407 8.59 68.78 -62.78
CA ARG N 407 9.50 69.55 -61.93
C ARG N 407 10.49 68.63 -61.19
N LEU N 408 9.97 67.64 -60.46
CA LEU N 408 10.79 66.64 -59.75
C LEU N 408 11.79 65.91 -60.67
N ALA N 409 11.30 65.37 -61.79
CA ALA N 409 12.08 64.56 -62.70
C ALA N 409 13.27 65.32 -63.32
N ASN N 410 13.05 66.59 -63.61
CA ASN N 410 14.07 67.45 -64.19
C ASN N 410 14.99 68.10 -63.17
N ASP N 411 14.62 68.05 -61.88
CA ASP N 411 15.39 68.72 -60.83
C ASP N 411 16.74 68.06 -60.55
N THR N 412 17.53 67.92 -61.60
CA THR N 412 18.88 67.36 -61.53
C THR N 412 19.73 67.93 -62.65
N GLU N 413 21.05 67.84 -62.47
CA GLU N 413 22.01 68.35 -63.44
C GLU N 413 22.19 67.34 -64.57
N PHE N 414 21.83 66.08 -64.29
CA PHE N 414 22.00 65.00 -65.25
C PHE N 414 20.75 64.78 -66.09
N GLY N 415 20.89 64.02 -67.18
CA GLY N 415 19.79 63.67 -68.07
C GLY N 415 20.18 62.61 -69.09
N LEU N 416 20.35 61.37 -68.63
CA LEU N 416 20.73 60.26 -69.51
C LEU N 416 19.50 59.47 -69.93
N ALA N 417 18.91 58.74 -68.99
CA ALA N 417 17.72 57.95 -69.29
C ALA N 417 16.56 58.26 -68.35
N ALA N 418 15.33 58.19 -68.87
CA ALA N 418 14.12 58.29 -68.07
C ALA N 418 13.15 57.17 -68.46
N TYR N 419 12.30 56.76 -67.54
CA TYR N 419 11.28 55.75 -67.84
C TYR N 419 9.90 56.27 -67.48
N LEU N 420 8.92 55.93 -68.30
CA LEU N 420 7.58 56.48 -68.17
C LEU N 420 6.54 55.42 -68.45
N TYR N 421 5.67 55.19 -67.47
CA TYR N 421 4.57 54.22 -67.58
C TYR N 421 3.22 54.91 -67.45
N SER N 422 2.50 54.94 -68.56
CA SER N 422 1.21 55.57 -68.62
C SER N 422 0.48 55.02 -69.84
N ARG N 423 -0.85 55.06 -69.78
CA ARG N 423 -1.67 54.46 -70.79
C ARG N 423 -2.32 55.50 -71.72
N ASP N 424 -2.33 56.76 -71.27
CA ASP N 424 -2.98 57.82 -72.02
C ASP N 424 -2.01 58.49 -72.99
N ILE N 425 -2.32 58.36 -74.28
CA ILE N 425 -1.51 58.87 -75.38
C ILE N 425 -1.13 60.36 -75.28
N GLY N 426 -2.07 61.19 -74.79
CA GLY N 426 -1.84 62.61 -74.64
C GLY N 426 -0.81 62.90 -73.56
N ARG N 427 -1.05 62.34 -72.38
CA ARG N 427 -0.15 62.42 -71.25
C ARG N 427 1.24 61.83 -71.58
N VAL N 428 1.27 60.72 -72.31
CA VAL N 428 2.53 60.12 -72.72
C VAL N 428 3.39 61.07 -73.57
N TRP N 429 2.75 61.78 -74.51
CA TRP N 429 3.45 62.76 -75.35
C TRP N 429 3.89 64.01 -74.61
N ARG N 430 3.01 64.55 -73.77
CA ARG N 430 3.33 65.73 -72.95
C ARG N 430 4.58 65.55 -72.10
N VAL N 431 4.57 64.50 -71.29
CA VAL N 431 5.63 64.22 -70.33
C VAL N 431 6.96 63.81 -71.00
N ALA N 432 6.88 63.02 -72.07
CA ALA N 432 8.08 62.63 -72.80
C ALA N 432 8.78 63.84 -73.42
N GLU N 433 7.99 64.76 -73.96
CA GLU N 433 8.52 65.98 -74.58
C GLU N 433 9.16 66.91 -73.57
N ALA N 434 8.55 66.97 -72.38
CA ALA N 434 9.03 67.82 -71.28
C ALA N 434 10.25 67.21 -70.56
N LEU N 435 10.42 65.90 -70.62
CA LEU N 435 11.49 65.22 -69.91
C LEU N 435 12.84 65.59 -70.50
N GLU N 436 13.76 66.01 -69.63
CA GLU N 436 15.06 66.50 -70.08
C GLU N 436 16.13 65.40 -70.07
N TYR N 437 15.94 64.44 -70.95
CA TYR N 437 16.77 63.26 -70.99
C TYR N 437 16.99 62.88 -72.44
N GLY N 438 18.15 62.29 -72.73
CA GLY N 438 18.45 61.82 -74.08
C GLY N 438 17.55 60.67 -74.49
N MET N 439 17.18 59.84 -73.52
CA MET N 439 16.44 58.62 -73.80
C MET N 439 15.27 58.41 -72.84
N VAL N 440 14.10 58.17 -73.41
CA VAL N 440 12.91 57.90 -72.62
C VAL N 440 12.24 56.62 -73.11
N GLY N 441 12.22 55.60 -72.26
CA GLY N 441 11.45 54.40 -72.51
C GLY N 441 10.01 54.62 -72.09
N ILE N 442 9.07 54.21 -72.94
CA ILE N 442 7.65 54.36 -72.66
C ILE N 442 7.02 52.97 -72.48
N ASN N 443 6.51 52.73 -71.27
CA ASN N 443 5.93 51.46 -70.90
C ASN N 443 6.88 50.30 -71.08
N THR N 444 8.16 50.58 -70.87
CA THR N 444 9.22 49.58 -70.92
C THR N 444 10.37 50.09 -70.05
N GLY N 445 11.11 49.18 -69.42
CA GLY N 445 12.27 49.54 -68.62
C GLY N 445 13.58 49.19 -69.29
N LEU N 446 13.51 48.64 -70.51
CA LEU N 446 14.69 48.28 -71.27
C LEU N 446 14.70 48.93 -72.65
N ILE N 447 15.69 49.79 -72.89
CA ILE N 447 15.68 50.63 -74.08
C ILE N 447 16.97 50.57 -74.92
N SER N 448 17.96 49.82 -74.44
CA SER N 448 19.28 49.75 -75.07
C SER N 448 19.32 48.80 -76.24
N ASN N 449 19.80 49.31 -77.38
CA ASN N 449 20.08 48.50 -78.56
C ASN N 449 21.01 49.24 -79.51
N GLU N 450 21.32 48.61 -80.63
CA GLU N 450 22.35 49.11 -81.53
C GLU N 450 21.86 50.14 -82.56
N VAL N 451 20.56 50.14 -82.83
CA VAL N 451 20.01 50.97 -83.90
C VAL N 451 19.53 52.33 -83.37
N ALA N 452 19.36 52.41 -82.04
CA ALA N 452 18.87 53.62 -81.40
C ALA N 452 20.02 54.44 -80.83
N PRO N 453 19.99 55.76 -81.11
CA PRO N 453 21.05 56.67 -80.68
C PRO N 453 21.16 56.70 -79.15
N PHE N 454 22.34 56.35 -78.65
CA PHE N 454 22.58 56.27 -77.22
C PHE N 454 23.40 57.46 -76.73
N GLY N 455 22.87 58.16 -75.73
CA GLY N 455 23.56 59.28 -75.11
C GLY N 455 22.65 60.16 -74.27
N GLY N 456 23.23 61.12 -73.57
CA GLY N 456 22.45 61.97 -72.68
C GLY N 456 22.45 63.43 -73.07
N VAL N 457 21.74 64.23 -72.28
CA VAL N 457 21.79 65.69 -72.42
C VAL N 457 22.34 66.31 -71.14
N LYS N 458 22.35 67.64 -71.08
CA LYS N 458 22.82 68.37 -69.90
C LYS N 458 24.22 67.91 -69.47
N GLN N 459 24.36 67.54 -68.20
CA GLN N 459 25.66 67.10 -67.66
C GLN N 459 25.93 65.61 -67.87
N SER N 460 25.01 64.92 -68.53
CA SER N 460 25.20 63.51 -68.83
C SER N 460 26.13 63.32 -70.02
N GLY N 461 26.45 64.43 -70.70
CA GLY N 461 27.53 64.43 -71.67
C GLY N 461 27.22 65.02 -73.02
N LEU N 462 27.95 64.55 -74.02
CA LEU N 462 27.87 65.05 -75.39
C LEU N 462 27.98 63.91 -76.41
N GLY N 463 27.19 64.00 -77.48
CA GLY N 463 27.31 63.10 -78.63
C GLY N 463 26.55 61.80 -78.47
N ARG N 464 26.29 61.13 -79.59
CA ARG N 464 25.52 59.91 -79.61
C ARG N 464 26.32 58.75 -80.21
N GLU N 465 26.23 57.58 -79.59
CA GLU N 465 26.79 56.36 -80.15
C GLU N 465 25.62 55.44 -80.52
N GLY N 466 25.77 54.65 -81.58
CA GLY N 466 24.70 53.79 -82.07
C GLY N 466 23.89 54.49 -83.13
N SER N 467 23.07 53.73 -83.86
CA SER N 467 22.33 54.21 -85.04
C SER N 467 23.26 54.76 -86.13
N HIS N 468 22.71 55.54 -87.06
CA HIS N 468 23.52 56.23 -88.07
C HIS N 468 24.19 57.50 -87.52
N TYR N 469 23.77 57.92 -86.32
CA TYR N 469 24.42 59.03 -85.62
C TYR N 469 25.73 58.57 -84.96
N GLY N 470 25.83 57.26 -84.73
CA GLY N 470 26.99 56.66 -84.09
C GLY N 470 28.29 56.91 -84.84
N ILE N 471 28.24 56.81 -86.17
CA ILE N 471 29.45 56.91 -87.00
C ILE N 471 29.89 58.35 -87.30
N ASP N 472 28.98 59.29 -87.16
CA ASP N 472 29.21 60.67 -87.60
C ASP N 472 30.25 61.41 -86.76
N ASP N 473 30.41 61.00 -85.51
CA ASP N 473 31.42 61.60 -84.62
C ASP N 473 32.84 61.14 -84.98
N TYR N 474 32.93 60.16 -85.86
CA TYR N 474 34.21 59.55 -86.20
C TYR N 474 34.70 60.01 -87.57
N VAL N 475 33.84 60.69 -88.30
CA VAL N 475 34.20 61.24 -89.60
C VAL N 475 34.30 62.76 -89.57
N VAL N 476 34.99 63.31 -90.55
CA VAL N 476 35.14 64.74 -90.66
C VAL N 476 34.63 65.11 -92.04
N ILE N 477 34.10 66.32 -92.21
CA ILE N 477 33.54 66.65 -93.51
C ILE N 477 34.41 67.61 -94.33
N LYS N 478 34.49 67.33 -95.62
CA LYS N 478 35.21 68.18 -96.55
C LYS N 478 34.25 68.79 -97.57
N TYR N 479 34.20 70.12 -97.61
CA TYR N 479 33.47 70.83 -98.65
C TYR N 479 34.38 71.04 -99.87
N LEU N 480 33.88 70.65 -101.04
CA LEU N 480 34.59 70.86 -102.30
C LEU N 480 33.80 71.80 -103.21
N CYS N 481 34.43 72.92 -103.54
CA CYS N 481 33.83 73.95 -104.39
C CYS N 481 34.50 73.90 -105.75
N VAL N 482 33.73 73.54 -106.77
CA VAL N 482 34.28 73.28 -108.09
C VAL N 482 33.85 74.33 -109.12
N ALA N 483 34.81 75.13 -109.58
CA ALA N 483 34.54 76.11 -110.62
C ALA N 483 34.17 75.37 -111.89
N VAL N 484 33.01 75.72 -112.42
CA VAL N 484 32.35 74.94 -113.46
C VAL N 484 33.08 74.93 -114.82
N GLY O 3 24.56 109.80 -88.70
CA GLY O 3 25.03 111.16 -89.12
C GLY O 3 24.86 111.37 -90.62
N SER O 4 25.55 110.55 -91.41
CA SER O 4 25.45 110.60 -92.87
C SER O 4 24.58 109.46 -93.40
N MET O 5 23.43 109.25 -92.77
CA MET O 5 22.57 108.10 -93.06
C MET O 5 21.07 108.40 -93.06
N LYS O 6 20.30 107.57 -93.74
CA LYS O 6 18.84 107.67 -93.78
C LYS O 6 18.24 107.43 -92.41
N ASP O 7 18.70 106.37 -91.74
CA ASP O 7 18.24 106.01 -90.40
C ASP O 7 19.43 105.95 -89.45
N PRO O 8 19.79 107.10 -88.84
CA PRO O 8 20.99 107.15 -88.00
C PRO O 8 20.78 106.50 -86.62
N SER O 9 19.55 106.09 -86.31
CA SER O 9 19.28 105.33 -85.10
C SER O 9 19.89 103.92 -85.18
N LEU O 10 20.32 103.54 -86.38
CA LEU O 10 21.05 102.28 -86.62
C LEU O 10 22.46 102.31 -86.05
N LEU O 11 22.96 103.51 -85.74
CA LEU O 11 24.21 103.63 -85.01
C LEU O 11 23.87 103.62 -83.52
N ARG O 12 24.28 102.55 -82.83
CA ARG O 12 23.98 102.40 -81.41
C ARG O 12 25.20 102.67 -80.57
N HIS O 13 24.97 103.30 -79.43
CA HIS O 13 26.04 103.54 -78.47
C HIS O 13 25.76 102.84 -77.14
N GLN O 14 24.79 101.94 -77.16
CA GLN O 14 24.44 101.11 -76.01
C GLN O 14 24.36 99.64 -76.38
N ALA O 15 24.62 98.77 -75.41
CA ALA O 15 24.56 97.33 -75.61
C ALA O 15 23.13 96.83 -75.49
N TYR O 16 22.87 95.67 -76.05
CA TYR O 16 21.54 95.08 -76.04
C TYR O 16 21.46 93.93 -75.01
N ILE O 17 21.10 94.26 -73.78
CA ILE O 17 21.16 93.30 -72.68
C ILE O 17 19.76 92.89 -72.27
N GLY O 18 19.43 91.63 -72.51
CA GLY O 18 18.10 91.12 -72.23
C GLY O 18 17.03 91.87 -73.00
N GLY O 19 17.37 92.28 -74.22
CA GLY O 19 16.42 92.98 -75.09
C GLY O 19 16.10 94.39 -74.66
N GLU O 20 16.95 94.96 -73.81
CA GLU O 20 16.77 96.31 -73.27
C GLU O 20 18.11 97.07 -73.45
N TRP O 21 18.06 98.25 -74.06
CA TRP O 21 19.28 99.02 -74.37
C TRP O 21 19.89 99.68 -73.14
N GLN O 22 21.18 99.44 -72.93
CA GLN O 22 21.81 99.77 -71.65
C GLN O 22 23.25 100.24 -71.74
N ALA O 23 23.63 101.10 -70.81
CA ALA O 23 25.03 101.38 -70.51
C ALA O 23 25.56 100.36 -69.51
N ALA O 24 26.88 100.22 -69.46
CA ALA O 24 27.52 99.44 -68.41
C ALA O 24 27.18 100.00 -67.02
N ASP O 25 27.07 99.11 -66.04
CA ASP O 25 26.81 99.48 -64.64
C ASP O 25 27.82 100.50 -64.11
N SER O 26 29.09 100.32 -64.47
CA SER O 26 30.15 101.26 -64.10
C SER O 26 30.19 102.53 -64.96
N ASP O 27 29.28 102.63 -65.93
CA ASP O 27 29.25 103.72 -66.91
C ASP O 27 30.52 103.81 -67.75
N ALA O 28 31.32 102.75 -67.68
CA ALA O 28 32.54 102.66 -68.45
C ALA O 28 32.23 102.44 -69.93
N THR O 29 33.20 102.81 -70.75
CA THR O 29 33.06 102.77 -72.20
C THR O 29 34.39 102.45 -72.85
N PHE O 30 34.37 102.13 -74.13
CA PHE O 30 35.56 102.32 -74.95
C PHE O 30 35.25 103.01 -76.28
N GLU O 31 36.26 103.72 -76.79
CA GLU O 31 36.14 104.55 -77.98
C GLU O 31 36.47 103.69 -79.19
N VAL O 32 35.68 103.84 -80.24
CA VAL O 32 35.89 103.10 -81.48
C VAL O 32 36.40 104.06 -82.57
N PHE O 33 37.44 103.63 -83.28
CA PHE O 33 38.14 104.52 -84.22
C PHE O 33 38.12 104.01 -85.64
N ASP O 34 37.89 104.93 -86.58
CA ASP O 34 37.96 104.63 -88.00
C ASP O 34 39.40 104.19 -88.32
N PRO O 35 39.56 102.94 -88.80
CA PRO O 35 40.92 102.45 -89.11
C PRO O 35 41.58 103.17 -90.29
N ALA O 36 40.79 103.92 -91.06
CA ALA O 36 41.27 104.61 -92.27
C ALA O 36 41.67 106.05 -92.02
N THR O 37 40.96 106.71 -91.10
CA THR O 37 41.16 108.13 -90.85
C THR O 37 41.68 108.40 -89.44
N GLY O 38 41.33 107.53 -88.50
CA GLY O 38 41.69 107.69 -87.09
C GLY O 38 40.62 108.43 -86.31
N GLU O 39 39.53 108.78 -86.98
CA GLU O 39 38.44 109.57 -86.37
C GLU O 39 37.57 108.79 -85.39
N SER O 40 37.28 109.42 -84.26
CA SER O 40 36.48 108.83 -83.19
C SER O 40 35.05 108.67 -83.66
N LEU O 41 34.56 107.42 -83.64
CA LEU O 41 33.19 107.14 -84.07
C LEU O 41 32.22 107.10 -82.88
N GLY O 42 32.57 107.77 -81.78
CA GLY O 42 31.81 107.71 -80.54
C GLY O 42 32.21 106.52 -79.68
N THR O 43 31.40 106.21 -78.68
CA THR O 43 31.74 105.13 -77.72
C THR O 43 30.70 104.01 -77.67
N VAL O 44 31.13 102.87 -77.11
CA VAL O 44 30.25 101.77 -76.71
C VAL O 44 30.56 101.38 -75.25
N PRO O 45 29.58 100.78 -74.54
CA PRO O 45 29.81 100.36 -73.15
C PRO O 45 30.98 99.39 -72.96
N LYS O 46 31.64 99.44 -71.82
CA LYS O 46 32.59 98.41 -71.45
C LYS O 46 32.01 97.67 -70.23
N MET O 47 31.32 96.56 -70.51
CA MET O 47 30.62 95.78 -69.51
C MET O 47 31.46 94.58 -69.10
N GLY O 48 31.11 93.98 -67.96
CA GLY O 48 31.76 92.79 -67.45
C GLY O 48 30.80 91.64 -67.19
N ALA O 49 30.97 90.96 -66.05
CA ALA O 49 30.18 89.79 -65.69
C ALA O 49 28.74 90.11 -65.30
N ALA O 50 28.54 91.12 -64.46
CA ALA O 50 27.22 91.40 -63.92
C ALA O 50 26.15 91.53 -65.01
N GLU O 51 26.48 92.28 -66.07
CA GLU O 51 25.57 92.54 -67.18
C GLU O 51 25.44 91.31 -68.09
N THR O 52 26.50 90.51 -68.14
CA THR O 52 26.50 89.27 -68.89
C THR O 52 25.62 88.24 -68.21
N ALA O 53 25.69 88.20 -66.87
CA ALA O 53 24.84 87.33 -66.06
C ALA O 53 23.37 87.68 -66.23
N ARG O 54 23.08 88.97 -66.40
CA ARG O 54 21.71 89.41 -66.65
C ARG O 54 21.27 89.01 -68.06
N ALA O 55 22.19 89.11 -69.01
CA ALA O 55 21.93 88.73 -70.40
C ALA O 55 21.66 87.22 -70.53
N ILE O 56 22.40 86.42 -69.76
CA ILE O 56 22.20 84.97 -69.71
C ILE O 56 20.88 84.63 -69.02
N GLU O 57 20.59 85.31 -67.92
CA GLU O 57 19.35 85.04 -67.18
C GLU O 57 18.12 85.43 -67.98
N ALA O 58 18.19 86.56 -68.68
CA ALA O 58 17.08 86.99 -69.52
C ALA O 58 16.81 85.99 -70.64
N ALA O 59 17.88 85.43 -71.18
CA ALA O 59 17.81 84.37 -72.19
C ALA O 59 17.07 83.14 -71.68
N GLN O 60 17.52 82.58 -70.56
CA GLN O 60 16.80 81.47 -69.91
C GLN O 60 15.31 81.75 -69.70
N ALA O 61 14.98 82.95 -69.23
CA ALA O 61 13.60 83.33 -68.93
C ALA O 61 12.73 83.43 -70.19
N ALA O 62 13.37 83.71 -71.32
CA ALA O 62 12.66 83.86 -72.59
C ALA O 62 12.64 82.56 -73.38
N TRP O 63 13.37 81.55 -72.90
CA TRP O 63 13.47 80.31 -73.65
C TRP O 63 12.14 79.61 -73.86
N ALA O 64 11.39 79.36 -72.78
CA ALA O 64 10.12 78.63 -72.87
C ALA O 64 9.16 79.23 -73.91
N GLY O 65 8.99 80.55 -73.88
CA GLY O 65 8.13 81.27 -74.82
C GLY O 65 8.56 81.13 -76.27
N TRP O 66 9.87 81.29 -76.51
CA TRP O 66 10.43 81.21 -77.87
C TRP O 66 10.32 79.81 -78.51
N ARG O 67 10.57 78.77 -77.70
CA ARG O 67 10.52 77.37 -78.14
C ARG O 67 9.09 76.84 -78.36
N MET O 68 8.13 77.46 -77.66
CA MET O 68 6.71 77.11 -77.75
C MET O 68 6.11 77.51 -79.10
N LYS O 69 6.69 78.55 -79.71
CA LYS O 69 6.36 78.94 -81.08
C LYS O 69 6.67 77.80 -82.03
N THR O 70 5.92 77.75 -83.12
CA THR O 70 6.19 76.81 -84.19
C THR O 70 7.39 77.30 -85.01
N ALA O 71 8.02 76.39 -85.74
CA ALA O 71 9.11 76.75 -86.65
C ALA O 71 8.67 77.79 -87.68
N LYS O 72 7.45 77.67 -88.19
CA LYS O 72 6.92 78.64 -89.15
C LYS O 72 6.78 80.02 -88.50
N GLU O 73 6.37 80.05 -87.23
CA GLU O 73 6.22 81.31 -86.49
C GLU O 73 7.55 82.04 -86.30
N ARG O 74 8.58 81.32 -85.89
CA ARG O 74 9.94 81.87 -85.78
C ARG O 74 10.49 82.29 -87.13
N ALA O 75 10.07 81.58 -88.19
CA ALA O 75 10.52 81.87 -89.55
C ALA O 75 10.00 83.23 -90.01
N ALA O 76 8.73 83.50 -89.73
CA ALA O 76 8.11 84.78 -90.05
C ALA O 76 8.91 85.89 -89.41
N ILE O 77 9.28 85.68 -88.14
CA ILE O 77 10.04 86.66 -87.37
C ILE O 77 11.46 86.83 -87.92
N LEU O 78 12.09 85.73 -88.33
CA LEU O 78 13.43 85.79 -88.91
C LEU O 78 13.40 86.33 -90.32
N ARG O 79 12.29 86.08 -91.03
CA ARG O 79 12.15 86.56 -92.40
C ARG O 79 12.06 88.09 -92.41
N ARG O 80 11.28 88.65 -91.48
CA ARG O 80 11.19 90.09 -91.37
C ARG O 80 12.54 90.70 -91.03
N TRP O 81 13.28 90.07 -90.12
CA TRP O 81 14.64 90.52 -89.78
C TRP O 81 15.46 90.58 -91.05
N PHE O 82 15.39 89.51 -91.85
CA PHE O 82 16.01 89.44 -93.17
C PHE O 82 15.62 90.64 -94.06
N ASP O 83 14.32 90.89 -94.17
CA ASP O 83 13.82 91.98 -95.00
C ASP O 83 14.34 93.32 -94.54
N LEU O 84 14.40 93.51 -93.23
CA LEU O 84 14.92 94.76 -92.66
C LEU O 84 16.41 94.92 -92.94
N VAL O 85 17.17 93.84 -92.88
CA VAL O 85 18.60 93.89 -93.21
C VAL O 85 18.75 94.32 -94.67
N ILE O 86 17.99 93.68 -95.56
CA ILE O 86 17.98 94.03 -96.97
C ILE O 86 17.64 95.51 -97.18
N ALA O 87 16.52 95.96 -96.62
CA ALA O 87 16.05 97.34 -96.79
C ALA O 87 17.08 98.37 -96.33
N ASN O 88 17.79 98.07 -95.24
CA ASN O 88 18.76 99.00 -94.64
C ASN O 88 20.20 98.70 -95.07
N SER O 89 20.34 97.92 -96.14
CA SER O 89 21.65 97.47 -96.63
C SER O 89 22.70 98.57 -96.85
N ASP O 90 22.30 99.69 -97.45
CA ASP O 90 23.18 100.84 -97.68
C ASP O 90 23.79 101.42 -96.39
N ASP O 91 22.94 101.71 -95.40
CA ASP O 91 23.40 102.25 -94.12
C ASP O 91 24.29 101.29 -93.35
N LEU O 92 23.91 100.01 -93.34
CA LEU O 92 24.70 98.98 -92.67
C LEU O 92 26.08 98.87 -93.30
N ALA O 93 26.12 98.97 -94.64
CA ALA O 93 27.39 98.91 -95.39
C ALA O 93 28.33 100.05 -95.03
N LEU O 94 27.76 101.24 -94.81
CA LEU O 94 28.52 102.42 -94.40
C LEU O 94 29.06 102.30 -92.98
N ILE O 95 28.23 101.81 -92.06
CA ILE O 95 28.67 101.48 -90.70
C ILE O 95 29.84 100.51 -90.76
N LEU O 96 29.73 99.50 -91.61
CA LEU O 96 30.73 98.46 -91.73
C LEU O 96 32.04 98.93 -92.36
N THR O 97 31.97 99.89 -93.28
CA THR O 97 33.17 100.46 -93.90
C THR O 97 33.87 101.38 -92.90
N THR O 98 33.09 102.29 -92.30
CA THR O 98 33.59 103.27 -91.33
C THR O 98 34.29 102.60 -90.16
N GLU O 99 33.70 101.55 -89.60
CA GLU O 99 34.25 100.91 -88.41
C GLU O 99 35.28 99.81 -88.69
N GLN O 100 35.17 99.14 -89.84
CA GLN O 100 36.04 98.00 -90.12
C GLN O 100 37.14 98.30 -91.13
N GLY O 101 36.81 99.09 -92.14
CA GLY O 101 37.81 99.51 -93.14
C GLY O 101 37.57 99.04 -94.56
N LYS O 102 36.90 97.90 -94.74
CA LYS O 102 36.67 97.35 -96.08
C LYS O 102 35.85 98.27 -96.99
N PRO O 103 36.18 98.30 -98.30
CA PRO O 103 35.49 99.08 -99.32
C PRO O 103 33.97 98.87 -99.32
N LEU O 104 33.22 99.94 -99.58
CA LEU O 104 31.75 99.90 -99.61
C LEU O 104 31.18 98.78 -100.48
N ALA O 105 31.96 98.31 -101.46
CA ALA O 105 31.51 97.22 -102.33
C ALA O 105 31.55 95.90 -101.56
N GLU O 106 32.64 95.70 -100.81
CA GLU O 106 32.83 94.50 -99.99
C GLU O 106 31.85 94.42 -98.83
N ALA O 107 31.63 95.56 -98.17
CA ALA O 107 30.63 95.65 -97.11
C ALA O 107 29.24 95.29 -97.67
N LYS O 108 28.85 95.90 -98.79
CA LYS O 108 27.55 95.60 -99.42
C LYS O 108 27.41 94.13 -99.72
N GLY O 109 28.50 93.54 -100.21
CA GLY O 109 28.60 92.10 -100.43
C GLY O 109 28.44 91.31 -99.16
N GLU O 110 29.02 91.82 -98.06
CA GLU O 110 28.93 91.16 -96.74
C GLU O 110 27.51 91.21 -96.18
N ILE O 111 26.87 92.36 -96.33
CA ILE O 111 25.48 92.53 -95.88
C ILE O 111 24.55 91.58 -96.63
N ALA O 112 24.77 91.43 -97.93
CA ALA O 112 23.97 90.52 -98.75
C ALA O 112 24.19 89.07 -98.29
N TYR O 113 25.44 88.78 -97.95
CA TYR O 113 25.89 87.45 -97.51
C TYR O 113 25.34 87.14 -96.12
N ALA O 114 25.34 88.14 -95.24
CA ALA O 114 24.78 88.02 -93.89
C ALA O 114 23.28 87.77 -93.92
N ALA O 115 22.56 88.58 -94.69
CA ALA O 115 21.14 88.39 -94.85
C ALA O 115 20.81 87.01 -95.42
N SER O 116 21.70 86.47 -96.25
CA SER O 116 21.48 85.18 -96.88
C SER O 116 21.42 84.05 -95.83
N PHE O 117 22.31 84.11 -94.84
CA PHE O 117 22.30 83.17 -93.72
C PHE O 117 21.01 83.27 -92.90
N ILE O 118 20.53 84.50 -92.72
CA ILE O 118 19.34 84.72 -91.91
C ILE O 118 18.15 84.04 -92.58
N GLU O 119 18.07 84.20 -93.90
CA GLU O 119 17.00 83.63 -94.71
C GLU O 119 17.09 82.09 -94.72
N TRP O 120 18.29 81.58 -94.98
CA TRP O 120 18.53 80.16 -95.03
C TRP O 120 18.00 79.46 -93.77
N PHE O 121 18.40 79.98 -92.61
CA PHE O 121 18.09 79.33 -91.34
C PHE O 121 16.66 79.49 -90.87
N ALA O 122 16.03 80.59 -91.28
CA ALA O 122 14.59 80.68 -91.16
C ALA O 122 13.99 79.42 -91.81
N GLU O 123 14.50 79.05 -92.98
CA GLU O 123 13.96 77.95 -93.76
C GLU O 123 14.34 76.58 -93.22
N GLU O 124 15.59 76.44 -92.74
CA GLU O 124 16.08 75.18 -92.19
C GLU O 124 15.38 74.77 -90.89
N GLY O 125 14.85 75.75 -90.16
CA GLY O 125 14.17 75.50 -88.88
C GLY O 125 12.88 74.72 -89.03
N LYS O 126 12.31 74.76 -90.24
CA LYS O 126 11.08 74.04 -90.56
C LYS O 126 11.39 72.60 -91.01
N ARG O 127 12.68 72.25 -91.02
CA ARG O 127 13.16 70.97 -91.57
C ARG O 127 14.02 70.14 -90.62
N VAL O 128 14.30 70.70 -89.43
CA VAL O 128 14.95 69.95 -88.35
C VAL O 128 14.15 68.66 -88.10
N ALA O 129 14.70 67.54 -88.53
CA ALA O 129 13.96 66.27 -88.56
C ALA O 129 14.56 65.16 -87.72
N GLY O 130 13.69 64.33 -87.16
CA GLY O 130 14.14 63.11 -86.50
C GLY O 130 13.85 61.91 -87.40
N ASP O 131 13.88 60.72 -86.83
CA ASP O 131 13.69 59.49 -87.60
C ASP O 131 12.62 58.63 -86.98
N THR O 132 12.12 57.68 -87.77
CA THR O 132 11.50 56.47 -87.23
C THR O 132 12.22 55.26 -87.85
N LEU O 133 12.70 54.38 -86.97
CA LEU O 133 13.66 53.36 -87.36
C LEU O 133 13.15 51.93 -87.13
N PRO O 134 13.58 50.99 -87.98
CA PRO O 134 13.17 49.59 -87.85
C PRO O 134 13.69 49.00 -86.54
N THR O 135 12.77 48.51 -85.72
CA THR O 135 13.12 47.99 -84.40
C THR O 135 13.89 46.68 -84.45
N PRO O 136 14.81 46.48 -83.48
CA PRO O 136 15.42 45.17 -83.35
C PRO O 136 14.68 44.29 -82.36
N ASP O 137 13.53 44.77 -81.87
CA ASP O 137 12.67 44.03 -80.92
C ASP O 137 11.21 44.27 -81.27
N ALA O 138 10.51 43.21 -81.62
CA ALA O 138 9.12 43.30 -82.09
C ALA O 138 8.12 43.96 -81.13
N ASN O 139 8.40 43.94 -79.83
CA ASN O 139 7.54 44.59 -78.84
C ASN O 139 7.92 46.07 -78.58
N LYS O 140 8.80 46.62 -79.43
CA LYS O 140 9.26 47.99 -79.26
C LYS O 140 9.30 48.75 -80.57
N ARG O 141 9.08 50.06 -80.47
CA ARG O 141 9.17 50.96 -81.63
C ARG O 141 10.19 52.04 -81.36
N ILE O 142 10.92 52.47 -82.38
CA ILE O 142 11.94 53.50 -82.22
C ILE O 142 11.56 54.80 -82.89
N VAL O 143 11.28 55.81 -82.07
CA VAL O 143 11.06 57.16 -82.57
C VAL O 143 12.20 58.04 -82.05
N VAL O 144 12.81 58.80 -82.94
CA VAL O 144 13.81 59.79 -82.59
C VAL O 144 13.27 61.18 -82.91
N VAL O 145 13.26 62.07 -81.91
CA VAL O 145 12.94 63.49 -82.14
C VAL O 145 14.14 64.39 -81.81
N LYS O 146 14.09 65.62 -82.32
CA LYS O 146 15.09 66.64 -82.08
C LYS O 146 14.46 67.86 -81.42
N GLU O 147 15.20 68.53 -80.54
CA GLU O 147 14.68 69.70 -79.83
C GLU O 147 15.81 70.65 -79.40
N PRO O 148 15.49 71.93 -79.11
CA PRO O 148 16.54 72.91 -78.86
C PRO O 148 17.37 72.61 -77.62
N ILE O 149 18.68 72.83 -77.70
CA ILE O 149 19.59 72.54 -76.60
C ILE O 149 19.38 73.39 -75.34
N GLY O 150 19.06 74.67 -75.55
CA GLY O 150 18.96 75.66 -74.47
C GLY O 150 19.63 76.99 -74.81
N VAL O 151 19.98 77.73 -73.77
CA VAL O 151 20.65 79.03 -73.90
C VAL O 151 21.99 78.91 -74.64
N CYS O 152 22.08 79.56 -75.80
CA CYS O 152 23.30 79.57 -76.61
C CYS O 152 24.09 80.86 -76.42
N ALA O 153 25.41 80.78 -76.60
CA ALA O 153 26.26 81.95 -76.60
C ALA O 153 27.14 81.98 -77.85
N ALA O 154 27.55 83.18 -78.25
CA ALA O 154 28.48 83.34 -79.37
C ALA O 154 29.53 84.43 -79.12
N ILE O 155 30.76 84.15 -79.51
CA ILE O 155 31.84 85.15 -79.50
C ILE O 155 32.37 85.29 -80.91
N THR O 156 32.30 86.51 -81.44
CA THR O 156 32.51 86.76 -82.87
C THR O 156 33.64 87.76 -83.10
N PRO O 157 34.42 87.58 -84.19
CA PRO O 157 35.58 88.44 -84.45
C PRO O 157 35.25 89.71 -85.27
N TRP O 158 36.29 90.45 -85.64
CA TRP O 158 36.15 91.79 -86.25
C TRP O 158 36.08 91.77 -87.77
N ASN O 159 36.65 90.75 -88.40
CA ASN O 159 36.84 90.81 -89.85
C ASN O 159 35.57 90.73 -90.68
N PHE O 160 34.52 90.14 -90.11
CA PHE O 160 33.21 90.16 -90.76
C PHE O 160 32.14 90.49 -89.74
N PRO O 161 32.15 91.74 -89.24
CA PRO O 161 31.36 92.18 -88.09
C PRO O 161 29.84 92.05 -88.24
N ALA O 162 29.36 91.79 -89.46
CA ALA O 162 27.92 91.60 -89.67
C ALA O 162 27.58 90.15 -89.95
N ALA O 163 28.35 89.52 -90.84
CA ALA O 163 28.12 88.12 -91.24
C ALA O 163 28.17 87.11 -90.08
N MET O 164 29.13 87.29 -89.18
CA MET O 164 29.31 86.39 -88.02
C MET O 164 28.09 86.37 -87.12
N ILE O 165 27.51 87.54 -86.89
CA ILE O 165 26.31 87.68 -86.08
C ILE O 165 25.20 86.83 -86.71
N ALA O 166 25.02 87.01 -88.01
CA ALA O 166 24.02 86.26 -88.79
C ALA O 166 24.29 84.75 -88.77
N ARG O 167 25.55 84.39 -88.96
CA ARG O 167 25.98 83.00 -89.01
C ARG O 167 25.73 82.25 -87.71
N LYS O 168 25.53 82.97 -86.62
CA LYS O 168 25.43 82.35 -85.30
C LYS O 168 24.10 82.57 -84.61
N VAL O 169 23.50 83.74 -84.83
CA VAL O 169 22.17 84.03 -84.29
C VAL O 169 21.12 83.26 -85.11
N GLY O 170 21.31 83.24 -86.42
CA GLY O 170 20.42 82.58 -87.36
C GLY O 170 20.09 81.15 -86.99
N PRO O 171 21.12 80.27 -86.95
CA PRO O 171 20.85 78.86 -86.63
C PRO O 171 20.35 78.64 -85.18
N ALA O 172 20.75 79.50 -84.25
CA ALA O 172 20.36 79.33 -82.85
C ALA O 172 18.88 79.63 -82.64
N LEU O 173 18.43 80.75 -83.19
CA LEU O 173 17.04 81.15 -83.05
C LEU O 173 16.08 80.24 -83.82
N ALA O 174 16.52 79.81 -85.00
CA ALA O 174 15.78 78.89 -85.84
C ALA O 174 15.64 77.54 -85.18
N ALA O 175 16.66 77.16 -84.41
CA ALA O 175 16.67 75.90 -83.67
C ALA O 175 15.68 75.91 -82.51
N GLY O 176 15.35 77.11 -82.03
CA GLY O 176 14.48 77.30 -80.87
C GLY O 176 15.24 77.74 -79.63
N CYS O 177 16.42 78.33 -79.83
CA CYS O 177 17.28 78.75 -78.73
C CYS O 177 17.41 80.28 -78.68
N PRO O 178 17.52 80.84 -77.45
CA PRO O 178 17.93 82.22 -77.35
C PRO O 178 19.45 82.28 -77.35
N ILE O 179 20.02 83.41 -77.76
CA ILE O 179 21.47 83.54 -77.85
C ILE O 179 22.02 84.84 -77.24
N VAL O 180 23.19 84.74 -76.60
CA VAL O 180 23.90 85.90 -76.05
C VAL O 180 25.17 86.09 -76.86
N VAL O 181 25.29 87.24 -77.51
CA VAL O 181 26.44 87.48 -78.39
C VAL O 181 27.39 88.52 -77.81
N LYS O 182 28.68 88.21 -77.88
CA LYS O 182 29.74 89.17 -77.62
C LYS O 182 30.55 89.36 -78.89
N PRO O 183 30.34 90.50 -79.57
CA PRO O 183 31.05 90.84 -80.79
C PRO O 183 32.38 91.45 -80.46
N ALA O 184 33.27 91.53 -81.44
CA ALA O 184 34.61 92.09 -81.23
C ALA O 184 34.56 93.57 -80.82
N GLU O 185 35.42 93.92 -79.86
CA GLU O 185 35.51 95.29 -79.32
C GLU O 185 35.93 96.30 -80.41
N SER O 186 36.79 95.81 -81.29
CA SER O 186 37.20 96.48 -82.51
C SER O 186 36.00 97.05 -83.32
N THR O 187 34.99 96.22 -83.56
CA THR O 187 33.94 96.54 -84.52
C THR O 187 32.50 96.27 -84.02
N PRO O 188 32.10 96.91 -82.92
CA PRO O 188 30.85 96.51 -82.28
C PRO O 188 29.58 97.05 -82.92
N PHE O 189 29.69 98.04 -83.81
CA PHE O 189 28.52 98.75 -84.31
C PHE O 189 27.66 97.89 -85.23
N SER O 190 28.32 97.04 -85.99
CA SER O 190 27.61 96.18 -86.94
C SER O 190 26.66 95.23 -86.22
N ALA O 191 27.14 94.61 -85.14
CA ALA O 191 26.34 93.69 -84.35
C ALA O 191 25.14 94.38 -83.72
N LEU O 192 25.38 95.56 -83.16
CA LEU O 192 24.33 96.33 -82.48
C LEU O 192 23.26 96.80 -83.45
N ALA O 193 23.68 97.17 -84.66
CA ALA O 193 22.76 97.52 -85.73
C ALA O 193 21.86 96.34 -86.08
N MET O 194 22.47 95.18 -86.31
CA MET O 194 21.76 93.93 -86.57
C MET O 194 20.76 93.62 -85.46
N ALA O 195 21.20 93.84 -84.22
CA ALA O 195 20.37 93.62 -83.05
C ALA O 195 19.15 94.52 -83.09
N PHE O 196 19.39 95.81 -83.35
CA PHE O 196 18.32 96.80 -83.41
C PHE O 196 17.28 96.46 -84.48
N LEU O 197 17.74 95.95 -85.62
CA LEU O 197 16.83 95.54 -86.70
C LEU O 197 16.01 94.31 -86.30
N ALA O 198 16.68 93.37 -85.63
CA ALA O 198 16.04 92.19 -85.04
C ALA O 198 14.97 92.57 -84.02
N GLU O 199 15.24 93.62 -83.24
CA GLU O 199 14.27 94.15 -82.28
C GLU O 199 13.01 94.63 -82.99
N ARG O 200 13.20 95.31 -84.13
CA ARG O 200 12.08 95.81 -84.90
C ARG O 200 11.34 94.69 -85.64
N ALA O 201 12.02 93.56 -85.87
CA ALA O 201 11.40 92.41 -86.52
C ALA O 201 10.43 91.70 -85.60
N GLY O 202 10.65 91.82 -84.29
CA GLY O 202 9.76 91.25 -83.29
C GLY O 202 10.35 90.04 -82.57
N VAL O 203 11.68 89.92 -82.57
CA VAL O 203 12.38 89.01 -81.68
C VAL O 203 12.05 89.43 -80.25
N PRO O 204 11.39 88.54 -79.47
CA PRO O 204 10.98 88.86 -78.10
C PRO O 204 12.16 89.24 -77.21
N LYS O 205 11.94 90.22 -76.35
CA LYS O 205 12.97 90.69 -75.42
C LYS O 205 13.53 89.50 -74.66
N GLY O 206 14.85 89.29 -74.74
CA GLY O 206 15.52 88.19 -74.03
C GLY O 206 16.06 87.10 -74.94
N VAL O 207 15.49 86.98 -76.13
CA VAL O 207 15.89 85.95 -77.08
C VAL O 207 17.23 86.30 -77.75
N LEU O 208 17.54 87.59 -77.81
CA LEU O 208 18.84 88.05 -78.32
C LEU O 208 19.45 89.13 -77.43
N SER O 209 20.72 88.92 -77.05
CA SER O 209 21.50 89.88 -76.30
C SER O 209 22.82 90.12 -76.98
N VAL O 210 23.20 91.39 -77.10
CA VAL O 210 24.53 91.74 -77.58
C VAL O 210 25.29 92.49 -76.48
N VAL O 211 26.29 91.82 -75.92
CA VAL O 211 27.09 92.32 -74.81
C VAL O 211 28.42 92.87 -75.34
N ILE O 212 28.70 94.11 -74.99
CA ILE O 212 29.95 94.74 -75.40
C ILE O 212 30.77 95.06 -74.16
N GLY O 213 32.01 94.59 -74.12
CA GLY O 213 32.92 94.89 -73.02
C GLY O 213 34.22 94.13 -72.98
N ASP O 214 34.66 93.80 -71.77
CA ASP O 214 35.97 93.18 -71.53
C ASP O 214 35.92 91.73 -71.95
N PRO O 215 36.75 91.35 -72.95
CA PRO O 215 36.78 90.00 -73.49
C PRO O 215 36.99 88.92 -72.43
N LYS O 216 37.86 89.18 -71.46
CA LYS O 216 38.15 88.21 -70.41
C LYS O 216 36.98 88.02 -69.44
N ALA O 217 36.50 89.11 -68.86
CA ALA O 217 35.41 89.07 -67.88
C ALA O 217 34.08 88.54 -68.45
N ILE O 218 33.79 88.85 -69.71
CA ILE O 218 32.61 88.35 -70.40
C ILE O 218 32.82 86.88 -70.77
N GLY O 219 33.92 86.58 -71.43
CA GLY O 219 34.28 85.21 -71.76
C GLY O 219 34.26 84.27 -70.57
N THR O 220 34.75 84.73 -69.43
CA THR O 220 34.85 83.89 -68.23
C THR O 220 33.47 83.57 -67.65
N GLU O 221 32.57 84.55 -67.71
CA GLU O 221 31.19 84.36 -67.27
C GLU O 221 30.44 83.40 -68.19
N ILE O 222 30.46 83.67 -69.49
CA ILE O 222 29.86 82.80 -70.50
C ILE O 222 30.35 81.35 -70.38
N THR O 223 31.59 81.15 -69.94
CA THR O 223 32.15 79.79 -69.89
C THR O 223 31.98 79.08 -68.54
N SER O 224 31.62 79.81 -67.51
CA SER O 224 31.46 79.21 -66.19
C SER O 224 30.00 79.16 -65.78
N ASN O 225 29.16 79.93 -66.46
CA ASN O 225 27.75 79.97 -66.14
C ASN O 225 27.04 78.72 -66.65
N PRO O 226 26.56 77.87 -65.72
CA PRO O 226 25.93 76.57 -66.01
C PRO O 226 24.69 76.66 -66.91
N ILE O 227 24.03 77.83 -66.92
CA ILE O 227 22.90 78.08 -67.80
C ILE O 227 23.30 77.94 -69.28
N VAL O 228 24.42 78.55 -69.67
CA VAL O 228 24.90 78.46 -71.04
C VAL O 228 25.25 77.02 -71.32
N ARG O 229 24.54 76.42 -72.27
CA ARG O 229 24.72 75.01 -72.62
C ARG O 229 25.45 74.82 -73.94
N LYS O 230 25.49 75.88 -74.75
CA LYS O 230 26.09 75.85 -76.08
C LYS O 230 26.87 77.14 -76.33
N LEU O 231 28.09 76.98 -76.82
CA LEU O 231 28.99 78.10 -77.08
C LEU O 231 29.64 78.01 -78.45
N SER O 232 29.45 79.05 -79.25
CA SER O 232 30.12 79.15 -80.54
C SER O 232 31.16 80.27 -80.51
N PHE O 233 32.40 79.96 -80.86
CA PHE O 233 33.49 80.95 -80.91
C PHE O 233 34.27 80.93 -82.23
N THR O 234 34.36 82.10 -82.86
CA THR O 234 35.25 82.31 -83.98
C THR O 234 36.32 83.33 -83.60
N GLY O 235 37.58 82.98 -83.83
CA GLY O 235 38.71 83.85 -83.52
C GLY O 235 40.01 83.07 -83.52
N SER O 236 40.98 83.49 -82.72
CA SER O 236 42.29 82.85 -82.71
C SER O 236 42.22 81.49 -82.04
N THR O 237 43.13 80.61 -82.42
CA THR O 237 43.21 79.28 -81.84
C THR O 237 43.56 79.33 -80.34
N ALA O 238 44.59 80.08 -79.99
CA ALA O 238 45.04 80.18 -78.60
C ALA O 238 43.89 80.48 -77.66
N VAL O 239 43.01 81.41 -78.07
CA VAL O 239 41.82 81.76 -77.29
C VAL O 239 40.80 80.61 -77.30
N GLY O 240 40.72 79.91 -78.43
CA GLY O 240 39.81 78.79 -78.59
C GLY O 240 40.09 77.68 -77.59
N ARG O 241 41.34 77.25 -77.55
CA ARG O 241 41.81 76.22 -76.61
C ARG O 241 41.46 76.57 -75.18
N LEU O 242 41.65 77.84 -74.81
CA LEU O 242 41.35 78.31 -73.47
C LEU O 242 39.86 78.28 -73.17
N LEU O 243 39.04 78.71 -74.13
CA LEU O 243 37.60 78.73 -73.92
C LEU O 243 37.05 77.33 -73.80
N MET O 244 37.69 76.38 -74.48
CA MET O 244 37.32 74.97 -74.37
C MET O 244 37.63 74.41 -72.99
N ALA O 245 38.79 74.78 -72.45
CA ALA O 245 39.17 74.38 -71.10
C ALA O 245 38.24 74.96 -70.06
N GLN O 246 37.87 76.22 -70.25
CA GLN O 246 37.01 76.91 -69.30
C GLN O 246 35.56 76.40 -69.36
N SER O 247 35.20 75.77 -70.48
CA SER O 247 33.84 75.26 -70.66
C SER O 247 33.65 73.85 -70.08
N ALA O 248 34.75 73.15 -69.81
CA ALA O 248 34.71 71.76 -69.36
C ALA O 248 33.91 71.48 -68.09
N PRO O 249 34.06 72.30 -67.04
CA PRO O 249 33.33 71.98 -65.80
C PRO O 249 31.83 71.76 -65.99
N THR O 250 31.26 72.34 -67.05
CA THR O 250 29.83 72.18 -67.34
C THR O 250 29.60 71.49 -68.69
N VAL O 251 30.68 70.96 -69.26
CA VAL O 251 30.63 70.11 -70.44
C VAL O 251 29.75 70.70 -71.56
N LYS O 252 29.88 72.02 -71.75
CA LYS O 252 29.19 72.75 -72.82
C LYS O 252 29.42 72.10 -74.17
N LYS O 253 28.44 72.26 -75.07
CA LYS O 253 28.61 71.87 -76.48
C LYS O 253 29.34 73.01 -77.17
N LEU O 254 30.44 72.67 -77.85
CA LEU O 254 31.34 73.67 -78.40
C LEU O 254 31.37 73.66 -79.92
N THR O 255 31.37 74.86 -80.49
CA THR O 255 31.60 75.07 -81.91
C THR O 255 32.73 76.09 -82.04
N LEU O 256 33.81 75.66 -82.69
CA LEU O 256 35.04 76.44 -82.76
C LEU O 256 35.45 76.66 -84.21
N GLU O 257 35.46 77.94 -84.61
CA GLU O 257 35.96 78.35 -85.91
C GLU O 257 37.25 79.11 -85.67
N LEU O 258 38.36 78.39 -85.75
CA LEU O 258 39.66 78.94 -85.35
C LEU O 258 40.57 79.28 -86.54
N GLY O 259 41.88 79.28 -86.30
CA GLY O 259 42.87 79.73 -87.27
C GLY O 259 43.11 78.78 -88.42
N GLY O 260 43.51 79.32 -89.56
CA GLY O 260 43.91 78.51 -90.70
C GLY O 260 45.38 78.72 -91.04
N ASN O 261 45.80 78.12 -92.15
CA ASN O 261 47.07 78.41 -92.80
C ASN O 261 46.86 78.02 -94.27
N ALA O 262 46.02 78.79 -94.96
CA ALA O 262 45.50 78.45 -96.28
C ALA O 262 46.56 78.37 -97.39
N PRO O 263 46.67 77.18 -98.04
CA PRO O 263 47.53 77.01 -99.20
C PRO O 263 46.77 77.22 -100.52
N PHE O 264 47.31 78.07 -101.38
CA PHE O 264 46.76 78.28 -102.72
C PHE O 264 47.73 77.61 -103.70
N ILE O 265 47.29 76.51 -104.30
CA ILE O 265 48.17 75.65 -105.09
C ILE O 265 47.97 75.77 -106.60
N VAL O 266 49.07 76.01 -107.31
CA VAL O 266 49.06 76.17 -108.77
C VAL O 266 49.98 75.14 -109.44
N PHE O 267 49.37 74.23 -110.20
CA PHE O 267 50.10 73.22 -110.98
C PHE O 267 50.47 73.69 -112.39
N ASP O 268 51.22 72.87 -113.11
CA ASP O 268 51.64 73.16 -114.48
C ASP O 268 50.49 73.17 -115.49
N ASP O 269 49.60 72.19 -115.37
CA ASP O 269 48.44 72.05 -116.27
C ASP O 269 47.38 73.12 -116.05
N ALA O 270 47.58 73.96 -115.02
CA ALA O 270 46.63 75.00 -114.60
C ALA O 270 46.39 76.08 -115.64
N ASP O 271 45.40 76.92 -115.38
CA ASP O 271 45.14 78.10 -116.19
C ASP O 271 45.60 79.33 -115.40
N LEU O 272 46.83 79.76 -115.65
CA LEU O 272 47.50 80.81 -114.87
C LEU O 272 46.71 82.13 -114.75
N ASP O 273 46.01 82.52 -115.81
CA ASP O 273 45.18 83.72 -115.81
C ASP O 273 44.03 83.61 -114.81
N ALA O 274 43.39 82.43 -114.78
CA ALA O 274 42.31 82.15 -113.83
C ALA O 274 42.86 82.00 -112.42
N ALA O 275 44.09 81.51 -112.32
CA ALA O 275 44.80 81.38 -111.04
C ALA O 275 45.08 82.76 -110.46
N VAL O 276 45.45 83.69 -111.33
CA VAL O 276 45.62 85.08 -110.96
C VAL O 276 44.31 85.65 -110.42
N GLU O 277 43.19 85.34 -111.09
CA GLU O 277 41.88 85.83 -110.65
C GLU O 277 41.50 85.30 -109.27
N GLY O 278 41.71 84.00 -109.07
CA GLY O 278 41.48 83.33 -107.78
C GLY O 278 42.36 83.85 -106.64
N ALA O 279 43.61 84.17 -106.97
CA ALA O 279 44.58 84.70 -106.01
C ALA O 279 44.22 86.10 -105.52
N ILE O 280 43.83 86.96 -106.45
CA ILE O 280 43.42 88.32 -106.09
C ILE O 280 42.19 88.31 -105.19
N ALA O 281 41.34 87.30 -105.33
CA ALA O 281 40.13 87.19 -104.53
C ALA O 281 40.33 86.44 -103.21
N SER O 282 41.20 85.43 -103.22
CA SER O 282 41.52 84.68 -102.00
C SER O 282 42.48 85.45 -101.09
N LYS O 283 43.56 86.00 -101.66
CA LYS O 283 44.58 86.68 -100.88
C LYS O 283 44.25 88.15 -100.54
N TYR O 284 43.50 88.83 -101.40
CA TYR O 284 43.41 90.28 -101.27
C TYR O 284 42.10 90.88 -100.79
N ARG O 285 41.00 90.13 -100.88
CA ARG O 285 39.75 90.68 -100.38
C ARG O 285 39.82 90.80 -98.85
N ASN O 286 39.15 91.83 -98.32
CA ASN O 286 39.28 92.26 -96.92
C ASN O 286 40.74 92.48 -96.52
N ASN O 287 41.56 92.84 -97.50
CA ASN O 287 43.00 93.09 -97.34
C ASN O 287 43.73 91.85 -96.80
N GLY O 288 43.22 90.68 -97.15
CA GLY O 288 43.76 89.42 -96.64
C GLY O 288 43.47 89.18 -95.17
N GLN O 289 42.34 89.70 -94.69
CA GLN O 289 41.98 89.60 -93.26
C GLN O 289 40.84 88.61 -92.94
N THR O 290 40.49 87.76 -93.91
CA THR O 290 39.48 86.73 -93.73
C THR O 290 40.14 85.43 -93.25
N CYS O 291 39.39 84.61 -92.51
CA CYS O 291 39.91 83.33 -92.04
C CYS O 291 40.25 82.41 -93.20
N VAL O 292 39.51 82.58 -94.30
CA VAL O 292 39.64 81.74 -95.48
C VAL O 292 40.78 82.19 -96.40
N CYS O 293 41.30 83.39 -96.18
CA CYS O 293 42.34 83.98 -97.01
C CYS O 293 43.58 83.11 -97.13
N THR O 294 44.24 83.20 -98.29
CA THR O 294 45.45 82.45 -98.57
C THR O 294 46.58 82.93 -97.66
N ASN O 295 47.42 82.02 -97.22
CA ASN O 295 48.58 82.39 -96.43
C ASN O 295 49.88 81.92 -97.06
N ARG O 296 49.77 80.87 -97.87
CA ARG O 296 50.91 80.31 -98.57
C ARG O 296 50.52 80.02 -100.02
N PHE O 297 51.18 80.68 -100.96
CA PHE O 297 51.07 80.31 -102.37
C PHE O 297 52.08 79.23 -102.69
N PHE O 298 51.63 78.17 -103.33
CA PHE O 298 52.51 77.12 -103.80
C PHE O 298 52.38 77.04 -105.31
N VAL O 299 53.46 77.39 -106.00
CA VAL O 299 53.46 77.39 -107.46
C VAL O 299 54.49 76.38 -107.98
N HIS O 300 54.10 75.59 -108.98
CA HIS O 300 54.99 74.60 -109.59
C HIS O 300 56.26 75.26 -110.15
N GLU O 301 57.27 74.46 -110.45
CA GLU O 301 58.56 74.94 -110.94
C GLU O 301 58.47 75.71 -112.26
N ARG O 302 57.83 75.11 -113.25
CA ARG O 302 57.83 75.61 -114.64
C ARG O 302 56.98 76.86 -114.80
N VAL O 303 55.93 76.96 -114.01
CA VAL O 303 54.97 78.04 -114.17
C VAL O 303 55.25 79.21 -113.21
N TYR O 304 56.26 79.03 -112.35
CA TYR O 304 56.57 79.93 -111.24
C TYR O 304 56.69 81.40 -111.63
N ASP O 305 57.69 81.71 -112.47
CA ASP O 305 57.99 83.08 -112.89
C ASP O 305 56.87 83.66 -113.74
N ALA O 306 56.26 82.84 -114.61
CA ALA O 306 55.12 83.28 -115.44
C ALA O 306 53.91 83.67 -114.59
N PHE O 307 53.66 82.90 -113.54
CA PHE O 307 52.62 83.19 -112.56
C PHE O 307 52.97 84.43 -111.74
N ALA O 308 54.19 84.45 -111.21
CA ALA O 308 54.70 85.58 -110.43
C ALA O 308 54.63 86.92 -111.17
N ASP O 309 54.84 86.87 -112.48
CA ASP O 309 54.80 88.06 -113.35
C ASP O 309 53.38 88.59 -113.52
N LYS O 310 52.45 87.72 -113.90
CA LYS O 310 51.04 88.11 -114.08
C LYS O 310 50.39 88.52 -112.75
N LEU O 311 50.65 87.75 -111.70
CA LEU O 311 50.17 88.07 -110.35
C LEU O 311 50.56 89.49 -109.94
N ALA O 312 51.84 89.82 -110.08
CA ALA O 312 52.36 91.16 -109.73
C ALA O 312 51.76 92.27 -110.61
N ALA O 313 51.43 91.92 -111.86
CA ALA O 313 50.81 92.86 -112.80
C ALA O 313 49.40 93.26 -112.36
N ALA O 314 48.61 92.29 -111.92
CA ALA O 314 47.25 92.55 -111.43
C ALA O 314 47.23 93.29 -110.09
N VAL O 315 48.26 93.04 -109.28
CA VAL O 315 48.46 93.75 -108.01
C VAL O 315 48.64 95.26 -108.22
N SER O 316 49.28 95.62 -109.34
CA SER O 316 49.46 97.03 -109.71
C SER O 316 48.14 97.68 -110.12
N LYS O 317 47.18 96.87 -110.58
CA LYS O 317 45.83 97.35 -110.90
C LYS O 317 45.00 97.69 -109.64
N LEU O 318 45.40 97.16 -108.48
CA LEU O 318 44.69 97.43 -107.21
C LEU O 318 44.88 98.87 -106.76
N LYS O 319 43.84 99.45 -106.17
CA LYS O 319 43.87 100.87 -105.78
C LYS O 319 43.60 101.02 -104.28
N VAL O 320 44.67 101.33 -103.55
CA VAL O 320 44.60 101.51 -102.10
C VAL O 320 43.93 102.85 -101.75
N GLY O 321 42.94 102.81 -100.86
CA GLY O 321 42.25 104.01 -100.39
C GLY O 321 41.14 103.74 -99.37
N ARG O 322 40.60 104.81 -98.80
CA ARG O 322 39.47 104.72 -97.87
C ARG O 322 38.26 104.12 -98.57
N GLY O 323 37.55 103.24 -97.86
CA GLY O 323 36.46 102.45 -98.45
C GLY O 323 35.30 103.24 -99.01
N THR O 324 35.01 104.37 -98.38
CA THR O 324 33.94 105.29 -98.82
C THR O 324 34.24 105.97 -100.17
N GLU O 325 35.43 105.73 -100.71
CA GLU O 325 35.91 106.45 -101.88
C GLU O 325 36.02 105.48 -103.05
N SER O 326 35.49 105.89 -104.20
CA SER O 326 35.40 105.04 -105.38
C SER O 326 36.76 104.62 -105.93
N GLY O 327 36.82 103.41 -106.46
CA GLY O 327 38.03 102.89 -107.05
C GLY O 327 38.81 102.04 -106.08
N ALA O 328 38.67 102.39 -104.79
CA ALA O 328 39.37 101.70 -103.71
C ALA O 328 39.00 100.22 -103.60
N THR O 329 39.94 99.37 -104.00
CA THR O 329 39.78 97.92 -103.92
C THR O 329 40.48 97.32 -102.69
N LEU O 330 41.19 98.17 -101.95
CA LEU O 330 41.85 97.79 -100.69
C LEU O 330 41.71 98.87 -99.62
N GLY O 331 41.27 98.47 -98.43
CA GLY O 331 41.20 99.37 -97.28
C GLY O 331 42.44 99.31 -96.39
N PRO O 332 42.37 99.95 -95.20
CA PRO O 332 43.51 99.84 -94.29
C PRO O 332 43.47 98.50 -93.58
N LEU O 333 44.55 98.15 -92.91
CA LEU O 333 44.52 97.08 -91.92
C LEU O 333 43.85 97.62 -90.66
N ILE O 334 43.35 96.71 -89.83
CA ILE O 334 42.48 97.09 -88.70
C ILE O 334 43.12 98.07 -87.71
N ASN O 335 44.41 97.89 -87.40
CA ASN O 335 45.13 98.76 -86.45
C ASN O 335 46.64 98.59 -86.51
N GLU O 336 47.35 99.40 -85.71
CA GLU O 336 48.81 99.40 -85.71
C GLU O 336 49.40 98.01 -85.49
N ALA O 337 48.82 97.25 -84.58
CA ALA O 337 49.36 95.93 -84.19
C ALA O 337 49.27 94.89 -85.30
N ALA O 338 48.34 95.09 -86.24
CA ALA O 338 48.21 94.21 -87.39
C ALA O 338 49.22 94.57 -88.48
N VAL O 339 49.57 95.85 -88.54
CA VAL O 339 50.59 96.35 -89.46
C VAL O 339 51.99 95.86 -89.06
N LYS O 340 52.24 95.75 -87.75
CA LYS O 340 53.54 95.28 -87.25
C LYS O 340 53.81 93.80 -87.57
N LYS O 341 52.73 93.02 -87.70
CA LYS O 341 52.82 91.60 -88.08
C LYS O 341 53.27 91.46 -89.54
N VAL O 342 52.62 92.20 -90.43
CA VAL O 342 52.97 92.21 -91.86
C VAL O 342 54.42 92.61 -92.05
N GLU O 343 54.82 93.69 -91.38
CA GLU O 343 56.20 94.20 -91.44
C GLU O 343 57.20 93.16 -90.94
N SER O 344 56.85 92.48 -89.86
CA SER O 344 57.69 91.41 -89.29
C SER O 344 57.78 90.21 -90.23
N HIS O 345 56.64 89.79 -90.78
CA HIS O 345 56.60 88.67 -91.71
C HIS O 345 57.48 88.95 -92.94
N ILE O 346 57.39 90.18 -93.44
CA ILE O 346 58.20 90.65 -94.56
C ILE O 346 59.69 90.62 -94.18
N ALA O 347 60.09 91.47 -93.24
CA ALA O 347 61.48 91.52 -92.75
C ALA O 347 62.07 90.13 -92.47
N ASP O 348 61.24 89.21 -91.99
CA ASP O 348 61.68 87.82 -91.75
C ASP O 348 61.95 87.10 -93.07
N ALA O 349 61.01 87.18 -93.99
CA ALA O 349 61.16 86.58 -95.30
C ALA O 349 62.38 87.17 -96.01
N LEU O 350 62.40 88.50 -96.10
CA LEU O 350 63.52 89.25 -96.68
C LEU O 350 64.87 88.85 -96.08
N ALA O 351 64.94 88.77 -94.75
CA ALA O 351 66.17 88.40 -94.06
C ALA O 351 66.51 86.91 -94.17
N LYS O 352 65.75 86.16 -94.96
CA LYS O 352 65.99 84.74 -95.12
C LYS O 352 66.08 84.29 -96.59
N GLY O 353 66.42 85.22 -97.47
CA GLY O 353 66.71 84.89 -98.86
C GLY O 353 65.59 85.14 -99.84
N ALA O 354 64.45 85.60 -99.33
CA ALA O 354 63.30 85.91 -100.18
C ALA O 354 63.44 87.30 -100.81
N SER O 355 62.77 87.51 -101.93
CA SER O 355 62.89 88.74 -102.70
C SER O 355 61.56 89.47 -102.80
N LEU O 356 61.61 90.79 -102.64
CA LEU O 356 60.46 91.66 -102.81
C LEU O 356 60.15 91.79 -104.30
N MET O 357 58.87 91.91 -104.64
CA MET O 357 58.47 92.01 -106.05
C MET O 357 57.62 93.23 -106.35
N THR O 358 56.77 93.60 -105.39
CA THR O 358 56.01 94.86 -105.42
C THR O 358 55.63 95.22 -103.99
N GLY O 359 55.39 96.50 -103.75
CA GLY O 359 55.09 97.00 -102.42
C GLY O 359 56.22 96.73 -101.46
N GLY O 360 55.88 96.19 -100.29
CA GLY O 360 56.88 95.83 -99.27
C GLY O 360 56.94 96.76 -98.08
N LYS O 361 56.20 97.87 -98.14
CA LYS O 361 56.27 98.89 -97.10
C LYS O 361 54.88 99.45 -96.74
N ARG O 362 54.85 100.32 -95.73
CA ARG O 362 53.62 101.03 -95.35
C ARG O 362 53.23 102.03 -96.43
N HIS O 363 51.93 102.25 -96.59
CA HIS O 363 51.43 103.17 -97.62
C HIS O 363 51.47 104.62 -97.16
N ALA O 364 51.53 105.52 -98.14
CA ALA O 364 51.62 106.97 -97.89
C ALA O 364 50.37 107.53 -97.20
N LEU O 365 49.23 106.87 -97.39
CA LEU O 365 47.98 107.29 -96.77
C LEU O 365 48.07 107.26 -95.23
N GLY O 366 48.93 106.38 -94.70
CA GLY O 366 49.18 106.31 -93.25
C GLY O 366 48.22 105.40 -92.51
N HIS O 367 48.24 105.49 -91.17
CA HIS O 367 47.36 104.71 -90.29
C HIS O 367 47.54 103.19 -90.48
N GLY O 368 46.47 102.51 -90.89
CA GLY O 368 46.49 101.07 -91.11
C GLY O 368 46.84 100.67 -92.54
N PHE O 369 46.78 101.63 -93.47
CA PHE O 369 47.07 101.38 -94.88
C PHE O 369 48.48 100.84 -95.10
N PHE O 370 48.59 99.82 -95.95
CA PHE O 370 49.86 99.14 -96.21
C PHE O 370 49.90 98.59 -97.64
N GLU O 371 51.01 98.85 -98.32
CA GLU O 371 51.19 98.54 -99.73
C GLU O 371 51.01 97.04 -100.04
N PRO O 372 50.19 96.71 -101.05
CA PRO O 372 49.98 95.33 -101.48
C PRO O 372 51.31 94.69 -101.84
N THR O 373 51.58 93.51 -101.27
CA THR O 373 52.92 92.93 -101.37
C THR O 373 52.91 91.52 -101.97
N VAL O 374 53.93 91.24 -102.77
CA VAL O 374 54.16 89.90 -103.30
C VAL O 374 55.62 89.56 -102.98
N LEU O 375 55.89 88.29 -102.70
CA LEU O 375 57.25 87.83 -102.42
C LEU O 375 57.56 86.54 -103.17
N THR O 376 58.82 86.40 -103.58
CA THR O 376 59.31 85.20 -104.25
C THR O 376 60.43 84.55 -103.45
N GLY O 377 60.78 83.31 -103.80
CA GLY O 377 61.83 82.55 -103.11
C GLY O 377 61.53 82.28 -101.64
N VAL O 378 60.25 82.12 -101.32
CA VAL O 378 59.80 81.84 -99.95
C VAL O 378 59.99 80.36 -99.63
N LYS O 379 60.45 80.08 -98.42
CA LYS O 379 60.84 78.73 -97.98
C LYS O 379 60.22 78.39 -96.62
N PRO O 380 59.98 77.08 -96.35
CA PRO O 380 59.22 76.63 -95.16
C PRO O 380 59.82 77.01 -93.81
N ASP O 381 61.05 77.50 -93.79
CA ASP O 381 61.73 77.90 -92.56
C ASP O 381 61.36 79.32 -92.14
N MET O 382 60.57 80.00 -92.97
CA MET O 382 60.12 81.36 -92.69
C MET O 382 58.88 81.44 -91.80
N ASP O 383 58.74 82.56 -91.10
CA ASP O 383 57.62 82.79 -90.16
C ASP O 383 56.24 82.59 -90.79
N VAL O 384 56.07 83.10 -92.00
CA VAL O 384 54.79 83.05 -92.71
C VAL O 384 54.31 81.60 -92.96
N ALA O 385 55.24 80.72 -93.30
CA ALA O 385 54.93 79.31 -93.57
C ALA O 385 54.23 78.57 -92.43
N LYS O 386 54.37 79.09 -91.20
CA LYS O 386 53.79 78.43 -90.02
C LYS O 386 52.82 79.32 -89.23
N GLU O 387 52.49 80.49 -89.79
CA GLU O 387 51.66 81.48 -89.10
C GLU O 387 50.88 82.34 -90.07
N GLU O 388 49.67 82.75 -89.69
CA GLU O 388 48.83 83.58 -90.54
C GLU O 388 49.22 85.07 -90.52
N THR O 389 49.43 85.62 -91.72
CA THR O 389 49.84 87.01 -91.89
C THR O 389 48.73 87.97 -91.48
N PHE O 390 47.51 87.70 -91.96
CA PHE O 390 46.36 88.61 -91.82
C PHE O 390 46.54 89.98 -92.51
N GLY O 391 47.30 90.00 -93.60
CA GLY O 391 47.56 91.24 -94.34
C GLY O 391 47.66 91.02 -95.84
N PRO O 392 47.92 92.10 -96.61
CA PRO O 392 47.96 92.01 -98.07
C PRO O 392 49.30 91.47 -98.61
N LEU O 393 49.69 90.29 -98.13
CA LEU O 393 50.99 89.71 -98.43
C LEU O 393 50.93 88.41 -99.25
N ALA O 394 51.56 88.40 -100.42
CA ALA O 394 51.55 87.22 -101.28
C ALA O 394 52.90 86.51 -101.31
N PRO O 395 53.08 85.48 -100.44
CA PRO O 395 54.35 84.75 -100.41
C PRO O 395 54.34 83.54 -101.32
N LEU O 396 55.25 83.49 -102.29
CA LEU O 396 55.27 82.40 -103.27
C LEU O 396 56.31 81.31 -102.96
N PHE O 397 55.84 80.07 -102.93
CA PHE O 397 56.66 78.90 -102.60
C PHE O 397 56.86 78.03 -103.84
N ARG O 398 57.89 77.19 -103.82
CA ARG O 398 58.24 76.34 -104.97
C ARG O 398 58.00 74.86 -104.63
N PHE O 399 57.55 74.09 -105.62
CA PHE O 399 57.46 72.63 -105.50
C PHE O 399 57.63 71.94 -106.85
N ALA O 400 57.94 70.64 -106.80
CA ALA O 400 58.27 69.85 -108.00
C ALA O 400 57.24 68.76 -108.31
N SER O 401 56.78 68.07 -107.27
CA SER O 401 55.92 66.89 -107.44
C SER O 401 54.68 66.91 -106.57
N GLU O 402 53.72 66.05 -106.95
CA GLU O 402 52.47 65.86 -106.23
C GLU O 402 52.71 65.34 -104.81
N GLU O 403 53.50 64.26 -104.69
CA GLU O 403 53.93 63.74 -103.39
C GLU O 403 54.57 64.85 -102.53
N GLU O 404 55.37 65.71 -103.17
CA GLU O 404 56.10 66.76 -102.49
C GLU O 404 55.16 67.86 -101.96
N LEU O 405 54.28 68.34 -102.83
CA LEU O 405 53.32 69.39 -102.46
C LEU O 405 52.39 68.97 -101.33
N VAL O 406 51.73 67.82 -101.47
CA VAL O 406 50.72 67.34 -100.53
C VAL O 406 51.26 67.34 -99.09
N ARG O 407 52.48 66.81 -98.92
CA ARG O 407 53.18 66.84 -97.65
C ARG O 407 53.38 68.29 -97.17
N LEU O 408 53.85 69.13 -98.08
CA LEU O 408 54.19 70.52 -97.77
C LEU O 408 52.98 71.35 -97.34
N ALA O 409 51.84 71.13 -97.99
CA ALA O 409 50.59 71.80 -97.66
C ALA O 409 50.07 71.37 -96.31
N ASN O 410 50.14 70.07 -96.04
CA ASN O 410 49.66 69.49 -94.78
C ASN O 410 50.65 69.65 -93.61
N ASP O 411 51.80 70.25 -93.89
CA ASP O 411 52.84 70.45 -92.88
C ASP O 411 52.49 71.63 -91.98
N THR O 412 51.32 71.53 -91.34
CA THR O 412 50.80 72.57 -90.47
C THR O 412 49.81 71.97 -89.48
N GLU O 413 49.63 72.64 -88.34
CA GLU O 413 48.66 72.24 -87.32
C GLU O 413 47.23 72.56 -87.79
N PHE O 414 47.10 73.64 -88.58
CA PHE O 414 45.82 74.15 -89.05
C PHE O 414 45.31 73.40 -90.29
N GLY O 415 44.03 73.63 -90.62
CA GLY O 415 43.39 72.96 -91.76
C GLY O 415 42.00 73.49 -91.99
N LEU O 416 41.90 74.76 -92.36
CA LEU O 416 40.61 75.40 -92.59
C LEU O 416 40.28 75.42 -94.09
N ALA O 417 40.77 76.44 -94.80
CA ALA O 417 40.54 76.57 -96.24
C ALA O 417 41.78 76.20 -97.03
N ALA O 418 41.56 75.67 -98.24
CA ALA O 418 42.64 75.36 -99.17
C ALA O 418 42.16 75.71 -100.59
N TYR O 419 43.11 75.86 -101.51
CA TYR O 419 42.78 76.26 -102.88
C TYR O 419 43.67 75.52 -103.89
N LEU O 420 43.06 75.13 -105.00
CA LEU O 420 43.67 74.17 -105.92
C LEU O 420 43.38 74.56 -107.38
N TYR O 421 44.41 74.59 -108.22
CA TYR O 421 44.22 74.97 -109.62
C TYR O 421 44.87 73.97 -110.56
N SER O 422 44.04 73.35 -111.40
CA SER O 422 44.47 72.29 -112.30
C SER O 422 43.31 71.87 -113.20
N ARG O 423 43.63 71.50 -114.45
CA ARG O 423 42.61 71.00 -115.39
C ARG O 423 42.50 69.49 -115.42
N ASP O 424 43.52 68.80 -114.90
CA ASP O 424 43.55 67.33 -114.95
C ASP O 424 42.65 66.71 -113.89
N ILE O 425 41.55 66.12 -114.37
CA ILE O 425 40.50 65.57 -113.53
C ILE O 425 41.03 64.59 -112.48
N GLY O 426 42.02 63.79 -112.86
CA GLY O 426 42.64 62.85 -111.94
C GLY O 426 43.44 63.55 -110.86
N ARG O 427 44.25 64.52 -111.28
CA ARG O 427 45.10 65.30 -110.37
C ARG O 427 44.25 66.02 -109.32
N VAL O 428 43.17 66.65 -109.77
CA VAL O 428 42.26 67.39 -108.89
C VAL O 428 41.74 66.52 -107.74
N TRP O 429 41.02 65.44 -108.08
CA TRP O 429 40.51 64.50 -107.09
C TRP O 429 41.55 63.98 -106.10
N ARG O 430 42.65 63.43 -106.62
CA ARG O 430 43.70 62.86 -105.78
C ARG O 430 44.23 63.84 -104.74
N VAL O 431 44.56 65.06 -105.18
CA VAL O 431 45.12 66.08 -104.31
C VAL O 431 44.08 66.62 -103.31
N ALA O 432 42.84 66.82 -103.76
CA ALA O 432 41.78 67.33 -102.91
C ALA O 432 41.33 66.31 -101.85
N GLU O 433 41.47 65.02 -102.19
CA GLU O 433 41.26 63.94 -101.21
C GLU O 433 42.37 63.94 -100.16
N ALA O 434 43.59 64.25 -100.59
CA ALA O 434 44.76 64.16 -99.73
C ALA O 434 44.91 65.36 -98.78
N LEU O 435 44.55 66.55 -99.28
CA LEU O 435 44.62 67.78 -98.51
C LEU O 435 43.79 67.69 -97.23
N GLU O 436 44.42 67.98 -96.08
CA GLU O 436 43.74 67.90 -94.78
C GLU O 436 43.09 69.21 -94.38
N TYR O 437 42.02 69.56 -95.09
CA TYR O 437 41.34 70.85 -94.88
C TYR O 437 39.84 70.65 -94.90
N GLY O 438 39.12 71.51 -94.20
CA GLY O 438 37.68 71.41 -94.10
C GLY O 438 36.96 71.76 -95.39
N MET O 439 37.52 72.73 -96.12
CA MET O 439 36.93 73.25 -97.35
C MET O 439 38.03 73.43 -98.40
N VAL O 440 37.76 72.99 -99.62
CA VAL O 440 38.73 73.11 -100.72
C VAL O 440 38.11 73.78 -101.96
N GLY O 441 38.70 74.90 -102.37
CA GLY O 441 38.33 75.56 -103.62
C GLY O 441 39.04 74.96 -104.81
N ILE O 442 38.27 74.62 -105.85
CA ILE O 442 38.84 74.00 -107.05
C ILE O 442 38.66 74.86 -108.30
N ASN O 443 39.77 75.43 -108.76
CA ASN O 443 39.81 76.39 -109.87
C ASN O 443 39.12 77.73 -109.56
N THR O 444 38.98 78.02 -108.27
CA THR O 444 38.41 79.27 -107.79
C THR O 444 38.93 79.63 -106.40
N GLY O 445 38.87 80.92 -106.06
CA GLY O 445 39.36 81.41 -104.77
C GLY O 445 38.25 81.93 -103.87
N LEU O 446 37.00 81.77 -104.30
CA LEU O 446 35.85 82.18 -103.50
C LEU O 446 34.87 81.04 -103.34
N ILE O 447 34.78 80.53 -102.11
CA ILE O 447 34.01 79.32 -101.82
C ILE O 447 32.93 79.51 -100.75
N SER O 448 33.03 80.60 -99.99
CA SER O 448 32.08 80.92 -98.93
C SER O 448 30.66 81.20 -99.46
N ASN O 449 29.66 80.60 -98.82
CA ASN O 449 28.24 80.85 -99.10
C ASN O 449 27.36 80.06 -98.14
N GLU O 450 26.10 80.48 -98.03
CA GLU O 450 25.14 79.95 -97.05
C GLU O 450 24.89 78.44 -97.08
N VAL O 451 24.88 77.85 -98.28
CA VAL O 451 24.45 76.48 -98.45
C VAL O 451 25.59 75.48 -98.24
N ALA O 452 26.82 76.00 -98.25
CA ALA O 452 28.00 75.18 -98.06
C ALA O 452 28.37 75.05 -96.58
N PRO O 453 28.62 73.82 -96.11
CA PRO O 453 29.06 73.59 -94.73
C PRO O 453 30.45 74.17 -94.48
N PHE O 454 30.53 75.07 -93.52
CA PHE O 454 31.73 75.87 -93.30
C PHE O 454 32.40 75.48 -92.00
N GLY O 455 33.69 75.18 -92.09
CA GLY O 455 34.48 74.89 -90.90
C GLY O 455 35.83 74.30 -91.22
N GLY O 456 36.65 74.11 -90.19
CA GLY O 456 37.97 73.53 -90.37
C GLY O 456 38.11 72.16 -89.77
N VAL O 457 39.23 71.50 -90.06
CA VAL O 457 39.58 70.25 -89.40
C VAL O 457 40.82 70.51 -88.56
N LYS O 458 41.20 69.54 -87.72
CA LYS O 458 42.43 69.59 -86.94
C LYS O 458 42.41 70.74 -85.93
N GLN O 459 43.39 71.65 -86.01
CA GLN O 459 43.48 72.77 -85.07
C GLN O 459 42.63 73.96 -85.48
N SER O 460 41.82 73.76 -86.52
CA SER O 460 40.99 74.83 -87.03
C SER O 460 39.64 74.85 -86.32
N GLY O 461 39.36 73.81 -85.54
CA GLY O 461 38.15 73.79 -84.74
C GLY O 461 37.21 72.63 -85.00
N LEU O 462 35.96 72.81 -84.60
CA LEU O 462 34.97 71.74 -84.65
C LEU O 462 33.59 72.27 -85.04
N GLY O 463 32.72 71.36 -85.48
CA GLY O 463 31.38 71.72 -85.92
C GLY O 463 31.37 72.43 -87.26
N ARG O 464 30.17 72.62 -87.81
CA ARG O 464 30.01 73.27 -89.10
C ARG O 464 28.94 74.35 -89.03
N GLU O 465 29.20 75.49 -89.70
CA GLU O 465 28.23 76.58 -89.82
C GLU O 465 27.73 76.70 -91.26
N GLY O 466 26.42 76.83 -91.41
CA GLY O 466 25.79 76.92 -92.73
C GLY O 466 25.31 75.55 -93.17
N SER O 467 24.68 75.50 -94.36
CA SER O 467 24.05 74.28 -94.90
C SER O 467 22.99 73.73 -93.95
N HIS O 468 22.50 72.54 -94.25
CA HIS O 468 21.57 71.85 -93.33
C HIS O 468 22.30 71.34 -92.08
N TYR O 469 23.60 71.09 -92.20
CA TYR O 469 24.46 70.71 -91.06
C TYR O 469 24.53 71.77 -89.95
N GLY O 470 24.58 73.04 -90.34
CA GLY O 470 24.82 74.13 -89.39
C GLY O 470 23.74 74.42 -88.36
N ILE O 471 22.75 73.53 -88.26
CA ILE O 471 21.71 73.66 -87.24
C ILE O 471 21.75 72.48 -86.27
N ASP O 472 22.40 71.40 -86.69
CA ASP O 472 22.52 70.16 -85.91
C ASP O 472 23.09 70.36 -84.52
N ASP O 473 24.20 71.11 -84.46
CA ASP O 473 24.87 71.38 -83.21
C ASP O 473 24.06 72.28 -82.28
N TYR O 474 22.94 72.82 -82.77
CA TYR O 474 22.06 73.66 -81.98
C TYR O 474 20.83 72.91 -81.47
N VAL O 475 20.65 71.67 -81.94
CA VAL O 475 19.60 70.79 -81.41
C VAL O 475 20.17 69.62 -80.62
N VAL O 476 19.28 68.92 -79.94
CA VAL O 476 19.63 67.84 -79.07
C VAL O 476 18.69 66.67 -79.44
N ILE O 477 19.24 65.47 -79.55
CA ILE O 477 18.43 64.33 -80.00
C ILE O 477 17.79 63.54 -78.86
N LYS O 478 16.51 63.22 -79.01
CA LYS O 478 15.79 62.46 -77.99
C LYS O 478 15.27 61.12 -78.52
N TYR O 479 15.77 60.03 -77.93
CA TYR O 479 15.35 58.68 -78.29
C TYR O 479 14.13 58.24 -77.47
N LEU O 480 13.01 57.98 -78.16
CA LEU O 480 11.84 57.43 -77.51
C LEU O 480 11.68 55.97 -77.89
N CYS O 481 11.57 55.11 -76.88
CA CYS O 481 11.39 53.67 -77.08
C CYS O 481 10.03 53.26 -76.54
N VAL O 482 9.11 52.96 -77.46
CA VAL O 482 7.71 52.78 -77.15
C VAL O 482 7.34 51.31 -77.17
N ALA O 483 6.85 50.81 -76.04
CA ALA O 483 6.29 49.47 -75.95
C ALA O 483 5.01 49.37 -76.76
N VAL O 484 4.92 48.38 -77.65
CA VAL O 484 3.75 48.29 -78.52
C VAL O 484 2.65 47.36 -77.97
N GLY P 3 -15.79 92.49 -110.60
CA GLY P 3 -17.03 93.29 -110.36
C GLY P 3 -17.07 93.84 -108.96
N SER P 4 -16.93 92.96 -107.98
CA SER P 4 -16.86 93.32 -106.57
C SER P 4 -15.55 92.82 -105.97
N MET P 5 -14.44 93.20 -106.61
CA MET P 5 -13.09 92.87 -106.17
C MET P 5 -12.26 94.13 -106.24
N LYS P 6 -11.24 94.22 -105.39
CA LYS P 6 -10.28 95.34 -105.48
C LYS P 6 -9.59 95.37 -106.86
N ASP P 7 -9.33 94.18 -107.41
CA ASP P 7 -8.64 94.04 -108.69
C ASP P 7 -9.38 93.03 -109.60
N PRO P 8 -10.29 93.52 -110.46
CA PRO P 8 -11.12 92.63 -111.25
C PRO P 8 -10.43 92.00 -112.47
N SER P 9 -9.20 92.41 -112.74
CA SER P 9 -8.44 91.77 -113.81
C SER P 9 -7.86 90.42 -113.36
N LEU P 10 -8.06 90.09 -112.09
CA LEU P 10 -7.79 88.75 -111.60
C LEU P 10 -8.73 87.72 -112.22
N LEU P 11 -9.92 88.16 -112.63
CA LEU P 11 -10.90 87.30 -113.26
C LEU P 11 -10.69 87.25 -114.78
N ARG P 12 -10.17 86.13 -115.28
CA ARG P 12 -9.82 86.01 -116.70
C ARG P 12 -10.89 85.26 -117.48
N HIS P 13 -10.95 85.53 -118.78
CA HIS P 13 -11.87 84.82 -119.67
C HIS P 13 -11.11 84.29 -120.88
N GLN P 14 -9.79 84.18 -120.71
CA GLN P 14 -8.89 83.63 -121.70
C GLN P 14 -7.98 82.58 -121.06
N ALA P 15 -7.29 81.79 -121.89
CA ALA P 15 -6.36 80.78 -121.38
C ALA P 15 -4.92 81.27 -121.43
N TYR P 16 -4.10 80.76 -120.52
CA TYR P 16 -2.70 81.14 -120.46
C TYR P 16 -1.86 80.12 -121.20
N ILE P 17 -1.34 80.51 -122.35
CA ILE P 17 -0.66 79.60 -123.25
C ILE P 17 0.67 80.19 -123.69
N GLY P 18 1.75 79.61 -123.17
CA GLY P 18 3.11 80.04 -123.47
C GLY P 18 3.45 81.47 -123.05
N GLY P 19 2.71 82.00 -122.08
CA GLY P 19 2.91 83.37 -121.60
C GLY P 19 1.98 84.39 -122.23
N GLU P 20 0.98 83.91 -122.98
CA GLU P 20 0.02 84.75 -123.69
C GLU P 20 -1.42 84.43 -123.36
N TRP P 21 -2.21 85.46 -123.11
CA TRP P 21 -3.63 85.30 -122.91
C TRP P 21 -4.33 85.11 -124.23
N GLN P 22 -4.67 83.87 -124.53
CA GLN P 22 -5.21 83.50 -125.85
C GLN P 22 -6.65 83.04 -125.78
N ALA P 23 -7.32 83.12 -126.93
CA ALA P 23 -8.64 82.51 -127.09
C ALA P 23 -8.44 81.19 -127.83
N ALA P 24 -9.47 80.34 -127.82
CA ALA P 24 -9.45 79.07 -128.55
C ALA P 24 -9.31 79.33 -130.04
N ASP P 25 -8.54 78.49 -130.72
CA ASP P 25 -8.26 78.66 -132.16
C ASP P 25 -9.51 78.86 -133.01
N SER P 26 -10.61 78.26 -132.57
CA SER P 26 -11.88 78.38 -133.28
C SER P 26 -12.84 79.35 -132.60
N ASP P 27 -12.34 80.07 -131.59
CA ASP P 27 -13.14 81.00 -130.77
C ASP P 27 -14.29 80.30 -130.04
N ALA P 28 -14.17 78.98 -129.87
CA ALA P 28 -15.12 78.21 -129.12
C ALA P 28 -14.97 78.57 -127.65
N THR P 29 -16.10 78.68 -126.96
CA THR P 29 -16.10 78.99 -125.53
C THR P 29 -17.17 78.16 -124.82
N PHE P 30 -17.06 78.06 -123.50
CA PHE P 30 -18.16 77.52 -122.70
C PHE P 30 -18.41 78.37 -121.45
N GLU P 31 -19.63 78.34 -120.95
CA GLU P 31 -20.02 79.16 -119.80
C GLU P 31 -19.70 78.50 -118.47
N VAL P 32 -19.23 79.32 -117.52
CA VAL P 32 -19.07 78.91 -116.13
C VAL P 32 -20.22 79.53 -115.35
N PHE P 33 -20.87 78.70 -114.54
CA PHE P 33 -22.01 79.12 -113.73
C PHE P 33 -21.70 79.08 -112.23
N ASP P 34 -22.37 79.94 -111.48
CA ASP P 34 -22.34 79.94 -110.03
C ASP P 34 -23.15 78.76 -109.52
N PRO P 35 -22.51 77.82 -108.79
CA PRO P 35 -23.21 76.64 -108.27
C PRO P 35 -24.38 76.93 -107.33
N ALA P 36 -24.41 78.13 -106.73
CA ALA P 36 -25.41 78.48 -105.71
C ALA P 36 -26.62 79.27 -106.22
N THR P 37 -26.54 79.80 -107.44
CA THR P 37 -27.58 80.70 -107.94
C THR P 37 -28.05 80.34 -109.36
N GLY P 38 -27.16 79.72 -110.11
CA GLY P 38 -27.46 79.30 -111.48
C GLY P 38 -27.15 80.36 -112.53
N GLU P 39 -26.69 81.53 -112.10
CA GLU P 39 -26.40 82.60 -113.04
C GLU P 39 -25.01 82.48 -113.63
N SER P 40 -24.84 83.04 -114.82
CA SER P 40 -23.59 82.98 -115.57
C SER P 40 -22.49 83.83 -114.94
N LEU P 41 -21.28 83.28 -114.91
CA LEU P 41 -20.11 84.02 -114.45
C LEU P 41 -19.19 84.42 -115.62
N GLY P 42 -19.69 84.26 -116.85
CA GLY P 42 -18.90 84.57 -118.07
C GLY P 42 -18.43 83.36 -118.85
N THR P 43 -17.51 83.56 -119.80
CA THR P 43 -17.01 82.44 -120.60
C THR P 43 -15.51 82.18 -120.44
N VAL P 44 -15.09 81.00 -120.89
CA VAL P 44 -13.67 80.62 -121.04
C VAL P 44 -13.49 79.82 -122.33
N PRO P 45 -12.29 79.91 -122.94
CA PRO P 45 -12.01 79.21 -124.21
C PRO P 45 -12.33 77.73 -124.13
N LYS P 46 -12.75 77.14 -125.25
CA LYS P 46 -12.92 75.70 -125.33
C LYS P 46 -11.84 75.13 -126.24
N MET P 47 -10.65 74.97 -125.69
CA MET P 47 -9.50 74.53 -126.47
C MET P 47 -9.44 73.01 -126.55
N GLY P 48 -8.50 72.51 -127.35
CA GLY P 48 -8.32 71.08 -127.55
C GLY P 48 -6.87 70.74 -127.80
N ALA P 49 -6.63 69.82 -128.73
CA ALA P 49 -5.30 69.27 -128.95
C ALA P 49 -4.27 70.28 -129.45
N ALA P 50 -4.64 71.11 -130.42
CA ALA P 50 -3.68 72.01 -131.09
C ALA P 50 -3.09 73.04 -130.13
N GLU P 51 -3.96 73.57 -129.28
CA GLU P 51 -3.58 74.58 -128.31
C GLU P 51 -2.74 73.97 -127.18
N THR P 52 -3.15 72.81 -126.68
CA THR P 52 -2.37 72.05 -125.71
C THR P 52 -0.94 71.79 -126.21
N ALA P 53 -0.82 71.45 -127.51
CA ALA P 53 0.46 71.16 -128.13
C ALA P 53 1.33 72.40 -128.28
N ARG P 54 0.69 73.55 -128.38
CA ARG P 54 1.44 74.80 -128.47
C ARG P 54 2.05 75.11 -127.10
N ALA P 55 1.25 74.88 -126.04
CA ALA P 55 1.71 75.04 -124.65
C ALA P 55 2.89 74.12 -124.33
N ILE P 56 2.78 72.86 -124.76
CA ILE P 56 3.82 71.86 -124.55
C ILE P 56 5.10 72.23 -125.28
N GLU P 57 4.98 72.69 -126.53
CA GLU P 57 6.13 73.23 -127.25
C GLU P 57 6.77 74.42 -126.53
N ALA P 58 5.94 75.37 -126.09
CA ALA P 58 6.43 76.55 -125.35
C ALA P 58 7.22 76.17 -124.10
N ALA P 59 6.66 75.23 -123.32
CA ALA P 59 7.26 74.71 -122.09
C ALA P 59 8.66 74.13 -122.29
N GLN P 60 8.83 73.43 -123.41
CA GLN P 60 10.11 72.83 -123.79
C GLN P 60 11.13 73.90 -124.18
N ALA P 61 10.69 74.90 -124.93
CA ALA P 61 11.56 76.00 -125.34
C ALA P 61 12.00 76.83 -124.12
N ALA P 62 11.14 76.89 -123.12
CA ALA P 62 11.42 77.64 -121.91
C ALA P 62 12.33 76.91 -120.93
N TRP P 63 12.49 75.60 -121.10
CA TRP P 63 13.20 74.75 -120.13
C TRP P 63 14.66 75.12 -119.94
N ALA P 64 15.42 75.16 -121.03
CA ALA P 64 16.87 75.41 -120.95
C ALA P 64 17.20 76.67 -120.14
N GLY P 65 16.43 77.74 -120.34
CA GLY P 65 16.68 79.01 -119.69
C GLY P 65 16.24 79.02 -118.24
N TRP P 66 15.20 78.25 -117.93
CA TRP P 66 14.63 78.19 -116.59
C TRP P 66 15.45 77.33 -115.63
N ARG P 67 15.87 76.15 -116.08
CA ARG P 67 16.72 75.28 -115.26
C ARG P 67 18.14 75.86 -115.11
N MET P 68 18.46 76.82 -115.97
CA MET P 68 19.78 77.48 -115.99
C MET P 68 19.95 78.43 -114.80
N LYS P 69 18.84 79.00 -114.35
CA LYS P 69 18.80 79.81 -113.13
C LYS P 69 19.18 78.94 -111.94
N THR P 70 19.72 79.56 -110.90
CA THR P 70 19.96 78.85 -109.65
C THR P 70 18.65 78.61 -108.92
N ALA P 71 18.63 77.62 -108.05
CA ALA P 71 17.52 77.39 -107.15
C ALA P 71 17.16 78.67 -106.37
N LYS P 72 18.19 79.40 -105.93
CA LYS P 72 18.01 80.69 -105.24
C LYS P 72 17.28 81.73 -106.10
N GLU P 73 17.65 81.82 -107.37
CA GLU P 73 16.95 82.67 -108.34
C GLU P 73 15.50 82.25 -108.60
N ARG P 74 15.25 80.95 -108.67
CA ARG P 74 13.91 80.43 -108.89
C ARG P 74 13.03 80.68 -107.68
N ALA P 75 13.64 80.60 -106.51
CA ALA P 75 12.95 80.79 -105.24
C ALA P 75 12.46 82.21 -105.08
N ALA P 76 13.18 83.16 -105.67
CA ALA P 76 12.85 84.57 -105.58
C ALA P 76 11.58 84.87 -106.35
N ILE P 77 11.52 84.39 -107.60
CA ILE P 77 10.35 84.52 -108.45
C ILE P 77 9.13 83.89 -107.77
N LEU P 78 9.31 82.68 -107.23
CA LEU P 78 8.24 81.96 -106.55
C LEU P 78 7.78 82.65 -105.28
N ARG P 79 8.71 83.23 -104.54
CA ARG P 79 8.35 83.96 -103.33
C ARG P 79 7.57 85.24 -103.69
N ARG P 80 7.97 85.93 -104.75
CA ARG P 80 7.19 87.06 -105.25
C ARG P 80 5.78 86.57 -105.50
N TRP P 81 5.70 85.40 -106.12
CA TRP P 81 4.43 84.76 -106.44
C TRP P 81 3.61 84.46 -105.18
N PHE P 82 4.28 83.94 -104.16
CA PHE P 82 3.66 83.69 -102.87
C PHE P 82 3.10 84.98 -102.28
N ASP P 83 3.93 86.03 -102.22
CA ASP P 83 3.54 87.35 -101.71
C ASP P 83 2.27 87.86 -102.37
N LEU P 84 2.23 87.76 -103.71
CA LEU P 84 1.11 88.22 -104.49
C LEU P 84 -0.16 87.44 -104.21
N VAL P 85 -0.04 86.13 -104.01
CA VAL P 85 -1.20 85.30 -103.66
C VAL P 85 -1.73 85.74 -102.30
N ILE P 86 -0.81 86.01 -101.37
CA ILE P 86 -1.15 86.47 -100.02
C ILE P 86 -1.74 87.88 -100.06
N ALA P 87 -1.11 88.76 -100.81
CA ALA P 87 -1.57 90.15 -100.93
C ALA P 87 -2.92 90.30 -101.64
N ASN P 88 -3.31 89.30 -102.42
CA ASN P 88 -4.55 89.36 -103.19
C ASN P 88 -5.61 88.38 -102.70
N SER P 89 -5.45 87.86 -101.48
CA SER P 89 -6.21 86.69 -101.03
C SER P 89 -7.72 86.89 -100.90
N ASP P 90 -8.16 88.08 -100.46
CA ASP P 90 -9.59 88.38 -100.44
C ASP P 90 -10.23 88.17 -101.83
N ASP P 91 -9.57 88.63 -102.88
CA ASP P 91 -10.12 88.49 -104.21
C ASP P 91 -10.15 87.03 -104.65
N LEU P 92 -9.01 86.35 -104.54
CA LEU P 92 -8.91 84.95 -104.90
C LEU P 92 -9.98 84.12 -104.20
N ALA P 93 -10.11 84.33 -102.89
CA ALA P 93 -11.11 83.64 -102.07
C ALA P 93 -12.52 83.83 -102.60
N LEU P 94 -12.82 85.04 -103.07
CA LEU P 94 -14.15 85.38 -103.53
C LEU P 94 -14.43 84.85 -104.92
N ILE P 95 -13.42 84.87 -105.78
CA ILE P 95 -13.48 84.20 -107.07
C ILE P 95 -13.73 82.72 -106.82
N LEU P 96 -13.03 82.17 -105.84
CA LEU P 96 -13.13 80.76 -105.47
C LEU P 96 -14.52 80.37 -104.96
N THR P 97 -15.07 81.14 -104.03
CA THR P 97 -16.41 80.87 -103.51
C THR P 97 -17.44 80.89 -104.64
N THR P 98 -17.36 81.93 -105.47
CA THR P 98 -18.30 82.13 -106.56
C THR P 98 -18.32 80.97 -107.56
N GLU P 99 -17.16 80.53 -108.02
CA GLU P 99 -17.12 79.44 -109.00
C GLU P 99 -17.27 78.01 -108.43
N GLN P 100 -16.86 77.80 -107.18
CA GLN P 100 -16.86 76.47 -106.58
C GLN P 100 -17.94 76.25 -105.52
N GLY P 101 -18.26 77.28 -104.76
CA GLY P 101 -19.41 77.23 -103.86
C GLY P 101 -19.18 77.07 -102.37
N LYS P 102 -17.93 76.88 -101.94
CA LYS P 102 -17.60 76.82 -100.52
C LYS P 102 -17.73 78.20 -99.84
N PRO P 103 -17.97 78.21 -98.51
CA PRO P 103 -18.06 79.47 -97.77
C PRO P 103 -16.80 80.28 -97.92
N LEU P 104 -16.96 81.61 -97.97
CA LEU P 104 -15.85 82.53 -98.01
C LEU P 104 -14.74 82.17 -97.01
N ALA P 105 -15.13 81.82 -95.78
CA ALA P 105 -14.19 81.47 -94.71
C ALA P 105 -13.27 80.30 -95.09
N GLU P 106 -13.85 79.28 -95.71
CA GLU P 106 -13.10 78.12 -96.21
C GLU P 106 -12.23 78.51 -97.39
N ALA P 107 -12.78 79.35 -98.27
CA ALA P 107 -12.08 79.84 -99.44
C ALA P 107 -10.85 80.64 -99.03
N LYS P 108 -10.98 81.48 -97.99
CA LYS P 108 -9.83 82.18 -97.40
C LYS P 108 -8.80 81.20 -96.84
N GLY P 109 -9.29 80.16 -96.15
CA GLY P 109 -8.44 79.08 -95.64
C GLY P 109 -7.72 78.31 -96.73
N GLU P 110 -8.41 78.06 -97.85
CA GLU P 110 -7.78 77.41 -98.99
C GLU P 110 -6.66 78.24 -99.63
N ILE P 111 -6.85 79.55 -99.72
CA ILE P 111 -5.84 80.40 -100.33
C ILE P 111 -4.58 80.43 -99.47
N ALA P 112 -4.76 80.47 -98.15
CA ALA P 112 -3.62 80.43 -97.22
C ALA P 112 -2.85 79.13 -97.37
N TYR P 113 -3.62 78.05 -97.45
CA TYR P 113 -3.13 76.70 -97.67
C TYR P 113 -2.39 76.61 -99.01
N ALA P 114 -3.00 77.13 -100.07
CA ALA P 114 -2.36 77.16 -101.39
C ALA P 114 -1.03 77.91 -101.33
N ALA P 115 -1.09 79.13 -100.83
CA ALA P 115 0.10 79.96 -100.68
C ALA P 115 1.23 79.22 -99.96
N SER P 116 0.88 78.52 -98.88
CA SER P 116 1.88 77.85 -98.04
C SER P 116 2.73 76.86 -98.82
N PHE P 117 2.13 76.22 -99.82
CA PHE P 117 2.83 75.28 -100.71
C PHE P 117 3.84 75.93 -101.64
N ILE P 118 3.53 77.13 -102.13
CA ILE P 118 4.47 77.88 -102.98
C ILE P 118 5.71 78.29 -102.19
N GLU P 119 5.50 78.80 -100.98
CA GLU P 119 6.60 79.14 -100.10
C GLU P 119 7.44 77.91 -99.74
N TRP P 120 6.78 76.84 -99.33
CA TRP P 120 7.44 75.61 -98.94
C TRP P 120 8.35 75.11 -100.04
N PHE P 121 7.86 75.11 -101.27
CA PHE P 121 8.63 74.61 -102.39
C PHE P 121 9.67 75.57 -102.95
N ALA P 122 9.48 76.86 -102.74
CA ALA P 122 10.56 77.80 -103.06
C ALA P 122 11.78 77.38 -102.27
N GLU P 123 11.55 77.11 -100.99
CA GLU P 123 12.58 76.71 -100.04
C GLU P 123 13.19 75.35 -100.37
N GLU P 124 12.35 74.38 -100.70
CA GLU P 124 12.81 73.02 -101.01
C GLU P 124 13.70 72.95 -102.23
N GLY P 125 13.45 73.83 -103.19
CA GLY P 125 14.24 73.90 -104.41
C GLY P 125 15.73 74.06 -104.14
N LYS P 126 16.07 74.78 -103.07
CA LYS P 126 17.46 75.03 -102.75
C LYS P 126 18.08 73.89 -101.93
N ARG P 127 17.31 72.81 -101.76
CA ARG P 127 17.73 71.69 -100.93
C ARG P 127 17.55 70.32 -101.58
N VAL P 128 17.35 70.30 -102.90
CA VAL P 128 17.37 69.04 -103.64
C VAL P 128 18.80 68.52 -103.62
N ALA P 129 19.02 67.46 -102.85
CA ALA P 129 20.37 67.02 -102.56
C ALA P 129 20.67 65.65 -103.13
N GLY P 130 21.85 65.51 -103.69
CA GLY P 130 22.35 64.23 -104.16
C GLY P 130 23.36 63.64 -103.19
N ASP P 131 24.02 62.57 -103.61
CA ASP P 131 24.87 61.80 -102.70
C ASP P 131 26.34 61.75 -103.14
N THR P 132 27.20 61.50 -102.17
CA THR P 132 28.55 61.01 -102.40
C THR P 132 28.69 59.76 -101.56
N LEU P 133 28.98 58.63 -102.20
CA LEU P 133 28.91 57.35 -101.53
C LEU P 133 30.26 56.63 -101.39
N PRO P 134 30.38 55.75 -100.38
CA PRO P 134 31.59 54.93 -100.25
C PRO P 134 31.67 53.89 -101.37
N THR P 135 32.72 53.98 -102.17
CA THR P 135 32.89 53.11 -103.31
C THR P 135 33.28 51.69 -102.89
N PRO P 136 32.74 50.66 -103.59
CA PRO P 136 33.18 49.28 -103.42
C PRO P 136 34.36 48.95 -104.34
N ASP P 137 34.85 49.97 -105.05
CA ASP P 137 36.02 49.83 -105.91
C ASP P 137 36.95 51.03 -105.72
N ALA P 138 38.12 50.76 -105.16
CA ALA P 138 39.12 51.80 -104.80
C ALA P 138 39.54 52.72 -105.95
N ASN P 139 39.30 52.27 -107.18
CA ASN P 139 39.72 53.02 -108.37
C ASN P 139 38.64 53.97 -108.88
N LYS P 140 37.49 53.97 -108.21
CA LYS P 140 36.35 54.75 -108.67
C LYS P 140 35.73 55.54 -107.53
N ARG P 141 34.97 56.57 -107.91
CA ARG P 141 34.25 57.44 -106.96
C ARG P 141 32.79 57.55 -107.36
N ILE P 142 31.91 57.35 -106.40
CA ILE P 142 30.48 57.36 -106.67
C ILE P 142 29.86 58.69 -106.27
N VAL P 143 29.33 59.40 -107.26
CA VAL P 143 28.73 60.73 -107.08
C VAL P 143 27.35 60.77 -107.73
N VAL P 144 26.34 61.14 -106.95
CA VAL P 144 24.97 61.20 -107.45
C VAL P 144 24.46 62.63 -107.40
N VAL P 145 24.00 63.12 -108.55
CA VAL P 145 23.32 64.41 -108.61
C VAL P 145 21.85 64.23 -108.97
N LYS P 146 21.05 65.23 -108.65
CA LYS P 146 19.64 65.25 -109.04
C LYS P 146 19.41 66.42 -110.00
N GLU P 147 18.46 66.24 -110.91
CA GLU P 147 18.19 67.24 -111.94
C GLU P 147 16.76 67.15 -112.45
N PRO P 148 16.22 68.29 -112.97
CA PRO P 148 14.81 68.35 -113.36
C PRO P 148 14.45 67.28 -114.38
N ILE P 149 13.25 66.72 -114.26
CA ILE P 149 12.80 65.67 -115.18
C ILE P 149 12.54 66.20 -116.59
N GLY P 150 12.06 67.44 -116.70
CA GLY P 150 11.70 68.02 -117.98
C GLY P 150 10.32 68.62 -117.91
N VAL P 151 9.58 68.51 -119.02
CA VAL P 151 8.28 69.16 -119.16
C VAL P 151 7.19 68.38 -118.44
N CYS P 152 6.56 69.04 -117.47
CA CYS P 152 5.49 68.42 -116.69
C CYS P 152 4.11 68.86 -117.13
N ALA P 153 3.12 68.03 -116.80
CA ALA P 153 1.72 68.36 -117.01
C ALA P 153 1.02 68.06 -115.72
N ALA P 154 -0.16 68.66 -115.54
CA ALA P 154 -0.96 68.42 -114.34
C ALA P 154 -2.44 68.60 -114.63
N ILE P 155 -3.22 67.60 -114.27
CA ILE P 155 -4.68 67.66 -114.40
C ILE P 155 -5.25 67.70 -113.00
N THR P 156 -6.13 68.66 -112.73
CA THR P 156 -6.57 68.98 -111.38
C THR P 156 -8.08 69.11 -111.27
N PRO P 157 -8.63 68.89 -110.07
CA PRO P 157 -10.08 68.89 -109.89
C PRO P 157 -10.67 70.21 -109.39
N TRP P 158 -11.98 70.20 -109.14
CA TRP P 158 -12.74 71.37 -108.77
C TRP P 158 -12.89 71.57 -107.27
N ASN P 159 -12.61 70.56 -106.46
CA ASN P 159 -12.93 70.66 -105.03
C ASN P 159 -12.07 71.69 -104.30
N PHE P 160 -10.79 71.73 -104.66
CA PHE P 160 -9.88 72.76 -104.19
C PHE P 160 -9.22 73.36 -105.42
N PRO P 161 -9.95 74.23 -106.14
CA PRO P 161 -9.50 74.75 -107.44
C PRO P 161 -8.20 75.53 -107.38
N ALA P 162 -7.81 75.97 -106.20
CA ALA P 162 -6.62 76.80 -106.07
C ALA P 162 -5.43 76.05 -105.48
N ALA P 163 -5.66 75.32 -104.39
CA ALA P 163 -4.61 74.60 -103.68
C ALA P 163 -3.94 73.54 -104.56
N MET P 164 -4.75 72.86 -105.36
CA MET P 164 -4.26 71.84 -106.27
C MET P 164 -3.23 72.38 -107.25
N ILE P 165 -3.43 73.60 -107.74
CA ILE P 165 -2.50 74.21 -108.68
C ILE P 165 -1.16 74.48 -108.00
N ALA P 166 -1.21 75.12 -106.83
CA ALA P 166 -0.03 75.39 -106.02
C ALA P 166 0.72 74.10 -105.65
N ARG P 167 -0.04 73.04 -105.37
CA ARG P 167 0.54 71.75 -104.98
C ARG P 167 1.30 71.11 -106.12
N LYS P 168 0.92 71.42 -107.35
CA LYS P 168 1.51 70.78 -108.51
C LYS P 168 2.47 71.70 -109.24
N VAL P 169 2.11 72.99 -109.34
CA VAL P 169 2.96 73.98 -110.01
C VAL P 169 4.18 74.28 -109.15
N GLY P 170 3.98 74.26 -107.83
CA GLY P 170 5.04 74.53 -106.86
C GLY P 170 6.30 73.72 -107.04
N PRO P 171 6.29 72.44 -106.65
CA PRO P 171 7.46 71.54 -106.78
C PRO P 171 8.04 71.44 -108.18
N ALA P 172 7.20 71.47 -109.21
CA ALA P 172 7.68 71.38 -110.59
C ALA P 172 8.60 72.56 -110.95
N LEU P 173 8.08 73.77 -110.81
CA LEU P 173 8.86 74.99 -111.03
C LEU P 173 10.09 75.02 -110.11
N ALA P 174 9.90 74.62 -108.85
CA ALA P 174 10.97 74.56 -107.87
C ALA P 174 12.09 73.61 -108.28
N ALA P 175 11.74 72.49 -108.91
CA ALA P 175 12.71 71.52 -109.41
C ALA P 175 13.45 71.99 -110.66
N GLY P 176 12.96 73.07 -111.27
CA GLY P 176 13.51 73.58 -112.52
C GLY P 176 12.74 73.12 -113.74
N CYS P 177 11.52 72.61 -113.52
CA CYS P 177 10.65 72.14 -114.60
C CYS P 177 9.64 73.20 -115.04
N PRO P 178 9.32 73.24 -116.34
CA PRO P 178 8.13 73.97 -116.76
C PRO P 178 6.93 73.05 -116.65
N ILE P 179 5.74 73.62 -116.52
CA ILE P 179 4.54 72.82 -116.38
C ILE P 179 3.38 73.33 -117.24
N VAL P 180 2.53 72.38 -117.66
CA VAL P 180 1.35 72.67 -118.45
C VAL P 180 0.14 72.13 -117.70
N VAL P 181 -0.74 73.03 -117.28
CA VAL P 181 -1.82 72.67 -116.35
C VAL P 181 -3.17 72.74 -117.03
N LYS P 182 -4.02 71.76 -116.73
CA LYS P 182 -5.42 71.78 -117.12
C LYS P 182 -6.34 71.69 -115.88
N PRO P 183 -7.02 72.79 -115.53
CA PRO P 183 -7.86 72.79 -114.35
C PRO P 183 -9.23 72.25 -114.67
N ALA P 184 -10.06 72.03 -113.66
CA ALA P 184 -11.43 71.57 -113.88
C ALA P 184 -12.27 72.60 -114.65
N GLU P 185 -13.16 72.12 -115.52
CA GLU P 185 -13.96 72.99 -116.38
C GLU P 185 -15.05 73.69 -115.58
N SER P 186 -15.40 73.14 -114.43
CA SER P 186 -16.37 73.73 -113.53
C SER P 186 -15.79 74.88 -112.73
N THR P 187 -14.47 74.92 -112.59
CA THR P 187 -13.78 75.92 -111.77
C THR P 187 -12.47 76.44 -112.39
N PRO P 188 -12.52 77.01 -113.60
CA PRO P 188 -11.27 77.42 -114.24
C PRO P 188 -10.64 78.69 -113.68
N PHE P 189 -11.45 79.58 -113.12
CA PHE P 189 -11.02 80.95 -112.75
C PHE P 189 -9.85 81.06 -111.76
N SER P 190 -9.83 80.21 -110.74
CA SER P 190 -8.77 80.23 -109.75
C SER P 190 -7.40 79.91 -110.37
N ALA P 191 -7.38 78.92 -111.26
CA ALA P 191 -6.15 78.54 -111.95
C ALA P 191 -5.64 79.69 -112.83
N LEU P 192 -6.56 80.37 -113.51
CA LEU P 192 -6.23 81.48 -114.40
C LEU P 192 -5.80 82.70 -113.61
N ALA P 193 -6.47 82.94 -112.48
CA ALA P 193 -6.11 84.03 -111.58
C ALA P 193 -4.66 83.91 -111.13
N MET P 194 -4.28 82.73 -110.67
CA MET P 194 -2.95 82.53 -110.16
C MET P 194 -1.89 82.53 -111.25
N ALA P 195 -2.31 82.14 -112.45
CA ALA P 195 -1.43 82.22 -113.61
C ALA P 195 -1.10 83.70 -113.88
N PHE P 196 -2.12 84.55 -113.76
CA PHE P 196 -1.97 85.98 -113.95
C PHE P 196 -1.07 86.59 -112.89
N LEU P 197 -1.15 86.07 -111.67
CA LEU P 197 -0.27 86.52 -110.59
C LEU P 197 1.15 85.95 -110.72
N ALA P 198 1.28 84.77 -111.30
CA ALA P 198 2.59 84.19 -111.59
C ALA P 198 3.31 85.00 -112.68
N GLU P 199 2.53 85.64 -113.55
CA GLU P 199 3.08 86.53 -114.57
C GLU P 199 3.67 87.79 -113.93
N ARG P 200 2.91 88.41 -113.02
CA ARG P 200 3.36 89.57 -112.27
C ARG P 200 4.59 89.26 -111.43
N ALA P 201 4.66 88.02 -110.96
CA ALA P 201 5.75 87.56 -110.10
C ALA P 201 7.07 87.43 -110.84
N GLY P 202 7.00 87.28 -112.16
CA GLY P 202 8.20 87.14 -112.97
C GLY P 202 8.51 85.72 -113.43
N VAL P 203 7.50 84.85 -113.47
CA VAL P 203 7.65 83.54 -114.11
C VAL P 203 7.76 83.76 -115.62
N PRO P 204 8.91 83.36 -116.22
CA PRO P 204 9.13 83.53 -117.66
C PRO P 204 8.06 82.88 -118.54
N LYS P 205 7.81 83.48 -119.70
CA LYS P 205 6.87 82.96 -120.69
C LYS P 205 7.25 81.54 -121.07
N GLY P 206 6.28 80.64 -120.99
CA GLY P 206 6.49 79.23 -121.34
C GLY P 206 6.64 78.28 -120.17
N VAL P 207 7.16 78.77 -119.05
CA VAL P 207 7.38 77.95 -117.87
C VAL P 207 6.04 77.46 -117.30
N LEU P 208 5.01 78.30 -117.42
CA LEU P 208 3.69 77.98 -116.92
C LEU P 208 2.63 78.26 -117.96
N SER P 209 1.76 77.29 -118.19
CA SER P 209 0.60 77.44 -119.05
C SER P 209 -0.63 76.84 -118.37
N VAL P 210 -1.76 77.52 -118.51
CA VAL P 210 -3.04 76.98 -118.07
C VAL P 210 -3.93 76.83 -119.31
N VAL P 211 -4.27 75.58 -119.63
CA VAL P 211 -5.03 75.26 -120.82
C VAL P 211 -6.47 74.92 -120.40
N ILE P 212 -7.43 75.59 -121.03
CA ILE P 212 -8.84 75.39 -120.73
C ILE P 212 -9.58 74.90 -121.96
N GLY P 213 -10.39 73.86 -121.80
CA GLY P 213 -11.23 73.39 -122.89
C GLY P 213 -11.80 72.00 -122.69
N ASP P 214 -11.80 71.21 -123.78
CA ASP P 214 -12.33 69.84 -123.77
C ASP P 214 -11.40 68.94 -122.95
N PRO P 215 -11.92 68.36 -121.85
CA PRO P 215 -11.10 67.54 -120.95
C PRO P 215 -10.52 66.28 -121.62
N LYS P 216 -11.28 65.64 -122.51
CA LYS P 216 -10.80 64.48 -123.26
C LYS P 216 -9.78 64.87 -124.33
N ALA P 217 -10.10 65.90 -125.11
CA ALA P 217 -9.24 66.35 -126.19
C ALA P 217 -7.88 66.83 -125.70
N ILE P 218 -7.87 67.58 -124.59
CA ILE P 218 -6.65 68.13 -124.01
C ILE P 218 -5.87 67.04 -123.25
N GLY P 219 -6.57 66.24 -122.48
CA GLY P 219 -5.98 65.11 -121.76
C GLY P 219 -5.31 64.09 -122.68
N THR P 220 -5.96 63.84 -123.81
CA THR P 220 -5.47 62.89 -124.80
C THR P 220 -4.20 63.41 -125.46
N GLU P 221 -4.09 64.72 -125.65
CA GLU P 221 -2.84 65.32 -126.16
C GLU P 221 -1.73 65.23 -125.12
N ILE P 222 -2.06 65.54 -123.87
CA ILE P 222 -1.09 65.47 -122.78
C ILE P 222 -0.49 64.07 -122.63
N THR P 223 -1.35 63.06 -122.52
CA THR P 223 -0.89 61.68 -122.32
C THR P 223 -0.07 61.10 -123.48
N SER P 224 -0.22 61.64 -124.69
CA SER P 224 0.45 61.05 -125.85
C SER P 224 1.65 61.85 -126.36
N ASN P 225 1.73 63.13 -126.00
CA ASN P 225 2.86 63.94 -126.43
C ASN P 225 4.13 63.47 -125.73
N PRO P 226 5.16 63.08 -126.51
CA PRO P 226 6.41 62.56 -125.92
C PRO P 226 7.25 63.60 -125.16
N ILE P 227 6.98 64.90 -125.39
CA ILE P 227 7.71 65.98 -124.72
C ILE P 227 7.38 66.05 -123.24
N VAL P 228 6.16 65.60 -122.90
CA VAL P 228 5.71 65.55 -121.52
C VAL P 228 6.31 64.32 -120.84
N ARG P 229 7.30 64.56 -119.98
CA ARG P 229 8.02 63.46 -119.33
C ARG P 229 7.45 63.02 -117.98
N LYS P 230 6.64 63.86 -117.34
CA LYS P 230 5.86 63.42 -116.20
C LYS P 230 4.47 64.06 -116.15
N LEU P 231 3.53 63.33 -115.58
CA LEU P 231 2.16 63.78 -115.46
C LEU P 231 1.68 63.60 -114.02
N SER P 232 1.10 64.66 -113.48
CA SER P 232 0.52 64.63 -112.15
C SER P 232 -0.98 64.79 -112.29
N PHE P 233 -1.73 64.05 -111.50
CA PHE P 233 -3.19 64.01 -111.63
C PHE P 233 -3.87 63.81 -110.29
N THR P 234 -4.88 64.63 -110.02
CA THR P 234 -5.75 64.47 -108.89
C THR P 234 -7.17 64.44 -109.41
N GLY P 235 -7.85 63.32 -109.17
CA GLY P 235 -9.24 63.14 -109.58
C GLY P 235 -9.72 61.78 -109.17
N SER P 236 -10.67 61.23 -109.92
CA SER P 236 -11.23 59.92 -109.60
C SER P 236 -10.28 58.81 -110.00
N THR P 237 -10.40 57.68 -109.31
CA THR P 237 -9.62 56.49 -109.61
C THR P 237 -9.94 55.99 -111.02
N ALA P 238 -11.22 55.97 -111.38
CA ALA P 238 -11.67 55.59 -112.71
C ALA P 238 -10.92 56.33 -113.83
N VAL P 239 -10.83 57.65 -113.72
CA VAL P 239 -10.13 58.47 -114.72
C VAL P 239 -8.62 58.29 -114.59
N GLY P 240 -8.15 58.28 -113.35
CA GLY P 240 -6.74 58.04 -113.04
C GLY P 240 -6.17 56.81 -113.73
N ARG P 241 -6.96 55.73 -113.74
CA ARG P 241 -6.59 54.51 -114.39
C ARG P 241 -6.35 54.71 -115.88
N LEU P 242 -7.29 55.39 -116.55
CA LEU P 242 -7.18 55.60 -117.99
C LEU P 242 -5.95 56.44 -118.36
N LEU P 243 -5.71 57.51 -117.60
CA LEU P 243 -4.51 58.33 -117.83
C LEU P 243 -3.21 57.54 -117.71
N MET P 244 -3.11 56.66 -116.70
CA MET P 244 -1.98 55.73 -116.59
C MET P 244 -1.85 54.90 -117.85
N ALA P 245 -2.95 54.28 -118.28
CA ALA P 245 -2.99 53.49 -119.50
C ALA P 245 -2.54 54.30 -120.73
N GLN P 246 -2.99 55.55 -120.82
CA GLN P 246 -2.69 56.38 -121.99
C GLN P 246 -1.27 56.90 -122.00
N SER P 247 -0.62 56.90 -120.83
CA SER P 247 0.74 57.39 -120.71
C SER P 247 1.75 56.27 -120.91
N ALA P 248 1.24 55.04 -121.06
CA ALA P 248 2.08 53.87 -121.26
C ALA P 248 3.00 53.96 -122.48
N PRO P 249 2.45 54.25 -123.68
CA PRO P 249 3.32 54.32 -124.86
C PRO P 249 4.60 55.15 -124.68
N THR P 250 4.61 56.05 -123.68
CA THR P 250 5.75 56.94 -123.46
C THR P 250 6.34 56.83 -122.06
N VAL P 251 5.85 55.84 -121.31
CA VAL P 251 6.40 55.48 -120.01
C VAL P 251 6.69 56.71 -119.12
N LYS P 252 5.68 57.57 -119.01
CA LYS P 252 5.76 58.81 -118.23
C LYS P 252 5.82 58.53 -116.73
N LYS P 253 6.61 59.33 -116.00
CA LYS P 253 6.59 59.27 -114.54
C LYS P 253 5.25 59.83 -114.11
N LEU P 254 4.50 59.07 -113.32
CA LEU P 254 3.16 59.50 -112.90
C LEU P 254 3.05 59.82 -111.40
N THR P 255 2.18 60.77 -111.07
CA THR P 255 1.72 60.99 -109.70
C THR P 255 0.20 61.03 -109.73
N LEU P 256 -0.41 60.15 -108.94
CA LEU P 256 -1.84 59.90 -108.99
C LEU P 256 -2.49 59.99 -107.60
N GLU P 257 -3.18 61.10 -107.36
CA GLU P 257 -3.95 61.30 -106.13
C GLU P 257 -5.39 60.94 -106.48
N LEU P 258 -5.81 59.73 -106.12
CA LEU P 258 -7.11 59.24 -106.55
C LEU P 258 -8.14 59.20 -105.40
N GLY P 259 -9.26 58.53 -105.61
CA GLY P 259 -10.37 58.52 -104.66
C GLY P 259 -10.08 57.75 -103.38
N GLY P 260 -10.88 58.00 -102.36
CA GLY P 260 -10.74 57.31 -101.07
C GLY P 260 -12.02 56.65 -100.60
N ASN P 261 -12.01 56.21 -99.35
CA ASN P 261 -13.19 55.66 -98.70
C ASN P 261 -12.90 55.81 -97.23
N ALA P 262 -12.41 57.01 -96.88
CA ALA P 262 -11.88 57.29 -95.56
C ALA P 262 -12.82 56.81 -94.47
N PRO P 263 -12.27 56.06 -93.49
CA PRO P 263 -12.97 55.75 -92.26
C PRO P 263 -12.59 56.72 -91.15
N PHE P 264 -13.59 57.08 -90.37
CA PHE P 264 -13.41 57.89 -89.19
C PHE P 264 -13.80 56.99 -88.01
N ILE P 265 -12.80 56.59 -87.23
CA ILE P 265 -12.95 55.57 -86.21
C ILE P 265 -13.09 56.17 -84.81
N VAL P 266 -14.19 55.84 -84.14
CA VAL P 266 -14.43 56.29 -82.79
C VAL P 266 -14.48 55.08 -81.86
N PHE P 267 -13.54 55.02 -80.94
CA PHE P 267 -13.46 53.88 -80.02
C PHE P 267 -14.23 54.04 -78.71
N ASP P 268 -14.34 52.90 -78.03
CA ASP P 268 -14.77 52.76 -76.64
C ASP P 268 -14.38 53.97 -75.79
N ASP P 269 -13.12 54.39 -75.92
CA ASP P 269 -12.51 55.31 -74.99
C ASP P 269 -12.15 56.68 -75.58
N ALA P 270 -12.60 56.95 -76.80
CA ALA P 270 -12.36 58.25 -77.40
C ALA P 270 -12.98 59.36 -76.56
N ASP P 271 -12.43 60.57 -76.66
CA ASP P 271 -13.15 61.75 -76.17
C ASP P 271 -14.23 62.07 -77.21
N LEU P 272 -15.49 61.87 -76.82
CA LEU P 272 -16.62 61.98 -77.74
C LEU P 272 -16.86 63.39 -78.28
N ASP P 273 -16.72 64.39 -77.42
CA ASP P 273 -16.84 65.77 -77.85
C ASP P 273 -15.71 66.16 -78.81
N ALA P 274 -14.51 65.67 -78.53
CA ALA P 274 -13.37 65.82 -79.45
C ALA P 274 -13.58 65.10 -80.79
N ALA P 275 -14.18 63.90 -80.74
CA ALA P 275 -14.48 63.12 -81.94
C ALA P 275 -15.55 63.80 -82.79
N VAL P 276 -16.53 64.41 -82.11
CA VAL P 276 -17.58 65.16 -82.78
C VAL P 276 -17.04 66.40 -83.50
N GLU P 277 -16.10 67.10 -82.85
CA GLU P 277 -15.42 68.22 -83.49
C GLU P 277 -14.63 67.73 -84.72
N GLY P 278 -14.07 66.53 -84.63
CA GLY P 278 -13.28 65.97 -85.71
C GLY P 278 -14.17 65.50 -86.85
N ALA P 279 -15.35 65.02 -86.50
CA ALA P 279 -16.34 64.54 -87.46
C ALA P 279 -16.81 65.68 -88.36
N ILE P 280 -17.18 66.81 -87.75
CA ILE P 280 -17.65 68.00 -88.49
C ILE P 280 -16.56 68.56 -89.43
N ALA P 281 -15.31 68.47 -89.01
CA ALA P 281 -14.19 68.98 -89.78
C ALA P 281 -13.86 68.05 -90.95
N SER P 282 -13.91 66.75 -90.69
CA SER P 282 -13.48 65.75 -91.66
C SER P 282 -14.60 65.39 -92.61
N LYS P 283 -15.85 65.58 -92.19
CA LYS P 283 -17.02 65.18 -92.98
C LYS P 283 -17.76 66.33 -93.69
N TYR P 284 -17.89 67.47 -93.03
CA TYR P 284 -18.79 68.52 -93.54
C TYR P 284 -18.13 69.77 -94.12
N ARG P 285 -16.83 69.93 -93.93
CA ARG P 285 -16.15 71.05 -94.56
C ARG P 285 -16.10 70.76 -96.06
N ASN P 286 -16.19 71.82 -96.85
CA ASN P 286 -16.36 71.71 -98.30
C ASN P 286 -17.53 70.83 -98.71
N ASN P 287 -18.55 70.81 -97.84
CA ASN P 287 -19.78 70.07 -98.06
C ASN P 287 -19.57 68.56 -98.25
N GLY P 288 -18.43 68.08 -97.75
CA GLY P 288 -18.06 66.68 -97.88
C GLY P 288 -17.42 66.35 -99.21
N GLN P 289 -16.90 67.36 -99.90
CA GLN P 289 -16.38 67.18 -101.24
C GLN P 289 -14.85 67.26 -101.26
N THR P 290 -14.20 66.69 -100.26
CA THR P 290 -12.74 66.66 -100.28
C THR P 290 -12.28 65.22 -100.38
N CYS P 291 -11.15 65.04 -101.06
CA CYS P 291 -10.55 63.73 -101.25
C CYS P 291 -10.46 62.96 -99.94
N VAL P 292 -10.07 63.67 -98.88
CA VAL P 292 -9.80 63.08 -97.57
C VAL P 292 -11.01 63.06 -96.66
N CYS P 293 -12.19 63.35 -97.23
CA CYS P 293 -13.43 63.38 -96.47
C CYS P 293 -13.84 62.03 -95.96
N THR P 294 -14.18 62.01 -94.67
CA THR P 294 -14.73 60.83 -94.03
C THR P 294 -15.91 60.35 -94.87
N ASN P 295 -15.86 59.08 -95.30
CA ASN P 295 -16.95 58.50 -96.08
C ASN P 295 -17.77 57.52 -95.27
N ARG P 296 -17.09 56.82 -94.38
CA ARG P 296 -17.71 55.86 -93.48
C ARG P 296 -17.32 56.21 -92.04
N PHE P 297 -18.32 56.33 -91.18
CA PHE P 297 -18.08 56.48 -89.75
C PHE P 297 -18.18 55.10 -89.10
N PHE P 298 -17.16 54.75 -88.31
CA PHE P 298 -17.18 53.51 -87.53
C PHE P 298 -17.13 53.86 -86.05
N VAL P 299 -18.26 53.67 -85.38
CA VAL P 299 -18.37 53.98 -83.96
C VAL P 299 -18.59 52.69 -83.19
N HIS P 300 -17.87 52.55 -82.07
CA HIS P 300 -17.98 51.38 -81.22
C HIS P 300 -19.40 51.21 -80.73
N GLU P 301 -19.86 49.96 -80.74
CA GLU P 301 -21.15 49.57 -80.14
C GLU P 301 -21.45 50.26 -78.82
N ARG P 302 -20.43 50.39 -77.98
CA ARG P 302 -20.59 50.85 -76.60
C ARG P 302 -20.82 52.36 -76.49
N VAL P 303 -20.49 53.10 -77.54
CA VAL P 303 -20.71 54.54 -77.55
C VAL P 303 -21.49 55.02 -78.78
N TYR P 304 -22.01 54.08 -79.57
CA TYR P 304 -22.76 54.39 -80.79
C TYR P 304 -23.87 55.41 -80.57
N ASP P 305 -24.79 55.10 -79.66
CA ASP P 305 -25.97 55.94 -79.41
C ASP P 305 -25.60 57.32 -78.91
N ALA P 306 -24.50 57.42 -78.17
CA ALA P 306 -24.08 58.69 -77.61
C ALA P 306 -23.44 59.56 -78.68
N PHE P 307 -22.59 58.96 -79.51
CA PHE P 307 -21.89 59.69 -80.55
C PHE P 307 -22.89 60.22 -81.57
N ALA P 308 -23.84 59.37 -81.94
CA ALA P 308 -24.92 59.75 -82.85
C ALA P 308 -25.68 60.98 -82.35
N ASP P 309 -26.07 60.98 -81.08
CA ASP P 309 -26.82 62.10 -80.51
C ASP P 309 -26.03 63.40 -80.63
N LYS P 310 -24.77 63.37 -80.21
CA LYS P 310 -23.91 64.54 -80.19
C LYS P 310 -23.60 65.04 -81.60
N LEU P 311 -23.43 64.11 -82.54
CA LEU P 311 -23.17 64.47 -83.92
C LEU P 311 -24.34 65.24 -84.53
N ALA P 312 -25.55 64.73 -84.36
CA ALA P 312 -26.74 65.36 -84.91
C ALA P 312 -26.92 66.79 -84.37
N ALA P 313 -26.71 66.97 -83.07
CA ALA P 313 -26.78 68.28 -82.44
C ALA P 313 -25.78 69.25 -83.06
N ALA P 314 -24.56 68.76 -83.31
CA ALA P 314 -23.51 69.55 -83.94
C ALA P 314 -23.81 69.80 -85.43
N VAL P 315 -24.40 68.81 -86.07
CA VAL P 315 -24.88 68.95 -87.44
C VAL P 315 -25.96 70.03 -87.51
N SER P 316 -26.81 70.10 -86.50
CA SER P 316 -27.95 71.04 -86.50
C SER P 316 -27.54 72.49 -86.31
N LYS P 317 -26.37 72.72 -85.72
CA LYS P 317 -25.85 74.07 -85.54
C LYS P 317 -25.19 74.61 -86.82
N LEU P 318 -25.03 73.76 -87.83
CA LEU P 318 -24.52 74.19 -89.13
C LEU P 318 -25.58 74.97 -89.90
N LYS P 319 -25.15 75.85 -90.80
CA LYS P 319 -26.07 76.66 -91.59
C LYS P 319 -25.77 76.58 -93.08
N VAL P 320 -26.77 76.16 -93.85
CA VAL P 320 -26.69 76.08 -95.31
C VAL P 320 -27.04 77.44 -95.93
N GLY P 321 -26.28 77.84 -96.95
CA GLY P 321 -26.55 79.07 -97.69
C GLY P 321 -25.44 79.43 -98.66
N ARG P 322 -25.65 80.47 -99.46
CA ARG P 322 -24.65 80.97 -100.41
C ARG P 322 -23.38 81.33 -99.66
N GLY P 323 -22.23 80.98 -100.25
CA GLY P 323 -20.93 81.16 -99.62
C GLY P 323 -20.56 82.56 -99.17
N THR P 324 -21.16 83.58 -99.80
CA THR P 324 -20.86 84.99 -99.51
C THR P 324 -21.67 85.53 -98.34
N GLU P 325 -22.60 84.71 -97.84
CA GLU P 325 -23.49 85.08 -96.75
C GLU P 325 -22.87 84.83 -95.39
N SER P 326 -23.02 85.79 -94.49
CA SER P 326 -22.50 85.66 -93.14
C SER P 326 -23.11 84.48 -92.40
N GLY P 327 -22.24 83.67 -91.79
CA GLY P 327 -22.66 82.52 -91.02
C GLY P 327 -22.88 81.24 -91.82
N ALA P 328 -23.01 81.38 -93.14
CA ALA P 328 -23.19 80.21 -93.99
C ALA P 328 -21.95 79.34 -93.91
N THR P 329 -22.14 78.14 -93.37
CA THR P 329 -21.03 77.22 -93.16
C THR P 329 -21.10 75.98 -94.07
N LEU P 330 -22.17 75.88 -94.85
CA LEU P 330 -22.27 74.85 -95.87
C LEU P 330 -22.78 75.45 -97.16
N GLY P 331 -21.95 75.36 -98.20
CA GLY P 331 -22.36 75.81 -99.52
C GLY P 331 -23.12 74.72 -100.26
N PRO P 332 -23.40 74.92 -101.55
CA PRO P 332 -24.05 73.88 -102.32
C PRO P 332 -23.05 72.85 -102.85
N LEU P 333 -23.56 71.70 -103.28
CA LEU P 333 -22.82 70.76 -104.10
C LEU P 333 -22.54 71.42 -105.46
N ILE P 334 -21.47 70.99 -106.12
CA ILE P 334 -20.99 71.68 -107.30
C ILE P 334 -21.90 71.60 -108.52
N ASN P 335 -22.61 70.49 -108.67
CA ASN P 335 -23.54 70.30 -109.81
C ASN P 335 -24.67 69.32 -109.50
N GLU P 336 -25.59 69.15 -110.46
CA GLU P 336 -26.77 68.31 -110.26
C GLU P 336 -26.47 66.81 -110.28
N ALA P 337 -25.41 66.42 -110.99
CA ALA P 337 -24.93 65.04 -111.00
C ALA P 337 -24.52 64.56 -109.61
N ALA P 338 -24.05 65.50 -108.78
CA ALA P 338 -23.61 65.23 -107.42
C ALA P 338 -24.78 65.09 -106.44
N VAL P 339 -25.82 65.90 -106.64
CA VAL P 339 -27.06 65.82 -105.84
C VAL P 339 -27.65 64.40 -105.97
N LYS P 340 -27.66 63.91 -107.21
CA LYS P 340 -28.20 62.61 -107.55
C LYS P 340 -27.48 61.48 -106.84
N LYS P 341 -26.16 61.55 -106.80
CA LYS P 341 -25.35 60.53 -106.14
C LYS P 341 -25.63 60.46 -104.65
N VAL P 342 -25.72 61.63 -104.02
CA VAL P 342 -26.09 61.69 -102.61
C VAL P 342 -27.49 61.07 -102.41
N GLU P 343 -28.46 61.48 -103.22
CA GLU P 343 -29.82 60.94 -103.15
C GLU P 343 -29.88 59.42 -103.34
N SER P 344 -29.07 58.92 -104.26
CA SER P 344 -28.97 57.49 -104.52
C SER P 344 -28.47 56.73 -103.28
N HIS P 345 -27.32 57.14 -102.76
CA HIS P 345 -26.70 56.53 -101.59
C HIS P 345 -27.64 56.48 -100.40
N ILE P 346 -28.38 57.57 -100.21
CA ILE P 346 -29.38 57.63 -99.15
C ILE P 346 -30.50 56.63 -99.40
N ALA P 347 -31.10 56.70 -100.60
CA ALA P 347 -32.18 55.81 -101.00
C ALA P 347 -31.83 54.35 -100.76
N ASP P 348 -30.61 53.98 -101.15
CA ASP P 348 -30.08 52.63 -101.00
C ASP P 348 -30.00 52.18 -99.54
N ALA P 349 -29.57 53.08 -98.66
CA ALA P 349 -29.38 52.79 -97.25
C ALA P 349 -30.71 52.51 -96.54
N LEU P 350 -31.71 53.35 -96.80
CA LEU P 350 -33.07 53.17 -96.28
C LEU P 350 -33.66 51.83 -96.74
N ALA P 351 -33.50 51.56 -98.03
CA ALA P 351 -33.94 50.31 -98.65
C ALA P 351 -33.30 49.07 -98.03
N LYS P 352 -32.17 49.25 -97.34
CA LYS P 352 -31.42 48.14 -96.77
C LYS P 352 -31.43 48.11 -95.23
N GLY P 353 -32.29 48.94 -94.63
CA GLY P 353 -32.53 48.88 -93.20
C GLY P 353 -32.09 50.09 -92.38
N ALA P 354 -31.36 51.01 -93.00
CA ALA P 354 -30.84 52.16 -92.29
C ALA P 354 -31.93 53.17 -91.99
N SER P 355 -31.94 53.65 -90.75
CA SER P 355 -32.83 54.73 -90.34
C SER P 355 -32.17 56.07 -90.66
N LEU P 356 -33.00 57.11 -90.69
CA LEU P 356 -32.56 58.46 -91.01
C LEU P 356 -32.72 59.34 -89.79
N MET P 357 -31.62 59.93 -89.34
CA MET P 357 -31.60 60.70 -88.10
C MET P 357 -31.92 62.17 -88.32
N THR P 358 -31.24 62.80 -89.29
CA THR P 358 -31.48 64.19 -89.65
C THR P 358 -31.15 64.43 -91.13
N GLY P 359 -31.78 65.43 -91.74
CA GLY P 359 -31.64 65.67 -93.17
C GLY P 359 -32.25 64.57 -94.01
N GLY P 360 -31.71 64.34 -95.20
CA GLY P 360 -32.15 63.24 -96.05
C GLY P 360 -32.67 63.63 -97.42
N LYS P 361 -32.94 64.92 -97.61
CA LYS P 361 -33.46 65.42 -98.87
C LYS P 361 -32.62 66.60 -99.34
N ARG P 362 -32.78 66.94 -100.63
CA ARG P 362 -32.26 68.18 -101.18
C ARG P 362 -32.82 69.33 -100.36
N HIS P 363 -32.02 70.38 -100.15
CA HIS P 363 -32.42 71.52 -99.34
C HIS P 363 -33.38 72.42 -100.10
N ALA P 364 -34.11 73.24 -99.35
CA ALA P 364 -35.11 74.16 -99.90
C ALA P 364 -34.58 75.22 -100.88
N LEU P 365 -33.34 75.67 -100.69
CA LEU P 365 -32.77 76.74 -101.52
C LEU P 365 -32.65 76.36 -103.01
N GLY P 366 -32.83 75.07 -103.29
CA GLY P 366 -32.72 74.56 -104.65
C GLY P 366 -31.29 74.29 -105.07
N HIS P 367 -31.05 74.26 -106.37
CA HIS P 367 -29.72 74.08 -106.96
C HIS P 367 -28.98 72.90 -106.35
N GLY P 368 -27.69 73.07 -106.07
CA GLY P 368 -26.89 72.04 -105.44
C GLY P 368 -26.94 71.98 -103.92
N PHE P 369 -27.89 72.69 -103.32
CA PHE P 369 -27.99 72.71 -101.86
C PHE P 369 -28.60 71.44 -101.32
N PHE P 370 -27.93 70.83 -100.37
CA PHE P 370 -28.38 69.58 -99.80
C PHE P 370 -28.41 69.66 -98.28
N GLU P 371 -29.46 69.11 -97.68
CA GLU P 371 -29.58 69.02 -96.23
C GLU P 371 -28.44 68.19 -95.66
N PRO P 372 -27.75 68.72 -94.64
CA PRO P 372 -26.74 67.94 -93.93
C PRO P 372 -27.42 66.72 -93.34
N THR P 373 -26.81 65.55 -93.53
CA THR P 373 -27.52 64.29 -93.30
C THR P 373 -26.75 63.26 -92.49
N VAL P 374 -27.45 62.61 -91.55
CA VAL P 374 -26.86 61.57 -90.71
C VAL P 374 -27.75 60.33 -90.75
N LEU P 375 -27.15 59.17 -91.05
CA LEU P 375 -27.86 57.90 -91.01
C LEU P 375 -27.30 56.96 -89.97
N THR P 376 -28.21 56.29 -89.25
CA THR P 376 -27.84 55.24 -88.30
C THR P 376 -28.16 53.88 -88.92
N GLY P 377 -27.58 52.82 -88.34
CA GLY P 377 -27.87 51.46 -88.75
C GLY P 377 -27.31 51.14 -90.11
N VAL P 378 -26.24 51.84 -90.48
CA VAL P 378 -25.61 51.63 -91.78
C VAL P 378 -24.79 50.34 -91.76
N LYS P 379 -24.78 49.63 -92.87
CA LYS P 379 -24.17 48.28 -92.95
C LYS P 379 -23.32 48.12 -94.22
N PRO P 380 -22.40 47.14 -94.23
CA PRO P 380 -21.45 46.94 -95.34
C PRO P 380 -22.02 46.58 -96.73
N ASP P 381 -23.28 46.16 -96.79
CA ASP P 381 -23.89 45.76 -98.07
C ASP P 381 -24.39 46.96 -98.87
N MET P 382 -24.45 48.10 -98.19
CA MET P 382 -24.96 49.35 -98.78
C MET P 382 -23.93 50.00 -99.69
N ASP P 383 -24.40 50.78 -100.66
CA ASP P 383 -23.56 51.41 -101.67
C ASP P 383 -22.52 52.38 -101.09
N VAL P 384 -22.91 53.10 -100.04
CA VAL P 384 -22.04 54.06 -99.36
C VAL P 384 -20.79 53.41 -98.76
N ALA P 385 -20.88 52.12 -98.44
CA ALA P 385 -19.78 51.37 -97.83
C ALA P 385 -18.64 51.17 -98.81
N LYS P 386 -18.97 51.13 -100.10
CA LYS P 386 -18.02 50.74 -101.14
C LYS P 386 -17.67 51.86 -102.14
N GLU P 387 -18.30 53.03 -101.97
CA GLU P 387 -18.16 54.13 -102.95
C GLU P 387 -18.18 55.49 -102.24
N GLU P 388 -17.44 56.45 -102.79
CA GLU P 388 -17.45 57.82 -102.26
C GLU P 388 -18.74 58.57 -102.56
N THR P 389 -19.27 59.25 -101.55
CA THR P 389 -20.49 60.04 -101.67
C THR P 389 -20.20 61.42 -102.27
N PHE P 390 -19.07 62.01 -101.89
CA PHE P 390 -18.74 63.41 -102.21
C PHE P 390 -19.90 64.35 -101.89
N GLY P 391 -20.40 64.24 -100.67
CA GLY P 391 -21.53 65.04 -100.21
C GLY P 391 -21.66 64.97 -98.70
N PRO P 392 -22.58 65.75 -98.13
CA PRO P 392 -22.72 65.90 -96.68
C PRO P 392 -23.53 64.77 -96.01
N LEU P 393 -23.08 63.54 -96.21
CA LEU P 393 -23.71 62.36 -95.60
C LEU P 393 -22.82 61.60 -94.63
N ALA P 394 -23.22 61.56 -93.38
CA ALA P 394 -22.54 60.77 -92.36
C ALA P 394 -23.23 59.42 -92.16
N PRO P 395 -22.64 58.34 -92.70
CA PRO P 395 -23.21 57.02 -92.42
C PRO P 395 -22.53 56.35 -91.22
N LEU P 396 -23.29 56.09 -90.16
CA LEU P 396 -22.71 55.52 -88.93
C LEU P 396 -22.77 54.01 -88.92
N PHE P 397 -21.61 53.39 -89.16
CA PHE P 397 -21.48 51.94 -89.08
C PHE P 397 -21.21 51.56 -87.63
N ARG P 398 -21.34 50.25 -87.36
CA ARG P 398 -21.24 49.71 -86.00
C ARG P 398 -20.09 48.71 -85.93
N PHE P 399 -19.26 48.80 -84.89
CA PHE P 399 -18.29 47.72 -84.65
C PHE P 399 -18.23 47.30 -83.19
N ALA P 400 -17.76 46.07 -82.96
CA ALA P 400 -17.81 45.44 -81.64
C ALA P 400 -16.44 45.19 -81.00
N SER P 401 -15.41 45.08 -81.83
CA SER P 401 -14.06 44.79 -81.35
C SER P 401 -13.03 45.47 -82.24
N GLU P 402 -11.79 45.50 -81.76
CA GLU P 402 -10.66 46.04 -82.51
C GLU P 402 -10.35 45.20 -83.75
N GLU P 403 -10.43 43.88 -83.59
CA GLU P 403 -10.15 42.96 -84.68
C GLU P 403 -11.10 43.23 -85.85
N GLU P 404 -12.37 43.34 -85.51
CA GLU P 404 -13.42 43.59 -86.49
C GLU P 404 -13.20 44.91 -87.22
N LEU P 405 -12.87 45.96 -86.45
CA LEU P 405 -12.69 47.28 -87.03
C LEU P 405 -11.62 47.29 -88.10
N VAL P 406 -10.48 46.67 -87.81
CA VAL P 406 -9.36 46.61 -88.74
C VAL P 406 -9.77 45.97 -90.08
N ARG P 407 -10.57 44.92 -89.99
CA ARG P 407 -11.10 44.20 -91.15
C ARG P 407 -12.08 45.06 -91.94
N LEU P 408 -12.96 45.74 -91.22
CA LEU P 408 -13.98 46.60 -91.79
C LEU P 408 -13.39 47.86 -92.38
N ALA P 409 -12.39 48.42 -91.71
CA ALA P 409 -11.76 49.65 -92.15
C ALA P 409 -11.03 49.40 -93.45
N ASN P 410 -10.35 48.25 -93.52
CA ASN P 410 -9.50 47.91 -94.65
C ASN P 410 -10.21 47.22 -95.78
N ASP P 411 -11.50 46.95 -95.63
CA ASP P 411 -12.24 46.23 -96.68
C ASP P 411 -12.69 47.16 -97.82
N THR P 412 -11.72 47.80 -98.46
CA THR P 412 -11.98 48.69 -99.58
C THR P 412 -10.79 48.70 -100.53
N GLU P 413 -11.06 48.97 -101.81
CA GLU P 413 -9.97 49.03 -102.79
C GLU P 413 -9.07 50.24 -102.49
N PHE P 414 -9.61 51.20 -101.74
CA PHE P 414 -8.97 52.50 -101.54
C PHE P 414 -8.20 52.63 -100.21
N GLY P 415 -7.27 53.58 -100.16
CA GLY P 415 -6.46 53.81 -98.96
C GLY P 415 -5.81 55.17 -98.90
N LEU P 416 -6.61 56.22 -98.78
CA LEU P 416 -6.07 57.57 -98.76
C LEU P 416 -5.95 58.10 -97.33
N ALA P 417 -7.04 58.61 -96.78
CA ALA P 417 -7.03 59.14 -95.42
C ALA P 417 -7.84 58.26 -94.47
N ALA P 418 -7.51 58.32 -93.18
CA ALA P 418 -8.24 57.60 -92.15
C ALA P 418 -8.19 58.41 -90.88
N TYR P 419 -9.16 58.21 -90.01
CA TYR P 419 -9.23 58.98 -88.78
C TYR P 419 -9.53 58.06 -87.60
N LEU P 420 -8.75 58.23 -86.54
CA LEU P 420 -8.78 57.33 -85.40
C LEU P 420 -8.91 58.10 -84.09
N TYR P 421 -9.94 57.81 -83.34
CA TYR P 421 -10.14 58.42 -82.04
C TYR P 421 -10.14 57.38 -80.91
N SER P 422 -9.09 57.44 -80.08
CA SER P 422 -8.90 56.54 -78.95
C SER P 422 -7.85 57.13 -78.00
N ARG P 423 -7.95 56.81 -76.72
CA ARG P 423 -7.00 57.33 -75.74
C ARG P 423 -5.87 56.38 -75.39
N ASP P 424 -6.10 55.08 -75.49
CA ASP P 424 -5.08 54.09 -75.15
C ASP P 424 -3.94 54.13 -76.14
N ILE P 425 -2.72 54.22 -75.62
CA ILE P 425 -1.51 54.36 -76.41
C ILE P 425 -1.30 53.18 -77.36
N GLY P 426 -1.33 51.97 -76.82
CA GLY P 426 -1.05 50.75 -77.59
C GLY P 426 -2.12 50.38 -78.59
N ARG P 427 -3.38 50.65 -78.25
CA ARG P 427 -4.48 50.46 -79.20
C ARG P 427 -4.26 51.33 -80.43
N VAL P 428 -3.99 52.62 -80.18
CA VAL P 428 -3.79 53.61 -81.21
C VAL P 428 -2.68 53.16 -82.15
N TRP P 429 -1.56 52.73 -81.59
CA TRP P 429 -0.42 52.28 -82.40
C TRP P 429 -0.73 51.06 -83.27
N ARG P 430 -1.40 50.07 -82.67
CA ARG P 430 -1.73 48.83 -83.36
C ARG P 430 -2.63 49.08 -84.54
N VAL P 431 -3.75 49.75 -84.28
CA VAL P 431 -4.70 50.12 -85.33
C VAL P 431 -4.05 51.04 -86.39
N ALA P 432 -3.30 52.04 -85.95
CA ALA P 432 -2.63 52.93 -86.87
C ALA P 432 -1.72 52.15 -87.81
N GLU P 433 -1.00 51.18 -87.27
CA GLU P 433 -0.11 50.34 -88.06
C GLU P 433 -0.88 49.41 -88.99
N ALA P 434 -1.95 48.82 -88.48
CA ALA P 434 -2.77 47.88 -89.26
C ALA P 434 -3.55 48.54 -90.42
N LEU P 435 -3.94 49.81 -90.25
CA LEU P 435 -4.69 50.55 -91.25
C LEU P 435 -3.92 50.72 -92.55
N GLU P 436 -4.50 50.23 -93.64
CA GLU P 436 -3.87 50.32 -94.96
C GLU P 436 -4.24 51.65 -95.63
N TYR P 437 -3.58 52.72 -95.17
CA TYR P 437 -3.87 54.09 -95.63
C TYR P 437 -2.61 54.94 -95.71
N GLY P 438 -2.61 55.92 -96.61
CA GLY P 438 -1.48 56.83 -96.75
C GLY P 438 -1.35 57.82 -95.62
N MET P 439 -2.48 58.11 -94.96
CA MET P 439 -2.56 59.16 -93.94
C MET P 439 -3.54 58.81 -92.85
N VAL P 440 -3.14 59.04 -91.60
CA VAL P 440 -4.00 58.73 -90.47
C VAL P 440 -4.01 59.86 -89.48
N GLY P 441 -5.17 60.48 -89.30
CA GLY P 441 -5.38 61.45 -88.24
C GLY P 441 -5.64 60.73 -86.94
N ILE P 442 -4.80 60.99 -85.94
CA ILE P 442 -4.97 60.40 -84.62
C ILE P 442 -5.55 61.42 -83.65
N ASN P 443 -6.81 61.21 -83.27
CA ASN P 443 -7.53 62.14 -82.39
C ASN P 443 -7.62 63.56 -82.94
N THR P 444 -7.48 63.70 -84.26
CA THR P 444 -7.75 64.95 -84.95
C THR P 444 -8.58 64.73 -86.22
N GLY P 445 -9.36 65.75 -86.59
CA GLY P 445 -10.16 65.68 -87.81
C GLY P 445 -9.46 66.25 -89.04
N LEU P 446 -8.47 67.11 -88.82
CA LEU P 446 -7.78 67.80 -89.91
C LEU P 446 -6.29 67.51 -89.91
N ILE P 447 -5.76 67.16 -91.08
CA ILE P 447 -4.37 66.69 -91.17
C ILE P 447 -3.55 67.30 -92.31
N SER P 448 -4.19 68.10 -93.16
CA SER P 448 -3.51 68.62 -94.35
C SER P 448 -2.66 69.85 -94.04
N ASN P 449 -1.47 69.88 -94.63
CA ASN P 449 -0.55 71.03 -94.56
C ASN P 449 0.61 70.83 -95.51
N GLU P 450 1.42 71.86 -95.70
CA GLU P 450 2.51 71.85 -96.68
C GLU P 450 3.69 70.94 -96.34
N VAL P 451 3.83 70.57 -95.07
CA VAL P 451 5.06 69.92 -94.60
C VAL P 451 4.96 68.40 -94.46
N ALA P 452 3.73 67.89 -94.43
CA ALA P 452 3.46 66.46 -94.30
C ALA P 452 3.23 65.80 -95.67
N PRO P 453 3.76 64.58 -95.87
CA PRO P 453 3.60 63.90 -97.15
C PRO P 453 2.16 63.49 -97.44
N PHE P 454 1.57 64.10 -98.45
CA PHE P 454 0.19 63.84 -98.82
C PHE P 454 0.07 62.83 -99.97
N GLY P 455 -0.72 61.79 -99.76
CA GLY P 455 -0.90 60.77 -100.78
C GLY P 455 -1.50 59.49 -100.24
N GLY P 456 -1.90 58.61 -101.16
CA GLY P 456 -2.59 57.38 -100.78
C GLY P 456 -1.90 56.11 -101.26
N VAL P 457 -2.31 55.00 -100.67
CA VAL P 457 -1.82 53.69 -101.06
C VAL P 457 -2.91 52.98 -101.86
N LYS P 458 -2.58 51.81 -102.41
CA LYS P 458 -3.57 50.96 -103.10
C LYS P 458 -4.16 51.67 -104.33
N GLN P 459 -5.49 51.68 -104.42
CA GLN P 459 -6.18 52.30 -105.52
C GLN P 459 -6.35 53.81 -105.33
N SER P 460 -5.87 54.33 -104.21
CA SER P 460 -5.78 55.78 -103.98
C SER P 460 -4.60 56.39 -104.72
N GLY P 461 -3.67 55.56 -105.18
CA GLY P 461 -2.68 55.98 -106.17
C GLY P 461 -1.19 55.90 -105.91
N LEU P 462 -0.48 56.93 -106.37
CA LEU P 462 0.98 56.90 -106.42
C LEU P 462 1.60 58.24 -106.05
N GLY P 463 2.77 58.19 -105.42
CA GLY P 463 3.57 59.38 -105.13
C GLY P 463 3.08 60.24 -103.97
N ARG P 464 3.81 61.31 -103.69
CA ARG P 464 3.49 62.19 -102.56
C ARG P 464 3.53 63.67 -102.90
N GLU P 465 2.73 64.45 -102.18
CA GLU P 465 2.66 65.91 -102.36
C GLU P 465 2.86 66.64 -101.03
N GLY P 466 3.46 67.82 -101.10
CA GLY P 466 3.92 68.51 -99.91
C GLY P 466 5.12 67.80 -99.32
N SER P 467 5.69 68.37 -98.25
CA SER P 467 6.89 67.82 -97.59
C SER P 467 8.12 67.79 -98.49
N HIS P 468 9.23 67.30 -97.95
CA HIS P 468 10.46 67.14 -98.73
C HIS P 468 10.33 66.04 -99.81
N TYR P 469 9.40 65.11 -99.57
CA TYR P 469 9.07 64.05 -100.52
C TYR P 469 8.38 64.61 -101.77
N GLY P 470 7.76 65.78 -101.62
CA GLY P 470 6.97 66.39 -102.68
C GLY P 470 7.72 66.81 -103.93
N ILE P 471 8.98 67.20 -103.79
CA ILE P 471 9.79 67.61 -104.93
C ILE P 471 10.46 66.40 -105.62
N ASP P 472 10.60 65.30 -104.87
CA ASP P 472 11.27 64.11 -105.37
C ASP P 472 10.80 63.62 -106.74
N ASP P 473 9.51 63.72 -107.01
CA ASP P 473 8.97 63.13 -108.24
C ASP P 473 9.07 64.08 -109.43
N TYR P 474 9.70 65.22 -109.23
CA TYR P 474 9.92 66.21 -110.28
C TYR P 474 11.39 66.24 -110.69
N VAL P 475 12.19 65.42 -110.02
CA VAL P 475 13.60 65.29 -110.33
C VAL P 475 13.96 63.87 -110.79
N VAL P 476 15.10 63.77 -111.45
CA VAL P 476 15.59 62.49 -111.93
C VAL P 476 17.02 62.34 -111.42
N ILE P 477 17.39 61.13 -110.97
CA ILE P 477 18.71 60.98 -110.34
C ILE P 477 19.77 60.53 -111.35
N LYS P 478 20.98 61.07 -111.20
CA LYS P 478 22.07 60.76 -112.12
C LYS P 478 23.31 60.24 -111.38
N TYR P 479 23.62 58.98 -111.60
CA TYR P 479 24.82 58.36 -111.05
C TYR P 479 26.01 58.61 -111.97
N LEU P 480 27.04 59.21 -111.40
CA LEU P 480 28.30 59.48 -112.07
C LEU P 480 29.36 58.62 -111.42
N CYS P 481 30.08 57.87 -112.25
CA CYS P 481 31.10 56.96 -111.77
C CYS P 481 32.46 57.43 -112.26
N VAL P 482 33.12 58.22 -111.41
CA VAL P 482 34.36 58.90 -111.76
C VAL P 482 35.56 58.00 -111.50
N ALA P 483 36.21 57.56 -112.58
CA ALA P 483 37.46 56.82 -112.47
C ALA P 483 38.54 57.79 -112.05
N VAL P 484 39.14 57.50 -110.90
CA VAL P 484 39.98 58.45 -110.19
C VAL P 484 41.36 58.61 -110.85
N GLY Q 3 18.80 -71.20 20.36
CA GLY Q 3 18.56 -69.97 19.54
C GLY Q 3 17.89 -68.83 20.31
N SER Q 4 16.57 -68.75 20.22
CA SER Q 4 15.79 -67.72 20.94
C SER Q 4 14.60 -68.33 21.70
N MET Q 5 14.75 -68.40 23.02
CA MET Q 5 13.76 -68.95 23.94
C MET Q 5 13.85 -68.19 25.26
N LYS Q 6 12.79 -68.25 26.08
CA LYS Q 6 12.80 -67.60 27.40
C LYS Q 6 14.06 -67.96 28.19
N ASP Q 7 14.51 -69.20 28.02
CA ASP Q 7 15.64 -69.74 28.76
C ASP Q 7 16.48 -70.61 27.83
N PRO Q 8 17.31 -69.97 26.97
CA PRO Q 8 18.02 -70.66 25.88
C PRO Q 8 18.97 -71.78 26.34
N SER Q 9 19.37 -71.73 27.62
CA SER Q 9 20.29 -72.71 28.21
C SER Q 9 19.76 -74.16 28.21
N LEU Q 10 18.50 -74.32 27.82
CA LEU Q 10 17.88 -75.63 27.69
C LEU Q 10 18.39 -76.40 26.50
N LEU Q 11 18.64 -75.70 25.39
CA LEU Q 11 19.20 -76.32 24.19
C LEU Q 11 20.65 -76.68 24.50
N ARG Q 12 20.92 -77.98 24.53
CA ARG Q 12 22.24 -78.47 24.93
C ARG Q 12 23.03 -78.99 23.74
N HIS Q 13 24.34 -78.71 23.74
CA HIS Q 13 25.23 -79.27 22.73
C HIS Q 13 26.26 -80.20 23.37
N GLN Q 14 26.05 -80.51 24.65
CA GLN Q 14 26.87 -81.46 25.42
C GLN Q 14 26.08 -82.69 25.96
N ALA Q 15 26.75 -83.84 26.00
CA ALA Q 15 26.13 -85.08 26.50
C ALA Q 15 26.12 -85.12 28.03
N TYR Q 16 25.38 -86.06 28.58
CA TYR Q 16 25.16 -86.14 30.03
C TYR Q 16 25.67 -87.44 30.65
N ILE Q 17 26.83 -87.38 31.31
CA ILE Q 17 27.51 -88.56 31.85
C ILE Q 17 27.75 -88.46 33.36
N GLY Q 18 27.06 -89.29 34.14
CA GLY Q 18 27.23 -89.34 35.59
C GLY Q 18 27.00 -88.00 36.29
N GLY Q 19 26.01 -87.26 35.79
CA GLY Q 19 25.71 -85.93 36.30
C GLY Q 19 26.78 -84.92 35.92
N GLU Q 20 27.29 -85.06 34.70
CA GLU Q 20 28.37 -84.20 34.21
C GLU Q 20 28.18 -83.91 32.73
N TRP Q 21 28.16 -82.62 32.38
CA TRP Q 21 28.05 -82.19 30.99
C TRP Q 21 29.39 -82.34 30.28
N GLN Q 22 29.38 -83.02 29.12
CA GLN Q 22 30.62 -83.42 28.46
C GLN Q 22 30.54 -83.42 26.92
N ALA Q 23 31.67 -83.07 26.29
CA ALA Q 23 31.87 -83.31 24.86
C ALA Q 23 32.66 -84.60 24.69
N ALA Q 24 32.43 -85.29 23.57
CA ALA Q 24 33.03 -86.62 23.34
C ALA Q 24 34.54 -86.66 23.58
N ASP Q 25 35.04 -87.83 23.98
CA ASP Q 25 36.46 -88.02 24.24
C ASP Q 25 37.29 -87.62 23.03
N SER Q 26 36.90 -88.11 21.86
CA SER Q 26 37.56 -87.75 20.60
C SER Q 26 37.13 -86.38 20.05
N ASP Q 27 36.45 -85.59 20.89
CA ASP Q 27 35.92 -84.25 20.52
C ASP Q 27 34.96 -84.21 19.31
N ALA Q 28 34.82 -85.34 18.61
CA ALA Q 28 34.05 -85.42 17.37
C ALA Q 28 32.54 -85.28 17.58
N THR Q 29 31.90 -84.57 16.66
CA THR Q 29 30.47 -84.31 16.73
C THR Q 29 29.77 -84.69 15.41
N PHE Q 30 28.45 -84.58 15.41
CA PHE Q 30 27.65 -84.80 14.19
C PHE Q 30 26.47 -83.81 14.13
N GLU Q 31 26.11 -83.44 12.90
CA GLU Q 31 25.17 -82.35 12.63
C GLU Q 31 23.71 -82.81 12.82
N VAL Q 32 22.86 -81.90 13.30
CA VAL Q 32 21.42 -82.15 13.46
C VAL Q 32 20.59 -81.16 12.64
N PHE Q 33 19.66 -81.67 11.85
CA PHE Q 33 18.91 -80.85 10.88
C PHE Q 33 17.40 -80.80 11.14
N ASP Q 34 16.84 -79.59 11.08
CA ASP Q 34 15.40 -79.36 11.02
C ASP Q 34 14.81 -80.16 9.85
N PRO Q 35 13.79 -80.99 10.09
CA PRO Q 35 13.23 -81.83 9.01
C PRO Q 35 12.42 -81.05 7.99
N ALA Q 36 12.10 -79.80 8.30
CA ALA Q 36 11.38 -78.90 7.38
C ALA Q 36 12.35 -78.12 6.47
N THR Q 37 13.08 -77.16 7.05
CA THR Q 37 14.00 -76.29 6.29
C THR Q 37 15.09 -77.09 5.59
N GLY Q 38 15.83 -77.87 6.37
CA GLY Q 38 17.06 -78.52 5.93
C GLY Q 38 18.24 -77.87 6.63
N GLU Q 39 17.95 -76.83 7.41
CA GLU Q 39 18.98 -76.05 8.11
C GLU Q 39 19.55 -76.83 9.30
N SER Q 40 20.57 -76.25 9.93
CA SER Q 40 21.33 -76.90 10.99
C SER Q 40 21.06 -76.29 12.37
N LEU Q 41 20.67 -77.12 13.33
CA LEU Q 41 20.47 -76.70 14.72
C LEU Q 41 21.77 -76.77 15.52
N GLY Q 42 22.81 -77.32 14.90
CA GLY Q 42 24.12 -77.42 15.53
C GLY Q 42 24.63 -78.85 15.68
N THR Q 43 25.48 -79.04 16.67
CA THR Q 43 26.17 -80.32 16.87
C THR Q 43 25.90 -80.94 18.25
N VAL Q 44 26.23 -82.22 18.36
CA VAL Q 44 26.24 -82.96 19.63
C VAL Q 44 27.35 -84.02 19.59
N PRO Q 45 27.88 -84.41 20.77
CA PRO Q 45 28.91 -85.44 20.88
C PRO Q 45 28.60 -86.71 20.10
N LYS Q 46 29.62 -87.25 19.43
CA LYS Q 46 29.52 -88.56 18.79
C LYS Q 46 30.31 -89.56 19.65
N MET Q 47 29.91 -89.66 20.93
CA MET Q 47 30.52 -90.60 21.86
C MET Q 47 30.23 -92.05 21.46
N GLY Q 48 30.78 -92.98 22.22
CA GLY Q 48 30.60 -94.41 21.96
C GLY Q 48 30.84 -95.26 23.19
N ALA Q 49 31.31 -96.47 22.97
CA ALA Q 49 31.52 -97.48 24.00
C ALA Q 49 32.20 -96.99 25.29
N ALA Q 50 33.22 -96.14 25.13
CA ALA Q 50 34.06 -95.73 26.26
C ALA Q 50 33.36 -94.79 27.24
N GLU Q 51 32.48 -93.94 26.72
CA GLU Q 51 31.75 -92.97 27.54
C GLU Q 51 30.45 -93.58 28.08
N THR Q 52 29.90 -94.53 27.31
CA THR Q 52 28.78 -95.35 27.76
C THR Q 52 29.21 -96.17 28.97
N ALA Q 53 30.38 -96.82 28.84
CA ALA Q 53 30.98 -97.59 29.92
C ALA Q 53 31.13 -96.78 31.21
N ARG Q 54 31.65 -95.56 31.11
CA ARG Q 54 31.78 -94.64 32.24
C ARG Q 54 30.42 -94.25 32.85
N ALA Q 55 29.42 -94.02 31.99
CA ALA Q 55 28.05 -93.73 32.42
C ALA Q 55 27.44 -94.90 33.16
N ILE Q 56 27.64 -96.09 32.62
CA ILE Q 56 27.19 -97.33 33.23
C ILE Q 56 27.87 -97.57 34.59
N GLU Q 57 29.16 -97.26 34.66
CA GLU Q 57 29.93 -97.37 35.90
C GLU Q 57 29.49 -96.31 36.92
N ALA Q 58 29.19 -95.11 36.42
CA ALA Q 58 28.82 -93.99 37.28
C ALA Q 58 27.42 -94.15 37.84
N ALA Q 59 26.58 -94.89 37.10
CA ALA Q 59 25.23 -95.24 37.55
C ALA Q 59 25.30 -96.19 38.73
N GLN Q 60 26.23 -97.14 38.65
CA GLN Q 60 26.41 -98.17 39.67
C GLN Q 60 26.74 -97.64 41.07
N ALA Q 61 27.62 -96.63 41.15
CA ALA Q 61 28.03 -96.04 42.43
C ALA Q 61 26.92 -95.22 43.08
N ALA Q 62 26.12 -94.55 42.24
CA ALA Q 62 24.99 -93.74 42.71
C ALA Q 62 23.84 -94.57 43.32
N TRP Q 63 23.78 -95.85 42.95
CA TRP Q 63 22.65 -96.74 43.30
C TRP Q 63 22.38 -96.92 44.79
N ALA Q 64 23.40 -97.38 45.53
CA ALA Q 64 23.30 -97.55 46.98
C ALA Q 64 22.77 -96.29 47.67
N GLY Q 65 23.21 -95.13 47.19
CA GLY Q 65 22.79 -93.82 47.70
C GLY Q 65 21.35 -93.49 47.34
N TRP Q 66 21.01 -93.62 46.06
CA TRP Q 66 19.67 -93.33 45.54
C TRP Q 66 18.60 -94.30 46.07
N ARG Q 67 18.93 -95.59 46.14
CA ARG Q 67 18.01 -96.64 46.59
C ARG Q 67 17.68 -96.54 48.09
N MET Q 68 18.55 -95.91 48.86
CA MET Q 68 18.39 -95.81 50.30
C MET Q 68 17.35 -94.76 50.70
N LYS Q 69 17.07 -93.82 49.80
CA LYS Q 69 16.02 -92.82 50.02
C LYS Q 69 14.64 -93.50 50.13
N THR Q 70 13.70 -92.83 50.79
CA THR Q 70 12.32 -93.32 50.84
C THR Q 70 11.59 -92.95 49.55
N ALA Q 71 10.59 -93.74 49.18
CA ALA Q 71 9.77 -93.44 48.00
C ALA Q 71 9.20 -92.02 48.06
N LYS Q 72 8.87 -91.56 49.27
CA LYS Q 72 8.40 -90.20 49.52
C LYS Q 72 9.52 -89.21 49.19
N GLU Q 73 10.70 -89.48 49.74
CA GLU Q 73 11.90 -88.69 49.52
C GLU Q 73 12.25 -88.59 48.03
N ARG Q 74 11.90 -89.64 47.28
CA ARG Q 74 12.17 -89.68 45.83
C ARG Q 74 11.08 -88.95 45.04
N ALA Q 75 9.87 -88.97 45.58
CA ALA Q 75 8.73 -88.32 44.95
C ALA Q 75 8.94 -86.81 44.84
N ALA Q 76 9.31 -86.18 45.97
CA ALA Q 76 9.60 -84.74 46.02
C ALA Q 76 10.47 -84.28 44.85
N ILE Q 77 11.54 -85.03 44.60
CA ILE Q 77 12.48 -84.75 43.51
C ILE Q 77 11.86 -84.95 42.14
N LEU Q 78 11.10 -86.03 41.96
CA LEU Q 78 10.46 -86.30 40.67
C LEU Q 78 9.36 -85.29 40.39
N ARG Q 79 8.58 -84.97 41.42
CA ARG Q 79 7.53 -83.95 41.34
C ARG Q 79 8.12 -82.58 40.97
N ARG Q 80 9.30 -82.26 41.50
CA ARG Q 80 10.00 -81.02 41.15
C ARG Q 80 10.47 -81.06 39.70
N TRP Q 81 10.77 -82.25 39.21
CA TRP Q 81 11.08 -82.43 37.80
C TRP Q 81 9.82 -82.10 37.03
N PHE Q 82 8.75 -82.86 37.28
CA PHE Q 82 7.41 -82.56 36.79
C PHE Q 82 7.15 -81.05 36.77
N ASP Q 83 7.36 -80.39 37.91
CA ASP Q 83 7.14 -78.94 38.08
C ASP Q 83 7.86 -78.13 37.02
N LEU Q 84 9.13 -78.46 36.82
CA LEU Q 84 9.98 -77.75 35.88
C LEU Q 84 9.64 -78.04 34.42
N VAL Q 85 9.03 -79.20 34.16
CA VAL Q 85 8.55 -79.54 32.82
C VAL Q 85 7.31 -78.71 32.48
N ILE Q 86 6.33 -78.69 33.38
CA ILE Q 86 5.13 -77.86 33.23
C ILE Q 86 5.53 -76.40 33.01
N ALA Q 87 6.41 -75.89 33.89
CA ALA Q 87 6.84 -74.49 33.86
C ALA Q 87 7.58 -74.09 32.56
N ASN Q 88 8.40 -74.99 32.02
CA ASN Q 88 9.15 -74.72 30.79
C ASN Q 88 8.52 -75.35 29.54
N SER Q 89 7.21 -75.55 29.61
CA SER Q 89 6.40 -76.21 28.57
C SER Q 89 6.59 -75.65 27.16
N ASP Q 90 6.64 -74.33 27.05
CA ASP Q 90 6.77 -73.64 25.76
C ASP Q 90 8.12 -73.85 25.09
N ASP Q 91 9.20 -73.62 25.84
CA ASP Q 91 10.56 -73.81 25.32
C ASP Q 91 10.77 -75.24 24.82
N LEU Q 92 10.35 -76.24 25.61
CA LEU Q 92 10.54 -77.66 25.28
C LEU Q 92 9.83 -78.07 23.98
N ALA Q 93 8.64 -77.53 23.76
CA ALA Q 93 7.83 -77.85 22.59
C ALA Q 93 8.41 -77.22 21.33
N LEU Q 94 9.10 -76.10 21.52
CA LEU Q 94 9.74 -75.38 20.42
C LEU Q 94 10.98 -76.14 19.94
N ILE Q 95 11.73 -76.71 20.88
CA ILE Q 95 12.84 -77.61 20.58
C ILE Q 95 12.31 -78.84 19.83
N LEU Q 96 11.22 -79.40 20.36
CA LEU Q 96 10.61 -80.62 19.88
C LEU Q 96 10.13 -80.48 18.43
N THR Q 97 9.44 -79.37 18.15
CA THR Q 97 8.97 -79.10 16.81
C THR Q 97 10.16 -78.90 15.87
N THR Q 98 11.15 -78.12 16.31
CA THR Q 98 12.39 -77.92 15.56
C THR Q 98 13.01 -79.23 15.07
N GLU Q 99 13.30 -80.15 15.99
CA GLU Q 99 14.04 -81.37 15.66
C GLU Q 99 13.20 -82.52 15.10
N GLN Q 100 11.96 -82.66 15.58
CA GLN Q 100 11.09 -83.77 15.16
C GLN Q 100 10.15 -83.36 14.02
N GLY Q 101 9.58 -82.16 14.12
CA GLY Q 101 8.80 -81.58 13.03
C GLY Q 101 7.29 -81.64 13.15
N LYS Q 102 6.79 -82.20 14.24
CA LYS Q 102 5.36 -82.16 14.52
C LYS Q 102 4.91 -80.73 14.83
N PRO Q 103 3.66 -80.39 14.49
CA PRO Q 103 3.09 -79.08 14.83
C PRO Q 103 3.35 -78.69 16.28
N LEU Q 104 3.43 -77.38 16.54
CA LEU Q 104 3.65 -76.86 17.89
C LEU Q 104 2.58 -77.34 18.88
N ALA Q 105 1.34 -77.48 18.40
CA ALA Q 105 0.22 -77.92 19.24
C ALA Q 105 0.43 -79.34 19.74
N GLU Q 106 0.62 -80.26 18.80
CA GLU Q 106 0.99 -81.64 19.10
C GLU Q 106 2.17 -81.69 20.08
N ALA Q 107 3.11 -80.77 19.88
CA ALA Q 107 4.29 -80.70 20.73
C ALA Q 107 3.93 -80.31 22.16
N LYS Q 108 3.05 -79.31 22.32
CA LYS Q 108 2.54 -78.93 23.64
C LYS Q 108 1.70 -80.04 24.26
N GLY Q 109 1.18 -80.92 23.41
CA GLY Q 109 0.49 -82.12 23.84
C GLY Q 109 1.49 -83.11 24.42
N GLU Q 110 2.45 -83.51 23.58
CA GLU Q 110 3.50 -84.44 23.99
C GLU Q 110 4.15 -84.06 25.32
N ILE Q 111 4.42 -82.77 25.54
CA ILE Q 111 5.04 -82.32 26.77
C ILE Q 111 4.12 -82.56 27.98
N ALA Q 112 2.82 -82.29 27.82
CA ALA Q 112 1.83 -82.51 28.88
C ALA Q 112 1.60 -84.00 29.14
N TYR Q 113 1.60 -84.77 28.05
CA TYR Q 113 1.53 -86.22 28.09
C TYR Q 113 2.81 -86.81 28.70
N ALA Q 114 3.91 -86.07 28.58
CA ALA Q 114 5.21 -86.49 29.13
C ALA Q 114 5.38 -86.06 30.58
N ALA Q 115 4.86 -84.89 30.93
CA ALA Q 115 4.95 -84.40 32.30
C ALA Q 115 4.14 -85.30 33.23
N SER Q 116 3.05 -85.85 32.70
CA SER Q 116 2.11 -86.64 33.47
C SER Q 116 2.73 -87.95 33.95
N PHE Q 117 3.53 -88.59 33.10
CA PHE Q 117 4.21 -89.85 33.45
C PHE Q 117 5.14 -89.67 34.64
N ILE Q 118 5.81 -88.52 34.69
CA ILE Q 118 6.69 -88.19 35.80
C ILE Q 118 5.88 -88.18 37.08
N GLU Q 119 4.76 -87.47 37.05
CA GLU Q 119 3.83 -87.39 38.17
C GLU Q 119 3.32 -88.78 38.58
N TRP Q 120 2.94 -89.57 37.59
CA TRP Q 120 2.32 -90.86 37.82
C TRP Q 120 3.26 -91.78 38.58
N PHE Q 121 4.51 -91.82 38.12
CA PHE Q 121 5.47 -92.72 38.69
C PHE Q 121 6.05 -92.17 39.99
N ALA Q 122 6.05 -90.85 40.13
CA ALA Q 122 6.37 -90.26 41.44
C ALA Q 122 5.41 -90.82 42.47
N GLU Q 123 4.16 -91.00 42.06
CA GLU Q 123 3.11 -91.47 42.96
C GLU Q 123 3.20 -92.97 43.12
N GLU Q 124 3.30 -93.69 42.00
CA GLU Q 124 3.38 -95.15 41.99
C GLU Q 124 4.54 -95.66 42.83
N GLY Q 125 5.66 -94.94 42.79
CA GLY Q 125 6.82 -95.25 43.61
C GLY Q 125 6.46 -95.48 45.07
N LYS Q 126 5.58 -94.64 45.59
CA LYS Q 126 5.16 -94.74 47.00
C LYS Q 126 4.31 -95.98 47.30
N ARG Q 127 4.00 -96.76 46.25
CA ARG Q 127 2.97 -97.79 46.30
C ARG Q 127 3.36 -99.19 45.82
N VAL Q 128 4.67 -99.46 45.70
CA VAL Q 128 5.13 -100.81 45.33
C VAL Q 128 5.03 -101.75 46.55
N ALA Q 129 3.98 -102.55 46.60
CA ALA Q 129 3.78 -103.43 47.75
C ALA Q 129 4.09 -104.89 47.42
N GLY Q 130 4.61 -105.61 48.42
CA GLY Q 130 4.71 -107.06 48.36
C GLY Q 130 3.51 -107.69 49.04
N ASP Q 131 3.67 -108.90 49.58
CA ASP Q 131 2.58 -109.57 50.28
C ASP Q 131 3.04 -110.29 51.53
N THR Q 132 2.09 -110.58 52.41
CA THR Q 132 2.26 -111.58 53.44
C THR Q 132 1.16 -112.63 53.18
N LEU Q 133 1.57 -113.73 52.56
CA LEU Q 133 0.66 -114.80 52.18
C LEU Q 133 0.42 -115.78 53.33
N PRO Q 134 -0.68 -116.56 53.29
CA PRO Q 134 -0.91 -117.50 54.39
C PRO Q 134 -0.08 -118.76 54.20
N THR Q 135 0.46 -119.26 55.31
CA THR Q 135 1.46 -120.31 55.26
C THR Q 135 0.90 -121.70 54.95
N PRO Q 136 1.63 -122.49 54.13
CA PRO Q 136 1.29 -123.90 53.94
C PRO Q 136 1.93 -124.80 55.01
N ASP Q 137 2.79 -124.21 55.85
CA ASP Q 137 3.37 -124.91 57.00
C ASP Q 137 3.31 -124.06 58.27
N ALA Q 138 2.61 -124.58 59.27
CA ALA Q 138 2.33 -123.86 60.52
C ALA Q 138 3.57 -123.31 61.25
N ASN Q 139 4.73 -123.91 61.01
CA ASN Q 139 5.99 -123.49 61.67
C ASN Q 139 6.74 -122.37 60.95
N LYS Q 140 6.19 -121.92 59.82
CA LYS Q 140 6.85 -120.93 58.97
C LYS Q 140 5.93 -119.79 58.54
N ARG Q 141 6.51 -118.62 58.28
CA ARG Q 141 5.75 -117.47 57.77
C ARG Q 141 6.28 -116.94 56.42
N ILE Q 142 5.35 -116.66 55.50
CA ILE Q 142 5.71 -116.21 54.17
C ILE Q 142 5.61 -114.69 54.06
N VAL Q 143 6.69 -114.08 53.59
CA VAL Q 143 6.77 -112.62 53.47
C VAL Q 143 7.46 -112.25 52.16
N VAL Q 144 6.68 -111.71 51.21
CA VAL Q 144 7.22 -111.27 49.93
C VAL Q 144 7.45 -109.76 49.95
N VAL Q 145 8.67 -109.35 49.62
CA VAL Q 145 9.00 -107.93 49.54
C VAL Q 145 9.51 -107.58 48.14
N LYS Q 146 9.48 -106.30 47.81
CA LYS Q 146 9.87 -105.84 46.48
C LYS Q 146 10.99 -104.81 46.56
N GLU Q 147 11.92 -104.86 45.61
CA GLU Q 147 13.09 -103.97 45.61
C GLU Q 147 13.67 -103.68 44.21
N PRO Q 148 14.46 -102.59 44.08
CA PRO Q 148 15.06 -102.15 42.82
C PRO Q 148 15.86 -103.25 42.13
N ILE Q 149 15.68 -103.37 40.81
CA ILE Q 149 16.39 -104.41 40.04
C ILE Q 149 17.91 -104.18 39.91
N GLY Q 150 18.32 -102.92 39.88
CA GLY Q 150 19.70 -102.56 39.63
C GLY Q 150 19.82 -101.43 38.61
N VAL Q 151 20.96 -101.36 37.95
CA VAL Q 151 21.17 -100.35 36.92
C VAL Q 151 20.30 -100.68 35.69
N CYS Q 152 19.63 -99.67 35.13
CA CYS Q 152 18.76 -99.86 33.97
C CYS Q 152 19.26 -99.05 32.79
N ALA Q 153 18.82 -99.44 31.59
CA ALA Q 153 19.18 -98.70 30.40
C ALA Q 153 17.97 -98.59 29.48
N ALA Q 154 17.89 -97.47 28.77
CA ALA Q 154 16.77 -97.18 27.90
C ALA Q 154 17.21 -96.66 26.54
N ILE Q 155 16.51 -97.11 25.49
CA ILE Q 155 16.77 -96.66 24.13
C ILE Q 155 15.45 -96.21 23.50
N THR Q 156 15.35 -94.89 23.29
CA THR Q 156 14.14 -94.24 22.80
C THR Q 156 14.19 -94.01 21.29
N PRO Q 157 13.01 -93.81 20.65
CA PRO Q 157 12.93 -93.49 19.22
C PRO Q 157 12.78 -91.98 18.96
N TRP Q 158 12.65 -91.62 17.69
CA TRP Q 158 12.57 -90.22 17.28
C TRP Q 158 11.17 -89.63 17.32
N ASN Q 159 10.16 -90.49 17.17
CA ASN Q 159 8.75 -90.06 17.05
C ASN Q 159 8.19 -89.32 18.25
N PHE Q 160 8.67 -89.68 19.44
CA PHE Q 160 8.29 -88.99 20.66
C PHE Q 160 9.56 -88.72 21.50
N PRO Q 161 10.39 -87.77 21.06
CA PRO Q 161 11.69 -87.52 21.70
C PRO Q 161 11.57 -87.04 23.15
N ALA Q 162 10.39 -86.54 23.54
CA ALA Q 162 10.18 -86.06 24.91
C ALA Q 162 9.46 -87.06 25.83
N ALA Q 163 8.40 -87.67 25.33
CA ALA Q 163 7.54 -88.56 26.12
C ALA Q 163 8.21 -89.87 26.51
N MET Q 164 8.99 -90.40 25.59
CA MET Q 164 9.69 -91.67 25.79
C MET Q 164 10.67 -91.62 26.97
N ILE Q 165 11.40 -90.51 27.09
CA ILE Q 165 12.33 -90.32 28.21
C ILE Q 165 11.54 -90.41 29.51
N ALA Q 166 10.48 -89.61 29.61
CA ALA Q 166 9.60 -89.63 30.76
C ALA Q 166 9.08 -91.03 31.06
N ARG Q 167 8.58 -91.71 30.03
CA ARG Q 167 8.03 -93.06 30.13
C ARG Q 167 9.02 -94.13 30.59
N LYS Q 168 10.30 -93.78 30.69
CA LYS Q 168 11.32 -94.78 30.99
C LYS Q 168 12.21 -94.39 32.16
N VAL Q 169 12.50 -93.09 32.27
CA VAL Q 169 13.22 -92.55 33.40
C VAL Q 169 12.29 -92.49 34.61
N GLY Q 170 11.01 -92.27 34.35
CA GLY Q 170 9.99 -92.17 35.38
C GLY Q 170 9.91 -93.40 36.28
N PRO Q 171 9.55 -94.56 35.69
CA PRO Q 171 9.38 -95.77 36.51
C PRO Q 171 10.71 -96.31 37.05
N ALA Q 172 11.78 -96.19 36.25
CA ALA Q 172 13.11 -96.62 36.68
C ALA Q 172 13.55 -95.94 37.97
N LEU Q 173 13.47 -94.60 37.99
CA LEU Q 173 13.88 -93.82 39.15
C LEU Q 173 13.03 -94.09 40.39
N ALA Q 174 11.72 -94.02 40.22
CA ALA Q 174 10.77 -94.15 41.35
C ALA Q 174 10.77 -95.56 41.93
N ALA Q 175 11.19 -96.52 41.13
CA ALA Q 175 11.40 -97.90 41.58
C ALA Q 175 12.62 -97.98 42.49
N GLY Q 176 13.59 -97.08 42.25
CA GLY Q 176 14.81 -97.00 43.05
C GLY Q 176 16.07 -97.18 42.23
N CYS Q 177 15.91 -97.37 40.93
CA CYS Q 177 17.01 -97.67 40.03
C CYS Q 177 17.58 -96.42 39.40
N PRO Q 178 18.91 -96.40 39.14
CA PRO Q 178 19.48 -95.36 38.28
C PRO Q 178 19.43 -95.83 36.85
N ILE Q 179 19.38 -94.88 35.90
CA ILE Q 179 19.22 -95.27 34.49
C ILE Q 179 20.16 -94.51 33.54
N VAL Q 180 20.46 -95.19 32.42
CA VAL Q 180 21.34 -94.70 31.35
C VAL Q 180 20.57 -94.75 30.02
N VAL Q 181 20.44 -93.61 29.36
CA VAL Q 181 19.49 -93.44 28.27
C VAL Q 181 20.13 -93.02 26.95
N LYS Q 182 19.80 -93.75 25.87
CA LYS Q 182 20.30 -93.44 24.54
C LYS Q 182 19.20 -93.05 23.53
N PRO Q 183 18.90 -91.75 23.42
CA PRO Q 183 17.91 -91.27 22.45
C PRO Q 183 18.43 -91.36 21.01
N ALA Q 184 17.54 -91.55 20.05
CA ALA Q 184 17.95 -91.68 18.64
C ALA Q 184 18.72 -90.45 18.16
N GLU Q 185 19.79 -90.69 17.40
CA GLU Q 185 20.69 -89.62 16.94
C GLU Q 185 19.95 -88.55 16.14
N SER Q 186 18.73 -88.89 15.73
CA SER Q 186 17.88 -88.02 14.94
C SER Q 186 17.26 -86.87 15.74
N THR Q 187 17.08 -87.08 17.06
CA THR Q 187 16.37 -86.11 17.91
C THR Q 187 16.88 -86.10 19.36
N PRO Q 188 18.10 -85.58 19.59
CA PRO Q 188 18.69 -85.64 20.93
C PRO Q 188 18.40 -84.42 21.83
N PHE Q 189 17.98 -83.32 21.23
CA PHE Q 189 17.84 -82.05 21.97
C PHE Q 189 16.73 -82.04 23.02
N SER Q 190 15.66 -82.80 22.78
CA SER Q 190 14.55 -82.91 23.73
C SER Q 190 14.96 -83.70 24.96
N ALA Q 191 15.67 -84.82 24.74
CA ALA Q 191 16.18 -85.67 25.81
C ALA Q 191 17.11 -84.91 26.77
N LEU Q 192 18.01 -84.11 26.20
CA LEU Q 192 19.01 -83.35 26.96
C LEU Q 192 18.42 -82.24 27.80
N ALA Q 193 17.43 -81.56 27.23
CA ALA Q 193 16.73 -80.50 27.94
C ALA Q 193 16.08 -81.07 29.19
N MET Q 194 15.53 -82.27 29.09
CA MET Q 194 14.89 -82.92 30.23
C MET Q 194 15.87 -83.51 31.23
N ALA Q 195 17.04 -83.93 30.74
CA ALA Q 195 18.16 -84.28 31.63
C ALA Q 195 18.59 -83.03 32.42
N PHE Q 196 18.63 -81.89 31.74
CA PHE Q 196 19.00 -80.62 32.36
C PHE Q 196 17.96 -80.22 33.43
N LEU Q 197 16.69 -80.34 33.07
CA LEU Q 197 15.58 -80.06 33.99
C LEU Q 197 15.58 -80.99 35.21
N ALA Q 198 15.82 -82.27 34.96
CA ALA Q 198 15.93 -83.26 36.03
C ALA Q 198 17.04 -82.86 36.99
N GLU Q 199 18.19 -82.47 36.43
CA GLU Q 199 19.34 -82.02 37.21
C GLU Q 199 19.00 -80.88 38.18
N ARG Q 200 18.33 -79.85 37.67
CA ARG Q 200 17.93 -78.70 38.48
C ARG Q 200 16.95 -79.08 39.60
N ALA Q 201 16.13 -80.11 39.34
CA ALA Q 201 15.15 -80.58 40.33
C ALA Q 201 15.79 -81.40 41.45
N GLY Q 202 17.00 -81.89 41.22
CA GLY Q 202 17.79 -82.50 42.29
C GLY Q 202 18.05 -83.98 42.16
N VAL Q 203 18.13 -84.46 40.93
CA VAL Q 203 18.52 -85.85 40.61
C VAL Q 203 20.04 -85.97 40.77
N PRO Q 204 20.50 -86.58 41.89
CA PRO Q 204 21.93 -86.59 42.21
C PRO Q 204 22.78 -87.22 41.12
N LYS Q 205 24.03 -86.76 41.01
CA LYS Q 205 24.96 -87.17 39.97
C LYS Q 205 25.06 -88.70 39.80
N GLY Q 206 24.86 -89.17 38.57
CA GLY Q 206 24.99 -90.61 38.26
C GLY Q 206 23.69 -91.37 38.11
N VAL Q 207 22.60 -90.83 38.68
CA VAL Q 207 21.28 -91.48 38.63
C VAL Q 207 20.68 -91.44 37.22
N LEU Q 208 20.82 -90.30 36.55
CA LEU Q 208 20.41 -90.19 35.15
C LEU Q 208 21.62 -89.89 34.26
N SER Q 209 21.60 -90.45 33.05
CA SER Q 209 22.62 -90.17 32.05
C SER Q 209 22.05 -90.28 30.64
N VAL Q 210 22.32 -89.27 29.83
CA VAL Q 210 21.93 -89.29 28.42
C VAL Q 210 23.16 -89.42 27.54
N VAL Q 211 23.26 -90.54 26.82
CA VAL Q 211 24.39 -90.80 25.95
C VAL Q 211 24.05 -90.64 24.46
N ILE Q 212 24.76 -89.72 23.82
CA ILE Q 212 24.57 -89.37 22.42
C ILE Q 212 25.73 -89.88 21.57
N GLY Q 213 25.42 -90.44 20.40
CA GLY Q 213 26.45 -90.83 19.45
C GLY Q 213 26.08 -92.02 18.59
N ASP Q 214 27.06 -92.92 18.42
CA ASP Q 214 26.94 -94.08 17.53
C ASP Q 214 25.86 -95.03 18.05
N PRO Q 215 24.84 -95.34 17.22
CA PRO Q 215 23.78 -96.23 17.71
C PRO Q 215 24.28 -97.66 17.88
N LYS Q 216 25.17 -98.09 16.99
CA LYS Q 216 25.69 -99.46 16.99
C LYS Q 216 26.71 -99.65 18.10
N ALA Q 217 27.59 -98.67 18.29
CA ALA Q 217 28.65 -98.76 19.29
C ALA Q 217 28.14 -98.55 20.71
N ILE Q 218 27.15 -97.66 20.88
CA ILE Q 218 26.54 -97.45 22.21
C ILE Q 218 25.63 -98.63 22.55
N GLY Q 219 24.91 -99.12 21.55
CA GLY Q 219 24.08 -100.31 21.68
C GLY Q 219 24.83 -101.52 22.19
N THR Q 220 25.98 -101.79 21.58
CA THR Q 220 26.78 -102.96 21.92
C THR Q 220 27.29 -102.91 23.35
N GLU Q 221 27.72 -101.73 23.80
CA GLU Q 221 28.19 -101.56 25.18
C GLU Q 221 27.07 -101.89 26.19
N ILE Q 222 25.90 -101.29 25.98
CA ILE Q 222 24.75 -101.50 26.88
C ILE Q 222 24.31 -102.97 26.96
N THR Q 223 24.18 -103.60 25.79
CA THR Q 223 23.74 -104.99 25.69
C THR Q 223 24.75 -106.02 26.20
N SER Q 224 26.04 -105.72 26.10
CA SER Q 224 27.07 -106.68 26.52
C SER Q 224 27.59 -106.45 27.94
N ASN Q 225 27.63 -105.20 28.39
CA ASN Q 225 28.14 -104.86 29.74
C ASN Q 225 27.31 -105.47 30.89
N PRO Q 226 27.98 -106.17 31.84
CA PRO Q 226 27.26 -106.97 32.85
C PRO Q 226 26.62 -106.17 33.99
N ILE Q 227 27.02 -104.91 34.17
CA ILE Q 227 26.42 -104.01 35.16
C ILE Q 227 24.91 -103.78 34.89
N VAL Q 228 24.55 -103.63 33.61
CA VAL Q 228 23.16 -103.43 33.18
C VAL Q 228 22.31 -104.69 33.36
N ARG Q 229 21.29 -104.61 34.21
CA ARG Q 229 20.38 -105.73 34.48
C ARG Q 229 18.99 -105.58 33.85
N LYS Q 230 18.65 -104.33 33.51
CA LYS Q 230 17.36 -104.02 32.88
C LYS Q 230 17.57 -103.19 31.60
N LEU Q 231 16.94 -103.64 30.52
CA LEU Q 231 16.96 -102.93 29.23
C LEU Q 231 15.56 -102.63 28.73
N SER Q 232 15.35 -101.37 28.34
CA SER Q 232 14.08 -100.92 27.79
C SER Q 232 14.30 -100.33 26.40
N PHE Q 233 13.70 -100.95 25.40
CA PHE Q 233 13.87 -100.51 24.01
C PHE Q 233 12.54 -100.17 23.33
N THR Q 234 12.52 -99.02 22.65
CA THR Q 234 11.39 -98.61 21.84
C THR Q 234 11.84 -98.20 20.44
N GLY Q 235 11.59 -99.10 19.49
CA GLY Q 235 11.93 -98.90 18.10
C GLY Q 235 11.42 -100.05 17.27
N SER Q 236 12.19 -100.44 16.26
CA SER Q 236 11.76 -101.45 15.28
C SER Q 236 11.87 -102.90 15.75
N THR Q 237 10.93 -103.72 15.28
CA THR Q 237 10.91 -105.17 15.52
C THR Q 237 12.20 -105.90 15.09
N ALA Q 238 12.90 -105.36 14.09
CA ALA Q 238 14.18 -105.94 13.63
C ALA Q 238 15.35 -105.58 14.56
N VAL Q 239 15.31 -104.37 15.12
CA VAL Q 239 16.33 -103.96 16.09
C VAL Q 239 16.03 -104.58 17.47
N GLY Q 240 14.76 -104.89 17.71
CA GLY Q 240 14.36 -105.63 18.91
C GLY Q 240 14.96 -107.02 18.97
N ARG Q 241 14.93 -107.73 17.83
CA ARG Q 241 15.44 -109.10 17.73
C ARG Q 241 16.95 -109.22 17.90
N LEU Q 242 17.68 -108.15 17.57
CA LEU Q 242 19.13 -108.13 17.73
C LEU Q 242 19.53 -107.78 19.17
N LEU Q 243 18.90 -106.74 19.72
CA LEU Q 243 19.25 -106.27 21.06
C LEU Q 243 18.90 -107.31 22.13
N MET Q 244 17.88 -108.13 21.88
CA MET Q 244 17.51 -109.21 22.78
C MET Q 244 18.63 -110.27 22.81
N ALA Q 245 19.05 -110.70 21.61
CA ALA Q 245 20.15 -111.63 21.46
C ALA Q 245 21.42 -111.13 22.18
N GLN Q 246 21.82 -109.90 21.86
CA GLN Q 246 22.99 -109.25 22.45
C GLN Q 246 22.90 -109.12 23.97
N SER Q 247 21.69 -109.29 24.51
CA SER Q 247 21.43 -109.18 25.94
C SER Q 247 21.41 -110.54 26.63
N ALA Q 248 21.51 -111.61 25.85
CA ALA Q 248 21.46 -112.97 26.40
C ALA Q 248 22.65 -113.36 27.29
N PRO Q 249 23.91 -112.96 26.92
CA PRO Q 249 25.11 -113.22 27.75
C PRO Q 249 24.96 -112.96 29.24
N THR Q 250 24.11 -112.01 29.61
CA THR Q 250 23.93 -111.70 31.02
C THR Q 250 22.48 -111.91 31.44
N VAL Q 251 21.66 -112.37 30.50
CA VAL Q 251 20.24 -112.69 30.75
C VAL Q 251 19.50 -111.53 31.44
N LYS Q 252 19.42 -110.40 30.71
CA LYS Q 252 18.83 -109.16 31.24
C LYS Q 252 17.31 -109.20 31.20
N LYS Q 253 16.67 -108.55 32.18
CA LYS Q 253 15.23 -108.28 32.13
C LYS Q 253 14.97 -107.27 31.01
N LEU Q 254 13.92 -107.50 30.24
CA LEU Q 254 13.66 -106.74 29.02
C LEU Q 254 12.25 -106.20 28.91
N THR Q 255 12.16 -104.93 28.54
CA THR Q 255 10.90 -104.32 28.10
C THR Q 255 11.08 -103.88 26.65
N LEU Q 256 10.25 -104.43 25.77
CA LEU Q 256 10.36 -104.15 24.34
C LEU Q 256 9.06 -103.63 23.73
N GLU Q 257 9.03 -102.34 23.46
CA GLU Q 257 7.95 -101.71 22.70
C GLU Q 257 8.43 -101.70 21.26
N LEU Q 258 7.82 -102.52 20.43
CA LEU Q 258 8.33 -102.75 19.08
C LEU Q 258 7.44 -102.16 17.98
N GLY Q 259 7.09 -102.99 16.98
CA GLY Q 259 6.38 -102.52 15.79
C GLY Q 259 4.98 -103.10 15.68
N GLY Q 260 4.09 -102.36 15.04
CA GLY Q 260 2.71 -102.80 14.89
C GLY Q 260 2.23 -102.97 13.47
N ASN Q 261 0.92 -102.98 13.32
CA ASN Q 261 0.22 -102.97 12.04
C ASN Q 261 -1.25 -102.73 12.35
N ALA Q 262 -1.52 -101.58 12.97
CA ALA Q 262 -2.80 -101.30 13.61
C ALA Q 262 -4.00 -101.30 12.65
N PRO Q 263 -4.96 -102.22 12.89
CA PRO Q 263 -6.20 -102.22 12.14
C PRO Q 263 -7.19 -101.21 12.71
N PHE Q 264 -7.79 -100.43 11.82
CA PHE Q 264 -8.88 -99.51 12.16
C PHE Q 264 -10.13 -100.11 11.52
N ILE Q 265 -11.06 -100.52 12.38
CA ILE Q 265 -12.17 -101.33 11.93
C ILE Q 265 -13.49 -100.55 12.01
N VAL Q 266 -14.14 -100.39 10.86
CA VAL Q 266 -15.42 -99.69 10.77
C VAL Q 266 -16.51 -100.65 10.31
N PHE Q 267 -17.40 -100.99 11.23
CA PHE Q 267 -18.50 -101.91 10.95
C PHE Q 267 -19.71 -101.18 10.35
N ASP Q 268 -20.61 -101.95 9.75
CA ASP Q 268 -21.76 -101.37 9.05
C ASP Q 268 -22.74 -100.68 10.00
N ASP Q 269 -22.64 -100.99 11.30
CA ASP Q 269 -23.45 -100.34 12.32
C ASP Q 269 -22.67 -99.25 13.07
N ALA Q 270 -21.64 -98.71 12.44
CA ALA Q 270 -20.84 -97.64 13.04
C ALA Q 270 -21.38 -96.23 12.76
N ASP Q 271 -21.10 -95.31 13.68
CA ASP Q 271 -21.40 -93.90 13.44
C ASP Q 271 -20.30 -93.32 12.55
N LEU Q 272 -20.52 -93.41 11.24
CA LEU Q 272 -19.55 -93.02 10.21
C LEU Q 272 -18.81 -91.71 10.48
N ASP Q 273 -19.51 -90.74 11.05
CA ASP Q 273 -18.92 -89.42 11.32
C ASP Q 273 -17.92 -89.45 12.48
N ALA Q 274 -18.20 -90.30 13.48
CA ALA Q 274 -17.29 -90.51 14.62
C ALA Q 274 -16.10 -91.35 14.17
N ALA Q 275 -16.40 -92.39 13.39
CA ALA Q 275 -15.37 -93.20 12.76
C ALA Q 275 -14.35 -92.30 12.05
N VAL Q 276 -14.82 -91.30 11.30
CA VAL Q 276 -13.94 -90.39 10.58
C VAL Q 276 -13.10 -89.50 11.52
N GLU Q 277 -13.73 -88.96 12.57
CA GLU Q 277 -13.00 -88.17 13.57
C GLU Q 277 -11.89 -89.03 14.20
N GLY Q 278 -12.21 -90.29 14.50
CA GLY Q 278 -11.22 -91.23 15.00
C GLY Q 278 -10.21 -91.69 13.97
N ALA Q 279 -10.64 -91.75 12.70
CA ALA Q 279 -9.75 -92.09 11.58
C ALA Q 279 -8.68 -91.03 11.37
N ILE Q 280 -9.06 -89.76 11.52
CA ILE Q 280 -8.13 -88.65 11.45
C ILE Q 280 -7.05 -88.74 12.55
N ALA Q 281 -7.50 -88.80 13.81
CA ALA Q 281 -6.60 -88.78 14.97
C ALA Q 281 -5.66 -89.98 15.07
N SER Q 282 -6.13 -91.15 14.64
CA SER Q 282 -5.37 -92.39 14.80
C SER Q 282 -4.33 -92.59 13.70
N LYS Q 283 -4.55 -91.92 12.56
CA LYS Q 283 -3.72 -92.08 11.37
C LYS Q 283 -2.88 -90.84 11.08
N TYR Q 284 -3.45 -89.65 11.28
CA TYR Q 284 -2.78 -88.43 10.80
C TYR Q 284 -2.02 -87.57 11.81
N ARG Q 285 -2.28 -87.74 13.10
CA ARG Q 285 -1.50 -86.99 14.10
C ARG Q 285 -0.05 -87.51 14.18
N ASN Q 286 0.89 -86.58 14.33
CA ASN Q 286 2.33 -86.80 14.11
C ASN Q 286 2.64 -87.30 12.70
N ASN Q 287 1.88 -86.80 11.72
CA ASN Q 287 2.05 -87.12 10.31
C ASN Q 287 2.10 -88.61 9.97
N GLY Q 288 1.53 -89.42 10.86
CA GLY Q 288 1.42 -90.86 10.68
C GLY Q 288 2.58 -91.62 11.32
N GLN Q 289 3.37 -90.90 12.12
CA GLN Q 289 4.65 -91.42 12.61
C GLN Q 289 4.65 -91.81 14.09
N THR Q 290 3.59 -92.49 14.55
CA THR Q 290 3.59 -93.09 15.89
C THR Q 290 3.40 -94.59 15.80
N CYS Q 291 4.01 -95.32 16.73
CA CYS Q 291 3.91 -96.79 16.75
C CYS Q 291 2.46 -97.28 16.89
N VAL Q 292 1.62 -96.50 17.58
CA VAL Q 292 0.19 -96.83 17.72
C VAL Q 292 -0.64 -96.50 16.49
N CYS Q 293 -0.07 -95.70 15.59
CA CYS Q 293 -0.74 -95.24 14.37
C CYS Q 293 -1.40 -96.36 13.58
N THR Q 294 -2.55 -96.02 13.00
CA THR Q 294 -3.30 -96.91 12.10
C THR Q 294 -2.50 -97.13 10.83
N ASN Q 295 -2.38 -98.39 10.42
CA ASN Q 295 -1.64 -98.71 9.22
C ASN Q 295 -2.58 -99.23 8.14
N ARG Q 296 -3.70 -99.83 8.55
CA ARG Q 296 -4.70 -100.39 7.63
C ARG Q 296 -6.11 -100.02 8.07
N PHE Q 297 -6.96 -99.69 7.09
CA PHE Q 297 -8.36 -99.40 7.34
C PHE Q 297 -9.22 -100.50 6.76
N PHE Q 298 -10.06 -101.10 7.60
CA PHE Q 298 -11.02 -102.10 7.14
C PHE Q 298 -12.41 -101.52 7.23
N VAL Q 299 -13.11 -101.50 6.10
CA VAL Q 299 -14.45 -100.92 6.03
C VAL Q 299 -15.43 -101.92 5.42
N HIS Q 300 -16.58 -102.06 6.05
CA HIS Q 300 -17.63 -102.95 5.59
C HIS Q 300 -18.15 -102.56 4.20
N GLU Q 301 -18.49 -103.57 3.40
CA GLU Q 301 -19.04 -103.39 2.06
C GLU Q 301 -20.09 -102.28 1.96
N ARG Q 302 -21.09 -102.34 2.85
CA ARG Q 302 -22.21 -101.39 2.87
C ARG Q 302 -21.83 -99.93 3.12
N VAL Q 303 -20.74 -99.69 3.83
CA VAL Q 303 -20.34 -98.33 4.18
C VAL Q 303 -19.05 -97.85 3.52
N TYR Q 304 -18.47 -98.68 2.66
CA TYR Q 304 -17.20 -98.36 2.01
C TYR Q 304 -17.21 -96.99 1.31
N ASP Q 305 -18.13 -96.81 0.36
CA ASP Q 305 -18.17 -95.59 -0.47
C ASP Q 305 -18.48 -94.35 0.37
N ALA Q 306 -19.45 -94.48 1.26
CA ALA Q 306 -19.85 -93.39 2.16
C ALA Q 306 -18.73 -92.97 3.12
N PHE Q 307 -17.95 -93.94 3.62
CA PHE Q 307 -16.83 -93.66 4.52
C PHE Q 307 -15.65 -93.04 3.78
N ALA Q 308 -15.39 -93.55 2.58
CA ALA Q 308 -14.31 -93.07 1.72
C ALA Q 308 -14.46 -91.58 1.44
N ASP Q 309 -15.68 -91.18 1.09
CA ASP Q 309 -15.99 -89.78 0.78
C ASP Q 309 -15.86 -88.89 2.01
N LYS Q 310 -16.37 -89.37 3.15
CA LYS Q 310 -16.34 -88.60 4.40
C LYS Q 310 -14.93 -88.44 4.96
N LEU Q 311 -14.09 -89.47 4.77
CA LEU Q 311 -12.69 -89.38 5.13
C LEU Q 311 -11.90 -88.45 4.21
N ALA Q 312 -12.16 -88.54 2.90
CA ALA Q 312 -11.49 -87.69 1.90
C ALA Q 312 -11.76 -86.20 2.10
N ALA Q 313 -13.02 -85.86 2.43
CA ALA Q 313 -13.37 -84.48 2.74
C ALA Q 313 -12.77 -84.03 4.08
N ALA Q 314 -12.57 -84.98 4.99
CA ALA Q 314 -11.96 -84.68 6.29
C ALA Q 314 -10.48 -84.35 6.18
N VAL Q 315 -9.81 -85.04 5.25
CA VAL Q 315 -8.36 -84.92 5.03
C VAL Q 315 -7.97 -83.56 4.48
N SER Q 316 -8.66 -83.13 3.41
CA SER Q 316 -8.31 -81.90 2.71
C SER Q 316 -8.38 -80.66 3.61
N LYS Q 317 -9.08 -80.78 4.74
CA LYS Q 317 -9.15 -79.72 5.75
C LYS Q 317 -7.84 -79.57 6.56
N LEU Q 318 -7.00 -80.60 6.55
CA LEU Q 318 -5.70 -80.55 7.23
C LEU Q 318 -4.68 -79.77 6.40
N LYS Q 319 -4.01 -78.82 7.06
CA LYS Q 319 -3.05 -77.94 6.40
C LYS Q 319 -1.61 -78.44 6.56
N VAL Q 320 -0.91 -78.60 5.44
CA VAL Q 320 0.51 -78.98 5.44
C VAL Q 320 1.38 -77.73 5.59
N GLY Q 321 2.39 -77.79 6.45
CA GLY Q 321 3.29 -76.66 6.68
C GLY Q 321 4.31 -76.92 7.78
N ARG Q 322 5.19 -75.93 7.99
CA ARG Q 322 6.14 -75.96 9.11
C ARG Q 322 5.39 -75.92 10.43
N GLY Q 323 5.97 -76.51 11.48
CA GLY Q 323 5.29 -76.66 12.76
C GLY Q 323 5.21 -75.40 13.61
N THR Q 324 6.09 -74.44 13.33
CA THR Q 324 6.15 -73.18 14.08
C THR Q 324 5.09 -72.21 13.54
N GLU Q 325 4.59 -72.52 12.33
CA GLU Q 325 3.63 -71.73 11.60
C GLU Q 325 2.22 -72.05 12.07
N SER Q 326 1.42 -71.00 12.34
CA SER Q 326 0.05 -71.16 12.84
C SER Q 326 -0.86 -71.93 11.87
N GLY Q 327 -1.68 -72.82 12.43
CA GLY Q 327 -2.65 -73.58 11.64
C GLY Q 327 -2.09 -74.81 10.94
N ALA Q 328 -0.82 -75.11 11.16
CA ALA Q 328 -0.25 -76.35 10.63
C ALA Q 328 -0.69 -77.54 11.48
N THR Q 329 -1.30 -78.52 10.82
CA THR Q 329 -1.77 -79.73 11.47
C THR Q 329 -1.04 -80.95 10.92
N LEU Q 330 -0.23 -80.71 9.91
CA LEU Q 330 0.70 -81.69 9.38
C LEU Q 330 2.07 -81.01 9.27
N GLY Q 331 3.11 -81.82 9.33
CA GLY Q 331 4.45 -81.30 9.25
C GLY Q 331 5.32 -82.11 8.32
N PRO Q 332 6.64 -82.03 8.51
CA PRO Q 332 7.53 -82.85 7.73
C PRO Q 332 7.53 -84.31 8.17
N LEU Q 333 7.80 -85.21 7.23
CA LEU Q 333 8.30 -86.53 7.58
C LEU Q 333 9.74 -86.32 8.05
N ILE Q 334 10.23 -87.21 8.91
CA ILE Q 334 11.47 -86.95 9.67
C ILE Q 334 12.73 -86.85 8.80
N ASN Q 335 12.78 -87.68 7.75
CA ASN Q 335 13.95 -87.77 6.88
C ASN Q 335 13.54 -88.18 5.47
N GLU Q 336 14.42 -87.87 4.51
CA GLU Q 336 14.19 -88.20 3.10
C GLU Q 336 13.88 -89.69 2.91
N ALA Q 337 14.58 -90.54 3.67
CA ALA Q 337 14.44 -91.99 3.59
C ALA Q 337 13.02 -92.47 3.89
N ALA Q 338 12.33 -91.75 4.78
CA ALA Q 338 10.95 -92.05 5.13
C ALA Q 338 9.99 -91.75 3.97
N VAL Q 339 10.26 -90.63 3.28
CA VAL Q 339 9.45 -90.22 2.13
C VAL Q 339 9.53 -91.23 0.97
N LYS Q 340 10.70 -91.85 0.81
CA LYS Q 340 10.90 -92.88 -0.21
C LYS Q 340 10.09 -94.12 0.12
N LYS Q 341 9.98 -94.41 1.42
CA LYS Q 341 9.14 -95.52 1.92
C LYS Q 341 7.67 -95.30 1.51
N VAL Q 342 7.17 -94.08 1.73
CA VAL Q 342 5.77 -93.74 1.47
C VAL Q 342 5.45 -93.81 -0.03
N GLU Q 343 6.40 -93.38 -0.85
CA GLU Q 343 6.31 -93.51 -2.31
C GLU Q 343 6.31 -94.98 -2.75
N SER Q 344 7.17 -95.78 -2.12
CA SER Q 344 7.28 -97.22 -2.38
C SER Q 344 5.95 -97.94 -2.16
N HIS Q 345 5.31 -97.65 -1.02
CA HIS Q 345 4.03 -98.27 -0.64
C HIS Q 345 2.86 -97.85 -1.55
N ILE Q 346 2.87 -96.59 -2.00
CA ILE Q 346 1.86 -96.09 -2.95
C ILE Q 346 2.04 -96.71 -4.35
N ALA Q 347 3.26 -96.62 -4.87
CA ALA Q 347 3.59 -97.13 -6.20
C ALA Q 347 3.26 -98.62 -6.35
N ASP Q 348 3.44 -99.38 -5.27
CA ASP Q 348 3.07 -100.79 -5.20
C ASP Q 348 1.55 -100.96 -5.25
N ALA Q 349 0.83 -100.01 -4.63
CA ALA Q 349 -0.62 -100.06 -4.53
C ALA Q 349 -1.32 -99.91 -5.87
N LEU Q 350 -0.99 -98.86 -6.63
CA LEU Q 350 -1.49 -98.71 -8.00
C LEU Q 350 -1.13 -99.92 -8.88
N ALA Q 351 0.10 -100.42 -8.70
CA ALA Q 351 0.62 -101.57 -9.46
C ALA Q 351 -0.19 -102.86 -9.31
N LYS Q 352 -1.05 -102.89 -8.31
CA LYS Q 352 -1.87 -104.08 -8.03
C LYS Q 352 -3.36 -103.79 -8.19
N GLY Q 353 -3.70 -102.52 -8.40
CA GLY Q 353 -5.07 -102.12 -8.68
C GLY Q 353 -5.68 -101.07 -7.77
N ALA Q 354 -4.99 -100.73 -6.68
CA ALA Q 354 -5.53 -99.77 -5.71
C ALA Q 354 -5.65 -98.38 -6.32
N SER Q 355 -6.88 -97.90 -6.40
CA SER Q 355 -7.15 -96.57 -6.94
C SER Q 355 -6.71 -95.49 -5.95
N LEU Q 356 -6.08 -94.45 -6.47
CA LEU Q 356 -5.75 -93.25 -5.70
C LEU Q 356 -7.02 -92.39 -5.52
N MET Q 357 -7.15 -91.75 -4.37
CA MET Q 357 -8.33 -90.93 -4.05
C MET Q 357 -7.98 -89.45 -3.84
N THR Q 358 -6.90 -89.20 -3.09
CA THR Q 358 -6.43 -87.84 -2.83
C THR Q 358 -4.98 -87.87 -2.36
N GLY Q 359 -4.32 -86.71 -2.38
CA GLY Q 359 -2.88 -86.58 -2.06
C GLY Q 359 -2.05 -87.29 -3.10
N GLY Q 360 -1.17 -88.19 -2.63
CA GLY Q 360 -0.46 -89.12 -3.52
C GLY Q 360 0.82 -88.65 -4.15
N LYS Q 361 1.40 -87.57 -3.61
CA LYS Q 361 2.63 -87.00 -4.15
C LYS Q 361 3.42 -86.30 -3.05
N ARG Q 362 4.70 -86.03 -3.32
CA ARG Q 362 5.50 -85.20 -2.42
C ARG Q 362 4.95 -83.77 -2.40
N HIS Q 363 4.72 -83.23 -1.21
CA HIS Q 363 4.20 -81.87 -1.09
C HIS Q 363 5.16 -80.88 -1.76
N ALA Q 364 4.59 -79.80 -2.29
CA ALA Q 364 5.38 -78.79 -3.01
C ALA Q 364 6.40 -78.06 -2.12
N LEU Q 365 6.28 -78.19 -0.80
CA LEU Q 365 7.18 -77.50 0.13
C LEU Q 365 8.58 -78.12 0.17
N GLY Q 366 8.70 -79.36 -0.32
CA GLY Q 366 9.99 -80.03 -0.44
C GLY Q 366 10.54 -80.55 0.87
N HIS Q 367 11.63 -81.32 0.79
CA HIS Q 367 12.22 -82.04 1.94
C HIS Q 367 11.23 -83.09 2.44
N GLY Q 368 11.26 -83.39 3.74
CA GLY Q 368 10.31 -84.32 4.34
C GLY Q 368 8.94 -83.68 4.42
N PHE Q 369 8.15 -83.79 3.35
CA PHE Q 369 6.83 -83.16 3.26
C PHE Q 369 5.96 -83.86 2.24
N PHE Q 370 4.90 -84.51 2.72
CA PHE Q 370 4.07 -85.31 1.86
C PHE Q 370 2.62 -84.86 1.88
N GLU Q 371 1.91 -85.14 0.79
CA GLU Q 371 0.51 -84.81 0.64
C GLU Q 371 -0.30 -85.92 1.30
N PRO Q 372 -1.09 -85.59 2.35
CA PRO Q 372 -1.93 -86.58 3.02
C PRO Q 372 -2.74 -87.38 2.03
N THR Q 373 -2.40 -88.67 1.94
CA THR Q 373 -2.87 -89.55 0.88
C THR Q 373 -3.96 -90.52 1.36
N VAL Q 374 -4.91 -90.80 0.49
CA VAL Q 374 -5.95 -91.81 0.73
C VAL Q 374 -6.03 -92.73 -0.49
N LEU Q 375 -6.06 -94.04 -0.25
CA LEU Q 375 -6.14 -95.04 -1.31
C LEU Q 375 -7.35 -95.95 -1.15
N THR Q 376 -8.12 -96.09 -2.22
CA THR Q 376 -9.23 -97.02 -2.26
C THR Q 376 -8.81 -98.32 -2.96
N GLY Q 377 -9.64 -99.36 -2.82
CA GLY Q 377 -9.43 -100.63 -3.53
C GLY Q 377 -8.23 -101.43 -3.07
N VAL Q 378 -7.72 -101.11 -1.87
CA VAL Q 378 -6.56 -101.80 -1.30
C VAL Q 378 -6.88 -103.27 -1.00
N LYS Q 379 -5.93 -104.14 -1.33
CA LYS Q 379 -6.06 -105.59 -1.18
C LYS Q 379 -4.85 -106.14 -0.39
N PRO Q 380 -5.02 -107.32 0.25
CA PRO Q 380 -3.96 -107.91 1.09
C PRO Q 380 -2.60 -108.17 0.41
N ASP Q 381 -2.59 -108.48 -0.89
CA ASP Q 381 -1.32 -108.78 -1.58
C ASP Q 381 -0.46 -107.56 -1.90
N MET Q 382 -0.89 -106.39 -1.42
CA MET Q 382 -0.11 -105.16 -1.59
C MET Q 382 0.90 -105.02 -0.44
N ASP Q 383 1.85 -104.11 -0.60
CA ASP Q 383 2.92 -103.93 0.39
C ASP Q 383 2.43 -103.49 1.78
N VAL Q 384 1.60 -102.46 1.80
CA VAL Q 384 1.14 -101.82 3.03
C VAL Q 384 0.39 -102.76 4.00
N ALA Q 385 -0.12 -103.88 3.49
CA ALA Q 385 -0.83 -104.87 4.31
C ALA Q 385 0.09 -105.63 5.29
N LYS Q 386 1.39 -105.43 5.14
CA LYS Q 386 2.37 -106.18 5.94
C LYS Q 386 3.48 -105.32 6.57
N GLU Q 387 3.54 -104.04 6.21
CA GLU Q 387 4.60 -103.14 6.69
C GLU Q 387 4.14 -101.75 7.13
N GLU Q 388 4.72 -101.27 8.23
CA GLU Q 388 4.39 -99.95 8.77
C GLU Q 388 4.92 -98.82 7.90
N THR Q 389 3.99 -98.04 7.35
CA THR Q 389 4.30 -96.91 6.49
C THR Q 389 5.04 -95.81 7.24
N PHE Q 390 4.60 -95.54 8.47
CA PHE Q 390 5.09 -94.39 9.23
C PHE Q 390 4.99 -93.09 8.42
N GLY Q 391 3.82 -92.90 7.79
CA GLY Q 391 3.52 -91.73 6.97
C GLY Q 391 2.03 -91.52 6.76
N PRO Q 392 1.63 -90.34 6.23
CA PRO Q 392 0.24 -89.89 6.15
C PRO Q 392 -0.60 -90.60 5.07
N LEU Q 393 -0.73 -91.92 5.18
CA LEU Q 393 -1.35 -92.73 4.14
C LEU Q 393 -2.51 -93.59 4.67
N ALA Q 394 -3.68 -93.45 4.05
CA ALA Q 394 -4.86 -94.18 4.50
C ALA Q 394 -5.30 -95.29 3.52
N PRO Q 395 -4.75 -96.51 3.67
CA PRO Q 395 -5.12 -97.62 2.80
C PRO Q 395 -6.41 -98.31 3.25
N LEU Q 396 -7.48 -98.14 2.48
CA LEU Q 396 -8.79 -98.65 2.88
C LEU Q 396 -9.10 -99.99 2.23
N PHE Q 397 -9.20 -101.02 3.08
CA PHE Q 397 -9.56 -102.38 2.65
C PHE Q 397 -11.07 -102.62 2.76
N ARG Q 398 -11.50 -103.76 2.21
CA ARG Q 398 -12.91 -104.16 2.21
C ARG Q 398 -13.04 -105.48 2.97
N PHE Q 399 -14.17 -105.66 3.64
CA PHE Q 399 -14.48 -106.92 4.32
C PHE Q 399 -15.97 -107.19 4.30
N ALA Q 400 -16.34 -108.46 4.31
CA ALA Q 400 -17.74 -108.87 4.19
C ALA Q 400 -18.36 -109.25 5.52
N SER Q 401 -17.60 -109.96 6.35
CA SER Q 401 -18.16 -110.53 7.58
C SER Q 401 -17.22 -110.41 8.78
N GLU Q 402 -17.76 -110.73 9.96
CA GLU Q 402 -17.01 -110.68 11.20
C GLU Q 402 -15.85 -111.68 11.20
N GLU Q 403 -16.10 -112.93 10.78
CA GLU Q 403 -15.06 -113.95 10.65
C GLU Q 403 -13.96 -113.50 9.68
N GLU Q 404 -14.37 -112.95 8.54
CA GLU Q 404 -13.44 -112.46 7.54
C GLU Q 404 -12.54 -111.40 8.16
N LEU Q 405 -13.13 -110.39 8.79
CA LEU Q 405 -12.38 -109.28 9.37
C LEU Q 405 -11.40 -109.75 10.46
N VAL Q 406 -11.88 -110.64 11.32
CA VAL Q 406 -11.07 -111.16 12.43
C VAL Q 406 -9.87 -111.91 11.86
N ARG Q 407 -10.12 -112.68 10.79
CA ARG Q 407 -9.04 -113.34 10.07
C ARG Q 407 -8.10 -112.31 9.44
N LEU Q 408 -8.69 -111.27 8.86
CA LEU Q 408 -7.91 -110.22 8.19
C LEU Q 408 -7.02 -109.40 9.13
N ALA Q 409 -7.56 -108.97 10.27
CA ALA Q 409 -6.83 -108.10 11.19
C ALA Q 409 -5.69 -108.83 11.91
N ASN Q 410 -5.92 -110.10 12.24
CA ASN Q 410 -4.93 -110.94 12.90
C ASN Q 410 -3.87 -111.53 11.96
N ASP Q 411 -4.07 -111.37 10.65
CA ASP Q 411 -3.16 -111.90 9.62
C ASP Q 411 -1.87 -111.09 9.57
N THR Q 412 -1.12 -111.14 10.67
CA THR Q 412 0.15 -110.41 10.80
C THR Q 412 0.88 -110.82 12.08
N GLU Q 413 2.21 -110.81 12.01
CA GLU Q 413 3.07 -111.16 13.16
C GLU Q 413 3.02 -110.11 14.28
N PHE Q 414 2.55 -108.92 13.96
CA PHE Q 414 2.51 -107.78 14.88
C PHE Q 414 1.18 -107.68 15.65
N GLY Q 415 1.10 -106.75 16.60
CA GLY Q 415 -0.10 -106.59 17.42
C GLY Q 415 0.04 -105.60 18.57
N LEU Q 416 0.30 -104.34 18.23
CA LEU Q 416 0.40 -103.29 19.25
C LEU Q 416 -0.98 -102.72 19.57
N ALA Q 417 -1.49 -101.88 18.69
CA ALA Q 417 -2.78 -101.21 18.87
C ALA Q 417 -3.79 -101.58 17.77
N ALA Q 418 -5.06 -101.36 18.07
CA ALA Q 418 -6.14 -101.58 17.11
C ALA Q 418 -7.27 -100.63 17.42
N TYR Q 419 -8.15 -100.42 16.44
CA TYR Q 419 -9.30 -99.54 16.63
C TYR Q 419 -10.59 -100.11 16.03
N LEU Q 420 -11.67 -100.01 16.80
CA LEU Q 420 -12.91 -100.70 16.49
C LEU Q 420 -14.11 -99.78 16.68
N TYR Q 421 -14.92 -99.64 15.64
CA TYR Q 421 -16.14 -98.83 15.69
C TYR Q 421 -17.39 -99.64 15.40
N SER Q 422 -18.30 -99.69 16.38
CA SER Q 422 -19.58 -100.39 16.24
C SER Q 422 -20.53 -99.98 17.35
N ARG Q 423 -21.83 -100.09 17.09
CA ARG Q 423 -22.82 -99.77 18.12
C ARG Q 423 -23.31 -101.01 18.86
N ASP Q 424 -23.29 -102.18 18.20
CA ASP Q 424 -23.78 -103.42 18.83
C ASP Q 424 -22.91 -103.84 20.00
N ILE Q 425 -23.53 -103.96 21.17
CA ILE Q 425 -22.79 -104.30 22.38
C ILE Q 425 -22.11 -105.67 22.25
N GLY Q 426 -22.85 -106.63 21.70
CA GLY Q 426 -22.34 -107.99 21.53
C GLY Q 426 -21.21 -108.08 20.53
N ARG Q 427 -21.38 -107.42 19.38
CA ARG Q 427 -20.39 -107.41 18.31
C ARG Q 427 -19.06 -106.79 18.74
N VAL Q 428 -19.13 -105.64 19.41
CA VAL Q 428 -17.95 -104.97 19.97
C VAL Q 428 -17.09 -105.96 20.77
N TRP Q 429 -17.73 -106.71 21.67
CA TRP Q 429 -17.00 -107.63 22.56
C TRP Q 429 -16.41 -108.84 21.84
N ARG Q 430 -17.22 -109.57 21.08
CA ARG Q 430 -16.72 -110.73 20.32
C ARG Q 430 -15.41 -110.36 19.60
N VAL Q 431 -15.45 -109.25 18.85
CA VAL Q 431 -14.30 -108.78 18.08
C VAL Q 431 -13.14 -108.41 19.00
N ALA Q 432 -13.39 -107.49 19.93
CA ALA Q 432 -12.37 -107.08 20.91
C ALA Q 432 -11.65 -108.26 21.56
N GLU Q 433 -12.39 -109.31 21.91
CA GLU Q 433 -11.81 -110.51 22.50
C GLU Q 433 -11.02 -111.34 21.48
N ALA Q 434 -11.46 -111.32 20.22
CA ALA Q 434 -10.75 -112.08 19.18
C ALA Q 434 -9.44 -111.40 18.78
N LEU Q 435 -9.44 -110.06 18.77
CA LEU Q 435 -8.28 -109.28 18.36
C LEU Q 435 -7.02 -109.61 19.14
N GLU Q 436 -6.02 -110.13 18.42
CA GLU Q 436 -4.71 -110.42 18.99
C GLU Q 436 -3.88 -109.15 19.00
N TYR Q 437 -4.27 -108.21 19.88
CA TYR Q 437 -3.55 -106.92 20.03
C TYR Q 437 -3.47 -106.53 21.50
N GLY Q 438 -2.43 -105.77 21.85
CA GLY Q 438 -2.20 -105.35 23.24
C GLY Q 438 -3.12 -104.22 23.67
N MET Q 439 -3.58 -103.44 22.71
CA MET Q 439 -4.47 -102.31 22.99
C MET Q 439 -5.56 -102.21 21.94
N VAL Q 440 -6.79 -101.93 22.39
CA VAL Q 440 -7.95 -101.85 21.50
C VAL Q 440 -8.81 -100.63 21.81
N GLY Q 441 -8.96 -99.76 20.82
CA GLY Q 441 -9.80 -98.57 20.97
C GLY Q 441 -11.20 -98.82 20.49
N ILE Q 442 -12.16 -98.78 21.42
CA ILE Q 442 -13.57 -99.03 21.11
C ILE Q 442 -14.33 -97.72 20.91
N ASN Q 443 -14.60 -97.41 19.63
CA ASN Q 443 -15.29 -96.18 19.22
C ASN Q 443 -14.50 -94.89 19.44
N THR Q 444 -13.18 -95.03 19.51
CA THR Q 444 -12.24 -93.92 19.69
C THR Q 444 -10.94 -94.24 18.96
N GLY Q 445 -10.30 -93.20 18.43
CA GLY Q 445 -9.00 -93.34 17.76
C GLY Q 445 -7.85 -92.78 18.58
N LEU Q 446 -8.14 -92.36 19.82
CA LEU Q 446 -7.13 -91.94 20.77
C LEU Q 446 -7.21 -92.80 22.03
N ILE Q 447 -6.11 -93.46 22.37
CA ILE Q 447 -6.13 -94.45 23.46
C ILE Q 447 -4.98 -94.29 24.49
N SER Q 448 -3.96 -93.51 24.14
CA SER Q 448 -2.76 -93.41 24.97
C SER Q 448 -2.87 -92.37 26.07
N ASN Q 449 -2.70 -92.82 27.31
CA ASN Q 449 -2.64 -91.94 28.49
C ASN Q 449 -1.51 -92.39 29.44
N GLU Q 450 -1.68 -92.20 30.74
CA GLU Q 450 -0.63 -92.58 31.72
C GLU Q 450 -1.07 -93.66 32.72
N VAL Q 451 -2.37 -93.91 32.82
CA VAL Q 451 -2.91 -94.85 33.81
C VAL Q 451 -3.22 -96.19 33.15
N ALA Q 452 -3.02 -96.26 31.84
CA ALA Q 452 -3.29 -97.46 31.06
C ALA Q 452 -2.01 -98.21 30.67
N PRO Q 453 -2.03 -99.56 30.80
CA PRO Q 453 -0.89 -100.38 30.39
C PRO Q 453 -0.71 -100.34 28.87
N PHE Q 454 0.42 -99.79 28.44
CA PHE Q 454 0.77 -99.64 27.03
C PHE Q 454 1.75 -100.75 26.62
N GLY Q 455 1.38 -101.51 25.60
CA GLY Q 455 2.23 -102.57 25.11
C GLY Q 455 1.57 -103.43 24.05
N GLY Q 456 2.36 -104.29 23.43
CA GLY Q 456 1.87 -105.16 22.37
C GLY Q 456 1.99 -106.64 22.71
N VAL Q 457 1.44 -107.46 21.82
CA VAL Q 457 1.55 -108.91 21.94
C VAL Q 457 2.37 -109.47 20.75
N LYS Q 458 2.66 -110.78 20.80
CA LYS Q 458 3.37 -111.45 19.71
C LYS Q 458 4.69 -110.72 19.42
N GLN Q 459 4.87 -110.25 18.19
CA GLN Q 459 6.12 -109.61 17.77
C GLN Q 459 6.21 -108.11 18.10
N SER Q 460 5.13 -107.53 18.62
CA SER Q 460 5.14 -106.12 18.99
C SER Q 460 5.82 -105.87 20.35
N GLY Q 461 6.22 -106.94 21.01
CA GLY Q 461 7.10 -106.80 22.17
C GLY Q 461 6.78 -107.52 23.45
N LEU Q 462 7.27 -106.96 24.55
CA LEU Q 462 7.21 -107.59 25.87
C LEU Q 462 7.06 -106.51 26.94
N GLY Q 463 6.26 -106.80 27.95
CA GLY Q 463 6.07 -105.88 29.08
C GLY Q 463 5.06 -104.79 28.80
N ARG Q 464 4.81 -103.95 29.80
CA ARG Q 464 3.84 -102.87 29.72
C ARG Q 464 4.37 -101.60 30.36
N GLU Q 465 4.12 -100.47 29.71
CA GLU Q 465 4.57 -99.18 30.21
C GLU Q 465 3.37 -98.32 30.60
N GLY Q 466 3.53 -97.52 31.66
CA GLY Q 466 2.40 -96.78 32.24
C GLY Q 466 1.56 -97.68 33.12
N SER Q 467 0.50 -97.13 33.69
CA SER Q 467 -0.39 -97.80 34.68
C SER Q 467 0.34 -98.15 35.98
N HIS Q 468 -0.25 -99.07 36.76
CA HIS Q 468 0.44 -99.68 37.88
C HIS Q 468 1.30 -100.87 37.42
N TYR Q 469 1.22 -101.18 36.12
CA TYR Q 469 1.95 -102.31 35.55
C TYR Q 469 3.35 -101.92 35.10
N GLY Q 470 3.54 -100.64 34.76
CA GLY Q 470 4.83 -100.14 34.28
C GLY Q 470 5.95 -100.36 35.28
N ILE Q 471 5.65 -100.04 36.53
CA ILE Q 471 6.62 -100.12 37.63
C ILE Q 471 7.11 -101.56 37.93
N ASP Q 472 6.24 -102.54 37.70
CA ASP Q 472 6.52 -103.95 37.99
C ASP Q 472 7.76 -104.49 37.25
N ASP Q 473 8.01 -103.99 36.05
CA ASP Q 473 9.15 -104.44 35.25
C ASP Q 473 10.48 -103.81 35.68
N TYR Q 474 10.48 -103.17 36.85
CA TYR Q 474 11.67 -102.48 37.36
C TYR Q 474 12.00 -102.91 38.78
N VAL Q 475 11.18 -103.77 39.35
CA VAL Q 475 11.46 -104.37 40.65
C VAL Q 475 11.71 -105.86 40.50
N VAL Q 476 12.44 -106.42 41.45
CA VAL Q 476 12.58 -107.87 41.54
C VAL Q 476 12.02 -108.32 42.88
N ILE Q 477 11.36 -109.46 42.91
CA ILE Q 477 10.67 -109.87 44.14
C ILE Q 477 11.47 -110.90 44.94
N LYS Q 478 11.53 -110.67 46.25
CA LYS Q 478 12.29 -111.51 47.15
C LYS Q 478 11.38 -112.21 48.14
N TYR Q 479 11.30 -113.52 48.01
CA TYR Q 479 10.62 -114.37 48.97
C TYR Q 479 11.48 -114.55 50.22
N LEU Q 480 10.86 -114.35 51.39
CA LEU Q 480 11.47 -114.64 52.70
C LEU Q 480 10.65 -115.73 53.42
N CYS Q 481 11.31 -116.82 53.78
CA CYS Q 481 10.66 -117.87 54.58
C CYS Q 481 11.16 -117.81 56.01
N VAL Q 482 10.30 -117.33 56.91
CA VAL Q 482 10.67 -117.05 58.29
C VAL Q 482 10.12 -118.11 59.24
N ALA Q 483 11.03 -118.82 59.90
CA ALA Q 483 10.67 -119.85 60.87
C ALA Q 483 10.03 -119.25 62.12
N VAL Q 484 9.03 -119.94 62.69
CA VAL Q 484 8.23 -119.40 63.78
C VAL Q 484 8.98 -119.32 65.12
N GLY R 3 -4.86 -62.88 66.01
CA GLY R 3 -4.36 -61.63 66.66
C GLY R 3 -2.89 -61.31 66.44
N SER R 4 -2.18 -62.22 65.78
CA SER R 4 -0.72 -62.21 65.73
C SER R 4 -0.19 -63.20 64.70
N MET R 5 -0.59 -63.02 63.44
CA MET R 5 -0.28 -63.98 62.38
C MET R 5 -0.14 -63.29 61.03
N LYS R 6 0.70 -63.84 60.15
CA LYS R 6 0.82 -63.33 58.77
C LYS R 6 -0.56 -63.14 58.18
N ASP R 7 -1.40 -64.16 58.30
CA ASP R 7 -2.78 -64.13 57.83
C ASP R 7 -3.74 -64.31 59.00
N PRO R 8 -4.21 -63.21 59.61
CA PRO R 8 -5.13 -63.31 60.73
C PRO R 8 -6.49 -63.87 60.33
N SER R 9 -6.85 -63.76 59.06
CA SER R 9 -8.17 -64.21 58.60
C SER R 9 -8.33 -65.74 58.50
N LEU R 10 -7.26 -66.48 58.72
CA LEU R 10 -7.33 -67.95 58.91
C LEU R 10 -8.17 -68.32 60.13
N LEU R 11 -8.13 -67.48 61.16
CA LEU R 11 -8.90 -67.69 62.36
C LEU R 11 -10.34 -67.22 62.13
N ARG R 12 -11.26 -68.17 62.02
CA ARG R 12 -12.66 -67.86 61.69
C ARG R 12 -13.56 -67.96 62.91
N HIS R 13 -14.65 -67.20 62.91
CA HIS R 13 -15.60 -67.20 64.02
C HIS R 13 -17.02 -67.52 63.55
N GLN R 14 -17.11 -68.09 62.36
CA GLN R 14 -18.36 -68.59 61.81
C GLN R 14 -18.17 -70.00 61.27
N ALA R 15 -19.28 -70.73 61.12
CA ALA R 15 -19.26 -72.05 60.51
C ALA R 15 -19.21 -71.92 58.99
N TYR R 16 -18.77 -72.98 58.32
CA TYR R 16 -18.71 -73.01 56.88
C TYR R 16 -19.81 -73.93 56.36
N ILE R 17 -20.92 -73.34 55.91
CA ILE R 17 -22.11 -74.11 55.55
C ILE R 17 -22.44 -73.99 54.07
N GLY R 18 -22.25 -75.10 53.36
CA GLY R 18 -22.48 -75.16 51.92
C GLY R 18 -21.75 -74.04 51.19
N GLY R 19 -20.50 -73.82 51.60
CA GLY R 19 -19.65 -72.84 50.93
C GLY R 19 -19.76 -71.42 51.43
N GLU R 20 -20.57 -71.22 52.48
CA GLU R 20 -20.92 -69.90 52.97
C GLU R 20 -20.55 -69.79 54.44
N TRP R 21 -19.97 -68.67 54.84
CA TRP R 21 -19.60 -68.42 56.25
C TRP R 21 -20.77 -67.87 57.04
N GLN R 22 -21.46 -68.75 57.75
CA GLN R 22 -22.68 -68.36 58.44
C GLN R 22 -22.57 -68.35 59.96
N ALA R 23 -23.56 -67.75 60.59
CA ALA R 23 -23.79 -67.85 62.01
C ALA R 23 -25.03 -68.70 62.26
N ALA R 24 -25.24 -69.08 63.53
CA ALA R 24 -26.37 -69.93 63.92
C ALA R 24 -27.71 -69.21 63.77
N ASP R 25 -28.74 -69.97 63.38
CA ASP R 25 -30.10 -69.43 63.14
C ASP R 25 -30.66 -68.66 64.32
N SER R 26 -30.04 -68.84 65.49
CA SER R 26 -30.44 -68.14 66.70
C SER R 26 -29.39 -67.11 67.13
N ASP R 27 -28.26 -67.11 66.41
CA ASP R 27 -27.02 -66.41 66.80
C ASP R 27 -26.55 -66.75 68.22
N ALA R 28 -26.84 -67.97 68.66
CA ALA R 28 -26.25 -68.50 69.88
C ALA R 28 -24.79 -68.76 69.58
N THR R 29 -23.93 -68.60 70.59
CA THR R 29 -22.50 -68.83 70.42
C THR R 29 -21.92 -69.49 71.66
N PHE R 30 -20.67 -69.91 71.57
CA PHE R 30 -19.92 -70.34 72.76
C PHE R 30 -18.45 -69.95 72.61
N GLU R 31 -17.76 -69.80 73.74
CA GLU R 31 -16.38 -69.36 73.77
C GLU R 31 -15.40 -70.51 73.64
N VAL R 32 -14.22 -70.20 73.11
CA VAL R 32 -13.10 -71.15 73.02
C VAL R 32 -11.93 -70.52 73.79
N PHE R 33 -11.28 -71.33 74.63
CA PHE R 33 -10.27 -70.82 75.54
C PHE R 33 -8.88 -71.41 75.28
N ASP R 34 -7.84 -70.69 75.71
CA ASP R 34 -6.47 -71.20 75.70
C ASP R 34 -6.29 -72.12 76.92
N PRO R 35 -6.02 -73.43 76.68
CA PRO R 35 -5.91 -74.41 77.77
C PRO R 35 -4.71 -74.16 78.70
N ALA R 36 -3.77 -73.33 78.23
CA ALA R 36 -2.53 -72.99 78.95
C ALA R 36 -2.64 -71.71 79.80
N THR R 37 -3.40 -70.73 79.32
CA THR R 37 -3.47 -69.42 80.00
C THR R 37 -4.89 -69.07 80.45
N GLY R 38 -5.87 -69.85 80.00
CA GLY R 38 -7.26 -69.61 80.33
C GLY R 38 -7.91 -68.51 79.51
N GLU R 39 -7.10 -67.80 78.73
CA GLU R 39 -7.59 -66.61 78.03
C GLU R 39 -8.42 -66.91 76.79
N SER R 40 -9.45 -66.08 76.59
CA SER R 40 -10.41 -66.23 75.49
C SER R 40 -9.76 -66.12 74.12
N LEU R 41 -10.07 -67.07 73.25
CA LEU R 41 -9.62 -67.03 71.87
C LEU R 41 -10.71 -66.42 70.96
N GLY R 42 -11.87 -66.12 71.54
CA GLY R 42 -13.02 -65.65 70.78
C GLY R 42 -14.18 -66.63 70.81
N THR R 43 -15.16 -66.43 69.92
CA THR R 43 -16.34 -67.30 69.90
C THR R 43 -16.60 -67.95 68.53
N VAL R 44 -17.44 -68.98 68.53
CA VAL R 44 -17.91 -69.67 67.32
C VAL R 44 -19.40 -69.96 67.45
N PRO R 45 -20.09 -70.29 66.33
CA PRO R 45 -21.55 -70.52 66.38
C PRO R 45 -21.99 -71.78 67.13
N LYS R 46 -23.18 -71.71 67.73
CA LYS R 46 -23.81 -72.83 68.41
C LYS R 46 -25.01 -73.32 67.58
N MET R 47 -24.70 -74.03 66.50
CA MET R 47 -25.69 -74.57 65.58
C MET R 47 -26.27 -75.91 66.05
N GLY R 48 -27.39 -76.31 65.46
CA GLY R 48 -28.07 -77.57 65.77
C GLY R 48 -28.60 -78.24 64.52
N ALA R 49 -29.83 -78.75 64.60
CA ALA R 49 -30.42 -79.49 63.48
C ALA R 49 -30.47 -78.70 62.16
N ALA R 50 -31.23 -77.61 62.15
CA ALA R 50 -31.57 -76.88 60.92
C ALA R 50 -30.36 -76.59 60.01
N GLU R 51 -29.28 -76.13 60.61
CA GLU R 51 -28.07 -75.77 59.87
C GLU R 51 -27.41 -77.01 59.27
N THR R 52 -27.29 -78.06 60.09
CA THR R 52 -26.72 -79.34 59.66
C THR R 52 -27.46 -79.90 58.42
N ALA R 53 -28.78 -79.81 58.43
CA ALA R 53 -29.61 -80.23 57.30
C ALA R 53 -29.33 -79.41 56.03
N ARG R 54 -29.18 -78.10 56.18
CA ARG R 54 -28.84 -77.26 55.03
C ARG R 54 -27.50 -77.71 54.46
N ALA R 55 -26.54 -78.00 55.34
CA ALA R 55 -25.21 -78.44 54.93
C ALA R 55 -25.27 -79.76 54.15
N ILE R 56 -26.02 -80.72 54.70
CA ILE R 56 -26.22 -82.02 54.08
C ILE R 56 -26.90 -81.86 52.71
N GLU R 57 -27.92 -81.01 52.65
CA GLU R 57 -28.63 -80.76 51.39
C GLU R 57 -27.72 -80.16 50.32
N ALA R 58 -26.78 -79.32 50.75
CA ALA R 58 -25.83 -78.71 49.84
C ALA R 58 -24.79 -79.73 49.39
N ALA R 59 -24.46 -80.67 50.27
CA ALA R 59 -23.63 -81.81 49.89
C ALA R 59 -24.30 -82.62 48.78
N GLN R 60 -25.60 -82.86 48.93
CA GLN R 60 -26.38 -83.57 47.93
C GLN R 60 -26.42 -82.81 46.60
N ALA R 61 -26.63 -81.50 46.66
CA ALA R 61 -26.63 -80.66 45.47
C ALA R 61 -25.26 -80.57 44.78
N ALA R 62 -24.19 -80.59 45.57
CA ALA R 62 -22.84 -80.46 45.02
C ALA R 62 -22.30 -81.76 44.44
N TRP R 63 -22.89 -82.89 44.84
CA TRP R 63 -22.31 -84.20 44.52
C TRP R 63 -22.19 -84.49 43.03
N ALA R 64 -23.27 -84.28 42.27
CA ALA R 64 -23.29 -84.59 40.83
C ALA R 64 -22.12 -83.95 40.11
N GLY R 65 -21.93 -82.64 40.31
CA GLY R 65 -20.82 -81.91 39.72
C GLY R 65 -19.45 -82.43 40.14
N TRP R 66 -19.30 -82.74 41.43
CA TRP R 66 -18.03 -83.19 41.97
C TRP R 66 -17.58 -84.56 41.43
N ARG R 67 -18.51 -85.52 41.35
CA ARG R 67 -18.19 -86.86 40.83
C ARG R 67 -17.94 -86.86 39.32
N MET R 68 -18.46 -85.83 38.66
CA MET R 68 -18.33 -85.67 37.21
C MET R 68 -16.91 -85.25 36.81
N LYS R 69 -16.22 -84.53 37.69
CA LYS R 69 -14.79 -84.25 37.53
C LYS R 69 -14.01 -85.56 37.50
N THR R 70 -12.94 -85.62 36.72
CA THR R 70 -12.08 -86.79 36.74
C THR R 70 -11.29 -86.82 38.04
N ALA R 71 -10.86 -88.01 38.44
CA ALA R 71 -9.94 -88.16 39.57
C ALA R 71 -8.77 -87.19 39.41
N LYS R 72 -8.12 -87.24 38.24
CA LYS R 72 -7.04 -86.32 37.90
C LYS R 72 -7.42 -84.88 38.21
N GLU R 73 -8.62 -84.46 37.80
CA GLU R 73 -9.09 -83.10 38.09
C GLU R 73 -9.33 -82.84 39.59
N ARG R 74 -9.88 -83.82 40.29
CA ARG R 74 -10.07 -83.74 41.73
C ARG R 74 -8.73 -83.69 42.47
N ALA R 75 -7.73 -84.39 41.93
CA ALA R 75 -6.39 -84.37 42.48
C ALA R 75 -5.77 -82.99 42.38
N ALA R 76 -6.14 -82.23 41.35
CA ALA R 76 -5.58 -80.91 41.13
C ALA R 76 -6.05 -79.93 42.21
N ILE R 77 -7.35 -79.97 42.52
CA ILE R 77 -7.92 -79.13 43.57
C ILE R 77 -7.29 -79.49 44.91
N LEU R 78 -7.17 -80.78 45.16
CA LEU R 78 -6.63 -81.31 46.40
C LEU R 78 -5.16 -80.99 46.59
N ARG R 79 -4.37 -81.21 45.54
CA ARG R 79 -2.95 -80.86 45.57
C ARG R 79 -2.77 -79.36 45.85
N ARG R 80 -3.73 -78.55 45.40
CA ARG R 80 -3.73 -77.12 45.69
C ARG R 80 -4.00 -76.84 47.18
N TRP R 81 -4.92 -77.60 47.77
CA TRP R 81 -5.21 -77.51 49.20
C TRP R 81 -3.98 -77.88 50.00
N PHE R 82 -3.34 -78.98 49.57
CA PHE R 82 -2.07 -79.44 50.13
C PHE R 82 -1.03 -78.33 50.16
N ASP R 83 -0.84 -77.64 49.02
CA ASP R 83 0.14 -76.56 48.90
C ASP R 83 -0.15 -75.46 49.90
N LEU R 84 -1.42 -75.05 49.95
CA LEU R 84 -1.86 -73.96 50.82
C LEU R 84 -1.71 -74.27 52.32
N VAL R 85 -1.81 -75.54 52.67
CA VAL R 85 -1.57 -76.02 54.02
C VAL R 85 -0.08 -75.95 54.36
N ILE R 86 0.75 -76.35 53.40
CA ILE R 86 2.21 -76.25 53.53
C ILE R 86 2.65 -74.80 53.66
N ALA R 87 2.16 -73.95 52.75
CA ALA R 87 2.52 -72.52 52.73
C ALA R 87 2.11 -71.76 53.99
N ASN R 88 1.05 -72.22 54.64
CA ASN R 88 0.51 -71.57 55.83
C ASN R 88 0.75 -72.41 57.07
N SER R 89 1.71 -73.32 56.95
CA SER R 89 2.15 -74.18 58.06
C SER R 89 2.29 -73.42 59.38
N ASP R 90 3.07 -72.34 59.36
CA ASP R 90 3.42 -71.57 60.55
C ASP R 90 2.19 -71.07 61.30
N ASP R 91 1.29 -70.42 60.57
CA ASP R 91 0.07 -69.89 61.18
C ASP R 91 -0.89 -70.97 61.69
N LEU R 92 -1.04 -72.06 60.94
CA LEU R 92 -1.89 -73.19 61.35
C LEU R 92 -1.36 -73.85 62.61
N ALA R 93 -0.04 -73.99 62.67
CA ALA R 93 0.65 -74.48 63.87
C ALA R 93 0.35 -73.64 65.12
N LEU R 94 0.32 -72.32 64.95
CA LEU R 94 0.07 -71.42 66.07
C LEU R 94 -1.41 -71.33 66.46
N ILE R 95 -2.32 -71.58 65.52
CA ILE R 95 -3.76 -71.70 65.82
C ILE R 95 -4.01 -72.96 66.65
N LEU R 96 -3.39 -74.06 66.24
CA LEU R 96 -3.52 -75.36 66.89
C LEU R 96 -3.01 -75.32 68.34
N THR R 97 -1.75 -74.93 68.49
CA THR R 97 -1.09 -74.79 69.78
C THR R 97 -1.96 -73.98 70.74
N THR R 98 -2.41 -72.82 70.27
CA THR R 98 -3.18 -71.88 71.09
C THR R 98 -4.51 -72.47 71.59
N GLU R 99 -5.18 -73.25 70.75
CA GLU R 99 -6.48 -73.82 71.12
C GLU R 99 -6.44 -75.19 71.84
N GLN R 100 -5.40 -75.97 71.57
CA GLN R 100 -5.32 -77.37 72.06
C GLN R 100 -4.26 -77.60 73.14
N GLY R 101 -3.11 -76.92 73.01
CA GLY R 101 -2.11 -76.92 74.07
C GLY R 101 -0.72 -77.44 73.72
N LYS R 102 -0.64 -78.27 72.69
CA LYS R 102 0.60 -78.98 72.37
C LYS R 102 1.71 -78.04 71.90
N PRO R 103 2.99 -78.42 72.14
CA PRO R 103 4.13 -77.62 71.71
C PRO R 103 4.14 -77.31 70.22
N LEU R 104 4.56 -76.10 69.86
CA LEU R 104 4.62 -75.64 68.47
C LEU R 104 5.37 -76.61 67.53
N ALA R 105 6.47 -77.18 68.02
CA ALA R 105 7.19 -78.22 67.28
C ALA R 105 6.25 -79.38 66.95
N GLU R 106 5.42 -79.77 67.91
CA GLU R 106 4.47 -80.87 67.71
C GLU R 106 3.38 -80.47 66.73
N ALA R 107 2.87 -79.25 66.88
CA ALA R 107 1.81 -78.72 66.00
C ALA R 107 2.30 -78.65 64.56
N LYS R 108 3.53 -78.19 64.38
CA LYS R 108 4.17 -78.16 63.06
C LYS R 108 4.27 -79.58 62.50
N GLY R 109 4.49 -80.54 63.39
CA GLY R 109 4.54 -81.95 63.04
C GLY R 109 3.18 -82.48 62.64
N GLU R 110 2.14 -82.01 63.31
CA GLU R 110 0.77 -82.41 62.99
C GLU R 110 0.32 -81.84 61.65
N ILE R 111 0.64 -80.57 61.42
CA ILE R 111 0.30 -79.88 60.18
C ILE R 111 0.88 -80.58 58.95
N ALA R 112 2.14 -81.01 59.05
CA ALA R 112 2.82 -81.70 57.97
C ALA R 112 2.20 -83.08 57.77
N TYR R 113 1.74 -83.64 58.88
CA TYR R 113 1.15 -84.97 58.95
C TYR R 113 -0.24 -84.94 58.32
N ALA R 114 -1.01 -83.90 58.66
CA ALA R 114 -2.27 -83.61 57.97
C ALA R 114 -2.02 -83.46 56.47
N ALA R 115 -1.10 -82.57 56.09
CA ALA R 115 -0.76 -82.31 54.70
C ALA R 115 -0.42 -83.57 53.87
N SER R 116 0.33 -84.50 54.46
CA SER R 116 0.73 -85.72 53.77
C SER R 116 -0.49 -86.59 53.45
N PHE R 117 -1.53 -86.48 54.28
CA PHE R 117 -2.78 -87.20 54.10
C PHE R 117 -3.58 -86.66 52.91
N ILE R 118 -3.53 -85.36 52.67
CA ILE R 118 -4.23 -84.77 51.53
C ILE R 118 -3.48 -85.14 50.26
N GLU R 119 -2.15 -85.11 50.33
CA GLU R 119 -1.30 -85.55 49.23
C GLU R 119 -1.50 -87.04 48.94
N TRP R 120 -1.58 -87.85 49.99
CA TRP R 120 -1.76 -89.28 49.82
C TRP R 120 -3.04 -89.61 49.09
N PHE R 121 -4.14 -88.97 49.48
CA PHE R 121 -5.45 -89.29 48.91
C PHE R 121 -5.73 -88.69 47.53
N ALA R 122 -5.24 -87.48 47.28
CA ALA R 122 -5.21 -86.98 45.92
C ALA R 122 -4.63 -88.05 45.02
N GLU R 123 -3.53 -88.67 45.45
CA GLU R 123 -2.89 -89.74 44.68
C GLU R 123 -3.70 -91.05 44.66
N GLU R 124 -4.44 -91.31 45.73
CA GLU R 124 -5.22 -92.53 45.86
C GLU R 124 -6.46 -92.54 44.98
N GLY R 125 -7.08 -91.37 44.82
CA GLY R 125 -8.28 -91.22 44.01
C GLY R 125 -8.08 -91.66 42.58
N LYS R 126 -6.87 -91.49 42.08
CA LYS R 126 -6.55 -91.81 40.69
C LYS R 126 -6.36 -93.31 40.50
N ARG R 127 -6.48 -94.05 41.60
CA ARG R 127 -6.14 -95.47 41.61
C ARG R 127 -7.25 -96.41 42.10
N VAL R 128 -8.29 -95.86 42.72
CA VAL R 128 -9.50 -96.64 43.00
C VAL R 128 -9.83 -97.57 41.83
N ALA R 129 -9.85 -98.88 42.09
CA ALA R 129 -9.96 -99.87 41.01
C ALA R 129 -10.88 -101.05 41.30
N GLY R 130 -11.64 -101.43 40.27
CA GLY R 130 -12.38 -102.68 40.27
C GLY R 130 -11.60 -103.66 39.41
N ASP R 131 -12.27 -104.71 38.95
CA ASP R 131 -11.55 -105.77 38.24
C ASP R 131 -12.40 -106.43 37.15
N THR R 132 -11.75 -107.23 36.30
CA THR R 132 -12.46 -108.13 35.40
C THR R 132 -12.13 -109.57 35.81
N LEU R 133 -13.16 -110.36 36.09
CA LEU R 133 -12.94 -111.67 36.72
C LEU R 133 -13.37 -112.79 35.80
N PRO R 134 -12.68 -113.96 35.89
CA PRO R 134 -13.02 -115.14 35.08
C PRO R 134 -14.41 -115.68 35.36
N THR R 135 -15.18 -115.86 34.28
CA THR R 135 -16.57 -116.26 34.35
C THR R 135 -16.78 -117.75 34.62
N PRO R 136 -17.81 -118.10 35.43
CA PRO R 136 -18.23 -119.49 35.56
C PRO R 136 -19.32 -119.88 34.56
N ASP R 137 -19.69 -118.94 33.69
CA ASP R 137 -20.64 -119.17 32.59
C ASP R 137 -20.12 -118.48 31.34
N ALA R 138 -19.87 -119.27 30.29
CA ALA R 138 -19.20 -118.79 29.07
C ALA R 138 -19.98 -117.72 28.28
N ASN R 139 -21.28 -117.62 28.51
CA ASN R 139 -22.14 -116.63 27.83
C ASN R 139 -22.09 -115.26 28.48
N LYS R 140 -21.45 -115.16 29.65
CA LYS R 140 -21.44 -113.92 30.41
C LYS R 140 -20.02 -113.44 30.78
N ARG R 141 -19.85 -112.13 30.78
CA ARG R 141 -18.60 -111.52 31.22
C ARG R 141 -18.83 -110.78 32.54
N ILE R 142 -17.90 -110.94 33.48
CA ILE R 142 -18.00 -110.33 34.81
C ILE R 142 -17.03 -109.18 34.97
N VAL R 143 -17.59 -107.97 35.14
CA VAL R 143 -16.85 -106.72 35.24
C VAL R 143 -17.32 -106.02 36.49
N VAL R 144 -16.38 -105.55 37.31
CA VAL R 144 -16.70 -104.88 38.57
C VAL R 144 -16.11 -103.48 38.61
N VAL R 145 -16.97 -102.47 38.77
CA VAL R 145 -16.53 -101.08 38.91
C VAL R 145 -16.83 -100.53 40.31
N LYS R 146 -16.19 -99.42 40.64
CA LYS R 146 -16.38 -98.75 41.93
C LYS R 146 -16.91 -97.33 41.73
N GLU R 147 -17.78 -96.89 42.64
CA GLU R 147 -18.30 -95.52 42.58
C GLU R 147 -18.51 -94.87 43.96
N PRO R 148 -18.49 -93.52 44.01
CA PRO R 148 -18.67 -92.79 45.28
C PRO R 148 -19.97 -93.15 45.98
N ILE R 149 -19.90 -93.31 47.30
CA ILE R 149 -21.07 -93.75 48.07
C ILE R 149 -22.18 -92.70 48.06
N GLY R 150 -21.81 -91.45 48.32
CA GLY R 150 -22.77 -90.35 48.43
C GLY R 150 -22.28 -89.35 49.47
N VAL R 151 -23.24 -88.69 50.12
CA VAL R 151 -22.92 -87.70 51.13
C VAL R 151 -22.32 -88.39 52.34
N CYS R 152 -21.10 -88.00 52.66
CA CYS R 152 -20.37 -88.50 53.81
C CYS R 152 -20.42 -87.48 54.94
N ALA R 153 -20.30 -87.95 56.18
CA ALA R 153 -20.21 -87.08 57.34
C ALA R 153 -19.08 -87.55 58.25
N ALA R 154 -18.63 -86.66 59.13
CA ALA R 154 -17.45 -86.93 59.94
C ALA R 154 -17.49 -86.17 61.26
N ILE R 155 -17.30 -86.89 62.35
CA ILE R 155 -17.12 -86.27 63.67
C ILE R 155 -15.69 -86.48 64.16
N THR R 156 -15.03 -85.38 64.51
CA THR R 156 -13.60 -85.41 64.85
C THR R 156 -13.34 -84.90 66.26
N PRO R 157 -12.22 -85.31 66.87
CA PRO R 157 -11.95 -84.94 68.24
C PRO R 157 -10.86 -83.87 68.37
N TRP R 158 -10.61 -83.45 69.61
CA TRP R 158 -9.73 -82.33 69.90
C TRP R 158 -8.24 -82.67 69.89
N ASN R 159 -7.90 -83.93 70.10
CA ASN R 159 -6.50 -84.31 70.29
C ASN R 159 -5.61 -84.20 69.05
N PHE R 160 -6.20 -84.37 67.88
CA PHE R 160 -5.53 -84.02 66.63
C PHE R 160 -6.47 -83.18 65.73
N PRO R 161 -6.74 -81.92 66.13
CA PRO R 161 -7.80 -81.13 65.52
C PRO R 161 -7.57 -80.81 64.04
N ALA R 162 -6.36 -81.00 63.56
CA ALA R 162 -6.03 -80.63 62.18
C ALA R 162 -5.77 -81.83 61.30
N ALA R 163 -5.11 -82.85 61.84
CA ALA R 163 -4.82 -84.06 61.09
C ALA R 163 -6.05 -84.92 60.95
N MET R 164 -6.91 -84.91 61.97
CA MET R 164 -8.17 -85.66 61.90
C MET R 164 -9.05 -85.23 60.75
N ILE R 165 -9.09 -83.91 60.52
CA ILE R 165 -9.86 -83.33 59.44
C ILE R 165 -9.35 -83.85 58.10
N ALA R 166 -8.03 -83.75 57.87
CA ALA R 166 -7.44 -84.16 56.61
C ALA R 166 -7.66 -85.64 56.33
N ARG R 167 -7.55 -86.46 57.39
CA ARG R 167 -7.69 -87.92 57.34
C ARG R 167 -9.04 -88.39 56.84
N LYS R 168 -10.04 -87.51 56.91
CA LYS R 168 -11.40 -87.89 56.60
C LYS R 168 -11.96 -87.17 55.36
N VAL R 169 -11.64 -85.89 55.23
CA VAL R 169 -12.09 -85.11 54.09
C VAL R 169 -11.39 -85.59 52.81
N GLY R 170 -10.07 -85.77 52.92
CA GLY R 170 -9.24 -86.32 51.85
C GLY R 170 -9.83 -87.49 51.08
N PRO R 171 -9.99 -88.65 51.74
CA PRO R 171 -10.48 -89.85 51.07
C PRO R 171 -11.90 -89.69 50.49
N ALA R 172 -12.78 -89.02 51.22
CA ALA R 172 -14.14 -88.74 50.75
C ALA R 172 -14.11 -87.97 49.44
N LEU R 173 -13.44 -86.82 49.44
CA LEU R 173 -13.32 -86.01 48.23
C LEU R 173 -12.64 -86.79 47.14
N ALA R 174 -11.52 -87.43 47.48
CA ALA R 174 -10.74 -88.18 46.49
C ALA R 174 -11.56 -89.28 45.84
N ALA R 175 -12.49 -89.85 46.61
CA ALA R 175 -13.41 -90.88 46.08
C ALA R 175 -14.47 -90.27 45.16
N GLY R 176 -14.76 -88.99 45.35
CA GLY R 176 -15.82 -88.28 44.62
C GLY R 176 -17.03 -88.03 45.49
N CYS R 177 -16.80 -87.91 46.80
CA CYS R 177 -17.89 -87.62 47.74
C CYS R 177 -17.78 -86.21 48.31
N PRO R 178 -18.94 -85.57 48.59
CA PRO R 178 -18.97 -84.38 49.44
C PRO R 178 -18.89 -84.83 50.90
N ILE R 179 -18.66 -83.90 51.81
CA ILE R 179 -18.56 -84.27 53.22
C ILE R 179 -18.98 -83.14 54.14
N VAL R 180 -19.65 -83.50 55.25
CA VAL R 180 -20.07 -82.54 56.27
C VAL R 180 -19.40 -82.85 57.60
N VAL R 181 -18.54 -81.95 58.07
CA VAL R 181 -17.72 -82.21 59.25
C VAL R 181 -18.21 -81.50 60.49
N LYS R 182 -18.20 -82.21 61.63
CA LYS R 182 -18.36 -81.59 62.94
C LYS R 182 -17.11 -81.82 63.78
N PRO R 183 -16.19 -80.83 63.79
CA PRO R 183 -14.99 -80.88 64.63
C PRO R 183 -15.38 -80.76 66.10
N ALA R 184 -14.41 -80.94 67.00
CA ALA R 184 -14.66 -80.90 68.43
C ALA R 184 -14.82 -79.47 68.94
N GLU R 185 -15.78 -79.28 69.84
CA GLU R 185 -16.13 -77.95 70.33
C GLU R 185 -14.93 -77.18 70.91
N SER R 186 -14.06 -77.87 71.61
CA SER R 186 -12.92 -77.22 72.25
C SER R 186 -11.83 -76.81 71.28
N THR R 187 -11.84 -77.37 70.06
CA THR R 187 -10.83 -77.01 69.06
C THR R 187 -11.42 -76.80 67.65
N PRO R 188 -12.30 -75.80 67.50
CA PRO R 188 -12.96 -75.66 66.20
C PRO R 188 -12.14 -74.94 65.14
N PHE R 189 -11.25 -74.05 65.58
CA PHE R 189 -10.54 -73.13 64.68
C PHE R 189 -9.75 -73.78 63.55
N SER R 190 -8.92 -74.75 63.88
CA SER R 190 -8.08 -75.44 62.87
C SER R 190 -8.88 -76.08 61.74
N ALA R 191 -10.05 -76.63 62.08
CA ALA R 191 -10.97 -77.20 61.11
C ALA R 191 -11.51 -76.13 60.20
N LEU R 192 -11.86 -74.99 60.80
CA LEU R 192 -12.38 -73.84 60.08
C LEU R 192 -11.32 -73.22 59.21
N ALA R 193 -10.09 -73.19 59.74
CA ALA R 193 -8.95 -72.63 59.05
C ALA R 193 -8.70 -73.39 57.75
N MET R 194 -8.84 -74.70 57.80
CA MET R 194 -8.52 -75.54 56.65
C MET R 194 -9.63 -75.59 55.62
N ALA R 195 -10.83 -75.22 56.05
CA ALA R 195 -11.96 -75.10 55.16
C ALA R 195 -11.79 -73.81 54.37
N PHE R 196 -11.41 -72.75 55.07
CA PHE R 196 -11.08 -71.47 54.46
C PHE R 196 -10.02 -71.67 53.38
N LEU R 197 -9.06 -72.55 53.65
CA LEU R 197 -8.01 -72.86 52.70
C LEU R 197 -8.52 -73.76 51.57
N ALA R 198 -9.45 -74.64 51.91
CA ALA R 198 -10.11 -75.49 50.92
C ALA R 198 -10.86 -74.62 49.90
N GLU R 199 -11.47 -73.54 50.39
CA GLU R 199 -12.12 -72.57 49.52
C GLU R 199 -11.13 -72.01 48.50
N ARG R 200 -10.00 -71.50 49.00
CA ARG R 200 -8.95 -70.93 48.15
C ARG R 200 -8.40 -71.91 47.13
N ALA R 201 -8.43 -73.19 47.47
CA ALA R 201 -7.96 -74.23 46.58
C ALA R 201 -8.94 -74.40 45.43
N GLY R 202 -10.18 -74.04 45.68
CA GLY R 202 -11.22 -74.14 44.67
C GLY R 202 -12.10 -75.37 44.84
N VAL R 203 -12.25 -75.83 46.08
CA VAL R 203 -13.24 -76.85 46.42
C VAL R 203 -14.61 -76.20 46.18
N PRO R 204 -15.39 -76.73 45.21
CA PRO R 204 -16.70 -76.16 44.86
C PRO R 204 -17.63 -76.09 46.08
N LYS R 205 -18.36 -74.99 46.22
CA LYS R 205 -19.24 -74.79 47.36
C LYS R 205 -20.17 -76.00 47.52
N GLY R 206 -20.27 -76.49 48.75
CA GLY R 206 -21.17 -77.60 49.07
C GLY R 206 -20.48 -78.93 49.28
N VAL R 207 -19.32 -79.09 48.62
CA VAL R 207 -18.51 -80.31 48.72
C VAL R 207 -17.92 -80.49 50.12
N LEU R 208 -17.68 -79.38 50.81
CA LEU R 208 -17.21 -79.39 52.18
C LEU R 208 -18.01 -78.43 53.01
N SER R 209 -18.53 -78.90 54.13
CA SER R 209 -19.07 -78.02 55.15
C SER R 209 -18.45 -78.37 56.49
N VAL R 210 -18.24 -77.37 57.33
CA VAL R 210 -17.84 -77.58 58.70
C VAL R 210 -18.95 -77.02 59.58
N VAL R 211 -19.56 -77.86 60.39
CA VAL R 211 -20.64 -77.42 61.28
C VAL R 211 -20.10 -77.31 62.69
N ILE R 212 -20.49 -76.26 63.41
CA ILE R 212 -20.04 -76.03 64.78
C ILE R 212 -21.24 -75.79 65.69
N GLY R 213 -21.22 -76.39 66.87
CA GLY R 213 -22.30 -76.21 67.82
C GLY R 213 -22.58 -77.40 68.73
N ASP R 214 -23.85 -77.50 69.15
CA ASP R 214 -24.32 -78.56 70.05
C ASP R 214 -23.98 -79.94 69.47
N PRO R 215 -23.11 -80.69 70.16
CA PRO R 215 -22.65 -82.02 69.73
C PRO R 215 -23.75 -83.08 69.60
N LYS R 216 -24.70 -83.09 70.54
CA LYS R 216 -25.84 -84.00 70.45
C LYS R 216 -26.73 -83.63 69.27
N ALA R 217 -27.12 -82.37 69.17
CA ALA R 217 -28.05 -81.91 68.12
C ALA R 217 -27.54 -82.12 66.71
N ILE R 218 -26.27 -81.80 66.48
CA ILE R 218 -25.63 -82.00 65.17
C ILE R 218 -25.48 -83.49 64.86
N GLY R 219 -25.01 -84.26 65.84
CA GLY R 219 -24.96 -85.72 65.73
C GLY R 219 -26.30 -86.40 65.46
N THR R 220 -27.34 -86.00 66.17
CA THR R 220 -28.69 -86.57 65.95
C THR R 220 -29.16 -86.34 64.50
N GLU R 221 -28.93 -85.14 63.98
CA GLU R 221 -29.29 -84.81 62.60
C GLU R 221 -28.49 -85.62 61.59
N ILE R 222 -27.18 -85.74 61.83
CA ILE R 222 -26.29 -86.49 60.96
C ILE R 222 -26.66 -87.97 60.92
N THR R 223 -27.15 -88.49 62.05
CA THR R 223 -27.47 -89.91 62.17
C THR R 223 -28.89 -90.27 61.77
N SER R 224 -29.82 -89.31 61.84
CA SER R 224 -31.19 -89.59 61.38
C SER R 224 -31.50 -89.15 59.93
N ASN R 225 -30.60 -88.37 59.33
CA ASN R 225 -30.81 -87.85 57.96
C ASN R 225 -30.58 -88.92 56.90
N PRO R 226 -31.63 -89.27 56.13
CA PRO R 226 -31.52 -90.31 55.10
C PRO R 226 -30.52 -90.04 53.97
N ILE R 227 -30.09 -88.80 53.80
CA ILE R 227 -29.17 -88.45 52.71
C ILE R 227 -27.74 -88.91 53.01
N VAL R 228 -27.35 -88.81 54.28
CA VAL R 228 -26.00 -89.18 54.72
C VAL R 228 -25.87 -90.70 54.69
N ARG R 229 -25.03 -91.17 53.79
CA ARG R 229 -24.90 -92.60 53.54
C ARG R 229 -23.74 -93.24 54.28
N LYS R 230 -22.72 -92.43 54.58
CA LYS R 230 -21.56 -92.88 55.33
C LYS R 230 -21.21 -91.88 56.44
N LEU R 231 -20.90 -92.40 57.62
CA LEU R 231 -20.42 -91.57 58.71
C LEU R 231 -19.08 -92.10 59.22
N SER R 232 -18.19 -91.17 59.58
CA SER R 232 -16.91 -91.52 60.16
C SER R 232 -16.69 -90.82 61.48
N PHE R 233 -16.61 -91.59 62.55
CA PHE R 233 -16.45 -91.02 63.90
C PHE R 233 -15.14 -91.42 64.57
N THR R 234 -14.57 -90.47 65.30
CA THR R 234 -13.35 -90.69 66.10
C THR R 234 -13.53 -90.02 67.46
N GLY R 235 -13.56 -90.82 68.51
CA GLY R 235 -13.68 -90.33 69.88
C GLY R 235 -13.89 -91.47 70.84
N SER R 236 -14.68 -91.23 71.88
CA SER R 236 -14.93 -92.23 72.93
C SER R 236 -15.74 -93.43 72.44
N THR R 237 -15.67 -94.52 73.20
CA THR R 237 -16.41 -95.74 72.91
C THR R 237 -17.91 -95.61 73.24
N ALA R 238 -18.20 -94.89 74.32
CA ALA R 238 -19.59 -94.62 74.72
C ALA R 238 -20.39 -93.88 73.64
N VAL R 239 -19.76 -92.89 72.99
CA VAL R 239 -20.40 -92.09 71.95
C VAL R 239 -20.48 -92.88 70.62
N GLY R 240 -19.38 -93.53 70.24
CA GLY R 240 -19.38 -94.40 69.05
C GLY R 240 -20.53 -95.39 69.06
N ARG R 241 -20.70 -96.07 70.19
CA ARG R 241 -21.79 -97.01 70.39
C ARG R 241 -23.15 -96.37 70.10
N LEU R 242 -23.36 -95.16 70.63
CA LEU R 242 -24.65 -94.49 70.49
C LEU R 242 -24.96 -94.06 69.04
N LEU R 243 -23.94 -93.58 68.33
CA LEU R 243 -24.12 -93.11 66.97
C LEU R 243 -24.41 -94.27 66.02
N MET R 244 -23.86 -95.44 66.32
CA MET R 244 -24.11 -96.65 65.53
C MET R 244 -25.56 -97.07 65.69
N ALA R 245 -26.07 -97.01 66.91
CA ALA R 245 -27.48 -97.30 67.16
C ALA R 245 -28.35 -96.29 66.43
N GLN R 246 -27.91 -95.04 66.39
CA GLN R 246 -28.62 -93.95 65.71
C GLN R 246 -28.56 -94.00 64.17
N SER R 247 -27.44 -94.43 63.61
CA SER R 247 -27.30 -94.57 62.15
C SER R 247 -28.07 -95.78 61.60
N ALA R 248 -28.60 -96.58 62.50
CA ALA R 248 -29.24 -97.86 62.16
C ALA R 248 -30.52 -97.76 61.32
N PRO R 249 -31.44 -96.82 61.65
CA PRO R 249 -32.70 -96.82 60.89
C PRO R 249 -32.51 -96.57 59.40
N THR R 250 -31.31 -96.10 59.02
CA THR R 250 -30.97 -95.86 57.62
C THR R 250 -29.78 -96.70 57.17
N VAL R 251 -29.32 -97.59 58.06
CA VAL R 251 -28.25 -98.54 57.74
C VAL R 251 -27.04 -97.87 57.05
N LYS R 252 -26.26 -97.11 57.82
CA LYS R 252 -25.15 -96.35 57.24
C LYS R 252 -23.84 -97.12 57.28
N LYS R 253 -23.01 -96.93 56.27
CA LYS R 253 -21.65 -97.44 56.29
C LYS R 253 -20.85 -96.59 57.27
N LEU R 254 -20.16 -97.25 58.18
CA LEU R 254 -19.58 -96.61 59.35
C LEU R 254 -18.08 -96.81 59.49
N THR R 255 -17.43 -95.82 60.08
CA THR R 255 -16.05 -95.94 60.50
C THR R 255 -15.94 -95.40 61.92
N LEU R 256 -15.65 -96.29 62.85
CA LEU R 256 -15.58 -95.94 64.24
C LEU R 256 -14.15 -96.12 64.70
N GLU R 257 -13.52 -95.02 65.08
CA GLU R 257 -12.19 -95.04 65.69
C GLU R 257 -12.40 -94.76 67.16
N LEU R 258 -12.49 -95.82 67.95
CA LEU R 258 -12.92 -95.69 69.35
C LEU R 258 -11.77 -95.72 70.36
N GLY R 259 -12.08 -96.11 71.60
CA GLY R 259 -11.08 -96.14 72.66
C GLY R 259 -10.00 -97.21 72.49
N GLY R 260 -8.82 -96.91 73.01
CA GLY R 260 -7.77 -97.91 73.12
C GLY R 260 -7.51 -98.24 74.58
N ASN R 261 -6.35 -98.81 74.83
CA ASN R 261 -5.83 -99.09 76.18
C ASN R 261 -4.42 -99.63 75.99
N ALA R 262 -3.63 -98.85 75.26
CA ALA R 262 -2.33 -99.29 74.76
C ALA R 262 -1.37 -99.83 75.82
N PRO R 263 -0.94 -101.09 75.67
CA PRO R 263 0.15 -101.68 76.44
C PRO R 263 1.50 -101.47 75.77
N PHE R 264 2.51 -101.12 76.57
CA PHE R 264 3.89 -100.99 76.10
C PHE R 264 4.73 -102.05 76.79
N ILE R 265 5.32 -102.94 76.00
CA ILE R 265 5.95 -104.15 76.52
C ILE R 265 7.48 -104.12 76.42
N VAL R 266 8.11 -104.17 77.60
CA VAL R 266 9.56 -104.22 77.69
C VAL R 266 9.96 -105.63 78.12
N PHE R 267 10.45 -106.41 77.16
CA PHE R 267 10.74 -107.82 77.39
C PHE R 267 12.13 -108.08 77.92
N ASP R 268 12.27 -109.24 78.55
CA ASP R 268 13.52 -109.81 79.02
C ASP R 268 14.77 -109.26 78.33
N ASP R 269 14.87 -109.49 77.01
CA ASP R 269 16.08 -109.21 76.24
C ASP R 269 16.05 -107.91 75.42
N ALA R 270 15.21 -106.96 75.83
CA ALA R 270 15.10 -105.68 75.13
C ALA R 270 16.22 -104.71 75.50
N ASP R 271 16.75 -104.04 74.48
CA ASP R 271 17.59 -102.86 74.66
C ASP R 271 16.80 -101.90 75.57
N LEU R 272 17.30 -101.67 76.78
CA LEU R 272 16.58 -100.88 77.78
C LEU R 272 16.48 -99.41 77.38
N ASP R 273 17.58 -98.90 76.81
CA ASP R 273 17.67 -97.49 76.42
C ASP R 273 16.78 -97.15 75.24
N ALA R 274 16.62 -98.12 74.33
CA ALA R 274 15.72 -97.96 73.19
C ALA R 274 14.25 -98.02 73.62
N ALA R 275 13.97 -98.84 74.63
CA ALA R 275 12.64 -98.95 75.21
C ALA R 275 12.26 -97.68 76.00
N VAL R 276 13.28 -97.02 76.55
CA VAL R 276 13.07 -95.75 77.26
C VAL R 276 12.76 -94.62 76.26
N GLU R 277 13.46 -94.63 75.12
CA GLU R 277 13.25 -93.64 74.05
C GLU R 277 11.87 -93.79 73.41
N GLY R 278 11.42 -95.03 73.25
CA GLY R 278 10.06 -95.32 72.80
C GLY R 278 9.02 -95.02 73.87
N ALA R 279 9.38 -95.24 75.13
CA ALA R 279 8.47 -94.99 76.24
C ALA R 279 8.10 -93.52 76.32
N ILE R 280 9.13 -92.67 76.23
CA ILE R 280 8.96 -91.23 76.18
C ILE R 280 8.01 -90.81 75.04
N ALA R 281 8.34 -91.23 73.82
CA ALA R 281 7.61 -90.81 72.63
C ALA R 281 6.16 -91.27 72.60
N SER R 282 5.91 -92.50 73.04
CA SER R 282 4.56 -93.05 73.00
C SER R 282 3.71 -92.57 74.18
N LYS R 283 4.36 -92.18 75.28
CA LYS R 283 3.62 -91.76 76.48
C LYS R 283 3.54 -90.25 76.68
N TYR R 284 4.57 -89.53 76.25
CA TYR R 284 4.67 -88.09 76.52
C TYR R 284 4.58 -87.16 75.29
N ARG R 285 4.18 -87.73 74.15
CA ARG R 285 3.82 -86.92 72.98
C ARG R 285 2.38 -86.46 73.16
N ASN R 286 2.19 -85.13 73.10
CA ASN R 286 0.89 -84.47 73.31
C ASN R 286 0.39 -84.62 74.76
N ASN R 287 1.35 -84.62 75.69
CA ASN R 287 1.06 -84.84 77.11
C ASN R 287 0.28 -86.13 77.33
N GLY R 288 0.49 -87.10 76.44
CA GLY R 288 -0.10 -88.43 76.52
C GLY R 288 -1.59 -88.55 76.24
N GLN R 289 -2.16 -87.57 75.53
CA GLN R 289 -3.61 -87.57 75.27
C GLN R 289 -3.99 -87.94 73.83
N THR R 290 -3.44 -89.04 73.31
CA THR R 290 -3.81 -89.47 71.96
C THR R 290 -4.30 -90.92 71.89
N CYS R 291 -5.13 -91.22 70.89
CA CYS R 291 -5.70 -92.55 70.68
C CYS R 291 -4.69 -93.67 70.96
N VAL R 292 -3.50 -93.55 70.39
CA VAL R 292 -2.47 -94.60 70.43
C VAL R 292 -1.48 -94.50 71.59
N CYS R 293 -1.64 -93.49 72.44
CA CYS R 293 -0.71 -93.29 73.55
C CYS R 293 -0.73 -94.44 74.56
N THR R 294 0.46 -94.90 74.94
CA THR R 294 0.66 -95.97 75.91
C THR R 294 -0.17 -95.74 77.16
N ASN R 295 -0.98 -96.72 77.53
CA ASN R 295 -1.76 -96.64 78.75
C ASN R 295 -1.17 -97.47 79.87
N ARG R 296 -0.61 -98.62 79.52
CA ARG R 296 -0.04 -99.54 80.49
C ARG R 296 1.36 -99.98 80.05
N PHE R 297 2.32 -99.91 80.97
CA PHE R 297 3.65 -100.44 80.69
C PHE R 297 3.81 -101.82 81.32
N PHE R 298 4.14 -102.80 80.50
CA PHE R 298 4.45 -104.14 80.99
C PHE R 298 5.95 -104.41 80.82
N VAL R 299 6.66 -104.32 81.93
CA VAL R 299 8.11 -104.56 81.95
C VAL R 299 8.43 -105.90 82.63
N HIS R 300 9.31 -106.69 82.00
CA HIS R 300 9.68 -108.03 82.48
C HIS R 300 10.24 -108.02 83.91
N GLU R 301 10.06 -109.15 84.59
CA GLU R 301 10.44 -109.35 86.00
C GLU R 301 11.83 -108.81 86.39
N ARG R 302 12.86 -109.15 85.61
CA ARG R 302 14.24 -108.73 85.90
C ARG R 302 14.44 -107.24 85.69
N VAL R 303 14.16 -106.78 84.48
CA VAL R 303 14.50 -105.43 84.00
C VAL R 303 13.72 -104.30 84.68
N TYR R 304 12.62 -104.67 85.34
CA TYR R 304 11.71 -103.73 85.99
C TYR R 304 12.42 -102.55 86.66
N ASP R 305 13.16 -102.82 87.74
CA ASP R 305 13.79 -101.77 88.55
C ASP R 305 14.70 -100.87 87.71
N ALA R 306 15.49 -101.50 86.84
CA ALA R 306 16.47 -100.81 85.98
C ALA R 306 15.78 -99.87 84.98
N PHE R 307 14.82 -100.41 84.23
CA PHE R 307 14.03 -99.61 83.28
C PHE R 307 13.30 -98.46 83.98
N ALA R 308 12.80 -98.71 85.19
CA ALA R 308 12.16 -97.67 85.99
C ALA R 308 13.09 -96.49 86.30
N ASP R 309 14.36 -96.80 86.53
CA ASP R 309 15.38 -95.77 86.82
C ASP R 309 15.74 -94.92 85.59
N LYS R 310 15.93 -95.59 84.45
CA LYS R 310 16.24 -94.91 83.17
C LYS R 310 15.07 -94.06 82.69
N LEU R 311 13.85 -94.59 82.82
CA LEU R 311 12.64 -93.85 82.44
C LEU R 311 12.43 -92.62 83.31
N ALA R 312 12.52 -92.78 84.62
CA ALA R 312 12.42 -91.67 85.56
C ALA R 312 13.43 -90.57 85.23
N ALA R 313 14.65 -90.98 84.85
CA ALA R 313 15.75 -90.07 84.54
C ALA R 313 15.62 -89.44 83.14
N ALA R 314 14.59 -89.83 82.40
CA ALA R 314 14.29 -89.18 81.12
C ALA R 314 13.09 -88.24 81.29
N VAL R 315 12.12 -88.66 82.09
CA VAL R 315 10.96 -87.83 82.47
C VAL R 315 11.42 -86.53 83.12
N SER R 316 12.30 -86.65 84.12
CA SER R 316 12.91 -85.48 84.78
C SER R 316 13.41 -84.46 83.76
N LYS R 317 14.00 -84.95 82.66
CA LYS R 317 14.60 -84.11 81.61
C LYS R 317 13.62 -83.34 80.71
N LEU R 318 12.33 -83.61 80.84
CA LEU R 318 11.28 -82.95 80.05
C LEU R 318 10.86 -81.61 80.65
N LYS R 319 10.67 -80.61 79.78
CA LYS R 319 10.31 -79.26 80.19
C LYS R 319 8.81 -78.96 79.99
N VAL R 320 8.16 -78.53 81.07
CA VAL R 320 6.73 -78.22 81.07
C VAL R 320 6.50 -76.71 80.96
N GLY R 321 5.86 -76.27 79.87
CA GLY R 321 5.52 -74.86 79.69
C GLY R 321 4.47 -74.58 78.64
N ARG R 322 4.13 -73.30 78.48
CA ARG R 322 3.21 -72.83 77.42
C ARG R 322 3.72 -73.25 76.05
N GLY R 323 2.78 -73.62 75.17
CA GLY R 323 3.11 -74.13 73.85
C GLY R 323 3.96 -73.23 72.98
N THR R 324 3.85 -71.92 73.21
CA THR R 324 4.62 -70.94 72.42
C THR R 324 6.05 -70.78 72.94
N GLU R 325 6.27 -71.17 74.20
CA GLU R 325 7.55 -70.95 74.88
C GLU R 325 8.64 -71.91 74.43
N SER R 326 9.79 -71.34 74.06
CA SER R 326 10.96 -72.09 73.58
C SER R 326 11.43 -73.18 74.55
N GLY R 327 11.59 -74.40 74.03
CA GLY R 327 12.11 -75.51 74.82
C GLY R 327 11.08 -76.39 75.52
N ALA R 328 9.86 -75.89 75.64
CA ALA R 328 8.77 -76.64 76.26
C ALA R 328 8.40 -77.86 75.43
N THR R 329 8.31 -79.03 76.10
CA THR R 329 7.95 -80.29 75.42
C THR R 329 6.66 -80.92 75.95
N LEU R 330 6.23 -80.50 77.14
CA LEU R 330 4.92 -80.90 77.66
C LEU R 330 4.05 -79.66 77.86
N GLY R 331 2.94 -79.60 77.14
CA GLY R 331 1.93 -78.56 77.35
C GLY R 331 0.95 -78.94 78.45
N PRO R 332 -0.18 -78.23 78.54
CA PRO R 332 -1.18 -78.55 79.55
C PRO R 332 -2.16 -79.58 79.03
N LEU R 333 -3.01 -80.09 79.92
CA LEU R 333 -4.12 -80.92 79.47
C LEU R 333 -5.28 -80.04 78.97
N ILE R 334 -6.08 -80.59 78.07
CA ILE R 334 -7.12 -79.86 77.33
C ILE R 334 -8.14 -79.06 78.16
N ASN R 335 -8.51 -79.59 79.33
CA ASN R 335 -9.46 -78.92 80.21
C ASN R 335 -9.37 -79.39 81.67
N GLU R 336 -10.32 -78.96 82.49
CA GLU R 336 -10.31 -79.25 83.92
C GLU R 336 -10.75 -80.67 84.23
N ALA R 337 -11.61 -81.23 83.38
CA ALA R 337 -12.10 -82.59 83.61
C ALA R 337 -10.97 -83.60 83.40
N ALA R 338 -10.10 -83.31 82.45
CA ALA R 338 -8.97 -84.17 82.10
C ALA R 338 -7.85 -84.11 83.13
N VAL R 339 -7.82 -83.04 83.93
CA VAL R 339 -6.94 -82.99 85.10
C VAL R 339 -7.52 -83.86 86.21
N LYS R 340 -8.81 -83.69 86.50
CA LYS R 340 -9.50 -84.46 87.54
C LYS R 340 -9.39 -85.96 87.30
N LYS R 341 -9.56 -86.37 86.05
CA LYS R 341 -9.41 -87.77 85.64
C LYS R 341 -8.03 -88.32 85.99
N VAL R 342 -6.99 -87.54 85.70
CA VAL R 342 -5.58 -87.92 86.00
C VAL R 342 -5.30 -87.98 87.52
N GLU R 343 -5.87 -87.03 88.27
CA GLU R 343 -5.85 -87.05 89.75
C GLU R 343 -6.51 -88.31 90.28
N SER R 344 -7.68 -88.63 89.74
CA SER R 344 -8.45 -89.79 90.15
C SER R 344 -7.68 -91.10 89.99
N HIS R 345 -6.99 -91.24 88.85
CA HIS R 345 -6.20 -92.42 88.53
C HIS R 345 -5.03 -92.64 89.48
N ILE R 346 -4.41 -91.54 89.90
CA ILE R 346 -3.29 -91.56 90.85
C ILE R 346 -3.76 -91.95 92.27
N ALA R 347 -4.85 -91.32 92.73
CA ALA R 347 -5.43 -91.62 94.04
C ALA R 347 -5.77 -93.11 94.18
N ASP R 348 -6.53 -93.62 93.21
CA ASP R 348 -6.94 -95.03 93.12
C ASP R 348 -5.75 -95.99 93.23
N ALA R 349 -4.71 -95.74 92.42
CA ALA R 349 -3.52 -96.59 92.36
C ALA R 349 -2.75 -96.60 93.68
N LEU R 350 -2.58 -95.43 94.28
CA LEU R 350 -1.85 -95.28 95.55
C LEU R 350 -2.49 -96.08 96.68
N ALA R 351 -3.79 -95.87 96.90
CA ALA R 351 -4.59 -96.57 97.91
C ALA R 351 -4.50 -98.09 97.79
N LYS R 352 -4.32 -98.58 96.56
CA LYS R 352 -4.26 -100.01 96.28
C LYS R 352 -2.85 -100.60 96.35
N GLY R 353 -1.87 -99.76 96.67
CA GLY R 353 -0.51 -100.23 96.96
C GLY R 353 0.62 -99.73 96.07
N ALA R 354 0.29 -98.85 95.12
CA ALA R 354 1.26 -98.37 94.14
C ALA R 354 2.20 -97.31 94.71
N SER R 355 3.42 -97.29 94.18
CA SER R 355 4.47 -96.41 94.66
C SER R 355 4.72 -95.28 93.67
N LEU R 356 4.56 -94.04 94.13
CA LEU R 356 4.81 -92.87 93.29
C LEU R 356 6.31 -92.60 93.19
N MET R 357 6.84 -92.66 91.97
CA MET R 357 8.28 -92.47 91.74
C MET R 357 8.64 -90.99 91.48
N THR R 358 7.80 -90.29 90.73
CA THR R 358 7.99 -88.86 90.40
C THR R 358 6.67 -88.22 89.92
N GLY R 359 6.50 -86.93 90.18
CA GLY R 359 5.32 -86.18 89.75
C GLY R 359 4.17 -86.19 90.75
N GLY R 360 3.05 -86.76 90.35
CA GLY R 360 1.89 -86.95 91.23
C GLY R 360 1.00 -85.74 91.50
N LYS R 361 1.57 -84.54 91.33
CA LYS R 361 0.86 -83.32 91.69
C LYS R 361 0.69 -82.37 90.50
N ARG R 362 -0.42 -81.63 90.50
CA ARG R 362 -0.66 -80.56 89.53
C ARG R 362 0.55 -79.61 89.50
N HIS R 363 0.87 -79.08 88.31
CA HIS R 363 2.02 -78.19 88.12
C HIS R 363 1.76 -76.78 88.68
N ALA R 364 2.83 -76.04 88.93
CA ALA R 364 2.76 -74.70 89.51
C ALA R 364 2.16 -73.64 88.57
N LEU R 365 2.29 -73.83 87.26
CA LEU R 365 1.78 -72.86 86.29
C LEU R 365 0.25 -72.75 86.29
N GLY R 366 -0.41 -73.64 87.05
CA GLY R 366 -1.86 -73.63 87.22
C GLY R 366 -2.60 -74.32 86.09
N HIS R 367 -3.83 -73.84 85.85
CA HIS R 367 -4.70 -74.31 84.76
C HIS R 367 -4.67 -75.82 84.51
N GLY R 368 -4.41 -76.21 83.27
CA GLY R 368 -4.43 -77.61 82.85
C GLY R 368 -3.08 -78.29 82.93
N PHE R 369 -2.08 -77.57 83.44
CA PHE R 369 -0.73 -78.13 83.59
C PHE R 369 -0.63 -79.17 84.72
N PHE R 370 0.10 -80.25 84.44
CA PHE R 370 0.25 -81.36 85.38
C PHE R 370 1.65 -81.96 85.21
N GLU R 371 2.29 -82.30 86.34
CA GLU R 371 3.64 -82.87 86.31
C GLU R 371 3.64 -84.29 85.77
N PRO R 372 4.65 -84.62 84.93
CA PRO R 372 4.74 -85.95 84.32
C PRO R 372 5.04 -87.01 85.39
N THR R 373 4.14 -87.98 85.49
CA THR R 373 4.17 -88.96 86.56
C THR R 373 4.64 -90.35 86.11
N VAL R 374 5.47 -90.98 86.94
CA VAL R 374 5.83 -92.40 86.77
C VAL R 374 5.38 -93.17 88.01
N LEU R 375 4.62 -94.24 87.80
CA LEU R 375 4.11 -95.05 88.90
C LEU R 375 4.68 -96.46 88.89
N THR R 376 5.10 -96.93 90.07
CA THR R 376 5.58 -98.30 90.25
C THR R 376 4.55 -99.13 91.02
N GLY R 377 4.76 -100.45 91.03
CA GLY R 377 3.86 -101.37 91.75
C GLY R 377 2.44 -101.25 91.27
N VAL R 378 2.25 -101.15 89.95
CA VAL R 378 0.93 -101.03 89.36
C VAL R 378 0.38 -102.42 89.10
N LYS R 379 -0.82 -102.68 89.62
CA LYS R 379 -1.46 -103.99 89.52
C LYS R 379 -2.77 -103.91 88.72
N PRO R 380 -3.23 -105.05 88.15
CA PRO R 380 -4.42 -105.08 87.28
C PRO R 380 -5.78 -105.00 87.98
N ASP R 381 -5.81 -104.50 89.21
CA ASP R 381 -7.08 -104.25 89.91
C ASP R 381 -7.26 -102.75 90.15
N MET R 382 -6.47 -101.98 89.42
CA MET R 382 -6.49 -100.53 89.50
C MET R 382 -7.26 -99.96 88.31
N ASP R 383 -7.72 -98.72 88.46
CA ASP R 383 -8.54 -98.08 87.43
C ASP R 383 -7.76 -97.85 86.14
N VAL R 384 -6.50 -97.45 86.27
CA VAL R 384 -5.61 -97.20 85.13
C VAL R 384 -5.40 -98.44 84.25
N ALA R 385 -5.75 -99.61 84.77
CA ALA R 385 -5.54 -100.87 84.07
C ALA R 385 -6.69 -101.20 83.13
N LYS R 386 -7.87 -100.65 83.42
CA LYS R 386 -9.09 -100.89 82.64
C LYS R 386 -9.64 -99.62 81.97
N GLU R 387 -9.06 -98.46 82.29
CA GLU R 387 -9.49 -97.17 81.75
C GLU R 387 -8.32 -96.37 81.17
N GLU R 388 -8.65 -95.42 80.30
CA GLU R 388 -7.63 -94.55 79.70
C GLU R 388 -7.40 -93.28 80.52
N THR R 389 -6.12 -92.93 80.66
CA THR R 389 -5.69 -91.76 81.43
C THR R 389 -5.85 -90.48 80.62
N PHE R 390 -5.45 -90.55 79.34
CA PHE R 390 -5.34 -89.39 78.45
C PHE R 390 -4.50 -88.29 79.08
N GLY R 391 -3.43 -88.69 79.75
CA GLY R 391 -2.61 -87.76 80.53
C GLY R 391 -1.15 -88.16 80.63
N PRO R 392 -0.34 -87.36 81.35
CA PRO R 392 1.10 -87.58 81.45
C PRO R 392 1.50 -88.56 82.56
N LEU R 393 0.92 -89.77 82.51
CA LEU R 393 1.12 -90.76 83.57
C LEU R 393 1.65 -92.07 83.00
N ALA R 394 2.77 -92.54 83.53
CA ALA R 394 3.36 -93.81 83.11
C ALA R 394 3.26 -94.90 84.20
N PRO R 395 2.21 -95.74 84.16
CA PRO R 395 2.09 -96.79 85.16
C PRO R 395 2.87 -98.05 84.75
N LEU R 396 3.63 -98.60 85.69
CA LEU R 396 4.48 -99.77 85.39
C LEU R 396 3.98 -101.09 86.00
N PHE R 397 3.56 -102.01 85.13
CA PHE R 397 3.17 -103.37 85.53
C PHE R 397 4.36 -104.32 85.45
N ARG R 398 4.29 -105.38 86.24
CA ARG R 398 5.31 -106.45 86.25
C ARG R 398 4.75 -107.73 85.63
N PHE R 399 5.61 -108.47 84.94
CA PHE R 399 5.24 -109.80 84.46
C PHE R 399 6.41 -110.79 84.44
N ALA R 400 6.08 -112.07 84.61
CA ALA R 400 7.08 -113.14 84.73
C ALA R 400 7.34 -113.90 83.42
N SER R 401 6.27 -114.43 82.80
CA SER R 401 6.41 -115.23 81.59
C SER R 401 5.78 -114.60 80.33
N GLU R 402 6.23 -115.05 79.17
CA GLU R 402 5.64 -114.68 77.88
C GLU R 402 4.16 -115.08 77.84
N GLU R 403 3.86 -116.26 78.38
CA GLU R 403 2.50 -116.77 78.49
C GLU R 403 1.61 -115.85 79.35
N GLU R 404 2.16 -115.32 80.45
CA GLU R 404 1.42 -114.39 81.31
C GLU R 404 1.14 -113.06 80.63
N LEU R 405 2.15 -112.51 79.96
CA LEU R 405 2.03 -111.22 79.31
C LEU R 405 0.88 -111.16 78.29
N VAL R 406 0.83 -112.14 77.39
CA VAL R 406 -0.23 -112.21 76.38
C VAL R 406 -1.63 -112.20 77.02
N ARG R 407 -1.78 -112.86 78.17
CA ARG R 407 -3.05 -112.89 78.91
C ARG R 407 -3.38 -111.52 79.52
N LEU R 408 -2.35 -110.83 80.00
CA LEU R 408 -2.52 -109.52 80.63
C LEU R 408 -2.81 -108.43 79.59
N ALA R 409 -2.00 -108.40 78.54
CA ALA R 409 -2.12 -107.43 77.44
C ALA R 409 -3.46 -107.48 76.68
N ASN R 410 -4.00 -108.69 76.50
CA ASN R 410 -5.24 -108.92 75.76
C ASN R 410 -6.49 -108.93 76.63
N ASP R 411 -6.32 -108.75 77.94
CA ASP R 411 -7.44 -108.78 78.87
C ASP R 411 -8.08 -107.39 79.01
N THR R 412 -8.71 -106.93 77.93
CA THR R 412 -9.47 -105.69 77.91
C THR R 412 -10.43 -105.70 76.72
N GLU R 413 -11.48 -104.89 76.79
CA GLU R 413 -12.47 -104.75 75.70
C GLU R 413 -11.85 -104.12 74.44
N PHE R 414 -10.76 -103.38 74.60
CA PHE R 414 -10.19 -102.60 73.51
C PHE R 414 -9.04 -103.32 72.76
N GLY R 415 -8.63 -102.76 71.63
CA GLY R 415 -7.57 -103.36 70.81
C GLY R 415 -7.00 -102.48 69.70
N LEU R 416 -6.64 -101.25 70.06
CA LEU R 416 -6.14 -100.29 69.07
C LEU R 416 -4.66 -100.51 68.80
N ALA R 417 -3.80 -99.87 69.59
CA ALA R 417 -2.37 -99.92 69.37
C ALA R 417 -1.66 -100.57 70.54
N ALA R 418 -0.53 -101.21 70.24
CA ALA R 418 0.28 -101.89 71.26
C ALA R 418 1.76 -101.80 70.90
N TYR R 419 2.61 -101.75 71.93
CA TYR R 419 4.06 -101.65 71.74
C TYR R 419 4.80 -102.82 72.36
N LEU R 420 5.84 -103.27 71.66
CA LEU R 420 6.59 -104.46 72.00
C LEU R 420 8.07 -104.24 71.71
N TYR R 421 8.90 -104.38 72.75
CA TYR R 421 10.35 -104.30 72.62
C TYR R 421 11.00 -105.59 73.07
N SER R 422 11.58 -106.30 72.12
CA SER R 422 12.38 -107.49 72.38
C SER R 422 13.38 -107.63 71.25
N ARG R 423 14.55 -108.19 71.55
CA ARG R 423 15.62 -108.33 70.56
C ARG R 423 15.51 -109.66 69.80
N ASP R 424 14.82 -110.63 70.41
CA ASP R 424 14.68 -112.00 69.87
C ASP R 424 13.54 -112.13 68.83
N ILE R 425 13.93 -112.40 67.59
CA ILE R 425 12.99 -112.54 66.47
C ILE R 425 11.78 -113.48 66.75
N GLY R 426 12.04 -114.68 67.27
CA GLY R 426 10.99 -115.64 67.60
C GLY R 426 9.95 -115.08 68.54
N ARG R 427 10.42 -114.50 69.65
CA ARG R 427 9.57 -113.90 70.68
C ARG R 427 8.70 -112.80 70.09
N VAL R 428 9.32 -111.92 69.32
CA VAL R 428 8.67 -110.77 68.70
C VAL R 428 7.44 -111.15 67.86
N TRP R 429 7.56 -112.23 67.09
CA TRP R 429 6.46 -112.73 66.28
C TRP R 429 5.36 -113.38 67.10
N ARG R 430 5.70 -114.43 67.85
CA ARG R 430 4.72 -115.11 68.69
C ARG R 430 3.89 -114.13 69.53
N VAL R 431 4.53 -113.04 69.96
CA VAL R 431 3.84 -112.03 70.76
C VAL R 431 3.02 -111.14 69.84
N ALA R 432 3.63 -110.67 68.75
CA ALA R 432 2.94 -109.84 67.75
C ALA R 432 1.63 -110.49 67.29
N GLU R 433 1.72 -111.75 66.87
CA GLU R 433 0.56 -112.52 66.36
C GLU R 433 -0.51 -112.74 67.41
N ALA R 434 -0.09 -112.95 68.66
CA ALA R 434 -1.02 -113.21 69.75
C ALA R 434 -1.79 -111.97 70.20
N LEU R 435 -1.17 -110.80 70.04
CA LEU R 435 -1.74 -109.53 70.50
C LEU R 435 -3.04 -109.17 69.76
N GLU R 436 -4.12 -108.93 70.51
CA GLU R 436 -5.38 -108.56 69.90
C GLU R 436 -5.47 -107.04 69.70
N TYR R 437 -4.68 -106.55 68.76
CA TYR R 437 -4.61 -105.11 68.46
C TYR R 437 -4.44 -104.87 66.95
N GLY R 438 -4.98 -103.75 66.47
CA GLY R 438 -4.94 -103.44 65.04
C GLY R 438 -3.56 -102.99 64.60
N MET R 439 -2.76 -102.52 65.56
CA MET R 439 -1.45 -101.97 65.29
C MET R 439 -0.45 -102.33 66.38
N VAL R 440 0.72 -102.80 65.97
CA VAL R 440 1.76 -103.17 66.92
C VAL R 440 3.08 -102.49 66.59
N GLY R 441 3.58 -101.71 67.54
CA GLY R 441 4.93 -101.16 67.47
C GLY R 441 5.97 -102.20 67.88
N ILE R 442 6.87 -102.52 66.95
CA ILE R 442 7.92 -103.50 67.18
C ILE R 442 9.26 -102.79 67.27
N ASN R 443 9.75 -102.64 68.50
CA ASN R 443 10.94 -101.85 68.81
C ASN R 443 10.82 -100.37 68.43
N THR R 444 9.58 -99.85 68.45
CA THR R 444 9.32 -98.41 68.24
C THR R 444 8.12 -97.93 69.04
N GLY R 445 8.11 -96.64 69.38
CA GLY R 445 7.01 -96.02 70.09
C GLY R 445 6.18 -95.06 69.24
N LEU R 446 6.67 -94.81 68.03
CA LEU R 446 5.96 -93.97 67.06
C LEU R 446 5.69 -94.78 65.79
N ILE R 447 4.42 -95.04 65.50
CA ILE R 447 4.02 -95.93 64.42
C ILE R 447 3.05 -95.28 63.41
N SER R 448 2.69 -94.03 63.65
CA SER R 448 1.66 -93.37 62.85
C SER R 448 2.19 -92.69 61.59
N ASN R 449 1.53 -92.95 60.46
CA ASN R 449 1.84 -92.33 59.18
C ASN R 449 0.72 -92.52 58.15
N GLU R 450 0.88 -91.93 56.97
CA GLU R 450 -0.18 -91.88 55.96
C GLU R 450 -0.29 -93.15 55.11
N VAL R 451 0.73 -93.99 55.19
CA VAL R 451 0.81 -95.19 54.33
C VAL R 451 0.47 -96.48 55.09
N ALA R 452 0.36 -96.37 56.41
CA ALA R 452 -0.01 -97.51 57.26
C ALA R 452 -1.52 -97.52 57.51
N PRO R 453 -2.15 -98.72 57.41
CA PRO R 453 -3.59 -98.80 57.70
C PRO R 453 -3.86 -98.61 59.19
N PHE R 454 -4.44 -97.47 59.53
CA PHE R 454 -4.72 -97.10 60.91
C PHE R 454 -6.07 -97.64 61.36
N GLY R 455 -6.09 -98.31 62.50
CA GLY R 455 -7.33 -98.79 63.10
C GLY R 455 -7.11 -99.81 64.21
N GLY R 456 -8.20 -100.15 64.90
CA GLY R 456 -8.16 -101.14 65.96
C GLY R 456 -9.14 -102.28 65.72
N VAL R 457 -9.11 -103.26 66.62
CA VAL R 457 -10.04 -104.38 66.57
C VAL R 457 -10.96 -104.31 67.78
N LYS R 458 -11.88 -105.28 67.88
CA LYS R 458 -12.78 -105.40 69.03
C LYS R 458 -13.61 -104.14 69.27
N GLN R 459 -13.41 -103.50 70.42
CA GLN R 459 -14.19 -102.31 70.83
C GLN R 459 -13.53 -100.97 70.48
N SER R 460 -12.38 -101.05 69.80
CA SER R 460 -11.76 -99.85 69.23
C SER R 460 -12.39 -99.48 67.89
N GLY R 461 -13.46 -100.19 67.52
CA GLY R 461 -14.28 -99.85 66.35
C GLY R 461 -13.94 -100.58 65.06
N LEU R 462 -14.54 -100.10 63.96
CA LEU R 462 -14.53 -100.79 62.67
C LEU R 462 -13.80 -99.97 61.61
N GLY R 463 -13.36 -100.65 60.55
CA GLY R 463 -12.78 -99.99 59.38
C GLY R 463 -11.36 -99.45 59.59
N ARG R 464 -10.74 -99.01 58.51
CA ARG R 464 -9.36 -98.55 58.54
C ARG R 464 -9.17 -97.21 57.80
N GLU R 465 -8.39 -96.32 58.40
CA GLU R 465 -8.02 -95.04 57.78
C GLU R 465 -6.55 -95.04 57.37
N GLY R 466 -6.19 -94.20 56.40
CA GLY R 466 -4.83 -94.18 55.87
C GLY R 466 -4.57 -95.38 54.95
N SER R 467 -3.42 -95.38 54.30
CA SER R 467 -3.02 -96.44 53.34
C SER R 467 -3.97 -96.61 52.17
N HIS R 468 -3.74 -97.67 51.39
CA HIS R 468 -4.58 -98.00 50.25
C HIS R 468 -5.93 -98.58 50.68
N TYR R 469 -6.09 -98.84 51.98
CA TYR R 469 -7.34 -99.37 52.55
C TYR R 469 -8.33 -98.26 52.94
N GLY R 470 -7.83 -97.04 53.10
CA GLY R 470 -8.61 -95.94 53.66
C GLY R 470 -9.69 -95.38 52.76
N ILE R 471 -9.58 -95.61 51.46
CA ILE R 471 -10.50 -95.03 50.48
C ILE R 471 -11.66 -95.97 50.12
N ASP R 472 -11.49 -97.24 50.42
CA ASP R 472 -12.46 -98.27 50.04
C ASP R 472 -13.80 -98.15 50.80
N ASP R 473 -13.75 -97.55 51.98
CA ASP R 473 -14.97 -97.31 52.76
C ASP R 473 -15.85 -96.23 52.11
N TYR R 474 -15.26 -95.35 51.32
CA TYR R 474 -15.97 -94.23 50.73
C TYR R 474 -16.49 -94.56 49.34
N VAL R 475 -16.19 -95.76 48.88
CA VAL R 475 -16.75 -96.24 47.62
C VAL R 475 -17.66 -97.46 47.79
N VAL R 476 -18.49 -97.65 46.78
CA VAL R 476 -19.49 -98.69 46.73
C VAL R 476 -19.16 -99.48 45.47
N ILE R 477 -19.44 -100.78 45.47
CA ILE R 477 -19.05 -101.59 44.33
C ILE R 477 -20.22 -102.07 43.46
N LYS R 478 -20.04 -101.95 42.15
CA LYS R 478 -21.09 -102.32 41.21
C LYS R 478 -20.62 -103.45 40.33
N TYR R 479 -21.38 -104.53 40.36
CA TYR R 479 -21.08 -105.69 39.55
C TYR R 479 -21.92 -105.64 38.29
N LEU R 480 -21.24 -105.67 37.15
CA LEU R 480 -21.89 -105.69 35.86
C LEU R 480 -21.76 -107.09 35.24
N CYS R 481 -22.91 -107.73 35.03
CA CYS R 481 -22.97 -109.04 34.38
C CYS R 481 -23.45 -108.87 32.96
N VAL R 482 -22.56 -109.08 32.00
CA VAL R 482 -22.77 -108.73 30.60
C VAL R 482 -22.91 -109.98 29.75
N ALA R 483 -24.10 -110.18 29.17
CA ALA R 483 -24.31 -111.25 28.20
C ALA R 483 -23.45 -110.97 26.97
N VAL R 484 -22.98 -112.04 26.33
CA VAL R 484 -22.00 -111.88 25.26
C VAL R 484 -22.41 -112.63 23.99
N GLY S 3 -37.69 -140.73 54.63
CA GLY S 3 -38.86 -141.46 54.08
C GLY S 3 -38.58 -142.03 52.69
N SER S 4 -38.53 -141.15 51.69
CA SER S 4 -38.11 -141.54 50.35
C SER S 4 -36.69 -141.03 50.07
N MET S 5 -35.77 -141.34 50.98
CA MET S 5 -34.40 -140.88 50.83
C MET S 5 -33.36 -141.98 51.02
N LYS S 6 -32.27 -141.90 50.27
CA LYS S 6 -31.19 -142.87 50.37
C LYS S 6 -30.56 -142.84 51.75
N ASP S 7 -30.58 -141.67 52.40
CA ASP S 7 -30.01 -141.51 53.72
C ASP S 7 -30.92 -140.62 54.56
N PRO S 8 -32.00 -141.21 55.12
CA PRO S 8 -33.00 -140.45 55.89
C PRO S 8 -32.44 -139.82 57.18
N SER S 9 -31.20 -140.18 57.52
CA SER S 9 -30.48 -139.55 58.62
C SER S 9 -30.14 -138.08 58.33
N LEU S 10 -30.22 -137.70 57.05
CA LEU S 10 -30.03 -136.32 56.60
C LEU S 10 -31.13 -135.40 57.10
N LEU S 11 -32.31 -135.96 57.35
CA LEU S 11 -33.45 -135.20 57.87
C LEU S 11 -33.39 -135.13 59.41
N ARG S 12 -32.87 -134.02 59.92
CA ARG S 12 -32.69 -133.86 61.37
C ARG S 12 -33.90 -133.21 62.02
N HIS S 13 -34.23 -133.65 63.24
CA HIS S 13 -35.32 -133.07 64.00
C HIS S 13 -34.81 -132.47 65.29
N GLN S 14 -33.52 -132.14 65.30
CA GLN S 14 -32.89 -131.46 66.43
C GLN S 14 -31.95 -130.34 65.94
N ALA S 15 -31.63 -129.41 66.84
CA ALA S 15 -30.69 -128.35 66.53
C ALA S 15 -29.25 -128.80 66.80
N TYR S 16 -28.28 -128.03 66.34
CA TYR S 16 -26.88 -128.44 66.45
C TYR S 16 -26.14 -127.42 67.29
N ILE S 17 -25.79 -127.82 68.51
CA ILE S 17 -25.29 -126.90 69.53
C ILE S 17 -23.93 -127.34 70.05
N GLY S 18 -22.89 -126.61 69.64
CA GLY S 18 -21.53 -126.93 70.02
C GLY S 18 -21.07 -128.27 69.50
N GLY S 19 -21.65 -128.72 68.39
CA GLY S 19 -21.30 -130.01 67.81
C GLY S 19 -22.10 -131.17 68.37
N GLU S 20 -23.14 -130.84 69.15
CA GLU S 20 -24.05 -131.83 69.73
C GLU S 20 -25.47 -131.62 69.23
N TRP S 21 -26.21 -132.70 69.02
CA TRP S 21 -27.60 -132.62 68.59
C TRP S 21 -28.52 -132.50 69.79
N GLN S 22 -29.17 -131.35 69.92
CA GLN S 22 -29.91 -131.03 71.14
C GLN S 22 -31.36 -130.63 70.90
N ALA S 23 -32.15 -130.69 71.96
CA ALA S 23 -33.54 -130.23 71.96
C ALA S 23 -33.63 -128.93 72.75
N ALA S 24 -34.78 -128.25 72.65
CA ALA S 24 -34.99 -127.04 73.42
C ALA S 24 -34.93 -127.34 74.91
N ASP S 25 -34.41 -126.39 75.70
CA ASP S 25 -34.27 -126.57 77.14
C ASP S 25 -35.63 -126.78 77.81
N SER S 26 -36.69 -126.38 77.15
CA SER S 26 -38.04 -126.57 77.67
C SER S 26 -38.79 -127.68 76.93
N ASP S 27 -38.14 -128.26 75.92
CA ASP S 27 -38.71 -129.28 75.02
C ASP S 27 -39.81 -128.72 74.11
N ALA S 28 -39.92 -127.39 74.07
CA ALA S 28 -40.82 -126.72 73.15
C ALA S 28 -40.34 -127.01 71.73
N THR S 29 -41.28 -127.32 70.85
CA THR S 29 -40.99 -127.49 69.44
C THR S 29 -41.98 -126.69 68.61
N PHE S 30 -41.63 -126.46 67.35
CA PHE S 30 -42.64 -126.02 66.39
C PHE S 30 -42.61 -126.93 65.16
N GLU S 31 -43.76 -127.01 64.50
CA GLU S 31 -43.97 -127.93 63.41
C GLU S 31 -43.65 -127.29 62.05
N VAL S 32 -42.98 -128.04 61.18
CA VAL S 32 -42.67 -127.60 59.82
C VAL S 32 -43.65 -128.25 58.85
N PHE S 33 -44.16 -127.46 57.91
CA PHE S 33 -45.16 -127.94 56.95
C PHE S 33 -44.67 -127.86 55.50
N ASP S 34 -45.21 -128.71 54.64
CA ASP S 34 -44.95 -128.68 53.21
C ASP S 34 -45.87 -127.64 52.58
N PRO S 35 -45.30 -126.58 51.96
CA PRO S 35 -46.11 -125.48 51.40
C PRO S 35 -47.03 -125.90 50.24
N ALA S 36 -46.69 -127.02 49.60
CA ALA S 36 -47.47 -127.56 48.48
C ALA S 36 -48.64 -128.45 48.94
N THR S 37 -48.39 -129.33 49.90
CA THR S 37 -49.40 -130.31 50.30
C THR S 37 -50.09 -129.92 51.60
N GLY S 38 -49.36 -129.22 52.46
CA GLY S 38 -49.91 -128.76 53.75
C GLY S 38 -49.73 -129.77 54.86
N GLU S 39 -49.05 -130.87 54.56
CA GLU S 39 -48.85 -131.96 55.52
C GLU S 39 -47.54 -131.80 56.29
N SER S 40 -47.53 -132.37 57.50
CA SER S 40 -46.44 -132.21 58.44
C SER S 40 -45.13 -132.88 58.02
N LEU S 41 -44.04 -132.14 58.19
CA LEU S 41 -42.70 -132.68 58.04
C LEU S 41 -42.07 -132.96 59.42
N GLY S 42 -42.91 -132.92 60.46
CA GLY S 42 -42.46 -133.17 61.82
C GLY S 42 -42.04 -131.90 62.53
N THR S 43 -41.28 -132.04 63.61
CA THR S 43 -40.90 -130.90 64.43
C THR S 43 -39.40 -130.61 64.47
N VAL S 44 -39.08 -129.39 64.90
CA VAL S 44 -37.73 -128.97 65.22
C VAL S 44 -37.80 -128.25 66.56
N PRO S 45 -36.69 -128.24 67.33
CA PRO S 45 -36.76 -127.59 68.63
C PRO S 45 -36.95 -126.08 68.51
N LYS S 46 -37.63 -125.50 69.49
CA LYS S 46 -37.86 -124.06 69.54
C LYS S 46 -36.98 -123.48 70.65
N MET S 47 -35.73 -123.22 70.30
CA MET S 47 -34.75 -122.73 71.27
C MET S 47 -34.84 -121.22 71.52
N GLY S 48 -33.98 -120.71 72.38
CA GLY S 48 -34.00 -119.29 72.76
C GLY S 48 -32.65 -118.73 73.16
N ALA S 49 -32.66 -117.83 74.14
CA ALA S 49 -31.46 -117.13 74.60
C ALA S 49 -30.44 -118.07 75.26
N ALA S 50 -30.94 -118.95 76.14
CA ALA S 50 -30.10 -119.87 76.92
C ALA S 50 -29.27 -120.78 76.02
N GLU S 51 -29.93 -121.39 75.04
CA GLU S 51 -29.29 -122.31 74.11
C GLU S 51 -28.33 -121.60 73.16
N THR S 52 -28.66 -120.38 72.79
CA THR S 52 -27.86 -119.63 71.85
C THR S 52 -26.57 -119.20 72.53
N ALA S 53 -26.66 -118.90 73.83
CA ALA S 53 -25.48 -118.52 74.62
C ALA S 53 -24.46 -119.66 74.66
N ARG S 54 -24.95 -120.88 74.91
CA ARG S 54 -24.12 -122.07 74.93
C ARG S 54 -23.39 -122.26 73.59
N ALA S 55 -24.12 -122.16 72.47
CA ALA S 55 -23.50 -122.34 71.15
C ALA S 55 -22.44 -121.28 70.87
N ILE S 56 -22.72 -120.05 71.31
CA ILE S 56 -21.76 -118.95 71.22
C ILE S 56 -20.50 -119.21 72.07
N GLU S 57 -20.68 -119.72 73.29
CA GLU S 57 -19.54 -120.08 74.14
C GLU S 57 -18.74 -121.29 73.63
N ALA S 58 -19.43 -122.24 73.00
CA ALA S 58 -18.80 -123.43 72.44
C ALA S 58 -17.96 -123.08 71.22
N ALA S 59 -18.43 -122.10 70.46
CA ALA S 59 -17.67 -121.56 69.31
C ALA S 59 -16.38 -120.85 69.74
N GLN S 60 -16.42 -120.19 70.90
CA GLN S 60 -15.24 -119.54 71.49
C GLN S 60 -14.19 -120.55 71.93
N ALA S 61 -14.61 -121.56 72.70
CA ALA S 61 -13.73 -122.66 73.08
C ALA S 61 -13.10 -123.34 71.86
N ALA S 62 -13.84 -123.34 70.75
CA ALA S 62 -13.40 -124.03 69.53
C ALA S 62 -12.43 -123.21 68.71
N TRP S 63 -12.42 -121.89 68.93
CA TRP S 63 -11.69 -120.96 68.09
C TRP S 63 -10.19 -121.24 68.03
N ALA S 64 -9.53 -121.28 69.18
CA ALA S 64 -8.07 -121.44 69.21
C ALA S 64 -7.67 -122.63 68.36
N GLY S 65 -8.32 -123.77 68.59
CA GLY S 65 -8.04 -125.00 67.87
C GLY S 65 -8.19 -124.85 66.38
N TRP S 66 -9.25 -124.16 65.95
CA TRP S 66 -9.58 -124.01 64.55
C TRP S 66 -8.62 -123.08 63.80
N ARG S 67 -8.33 -121.91 64.37
CA ARG S 67 -7.41 -120.94 63.76
C ARG S 67 -5.97 -121.47 63.73
N MET S 68 -5.63 -122.26 64.73
CA MET S 68 -4.32 -122.88 64.86
C MET S 68 -3.94 -123.69 63.62
N LYS S 69 -4.94 -124.33 63.00
CA LYS S 69 -4.73 -125.09 61.77
C LYS S 69 -4.23 -124.17 60.65
N THR S 70 -3.63 -124.76 59.62
CA THR S 70 -3.22 -123.99 58.45
C THR S 70 -4.45 -123.76 57.58
N ALA S 71 -4.35 -122.82 56.63
CA ALA S 71 -5.40 -122.62 55.64
C ALA S 71 -5.61 -123.86 54.77
N LYS S 72 -4.51 -124.51 54.38
CA LYS S 72 -4.53 -125.76 53.61
C LYS S 72 -5.33 -126.85 54.33
N GLU S 73 -5.09 -127.01 55.64
CA GLU S 73 -5.78 -128.01 56.45
C GLU S 73 -7.29 -127.77 56.51
N ARG S 74 -7.68 -126.53 56.82
CA ARG S 74 -9.10 -126.15 56.87
C ARG S 74 -9.78 -126.39 55.52
N ALA S 75 -9.04 -126.13 54.45
CA ALA S 75 -9.50 -126.38 53.09
C ALA S 75 -9.68 -127.86 52.82
N ALA S 76 -8.90 -128.71 53.48
CA ALA S 76 -9.09 -130.15 53.36
C ALA S 76 -10.44 -130.55 53.95
N ILE S 77 -10.72 -130.05 55.16
CA ILE S 77 -12.02 -130.28 55.78
C ILE S 77 -13.15 -129.77 54.88
N LEU S 78 -13.06 -128.51 54.46
CA LEU S 78 -14.12 -127.88 53.66
C LEU S 78 -14.35 -128.54 52.29
N ARG S 79 -13.29 -129.05 51.69
CA ARG S 79 -13.41 -129.78 50.44
C ARG S 79 -14.16 -131.11 50.65
N ARG S 80 -13.90 -131.76 51.78
CA ARG S 80 -14.61 -132.97 52.14
C ARG S 80 -16.10 -132.65 52.31
N TRP S 81 -16.38 -131.48 52.88
CA TRP S 81 -17.75 -131.00 53.06
C TRP S 81 -18.37 -130.68 51.71
N PHE S 82 -17.56 -130.12 50.82
CA PHE S 82 -17.95 -129.89 49.44
C PHE S 82 -18.38 -131.22 48.81
N ASP S 83 -17.45 -132.18 48.81
CA ASP S 83 -17.66 -133.51 48.20
C ASP S 83 -18.90 -134.23 48.73
N LEU S 84 -19.17 -134.09 50.03
CA LEU S 84 -20.30 -134.75 50.66
C LEU S 84 -21.63 -134.11 50.33
N VAL S 85 -21.60 -132.80 50.04
CA VAL S 85 -22.80 -132.07 49.61
C VAL S 85 -23.16 -132.49 48.19
N ILE S 86 -22.13 -132.59 47.35
CA ILE S 86 -22.28 -133.08 45.98
C ILE S 86 -22.75 -134.53 45.97
N ALA S 87 -22.15 -135.36 46.81
CA ALA S 87 -22.44 -136.79 46.86
C ALA S 87 -23.87 -137.10 47.33
N ASN S 88 -24.42 -136.26 48.20
CA ASN S 88 -25.77 -136.43 48.73
C ASN S 88 -26.77 -135.46 48.11
N SER S 89 -26.49 -135.11 46.86
CA SER S 89 -27.24 -134.08 46.14
C SER S 89 -28.72 -134.39 45.96
N ASP S 90 -29.02 -135.63 45.52
CA ASP S 90 -30.39 -136.00 45.22
C ASP S 90 -31.26 -135.90 46.46
N ASP S 91 -30.73 -136.35 47.60
CA ASP S 91 -31.43 -136.21 48.89
C ASP S 91 -31.59 -134.76 49.34
N LEU S 92 -30.50 -134.00 49.29
CA LEU S 92 -30.54 -132.60 49.73
C LEU S 92 -31.59 -131.83 48.94
N ALA S 93 -31.52 -131.95 47.61
CA ALA S 93 -32.48 -131.29 46.73
C ALA S 93 -33.93 -131.68 47.02
N LEU S 94 -34.14 -132.93 47.43
CA LEU S 94 -35.48 -133.41 47.80
C LEU S 94 -35.99 -132.78 49.11
N ILE S 95 -35.14 -132.71 50.11
CA ILE S 95 -35.48 -132.05 51.36
C ILE S 95 -35.89 -130.61 51.10
N LEU S 96 -35.06 -129.88 50.35
CA LEU S 96 -35.31 -128.47 50.02
C LEU S 96 -36.65 -128.27 49.32
N THR S 97 -36.92 -129.05 48.27
CA THR S 97 -38.21 -129.00 47.58
C THR S 97 -39.37 -129.21 48.55
N THR S 98 -39.24 -130.25 49.35
CA THR S 98 -40.28 -130.63 50.31
C THR S 98 -40.58 -129.54 51.35
N GLU S 99 -39.55 -128.85 51.84
CA GLU S 99 -39.74 -127.78 52.85
C GLU S 99 -39.98 -126.38 52.26
N GLN S 100 -39.36 -126.07 51.12
CA GLN S 100 -39.39 -124.72 50.58
C GLN S 100 -40.45 -124.56 49.48
N GLY S 101 -40.55 -125.55 48.61
CA GLY S 101 -41.56 -125.52 47.56
C GLY S 101 -41.04 -125.63 46.13
N LYS S 102 -39.91 -124.98 45.85
CA LYS S 102 -39.36 -124.90 44.49
C LYS S 102 -39.19 -126.27 43.81
N PRO S 103 -39.19 -126.30 42.46
CA PRO S 103 -39.11 -127.55 41.71
C PRO S 103 -37.81 -128.32 41.97
N LEU S 104 -37.84 -129.63 41.75
CA LEU S 104 -36.64 -130.48 41.86
C LEU S 104 -35.45 -130.02 41.02
N ALA S 105 -35.71 -129.49 39.83
CA ALA S 105 -34.64 -128.98 38.97
C ALA S 105 -33.99 -127.73 39.58
N GLU S 106 -34.82 -126.83 40.12
CA GLU S 106 -34.32 -125.61 40.78
C GLU S 106 -33.59 -125.92 42.07
N ALA S 107 -34.15 -126.85 42.86
CA ALA S 107 -33.52 -127.29 44.12
C ALA S 107 -32.17 -127.96 43.89
N LYS S 108 -32.06 -128.73 42.80
CA LYS S 108 -30.78 -129.32 42.40
C LYS S 108 -29.80 -128.24 41.97
N GLY S 109 -30.30 -127.25 41.24
CA GLY S 109 -29.56 -126.04 40.91
C GLY S 109 -28.95 -125.37 42.13
N GLU S 110 -29.74 -125.20 43.19
CA GLU S 110 -29.24 -124.56 44.41
C GLU S 110 -28.17 -125.38 45.15
N ILE S 111 -28.32 -126.71 45.17
CA ILE S 111 -27.33 -127.56 45.82
C ILE S 111 -25.97 -127.45 45.12
N ALA S 112 -25.96 -127.46 43.79
CA ALA S 112 -24.73 -127.27 43.01
C ALA S 112 -24.14 -125.87 43.25
N TYR S 113 -25.05 -124.93 43.53
CA TYR S 113 -24.78 -123.55 43.83
C TYR S 113 -24.25 -123.44 45.27
N ALA S 114 -24.87 -124.14 46.21
CA ALA S 114 -24.37 -124.22 47.58
C ALA S 114 -22.96 -124.79 47.60
N ALA S 115 -22.81 -126.00 47.09
CA ALA S 115 -21.52 -126.68 47.04
C ALA S 115 -20.42 -125.82 46.45
N SER S 116 -20.76 -125.07 45.40
CA SER S 116 -19.77 -124.27 44.67
C SER S 116 -19.22 -123.11 45.51
N PHE S 117 -20.06 -122.57 46.39
CA PHE S 117 -19.60 -121.61 47.40
C PHE S 117 -18.61 -122.25 48.37
N ILE S 118 -18.90 -123.46 48.82
CA ILE S 118 -18.02 -124.16 49.75
C ILE S 118 -16.64 -124.38 49.11
N GLU S 119 -16.61 -124.84 47.86
CA GLU S 119 -15.34 -125.02 47.14
C GLU S 119 -14.60 -123.71 47.02
N TRP S 120 -15.33 -122.65 46.66
CA TRP S 120 -14.76 -121.33 46.41
C TRP S 120 -14.01 -120.73 47.61
N PHE S 121 -14.61 -120.74 48.79
CA PHE S 121 -13.94 -120.17 49.96
C PHE S 121 -12.81 -121.04 50.51
N ALA S 122 -12.97 -122.36 50.37
CA ALA S 122 -11.91 -123.29 50.74
C ALA S 122 -10.63 -122.87 50.05
N GLU S 123 -10.79 -122.48 48.77
CA GLU S 123 -9.68 -121.97 47.95
C GLU S 123 -9.27 -120.55 48.36
N GLU S 124 -10.22 -119.77 48.86
CA GLU S 124 -9.96 -118.35 49.20
C GLU S 124 -9.22 -118.18 50.50
N GLY S 125 -9.33 -119.15 51.41
CA GLY S 125 -8.64 -119.09 52.70
C GLY S 125 -7.12 -119.12 52.49
N LYS S 126 -6.70 -119.91 51.51
CA LYS S 126 -5.29 -120.08 51.18
C LYS S 126 -4.68 -118.82 50.57
N ARG S 127 -5.50 -117.78 50.42
CA ARG S 127 -5.14 -116.59 49.65
C ARG S 127 -5.40 -115.26 50.36
N VAL S 128 -5.89 -115.32 51.59
CA VAL S 128 -6.07 -114.12 52.42
C VAL S 128 -4.71 -113.47 52.64
N ALA S 129 -4.50 -112.29 52.03
CA ALA S 129 -3.17 -111.71 51.89
C ALA S 129 -2.99 -110.35 52.54
N GLY S 130 -1.81 -110.13 53.11
CA GLY S 130 -1.45 -108.84 53.69
C GLY S 130 -0.46 -108.09 52.81
N ASP S 131 0.16 -107.04 53.34
CA ASP S 131 1.05 -106.19 52.55
C ASP S 131 2.44 -106.08 53.14
N THR S 132 3.42 -105.89 52.26
CA THR S 132 4.65 -105.24 52.65
C THR S 132 4.70 -103.97 51.80
N LEU S 133 4.59 -102.82 52.45
CA LEU S 133 4.46 -101.54 51.76
C LEU S 133 5.75 -100.72 51.79
N PRO S 134 5.91 -99.77 50.83
CA PRO S 134 7.04 -98.83 50.91
C PRO S 134 6.92 -97.92 52.13
N THR S 135 8.01 -97.77 52.86
CA THR S 135 8.02 -97.02 54.11
C THR S 135 8.19 -95.51 53.93
N PRO S 136 7.49 -94.72 54.78
CA PRO S 136 7.75 -93.28 54.89
C PRO S 136 8.95 -92.97 55.79
N ASP S 137 9.16 -93.75 56.86
CA ASP S 137 10.28 -93.53 57.78
C ASP S 137 11.37 -94.56 57.52
N ALA S 138 12.62 -94.08 57.50
CA ALA S 138 13.76 -94.91 57.08
C ALA S 138 14.18 -95.98 58.11
N ASN S 139 13.87 -95.74 59.39
CA ASN S 139 14.18 -96.70 60.46
C ASN S 139 12.99 -97.62 60.76
N LYS S 140 12.05 -97.66 59.82
CA LYS S 140 10.80 -98.40 59.98
C LYS S 140 10.43 -99.19 58.72
N ARG S 141 9.84 -100.36 58.91
CA ARG S 141 9.33 -101.20 57.83
C ARG S 141 7.86 -101.49 58.09
N ILE S 142 7.05 -101.48 57.03
CA ILE S 142 5.59 -101.60 57.17
C ILE S 142 5.08 -102.95 56.69
N VAL S 143 4.54 -103.71 57.63
CA VAL S 143 4.07 -105.05 57.36
C VAL S 143 2.59 -105.16 57.75
N VAL S 144 1.79 -105.62 56.80
CA VAL S 144 0.36 -105.80 57.02
C VAL S 144 0.00 -107.28 56.89
N VAL S 145 -0.60 -107.85 57.93
CA VAL S 145 -1.11 -109.22 57.89
C VAL S 145 -2.59 -109.25 58.21
N LYS S 146 -3.22 -110.39 57.95
CA LYS S 146 -4.65 -110.57 58.19
C LYS S 146 -4.90 -111.80 59.04
N GLU S 147 -5.92 -111.73 59.89
CA GLU S 147 -6.24 -112.83 60.79
C GLU S 147 -7.73 -112.84 61.15
N PRO S 148 -8.27 -114.01 61.49
CA PRO S 148 -9.69 -114.17 61.83
C PRO S 148 -10.20 -113.13 62.82
N ILE S 149 -11.41 -112.62 62.56
CA ILE S 149 -12.03 -111.65 63.45
C ILE S 149 -12.46 -112.26 64.78
N GLY S 150 -13.03 -113.46 64.75
CA GLY S 150 -13.52 -114.14 65.95
C GLY S 150 -14.83 -114.86 65.73
N VAL S 151 -15.56 -115.07 66.83
CA VAL S 151 -16.82 -115.81 66.76
C VAL S 151 -17.83 -115.02 65.94
N CYS S 152 -18.22 -115.61 64.82
CA CYS S 152 -19.19 -115.02 63.90
C CYS S 152 -20.59 -115.54 64.18
N ALA S 153 -21.58 -114.81 63.69
CA ALA S 153 -22.95 -115.27 63.65
C ALA S 153 -23.55 -114.99 62.26
N ALA S 154 -24.57 -115.75 61.88
CA ALA S 154 -25.24 -115.54 60.60
C ALA S 154 -26.72 -115.84 60.71
N ILE S 155 -27.55 -114.92 60.22
CA ILE S 155 -28.99 -115.13 60.14
C ILE S 155 -29.38 -115.23 58.67
N THR S 156 -30.10 -116.30 58.32
CA THR S 156 -30.31 -116.68 56.91
C THR S 156 -31.78 -116.97 56.59
N PRO S 157 -32.23 -116.59 55.37
CA PRO S 157 -33.64 -116.64 55.00
C PRO S 157 -34.07 -117.96 54.34
N TRP S 158 -35.37 -118.08 54.09
CA TRP S 158 -35.99 -119.30 53.58
C TRP S 158 -35.95 -119.49 52.07
N ASN S 159 -35.67 -118.44 51.31
CA ASN S 159 -35.75 -118.52 49.85
C ASN S 159 -34.64 -119.35 49.19
N PHE S 160 -33.45 -119.35 49.78
CA PHE S 160 -32.36 -120.22 49.33
C PHE S 160 -31.69 -120.95 50.52
N PRO S 161 -32.41 -121.93 51.11
CA PRO S 161 -32.12 -122.53 52.42
C PRO S 161 -30.80 -123.28 52.51
N ALA S 162 -30.30 -123.79 51.40
CA ALA S 162 -29.03 -124.51 51.40
C ALA S 162 -27.87 -123.61 50.99
N ALA S 163 -28.08 -122.77 49.98
CA ALA S 163 -27.01 -121.90 49.48
C ALA S 163 -26.69 -120.81 50.47
N MET S 164 -27.70 -120.35 51.21
CA MET S 164 -27.49 -119.30 52.20
C MET S 164 -26.56 -119.72 53.32
N ILE S 165 -26.63 -120.99 53.70
CA ILE S 165 -25.75 -121.51 54.72
C ILE S 165 -24.31 -121.60 54.18
N ALA S 166 -24.15 -122.07 52.95
CA ALA S 166 -22.83 -122.18 52.32
C ALA S 166 -22.16 -120.83 52.12
N ARG S 167 -22.95 -119.84 51.74
CA ARG S 167 -22.50 -118.46 51.50
C ARG S 167 -21.97 -117.77 52.74
N LYS S 168 -22.31 -118.33 53.90
CA LYS S 168 -21.98 -117.69 55.18
C LYS S 168 -21.05 -118.50 56.08
N VAL S 169 -21.29 -119.80 56.16
CA VAL S 169 -20.39 -120.71 56.87
C VAL S 169 -19.06 -120.83 56.12
N GLY S 170 -19.15 -120.97 54.80
CA GLY S 170 -17.98 -121.04 53.93
C GLY S 170 -16.87 -120.04 54.23
N PRO S 171 -17.15 -118.73 54.02
CA PRO S 171 -16.09 -117.75 54.20
C PRO S 171 -15.60 -117.67 55.65
N ALA S 172 -16.53 -117.68 56.59
CA ALA S 172 -16.21 -117.67 58.02
C ALA S 172 -15.20 -118.75 58.37
N LEU S 173 -15.51 -120.00 58.04
CA LEU S 173 -14.62 -121.11 58.40
C LEU S 173 -13.27 -121.02 57.69
N ALA S 174 -13.29 -120.69 56.40
CA ALA S 174 -12.06 -120.61 55.59
C ALA S 174 -11.18 -119.46 56.04
N ALA S 175 -11.80 -118.43 56.61
CA ALA S 175 -11.11 -117.31 57.22
C ALA S 175 -10.43 -117.68 58.54
N GLY S 176 -10.83 -118.83 59.11
CA GLY S 176 -10.34 -119.28 60.41
C GLY S 176 -11.26 -118.91 61.56
N CYS S 177 -12.54 -118.70 61.27
CA CYS S 177 -13.53 -118.38 62.30
C CYS S 177 -14.46 -119.54 62.60
N PRO S 178 -14.95 -119.61 63.85
CA PRO S 178 -16.10 -120.44 64.19
C PRO S 178 -17.40 -119.66 63.96
N ILE S 179 -18.47 -120.37 63.58
CA ILE S 179 -19.73 -119.69 63.27
C ILE S 179 -20.95 -120.30 63.97
N VAL S 180 -21.87 -119.44 64.40
CA VAL S 180 -23.18 -119.83 64.90
C VAL S 180 -24.24 -119.33 63.91
N VAL S 181 -25.13 -120.21 63.47
CA VAL S 181 -26.10 -119.87 62.42
C VAL S 181 -27.54 -120.06 62.89
N LYS S 182 -28.38 -119.06 62.64
CA LYS S 182 -29.81 -119.24 62.83
C LYS S 182 -30.51 -119.18 61.47
N PRO S 183 -30.93 -120.36 60.95
CA PRO S 183 -31.65 -120.42 59.68
C PRO S 183 -33.12 -120.07 59.89
N ALA S 184 -33.83 -119.85 58.79
CA ALA S 184 -35.25 -119.49 58.86
C ALA S 184 -36.07 -120.60 59.55
N GLU S 185 -37.06 -120.19 60.32
CA GLU S 185 -37.95 -121.13 60.99
C GLU S 185 -38.79 -121.99 60.01
N SER S 186 -39.08 -121.47 58.81
CA SER S 186 -39.91 -122.22 57.85
C SER S 186 -39.14 -123.20 56.96
N THR S 187 -37.81 -123.09 56.92
CA THR S 187 -36.93 -124.05 56.21
C THR S 187 -35.70 -124.46 57.02
N PRO S 188 -35.90 -125.17 58.14
CA PRO S 188 -34.72 -125.50 58.95
C PRO S 188 -33.87 -126.65 58.40
N PHE S 189 -34.52 -127.61 57.75
CA PHE S 189 -33.92 -128.90 57.45
C PHE S 189 -32.69 -128.89 56.56
N SER S 190 -32.63 -127.95 55.62
CA SER S 190 -31.45 -127.83 54.75
C SER S 190 -30.20 -127.42 55.52
N ALA S 191 -30.37 -126.53 56.49
CA ALA S 191 -29.27 -126.09 57.35
C ALA S 191 -28.78 -127.25 58.24
N LEU S 192 -29.73 -128.04 58.70
CA LEU S 192 -29.45 -129.16 59.58
C LEU S 192 -28.79 -130.30 58.84
N ALA S 193 -29.30 -130.59 57.64
CA ALA S 193 -28.73 -131.60 56.77
C ALA S 193 -27.26 -131.29 56.48
N MET S 194 -26.95 -130.01 56.36
CA MET S 194 -25.60 -129.61 56.00
C MET S 194 -24.67 -129.55 57.19
N ALA S 195 -25.20 -129.18 58.34
CA ALA S 195 -24.49 -129.32 59.59
C ALA S 195 -24.09 -130.78 59.76
N PHE S 196 -25.05 -131.68 59.58
CA PHE S 196 -24.82 -133.12 59.68
C PHE S 196 -23.66 -133.58 58.79
N LEU S 197 -23.63 -133.12 57.55
CA LEU S 197 -22.56 -133.47 56.65
C LEU S 197 -21.26 -132.76 57.01
N ALA S 198 -21.37 -131.58 57.61
CA ALA S 198 -20.20 -130.82 58.04
C ALA S 198 -19.40 -131.59 59.09
N GLU S 199 -20.12 -132.30 59.97
CA GLU S 199 -19.49 -133.16 60.98
C GLU S 199 -18.71 -134.33 60.35
N ARG S 200 -19.32 -135.02 59.39
CA ARG S 200 -18.67 -136.15 58.68
C ARG S 200 -17.45 -135.70 57.87
N ALA S 201 -17.44 -134.44 57.46
CA ALA S 201 -16.31 -133.89 56.72
C ALA S 201 -15.14 -133.61 57.66
N GLY S 202 -15.44 -133.50 58.95
CA GLY S 202 -14.42 -133.28 59.97
C GLY S 202 -14.36 -131.86 60.51
N VAL S 203 -15.50 -131.17 60.54
CA VAL S 203 -15.61 -129.88 61.20
C VAL S 203 -15.72 -130.13 62.71
N PRO S 204 -14.67 -129.74 63.48
CA PRO S 204 -14.61 -129.96 64.91
C PRO S 204 -15.82 -129.43 65.68
N LYS S 205 -16.14 -130.10 66.78
CA LYS S 205 -17.24 -129.72 67.65
C LYS S 205 -17.09 -128.27 68.12
N GLY S 206 -18.15 -127.49 67.99
CA GLY S 206 -18.13 -126.10 68.42
C GLY S 206 -17.87 -125.13 67.28
N VAL S 207 -17.10 -125.56 66.29
CA VAL S 207 -16.76 -124.70 65.15
C VAL S 207 -18.00 -124.28 64.36
N LEU S 208 -19.03 -125.12 64.37
CA LEU S 208 -20.27 -124.83 63.69
C LEU S 208 -21.45 -125.12 64.58
N SER S 209 -22.38 -124.17 64.64
CA SER S 209 -23.63 -124.40 65.34
C SER S 209 -24.81 -123.89 64.52
N VAL S 210 -25.84 -124.73 64.43
CA VAL S 210 -27.11 -124.32 63.83
C VAL S 210 -28.17 -124.28 64.92
N VAL S 211 -28.62 -123.08 65.25
CA VAL S 211 -29.61 -122.86 66.29
C VAL S 211 -30.97 -122.66 65.63
N ILE S 212 -32.02 -123.23 66.24
CA ILE S 212 -33.37 -123.15 65.71
C ILE S 212 -34.32 -122.80 66.83
N GLY S 213 -35.14 -121.78 66.59
CA GLY S 213 -36.18 -121.40 67.53
C GLY S 213 -36.82 -120.06 67.21
N ASP S 214 -37.25 -119.38 68.27
CA ASP S 214 -37.94 -118.11 68.18
C ASP S 214 -36.95 -117.02 67.76
N PRO S 215 -37.15 -116.43 66.56
CA PRO S 215 -36.22 -115.47 65.95
C PRO S 215 -35.89 -114.25 66.83
N LYS S 216 -36.87 -113.74 67.57
CA LYS S 216 -36.63 -112.58 68.43
C LYS S 216 -35.65 -112.90 69.56
N ALA S 217 -35.85 -114.05 70.22
CA ALA S 217 -35.04 -114.44 71.38
C ALA S 217 -33.62 -114.88 71.01
N ILE S 218 -33.50 -115.58 69.89
CA ILE S 218 -32.19 -115.95 69.38
C ILE S 218 -31.49 -114.69 68.84
N GLY S 219 -32.24 -113.87 68.12
CA GLY S 219 -31.75 -112.60 67.58
C GLY S 219 -31.15 -111.68 68.63
N THR S 220 -31.91 -111.43 69.70
CA THR S 220 -31.42 -110.63 70.83
C THR S 220 -30.13 -111.18 71.42
N GLU S 221 -30.08 -112.49 71.66
CA GLU S 221 -28.90 -113.12 72.27
C GLU S 221 -27.66 -112.99 71.39
N ILE S 222 -27.84 -113.16 70.08
CA ILE S 222 -26.75 -112.93 69.13
C ILE S 222 -26.25 -111.48 69.15
N THR S 223 -27.16 -110.51 69.15
CA THR S 223 -26.78 -109.10 69.04
C THR S 223 -26.16 -108.54 70.32
N SER S 224 -26.68 -108.97 71.48
CA SER S 224 -26.21 -108.46 72.77
C SER S 224 -24.96 -109.16 73.31
N ASN S 225 -24.70 -110.38 72.88
CA ASN S 225 -23.58 -111.17 73.39
C ASN S 225 -22.25 -110.63 72.87
N PRO S 226 -21.34 -110.22 73.77
CA PRO S 226 -20.07 -109.59 73.38
C PRO S 226 -19.04 -110.54 72.77
N ILE S 227 -19.30 -111.84 72.78
CA ILE S 227 -18.39 -112.84 72.21
C ILE S 227 -18.45 -112.79 70.68
N VAL S 228 -19.67 -112.63 70.17
CA VAL S 228 -19.91 -112.44 68.75
C VAL S 228 -19.36 -111.09 68.27
N ARG S 229 -18.35 -111.15 67.42
CA ARG S 229 -17.72 -109.93 66.91
C ARG S 229 -18.19 -109.57 65.50
N LYS S 230 -18.87 -110.53 64.86
CA LYS S 230 -19.26 -110.41 63.47
C LYS S 230 -20.63 -111.03 63.27
N LEU S 231 -21.57 -110.25 62.74
CA LEU S 231 -22.90 -110.76 62.44
C LEU S 231 -23.25 -110.50 60.99
N SER S 232 -23.75 -111.54 60.33
CA SER S 232 -24.14 -111.45 58.95
C SER S 232 -25.65 -111.67 58.85
N PHE S 233 -26.37 -110.69 58.33
CA PHE S 233 -27.83 -110.82 58.16
C PHE S 233 -28.30 -110.72 56.71
N THR S 234 -29.23 -111.58 56.37
CA THR S 234 -29.90 -111.57 55.08
C THR S 234 -31.40 -111.64 55.32
N GLY S 235 -32.15 -110.69 54.78
CA GLY S 235 -33.59 -110.70 54.94
C GLY S 235 -34.22 -109.33 54.91
N SER S 236 -35.30 -109.17 55.70
CA SER S 236 -36.13 -107.99 55.69
C SER S 236 -35.40 -106.72 56.15
N THR S 237 -35.44 -105.69 55.31
CA THR S 237 -34.82 -104.40 55.61
C THR S 237 -35.23 -103.91 56.99
N ALA S 238 -36.53 -104.01 57.28
CA ALA S 238 -37.08 -103.59 58.56
C ALA S 238 -36.37 -104.29 59.73
N VAL S 239 -36.10 -105.58 59.56
CA VAL S 239 -35.42 -106.40 60.57
C VAL S 239 -33.93 -106.08 60.64
N GLY S 240 -33.28 -105.96 59.48
CA GLY S 240 -31.86 -105.64 59.40
C GLY S 240 -31.47 -104.36 60.12
N ARG S 241 -32.40 -103.40 60.10
CA ARG S 241 -32.27 -102.14 60.82
C ARG S 241 -32.28 -102.36 62.34
N LEU S 242 -33.29 -103.09 62.81
CA LEU S 242 -33.42 -103.44 64.21
C LEU S 242 -32.20 -104.18 64.76
N LEU S 243 -31.62 -105.08 63.95
CA LEU S 243 -30.45 -105.84 64.38
C LEU S 243 -29.19 -104.99 64.52
N MET S 244 -28.97 -104.10 63.54
CA MET S 244 -27.84 -103.16 63.57
C MET S 244 -27.90 -102.31 64.83
N ALA S 245 -29.10 -101.85 65.18
CA ALA S 245 -29.32 -101.09 66.41
C ALA S 245 -28.94 -101.89 67.65
N GLN S 246 -29.32 -103.17 67.67
CA GLN S 246 -29.04 -104.08 68.77
C GLN S 246 -27.57 -104.45 68.85
N SER S 247 -26.88 -104.46 67.70
CA SER S 247 -25.45 -104.77 67.63
C SER S 247 -24.56 -103.59 67.99
N ALA S 248 -25.16 -102.42 68.16
CA ALA S 248 -24.41 -101.21 68.43
C ALA S 248 -23.57 -101.34 69.71
N PRO S 249 -24.17 -101.73 70.86
CA PRO S 249 -23.40 -101.71 72.10
C PRO S 249 -22.05 -102.45 72.08
N THR S 250 -21.85 -103.36 71.12
CA THR S 250 -20.54 -104.03 70.99
C THR S 250 -19.84 -103.82 69.65
N VAL S 251 -20.30 -102.84 68.88
CA VAL S 251 -19.56 -102.39 67.70
C VAL S 251 -19.20 -103.56 66.76
N LYS S 252 -20.18 -104.39 66.44
CA LYS S 252 -19.96 -105.58 65.60
C LYS S 252 -19.75 -105.26 64.13
N LYS S 253 -18.84 -105.98 63.49
CA LYS S 253 -18.74 -105.94 62.04
C LYS S 253 -20.03 -106.57 61.48
N LEU S 254 -20.75 -105.79 60.69
CA LEU S 254 -22.04 -106.21 60.12
C LEU S 254 -21.99 -106.38 58.60
N THR S 255 -22.55 -107.49 58.11
CA THR S 255 -22.90 -107.64 56.71
C THR S 255 -24.42 -107.68 56.63
N LEU S 256 -25.02 -106.78 55.86
CA LEU S 256 -26.47 -106.75 55.71
C LEU S 256 -26.91 -106.93 54.26
N GLU S 257 -27.49 -108.10 53.96
CA GLU S 257 -28.05 -108.39 52.64
C GLU S 257 -29.55 -108.18 52.71
N LEU S 258 -30.00 -106.96 52.49
CA LEU S 258 -31.42 -106.64 52.68
C LEU S 258 -32.23 -106.67 51.38
N GLY S 259 -33.49 -106.25 51.46
CA GLY S 259 -34.38 -106.24 50.30
C GLY S 259 -34.04 -105.27 49.19
N GLY S 260 -34.59 -105.54 48.00
CA GLY S 260 -34.39 -104.69 46.83
C GLY S 260 -35.70 -104.16 46.27
N ASN S 261 -35.68 -103.80 44.98
CA ASN S 261 -36.85 -103.41 44.21
C ASN S 261 -36.49 -103.50 42.73
N ALA S 262 -35.84 -104.60 42.36
CA ALA S 262 -35.21 -104.76 41.05
C ALA S 262 -36.03 -104.25 39.87
N PRO S 263 -35.47 -103.29 39.12
CA PRO S 263 -36.09 -102.90 37.85
C PRO S 263 -35.54 -103.72 36.70
N PHE S 264 -36.44 -104.19 35.85
CA PHE S 264 -36.07 -104.90 34.63
C PHE S 264 -36.39 -103.97 33.46
N ILE S 265 -35.36 -103.51 32.76
CA ILE S 265 -35.49 -102.41 31.80
C ILE S 265 -35.39 -102.86 30.34
N VAL S 266 -36.43 -102.57 29.56
CA VAL S 266 -36.45 -102.93 28.13
C VAL S 266 -36.61 -101.72 27.19
N PHE S 267 -35.53 -101.38 26.48
CA PHE S 267 -35.53 -100.30 25.49
C PHE S 267 -36.06 -100.75 24.12
N ASP S 268 -36.29 -99.80 23.22
CA ASP S 268 -36.77 -100.11 21.87
C ASP S 268 -35.80 -100.91 21.00
N ASP S 269 -34.50 -100.74 21.28
CA ASP S 269 -33.45 -101.46 20.54
C ASP S 269 -33.01 -102.75 21.21
N ALA S 270 -33.84 -103.30 22.10
CA ALA S 270 -33.53 -104.56 22.75
C ALA S 270 -34.03 -105.74 21.93
N ASP S 271 -33.30 -106.85 21.98
CA ASP S 271 -33.76 -108.10 21.40
C ASP S 271 -34.94 -108.56 22.27
N LEU S 272 -36.13 -108.39 21.72
CA LEU S 272 -37.36 -108.67 22.45
C LEU S 272 -37.48 -110.11 22.93
N ASP S 273 -37.14 -111.08 22.08
CA ASP S 273 -37.22 -112.49 22.47
C ASP S 273 -36.25 -112.83 23.59
N ALA S 274 -35.06 -112.22 23.55
CA ALA S 274 -34.03 -112.40 24.56
C ALA S 274 -34.41 -111.74 25.87
N ALA S 275 -35.09 -110.60 25.77
CA ALA S 275 -35.63 -109.90 26.92
C ALA S 275 -36.67 -110.77 27.64
N VAL S 276 -37.47 -111.47 26.84
CA VAL S 276 -38.50 -112.36 27.38
C VAL S 276 -37.89 -113.60 28.03
N GLU S 277 -36.81 -114.12 27.44
CA GLU S 277 -36.05 -115.21 28.04
C GLU S 277 -35.54 -114.76 29.39
N GLY S 278 -35.05 -113.52 29.45
CA GLY S 278 -34.50 -112.94 30.67
C GLY S 278 -35.56 -112.55 31.68
N ALA S 279 -36.76 -112.25 31.18
CA ALA S 279 -37.87 -111.84 32.01
C ALA S 279 -38.32 -113.02 32.87
N ILE S 280 -38.52 -114.15 32.20
CA ILE S 280 -38.96 -115.40 32.83
C ILE S 280 -38.00 -115.83 33.92
N ALA S 281 -36.70 -115.80 33.61
CA ALA S 281 -35.66 -116.21 34.53
C ALA S 281 -35.54 -115.30 35.74
N SER S 282 -35.68 -114.00 35.51
CA SER S 282 -35.45 -113.01 36.56
C SER S 282 -36.65 -112.88 37.48
N LYS S 283 -37.82 -113.21 36.95
CA LYS S 283 -39.07 -112.91 37.63
C LYS S 283 -39.73 -114.15 38.19
N TYR S 284 -39.68 -115.25 37.44
CA TYR S 284 -40.52 -116.40 37.76
C TYR S 284 -39.77 -117.58 38.36
N ARG S 285 -38.46 -117.60 38.21
CA ARG S 285 -37.67 -118.64 38.83
C ARG S 285 -37.78 -118.46 40.34
N ASN S 286 -37.91 -119.59 41.05
CA ASN S 286 -38.27 -119.60 42.48
C ASN S 286 -39.56 -118.83 42.79
N ASN S 287 -40.52 -118.90 41.87
CA ASN S 287 -41.85 -118.28 42.04
C ASN S 287 -41.84 -116.78 42.42
N GLY S 288 -40.82 -116.08 41.98
CA GLY S 288 -40.69 -114.66 42.27
C GLY S 288 -40.14 -114.36 43.67
N GLN S 289 -39.65 -115.39 44.35
CA GLN S 289 -39.30 -115.30 45.77
C GLN S 289 -37.82 -115.05 46.08
N THR S 290 -36.97 -114.91 45.06
CA THR S 290 -35.54 -114.68 45.28
C THR S 290 -35.22 -113.23 45.66
N CYS S 291 -34.14 -113.03 46.41
CA CYS S 291 -33.67 -111.70 46.83
C CYS S 291 -33.53 -110.74 45.65
N VAL S 292 -33.18 -111.30 44.50
CA VAL S 292 -32.80 -110.51 43.31
C VAL S 292 -33.90 -110.41 42.24
N CYS S 293 -35.09 -110.91 42.54
CA CYS S 293 -36.20 -110.92 41.59
C CYS S 293 -36.62 -109.55 41.10
N THR S 294 -37.00 -109.51 39.83
CA THR S 294 -37.59 -108.34 39.22
C THR S 294 -38.88 -108.05 39.95
N ASN S 295 -39.00 -106.82 40.44
CA ASN S 295 -40.22 -106.37 41.08
C ASN S 295 -40.96 -105.38 40.18
N ARG S 296 -40.25 -104.81 39.22
CA ARG S 296 -40.78 -103.80 38.30
C ARG S 296 -40.18 -103.95 36.90
N PHE S 297 -41.03 -104.20 35.91
CA PHE S 297 -40.62 -104.16 34.51
C PHE S 297 -40.87 -102.75 33.96
N PHE S 298 -39.83 -102.15 33.37
CA PHE S 298 -39.96 -100.84 32.73
C PHE S 298 -39.73 -101.02 31.25
N VAL S 299 -40.82 -100.96 30.48
CA VAL S 299 -40.79 -101.27 29.05
C VAL S 299 -41.01 -100.01 28.24
N HIS S 300 -40.14 -99.80 27.24
CA HIS S 300 -40.24 -98.64 26.37
C HIS S 300 -41.59 -98.61 25.64
N GLU S 301 -42.27 -97.45 25.68
CA GLU S 301 -43.59 -97.28 25.06
C GLU S 301 -43.70 -97.83 23.62
N ARG S 302 -42.60 -97.81 22.87
CA ARG S 302 -42.61 -98.28 21.49
C ARG S 302 -42.45 -99.80 21.36
N VAL S 303 -42.25 -100.49 22.48
CA VAL S 303 -42.15 -101.96 22.45
C VAL S 303 -43.04 -102.62 23.53
N TYR S 304 -43.86 -101.80 24.19
CA TYR S 304 -44.71 -102.27 25.28
C TYR S 304 -45.59 -103.46 24.91
N ASP S 305 -46.45 -103.27 23.90
CA ASP S 305 -47.38 -104.30 23.44
C ASP S 305 -46.67 -105.58 23.04
N ALA S 306 -45.67 -105.45 22.16
CA ALA S 306 -44.91 -106.58 21.65
C ALA S 306 -44.21 -107.35 22.76
N PHE S 307 -43.70 -106.64 23.76
CA PHE S 307 -43.08 -107.31 24.90
C PHE S 307 -44.13 -107.98 25.76
N ALA S 308 -45.20 -107.25 26.04
CA ALA S 308 -46.35 -107.77 26.80
C ALA S 308 -46.88 -109.04 26.18
N ASP S 309 -47.00 -109.04 24.86
CA ASP S 309 -47.58 -110.17 24.14
C ASP S 309 -46.71 -111.41 24.23
N LYS S 310 -45.45 -111.28 23.82
CA LYS S 310 -44.49 -112.37 23.90
C LYS S 310 -44.34 -112.92 25.32
N LEU S 311 -44.35 -112.02 26.30
CA LEU S 311 -44.23 -112.36 27.73
C LEU S 311 -45.41 -113.18 28.24
N ALA S 312 -46.62 -112.76 27.90
CA ALA S 312 -47.83 -113.52 28.22
C ALA S 312 -47.80 -114.90 27.59
N ALA S 313 -47.26 -115.01 26.38
CA ALA S 313 -47.13 -116.29 25.69
C ALA S 313 -46.10 -117.22 26.36
N ALA S 314 -45.01 -116.64 26.85
CA ALA S 314 -43.99 -117.40 27.56
C ALA S 314 -44.46 -117.80 28.96
N VAL S 315 -45.32 -116.98 29.55
CA VAL S 315 -45.85 -117.24 30.88
C VAL S 315 -46.85 -118.40 30.85
N SER S 316 -47.62 -118.49 29.77
CA SER S 316 -48.60 -119.57 29.64
C SER S 316 -47.95 -120.93 29.36
N LYS S 317 -46.65 -120.93 29.06
CA LYS S 317 -45.89 -122.15 28.84
C LYS S 317 -45.31 -122.69 30.15
N LEU S 318 -45.30 -121.85 31.19
CA LEU S 318 -44.87 -122.27 32.52
C LEU S 318 -45.97 -123.09 33.19
N LYS S 319 -45.56 -124.12 33.94
CA LYS S 319 -46.50 -125.08 34.53
C LYS S 319 -46.47 -125.12 36.06
N VAL S 320 -47.64 -124.95 36.67
CA VAL S 320 -47.78 -124.93 38.13
C VAL S 320 -47.94 -126.35 38.72
N GLY S 321 -47.25 -126.62 39.82
CA GLY S 321 -47.38 -127.89 40.54
C GLY S 321 -46.36 -128.13 41.65
N ARG S 322 -46.60 -129.19 42.43
CA ARG S 322 -45.66 -129.62 43.47
C ARG S 322 -44.31 -129.97 42.84
N GLY S 323 -43.23 -129.52 43.47
CA GLY S 323 -41.88 -129.64 42.93
C GLY S 323 -41.35 -131.03 42.64
N THR S 324 -42.01 -132.06 43.19
CA THR S 324 -41.68 -133.46 42.92
C THR S 324 -42.26 -133.93 41.57
N GLU S 325 -43.31 -133.27 41.12
CA GLU S 325 -44.02 -133.59 39.88
C GLU S 325 -43.21 -133.22 38.64
N SER S 326 -43.30 -134.05 37.61
CA SER S 326 -42.59 -133.81 36.34
C SER S 326 -43.18 -132.65 35.54
N GLY S 327 -42.28 -131.81 35.03
CA GLY S 327 -42.66 -130.63 34.24
C GLY S 327 -43.08 -129.42 35.06
N ALA S 328 -43.22 -129.58 36.37
CA ALA S 328 -43.62 -128.50 37.26
C ALA S 328 -42.51 -127.46 37.37
N THR S 329 -42.79 -126.25 36.88
CA THR S 329 -41.80 -125.17 36.80
C THR S 329 -42.08 -124.01 37.76
N LEU S 330 -43.31 -123.95 38.26
CA LEU S 330 -43.70 -123.00 39.30
C LEU S 330 -44.23 -123.76 40.52
N GLY S 331 -43.48 -123.72 41.61
CA GLY S 331 -43.89 -124.33 42.86
C GLY S 331 -44.83 -123.41 43.61
N PRO S 332 -45.17 -123.76 44.86
CA PRO S 332 -46.05 -122.91 45.64
C PRO S 332 -45.33 -121.74 46.31
N LEU S 333 -46.10 -120.75 46.76
CA LEU S 333 -45.61 -119.71 47.64
C LEU S 333 -45.31 -120.30 49.02
N ILE S 334 -44.44 -119.64 49.78
CA ILE S 334 -43.95 -120.18 51.05
C ILE S 334 -45.04 -120.42 52.10
N ASN S 335 -45.99 -119.49 52.20
CA ASN S 335 -47.11 -119.59 53.14
C ASN S 335 -48.28 -118.66 52.81
N GLU S 336 -49.30 -118.67 53.66
CA GLU S 336 -50.50 -117.83 53.52
C GLU S 336 -50.28 -116.33 53.38
N ALA S 337 -49.36 -115.79 54.19
CA ALA S 337 -49.10 -114.35 54.16
C ALA S 337 -48.49 -113.95 52.82
N ALA S 338 -47.59 -114.79 52.31
CA ALA S 338 -46.98 -114.57 51.01
C ALA S 338 -48.07 -114.37 49.97
N VAL S 339 -49.09 -115.25 50.00
CA VAL S 339 -50.20 -115.17 49.05
C VAL S 339 -50.99 -113.90 49.27
N LYS S 340 -51.31 -113.59 50.52
CA LYS S 340 -52.12 -112.43 50.84
C LYS S 340 -51.50 -111.12 50.33
N LYS S 341 -50.17 -111.07 50.25
CA LYS S 341 -49.45 -109.89 49.77
C LYS S 341 -49.62 -109.70 48.26
N VAL S 342 -49.47 -110.79 47.52
CA VAL S 342 -49.65 -110.79 46.07
C VAL S 342 -51.05 -110.31 45.66
N GLU S 343 -52.07 -110.78 46.40
CA GLU S 343 -53.46 -110.39 46.17
C GLU S 343 -53.66 -108.90 46.41
N SER S 344 -53.01 -108.40 47.47
CA SER S 344 -53.13 -107.01 47.90
C SER S 344 -52.52 -106.07 46.86
N HIS S 345 -51.40 -106.49 46.28
CA HIS S 345 -50.71 -105.77 45.21
C HIS S 345 -51.54 -105.73 43.92
N ILE S 346 -52.07 -106.89 43.54
CA ILE S 346 -52.93 -107.03 42.37
C ILE S 346 -54.21 -106.19 42.48
N ALA S 347 -54.87 -106.26 43.65
CA ALA S 347 -56.08 -105.48 43.94
C ALA S 347 -55.82 -103.99 43.80
N ASP S 348 -54.75 -103.52 44.44
CA ASP S 348 -54.39 -102.12 44.50
C ASP S 348 -54.08 -101.56 43.11
N ALA S 349 -53.32 -102.34 42.34
CA ALA S 349 -52.97 -102.00 40.97
C ALA S 349 -54.21 -101.87 40.09
N LEU S 350 -55.09 -102.87 40.17
CA LEU S 350 -56.43 -102.81 39.59
C LEU S 350 -57.24 -101.61 40.13
N ALA S 351 -57.18 -101.37 41.43
CA ALA S 351 -57.89 -100.23 42.01
C ALA S 351 -57.42 -98.90 41.45
N LYS S 352 -56.17 -98.85 40.99
CA LYS S 352 -55.56 -97.60 40.55
C LYS S 352 -55.35 -97.51 39.03
N GLY S 353 -56.11 -98.31 38.29
CA GLY S 353 -56.17 -98.16 36.84
C GLY S 353 -55.45 -99.22 36.02
N ALA S 354 -54.63 -100.06 36.68
CA ALA S 354 -53.96 -101.14 35.97
C ALA S 354 -54.97 -102.22 35.56
N SER S 355 -54.58 -103.02 34.57
CA SER S 355 -55.43 -104.07 34.04
C SER S 355 -54.75 -105.42 34.18
N LEU S 356 -55.57 -106.47 34.27
CA LEU S 356 -55.10 -107.83 34.49
C LEU S 356 -55.02 -108.60 33.15
N MET S 357 -53.79 -108.93 32.74
CA MET S 357 -53.54 -109.54 31.44
C MET S 357 -53.70 -111.06 31.44
N THR S 358 -53.01 -111.72 32.37
CA THR S 358 -53.11 -113.16 32.56
C THR S 358 -52.95 -113.44 34.06
N GLY S 359 -53.59 -114.51 34.53
CA GLY S 359 -53.53 -114.88 35.95
C GLY S 359 -54.31 -113.92 36.83
N GLY S 360 -53.91 -113.80 38.10
CA GLY S 360 -54.54 -112.86 39.02
C GLY S 360 -55.40 -113.47 40.12
N LYS S 361 -55.55 -114.80 40.07
CA LYS S 361 -56.33 -115.53 41.06
C LYS S 361 -55.51 -116.67 41.66
N ARG S 362 -55.90 -117.13 42.85
CA ARG S 362 -55.31 -118.33 43.44
C ARG S 362 -55.54 -119.55 42.56
N HIS S 363 -54.56 -120.45 42.55
CA HIS S 363 -54.66 -121.68 41.77
C HIS S 363 -55.59 -122.70 42.45
N ALA S 364 -56.21 -123.56 41.65
CA ALA S 364 -57.14 -124.60 42.12
C ALA S 364 -56.48 -125.60 43.07
N LEU S 365 -55.20 -125.91 42.82
CA LEU S 365 -54.43 -126.83 43.67
C LEU S 365 -54.36 -126.35 45.13
N GLY S 366 -54.77 -125.11 45.36
CA GLY S 366 -54.90 -124.54 46.70
C GLY S 366 -53.58 -124.25 47.39
N HIS S 367 -53.64 -124.22 48.72
CA HIS S 367 -52.49 -124.00 49.58
C HIS S 367 -51.72 -122.76 49.15
N GLY S 368 -50.46 -122.93 48.75
CA GLY S 368 -49.61 -121.80 48.37
C GLY S 368 -49.50 -121.57 46.88
N PHE S 369 -50.20 -122.38 46.09
CA PHE S 369 -50.16 -122.26 44.64
C PHE S 369 -50.97 -121.07 44.17
N PHE S 370 -50.35 -120.23 43.35
CA PHE S 370 -50.96 -119.02 42.83
C PHE S 370 -50.65 -118.86 41.34
N GLU S 371 -51.62 -118.30 40.61
CA GLU S 371 -51.56 -118.18 39.15
C GLU S 371 -50.48 -117.19 38.77
N PRO S 372 -49.56 -117.58 37.88
CA PRO S 372 -48.57 -116.62 37.41
C PRO S 372 -49.26 -115.42 36.75
N THR S 373 -48.91 -114.21 37.17
CA THR S 373 -49.67 -113.01 36.82
C THR S 373 -48.87 -111.95 36.07
N VAL S 374 -49.50 -111.34 35.07
CA VAL S 374 -48.97 -110.17 34.38
C VAL S 374 -49.99 -109.02 34.47
N LEU S 375 -49.51 -107.84 34.84
CA LEU S 375 -50.35 -106.65 34.91
C LEU S 375 -49.91 -105.61 33.89
N THR S 376 -50.87 -105.06 33.15
CA THR S 376 -50.60 -103.95 32.24
C THR S 376 -51.06 -102.65 32.86
N GLY S 377 -50.51 -101.55 32.36
CA GLY S 377 -50.90 -100.21 32.77
C GLY S 377 -50.52 -99.88 34.20
N VAL S 378 -49.36 -100.37 34.61
CA VAL S 378 -48.90 -100.11 35.98
C VAL S 378 -48.22 -98.74 36.06
N LYS S 379 -48.56 -98.01 37.12
CA LYS S 379 -48.05 -96.66 37.35
C LYS S 379 -47.27 -96.60 38.68
N PRO S 380 -46.44 -95.56 38.86
CA PRO S 380 -45.60 -95.50 40.06
C PRO S 380 -46.33 -95.18 41.38
N ASP S 381 -47.66 -95.07 41.35
CA ASP S 381 -48.40 -94.77 42.57
C ASP S 381 -49.12 -96.01 43.12
N MET S 382 -48.78 -97.17 42.57
CA MET S 382 -49.30 -98.44 43.07
C MET S 382 -48.31 -99.06 44.06
N ASP S 383 -48.83 -99.86 44.99
CA ASP S 383 -48.02 -100.46 46.05
C ASP S 383 -46.79 -101.21 45.52
N VAL S 384 -46.98 -101.90 44.39
CA VAL S 384 -45.92 -102.70 43.79
C VAL S 384 -44.74 -101.86 43.30
N ALA S 385 -44.97 -100.56 43.08
CA ALA S 385 -43.89 -99.67 42.65
C ALA S 385 -42.90 -99.40 43.78
N LYS S 386 -43.33 -99.60 45.03
CA LYS S 386 -42.58 -99.17 46.20
C LYS S 386 -42.15 -100.29 47.15
N GLU S 387 -42.85 -101.43 47.12
CA GLU S 387 -42.49 -102.57 47.95
C GLU S 387 -42.45 -103.86 47.15
N GLU S 388 -41.59 -104.78 47.57
CA GLU S 388 -41.40 -106.08 46.94
C GLU S 388 -42.61 -106.99 47.09
N THR S 389 -42.94 -107.67 45.99
CA THR S 389 -44.05 -108.60 45.96
C THR S 389 -43.67 -109.96 46.55
N PHE S 390 -42.49 -110.44 46.18
CA PHE S 390 -42.04 -111.80 46.50
C PHE S 390 -43.06 -112.84 46.00
N GLY S 391 -43.54 -112.65 44.78
CA GLY S 391 -44.52 -113.55 44.19
C GLY S 391 -44.47 -113.48 42.68
N PRO S 392 -45.17 -114.40 41.98
CA PRO S 392 -45.08 -114.47 40.53
C PRO S 392 -45.91 -113.38 39.81
N LEU S 393 -45.46 -112.13 39.94
CA LEU S 393 -46.21 -110.99 39.42
C LEU S 393 -45.35 -110.08 38.58
N ALA S 394 -45.69 -109.95 37.30
CA ALA S 394 -44.97 -109.08 36.36
C ALA S 394 -45.71 -107.77 36.10
N PRO S 395 -45.28 -106.67 36.73
CA PRO S 395 -45.94 -105.39 36.53
C PRO S 395 -45.22 -104.56 35.46
N LEU S 396 -45.96 -104.19 34.42
CA LEU S 396 -45.36 -103.50 33.28
C LEU S 396 -45.61 -101.98 33.29
N PHE S 397 -44.60 -101.24 33.74
CA PHE S 397 -44.61 -99.77 33.67
C PHE S 397 -44.13 -99.33 32.29
N ARG S 398 -44.60 -98.16 31.86
CA ARG S 398 -44.24 -97.58 30.57
C ARG S 398 -43.22 -96.48 30.79
N PHE S 399 -42.31 -96.28 29.84
CA PHE S 399 -41.45 -95.09 29.83
C PHE S 399 -41.19 -94.63 28.42
N ALA S 400 -40.89 -93.34 28.27
CA ALA S 400 -40.75 -92.72 26.95
C ALA S 400 -39.29 -92.41 26.58
N SER S 401 -38.46 -92.16 27.59
CA SER S 401 -37.10 -91.72 27.35
C SER S 401 -36.13 -92.28 28.37
N GLU S 402 -34.86 -92.33 27.98
CA GLU S 402 -33.76 -92.73 28.85
C GLU S 402 -33.73 -91.92 30.14
N GLU S 403 -33.84 -90.60 29.99
CA GLU S 403 -33.76 -89.66 31.11
C GLU S 403 -34.84 -89.98 32.15
N GLU S 404 -36.06 -90.19 31.68
CA GLU S 404 -37.17 -90.61 32.54
C GLU S 404 -36.89 -91.94 33.23
N LEU S 405 -36.41 -92.91 32.47
CA LEU S 405 -36.20 -94.25 33.01
C LEU S 405 -35.35 -94.24 34.27
N VAL S 406 -34.16 -93.65 34.16
CA VAL S 406 -33.21 -93.51 35.27
C VAL S 406 -33.89 -92.94 36.51
N ARG S 407 -34.68 -91.89 36.34
CA ARG S 407 -35.40 -91.28 37.43
C ARG S 407 -36.30 -92.33 38.06
N LEU S 408 -37.11 -92.98 37.25
CA LEU S 408 -38.02 -94.05 37.68
C LEU S 408 -37.32 -95.21 38.40
N ALA S 409 -36.26 -95.75 37.77
CA ALA S 409 -35.54 -96.91 38.29
C ALA S 409 -34.83 -96.65 39.62
N ASN S 410 -34.43 -95.39 39.83
CA ASN S 410 -33.72 -94.98 41.02
C ASN S 410 -34.61 -94.33 42.10
N ASP S 411 -35.90 -94.18 41.80
CA ASP S 411 -36.82 -93.64 42.77
C ASP S 411 -37.27 -94.70 43.79
N THR S 412 -36.29 -95.26 44.52
CA THR S 412 -36.53 -96.15 45.64
C THR S 412 -35.36 -96.14 46.62
N GLU S 413 -35.67 -96.35 47.90
CA GLU S 413 -34.65 -96.41 48.95
C GLU S 413 -33.70 -97.59 48.77
N PHE S 414 -34.14 -98.60 48.02
CA PHE S 414 -33.38 -99.84 47.85
C PHE S 414 -32.45 -99.80 46.63
N GLY S 415 -31.54 -100.77 46.54
CA GLY S 415 -30.63 -100.85 45.39
C GLY S 415 -29.82 -102.12 45.39
N LEU S 416 -30.47 -103.24 45.06
CA LEU S 416 -29.82 -104.54 45.06
C LEU S 416 -29.50 -104.93 43.64
N ALA S 417 -30.42 -105.65 42.99
CA ALA S 417 -30.26 -106.10 41.61
C ALA S 417 -30.99 -105.18 40.66
N ALA S 418 -30.49 -105.11 39.43
CA ALA S 418 -31.14 -104.43 38.30
C ALA S 418 -30.82 -105.16 37.00
N TYR S 419 -31.71 -105.07 36.02
CA TYR S 419 -31.50 -105.72 34.74
C TYR S 419 -31.80 -104.76 33.58
N LEU S 420 -30.94 -104.80 32.56
CA LEU S 420 -30.97 -103.84 31.48
C LEU S 420 -30.79 -104.54 30.14
N TYR S 421 -31.78 -104.38 29.27
CA TYR S 421 -31.71 -104.95 27.92
C TYR S 421 -31.64 -103.84 26.89
N SER S 422 -30.54 -103.84 26.14
CA SER S 422 -30.29 -102.86 25.11
C SER S 422 -29.12 -103.32 24.27
N ARG S 423 -29.18 -103.00 22.98
CA ARG S 423 -28.16 -103.42 22.03
C ARG S 423 -27.11 -102.33 21.75
N ASP S 424 -27.44 -101.07 22.05
CA ASP S 424 -26.51 -99.97 21.84
C ASP S 424 -25.50 -99.83 22.97
N ILE S 425 -24.22 -99.99 22.64
CA ILE S 425 -23.09 -99.98 23.59
C ILE S 425 -23.00 -98.70 24.43
N GLY S 426 -23.40 -97.57 23.85
CA GLY S 426 -23.32 -96.26 24.50
C GLY S 426 -24.39 -96.07 25.55
N ARG S 427 -25.62 -96.43 25.19
CA ARG S 427 -26.77 -96.37 26.08
C ARG S 427 -26.60 -97.32 27.26
N VAL S 428 -26.07 -98.51 26.97
CA VAL S 428 -25.85 -99.55 27.96
C VAL S 428 -24.98 -99.04 29.10
N TRP S 429 -23.80 -98.53 28.76
CA TRP S 429 -22.87 -97.99 29.75
C TRP S 429 -23.40 -96.78 30.51
N ARG S 430 -24.14 -95.92 29.82
CA ARG S 430 -24.70 -94.71 30.41
C ARG S 430 -25.67 -95.09 31.52
N VAL S 431 -26.60 -95.97 31.19
CA VAL S 431 -27.66 -96.37 32.10
C VAL S 431 -27.10 -97.18 33.26
N ALA S 432 -26.24 -98.15 32.97
CA ALA S 432 -25.66 -98.99 34.00
C ALA S 432 -24.80 -98.18 34.98
N GLU S 433 -24.22 -97.08 34.51
CA GLU S 433 -23.51 -96.16 35.41
C GLU S 433 -24.47 -95.26 36.17
N ALA S 434 -25.60 -94.93 35.55
CA ALA S 434 -26.61 -94.07 36.17
C ALA S 434 -27.42 -94.81 37.25
N LEU S 435 -27.46 -96.14 37.13
CA LEU S 435 -28.29 -96.96 38.01
C LEU S 435 -27.70 -97.08 39.41
N GLU S 436 -28.53 -96.82 40.42
CA GLU S 436 -28.05 -96.89 41.79
C GLU S 436 -28.30 -98.27 42.41
N TYR S 437 -27.51 -99.24 41.94
CA TYR S 437 -27.67 -100.66 42.30
C TYR S 437 -26.31 -101.34 42.39
N GLY S 438 -26.22 -102.32 43.29
CA GLY S 438 -25.02 -103.12 43.46
C GLY S 438 -24.77 -104.10 42.32
N MET S 439 -25.85 -104.54 41.67
CA MET S 439 -25.76 -105.54 40.61
C MET S 439 -26.61 -105.23 39.40
N VAL S 440 -25.98 -105.19 38.24
CA VAL S 440 -26.69 -104.91 36.99
C VAL S 440 -26.41 -105.99 35.96
N GLY S 441 -27.45 -106.73 35.60
CA GLY S 441 -27.35 -107.70 34.53
C GLY S 441 -27.59 -106.97 33.23
N ILE S 442 -26.63 -107.05 32.31
CA ILE S 442 -26.81 -106.43 30.99
C ILE S 442 -27.10 -107.52 29.96
N ASN S 443 -28.30 -107.42 29.37
CA ASN S 443 -28.83 -108.37 28.39
C ASN S 443 -29.01 -109.80 28.91
N THR S 444 -29.10 -109.93 30.23
CA THR S 444 -29.35 -111.20 30.90
C THR S 444 -30.24 -111.00 32.13
N GLY S 445 -31.00 -112.03 32.47
CA GLY S 445 -31.85 -112.01 33.64
C GLY S 445 -31.31 -112.82 34.81
N LEU S 446 -30.20 -113.51 34.59
CA LEU S 446 -29.58 -114.35 35.60
C LEU S 446 -28.15 -113.92 35.85
N ILE S 447 -27.88 -113.46 37.07
CA ILE S 447 -26.61 -112.78 37.37
C ILE S 447 -25.77 -113.40 38.49
N SER S 448 -26.38 -114.29 39.28
CA SER S 448 -25.74 -114.81 40.49
C SER S 448 -24.74 -115.93 40.20
N ASN S 449 -23.66 -115.95 41.00
CA ASN S 449 -22.64 -116.99 40.99
C ASN S 449 -21.66 -116.75 42.14
N GLU S 450 -20.65 -117.64 42.26
CA GLU S 450 -19.72 -117.61 43.40
C GLU S 450 -18.52 -116.69 43.21
N VAL S 451 -18.24 -116.33 41.96
CA VAL S 451 -17.06 -115.54 41.67
C VAL S 451 -17.38 -114.05 41.72
N ALA S 452 -18.65 -113.72 41.58
CA ALA S 452 -19.09 -112.32 41.56
C ALA S 452 -19.50 -111.79 42.94
N PRO S 453 -19.21 -110.51 43.21
CA PRO S 453 -19.58 -109.88 44.48
C PRO S 453 -21.09 -109.58 44.61
N PHE S 454 -21.78 -110.43 45.36
CA PHE S 454 -23.20 -110.28 45.62
C PHE S 454 -23.44 -109.25 46.73
N GLY S 455 -24.40 -108.35 46.50
CA GLY S 455 -24.77 -107.35 47.50
C GLY S 455 -25.41 -106.10 46.91
N GLY S 456 -25.97 -105.27 47.77
CA GLY S 456 -26.65 -104.06 47.34
C GLY S 456 -26.09 -102.78 47.92
N VAL S 457 -26.65 -101.66 47.48
CA VAL S 457 -26.27 -100.35 48.00
C VAL S 457 -27.48 -99.75 48.73
N LYS S 458 -27.30 -98.58 49.33
CA LYS S 458 -28.42 -97.85 49.95
C LYS S 458 -29.09 -98.68 51.07
N GLN S 459 -30.43 -98.77 51.06
CA GLN S 459 -31.16 -99.51 52.11
C GLN S 459 -31.18 -101.03 51.88
N SER S 460 -30.45 -101.48 50.87
CA SER S 460 -30.29 -102.91 50.62
C SER S 460 -29.10 -103.49 51.39
N GLY S 461 -28.31 -102.62 52.02
CA GLY S 461 -27.33 -103.04 53.02
C GLY S 461 -25.87 -102.80 52.72
N LEU S 462 -25.00 -103.42 53.51
CA LEU S 462 -23.55 -103.22 53.46
C LEU S 462 -22.81 -104.55 53.34
N GLY S 463 -21.61 -104.51 52.78
CA GLY S 463 -20.78 -105.71 52.62
C GLY S 463 -21.11 -106.53 51.40
N ARG S 464 -20.14 -107.30 50.93
CA ARG S 464 -20.31 -108.13 49.73
C ARG S 464 -19.90 -109.58 49.98
N GLU S 465 -20.80 -110.51 49.66
CA GLU S 465 -20.53 -111.94 49.77
C GLU S 465 -20.21 -112.48 48.37
N GLY S 466 -19.52 -113.62 48.32
CA GLY S 466 -18.99 -114.14 47.06
C GLY S 466 -17.73 -113.39 46.66
N SER S 467 -17.06 -113.86 45.61
CA SER S 467 -15.81 -113.24 45.10
C SER S 467 -14.65 -113.22 46.12
N HIS S 468 -13.55 -112.55 45.77
CA HIS S 468 -12.45 -112.34 46.74
C HIS S 468 -12.82 -111.30 47.80
N TYR S 469 -13.79 -110.45 47.49
CA TYR S 469 -14.35 -109.51 48.46
C TYR S 469 -15.20 -110.23 49.54
N GLY S 470 -15.44 -111.53 49.33
CA GLY S 470 -16.26 -112.33 50.25
C GLY S 470 -15.58 -112.58 51.59
N ILE S 471 -14.36 -113.11 51.53
CA ILE S 471 -13.56 -113.41 52.71
C ILE S 471 -13.22 -112.19 53.59
N ASP S 472 -13.28 -111.00 52.99
CA ASP S 472 -12.76 -109.76 53.59
C ASP S 472 -13.33 -109.37 54.94
N ASP S 473 -14.65 -109.52 55.09
CA ASP S 473 -15.35 -109.13 56.32
C ASP S 473 -14.98 -110.01 57.51
N TYR S 474 -14.57 -111.25 57.22
CA TYR S 474 -14.29 -112.23 58.26
C TYR S 474 -12.88 -112.15 58.80
N VAL S 475 -12.07 -111.29 58.20
CA VAL S 475 -10.70 -111.09 58.66
C VAL S 475 -10.51 -109.71 59.29
N VAL S 476 -9.36 -109.54 59.92
CA VAL S 476 -9.06 -108.30 60.62
C VAL S 476 -7.62 -107.90 60.30
N ILE S 477 -7.40 -106.60 60.05
CA ILE S 477 -6.10 -106.12 59.58
C ILE S 477 -5.20 -105.77 60.77
N LYS S 478 -3.99 -106.33 60.77
CA LYS S 478 -3.00 -106.01 61.78
C LYS S 478 -1.79 -105.32 61.14
N TYR S 479 -1.54 -104.09 61.58
CA TYR S 479 -0.45 -103.27 61.05
C TYR S 479 0.81 -103.41 61.91
N LEU S 480 1.88 -103.89 61.29
CA LEU S 480 3.14 -104.12 61.98
C LEU S 480 4.19 -103.08 61.58
N CYS S 481 4.56 -102.23 62.53
CA CYS S 481 5.64 -101.27 62.33
C CYS S 481 6.92 -101.76 62.99
N VAL S 482 7.85 -102.21 62.16
CA VAL S 482 9.08 -102.84 62.63
C VAL S 482 10.27 -101.88 62.52
N ALA S 483 11.01 -101.71 63.62
CA ALA S 483 12.23 -100.90 63.61
C ALA S 483 13.40 -101.64 62.95
N VAL S 484 14.56 -101.00 62.83
CA VAL S 484 15.75 -101.69 62.29
C VAL S 484 17.04 -101.28 63.00
N GLY T 3 7.19 -154.35 36.33
CA GLY T 3 7.81 -155.33 37.28
C GLY T 3 7.06 -155.36 38.60
N SER T 4 7.54 -154.60 39.57
CA SER T 4 6.82 -154.41 40.83
C SER T 4 6.14 -153.04 40.86
N MET T 5 4.99 -152.97 40.18
CA MET T 5 4.13 -151.78 40.12
C MET T 5 2.67 -152.17 40.15
N LYS T 6 1.90 -151.54 41.04
CA LYS T 6 0.45 -151.72 41.12
C LYS T 6 -0.16 -151.59 39.73
N ASP T 7 0.10 -150.45 39.09
CA ASP T 7 -0.22 -150.24 37.69
C ASP T 7 1.11 -150.20 36.93
N PRO T 8 1.38 -151.25 36.14
CA PRO T 8 2.61 -151.25 35.34
C PRO T 8 2.55 -150.31 34.13
N SER T 9 1.34 -150.00 33.66
CA SER T 9 1.14 -149.25 32.42
C SER T 9 1.55 -147.76 32.52
N LEU T 10 1.90 -147.33 33.73
CA LEU T 10 2.38 -145.96 33.94
C LEU T 10 3.79 -145.81 33.36
N LEU T 11 4.52 -146.93 33.30
CA LEU T 11 5.87 -146.94 32.77
C LEU T 11 5.81 -146.87 31.25
N ARG T 12 6.25 -145.73 30.70
CA ARG T 12 6.05 -145.42 29.28
C ARG T 12 7.35 -145.45 28.46
N HIS T 13 7.33 -146.21 27.37
CA HIS T 13 8.47 -146.34 26.46
C HIS T 13 8.21 -145.62 25.13
N GLN T 14 7.19 -144.77 25.13
CA GLN T 14 6.80 -144.01 23.94
C GLN T 14 6.56 -142.54 24.28
N ALA T 15 6.78 -141.66 23.30
CA ALA T 15 6.55 -140.22 23.49
C ALA T 15 5.10 -139.81 23.20
N TYR T 16 4.64 -138.78 23.92
CA TYR T 16 3.29 -138.24 23.76
C TYR T 16 3.34 -137.01 22.86
N ILE T 17 2.72 -137.12 21.69
CA ILE T 17 2.75 -136.05 20.69
C ILE T 17 1.33 -135.71 20.25
N GLY T 18 0.94 -134.45 20.39
CA GLY T 18 -0.40 -133.99 20.04
C GLY T 18 -1.55 -134.81 20.58
N GLY T 19 -1.34 -135.46 21.73
CA GLY T 19 -2.37 -136.27 22.36
C GLY T 19 -2.43 -137.75 22.00
N GLU T 20 -1.45 -138.23 21.23
CA GLU T 20 -1.36 -139.67 20.90
C GLU T 20 0.09 -140.19 20.93
N TRP T 21 0.24 -141.45 21.38
CA TRP T 21 1.55 -142.06 21.70
C TRP T 21 2.34 -142.58 20.48
N GLN T 22 3.65 -142.30 20.47
CA GLN T 22 4.50 -142.52 19.28
C GLN T 22 5.94 -142.87 19.57
N ALA T 23 6.58 -143.49 18.59
CA ALA T 23 8.03 -143.63 18.54
C ALA T 23 8.58 -142.67 17.47
N ALA T 24 9.90 -142.43 17.48
CA ALA T 24 10.55 -141.54 16.53
C ALA T 24 10.18 -141.85 15.07
N ASP T 25 10.18 -140.83 14.21
CA ASP T 25 9.85 -141.00 12.78
C ASP T 25 10.78 -142.03 12.15
N SER T 26 12.09 -141.79 12.30
CA SER T 26 13.15 -142.73 11.91
C SER T 26 12.99 -144.10 12.58
N ASP T 27 12.28 -144.11 13.71
CA ASP T 27 12.23 -145.21 14.67
C ASP T 27 13.61 -145.47 15.27
N ALA T 28 14.35 -144.39 15.47
CA ALA T 28 15.60 -144.43 16.23
C ALA T 28 15.27 -144.57 17.71
N THR T 29 16.31 -144.62 18.55
CA THR T 29 16.12 -144.73 20.00
C THR T 29 17.37 -144.35 20.81
N PHE T 30 17.18 -144.11 22.09
CA PHE T 30 18.27 -144.10 23.06
C PHE T 30 17.79 -144.78 24.34
N GLU T 31 18.74 -145.28 25.14
CA GLU T 31 18.38 -146.06 26.32
C GLU T 31 18.50 -145.24 27.58
N VAL T 32 17.75 -145.62 28.61
CA VAL T 32 17.85 -144.98 29.92
C VAL T 32 18.30 -146.00 30.98
N PHE T 33 19.16 -145.56 31.89
CA PHE T 33 19.74 -146.42 32.93
C PHE T 33 19.37 -146.00 34.35
N ASP T 34 19.65 -146.89 35.31
CA ASP T 34 19.56 -146.60 36.74
C ASP T 34 20.90 -145.98 37.18
N PRO T 35 20.87 -144.92 38.01
CA PRO T 35 22.13 -144.37 38.54
C PRO T 35 22.62 -145.02 39.84
N ALA T 36 21.82 -145.92 40.41
CA ALA T 36 22.20 -146.65 41.63
C ALA T 36 22.89 -147.99 41.34
N THR T 37 22.31 -148.78 40.44
CA THR T 37 22.79 -150.13 40.17
C THR T 37 23.48 -150.25 38.80
N GLY T 38 23.26 -149.26 37.93
CA GLY T 38 23.87 -149.24 36.60
C GLY T 38 23.14 -150.08 35.57
N GLU T 39 22.18 -150.89 36.01
CA GLU T 39 21.38 -151.73 35.12
C GLU T 39 20.40 -150.91 34.29
N SER T 40 20.14 -151.36 33.07
CA SER T 40 19.17 -150.74 32.17
C SER T 40 17.74 -150.67 32.75
N LEU T 41 17.02 -149.60 32.39
CA LEU T 41 15.62 -149.45 32.76
C LEU T 41 14.71 -149.53 31.52
N GLY T 42 15.31 -149.44 30.34
CA GLY T 42 14.59 -149.56 29.08
C GLY T 42 14.91 -148.45 28.08
N THR T 43 14.17 -148.43 26.97
CA THR T 43 14.42 -147.45 25.90
C THR T 43 13.27 -146.45 25.73
N VAL T 44 13.59 -145.30 25.11
CA VAL T 44 12.63 -144.27 24.72
C VAL T 44 12.97 -143.76 23.31
N PRO T 45 12.02 -143.06 22.66
CA PRO T 45 12.29 -142.47 21.33
C PRO T 45 13.41 -141.42 21.32
N LYS T 46 14.10 -141.33 20.18
CA LYS T 46 15.11 -140.31 19.96
C LYS T 46 14.59 -139.35 18.88
N MET T 47 13.59 -138.55 19.26
CA MET T 47 12.91 -137.64 18.32
C MET T 47 13.69 -136.34 18.18
N GLY T 48 13.37 -135.58 17.13
CA GLY T 48 14.05 -134.33 16.83
C GLY T 48 13.13 -133.38 16.10
N ALA T 49 13.72 -132.61 15.18
CA ALA T 49 13.00 -131.56 14.45
C ALA T 49 11.55 -131.92 14.07
N ALA T 50 11.40 -132.89 13.18
CA ALA T 50 10.09 -133.26 12.61
C ALA T 50 8.95 -133.46 13.64
N GLU T 51 9.26 -134.08 14.78
CA GLU T 51 8.23 -134.40 15.78
C GLU T 51 7.99 -133.26 16.80
N THR T 52 9.04 -132.46 17.03
CA THR T 52 8.93 -131.26 17.87
C THR T 52 7.97 -130.27 17.20
N ALA T 53 8.25 -129.94 15.94
CA ALA T 53 7.35 -129.11 15.13
C ALA T 53 5.92 -129.63 15.10
N ARG T 54 5.74 -130.94 14.90
CA ARG T 54 4.40 -131.53 14.81
C ARG T 54 3.59 -131.25 16.08
N ALA T 55 4.18 -131.54 17.23
CA ALA T 55 3.58 -131.26 18.54
C ALA T 55 3.17 -129.79 18.68
N ILE T 56 4.06 -128.89 18.26
CA ILE T 56 3.83 -127.45 18.28
C ILE T 56 2.69 -127.04 17.33
N GLU T 57 2.46 -127.83 16.28
CA GLU T 57 1.35 -127.57 15.35
C GLU T 57 0.02 -128.08 15.92
N ALA T 58 0.05 -129.28 16.52
CA ALA T 58 -1.14 -129.86 17.15
C ALA T 58 -1.62 -129.04 18.36
N ALA T 59 -0.67 -128.48 19.10
CA ALA T 59 -0.97 -127.68 20.28
C ALA T 59 -1.77 -126.43 19.91
N GLN T 60 -1.37 -125.82 18.80
CA GLN T 60 -2.05 -124.63 18.30
C GLN T 60 -3.49 -124.96 17.96
N ALA T 61 -3.70 -125.97 17.12
CA ALA T 61 -5.05 -126.38 16.72
C ALA T 61 -5.95 -126.67 17.92
N ALA T 62 -5.33 -127.09 19.03
CA ALA T 62 -6.05 -127.39 20.26
C ALA T 62 -6.31 -126.15 21.12
N TRP T 63 -5.63 -125.04 20.82
CA TRP T 63 -5.71 -123.85 21.67
C TRP T 63 -7.12 -123.24 21.79
N ALA T 64 -7.86 -123.20 20.68
CA ALA T 64 -9.18 -122.57 20.62
C ALA T 64 -10.22 -123.27 21.50
N GLY T 65 -10.19 -124.60 21.49
CA GLY T 65 -11.13 -125.41 22.26
C GLY T 65 -10.75 -125.55 23.72
N TRP T 66 -9.52 -125.19 24.05
CA TRP T 66 -9.07 -125.24 25.43
C TRP T 66 -9.36 -123.94 26.18
N ARG T 67 -9.20 -122.81 25.50
CA ARG T 67 -9.50 -121.51 26.08
C ARG T 67 -11.01 -121.23 26.18
N MET T 68 -11.80 -121.78 25.26
CA MET T 68 -13.27 -121.59 25.28
C MET T 68 -13.97 -122.22 26.50
N LYS T 69 -13.30 -123.16 27.14
CA LYS T 69 -13.76 -123.67 28.42
C LYS T 69 -13.55 -122.59 29.49
N THR T 70 -14.40 -122.60 30.52
CA THR T 70 -14.23 -121.70 31.66
C THR T 70 -13.10 -122.19 32.57
N ALA T 71 -12.63 -121.31 33.45
CA ALA T 71 -11.64 -121.68 34.48
C ALA T 71 -12.11 -122.84 35.34
N LYS T 72 -13.41 -122.88 35.66
CA LYS T 72 -14.05 -124.03 36.32
C LYS T 72 -13.85 -125.33 35.55
N GLU T 73 -14.18 -125.29 34.26
CA GLU T 73 -14.11 -126.44 33.38
C GLU T 73 -12.69 -126.95 33.15
N ARG T 74 -11.72 -126.03 33.13
CA ARG T 74 -10.30 -126.38 33.08
C ARG T 74 -9.79 -126.86 34.44
N ALA T 75 -10.26 -126.21 35.51
CA ALA T 75 -9.90 -126.57 36.88
C ALA T 75 -10.41 -127.95 37.27
N ALA T 76 -11.58 -128.32 36.75
CA ALA T 76 -12.12 -129.66 36.98
C ALA T 76 -11.18 -130.71 36.37
N ILE T 77 -10.67 -130.42 35.17
CA ILE T 77 -9.69 -131.25 34.48
C ILE T 77 -8.38 -131.39 35.29
N LEU T 78 -7.79 -130.26 35.73
CA LEU T 78 -6.56 -130.31 36.54
C LEU T 78 -6.76 -130.98 37.90
N ARG T 79 -7.99 -130.93 38.42
CA ARG T 79 -8.30 -131.56 39.70
C ARG T 79 -8.32 -133.09 39.58
N ARG T 80 -8.82 -133.58 38.44
CA ARG T 80 -8.81 -135.02 38.17
C ARG T 80 -7.39 -135.52 37.96
N TRP T 81 -6.51 -134.62 37.50
CA TRP T 81 -5.10 -134.92 37.35
C TRP T 81 -4.45 -135.01 38.72
N PHE T 82 -4.72 -134.00 39.56
CA PHE T 82 -4.32 -133.98 40.96
C PHE T 82 -4.72 -135.26 41.68
N ASP T 83 -5.98 -135.67 41.50
CA ASP T 83 -6.52 -136.84 42.20
C ASP T 83 -5.81 -138.12 41.81
N LEU T 84 -5.56 -138.28 40.51
CA LEU T 84 -4.87 -139.46 39.99
C LEU T 84 -3.41 -139.51 40.43
N VAL T 85 -2.77 -138.33 40.49
CA VAL T 85 -1.41 -138.25 40.99
C VAL T 85 -1.32 -138.75 42.44
N ILE T 86 -2.25 -138.30 43.30
CA ILE T 86 -2.31 -138.79 44.69
C ILE T 86 -2.52 -140.33 44.70
N ALA T 87 -3.39 -140.81 43.83
CA ALA T 87 -3.78 -142.22 43.81
C ALA T 87 -2.67 -143.16 43.32
N ASN T 88 -1.64 -142.60 42.69
CA ASN T 88 -0.53 -143.38 42.14
C ASN T 88 0.86 -142.92 42.62
N SER T 89 0.90 -142.31 43.80
CA SER T 89 2.13 -141.76 44.39
C SER T 89 3.22 -142.81 44.59
N ASP T 90 2.82 -144.01 45.04
CA ASP T 90 3.76 -145.10 45.27
C ASP T 90 4.46 -145.51 43.96
N ASP T 91 3.67 -145.90 42.95
CA ASP T 91 4.19 -146.24 41.62
C ASP T 91 5.09 -145.12 41.07
N LEU T 92 4.55 -143.90 41.03
CA LEU T 92 5.30 -142.73 40.55
C LEU T 92 6.63 -142.56 41.29
N ALA T 93 6.61 -142.76 42.61
CA ALA T 93 7.81 -142.62 43.44
C ALA T 93 8.91 -143.62 43.09
N LEU T 94 8.54 -144.86 42.82
CA LEU T 94 9.50 -145.88 42.41
C LEU T 94 10.14 -145.41 41.11
N ILE T 95 9.31 -145.19 40.09
CA ILE T 95 9.74 -144.75 38.76
C ILE T 95 10.80 -143.66 38.85
N LEU T 96 10.57 -142.71 39.76
CA LEU T 96 11.47 -141.60 39.98
C LEU T 96 12.79 -142.07 40.60
N THR T 97 12.70 -142.68 41.78
CA THR T 97 13.86 -143.23 42.51
C THR T 97 14.81 -144.02 41.61
N THR T 98 14.22 -144.89 40.78
CA THR T 98 14.96 -145.76 39.89
C THR T 98 15.76 -144.99 38.85
N GLU T 99 15.12 -144.04 38.16
CA GLU T 99 15.80 -143.31 37.08
C GLU T 99 16.68 -142.14 37.54
N GLN T 100 16.40 -141.60 38.72
CA GLN T 100 17.03 -140.37 39.18
C GLN T 100 17.96 -140.56 40.40
N GLY T 101 17.53 -141.41 41.34
CA GLY T 101 18.41 -141.81 42.43
C GLY T 101 17.94 -141.52 43.84
N LYS T 102 17.15 -140.47 44.03
CA LYS T 102 16.77 -140.01 45.37
C LYS T 102 15.96 -141.07 46.16
N PRO T 103 16.19 -141.17 47.48
CA PRO T 103 15.44 -142.11 48.35
C PRO T 103 13.92 -142.02 48.18
N LEU T 104 13.20 -143.07 48.56
CA LEU T 104 11.72 -143.08 48.48
C LEU T 104 11.05 -141.94 49.25
N ALA T 105 11.50 -141.67 50.48
CA ALA T 105 10.90 -140.64 51.33
C ALA T 105 11.03 -139.23 50.72
N GLU T 106 12.00 -139.07 49.83
CA GLU T 106 12.20 -137.83 49.09
C GLU T 106 11.36 -137.79 47.82
N ALA T 107 11.27 -138.92 47.12
CA ALA T 107 10.46 -139.03 45.91
C ALA T 107 8.96 -138.98 46.21
N LYS T 108 8.54 -139.66 47.27
CA LYS T 108 7.17 -139.54 47.77
C LYS T 108 6.86 -138.08 48.07
N GLY T 109 7.87 -137.37 48.60
CA GLY T 109 7.80 -135.93 48.83
C GLY T 109 7.61 -135.15 47.55
N GLU T 110 8.55 -135.27 46.62
CA GLU T 110 8.47 -134.59 45.32
C GLU T 110 7.14 -134.84 44.60
N ILE T 111 6.57 -136.02 44.79
CA ILE T 111 5.26 -136.32 44.23
C ILE T 111 4.18 -135.52 44.94
N ALA T 112 4.28 -135.38 46.27
CA ALA T 112 3.31 -134.57 47.03
C ALA T 112 3.45 -133.10 46.67
N TYR T 113 4.71 -132.66 46.55
CA TYR T 113 5.09 -131.33 46.08
C TYR T 113 4.48 -131.01 44.72
N ALA T 114 4.54 -131.98 43.80
CA ALA T 114 4.05 -131.83 42.43
C ALA T 114 2.54 -131.77 42.38
N ALA T 115 1.90 -132.50 43.29
CA ALA T 115 0.46 -132.57 43.37
C ALA T 115 -0.11 -131.22 43.78
N SER T 116 0.42 -130.67 44.87
CA SER T 116 -0.03 -129.37 45.35
C SER T 116 0.08 -128.29 44.26
N PHE T 117 1.16 -128.35 43.47
CA PHE T 117 1.34 -127.40 42.36
C PHE T 117 0.20 -127.45 41.35
N ILE T 118 -0.09 -128.64 40.83
CA ILE T 118 -1.19 -128.83 39.90
C ILE T 118 -2.45 -128.25 40.53
N GLU T 119 -2.76 -128.69 41.75
CA GLU T 119 -3.89 -128.17 42.52
C GLU T 119 -3.90 -126.65 42.60
N TRP T 120 -2.86 -126.07 43.20
CA TRP T 120 -2.77 -124.63 43.39
C TRP T 120 -3.21 -123.85 42.15
N PHE T 121 -2.66 -124.25 41.00
CA PHE T 121 -2.97 -123.58 39.73
C PHE T 121 -4.37 -123.87 39.19
N ALA T 122 -4.95 -125.00 39.57
CA ALA T 122 -6.35 -125.27 39.26
C ALA T 122 -7.23 -124.19 39.90
N GLU T 123 -6.81 -123.73 41.07
CA GLU T 123 -7.53 -122.70 41.80
C GLU T 123 -7.11 -121.31 41.31
N GLU T 124 -5.82 -121.13 41.00
CA GLU T 124 -5.30 -119.84 40.53
C GLU T 124 -5.89 -119.41 39.19
N GLY T 125 -6.24 -120.37 38.35
CA GLY T 125 -6.85 -120.08 37.05
C GLY T 125 -8.19 -119.35 37.12
N LYS T 126 -8.85 -119.45 38.27
CA LYS T 126 -10.16 -118.84 38.47
C LYS T 126 -10.03 -117.44 39.07
N ARG T 127 -8.79 -116.98 39.23
CA ARG T 127 -8.51 -115.72 39.92
C ARG T 127 -7.64 -114.73 39.15
N VAL T 128 -7.34 -115.06 37.88
CA VAL T 128 -6.62 -114.18 36.96
C VAL T 128 -7.50 -112.96 36.68
N ALA T 129 -7.19 -111.86 37.37
CA ALA T 129 -8.09 -110.70 37.41
C ALA T 129 -7.60 -109.50 36.60
N GLY T 130 -8.55 -108.78 36.00
CA GLY T 130 -8.26 -107.58 35.23
C GLY T 130 -8.48 -106.34 36.07
N ASP T 131 -8.74 -105.22 35.38
CA ASP T 131 -8.87 -103.94 36.06
C ASP T 131 -9.95 -103.06 35.43
N THR T 132 -10.67 -102.35 36.28
CA THR T 132 -11.38 -101.15 35.86
C THR T 132 -10.77 -100.00 36.65
N LEU T 133 -10.14 -99.09 35.92
CA LEU T 133 -9.32 -98.00 36.47
C LEU T 133 -9.99 -96.65 36.23
N PRO T 134 -9.77 -95.68 37.14
CA PRO T 134 -10.47 -94.41 36.92
C PRO T 134 -9.81 -93.62 35.80
N THR T 135 -10.64 -93.15 34.87
CA THR T 135 -10.18 -92.53 33.64
C THR T 135 -9.60 -91.14 33.83
N PRO T 136 -8.56 -90.79 33.06
CA PRO T 136 -8.06 -89.41 32.95
C PRO T 136 -8.80 -88.58 31.88
N ASP T 137 -9.71 -89.22 31.15
CA ASP T 137 -10.49 -88.56 30.10
C ASP T 137 -11.96 -88.85 30.35
N ALA T 138 -12.74 -87.80 30.61
CA ALA T 138 -14.15 -87.92 30.95
C ALA T 138 -14.95 -88.76 29.96
N ASN T 139 -14.58 -88.64 28.68
CA ASN T 139 -15.32 -89.30 27.59
C ASN T 139 -14.93 -90.77 27.33
N LYS T 140 -13.91 -91.26 28.02
CA LYS T 140 -13.44 -92.64 27.82
C LYS T 140 -13.55 -93.48 29.11
N ARG T 141 -13.66 -94.78 28.94
CA ARG T 141 -13.59 -95.70 30.07
C ARG T 141 -12.47 -96.70 29.89
N ILE T 142 -11.85 -97.07 31.00
CA ILE T 142 -10.67 -97.91 31.01
C ILE T 142 -10.94 -99.28 31.64
N VAL T 143 -10.80 -100.31 30.82
CA VAL T 143 -10.99 -101.68 31.23
C VAL T 143 -9.80 -102.48 30.74
N VAL T 144 -9.17 -103.23 31.65
CA VAL T 144 -8.03 -104.09 31.31
C VAL T 144 -8.44 -105.54 31.51
N VAL T 145 -8.16 -106.39 30.53
CA VAL T 145 -8.40 -107.84 30.67
C VAL T 145 -7.15 -108.66 30.39
N LYS T 146 -7.19 -109.93 30.79
CA LYS T 146 -6.06 -110.83 30.62
C LYS T 146 -6.49 -112.09 29.89
N GLU T 147 -5.67 -112.52 28.93
CA GLU T 147 -5.94 -113.71 28.14
C GLU T 147 -4.67 -114.56 27.88
N PRO T 148 -4.85 -115.86 27.61
CA PRO T 148 -3.74 -116.79 27.39
C PRO T 148 -2.79 -116.37 26.26
N ILE T 149 -1.49 -116.33 26.58
CA ILE T 149 -0.45 -115.90 25.63
C ILE T 149 -0.45 -116.67 24.29
N GLY T 150 -0.61 -117.99 24.37
CA GLY T 150 -0.56 -118.84 23.17
C GLY T 150 0.07 -120.19 23.48
N VAL T 151 0.81 -120.72 22.50
CA VAL T 151 1.49 -122.01 22.68
C VAL T 151 2.76 -121.83 23.52
N CYS T 152 2.80 -122.54 24.65
CA CYS T 152 3.96 -122.48 25.53
C CYS T 152 4.84 -123.71 25.32
N ALA T 153 6.09 -123.58 25.74
CA ALA T 153 7.05 -124.67 25.71
C ALA T 153 7.88 -124.64 27.00
N ALA T 154 8.31 -125.81 27.44
CA ALA T 154 9.06 -125.93 28.67
C ALA T 154 10.09 -127.04 28.58
N ILE T 155 11.31 -126.73 28.98
CA ILE T 155 12.42 -127.67 29.04
C ILE T 155 12.73 -127.89 30.51
N THR T 156 12.64 -129.15 30.97
CA THR T 156 12.81 -129.45 32.39
C THR T 156 14.04 -130.33 32.67
N PRO T 157 14.77 -130.03 33.78
CA PRO T 157 15.98 -130.76 34.12
C PRO T 157 15.68 -132.08 34.86
N TRP T 158 16.72 -132.71 35.42
CA TRP T 158 16.63 -134.04 36.05
C TRP T 158 16.57 -134.03 37.58
N ASN T 159 16.84 -132.87 38.19
CA ASN T 159 16.87 -132.72 39.64
C ASN T 159 15.58 -133.18 40.33
N PHE T 160 14.44 -132.77 39.77
CA PHE T 160 13.12 -133.08 40.32
C PHE T 160 12.16 -133.40 39.17
N PRO T 161 12.31 -134.58 38.55
CA PRO T 161 11.71 -134.92 37.26
C PRO T 161 10.17 -134.85 37.19
N ALA T 162 9.52 -134.82 38.35
CA ALA T 162 8.06 -134.87 38.40
C ALA T 162 7.42 -133.52 38.74
N ALA T 163 8.00 -132.83 39.71
CA ALA T 163 7.53 -131.52 40.13
C ALA T 163 7.69 -130.50 39.01
N MET T 164 8.88 -130.45 38.41
CA MET T 164 9.17 -129.50 37.34
C MET T 164 8.12 -129.51 36.22
N ILE T 165 7.63 -130.71 35.90
CA ILE T 165 6.56 -130.86 34.92
C ILE T 165 5.26 -130.25 35.47
N ALA T 166 4.94 -130.57 36.73
CA ALA T 166 3.77 -129.98 37.38
C ALA T 166 3.90 -128.46 37.56
N ARG T 167 5.11 -127.99 37.88
CA ARG T 167 5.37 -126.56 38.09
C ARG T 167 5.24 -125.73 36.83
N LYS T 168 5.10 -126.40 35.69
CA LYS T 168 5.06 -125.70 34.41
C LYS T 168 3.80 -126.03 33.59
N VAL T 169 3.40 -127.31 33.56
CA VAL T 169 2.17 -127.72 32.88
C VAL T 169 0.95 -127.20 33.66
N GLY T 170 1.14 -126.98 34.96
CA GLY T 170 0.12 -126.39 35.83
C GLY T 170 -0.34 -125.00 35.38
N PRO T 171 0.55 -124.00 35.51
CA PRO T 171 0.21 -122.60 35.21
C PRO T 171 -0.17 -122.36 33.75
N ALA T 172 0.46 -123.08 32.82
CA ALA T 172 0.19 -122.92 31.39
C ALA T 172 -1.22 -123.34 31.04
N LEU T 173 -1.62 -124.52 31.49
CA LEU T 173 -2.93 -125.07 31.19
C LEU T 173 -4.04 -124.30 31.87
N ALA T 174 -3.80 -123.88 33.10
CA ALA T 174 -4.81 -123.16 33.90
C ALA T 174 -5.15 -121.79 33.30
N ALA T 175 -4.19 -121.24 32.57
CA ALA T 175 -4.36 -119.94 31.92
C ALA T 175 -5.06 -120.09 30.57
N GLY T 176 -5.20 -121.33 30.12
CA GLY T 176 -5.76 -121.61 28.81
C GLY T 176 -4.69 -121.66 27.73
N CYS T 177 -3.48 -122.08 28.09
CA CYS T 177 -2.38 -122.23 27.13
C CYS T 177 -2.01 -123.70 26.93
N PRO T 178 -1.83 -124.11 25.67
CA PRO T 178 -1.33 -125.46 25.43
C PRO T 178 0.19 -125.45 25.60
N ILE T 179 0.76 -126.62 25.89
CA ILE T 179 2.20 -126.70 26.17
C ILE T 179 2.90 -127.90 25.53
N VAL T 180 4.16 -127.68 25.14
CA VAL T 180 5.02 -128.76 24.64
C VAL T 180 6.21 -128.87 25.58
N VAL T 181 6.38 -130.05 26.19
CA VAL T 181 7.47 -130.29 27.13
C VAL T 181 8.63 -131.14 26.55
N LYS T 182 9.86 -130.71 26.81
CA LYS T 182 11.03 -131.53 26.53
C LYS T 182 11.78 -131.85 27.83
N PRO T 183 11.38 -132.93 28.52
CA PRO T 183 12.09 -133.30 29.76
C PRO T 183 13.52 -133.77 29.48
N ALA T 184 14.33 -133.86 30.54
CA ALA T 184 15.73 -134.26 30.43
C ALA T 184 15.85 -135.71 29.94
N GLU T 185 16.69 -135.91 28.92
CA GLU T 185 17.00 -137.25 28.41
C GLU T 185 17.33 -138.19 29.57
N SER T 186 18.08 -137.68 30.55
CA SER T 186 18.50 -138.44 31.72
C SER T 186 17.37 -139.11 32.50
N THR T 187 16.26 -138.40 32.72
CA THR T 187 15.16 -138.90 33.54
C THR T 187 13.78 -138.66 32.91
N PRO T 188 13.48 -139.35 31.80
CA PRO T 188 12.26 -139.09 31.02
C PRO T 188 10.97 -139.72 31.56
N PHE T 189 11.08 -140.68 32.47
CA PHE T 189 9.95 -141.54 32.84
C PHE T 189 8.88 -140.87 33.70
N SER T 190 9.31 -140.08 34.69
CA SER T 190 8.39 -139.32 35.51
C SER T 190 7.47 -138.46 34.64
N ALA T 191 8.09 -137.66 33.77
CA ALA T 191 7.36 -136.77 32.87
C ALA T 191 6.32 -137.54 32.05
N LEU T 192 6.77 -138.61 31.41
CA LEU T 192 5.90 -139.42 30.55
C LEU T 192 4.70 -140.03 31.25
N ALA T 193 4.86 -140.35 32.54
CA ALA T 193 3.80 -140.96 33.33
C ALA T 193 2.68 -139.96 33.60
N MET T 194 3.08 -138.77 34.04
CA MET T 194 2.12 -137.72 34.36
C MET T 194 1.31 -137.25 33.16
N ALA T 195 1.88 -137.38 31.97
CA ALA T 195 1.15 -137.14 30.73
C ALA T 195 0.04 -138.19 30.59
N PHE T 196 0.40 -139.45 30.83
CA PHE T 196 -0.53 -140.58 30.79
C PHE T 196 -1.62 -140.46 31.86
N LEU T 197 -1.34 -139.70 32.91
CA LEU T 197 -2.36 -139.39 33.91
C LEU T 197 -3.22 -138.23 33.46
N ALA T 198 -2.59 -137.25 32.82
CA ALA T 198 -3.28 -136.08 32.29
C ALA T 198 -4.29 -136.49 31.22
N GLU T 199 -3.85 -137.32 30.29
CA GLU T 199 -4.72 -137.91 29.26
C GLU T 199 -5.90 -138.59 29.91
N ARG T 200 -5.60 -139.41 30.93
CA ARG T 200 -6.60 -140.12 31.70
C ARG T 200 -7.52 -139.15 32.47
N ALA T 201 -6.95 -138.02 32.89
CA ALA T 201 -7.70 -136.97 33.55
C ALA T 201 -8.76 -136.39 32.62
N GLY T 202 -8.36 -136.12 31.39
CA GLY T 202 -9.27 -135.56 30.39
C GLY T 202 -8.72 -134.41 29.58
N VAL T 203 -7.44 -134.08 29.78
CA VAL T 203 -6.78 -133.03 28.97
C VAL T 203 -6.85 -133.45 27.50
N PRO T 204 -7.59 -132.67 26.69
CA PRO T 204 -7.80 -133.06 25.29
C PRO T 204 -6.49 -133.21 24.49
N LYS T 205 -6.57 -133.95 23.39
CA LYS T 205 -5.44 -134.19 22.51
C LYS T 205 -4.95 -132.88 21.88
N GLY T 206 -3.64 -132.64 21.99
CA GLY T 206 -3.02 -131.43 21.45
C GLY T 206 -2.61 -130.43 22.52
N VAL T 207 -3.36 -130.39 23.63
CA VAL T 207 -3.10 -129.41 24.70
C VAL T 207 -1.81 -129.72 25.47
N LEU T 208 -1.39 -130.98 25.41
CA LEU T 208 -0.14 -131.40 26.03
C LEU T 208 0.67 -132.36 25.16
N SER T 209 1.96 -132.05 25.03
CA SER T 209 2.91 -132.95 24.36
C SER T 209 4.21 -133.11 25.14
N VAL T 210 4.76 -134.31 25.08
CA VAL T 210 6.06 -134.61 25.64
C VAL T 210 6.97 -135.11 24.51
N VAL T 211 7.91 -134.26 24.12
CA VAL T 211 8.93 -134.63 23.14
C VAL T 211 10.24 -134.99 23.82
N ILE T 212 10.68 -136.22 23.61
CA ILE T 212 11.94 -136.73 24.15
C ILE T 212 12.82 -137.14 22.97
N GLY T 213 14.10 -136.79 23.07
CA GLY T 213 15.04 -137.13 22.01
C GLY T 213 16.30 -136.29 22.07
N ASP T 214 16.69 -135.79 20.91
CA ASP T 214 17.94 -135.05 20.77
C ASP T 214 17.78 -133.65 21.36
N PRO T 215 18.55 -133.33 22.43
CA PRO T 215 18.48 -132.01 23.08
C PRO T 215 18.73 -130.83 22.14
N LYS T 216 19.74 -130.96 21.28
CA LYS T 216 20.08 -129.92 20.29
C LYS T 216 18.96 -129.72 19.25
N ALA T 217 18.44 -130.80 18.69
CA ALA T 217 17.44 -130.71 17.61
C ALA T 217 15.98 -130.65 18.09
N ILE T 218 15.77 -130.63 19.40
CA ILE T 218 14.46 -130.36 19.98
C ILE T 218 14.38 -128.87 20.33
N GLY T 219 15.31 -128.42 21.17
CA GLY T 219 15.36 -127.03 21.65
C GLY T 219 15.58 -125.98 20.58
N THR T 220 16.10 -126.40 19.42
CA THR T 220 16.29 -125.47 18.31
C THR T 220 14.98 -125.29 17.54
N GLU T 221 14.19 -126.36 17.41
CA GLU T 221 12.88 -126.27 16.75
C GLU T 221 11.88 -125.52 17.64
N ILE T 222 12.03 -125.67 18.95
CA ILE T 222 11.23 -124.93 19.92
C ILE T 222 11.52 -123.43 19.80
N THR T 223 12.80 -123.09 19.72
CA THR T 223 13.22 -121.70 19.65
C THR T 223 13.00 -121.09 18.27
N SER T 224 12.98 -121.94 17.23
CA SER T 224 12.76 -121.48 15.85
C SER T 224 11.27 -121.30 15.51
N ASN T 225 10.43 -122.19 16.06
CA ASN T 225 9.01 -122.23 15.71
C ASN T 225 8.22 -121.02 16.23
N PRO T 226 7.76 -120.15 15.30
CA PRO T 226 7.10 -118.88 15.65
C PRO T 226 5.76 -119.04 16.37
N ILE T 227 5.20 -120.26 16.33
CA ILE T 227 3.96 -120.60 17.04
C ILE T 227 4.15 -120.52 18.57
N VAL T 228 5.32 -120.98 19.03
CA VAL T 228 5.74 -120.88 20.43
C VAL T 228 5.92 -119.42 20.83
N ARG T 229 4.94 -118.88 21.55
CA ARG T 229 4.94 -117.47 21.94
C ARG T 229 5.58 -117.24 23.31
N LYS T 230 5.69 -118.31 24.11
CA LYS T 230 6.45 -118.24 25.36
C LYS T 230 7.23 -119.52 25.66
N LEU T 231 8.37 -119.36 26.32
CA LEU T 231 9.24 -120.48 26.68
C LEU T 231 9.68 -120.45 28.15
N SER T 232 9.66 -121.63 28.76
CA SER T 232 10.00 -121.81 30.16
C SER T 232 11.09 -122.87 30.28
N PHE T 233 12.29 -122.45 30.68
CA PHE T 233 13.44 -123.35 30.83
C PHE T 233 14.00 -123.39 32.25
N THR T 234 14.21 -124.60 32.76
CA THR T 234 14.97 -124.80 33.98
C THR T 234 16.22 -125.60 33.66
N GLY T 235 17.37 -125.08 34.09
CA GLY T 235 18.64 -125.77 33.87
C GLY T 235 19.80 -124.86 34.19
N SER T 236 20.90 -125.04 33.46
CA SER T 236 22.13 -124.29 33.71
C SER T 236 22.08 -122.89 33.09
N THR T 237 22.90 -122.00 33.66
CA THR T 237 22.99 -120.61 33.23
C THR T 237 23.51 -120.53 31.80
N ALA T 238 24.57 -121.28 31.51
CA ALA T 238 25.18 -121.31 30.17
C ALA T 238 24.21 -121.71 29.06
N VAL T 239 23.36 -122.70 29.34
CA VAL T 239 22.33 -123.13 28.40
C VAL T 239 21.22 -122.07 28.28
N GLY T 240 20.70 -121.63 29.42
CA GLY T 240 19.70 -120.55 29.45
C GLY T 240 20.11 -119.35 28.59
N ARG T 241 21.40 -119.01 28.69
CA ARG T 241 21.99 -117.93 27.90
C ARG T 241 21.88 -118.17 26.38
N LEU T 242 21.99 -119.43 25.96
CA LEU T 242 21.93 -119.74 24.53
C LEU T 242 20.47 -119.82 24.07
N LEU T 243 19.59 -120.11 25.02
CA LEU T 243 18.17 -120.19 24.72
C LEU T 243 17.52 -118.82 24.55
N MET T 244 18.00 -117.83 25.30
CA MET T 244 17.52 -116.44 25.17
C MET T 244 17.97 -115.82 23.83
N ALA T 245 19.06 -116.33 23.27
CA ALA T 245 19.54 -115.87 21.96
C ALA T 245 18.84 -116.58 20.80
N GLN T 246 18.43 -117.82 21.03
CA GLN T 246 17.73 -118.60 20.01
C GLN T 246 16.24 -118.22 19.95
N SER T 247 15.74 -117.59 21.03
CA SER T 247 14.35 -117.16 21.11
C SER T 247 14.12 -115.73 20.60
N ALA T 248 15.21 -114.95 20.52
CA ALA T 248 15.16 -113.55 20.07
C ALA T 248 14.58 -113.31 18.67
N PRO T 249 14.93 -114.16 17.66
CA PRO T 249 14.29 -114.00 16.34
C PRO T 249 12.76 -113.85 16.39
N THR T 250 12.13 -114.46 17.39
CA THR T 250 10.66 -114.40 17.50
C THR T 250 10.16 -113.69 18.76
N VAL T 251 11.09 -113.06 19.49
CA VAL T 251 10.77 -112.22 20.65
C VAL T 251 9.76 -112.93 21.56
N LYS T 252 10.20 -114.03 22.16
CA LYS T 252 9.36 -114.89 23.00
C LYS T 252 9.35 -114.44 24.46
N LYS T 253 8.24 -114.64 25.15
CA LYS T 253 8.18 -114.41 26.59
C LYS T 253 8.92 -115.55 27.31
N LEU T 254 9.73 -115.18 28.29
CA LEU T 254 10.72 -116.08 28.89
C LEU T 254 10.64 -116.20 30.42
N THR T 255 10.44 -117.43 30.90
CA THR T 255 10.73 -117.77 32.28
C THR T 255 12.04 -118.58 32.33
N LEU T 256 12.99 -118.15 33.16
CA LEU T 256 14.26 -118.87 33.30
C LEU T 256 14.60 -119.21 34.75
N GLU T 257 14.62 -120.50 35.04
CA GLU T 257 15.15 -120.97 36.31
C GLU T 257 16.57 -121.51 36.05
N LEU T 258 17.55 -120.72 36.44
CA LEU T 258 18.95 -121.00 36.15
C LEU T 258 19.72 -121.39 37.41
N GLY T 259 21.04 -121.41 37.30
CA GLY T 259 21.89 -121.80 38.41
C GLY T 259 22.02 -120.72 39.47
N GLY T 260 22.14 -121.16 40.72
CA GLY T 260 22.46 -120.28 41.82
C GLY T 260 23.88 -120.48 42.33
N ASN T 261 24.03 -120.23 43.63
CA ASN T 261 25.30 -120.35 44.36
C ASN T 261 24.95 -120.05 45.81
N ALA T 262 24.17 -120.96 46.40
CA ALA T 262 23.44 -120.67 47.63
C ALA T 262 24.34 -120.51 48.86
N PRO T 263 24.50 -119.28 49.36
CA PRO T 263 25.23 -119.14 50.61
C PRO T 263 24.36 -119.58 51.78
N PHE T 264 24.98 -120.27 52.73
CA PHE T 264 24.33 -120.62 53.98
C PHE T 264 25.05 -119.88 55.09
N ILE T 265 24.37 -118.90 55.68
CA ILE T 265 24.99 -118.00 56.63
C ILE T 265 24.62 -118.35 58.06
N VAL T 266 25.64 -118.58 58.88
CA VAL T 266 25.45 -118.82 60.31
C VAL T 266 26.07 -117.64 61.06
N PHE T 267 25.29 -117.07 61.97
CA PHE T 267 25.75 -115.89 62.70
C PHE T 267 26.11 -116.21 64.14
N ASP T 268 26.74 -115.22 64.78
CA ASP T 268 27.27 -115.31 66.13
C ASP T 268 26.21 -115.72 67.15
N ASP T 269 24.97 -115.23 66.97
CA ASP T 269 23.89 -115.45 67.95
C ASP T 269 22.96 -116.62 67.60
N ALA T 270 23.17 -117.23 66.44
CA ALA T 270 22.36 -118.36 65.97
C ALA T 270 22.21 -119.47 67.01
N ASP T 271 21.09 -120.19 66.95
CA ASP T 271 20.95 -121.46 67.64
C ASP T 271 21.61 -122.49 66.73
N LEU T 272 22.69 -123.09 67.24
CA LEU T 272 23.55 -124.01 66.47
C LEU T 272 22.84 -125.31 66.06
N ASP T 273 22.05 -125.86 66.98
CA ASP T 273 21.31 -127.10 66.74
C ASP T 273 20.26 -126.95 65.64
N ALA T 274 19.70 -125.75 65.50
CA ALA T 274 18.78 -125.45 64.40
C ALA T 274 19.54 -125.33 63.09
N ALA T 275 20.66 -124.60 63.14
CA ALA T 275 21.52 -124.36 61.98
C ALA T 275 21.98 -125.64 61.30
N VAL T 276 22.42 -126.61 62.11
CA VAL T 276 22.87 -127.90 61.58
C VAL T 276 21.71 -128.63 60.91
N GLU T 277 20.59 -128.80 61.64
CA GLU T 277 19.38 -129.42 61.07
C GLU T 277 19.03 -128.76 59.73
N GLY T 278 19.09 -127.43 59.71
CA GLY T 278 18.93 -126.64 58.49
C GLY T 278 19.92 -127.00 57.39
N ALA T 279 21.21 -127.05 57.74
CA ALA T 279 22.28 -127.39 56.79
C ALA T 279 22.12 -128.78 56.18
N ILE T 280 21.66 -129.76 56.97
CA ILE T 280 21.36 -131.11 56.49
C ILE T 280 20.25 -131.07 55.42
N ALA T 281 19.17 -130.35 55.75
CA ALA T 281 18.06 -130.14 54.83
C ALA T 281 18.46 -129.31 53.61
N SER T 282 19.26 -128.26 53.82
CA SER T 282 19.65 -127.36 52.73
C SER T 282 20.69 -127.94 51.79
N LYS T 283 21.58 -128.77 52.33
CA LYS T 283 22.70 -129.28 51.55
C LYS T 283 22.57 -130.73 51.08
N TYR T 284 21.97 -131.58 51.91
CA TYR T 284 21.98 -133.02 51.64
C TYR T 284 20.67 -133.59 51.10
N ARG T 285 19.63 -132.74 51.10
CA ARG T 285 18.41 -133.00 50.33
C ARG T 285 18.79 -133.33 48.89
N ASN T 286 18.22 -134.41 48.36
CA ASN T 286 18.63 -134.97 47.07
C ASN T 286 20.11 -134.82 46.79
N ASN T 287 20.93 -135.37 47.68
CA ASN T 287 22.38 -135.48 47.49
C ASN T 287 23.05 -134.19 46.99
N GLY T 288 22.58 -133.04 47.47
CA GLY T 288 23.10 -131.72 47.05
C GLY T 288 22.84 -131.39 45.59
N GLN T 289 21.76 -131.97 45.06
CA GLN T 289 21.40 -131.84 43.65
C GLN T 289 20.04 -131.13 43.48
N THR T 290 19.86 -130.01 44.17
CA THR T 290 18.71 -129.14 43.93
C THR T 290 19.20 -127.76 43.53
N CYS T 291 18.40 -127.06 42.72
CA CYS T 291 18.70 -125.71 42.28
C CYS T 291 19.04 -124.81 43.46
N VAL T 292 18.37 -125.03 44.59
CA VAL T 292 18.46 -124.17 45.79
C VAL T 292 19.35 -124.73 46.90
N CYS T 293 20.03 -125.84 46.63
CA CYS T 293 20.97 -126.43 47.58
C CYS T 293 22.14 -125.50 47.83
N THR T 294 22.53 -125.38 49.11
CA THR T 294 23.74 -124.64 49.48
C THR T 294 24.95 -125.01 48.61
N ASN T 295 25.76 -124.01 48.29
CA ASN T 295 27.02 -124.27 47.63
C ASN T 295 28.16 -123.78 48.50
N ARG T 296 27.92 -122.65 49.17
CA ARG T 296 28.89 -122.06 50.08
C ARG T 296 28.29 -121.95 51.47
N PHE T 297 28.98 -122.51 52.46
CA PHE T 297 28.65 -122.30 53.87
C PHE T 297 29.45 -121.13 54.42
N PHE T 298 28.79 -120.26 55.16
CA PHE T 298 29.46 -119.17 55.83
C PHE T 298 29.20 -119.24 57.33
N VAL T 299 30.27 -119.30 58.11
CA VAL T 299 30.17 -119.38 59.58
C VAL T 299 31.11 -118.38 60.24
N HIS T 300 30.60 -117.70 61.26
CA HIS T 300 31.40 -116.75 62.02
C HIS T 300 32.51 -117.52 62.74
N GLU T 301 33.70 -116.93 62.78
CA GLU T 301 34.86 -117.55 63.44
C GLU T 301 34.65 -117.82 64.95
N ARG T 302 33.76 -117.07 65.58
CA ARG T 302 33.39 -117.28 66.98
C ARG T 302 32.59 -118.57 67.21
N VAL T 303 32.13 -119.21 66.13
CA VAL T 303 31.36 -120.45 66.22
C VAL T 303 31.78 -121.50 65.18
N TYR T 304 32.80 -121.17 64.39
CA TYR T 304 33.35 -122.05 63.35
C TYR T 304 33.74 -123.45 63.85
N ASP T 305 34.30 -123.53 65.05
CA ASP T 305 34.68 -124.81 65.66
C ASP T 305 33.45 -125.60 66.11
N ALA T 306 32.67 -125.01 67.02
CA ALA T 306 31.48 -125.67 67.58
C ALA T 306 30.52 -126.17 66.50
N PHE T 307 30.33 -125.37 65.45
CA PHE T 307 29.43 -125.73 64.34
C PHE T 307 29.95 -126.90 63.51
N ALA T 308 31.18 -126.77 63.00
CA ALA T 308 31.84 -127.82 62.19
C ALA T 308 31.78 -129.19 62.85
N ASP T 309 31.96 -129.22 64.17
CA ASP T 309 31.83 -130.43 64.97
C ASP T 309 30.42 -131.00 64.83
N LYS T 310 29.43 -130.17 65.14
CA LYS T 310 28.03 -130.58 65.14
C LYS T 310 27.52 -131.00 63.76
N LEU T 311 28.11 -130.44 62.71
CA LEU T 311 27.76 -130.79 61.34
C LEU T 311 28.13 -132.25 61.07
N ALA T 312 29.43 -132.54 60.94
CA ALA T 312 29.93 -133.90 60.65
C ALA T 312 29.32 -134.99 61.51
N ALA T 313 29.03 -134.68 62.78
CA ALA T 313 28.34 -135.61 63.67
C ALA T 313 27.04 -136.13 63.04
N ALA T 314 26.21 -135.20 62.56
CA ALA T 314 24.96 -135.55 61.86
C ALA T 314 25.21 -136.01 60.43
N VAL T 315 26.25 -135.46 59.80
CA VAL T 315 26.62 -135.82 58.42
C VAL T 315 26.98 -137.30 58.29
N SER T 316 27.64 -137.83 59.31
CA SER T 316 27.97 -139.26 59.36
C SER T 316 26.82 -140.08 59.92
N LYS T 317 25.79 -139.40 60.42
CA LYS T 317 24.55 -140.09 60.83
C LYS T 317 23.70 -140.50 59.60
N LEU T 318 23.96 -139.86 58.46
CA LEU T 318 23.23 -140.14 57.22
C LEU T 318 23.75 -141.42 56.56
N LYS T 319 22.84 -142.18 55.95
CA LYS T 319 23.19 -143.46 55.33
C LYS T 319 23.18 -143.41 53.80
N VAL T 320 24.31 -143.77 53.20
CA VAL T 320 24.42 -143.93 51.74
C VAL T 320 23.71 -145.23 51.32
N GLY T 321 23.60 -145.46 50.01
CA GLY T 321 23.01 -146.69 49.49
C GLY T 321 21.81 -146.49 48.59
N ARG T 322 21.51 -147.52 47.79
CA ARG T 322 20.42 -147.52 46.80
C ARG T 322 19.13 -146.92 47.35
N GLY T 323 18.49 -146.10 46.52
CA GLY T 323 17.35 -145.28 46.95
C GLY T 323 16.10 -146.07 47.32
N THR T 324 16.20 -147.40 47.33
CA THR T 324 15.05 -148.27 47.53
C THR T 324 15.11 -149.15 48.80
N GLU T 325 16.17 -149.01 49.59
CA GLU T 325 16.32 -149.80 50.83
C GLU T 325 16.05 -148.97 52.10
N SER T 326 15.85 -149.65 53.24
CA SER T 326 15.56 -149.02 54.54
C SER T 326 16.68 -148.11 55.06
N GLY T 327 16.29 -146.99 55.66
CA GLY T 327 17.25 -146.07 56.32
C GLY T 327 18.15 -145.26 55.39
N ALA T 328 18.09 -145.56 54.09
CA ALA T 328 18.86 -144.87 53.06
C ALA T 328 18.40 -143.42 52.85
N THR T 329 19.15 -142.49 53.43
CA THR T 329 18.83 -141.06 53.35
C THR T 329 19.73 -140.31 52.36
N LEU T 330 20.50 -141.07 51.58
CA LEU T 330 21.42 -140.50 50.59
C LEU T 330 21.65 -141.49 49.45
N GLY T 331 21.30 -141.09 48.23
CA GLY T 331 21.47 -141.96 47.07
C GLY T 331 22.75 -141.71 46.28
N PRO T 332 22.76 -142.11 44.99
CA PRO T 332 23.87 -141.81 44.11
C PRO T 332 23.66 -140.49 43.37
N LEU T 333 24.72 -139.99 42.74
CA LEU T 333 24.61 -138.90 41.78
C LEU T 333 24.01 -139.43 40.47
N ILE T 334 23.76 -138.53 39.53
CA ILE T 334 23.02 -138.90 38.31
C ILE T 334 23.87 -139.70 37.31
N ASN T 335 25.16 -139.34 37.19
CA ASN T 335 26.09 -140.04 36.32
C ASN T 335 27.56 -139.86 36.74
N GLU T 336 28.47 -140.55 36.03
CA GLU T 336 29.91 -140.48 36.30
C GLU T 336 30.41 -139.04 36.32
N ALA T 337 30.05 -138.27 35.28
CA ALA T 337 30.47 -136.88 35.12
C ALA T 337 30.16 -136.01 36.34
N ALA T 338 28.94 -136.16 36.88
CA ALA T 338 28.53 -135.46 38.10
C ALA T 338 29.49 -135.70 39.27
N VAL T 339 30.01 -136.93 39.34
CA VAL T 339 30.95 -137.35 40.39
C VAL T 339 32.35 -136.76 40.13
N LYS T 340 32.79 -136.80 38.88
CA LYS T 340 34.09 -136.24 38.47
C LYS T 340 34.22 -134.73 38.77
N LYS T 341 33.06 -134.06 38.88
CA LYS T 341 32.96 -132.65 39.28
C LYS T 341 33.15 -132.51 40.79
N VAL T 342 32.67 -133.49 41.55
CA VAL T 342 32.82 -133.50 43.00
C VAL T 342 34.29 -133.68 43.39
N GLU T 343 34.96 -134.61 42.69
CA GLU T 343 36.37 -134.86 42.90
C GLU T 343 37.20 -133.66 42.47
N SER T 344 36.90 -133.13 41.27
CA SER T 344 37.56 -131.92 40.78
C SER T 344 37.49 -130.81 41.82
N HIS T 345 36.29 -130.53 42.31
CA HIS T 345 36.09 -129.50 43.34
C HIS T 345 36.85 -129.73 44.63
N ILE T 346 36.92 -130.99 45.06
CA ILE T 346 37.66 -131.38 46.28
C ILE T 346 39.19 -131.24 46.10
N ALA T 347 39.70 -131.88 45.05
CA ALA T 347 41.13 -131.88 44.73
C ALA T 347 41.73 -130.48 44.55
N ASP T 348 40.97 -129.61 43.88
CA ASP T 348 41.35 -128.20 43.68
C ASP T 348 41.29 -127.38 44.96
N ALA T 349 40.35 -127.72 45.84
CA ALA T 349 40.24 -127.03 47.13
C ALA T 349 41.36 -127.47 48.07
N LEU T 350 41.56 -128.79 48.15
CA LEU T 350 42.58 -129.40 49.00
C LEU T 350 43.96 -128.79 48.74
N ALA T 351 44.25 -128.57 47.46
CA ALA T 351 45.51 -127.99 46.99
C ALA T 351 45.68 -126.49 47.34
N LYS T 352 44.64 -125.87 47.89
CA LYS T 352 44.69 -124.45 48.26
C LYS T 352 44.54 -124.18 49.75
N GLY T 353 44.79 -125.20 50.57
CA GLY T 353 44.81 -125.06 52.02
C GLY T 353 43.59 -125.66 52.71
N ALA T 354 42.69 -126.21 51.90
CA ALA T 354 41.47 -126.81 52.43
C ALA T 354 41.73 -128.19 53.02
N SER T 355 41.51 -128.33 54.33
CA SER T 355 41.54 -129.64 54.98
C SER T 355 40.29 -130.45 54.64
N LEU T 356 40.44 -131.77 54.65
CA LEU T 356 39.28 -132.66 54.65
C LEU T 356 38.88 -132.89 56.10
N MET T 357 37.73 -133.53 56.31
CA MET T 357 37.24 -133.78 57.66
C MET T 357 36.33 -135.01 57.75
N THR T 358 35.60 -135.28 56.67
CA THR T 358 34.84 -136.52 56.55
C THR T 358 34.66 -136.89 55.07
N GLY T 359 34.46 -138.19 54.81
CA GLY T 359 34.20 -138.69 53.45
C GLY T 359 35.39 -138.67 52.50
N GLY T 360 35.43 -137.66 51.63
CA GLY T 360 36.58 -137.44 50.75
C GLY T 360 36.58 -138.17 49.41
N LYS T 361 36.03 -139.38 49.37
CA LYS T 361 36.14 -140.23 48.17
C LYS T 361 34.85 -140.98 47.77
N ARG T 362 34.90 -141.66 46.63
CA ARG T 362 33.80 -142.48 46.14
C ARG T 362 33.38 -143.56 47.15
N HIS T 363 32.13 -144.02 47.07
CA HIS T 363 31.64 -145.02 48.01
C HIS T 363 31.84 -146.44 47.48
N ALA T 364 31.85 -147.40 48.40
CA ALA T 364 32.00 -148.81 48.07
C ALA T 364 31.12 -149.23 46.90
N LEU T 365 29.81 -148.93 46.98
CA LEU T 365 28.83 -149.34 45.96
C LEU T 365 29.05 -148.68 44.59
N GLY T 366 30.07 -147.82 44.52
CA GLY T 366 30.58 -147.26 43.26
C GLY T 366 29.58 -146.48 42.44
N HIS T 367 29.48 -146.83 41.15
CA HIS T 367 28.60 -146.18 40.17
C HIS T 367 28.62 -144.65 40.22
N GLY T 368 27.73 -144.09 41.03
CA GLY T 368 27.64 -142.65 41.23
C GLY T 368 27.62 -142.23 42.68
N PHE T 369 27.60 -143.22 43.60
CA PHE T 369 27.55 -142.96 45.04
C PHE T 369 28.83 -142.27 45.50
N PHE T 370 28.71 -141.42 46.51
CA PHE T 370 29.85 -140.67 47.01
C PHE T 370 29.63 -140.40 48.48
N GLU T 371 30.71 -140.51 49.24
CA GLU T 371 30.67 -140.30 50.68
C GLU T 371 30.39 -138.83 51.00
N PRO T 372 29.43 -138.57 51.92
CA PRO T 372 29.18 -137.20 52.37
C PRO T 372 30.48 -136.53 52.80
N THR T 373 30.77 -135.37 52.20
CA THR T 373 32.01 -134.64 52.41
C THR T 373 31.81 -133.33 53.18
N VAL T 374 32.73 -133.05 54.10
CA VAL T 374 32.83 -131.74 54.76
C VAL T 374 34.29 -131.28 54.66
N LEU T 375 34.49 -129.96 54.57
CA LEU T 375 35.84 -129.40 54.39
C LEU T 375 36.00 -128.10 55.18
N THR T 376 37.19 -127.87 55.71
CA THR T 376 37.45 -126.69 56.53
C THR T 376 38.44 -125.73 55.86
N GLY T 377 38.59 -124.54 56.44
CA GLY T 377 39.47 -123.50 55.91
C GLY T 377 39.29 -123.24 54.43
N VAL T 378 38.03 -123.07 53.99
CA VAL T 378 37.73 -122.85 52.57
C VAL T 378 37.77 -121.36 52.27
N LYS T 379 38.86 -120.94 51.65
CA LYS T 379 39.05 -119.56 51.23
C LYS T 379 38.25 -119.31 49.94
N PRO T 380 37.87 -118.04 49.68
CA PRO T 380 37.03 -117.67 48.53
C PRO T 380 37.65 -117.89 47.14
N ASP T 381 38.89 -118.36 47.08
CA ASP T 381 39.62 -118.45 45.80
C ASP T 381 39.64 -119.84 45.17
N MET T 382 39.01 -120.81 45.84
CA MET T 382 38.86 -122.17 45.32
C MET T 382 37.70 -122.23 44.34
N ASP T 383 37.76 -123.20 43.43
CA ASP T 383 36.73 -123.36 42.40
C ASP T 383 35.33 -123.31 42.99
N VAL T 384 35.16 -124.03 44.10
CA VAL T 384 33.87 -124.16 44.79
C VAL T 384 33.17 -122.80 45.10
N ALA T 385 33.95 -121.73 45.14
CA ALA T 385 33.40 -120.39 45.43
C ALA T 385 32.75 -119.73 44.19
N LYS T 386 33.14 -120.17 43.00
CA LYS T 386 32.62 -119.59 41.75
C LYS T 386 31.69 -120.53 40.97
N GLU T 387 31.86 -121.84 41.18
CA GLU T 387 31.09 -122.88 40.50
C GLU T 387 30.14 -123.55 41.46
N GLU T 388 29.01 -124.05 40.93
CA GLU T 388 28.13 -124.94 41.69
C GLU T 388 28.66 -126.38 41.70
N THR T 389 28.79 -126.92 42.90
CA THR T 389 29.26 -128.28 43.13
C THR T 389 28.28 -129.32 42.57
N PHE T 390 26.99 -129.12 42.87
CA PHE T 390 25.95 -130.11 42.59
C PHE T 390 26.31 -131.49 43.16
N GLY T 391 26.81 -131.48 44.39
CA GLY T 391 27.21 -132.70 45.09
C GLY T 391 27.15 -132.50 46.59
N PRO T 392 27.22 -133.60 47.36
CA PRO T 392 27.11 -133.53 48.82
C PRO T 392 28.36 -132.98 49.54
N LEU T 393 28.96 -131.93 49.01
CA LEU T 393 30.13 -131.31 49.65
C LEU T 393 29.74 -130.09 50.47
N ALA T 394 30.06 -130.10 51.77
CA ALA T 394 29.76 -128.96 52.64
C ALA T 394 31.00 -128.11 52.89
N PRO T 395 31.24 -127.07 52.04
CA PRO T 395 32.44 -126.24 52.15
C PRO T 395 32.21 -125.07 53.07
N LEU T 396 33.02 -124.97 54.13
CA LEU T 396 32.82 -123.95 55.17
C LEU T 396 33.82 -122.80 55.02
N PHE T 397 33.30 -121.64 54.65
CA PHE T 397 34.08 -120.40 54.57
C PHE T 397 34.04 -119.68 55.92
N ARG T 398 35.06 -118.88 56.19
CA ARG T 398 35.13 -118.09 57.41
C ARG T 398 34.78 -116.63 57.11
N PHE T 399 33.93 -116.03 57.96
CA PHE T 399 33.70 -114.58 57.89
C PHE T 399 33.86 -113.93 59.28
N ALA T 400 34.15 -112.62 59.29
CA ALA T 400 34.46 -111.91 60.53
C ALA T 400 33.38 -110.92 60.93
N SER T 401 32.97 -110.06 59.99
CA SER T 401 31.98 -109.02 60.26
C SER T 401 30.80 -109.09 59.30
N GLU T 402 29.66 -108.57 59.77
CA GLU T 402 28.44 -108.46 58.96
C GLU T 402 28.73 -107.86 57.58
N GLU T 403 29.52 -106.79 57.54
CA GLU T 403 29.91 -106.11 56.29
C GLU T 403 30.71 -107.01 55.34
N GLU T 404 31.70 -107.74 55.89
CA GLU T 404 32.48 -108.72 55.11
C GLU T 404 31.56 -109.78 54.53
N LEU T 405 30.65 -110.28 55.36
CA LEU T 405 29.70 -111.34 54.96
C LEU T 405 28.83 -110.96 53.77
N VAL T 406 28.19 -109.79 53.86
CA VAL T 406 27.28 -109.30 52.82
C VAL T 406 28.03 -109.24 51.50
N ARG T 407 29.21 -108.61 51.51
CA ARG T 407 30.06 -108.53 50.32
C ARG T 407 30.43 -109.92 49.82
N LEU T 408 30.83 -110.79 50.76
CA LEU T 408 31.21 -112.17 50.46
C LEU T 408 30.08 -112.98 49.81
N ALA T 409 28.90 -112.94 50.44
CA ALA T 409 27.74 -113.67 49.94
C ALA T 409 27.32 -113.15 48.57
N ASN T 410 27.30 -111.82 48.43
CA ASN T 410 26.91 -111.18 47.16
C ASN T 410 27.93 -111.36 46.03
N ASP T 411 29.22 -111.37 46.39
CA ASP T 411 30.34 -111.48 45.44
C ASP T 411 30.18 -112.76 44.64
N THR T 412 29.36 -112.67 43.60
CA THR T 412 28.98 -113.79 42.72
C THR T 412 28.03 -113.28 41.64
N GLU T 413 28.17 -113.80 40.43
CA GLU T 413 27.24 -113.52 39.34
C GLU T 413 25.81 -113.95 39.71
N PHE T 414 25.69 -115.04 40.48
CA PHE T 414 24.41 -115.71 40.72
C PHE T 414 23.66 -115.19 41.95
N GLY T 415 22.33 -115.40 41.94
CA GLY T 415 21.43 -114.99 43.01
C GLY T 415 20.10 -115.73 42.97
N LEU T 416 20.09 -116.95 43.50
CA LEU T 416 18.88 -117.79 43.49
C LEU T 416 18.32 -118.06 44.89
N ALA T 417 19.05 -118.83 45.70
CA ALA T 417 18.60 -119.13 47.05
C ALA T 417 19.66 -118.74 48.08
N ALA T 418 19.20 -118.26 49.24
CA ALA T 418 20.09 -117.95 50.35
C ALA T 418 19.47 -118.44 51.66
N TYR T 419 20.28 -118.55 52.72
CA TYR T 419 19.82 -119.03 54.01
C TYR T 419 20.54 -118.29 55.13
N LEU T 420 19.81 -117.99 56.20
CA LEU T 420 20.29 -117.07 57.24
C LEU T 420 19.89 -117.53 58.63
N TYR T 421 20.88 -117.71 59.50
CA TYR T 421 20.62 -118.14 60.86
C TYR T 421 21.10 -117.13 61.89
N SER T 422 20.15 -116.57 62.64
CA SER T 422 20.43 -115.54 63.63
C SER T 422 19.20 -115.26 64.49
N ARG T 423 19.43 -114.67 65.66
CA ARG T 423 18.39 -114.52 66.67
C ARG T 423 17.91 -113.07 66.79
N ASP T 424 18.76 -112.13 66.38
CA ASP T 424 18.45 -110.70 66.47
C ASP T 424 17.57 -110.24 65.31
N ILE T 425 16.39 -109.70 65.65
CA ILE T 425 15.47 -109.14 64.67
C ILE T 425 16.18 -108.16 63.72
N GLY T 426 17.03 -107.31 64.29
CA GLY T 426 17.76 -106.27 63.55
C GLY T 426 18.74 -106.83 62.53
N ARG T 427 19.73 -107.58 63.04
CA ARG T 427 20.69 -108.31 62.19
C ARG T 427 19.98 -109.01 61.04
N VAL T 428 18.99 -109.85 61.36
CA VAL T 428 18.23 -110.62 60.38
C VAL T 428 17.65 -109.74 59.26
N TRP T 429 17.04 -108.63 59.63
CA TRP T 429 16.36 -107.76 58.67
C TRP T 429 17.31 -107.03 57.71
N ARG T 430 18.43 -106.54 58.24
CA ARG T 430 19.43 -105.83 57.43
C ARG T 430 20.00 -106.73 56.35
N VAL T 431 20.45 -107.92 56.77
CA VAL T 431 21.12 -108.87 55.88
C VAL T 431 20.17 -109.43 54.81
N ALA T 432 18.96 -109.81 55.21
CA ALA T 432 17.90 -110.22 54.28
C ALA T 432 17.66 -109.19 53.16
N GLU T 433 17.58 -107.91 53.54
CA GLU T 433 17.37 -106.84 52.56
C GLU T 433 18.56 -106.65 51.65
N ALA T 434 19.76 -106.80 52.22
CA ALA T 434 21.02 -106.61 51.49
C ALA T 434 21.42 -107.79 50.60
N LEU T 435 20.93 -108.99 50.93
CA LEU T 435 21.26 -110.17 50.14
C LEU T 435 20.61 -110.10 48.76
N GLU T 436 21.43 -109.84 47.74
CA GLU T 436 20.95 -109.82 46.36
C GLU T 436 20.51 -111.22 45.95
N TYR T 437 19.43 -111.70 46.57
CA TYR T 437 18.95 -113.06 46.34
C TYR T 437 17.44 -113.16 46.21
N GLY T 438 16.99 -114.03 45.32
CA GLY T 438 15.58 -114.18 44.98
C GLY T 438 14.76 -115.04 45.93
N MET T 439 15.42 -115.61 46.94
CA MET T 439 14.77 -116.48 47.92
C MET T 439 15.63 -116.56 49.17
N VAL T 440 15.07 -116.17 50.31
CA VAL T 440 15.83 -116.11 51.56
C VAL T 440 15.18 -116.92 52.70
N GLY T 441 15.89 -117.94 53.16
CA GLY T 441 15.48 -118.70 54.33
C GLY T 441 15.96 -117.99 55.59
N ILE T 442 15.03 -117.74 56.51
CA ILE T 442 15.35 -117.19 57.83
C ILE T 442 15.15 -118.26 58.89
N ASN T 443 16.27 -118.74 59.42
CA ASN T 443 16.30 -119.81 60.42
C ASN T 443 15.58 -121.08 59.98
N THR T 444 15.75 -121.41 58.69
CA THR T 444 15.23 -122.64 58.10
C THR T 444 16.10 -123.07 56.92
N GLY T 445 15.98 -124.34 56.54
CA GLY T 445 16.68 -124.87 55.38
C GLY T 445 15.74 -125.39 54.31
N LEU T 446 14.43 -125.26 54.55
CA LEU T 446 13.40 -125.71 53.61
C LEU T 446 12.51 -124.54 53.22
N ILE T 447 12.60 -124.11 51.96
CA ILE T 447 11.84 -122.93 51.50
C ILE T 447 11.02 -123.16 50.22
N SER T 448 10.90 -124.42 49.79
CA SER T 448 10.05 -124.78 48.66
C SER T 448 8.62 -125.01 49.13
N ASN T 449 7.68 -124.29 48.52
CA ASN T 449 6.23 -124.54 48.66
C ASN T 449 5.46 -123.89 47.51
N GLU T 450 4.19 -124.27 47.34
CA GLU T 450 3.42 -123.84 46.17
C GLU T 450 2.90 -122.40 46.24
N VAL T 451 2.84 -121.84 47.43
CA VAL T 451 2.19 -120.54 47.63
C VAL T 451 3.17 -119.38 47.68
N ALA T 452 4.47 -119.69 47.60
CA ALA T 452 5.49 -118.65 47.68
C ALA T 452 6.32 -118.60 46.40
N PRO T 453 6.51 -117.39 45.85
CA PRO T 453 7.14 -117.17 44.55
C PRO T 453 8.55 -117.76 44.46
N PHE T 454 8.75 -118.66 43.50
CA PHE T 454 10.02 -119.36 43.36
C PHE T 454 10.80 -118.83 42.17
N GLY T 455 12.03 -118.36 42.43
CA GLY T 455 12.92 -117.87 41.36
C GLY T 455 14.00 -116.92 41.85
N GLY T 456 14.84 -116.47 40.92
CA GLY T 456 16.01 -115.69 41.28
C GLY T 456 16.33 -114.43 40.49
N VAL T 457 17.25 -113.64 41.04
CA VAL T 457 17.74 -112.39 40.45
C VAL T 457 19.04 -112.63 39.68
N LYS T 458 19.67 -111.54 39.23
CA LYS T 458 20.97 -111.59 38.57
C LYS T 458 21.01 -112.75 37.57
N GLN T 459 22.06 -113.57 37.62
CA GLN T 459 22.27 -114.62 36.61
C GLN T 459 21.50 -115.92 36.89
N SER T 460 20.65 -115.89 37.92
CA SER T 460 19.86 -117.06 38.31
C SER T 460 18.50 -117.17 37.62
N GLY T 461 18.14 -116.16 36.83
CA GLY T 461 16.97 -116.27 35.97
C GLY T 461 16.09 -115.06 35.74
N LEU T 462 14.85 -115.33 35.34
CA LEU T 462 13.80 -114.33 35.18
C LEU T 462 12.46 -114.92 35.62
N GLY T 463 11.60 -114.07 36.18
CA GLY T 463 10.24 -114.45 36.59
C GLY T 463 10.17 -115.28 37.86
N ARG T 464 8.95 -115.66 38.24
CA ARG T 464 8.69 -116.49 39.42
C ARG T 464 7.65 -117.56 39.13
N GLU T 465 7.89 -118.78 39.63
CA GLU T 465 6.94 -119.89 39.52
C GLU T 465 6.26 -120.13 40.86
N GLY T 466 4.96 -120.46 40.84
CA GLY T 466 4.17 -120.60 42.07
C GLY T 466 3.60 -119.28 42.58
N SER T 467 2.83 -119.36 43.66
CA SER T 467 2.05 -118.22 44.22
C SER T 467 1.08 -117.68 43.17
N HIS T 468 0.46 -116.52 43.44
CA HIS T 468 -0.38 -115.89 42.44
C HIS T 468 0.43 -115.31 41.28
N TYR T 469 1.70 -114.99 41.55
CA TYR T 469 2.66 -114.49 40.55
C TYR T 469 2.92 -115.51 39.44
N GLY T 470 2.81 -116.80 39.78
CA GLY T 470 3.09 -117.90 38.87
C GLY T 470 2.41 -117.75 37.52
N ILE T 471 1.10 -117.48 37.55
CA ILE T 471 0.28 -117.41 36.36
C ILE T 471 0.49 -116.15 35.50
N ASP T 472 1.10 -115.13 36.06
CA ASP T 472 1.23 -113.82 35.40
C ASP T 472 1.96 -113.94 34.05
N ASP T 473 2.93 -114.84 33.98
CA ASP T 473 3.77 -115.02 32.79
C ASP T 473 3.06 -115.73 31.64
N TYR T 474 2.01 -116.50 31.97
CA TYR T 474 1.34 -117.33 30.97
C TYR T 474 0.07 -116.65 30.44
N VAL T 475 -0.19 -115.44 30.92
CA VAL T 475 -1.25 -114.61 30.35
C VAL T 475 -0.65 -113.31 29.81
N VAL T 476 -1.29 -112.78 28.78
CA VAL T 476 -0.89 -111.52 28.19
C VAL T 476 -1.98 -110.50 28.55
N ILE T 477 -1.64 -109.21 28.58
CA ILE T 477 -2.62 -108.20 29.05
C ILE T 477 -3.10 -107.21 27.95
N LYS T 478 -4.41 -107.00 27.88
CA LYS T 478 -5.01 -106.22 26.80
C LYS T 478 -5.81 -105.02 27.32
N TYR T 479 -5.38 -103.82 26.92
CA TYR T 479 -6.00 -102.57 27.37
C TYR T 479 -7.13 -102.10 26.45
N LEU T 480 -8.35 -102.07 26.96
CA LEU T 480 -9.51 -101.68 26.17
C LEU T 480 -9.96 -100.27 26.54
N CYS T 481 -9.93 -99.39 25.55
CA CYS T 481 -10.28 -98.00 25.73
C CYS T 481 -11.65 -97.75 25.11
N VAL T 482 -12.65 -97.64 25.97
CA VAL T 482 -14.05 -97.61 25.57
C VAL T 482 -14.61 -96.19 25.60
N ALA T 483 -15.00 -95.69 24.43
CA ALA T 483 -15.74 -94.43 24.32
C ALA T 483 -17.15 -94.62 24.85
N VAL T 484 -17.68 -93.60 25.51
CA VAL T 484 -19.04 -93.63 26.04
C VAL T 484 -19.93 -92.59 25.37
N GLY U 3 74.43 -93.83 -50.38
CA GLY U 3 73.88 -92.47 -50.16
C GLY U 3 73.23 -92.31 -48.80
N SER U 4 71.93 -92.56 -48.74
CA SER U 4 71.15 -92.37 -47.51
C SER U 4 69.83 -93.13 -47.42
N MET U 5 69.69 -93.87 -46.31
CA MET U 5 68.42 -94.16 -45.67
C MET U 5 68.58 -93.43 -44.34
N LYS U 6 67.51 -93.32 -43.56
CA LYS U 6 67.58 -92.63 -42.26
C LYS U 6 68.91 -92.88 -41.52
N ASP U 7 69.30 -94.15 -41.44
CA ASP U 7 70.56 -94.55 -40.80
C ASP U 7 71.49 -95.19 -41.84
N PRO U 8 72.53 -94.45 -42.28
CA PRO U 8 73.40 -94.91 -43.37
C PRO U 8 74.16 -96.22 -43.07
N SER U 9 74.53 -96.43 -41.81
CA SER U 9 75.40 -97.53 -41.41
C SER U 9 74.72 -98.91 -41.24
N LEU U 10 73.64 -99.13 -42.02
CA LEU U 10 72.95 -100.42 -42.12
C LEU U 10 73.38 -101.15 -43.39
N LEU U 11 73.80 -100.39 -44.40
CA LEU U 11 74.39 -100.94 -45.61
C LEU U 11 75.82 -101.38 -45.26
N ARG U 12 75.97 -102.61 -44.79
CA ARG U 12 77.26 -103.13 -44.35
C ARG U 12 78.03 -103.71 -45.54
N HIS U 13 79.33 -103.41 -45.57
CA HIS U 13 80.20 -103.92 -46.63
C HIS U 13 81.24 -104.93 -46.11
N GLN U 14 81.31 -105.10 -44.80
CA GLN U 14 82.18 -106.12 -44.18
C GLN U 14 81.36 -107.34 -43.70
N ALA U 15 82.00 -108.51 -43.67
CA ALA U 15 81.36 -109.74 -43.19
C ALA U 15 81.35 -109.83 -41.66
N TYR U 16 80.44 -110.65 -41.12
CA TYR U 16 80.22 -110.73 -39.67
C TYR U 16 80.71 -112.03 -39.04
N ILE U 17 81.95 -112.02 -38.54
CA ILE U 17 82.57 -113.24 -38.04
C ILE U 17 82.81 -113.19 -36.53
N GLY U 18 82.03 -113.97 -35.79
CA GLY U 18 82.21 -114.17 -34.35
C GLY U 18 82.08 -112.90 -33.51
N GLY U 19 81.08 -112.09 -33.86
CA GLY U 19 80.85 -110.81 -33.19
C GLY U 19 81.79 -109.72 -33.66
N GLU U 20 82.55 -110.01 -34.72
CA GLU U 20 83.56 -109.10 -35.22
C GLU U 20 83.38 -108.89 -36.73
N TRP U 21 83.31 -107.62 -37.14
CA TRP U 21 83.15 -107.28 -38.54
C TRP U 21 84.50 -107.30 -39.27
N GLN U 22 84.58 -108.13 -40.32
CA GLN U 22 85.84 -108.42 -40.99
C GLN U 22 85.69 -108.55 -42.52
N ALA U 23 86.71 -108.08 -43.25
CA ALA U 23 86.85 -108.42 -44.67
C ALA U 23 87.50 -109.81 -44.75
N ALA U 24 87.44 -110.44 -45.94
CA ALA U 24 88.06 -111.76 -46.15
C ALA U 24 89.58 -111.74 -45.94
N ASP U 25 90.12 -112.82 -45.37
CA ASP U 25 91.56 -112.92 -45.14
C ASP U 25 92.34 -112.51 -46.39
N SER U 26 92.07 -113.20 -47.50
CA SER U 26 92.73 -112.91 -48.79
C SER U 26 92.14 -111.69 -49.53
N ASP U 27 91.56 -110.76 -48.78
CA ASP U 27 91.11 -109.45 -49.30
C ASP U 27 90.00 -109.44 -50.37
N ALA U 28 89.91 -110.50 -51.18
CA ALA U 28 88.95 -110.57 -52.29
C ALA U 28 87.51 -110.24 -51.89
N THR U 29 86.96 -109.20 -52.52
CA THR U 29 85.56 -108.81 -52.35
C THR U 29 84.91 -108.71 -53.73
N PHE U 30 84.01 -109.65 -54.02
CA PHE U 30 83.23 -109.61 -55.26
C PHE U 30 82.05 -108.61 -55.18
N GLU U 31 81.22 -108.55 -56.23
CA GLU U 31 80.29 -107.42 -56.42
C GLU U 31 78.80 -107.79 -56.35
N VAL U 32 78.00 -106.86 -55.83
CA VAL U 32 76.54 -107.04 -55.72
C VAL U 32 75.73 -105.95 -56.45
N PHE U 33 75.00 -106.39 -57.48
CA PHE U 33 74.27 -105.49 -58.40
C PHE U 33 72.77 -105.40 -58.10
N ASP U 34 72.22 -104.20 -58.29
CA ASP U 34 70.77 -103.97 -58.29
C ASP U 34 70.14 -104.76 -59.45
N PRO U 35 69.20 -105.68 -59.15
CA PRO U 35 68.67 -106.62 -60.15
C PRO U 35 67.80 -105.97 -61.22
N ALA U 36 67.33 -104.75 -60.94
CA ALA U 36 66.41 -104.02 -61.81
C ALA U 36 67.13 -103.29 -62.95
N THR U 37 68.20 -102.58 -62.60
CA THR U 37 69.00 -101.82 -63.58
C THR U 37 70.25 -102.59 -64.03
N GLY U 38 71.23 -102.71 -63.13
CA GLY U 38 72.54 -103.29 -63.42
C GLY U 38 73.63 -102.52 -62.71
N GLU U 39 73.25 -101.37 -62.14
CA GLU U 39 74.16 -100.49 -61.41
C GLU U 39 74.56 -101.11 -60.07
N SER U 40 75.87 -101.35 -59.93
CA SER U 40 76.46 -101.96 -58.74
C SER U 40 76.10 -101.26 -57.42
N LEU U 41 75.91 -102.06 -56.37
CA LEU U 41 75.58 -101.55 -55.03
C LEU U 41 76.75 -101.70 -54.06
N GLY U 42 77.93 -102.01 -54.59
CA GLY U 42 79.14 -102.14 -53.80
C GLY U 42 79.72 -103.55 -53.79
N THR U 43 80.49 -103.84 -52.75
CA THR U 43 81.23 -105.11 -52.65
C THR U 43 80.99 -105.86 -51.33
N VAL U 44 81.21 -107.17 -51.37
CA VAL U 44 81.19 -108.03 -50.16
C VAL U 44 82.38 -109.00 -50.16
N PRO U 45 82.98 -109.25 -48.97
CA PRO U 45 84.05 -110.24 -48.77
C PRO U 45 83.78 -111.59 -49.45
N LYS U 46 84.83 -112.14 -50.06
CA LYS U 46 84.82 -113.51 -50.61
C LYS U 46 85.63 -114.41 -49.67
N MET U 47 84.94 -114.97 -48.67
CA MET U 47 85.53 -115.84 -47.67
C MET U 47 85.40 -117.30 -48.07
N GLY U 48 85.96 -118.18 -47.25
CA GLY U 48 85.93 -119.61 -47.50
C GLY U 48 86.16 -120.42 -46.24
N ALA U 49 86.53 -121.67 -46.43
CA ALA U 49 86.66 -122.66 -45.35
C ALA U 49 87.52 -122.21 -44.16
N ALA U 50 88.23 -121.10 -44.31
CA ALA U 50 89.13 -120.58 -43.27
C ALA U 50 88.42 -119.60 -42.33
N GLU U 51 87.63 -118.70 -42.92
CA GLU U 51 86.91 -117.67 -42.17
C GLU U 51 85.64 -118.27 -41.51
N THR U 52 85.03 -119.24 -42.19
CA THR U 52 83.92 -120.01 -41.65
C THR U 52 84.32 -120.75 -40.36
N ALA U 53 85.48 -121.39 -40.41
CA ALA U 53 85.99 -122.25 -39.33
C ALA U 53 86.17 -121.51 -38.00
N ARG U 54 86.70 -120.29 -38.06
CA ARG U 54 86.95 -119.49 -36.86
C ARG U 54 85.64 -118.95 -36.26
N ALA U 55 84.65 -118.71 -37.13
CA ALA U 55 83.28 -118.42 -36.70
C ALA U 55 82.65 -119.64 -36.02
N ILE U 56 82.71 -120.79 -36.71
CA ILE U 56 82.32 -122.09 -36.14
C ILE U 56 83.01 -122.33 -34.78
N GLU U 57 84.29 -122.00 -34.71
CA GLU U 57 85.08 -122.11 -33.47
C GLU U 57 84.56 -121.12 -32.42
N ALA U 58 84.30 -119.88 -32.86
CA ALA U 58 83.89 -118.79 -31.97
C ALA U 58 82.50 -119.05 -31.37
N ALA U 59 81.67 -119.76 -32.12
CA ALA U 59 80.34 -120.15 -31.66
C ALA U 59 80.42 -121.16 -30.52
N GLN U 60 81.21 -122.22 -30.73
CA GLN U 60 81.42 -123.27 -29.73
C GLN U 60 81.98 -122.71 -28.42
N ALA U 61 82.69 -121.58 -28.50
CA ALA U 61 83.25 -120.89 -27.34
C ALA U 61 82.18 -120.15 -26.54
N ALA U 62 81.21 -119.55 -27.26
CA ALA U 62 80.17 -118.71 -26.66
C ALA U 62 79.00 -119.51 -26.10
N TRP U 63 78.83 -120.73 -26.63
CA TRP U 63 77.67 -121.58 -26.31
C TRP U 63 77.36 -121.69 -24.82
N ALA U 64 78.41 -121.90 -24.01
CA ALA U 64 78.30 -122.06 -22.56
C ALA U 64 77.92 -120.78 -21.81
N GLY U 65 78.35 -119.63 -22.31
CA GLY U 65 77.96 -118.34 -21.73
C GLY U 65 76.55 -117.96 -22.15
N TRP U 66 76.16 -118.42 -23.33
CA TRP U 66 74.88 -118.10 -23.95
C TRP U 66 73.73 -118.88 -23.32
N ARG U 67 73.87 -120.21 -23.26
CA ARG U 67 72.84 -121.11 -22.72
C ARG U 67 72.58 -120.94 -21.21
N MET U 68 73.59 -120.44 -20.49
CA MET U 68 73.53 -120.29 -19.03
C MET U 68 72.60 -119.15 -18.59
N LYS U 69 72.21 -118.30 -19.54
CA LYS U 69 71.21 -117.27 -19.31
C LYS U 69 69.86 -117.96 -19.15
N THR U 70 68.94 -117.31 -18.44
CA THR U 70 67.56 -117.81 -18.35
C THR U 70 66.85 -117.49 -19.66
N ALA U 71 65.94 -118.38 -20.08
CA ALA U 71 65.14 -118.17 -21.29
C ALA U 71 64.48 -116.79 -21.30
N LYS U 72 64.17 -116.31 -20.10
CA LYS U 72 63.55 -115.01 -19.90
C LYS U 72 64.53 -113.86 -20.20
N GLU U 73 65.81 -114.07 -19.88
CA GLU U 73 66.88 -113.10 -20.16
C GLU U 73 67.30 -113.11 -21.62
N ARG U 74 67.07 -114.23 -22.30
CA ARG U 74 67.40 -114.35 -23.72
C ARG U 74 66.31 -113.74 -24.59
N ALA U 75 65.06 -113.89 -24.16
CA ALA U 75 63.92 -113.26 -24.82
C ALA U 75 64.09 -111.74 -24.78
N ALA U 76 64.45 -111.23 -23.60
CA ALA U 76 64.76 -109.80 -23.40
C ALA U 76 65.74 -109.28 -24.47
N ILE U 77 66.73 -110.08 -24.80
CA ILE U 77 67.71 -109.73 -25.83
C ILE U 77 67.07 -109.76 -27.22
N LEU U 78 66.32 -110.81 -27.53
CA LEU U 78 65.66 -110.95 -28.83
C LEU U 78 64.60 -109.87 -29.06
N ARG U 79 63.90 -109.51 -27.98
CA ARG U 79 62.89 -108.45 -28.02
C ARG U 79 63.50 -107.09 -28.37
N ARG U 80 64.71 -106.84 -27.86
CA ARG U 80 65.47 -105.64 -28.25
C ARG U 80 65.84 -105.68 -29.73
N TRP U 81 66.20 -106.86 -30.23
CA TRP U 81 66.45 -107.08 -31.65
C TRP U 81 65.18 -106.79 -32.44
N PHE U 82 64.09 -107.40 -32.01
CA PHE U 82 62.74 -107.15 -32.55
C PHE U 82 62.42 -105.65 -32.62
N ASP U 83 62.49 -104.96 -31.48
CA ASP U 83 62.17 -103.52 -31.37
C ASP U 83 62.97 -102.68 -32.37
N LEU U 84 64.20 -103.12 -32.63
CA LEU U 84 65.07 -102.42 -33.55
C LEU U 84 64.59 -102.62 -34.98
N VAL U 85 64.29 -103.87 -35.34
CA VAL U 85 63.80 -104.20 -36.69
C VAL U 85 62.53 -103.41 -37.05
N ILE U 86 61.60 -103.33 -36.11
CA ILE U 86 60.37 -102.56 -36.30
C ILE U 86 60.68 -101.07 -36.46
N ALA U 87 61.61 -100.58 -35.64
CA ALA U 87 62.00 -99.16 -35.62
C ALA U 87 62.75 -98.73 -36.89
N ASN U 88 63.49 -99.66 -37.49
CA ASN U 88 64.22 -99.40 -38.73
C ASN U 88 63.54 -100.03 -39.94
N SER U 89 62.24 -100.29 -39.80
CA SER U 89 61.42 -100.99 -40.82
C SER U 89 61.56 -100.39 -42.24
N ASP U 90 61.43 -99.07 -42.34
CA ASP U 90 61.55 -98.36 -43.63
C ASP U 90 62.98 -98.44 -44.19
N ASP U 91 63.97 -98.38 -43.30
CA ASP U 91 65.39 -98.45 -43.69
C ASP U 91 65.72 -99.79 -44.37
N LEU U 92 65.42 -100.90 -43.68
CA LEU U 92 65.74 -102.25 -44.14
C LEU U 92 65.00 -102.69 -45.40
N ALA U 93 63.76 -102.20 -45.56
CA ALA U 93 62.94 -102.51 -46.73
C ALA U 93 63.55 -101.95 -48.01
N LEU U 94 64.24 -100.83 -47.88
CA LEU U 94 64.88 -100.16 -49.01
C LEU U 94 66.05 -100.99 -49.55
N ILE U 95 66.92 -101.47 -48.66
CA ILE U 95 68.06 -102.31 -49.05
C ILE U 95 67.64 -103.64 -49.67
N LEU U 96 66.47 -104.14 -49.25
CA LEU U 96 65.93 -105.40 -49.73
C LEU U 96 65.30 -105.24 -51.11
N THR U 97 64.49 -104.19 -51.28
CA THR U 97 63.98 -103.82 -52.59
C THR U 97 65.16 -103.58 -53.54
N THR U 98 66.18 -102.88 -53.03
CA THR U 98 67.43 -102.68 -53.77
C THR U 98 68.02 -104.01 -54.25
N GLU U 99 68.29 -104.93 -53.31
CA GLU U 99 69.07 -106.13 -53.60
C GLU U 99 68.28 -107.36 -54.07
N GLN U 100 66.94 -107.30 -54.01
CA GLN U 100 66.11 -108.44 -54.42
C GLN U 100 65.16 -108.07 -55.56
N GLY U 101 64.71 -106.81 -55.56
CA GLY U 101 63.90 -106.30 -56.67
C GLY U 101 62.42 -106.12 -56.37
N LYS U 102 61.90 -106.91 -55.42
CA LYS U 102 60.47 -106.89 -55.09
C LYS U 102 59.97 -105.51 -54.66
N PRO U 103 58.77 -105.12 -55.14
CA PRO U 103 58.09 -103.87 -54.80
C PRO U 103 58.33 -103.44 -53.36
N LEU U 104 58.62 -102.16 -53.17
CA LEU U 104 58.83 -101.60 -51.84
C LEU U 104 57.76 -102.01 -50.81
N ALA U 105 56.53 -102.20 -51.29
CA ALA U 105 55.41 -102.63 -50.43
C ALA U 105 55.56 -104.07 -49.88
N GLU U 106 55.94 -104.98 -50.77
CA GLU U 106 56.19 -106.38 -50.38
C GLU U 106 57.39 -106.48 -49.41
N ALA U 107 58.44 -105.73 -49.69
CA ALA U 107 59.66 -105.74 -48.89
C ALA U 107 59.44 -105.19 -47.48
N LYS U 108 58.62 -104.14 -47.38
CA LYS U 108 58.20 -103.61 -46.09
C LYS U 108 57.26 -104.60 -45.37
N GLY U 109 56.68 -105.53 -46.14
CA GLY U 109 55.80 -106.58 -45.62
C GLY U 109 56.59 -107.77 -45.10
N GLU U 110 57.70 -108.09 -45.76
CA GLU U 110 58.61 -109.15 -45.33
C GLU U 110 59.38 -108.81 -44.04
N ILE U 111 59.67 -107.52 -43.83
CA ILE U 111 60.33 -107.07 -42.60
C ILE U 111 59.42 -107.25 -41.38
N ALA U 112 58.15 -106.90 -41.55
CA ALA U 112 57.11 -107.11 -40.53
C ALA U 112 56.97 -108.59 -40.22
N TYR U 113 57.09 -109.39 -41.28
CA TYR U 113 57.01 -110.84 -41.25
C TYR U 113 58.31 -111.45 -40.70
N ALA U 114 59.36 -110.63 -40.60
CA ALA U 114 60.64 -111.06 -40.01
C ALA U 114 60.69 -110.70 -38.54
N ALA U 115 60.17 -109.53 -38.21
CA ALA U 115 60.12 -109.09 -36.83
C ALA U 115 59.25 -110.03 -35.99
N SER U 116 58.21 -110.58 -36.61
CA SER U 116 57.24 -111.43 -35.90
C SER U 116 57.73 -112.84 -35.57
N PHE U 117 58.87 -113.24 -36.16
CA PHE U 117 59.51 -114.51 -35.80
C PHE U 117 60.43 -114.33 -34.60
N ILE U 118 61.16 -113.21 -34.58
CA ILE U 118 62.03 -112.88 -33.46
C ILE U 118 61.16 -112.80 -32.22
N GLU U 119 59.95 -112.26 -32.39
CA GLU U 119 58.99 -112.12 -31.31
C GLU U 119 58.54 -113.50 -30.85
N TRP U 120 58.06 -114.27 -31.81
CA TRP U 120 57.45 -115.57 -31.54
C TRP U 120 58.42 -116.48 -30.81
N PHE U 121 59.64 -116.54 -31.31
CA PHE U 121 60.62 -117.45 -30.75
C PHE U 121 61.23 -116.94 -29.45
N ALA U 122 61.22 -115.63 -29.24
CA ALA U 122 61.51 -115.12 -27.90
C ALA U 122 60.50 -115.69 -26.89
N GLU U 123 59.22 -115.76 -27.30
CA GLU U 123 58.13 -116.26 -26.45
C GLU U 123 58.03 -117.79 -26.37
N GLU U 124 58.26 -118.47 -27.49
CA GLU U 124 58.32 -119.94 -27.50
C GLU U 124 59.52 -120.46 -26.73
N GLY U 125 60.60 -119.66 -26.75
CA GLY U 125 61.85 -119.99 -26.06
C GLY U 125 61.63 -120.18 -24.58
N LYS U 126 60.75 -119.37 -24.01
CA LYS U 126 60.39 -119.47 -22.60
C LYS U 126 59.52 -120.69 -22.30
N ARG U 127 59.21 -121.49 -23.32
CA ARG U 127 58.19 -122.55 -23.22
C ARG U 127 58.62 -123.95 -23.69
N VAL U 128 59.92 -124.24 -23.66
CA VAL U 128 60.42 -125.56 -24.07
C VAL U 128 60.28 -126.53 -22.90
N ALA U 129 59.22 -127.32 -22.92
CA ALA U 129 58.90 -128.20 -21.80
C ALA U 129 59.19 -129.66 -22.09
N GLY U 130 59.59 -130.38 -21.05
CA GLY U 130 59.64 -131.83 -21.06
C GLY U 130 58.57 -132.43 -20.15
N ASP U 131 58.48 -133.76 -20.16
CA ASP U 131 57.46 -134.48 -19.38
C ASP U 131 58.01 -134.99 -18.05
N THR U 132 57.09 -135.34 -17.15
CA THR U 132 57.34 -136.31 -16.08
C THR U 132 56.28 -137.39 -16.23
N LEU U 133 56.68 -138.48 -16.86
CA LEU U 133 55.79 -139.61 -17.13
C LEU U 133 55.59 -140.47 -15.88
N PRO U 134 54.49 -141.28 -15.85
CA PRO U 134 54.34 -142.25 -14.78
C PRO U 134 55.17 -143.50 -15.05
N THR U 135 55.78 -144.02 -14.00
CA THR U 135 56.76 -145.11 -14.11
C THR U 135 56.08 -146.47 -14.36
N PRO U 136 56.73 -147.32 -15.20
CA PRO U 136 56.22 -148.68 -15.36
C PRO U 136 56.82 -149.62 -14.29
N ASP U 137 57.74 -149.09 -13.48
CA ASP U 137 58.38 -149.83 -12.40
C ASP U 137 58.54 -148.92 -11.17
N ALA U 138 57.90 -149.32 -10.07
CA ALA U 138 57.77 -148.50 -8.85
C ALA U 138 59.08 -148.19 -8.11
N ASN U 139 60.17 -148.82 -8.51
CA ASN U 139 61.49 -148.52 -7.94
C ASN U 139 61.98 -147.13 -8.35
N LYS U 140 61.58 -146.69 -9.54
CA LYS U 140 62.17 -145.54 -10.24
C LYS U 140 61.16 -144.47 -10.71
N ARG U 141 61.69 -143.29 -11.06
CA ARG U 141 60.89 -142.16 -11.55
C ARG U 141 61.39 -141.63 -12.89
N ILE U 142 60.48 -141.38 -13.82
CA ILE U 142 60.85 -140.91 -15.16
C ILE U 142 60.76 -139.39 -15.31
N VAL U 143 61.88 -138.80 -15.74
CA VAL U 143 61.96 -137.37 -16.05
C VAL U 143 62.49 -137.18 -17.47
N VAL U 144 61.87 -136.29 -18.24
CA VAL U 144 62.39 -135.90 -19.54
C VAL U 144 62.62 -134.40 -19.51
N VAL U 145 63.89 -134.00 -19.59
CA VAL U 145 64.23 -132.58 -19.69
C VAL U 145 64.72 -132.28 -21.10
N LYS U 146 64.62 -131.00 -21.50
CA LYS U 146 65.03 -130.57 -22.83
C LYS U 146 66.21 -129.59 -22.77
N GLU U 147 67.07 -129.63 -23.79
CA GLU U 147 68.31 -128.84 -23.79
C GLU U 147 68.83 -128.51 -25.21
N PRO U 148 69.59 -127.40 -25.35
CA PRO U 148 70.06 -126.96 -26.66
C PRO U 148 71.02 -127.98 -27.28
N ILE U 149 70.81 -128.25 -28.57
CA ILE U 149 71.61 -129.25 -29.29
C ILE U 149 73.11 -128.90 -29.39
N GLY U 150 73.39 -127.62 -29.63
CA GLY U 150 74.76 -127.17 -29.86
C GLY U 150 74.87 -126.10 -30.93
N VAL U 151 75.97 -126.10 -31.66
CA VAL U 151 76.22 -125.06 -32.66
C VAL U 151 75.45 -125.39 -33.94
N CYS U 152 74.69 -124.42 -34.44
CA CYS U 152 73.85 -124.62 -35.62
C CYS U 152 74.42 -123.90 -36.84
N ALA U 153 73.87 -124.23 -38.01
CA ALA U 153 74.23 -123.53 -39.25
C ALA U 153 73.02 -123.37 -40.16
N ALA U 154 72.91 -122.18 -40.77
CA ALA U 154 71.77 -121.87 -41.62
C ALA U 154 72.19 -121.42 -43.02
N ILE U 155 71.59 -122.01 -44.04
CA ILE U 155 71.85 -121.64 -45.43
C ILE U 155 70.57 -121.09 -46.06
N THR U 156 70.57 -119.77 -46.30
CA THR U 156 69.40 -119.06 -46.79
C THR U 156 69.38 -118.91 -48.30
N PRO U 157 68.18 -118.81 -48.90
CA PRO U 157 68.03 -118.46 -50.31
C PRO U 157 67.90 -116.94 -50.51
N TRP U 158 67.79 -116.52 -51.76
CA TRP U 158 67.78 -115.10 -52.10
C TRP U 158 66.41 -114.43 -52.00
N ASN U 159 65.35 -115.21 -52.21
CA ASN U 159 63.97 -114.68 -52.30
C ASN U 159 63.39 -113.98 -51.05
N PHE U 160 63.71 -114.49 -49.86
CA PHE U 160 63.26 -113.90 -48.60
C PHE U 160 64.43 -113.66 -47.63
N PRO U 161 65.42 -112.84 -48.05
CA PRO U 161 66.70 -112.82 -47.37
C PRO U 161 66.68 -112.05 -46.04
N ALA U 162 65.48 -111.72 -45.56
CA ALA U 162 65.33 -111.12 -44.24
C ALA U 162 64.40 -111.98 -43.41
N ALA U 163 63.52 -112.72 -44.09
CA ALA U 163 62.59 -113.64 -43.44
C ALA U 163 63.29 -114.90 -42.93
N MET U 164 64.11 -115.52 -43.78
CA MET U 164 64.89 -116.70 -43.40
C MET U 164 65.81 -116.46 -42.21
N ILE U 165 66.49 -115.30 -42.19
CA ILE U 165 67.42 -114.96 -41.11
C ILE U 165 66.69 -114.91 -39.77
N ALA U 166 65.44 -114.44 -39.80
CA ALA U 166 64.58 -114.50 -38.62
C ALA U 166 64.15 -115.94 -38.35
N ARG U 167 63.52 -116.57 -39.34
CA ARG U 167 63.01 -117.95 -39.27
C ARG U 167 64.03 -118.99 -38.80
N LYS U 168 65.32 -118.68 -38.93
CA LYS U 168 66.38 -119.63 -38.59
C LYS U 168 67.27 -119.16 -37.44
N VAL U 169 67.61 -117.88 -37.41
CA VAL U 169 68.39 -117.36 -36.29
C VAL U 169 67.51 -117.41 -35.04
N GLY U 170 66.24 -117.10 -35.22
CA GLY U 170 65.25 -117.05 -34.14
C GLY U 170 65.23 -118.26 -33.22
N PRO U 171 64.79 -119.42 -33.74
CA PRO U 171 64.63 -120.64 -32.90
C PRO U 171 65.90 -121.08 -32.20
N ALA U 172 67.05 -120.96 -32.88
CA ALA U 172 68.36 -121.33 -32.31
C ALA U 172 68.73 -120.52 -31.08
N LEU U 173 68.90 -119.21 -31.26
CA LEU U 173 69.17 -118.32 -30.14
C LEU U 173 68.21 -118.59 -28.99
N ALA U 174 66.91 -118.70 -29.32
CA ALA U 174 65.86 -118.96 -28.34
C ALA U 174 66.01 -120.29 -27.61
N ALA U 175 66.43 -121.32 -28.34
CA ALA U 175 66.67 -122.65 -27.74
C ALA U 175 67.95 -122.71 -26.89
N GLY U 176 68.85 -121.74 -27.11
CA GLY U 176 70.13 -121.65 -26.39
C GLY U 176 71.31 -122.03 -27.26
N CYS U 177 71.29 -121.60 -28.52
CA CYS U 177 72.25 -122.07 -29.52
C CYS U 177 72.91 -120.95 -30.32
N PRO U 178 74.26 -120.90 -30.29
CA PRO U 178 74.98 -120.02 -31.20
C PRO U 178 74.86 -120.53 -32.64
N ILE U 179 74.59 -119.64 -33.58
CA ILE U 179 74.32 -120.05 -34.94
C ILE U 179 75.32 -119.46 -35.96
N VAL U 180 75.55 -120.19 -37.04
CA VAL U 180 76.46 -119.78 -38.12
C VAL U 180 75.73 -119.78 -39.47
N VAL U 181 75.67 -118.60 -40.09
CA VAL U 181 74.75 -118.39 -41.21
C VAL U 181 75.45 -118.03 -42.50
N LYS U 182 75.16 -118.81 -43.55
CA LYS U 182 75.54 -118.47 -44.91
C LYS U 182 74.35 -117.87 -45.67
N PRO U 183 74.37 -116.53 -45.87
CA PRO U 183 73.40 -115.85 -46.72
C PRO U 183 73.63 -116.11 -48.23
N ALA U 184 72.75 -115.57 -49.06
CA ALA U 184 72.82 -115.78 -50.51
C ALA U 184 73.95 -114.99 -51.18
N GLU U 185 74.57 -115.59 -52.18
CA GLU U 185 75.57 -114.93 -53.01
C GLU U 185 75.01 -113.66 -53.70
N SER U 186 73.69 -113.61 -53.84
CA SER U 186 73.03 -112.52 -54.57
C SER U 186 72.30 -111.50 -53.67
N THR U 187 72.01 -111.88 -52.43
CA THR U 187 71.25 -111.01 -51.51
C THR U 187 71.86 -110.92 -50.10
N PRO U 188 73.07 -110.33 -49.98
CA PRO U 188 73.81 -110.41 -48.72
C PRO U 188 73.51 -109.30 -47.68
N PHE U 189 72.97 -108.16 -48.14
CA PHE U 189 72.86 -106.98 -47.28
C PHE U 189 71.75 -107.10 -46.24
N SER U 190 70.65 -107.74 -46.63
CA SER U 190 69.51 -108.01 -45.76
C SER U 190 69.94 -108.76 -44.49
N ALA U 191 70.74 -109.81 -44.68
CA ALA U 191 71.29 -110.58 -43.56
C ALA U 191 72.26 -109.76 -42.70
N LEU U 192 73.19 -109.07 -43.37
CA LEU U 192 74.21 -108.23 -42.71
C LEU U 192 73.64 -107.08 -41.90
N ALA U 193 72.50 -106.53 -42.34
CA ALA U 193 71.80 -105.50 -41.58
C ALA U 193 71.21 -106.07 -40.28
N MET U 194 70.50 -107.20 -40.39
CA MET U 194 69.95 -107.89 -39.22
C MET U 194 71.01 -108.45 -38.29
N ALA U 195 72.17 -108.75 -38.85
CA ALA U 195 73.37 -109.02 -38.07
C ALA U 195 73.73 -107.77 -37.25
N PHE U 196 73.89 -106.63 -37.92
CA PHE U 196 74.30 -105.39 -37.25
C PHE U 196 73.35 -105.00 -36.12
N LEU U 197 72.04 -105.02 -36.41
CA LEU U 197 70.99 -104.77 -35.43
C LEU U 197 71.08 -105.71 -34.22
N ALA U 198 71.22 -107.01 -34.49
CA ALA U 198 71.37 -108.00 -33.40
C ALA U 198 72.48 -107.61 -32.44
N GLU U 199 73.64 -107.25 -33.00
CA GLU U 199 74.81 -106.80 -32.23
C GLU U 199 74.47 -105.62 -31.32
N ARG U 200 73.70 -104.68 -31.85
CA ARG U 200 73.27 -103.51 -31.09
C ARG U 200 72.26 -103.89 -29.99
N ALA U 201 71.46 -104.92 -30.28
CA ALA U 201 70.38 -105.36 -29.39
C ALA U 201 70.88 -106.08 -28.14
N GLY U 202 72.16 -106.50 -28.17
CA GLY U 202 72.82 -107.12 -27.02
C GLY U 202 73.30 -108.55 -27.21
N VAL U 203 73.26 -109.05 -28.44
CA VAL U 203 73.72 -110.41 -28.78
C VAL U 203 75.26 -110.52 -28.65
N PRO U 204 75.74 -111.32 -27.66
CA PRO U 204 77.18 -111.45 -27.40
C PRO U 204 77.95 -112.12 -28.55
N LYS U 205 79.24 -111.82 -28.62
CA LYS U 205 80.12 -112.28 -29.72
C LYS U 205 80.12 -113.79 -29.92
N GLY U 206 80.07 -114.20 -31.17
CA GLY U 206 80.10 -115.63 -31.53
C GLY U 206 78.75 -116.34 -31.61
N VAL U 207 77.74 -115.79 -30.95
CA VAL U 207 76.39 -116.37 -31.01
C VAL U 207 75.85 -116.32 -32.45
N LEU U 208 75.82 -115.12 -33.03
CA LEU U 208 75.45 -114.97 -34.44
C LEU U 208 76.69 -114.65 -35.26
N SER U 209 76.78 -115.30 -36.42
CA SER U 209 77.84 -115.01 -37.38
C SER U 209 77.26 -115.11 -38.80
N VAL U 210 77.65 -114.17 -39.65
CA VAL U 210 77.15 -114.09 -41.03
C VAL U 210 78.29 -114.24 -42.02
N VAL U 211 78.32 -115.39 -42.71
CA VAL U 211 79.47 -115.77 -43.54
C VAL U 211 79.19 -115.63 -45.04
N ILE U 212 79.80 -114.61 -45.67
CA ILE U 212 79.64 -114.37 -47.12
C ILE U 212 80.90 -114.75 -47.89
N GLY U 213 80.73 -115.44 -49.02
CA GLY U 213 81.87 -115.82 -49.86
C GLY U 213 81.61 -116.85 -50.94
N ASP U 214 81.88 -118.12 -50.61
CA ASP U 214 81.95 -119.19 -51.60
C ASP U 214 80.85 -120.25 -51.42
N PRO U 215 79.84 -120.25 -52.33
CA PRO U 215 78.76 -121.27 -52.32
C PRO U 215 79.28 -122.70 -52.19
N LYS U 216 80.44 -122.98 -52.78
CA LYS U 216 81.06 -124.30 -52.71
C LYS U 216 81.85 -124.51 -51.43
N ALA U 217 82.73 -123.57 -51.09
CA ALA U 217 83.66 -123.73 -49.97
C ALA U 217 83.00 -123.58 -48.59
N ILE U 218 82.23 -122.51 -48.42
CA ILE U 218 81.53 -122.26 -47.16
C ILE U 218 80.60 -123.43 -46.81
N GLY U 219 79.93 -123.97 -47.83
CA GLY U 219 79.10 -125.16 -47.69
C GLY U 219 79.88 -126.38 -47.22
N THR U 220 81.01 -126.66 -47.90
CA THR U 220 81.82 -127.85 -47.63
C THR U 220 82.38 -127.84 -46.20
N GLU U 221 82.82 -126.67 -45.75
CA GLU U 221 83.38 -126.51 -44.41
C GLU U 221 82.32 -126.79 -43.36
N ILE U 222 81.11 -126.27 -43.60
CA ILE U 222 80.00 -126.37 -42.65
C ILE U 222 79.49 -127.80 -42.49
N THR U 223 79.25 -128.47 -43.61
CA THR U 223 78.75 -129.85 -43.62
C THR U 223 79.81 -130.89 -43.21
N SER U 224 81.03 -130.42 -42.95
CA SER U 224 82.13 -131.30 -42.59
C SER U 224 82.69 -131.06 -41.19
N ASN U 225 82.41 -129.89 -40.61
CA ASN U 225 82.92 -129.53 -39.28
C ASN U 225 82.16 -130.22 -38.14
N PRO U 226 82.85 -131.08 -37.36
CA PRO U 226 82.29 -131.86 -36.24
C PRO U 226 81.64 -131.02 -35.15
N ILE U 227 81.87 -129.72 -35.17
CA ILE U 227 81.31 -128.79 -34.20
C ILE U 227 79.84 -128.46 -34.54
N VAL U 228 79.48 -128.52 -35.82
CA VAL U 228 78.10 -128.30 -36.27
C VAL U 228 77.27 -129.59 -36.13
N ARG U 229 76.40 -129.60 -35.11
CA ARG U 229 75.49 -130.72 -34.85
C ARG U 229 74.08 -130.40 -35.35
N LYS U 230 73.90 -129.18 -35.87
CA LYS U 230 72.61 -128.74 -36.42
C LYS U 230 72.75 -127.90 -37.70
N LEU U 231 72.06 -128.32 -38.77
CA LEU U 231 72.09 -127.60 -40.05
C LEU U 231 70.70 -127.41 -40.66
N SER U 232 70.39 -126.15 -40.95
CA SER U 232 69.14 -125.76 -41.58
C SER U 232 69.42 -125.25 -43.00
N PHE U 233 68.70 -125.77 -43.98
CA PHE U 233 68.90 -125.35 -45.38
C PHE U 233 67.57 -125.02 -46.07
N THR U 234 67.51 -123.84 -46.69
CA THR U 234 66.36 -123.47 -47.51
C THR U 234 66.77 -123.12 -48.93
N GLY U 235 66.36 -123.96 -49.87
CA GLY U 235 66.68 -123.74 -51.28
C GLY U 235 66.00 -124.73 -52.20
N SER U 236 66.80 -125.34 -53.08
CA SER U 236 66.29 -126.32 -54.05
C SER U 236 66.59 -127.75 -53.61
N THR U 237 65.83 -128.68 -54.18
CA THR U 237 65.94 -130.11 -53.88
C THR U 237 67.29 -130.70 -54.34
N ALA U 238 67.89 -130.13 -55.38
CA ALA U 238 69.20 -130.58 -55.88
C ALA U 238 70.31 -130.36 -54.84
N VAL U 239 70.41 -129.12 -54.34
CA VAL U 239 71.46 -128.74 -53.37
C VAL U 239 71.22 -129.36 -51.99
N GLY U 240 69.96 -129.69 -51.70
CA GLY U 240 69.57 -130.39 -50.46
C GLY U 240 70.01 -131.85 -50.42
N ARG U 241 69.86 -132.54 -51.55
CA ARG U 241 70.33 -133.93 -51.70
C ARG U 241 71.83 -134.01 -51.40
N LEU U 242 72.57 -133.02 -51.88
CA LEU U 242 74.04 -133.02 -51.78
C LEU U 242 74.52 -132.69 -50.37
N LEU U 243 73.84 -131.78 -49.68
CA LEU U 243 74.29 -131.37 -48.35
C LEU U 243 74.01 -132.42 -47.28
N MET U 244 72.93 -133.19 -47.47
CA MET U 244 72.60 -134.31 -46.57
C MET U 244 73.62 -135.46 -46.70
N ALA U 245 74.09 -135.71 -47.92
CA ALA U 245 75.18 -136.66 -48.14
C ALA U 245 76.53 -136.12 -47.57
N GLN U 246 76.75 -134.80 -47.73
CA GLN U 246 77.91 -134.10 -47.16
C GLN U 246 77.93 -134.07 -45.63
N SER U 247 76.74 -134.10 -45.03
CA SER U 247 76.57 -134.01 -43.56
C SER U 247 76.48 -135.36 -42.86
N ALA U 248 76.73 -136.44 -43.60
CA ALA U 248 76.57 -137.81 -43.08
C ALA U 248 77.78 -138.41 -42.35
N PRO U 249 79.00 -137.84 -42.54
CA PRO U 249 80.12 -138.25 -41.69
C PRO U 249 80.09 -137.62 -40.28
N THR U 250 79.24 -136.61 -40.10
CA THR U 250 79.05 -136.00 -38.79
C THR U 250 77.67 -136.35 -38.24
N VAL U 251 76.77 -136.79 -39.13
CA VAL U 251 75.41 -137.23 -38.76
C VAL U 251 74.66 -136.12 -37.99
N LYS U 252 74.36 -135.04 -38.70
CA LYS U 252 73.80 -133.83 -38.10
C LYS U 252 72.28 -133.84 -38.10
N LYS U 253 71.68 -133.02 -37.23
CA LYS U 253 70.24 -132.79 -37.28
C LYS U 253 69.96 -131.79 -38.41
N LEU U 254 69.08 -132.18 -39.35
CA LEU U 254 68.80 -131.36 -40.53
C LEU U 254 67.36 -130.90 -40.67
N THR U 255 67.21 -129.60 -40.94
CA THR U 255 65.94 -128.99 -41.34
C THR U 255 66.09 -128.58 -42.80
N LEU U 256 65.33 -129.23 -43.69
CA LEU U 256 65.47 -129.01 -45.14
C LEU U 256 64.19 -128.55 -45.84
N GLU U 257 64.03 -127.24 -45.96
CA GLU U 257 62.94 -126.68 -46.75
C GLU U 257 63.42 -126.65 -48.21
N LEU U 258 62.76 -127.44 -49.07
CA LEU U 258 63.16 -127.55 -50.48
C LEU U 258 62.01 -127.17 -51.43
N GLY U 259 62.33 -126.86 -52.68
CA GLY U 259 61.34 -126.49 -53.69
C GLY U 259 60.23 -127.52 -53.90
N GLY U 260 59.02 -127.04 -54.22
CA GLY U 260 57.86 -127.91 -54.38
C GLY U 260 57.31 -127.98 -55.80
N ASN U 261 55.99 -128.06 -55.91
CA ASN U 261 55.24 -127.99 -57.18
C ASN U 261 53.77 -127.62 -56.90
N ALA U 262 53.61 -126.54 -56.13
CA ALA U 262 52.33 -126.09 -55.60
C ALA U 262 51.18 -126.03 -56.62
N PRO U 263 50.20 -126.95 -56.49
CA PRO U 263 49.00 -126.92 -57.34
C PRO U 263 47.92 -125.98 -56.79
N PHE U 264 47.28 -125.25 -57.70
CA PHE U 264 46.16 -124.40 -57.34
C PHE U 264 44.91 -124.99 -57.95
N ILE U 265 43.94 -125.30 -57.11
CA ILE U 265 42.76 -126.08 -57.50
C ILE U 265 41.48 -125.24 -57.49
N VAL U 266 40.69 -125.36 -58.56
CA VAL U 266 39.41 -124.66 -58.67
C VAL U 266 38.35 -125.62 -59.21
N PHE U 267 37.27 -125.78 -58.45
CA PHE U 267 36.23 -126.76 -58.78
C PHE U 267 34.95 -126.10 -59.30
N ASP U 268 33.97 -126.93 -59.68
CA ASP U 268 32.62 -126.49 -60.00
C ASP U 268 32.14 -125.45 -59.00
N ASP U 269 32.05 -125.89 -57.74
CA ASP U 269 31.43 -125.13 -56.66
C ASP U 269 32.24 -123.93 -56.17
N ALA U 270 33.49 -123.83 -56.62
CA ALA U 270 34.36 -122.71 -56.27
C ALA U 270 33.74 -121.34 -56.61
N ASP U 271 33.89 -120.41 -55.67
CA ASP U 271 33.55 -119.01 -55.89
C ASP U 271 34.64 -118.45 -56.80
N LEU U 272 34.33 -118.41 -58.10
CA LEU U 272 35.32 -118.08 -59.14
C LEU U 272 36.08 -116.77 -58.90
N ASP U 273 35.38 -115.72 -58.46
CA ASP U 273 36.00 -114.42 -58.19
C ASP U 273 37.13 -114.46 -57.15
N ALA U 274 36.87 -115.15 -56.03
CA ALA U 274 37.87 -115.27 -54.94
C ALA U 274 39.02 -116.22 -55.31
N ALA U 275 38.72 -117.27 -56.07
CA ALA U 275 39.76 -118.12 -56.64
C ALA U 275 40.78 -117.26 -57.41
N VAL U 276 40.28 -116.22 -58.08
CA VAL U 276 41.13 -115.28 -58.79
C VAL U 276 41.98 -114.46 -57.81
N GLU U 277 41.33 -113.84 -56.81
CA GLU U 277 42.04 -113.04 -55.79
C GLU U 277 43.07 -113.86 -55.00
N GLY U 278 42.90 -115.19 -55.03
CA GLY U 278 43.87 -116.11 -54.42
C GLY U 278 45.01 -116.44 -55.38
N ALA U 279 44.65 -116.61 -56.65
CA ALA U 279 45.61 -116.92 -57.73
C ALA U 279 46.61 -115.79 -57.91
N ILE U 280 46.14 -114.55 -57.79
CA ILE U 280 47.02 -113.38 -57.83
C ILE U 280 48.05 -113.47 -56.69
N ALA U 281 47.55 -113.64 -55.47
CA ALA U 281 48.40 -113.63 -54.27
C ALA U 281 49.38 -114.82 -54.17
N SER U 282 48.95 -115.99 -54.63
CA SER U 282 49.79 -117.20 -54.53
C SER U 282 50.77 -117.32 -55.69
N LYS U 283 50.37 -116.83 -56.86
CA LYS U 283 51.19 -116.91 -58.07
C LYS U 283 52.05 -115.67 -58.33
N TYR U 284 51.50 -114.47 -58.13
CA TYR U 284 52.19 -113.25 -58.54
C TYR U 284 52.94 -112.44 -57.46
N ARG U 285 52.87 -112.90 -56.21
CA ARG U 285 53.63 -112.26 -55.13
C ARG U 285 55.13 -112.50 -55.33
N ASN U 286 55.93 -111.43 -55.20
CA ASN U 286 57.39 -111.48 -55.39
C ASN U 286 57.76 -112.03 -56.77
N ASN U 287 57.06 -111.53 -57.79
CA ASN U 287 57.20 -111.97 -59.19
C ASN U 287 57.11 -113.49 -59.40
N GLY U 288 56.59 -114.19 -58.38
CA GLY U 288 56.41 -115.65 -58.43
C GLY U 288 57.63 -116.44 -57.98
N GLN U 289 58.45 -115.84 -57.12
CA GLN U 289 59.76 -116.40 -56.78
C GLN U 289 59.85 -116.74 -55.29
N THR U 290 58.92 -117.57 -54.83
CA THR U 290 58.87 -117.99 -53.43
C THR U 290 58.68 -119.50 -53.31
N CYS U 291 59.04 -120.04 -52.15
CA CYS U 291 58.94 -121.48 -51.87
C CYS U 291 57.50 -121.99 -52.02
N VAL U 292 56.55 -121.18 -51.55
CA VAL U 292 55.14 -121.54 -51.52
C VAL U 292 54.40 -121.28 -52.84
N CYS U 293 55.02 -120.47 -53.72
CA CYS U 293 54.41 -120.03 -54.97
C CYS U 293 53.77 -121.13 -55.81
N THR U 294 52.57 -120.83 -56.32
CA THR U 294 51.82 -121.73 -57.18
C THR U 294 52.55 -121.92 -58.51
N ASN U 295 52.76 -123.18 -58.87
CA ASN U 295 53.40 -123.50 -60.14
C ASN U 295 52.37 -123.98 -61.15
N ARG U 296 51.39 -124.74 -60.67
CA ARG U 296 50.40 -125.38 -61.55
C ARG U 296 48.97 -125.01 -61.16
N PHE U 297 48.14 -124.72 -62.16
CA PHE U 297 46.74 -124.39 -61.96
C PHE U 297 45.86 -125.50 -62.49
N PHE U 298 45.03 -126.05 -61.61
CA PHE U 298 44.08 -127.09 -62.00
C PHE U 298 42.65 -126.57 -61.99
N VAL U 299 42.11 -126.41 -63.20
CA VAL U 299 40.80 -125.82 -63.41
C VAL U 299 39.83 -126.87 -63.97
N HIS U 300 38.61 -126.85 -63.44
CA HIS U 300 37.57 -127.78 -63.83
C HIS U 300 36.99 -127.41 -65.19
N GLU U 301 36.54 -128.44 -65.91
CA GLU U 301 35.97 -128.28 -67.26
C GLU U 301 34.80 -127.30 -67.32
N ARG U 302 33.87 -127.42 -66.38
CA ARG U 302 32.65 -126.59 -66.40
C ARG U 302 32.91 -125.11 -66.09
N VAL U 303 34.12 -124.80 -65.63
CA VAL U 303 34.52 -123.40 -65.36
C VAL U 303 35.88 -123.02 -65.95
N TYR U 304 36.39 -123.80 -66.90
CA TYR U 304 37.70 -123.52 -67.49
C TYR U 304 37.83 -122.11 -68.11
N ASP U 305 36.98 -121.81 -69.09
CA ASP U 305 36.94 -120.51 -69.77
C ASP U 305 36.55 -119.40 -68.80
N ALA U 306 35.57 -119.68 -67.94
CA ALA U 306 35.06 -118.71 -66.96
C ALA U 306 36.16 -118.20 -66.02
N PHE U 307 37.05 -119.10 -65.61
CA PHE U 307 38.18 -118.76 -64.73
C PHE U 307 39.33 -118.12 -65.52
N ALA U 308 39.64 -118.70 -66.67
CA ALA U 308 40.71 -118.21 -67.55
C ALA U 308 40.60 -116.71 -67.82
N ASP U 309 39.42 -116.28 -68.29
CA ASP U 309 39.14 -114.86 -68.55
C ASP U 309 39.33 -113.97 -67.31
N LYS U 310 38.75 -114.38 -66.17
CA LYS U 310 38.83 -113.61 -64.92
C LYS U 310 40.25 -113.52 -64.34
N LEU U 311 41.08 -114.52 -64.66
CA LEU U 311 42.51 -114.47 -64.35
C LEU U 311 43.18 -113.43 -65.25
N ALA U 312 43.12 -113.66 -66.57
CA ALA U 312 43.62 -112.71 -67.58
C ALA U 312 43.25 -111.25 -67.32
N ALA U 313 42.01 -111.01 -66.90
CA ALA U 313 41.53 -109.66 -66.61
C ALA U 313 42.23 -109.04 -65.39
N ALA U 314 42.26 -109.79 -64.28
CA ALA U 314 42.92 -109.34 -63.05
C ALA U 314 44.44 -109.21 -63.19
N VAL U 315 45.00 -109.99 -64.11
CA VAL U 315 46.43 -109.98 -64.39
C VAL U 315 46.87 -108.67 -65.07
N SER U 316 46.09 -108.23 -66.06
CA SER U 316 46.42 -107.02 -66.85
C SER U 316 46.47 -105.75 -66.00
N LYS U 317 45.72 -105.73 -64.90
CA LYS U 317 45.67 -104.58 -63.99
C LYS U 317 46.94 -104.45 -63.09
N LEU U 318 47.91 -105.34 -63.30
CA LEU U 318 49.20 -105.28 -62.59
C LEU U 318 50.25 -104.51 -63.39
N LYS U 319 51.04 -103.69 -62.70
CA LYS U 319 52.03 -102.81 -63.33
C LYS U 319 53.46 -103.19 -62.91
N VAL U 320 54.32 -103.38 -63.92
CA VAL U 320 55.71 -103.77 -63.70
C VAL U 320 56.57 -102.56 -63.30
N GLY U 321 57.89 -102.74 -63.18
CA GLY U 321 58.79 -101.63 -62.87
C GLY U 321 59.51 -101.72 -61.54
N ARG U 322 60.57 -100.93 -61.40
CA ARG U 322 61.39 -100.87 -60.18
C ARG U 322 60.54 -100.74 -58.92
N GLY U 323 60.92 -101.47 -57.89
CA GLY U 323 60.18 -101.51 -56.63
C GLY U 323 60.11 -100.18 -55.92
N THR U 324 61.12 -99.34 -56.15
CA THR U 324 61.26 -98.03 -55.47
C THR U 324 60.11 -97.06 -55.82
N GLU U 325 59.40 -97.37 -56.91
CA GLU U 325 58.38 -96.47 -57.45
C GLU U 325 56.95 -96.92 -57.12
N SER U 326 56.05 -95.95 -56.96
CA SER U 326 54.62 -96.18 -56.79
C SER U 326 54.06 -97.05 -57.92
N GLY U 327 53.12 -97.93 -57.57
CA GLY U 327 52.45 -98.76 -58.57
C GLY U 327 53.29 -99.90 -59.13
N ALA U 328 54.41 -100.20 -58.46
CA ALA U 328 55.15 -101.41 -58.78
C ALA U 328 54.46 -102.59 -58.09
N THR U 329 53.79 -103.41 -58.90
CA THR U 329 53.17 -104.65 -58.42
C THR U 329 54.08 -105.83 -58.77
N LEU U 330 54.75 -105.73 -59.92
CA LEU U 330 55.80 -106.67 -60.27
C LEU U 330 57.14 -105.97 -60.07
N GLY U 331 58.13 -106.73 -59.63
CA GLY U 331 59.50 -106.26 -59.65
C GLY U 331 60.19 -106.94 -60.82
N PRO U 332 61.53 -106.99 -60.80
CA PRO U 332 62.24 -107.81 -61.79
C PRO U 332 62.56 -109.20 -61.25
N LEU U 333 62.81 -110.15 -62.15
CA LEU U 333 63.39 -111.42 -61.78
C LEU U 333 64.88 -111.19 -61.45
N ILE U 334 65.41 -111.94 -60.50
CA ILE U 334 66.70 -111.62 -59.86
C ILE U 334 67.94 -111.58 -60.79
N ASN U 335 68.03 -112.53 -61.71
CA ASN U 335 69.15 -112.57 -62.65
C ASN U 335 68.75 -112.89 -64.09
N GLU U 336 69.70 -112.73 -65.01
CA GLU U 336 69.50 -113.06 -66.43
C GLU U 336 69.13 -114.53 -66.59
N ALA U 337 69.79 -115.40 -65.81
CA ALA U 337 69.62 -116.86 -65.88
C ALA U 337 68.19 -117.32 -65.55
N ALA U 338 67.51 -116.59 -64.67
CA ALA U 338 66.14 -116.91 -64.28
C ALA U 338 65.18 -116.70 -65.46
N VAL U 339 65.50 -115.73 -66.30
CA VAL U 339 64.66 -115.41 -67.47
C VAL U 339 64.75 -116.50 -68.56
N LYS U 340 65.94 -117.07 -68.75
CA LYS U 340 66.14 -118.12 -69.74
C LYS U 340 65.45 -119.43 -69.35
N LYS U 341 65.24 -119.62 -68.04
CA LYS U 341 64.45 -120.76 -67.55
C LYS U 341 62.96 -120.54 -67.82
N VAL U 342 62.49 -119.32 -67.55
CA VAL U 342 61.11 -118.95 -67.85
C VAL U 342 60.86 -119.10 -69.35
N GLU U 343 61.77 -118.58 -70.16
CA GLU U 343 61.70 -118.66 -71.63
C GLU U 343 61.65 -120.13 -72.13
N SER U 344 62.38 -121.01 -71.45
CA SER U 344 62.45 -122.42 -71.86
C SER U 344 61.15 -123.19 -71.62
N HIS U 345 60.49 -122.91 -70.50
CA HIS U 345 59.21 -123.54 -70.15
C HIS U 345 58.07 -123.13 -71.09
N ILE U 346 58.10 -121.87 -71.53
CA ILE U 346 57.12 -121.34 -72.48
C ILE U 346 57.36 -121.87 -73.91
N ALA U 347 58.64 -121.86 -74.32
CA ALA U 347 59.05 -122.40 -75.63
C ALA U 347 58.50 -123.80 -75.85
N ASP U 348 58.66 -124.64 -74.83
CA ASP U 348 58.15 -126.01 -74.84
C ASP U 348 56.61 -126.04 -74.88
N ALA U 349 55.98 -125.17 -74.09
CA ALA U 349 54.52 -125.13 -73.93
C ALA U 349 53.76 -124.82 -75.23
N LEU U 350 54.32 -123.94 -76.05
CA LEU U 350 53.77 -123.69 -77.39
C LEU U 350 54.02 -124.90 -78.31
N ALA U 351 55.23 -125.45 -78.23
CA ALA U 351 55.62 -126.57 -79.07
C ALA U 351 54.69 -127.78 -78.92
N LYS U 352 54.28 -128.07 -77.70
CA LYS U 352 53.37 -129.21 -77.45
C LYS U 352 51.92 -128.86 -77.83
N GLY U 353 51.56 -127.59 -77.69
CA GLY U 353 50.28 -127.09 -78.21
C GLY U 353 49.41 -126.34 -77.21
N ALA U 354 50.05 -125.58 -76.32
CA ALA U 354 49.31 -124.80 -75.31
C ALA U 354 49.21 -123.33 -75.71
N SER U 355 48.00 -122.91 -76.09
CA SER U 355 47.73 -121.53 -76.52
C SER U 355 48.22 -120.50 -75.51
N LEU U 356 48.90 -119.47 -76.01
CA LEU U 356 49.21 -118.32 -75.18
C LEU U 356 47.94 -117.49 -75.03
N MET U 357 47.73 -116.96 -73.84
CA MET U 357 46.59 -116.09 -73.60
C MET U 357 47.06 -114.64 -73.45
N THR U 358 48.05 -114.42 -72.57
CA THR U 358 48.66 -113.10 -72.38
C THR U 358 50.15 -113.22 -71.97
N GLY U 359 50.80 -112.07 -71.75
CA GLY U 359 52.22 -112.02 -71.35
C GLY U 359 53.17 -112.30 -72.49
N GLY U 360 53.90 -113.41 -72.40
CA GLY U 360 54.62 -113.98 -73.53
C GLY U 360 56.09 -113.65 -73.76
N LYS U 361 56.52 -112.43 -73.40
CA LYS U 361 57.89 -111.97 -73.72
C LYS U 361 58.52 -111.09 -72.64
N ARG U 362 59.85 -110.92 -72.71
CA ARG U 362 60.56 -110.01 -71.80
C ARG U 362 60.00 -108.61 -71.90
N HIS U 363 59.79 -107.98 -70.75
CA HIS U 363 59.25 -106.64 -70.69
C HIS U 363 60.21 -105.65 -71.36
N ALA U 364 59.67 -104.56 -71.90
CA ALA U 364 60.46 -103.58 -72.65
C ALA U 364 61.36 -102.71 -71.75
N LEU U 365 61.54 -103.14 -70.50
CA LEU U 365 62.48 -102.49 -69.58
C LEU U 365 63.79 -103.29 -69.49
N GLY U 366 63.74 -104.54 -69.96
CA GLY U 366 64.89 -105.45 -69.97
C GLY U 366 65.37 -105.91 -68.60
N HIS U 367 66.55 -106.54 -68.59
CA HIS U 367 67.33 -106.83 -67.36
C HIS U 367 66.78 -107.93 -66.42
N GLY U 368 65.60 -107.69 -65.86
CA GLY U 368 64.94 -108.66 -64.97
C GLY U 368 63.46 -108.79 -65.25
N PHE U 369 62.82 -107.66 -65.57
CA PHE U 369 61.38 -107.59 -65.81
C PHE U 369 60.91 -108.47 -66.98
N PHE U 370 59.99 -109.39 -66.69
CA PHE U 370 59.33 -110.21 -67.71
C PHE U 370 57.82 -109.94 -67.66
N GLU U 371 57.12 -110.29 -68.74
CA GLU U 371 55.71 -109.95 -68.92
C GLU U 371 54.78 -111.05 -68.39
N PRO U 372 54.03 -110.77 -67.30
CA PRO U 372 53.10 -111.72 -66.67
C PRO U 372 52.30 -112.55 -67.67
N THR U 373 52.57 -113.85 -67.69
CA THR U 373 52.07 -114.75 -68.71
C THR U 373 50.95 -115.65 -68.17
N VAL U 374 49.98 -115.95 -69.05
CA VAL U 374 48.90 -116.92 -68.77
C VAL U 374 48.74 -117.86 -69.97
N LEU U 375 48.78 -119.18 -69.72
CA LEU U 375 48.65 -120.18 -70.78
C LEU U 375 47.36 -120.99 -70.64
N THR U 376 46.79 -121.38 -71.78
CA THR U 376 45.69 -122.34 -71.81
C THR U 376 46.10 -123.63 -72.51
N GLY U 377 45.32 -124.69 -72.33
CA GLY U 377 45.57 -125.99 -72.98
C GLY U 377 46.81 -126.72 -72.50
N VAL U 378 47.15 -126.50 -71.22
CA VAL U 378 48.39 -127.02 -70.63
C VAL U 378 48.25 -128.49 -70.21
N LYS U 379 49.15 -129.32 -70.74
CA LYS U 379 49.12 -130.77 -70.53
C LYS U 379 50.27 -131.25 -69.61
N PRO U 380 50.11 -132.41 -68.94
CA PRO U 380 51.16 -132.93 -68.07
C PRO U 380 52.43 -133.35 -68.81
N ASP U 381 52.28 -133.74 -70.09
CA ASP U 381 53.42 -134.14 -70.93
C ASP U 381 54.37 -132.97 -71.23
N MET U 382 54.01 -131.79 -70.73
CA MET U 382 54.84 -130.59 -70.89
C MET U 382 55.89 -130.50 -69.79
N ASP U 383 56.74 -129.48 -69.85
CA ASP U 383 57.87 -129.34 -68.93
C ASP U 383 57.56 -128.57 -67.63
N VAL U 384 56.54 -127.72 -67.66
CA VAL U 384 56.16 -126.92 -66.47
C VAL U 384 55.58 -127.78 -65.33
N ALA U 385 54.90 -128.86 -65.70
CA ALA U 385 54.40 -129.84 -64.73
C ALA U 385 55.53 -130.77 -64.26
N LYS U 386 56.75 -130.20 -64.15
CA LYS U 386 57.93 -130.97 -63.76
C LYS U 386 58.99 -130.17 -62.99
N GLU U 387 59.04 -128.85 -63.19
CA GLU U 387 60.04 -127.99 -62.55
C GLU U 387 59.48 -126.64 -62.12
N GLU U 388 60.08 -126.05 -61.08
CA GLU U 388 59.68 -124.73 -60.58
C GLU U 388 60.23 -123.58 -61.43
N THR U 389 59.34 -122.95 -62.20
CA THR U 389 59.65 -121.84 -63.10
C THR U 389 60.42 -120.70 -62.44
N PHE U 390 60.14 -120.47 -61.16
CA PHE U 390 60.67 -119.32 -60.41
C PHE U 390 60.38 -117.97 -61.11
N GLY U 391 59.24 -117.92 -61.82
CA GLY U 391 58.81 -116.71 -62.54
C GLY U 391 57.30 -116.60 -62.68
N PRO U 392 56.82 -115.47 -63.26
CA PRO U 392 55.38 -115.14 -63.35
C PRO U 392 54.63 -115.87 -64.47
N LEU U 393 54.64 -117.20 -64.41
CA LEU U 393 53.96 -118.02 -65.42
C LEU U 393 52.86 -118.88 -64.80
N ALA U 394 51.62 -118.65 -65.25
CA ALA U 394 50.43 -119.35 -64.75
C ALA U 394 49.81 -120.29 -65.80
N PRO U 395 50.15 -121.59 -65.75
CA PRO U 395 49.67 -122.59 -66.70
C PRO U 395 48.40 -123.32 -66.25
N LEU U 396 47.35 -123.27 -67.06
CA LEU U 396 46.05 -123.82 -66.66
C LEU U 396 45.79 -125.23 -67.25
N PHE U 397 45.65 -126.20 -66.36
CA PHE U 397 45.36 -127.60 -66.71
C PHE U 397 43.86 -127.92 -66.65
N ARG U 398 43.45 -129.03 -67.26
CA ARG U 398 42.02 -129.39 -67.37
C ARG U 398 41.72 -130.76 -66.73
N PHE U 399 40.94 -130.74 -65.66
CA PHE U 399 40.54 -131.99 -65.00
C PHE U 399 39.03 -132.20 -65.02
N ALA U 400 38.61 -133.46 -65.14
CA ALA U 400 37.20 -133.80 -65.31
C ALA U 400 36.53 -134.27 -64.02
N SER U 401 37.28 -135.01 -63.20
CA SER U 401 36.74 -135.56 -61.95
C SER U 401 37.62 -135.27 -60.74
N GLU U 402 37.07 -135.52 -59.55
CA GLU U 402 37.81 -135.39 -58.29
C GLU U 402 38.96 -136.41 -58.20
N GLU U 403 38.70 -137.64 -58.63
CA GLU U 403 39.70 -138.71 -58.64
C GLU U 403 40.86 -138.41 -59.59
N GLU U 404 40.57 -137.65 -60.65
CA GLU U 404 41.57 -137.22 -61.63
C GLU U 404 42.49 -136.16 -61.04
N LEU U 405 41.91 -135.11 -60.46
CA LEU U 405 42.69 -134.04 -59.85
C LEU U 405 43.72 -134.57 -58.84
N VAL U 406 43.26 -135.44 -57.93
CA VAL U 406 44.10 -136.02 -56.89
C VAL U 406 45.22 -136.82 -57.55
N ARG U 407 44.86 -137.63 -58.54
CA ARG U 407 45.83 -138.42 -59.29
C ARG U 407 46.91 -137.49 -59.88
N LEU U 408 46.47 -136.33 -60.37
CA LEU U 408 47.34 -135.38 -61.05
C LEU U 408 48.21 -134.55 -60.11
N ALA U 409 47.61 -133.97 -59.07
CA ALA U 409 48.33 -133.10 -58.14
C ALA U 409 49.33 -133.87 -57.28
N ASN U 410 49.14 -135.18 -57.19
CA ASN U 410 50.09 -136.03 -56.47
C ASN U 410 51.20 -136.60 -57.36
N ASP U 411 50.99 -136.61 -58.67
CA ASP U 411 51.98 -137.18 -59.63
C ASP U 411 53.19 -136.28 -59.82
N THR U 412 53.92 -136.05 -58.73
CA THR U 412 55.15 -135.27 -58.72
C THR U 412 56.03 -135.77 -57.58
N GLU U 413 57.35 -135.58 -57.71
CA GLU U 413 58.30 -135.99 -56.67
C GLU U 413 58.18 -135.10 -55.42
N PHE U 414 57.72 -133.86 -55.62
CA PHE U 414 57.70 -132.82 -54.58
C PHE U 414 56.33 -132.63 -53.90
N GLY U 415 56.31 -131.79 -52.85
CA GLY U 415 55.08 -131.45 -52.13
C GLY U 415 55.27 -130.50 -50.95
N LEU U 416 55.41 -129.21 -51.24
CA LEU U 416 55.50 -128.19 -50.18
C LEU U 416 54.12 -127.58 -49.87
N ALA U 417 53.75 -126.53 -50.60
CA ALA U 417 52.43 -125.89 -50.45
C ALA U 417 51.42 -126.34 -51.50
N ALA U 418 50.14 -126.13 -51.20
CA ALA U 418 49.02 -126.48 -52.08
C ALA U 418 47.85 -125.55 -51.83
N TYR U 419 46.99 -125.38 -52.83
CA TYR U 419 45.86 -124.45 -52.72
C TYR U 419 44.57 -125.03 -53.31
N LEU U 420 43.50 -124.98 -52.52
CA LEU U 420 42.23 -125.59 -52.90
C LEU U 420 41.06 -124.61 -52.77
N TYR U 421 40.33 -124.42 -53.86
CA TYR U 421 39.12 -123.60 -53.87
C TYR U 421 37.88 -124.43 -54.18
N SER U 422 37.09 -124.67 -53.13
CA SER U 422 35.84 -125.39 -53.26
C SER U 422 34.88 -124.99 -52.14
N ARG U 423 33.62 -125.33 -52.34
CA ARG U 423 32.56 -124.85 -51.48
C ARG U 423 31.96 -125.98 -50.64
N ASP U 424 31.85 -127.16 -51.24
CA ASP U 424 31.34 -128.36 -50.57
C ASP U 424 32.25 -128.71 -49.40
N ILE U 425 31.64 -128.82 -48.23
CA ILE U 425 32.36 -129.16 -47.00
C ILE U 425 33.09 -130.51 -47.12
N GLY U 426 32.37 -131.51 -47.61
CA GLY U 426 32.88 -132.87 -47.70
C GLY U 426 33.95 -133.06 -48.76
N ARG U 427 33.84 -132.31 -49.86
CA ARG U 427 34.85 -132.35 -50.94
C ARG U 427 36.15 -131.66 -50.54
N VAL U 428 36.03 -130.44 -50.01
CA VAL U 428 37.16 -129.69 -49.46
C VAL U 428 38.05 -130.61 -48.63
N TRP U 429 37.43 -131.34 -47.71
CA TRP U 429 38.13 -132.22 -46.78
C TRP U 429 38.73 -133.46 -47.45
N ARG U 430 37.92 -134.16 -48.25
CA ARG U 430 38.38 -135.32 -49.02
C ARG U 430 39.69 -135.03 -49.77
N VAL U 431 39.68 -133.96 -50.56
CA VAL U 431 40.87 -133.50 -51.30
C VAL U 431 41.99 -133.09 -50.35
N ALA U 432 41.71 -132.20 -49.41
CA ALA U 432 42.69 -131.77 -48.41
C ALA U 432 43.43 -132.96 -47.80
N GLU U 433 42.67 -133.97 -47.39
CA GLU U 433 43.22 -135.19 -46.78
C GLU U 433 44.06 -136.05 -47.74
N ALA U 434 43.67 -136.08 -49.02
CA ALA U 434 44.36 -136.92 -50.01
C ALA U 434 45.69 -136.33 -50.48
N LEU U 435 45.74 -135.00 -50.60
CA LEU U 435 46.94 -134.28 -51.06
C LEU U 435 48.19 -134.52 -50.20
N GLU U 436 49.21 -135.14 -50.80
CA GLU U 436 50.51 -135.30 -50.15
C GLU U 436 51.33 -134.03 -50.28
N TYR U 437 51.02 -133.09 -49.38
CA TYR U 437 51.64 -131.77 -49.33
C TYR U 437 51.79 -131.36 -47.88
N GLY U 438 52.75 -130.49 -47.61
CA GLY U 438 53.01 -130.03 -46.24
C GLY U 438 52.02 -128.99 -45.75
N MET U 439 51.52 -128.17 -46.68
CA MET U 439 50.60 -127.07 -46.35
C MET U 439 49.52 -126.96 -47.42
N VAL U 440 48.28 -126.70 -46.98
CA VAL U 440 47.14 -126.63 -47.90
C VAL U 440 46.23 -125.43 -47.57
N GLY U 441 46.15 -124.49 -48.50
CA GLY U 441 45.33 -123.30 -48.33
C GLY U 441 43.95 -123.49 -48.93
N ILE U 442 42.94 -123.51 -48.06
CA ILE U 442 41.56 -123.73 -48.47
C ILE U 442 40.83 -122.40 -48.67
N ASN U 443 40.34 -122.18 -49.89
CA ASN U 443 39.77 -120.91 -50.33
C ASN U 443 40.67 -119.68 -50.06
N THR U 444 41.98 -119.91 -50.03
CA THR U 444 42.97 -118.83 -49.82
C THR U 444 44.26 -119.05 -50.62
N GLY U 445 44.87 -117.94 -51.03
CA GLY U 445 46.16 -117.96 -51.70
C GLY U 445 47.33 -117.57 -50.80
N LEU U 446 47.03 -117.14 -49.58
CA LEU U 446 48.05 -116.70 -48.62
C LEU U 446 47.96 -117.44 -47.29
N ILE U 447 49.04 -118.13 -46.95
CA ILE U 447 49.03 -119.07 -45.83
C ILE U 447 50.17 -118.89 -44.81
N SER U 448 51.19 -118.12 -45.19
CA SER U 448 52.41 -117.98 -44.38
C SER U 448 52.24 -117.02 -43.18
N ASN U 449 52.58 -117.51 -42.00
CA ASN U 449 52.54 -116.72 -40.76
C ASN U 449 53.49 -117.30 -39.72
N GLU U 450 53.63 -116.65 -38.57
CA GLU U 450 54.63 -117.09 -37.57
C GLU U 450 54.19 -118.24 -36.66
N VAL U 451 52.89 -118.58 -36.72
CA VAL U 451 52.30 -119.64 -35.87
C VAL U 451 52.01 -120.96 -36.62
N ALA U 452 52.19 -120.95 -37.94
CA ALA U 452 51.97 -122.12 -38.78
C ALA U 452 53.23 -122.95 -38.97
N PRO U 453 53.15 -124.28 -38.72
CA PRO U 453 54.28 -125.17 -39.02
C PRO U 453 54.57 -125.21 -40.52
N PHE U 454 55.58 -124.43 -40.92
CA PHE U 454 56.01 -124.36 -42.32
C PHE U 454 56.92 -125.54 -42.67
N GLY U 455 56.49 -126.32 -43.66
CA GLY U 455 57.28 -127.46 -44.13
C GLY U 455 56.61 -128.26 -45.23
N GLY U 456 57.28 -129.33 -45.67
CA GLY U 456 56.79 -130.14 -46.77
C GLY U 456 57.07 -131.63 -46.63
N VAL U 457 56.31 -132.42 -47.40
CA VAL U 457 56.45 -133.87 -47.46
C VAL U 457 57.29 -134.29 -48.69
N LYS U 458 57.65 -135.57 -48.77
CA LYS U 458 58.35 -136.13 -49.93
C LYS U 458 59.66 -135.38 -50.22
N GLN U 459 59.93 -135.10 -51.51
CA GLN U 459 61.16 -134.44 -51.96
C GLN U 459 61.19 -132.93 -51.70
N SER U 460 60.35 -132.47 -50.77
CA SER U 460 60.40 -131.09 -50.31
C SER U 460 61.14 -130.98 -48.98
N GLY U 461 61.44 -132.12 -48.38
CA GLY U 461 62.37 -132.18 -47.26
C GLY U 461 61.82 -132.59 -45.91
N LEU U 462 62.50 -132.11 -44.86
CA LEU U 462 62.22 -132.52 -43.48
C LEU U 462 62.09 -131.29 -42.60
N GLY U 463 61.52 -131.50 -41.40
CA GLY U 463 61.46 -130.46 -40.37
C GLY U 463 60.28 -129.53 -40.54
N ARG U 464 60.04 -128.69 -39.53
CA ARG U 464 58.96 -127.70 -39.56
C ARG U 464 59.40 -126.38 -38.92
N GLU U 465 59.17 -125.27 -39.64
CA GLU U 465 59.52 -123.94 -39.15
C GLU U 465 58.29 -123.20 -38.60
N GLY U 466 58.51 -122.27 -37.68
CA GLY U 466 57.40 -121.60 -36.99
C GLY U 466 56.69 -122.54 -36.02
N SER U 467 55.79 -121.98 -35.20
CA SER U 467 55.01 -122.74 -34.19
C SER U 467 55.86 -123.40 -33.10
N HIS U 468 55.21 -124.15 -32.20
CA HIS U 468 55.94 -124.95 -31.19
C HIS U 468 56.80 -126.07 -31.82
N TYR U 469 56.60 -126.28 -33.12
CA TYR U 469 57.36 -127.27 -33.90
C TYR U 469 58.69 -126.71 -34.43
N GLY U 470 58.78 -125.38 -34.47
CA GLY U 470 59.97 -124.70 -35.03
C GLY U 470 61.19 -124.88 -34.17
N ILE U 471 60.99 -124.77 -32.85
CA ILE U 471 62.05 -124.87 -31.86
C ILE U 471 62.48 -126.32 -31.54
N ASP U 472 61.63 -127.28 -31.90
CA ASP U 472 61.84 -128.71 -31.58
C ASP U 472 63.11 -129.34 -32.16
N ASP U 473 63.55 -128.85 -33.32
CA ASP U 473 64.75 -129.37 -33.98
C ASP U 473 66.04 -128.71 -33.46
N TYR U 474 65.89 -127.57 -32.77
CA TYR U 474 67.03 -126.85 -32.20
C TYR U 474 67.33 -127.29 -30.77
N VAL U 475 66.50 -128.19 -30.25
CA VAL U 475 66.77 -128.83 -28.97
C VAL U 475 66.88 -130.32 -29.14
N VAL U 476 67.46 -130.96 -28.15
CA VAL U 476 67.59 -132.40 -28.12
C VAL U 476 67.24 -132.90 -26.72
N ILE U 477 66.59 -134.07 -26.65
CA ILE U 477 65.95 -134.48 -25.40
C ILE U 477 66.81 -135.44 -24.57
N LYS U 478 66.73 -135.28 -23.26
CA LYS U 478 67.50 -136.08 -22.32
C LYS U 478 66.56 -136.83 -21.38
N TYR U 479 66.70 -138.15 -21.37
CA TYR U 479 65.95 -139.02 -20.45
C TYR U 479 66.74 -139.27 -19.14
N LEU U 480 66.02 -139.20 -18.01
CA LEU U 480 66.57 -139.47 -16.67
C LEU U 480 65.77 -140.56 -15.96
N CYS U 481 66.43 -141.68 -15.66
CA CYS U 481 65.83 -142.72 -14.81
C CYS U 481 66.32 -142.55 -13.37
N VAL U 482 65.56 -141.82 -12.57
CA VAL U 482 65.90 -141.56 -11.18
C VAL U 482 65.40 -142.68 -10.27
N ALA U 483 66.34 -143.30 -9.53
CA ALA U 483 66.00 -144.34 -8.56
C ALA U 483 65.47 -143.74 -7.26
N VAL U 484 64.42 -144.34 -6.73
CA VAL U 484 63.83 -143.90 -5.48
C VAL U 484 63.62 -145.07 -4.51
N GLY V 3 50.34 -87.88 -2.43
CA GLY V 3 51.19 -86.82 -1.82
C GLY V 3 52.28 -86.35 -2.77
N SER V 4 53.51 -86.75 -2.50
CA SER V 4 54.63 -86.51 -3.41
C SER V 4 54.92 -87.73 -4.28
N MET V 5 54.63 -87.59 -5.58
CA MET V 5 54.87 -88.61 -6.59
C MET V 5 54.99 -87.98 -7.97
N LYS V 6 55.92 -88.50 -8.77
CA LYS V 6 56.17 -88.00 -10.12
C LYS V 6 54.88 -87.86 -10.95
N ASP V 7 53.88 -88.67 -10.62
CA ASP V 7 52.57 -88.66 -11.27
C ASP V 7 51.53 -89.01 -10.20
N PRO V 8 50.85 -88.00 -9.64
CA PRO V 8 49.87 -88.24 -8.57
C PRO V 8 48.46 -88.61 -9.05
N SER V 9 48.19 -88.46 -10.35
CA SER V 9 46.91 -88.90 -10.90
C SER V 9 46.76 -90.43 -11.02
N LEU V 10 47.69 -91.17 -10.43
CA LEU V 10 47.58 -92.63 -10.29
C LEU V 10 46.83 -92.98 -9.00
N LEU V 11 46.87 -92.07 -8.05
CA LEU V 11 46.28 -92.26 -6.74
C LEU V 11 44.76 -91.99 -6.74
N ARG V 12 43.99 -92.86 -7.40
CA ARG V 12 42.54 -92.65 -7.63
C ARG V 12 41.68 -92.70 -6.36
N HIS V 13 40.56 -91.99 -6.40
CA HIS V 13 39.56 -91.96 -5.31
C HIS V 13 38.16 -92.24 -5.87
N GLN V 14 38.13 -92.84 -7.05
CA GLN V 14 36.89 -93.28 -7.67
C GLN V 14 37.07 -94.69 -8.22
N ALA V 15 35.99 -95.43 -8.31
CA ALA V 15 36.03 -96.76 -8.91
C ALA V 15 36.12 -96.65 -10.43
N TYR V 16 36.49 -97.74 -11.08
CA TYR V 16 36.56 -97.78 -12.52
C TYR V 16 35.41 -98.63 -13.03
N ILE V 17 34.38 -97.98 -13.57
CA ILE V 17 33.14 -98.66 -13.91
C ILE V 17 32.82 -98.59 -15.42
N GLY V 18 32.98 -99.72 -16.10
CA GLY V 18 32.71 -99.82 -17.53
C GLY V 18 33.46 -98.82 -18.40
N GLY V 19 34.60 -98.34 -17.90
CA GLY V 19 35.44 -97.41 -18.66
C GLY V 19 35.37 -95.97 -18.20
N GLU V 20 34.53 -95.68 -17.20
CA GLU V 20 34.42 -94.35 -16.60
C GLU V 20 34.87 -94.39 -15.15
N TRP V 21 35.45 -93.29 -14.70
CA TRP V 21 35.75 -93.11 -13.29
C TRP V 21 34.51 -92.54 -12.59
N GLN V 22 33.85 -93.40 -11.81
CA GLN V 22 32.56 -93.06 -11.20
C GLN V 22 32.61 -93.00 -9.68
N ALA V 23 31.53 -92.46 -9.10
CA ALA V 23 31.36 -92.38 -7.67
C ALA V 23 30.15 -93.23 -7.24
N ALA V 24 30.09 -93.57 -5.95
CA ALA V 24 29.02 -94.43 -5.42
C ALA V 24 27.66 -93.80 -5.66
N ASP V 25 26.71 -94.60 -6.14
CA ASP V 25 25.32 -94.18 -6.35
C ASP V 25 24.72 -93.32 -5.22
N SER V 26 25.31 -93.41 -4.04
CA SER V 26 24.82 -92.71 -2.87
C SER V 26 25.83 -91.68 -2.35
N ASP V 27 26.99 -91.62 -3.01
CA ASP V 27 28.16 -90.83 -2.57
C ASP V 27 28.73 -91.26 -1.21
N ALA V 28 28.29 -92.42 -0.72
CA ALA V 28 28.89 -93.03 0.45
C ALA V 28 30.35 -93.38 0.15
N THR V 29 31.24 -93.06 1.08
CA THR V 29 32.66 -93.38 0.93
C THR V 29 33.26 -93.85 2.25
N PHE V 30 34.37 -94.58 2.18
CA PHE V 30 35.12 -94.94 3.37
C PHE V 30 36.59 -94.53 3.29
N GLU V 31 37.19 -94.26 4.44
CA GLU V 31 38.54 -93.74 4.53
C GLU V 31 39.56 -94.88 4.49
N VAL V 32 40.73 -94.59 3.93
CA VAL V 32 41.84 -95.54 3.90
C VAL V 32 43.07 -94.97 4.62
N PHE V 33 43.59 -95.73 5.59
CA PHE V 33 44.70 -95.28 6.42
C PHE V 33 46.00 -95.99 6.03
N ASP V 34 47.14 -95.36 6.35
CA ASP V 34 48.46 -95.96 6.18
C ASP V 34 48.82 -96.72 7.46
N PRO V 35 49.09 -98.04 7.34
CA PRO V 35 49.31 -98.94 8.50
C PRO V 35 50.52 -98.59 9.36
N ALA V 36 51.45 -97.82 8.78
CA ALA V 36 52.69 -97.46 9.47
C ALA V 36 52.54 -96.25 10.39
N THR V 37 51.62 -95.35 10.07
CA THR V 37 51.45 -94.12 10.84
C THR V 37 50.00 -93.79 11.22
N GLY V 38 49.05 -94.52 10.62
CA GLY V 38 47.63 -94.27 10.85
C GLY V 38 47.10 -92.97 10.25
N GLU V 39 47.91 -92.35 9.38
CA GLU V 39 47.52 -91.09 8.75
C GLU V 39 46.66 -91.35 7.51
N SER V 40 45.74 -90.41 7.24
CA SER V 40 44.78 -90.58 6.15
C SER V 40 45.43 -90.56 4.77
N LEU V 41 45.01 -91.50 3.92
CA LEU V 41 45.47 -91.54 2.54
C LEU V 41 44.37 -91.05 1.59
N GLY V 42 43.18 -90.77 2.14
CA GLY V 42 42.03 -90.32 1.35
C GLY V 42 40.84 -91.25 1.47
N THR V 43 39.95 -91.21 0.49
CA THR V 43 38.74 -92.03 0.52
C THR V 43 38.50 -92.71 -0.82
N VAL V 44 37.69 -93.76 -0.80
CA VAL V 44 37.21 -94.41 -2.02
C VAL V 44 35.71 -94.66 -1.87
N PRO V 45 35.00 -94.86 -3.00
CA PRO V 45 33.55 -95.08 -2.94
C PRO V 45 33.13 -96.34 -2.15
N LYS V 46 31.95 -96.29 -1.56
CA LYS V 46 31.37 -97.42 -0.89
C LYS V 46 30.24 -97.93 -1.77
N MET V 47 30.59 -98.72 -2.77
CA MET V 47 29.60 -99.23 -3.71
C MET V 47 28.99 -100.56 -3.24
N GLY V 48 28.00 -101.04 -3.99
CA GLY V 48 27.25 -102.25 -3.65
C GLY V 48 26.67 -102.93 -4.87
N ALA V 49 25.42 -103.38 -4.77
CA ALA V 49 24.78 -104.17 -5.84
C ALA V 49 24.62 -103.47 -7.21
N ALA V 50 24.25 -102.19 -7.19
CA ALA V 50 23.81 -101.50 -8.41
C ALA V 50 24.96 -101.11 -9.36
N GLU V 51 26.08 -100.71 -8.78
CA GLU V 51 27.25 -100.34 -9.55
C GLU V 51 27.95 -101.60 -10.11
N THR V 52 28.09 -102.61 -9.25
CA THR V 52 28.61 -103.89 -9.68
C THR V 52 27.82 -104.43 -10.89
N ALA V 53 26.48 -104.41 -10.79
CA ALA V 53 25.63 -104.85 -11.91
C ALA V 53 25.89 -104.08 -13.21
N ARG V 54 26.07 -102.76 -13.09
CA ARG V 54 26.41 -101.89 -14.22
C ARG V 54 27.76 -102.25 -14.82
N ALA V 55 28.72 -102.63 -13.96
CA ALA V 55 30.03 -103.10 -14.42
C ALA V 55 29.90 -104.39 -15.23
N ILE V 56 29.30 -105.40 -14.61
CA ILE V 56 29.02 -106.69 -15.26
C ILE V 56 28.36 -106.50 -16.63
N GLU V 57 27.30 -105.68 -16.69
CA GLU V 57 26.62 -105.40 -17.97
C GLU V 57 27.52 -104.76 -19.03
N ALA V 58 28.46 -103.90 -18.59
CA ALA V 58 29.46 -103.29 -19.47
C ALA V 58 30.42 -104.33 -20.07
N ALA V 59 30.81 -105.30 -19.24
CA ALA V 59 31.64 -106.42 -19.70
C ALA V 59 30.92 -107.26 -20.74
N GLN V 60 29.64 -107.54 -20.49
CA GLN V 60 28.79 -108.24 -21.46
C GLN V 60 28.63 -107.46 -22.78
N ALA V 61 28.61 -106.13 -22.70
CA ALA V 61 28.52 -105.27 -23.89
C ALA V 61 29.87 -105.15 -24.64
N ALA V 62 30.98 -105.25 -23.89
CA ALA V 62 32.31 -105.18 -24.47
C ALA V 62 32.81 -106.48 -25.10
N TRP V 63 32.34 -107.62 -24.59
CA TRP V 63 32.92 -108.93 -24.93
C TRP V 63 33.05 -109.22 -26.43
N ALA V 64 32.01 -108.92 -27.21
CA ALA V 64 32.02 -109.21 -28.65
C ALA V 64 33.15 -108.49 -29.41
N GLY V 65 33.41 -107.24 -29.01
CA GLY V 65 34.54 -106.48 -29.54
C GLY V 65 35.87 -107.12 -29.17
N TRP V 66 36.11 -107.26 -27.86
CA TRP V 66 37.37 -107.82 -27.32
C TRP V 66 37.74 -109.21 -27.86
N ARG V 67 36.72 -110.06 -28.04
CA ARG V 67 36.94 -111.42 -28.55
C ARG V 67 37.08 -111.45 -30.08
N MET V 68 36.69 -110.37 -30.75
CA MET V 68 36.85 -110.22 -32.20
C MET V 68 38.30 -109.90 -32.57
N LYS V 69 39.00 -109.23 -31.65
CA LYS V 69 40.44 -109.01 -31.76
C LYS V 69 41.20 -110.34 -31.80
N THR V 70 42.26 -110.40 -32.60
CA THR V 70 43.09 -111.60 -32.64
C THR V 70 43.98 -111.67 -31.39
N ALA V 71 44.48 -112.88 -31.11
CA ALA V 71 45.44 -113.11 -30.02
C ALA V 71 46.60 -112.10 -30.05
N LYS V 72 47.27 -112.02 -31.20
CA LYS V 72 48.32 -111.03 -31.48
C LYS V 72 47.85 -109.62 -31.10
N GLU V 73 46.66 -109.28 -31.59
CA GLU V 73 46.05 -107.96 -31.43
C GLU V 73 45.72 -107.66 -29.96
N ARG V 74 45.34 -108.68 -29.20
CA ARG V 74 45.13 -108.56 -27.76
C ARG V 74 46.45 -108.49 -26.99
N ALA V 75 47.45 -109.21 -27.48
CA ALA V 75 48.80 -109.21 -26.88
C ALA V 75 49.43 -107.84 -26.93
N ALA V 76 49.23 -107.14 -28.05
CA ALA V 76 49.80 -105.81 -28.30
C ALA V 76 49.33 -104.78 -27.29
N ILE V 77 48.06 -104.89 -26.88
CA ILE V 77 47.45 -103.98 -25.90
C ILE V 77 47.97 -104.30 -24.51
N LEU V 78 48.00 -105.58 -24.18
CA LEU V 78 48.53 -106.06 -22.90
C LEU V 78 50.02 -105.77 -22.76
N ARG V 79 50.76 -105.96 -23.86
CA ARG V 79 52.20 -105.65 -23.93
C ARG V 79 52.49 -104.17 -23.66
N ARG V 80 51.59 -103.28 -24.09
CA ARG V 80 51.73 -101.86 -23.77
C ARG V 80 51.36 -101.57 -22.32
N TRP V 81 50.42 -102.35 -21.78
CA TRP V 81 50.04 -102.23 -20.37
C TRP V 81 51.23 -102.63 -19.51
N PHE V 82 51.86 -103.75 -19.87
CA PHE V 82 53.13 -104.19 -19.31
C PHE V 82 54.16 -103.05 -19.33
N ASP V 83 54.41 -102.51 -20.53
CA ASP V 83 55.36 -101.40 -20.73
C ASP V 83 55.14 -100.27 -19.72
N LEU V 84 53.88 -99.88 -19.55
CA LEU V 84 53.53 -98.80 -18.63
C LEU V 84 53.79 -99.14 -17.16
N VAL V 85 53.50 -100.39 -16.77
CA VAL V 85 53.74 -100.83 -15.38
C VAL V 85 55.24 -100.82 -15.07
N ILE V 86 56.05 -101.22 -16.06
CA ILE V 86 57.51 -101.12 -16.00
C ILE V 86 57.94 -99.64 -15.91
N ALA V 87 57.47 -98.83 -16.85
CA ALA V 87 57.78 -97.40 -16.88
C ALA V 87 57.40 -96.68 -15.58
N ASN V 88 56.23 -97.01 -15.04
CA ASN V 88 55.70 -96.37 -13.82
C ASN V 88 55.88 -97.19 -12.54
N SER V 89 56.85 -98.10 -12.56
CA SER V 89 57.14 -99.01 -11.44
C SER V 89 57.49 -98.33 -10.12
N ASP V 90 58.11 -97.15 -10.18
CA ASP V 90 58.52 -96.40 -8.99
C ASP V 90 57.34 -95.77 -8.22
N ASP V 91 56.40 -95.25 -8.98
CA ASP V 91 55.20 -94.64 -8.40
C ASP V 91 54.26 -95.70 -7.81
N LEU V 92 54.03 -96.77 -8.56
CA LEU V 92 53.13 -97.84 -8.09
C LEU V 92 53.64 -98.49 -6.80
N ALA V 93 54.95 -98.64 -6.71
CA ALA V 93 55.61 -99.18 -5.51
C ALA V 93 55.41 -98.31 -4.27
N LEU V 94 55.42 -96.99 -4.47
CA LEU V 94 55.27 -96.07 -3.36
C LEU V 94 53.83 -96.02 -2.84
N ILE V 95 52.88 -96.13 -3.76
CA ILE V 95 51.46 -96.24 -3.41
C ILE V 95 51.26 -97.50 -2.57
N LEU V 96 51.82 -98.60 -3.06
CA LEU V 96 51.70 -99.92 -2.43
C LEU V 96 52.31 -99.97 -1.02
N THR V 97 53.56 -99.51 -0.89
CA THR V 97 54.23 -99.45 0.40
C THR V 97 53.38 -98.68 1.40
N THR V 98 52.74 -97.61 0.93
CA THR V 98 52.02 -96.66 1.77
C THR V 98 50.70 -97.22 2.31
N GLU V 99 49.91 -97.86 1.45
CA GLU V 99 48.63 -98.43 1.85
C GLU V 99 48.75 -99.83 2.50
N GLN V 100 49.91 -100.47 2.33
CA GLN V 100 50.06 -101.90 2.67
C GLN V 100 51.09 -102.23 3.76
N GLY V 101 52.16 -101.45 3.84
CA GLY V 101 53.15 -101.60 4.92
C GLY V 101 54.55 -102.08 4.57
N LYS V 102 54.63 -103.02 3.61
CA LYS V 102 55.90 -103.66 3.25
C LYS V 102 56.91 -102.67 2.69
N PRO V 103 58.21 -102.82 3.05
CA PRO V 103 59.33 -102.00 2.54
C PRO V 103 59.36 -101.84 1.02
N LEU V 104 59.90 -100.71 0.55
CA LEU V 104 59.90 -100.37 -0.89
C LEU V 104 60.52 -101.41 -1.81
N ALA V 105 61.62 -102.01 -1.36
CA ALA V 105 62.28 -103.07 -2.10
C ALA V 105 61.31 -104.24 -2.36
N GLU V 106 60.51 -104.59 -1.34
CA GLU V 106 59.49 -105.63 -1.49
C GLU V 106 58.44 -105.18 -2.50
N ALA V 107 57.95 -103.95 -2.32
CA ALA V 107 56.96 -103.39 -3.23
C ALA V 107 57.45 -103.39 -4.68
N LYS V 108 58.68 -102.90 -4.89
CA LYS V 108 59.28 -102.90 -6.22
C LYS V 108 59.37 -104.32 -6.81
N GLY V 109 59.61 -105.28 -5.92
CA GLY V 109 59.64 -106.69 -6.27
C GLY V 109 58.28 -107.17 -6.74
N GLU V 110 57.22 -106.72 -6.06
CA GLU V 110 55.86 -107.06 -6.50
C GLU V 110 55.55 -106.48 -7.88
N ILE V 111 55.95 -105.23 -8.10
CA ILE V 111 55.68 -104.58 -9.38
C ILE V 111 56.22 -105.41 -10.53
N ALA V 112 57.52 -105.71 -10.50
CA ALA V 112 58.14 -106.52 -11.55
C ALA V 112 57.43 -107.88 -11.65
N TYR V 113 57.17 -108.47 -10.48
CA TYR V 113 56.42 -109.72 -10.36
C TYR V 113 55.07 -109.60 -11.06
N ALA V 114 54.37 -108.50 -10.81
CA ALA V 114 53.07 -108.25 -11.44
C ALA V 114 53.22 -108.03 -12.94
N ALA V 115 54.27 -107.32 -13.35
CA ALA V 115 54.50 -107.01 -14.76
C ALA V 115 54.76 -108.26 -15.57
N SER V 116 55.55 -109.16 -15.00
CA SER V 116 55.91 -110.41 -15.64
C SER V 116 54.67 -111.25 -15.95
N PHE V 117 53.73 -111.26 -15.00
CA PHE V 117 52.44 -111.94 -15.19
C PHE V 117 51.71 -111.43 -16.43
N ILE V 118 51.73 -110.12 -16.64
CA ILE V 118 51.11 -109.53 -17.83
C ILE V 118 51.87 -109.92 -19.10
N GLU V 119 53.18 -109.69 -19.13
CA GLU V 119 54.03 -110.11 -20.26
C GLU V 119 53.71 -111.56 -20.63
N TRP V 120 53.83 -112.43 -19.63
CA TRP V 120 53.61 -113.86 -19.77
C TRP V 120 52.28 -114.21 -20.44
N PHE V 121 51.19 -113.65 -19.93
CA PHE V 121 49.86 -113.98 -20.46
C PHE V 121 49.54 -113.40 -21.84
N ALA V 122 50.15 -112.27 -22.18
CA ALA V 122 50.08 -111.75 -23.54
C ALA V 122 50.69 -112.76 -24.52
N GLU V 123 51.69 -113.50 -24.04
CA GLU V 123 52.33 -114.50 -24.86
C GLU V 123 51.49 -115.78 -24.92
N GLU V 124 50.76 -116.04 -23.84
CA GLU V 124 49.95 -117.25 -23.72
C GLU V 124 48.67 -117.23 -24.56
N GLY V 125 48.06 -116.06 -24.70
CA GLY V 125 46.81 -115.94 -25.45
C GLY V 125 46.89 -116.42 -26.90
N LYS V 126 48.11 -116.42 -27.45
CA LYS V 126 48.34 -116.89 -28.82
C LYS V 126 48.80 -118.33 -28.85
N ARG V 127 48.60 -119.02 -27.72
CA ARG V 127 49.06 -120.40 -27.52
C ARG V 127 47.95 -121.35 -27.09
N VAL V 128 46.81 -120.79 -26.70
CA VAL V 128 45.58 -121.53 -26.40
C VAL V 128 45.26 -122.47 -27.56
N ALA V 129 45.32 -123.77 -27.31
CA ALA V 129 45.20 -124.75 -28.40
C ALA V 129 44.23 -125.88 -28.09
N GLY V 130 43.33 -126.12 -29.05
CA GLY V 130 42.55 -127.35 -29.10
C GLY V 130 43.37 -128.30 -29.93
N ASP V 131 42.79 -129.44 -30.30
CA ASP V 131 43.53 -130.43 -31.09
C ASP V 131 42.66 -131.18 -32.10
N THR V 132 43.30 -131.95 -32.98
CA THR V 132 42.62 -132.84 -33.90
C THR V 132 42.97 -134.30 -33.57
N LEU V 133 41.98 -135.02 -33.05
CA LEU V 133 42.20 -136.36 -32.52
C LEU V 133 41.84 -137.44 -33.55
N PRO V 134 42.47 -138.63 -33.45
CA PRO V 134 42.17 -139.72 -34.38
C PRO V 134 40.82 -140.38 -34.08
N THR V 135 40.09 -140.67 -35.14
CA THR V 135 38.67 -141.02 -35.06
C THR V 135 38.40 -142.51 -34.83
N PRO V 136 37.37 -142.84 -34.01
CA PRO V 136 36.92 -144.24 -33.89
C PRO V 136 35.81 -144.62 -34.90
N ASP V 137 35.38 -143.68 -35.72
CA ASP V 137 34.49 -143.96 -36.86
C ASP V 137 35.06 -143.34 -38.14
N ALA V 138 35.24 -144.16 -39.17
CA ALA V 138 35.87 -143.74 -40.43
C ALA V 138 35.08 -142.61 -41.12
N ASN V 139 33.77 -142.56 -40.83
CA ASN V 139 32.87 -141.58 -41.41
C ASN V 139 32.91 -140.21 -40.73
N LYS V 140 33.80 -140.04 -39.74
CA LYS V 140 33.79 -138.84 -38.88
C LYS V 140 35.18 -138.29 -38.53
N ARG V 141 35.22 -137.00 -38.22
CA ARG V 141 36.49 -136.29 -38.11
C ARG V 141 36.54 -135.30 -36.93
N ILE V 142 36.86 -135.84 -35.76
CA ILE V 142 37.00 -135.09 -34.50
C ILE V 142 37.95 -133.89 -34.61
N VAL V 143 37.39 -132.69 -34.43
CA VAL V 143 38.18 -131.48 -34.27
C VAL V 143 37.74 -130.82 -32.99
N VAL V 144 38.69 -130.45 -32.13
CA VAL V 144 38.40 -129.81 -30.86
C VAL V 144 38.98 -128.39 -30.83
N VAL V 145 38.11 -127.40 -30.59
CA VAL V 145 38.51 -125.99 -30.53
C VAL V 145 38.27 -125.35 -29.16
N LYS V 146 38.94 -124.22 -28.93
CA LYS V 146 38.88 -123.50 -27.65
C LYS V 146 38.42 -122.05 -27.84
N GLU V 147 37.57 -121.60 -26.92
CA GLU V 147 36.96 -120.28 -27.02
C GLU V 147 36.81 -119.63 -25.64
N PRO V 148 36.80 -118.28 -25.58
CA PRO V 148 36.59 -117.56 -24.32
C PRO V 148 35.30 -117.99 -23.60
N ILE V 149 35.34 -118.03 -22.25
CA ILE V 149 34.17 -118.47 -21.48
C ILE V 149 33.08 -117.42 -21.41
N GLY V 150 33.46 -116.18 -21.11
CA GLY V 150 32.50 -115.09 -20.96
C GLY V 150 32.95 -114.11 -19.90
N VAL V 151 31.97 -113.39 -19.34
CA VAL V 151 32.26 -112.39 -18.32
C VAL V 151 32.89 -113.08 -17.13
N CYS V 152 34.07 -112.61 -16.74
CA CYS V 152 34.78 -113.16 -15.61
C CYS V 152 34.64 -112.20 -14.45
N ALA V 153 35.03 -112.64 -13.27
CA ALA V 153 35.13 -111.78 -12.09
C ALA V 153 36.23 -112.29 -11.18
N ALA V 154 36.75 -111.42 -10.33
CA ALA V 154 37.89 -111.73 -9.47
C ALA V 154 37.90 -110.88 -8.21
N ILE V 155 37.95 -111.55 -7.06
CA ILE V 155 38.05 -110.88 -5.77
C ILE V 155 39.45 -111.08 -5.21
N THR V 156 40.13 -109.98 -4.89
CA THR V 156 41.53 -110.04 -4.51
C THR V 156 41.76 -109.60 -3.07
N PRO V 157 42.86 -110.08 -2.46
CA PRO V 157 43.16 -109.73 -1.08
C PRO V 157 44.13 -108.56 -1.02
N TRP V 158 44.66 -108.34 0.17
CA TRP V 158 45.48 -107.18 0.43
C TRP V 158 46.95 -107.53 0.55
N ASN V 159 47.29 -108.82 0.61
CA ASN V 159 48.68 -109.21 0.80
C ASN V 159 49.58 -108.82 -0.37
N PHE V 160 49.03 -108.94 -1.58
CA PHE V 160 49.68 -108.42 -2.77
C PHE V 160 48.68 -107.57 -3.57
N PRO V 161 48.54 -106.30 -3.18
CA PRO V 161 47.57 -105.36 -3.79
C PRO V 161 47.59 -105.31 -5.32
N ALA V 162 48.78 -105.40 -5.91
CA ALA V 162 48.93 -105.30 -7.36
C ALA V 162 49.14 -106.65 -8.04
N ALA V 163 50.03 -107.47 -7.48
CA ALA V 163 50.35 -108.78 -8.06
C ALA V 163 49.11 -109.60 -8.35
N MET V 164 48.19 -109.62 -7.38
CA MET V 164 46.93 -110.35 -7.48
C MET V 164 46.05 -109.90 -8.63
N ILE V 165 46.00 -108.58 -8.85
CA ILE V 165 45.21 -108.02 -9.93
C ILE V 165 45.85 -108.46 -11.25
N ALA V 166 47.15 -108.25 -11.38
CA ALA V 166 47.89 -108.73 -12.55
C ALA V 166 47.64 -110.22 -12.77
N ARG V 167 47.55 -110.96 -11.65
CA ARG V 167 47.45 -112.42 -11.65
C ARG V 167 46.14 -112.93 -12.22
N LYS V 168 45.13 -112.07 -12.27
CA LYS V 168 43.79 -112.50 -12.65
C LYS V 168 43.26 -111.79 -13.88
N VAL V 169 43.63 -110.53 -14.04
CA VAL V 169 43.22 -109.74 -15.20
C VAL V 169 43.93 -110.26 -16.47
N GLY V 170 45.26 -110.34 -16.38
CA GLY V 170 46.10 -110.84 -17.47
C GLY V 170 45.50 -112.01 -18.25
N PRO V 171 45.32 -113.17 -17.60
CA PRO V 171 44.83 -114.37 -18.26
C PRO V 171 43.40 -114.22 -18.80
N ALA V 172 42.55 -113.52 -18.03
CA ALA V 172 41.16 -113.27 -18.41
C ALA V 172 41.09 -112.54 -19.74
N LEU V 173 41.78 -111.41 -19.84
CA LEU V 173 41.86 -110.63 -21.07
C LEU V 173 42.58 -111.39 -22.18
N ALA V 174 43.69 -112.04 -21.83
CA ALA V 174 44.48 -112.76 -22.82
C ALA V 174 43.63 -113.77 -23.58
N ALA V 175 42.78 -114.49 -22.84
CA ALA V 175 41.94 -115.56 -23.41
C ALA V 175 40.65 -115.07 -24.08
N GLY V 176 40.46 -113.74 -24.12
CA GLY V 176 39.29 -113.14 -24.78
C GLY V 176 38.10 -112.87 -23.87
N CYS V 177 38.38 -112.55 -22.62
CA CYS V 177 37.34 -112.30 -21.63
C CYS V 177 37.44 -110.91 -21.01
N PRO V 178 36.27 -110.25 -20.81
CA PRO V 178 36.16 -109.09 -19.94
C PRO V 178 36.13 -109.56 -18.49
N ILE V 179 36.54 -108.68 -17.57
CA ILE V 179 36.64 -109.03 -16.15
C ILE V 179 36.17 -107.89 -15.25
N VAL V 180 35.55 -108.23 -14.13
CA VAL V 180 35.16 -107.23 -13.12
C VAL V 180 35.85 -107.54 -11.80
N VAL V 181 36.70 -106.64 -11.32
CA VAL V 181 37.52 -106.91 -10.14
C VAL V 181 37.05 -106.13 -8.92
N LYS V 182 37.08 -106.78 -7.75
CA LYS V 182 36.92 -106.10 -6.46
C LYS V 182 38.19 -106.26 -5.66
N PRO V 183 38.99 -105.18 -5.53
CA PRO V 183 40.19 -105.18 -4.69
C PRO V 183 39.81 -105.33 -3.23
N ALA V 184 40.80 -105.37 -2.34
CA ALA V 184 40.53 -105.44 -0.92
C ALA V 184 40.34 -104.04 -0.33
N GLU V 185 39.28 -103.89 0.47
CA GLU V 185 38.97 -102.61 1.12
C GLU V 185 40.17 -101.95 1.80
N SER V 186 41.20 -102.74 2.04
CA SER V 186 42.33 -102.33 2.84
C SER V 186 43.40 -101.72 1.96
N THR V 187 43.49 -102.20 0.72
CA THR V 187 44.51 -101.71 -0.22
C THR V 187 43.87 -101.46 -1.60
N PRO V 188 43.04 -100.40 -1.71
CA PRO V 188 42.30 -100.16 -2.95
C PRO V 188 43.13 -99.47 -4.04
N PHE V 189 44.06 -98.61 -3.63
CA PHE V 189 44.76 -97.72 -4.55
C PHE V 189 45.56 -98.41 -5.64
N SER V 190 46.22 -99.50 -5.28
CA SER V 190 47.06 -100.23 -6.22
C SER V 190 46.25 -100.81 -7.36
N ALA V 191 45.07 -101.32 -7.03
CA ALA V 191 44.19 -101.96 -8.01
C ALA V 191 43.71 -100.98 -9.07
N LEU V 192 43.62 -99.72 -8.68
CA LEU V 192 43.10 -98.65 -9.52
C LEU V 192 44.22 -97.98 -10.29
N ALA V 193 45.39 -97.89 -9.67
CA ALA V 193 46.54 -97.27 -10.29
C ALA V 193 46.80 -97.97 -11.62
N MET V 194 46.73 -99.29 -11.61
CA MET V 194 47.01 -100.11 -12.78
C MET V 194 45.84 -100.11 -13.76
N ALA V 195 44.63 -99.88 -13.24
CA ALA V 195 43.43 -99.71 -14.06
C ALA V 195 43.57 -98.45 -14.91
N PHE V 196 44.04 -97.37 -14.29
CA PHE V 196 44.31 -96.11 -14.98
C PHE V 196 45.31 -96.34 -16.10
N LEU V 197 46.32 -97.15 -15.80
CA LEU V 197 47.36 -97.49 -16.77
C LEU V 197 46.81 -98.39 -17.88
N ALA V 198 45.85 -99.24 -17.56
CA ALA V 198 45.25 -100.13 -18.54
C ALA V 198 44.40 -99.35 -19.56
N GLU V 199 43.77 -98.27 -19.09
CA GLU V 199 43.09 -97.31 -19.95
C GLU V 199 44.12 -96.61 -20.83
N ARG V 200 45.26 -96.25 -20.23
CA ARG V 200 46.33 -95.57 -20.96
C ARG V 200 46.84 -96.42 -22.12
N ALA V 201 46.92 -97.72 -21.89
CA ALA V 201 47.38 -98.66 -22.90
C ALA V 201 46.29 -98.96 -23.93
N GLY V 202 45.07 -98.49 -23.65
CA GLY V 202 43.97 -98.59 -24.60
C GLY V 202 43.15 -99.87 -24.53
N VAL V 203 42.96 -100.40 -23.32
CA VAL V 203 42.06 -101.51 -23.07
C VAL V 203 40.63 -100.98 -23.19
N PRO V 204 39.86 -101.50 -24.17
CA PRO V 204 38.50 -101.04 -24.49
C PRO V 204 37.57 -100.84 -23.29
N LYS V 205 36.74 -99.81 -23.37
CA LYS V 205 35.75 -99.47 -22.37
C LYS V 205 34.78 -100.64 -22.17
N GLY V 206 34.65 -101.06 -20.91
CA GLY V 206 33.83 -102.22 -20.56
C GLY V 206 34.59 -103.51 -20.25
N VAL V 207 35.78 -103.66 -20.84
CA VAL V 207 36.58 -104.88 -20.71
C VAL V 207 37.14 -105.07 -19.30
N LEU V 208 37.65 -104.00 -18.72
CA LEU V 208 38.11 -104.03 -17.34
C LEU V 208 37.28 -103.09 -16.48
N SER V 209 36.84 -103.61 -15.33
CA SER V 209 36.11 -102.81 -14.34
C SER V 209 36.71 -103.11 -12.97
N VAL V 210 36.85 -102.08 -12.13
CA VAL V 210 37.33 -102.23 -10.77
C VAL V 210 36.35 -101.59 -9.77
N VAL V 211 35.56 -102.44 -9.11
CA VAL V 211 34.50 -102.03 -8.19
C VAL V 211 35.06 -101.98 -6.78
N ILE V 212 34.65 -100.98 -6.00
CA ILE V 212 35.12 -100.82 -4.62
C ILE V 212 33.96 -100.52 -3.69
N GLY V 213 34.00 -101.12 -2.49
CA GLY V 213 33.00 -100.82 -1.48
C GLY V 213 32.72 -101.94 -0.52
N ASP V 214 31.43 -102.17 -0.28
CA ASP V 214 30.95 -103.19 0.64
C ASP V 214 31.29 -104.56 0.04
N PRO V 215 32.27 -105.27 0.65
CA PRO V 215 32.67 -106.60 0.18
C PRO V 215 31.51 -107.62 0.11
N LYS V 216 30.68 -107.65 1.15
CA LYS V 216 29.51 -108.53 1.17
C LYS V 216 28.53 -108.25 0.02
N ALA V 217 28.20 -106.97 -0.18
CA ALA V 217 27.21 -106.58 -1.20
C ALA V 217 27.67 -106.79 -2.64
N ILE V 218 28.92 -106.40 -2.94
CA ILE V 218 29.50 -106.63 -4.28
C ILE V 218 29.55 -108.13 -4.56
N GLY V 219 30.09 -108.88 -3.60
CA GLY V 219 30.16 -110.34 -3.63
C GLY V 219 28.85 -111.04 -3.93
N THR V 220 27.78 -110.65 -3.22
CA THR V 220 26.45 -111.23 -3.44
C THR V 220 26.01 -110.99 -4.88
N GLU V 221 26.33 -109.80 -5.41
CA GLU V 221 26.01 -109.42 -6.79
C GLU V 221 26.84 -110.22 -7.82
N ILE V 222 28.14 -110.29 -7.60
CA ILE V 222 29.03 -111.07 -8.45
C ILE V 222 28.56 -112.53 -8.56
N THR V 223 28.18 -113.11 -7.43
CA THR V 223 27.86 -114.55 -7.36
C THR V 223 26.47 -114.88 -7.88
N SER V 224 25.49 -114.01 -7.62
CA SER V 224 24.14 -114.26 -8.10
C SER V 224 23.87 -113.77 -9.53
N ASN V 225 24.69 -112.87 -10.06
CA ASN V 225 24.51 -112.36 -11.43
C ASN V 225 24.83 -113.42 -12.49
N PRO V 226 23.79 -113.89 -13.23
CA PRO V 226 23.93 -114.97 -14.21
C PRO V 226 24.87 -114.67 -15.38
N ILE V 227 25.37 -113.44 -15.45
CA ILE V 227 26.25 -113.06 -16.54
C ILE V 227 27.70 -113.47 -16.22
N VAL V 228 28.10 -113.28 -14.97
CA VAL V 228 29.41 -113.74 -14.50
C VAL V 228 29.46 -115.27 -14.59
N ARG V 229 30.29 -115.77 -15.51
CA ARG V 229 30.34 -117.20 -15.84
C ARG V 229 31.51 -117.92 -15.16
N LYS V 230 32.48 -117.13 -14.70
CA LYS V 230 33.68 -117.63 -14.06
C LYS V 230 34.17 -116.63 -13.03
N LEU V 231 34.29 -117.08 -11.79
CA LEU V 231 34.76 -116.24 -10.69
C LEU V 231 36.10 -116.76 -10.19
N SER V 232 36.93 -115.86 -9.69
CA SER V 232 38.22 -116.22 -9.13
C SER V 232 38.50 -115.47 -7.85
N PHE V 233 38.66 -116.20 -6.74
CA PHE V 233 38.85 -115.60 -5.42
C PHE V 233 40.19 -115.98 -4.79
N THR V 234 40.74 -115.06 -3.98
CA THR V 234 41.95 -115.29 -3.19
C THR V 234 41.78 -114.62 -1.82
N GLY V 235 41.51 -115.41 -0.79
CA GLY V 235 41.31 -114.87 0.56
C GLY V 235 41.18 -115.98 1.59
N SER V 236 40.34 -115.76 2.59
CA SER V 236 40.17 -116.75 3.67
C SER V 236 39.35 -117.95 3.20
N THR V 237 39.62 -119.09 3.81
CA THR V 237 38.91 -120.34 3.51
C THR V 237 37.41 -120.22 3.82
N ALA V 238 37.09 -119.51 4.89
CA ALA V 238 35.70 -119.28 5.32
C ALA V 238 34.86 -118.52 4.29
N VAL V 239 35.48 -117.53 3.62
CA VAL V 239 34.79 -116.69 2.65
C VAL V 239 34.68 -117.42 1.31
N GLY V 240 35.77 -118.06 0.89
CA GLY V 240 35.76 -118.86 -0.32
C GLY V 240 34.65 -119.89 -0.26
N ARG V 241 34.52 -120.52 0.91
CA ARG V 241 33.46 -121.48 1.17
C ARG V 241 32.11 -120.89 0.83
N LEU V 242 31.88 -119.64 1.23
CA LEU V 242 30.58 -119.00 1.01
C LEU V 242 30.36 -118.63 -0.45
N LEU V 243 31.38 -118.05 -1.07
CA LEU V 243 31.32 -117.68 -2.50
C LEU V 243 30.92 -118.85 -3.38
N MET V 244 31.45 -120.05 -3.07
CA MET V 244 31.11 -121.27 -3.78
C MET V 244 29.65 -121.66 -3.61
N ALA V 245 29.16 -121.55 -2.37
CA ALA V 245 27.74 -121.78 -2.11
C ALA V 245 26.89 -120.78 -2.92
N GLN V 246 27.30 -119.51 -2.90
CA GLN V 246 26.58 -118.44 -3.60
C GLN V 246 26.61 -118.58 -5.13
N SER V 247 27.74 -119.03 -5.68
CA SER V 247 27.90 -119.26 -7.13
C SER V 247 27.12 -120.48 -7.63
N ALA V 248 26.71 -121.35 -6.71
CA ALA V 248 26.01 -122.59 -7.04
C ALA V 248 24.75 -122.46 -7.93
N PRO V 249 23.86 -121.49 -7.65
CA PRO V 249 22.65 -121.51 -8.47
C PRO V 249 22.93 -121.25 -9.95
N THR V 250 23.97 -120.50 -10.27
CA THR V 250 24.37 -120.28 -11.66
C THR V 250 25.49 -121.21 -12.10
N VAL V 251 25.97 -122.00 -11.12
CA VAL V 251 26.90 -123.13 -11.36
C VAL V 251 28.19 -122.70 -12.07
N LYS V 252 28.79 -121.62 -11.57
CA LYS V 252 29.94 -120.98 -12.22
C LYS V 252 31.22 -121.80 -12.12
N LYS V 253 32.20 -121.47 -12.95
CA LYS V 253 33.57 -121.99 -12.82
C LYS V 253 34.30 -121.13 -11.81
N LEU V 254 35.08 -121.78 -10.93
CA LEU V 254 35.68 -121.12 -9.77
C LEU V 254 37.17 -121.42 -9.61
N THR V 255 37.93 -120.40 -9.27
CA THR V 255 39.31 -120.54 -8.86
C THR V 255 39.43 -120.00 -7.44
N LEU V 256 39.72 -120.90 -6.51
CA LEU V 256 39.82 -120.54 -5.11
C LEU V 256 41.25 -120.67 -4.64
N GLU V 257 41.82 -119.54 -4.19
CA GLU V 257 43.15 -119.53 -3.60
C GLU V 257 42.98 -119.25 -2.11
N LEU V 258 42.75 -120.32 -1.34
CA LEU V 258 42.36 -120.14 0.06
C LEU V 258 43.54 -120.23 1.05
N GLY V 259 43.22 -120.57 2.30
CA GLY V 259 44.22 -120.65 3.36
C GLY V 259 45.25 -121.75 3.17
N GLY V 260 46.31 -121.68 3.96
CA GLY V 260 47.35 -122.70 4.00
C GLY V 260 47.77 -122.93 5.44
N ASN V 261 48.90 -123.62 5.61
CA ASN V 261 49.55 -123.79 6.91
C ASN V 261 50.93 -124.39 6.69
N ALA V 262 51.72 -123.71 5.87
CA ALA V 262 53.03 -124.19 5.45
C ALA V 262 53.89 -124.74 6.59
N PRO V 263 54.45 -125.94 6.40
CA PRO V 263 55.55 -126.44 7.20
C PRO V 263 56.89 -126.18 6.50
N PHE V 264 57.88 -125.74 7.26
CA PHE V 264 59.23 -125.55 6.74
C PHE V 264 60.14 -126.63 7.36
N ILE V 265 60.44 -127.65 6.56
CA ILE V 265 61.07 -128.85 7.08
C ILE V 265 62.60 -128.81 6.98
N VAL V 266 63.25 -128.88 8.14
CA VAL V 266 64.70 -128.85 8.25
C VAL V 266 65.22 -130.22 8.75
N PHE V 267 65.76 -130.99 7.79
CA PHE V 267 66.16 -132.37 8.06
C PHE V 267 67.58 -132.50 8.60
N ASP V 268 67.82 -133.63 9.25
CA ASP V 268 69.13 -134.12 9.66
C ASP V 268 70.31 -133.65 8.80
N ASP V 269 70.27 -133.97 7.50
CA ASP V 269 71.42 -133.73 6.60
C ASP V 269 71.29 -132.47 5.73
N ALA V 270 70.45 -131.52 6.18
CA ALA V 270 70.27 -130.27 5.45
C ALA V 270 71.38 -129.27 5.79
N ASP V 271 71.80 -128.51 4.78
CA ASP V 271 72.65 -127.34 4.97
C ASP V 271 71.93 -126.37 5.92
N LEU V 272 72.48 -126.15 7.12
CA LEU V 272 71.79 -125.36 8.15
C LEU V 272 71.75 -123.88 7.82
N ASP V 273 72.84 -123.39 7.21
CA ASP V 273 72.94 -121.99 6.79
C ASP V 273 71.94 -121.68 5.69
N ALA V 274 71.89 -122.54 4.67
CA ALA V 274 70.98 -122.39 3.53
C ALA V 274 69.51 -122.45 3.93
N ALA V 275 69.21 -123.23 4.97
CA ALA V 275 67.85 -123.36 5.49
C ALA V 275 67.44 -122.12 6.29
N VAL V 276 68.37 -121.55 7.05
CA VAL V 276 68.13 -120.31 7.80
C VAL V 276 67.83 -119.16 6.83
N GLU V 277 68.62 -119.06 5.76
CA GLU V 277 68.41 -118.07 4.70
C GLU V 277 67.02 -118.21 4.06
N GLY V 278 66.66 -119.44 3.67
CA GLY V 278 65.33 -119.74 3.14
C GLY V 278 64.19 -119.69 4.16
N ALA V 279 64.54 -119.73 5.45
CA ALA V 279 63.57 -119.58 6.53
C ALA V 279 63.17 -118.12 6.68
N ILE V 280 64.17 -117.24 6.59
CA ILE V 280 63.97 -115.78 6.52
C ILE V 280 63.02 -115.44 5.37
N ALA V 281 63.46 -115.75 4.15
CA ALA V 281 62.70 -115.46 2.92
C ALA V 281 61.23 -115.88 2.96
N SER V 282 60.93 -116.98 3.65
CA SER V 282 59.59 -117.56 3.66
C SER V 282 58.80 -117.30 4.95
N LYS V 283 59.45 -116.69 5.94
CA LYS V 283 58.77 -116.30 7.18
C LYS V 283 58.74 -114.78 7.41
N TYR V 284 59.62 -114.04 6.73
CA TYR V 284 59.76 -112.61 6.96
C TYR V 284 59.80 -111.76 5.68
N ARG V 285 59.20 -112.28 4.61
CA ARG V 285 58.78 -111.45 3.50
C ARG V 285 57.36 -111.00 3.84
N ASN V 286 57.06 -109.72 3.62
CA ASN V 286 55.74 -109.11 3.88
C ASN V 286 55.32 -109.23 5.35
N ASN V 287 56.31 -109.11 6.22
CA ASN V 287 56.16 -109.36 7.66
C ASN V 287 55.52 -110.73 7.92
N GLY V 288 55.64 -111.62 6.93
CA GLY V 288 55.09 -112.97 7.01
C GLY V 288 53.62 -113.09 6.68
N GLN V 289 53.08 -112.13 5.91
CA GLN V 289 51.64 -112.06 5.64
C GLN V 289 51.22 -112.57 4.26
N THR V 290 52.12 -113.27 3.57
CA THR V 290 51.79 -113.86 2.25
C THR V 290 50.98 -115.16 2.44
N CYS V 291 50.19 -115.53 1.43
CA CYS V 291 49.40 -116.76 1.48
C CYS V 291 50.26 -118.01 1.68
N VAL V 292 51.48 -117.98 1.13
CA VAL V 292 52.42 -119.11 1.21
C VAL V 292 53.42 -119.02 2.37
N CYS V 293 53.34 -117.96 3.18
CA CYS V 293 54.33 -117.78 4.23
C CYS V 293 54.34 -118.95 5.20
N THR V 294 55.54 -119.42 5.49
CA THR V 294 55.76 -120.49 6.47
C THR V 294 54.99 -120.20 7.75
N ASN V 295 54.17 -121.18 8.17
CA ASN V 295 53.40 -121.08 9.40
C ASN V 295 53.94 -122.00 10.50
N ARG V 296 54.64 -123.07 10.10
CA ARG V 296 55.14 -124.09 11.04
C ARG V 296 56.54 -124.59 10.69
N PHE V 297 57.48 -124.44 11.63
CA PHE V 297 58.84 -124.96 11.43
C PHE V 297 59.01 -126.33 12.04
N PHE V 298 59.38 -127.30 11.19
CA PHE V 298 59.69 -128.65 11.64
C PHE V 298 61.18 -128.94 11.49
N VAL V 299 61.89 -128.93 12.63
CA VAL V 299 63.33 -129.14 12.66
C VAL V 299 63.66 -130.50 13.29
N HIS V 300 64.62 -131.23 12.71
CA HIS V 300 65.00 -132.57 13.18
C HIS V 300 65.48 -132.61 14.64
N GLU V 301 65.27 -133.76 15.28
CA GLU V 301 65.81 -134.14 16.57
C GLU V 301 67.21 -133.57 16.85
N ARG V 302 68.18 -134.02 16.05
CA ARG V 302 69.61 -133.72 16.25
C ARG V 302 69.97 -132.25 16.03
N VAL V 303 69.50 -131.67 14.92
CA VAL V 303 69.90 -130.33 14.48
C VAL V 303 69.01 -129.21 15.04
N TYR V 304 68.11 -129.55 15.96
CA TYR V 304 67.11 -128.62 16.51
C TYR V 304 67.70 -127.41 17.23
N ASP V 305 68.59 -127.66 18.20
CA ASP V 305 69.26 -126.60 18.95
C ASP V 305 70.05 -125.66 18.03
N ALA V 306 71.03 -126.23 17.32
CA ALA V 306 71.93 -125.48 16.44
C ALA V 306 71.19 -124.57 15.45
N PHE V 307 70.01 -125.01 15.03
CA PHE V 307 69.18 -124.26 14.10
C PHE V 307 68.45 -123.13 14.80
N ALA V 308 68.08 -123.34 16.06
CA ALA V 308 67.43 -122.30 16.85
C ALA V 308 68.33 -121.08 17.01
N ASP V 309 69.62 -121.33 17.29
CA ASP V 309 70.60 -120.26 17.51
C ASP V 309 70.88 -119.47 16.22
N LYS V 310 71.12 -120.20 15.14
CA LYS V 310 71.38 -119.60 13.81
C LYS V 310 70.21 -118.79 13.26
N LEU V 311 68.98 -119.23 13.56
CA LEU V 311 67.79 -118.47 13.18
C LEU V 311 67.63 -117.21 14.04
N ALA V 312 67.90 -117.34 15.34
CA ALA V 312 67.75 -116.22 16.29
C ALA V 312 68.62 -115.03 15.93
N ALA V 313 69.88 -115.30 15.56
CA ALA V 313 70.83 -114.27 15.15
C ALA V 313 70.34 -113.54 13.90
N ALA V 314 69.98 -114.32 12.88
CA ALA V 314 69.45 -113.79 11.62
C ALA V 314 68.25 -112.88 11.86
N VAL V 315 67.29 -113.36 12.66
CA VAL V 315 66.10 -112.58 13.08
C VAL V 315 66.45 -111.22 13.69
N SER V 316 67.40 -111.19 14.63
CA SER V 316 67.82 -109.93 15.27
C SER V 316 68.67 -109.04 14.35
N LYS V 317 69.19 -109.62 13.27
CA LYS V 317 69.93 -108.87 12.24
C LYS V 317 68.98 -108.12 11.29
N LEU V 318 67.69 -108.13 11.62
CA LEU V 318 66.66 -107.49 10.80
C LEU V 318 66.22 -106.13 11.35
N LYS V 319 65.68 -105.31 10.46
CA LYS V 319 65.30 -103.93 10.80
C LYS V 319 63.79 -103.70 10.63
N VAL V 320 63.20 -103.02 11.62
CA VAL V 320 61.75 -102.74 11.64
C VAL V 320 61.49 -101.22 11.61
N GLY V 321 60.81 -100.77 10.55
CA GLY V 321 60.45 -99.36 10.39
C GLY V 321 59.57 -99.09 9.19
N ARG V 322 59.20 -97.83 8.99
CA ARG V 322 58.35 -97.42 7.85
C ARG V 322 59.00 -97.76 6.51
N GLY V 323 58.19 -98.25 5.59
CA GLY V 323 58.65 -98.74 4.29
C GLY V 323 59.46 -97.79 3.42
N THR V 324 59.30 -96.49 3.65
CA THR V 324 60.06 -95.46 2.93
C THR V 324 61.42 -95.16 3.59
N GLU V 325 61.63 -95.68 4.80
CA GLU V 325 62.90 -95.52 5.50
C GLU V 325 63.91 -96.57 5.01
N SER V 326 65.13 -96.12 4.72
CA SER V 326 66.17 -96.97 4.13
C SER V 326 66.66 -98.07 5.06
N GLY V 327 66.93 -99.24 4.48
CA GLY V 327 67.46 -100.39 5.22
C GLY V 327 66.42 -101.23 5.96
N ALA V 328 65.20 -100.71 6.08
CA ALA V 328 64.12 -101.40 6.78
C ALA V 328 63.65 -102.62 6.01
N THR V 329 63.48 -103.75 6.72
CA THR V 329 63.17 -105.03 6.09
C THR V 329 61.91 -105.67 6.69
N LEU V 330 61.37 -105.06 7.73
CA LEU V 330 60.10 -105.52 8.32
C LEU V 330 59.15 -104.35 8.58
N GLY V 331 58.09 -104.29 7.79
CA GLY V 331 57.07 -103.26 7.95
C GLY V 331 56.09 -103.56 9.08
N PRO V 332 54.92 -102.90 9.06
CA PRO V 332 53.90 -103.17 10.07
C PRO V 332 52.84 -104.15 9.58
N LEU V 333 52.14 -104.77 10.53
CA LEU V 333 50.93 -105.53 10.23
C LEU V 333 49.83 -104.59 9.73
N ILE V 334 49.00 -105.09 8.82
CA ILE V 334 48.05 -104.26 8.07
C ILE V 334 46.99 -103.53 8.92
N ASN V 335 46.61 -104.14 10.06
CA ASN V 335 45.57 -103.56 10.91
C ASN V 335 45.68 -104.05 12.35
N GLU V 336 44.83 -103.52 13.22
CA GLU V 336 44.86 -103.81 14.65
C GLU V 336 44.48 -105.26 14.98
N ALA V 337 43.62 -105.85 14.16
CA ALA V 337 43.16 -107.22 14.39
C ALA V 337 44.24 -108.26 14.13
N ALA V 338 45.13 -107.96 13.18
CA ALA V 338 46.27 -108.84 12.86
C ALA V 338 47.34 -108.80 13.96
N VAL V 339 47.20 -107.82 14.86
CA VAL V 339 48.06 -107.72 16.04
C VAL V 339 47.46 -108.57 17.17
N LYS V 340 46.15 -108.44 17.38
CA LYS V 340 45.46 -109.17 18.45
C LYS V 340 45.43 -110.69 18.20
N LYS V 341 45.90 -111.11 17.03
CA LYS V 341 46.00 -112.52 16.70
C LYS V 341 47.38 -113.03 17.08
N VAL V 342 48.40 -112.25 16.75
CA VAL V 342 49.79 -112.58 17.10
C VAL V 342 50.00 -112.47 18.61
N GLU V 343 49.25 -111.58 19.27
CA GLU V 343 49.23 -111.51 20.73
C GLU V 343 48.61 -112.79 21.28
N SER V 344 47.54 -113.24 20.63
CA SER V 344 46.78 -114.41 21.06
C SER V 344 47.54 -115.72 20.83
N HIS V 345 48.23 -115.82 19.69
CA HIS V 345 49.02 -117.00 19.35
C HIS V 345 50.24 -117.17 20.26
N ILE V 346 50.71 -116.05 20.80
CA ILE V 346 51.75 -116.06 21.83
C ILE V 346 51.14 -116.47 23.18
N ALA V 347 50.03 -115.83 23.56
CA ALA V 347 49.30 -116.13 24.81
C ALA V 347 48.92 -117.61 24.95
N ASP V 348 48.76 -118.26 23.82
CA ASP V 348 48.42 -119.68 23.74
C ASP V 348 49.66 -120.55 24.00
N ALA V 349 50.68 -120.39 23.15
CA ALA V 349 51.92 -121.16 23.24
C ALA V 349 52.61 -121.07 24.60
N LEU V 350 52.74 -119.85 25.12
CA LEU V 350 53.32 -119.58 26.45
C LEU V 350 52.65 -120.36 27.59
N ALA V 351 51.32 -120.46 27.55
CA ALA V 351 50.57 -121.22 28.57
C ALA V 351 50.78 -122.72 28.43
N LYS V 352 50.70 -123.21 27.19
CA LYS V 352 50.88 -124.63 26.90
C LYS V 352 52.35 -125.10 27.01
N GLY V 353 53.19 -124.23 27.59
CA GLY V 353 54.56 -124.58 27.97
C GLY V 353 55.66 -124.31 26.96
N ALA V 354 55.60 -123.15 26.30
CA ALA V 354 56.65 -122.77 25.34
C ALA V 354 57.59 -121.73 25.94
N SER V 355 58.64 -121.39 25.18
CA SER V 355 59.62 -120.38 25.59
C SER V 355 59.85 -119.32 24.52
N LEU V 356 59.64 -118.05 24.89
CA LEU V 356 59.90 -116.94 23.98
C LEU V 356 61.40 -116.65 23.94
N MET V 357 61.99 -116.84 22.76
CA MET V 357 63.41 -116.56 22.55
C MET V 357 63.60 -115.05 22.29
N THR V 358 63.33 -114.61 21.05
CA THR V 358 63.31 -113.20 20.70
C THR V 358 61.91 -112.80 20.19
N GLY V 359 61.52 -111.55 20.41
CA GLY V 359 60.18 -111.07 20.04
C GLY V 359 59.19 -111.19 21.18
N GLY V 360 57.92 -111.41 20.84
CA GLY V 360 56.88 -111.60 21.85
C GLY V 360 56.03 -110.37 22.18
N LYS V 361 56.58 -109.19 21.96
CA LYS V 361 55.90 -107.95 22.34
C LYS V 361 55.67 -107.01 21.16
N ARG V 362 54.61 -106.20 21.27
CA ARG V 362 54.32 -105.11 20.34
C ARG V 362 55.53 -104.17 20.29
N HIS V 363 55.94 -103.79 19.08
CA HIS V 363 57.07 -102.87 18.87
C HIS V 363 56.84 -101.49 19.52
N ALA V 364 57.90 -100.70 19.64
CA ALA V 364 57.82 -99.38 20.26
C ALA V 364 57.53 -98.24 19.26
N LEU V 365 57.26 -98.60 18.00
CA LEU V 365 56.81 -97.64 17.01
C LEU V 365 55.28 -97.58 17.00
N GLY V 366 54.66 -98.55 17.68
CA GLY V 366 53.20 -98.62 17.89
C GLY V 366 52.42 -99.18 16.70
N HIS V 367 51.21 -98.63 16.52
CA HIS V 367 50.34 -98.90 15.36
C HIS V 367 50.11 -100.39 15.07
N GLY V 368 50.82 -100.91 14.07
CA GLY V 368 50.75 -102.32 13.68
C GLY V 368 52.13 -102.94 13.58
N PHE V 369 53.09 -102.33 14.26
CA PHE V 369 54.45 -102.85 14.32
C PHE V 369 54.63 -103.86 15.45
N PHE V 370 55.28 -104.98 15.10
CA PHE V 370 55.53 -106.08 16.02
C PHE V 370 56.92 -106.68 15.76
N GLU V 371 57.54 -107.26 16.78
CA GLU V 371 58.89 -107.81 16.64
C GLU V 371 58.90 -109.20 15.98
N PRO V 372 59.96 -109.52 15.21
CA PRO V 372 60.08 -110.88 14.70
C PRO V 372 60.30 -111.84 15.87
N THR V 373 59.58 -112.96 15.87
CA THR V 373 59.51 -113.83 17.06
C THR V 373 59.78 -115.31 16.81
N VAL V 374 60.71 -115.86 17.60
CA VAL V 374 60.99 -117.30 17.58
C VAL V 374 60.47 -117.96 18.87
N LEU V 375 59.69 -119.03 18.70
CA LEU V 375 59.17 -119.82 19.81
C LEU V 375 59.77 -121.23 19.88
N THR V 376 60.31 -121.58 21.04
CA THR V 376 60.80 -122.93 21.32
C THR V 376 59.77 -123.74 22.11
N GLY V 377 59.77 -125.06 21.90
CA GLY V 377 58.85 -125.95 22.61
C GLY V 377 57.45 -125.88 22.04
N VAL V 378 57.37 -125.79 20.72
CA VAL V 378 56.08 -125.70 20.03
C VAL V 378 55.54 -127.10 19.74
N LYS V 379 54.44 -127.44 20.41
CA LYS V 379 53.80 -128.75 20.28
C LYS V 379 52.51 -128.65 19.45
N PRO V 380 52.17 -129.73 18.70
CA PRO V 380 51.02 -129.72 17.79
C PRO V 380 49.63 -129.66 18.45
N ASP V 381 49.60 -129.30 19.74
CA ASP V 381 48.34 -129.17 20.48
C ASP V 381 47.97 -127.69 20.68
N MET V 382 48.85 -126.81 20.19
CA MET V 382 48.69 -125.36 20.34
C MET V 382 47.90 -124.74 19.18
N ASP V 383 47.39 -123.53 19.40
CA ASP V 383 46.52 -122.82 18.44
C ASP V 383 47.20 -122.57 17.09
N VAL V 384 48.50 -122.29 17.14
CA VAL V 384 49.30 -122.03 15.95
C VAL V 384 49.50 -123.29 15.08
N ALA V 385 49.04 -124.45 15.57
CA ALA V 385 49.08 -125.69 14.77
C ALA V 385 47.81 -125.91 13.92
N LYS V 386 46.81 -125.04 14.09
CA LYS V 386 45.57 -125.11 13.30
C LYS V 386 45.36 -123.86 12.43
N GLU V 387 45.53 -122.67 13.02
CA GLU V 387 45.28 -121.40 12.34
C GLU V 387 46.55 -120.80 11.74
N GLU V 388 46.37 -119.99 10.69
CA GLU V 388 47.47 -119.18 10.17
C GLU V 388 47.68 -117.96 11.05
N THR V 389 48.95 -117.61 11.28
CA THR V 389 49.29 -116.50 12.15
C THR V 389 49.30 -115.18 11.40
N PHE V 390 49.69 -115.23 10.11
CA PHE V 390 49.85 -114.06 9.25
C PHE V 390 50.69 -112.98 9.93
N GLY V 391 51.74 -113.42 10.62
CA GLY V 391 52.55 -112.51 11.43
C GLY V 391 54.03 -112.85 11.32
N PRO V 392 54.86 -112.26 12.21
CA PRO V 392 56.29 -112.54 12.25
C PRO V 392 56.61 -113.55 13.35
N LEU V 393 56.00 -114.73 13.26
CA LEU V 393 56.15 -115.77 14.27
C LEU V 393 56.78 -117.03 13.67
N ALA V 394 57.91 -117.44 14.25
CA ALA V 394 58.47 -118.75 13.96
C ALA V 394 58.18 -119.68 15.14
N PRO V 395 57.24 -120.63 14.94
CA PRO V 395 57.09 -121.70 15.93
C PRO V 395 57.95 -122.90 15.55
N LEU V 396 58.64 -123.48 16.53
CA LEU V 396 59.59 -124.57 16.24
C LEU V 396 59.13 -125.93 16.77
N PHE V 397 58.65 -126.77 15.85
CA PHE V 397 58.30 -128.16 16.14
C PHE V 397 59.53 -129.04 15.93
N ARG V 398 59.65 -130.07 16.78
CA ARG V 398 60.71 -131.07 16.67
C ARG V 398 60.14 -132.36 16.07
N PHE V 399 60.95 -133.05 15.26
CA PHE V 399 60.55 -134.36 14.75
C PHE V 399 61.65 -135.43 14.89
N ALA V 400 61.23 -136.62 15.33
CA ALA V 400 62.14 -137.73 15.62
C ALA V 400 62.49 -138.56 14.38
N SER V 401 61.52 -138.78 13.50
CA SER V 401 61.76 -139.57 12.28
C SER V 401 61.08 -139.02 11.03
N GLU V 402 61.43 -139.60 9.88
CA GLU V 402 60.96 -139.16 8.57
C GLU V 402 59.45 -139.31 8.40
N GLU V 403 58.94 -140.52 8.65
CA GLU V 403 57.53 -140.82 8.43
C GLU V 403 56.64 -140.38 9.62
N GLU V 404 57.27 -139.98 10.72
CA GLU V 404 56.58 -139.26 11.79
C GLU V 404 56.23 -137.87 11.30
N LEU V 405 57.25 -137.15 10.84
CA LEU V 405 57.11 -135.81 10.28
C LEU V 405 56.05 -135.71 9.17
N VAL V 406 56.11 -136.64 8.22
CA VAL V 406 55.11 -136.73 7.15
C VAL V 406 53.68 -136.70 7.72
N ARG V 407 53.47 -137.40 8.84
CA ARG V 407 52.18 -137.41 9.55
C ARG V 407 51.90 -136.11 10.32
N LEU V 408 52.95 -135.37 10.69
CA LEU V 408 52.76 -134.07 11.34
C LEU V 408 52.39 -132.97 10.33
N ALA V 409 53.19 -132.86 9.27
CA ALA V 409 53.00 -131.85 8.23
C ALA V 409 51.65 -131.93 7.49
N ASN V 410 51.09 -133.14 7.42
CA ASN V 410 49.82 -133.37 6.74
C ASN V 410 48.62 -133.25 7.67
N ASP V 411 48.88 -133.12 8.97
CA ASP V 411 47.82 -133.08 9.98
C ASP V 411 47.18 -131.69 10.04
N THR V 412 46.51 -131.33 8.96
CA THR V 412 45.76 -130.07 8.83
C THR V 412 44.80 -130.19 7.64
N GLU V 413 43.74 -129.39 7.65
CA GLU V 413 42.79 -129.34 6.54
C GLU V 413 43.38 -128.67 5.28
N PHE V 414 44.44 -127.88 5.47
CA PHE V 414 45.00 -127.06 4.38
C PHE V 414 46.16 -127.76 3.63
N GLY V 415 46.39 -127.38 2.38
CA GLY V 415 47.41 -128.01 1.55
C GLY V 415 47.99 -127.15 0.43
N LEU V 416 48.57 -126.01 0.79
CA LEU V 416 49.08 -125.06 -0.20
C LEU V 416 50.58 -125.23 -0.49
N ALA V 417 51.42 -124.50 0.26
CA ALA V 417 52.85 -124.53 0.03
C ALA V 417 53.61 -125.05 1.24
N ALA V 418 54.59 -125.90 0.96
CA ALA V 418 55.44 -126.51 1.99
C ALA V 418 56.90 -126.43 1.58
N TYR V 419 57.78 -126.25 2.55
CA TYR V 419 59.21 -126.15 2.27
C TYR V 419 59.98 -127.27 2.95
N LEU V 420 61.01 -127.75 2.26
CA LEU V 420 61.73 -128.94 2.65
C LEU V 420 63.23 -128.78 2.38
N TYR V 421 64.02 -128.85 3.45
CA TYR V 421 65.49 -128.84 3.33
C TYR V 421 66.10 -130.17 3.75
N SER V 422 66.67 -130.88 2.77
CA SER V 422 67.37 -132.15 2.97
C SER V 422 68.35 -132.37 1.81
N ARG V 423 69.49 -133.00 2.10
CA ARG V 423 70.54 -133.15 1.10
C ARG V 423 70.51 -134.49 0.35
N ASP V 424 69.74 -135.45 0.88
CA ASP V 424 69.69 -136.79 0.35
C ASP V 424 68.64 -136.95 -0.76
N ILE V 425 69.13 -137.13 -1.99
CA ILE V 425 68.28 -137.27 -3.19
C ILE V 425 67.00 -138.12 -2.98
N GLY V 426 67.15 -139.31 -2.41
CA GLY V 426 66.02 -140.19 -2.14
C GLY V 426 65.09 -139.71 -1.04
N ARG V 427 65.64 -139.08 0.00
CA ARG V 427 64.85 -138.57 1.12
C ARG V 427 63.99 -137.39 0.72
N VAL V 428 64.51 -136.56 -0.19
CA VAL V 428 63.76 -135.45 -0.77
C VAL V 428 62.54 -135.96 -1.54
N TRP V 429 62.78 -136.85 -2.50
CA TRP V 429 61.73 -137.32 -3.41
C TRP V 429 60.69 -138.19 -2.73
N ARG V 430 61.07 -138.85 -1.64
CA ARG V 430 60.15 -139.70 -0.89
C ARG V 430 59.22 -138.81 -0.03
N VAL V 431 59.76 -137.71 0.50
CA VAL V 431 58.95 -136.76 1.26
C VAL V 431 58.08 -135.88 0.34
N ALA V 432 58.68 -135.33 -0.70
CA ALA V 432 57.97 -134.51 -1.67
C ALA V 432 56.66 -135.15 -2.17
N GLU V 433 56.74 -136.44 -2.50
CA GLU V 433 55.58 -137.19 -3.00
C GLU V 433 54.53 -137.40 -1.93
N ALA V 434 54.98 -137.63 -0.69
CA ALA V 434 54.10 -137.95 0.42
C ALA V 434 53.30 -136.72 0.89
N LEU V 435 53.92 -135.56 0.80
CA LEU V 435 53.31 -134.30 1.26
C LEU V 435 52.09 -133.85 0.43
N GLU V 436 50.96 -133.66 1.11
CA GLU V 436 49.72 -133.24 0.43
C GLU V 436 49.66 -131.71 0.31
N TYR V 437 50.43 -131.20 -0.64
CA TYR V 437 50.56 -129.75 -0.85
C TYR V 437 50.63 -129.47 -2.34
N GLY V 438 50.21 -128.27 -2.73
CA GLY V 438 50.26 -127.87 -4.14
C GLY V 438 51.67 -127.54 -4.59
N MET V 439 52.41 -126.85 -3.72
CA MET V 439 53.75 -126.40 -4.03
C MET V 439 54.73 -126.82 -2.94
N VAL V 440 55.79 -127.50 -3.36
CA VAL V 440 56.82 -127.91 -2.43
C VAL V 440 58.12 -127.21 -2.78
N GLY V 441 58.69 -126.55 -1.78
CA GLY V 441 60.00 -125.91 -1.89
C GLY V 441 61.10 -126.85 -1.44
N ILE V 442 62.01 -127.17 -2.35
CA ILE V 442 63.13 -128.08 -2.05
C ILE V 442 64.45 -127.32 -2.01
N ASN V 443 65.02 -127.22 -0.81
CA ASN V 443 66.23 -126.43 -0.55
C ASN V 443 66.12 -124.98 -0.99
N THR V 444 64.90 -124.43 -0.95
CA THR V 444 64.63 -123.00 -1.22
C THR V 444 63.45 -122.50 -0.39
N GLY V 445 63.52 -121.24 0.02
CA GLY V 445 62.39 -120.58 0.69
C GLY V 445 61.51 -119.82 -0.29
N LEU V 446 62.00 -119.64 -1.51
CA LEU V 446 61.28 -118.84 -2.51
C LEU V 446 61.02 -119.60 -3.81
N ILE V 447 59.73 -119.83 -4.09
CA ILE V 447 59.28 -120.66 -5.21
C ILE V 447 58.35 -119.92 -6.17
N SER V 448 58.08 -118.64 -5.86
CA SER V 448 57.06 -117.87 -6.57
C SER V 448 57.55 -117.23 -7.88
N ASN V 449 56.88 -117.56 -8.97
CA ASN V 449 57.16 -117.03 -10.30
C ASN V 449 55.94 -117.16 -11.24
N GLU V 450 56.09 -116.68 -12.48
CA GLU V 450 54.96 -116.63 -13.44
C GLU V 450 54.90 -117.83 -14.40
N VAL V 451 55.93 -118.68 -14.35
CA VAL V 451 56.00 -119.86 -15.20
C VAL V 451 55.61 -121.14 -14.43
N ALA V 452 55.57 -121.03 -13.11
CA ALA V 452 55.17 -122.14 -12.25
C ALA V 452 53.68 -122.13 -11.96
N PRO V 453 53.02 -123.32 -12.05
CA PRO V 453 51.60 -123.46 -11.67
C PRO V 453 51.35 -123.28 -10.16
N PHE V 454 50.74 -122.15 -9.81
CA PHE V 454 50.45 -121.77 -8.44
C PHE V 454 49.04 -122.19 -8.08
N GLY V 455 48.86 -122.63 -6.83
CA GLY V 455 47.56 -123.14 -6.36
C GLY V 455 47.72 -124.27 -5.35
N GLY V 456 46.63 -124.59 -4.66
CA GLY V 456 46.67 -125.59 -3.60
C GLY V 456 45.78 -126.78 -3.83
N VAL V 457 45.99 -127.81 -3.00
CA VAL V 457 45.12 -129.00 -2.96
C VAL V 457 44.32 -128.97 -1.66
N LYS V 458 43.41 -129.93 -1.49
CA LYS V 458 42.55 -130.04 -0.30
C LYS V 458 41.73 -128.76 -0.06
N GLN V 459 41.77 -128.27 1.18
CA GLN V 459 41.00 -127.08 1.60
C GLN V 459 41.68 -125.76 1.24
N SER V 460 42.78 -125.83 0.49
CA SER V 460 43.50 -124.65 0.02
C SER V 460 42.96 -124.19 -1.34
N GLY V 461 41.80 -124.74 -1.71
CA GLY V 461 41.08 -124.29 -2.89
C GLY V 461 41.28 -125.10 -4.15
N LEU V 462 40.96 -124.49 -5.29
CA LEU V 462 40.94 -125.14 -6.59
C LEU V 462 41.74 -124.34 -7.62
N GLY V 463 41.85 -124.88 -8.84
CA GLY V 463 42.46 -124.18 -9.98
C GLY V 463 43.92 -123.81 -9.85
N ARG V 464 44.51 -123.33 -10.95
CA ARG V 464 45.91 -122.90 -10.96
C ARG V 464 46.12 -121.52 -11.62
N GLU V 465 47.18 -120.83 -11.21
CA GLU V 465 47.53 -119.50 -11.74
C GLU V 465 49.03 -119.41 -12.01
N GLY V 466 49.39 -118.94 -13.21
CA GLY V 466 50.77 -119.01 -13.70
C GLY V 466 50.85 -120.06 -14.79
N SER V 467 52.07 -120.35 -15.26
CA SER V 467 52.33 -121.39 -16.27
C SER V 467 51.35 -121.43 -17.46
N HIS V 468 51.19 -122.60 -18.07
CA HIS V 468 50.17 -122.79 -19.10
C HIS V 468 48.81 -123.23 -18.53
N TYR V 469 48.79 -123.59 -17.25
CA TYR V 469 47.57 -124.04 -16.58
C TYR V 469 46.65 -122.89 -16.17
N GLY V 470 47.24 -121.71 -15.93
CA GLY V 470 46.50 -120.51 -15.52
C GLY V 470 45.38 -120.12 -16.46
N ILE V 471 45.71 -120.01 -17.75
CA ILE V 471 44.75 -119.58 -18.77
C ILE V 471 43.61 -120.59 -19.01
N ASP V 472 43.89 -121.87 -18.74
CA ASP V 472 42.95 -122.95 -19.04
C ASP V 472 41.59 -122.69 -18.41
N ASP V 473 41.62 -122.08 -17.22
CA ASP V 473 40.40 -121.81 -16.47
C ASP V 473 39.48 -120.80 -17.16
N TYR V 474 40.07 -120.02 -18.07
CA TYR V 474 39.36 -118.90 -18.70
C TYR V 474 38.83 -119.22 -20.10
N VAL V 475 38.98 -120.49 -20.50
CA VAL V 475 38.40 -120.96 -21.74
C VAL V 475 37.53 -122.19 -21.54
N VAL V 476 36.64 -122.39 -22.50
CA VAL V 476 35.71 -123.49 -22.48
C VAL V 476 35.96 -124.26 -23.80
N ILE V 477 35.80 -125.57 -23.79
CA ILE V 477 36.13 -126.33 -25.01
C ILE V 477 34.90 -126.73 -25.84
N LYS V 478 35.10 -126.84 -27.16
CA LYS V 478 34.04 -127.11 -28.09
C LYS V 478 34.48 -128.20 -29.05
N TYR V 479 33.92 -129.38 -28.85
CA TYR V 479 34.17 -130.52 -29.72
C TYR V 479 33.30 -130.41 -30.98
N LEU V 480 33.95 -130.38 -32.13
CA LEU V 480 33.24 -130.40 -33.41
C LEU V 480 33.37 -131.78 -34.06
N CYS V 481 32.24 -132.39 -34.37
CA CYS V 481 32.21 -133.72 -34.99
C CYS V 481 31.77 -133.62 -36.46
N VAL V 482 32.73 -133.33 -37.33
CA VAL V 482 32.50 -133.17 -38.77
C VAL V 482 32.36 -134.52 -39.48
N ALA V 483 31.36 -134.65 -40.35
CA ALA V 483 31.20 -135.85 -41.17
C ALA V 483 32.02 -135.77 -42.48
N VAL V 484 32.34 -136.93 -43.06
CA VAL V 484 33.21 -137.01 -44.23
C VAL V 484 32.89 -138.24 -45.07
N GLY W 3 17.89 -165.75 -14.65
CA GLY W 3 16.64 -166.37 -15.17
C GLY W 3 16.77 -166.68 -16.65
N SER W 4 16.93 -165.62 -17.46
CA SER W 4 17.13 -165.76 -18.90
C SER W 4 18.58 -165.43 -19.29
N MET W 5 19.51 -165.67 -18.36
CA MET W 5 20.91 -165.34 -18.55
C MET W 5 21.84 -166.54 -18.44
N LYS W 6 23.00 -166.46 -19.08
CA LYS W 6 24.02 -167.51 -18.97
C LYS W 6 24.73 -167.48 -17.61
N ASP W 7 24.65 -166.34 -16.94
CA ASP W 7 25.35 -166.13 -15.66
C ASP W 7 24.50 -165.29 -14.69
N PRO W 8 23.41 -165.88 -14.16
CA PRO W 8 22.45 -165.20 -13.30
C PRO W 8 23.06 -164.49 -12.08
N SER W 9 24.31 -164.84 -11.74
CA SER W 9 25.05 -164.16 -10.67
C SER W 9 25.33 -162.71 -10.98
N LEU W 10 25.04 -162.30 -12.22
CA LEU W 10 25.22 -160.92 -12.64
C LEU W 10 24.15 -159.98 -12.09
N LEU W 11 22.94 -160.52 -11.90
CA LEU W 11 21.83 -159.76 -11.31
C LEU W 11 21.96 -159.76 -9.80
N ARG W 12 22.46 -158.65 -9.26
CA ARG W 12 22.68 -158.50 -7.82
C ARG W 12 21.47 -157.85 -7.20
N HIS W 13 21.12 -158.31 -6.00
CA HIS W 13 20.01 -157.72 -5.25
C HIS W 13 20.50 -157.00 -4.00
N GLN W 14 21.80 -156.70 -3.99
CA GLN W 14 22.47 -156.05 -2.86
C GLN W 14 23.41 -154.95 -3.35
N ALA W 15 23.82 -154.08 -2.43
CA ALA W 15 24.76 -153.02 -2.74
C ALA W 15 26.19 -153.48 -2.51
N TYR W 16 27.14 -152.78 -3.11
CA TYR W 16 28.54 -153.13 -2.95
C TYR W 16 29.20 -152.10 -2.06
N ILE W 17 29.29 -152.41 -0.77
CA ILE W 17 29.85 -151.50 0.22
C ILE W 17 31.24 -151.96 0.69
N GLY W 18 32.26 -151.24 0.23
CA GLY W 18 33.64 -151.50 0.63
C GLY W 18 34.20 -152.84 0.22
N GLY W 19 33.63 -153.44 -0.83
CA GLY W 19 34.05 -154.76 -1.29
C GLY W 19 33.15 -155.87 -0.79
N GLU W 20 32.11 -155.51 -0.03
CA GLU W 20 31.15 -156.45 0.49
C GLU W 20 29.78 -156.25 -0.12
N TRP W 21 29.05 -157.34 -0.35
CA TRP W 21 27.66 -157.26 -0.76
C TRP W 21 26.75 -157.18 0.46
N GLN W 22 26.22 -155.98 0.68
CA GLN W 22 25.45 -155.68 1.89
C GLN W 22 24.01 -155.28 1.63
N ALA W 23 23.18 -155.43 2.65
CA ALA W 23 21.80 -154.96 2.62
C ALA W 23 21.76 -153.57 3.26
N ALA W 24 20.56 -153.02 3.42
CA ALA W 24 20.41 -151.76 4.12
C ALA W 24 20.45 -152.02 5.62
N ASP W 25 21.02 -151.08 6.37
CA ASP W 25 21.10 -151.21 7.83
C ASP W 25 19.71 -151.33 8.46
N SER W 26 18.69 -150.90 7.72
CA SER W 26 17.30 -150.97 8.19
C SER W 26 16.57 -152.16 7.55
N ASP W 27 17.21 -152.76 6.54
CA ASP W 27 16.62 -153.78 5.68
C ASP W 27 15.58 -153.19 4.70
N ALA W 28 15.56 -151.87 4.58
CA ALA W 28 14.69 -151.21 3.63
C ALA W 28 15.12 -151.55 2.22
N THR W 29 14.14 -151.78 1.36
CA THR W 29 14.39 -152.01 -0.05
C THR W 29 13.39 -151.22 -0.86
N PHE W 30 13.68 -151.00 -2.14
CA PHE W 30 12.64 -150.64 -3.08
C PHE W 30 12.63 -151.59 -4.27
N GLU W 31 11.44 -151.81 -4.83
CA GLU W 31 11.25 -152.70 -5.96
C GLU W 31 11.64 -152.01 -7.28
N VAL W 32 12.39 -152.71 -8.14
CA VAL W 32 12.75 -152.23 -9.49
C VAL W 32 11.85 -152.90 -10.54
N PHE W 33 11.26 -152.09 -11.43
CA PHE W 33 10.25 -152.56 -12.38
C PHE W 33 10.71 -152.48 -13.83
N ASP W 34 10.14 -153.34 -14.66
CA ASP W 34 10.34 -153.31 -16.11
C ASP W 34 9.40 -152.27 -16.74
N PRO W 35 9.95 -151.22 -17.39
CA PRO W 35 9.14 -150.19 -18.06
C PRO W 35 8.21 -150.73 -19.16
N ALA W 36 8.68 -151.70 -19.93
CA ALA W 36 7.90 -152.35 -20.97
C ALA W 36 6.70 -153.16 -20.47
N THR W 37 6.91 -153.96 -19.41
CA THR W 37 5.87 -154.90 -18.97
C THR W 37 5.21 -154.54 -17.62
N GLY W 38 5.94 -153.84 -16.76
CA GLY W 38 5.44 -153.46 -15.43
C GLY W 38 5.58 -154.55 -14.37
N GLU W 39 6.19 -155.67 -14.76
CA GLU W 39 6.38 -156.79 -13.85
C GLU W 39 7.62 -156.56 -12.99
N SER W 40 7.69 -157.27 -11.87
CA SER W 40 8.76 -157.07 -10.89
C SER W 40 10.08 -157.70 -11.33
N LEU W 41 11.17 -156.98 -11.06
CA LEU W 41 12.51 -157.50 -11.28
C LEU W 41 13.24 -157.65 -9.95
N GLY W 42 12.45 -157.73 -8.87
CA GLY W 42 12.99 -157.87 -7.52
C GLY W 42 13.41 -156.57 -6.87
N THR W 43 14.01 -156.67 -5.68
CA THR W 43 14.34 -155.48 -4.89
C THR W 43 15.84 -155.25 -4.80
N VAL W 44 16.20 -153.99 -4.55
CA VAL W 44 17.55 -153.59 -4.20
C VAL W 44 17.50 -152.80 -2.89
N PRO W 45 18.62 -152.74 -2.14
CA PRO W 45 18.66 -152.04 -0.84
C PRO W 45 18.27 -150.55 -0.92
N LYS W 46 17.75 -150.02 0.17
CA LYS W 46 17.42 -148.61 0.25
C LYS W 46 18.26 -147.99 1.35
N MET W 47 19.53 -147.76 1.05
CA MET W 47 20.49 -147.29 2.03
C MET W 47 20.50 -145.77 2.17
N GLY W 48 21.31 -145.26 3.09
CA GLY W 48 21.36 -143.83 3.38
C GLY W 48 22.73 -143.32 3.83
N ALA W 49 22.71 -142.40 4.79
CA ALA W 49 23.91 -141.72 5.30
C ALA W 49 24.97 -142.66 5.89
N ALA W 50 24.52 -143.63 6.70
CA ALA W 50 25.42 -144.49 7.47
C ALA W 50 26.16 -145.48 6.59
N GLU W 51 25.46 -146.09 5.64
CA GLU W 51 26.08 -147.01 4.68
C GLU W 51 27.01 -146.26 3.74
N THR W 52 26.61 -145.04 3.36
CA THR W 52 27.41 -144.21 2.47
C THR W 52 28.69 -143.79 3.17
N ALA W 53 28.59 -143.40 4.44
CA ALA W 53 29.78 -143.05 5.23
C ALA W 53 30.75 -144.23 5.34
N ARG W 54 30.21 -145.44 5.55
CA ARG W 54 31.03 -146.65 5.61
C ARG W 54 31.78 -146.84 4.29
N ALA W 55 31.07 -146.70 3.17
CA ALA W 55 31.69 -146.79 1.85
C ALA W 55 32.79 -145.72 1.67
N ILE W 56 32.48 -144.48 2.04
CA ILE W 56 33.46 -143.39 2.02
C ILE W 56 34.68 -143.68 2.92
N GLU W 57 34.47 -144.37 4.03
CA GLU W 57 35.55 -144.76 4.94
C GLU W 57 36.40 -145.87 4.32
N ALA W 58 35.74 -146.80 3.64
CA ALA W 58 36.41 -147.95 3.04
C ALA W 58 37.26 -147.57 1.83
N ALA W 59 36.86 -146.49 1.15
CA ALA W 59 37.61 -145.98 -0.01
C ALA W 59 38.93 -145.34 0.42
N GLN W 60 38.89 -144.60 1.53
CA GLN W 60 40.07 -143.97 2.11
C GLN W 60 41.10 -145.00 2.52
N ALA W 61 40.68 -145.95 3.37
CA ALA W 61 41.52 -147.05 3.82
C ALA W 61 42.17 -147.79 2.64
N ALA W 62 41.42 -147.96 1.56
CA ALA W 62 41.88 -148.68 0.38
C ALA W 62 42.80 -147.85 -0.51
N TRP W 63 42.84 -146.54 -0.28
CA TRP W 63 43.55 -145.62 -1.17
C TRP W 63 45.06 -145.84 -1.22
N ALA W 64 45.70 -145.87 -0.06
CA ALA W 64 47.15 -146.09 0.04
C ALA W 64 47.61 -147.29 -0.81
N GLY W 65 46.96 -148.43 -0.61
CA GLY W 65 47.31 -149.64 -1.35
C GLY W 65 47.15 -149.48 -2.84
N TRP W 66 46.08 -148.80 -3.24
CA TRP W 66 45.74 -148.64 -4.65
C TRP W 66 46.61 -147.60 -5.37
N ARG W 67 47.05 -146.57 -4.66
CA ARG W 67 47.92 -145.57 -5.27
C ARG W 67 49.37 -146.05 -5.45
N MET W 68 49.77 -147.04 -4.65
CA MET W 68 51.14 -147.59 -4.73
C MET W 68 51.41 -148.35 -6.02
N LYS W 69 50.42 -149.13 -6.48
CA LYS W 69 50.52 -149.85 -7.76
C LYS W 69 50.99 -148.96 -8.90
N THR W 70 51.76 -149.52 -9.83
CA THR W 70 52.14 -148.78 -11.02
C THR W 70 50.90 -148.59 -11.90
N ALA W 71 50.94 -147.61 -12.80
CA ALA W 71 49.85 -147.40 -13.76
C ALA W 71 49.64 -148.63 -14.65
N LYS W 72 50.75 -149.30 -14.97
CA LYS W 72 50.75 -150.56 -15.71
C LYS W 72 49.96 -151.63 -14.94
N GLU W 73 50.22 -151.73 -13.65
CA GLU W 73 49.53 -152.71 -12.80
C GLU W 73 48.02 -152.48 -12.73
N ARG W 74 47.61 -151.21 -12.58
CA ARG W 74 46.20 -150.85 -12.55
C ARG W 74 45.55 -151.11 -13.91
N ALA W 75 46.30 -150.83 -14.97
CA ALA W 75 45.81 -151.01 -16.33
C ALA W 75 45.45 -152.46 -16.63
N ALA W 76 46.14 -153.38 -15.96
CA ALA W 76 45.93 -154.82 -16.10
C ALA W 76 44.60 -155.21 -15.48
N ILE W 77 44.44 -154.83 -14.21
CA ILE W 77 43.20 -155.01 -13.46
C ILE W 77 42.01 -154.42 -14.23
N LEU W 78 42.18 -153.20 -14.74
CA LEU W 78 41.12 -152.54 -15.51
C LEU W 78 40.84 -153.22 -16.86
N ARG W 79 41.88 -153.68 -17.53
CA ARG W 79 41.72 -154.36 -18.81
C ARG W 79 41.09 -155.75 -18.66
N ARG W 80 41.33 -156.39 -17.51
CA ARG W 80 40.67 -157.64 -17.20
C ARG W 80 39.18 -157.39 -16.95
N TRP W 81 38.88 -156.24 -16.34
CA TRP W 81 37.51 -155.78 -16.19
C TRP W 81 36.89 -155.53 -17.55
N PHE W 82 37.65 -154.86 -18.41
CA PHE W 82 37.25 -154.63 -19.80
C PHE W 82 36.88 -155.93 -20.50
N ASP W 83 37.78 -156.91 -20.42
CA ASP W 83 37.56 -158.22 -21.06
C ASP W 83 36.33 -158.92 -20.50
N LEU W 84 36.12 -158.81 -19.19
CA LEU W 84 34.98 -159.42 -18.54
C LEU W 84 33.65 -158.82 -18.98
N VAL W 85 33.67 -157.55 -19.38
CA VAL W 85 32.46 -156.87 -19.87
C VAL W 85 32.14 -157.36 -21.28
N ILE W 86 33.14 -157.27 -22.17
CA ILE W 86 33.04 -157.80 -23.53
C ILE W 86 32.55 -159.25 -23.51
N ALA W 87 33.12 -160.05 -22.60
CA ALA W 87 32.76 -161.48 -22.48
C ALA W 87 31.31 -161.68 -22.06
N ASN W 88 30.81 -160.80 -21.19
CA ASN W 88 29.46 -160.94 -20.65
C ASN W 88 28.43 -160.00 -21.27
N SER W 89 28.72 -159.60 -22.50
CA SER W 89 27.93 -158.60 -23.23
C SER W 89 26.43 -158.92 -23.34
N ASP W 90 26.11 -160.13 -23.83
CA ASP W 90 24.70 -160.51 -24.02
C ASP W 90 23.88 -160.45 -22.73
N ASP W 91 24.39 -161.05 -21.66
CA ASP W 91 23.76 -160.92 -20.33
C ASP W 91 23.66 -159.45 -19.90
N LEU W 92 24.78 -158.74 -19.99
CA LEU W 92 24.86 -157.34 -19.59
C LEU W 92 23.81 -156.47 -20.31
N ALA W 93 23.75 -156.61 -21.64
CA ALA W 93 22.78 -155.86 -22.44
C ALA W 93 21.35 -156.26 -22.11
N LEU W 94 21.15 -157.54 -21.76
CA LEU W 94 19.82 -158.04 -21.43
C LEU W 94 19.33 -157.51 -20.08
N ILE W 95 20.25 -157.35 -19.14
CA ILE W 95 19.93 -156.70 -17.87
C ILE W 95 19.48 -155.27 -18.15
N LEU W 96 20.30 -154.56 -18.91
CA LEU W 96 20.03 -153.19 -19.34
C LEU W 96 18.61 -153.03 -19.89
N THR W 97 18.33 -153.68 -21.03
CA THR W 97 17.00 -153.66 -21.64
C THR W 97 15.86 -153.91 -20.64
N THR W 98 16.01 -154.93 -19.80
CA THR W 98 14.94 -155.32 -18.87
C THR W 98 14.66 -154.24 -17.81
N GLU W 99 15.68 -153.52 -17.37
CA GLU W 99 15.50 -152.45 -16.38
C GLU W 99 15.27 -151.06 -17.00
N GLN W 100 15.97 -150.78 -18.11
CA GLN W 100 15.92 -149.47 -18.73
C GLN W 100 14.87 -149.36 -19.85
N GLY W 101 14.69 -150.43 -20.60
CA GLY W 101 13.70 -150.41 -21.68
C GLY W 101 14.24 -150.39 -23.11
N LYS W 102 15.39 -149.75 -23.32
CA LYS W 102 15.93 -149.61 -24.69
C LYS W 102 16.11 -150.97 -25.39
N PRO W 103 15.85 -151.01 -26.72
CA PRO W 103 15.91 -152.27 -27.48
C PRO W 103 17.27 -152.96 -27.35
N LEU W 104 17.29 -154.29 -27.54
CA LEU W 104 18.51 -155.10 -27.41
C LEU W 104 19.69 -154.62 -28.26
N ALA W 105 19.40 -154.16 -29.48
CA ALA W 105 20.43 -153.60 -30.36
C ALA W 105 21.09 -152.36 -29.73
N GLU W 106 20.28 -151.48 -29.16
CA GLU W 106 20.78 -150.26 -28.53
C GLU W 106 21.55 -150.57 -27.24
N ALA W 107 21.03 -151.52 -26.46
CA ALA W 107 21.70 -152.01 -25.26
C ALA W 107 23.08 -152.59 -25.56
N LYS W 108 23.16 -153.44 -26.58
CA LYS W 108 24.44 -154.01 -27.02
C LYS W 108 25.42 -152.92 -27.46
N GLY W 109 24.91 -151.93 -28.20
CA GLY W 109 25.65 -150.72 -28.54
C GLY W 109 26.25 -150.04 -27.32
N GLU W 110 25.46 -149.93 -26.26
CA GLU W 110 25.90 -149.29 -25.01
C GLU W 110 26.96 -150.08 -24.26
N ILE W 111 26.84 -151.40 -24.26
CA ILE W 111 27.83 -152.25 -23.59
C ILE W 111 29.21 -152.10 -24.26
N ALA W 112 29.27 -152.22 -25.58
CA ALA W 112 30.52 -152.00 -26.31
C ALA W 112 31.08 -150.59 -26.03
N TYR W 113 30.15 -149.64 -25.94
CA TYR W 113 30.43 -148.24 -25.63
C TYR W 113 31.01 -148.08 -24.21
N ALA W 114 30.40 -148.77 -23.24
CA ALA W 114 30.92 -148.78 -21.86
C ALA W 114 32.29 -149.44 -21.79
N ALA W 115 32.43 -150.58 -22.46
CA ALA W 115 33.70 -151.30 -22.51
C ALA W 115 34.86 -150.43 -23.02
N SER W 116 34.55 -149.56 -23.98
CA SER W 116 35.54 -148.69 -24.62
C SER W 116 36.11 -147.61 -23.66
N PHE W 117 35.26 -147.13 -22.75
CA PHE W 117 35.72 -146.17 -21.74
C PHE W 117 36.67 -146.81 -20.74
N ILE W 118 36.40 -148.06 -20.36
CA ILE W 118 37.28 -148.79 -19.44
C ILE W 118 38.62 -149.02 -20.13
N GLU W 119 38.56 -149.53 -21.36
CA GLU W 119 39.74 -149.74 -22.19
C GLU W 119 40.51 -148.44 -22.36
N TRP W 120 39.79 -147.34 -22.64
CA TRP W 120 40.41 -146.05 -22.90
C TRP W 120 41.18 -145.54 -21.70
N PHE W 121 40.52 -145.43 -20.54
CA PHE W 121 41.16 -144.87 -19.35
C PHE W 121 42.21 -145.78 -18.72
N ALA W 122 42.07 -147.10 -18.92
CA ALA W 122 43.15 -148.03 -18.59
C ALA W 122 44.43 -147.54 -19.27
N GLU W 123 44.31 -147.25 -20.57
CA GLU W 123 45.43 -146.76 -21.37
C GLU W 123 45.83 -145.33 -20.97
N GLU W 124 44.83 -144.52 -20.59
CA GLU W 124 45.11 -143.13 -20.22
C GLU W 124 45.88 -142.93 -18.92
N GLY W 125 45.70 -143.85 -17.97
CA GLY W 125 46.39 -143.79 -16.68
C GLY W 125 47.90 -143.82 -16.81
N LYS W 126 48.37 -144.51 -17.84
CA LYS W 126 49.79 -144.70 -18.12
C LYS W 126 50.46 -143.46 -18.70
N ARG W 127 49.64 -142.50 -19.12
CA ARG W 127 50.13 -141.35 -19.87
C ARG W 127 49.95 -140.02 -19.15
N VAL W 128 49.55 -140.08 -17.88
CA VAL W 128 49.35 -138.87 -17.05
C VAL W 128 50.69 -138.16 -16.84
N ALA W 129 50.92 -137.10 -17.61
CA ALA W 129 52.23 -136.45 -17.68
C ALA W 129 52.30 -135.15 -16.88
N GLY W 130 53.48 -134.83 -16.36
CA GLY W 130 53.77 -133.53 -15.76
C GLY W 130 54.74 -132.71 -16.60
N ASP W 131 55.33 -131.68 -16.00
CA ASP W 131 56.20 -130.75 -16.73
C ASP W 131 57.62 -130.59 -16.19
N THR W 132 58.57 -130.36 -17.09
CA THR W 132 59.89 -129.83 -16.75
C THR W 132 60.03 -128.51 -17.52
N LEU W 133 59.85 -127.40 -16.80
CA LEU W 133 59.67 -126.08 -17.43
C LEU W 133 60.91 -125.18 -17.38
N PRO W 134 61.20 -124.45 -18.49
CA PRO W 134 62.31 -123.49 -18.45
C PRO W 134 62.18 -122.61 -17.22
N THR W 135 63.24 -122.56 -16.40
CA THR W 135 63.24 -121.79 -15.15
C THR W 135 63.38 -120.28 -15.40
N PRO W 136 62.68 -119.46 -14.59
CA PRO W 136 62.91 -118.01 -14.62
C PRO W 136 64.11 -117.62 -13.76
N ASP W 137 64.39 -118.42 -12.73
CA ASP W 137 65.47 -118.15 -11.79
C ASP W 137 66.61 -119.15 -11.96
N ALA W 138 67.83 -118.61 -12.03
CA ALA W 138 69.04 -119.37 -12.36
C ALA W 138 69.48 -120.36 -11.27
N ASN W 139 69.06 -120.11 -10.03
CA ASN W 139 69.43 -120.98 -8.92
C ASN W 139 68.32 -121.94 -8.49
N LYS W 140 67.36 -122.15 -9.40
CA LYS W 140 66.19 -122.99 -9.14
C LYS W 140 65.71 -123.73 -10.39
N ARG W 141 65.14 -124.92 -10.19
CA ARG W 141 64.65 -125.79 -11.27
C ARG W 141 63.16 -126.11 -11.09
N ILE W 142 62.43 -126.25 -12.19
CA ILE W 142 60.95 -126.43 -12.14
C ILE W 142 60.47 -127.80 -12.61
N VAL W 143 59.88 -128.54 -11.66
CA VAL W 143 59.34 -129.88 -11.92
C VAL W 143 57.86 -129.94 -11.51
N VAL W 144 57.02 -130.41 -12.43
CA VAL W 144 55.57 -130.51 -12.23
C VAL W 144 55.16 -131.98 -12.36
N VAL W 145 54.61 -132.53 -11.28
CA VAL W 145 54.14 -133.93 -11.22
C VAL W 145 52.65 -134.01 -10.91
N LYS W 146 52.00 -135.05 -11.40
CA LYS W 146 50.55 -135.23 -11.22
C LYS W 146 50.25 -136.40 -10.30
N GLU W 147 49.18 -136.27 -9.51
CA GLU W 147 48.83 -137.25 -8.49
C GLU W 147 47.33 -137.51 -8.38
N PRO W 148 46.93 -138.63 -7.74
CA PRO W 148 45.55 -138.82 -7.32
C PRO W 148 45.07 -137.73 -6.35
N ILE W 149 43.89 -137.20 -6.61
CA ILE W 149 43.31 -136.16 -5.75
C ILE W 149 42.91 -136.72 -4.38
N GLY W 150 42.32 -137.91 -4.37
CA GLY W 150 41.82 -138.52 -3.13
C GLY W 150 40.58 -139.35 -3.39
N VAL W 151 39.71 -139.43 -2.39
CA VAL W 151 38.49 -140.23 -2.52
C VAL W 151 37.52 -139.53 -3.48
N CYS W 152 37.06 -140.27 -4.48
CA CYS W 152 36.13 -139.75 -5.47
C CYS W 152 34.72 -140.26 -5.24
N ALA W 153 33.75 -139.51 -5.73
CA ALA W 153 32.36 -139.96 -5.73
C ALA W 153 31.71 -139.62 -7.07
N ALA W 154 30.72 -140.41 -7.46
CA ALA W 154 29.97 -140.18 -8.70
C ALA W 154 28.48 -140.49 -8.52
N ILE W 155 27.63 -139.59 -8.99
CA ILE W 155 26.19 -139.88 -9.08
C ILE W 155 25.88 -139.97 -10.57
N THR W 156 25.05 -140.95 -10.93
CA THR W 156 24.80 -141.31 -12.33
C THR W 156 23.31 -141.57 -12.63
N PRO W 157 22.89 -141.32 -13.88
CA PRO W 157 21.49 -141.39 -14.28
C PRO W 157 21.05 -142.69 -15.00
N TRP W 158 19.75 -142.81 -15.21
CA TRP W 158 19.12 -143.99 -15.77
C TRP W 158 19.27 -144.13 -17.29
N ASN W 159 19.50 -143.00 -17.98
CA ASN W 159 19.45 -142.98 -19.45
C ASN W 159 20.47 -143.88 -20.13
N PHE W 160 21.69 -143.89 -19.57
CA PHE W 160 22.77 -144.78 -20.02
C PHE W 160 23.38 -145.45 -18.79
N PRO W 161 22.66 -146.42 -18.21
CA PRO W 161 22.93 -146.92 -16.85
C PRO W 161 24.16 -147.82 -16.73
N ALA W 162 24.77 -148.16 -17.86
CA ALA W 162 26.04 -148.89 -17.85
C ALA W 162 27.18 -148.00 -18.32
N ALA W 163 27.01 -147.36 -19.48
CA ALA W 163 28.03 -146.43 -20.03
C ALA W 163 28.49 -145.43 -18.98
N MET W 164 27.52 -144.80 -18.32
CA MET W 164 27.78 -143.76 -17.33
C MET W 164 28.73 -144.20 -16.22
N ILE W 165 28.56 -145.44 -15.74
CA ILE W 165 29.41 -145.93 -14.66
C ILE W 165 30.86 -146.03 -15.12
N ALA W 166 31.07 -146.70 -16.25
CA ALA W 166 32.41 -146.90 -16.82
C ALA W 166 33.12 -145.56 -17.09
N ARG W 167 32.33 -144.56 -17.44
CA ARG W 167 32.78 -143.20 -17.77
C ARG W 167 33.31 -142.40 -16.58
N LYS W 168 32.91 -142.81 -15.38
CA LYS W 168 33.28 -142.14 -14.14
C LYS W 168 34.23 -142.97 -13.31
N VAL W 169 33.94 -144.27 -13.18
CA VAL W 169 34.78 -145.22 -12.45
C VAL W 169 36.11 -145.40 -13.18
N GLY W 170 36.04 -145.57 -14.50
CA GLY W 170 37.22 -145.68 -15.35
C GLY W 170 38.33 -144.69 -15.04
N PRO W 171 38.09 -143.40 -15.33
CA PRO W 171 39.12 -142.38 -15.15
C PRO W 171 39.64 -142.30 -13.72
N ALA W 172 38.74 -142.38 -12.75
CA ALA W 172 39.06 -142.26 -11.33
C ALA W 172 40.10 -143.28 -10.87
N LEU W 173 39.83 -144.54 -11.18
CA LEU W 173 40.69 -145.65 -10.79
C LEU W 173 42.04 -145.60 -11.51
N ALA W 174 42.01 -145.34 -12.81
CA ALA W 174 43.22 -145.27 -13.64
C ALA W 174 44.11 -144.11 -13.23
N ALA W 175 43.45 -143.07 -12.73
CA ALA W 175 44.11 -141.92 -12.13
C ALA W 175 44.81 -142.29 -10.84
N GLY W 176 44.33 -143.36 -10.20
CA GLY W 176 44.87 -143.83 -8.93
C GLY W 176 44.01 -143.50 -7.71
N CYS W 177 42.70 -143.39 -7.92
CA CYS W 177 41.76 -143.00 -6.87
C CYS W 177 40.80 -144.13 -6.49
N PRO W 178 40.31 -144.11 -5.24
CA PRO W 178 39.13 -144.91 -4.89
C PRO W 178 37.85 -144.14 -5.20
N ILE W 179 36.80 -144.82 -5.64
CA ILE W 179 35.56 -144.13 -5.98
C ILE W 179 34.29 -144.76 -5.39
N VAL W 180 33.36 -143.91 -4.94
CA VAL W 180 32.05 -144.33 -4.43
C VAL W 180 30.94 -143.85 -5.38
N VAL W 181 30.02 -144.76 -5.74
CA VAL W 181 29.05 -144.49 -6.81
C VAL W 181 27.58 -144.73 -6.41
N LYS W 182 26.74 -143.73 -6.66
CA LYS W 182 25.30 -143.86 -6.48
C LYS W 182 24.65 -143.80 -7.88
N PRO W 183 24.23 -144.96 -8.40
CA PRO W 183 23.48 -145.01 -9.66
C PRO W 183 22.00 -144.69 -9.45
N ALA W 184 21.28 -144.42 -10.54
CA ALA W 184 19.87 -144.05 -10.43
C ALA W 184 19.08 -145.18 -9.77
N GLU W 185 18.15 -144.81 -8.90
CA GLU W 185 17.27 -145.78 -8.26
C GLU W 185 16.44 -146.58 -9.28
N SER W 186 16.26 -146.01 -10.48
CA SER W 186 15.47 -146.67 -11.54
C SER W 186 16.21 -147.80 -12.23
N THR W 187 17.53 -147.74 -12.25
CA THR W 187 18.36 -148.70 -12.99
C THR W 187 19.66 -149.10 -12.27
N PRO W 188 19.54 -149.75 -11.10
CA PRO W 188 20.74 -150.04 -10.32
C PRO W 188 21.53 -151.23 -10.85
N PHE W 189 20.81 -152.19 -11.43
CA PHE W 189 21.32 -153.51 -11.79
C PHE W 189 22.55 -153.48 -12.68
N SER W 190 22.54 -152.62 -13.71
CA SER W 190 23.71 -152.46 -14.60
C SER W 190 24.98 -152.04 -13.84
N ALA W 191 24.82 -151.17 -12.86
CA ALA W 191 25.94 -150.76 -12.03
C ALA W 191 26.43 -151.90 -11.13
N LEU W 192 25.49 -152.69 -10.63
CA LEU W 192 25.82 -153.79 -9.72
C LEU W 192 26.43 -154.99 -10.45
N ALA W 193 25.96 -155.25 -11.66
CA ALA W 193 26.54 -156.28 -12.51
C ALA W 193 28.01 -155.95 -12.77
N MET W 194 28.30 -154.68 -12.95
CA MET W 194 29.63 -154.27 -13.32
C MET W 194 30.60 -154.21 -12.14
N ALA W 195 30.05 -153.91 -10.96
CA ALA W 195 30.82 -153.99 -9.72
C ALA W 195 31.24 -155.44 -9.47
N PHE W 196 30.28 -156.36 -9.63
CA PHE W 196 30.53 -157.79 -9.55
C PHE W 196 31.65 -158.19 -10.50
N LEU W 197 31.60 -157.71 -11.73
CA LEU W 197 32.66 -158.00 -12.69
C LEU W 197 33.98 -157.36 -12.29
N ALA W 198 33.92 -156.13 -11.78
CA ALA W 198 35.09 -155.42 -11.30
C ALA W 198 35.80 -156.20 -10.20
N GLU W 199 35.05 -156.94 -9.39
CA GLU W 199 35.63 -157.80 -8.36
C GLU W 199 36.44 -158.96 -9.00
N ARG W 200 35.81 -159.71 -9.90
CA ARG W 200 36.46 -160.84 -10.60
C ARG W 200 37.74 -160.44 -11.33
N ALA W 201 37.80 -159.20 -11.79
CA ALA W 201 38.97 -158.69 -12.49
C ALA W 201 40.11 -158.37 -11.52
N GLY W 202 39.77 -158.17 -10.26
CA GLY W 202 40.76 -157.97 -9.22
C GLY W 202 40.89 -156.56 -8.70
N VAL W 203 39.79 -155.80 -8.74
CA VAL W 203 39.71 -154.50 -8.09
C VAL W 203 39.63 -154.73 -6.57
N PRO W 204 40.73 -154.45 -5.85
CA PRO W 204 40.77 -154.73 -4.42
C PRO W 204 39.61 -154.10 -3.64
N LYS W 205 39.21 -154.79 -2.57
CA LYS W 205 38.09 -154.38 -1.74
C LYS W 205 38.29 -152.95 -1.24
N GLY W 206 37.28 -152.11 -1.47
CA GLY W 206 37.28 -150.74 -0.97
C GLY W 206 37.43 -149.70 -2.07
N VAL W 207 38.19 -150.05 -3.10
CA VAL W 207 38.50 -149.10 -4.17
C VAL W 207 37.22 -148.65 -4.87
N LEU W 208 36.29 -149.57 -5.05
CA LEU W 208 35.01 -149.28 -5.67
C LEU W 208 33.88 -149.67 -4.73
N SER W 209 32.92 -148.77 -4.58
CA SER W 209 31.67 -149.07 -3.90
C SER W 209 30.49 -148.58 -4.74
N VAL W 210 29.38 -149.33 -4.71
CA VAL W 210 28.16 -148.90 -5.39
C VAL W 210 27.01 -148.85 -4.38
N VAL W 211 26.68 -147.64 -3.95
CA VAL W 211 25.64 -147.39 -2.94
C VAL W 211 24.28 -147.28 -3.62
N ILE W 212 23.21 -147.74 -2.96
CA ILE W 212 21.86 -147.66 -3.50
C ILE W 212 20.84 -147.33 -2.42
N GLY W 213 20.11 -146.23 -2.63
CA GLY W 213 19.00 -145.88 -1.76
C GLY W 213 18.41 -144.50 -2.02
N ASP W 214 18.05 -143.85 -0.92
CA ASP W 214 17.50 -142.50 -0.92
C ASP W 214 18.56 -141.52 -1.49
N PRO W 215 18.25 -140.84 -2.61
CA PRO W 215 19.20 -139.95 -3.28
C PRO W 215 19.59 -138.70 -2.46
N LYS W 216 18.62 -138.11 -1.77
CA LYS W 216 18.88 -136.95 -0.90
C LYS W 216 19.83 -137.32 0.23
N ALA W 217 19.56 -138.46 0.87
CA ALA W 217 20.34 -138.94 2.01
C ALA W 217 21.76 -139.35 1.63
N ILE W 218 21.89 -140.00 0.49
CA ILE W 218 23.18 -140.37 -0.04
C ILE W 218 23.90 -139.12 -0.56
N GLY W 219 23.14 -138.22 -1.18
CA GLY W 219 23.67 -136.95 -1.65
C GLY W 219 24.20 -136.09 -0.52
N THR W 220 23.43 -135.97 0.55
CA THR W 220 23.83 -135.17 1.72
C THR W 220 25.09 -135.72 2.38
N GLU W 221 25.25 -137.05 2.42
CA GLU W 221 26.46 -137.62 3.02
C GLU W 221 27.67 -137.40 2.13
N ILE W 222 27.51 -137.68 0.84
CA ILE W 222 28.60 -137.50 -0.13
C ILE W 222 29.14 -136.06 -0.11
N THR W 223 28.23 -135.09 -0.17
CA THR W 223 28.61 -133.69 -0.27
C THR W 223 29.11 -133.10 1.05
N SER W 224 28.66 -133.62 2.19
CA SER W 224 29.08 -133.07 3.48
C SER W 224 30.32 -133.77 4.06
N ASN W 225 30.58 -135.00 3.62
CA ASN W 225 31.70 -135.78 4.12
C ASN W 225 33.02 -135.16 3.67
N PRO W 226 33.88 -134.78 4.62
CA PRO W 226 35.15 -134.12 4.30
C PRO W 226 36.17 -135.06 3.67
N ILE W 227 35.93 -136.37 3.73
CA ILE W 227 36.84 -137.37 3.13
C ILE W 227 36.75 -137.32 1.61
N VAL W 228 35.56 -137.07 1.07
CA VAL W 228 35.36 -136.96 -0.38
C VAL W 228 35.89 -135.64 -0.88
N ARG W 229 36.83 -135.68 -1.82
CA ARG W 229 37.46 -134.48 -2.35
C ARG W 229 37.08 -134.19 -3.79
N LYS W 230 36.41 -135.15 -4.43
CA LYS W 230 36.08 -135.01 -5.83
C LYS W 230 34.73 -135.67 -6.12
N LEU W 231 33.82 -134.90 -6.75
CA LEU W 231 32.51 -135.43 -7.12
C LEU W 231 32.18 -135.19 -8.59
N SER W 232 31.68 -136.22 -9.26
CA SER W 232 31.24 -136.12 -10.63
C SER W 232 29.74 -136.40 -10.75
N PHE W 233 28.94 -135.36 -11.03
CA PHE W 233 27.48 -135.51 -11.13
C PHE W 233 26.92 -135.37 -12.55
N THR W 234 26.04 -136.30 -12.92
CA THR W 234 25.35 -136.27 -14.19
C THR W 234 23.85 -136.34 -13.91
N GLY W 235 23.11 -135.34 -14.38
CA GLY W 235 21.67 -135.33 -14.19
C GLY W 235 21.04 -133.98 -14.42
N SER W 236 20.01 -133.66 -13.63
CA SER W 236 19.23 -132.45 -13.85
C SER W 236 19.91 -131.23 -13.22
N THR W 237 19.94 -130.16 -14.00
CA THR W 237 20.55 -128.88 -13.62
C THR W 237 20.10 -128.44 -12.23
N ALA W 238 18.81 -128.61 -11.95
CA ALA W 238 18.23 -128.25 -10.66
C ALA W 238 18.87 -129.00 -9.49
N VAL W 239 19.22 -130.27 -9.72
CA VAL W 239 19.87 -131.10 -8.70
C VAL W 239 21.37 -130.76 -8.60
N GLY W 240 22.01 -130.61 -9.76
CA GLY W 240 23.43 -130.24 -9.83
C GLY W 240 23.75 -128.93 -9.14
N ARG W 241 22.80 -127.99 -9.17
CA ARG W 241 22.93 -126.70 -8.50
C ARG W 241 22.97 -126.86 -6.98
N LEU W 242 22.10 -127.70 -6.44
CA LEU W 242 22.03 -127.97 -5.00
C LEU W 242 23.27 -128.72 -4.49
N LEU W 243 23.75 -129.70 -5.27
CA LEU W 243 24.93 -130.48 -4.90
C LEU W 243 26.20 -129.64 -4.80
N MET W 244 26.32 -128.65 -5.69
CA MET W 244 27.43 -127.69 -5.64
C MET W 244 27.34 -126.82 -4.40
N ALA W 245 26.11 -126.46 -4.02
CA ALA W 245 25.87 -125.70 -2.79
C ALA W 245 26.28 -126.52 -1.58
N GLN W 246 25.88 -127.79 -1.58
CA GLN W 246 26.18 -128.71 -0.50
C GLN W 246 27.68 -129.03 -0.41
N SER W 247 28.37 -129.03 -1.55
CA SER W 247 29.80 -129.34 -1.59
C SER W 247 30.70 -128.16 -1.26
N ALA W 248 30.11 -126.99 -1.06
CA ALA W 248 30.87 -125.77 -0.79
C ALA W 248 31.70 -125.78 0.51
N PRO W 249 31.11 -126.25 1.64
CA PRO W 249 31.90 -126.16 2.88
C PRO W 249 33.21 -126.96 2.86
N THR W 250 33.39 -127.82 1.85
CA THR W 250 34.65 -128.58 1.74
C THR W 250 35.37 -128.45 0.40
N VAL W 251 35.02 -127.43 -0.37
CA VAL W 251 35.80 -127.03 -1.56
C VAL W 251 36.07 -128.20 -2.52
N LYS W 252 35.06 -129.02 -2.80
CA LYS W 252 35.27 -130.19 -3.65
C LYS W 252 35.49 -129.81 -5.12
N LYS W 253 36.38 -130.55 -5.78
CA LYS W 253 36.49 -130.47 -7.22
C LYS W 253 35.27 -131.16 -7.83
N LEU W 254 34.61 -130.46 -8.75
CA LEU W 254 33.34 -130.90 -9.31
C LEU W 254 33.35 -131.07 -10.82
N THR W 255 32.59 -132.06 -11.28
CA THR W 255 32.32 -132.25 -12.69
C THR W 255 30.81 -132.45 -12.83
N LEU W 256 30.17 -131.59 -13.62
CA LEU W 256 28.72 -131.61 -13.78
C LEU W 256 28.27 -131.76 -15.22
N GLU W 257 27.57 -132.85 -15.49
CA GLU W 257 26.99 -133.11 -16.82
C GLU W 257 25.48 -132.90 -16.72
N LEU W 258 25.05 -131.66 -16.89
CA LEU W 258 23.66 -131.30 -16.62
C LEU W 258 22.77 -131.30 -17.87
N GLY W 259 21.62 -130.64 -17.77
CA GLY W 259 20.65 -130.56 -18.87
C GLY W 259 21.14 -129.79 -20.09
N GLY W 260 20.56 -130.13 -21.25
CA GLY W 260 20.80 -129.41 -22.49
C GLY W 260 19.51 -128.87 -23.08
N ASN W 261 19.58 -128.53 -24.36
CA ASN W 261 18.42 -128.09 -25.13
C ASN W 261 18.84 -128.15 -26.58
N ALA W 262 19.18 -129.36 -27.04
CA ALA W 262 19.87 -129.56 -28.31
C ALA W 262 19.07 -129.06 -29.50
N PRO W 263 19.64 -128.11 -30.26
CA PRO W 263 19.05 -127.70 -31.53
C PRO W 263 19.59 -128.51 -32.72
N PHE W 264 18.68 -129.08 -33.50
CA PHE W 264 19.05 -129.73 -34.75
C PHE W 264 18.67 -128.77 -35.88
N ILE W 265 19.68 -128.31 -36.60
CA ILE W 265 19.52 -127.22 -37.59
C ILE W 265 19.63 -127.72 -39.04
N VAL W 266 18.58 -127.49 -39.81
CA VAL W 266 18.56 -127.87 -41.22
C VAL W 266 18.54 -126.61 -42.10
N PHE W 267 19.63 -126.40 -42.83
CA PHE W 267 19.81 -125.20 -43.63
C PHE W 267 19.27 -125.29 -45.07
N ASP W 268 19.19 -124.12 -45.70
CA ASP W 268 18.97 -123.95 -47.13
C ASP W 268 19.64 -125.03 -47.98
N ASP W 269 20.95 -125.18 -47.82
CA ASP W 269 21.80 -125.97 -48.73
C ASP W 269 22.07 -127.43 -48.30
N ALA W 270 21.30 -127.93 -47.33
CA ALA W 270 21.57 -129.25 -46.74
C ALA W 270 21.10 -130.43 -47.59
N ASP W 271 21.81 -131.55 -47.45
CA ASP W 271 21.41 -132.84 -48.00
C ASP W 271 20.29 -133.33 -47.09
N LEU W 272 19.07 -133.31 -47.60
CA LEU W 272 17.88 -133.56 -46.78
C LEU W 272 17.79 -134.99 -46.24
N ASP W 273 18.01 -135.97 -47.11
CA ASP W 273 17.93 -137.38 -46.71
C ASP W 273 18.93 -137.71 -45.59
N ALA W 274 20.13 -137.14 -45.69
CA ALA W 274 21.16 -137.26 -44.67
C ALA W 274 20.72 -136.55 -43.39
N ALA W 275 20.11 -135.37 -43.55
CA ALA W 275 19.62 -134.59 -42.41
C ALA W 275 18.49 -135.34 -41.71
N VAL W 276 17.70 -136.09 -42.47
CA VAL W 276 16.66 -136.95 -41.88
C VAL W 276 17.25 -138.20 -41.22
N GLU W 277 18.31 -138.76 -41.83
CA GLU W 277 19.04 -139.90 -41.26
C GLU W 277 19.58 -139.56 -39.86
N GLY W 278 20.18 -138.37 -39.72
CA GLY W 278 20.72 -137.92 -38.45
C GLY W 278 19.66 -137.48 -37.45
N ALA W 279 18.53 -137.03 -37.98
CA ALA W 279 17.37 -136.59 -37.19
C ALA W 279 16.78 -137.74 -36.39
N ILE W 280 16.56 -138.88 -37.06
CA ILE W 280 16.14 -140.12 -36.41
C ILE W 280 17.17 -140.50 -35.35
N ALA W 281 18.44 -140.56 -35.76
CA ALA W 281 19.54 -140.88 -34.85
C ALA W 281 19.54 -139.99 -33.60
N SER W 282 19.51 -138.68 -33.79
CA SER W 282 19.65 -137.75 -32.69
C SER W 282 18.41 -137.64 -31.82
N LYS W 283 17.26 -137.93 -32.40
CA LYS W 283 16.00 -137.63 -31.72
C LYS W 283 15.29 -138.86 -31.17
N TYR W 284 15.46 -139.99 -31.86
CA TYR W 284 14.70 -141.19 -31.52
C TYR W 284 15.55 -142.34 -30.98
N ARG W 285 16.88 -142.15 -30.95
CA ARG W 285 17.79 -143.03 -30.22
C ARG W 285 17.37 -142.99 -28.76
N ASN W 286 17.20 -144.17 -28.18
CA ASN W 286 16.79 -144.31 -26.79
C ASN W 286 15.50 -143.55 -26.49
N ASN W 287 14.50 -143.74 -27.35
CA ASN W 287 13.19 -143.07 -27.25
C ASN W 287 13.28 -141.58 -26.88
N GLY W 288 14.32 -140.92 -27.40
CA GLY W 288 14.57 -139.50 -27.15
C GLY W 288 14.95 -139.15 -25.73
N GLN W 289 15.55 -140.11 -25.02
CA GLN W 289 15.82 -140.00 -23.57
C GLN W 289 17.28 -139.77 -23.17
N THR W 290 18.18 -139.56 -24.14
CA THR W 290 19.59 -139.28 -23.83
C THR W 290 19.83 -137.79 -23.60
N CYS W 291 20.83 -137.45 -22.78
CA CYS W 291 21.13 -136.04 -22.46
C CYS W 291 21.58 -135.21 -23.67
N VAL W 292 21.96 -135.86 -24.75
CA VAL W 292 22.38 -135.13 -25.95
C VAL W 292 21.31 -135.11 -27.04
N CYS W 293 20.16 -135.70 -26.76
CA CYS W 293 19.05 -135.77 -27.72
C CYS W 293 18.58 -134.39 -28.20
N THR W 294 18.16 -134.33 -29.46
CA THR W 294 17.55 -133.14 -30.04
C THR W 294 16.27 -132.82 -29.28
N ASN W 295 16.07 -131.55 -28.98
CA ASN W 295 14.88 -131.08 -28.27
C ASN W 295 14.12 -130.00 -29.05
N ARG W 296 14.80 -129.41 -30.04
CA ARG W 296 14.23 -128.38 -30.90
C ARG W 296 14.83 -128.53 -32.28
N PHE W 297 13.98 -128.80 -33.27
CA PHE W 297 14.42 -128.78 -34.66
C PHE W 297 14.17 -127.41 -35.26
N PHE W 298 15.23 -126.83 -35.84
CA PHE W 298 15.11 -125.56 -36.55
C PHE W 298 15.32 -125.78 -38.05
N VAL W 299 14.24 -125.68 -38.82
CA VAL W 299 14.26 -125.95 -40.26
C VAL W 299 13.99 -124.70 -41.11
N HIS W 300 14.86 -124.50 -42.10
CA HIS W 300 14.80 -123.32 -42.98
C HIS W 300 13.52 -123.27 -43.82
N GLU W 301 12.97 -122.06 -43.93
CA GLU W 301 11.85 -121.71 -44.81
C GLU W 301 11.65 -122.65 -46.00
N ARG W 302 12.67 -122.70 -46.86
CA ARG W 302 12.55 -123.33 -48.18
C ARG W 302 12.69 -124.86 -48.22
N VAL W 303 13.02 -125.46 -47.07
CA VAL W 303 13.12 -126.93 -46.99
C VAL W 303 12.16 -127.53 -45.96
N TYR W 304 11.42 -126.68 -45.25
CA TYR W 304 10.55 -127.10 -44.15
C TYR W 304 9.62 -128.25 -44.56
N ASP W 305 8.85 -128.05 -45.61
CA ASP W 305 7.87 -129.03 -46.06
C ASP W 305 8.48 -130.31 -46.61
N ALA W 306 9.55 -130.20 -47.40
CA ALA W 306 10.27 -131.38 -47.89
C ALA W 306 10.91 -132.15 -46.74
N PHE W 307 11.48 -131.43 -45.78
CA PHE W 307 12.11 -132.06 -44.62
C PHE W 307 11.11 -132.76 -43.71
N ALA W 308 10.00 -132.07 -43.42
CA ALA W 308 8.95 -132.63 -42.58
C ALA W 308 8.33 -133.87 -43.22
N ASP W 309 8.08 -133.81 -44.53
CA ASP W 309 7.50 -134.94 -45.25
C ASP W 309 8.42 -136.16 -45.22
N LYS W 310 9.72 -135.94 -45.46
CA LYS W 310 10.72 -137.01 -45.39
C LYS W 310 10.95 -137.56 -43.98
N LEU W 311 10.79 -136.68 -42.99
CA LEU W 311 10.96 -137.03 -41.58
C LEU W 311 9.83 -137.89 -41.07
N ALA W 312 8.60 -137.54 -41.44
CA ALA W 312 7.43 -138.31 -41.04
C ALA W 312 7.45 -139.71 -41.67
N ALA W 313 7.82 -139.78 -42.95
CA ALA W 313 7.94 -141.06 -43.67
C ALA W 313 8.97 -141.98 -43.03
N ALA W 314 10.00 -141.40 -42.42
CA ALA W 314 11.03 -142.17 -41.73
C ALA W 314 10.56 -142.62 -40.36
N VAL W 315 9.71 -141.80 -39.74
CA VAL W 315 9.18 -142.08 -38.41
C VAL W 315 8.16 -143.23 -38.44
N SER W 316 7.32 -143.26 -39.47
CA SER W 316 6.36 -144.36 -39.66
C SER W 316 7.03 -145.71 -39.95
N LYS W 317 8.34 -145.70 -40.21
CA LYS W 317 9.10 -146.92 -40.44
C LYS W 317 9.52 -147.63 -39.13
N LEU W 318 9.59 -146.86 -38.03
CA LEU W 318 10.10 -147.39 -36.76
C LEU W 318 9.05 -148.17 -35.96
N LYS W 319 9.46 -149.32 -35.43
CA LYS W 319 8.55 -150.25 -34.75
C LYS W 319 8.56 -150.04 -33.24
N VAL W 320 7.38 -149.96 -32.65
CA VAL W 320 7.24 -149.71 -31.20
C VAL W 320 6.92 -150.99 -30.43
N GLY W 321 7.79 -151.33 -29.47
CA GLY W 321 7.62 -152.53 -28.67
C GLY W 321 8.69 -152.82 -27.63
N ARG W 322 8.50 -153.91 -26.88
CA ARG W 322 9.47 -154.42 -25.93
C ARG W 322 10.82 -154.66 -26.61
N GLY W 323 11.90 -154.38 -25.87
CA GLY W 323 13.27 -154.46 -26.42
C GLY W 323 13.79 -155.85 -26.78
N THR W 324 13.20 -156.88 -26.16
CA THR W 324 13.52 -158.27 -26.47
C THR W 324 12.83 -158.75 -27.77
N GLU W 325 11.85 -157.97 -28.23
CA GLU W 325 11.17 -158.24 -29.50
C GLU W 325 12.06 -157.93 -30.70
N SER W 326 12.00 -158.82 -31.69
CA SER W 326 12.77 -158.68 -32.92
C SER W 326 12.25 -157.52 -33.76
N GLY W 327 13.17 -156.70 -34.27
CA GLY W 327 12.85 -155.56 -35.13
C GLY W 327 12.33 -154.31 -34.43
N ALA W 328 12.19 -154.37 -33.10
CA ALA W 328 11.71 -153.25 -32.32
C ALA W 328 12.81 -152.19 -32.19
N THR W 329 12.47 -150.94 -32.53
CA THR W 329 13.43 -149.83 -32.54
C THR W 329 13.12 -148.76 -31.49
N LEU W 330 11.88 -148.75 -31.01
CA LEU W 330 11.47 -147.79 -29.99
C LEU W 330 10.94 -148.50 -28.76
N GLY W 331 11.60 -148.30 -27.62
CA GLY W 331 11.17 -148.85 -26.35
C GLY W 331 10.24 -147.93 -25.60
N PRO W 332 9.83 -148.33 -24.37
CA PRO W 332 8.97 -147.46 -23.60
C PRO W 332 9.77 -146.38 -22.89
N LEU W 333 9.10 -145.29 -22.54
CA LEU W 333 9.69 -144.29 -21.67
C LEU W 333 9.94 -144.94 -20.32
N ILE W 334 10.84 -144.33 -19.55
CA ILE W 334 11.26 -144.87 -18.27
C ILE W 334 10.11 -145.09 -17.29
N ASN W 335 9.30 -144.05 -17.07
CA ASN W 335 8.21 -144.13 -16.10
C ASN W 335 6.99 -143.28 -16.47
N GLU W 336 5.98 -143.29 -15.59
CA GLU W 336 4.72 -142.59 -15.76
C GLU W 336 4.90 -141.08 -16.00
N ALA W 337 5.76 -140.45 -15.20
CA ALA W 337 5.95 -138.99 -15.24
C ALA W 337 6.70 -138.55 -16.50
N ALA W 338 7.53 -139.42 -17.04
CA ALA W 338 8.16 -139.19 -18.33
C ALA W 338 7.06 -139.03 -19.40
N VAL W 339 6.06 -139.90 -19.34
CA VAL W 339 4.89 -139.82 -20.22
C VAL W 339 4.11 -138.53 -19.98
N LYS W 340 3.74 -138.27 -18.73
CA LYS W 340 2.96 -137.08 -18.37
C LYS W 340 3.62 -135.78 -18.87
N LYS W 341 4.95 -135.77 -18.89
CA LYS W 341 5.72 -134.62 -19.37
C LYS W 341 5.61 -134.47 -20.89
N VAL W 342 5.74 -135.58 -21.60
CA VAL W 342 5.67 -135.57 -23.05
C VAL W 342 4.29 -135.10 -23.51
N GLU W 343 3.26 -135.50 -22.77
CA GLU W 343 1.89 -135.10 -23.05
C GLU W 343 1.65 -133.62 -22.79
N SER W 344 2.27 -133.09 -21.74
CA SER W 344 2.21 -131.67 -21.40
C SER W 344 2.85 -130.81 -22.49
N HIS W 345 3.99 -131.27 -23.02
CA HIS W 345 4.67 -130.60 -24.12
C HIS W 345 3.87 -130.64 -25.43
N ILE W 346 3.09 -131.70 -25.63
CA ILE W 346 2.18 -131.82 -26.77
C ILE W 346 0.94 -130.92 -26.61
N ALA W 347 0.34 -130.94 -25.42
CA ALA W 347 -0.87 -130.18 -25.12
C ALA W 347 -0.65 -128.66 -25.16
N ASP W 348 0.49 -128.23 -24.63
CA ASP W 348 0.87 -126.82 -24.57
C ASP W 348 1.22 -126.28 -25.96
N ALA W 349 1.95 -127.07 -26.74
CA ALA W 349 2.24 -126.69 -28.11
C ALA W 349 0.93 -126.41 -28.85
N LEU W 350 0.04 -127.41 -28.89
CA LEU W 350 -1.24 -127.32 -29.62
C LEU W 350 -2.07 -126.12 -29.18
N ALA W 351 -2.15 -125.89 -27.87
CA ALA W 351 -2.88 -124.75 -27.32
C ALA W 351 -2.31 -123.42 -27.83
N LYS W 352 -1.00 -123.41 -28.12
CA LYS W 352 -0.32 -122.20 -28.56
C LYS W 352 -0.17 -122.14 -30.07
N GLY W 353 -0.99 -122.92 -30.77
CA GLY W 353 -1.11 -122.83 -32.22
C GLY W 353 -0.40 -123.91 -33.02
N ALA W 354 0.29 -124.82 -32.35
CA ALA W 354 1.03 -125.87 -33.05
C ALA W 354 0.09 -126.91 -33.66
N SER W 355 0.64 -127.75 -34.54
CA SER W 355 -0.12 -128.80 -35.21
C SER W 355 0.54 -130.17 -35.12
N LEU W 356 -0.28 -131.19 -34.93
CA LEU W 356 0.18 -132.56 -34.73
C LEU W 356 0.24 -133.26 -36.09
N MET W 357 1.45 -133.66 -36.49
CA MET W 357 1.64 -134.27 -37.81
C MET W 357 1.51 -135.79 -37.81
N THR W 358 2.09 -136.44 -36.81
CA THR W 358 2.00 -137.90 -36.66
C THR W 358 2.18 -138.30 -35.19
N GLY W 359 1.53 -139.38 -34.77
CA GLY W 359 1.52 -139.80 -33.37
C GLY W 359 0.72 -138.81 -32.55
N GLY W 360 1.13 -138.61 -31.30
CA GLY W 360 0.45 -137.65 -30.44
C GLY W 360 -0.21 -138.23 -29.21
N LYS W 361 -0.39 -139.56 -29.20
CA LYS W 361 -1.06 -140.22 -28.09
C LYS W 361 -0.21 -141.33 -27.46
N ARG W 362 -0.74 -141.93 -26.39
CA ARG W 362 -0.12 -143.08 -25.74
C ARG W 362 -0.37 -144.31 -26.59
N HIS W 363 0.66 -145.14 -26.72
CA HIS W 363 0.60 -146.36 -27.51
C HIS W 363 -0.36 -147.38 -26.89
N ALA W 364 -0.92 -148.25 -27.73
CA ALA W 364 -1.89 -149.24 -27.29
C ALA W 364 -1.30 -150.25 -26.28
N LEU W 365 -0.03 -150.62 -26.49
CA LEU W 365 0.68 -151.62 -25.66
C LEU W 365 0.93 -151.16 -24.22
N GLY W 366 0.35 -150.01 -23.85
CA GLY W 366 0.36 -149.51 -22.49
C GLY W 366 1.69 -149.12 -21.87
N HIS W 367 1.68 -149.00 -20.54
CA HIS W 367 2.86 -148.69 -19.75
C HIS W 367 3.60 -147.47 -20.27
N GLY W 368 4.93 -147.53 -20.27
CA GLY W 368 5.77 -146.40 -20.66
C GLY W 368 5.80 -146.13 -22.15
N PHE W 369 5.19 -147.02 -22.94
CA PHE W 369 5.12 -146.86 -24.39
C PHE W 369 4.29 -145.65 -24.82
N PHE W 370 4.78 -144.99 -25.88
CA PHE W 370 4.16 -143.79 -26.43
C PHE W 370 4.48 -143.68 -27.90
N GLU W 371 3.54 -143.15 -28.68
CA GLU W 371 3.72 -143.00 -30.13
C GLU W 371 4.74 -141.91 -30.47
N PRO W 372 5.67 -142.19 -31.41
CA PRO W 372 6.65 -141.18 -31.83
C PRO W 372 5.97 -140.03 -32.57
N THR W 373 6.20 -138.81 -32.10
CA THR W 373 5.46 -137.64 -32.54
C THR W 373 6.34 -136.66 -33.32
N VAL W 374 5.75 -136.10 -34.38
CA VAL W 374 6.26 -134.94 -35.08
C VAL W 374 5.27 -133.76 -34.94
N LEU W 375 5.79 -132.60 -34.55
CA LEU W 375 4.99 -131.38 -34.47
C LEU W 375 5.41 -130.35 -35.53
N THR W 376 4.44 -129.67 -36.13
CA THR W 376 4.71 -128.60 -37.08
C THR W 376 4.24 -127.25 -36.56
N GLY W 377 4.78 -126.19 -37.16
CA GLY W 377 4.45 -124.81 -36.76
C GLY W 377 4.73 -124.54 -35.29
N VAL W 378 5.94 -124.88 -34.88
CA VAL W 378 6.33 -124.72 -33.48
C VAL W 378 7.04 -123.38 -33.27
N LYS W 379 6.68 -122.72 -32.18
CA LYS W 379 7.07 -121.34 -31.90
C LYS W 379 7.79 -121.24 -30.55
N PRO W 380 8.75 -120.29 -30.41
CA PRO W 380 9.60 -120.27 -29.22
C PRO W 380 8.91 -119.98 -27.90
N ASP W 381 7.59 -119.82 -27.92
CA ASP W 381 6.83 -119.48 -26.71
C ASP W 381 6.19 -120.72 -26.07
N MET W 382 6.26 -121.84 -26.79
CA MET W 382 5.80 -123.13 -26.29
C MET W 382 6.82 -123.65 -25.29
N ASP W 383 6.37 -124.43 -24.31
CA ASP W 383 7.25 -124.97 -23.27
C ASP W 383 8.45 -125.76 -23.83
N VAL W 384 8.21 -126.56 -24.86
CA VAL W 384 9.25 -127.38 -25.50
C VAL W 384 10.43 -126.58 -26.08
N ALA W 385 10.26 -125.27 -26.22
CA ALA W 385 11.35 -124.39 -26.64
C ALA W 385 12.30 -124.08 -25.49
N LYS W 386 11.83 -124.32 -24.26
CA LYS W 386 12.58 -123.95 -23.06
C LYS W 386 12.94 -125.16 -22.19
N GLU W 387 12.07 -126.17 -22.20
CA GLU W 387 12.28 -127.43 -21.48
C GLU W 387 12.66 -128.60 -22.39
N GLU W 388 13.52 -129.47 -21.86
CA GLU W 388 13.83 -130.75 -22.49
C GLU W 388 12.67 -131.71 -22.30
N THR W 389 12.26 -132.35 -23.40
CA THR W 389 11.13 -133.27 -23.38
C THR W 389 11.49 -134.63 -22.78
N PHE W 390 12.66 -135.17 -23.15
CA PHE W 390 13.08 -136.52 -22.79
C PHE W 390 12.06 -137.55 -23.26
N GLY W 391 11.72 -137.47 -24.54
CA GLY W 391 10.75 -138.36 -25.15
C GLY W 391 10.85 -138.26 -26.66
N PRO W 392 10.06 -139.09 -27.38
CA PRO W 392 10.14 -139.15 -28.83
C PRO W 392 9.27 -138.07 -29.50
N LEU W 393 9.70 -136.81 -29.38
CA LEU W 393 8.91 -135.68 -29.83
C LEU W 393 9.74 -134.77 -30.72
N ALA W 394 9.48 -134.80 -32.02
CA ALA W 394 10.19 -133.95 -32.98
C ALA W 394 9.48 -132.61 -33.19
N PRO W 395 9.97 -131.53 -32.55
CA PRO W 395 9.30 -130.24 -32.70
C PRO W 395 9.97 -129.35 -33.76
N LEU W 396 9.25 -129.05 -34.82
CA LEU W 396 9.82 -128.37 -35.98
C LEU W 396 9.57 -126.85 -36.02
N PHE W 397 10.51 -126.10 -35.45
CA PHE W 397 10.54 -124.65 -35.58
C PHE W 397 10.95 -124.26 -37.00
N ARG W 398 10.69 -123.01 -37.35
CA ARG W 398 11.01 -122.47 -38.67
C ARG W 398 11.93 -121.26 -38.53
N PHE W 399 12.90 -121.13 -39.43
CA PHE W 399 13.73 -119.92 -39.49
C PHE W 399 13.85 -119.42 -40.93
N ALA W 400 14.39 -118.22 -41.11
CA ALA W 400 14.44 -117.56 -42.41
C ALA W 400 15.83 -117.06 -42.83
N SER W 401 16.76 -117.01 -41.86
CA SER W 401 18.11 -116.47 -42.09
C SER W 401 19.08 -116.97 -41.03
N GLU W 402 20.37 -116.87 -41.35
CA GLU W 402 21.46 -117.33 -40.48
C GLU W 402 21.59 -116.52 -39.18
N GLU W 403 21.45 -115.20 -39.28
CA GLU W 403 21.54 -114.33 -38.11
C GLU W 403 20.44 -114.66 -37.10
N GLU W 404 19.23 -114.90 -37.63
CA GLU W 404 18.06 -115.26 -36.83
C GLU W 404 18.28 -116.56 -36.08
N LEU W 405 18.89 -117.54 -36.74
CA LEU W 405 19.06 -118.88 -36.18
C LEU W 405 19.99 -118.91 -34.97
N VAL W 406 21.19 -118.36 -35.13
CA VAL W 406 22.17 -118.28 -34.04
C VAL W 406 21.52 -117.72 -32.76
N ARG W 407 20.78 -116.62 -32.92
CA ARG W 407 20.00 -116.03 -31.84
C ARG W 407 18.94 -117.00 -31.35
N LEU W 408 18.23 -117.63 -32.28
CA LEU W 408 17.21 -118.64 -31.94
C LEU W 408 17.77 -119.85 -31.21
N ALA W 409 18.93 -120.33 -31.65
CA ALA W 409 19.60 -121.47 -31.04
C ALA W 409 20.26 -121.16 -29.68
N ASN W 410 20.76 -119.92 -29.53
CA ASN W 410 21.43 -119.50 -28.29
C ASN W 410 20.54 -118.81 -27.26
N ASP W 411 19.24 -118.76 -27.53
CA ASP W 411 18.28 -118.18 -26.59
C ASP W 411 17.87 -119.24 -25.56
N THR W 412 18.87 -119.73 -24.83
CA THR W 412 18.66 -120.67 -23.73
C THR W 412 19.77 -120.55 -22.69
N GLU W 413 19.48 -120.92 -21.44
CA GLU W 413 20.49 -120.96 -20.38
C GLU W 413 21.45 -122.15 -20.49
N PHE W 414 20.99 -123.21 -21.17
CA PHE W 414 21.76 -124.45 -21.35
C PHE W 414 22.69 -124.41 -22.59
N GLY W 415 23.57 -125.40 -22.71
CA GLY W 415 24.46 -125.52 -23.87
C GLY W 415 25.30 -126.78 -23.84
N LEU W 416 24.68 -127.93 -24.10
CA LEU W 416 25.40 -129.19 -24.12
C LEU W 416 25.74 -129.56 -25.57
N ALA W 417 24.80 -130.18 -26.26
CA ALA W 417 24.99 -130.65 -27.64
C ALA W 417 24.22 -129.83 -28.69
N ALA W 418 24.75 -129.82 -29.91
CA ALA W 418 24.08 -129.20 -31.06
C ALA W 418 24.37 -129.97 -32.34
N TYR W 419 23.49 -129.79 -33.32
CA TYR W 419 23.61 -130.47 -34.60
C TYR W 419 23.31 -129.50 -35.73
N LEU W 420 24.02 -129.69 -36.85
CA LEU W 420 24.02 -128.74 -37.96
C LEU W 420 24.27 -129.41 -39.31
N TYR W 421 23.28 -129.31 -40.21
CA TYR W 421 23.44 -129.82 -41.57
C TYR W 421 23.47 -128.67 -42.58
N SER W 422 24.60 -128.55 -43.26
CA SER W 422 24.80 -127.56 -44.31
C SER W 422 26.00 -128.05 -45.11
N ARG W 423 25.99 -127.80 -46.42
CA ARG W 423 27.09 -128.25 -47.27
C ARG W 423 28.14 -127.15 -47.55
N ASP W 424 27.81 -125.90 -47.25
CA ASP W 424 28.71 -124.77 -47.49
C ASP W 424 29.77 -124.63 -46.38
N ILE W 425 31.04 -124.83 -46.75
CA ILE W 425 32.17 -124.75 -45.81
C ILE W 425 32.20 -123.45 -44.99
N GLY W 426 31.85 -122.33 -45.63
CA GLY W 426 31.87 -121.01 -44.98
C GLY W 426 30.85 -120.88 -43.87
N ARG W 427 29.60 -121.23 -44.20
CA ARG W 427 28.48 -121.16 -43.27
C ARG W 427 28.59 -122.18 -42.14
N VAL W 428 29.06 -123.39 -42.46
CA VAL W 428 29.25 -124.47 -41.46
C VAL W 428 30.16 -124.02 -40.31
N TRP W 429 31.25 -123.34 -40.64
CA TRP W 429 32.18 -122.79 -39.64
C TRP W 429 31.66 -121.58 -38.86
N ARG W 430 30.98 -120.66 -39.55
CA ARG W 430 30.43 -119.45 -38.91
C ARG W 430 29.51 -119.85 -37.76
N VAL W 431 28.56 -120.71 -38.10
CA VAL W 431 27.52 -121.16 -37.18
C VAL W 431 28.07 -122.06 -36.09
N ALA W 432 28.96 -122.98 -36.45
CA ALA W 432 29.62 -123.82 -35.44
C ALA W 432 30.36 -122.96 -34.39
N GLU W 433 31.01 -121.89 -34.84
CA GLU W 433 31.73 -120.98 -33.94
C GLU W 433 30.83 -120.07 -33.12
N ALA W 434 29.67 -119.72 -33.68
CA ALA W 434 28.72 -118.84 -33.01
C ALA W 434 27.86 -119.58 -32.00
N LEU W 435 27.72 -120.89 -32.18
CA LEU W 435 26.87 -121.69 -31.31
C LEU W 435 27.48 -121.81 -29.93
N GLU W 436 26.67 -121.59 -28.89
CA GLU W 436 27.15 -121.72 -27.52
C GLU W 436 26.85 -123.12 -26.99
N TYR W 437 27.63 -124.09 -27.46
CA TYR W 437 27.49 -125.49 -27.06
C TYR W 437 28.87 -126.12 -26.89
N GLY W 438 28.94 -127.15 -26.05
CA GLY W 438 30.20 -127.86 -25.81
C GLY W 438 30.51 -128.88 -26.90
N MET W 439 29.46 -129.32 -27.59
CA MET W 439 29.57 -130.31 -28.65
C MET W 439 28.65 -129.95 -29.80
N VAL W 440 29.20 -129.94 -31.01
CA VAL W 440 28.44 -129.61 -32.20
C VAL W 440 28.71 -130.64 -33.31
N GLY W 441 27.70 -131.43 -33.64
CA GLY W 441 27.80 -132.40 -34.73
C GLY W 441 27.62 -131.75 -36.08
N ILE W 442 28.55 -132.01 -37.00
CA ILE W 442 28.50 -131.40 -38.34
C ILE W 442 28.17 -132.44 -39.43
N ASN W 443 26.97 -132.30 -39.99
CA ASN W 443 26.38 -133.27 -40.91
C ASN W 443 26.28 -134.68 -40.33
N THR W 444 25.95 -134.77 -39.04
CA THR W 444 25.66 -136.03 -38.36
C THR W 444 24.79 -135.82 -37.11
N GLY W 445 24.05 -136.86 -36.72
CA GLY W 445 23.22 -136.84 -35.52
C GLY W 445 23.84 -137.53 -34.33
N LEU W 446 24.94 -138.25 -34.56
CA LEU W 446 25.65 -139.00 -33.51
C LEU W 446 27.10 -138.53 -33.35
N ILE W 447 27.51 -138.29 -32.11
CA ILE W 447 28.75 -137.57 -31.83
C ILE W 447 29.56 -138.16 -30.66
N SER W 448 28.94 -139.05 -29.90
CA SER W 448 29.54 -139.64 -28.69
C SER W 448 30.56 -140.73 -29.02
N ASN W 449 31.70 -140.67 -28.34
CA ASN W 449 32.76 -141.69 -28.45
C ASN W 449 33.76 -141.55 -27.29
N GLU W 450 34.63 -142.54 -27.11
CA GLU W 450 35.58 -142.54 -25.98
C GLU W 450 36.63 -141.43 -26.07
N VAL W 451 37.03 -141.10 -27.29
CA VAL W 451 38.14 -140.19 -27.53
C VAL W 451 37.68 -138.71 -27.65
N ALA W 452 36.36 -138.49 -27.58
CA ALA W 452 35.79 -137.15 -27.64
C ALA W 452 35.51 -136.54 -26.25
N PRO W 453 35.99 -135.30 -26.02
CA PRO W 453 35.64 -134.60 -24.77
C PRO W 453 34.15 -134.28 -24.67
N PHE W 454 33.48 -134.98 -23.77
CA PHE W 454 32.03 -134.86 -23.62
C PHE W 454 31.71 -133.98 -22.43
N GLY W 455 30.98 -132.91 -22.71
CA GLY W 455 30.58 -131.97 -21.66
C GLY W 455 29.89 -130.78 -22.27
N GLY W 456 29.27 -129.98 -21.41
CA GLY W 456 28.55 -128.79 -21.85
C GLY W 456 29.15 -127.48 -21.39
N VAL W 457 28.53 -126.40 -21.82
CA VAL W 457 28.90 -125.05 -21.41
C VAL W 457 27.67 -124.43 -20.74
N LYS W 458 27.86 -123.29 -20.07
CA LYS W 458 26.76 -122.54 -19.46
C LYS W 458 26.08 -123.35 -18.34
N GLN W 459 24.75 -123.44 -18.34
CA GLN W 459 24.05 -124.20 -17.29
C GLN W 459 24.07 -125.73 -17.52
N SER W 460 24.69 -126.16 -18.62
CA SER W 460 24.93 -127.57 -18.91
C SER W 460 26.13 -128.14 -18.13
N GLY W 461 26.85 -127.28 -17.40
CA GLY W 461 27.84 -127.73 -16.43
C GLY W 461 29.29 -127.44 -16.74
N LEU W 462 30.18 -127.93 -15.89
CA LEU W 462 31.63 -127.73 -16.05
C LEU W 462 32.40 -129.04 -15.94
N GLY W 463 33.52 -129.10 -16.67
CA GLY W 463 34.32 -130.31 -16.81
C GLY W 463 34.07 -131.02 -18.12
N ARG W 464 35.03 -131.85 -18.56
CA ARG W 464 34.87 -132.73 -19.70
C ARG W 464 35.26 -134.15 -19.32
N GLU W 465 34.65 -135.12 -19.97
CA GLU W 465 35.00 -136.53 -19.75
C GLU W 465 35.14 -137.26 -21.08
N GLY W 466 36.03 -138.24 -21.12
CA GLY W 466 36.52 -138.79 -22.39
C GLY W 466 37.75 -138.02 -22.84
N SER W 467 38.31 -138.40 -23.99
CA SER W 467 39.60 -137.87 -24.50
C SER W 467 40.73 -137.92 -23.46
N HIS W 468 41.80 -137.15 -23.68
CA HIS W 468 42.84 -137.02 -22.67
C HIS W 468 42.42 -136.00 -21.60
N TYR W 469 41.38 -135.23 -21.92
CA TYR W 469 40.86 -134.19 -21.03
C TYR W 469 40.11 -134.78 -19.82
N GLY W 470 39.66 -136.02 -19.96
CA GLY W 470 38.75 -136.64 -18.99
C GLY W 470 39.36 -137.33 -17.77
N ILE W 471 40.66 -137.15 -17.55
CA ILE W 471 41.36 -137.72 -16.40
C ILE W 471 42.03 -136.61 -15.59
N ASP W 472 42.07 -135.42 -16.18
CA ASP W 472 42.73 -134.25 -15.59
C ASP W 472 42.11 -133.79 -14.28
N ASP W 473 40.79 -133.97 -14.15
CA ASP W 473 40.06 -133.60 -12.95
C ASP W 473 40.39 -134.54 -11.79
N TYR W 474 40.65 -135.79 -12.14
CA TYR W 474 40.90 -136.85 -11.17
C TYR W 474 42.30 -136.78 -10.59
N VAL W 475 43.16 -136.05 -11.29
CA VAL W 475 44.49 -135.76 -10.79
C VAL W 475 44.60 -134.36 -10.23
N VAL W 476 45.41 -134.23 -9.19
CA VAL W 476 45.78 -132.96 -8.62
C VAL W 476 47.25 -132.70 -9.04
N ILE W 477 47.71 -131.45 -8.99
CA ILE W 477 49.07 -131.15 -9.48
C ILE W 477 50.01 -130.55 -8.41
N LYS W 478 51.23 -131.08 -8.36
CA LYS W 478 52.22 -130.62 -7.41
C LYS W 478 53.41 -130.00 -8.12
N TYR W 479 53.72 -128.77 -7.72
CA TYR W 479 54.84 -128.01 -8.28
C TYR W 479 56.06 -128.09 -7.36
N LEU W 480 57.11 -128.68 -7.90
CA LEU W 480 58.37 -128.83 -7.19
C LEU W 480 59.39 -127.85 -7.74
N CYS W 481 59.84 -126.94 -6.88
CA CYS W 481 60.89 -125.98 -7.20
C CYS W 481 62.18 -126.34 -6.45
N VAL W 482 63.18 -126.80 -7.19
CA VAL W 482 64.38 -127.39 -6.61
C VAL W 482 65.59 -126.46 -6.77
N ALA W 483 66.34 -126.26 -5.68
CA ALA W 483 67.59 -125.49 -5.69
C ALA W 483 68.72 -126.25 -6.42
N VAL W 484 69.43 -125.54 -7.31
CA VAL W 484 70.43 -126.14 -8.22
C VAL W 484 71.57 -126.93 -7.53
N GLY X 3 63.20 -177.95 -33.20
CA GLY X 3 63.68 -179.18 -32.51
C GLY X 3 62.81 -179.61 -31.33
N SER X 4 63.11 -179.08 -30.14
CA SER X 4 62.30 -179.33 -28.93
C SER X 4 61.48 -178.10 -28.57
N MET X 5 60.38 -177.90 -29.29
CA MET X 5 59.47 -176.77 -29.10
C MET X 5 58.02 -177.23 -29.08
N LYS X 6 57.18 -176.52 -28.32
CA LYS X 6 55.73 -176.77 -28.28
C LYS X 6 55.18 -176.63 -29.70
N ASP X 7 55.23 -175.41 -30.22
CA ASP X 7 54.93 -175.17 -31.62
C ASP X 7 56.24 -174.99 -32.38
N PRO X 8 56.68 -176.05 -33.10
CA PRO X 8 57.96 -175.98 -33.81
C PRO X 8 57.88 -175.12 -35.08
N SER X 9 56.66 -174.91 -35.59
CA SER X 9 56.43 -174.11 -36.81
C SER X 9 56.78 -172.63 -36.63
N LEU X 10 57.18 -172.26 -35.41
CA LEU X 10 57.67 -170.91 -35.15
C LEU X 10 59.00 -170.63 -35.85
N LEU X 11 59.88 -171.64 -35.89
CA LEU X 11 61.19 -171.48 -36.52
C LEU X 11 61.04 -171.43 -38.04
N ARG X 12 61.20 -170.23 -38.60
CA ARG X 12 60.96 -170.00 -40.01
C ARG X 12 62.23 -170.11 -40.86
N HIS X 13 62.16 -170.93 -41.92
CA HIS X 13 63.30 -171.15 -42.83
C HIS X 13 63.07 -170.49 -44.19
N GLN X 14 61.99 -169.73 -44.29
CA GLN X 14 61.70 -168.93 -45.48
C GLN X 14 61.54 -167.45 -45.10
N ALA X 15 61.70 -166.55 -46.06
CA ALA X 15 61.50 -165.14 -45.78
C ALA X 15 60.03 -164.74 -46.01
N TYR X 16 59.57 -163.74 -45.25
CA TYR X 16 58.21 -163.22 -45.37
C TYR X 16 58.22 -161.98 -46.26
N ILE X 17 57.94 -162.17 -47.54
CA ILE X 17 57.97 -161.08 -48.52
C ILE X 17 56.56 -160.55 -48.77
N GLY X 18 56.26 -159.42 -48.15
CA GLY X 18 55.01 -158.69 -48.37
C GLY X 18 53.77 -159.55 -48.47
N GLY X 19 53.56 -160.38 -47.45
CA GLY X 19 52.36 -161.23 -47.37
C GLY X 19 52.57 -162.74 -47.45
N GLU X 20 53.56 -163.17 -48.23
CA GLU X 20 53.79 -164.62 -48.44
C GLU X 20 55.19 -165.15 -48.19
N TRP X 21 55.25 -166.44 -47.82
CA TRP X 21 56.47 -167.13 -47.38
C TRP X 21 57.32 -167.69 -48.52
N GLN X 22 58.31 -166.91 -48.95
CA GLN X 22 59.15 -167.25 -50.11
C GLN X 22 60.59 -167.57 -49.74
N ALA X 23 61.23 -168.39 -50.58
CA ALA X 23 62.68 -168.56 -50.55
C ALA X 23 63.31 -167.52 -51.46
N ALA X 24 64.65 -167.47 -51.48
CA ALA X 24 65.38 -166.59 -52.39
C ALA X 24 65.06 -166.98 -53.83
N ASP X 25 64.84 -165.98 -54.68
CA ASP X 25 64.57 -166.21 -56.11
C ASP X 25 65.68 -167.07 -56.74
N SER X 26 66.93 -166.73 -56.43
CA SER X 26 68.09 -167.52 -56.88
C SER X 26 68.11 -168.90 -56.20
N ASP X 27 67.56 -168.94 -54.98
CA ASP X 27 67.62 -170.10 -54.08
C ASP X 27 68.91 -170.17 -53.27
N ALA X 28 69.92 -169.40 -53.72
CA ALA X 28 71.22 -169.36 -53.03
C ALA X 28 70.98 -169.05 -51.56
N THR X 29 71.27 -170.02 -50.70
CA THR X 29 70.97 -169.92 -49.27
C THR X 29 72.18 -169.49 -48.41
N PHE X 30 71.95 -169.38 -47.11
CA PHE X 30 72.93 -168.84 -46.15
C PHE X 30 72.70 -169.53 -44.81
N GLU X 31 73.62 -170.41 -44.43
CA GLU X 31 73.46 -171.21 -43.22
C GLU X 31 73.64 -170.34 -41.97
N VAL X 32 72.92 -170.68 -40.90
CA VAL X 32 72.95 -169.90 -39.66
C VAL X 32 73.33 -170.78 -38.46
N PHE X 33 74.31 -170.30 -37.68
CA PHE X 33 74.98 -171.06 -36.63
C PHE X 33 74.65 -170.59 -35.20
N ASP X 34 74.72 -171.53 -34.26
CA ASP X 34 74.64 -171.27 -32.83
C ASP X 34 76.00 -170.73 -32.36
N PRO X 35 76.02 -169.74 -31.45
CA PRO X 35 77.31 -169.26 -30.91
C PRO X 35 77.83 -169.98 -29.65
N ALA X 36 77.06 -170.94 -29.12
CA ALA X 36 77.41 -171.64 -27.86
C ALA X 36 78.06 -173.03 -28.04
N THR X 37 77.79 -173.68 -29.18
CA THR X 37 78.34 -175.00 -29.48
C THR X 37 78.76 -175.11 -30.95
N GLY X 38 78.63 -174.00 -31.68
CA GLY X 38 79.00 -173.92 -33.09
C GLY X 38 78.08 -174.67 -34.05
N GLU X 39 77.14 -175.44 -33.48
CA GLU X 39 76.29 -176.34 -34.26
C GLU X 39 75.25 -175.62 -35.12
N SER X 40 75.05 -176.16 -36.32
CA SER X 40 74.15 -175.62 -37.34
C SER X 40 72.67 -175.64 -36.89
N LEU X 41 71.98 -174.52 -37.13
CA LEU X 41 70.56 -174.39 -36.76
C LEU X 41 69.60 -174.39 -37.97
N GLY X 42 70.16 -174.25 -39.18
CA GLY X 42 69.38 -174.37 -40.44
C GLY X 42 69.73 -173.41 -41.58
N THR X 43 68.83 -173.35 -42.57
CA THR X 43 69.02 -172.52 -43.78
C THR X 43 68.08 -171.30 -43.83
N VAL X 44 68.62 -170.17 -44.31
CA VAL X 44 67.82 -168.96 -44.56
C VAL X 44 68.14 -168.36 -45.95
N PRO X 45 67.11 -167.84 -46.66
CA PRO X 45 67.31 -167.21 -47.96
C PRO X 45 68.47 -166.22 -48.01
N LYS X 46 69.18 -166.18 -49.14
CA LYS X 46 70.11 -165.10 -49.41
C LYS X 46 69.49 -164.26 -50.53
N MET X 47 68.90 -163.14 -50.13
CA MET X 47 68.18 -162.27 -51.06
C MET X 47 68.93 -160.96 -51.28
N GLY X 48 68.76 -160.38 -52.46
CA GLY X 48 69.37 -159.11 -52.80
C GLY X 48 68.35 -158.13 -53.33
N ALA X 49 68.78 -157.34 -54.31
CA ALA X 49 67.97 -156.27 -54.89
C ALA X 49 66.55 -156.70 -55.29
N ALA X 50 66.45 -157.77 -56.08
CA ALA X 50 65.17 -158.20 -56.69
C ALA X 50 64.01 -158.45 -55.71
N GLU X 51 64.33 -159.06 -54.55
CA GLU X 51 63.31 -159.47 -53.57
C GLU X 51 62.88 -158.34 -52.62
N THR X 52 63.81 -157.45 -52.31
CA THR X 52 63.52 -156.26 -51.49
C THR X 52 62.56 -155.35 -52.25
N ALA X 53 62.83 -155.14 -53.53
CA ALA X 53 61.96 -154.35 -54.41
C ALA X 53 60.53 -154.91 -54.41
N ARG X 54 60.42 -156.22 -54.58
CA ARG X 54 59.12 -156.89 -54.58
C ARG X 54 58.45 -156.91 -53.19
N ALA X 55 59.17 -156.43 -52.17
CA ALA X 55 58.60 -156.23 -50.83
C ALA X 55 58.23 -154.76 -50.63
N ILE X 56 59.10 -153.87 -51.14
CA ILE X 56 58.88 -152.43 -51.07
C ILE X 56 57.66 -152.01 -51.90
N GLU X 57 57.41 -152.72 -53.00
CA GLU X 57 56.23 -152.50 -53.82
C GLU X 57 54.97 -153.01 -53.12
N ALA X 58 55.09 -154.18 -52.47
CA ALA X 58 53.97 -154.79 -51.75
C ALA X 58 53.58 -153.97 -50.51
N ALA X 59 54.55 -153.30 -49.92
CA ALA X 59 54.30 -152.38 -48.81
C ALA X 59 53.46 -151.18 -49.27
N GLN X 60 53.77 -150.65 -50.46
CA GLN X 60 53.03 -149.53 -51.04
C GLN X 60 51.61 -149.90 -51.47
N ALA X 61 51.43 -151.14 -51.95
CA ALA X 61 50.12 -151.65 -52.36
C ALA X 61 49.20 -151.94 -51.17
N ALA X 62 49.80 -152.06 -49.99
CA ALA X 62 49.04 -152.32 -48.76
C ALA X 62 48.65 -151.01 -48.06
N TRP X 63 49.47 -149.98 -48.21
CA TRP X 63 49.34 -148.73 -47.45
C TRP X 63 47.92 -148.14 -47.39
N ALA X 64 47.23 -148.11 -48.53
CA ALA X 64 45.91 -147.45 -48.64
C ALA X 64 44.82 -148.10 -47.78
N GLY X 65 44.78 -149.44 -47.77
CA GLY X 65 43.82 -150.19 -46.97
C GLY X 65 44.16 -150.13 -45.49
N TRP X 66 45.46 -150.13 -45.18
CA TRP X 66 45.95 -150.11 -43.81
C TRP X 66 45.74 -148.77 -43.11
N ARG X 67 45.96 -147.67 -43.85
CA ARG X 67 45.78 -146.32 -43.30
C ARG X 67 44.30 -145.94 -43.14
N MET X 68 43.44 -146.53 -43.99
CA MET X 68 42.00 -146.23 -43.97
C MET X 68 41.25 -146.97 -42.85
N LYS X 69 41.90 -147.96 -42.25
CA LYS X 69 41.39 -148.55 -41.01
C LYS X 69 41.58 -147.50 -39.93
N THR X 70 40.68 -147.48 -38.94
CA THR X 70 40.82 -146.55 -37.83
C THR X 70 42.01 -146.95 -36.95
N ALA X 71 42.49 -145.99 -36.16
CA ALA X 71 43.52 -146.25 -35.17
C ALA X 71 43.08 -147.33 -34.17
N LYS X 72 41.79 -147.31 -33.81
CA LYS X 72 41.20 -148.34 -32.96
C LYS X 72 41.27 -149.73 -33.61
N GLU X 73 40.96 -149.79 -34.91
CA GLU X 73 41.02 -151.03 -35.69
C GLU X 73 42.46 -151.54 -35.81
N ARG X 74 43.40 -150.61 -36.00
CA ARG X 74 44.82 -150.93 -36.10
C ARG X 74 45.37 -151.47 -34.79
N ALA X 75 45.00 -150.80 -33.70
CA ALA X 75 45.40 -151.25 -32.36
C ALA X 75 44.87 -152.64 -32.04
N ALA X 76 43.61 -152.90 -32.41
CA ALA X 76 42.97 -154.21 -32.23
C ALA X 76 43.82 -155.33 -32.83
N ILE X 77 44.21 -155.16 -34.09
CA ILE X 77 45.10 -156.08 -34.81
C ILE X 77 46.48 -156.25 -34.14
N LEU X 78 47.07 -155.15 -33.66
CA LEU X 78 48.37 -155.19 -32.96
C LEU X 78 48.27 -155.81 -31.56
N ARG X 79 47.18 -155.54 -30.85
CA ARG X 79 46.93 -156.10 -29.52
C ARG X 79 46.83 -157.63 -29.56
N ARG X 80 46.20 -158.18 -30.60
CA ARG X 80 46.18 -159.62 -30.84
C ARG X 80 47.61 -160.17 -30.99
N TRP X 81 48.49 -159.36 -31.58
CA TRP X 81 49.88 -159.75 -31.77
C TRP X 81 50.67 -159.71 -30.46
N PHE X 82 50.36 -158.72 -29.62
CA PHE X 82 50.88 -158.67 -28.25
C PHE X 82 50.51 -159.96 -27.54
N ASP X 83 49.23 -160.34 -27.61
CA ASP X 83 48.71 -161.57 -27.00
C ASP X 83 49.51 -162.79 -27.50
N LEU X 84 49.62 -162.91 -28.81
CA LEU X 84 50.32 -164.03 -29.45
C LEU X 84 51.85 -164.01 -29.24
N VAL X 85 52.38 -162.88 -28.77
CA VAL X 85 53.77 -162.81 -28.33
C VAL X 85 53.87 -163.28 -26.89
N ILE X 86 52.93 -162.83 -26.06
CA ILE X 86 52.88 -163.23 -24.63
C ILE X 86 52.65 -164.73 -24.50
N ALA X 87 51.73 -165.27 -25.30
CA ALA X 87 51.35 -166.69 -25.25
C ALA X 87 52.51 -167.60 -25.66
N ASN X 88 53.13 -167.28 -26.80
CA ASN X 88 54.24 -168.06 -27.33
C ASN X 88 55.61 -167.53 -26.87
N SER X 89 55.70 -167.20 -25.57
CA SER X 89 56.92 -166.61 -24.99
C SER X 89 58.09 -167.58 -24.97
N ASP X 90 57.90 -168.71 -24.29
CA ASP X 90 58.94 -169.73 -24.07
C ASP X 90 59.62 -170.16 -25.36
N ASP X 91 58.82 -170.48 -26.37
CA ASP X 91 59.31 -170.92 -27.67
C ASP X 91 60.14 -169.84 -28.37
N LEU X 92 59.72 -168.58 -28.21
CA LEU X 92 60.43 -167.44 -28.75
C LEU X 92 61.72 -167.14 -27.98
N ALA X 93 61.67 -167.37 -26.67
CA ALA X 93 62.83 -167.20 -25.79
C ALA X 93 63.91 -168.26 -26.06
N LEU X 94 63.45 -169.48 -26.38
CA LEU X 94 64.34 -170.59 -26.69
C LEU X 94 64.92 -170.47 -28.10
N ILE X 95 64.17 -169.84 -29.00
CA ILE X 95 64.67 -169.50 -30.33
C ILE X 95 65.76 -168.43 -30.22
N LEU X 96 65.60 -167.56 -29.24
CA LEU X 96 66.52 -166.44 -29.02
C LEU X 96 67.86 -166.91 -28.46
N THR X 97 67.81 -167.82 -27.48
CA THR X 97 69.02 -168.33 -26.82
C THR X 97 69.93 -169.07 -27.82
N THR X 98 69.31 -169.84 -28.71
CA THR X 98 70.04 -170.65 -29.68
C THR X 98 70.73 -169.80 -30.77
N GLU X 99 70.08 -168.75 -31.23
CA GLU X 99 70.67 -167.90 -32.27
C GLU X 99 71.36 -166.63 -31.73
N GLN X 100 71.18 -166.33 -30.45
CA GLN X 100 71.84 -165.17 -29.81
C GLN X 100 72.84 -165.60 -28.72
N GLY X 101 72.38 -166.48 -27.83
CA GLY X 101 73.24 -167.05 -26.79
C GLY X 101 73.15 -166.31 -25.48
N LYS X 102 71.93 -166.02 -25.05
CA LYS X 102 71.72 -165.32 -23.77
C LYS X 102 70.87 -166.17 -22.82
N PRO X 103 71.16 -166.09 -21.50
CA PRO X 103 70.45 -166.88 -20.47
C PRO X 103 68.92 -166.77 -20.56
N LEU X 104 68.21 -167.90 -20.37
CA LEU X 104 66.74 -167.93 -20.37
C LEU X 104 66.10 -166.74 -19.63
N ALA X 105 66.70 -166.34 -18.51
CA ALA X 105 66.24 -165.20 -17.70
C ALA X 105 66.19 -163.88 -18.51
N GLU X 106 67.24 -163.64 -19.30
CA GLU X 106 67.32 -162.45 -20.15
C GLU X 106 66.52 -162.63 -21.44
N ALA X 107 66.22 -163.87 -21.80
CA ALA X 107 65.36 -164.16 -22.94
C ALA X 107 63.90 -163.80 -22.63
N LYS X 108 63.35 -164.41 -21.58
CA LYS X 108 62.00 -164.08 -21.09
C LYS X 108 61.90 -162.60 -20.75
N GLY X 109 63.03 -162.03 -20.33
CA GLY X 109 63.15 -160.58 -20.14
C GLY X 109 62.85 -159.85 -21.43
N GLU X 110 63.62 -160.14 -22.47
CA GLU X 110 63.46 -159.47 -23.76
C GLU X 110 62.11 -159.73 -24.38
N ILE X 111 61.66 -160.97 -24.34
CA ILE X 111 60.34 -161.32 -24.92
C ILE X 111 59.22 -160.43 -24.37
N ALA X 112 59.23 -160.19 -23.05
CA ALA X 112 58.20 -159.38 -22.39
C ALA X 112 58.31 -157.90 -22.78
N TYR X 113 59.56 -157.44 -22.84
CA TYR X 113 59.95 -156.09 -23.20
C TYR X 113 59.60 -155.80 -24.67
N ALA X 114 59.78 -156.81 -25.52
CA ALA X 114 59.40 -156.74 -26.93
C ALA X 114 57.89 -156.57 -27.12
N ALA X 115 57.11 -157.14 -26.20
CA ALA X 115 55.64 -157.03 -26.25
C ALA X 115 55.15 -155.74 -25.57
N SER X 116 55.94 -155.21 -24.64
CA SER X 116 55.61 -153.93 -24.02
C SER X 116 55.49 -152.82 -25.08
N PHE X 117 56.37 -152.84 -26.08
CA PHE X 117 56.34 -151.87 -27.17
C PHE X 117 55.14 -152.09 -28.09
N ILE X 118 54.90 -153.36 -28.48
CA ILE X 118 53.73 -153.74 -29.29
C ILE X 118 52.43 -153.26 -28.62
N GLU X 119 52.30 -153.46 -27.32
CA GLU X 119 51.17 -152.93 -26.56
C GLU X 119 51.18 -151.41 -26.53
N TRP X 120 52.27 -150.83 -26.04
CA TRP X 120 52.37 -149.38 -25.89
C TRP X 120 51.99 -148.63 -27.17
N PHE X 121 52.51 -149.08 -28.31
CA PHE X 121 52.30 -148.35 -29.55
C PHE X 121 50.92 -148.50 -30.16
N ALA X 122 50.28 -149.65 -29.95
CA ALA X 122 48.87 -149.82 -30.31
C ALA X 122 48.03 -148.71 -29.66
N GLU X 123 48.33 -148.41 -28.39
CA GLU X 123 47.67 -147.34 -27.64
C GLU X 123 48.11 -145.94 -28.10
N GLU X 124 49.39 -145.80 -28.43
CA GLU X 124 49.94 -144.53 -28.91
C GLU X 124 49.40 -144.12 -30.27
N GLY X 125 48.92 -145.11 -31.03
CA GLY X 125 48.39 -144.88 -32.37
C GLY X 125 47.01 -144.26 -32.35
N LYS X 126 46.43 -144.15 -31.14
CA LYS X 126 45.09 -143.62 -30.95
C LYS X 126 45.13 -142.23 -30.31
N ARG X 127 46.35 -141.76 -30.04
CA ARG X 127 46.58 -140.49 -29.35
C ARG X 127 47.44 -139.51 -30.15
N VAL X 128 47.66 -139.83 -31.42
CA VAL X 128 48.38 -138.97 -32.36
C VAL X 128 47.50 -137.76 -32.65
N ALA X 129 47.91 -136.59 -32.14
CA ALA X 129 47.08 -135.38 -32.17
C ALA X 129 47.74 -134.14 -32.79
N GLY X 130 47.01 -133.53 -33.71
CA GLY X 130 47.42 -132.24 -34.28
C GLY X 130 46.86 -131.10 -33.46
N ASP X 131 46.80 -129.91 -34.06
CA ASP X 131 46.48 -128.69 -33.33
C ASP X 131 45.36 -127.88 -33.96
N THR X 132 44.59 -127.17 -33.12
CA THR X 132 43.82 -126.00 -33.56
C THR X 132 44.37 -124.84 -32.75
N LEU X 133 44.94 -123.86 -33.46
CA LEU X 133 45.74 -122.80 -32.86
C LEU X 133 45.16 -121.42 -33.12
N PRO X 134 45.32 -120.49 -32.15
CA PRO X 134 44.74 -119.15 -32.35
C PRO X 134 45.36 -118.50 -33.58
N THR X 135 44.52 -117.87 -34.38
CA THR X 135 44.98 -117.28 -35.63
C THR X 135 45.43 -115.83 -35.45
N PRO X 136 46.48 -115.41 -36.18
CA PRO X 136 46.89 -114.02 -36.26
C PRO X 136 46.19 -113.23 -37.39
N ASP X 137 45.41 -113.92 -38.21
CA ASP X 137 44.59 -113.25 -39.24
C ASP X 137 43.15 -113.77 -39.21
N ALA X 138 42.23 -112.89 -38.79
CA ALA X 138 40.81 -113.22 -38.54
C ALA X 138 40.07 -113.94 -39.69
N ASN X 139 40.60 -113.84 -40.91
CA ASN X 139 39.92 -114.38 -42.09
C ASN X 139 40.35 -115.82 -42.39
N LYS X 140 41.38 -116.28 -41.70
CA LYS X 140 41.89 -117.63 -41.89
C LYS X 140 41.86 -118.40 -40.57
N ARG X 141 41.67 -119.71 -40.66
CA ARG X 141 41.73 -120.59 -39.49
C ARG X 141 42.89 -121.56 -39.57
N ILE X 142 43.60 -121.70 -38.46
CA ILE X 142 44.75 -122.58 -38.40
C ILE X 142 44.36 -123.92 -37.80
N VAL X 143 44.53 -124.95 -38.62
CA VAL X 143 44.32 -126.33 -38.23
C VAL X 143 45.53 -127.17 -38.67
N VAL X 144 46.12 -127.90 -37.73
CA VAL X 144 47.24 -128.82 -38.00
C VAL X 144 46.80 -130.27 -37.78
N VAL X 145 47.06 -131.15 -38.76
CA VAL X 145 46.79 -132.60 -38.58
C VAL X 145 48.00 -133.49 -38.92
N LYS X 146 47.98 -134.73 -38.42
CA LYS X 146 49.08 -135.68 -38.61
C LYS X 146 48.61 -136.94 -39.33
N GLU X 147 49.46 -137.46 -40.22
CA GLU X 147 49.16 -138.66 -41.02
C GLU X 147 50.41 -139.50 -41.32
N PRO X 148 50.23 -140.80 -41.67
CA PRO X 148 51.34 -141.72 -41.95
C PRO X 148 52.30 -141.23 -43.04
N ILE X 149 53.61 -141.33 -42.76
CA ILE X 149 54.66 -140.88 -43.69
C ILE X 149 54.61 -141.63 -45.02
N GLY X 150 54.45 -142.95 -44.96
CA GLY X 150 54.48 -143.80 -46.16
C GLY X 150 55.19 -145.12 -45.88
N VAL X 151 55.74 -145.73 -46.93
CA VAL X 151 56.50 -146.98 -46.82
C VAL X 151 57.75 -146.75 -45.94
N CYS X 152 57.89 -147.57 -44.90
CA CYS X 152 58.97 -147.42 -43.93
C CYS X 152 59.95 -148.56 -44.06
N ALA X 153 61.16 -148.36 -43.56
CA ALA X 153 62.19 -149.39 -43.59
C ALA X 153 63.00 -149.47 -42.30
N ALA X 154 63.16 -150.70 -41.80
CA ALA X 154 63.90 -150.95 -40.57
C ALA X 154 65.03 -151.95 -40.77
N ILE X 155 66.21 -151.55 -40.30
CA ILE X 155 67.38 -152.43 -40.19
C ILE X 155 67.65 -152.67 -38.71
N THR X 156 67.57 -153.94 -38.29
CA THR X 156 67.80 -154.32 -36.89
C THR X 156 69.15 -155.07 -36.67
N PRO X 157 69.75 -154.96 -35.45
CA PRO X 157 71.03 -155.59 -35.13
C PRO X 157 70.85 -157.02 -34.61
N TRP X 158 71.80 -157.52 -33.81
CA TRP X 158 71.84 -158.94 -33.41
C TRP X 158 71.60 -159.23 -31.91
N ASN X 159 71.93 -158.27 -31.04
CA ASN X 159 71.98 -158.49 -29.58
C ASN X 159 70.65 -158.49 -28.82
N PHE X 160 69.62 -157.93 -29.46
CA PHE X 160 68.25 -157.99 -28.98
C PHE X 160 67.31 -158.19 -30.18
N PRO X 161 67.45 -159.32 -30.90
CA PRO X 161 66.84 -159.50 -32.24
C PRO X 161 65.31 -159.72 -32.25
N ALA X 162 64.68 -159.45 -31.12
CA ALA X 162 63.22 -159.56 -30.96
C ALA X 162 62.61 -158.24 -30.47
N ALA X 163 63.27 -157.62 -29.49
CA ALA X 163 62.87 -156.31 -28.94
C ALA X 163 63.02 -155.20 -29.97
N MET X 164 63.99 -155.36 -30.87
CA MET X 164 64.28 -154.36 -31.89
C MET X 164 63.17 -154.27 -32.92
N ILE X 165 62.70 -155.43 -33.38
CA ILE X 165 61.66 -155.49 -34.39
C ILE X 165 60.44 -154.67 -33.95
N ALA X 166 59.96 -154.92 -32.74
CA ALA X 166 58.77 -154.27 -32.20
C ALA X 166 58.93 -152.75 -32.00
N ARG X 167 60.13 -152.32 -31.62
CA ARG X 167 60.42 -150.89 -31.47
C ARG X 167 60.43 -150.19 -32.83
N LYS X 168 60.47 -151.00 -33.88
CA LYS X 168 60.48 -150.48 -35.25
C LYS X 168 59.16 -150.71 -35.96
N VAL X 169 58.62 -151.93 -35.84
CA VAL X 169 57.32 -152.26 -36.46
C VAL X 169 56.17 -151.63 -35.68
N GLY X 170 56.26 -151.71 -34.35
CA GLY X 170 55.26 -151.16 -33.43
C GLY X 170 54.74 -149.77 -33.75
N PRO X 171 55.64 -148.77 -33.86
CA PRO X 171 55.23 -147.41 -34.16
C PRO X 171 54.91 -147.16 -35.65
N ALA X 172 55.43 -147.99 -36.53
CA ALA X 172 55.18 -147.84 -37.97
C ALA X 172 53.73 -148.16 -38.28
N LEU X 173 53.35 -149.42 -38.05
CA LEU X 173 52.01 -149.93 -38.30
C LEU X 173 50.95 -149.16 -37.53
N ALA X 174 51.26 -148.79 -36.28
CA ALA X 174 50.34 -148.00 -35.48
C ALA X 174 50.10 -146.62 -36.09
N ALA X 175 51.16 -145.99 -36.59
CA ALA X 175 51.06 -144.70 -37.29
C ALA X 175 50.28 -144.80 -38.61
N GLY X 176 50.08 -146.04 -39.07
CA GLY X 176 49.42 -146.30 -40.35
C GLY X 176 50.42 -146.63 -41.45
N CYS X 177 51.70 -146.68 -41.08
CA CYS X 177 52.80 -146.91 -42.03
C CYS X 177 53.09 -148.41 -42.30
N PRO X 178 53.28 -148.77 -43.57
CA PRO X 178 53.74 -150.12 -43.91
C PRO X 178 55.26 -150.20 -43.76
N ILE X 179 55.78 -151.38 -43.40
CA ILE X 179 57.21 -151.50 -43.12
C ILE X 179 57.86 -152.78 -43.66
N VAL X 180 59.07 -152.60 -44.19
CA VAL X 180 59.94 -153.69 -44.63
C VAL X 180 61.12 -153.76 -43.65
N VAL X 181 61.46 -154.98 -43.21
CA VAL X 181 62.52 -155.19 -42.21
C VAL X 181 63.67 -156.08 -42.73
N LYS X 182 64.91 -155.59 -42.60
CA LYS X 182 66.08 -156.45 -42.76
C LYS X 182 66.75 -156.66 -41.40
N PRO X 183 66.50 -157.83 -40.77
CA PRO X 183 67.18 -158.13 -39.50
C PRO X 183 68.66 -158.42 -39.75
N ALA X 184 69.46 -158.44 -38.68
CA ALA X 184 70.85 -158.87 -38.77
C ALA X 184 70.93 -160.24 -39.44
N GLU X 185 71.86 -160.39 -40.40
CA GLU X 185 72.06 -161.67 -41.09
C GLU X 185 72.64 -162.75 -40.14
N SER X 186 72.95 -162.34 -38.92
CA SER X 186 73.47 -163.22 -37.88
C SER X 186 72.38 -163.88 -37.01
N THR X 187 71.23 -163.22 -36.87
CA THR X 187 70.20 -163.67 -35.92
C THR X 187 68.77 -163.49 -36.45
N PRO X 188 68.45 -164.12 -37.60
CA PRO X 188 67.21 -163.84 -38.34
C PRO X 188 65.94 -164.58 -37.88
N PHE X 189 66.09 -165.59 -37.02
CA PHE X 189 64.94 -166.44 -36.63
C PHE X 189 63.94 -165.77 -35.68
N SER X 190 64.41 -165.24 -34.55
CA SER X 190 63.56 -164.54 -33.59
C SER X 190 62.72 -163.47 -34.31
N ALA X 191 63.38 -162.77 -35.24
CA ALA X 191 62.76 -161.73 -36.05
C ALA X 191 61.75 -162.27 -37.07
N LEU X 192 61.95 -163.51 -37.49
CA LEU X 192 61.07 -164.15 -38.48
C LEU X 192 59.80 -164.75 -37.87
N ALA X 193 59.84 -165.06 -36.57
CA ALA X 193 58.71 -165.62 -35.86
C ALA X 193 57.63 -164.56 -35.59
N MET X 194 58.07 -163.36 -35.24
CA MET X 194 57.15 -162.27 -34.94
C MET X 194 56.34 -161.85 -36.17
N ALA X 195 56.92 -162.04 -37.35
CA ALA X 195 56.20 -161.89 -38.60
C ALA X 195 55.10 -162.97 -38.70
N PHE X 196 55.50 -164.22 -38.44
CA PHE X 196 54.59 -165.37 -38.49
C PHE X 196 53.45 -165.23 -37.47
N LEU X 197 53.72 -164.53 -36.37
CA LEU X 197 52.68 -164.24 -35.39
C LEU X 197 51.84 -163.03 -35.82
N ALA X 198 52.49 -162.02 -36.39
CA ALA X 198 51.79 -160.83 -36.92
C ALA X 198 50.80 -161.19 -38.04
N GLU X 199 51.24 -162.07 -38.95
CA GLU X 199 50.39 -162.66 -39.98
C GLU X 199 49.15 -163.27 -39.33
N ARG X 200 49.39 -164.09 -38.30
CA ARG X 200 48.32 -164.77 -37.56
C ARG X 200 47.33 -163.80 -36.92
N ALA X 201 47.87 -162.77 -36.27
CA ALA X 201 47.08 -161.73 -35.60
C ALA X 201 46.13 -161.01 -36.56
N GLY X 202 46.56 -160.82 -37.80
CA GLY X 202 45.73 -160.20 -38.83
C GLY X 202 46.36 -159.03 -39.56
N VAL X 203 47.69 -158.89 -39.47
CA VAL X 203 48.40 -157.91 -40.27
C VAL X 203 48.21 -158.29 -41.74
N PRO X 204 47.59 -157.39 -42.52
CA PRO X 204 47.29 -157.67 -43.94
C PRO X 204 48.54 -157.92 -44.80
N LYS X 205 48.34 -158.73 -45.84
CA LYS X 205 49.39 -159.10 -46.79
C LYS X 205 49.95 -157.84 -47.46
N GLY X 206 51.27 -157.69 -47.39
CA GLY X 206 51.93 -156.50 -47.90
C GLY X 206 52.36 -155.54 -46.82
N VAL X 207 51.57 -155.45 -45.75
CA VAL X 207 51.82 -154.48 -44.66
C VAL X 207 53.13 -154.79 -43.90
N LEU X 208 53.61 -156.02 -44.03
CA LEU X 208 54.84 -156.44 -43.34
C LEU X 208 55.74 -157.33 -44.18
N SER X 209 57.03 -157.06 -44.12
CA SER X 209 58.06 -157.90 -44.75
C SER X 209 59.28 -158.12 -43.86
N VAL X 210 59.81 -159.34 -43.92
CA VAL X 210 61.10 -159.68 -43.32
C VAL X 210 61.96 -160.17 -44.47
N VAL X 211 63.01 -159.41 -44.77
CA VAL X 211 63.88 -159.66 -45.92
C VAL X 211 65.32 -159.94 -45.45
N ILE X 212 65.79 -161.16 -45.70
CA ILE X 212 67.15 -161.55 -45.27
C ILE X 212 68.06 -161.91 -46.45
N GLY X 213 69.35 -161.63 -46.28
CA GLY X 213 70.36 -161.98 -47.27
C GLY X 213 71.58 -161.09 -47.22
N ASP X 214 71.68 -160.19 -48.19
CA ASP X 214 72.90 -159.41 -48.43
C ASP X 214 72.84 -158.01 -47.79
N PRO X 215 73.63 -157.79 -46.71
CA PRO X 215 73.67 -156.51 -45.98
C PRO X 215 74.02 -155.29 -46.85
N LYS X 216 74.87 -155.51 -47.86
CA LYS X 216 75.30 -154.42 -48.76
C LYS X 216 74.60 -154.46 -50.13
N ALA X 217 73.38 -154.99 -50.16
CA ALA X 217 72.60 -155.09 -51.40
C ALA X 217 71.11 -154.82 -51.16
N ILE X 218 70.55 -155.46 -50.12
CA ILE X 218 69.21 -155.13 -49.63
C ILE X 218 69.23 -153.69 -49.11
N GLY X 219 70.26 -153.37 -48.33
CA GLY X 219 70.50 -152.02 -47.81
C GLY X 219 70.83 -150.97 -48.85
N THR X 220 71.42 -151.39 -49.98
CA THR X 220 71.68 -150.48 -51.11
C THR X 220 70.40 -150.26 -51.90
N GLU X 221 69.59 -151.32 -52.05
CA GLU X 221 68.29 -151.25 -52.73
C GLU X 221 67.31 -150.34 -51.99
N ILE X 222 67.30 -150.42 -50.66
CA ILE X 222 66.45 -149.57 -49.82
C ILE X 222 66.84 -148.09 -49.99
N THR X 223 68.07 -147.78 -49.59
CA THR X 223 68.60 -146.41 -49.65
C THR X 223 68.39 -145.73 -51.00
N SER X 224 68.29 -146.53 -52.05
CA SER X 224 68.06 -146.00 -53.40
C SER X 224 66.72 -146.46 -53.96
N ASN X 225 65.68 -146.47 -53.12
CA ASN X 225 64.32 -146.67 -53.59
C ASN X 225 63.42 -145.50 -53.15
N PRO X 226 62.99 -144.68 -54.12
CA PRO X 226 62.21 -143.46 -53.84
C PRO X 226 60.83 -143.72 -53.22
N ILE X 227 60.44 -144.99 -53.12
CA ILE X 227 59.17 -145.40 -52.50
C ILE X 227 59.24 -145.23 -50.97
N VAL X 228 60.27 -145.84 -50.37
CA VAL X 228 60.57 -145.68 -48.94
C VAL X 228 60.89 -144.21 -48.60
N ARG X 229 59.98 -143.55 -47.89
CA ARG X 229 60.17 -142.13 -47.56
C ARG X 229 60.81 -141.90 -46.18
N LYS X 230 60.87 -142.97 -45.36
CA LYS X 230 61.55 -142.90 -44.05
C LYS X 230 62.31 -144.18 -43.68
N LEU X 231 63.51 -143.98 -43.11
CA LEU X 231 64.42 -145.08 -42.76
C LEU X 231 64.80 -145.09 -41.29
N SER X 232 64.72 -146.28 -40.71
CA SER X 232 65.02 -146.51 -39.31
C SER X 232 66.19 -147.48 -39.22
N PHE X 233 67.31 -147.02 -38.65
CA PHE X 233 68.51 -147.85 -38.50
C PHE X 233 69.02 -148.01 -37.06
N THR X 234 69.11 -149.27 -36.62
CA THR X 234 69.86 -149.58 -35.41
C THR X 234 71.12 -150.37 -35.78
N GLY X 235 72.23 -150.01 -35.15
CA GLY X 235 73.51 -150.64 -35.41
C GLY X 235 74.65 -149.80 -34.85
N SER X 236 75.67 -149.58 -35.68
CA SER X 236 76.87 -148.84 -35.27
C SER X 236 77.12 -147.60 -36.13
N THR X 237 77.92 -146.68 -35.60
CA THR X 237 78.17 -145.37 -36.21
C THR X 237 78.63 -145.40 -37.67
N ALA X 238 79.68 -146.19 -37.95
CA ALA X 238 80.23 -146.28 -39.30
C ALA X 238 79.20 -146.75 -40.33
N VAL X 239 78.33 -147.67 -39.91
CA VAL X 239 77.24 -148.19 -40.73
C VAL X 239 76.14 -147.13 -40.88
N GLY X 240 75.90 -146.38 -39.81
CA GLY X 240 74.96 -145.25 -39.85
C GLY X 240 75.40 -144.15 -40.80
N ARG X 241 76.67 -143.75 -40.68
CA ARG X 241 77.27 -142.74 -41.53
C ARG X 241 77.11 -143.10 -43.01
N LEU X 242 77.34 -144.37 -43.34
CA LEU X 242 77.24 -144.84 -44.72
C LEU X 242 75.79 -144.99 -45.19
N LEU X 243 74.85 -145.07 -44.24
CA LEU X 243 73.43 -145.20 -44.60
C LEU X 243 72.70 -143.86 -44.72
N MET X 244 73.07 -142.89 -43.88
CA MET X 244 72.60 -141.51 -44.05
C MET X 244 73.17 -140.91 -45.34
N ALA X 245 74.39 -141.30 -45.69
CA ALA X 245 75.01 -140.86 -46.95
C ALA X 245 74.33 -141.43 -48.19
N GLN X 246 73.72 -142.62 -48.03
CA GLN X 246 73.06 -143.32 -49.16
C GLN X 246 71.56 -143.00 -49.32
N SER X 247 71.01 -142.28 -48.34
CA SER X 247 69.59 -141.88 -48.31
C SER X 247 69.36 -140.46 -48.85
N ALA X 248 70.45 -139.70 -48.95
CA ALA X 248 70.43 -138.30 -49.41
C ALA X 248 69.79 -138.06 -50.80
N PRO X 249 70.03 -138.95 -51.80
CA PRO X 249 69.35 -138.73 -53.09
C PRO X 249 67.82 -138.60 -52.98
N THR X 250 67.24 -139.25 -51.96
CA THR X 250 65.78 -139.30 -51.79
C THR X 250 65.28 -138.53 -50.53
N VAL X 251 66.22 -138.02 -49.74
CA VAL X 251 65.92 -137.08 -48.63
C VAL X 251 64.93 -137.68 -47.61
N LYS X 252 65.28 -138.85 -47.07
CA LYS X 252 64.40 -139.59 -46.17
C LYS X 252 64.44 -139.04 -44.74
N LYS X 253 63.35 -139.22 -44.01
CA LYS X 253 63.37 -139.03 -42.55
C LYS X 253 64.21 -140.16 -41.98
N LEU X 254 65.08 -139.85 -41.02
CA LEU X 254 66.14 -140.78 -40.60
C LEU X 254 66.30 -141.02 -39.10
N THR X 255 65.54 -141.97 -38.55
CA THR X 255 65.75 -142.47 -37.19
C THR X 255 67.07 -143.27 -37.12
N LEU X 256 68.00 -142.80 -36.29
CA LEU X 256 69.31 -143.45 -36.16
C LEU X 256 69.67 -143.77 -34.71
N GLU X 257 69.46 -145.03 -34.32
CA GLU X 257 69.92 -145.57 -33.04
C GLU X 257 71.31 -146.20 -33.24
N LEU X 258 72.34 -145.57 -32.67
CA LEU X 258 73.73 -145.95 -32.96
C LEU X 258 74.55 -146.33 -31.73
N GLY X 259 75.88 -146.32 -31.89
CA GLY X 259 76.81 -146.71 -30.86
C GLY X 259 76.99 -145.62 -29.83
N GLY X 260 77.16 -146.03 -28.57
CA GLY X 260 77.44 -145.11 -27.49
C GLY X 260 78.89 -145.21 -27.03
N ASN X 261 79.13 -144.70 -25.82
CA ASN X 261 80.42 -144.82 -25.14
C ASN X 261 80.13 -144.64 -23.65
N ALA X 262 79.28 -145.53 -23.13
CA ALA X 262 78.64 -145.34 -21.84
C ALA X 262 79.61 -145.21 -20.66
N PRO X 263 79.66 -144.02 -20.03
CA PRO X 263 80.41 -143.82 -18.80
C PRO X 263 79.61 -144.14 -17.54
N PHE X 264 80.19 -144.94 -16.65
CA PHE X 264 79.58 -145.25 -15.36
C PHE X 264 80.33 -144.46 -14.29
N ILE X 265 79.66 -143.43 -13.77
CA ILE X 265 80.29 -142.51 -12.83
C ILE X 265 79.88 -142.82 -11.39
N VAL X 266 80.80 -143.44 -10.65
CA VAL X 266 80.61 -143.61 -9.21
C VAL X 266 81.23 -142.40 -8.52
N PHE X 267 80.44 -141.74 -7.67
CA PHE X 267 80.95 -140.57 -6.94
C PHE X 267 81.37 -140.89 -5.52
N ASP X 268 81.93 -139.87 -4.87
CA ASP X 268 82.47 -139.96 -3.52
C ASP X 268 81.41 -140.40 -2.51
N ASP X 269 80.21 -139.83 -2.63
CA ASP X 269 79.16 -140.05 -1.64
C ASP X 269 78.06 -141.01 -2.08
N ALA X 270 78.31 -141.77 -3.15
CA ALA X 270 77.39 -142.82 -3.61
C ALA X 270 77.21 -143.93 -2.56
N ASP X 271 76.28 -144.86 -2.81
CA ASP X 271 76.18 -146.07 -1.99
C ASP X 271 76.91 -147.20 -2.69
N LEU X 272 78.05 -147.55 -2.11
CA LEU X 272 78.93 -148.62 -2.57
C LEU X 272 78.20 -149.91 -3.02
N ASP X 273 77.52 -150.57 -2.08
CA ASP X 273 76.79 -151.82 -2.36
C ASP X 273 75.73 -151.70 -3.44
N ALA X 274 75.06 -150.55 -3.47
CA ALA X 274 74.05 -150.27 -4.49
C ALA X 274 74.71 -150.08 -5.86
N ALA X 275 75.80 -149.31 -5.87
CA ALA X 275 76.58 -149.03 -7.08
C ALA X 275 77.11 -150.28 -7.79
N VAL X 276 77.54 -151.28 -7.01
CA VAL X 276 78.02 -152.55 -7.59
C VAL X 276 76.89 -153.33 -8.28
N GLU X 277 75.75 -153.51 -7.59
CA GLU X 277 74.59 -154.17 -8.19
C GLU X 277 74.22 -153.52 -9.52
N GLY X 278 74.42 -152.20 -9.60
CA GLY X 278 74.23 -151.43 -10.84
C GLY X 278 75.29 -151.72 -11.90
N ALA X 279 76.55 -151.77 -11.46
CA ALA X 279 77.66 -152.18 -12.32
C ALA X 279 77.40 -153.52 -13.03
N ILE X 280 76.97 -154.53 -12.26
CA ILE X 280 76.66 -155.87 -12.80
C ILE X 280 75.49 -155.83 -13.78
N ALA X 281 74.46 -155.06 -13.42
CA ALA X 281 73.29 -154.87 -14.26
C ALA X 281 73.65 -154.19 -15.58
N SER X 282 74.39 -153.09 -15.50
CA SER X 282 74.78 -152.27 -16.65
C SER X 282 75.83 -152.90 -17.55
N LYS X 283 76.89 -153.43 -16.93
CA LYS X 283 78.02 -154.00 -17.67
C LYS X 283 77.83 -155.45 -18.11
N TYR X 284 77.27 -156.29 -17.24
CA TYR X 284 77.30 -157.74 -17.48
C TYR X 284 76.00 -158.39 -17.92
N ARG X 285 75.01 -157.59 -18.33
CA ARG X 285 73.79 -158.18 -18.88
C ARG X 285 73.89 -158.28 -20.40
N ASN X 286 73.33 -159.37 -20.95
CA ASN X 286 73.50 -159.70 -22.37
C ASN X 286 75.01 -159.81 -22.71
N ASN X 287 75.81 -160.08 -21.68
CA ASN X 287 77.26 -160.24 -21.79
C ASN X 287 78.01 -158.96 -22.25
N GLY X 288 77.48 -157.80 -21.87
CA GLY X 288 78.03 -156.51 -22.25
C GLY X 288 77.80 -156.13 -23.70
N GLN X 289 76.73 -156.63 -24.29
CA GLN X 289 76.48 -156.46 -25.72
C GLN X 289 75.40 -155.43 -26.11
N THR X 290 74.59 -154.99 -25.15
CA THR X 290 73.57 -153.96 -25.41
C THR X 290 74.19 -152.62 -25.83
N CYS X 291 73.38 -151.77 -26.47
CA CYS X 291 73.77 -150.42 -26.88
C CYS X 291 74.06 -149.52 -25.68
N VAL X 292 73.31 -149.74 -24.59
CA VAL X 292 73.43 -148.93 -23.35
C VAL X 292 74.51 -149.42 -22.37
N CYS X 293 75.02 -150.63 -22.60
CA CYS X 293 76.01 -151.24 -21.71
C CYS X 293 77.18 -150.29 -21.44
N THR X 294 77.49 -150.13 -20.17
CA THR X 294 78.70 -149.43 -19.73
C THR X 294 79.90 -149.86 -20.58
N ASN X 295 80.65 -148.89 -21.11
CA ASN X 295 81.87 -149.18 -21.87
C ASN X 295 83.13 -148.80 -21.07
N ARG X 296 82.94 -147.93 -20.08
CA ARG X 296 84.01 -147.44 -19.19
C ARG X 296 83.43 -147.19 -17.79
N PHE X 297 84.26 -147.41 -16.76
CA PHE X 297 83.89 -147.01 -15.41
C PHE X 297 84.70 -145.77 -15.01
N PHE X 298 84.01 -144.80 -14.42
CA PHE X 298 84.67 -143.64 -13.83
C PHE X 298 84.43 -143.67 -12.33
N VAL X 299 85.47 -144.02 -11.59
CA VAL X 299 85.39 -144.16 -10.13
C VAL X 299 86.22 -143.06 -9.45
N HIS X 300 85.78 -142.63 -8.27
CA HIS X 300 86.42 -141.56 -7.51
C HIS X 300 87.65 -142.05 -6.77
N GLU X 301 88.64 -141.16 -6.61
CA GLU X 301 89.85 -141.42 -5.82
C GLU X 301 89.57 -142.06 -4.48
N ARG X 302 88.71 -141.42 -3.69
CA ARG X 302 88.53 -141.77 -2.28
C ARG X 302 87.69 -143.03 -2.02
N VAL X 303 87.15 -143.62 -3.09
CA VAL X 303 86.32 -144.82 -2.98
C VAL X 303 86.71 -145.88 -4.04
N TYR X 304 87.89 -145.70 -4.61
CA TYR X 304 88.41 -146.54 -5.70
C TYR X 304 88.61 -148.02 -5.32
N ASP X 305 89.37 -148.29 -4.26
CA ASP X 305 89.70 -149.67 -3.86
C ASP X 305 88.50 -150.44 -3.30
N ALA X 306 87.77 -149.81 -2.37
CA ALA X 306 86.55 -150.40 -1.80
C ALA X 306 85.60 -150.91 -2.89
N PHE X 307 85.40 -150.10 -3.94
CA PHE X 307 84.49 -150.44 -5.04
C PHE X 307 84.99 -151.59 -5.93
N ALA X 308 86.28 -151.59 -6.24
CA ALA X 308 86.91 -152.62 -7.07
C ALA X 308 86.99 -153.98 -6.36
N ASP X 309 87.19 -153.95 -5.04
CA ASP X 309 87.14 -155.17 -4.21
C ASP X 309 85.79 -155.83 -4.38
N LYS X 310 84.72 -155.04 -4.16
CA LYS X 310 83.34 -155.52 -4.17
C LYS X 310 82.84 -155.88 -5.57
N LEU X 311 83.44 -155.27 -6.58
CA LEU X 311 83.10 -155.57 -7.97
C LEU X 311 83.51 -157.00 -8.38
N ALA X 312 84.78 -157.34 -8.17
CA ALA X 312 85.24 -158.72 -8.41
C ALA X 312 84.67 -159.67 -7.36
N ALA X 313 84.47 -159.15 -6.14
CA ALA X 313 83.84 -159.90 -5.06
C ALA X 313 82.32 -160.07 -5.25
N ALA X 314 81.86 -159.77 -6.47
CA ALA X 314 80.47 -160.03 -6.88
C ALA X 314 80.42 -160.68 -8.27
N VAL X 315 81.34 -160.28 -9.15
CA VAL X 315 81.62 -160.99 -10.40
C VAL X 315 82.01 -162.44 -10.07
N SER X 316 82.73 -162.62 -8.97
CA SER X 316 83.10 -163.94 -8.44
C SER X 316 81.92 -164.91 -8.39
N LYS X 317 80.71 -164.36 -8.16
CA LYS X 317 79.49 -165.15 -8.09
C LYS X 317 78.85 -165.41 -9.46
N LEU X 318 79.36 -164.81 -10.53
CA LEU X 318 78.79 -164.96 -11.89
C LEU X 318 79.14 -166.28 -12.59
N LYS X 319 78.12 -167.05 -12.92
CA LYS X 319 78.30 -168.35 -13.57
C LYS X 319 78.28 -168.25 -15.10
N VAL X 320 79.40 -168.61 -15.72
CA VAL X 320 79.53 -168.68 -17.19
C VAL X 320 78.89 -169.97 -17.70
N GLY X 321 78.70 -170.09 -19.01
CA GLY X 321 78.17 -171.32 -19.60
C GLY X 321 77.12 -171.12 -20.68
N ARG X 322 76.58 -172.23 -21.18
CA ARG X 322 75.55 -172.22 -22.22
C ARG X 322 74.25 -171.58 -21.69
N GLY X 323 73.40 -171.15 -22.62
CA GLY X 323 72.15 -170.48 -22.29
C GLY X 323 71.14 -171.38 -21.58
N THR X 324 70.84 -172.52 -22.19
CA THR X 324 69.80 -173.43 -21.68
C THR X 324 70.07 -174.02 -20.28
N GLU X 325 71.23 -173.67 -19.71
CA GLU X 325 71.74 -174.27 -18.46
C GLU X 325 71.39 -173.39 -17.27
N SER X 326 70.61 -173.95 -16.33
CA SER X 326 70.04 -173.22 -15.20
C SER X 326 71.02 -172.90 -14.07
N GLY X 327 71.32 -171.60 -13.93
CA GLY X 327 72.35 -171.08 -13.04
C GLY X 327 73.24 -170.13 -13.81
N ALA X 328 73.44 -170.42 -15.09
CA ALA X 328 74.31 -169.65 -16.00
C ALA X 328 73.77 -168.25 -16.29
N THR X 329 74.57 -167.24 -15.96
CA THR X 329 74.21 -165.83 -16.17
C THR X 329 75.15 -165.11 -17.17
N LEU X 330 75.98 -165.87 -17.90
CA LEU X 330 76.91 -165.31 -18.90
C LEU X 330 77.19 -166.27 -20.08
N GLY X 331 76.39 -166.15 -21.14
CA GLY X 331 76.57 -166.96 -22.36
C GLY X 331 77.76 -166.56 -23.24
N PRO X 332 77.73 -166.96 -24.52
CA PRO X 332 78.82 -166.63 -25.45
C PRO X 332 78.70 -165.23 -26.07
N LEU X 333 79.53 -164.97 -27.10
CA LEU X 333 79.46 -163.76 -27.90
C LEU X 333 79.12 -164.13 -29.34
N ILE X 334 78.27 -163.31 -29.99
CA ILE X 334 77.61 -163.68 -31.26
C ILE X 334 78.50 -164.40 -32.30
N ASN X 335 79.69 -163.85 -32.56
CA ASN X 335 80.65 -164.49 -33.46
C ASN X 335 82.08 -164.48 -32.89
N GLU X 336 83.02 -165.07 -33.64
CA GLU X 336 84.42 -165.18 -33.23
C GLU X 336 85.12 -163.81 -33.20
N ALA X 337 84.82 -162.97 -34.21
CA ALA X 337 85.33 -161.59 -34.30
C ALA X 337 84.93 -160.70 -33.10
N ALA X 338 83.79 -161.01 -32.48
CA ALA X 338 83.36 -160.37 -31.23
C ALA X 338 84.35 -160.68 -30.12
N VAL X 339 84.74 -161.95 -30.03
CA VAL X 339 85.69 -162.43 -29.04
C VAL X 339 87.10 -161.89 -29.33
N LYS X 340 87.40 -161.71 -30.63
CA LYS X 340 88.69 -161.19 -31.08
C LYS X 340 88.99 -159.78 -30.52
N LYS X 341 88.00 -158.89 -30.62
CA LYS X 341 88.14 -157.52 -30.13
C LYS X 341 88.14 -157.42 -28.59
N VAL X 342 87.63 -158.47 -27.93
CA VAL X 342 87.67 -158.55 -26.46
C VAL X 342 89.13 -158.63 -26.01
N GLU X 343 89.87 -159.59 -26.59
CA GLU X 343 91.32 -159.73 -26.38
C GLU X 343 92.07 -158.44 -26.73
N SER X 344 91.74 -157.86 -27.88
CA SER X 344 92.38 -156.65 -28.41
C SER X 344 92.42 -155.51 -27.38
N HIS X 345 91.25 -155.13 -26.88
CA HIS X 345 91.13 -154.06 -25.86
C HIS X 345 91.90 -154.38 -24.56
N ILE X 346 91.93 -155.65 -24.15
CA ILE X 346 92.71 -156.04 -22.97
C ILE X 346 94.21 -156.02 -23.28
N ALA X 347 94.56 -156.34 -24.53
CA ALA X 347 95.96 -156.35 -24.99
C ALA X 347 96.59 -154.95 -24.96
N ASP X 348 95.84 -153.95 -25.44
CA ASP X 348 96.28 -152.55 -25.41
C ASP X 348 96.19 -151.96 -23.99
N ALA X 349 95.47 -152.66 -23.11
CA ALA X 349 95.29 -152.25 -21.71
C ALA X 349 96.50 -152.62 -20.84
N LEU X 350 96.88 -153.90 -20.87
CA LEU X 350 98.07 -154.37 -20.17
C LEU X 350 99.31 -153.63 -20.67
N ALA X 351 99.28 -153.27 -21.95
CA ALA X 351 100.41 -152.63 -22.64
C ALA X 351 100.62 -151.15 -22.29
N LYS X 352 99.68 -150.53 -21.58
CA LYS X 352 99.76 -149.10 -21.29
C LYS X 352 99.62 -148.72 -19.80
N GLY X 353 99.71 -149.74 -18.94
CA GLY X 353 99.69 -149.53 -17.48
C GLY X 353 98.71 -150.42 -16.74
N ALA X 354 97.64 -150.82 -17.40
CA ALA X 354 96.56 -151.57 -16.77
C ALA X 354 96.97 -152.95 -16.27
N SER X 355 96.43 -153.33 -15.12
CA SER X 355 96.58 -154.65 -14.55
C SER X 355 95.39 -155.51 -14.92
N LEU X 356 95.44 -156.78 -14.52
CA LEU X 356 94.26 -157.63 -14.43
C LEU X 356 93.90 -157.76 -12.95
N MET X 357 92.74 -158.34 -12.67
CA MET X 357 92.28 -158.57 -11.31
C MET X 357 91.41 -159.81 -11.30
N THR X 358 90.81 -160.08 -12.47
CA THR X 358 90.06 -161.29 -12.75
C THR X 358 89.89 -161.43 -14.26
N GLY X 359 89.45 -162.61 -14.71
CA GLY X 359 89.21 -162.87 -16.14
C GLY X 359 90.32 -163.63 -16.81
N GLY X 360 91.18 -162.89 -17.50
CA GLY X 360 92.27 -163.48 -18.28
C GLY X 360 91.91 -163.59 -19.75
N LYS X 361 91.89 -164.82 -20.27
CA LYS X 361 91.62 -165.06 -21.70
C LYS X 361 90.30 -165.82 -21.94
N ARG X 362 90.14 -166.33 -23.15
CA ARG X 362 88.96 -167.09 -23.58
C ARG X 362 88.62 -168.23 -22.62
N HIS X 363 87.34 -168.51 -22.43
CA HIS X 363 86.89 -169.52 -21.47
C HIS X 363 87.10 -170.95 -21.99
N ALA X 364 87.15 -171.90 -21.05
CA ALA X 364 87.33 -173.33 -21.32
C ALA X 364 86.44 -173.89 -22.43
N LEU X 365 85.16 -173.51 -22.44
CA LEU X 365 84.20 -174.03 -23.43
C LEU X 365 84.42 -173.47 -24.85
N GLY X 366 85.42 -172.60 -25.01
CA GLY X 366 85.83 -172.08 -26.31
C GLY X 366 84.78 -171.22 -26.99
N HIS X 367 84.64 -171.39 -28.31
CA HIS X 367 83.67 -170.65 -29.13
C HIS X 367 83.62 -169.16 -28.79
N GLY X 368 82.45 -168.69 -28.34
CA GLY X 368 82.26 -167.30 -27.94
C GLY X 368 82.48 -167.00 -26.47
N PHE X 369 82.52 -168.05 -25.64
CA PHE X 369 82.66 -167.90 -24.18
C PHE X 369 83.99 -167.25 -23.80
N PHE X 370 83.90 -166.09 -23.15
CA PHE X 370 85.06 -165.38 -22.62
C PHE X 370 84.84 -165.23 -21.12
N GLU X 371 85.93 -165.06 -20.39
CA GLU X 371 85.85 -164.95 -18.94
C GLU X 371 85.70 -163.49 -18.50
N PRO X 372 84.70 -163.21 -17.61
CA PRO X 372 84.37 -161.88 -17.06
C PRO X 372 85.55 -161.14 -16.43
N THR X 373 85.78 -159.90 -16.87
CA THR X 373 87.02 -159.16 -16.63
C THR X 373 86.85 -157.83 -15.88
N VAL X 374 87.75 -157.58 -14.94
CA VAL X 374 87.93 -156.28 -14.28
C VAL X 374 89.41 -155.87 -14.49
N LEU X 375 89.68 -154.56 -14.55
CA LEU X 375 91.06 -154.05 -14.73
C LEU X 375 91.33 -152.81 -13.88
N THR X 376 92.14 -152.97 -12.82
CA THR X 376 92.55 -151.85 -11.96
C THR X 376 93.47 -150.87 -12.72
N GLY X 377 93.31 -149.56 -12.43
CA GLY X 377 94.15 -148.51 -13.02
C GLY X 377 94.06 -148.41 -14.54
N VAL X 378 93.10 -147.62 -15.03
CA VAL X 378 92.92 -147.43 -16.48
C VAL X 378 93.15 -145.98 -16.89
N LYS X 379 94.12 -145.79 -17.78
CA LYS X 379 94.48 -144.47 -18.29
C LYS X 379 93.52 -144.03 -19.39
N PRO X 380 93.31 -142.71 -19.54
CA PRO X 380 92.44 -142.15 -20.59
C PRO X 380 92.82 -142.51 -22.03
N ASP X 381 94.03 -143.06 -22.23
CA ASP X 381 94.57 -143.25 -23.59
C ASP X 381 94.27 -144.60 -24.26
N MET X 382 94.01 -145.63 -23.47
CA MET X 382 93.74 -146.99 -23.99
C MET X 382 92.60 -147.03 -24.99
N ASP X 383 92.61 -148.04 -25.87
CA ASP X 383 91.60 -148.20 -26.92
C ASP X 383 90.18 -148.14 -26.39
N VAL X 384 89.96 -148.83 -25.28
CA VAL X 384 88.65 -148.95 -24.62
C VAL X 384 88.06 -147.58 -24.20
N ALA X 385 88.94 -146.59 -24.00
CA ALA X 385 88.52 -145.21 -23.76
C ALA X 385 88.35 -144.42 -25.07
N LYS X 386 87.99 -145.14 -26.13
CA LYS X 386 87.80 -144.57 -27.47
C LYS X 386 86.89 -145.47 -28.31
N GLU X 387 87.10 -146.77 -28.19
CA GLU X 387 86.36 -147.79 -28.95
C GLU X 387 85.36 -148.54 -28.08
N GLU X 388 84.24 -148.95 -28.68
CA GLU X 388 83.27 -149.79 -27.98
C GLU X 388 83.78 -151.23 -27.84
N THR X 389 83.70 -151.74 -26.61
CA THR X 389 84.08 -153.11 -26.28
C THR X 389 83.10 -154.12 -26.91
N PHE X 390 81.87 -154.12 -26.41
CA PHE X 390 80.84 -155.12 -26.73
C PHE X 390 81.13 -156.47 -26.04
N GLY X 391 81.95 -156.42 -24.99
CA GLY X 391 82.32 -157.61 -24.22
C GLY X 391 82.28 -157.35 -22.72
N PRO X 392 82.50 -158.42 -21.90
CA PRO X 392 82.43 -158.28 -20.44
C PRO X 392 83.64 -157.59 -19.79
N LEU X 393 84.25 -156.62 -20.49
CA LEU X 393 85.37 -155.86 -19.93
C LEU X 393 84.89 -154.65 -19.11
N ALA X 394 85.18 -154.66 -17.80
CA ALA X 394 84.81 -153.56 -16.90
C ALA X 394 86.03 -152.74 -16.45
N PRO X 395 86.44 -151.73 -17.26
CA PRO X 395 87.66 -150.97 -17.04
C PRO X 395 87.44 -149.77 -16.11
N LEU X 396 88.26 -149.66 -15.07
CA LEU X 396 88.06 -148.62 -14.05
C LEU X 396 89.03 -147.43 -14.21
N PHE X 397 88.48 -146.30 -14.66
CA PHE X 397 89.22 -145.03 -14.69
C PHE X 397 89.21 -144.40 -13.31
N ARG X 398 90.07 -143.41 -13.09
CA ARG X 398 90.09 -142.70 -11.81
C ARG X 398 89.85 -141.21 -12.02
N PHE X 399 89.18 -140.57 -11.05
CA PHE X 399 89.01 -139.11 -11.06
C PHE X 399 89.08 -138.48 -9.65
N ALA X 400 89.48 -137.21 -9.59
CA ALA X 400 89.63 -136.47 -8.33
C ALA X 400 88.56 -135.38 -8.12
N SER X 401 88.28 -134.61 -9.16
CA SER X 401 87.35 -133.48 -9.07
C SER X 401 86.12 -133.67 -9.96
N GLU X 402 85.06 -132.92 -9.64
CA GLU X 402 83.83 -132.91 -10.42
C GLU X 402 84.06 -132.28 -11.80
N GLU X 403 84.81 -131.18 -11.83
CA GLU X 403 85.08 -130.41 -13.05
C GLU X 403 85.86 -131.22 -14.08
N GLU X 404 86.82 -132.01 -13.61
CA GLU X 404 87.63 -132.87 -14.48
C GLU X 404 86.92 -134.18 -14.87
N LEU X 405 86.00 -134.63 -14.03
CA LEU X 405 85.17 -135.80 -14.36
C LEU X 405 84.27 -135.55 -15.57
N VAL X 406 83.60 -134.38 -15.58
CA VAL X 406 82.63 -134.04 -16.62
C VAL X 406 83.33 -133.96 -17.98
N ARG X 407 84.43 -133.22 -18.03
CA ARG X 407 85.26 -133.11 -19.23
C ARG X 407 85.73 -134.49 -19.70
N LEU X 408 85.97 -135.39 -18.73
CA LEU X 408 86.47 -136.74 -18.98
C LEU X 408 85.39 -137.65 -19.58
N ALA X 409 84.20 -137.62 -18.97
CA ALA X 409 83.05 -138.40 -19.46
C ALA X 409 82.53 -137.86 -20.79
N ASN X 410 82.47 -136.54 -20.93
CA ASN X 410 82.08 -135.90 -22.19
C ASN X 410 83.14 -136.01 -23.28
N ASP X 411 84.40 -136.25 -22.86
CA ASP X 411 85.52 -136.41 -23.79
C ASP X 411 85.31 -137.64 -24.64
N THR X 412 84.59 -137.47 -25.75
CA THR X 412 84.19 -138.55 -26.64
C THR X 412 83.24 -137.99 -27.69
N GLU X 413 83.21 -138.61 -28.86
CA GLU X 413 82.31 -138.21 -29.94
C GLU X 413 80.91 -138.81 -29.74
N PHE X 414 80.77 -139.66 -28.72
CA PHE X 414 79.52 -140.39 -28.50
C PHE X 414 78.74 -139.93 -27.28
N GLY X 415 77.43 -140.15 -27.31
CA GLY X 415 76.55 -139.70 -26.25
C GLY X 415 75.20 -140.40 -26.26
N LEU X 416 75.19 -141.70 -25.99
CA LEU X 416 73.95 -142.44 -25.83
C LEU X 416 73.59 -142.52 -24.35
N ALA X 417 74.00 -143.60 -23.68
CA ALA X 417 73.74 -143.79 -22.26
C ALA X 417 74.91 -143.33 -21.41
N ALA X 418 74.58 -142.92 -20.18
CA ALA X 418 75.55 -142.59 -19.15
C ALA X 418 74.90 -142.91 -17.82
N TYR X 419 75.67 -143.43 -16.88
CA TYR X 419 75.14 -143.76 -15.56
C TYR X 419 75.85 -142.94 -14.50
N LEU X 420 75.21 -142.76 -13.35
CA LEU X 420 75.69 -141.83 -12.35
C LEU X 420 75.26 -142.24 -10.96
N TYR X 421 76.22 -142.44 -10.07
CA TYR X 421 75.93 -142.77 -8.67
C TYR X 421 76.50 -141.72 -7.73
N SER X 422 75.59 -141.12 -6.96
CA SER X 422 75.91 -140.13 -5.94
C SER X 422 74.65 -139.91 -5.11
N ARG X 423 74.81 -139.45 -3.86
CA ARG X 423 73.66 -139.29 -2.97
C ARG X 423 73.23 -137.83 -2.74
N ASP X 424 74.01 -136.89 -3.29
CA ASP X 424 73.73 -135.46 -3.14
C ASP X 424 72.80 -134.93 -4.24
N ILE X 425 71.70 -134.31 -3.81
CA ILE X 425 70.71 -133.73 -4.73
C ILE X 425 71.36 -132.67 -5.63
N GLY X 426 72.27 -131.88 -5.06
CA GLY X 426 72.97 -130.85 -5.81
C GLY X 426 73.87 -131.45 -6.88
N ARG X 427 74.79 -132.30 -6.44
CA ARG X 427 75.73 -132.97 -7.33
C ARG X 427 75.00 -133.62 -8.52
N VAL X 428 74.07 -134.52 -8.21
CA VAL X 428 73.30 -135.23 -9.23
C VAL X 428 72.83 -134.29 -10.33
N TRP X 429 72.13 -133.22 -9.93
CA TRP X 429 71.61 -132.24 -10.88
C TRP X 429 72.69 -131.54 -11.70
N ARG X 430 73.78 -131.14 -11.06
CA ARG X 430 74.89 -130.47 -11.75
C ARG X 430 75.43 -131.32 -12.89
N VAL X 431 75.68 -132.60 -12.60
CA VAL X 431 76.34 -133.52 -13.53
C VAL X 431 75.39 -134.04 -14.61
N ALA X 432 74.16 -134.36 -14.21
CA ALA X 432 73.14 -134.81 -15.18
C ALA X 432 72.81 -133.77 -16.25
N GLU X 433 72.89 -132.48 -15.90
CA GLU X 433 72.72 -131.39 -16.87
C GLU X 433 73.97 -131.22 -17.72
N ALA X 434 75.13 -131.48 -17.09
CA ALA X 434 76.42 -131.37 -17.74
C ALA X 434 76.65 -132.48 -18.78
N LEU X 435 76.43 -133.73 -18.36
CA LEU X 435 76.62 -134.89 -19.23
C LEU X 435 75.89 -134.78 -20.57
N GLU X 436 76.67 -134.62 -21.64
CA GLU X 436 76.14 -134.58 -23.01
C GLU X 436 75.74 -135.97 -23.49
N TYR X 437 74.78 -136.58 -22.79
CA TYR X 437 74.29 -137.93 -23.11
C TYR X 437 72.76 -138.03 -23.17
N GLY X 438 72.27 -138.75 -24.17
CA GLY X 438 70.84 -138.91 -24.42
C GLY X 438 70.04 -139.55 -23.31
N MET X 439 70.62 -140.55 -22.63
CA MET X 439 69.96 -141.24 -21.52
C MET X 439 70.86 -141.38 -20.29
N VAL X 440 70.39 -140.89 -19.16
CA VAL X 440 71.18 -140.85 -17.95
C VAL X 440 70.47 -141.58 -16.78
N GLY X 441 71.00 -142.73 -16.41
CA GLY X 441 70.52 -143.46 -15.23
C GLY X 441 71.11 -142.87 -13.97
N ILE X 442 70.26 -142.58 -13.00
CA ILE X 442 70.70 -141.97 -11.75
C ILE X 442 70.47 -142.95 -10.60
N ASN X 443 71.54 -143.23 -9.84
CA ASN X 443 71.54 -144.26 -8.79
C ASN X 443 70.87 -145.59 -9.18
N THR X 444 70.89 -145.91 -10.46
CA THR X 444 70.32 -147.16 -10.98
C THR X 444 71.12 -147.66 -12.18
N GLY X 445 70.98 -148.96 -12.46
CA GLY X 445 71.69 -149.59 -13.58
C GLY X 445 70.81 -149.85 -14.78
N LEU X 446 69.54 -150.13 -14.54
CA LEU X 446 68.59 -150.50 -15.59
C LEU X 446 67.67 -149.32 -15.91
N ILE X 447 67.65 -148.92 -17.17
CA ILE X 447 66.87 -147.75 -17.57
C ILE X 447 65.88 -148.02 -18.71
N SER X 448 66.07 -149.13 -19.42
CA SER X 448 65.16 -149.51 -20.51
C SER X 448 63.73 -149.71 -20.00
N ASN X 449 62.80 -148.93 -20.56
CA ASN X 449 61.36 -149.16 -20.42
C ASN X 449 60.63 -148.58 -21.63
N GLU X 450 59.41 -149.07 -21.88
CA GLU X 450 58.65 -148.70 -23.09
C GLU X 450 58.01 -147.30 -23.04
N VAL X 451 58.05 -146.68 -21.86
CA VAL X 451 57.32 -145.44 -21.63
C VAL X 451 58.24 -144.21 -21.66
N ALA X 452 59.55 -144.45 -21.61
CA ALA X 452 60.53 -143.37 -21.58
C ALA X 452 61.33 -143.27 -22.87
N PRO X 453 61.57 -142.03 -23.35
CA PRO X 453 62.22 -141.84 -24.64
C PRO X 453 63.63 -142.39 -24.65
N PHE X 454 63.92 -143.19 -25.68
CA PHE X 454 65.17 -143.91 -25.81
C PHE X 454 65.93 -143.41 -27.04
N GLY X 455 67.13 -142.87 -26.81
CA GLY X 455 67.97 -142.40 -27.91
C GLY X 455 69.21 -141.65 -27.46
N GLY X 456 70.02 -141.27 -28.45
CA GLY X 456 71.32 -140.62 -28.20
C GLY X 456 71.59 -139.35 -29.00
N VAL X 457 72.46 -138.51 -28.44
CA VAL X 457 72.90 -137.25 -29.06
C VAL X 457 74.21 -137.41 -29.84
N LYS X 458 74.93 -136.30 -30.05
CA LYS X 458 76.28 -136.30 -30.63
C LYS X 458 76.42 -137.27 -31.82
N GLN X 459 77.33 -138.25 -31.72
CA GLN X 459 77.50 -139.24 -32.80
C GLN X 459 76.80 -140.57 -32.47
N SER X 460 75.92 -140.54 -31.47
CA SER X 460 75.06 -141.68 -31.13
C SER X 460 73.74 -141.72 -31.93
N GLY X 461 73.47 -140.67 -32.71
CA GLY X 461 72.37 -140.71 -33.69
C GLY X 461 71.29 -139.63 -33.70
N LEU X 462 70.12 -140.02 -34.19
CA LEU X 462 68.98 -139.12 -34.39
C LEU X 462 67.65 -139.77 -33.98
N GLY X 463 66.71 -138.95 -33.54
CA GLY X 463 65.37 -139.41 -33.14
C GLY X 463 65.30 -140.07 -31.77
N ARG X 464 64.10 -140.48 -31.38
CA ARG X 464 63.87 -141.20 -30.12
C ARG X 464 62.88 -142.37 -30.28
N GLU X 465 63.01 -143.37 -29.41
CA GLU X 465 62.13 -144.56 -29.43
C GLU X 465 61.40 -144.75 -28.10
N GLY X 466 60.10 -145.04 -28.17
CA GLY X 466 59.25 -145.15 -26.98
C GLY X 466 58.54 -143.85 -26.61
N SER X 467 57.82 -143.87 -25.47
CA SER X 467 56.92 -142.78 -25.04
C SER X 467 55.97 -142.31 -26.16
N HIS X 468 55.64 -141.02 -26.20
CA HIS X 468 54.88 -140.47 -27.31
C HIS X 468 55.82 -139.98 -28.44
N TYR X 469 57.10 -139.79 -28.11
CA TYR X 469 58.11 -139.33 -29.07
C TYR X 469 58.43 -140.35 -30.18
N GLY X 470 58.37 -141.63 -29.80
CA GLY X 470 58.71 -142.72 -30.71
C GLY X 470 57.73 -142.92 -31.85
N ILE X 471 56.81 -141.97 -32.02
CA ILE X 471 55.86 -142.02 -33.14
C ILE X 471 55.80 -140.70 -33.93
N ASP X 472 56.35 -139.63 -33.35
CA ASP X 472 56.45 -138.33 -34.02
C ASP X 472 57.31 -138.46 -35.27
N ASP X 473 58.22 -139.44 -35.24
CA ASP X 473 59.12 -139.75 -36.35
C ASP X 473 58.40 -140.36 -37.55
N TYR X 474 57.33 -141.11 -37.28
CA TYR X 474 56.64 -141.91 -38.30
C TYR X 474 55.44 -141.18 -38.92
N VAL X 475 55.11 -140.03 -38.36
CA VAL X 475 53.98 -139.24 -38.86
C VAL X 475 54.48 -137.93 -39.43
N VAL X 476 53.89 -137.56 -40.56
CA VAL X 476 54.20 -136.30 -41.21
C VAL X 476 53.17 -135.27 -40.72
N ILE X 477 53.42 -133.99 -40.95
CA ILE X 477 52.59 -132.92 -40.36
C ILE X 477 52.04 -131.91 -41.40
N LYS X 478 50.72 -131.88 -41.54
CA LYS X 478 50.04 -131.10 -42.57
C LYS X 478 49.27 -129.89 -42.03
N TYR X 479 49.77 -128.70 -42.30
CA TYR X 479 49.12 -127.44 -41.91
C TYR X 479 48.02 -127.04 -42.90
N LEU X 480 46.81 -126.88 -42.39
CA LEU X 480 45.67 -126.52 -43.22
C LEU X 480 45.22 -125.09 -42.93
N CYS X 481 45.16 -124.26 -43.97
CA CYS X 481 44.74 -122.87 -43.84
C CYS X 481 43.37 -122.61 -44.50
N VAL X 482 42.34 -122.44 -43.68
CA VAL X 482 40.97 -122.30 -44.17
C VAL X 482 40.54 -120.83 -44.23
N ALA X 483 39.91 -120.44 -45.35
CA ALA X 483 39.25 -119.14 -45.43
C ALA X 483 37.86 -119.25 -44.81
N VAL X 484 37.61 -118.40 -43.82
CA VAL X 484 36.29 -118.33 -43.17
C VAL X 484 36.17 -117.12 -42.24
N GLY Y 3 11.31 24.90 136.78
CA GLY Y 3 11.00 24.52 138.20
C GLY Y 3 9.86 23.53 138.34
N SER Y 4 8.76 23.99 138.94
CA SER Y 4 7.54 23.18 139.03
C SER Y 4 6.86 23.14 137.66
N MET Y 5 7.37 22.23 136.82
CA MET Y 5 6.97 22.14 135.42
C MET Y 5 6.82 20.70 134.94
N LYS Y 6 5.68 20.41 134.31
CA LYS Y 6 5.36 19.08 133.76
C LYS Y 6 6.51 18.44 132.99
N ASP Y 7 7.35 19.27 132.37
CA ASP Y 7 8.50 18.82 131.59
C ASP Y 7 9.79 19.49 132.10
N PRO Y 8 10.81 18.69 132.45
CA PRO Y 8 12.09 19.21 132.98
C PRO Y 8 13.00 19.83 131.91
N SER Y 9 12.98 19.26 130.71
CA SER Y 9 13.93 19.63 129.67
C SER Y 9 13.36 20.63 128.65
N LEU Y 10 12.40 21.44 129.07
CA LEU Y 10 11.92 22.53 128.23
C LEU Y 10 12.80 23.77 128.40
N LEU Y 11 12.92 24.21 129.65
CA LEU Y 11 13.79 25.32 130.02
C LEU Y 11 15.26 24.90 129.84
N ARG Y 12 15.84 25.29 128.70
CA ARG Y 12 17.19 24.87 128.32
C ARG Y 12 18.23 25.88 128.83
N HIS Y 13 19.46 25.42 128.99
CA HIS Y 13 20.55 26.31 129.40
C HIS Y 13 21.75 26.16 128.47
N GLN Y 14 21.43 25.74 127.24
CA GLN Y 14 22.39 25.65 126.16
C GLN Y 14 21.80 26.32 124.92
N ALA Y 15 22.61 26.53 123.89
CA ALA Y 15 22.13 27.13 122.65
C ALA Y 15 21.94 26.04 121.61
N TYR Y 16 20.94 26.20 120.75
CA TYR Y 16 20.74 25.27 119.63
C TYR Y 16 21.47 25.72 118.38
N ILE Y 17 22.64 25.15 118.16
CA ILE Y 17 23.52 25.56 117.07
C ILE Y 17 23.68 24.40 116.10
N GLY Y 18 23.13 24.60 114.91
CA GLY Y 18 23.25 23.62 113.82
C GLY Y 18 22.74 22.23 114.19
N GLY Y 19 21.60 22.20 114.89
CA GLY Y 19 20.98 20.93 115.31
C GLY Y 19 21.68 20.23 116.46
N GLU Y 20 22.31 21.02 117.34
CA GLU Y 20 23.13 20.49 118.42
C GLU Y 20 23.18 21.46 119.59
N TRP Y 21 22.62 21.04 120.73
CA TRP Y 21 22.69 21.82 121.96
C TRP Y 21 24.14 21.95 122.42
N GLN Y 22 24.64 23.19 122.37
CA GLN Y 22 26.05 23.48 122.66
C GLN Y 22 26.17 24.61 123.67
N ALA Y 23 27.42 24.93 124.02
CA ALA Y 23 27.74 26.10 124.82
C ALA Y 23 28.95 26.83 124.21
N ALA Y 24 29.15 28.07 124.61
CA ALA Y 24 30.22 28.91 124.08
C ALA Y 24 31.57 28.19 123.92
N ASP Y 25 32.23 28.40 122.77
CA ASP Y 25 33.57 27.86 122.50
C ASP Y 25 34.56 28.16 123.64
N SER Y 26 34.45 29.37 124.19
CA SER Y 26 35.01 29.69 125.48
C SER Y 26 33.87 29.54 126.48
N ASP Y 27 33.89 28.49 127.29
CA ASP Y 27 32.76 28.11 128.17
C ASP Y 27 32.12 29.26 128.98
N ALA Y 28 32.14 30.46 128.40
CA ALA Y 28 31.49 31.63 128.99
C ALA Y 28 29.98 31.44 129.12
N THR Y 29 29.36 32.32 129.91
CA THR Y 29 27.94 32.23 130.23
C THR Y 29 27.48 33.57 130.80
N PHE Y 30 26.15 33.79 130.85
CA PHE Y 30 25.57 34.97 131.51
C PHE Y 30 24.15 34.72 132.05
N GLU Y 31 23.64 35.66 132.82
CA GLU Y 31 22.51 35.41 133.71
C GLU Y 31 21.22 36.07 133.27
N VAL Y 32 20.09 35.43 133.57
CA VAL Y 32 18.76 35.96 133.23
C VAL Y 32 17.91 36.03 134.50
N PHE Y 33 17.26 37.17 134.72
CA PHE Y 33 16.48 37.38 135.94
C PHE Y 33 14.97 37.51 135.69
N ASP Y 34 14.18 36.91 136.59
CA ASP Y 34 12.74 37.12 136.65
C ASP Y 34 12.49 38.61 136.87
N PRO Y 35 11.59 39.22 136.08
CA PRO Y 35 11.31 40.66 136.18
C PRO Y 35 10.33 41.06 137.29
N ALA Y 36 9.93 40.08 138.11
CA ALA Y 36 9.06 40.33 139.25
C ALA Y 36 9.78 39.99 140.56
N THR Y 37 10.70 39.03 140.50
CA THR Y 37 11.45 38.55 141.65
C THR Y 37 12.84 39.18 141.70
N GLY Y 38 13.56 39.09 140.58
CA GLY Y 38 14.97 39.44 140.55
C GLY Y 38 15.83 38.20 140.71
N GLU Y 39 15.19 37.06 140.92
CA GLU Y 39 15.90 35.80 141.15
C GLU Y 39 16.46 35.24 139.84
N SER Y 40 17.72 34.82 139.90
CA SER Y 40 18.39 34.24 138.75
C SER Y 40 17.62 33.03 138.28
N LEU Y 41 17.09 33.10 137.06
CA LEU Y 41 16.36 31.99 136.46
C LEU Y 41 17.31 30.99 135.81
N GLY Y 42 18.59 31.34 135.72
CA GLY Y 42 19.61 30.42 135.23
C GLY Y 42 20.68 31.05 134.37
N THR Y 43 21.45 30.22 133.70
CA THR Y 43 22.54 30.68 132.84
C THR Y 43 22.35 30.29 131.37
N VAL Y 44 22.57 31.25 130.49
CA VAL Y 44 22.55 31.02 129.05
C VAL Y 44 23.88 31.46 128.47
N PRO Y 45 24.37 30.77 127.42
CA PRO Y 45 25.70 31.07 126.85
C PRO Y 45 25.86 32.52 126.39
N LYS Y 46 27.06 33.05 126.53
CA LYS Y 46 27.40 34.39 126.04
C LYS Y 46 28.29 34.20 124.81
N MET Y 47 27.63 33.95 123.68
CA MET Y 47 28.32 33.59 122.44
C MET Y 47 28.55 34.80 121.54
N GLY Y 48 29.49 34.65 120.61
CA GLY Y 48 29.87 35.73 119.70
C GLY Y 48 29.87 35.32 118.24
N ALA Y 49 30.82 35.87 117.50
CA ALA Y 49 30.90 35.69 116.04
C ALA Y 49 31.08 34.26 115.58
N ALA Y 50 32.08 33.56 116.13
CA ALA Y 50 32.48 32.23 115.63
C ALA Y 50 31.40 31.15 115.78
N GLU Y 51 30.63 31.24 116.87
CA GLU Y 51 29.47 30.36 117.10
C GLU Y 51 28.38 30.65 116.06
N THR Y 52 28.10 31.94 115.86
CA THR Y 52 27.15 32.41 114.85
C THR Y 52 27.56 31.96 113.44
N ALA Y 53 28.85 32.02 113.12
CA ALA Y 53 29.33 31.61 111.80
C ALA Y 53 29.19 30.10 111.57
N ARG Y 54 29.23 29.33 112.65
CA ARG Y 54 29.08 27.88 112.58
C ARG Y 54 27.60 27.49 112.44
N ALA Y 55 26.73 28.31 113.03
CA ALA Y 55 25.29 28.18 112.83
C ALA Y 55 24.88 28.50 111.39
N ILE Y 56 25.55 29.49 110.80
CA ILE Y 56 25.25 29.93 109.44
C ILE Y 56 25.66 28.89 108.42
N GLU Y 57 26.86 28.33 108.57
CA GLU Y 57 27.39 27.34 107.63
C GLU Y 57 26.68 25.99 107.75
N ALA Y 58 26.17 25.71 108.95
CA ALA Y 58 25.34 24.52 109.16
C ALA Y 58 24.04 24.64 108.38
N ALA Y 59 23.38 25.80 108.51
CA ALA Y 59 22.15 26.11 107.78
C ALA Y 59 22.33 25.97 106.27
N GLN Y 60 23.44 26.48 105.75
CA GLN Y 60 23.73 26.44 104.32
C GLN Y 60 23.82 25.01 103.81
N ALA Y 61 24.52 24.16 104.55
CA ALA Y 61 24.68 22.75 104.16
C ALA Y 61 23.37 21.98 104.36
N ALA Y 62 22.49 22.53 105.19
CA ALA Y 62 21.19 21.92 105.48
C ALA Y 62 20.11 22.31 104.45
N TRP Y 63 20.43 23.27 103.57
CA TRP Y 63 19.46 23.83 102.64
C TRP Y 63 18.98 22.87 101.56
N ALA Y 64 19.93 22.23 100.86
CA ALA Y 64 19.60 21.32 99.77
C ALA Y 64 18.57 20.28 100.22
N GLY Y 65 18.88 19.59 101.32
CA GLY Y 65 17.98 18.58 101.88
C GLY Y 65 16.62 19.11 102.26
N TRP Y 66 16.59 20.29 102.87
CA TRP Y 66 15.34 20.87 103.34
C TRP Y 66 14.43 21.32 102.19
N ARG Y 67 15.02 21.92 101.15
CA ARG Y 67 14.26 22.37 99.98
C ARG Y 67 13.88 21.20 99.07
N MET Y 68 14.62 20.11 99.14
CA MET Y 68 14.34 18.95 98.29
C MET Y 68 13.06 18.21 98.72
N LYS Y 69 12.65 18.44 99.96
CA LYS Y 69 11.35 17.98 100.43
C LYS Y 69 10.25 18.69 99.64
N THR Y 70 9.11 18.03 99.52
CA THR Y 70 7.93 18.67 98.95
C THR Y 70 7.32 19.59 100.02
N ALA Y 71 6.75 20.70 99.58
CA ALA Y 71 6.09 21.63 100.48
C ALA Y 71 5.27 20.89 101.54
N LYS Y 72 4.53 19.86 101.11
CA LYS Y 72 3.66 19.05 101.98
C LYS Y 72 4.44 18.22 103.00
N GLU Y 73 5.49 17.54 102.53
CA GLU Y 73 6.40 16.83 103.42
C GLU Y 73 6.92 17.76 104.51
N ARG Y 74 7.16 19.01 104.14
CA ARG Y 74 7.59 20.01 105.10
C ARG Y 74 6.43 20.39 106.02
N ALA Y 75 5.24 20.62 105.45
CA ALA Y 75 4.05 20.95 106.26
C ALA Y 75 3.77 19.90 107.34
N ALA Y 76 3.99 18.63 107.02
CA ALA Y 76 3.92 17.54 108.00
C ALA Y 76 4.80 17.89 109.21
N ILE Y 77 6.11 17.86 109.00
CA ILE Y 77 7.10 18.24 110.00
C ILE Y 77 6.70 19.51 110.74
N LEU Y 78 6.24 20.51 110.02
CA LEU Y 78 5.77 21.76 110.63
C LEU Y 78 4.48 21.65 111.45
N ARG Y 79 3.64 20.65 111.15
CA ARG Y 79 2.40 20.44 111.91
C ARG Y 79 2.66 19.64 113.20
N ARG Y 80 3.61 18.71 113.16
CA ARG Y 80 4.09 18.06 114.38
C ARG Y 80 4.68 19.07 115.37
N TRP Y 81 5.28 20.14 114.84
CA TRP Y 81 5.84 21.22 115.65
C TRP Y 81 4.74 22.12 116.18
N PHE Y 82 3.69 22.27 115.39
CA PHE Y 82 2.48 22.96 115.83
C PHE Y 82 1.89 22.21 117.02
N ASP Y 83 1.89 20.89 116.92
CA ASP Y 83 1.26 20.02 117.91
C ASP Y 83 2.05 20.00 119.22
N LEU Y 84 3.34 19.69 119.11
CA LEU Y 84 4.21 19.68 120.28
C LEU Y 84 4.16 20.99 121.07
N VAL Y 85 3.75 22.07 120.40
CA VAL Y 85 3.55 23.38 121.05
C VAL Y 85 2.24 23.37 121.82
N ILE Y 86 1.13 23.16 121.12
CA ILE Y 86 -0.20 23.05 121.75
C ILE Y 86 -0.22 22.02 122.91
N ALA Y 87 0.44 20.87 122.70
CA ALA Y 87 0.56 19.85 123.74
C ALA Y 87 1.24 20.37 125.00
N ASN Y 88 2.47 20.88 124.83
CA ASN Y 88 3.22 21.45 125.96
C ASN Y 88 2.99 22.95 126.14
N SER Y 89 1.78 23.39 125.81
CA SER Y 89 1.36 24.78 125.97
C SER Y 89 1.45 25.16 127.43
N ASP Y 90 0.90 24.30 128.28
CA ASP Y 90 0.76 24.54 129.72
C ASP Y 90 2.04 25.07 130.35
N ASP Y 91 3.10 24.28 130.28
CA ASP Y 91 4.41 24.68 130.77
C ASP Y 91 4.87 26.03 130.16
N LEU Y 92 4.75 26.14 128.84
CA LEU Y 92 5.29 27.29 128.11
C LEU Y 92 4.85 28.66 128.63
N ALA Y 93 3.53 28.85 128.77
CA ALA Y 93 3.00 30.13 129.26
C ALA Y 93 3.59 30.53 130.62
N LEU Y 94 4.06 29.54 131.39
CA LEU Y 94 4.76 29.80 132.64
C LEU Y 94 6.18 30.34 132.37
N ILE Y 95 6.95 29.61 131.56
CA ILE Y 95 8.31 30.04 131.17
C ILE Y 95 8.32 31.47 130.62
N LEU Y 96 7.31 31.79 129.82
CA LEU Y 96 7.19 33.10 129.19
C LEU Y 96 6.92 34.18 130.22
N THR Y 97 6.14 33.85 131.24
CA THR Y 97 5.91 34.73 132.38
C THR Y 97 7.11 34.71 133.35
N THR Y 98 7.81 33.58 133.41
CA THR Y 98 9.00 33.43 134.27
C THR Y 98 10.10 34.41 133.84
N GLU Y 99 10.14 34.71 132.54
CA GLU Y 99 11.16 35.63 132.00
C GLU Y 99 10.63 36.98 131.52
N GLN Y 100 9.47 37.00 130.87
CA GLN Y 100 8.98 38.25 130.31
C GLN Y 100 8.23 39.09 131.33
N GLY Y 101 7.45 38.42 132.17
CA GLY Y 101 6.59 39.10 133.15
C GLY Y 101 5.36 39.70 132.50
N LYS Y 102 4.28 38.90 132.48
CA LYS Y 102 2.98 39.28 131.90
C LYS Y 102 1.95 38.22 132.35
N PRO Y 103 0.68 38.63 132.55
CA PRO Y 103 -0.32 37.71 133.10
C PRO Y 103 -0.28 36.32 132.45
N LEU Y 104 -0.29 35.29 133.28
CA LEU Y 104 -0.21 33.89 132.83
C LEU Y 104 -1.26 33.59 131.76
N ALA Y 105 -2.32 34.41 131.76
CA ALA Y 105 -3.41 34.33 130.78
C ALA Y 105 -2.99 34.95 129.44
N GLU Y 106 -2.44 36.17 129.50
CA GLU Y 106 -1.85 36.84 128.33
C GLU Y 106 -0.76 35.97 127.70
N ALA Y 107 0.08 35.36 128.53
CA ALA Y 107 1.11 34.44 128.04
C ALA Y 107 0.47 33.31 127.26
N LYS Y 108 -0.59 32.74 127.83
CA LYS Y 108 -1.37 31.69 127.19
C LYS Y 108 -2.04 32.24 125.92
N GLY Y 109 -2.40 33.52 125.96
CA GLY Y 109 -2.93 34.24 124.79
C GLY Y 109 -1.86 34.52 123.74
N GLU Y 110 -0.63 34.08 124.00
CA GLU Y 110 0.47 34.13 123.03
C GLU Y 110 0.76 32.73 122.52
N ILE Y 111 0.92 31.78 123.43
CA ILE Y 111 1.20 30.39 123.03
C ILE Y 111 0.13 29.86 122.06
N ALA Y 112 -0.98 30.58 121.95
CA ALA Y 112 -2.01 30.33 120.95
C ALA Y 112 -1.58 31.02 119.67
N TYR Y 113 -1.60 32.35 119.70
CA TYR Y 113 -1.07 33.24 118.66
C TYR Y 113 0.18 32.68 117.99
N ALA Y 114 1.19 32.33 118.79
CA ALA Y 114 2.40 31.70 118.28
C ALA Y 114 2.08 30.51 117.39
N ALA Y 115 1.28 29.59 117.93
CA ALA Y 115 1.01 28.32 117.26
C ALA Y 115 0.17 28.50 116.00
N SER Y 116 -0.66 29.55 115.99
CA SER Y 116 -1.53 29.82 114.86
C SER Y 116 -0.72 30.26 113.63
N PHE Y 117 0.52 30.68 113.86
CA PHE Y 117 1.45 31.02 112.80
C PHE Y 117 2.12 29.78 112.26
N ILE Y 118 2.58 28.91 113.14
CA ILE Y 118 3.22 27.66 112.72
C ILE Y 118 2.30 26.90 111.74
N GLU Y 119 1.06 26.72 112.18
CA GLU Y 119 0.00 26.09 111.39
C GLU Y 119 -0.17 26.81 110.07
N TRP Y 120 -0.61 28.07 110.14
CA TRP Y 120 -0.85 28.90 108.96
C TRP Y 120 0.22 28.73 107.90
N PHE Y 121 1.48 28.99 108.25
CA PHE Y 121 2.55 28.98 107.26
C PHE Y 121 2.81 27.60 106.64
N ALA Y 122 2.67 26.54 107.42
CA ALA Y 122 2.73 25.17 106.90
C ALA Y 122 1.68 24.94 105.80
N GLU Y 123 0.54 25.64 105.93
CA GLU Y 123 -0.47 25.62 104.89
C GLU Y 123 -0.04 26.53 103.74
N GLU Y 124 0.44 27.73 104.07
CA GLU Y 124 0.89 28.69 103.04
C GLU Y 124 1.99 28.19 102.13
N GLY Y 125 2.90 27.38 102.67
CA GLY Y 125 4.02 26.85 101.92
C GLY Y 125 3.65 25.98 100.73
N LYS Y 126 2.47 25.37 100.78
CA LYS Y 126 1.98 24.49 99.70
C LYS Y 126 1.18 25.26 98.66
N ARG Y 127 1.15 26.58 98.80
CA ARG Y 127 0.36 27.45 97.92
C ARG Y 127 1.18 28.58 97.29
N VAL Y 128 2.51 28.50 97.41
CA VAL Y 128 3.38 29.50 96.80
C VAL Y 128 3.35 29.33 95.28
N ALA Y 129 2.74 30.30 94.62
CA ALA Y 129 2.45 30.19 93.19
C ALA Y 129 3.24 31.17 92.33
N GLY Y 130 3.60 30.70 91.14
CA GLY Y 130 4.07 31.55 90.05
C GLY Y 130 2.96 31.73 89.03
N ASP Y 131 3.25 32.44 87.94
CA ASP Y 131 2.27 32.68 86.90
C ASP Y 131 2.74 32.03 85.60
N THR Y 132 1.79 31.74 84.72
CA THR Y 132 2.07 31.53 83.30
C THR Y 132 1.38 32.67 82.57
N LEU Y 133 2.16 33.55 81.96
CA LEU Y 133 1.64 34.79 81.39
C LEU Y 133 1.54 34.77 79.85
N PRO Y 134 0.62 35.56 79.28
CA PRO Y 134 0.46 35.56 77.81
C PRO Y 134 1.56 36.36 77.12
N THR Y 135 2.31 35.68 76.27
CA THR Y 135 3.52 36.25 75.65
C THR Y 135 3.27 37.46 74.76
N PRO Y 136 4.23 38.41 74.74
CA PRO Y 136 4.23 39.53 73.81
C PRO Y 136 5.04 39.23 72.53
N ASP Y 137 5.38 37.95 72.35
CA ASP Y 137 6.20 37.48 71.23
C ASP Y 137 5.81 36.03 70.97
N ALA Y 138 5.22 35.76 69.80
CA ALA Y 138 4.65 34.44 69.47
C ALA Y 138 5.66 33.31 69.52
N ASN Y 139 6.94 33.65 69.41
CA ASN Y 139 7.97 32.64 69.40
C ASN Y 139 8.52 32.28 70.77
N LYS Y 140 7.88 32.81 71.81
CA LYS Y 140 8.38 32.71 73.18
C LYS Y 140 7.27 32.42 74.17
N ARG Y 141 7.62 31.71 75.25
CA ARG Y 141 6.70 31.37 76.33
C ARG Y 141 7.19 31.94 77.67
N ILE Y 142 6.29 32.56 78.41
CA ILE Y 142 6.62 33.12 79.73
C ILE Y 142 6.03 32.28 80.88
N VAL Y 143 6.94 31.69 81.66
CA VAL Y 143 6.60 30.92 82.85
C VAL Y 143 7.32 31.58 84.02
N VAL Y 144 6.65 31.66 85.17
CA VAL Y 144 7.23 32.23 86.37
C VAL Y 144 7.09 31.29 87.57
N VAL Y 145 8.24 30.89 88.11
CA VAL Y 145 8.30 30.03 89.29
C VAL Y 145 8.83 30.79 90.52
N LYS Y 146 8.64 30.20 91.69
CA LYS Y 146 9.13 30.80 92.93
C LYS Y 146 9.95 29.82 93.76
N GLU Y 147 11.12 30.31 94.19
CA GLU Y 147 12.12 29.51 94.89
C GLU Y 147 12.45 30.13 96.22
N PRO Y 148 12.86 29.29 97.19
CA PRO Y 148 13.43 29.79 98.43
C PRO Y 148 14.69 30.63 98.17
N ILE Y 149 14.81 31.75 98.88
CA ILE Y 149 15.93 32.68 98.70
C ILE Y 149 17.25 32.15 99.25
N GLY Y 150 17.20 31.39 100.36
CA GLY Y 150 18.41 30.83 100.96
C GLY Y 150 18.42 30.96 102.48
N VAL Y 151 19.61 30.92 103.07
CA VAL Y 151 19.74 31.08 104.51
C VAL Y 151 19.21 32.43 104.98
N CYS Y 152 18.20 32.38 105.84
CA CYS Y 152 17.64 33.58 106.45
C CYS Y 152 18.13 33.70 107.87
N ALA Y 153 17.89 34.87 108.46
CA ALA Y 153 18.20 35.11 109.84
C ALA Y 153 17.16 36.07 110.41
N ALA Y 154 16.80 35.85 111.67
CA ALA Y 154 15.88 36.77 112.35
C ALA Y 154 16.44 37.26 113.69
N ILE Y 155 16.11 38.50 114.02
CA ILE Y 155 16.42 39.11 115.31
C ILE Y 155 15.10 39.61 115.91
N THR Y 156 14.63 38.87 116.90
CA THR Y 156 13.33 39.08 117.53
C THR Y 156 13.51 39.77 118.87
N PRO Y 157 12.53 40.58 119.31
CA PRO Y 157 12.66 41.23 120.60
C PRO Y 157 12.13 40.37 121.77
N TRP Y 158 11.75 41.02 122.87
CA TRP Y 158 11.41 40.34 124.11
C TRP Y 158 9.93 40.37 124.43
N ASN Y 159 9.20 41.34 123.88
CA ASN Y 159 7.79 41.53 124.23
C ASN Y 159 6.81 40.44 123.78
N PHE Y 160 7.19 39.68 122.75
CA PHE Y 160 6.50 38.45 122.40
C PHE Y 160 7.54 37.37 122.11
N PRO Y 161 8.26 36.91 123.15
CA PRO Y 161 9.45 36.07 122.98
C PRO Y 161 9.19 34.68 122.38
N ALA Y 162 7.93 34.30 122.20
CA ALA Y 162 7.62 33.02 121.56
C ALA Y 162 6.90 33.23 120.22
N ALA Y 163 5.85 34.05 120.23
CA ALA Y 163 5.13 34.44 119.02
C ALA Y 163 6.08 34.97 117.95
N MET Y 164 6.99 35.88 118.33
CA MET Y 164 7.98 36.43 117.42
C MET Y 164 8.86 35.36 116.78
N ILE Y 165 9.05 34.24 117.46
CA ILE Y 165 9.82 33.12 116.91
C ILE Y 165 9.03 32.46 115.79
N ALA Y 166 7.79 32.09 116.07
CA ALA Y 166 6.92 31.43 115.10
C ALA Y 166 6.64 32.32 113.90
N ARG Y 167 6.55 33.63 114.14
CA ARG Y 167 6.25 34.59 113.08
C ARG Y 167 7.31 34.72 112.00
N LYS Y 168 8.46 34.09 112.22
CA LYS Y 168 9.62 34.27 111.37
C LYS Y 168 10.29 32.95 111.01
N VAL Y 169 10.34 32.03 111.97
CA VAL Y 169 10.81 30.68 111.70
C VAL Y 169 9.78 29.98 110.81
N GLY Y 170 8.50 30.29 111.06
CA GLY Y 170 7.40 29.67 110.33
C GLY Y 170 7.40 29.89 108.84
N PRO Y 171 7.35 31.17 108.40
CA PRO Y 171 7.34 31.40 106.95
C PRO Y 171 8.58 30.87 106.26
N ALA Y 172 9.74 31.07 106.88
CA ALA Y 172 11.03 30.66 106.32
C ALA Y 172 11.12 29.18 105.97
N LEU Y 173 10.62 28.33 106.85
CA LEU Y 173 10.76 26.89 106.70
C LEU Y 173 9.77 26.34 105.69
N ALA Y 174 8.56 26.90 105.73
CA ALA Y 174 7.53 26.60 104.73
C ALA Y 174 8.04 26.90 103.33
N ALA Y 175 8.67 28.07 103.19
CA ALA Y 175 9.28 28.51 101.94
C ALA Y 175 10.38 27.58 101.44
N GLY Y 176 10.99 26.82 102.35
CA GLY Y 176 12.07 25.89 102.02
C GLY Y 176 13.46 26.43 102.34
N CYS Y 177 13.54 27.30 103.34
CA CYS Y 177 14.81 27.90 103.76
C CYS Y 177 15.21 27.41 105.15
N PRO Y 178 16.51 27.42 105.46
CA PRO Y 178 16.93 27.31 106.85
C PRO Y 178 16.89 28.69 107.51
N ILE Y 179 17.16 28.77 108.81
CA ILE Y 179 17.12 30.05 109.52
C ILE Y 179 18.01 30.03 110.77
N VAL Y 180 18.56 31.20 111.11
CA VAL Y 180 19.33 31.41 112.32
C VAL Y 180 18.64 32.53 113.09
N VAL Y 181 18.35 32.32 114.37
CA VAL Y 181 17.63 33.32 115.19
C VAL Y 181 18.42 33.79 116.43
N LYS Y 182 18.50 35.11 116.62
CA LYS Y 182 18.97 35.71 117.86
C LYS Y 182 17.77 36.28 118.61
N PRO Y 183 17.32 35.60 119.68
CA PRO Y 183 16.23 36.15 120.50
C PRO Y 183 16.76 37.26 121.38
N ALA Y 184 15.85 38.08 121.91
CA ALA Y 184 16.22 39.13 122.86
C ALA Y 184 16.91 38.54 124.08
N GLU Y 185 18.06 39.14 124.43
CA GLU Y 185 18.93 38.64 125.50
C GLU Y 185 18.21 38.58 126.85
N SER Y 186 17.22 39.45 127.00
CA SER Y 186 16.39 39.52 128.19
C SER Y 186 15.53 38.26 128.36
N THR Y 187 14.88 37.81 127.29
CA THR Y 187 13.94 36.69 127.36
C THR Y 187 14.27 35.59 126.33
N PRO Y 188 15.32 34.80 126.59
CA PRO Y 188 15.76 33.82 125.60
C PRO Y 188 15.15 32.42 125.72
N PHE Y 189 14.50 32.13 126.85
CA PHE Y 189 14.06 30.77 127.13
C PHE Y 189 12.91 30.29 126.25
N SER Y 190 11.87 31.11 126.14
CA SER Y 190 10.76 30.84 125.24
C SER Y 190 11.28 30.34 123.89
N ALA Y 191 12.21 31.10 123.30
CA ALA Y 191 12.82 30.73 122.02
C ALA Y 191 13.46 29.34 122.02
N LEU Y 192 14.16 29.02 123.11
CA LEU Y 192 14.90 27.77 123.20
C LEU Y 192 13.97 26.58 123.39
N ALA Y 193 12.82 26.82 124.01
CA ALA Y 193 11.80 25.80 124.16
C ALA Y 193 11.27 25.37 122.79
N MET Y 194 10.84 26.36 121.99
CA MET Y 194 10.41 26.13 120.62
C MET Y 194 11.44 25.38 119.78
N ALA Y 195 12.71 25.72 119.98
CA ALA Y 195 13.80 24.99 119.33
C ALA Y 195 13.78 23.51 119.70
N PHE Y 196 13.63 23.20 121.00
CA PHE Y 196 13.60 21.80 121.46
C PHE Y 196 12.36 21.09 120.94
N LEU Y 197 11.22 21.77 121.05
CA LEU Y 197 9.99 21.30 120.46
C LEU Y 197 10.12 21.08 118.96
N ALA Y 198 10.86 21.98 118.29
CA ALA Y 198 11.13 21.85 116.87
C ALA Y 198 12.07 20.70 116.57
N GLU Y 199 12.94 20.35 117.52
CA GLU Y 199 13.87 19.24 117.33
C GLU Y 199 13.17 17.89 117.41
N ARG Y 200 12.30 17.73 118.42
CA ARG Y 200 11.54 16.49 118.59
C ARG Y 200 10.36 16.38 117.60
N ALA Y 201 9.99 17.50 116.97
CA ALA Y 201 8.98 17.49 115.90
C ALA Y 201 9.52 17.03 114.53
N GLY Y 202 10.83 16.81 114.46
CA GLY Y 202 11.43 16.21 113.27
C GLY Y 202 12.18 17.15 112.35
N VAL Y 203 12.10 18.47 112.60
CA VAL Y 203 12.83 19.48 111.83
C VAL Y 203 14.29 19.06 111.80
N PRO Y 204 14.86 18.83 110.60
CA PRO Y 204 16.22 18.31 110.48
C PRO Y 204 17.31 19.17 111.11
N LYS Y 205 18.50 18.59 111.27
CA LYS Y 205 19.66 19.27 111.83
C LYS Y 205 20.20 20.34 110.87
N GLY Y 206 20.28 21.58 111.35
CA GLY Y 206 20.83 22.68 110.55
C GLY Y 206 19.80 23.68 110.09
N VAL Y 207 18.56 23.21 109.93
CA VAL Y 207 17.48 24.03 109.40
C VAL Y 207 17.05 25.09 110.41
N LEU Y 208 17.40 24.89 111.66
CA LEU Y 208 17.12 25.89 112.70
C LEU Y 208 18.28 26.03 113.66
N SER Y 209 18.59 27.28 113.97
CA SER Y 209 19.59 27.59 114.96
C SER Y 209 19.03 28.71 115.82
N VAL Y 210 19.20 28.58 117.13
CA VAL Y 210 18.95 29.68 118.03
C VAL Y 210 20.27 29.96 118.73
N VAL Y 211 20.79 31.17 118.54
CA VAL Y 211 22.08 31.58 119.09
C VAL Y 211 21.82 32.65 120.14
N ILE Y 212 22.46 32.50 121.31
CA ILE Y 212 22.34 33.50 122.38
C ILE Y 212 23.70 34.07 122.79
N GLY Y 213 23.70 35.33 123.24
CA GLY Y 213 24.92 35.97 123.71
C GLY Y 213 25.06 37.43 123.33
N ASP Y 214 26.27 37.76 122.85
CA ASP Y 214 26.68 39.12 122.50
C ASP Y 214 25.84 39.71 121.34
N PRO Y 215 24.87 40.59 121.66
CA PRO Y 215 23.97 41.09 120.60
C PRO Y 215 24.70 41.80 119.48
N LYS Y 216 25.74 42.59 119.82
CA LYS Y 216 26.55 43.32 118.84
C LYS Y 216 27.42 42.38 118.02
N ALA Y 217 28.01 41.39 118.68
CA ALA Y 217 28.95 40.47 118.00
C ALA Y 217 28.24 39.44 117.13
N ILE Y 218 27.00 39.11 117.50
CA ILE Y 218 26.16 38.19 116.72
C ILE Y 218 25.54 38.96 115.56
N GLY Y 219 24.90 40.08 115.88
CA GLY Y 219 24.36 40.99 114.87
C GLY Y 219 25.35 41.29 113.75
N THR Y 220 26.58 41.66 114.13
CA THR Y 220 27.62 41.92 113.16
C THR Y 220 27.87 40.69 112.26
N GLU Y 221 28.03 39.51 112.87
CA GLU Y 221 28.32 38.31 112.09
C GLU Y 221 27.17 37.96 111.15
N ILE Y 222 25.96 38.26 111.58
CA ILE Y 222 24.78 38.03 110.77
C ILE Y 222 24.78 38.96 109.55
N THR Y 223 24.93 40.25 109.80
CA THR Y 223 24.88 41.25 108.74
C THR Y 223 26.08 41.21 107.80
N SER Y 224 27.16 40.54 108.21
CA SER Y 224 28.38 40.52 107.40
C SER Y 224 28.55 39.26 106.55
N ASN Y 225 27.95 38.16 107.00
CA ASN Y 225 28.12 36.88 106.32
C ASN Y 225 27.35 36.84 104.98
N PRO Y 226 28.09 36.72 103.85
CA PRO Y 226 27.49 36.65 102.51
C PRO Y 226 26.47 35.51 102.35
N ILE Y 227 26.65 34.42 103.10
CA ILE Y 227 25.74 33.29 103.08
C ILE Y 227 24.33 33.70 103.51
N VAL Y 228 24.23 34.69 104.38
CA VAL Y 228 22.95 35.17 104.89
C VAL Y 228 22.25 36.05 103.85
N ARG Y 229 21.30 35.46 103.13
CA ARG Y 229 20.67 36.16 102.00
C ARG Y 229 19.46 37.03 102.38
N LYS Y 230 18.75 36.67 103.45
CA LYS Y 230 17.73 37.58 103.97
C LYS Y 230 17.74 37.69 105.49
N LEU Y 231 17.28 38.83 105.97
CA LEU Y 231 17.27 39.15 107.39
C LEU Y 231 15.94 39.75 107.77
N SER Y 232 15.32 39.18 108.79
CA SER Y 232 14.13 39.76 109.41
C SER Y 232 14.54 40.50 110.69
N PHE Y 233 13.95 41.65 110.99
CA PHE Y 233 14.24 42.31 112.25
C PHE Y 233 13.07 43.06 112.85
N THR Y 234 12.79 42.78 114.12
CA THR Y 234 11.82 43.53 114.91
C THR Y 234 12.52 44.09 116.15
N GLY Y 235 12.43 45.41 116.33
CA GLY Y 235 13.01 46.07 117.48
C GLY Y 235 12.85 47.57 117.37
N SER Y 236 13.82 48.30 117.90
CA SER Y 236 13.90 49.75 117.72
C SER Y 236 14.28 50.14 116.30
N THR Y 237 13.81 51.31 115.86
CA THR Y 237 14.12 51.85 114.56
C THR Y 237 15.62 52.10 114.44
N ALA Y 238 16.21 52.64 115.51
CA ALA Y 238 17.64 52.93 115.56
C ALA Y 238 18.48 51.73 115.14
N VAL Y 239 18.18 50.58 115.73
CA VAL Y 239 18.92 49.34 115.44
C VAL Y 239 18.63 48.84 114.03
N GLY Y 240 17.39 49.06 113.58
CA GLY Y 240 16.96 48.63 112.25
C GLY Y 240 17.68 49.41 111.17
N ARG Y 241 17.74 50.72 111.37
CA ARG Y 241 18.50 51.61 110.50
C ARG Y 241 19.94 51.14 110.35
N LEU Y 242 20.62 50.92 111.46
CA LEU Y 242 22.01 50.46 111.42
C LEU Y 242 22.11 49.06 110.82
N LEU Y 243 21.19 48.19 111.17
CA LEU Y 243 21.18 46.84 110.61
C LEU Y 243 21.09 46.87 109.09
N MET Y 244 20.27 47.77 108.56
CA MET Y 244 20.12 47.94 107.11
C MET Y 244 21.43 48.38 106.47
N ALA Y 245 22.07 49.39 107.06
CA ALA Y 245 23.36 49.86 106.59
C ALA Y 245 24.41 48.75 106.64
N GLN Y 246 24.41 47.97 107.72
CA GLN Y 246 25.40 46.91 107.88
C GLN Y 246 25.18 45.74 106.93
N SER Y 247 23.97 45.67 106.38
CA SER Y 247 23.56 44.62 105.45
C SER Y 247 23.78 45.04 103.97
N ALA Y 248 24.08 46.32 103.78
CA ALA Y 248 24.33 46.90 102.45
C ALA Y 248 25.42 46.17 101.64
N PRO Y 249 26.60 45.90 102.25
CA PRO Y 249 27.70 45.26 101.49
C PRO Y 249 27.32 44.01 100.71
N THR Y 250 26.32 43.27 101.19
CA THR Y 250 25.85 42.04 100.50
C THR Y 250 24.44 42.12 99.93
N VAL Y 251 23.79 43.28 100.07
CA VAL Y 251 22.49 43.53 99.43
C VAL Y 251 21.44 42.48 99.87
N LYS Y 252 21.28 42.34 101.18
CA LYS Y 252 20.36 41.35 101.74
C LYS Y 252 18.92 41.81 101.64
N LYS Y 253 17.99 40.89 101.43
CA LYS Y 253 16.58 41.24 101.49
C LYS Y 253 16.20 41.41 102.94
N LEU Y 254 15.58 42.54 103.25
CA LEU Y 254 15.27 42.89 104.61
C LEU Y 254 13.79 43.00 104.85
N THR Y 255 13.34 42.46 105.98
CA THR Y 255 12.04 42.80 106.54
C THR Y 255 12.32 43.51 107.86
N LEU Y 256 11.64 44.65 108.07
CA LEU Y 256 11.82 45.44 109.27
C LEU Y 256 10.50 45.87 109.91
N GLU Y 257 10.19 45.29 111.07
CA GLU Y 257 9.09 45.76 111.92
C GLU Y 257 9.76 46.62 112.99
N LEU Y 258 9.46 47.91 113.00
CA LEU Y 258 10.20 48.82 113.87
C LEU Y 258 9.29 49.56 114.88
N GLY Y 259 9.52 50.86 115.03
CA GLY Y 259 8.80 51.62 116.03
C GLY Y 259 7.48 52.12 115.49
N GLY Y 260 6.56 52.42 116.40
CA GLY Y 260 5.29 53.03 116.05
C GLY Y 260 5.13 54.40 116.71
N ASN Y 261 3.88 54.86 116.70
CA ASN Y 261 3.44 56.03 117.43
C ASN Y 261 1.93 56.04 117.22
N ALA Y 262 1.31 54.93 117.61
CA ALA Y 262 -0.09 54.65 117.34
C ALA Y 262 -1.05 55.71 117.88
N PRO Y 263 -1.75 56.42 116.98
CA PRO Y 263 -2.82 57.31 117.41
C PRO Y 263 -4.12 56.53 117.62
N PHE Y 264 -4.83 56.85 118.70
CA PHE Y 264 -6.11 56.22 119.03
C PHE Y 264 -7.17 57.30 118.94
N ILE Y 265 -7.78 57.41 117.76
CA ILE Y 265 -8.74 58.46 117.48
C ILE Y 265 -10.14 58.11 117.95
N VAL Y 266 -10.79 59.07 118.63
CA VAL Y 266 -12.17 58.95 119.09
C VAL Y 266 -13.01 60.12 118.58
N PHE Y 267 -14.02 59.78 117.78
CA PHE Y 267 -14.98 60.77 117.27
C PHE Y 267 -16.29 60.77 118.07
N ASP Y 268 -17.03 61.88 117.97
CA ASP Y 268 -18.31 62.10 118.68
C ASP Y 268 -19.15 60.84 118.89
N ASP Y 269 -19.40 60.12 117.79
CA ASP Y 269 -20.35 59.02 117.74
C ASP Y 269 -19.84 57.70 118.33
N ALA Y 270 -18.53 57.59 118.55
CA ALA Y 270 -17.95 56.37 119.11
C ALA Y 270 -18.76 55.83 120.29
N ASP Y 271 -19.08 54.53 120.26
CA ASP Y 271 -19.69 53.83 121.40
C ASP Y 271 -18.61 53.86 122.48
N LEU Y 272 -18.62 54.94 123.27
CA LEU Y 272 -17.57 55.27 124.23
C LEU Y 272 -17.31 54.11 125.17
N ASP Y 273 -18.38 53.50 125.67
CA ASP Y 273 -18.28 52.36 126.57
C ASP Y 273 -17.42 51.24 125.96
N ALA Y 274 -17.52 51.05 124.63
CA ALA Y 274 -16.71 50.05 123.91
C ALA Y 274 -15.37 50.58 123.39
N ALA Y 275 -15.32 51.87 123.00
CA ALA Y 275 -14.05 52.56 122.74
C ALA Y 275 -13.03 52.27 123.85
N VAL Y 276 -13.50 52.43 125.08
CA VAL Y 276 -12.72 52.17 126.30
C VAL Y 276 -12.38 50.69 126.44
N GLU Y 277 -13.28 49.82 126.01
CA GLU Y 277 -13.00 48.37 126.01
C GLU Y 277 -11.72 48.08 125.23
N GLY Y 278 -11.57 48.74 124.09
CA GLY Y 278 -10.42 48.58 123.22
C GLY Y 278 -9.16 49.27 123.71
N ALA Y 279 -9.33 50.47 124.26
CA ALA Y 279 -8.21 51.25 124.81
C ALA Y 279 -7.47 50.52 125.93
N ILE Y 280 -8.17 49.62 126.62
CA ILE Y 280 -7.57 48.75 127.63
C ILE Y 280 -6.77 47.65 126.95
N ALA Y 281 -7.28 47.20 125.80
CA ALA Y 281 -6.62 46.17 125.02
C ALA Y 281 -5.46 46.75 124.19
N SER Y 282 -5.61 47.99 123.72
CA SER Y 282 -4.59 48.63 122.91
C SER Y 282 -3.45 49.18 123.75
N LYS Y 283 -3.78 49.91 124.81
CA LYS Y 283 -2.79 50.61 125.63
C LYS Y 283 -2.25 49.80 126.80
N TYR Y 284 -3.11 49.01 127.44
CA TYR Y 284 -2.70 48.33 128.70
C TYR Y 284 -2.44 46.83 128.58
N ARG Y 285 -2.42 46.32 127.35
CA ARG Y 285 -2.06 44.92 127.09
C ARG Y 285 -0.53 44.78 127.12
N ASN Y 286 -0.04 43.66 127.67
CA ASN Y 286 1.40 43.36 127.86
C ASN Y 286 2.07 44.27 128.90
N ASN Y 287 1.57 45.52 128.93
CA ASN Y 287 1.91 46.60 129.88
C ASN Y 287 2.23 47.84 129.08
N GLY Y 288 1.68 47.88 127.86
CA GLY Y 288 1.96 48.93 126.89
C GLY Y 288 3.24 48.59 126.15
N GLN Y 289 3.73 47.38 126.37
CA GLN Y 289 5.00 46.95 125.78
C GLN Y 289 4.78 46.16 124.48
N THR Y 290 4.06 46.76 123.55
CA THR Y 290 3.88 46.19 122.19
C THR Y 290 4.08 47.26 121.13
N CYS Y 291 4.64 46.86 120.00
CA CYS Y 291 4.87 47.77 118.87
C CYS Y 291 3.56 48.41 118.39
N VAL Y 292 2.46 47.66 118.49
CA VAL Y 292 1.13 48.18 118.12
C VAL Y 292 0.47 49.08 119.17
N CYS Y 293 0.98 49.08 120.39
CA CYS Y 293 0.33 49.82 121.48
C CYS Y 293 0.09 51.28 121.16
N THR Y 294 -1.09 51.76 121.54
CA THR Y 294 -1.46 53.17 121.42
C THR Y 294 -0.39 54.02 122.09
N ASN Y 295 -0.21 55.24 121.59
CA ASN Y 295 0.75 56.15 122.18
C ASN Y 295 0.20 57.56 122.29
N ARG Y 296 -0.80 57.86 121.48
CA ARG Y 296 -1.38 59.20 121.46
C ARG Y 296 -2.91 59.14 121.31
N PHE Y 297 -3.61 59.18 122.44
CA PHE Y 297 -5.06 59.22 122.43
C PHE Y 297 -5.51 60.58 121.94
N PHE Y 298 -6.18 60.60 120.79
CA PHE Y 298 -6.77 61.83 120.25
C PHE Y 298 -8.29 61.75 120.40
N VAL Y 299 -8.86 62.75 121.07
CA VAL Y 299 -10.29 62.75 121.38
C VAL Y 299 -10.92 64.09 121.05
N HIS Y 300 -12.09 64.05 120.43
CA HIS Y 300 -12.86 65.24 120.13
C HIS Y 300 -13.26 65.95 121.43
N GLU Y 301 -13.33 67.27 121.37
CA GLU Y 301 -13.66 68.08 122.54
C GLU Y 301 -14.88 67.58 123.34
N ARG Y 302 -15.98 67.31 122.63
CA ARG Y 302 -17.26 66.91 123.26
C ARG Y 302 -17.16 65.76 124.23
N VAL Y 303 -16.47 64.70 123.82
CA VAL Y 303 -16.44 63.46 124.59
C VAL Y 303 -15.19 63.30 125.45
N TYR Y 304 -14.38 64.36 125.48
CA TYR Y 304 -13.09 64.36 126.19
C TYR Y 304 -13.24 63.89 127.63
N ASP Y 305 -13.92 64.71 128.44
CA ASP Y 305 -14.15 64.44 129.87
C ASP Y 305 -14.90 63.12 130.06
N ALA Y 306 -15.91 62.90 129.23
CA ALA Y 306 -16.65 61.64 129.19
C ALA Y 306 -15.72 60.45 128.98
N PHE Y 307 -14.87 60.54 127.94
CA PHE Y 307 -13.94 59.46 127.60
C PHE Y 307 -12.88 59.28 128.70
N ALA Y 308 -12.30 60.39 129.14
CA ALA Y 308 -11.37 60.39 130.27
C ALA Y 308 -11.93 59.62 131.46
N ASP Y 309 -13.14 60.00 131.89
CA ASP Y 309 -13.78 59.41 133.07
C ASP Y 309 -13.98 57.90 132.93
N LYS Y 310 -14.74 57.52 131.90
CA LYS Y 310 -14.99 56.10 131.55
C LYS Y 310 -13.73 55.24 131.57
N LEU Y 311 -12.62 55.83 131.10
CA LEU Y 311 -11.32 55.18 131.04
C LEU Y 311 -10.69 54.96 132.41
N ALA Y 312 -10.83 55.95 133.30
CA ALA Y 312 -10.31 55.84 134.68
C ALA Y 312 -10.97 54.68 135.42
N ALA Y 313 -12.29 54.59 135.30
CA ALA Y 313 -13.07 53.47 135.81
C ALA Y 313 -12.41 52.13 135.47
N ALA Y 314 -12.19 51.91 134.18
CA ALA Y 314 -11.57 50.68 133.70
C ALA Y 314 -10.15 50.54 134.24
N VAL Y 315 -9.38 51.63 134.17
CA VAL Y 315 -8.00 51.62 134.62
C VAL Y 315 -7.89 51.16 136.07
N SER Y 316 -8.74 51.74 136.94
CA SER Y 316 -8.78 51.37 138.36
C SER Y 316 -9.06 49.88 138.56
N LYS Y 317 -10.02 49.36 137.80
CA LYS Y 317 -10.36 47.94 137.84
C LYS Y 317 -9.32 47.08 137.11
N LEU Y 318 -8.04 47.35 137.36
CA LEU Y 318 -6.94 46.51 136.85
C LEU Y 318 -5.95 46.25 137.99
N LYS Y 319 -5.52 45.00 138.14
CA LYS Y 319 -4.75 44.60 139.32
C LYS Y 319 -3.27 44.33 138.99
N VAL Y 320 -2.39 45.12 139.63
CA VAL Y 320 -0.94 45.08 139.37
C VAL Y 320 -0.23 44.09 140.31
N GLY Y 321 0.25 42.98 139.74
CA GLY Y 321 0.96 41.98 140.53
C GLY Y 321 1.74 41.02 139.65
N ARG Y 322 2.33 40.00 140.26
CA ARG Y 322 3.09 38.98 139.55
C ARG Y 322 2.26 38.30 138.45
N GLY Y 323 2.89 37.43 137.67
CA GLY Y 323 2.22 36.71 136.59
C GLY Y 323 1.46 35.48 137.07
N THR Y 324 2.17 34.61 137.79
CA THR Y 324 1.61 33.41 138.43
C THR Y 324 0.36 33.69 139.29
N GLU Y 325 0.18 34.96 139.63
CA GLU Y 325 -0.92 35.42 140.48
C GLU Y 325 -2.27 35.37 139.75
N SER Y 326 -3.34 35.34 140.53
CA SER Y 326 -4.69 35.25 140.00
C SER Y 326 -5.39 36.60 140.07
N GLY Y 327 -6.04 36.99 138.98
CA GLY Y 327 -6.71 38.28 138.88
C GLY Y 327 -5.75 39.40 138.47
N ALA Y 328 -4.46 39.02 138.37
CA ALA Y 328 -3.39 39.95 138.00
C ALA Y 328 -3.39 40.22 136.50
N THR Y 329 -3.85 41.42 136.14
CA THR Y 329 -4.03 41.81 134.74
C THR Y 329 -3.13 42.98 134.32
N LEU Y 330 -1.88 42.99 134.81
CA LEU Y 330 -0.98 44.14 134.62
C LEU Y 330 0.38 43.91 135.30
N GLY Y 331 1.25 43.13 134.64
CA GLY Y 331 2.53 42.69 135.20
C GLY Y 331 3.68 43.68 135.25
N PRO Y 332 4.92 43.17 135.35
CA PRO Y 332 6.14 43.96 135.58
C PRO Y 332 6.95 44.33 134.32
N LEU Y 333 7.26 45.62 134.17
CA LEU Y 333 8.10 46.10 133.05
C LEU Y 333 9.42 45.34 132.98
N ILE Y 334 9.96 45.24 131.78
CA ILE Y 334 11.04 44.29 131.48
C ILE Y 334 12.33 44.52 132.27
N ASN Y 335 12.60 45.78 132.63
CA ASN Y 335 13.80 46.15 133.40
C ASN Y 335 13.78 47.59 133.90
N GLU Y 336 14.84 47.96 134.61
CA GLU Y 336 14.94 49.29 135.23
C GLU Y 336 14.86 50.43 134.21
N ALA Y 337 15.70 50.37 133.17
CA ALA Y 337 15.73 51.41 132.12
C ALA Y 337 14.34 51.68 131.56
N ALA Y 338 13.60 50.60 131.29
CA ALA Y 338 12.20 50.67 130.82
C ALA Y 338 11.29 51.52 131.71
N VAL Y 339 11.58 51.55 133.01
CA VAL Y 339 10.76 52.30 133.98
C VAL Y 339 11.04 53.80 133.96
N LYS Y 340 12.33 54.16 133.93
CA LYS Y 340 12.72 55.57 133.91
C LYS Y 340 12.16 56.33 132.71
N LYS Y 341 11.88 55.60 131.62
CA LYS Y 341 11.29 56.18 130.40
C LYS Y 341 9.87 56.70 130.63
N VAL Y 342 9.05 55.92 131.34
CA VAL Y 342 7.69 56.34 131.67
C VAL Y 342 7.68 57.59 132.54
N GLU Y 343 8.49 57.57 133.60
CA GLU Y 343 8.61 58.72 134.51
C GLU Y 343 9.00 59.98 133.78
N SER Y 344 9.96 59.84 132.86
CA SER Y 344 10.44 60.93 132.01
C SER Y 344 9.30 61.58 131.22
N HIS Y 345 8.39 60.76 130.70
CA HIS Y 345 7.26 61.23 129.91
C HIS Y 345 6.22 61.96 130.74
N ILE Y 346 5.96 61.45 131.95
CA ILE Y 346 5.01 62.06 132.86
C ILE Y 346 5.56 63.39 133.37
N ALA Y 347 6.81 63.34 133.86
CA ALA Y 347 7.49 64.52 134.39
C ALA Y 347 7.50 65.66 133.39
N ASP Y 348 7.81 65.34 132.13
CA ASP Y 348 7.84 66.30 131.03
C ASP Y 348 6.46 66.87 130.71
N ALA Y 349 5.46 66.00 130.67
CA ALA Y 349 4.08 66.39 130.37
C ALA Y 349 3.55 67.38 131.40
N LEU Y 350 3.71 67.02 132.68
CA LEU Y 350 3.34 67.88 133.80
C LEU Y 350 4.05 69.23 133.72
N ALA Y 351 5.35 69.20 133.44
CA ALA Y 351 6.18 70.40 133.30
C ALA Y 351 5.71 71.35 132.19
N LYS Y 352 4.83 70.88 131.31
CA LYS Y 352 4.28 71.72 130.23
C LYS Y 352 2.80 72.10 130.44
N GLY Y 353 2.26 71.77 131.61
CA GLY Y 353 0.92 72.19 132.00
C GLY Y 353 -0.20 71.21 131.69
N ALA Y 354 0.03 69.93 131.96
CA ALA Y 354 -0.96 68.88 131.71
C ALA Y 354 -1.21 68.03 132.96
N SER Y 355 -2.47 67.95 133.37
CA SER Y 355 -2.88 67.29 134.62
C SER Y 355 -2.63 65.79 134.66
N LEU Y 356 -2.52 65.26 135.88
CA LEU Y 356 -2.46 63.84 136.15
C LEU Y 356 -3.86 63.39 136.60
N MET Y 357 -4.20 62.12 136.38
CA MET Y 357 -5.57 61.63 136.63
C MET Y 357 -5.63 60.28 137.37
N THR Y 358 -4.60 59.46 137.19
CA THR Y 358 -4.44 58.26 138.01
C THR Y 358 -2.97 57.87 137.97
N GLY Y 359 -2.52 57.17 139.01
CA GLY Y 359 -1.12 56.73 139.12
C GLY Y 359 -0.13 57.85 138.86
N GLY Y 360 1.01 57.48 138.26
CA GLY Y 360 2.08 58.44 137.95
C GLY Y 360 3.36 58.17 138.73
N LYS Y 361 3.39 57.06 139.44
CA LYS Y 361 4.52 56.70 140.30
C LYS Y 361 4.66 55.19 140.45
N ARG Y 362 5.90 54.74 140.54
CA ARG Y 362 6.24 53.31 140.65
C ARG Y 362 5.42 52.61 141.73
N HIS Y 363 5.06 51.35 141.49
CA HIS Y 363 4.22 50.60 142.41
C HIS Y 363 5.02 49.98 143.55
N ALA Y 364 4.36 49.88 144.71
CA ALA Y 364 4.95 49.39 145.96
C ALA Y 364 5.61 48.01 145.88
N LEU Y 365 5.26 47.23 144.85
CA LEU Y 365 5.87 45.91 144.66
C LEU Y 365 7.28 46.00 144.08
N GLY Y 366 7.65 47.22 143.64
CA GLY Y 366 9.02 47.53 143.21
C GLY Y 366 9.39 47.09 141.81
N HIS Y 367 10.57 46.48 141.67
CA HIS Y 367 11.15 46.05 140.38
C HIS Y 367 10.67 46.83 139.16
N GLY Y 368 10.08 46.14 138.20
CA GLY Y 368 9.46 46.79 137.04
C GLY Y 368 8.07 47.37 137.29
N PHE Y 369 7.40 46.90 138.35
CA PHE Y 369 6.00 47.27 138.60
C PHE Y 369 5.79 48.78 138.70
N PHE Y 370 5.13 49.33 137.69
CA PHE Y 370 4.77 50.75 137.65
C PHE Y 370 3.24 50.87 137.77
N GLU Y 371 2.78 52.10 137.93
CA GLU Y 371 1.37 52.36 138.13
C GLU Y 371 0.71 52.86 136.84
N PRO Y 372 -0.35 52.17 136.39
CA PRO Y 372 -1.28 52.65 135.38
C PRO Y 372 -1.49 54.15 135.53
N THR Y 373 -1.34 54.89 134.42
CA THR Y 373 -1.36 56.34 134.47
C THR Y 373 -2.26 56.89 133.37
N VAL Y 374 -2.88 58.04 133.63
CA VAL Y 374 -3.68 58.74 132.63
C VAL Y 374 -3.44 60.24 132.76
N LEU Y 375 -3.17 60.90 131.63
CA LEU Y 375 -2.93 62.33 131.61
C LEU Y 375 -3.98 63.02 130.76
N THR Y 376 -4.25 64.29 131.06
CA THR Y 376 -5.27 65.07 130.33
C THR Y 376 -4.67 66.39 129.87
N GLY Y 377 -5.29 67.01 128.88
CA GLY Y 377 -4.77 68.26 128.27
C GLY Y 377 -3.37 68.15 127.70
N VAL Y 378 -3.02 66.93 127.24
CA VAL Y 378 -1.72 66.67 126.63
C VAL Y 378 -1.62 67.41 125.28
N LYS Y 379 -0.54 68.15 125.10
CA LYS Y 379 -0.35 69.00 123.91
C LYS Y 379 0.73 68.42 122.98
N PRO Y 380 0.80 68.90 121.71
CA PRO Y 380 1.77 68.33 120.77
C PRO Y 380 3.24 68.69 121.06
N ASP Y 381 3.48 69.75 121.84
CA ASP Y 381 4.85 70.15 122.20
C ASP Y 381 5.54 69.21 123.20
N MET Y 382 4.82 68.19 123.66
CA MET Y 382 5.31 67.29 124.70
C MET Y 382 6.08 66.10 124.16
N ASP Y 383 6.95 65.54 124.99
CA ASP Y 383 7.85 64.46 124.57
C ASP Y 383 7.14 63.22 124.05
N VAL Y 384 6.17 62.73 124.84
CA VAL Y 384 5.40 61.53 124.51
C VAL Y 384 4.83 61.59 123.08
N ALA Y 385 4.47 62.79 122.65
CA ALA Y 385 3.90 63.02 121.32
C ALA Y 385 4.87 62.74 120.15
N LYS Y 386 6.12 62.42 120.45
CA LYS Y 386 7.12 62.16 119.42
C LYS Y 386 8.02 60.95 119.73
N GLU Y 387 7.75 60.25 120.83
CA GLU Y 387 8.56 59.11 121.26
C GLU Y 387 7.71 58.03 121.92
N GLU Y 388 7.96 56.77 121.57
CA GLU Y 388 7.15 55.67 122.09
C GLU Y 388 7.44 55.34 123.56
N THR Y 389 6.40 55.50 124.39
CA THR Y 389 6.48 55.26 125.83
C THR Y 389 6.89 53.83 126.20
N PHE Y 390 6.37 52.84 125.48
CA PHE Y 390 6.53 51.42 125.83
C PHE Y 390 6.25 51.09 127.30
N GLY Y 391 5.29 51.82 127.89
CA GLY Y 391 4.78 51.55 129.22
C GLY Y 391 3.30 51.94 129.29
N PRO Y 392 2.63 51.67 130.44
CA PRO Y 392 1.19 51.86 130.61
C PRO Y 392 0.71 53.32 130.81
N LEU Y 393 0.72 54.12 129.75
CA LEU Y 393 0.41 55.55 129.87
C LEU Y 393 -0.59 56.10 128.82
N ALA Y 394 -1.61 56.81 129.28
CA ALA Y 394 -2.69 57.27 128.41
C ALA Y 394 -2.78 58.80 128.23
N PRO Y 395 -2.02 59.34 127.26
CA PRO Y 395 -2.06 60.77 127.01
C PRO Y 395 -3.18 61.17 126.04
N LEU Y 396 -4.09 62.02 126.49
CA LEU Y 396 -5.24 62.39 125.68
C LEU Y 396 -5.05 63.77 125.07
N PHE Y 397 -5.10 63.85 123.74
CA PHE Y 397 -4.97 65.11 123.00
C PHE Y 397 -6.36 65.61 122.59
N ARG Y 398 -6.41 66.87 122.19
CA ARG Y 398 -7.69 67.54 121.91
C ARG Y 398 -7.72 68.11 120.47
N PHE Y 399 -8.77 67.78 119.72
CA PHE Y 399 -8.91 68.29 118.35
C PHE Y 399 -10.32 68.82 118.05
N ALA Y 400 -10.39 69.80 117.15
CA ALA Y 400 -11.66 70.37 116.70
C ALA Y 400 -12.21 69.65 115.47
N SER Y 401 -11.62 69.93 114.30
CA SER Y 401 -12.14 69.46 113.01
C SER Y 401 -11.60 68.10 112.58
N GLU Y 402 -12.06 67.66 111.41
CA GLU Y 402 -11.58 66.42 110.78
C GLU Y 402 -10.22 66.69 110.13
N GLU Y 403 -10.11 67.84 109.46
CA GLU Y 403 -8.88 68.30 108.84
C GLU Y 403 -7.73 68.39 109.84
N GLU Y 404 -8.06 68.65 111.10
CA GLU Y 404 -7.05 68.79 112.15
C GLU Y 404 -6.52 67.43 112.61
N LEU Y 405 -7.42 66.48 112.79
CA LEU Y 405 -7.04 65.16 113.30
C LEU Y 405 -6.18 64.33 112.34
N VAL Y 406 -6.25 64.64 111.06
CA VAL Y 406 -5.39 64.02 110.06
C VAL Y 406 -3.98 64.59 110.15
N ARG Y 407 -3.89 65.92 110.22
CA ARG Y 407 -2.62 66.65 110.35
C ARG Y 407 -1.84 66.22 111.60
N LEU Y 408 -2.55 66.09 112.72
CA LEU Y 408 -1.92 65.73 113.99
C LEU Y 408 -1.48 64.26 114.02
N ALA Y 409 -2.35 63.37 113.53
CA ALA Y 409 -2.06 61.93 113.55
C ALA Y 409 -0.95 61.53 112.57
N ASN Y 410 -0.89 62.21 111.43
CA ASN Y 410 0.16 61.92 110.44
C ASN Y 410 1.50 62.60 110.74
N ASP Y 411 1.48 63.56 111.65
CA ASP Y 411 2.69 64.31 112.03
C ASP Y 411 3.70 63.47 112.85
N THR Y 412 4.18 62.38 112.24
CA THR Y 412 5.15 61.48 112.85
C THR Y 412 5.96 60.76 111.77
N GLU Y 413 7.26 60.60 112.02
CA GLU Y 413 8.12 59.80 111.13
C GLU Y 413 7.63 58.36 110.98
N PHE Y 414 6.86 57.88 111.97
CA PHE Y 414 6.42 56.48 112.00
C PHE Y 414 5.03 56.28 111.43
N GLY Y 415 4.59 55.02 111.39
CA GLY Y 415 3.29 54.68 110.82
C GLY Y 415 3.06 53.19 110.85
N LEU Y 416 2.86 52.64 112.05
CA LEU Y 416 2.63 51.21 112.16
C LEU Y 416 1.13 50.94 112.28
N ALA Y 417 0.56 51.21 113.46
CA ALA Y 417 -0.86 50.98 113.70
C ALA Y 417 -1.57 52.25 114.10
N ALA Y 418 -2.87 52.33 113.81
CA ALA Y 418 -3.73 53.37 114.34
C ALA Y 418 -5.07 52.73 114.69
N TYR Y 419 -5.80 53.35 115.61
CA TYR Y 419 -7.09 52.80 116.04
C TYR Y 419 -8.14 53.90 116.04
N LEU Y 420 -9.15 53.73 115.20
CA LEU Y 420 -10.18 54.74 114.99
C LEU Y 420 -11.56 54.28 115.45
N TYR Y 421 -12.14 55.01 116.42
CA TYR Y 421 -13.51 54.74 116.86
C TYR Y 421 -14.45 55.85 116.38
N SER Y 422 -15.32 55.47 115.44
CA SER Y 422 -16.41 56.30 114.97
C SER Y 422 -17.52 55.37 114.51
N ARG Y 423 -18.62 55.95 114.04
CA ARG Y 423 -19.82 55.17 113.71
C ARG Y 423 -20.38 55.54 112.33
N ASP Y 424 -20.17 56.80 111.94
CA ASP Y 424 -20.58 57.34 110.63
C ASP Y 424 -19.77 56.68 109.51
N ILE Y 425 -20.22 55.49 109.09
CA ILE Y 425 -19.60 54.71 107.98
C ILE Y 425 -18.87 55.56 106.89
N GLY Y 426 -19.40 56.74 106.60
CA GLY Y 426 -18.72 57.68 105.71
C GLY Y 426 -17.37 58.09 106.28
N ARG Y 427 -17.42 58.81 107.42
CA ARG Y 427 -16.23 59.31 108.13
C ARG Y 427 -15.16 58.23 108.34
N VAL Y 428 -15.58 57.12 108.94
CA VAL Y 428 -14.71 55.95 109.16
C VAL Y 428 -13.92 55.58 107.92
N TRP Y 429 -14.42 55.98 106.76
CA TRP Y 429 -13.73 55.71 105.49
C TRP Y 429 -12.83 56.85 105.02
N ARG Y 430 -13.30 58.09 105.08
CA ARG Y 430 -12.48 59.25 104.70
C ARG Y 430 -11.18 59.24 105.51
N VAL Y 431 -11.31 58.86 106.77
CA VAL Y 431 -10.19 58.92 107.70
C VAL Y 431 -9.25 57.75 107.43
N ALA Y 432 -9.79 56.54 107.50
CA ALA Y 432 -9.02 55.32 107.24
C ALA Y 432 -8.10 55.40 106.00
N GLU Y 433 -8.51 56.18 105.00
CA GLU Y 433 -7.73 56.32 103.77
C GLU Y 433 -6.66 57.43 103.84
N ALA Y 434 -6.91 58.44 104.67
CA ALA Y 434 -5.97 59.54 104.86
C ALA Y 434 -4.85 59.22 105.86
N LEU Y 435 -5.07 58.23 106.73
CA LEU Y 435 -4.05 57.82 107.71
C LEU Y 435 -2.84 57.11 107.06
N GLU Y 436 -1.65 57.65 107.28
CA GLU Y 436 -0.42 57.04 106.77
C GLU Y 436 0.09 55.99 107.77
N TYR Y 437 -0.68 54.90 107.88
CA TYR Y 437 -0.40 53.82 108.82
C TYR Y 437 -0.68 52.52 108.13
N GLY Y 438 0.22 51.56 108.30
CA GLY Y 438 0.12 50.26 107.64
C GLY Y 438 -1.02 49.40 108.16
N MET Y 439 -1.57 49.81 109.30
CA MET Y 439 -2.64 49.06 109.96
C MET Y 439 -3.61 50.01 110.67
N VAL Y 440 -4.90 49.81 110.42
CA VAL Y 440 -5.93 50.60 111.06
C VAL Y 440 -6.99 49.69 111.67
N GLY Y 441 -7.34 49.98 112.93
CA GLY Y 441 -8.43 49.31 113.62
C GLY Y 441 -9.66 50.19 113.50
N ILE Y 442 -10.82 49.56 113.39
CA ILE Y 442 -12.09 50.29 113.37
C ILE Y 442 -13.01 49.71 114.43
N ASN Y 443 -13.41 50.55 115.39
CA ASN Y 443 -14.27 50.15 116.51
C ASN Y 443 -13.81 48.83 117.16
N THR Y 444 -12.52 48.55 116.99
CA THR Y 444 -11.82 47.49 117.69
C THR Y 444 -10.47 48.07 118.17
N GLY Y 445 -9.82 47.34 119.06
CA GLY Y 445 -8.56 47.79 119.65
C GLY Y 445 -7.51 46.71 119.51
N LEU Y 446 -7.95 45.53 119.07
CA LEU Y 446 -7.03 44.48 118.62
C LEU Y 446 -7.15 44.31 117.11
N ILE Y 447 -6.03 43.98 116.47
CA ILE Y 447 -6.03 43.73 115.04
C ILE Y 447 -5.21 42.48 114.70
N SER Y 448 -4.22 42.18 115.54
CA SER Y 448 -3.23 41.15 115.25
C SER Y 448 -3.79 39.74 115.21
N ASN Y 449 -3.48 39.05 114.11
CA ASN Y 449 -3.88 37.68 113.81
C ASN Y 449 -3.04 37.23 112.61
N GLU Y 450 -3.06 35.93 112.30
CA GLU Y 450 -2.21 35.41 111.24
C GLU Y 450 -2.63 35.84 109.83
N VAL Y 451 -3.92 35.74 109.54
CA VAL Y 451 -4.43 35.92 108.18
C VAL Y 451 -4.26 37.35 107.66
N ALA Y 452 -3.87 38.26 108.55
CA ALA Y 452 -3.69 39.67 108.18
C ALA Y 452 -2.21 40.02 108.00
N PRO Y 453 -1.92 40.82 106.97
CA PRO Y 453 -0.57 41.33 106.77
C PRO Y 453 -0.19 42.34 107.85
N PHE Y 454 0.84 42.00 108.60
CA PHE Y 454 1.31 42.86 109.68
C PHE Y 454 2.62 43.53 109.29
N GLY Y 455 2.60 44.86 109.33
CA GLY Y 455 3.78 45.66 109.02
C GLY Y 455 3.47 47.15 108.99
N GLY Y 456 4.50 47.95 108.80
CA GLY Y 456 4.33 49.40 108.77
C GLY Y 456 4.65 50.05 107.44
N VAL Y 457 4.64 51.37 107.47
CA VAL Y 457 5.00 52.20 106.35
C VAL Y 457 5.91 53.26 106.93
N LYS Y 458 6.45 54.15 106.08
CA LYS Y 458 7.37 55.19 106.52
C LYS Y 458 8.52 54.59 107.37
N GLN Y 459 8.81 55.20 108.51
CA GLN Y 459 9.96 54.78 109.33
C GLN Y 459 9.68 53.57 110.21
N SER Y 460 8.52 52.95 110.04
CA SER Y 460 8.15 51.76 110.81
C SER Y 460 8.67 50.48 110.16
N GLY Y 461 9.26 50.62 108.98
CA GLY Y 461 9.94 49.51 108.34
C GLY Y 461 9.50 49.12 106.95
N LEU Y 462 9.69 47.84 106.63
CA LEU Y 462 9.55 47.32 105.28
C LEU Y 462 8.90 45.93 105.26
N GLY Y 463 8.07 45.69 104.24
CA GLY Y 463 7.46 44.37 104.04
C GLY Y 463 6.35 44.03 105.03
N ARG Y 464 5.80 42.83 104.89
CA ARG Y 464 4.69 42.37 105.74
C ARG Y 464 4.90 40.91 106.16
N GLU Y 465 4.58 40.60 107.40
CA GLU Y 465 4.59 39.20 107.85
C GLU Y 465 3.26 38.80 108.49
N GLY Y 466 2.59 37.86 107.82
CA GLY Y 466 1.18 37.53 108.05
C GLY Y 466 0.45 37.45 106.71
N SER Y 467 -0.63 36.68 106.66
CA SER Y 467 -1.33 36.37 105.40
C SER Y 467 -0.39 35.71 104.36
N HIS Y 468 -0.87 35.58 103.12
CA HIS Y 468 -0.01 35.09 102.02
C HIS Y 468 1.14 36.07 101.74
N TYR Y 469 0.87 37.35 101.94
CA TYR Y 469 1.88 38.41 101.82
C TYR Y 469 3.12 38.14 102.69
N GLY Y 470 2.94 37.38 103.77
CA GLY Y 470 3.98 37.14 104.75
C GLY Y 470 5.12 36.26 104.28
N ILE Y 471 4.81 35.35 103.35
CA ILE Y 471 5.77 34.37 102.84
C ILE Y 471 6.49 34.85 101.56
N ASP Y 472 5.99 35.95 100.99
CA ASP Y 472 6.54 36.55 99.77
C ASP Y 472 8.04 36.86 99.89
N ASP Y 473 8.41 37.43 101.03
CA ASP Y 473 9.77 37.87 101.27
C ASP Y 473 10.75 36.72 101.45
N TYR Y 474 10.22 35.52 101.62
CA TYR Y 474 11.06 34.35 101.84
C TYR Y 474 11.32 33.61 100.54
N VAL Y 475 10.67 34.06 99.47
CA VAL Y 475 10.90 33.48 98.14
C VAL Y 475 11.46 34.48 97.14
N VAL Y 476 12.23 33.95 96.21
CA VAL Y 476 12.75 34.69 95.08
C VAL Y 476 11.87 34.38 93.86
N ILE Y 477 11.61 35.39 93.05
CA ILE Y 477 10.90 35.17 91.78
C ILE Y 477 11.87 34.91 90.61
N LYS Y 478 11.58 33.86 89.83
CA LYS Y 478 12.39 33.46 88.70
C LYS Y 478 11.58 33.45 87.43
N TYR Y 479 12.07 34.18 86.44
CA TYR Y 479 11.39 34.29 85.15
C TYR Y 479 12.07 33.41 84.12
N LEU Y 480 11.31 32.47 83.58
CA LEU Y 480 11.80 31.61 82.53
C LEU Y 480 11.20 32.06 81.22
N CYS Y 481 12.06 32.25 80.22
CA CYS Y 481 11.63 32.63 78.89
C CYS Y 481 11.91 31.47 77.95
N VAL Y 482 10.88 30.78 77.49
CA VAL Y 482 11.07 29.56 76.70
C VAL Y 482 10.82 29.76 75.20
N ALA Y 483 11.84 29.49 74.39
CA ALA Y 483 11.69 29.53 72.93
C ALA Y 483 10.82 28.37 72.47
N VAL Y 484 9.76 28.71 71.74
CA VAL Y 484 8.82 27.70 71.31
C VAL Y 484 9.39 26.86 70.16
N GLY Z 3 -15.56 -9.17 108.70
CA GLY Z 3 -14.76 -10.41 108.99
C GLY Z 3 -13.34 -10.10 109.47
N SER Z 4 -12.37 -10.32 108.58
CA SER Z 4 -10.95 -10.05 108.86
C SER Z 4 -10.74 -8.55 109.10
N MET Z 5 -10.92 -8.11 110.35
CA MET Z 5 -10.95 -6.67 110.66
C MET Z 5 -10.32 -6.29 111.99
N LYS Z 6 -9.72 -5.09 112.02
CA LYS Z 6 -9.24 -4.44 113.25
C LYS Z 6 -10.44 -3.86 114.03
N ASP Z 7 -11.12 -2.89 113.44
CA ASP Z 7 -12.45 -2.45 113.90
C ASP Z 7 -13.48 -3.12 113.01
N PRO Z 8 -14.46 -3.83 113.62
CA PRO Z 8 -15.47 -4.56 112.85
C PRO Z 8 -16.79 -3.81 112.57
N SER Z 9 -16.98 -2.64 113.17
CA SER Z 9 -18.17 -1.82 112.92
C SER Z 9 -17.90 -0.74 111.86
N LEU Z 10 -17.34 -1.17 110.74
CA LEU Z 10 -17.05 -0.30 109.61
C LEU Z 10 -17.80 -0.74 108.34
N LEU Z 11 -18.07 -2.04 108.24
CA LEU Z 11 -19.06 -2.56 107.29
C LEU Z 11 -20.42 -2.02 107.74
N ARG Z 12 -20.88 -0.97 107.06
CA ARG Z 12 -22.09 -0.22 107.45
C ARG Z 12 -23.30 -0.52 106.56
N HIS Z 13 -24.12 -1.49 107.00
CA HIS Z 13 -25.31 -1.93 106.26
C HIS Z 13 -26.49 -0.95 106.37
N GLN Z 14 -26.29 0.15 107.10
CA GLN Z 14 -27.29 1.21 107.21
C GLN Z 14 -26.94 2.44 106.34
N ALA Z 15 -27.89 3.37 106.25
CA ALA Z 15 -27.71 4.63 105.52
C ALA Z 15 -27.76 5.82 106.48
N TYR Z 16 -27.17 6.94 106.07
CA TYR Z 16 -26.95 8.09 106.95
C TYR Z 16 -27.71 9.33 106.49
N ILE Z 17 -28.77 9.68 107.23
CA ILE Z 17 -29.67 10.81 106.86
C ILE Z 17 -29.78 11.86 107.96
N GLY Z 18 -29.37 13.08 107.64
CA GLY Z 18 -29.39 14.21 108.58
C GLY Z 18 -28.67 13.93 109.88
N GLY Z 19 -27.59 13.15 109.81
CA GLY Z 19 -26.83 12.74 110.97
C GLY Z 19 -27.46 11.63 111.78
N GLU Z 20 -28.24 10.76 111.10
CA GLU Z 20 -28.96 9.68 111.78
C GLU Z 20 -28.95 8.38 110.97
N TRP Z 21 -28.39 7.33 111.55
CA TRP Z 21 -28.29 6.01 110.93
C TRP Z 21 -29.65 5.32 110.85
N GLN Z 22 -30.10 5.05 109.62
CA GLN Z 22 -31.42 4.48 109.36
C GLN Z 22 -31.38 3.41 108.26
N ALA Z 23 -32.44 2.61 108.20
CA ALA Z 23 -32.73 1.79 107.02
C ALA Z 23 -33.84 2.48 106.22
N ALA Z 24 -34.19 1.93 105.06
CA ALA Z 24 -35.23 2.52 104.20
C ALA Z 24 -36.59 2.63 104.92
N ASP Z 25 -37.45 3.53 104.42
CA ASP Z 25 -38.85 3.61 104.88
C ASP Z 25 -39.59 2.35 104.42
N SER Z 26 -39.36 1.97 103.17
CA SER Z 26 -39.92 0.75 102.59
C SER Z 26 -39.26 -0.52 103.13
N ASP Z 27 -38.22 -0.35 103.95
CA ASP Z 27 -37.41 -1.45 104.50
C ASP Z 27 -36.75 -2.31 103.40
N ALA Z 28 -36.95 -1.91 102.15
CA ALA Z 28 -36.36 -2.59 100.98
C ALA Z 28 -34.85 -2.39 100.92
N THR Z 29 -34.13 -3.51 100.87
CA THR Z 29 -32.67 -3.51 100.83
C THR Z 29 -32.18 -4.30 99.61
N PHE Z 30 -31.37 -3.65 98.77
CA PHE Z 30 -30.66 -4.37 97.73
C PHE Z 30 -29.36 -4.95 98.28
N GLU Z 31 -28.81 -5.90 97.54
CA GLU Z 31 -27.67 -6.67 98.01
C GLU Z 31 -26.64 -6.82 96.90
N VAL Z 32 -25.60 -5.99 96.95
CA VAL Z 32 -24.47 -6.17 96.01
C VAL Z 32 -23.41 -7.06 96.68
N PHE Z 33 -22.54 -7.63 95.84
CA PHE Z 33 -21.63 -8.71 96.26
C PHE Z 33 -20.17 -8.32 96.03
N ASP Z 34 -19.28 -9.18 96.54
CA ASP Z 34 -17.84 -9.15 96.28
C ASP Z 34 -17.62 -9.67 94.85
N PRO Z 35 -17.40 -8.76 93.88
CA PRO Z 35 -17.35 -9.14 92.46
C PRO Z 35 -16.07 -9.85 92.02
N ALA Z 36 -15.36 -10.46 92.96
CA ALA Z 36 -14.18 -11.28 92.67
C ALA Z 36 -14.47 -12.76 92.88
N THR Z 37 -15.15 -13.07 93.99
CA THR Z 37 -15.57 -14.44 94.32
C THR Z 37 -17.10 -14.63 94.21
N GLY Z 38 -17.82 -13.51 94.11
CA GLY Z 38 -19.23 -13.53 93.72
C GLY Z 38 -20.29 -13.50 94.81
N GLU Z 39 -19.91 -13.79 96.06
CA GLU Z 39 -20.89 -13.95 97.14
C GLU Z 39 -21.24 -12.65 97.88
N SER Z 40 -22.40 -12.66 98.54
CA SER Z 40 -22.96 -11.50 99.24
C SER Z 40 -22.00 -10.86 100.24
N LEU Z 41 -22.12 -9.53 100.35
CA LEU Z 41 -21.38 -8.73 101.34
C LEU Z 41 -22.33 -8.19 102.40
N GLY Z 42 -23.63 -8.20 102.08
CA GLY Z 42 -24.67 -7.73 102.99
C GLY Z 42 -25.68 -6.77 102.38
N THR Z 43 -26.78 -6.56 103.09
CA THR Z 43 -27.87 -5.70 102.64
C THR Z 43 -27.50 -4.24 102.77
N VAL Z 44 -28.00 -3.43 101.85
CA VAL Z 44 -27.95 -1.97 101.98
C VAL Z 44 -29.34 -1.48 101.66
N PRO Z 45 -29.78 -0.38 102.32
CA PRO Z 45 -31.07 0.21 101.98
C PRO Z 45 -31.20 0.47 100.50
N LYS Z 46 -32.42 0.27 99.96
CA LYS Z 46 -32.76 0.68 98.61
C LYS Z 46 -33.86 1.74 98.70
N MET Z 47 -33.47 2.91 99.22
CA MET Z 47 -34.40 4.02 99.48
C MET Z 47 -34.76 4.75 98.19
N GLY Z 48 -35.48 5.86 98.30
CA GLY Z 48 -35.89 6.64 97.14
C GLY Z 48 -36.05 8.12 97.45
N ALA Z 49 -36.79 8.81 96.59
CA ALA Z 49 -36.97 10.28 96.67
C ALA Z 49 -37.54 10.79 97.98
N ALA Z 50 -38.32 9.95 98.67
CA ALA Z 50 -38.85 10.29 99.99
C ALA Z 50 -37.71 10.63 100.97
N GLU Z 51 -36.71 9.74 101.05
CA GLU Z 51 -35.57 9.93 101.96
C GLU Z 51 -34.64 11.07 101.55
N THR Z 52 -34.58 11.35 100.25
CA THR Z 52 -33.74 12.43 99.71
C THR Z 52 -34.23 13.82 100.17
N ALA Z 53 -35.52 14.09 99.99
CA ALA Z 53 -36.16 15.31 100.53
C ALA Z 53 -35.87 15.50 102.03
N ARG Z 54 -35.77 14.38 102.73
CA ARG Z 54 -35.45 14.37 104.18
C ARG Z 54 -33.99 14.75 104.44
N ALA Z 55 -33.11 14.40 103.50
CA ALA Z 55 -31.70 14.79 103.55
C ALA Z 55 -31.49 16.25 103.15
N ILE Z 56 -32.27 16.72 102.18
CA ILE Z 56 -32.23 18.13 101.75
C ILE Z 56 -32.83 19.04 102.83
N GLU Z 57 -33.68 18.45 103.69
CA GLU Z 57 -34.30 19.16 104.80
C GLU Z 57 -33.29 19.48 105.92
N ALA Z 58 -32.64 18.43 106.43
CA ALA Z 58 -31.71 18.53 107.59
C ALA Z 58 -30.43 19.30 107.28
N ALA Z 59 -30.02 19.32 106.00
CA ALA Z 59 -28.90 20.12 105.55
C ALA Z 59 -29.21 21.61 105.60
N GLN Z 60 -30.42 22.01 105.19
CA GLN Z 60 -30.83 23.42 105.18
C GLN Z 60 -30.92 24.04 106.59
N ALA Z 61 -31.37 23.24 107.57
CA ALA Z 61 -31.40 23.67 108.98
C ALA Z 61 -30.01 23.61 109.61
N ALA Z 62 -29.12 22.84 108.97
CA ALA Z 62 -27.72 22.71 109.40
C ALA Z 62 -26.76 23.64 108.64
N TRP Z 63 -27.31 24.61 107.91
CA TRP Z 63 -26.48 25.57 107.14
C TRP Z 63 -26.05 26.77 107.98
N ALA Z 64 -27.01 27.43 108.61
CA ALA Z 64 -26.78 28.63 109.40
C ALA Z 64 -25.71 28.43 110.48
N GLY Z 65 -25.86 27.34 111.22
CA GLY Z 65 -24.95 26.98 112.31
C GLY Z 65 -23.74 26.19 111.84
N TRP Z 66 -23.38 26.39 110.57
CA TRP Z 66 -22.17 25.81 110.00
C TRP Z 66 -21.42 26.90 109.25
N ARG Z 67 -22.16 27.83 108.66
CA ARG Z 67 -21.57 28.98 107.96
C ARG Z 67 -21.09 30.06 108.93
N MET Z 68 -21.94 30.43 109.89
CA MET Z 68 -21.65 31.46 110.90
C MET Z 68 -20.51 31.05 111.85
N LYS Z 69 -19.85 29.93 111.52
CA LYS Z 69 -18.57 29.58 112.13
C LYS Z 69 -17.44 30.32 111.40
N THR Z 70 -16.22 30.16 111.92
CA THR Z 70 -15.03 30.63 111.21
C THR Z 70 -14.47 29.47 110.39
N ALA Z 71 -13.95 29.77 109.21
CA ALA Z 71 -13.30 28.75 108.38
C ALA Z 71 -12.23 28.07 109.22
N LYS Z 72 -11.65 28.85 110.13
CA LYS Z 72 -10.62 28.37 111.07
C LYS Z 72 -11.12 27.17 111.85
N GLU Z 73 -12.39 27.24 112.29
CA GLU Z 73 -13.01 26.21 113.13
C GLU Z 73 -13.35 24.94 112.36
N ARG Z 74 -14.04 25.12 111.22
CA ARG Z 74 -14.41 24.01 110.32
C ARG Z 74 -13.22 23.10 110.03
N ALA Z 75 -12.05 23.73 109.86
CA ALA Z 75 -10.80 23.04 109.57
C ALA Z 75 -10.39 22.05 110.66
N ALA Z 76 -10.73 22.37 111.92
CA ALA Z 76 -10.44 21.48 113.05
C ALA Z 76 -11.38 20.27 113.08
N ILE Z 77 -12.57 20.44 112.49
CA ILE Z 77 -13.48 19.31 112.32
C ILE Z 77 -13.00 18.44 111.15
N LEU Z 78 -12.87 19.06 109.98
CA LEU Z 78 -12.38 18.39 108.77
C LEU Z 78 -11.02 17.73 109.00
N ARG Z 79 -10.25 18.24 109.95
CA ARG Z 79 -8.94 17.68 110.26
C ARG Z 79 -9.03 16.51 111.25
N ARG Z 80 -9.96 16.60 112.20
CA ARG Z 80 -10.30 15.46 113.06
C ARG Z 80 -10.80 14.33 112.17
N TRP Z 81 -11.59 14.70 111.17
CA TRP Z 81 -12.02 13.75 110.15
C TRP Z 81 -10.81 13.20 109.39
N PHE Z 82 -10.02 14.09 108.79
CA PHE Z 82 -8.79 13.71 108.10
C PHE Z 82 -8.03 12.65 108.89
N ASP Z 83 -7.85 12.89 110.19
CA ASP Z 83 -7.11 11.96 111.07
C ASP Z 83 -7.75 10.59 111.18
N LEU Z 84 -9.06 10.57 111.41
CA LEU Z 84 -9.79 9.30 111.55
C LEU Z 84 -9.70 8.47 110.27
N VAL Z 85 -9.66 9.15 109.13
CA VAL Z 85 -9.44 8.48 107.85
C VAL Z 85 -8.03 7.87 107.82
N ILE Z 86 -7.05 8.64 108.32
CA ILE Z 86 -5.66 8.17 108.39
C ILE Z 86 -5.51 7.01 109.40
N ALA Z 87 -6.25 7.11 110.52
CA ALA Z 87 -6.19 6.14 111.62
C ALA Z 87 -6.70 4.76 111.20
N ASN Z 88 -7.87 4.74 110.55
CA ASN Z 88 -8.50 3.51 110.06
C ASN Z 88 -8.09 3.21 108.61
N SER Z 89 -6.79 3.06 108.40
CA SER Z 89 -6.24 2.90 107.06
C SER Z 89 -6.47 1.49 106.48
N ASP Z 90 -6.09 0.46 107.24
CA ASP Z 90 -6.18 -0.94 106.77
C ASP Z 90 -7.63 -1.41 106.58
N ASP Z 91 -8.54 -0.82 107.34
CA ASP Z 91 -9.92 -1.28 107.39
C ASP Z 91 -10.78 -0.74 106.25
N LEU Z 92 -10.63 0.54 105.94
CA LEU Z 92 -11.29 1.10 104.76
C LEU Z 92 -10.73 0.50 103.48
N ALA Z 93 -9.41 0.25 103.47
CA ALA Z 93 -8.75 -0.41 102.34
C ALA Z 93 -9.30 -1.82 102.11
N LEU Z 94 -9.59 -2.52 103.21
CA LEU Z 94 -10.23 -3.84 103.17
C LEU Z 94 -11.71 -3.69 102.75
N ILE Z 95 -12.34 -2.62 103.21
CA ILE Z 95 -13.73 -2.31 102.86
C ILE Z 95 -13.90 -2.00 101.37
N LEU Z 96 -12.83 -1.50 100.76
CA LEU Z 96 -12.90 -1.01 99.38
C LEU Z 96 -12.48 -2.06 98.34
N THR Z 97 -11.43 -2.83 98.65
CA THR Z 97 -11.00 -3.93 97.79
C THR Z 97 -12.11 -4.97 97.66
N THR Z 98 -12.56 -5.49 98.80
CA THR Z 98 -13.64 -6.49 98.88
C THR Z 98 -14.86 -6.08 98.03
N GLU Z 99 -15.40 -4.88 98.29
CA GLU Z 99 -16.62 -4.43 97.62
C GLU Z 99 -16.46 -3.94 96.17
N GLN Z 100 -15.22 -3.67 95.74
CA GLN Z 100 -14.97 -3.06 94.40
C GLN Z 100 -13.96 -3.81 93.51
N GLY Z 101 -13.09 -4.61 94.13
CA GLY Z 101 -12.19 -5.49 93.38
C GLY Z 101 -10.72 -5.11 93.39
N LYS Z 102 -10.43 -3.80 93.39
CA LYS Z 102 -9.05 -3.29 93.24
C LYS Z 102 -8.06 -3.69 94.36
N PRO Z 103 -6.84 -4.13 93.97
CA PRO Z 103 -5.74 -4.53 94.87
C PRO Z 103 -5.59 -3.73 96.16
N LEU Z 104 -5.26 -4.42 97.26
CA LEU Z 104 -4.99 -3.78 98.56
C LEU Z 104 -4.11 -2.54 98.47
N ALA Z 105 -3.07 -2.62 97.63
CA ALA Z 105 -2.23 -1.47 97.32
C ALA Z 105 -3.09 -0.27 96.90
N GLU Z 106 -3.74 -0.36 95.73
CA GLU Z 106 -4.49 0.75 95.15
C GLU Z 106 -5.56 1.30 96.09
N ALA Z 107 -6.15 0.40 96.87
CA ALA Z 107 -7.20 0.72 97.85
C ALA Z 107 -6.65 1.66 98.93
N LYS Z 108 -5.51 1.28 99.50
CA LYS Z 108 -4.74 2.13 100.40
C LYS Z 108 -4.31 3.40 99.68
N GLY Z 109 -3.79 3.23 98.45
CA GLY Z 109 -3.41 4.33 97.58
C GLY Z 109 -4.49 5.42 97.51
N GLU Z 110 -5.69 5.02 97.09
CA GLU Z 110 -6.85 5.93 97.07
C GLU Z 110 -7.24 6.44 98.45
N ILE Z 111 -7.00 5.62 99.48
CA ILE Z 111 -7.34 6.00 100.84
C ILE Z 111 -6.58 7.26 101.26
N ALA Z 112 -5.26 7.25 101.08
CA ALA Z 112 -4.43 8.44 101.32
C ALA Z 112 -4.84 9.58 100.38
N TYR Z 113 -5.06 9.24 99.11
CA TYR Z 113 -5.52 10.20 98.10
C TYR Z 113 -6.82 10.89 98.52
N ALA Z 114 -7.71 10.14 99.16
CA ALA Z 114 -8.96 10.68 99.70
C ALA Z 114 -8.67 11.60 100.89
N ALA Z 115 -7.85 11.10 101.82
CA ALA Z 115 -7.47 11.85 103.01
C ALA Z 115 -6.86 13.20 102.64
N SER Z 116 -5.85 13.17 101.77
CA SER Z 116 -5.20 14.39 101.29
C SER Z 116 -6.15 15.42 100.69
N PHE Z 117 -7.26 14.94 100.12
CA PHE Z 117 -8.31 15.81 99.59
C PHE Z 117 -9.08 16.56 100.67
N ILE Z 118 -9.17 15.97 101.86
CA ILE Z 118 -9.77 16.67 103.00
C ILE Z 118 -8.74 17.63 103.60
N GLU Z 119 -7.50 17.13 103.73
CA GLU Z 119 -6.38 17.95 104.20
C GLU Z 119 -6.34 19.24 103.39
N TRP Z 120 -6.29 19.10 102.06
CA TRP Z 120 -6.25 20.26 101.18
C TRP Z 120 -7.38 21.25 101.46
N PHE Z 121 -8.62 20.81 101.33
CA PHE Z 121 -9.74 21.74 101.38
C PHE Z 121 -10.00 22.35 102.77
N ALA Z 122 -9.74 21.56 103.82
CA ALA Z 122 -9.70 22.10 105.17
C ALA Z 122 -8.92 23.41 105.12
N GLU Z 123 -7.65 23.32 104.68
CA GLU Z 123 -6.75 24.46 104.60
C GLU Z 123 -7.27 25.55 103.67
N GLU Z 124 -7.78 25.15 102.50
CA GLU Z 124 -8.31 26.10 101.53
C GLU Z 124 -9.37 27.05 102.07
N GLY Z 125 -10.24 26.51 102.94
CA GLY Z 125 -11.31 27.27 103.58
C GLY Z 125 -10.88 28.60 104.19
N LYS Z 126 -9.73 28.59 104.88
CA LYS Z 126 -9.17 29.79 105.51
C LYS Z 126 -8.63 30.82 104.49
N ARG Z 127 -8.77 30.53 103.20
CA ARG Z 127 -8.16 31.35 102.14
C ARG Z 127 -9.09 31.94 101.08
N VAL Z 128 -10.34 31.47 101.03
CA VAL Z 128 -11.31 32.07 100.10
C VAL Z 128 -11.28 33.60 100.19
N ALA Z 129 -10.60 34.21 99.22
CA ALA Z 129 -10.38 35.65 99.20
C ALA Z 129 -11.15 36.37 98.09
N GLY Z 130 -11.68 37.54 98.43
CA GLY Z 130 -12.25 38.48 97.46
C GLY Z 130 -11.30 39.65 97.26
N ASP Z 131 -11.81 40.76 96.71
CA ASP Z 131 -10.96 41.86 96.19
C ASP Z 131 -11.31 43.25 96.69
N THR Z 132 -10.34 44.17 96.57
CA THR Z 132 -10.58 45.62 96.61
C THR Z 132 -9.88 46.22 95.40
N LEU Z 133 -10.62 47.02 94.63
CA LEU Z 133 -10.14 47.46 93.32
C LEU Z 133 -10.19 48.98 93.18
N PRO Z 134 -9.40 49.53 92.24
CA PRO Z 134 -9.42 50.97 92.05
C PRO Z 134 -10.76 51.40 91.47
N THR Z 135 -11.33 52.47 92.04
CA THR Z 135 -12.56 53.05 91.55
C THR Z 135 -12.37 53.68 90.16
N PRO Z 136 -13.39 53.57 89.29
CA PRO Z 136 -13.45 54.32 88.02
C PRO Z 136 -13.96 55.76 88.20
N ASP Z 137 -14.77 55.98 89.25
CA ASP Z 137 -15.14 57.34 89.69
C ASP Z 137 -14.96 57.51 91.21
N ALA Z 138 -14.35 58.63 91.58
CA ALA Z 138 -13.88 58.86 92.96
C ALA Z 138 -14.91 58.49 94.03
N ASN Z 139 -16.15 58.96 93.83
CA ASN Z 139 -17.20 58.91 94.85
C ASN Z 139 -17.63 57.49 95.26
N LYS Z 140 -17.04 56.48 94.62
CA LYS Z 140 -17.38 55.09 94.93
C LYS Z 140 -16.14 54.24 95.24
N ARG Z 141 -16.35 53.05 95.80
CA ARG Z 141 -15.26 52.22 96.27
C ARG Z 141 -15.62 50.73 96.14
N ILE Z 142 -14.70 49.95 95.57
CA ILE Z 142 -15.02 48.57 95.18
C ILE Z 142 -14.57 47.51 96.18
N VAL Z 143 -15.52 46.72 96.67
CA VAL Z 143 -15.20 45.63 97.59
C VAL Z 143 -15.88 44.36 97.08
N VAL Z 144 -15.19 43.22 97.19
CA VAL Z 144 -15.78 41.95 96.77
C VAL Z 144 -15.58 40.87 97.85
N VAL Z 145 -16.68 40.26 98.30
CA VAL Z 145 -16.61 39.16 99.26
C VAL Z 145 -17.16 37.87 98.67
N LYS Z 146 -16.88 36.75 99.33
CA LYS Z 146 -17.28 35.46 98.82
C LYS Z 146 -17.82 34.56 99.93
N GLU Z 147 -19.00 33.98 99.68
CA GLU Z 147 -19.73 33.23 100.72
C GLU Z 147 -20.30 31.91 100.19
N PRO Z 148 -20.68 30.98 101.10
CA PRO Z 148 -21.24 29.69 100.69
C PRO Z 148 -22.44 29.83 99.74
N ILE Z 149 -22.45 29.03 98.68
CA ILE Z 149 -23.47 29.13 97.62
C ILE Z 149 -24.89 28.94 98.17
N GLY Z 150 -25.14 27.74 98.68
CA GLY Z 150 -26.42 27.32 99.23
C GLY Z 150 -26.22 25.89 99.66
N VAL Z 151 -27.29 25.10 99.72
CA VAL Z 151 -27.13 23.67 100.00
C VAL Z 151 -26.56 22.99 98.74
N CYS Z 152 -25.69 22.01 98.97
CA CYS Z 152 -24.95 21.32 97.91
C CYS Z 152 -25.39 19.87 97.80
N ALA Z 153 -25.15 19.27 96.63
CA ALA Z 153 -25.38 17.84 96.42
C ALA Z 153 -24.34 17.25 95.45
N ALA Z 154 -24.12 15.94 95.58
CA ALA Z 154 -23.09 15.27 94.82
C ALA Z 154 -23.41 13.81 94.50
N ILE Z 155 -23.33 13.46 93.22
CA ILE Z 155 -23.46 12.08 92.76
C ILE Z 155 -22.05 11.57 92.42
N THR Z 156 -21.75 10.33 92.79
CA THR Z 156 -20.39 9.78 92.66
C THR Z 156 -20.37 8.36 92.07
N PRO Z 157 -19.32 8.03 91.28
CA PRO Z 157 -19.24 6.74 90.60
C PRO Z 157 -18.70 5.60 91.48
N TRP Z 158 -18.25 4.53 90.84
CA TRP Z 158 -17.95 3.27 91.50
C TRP Z 158 -16.47 2.91 91.39
N ASN Z 159 -15.73 3.69 90.62
CA ASN Z 159 -14.29 3.49 90.44
C ASN Z 159 -13.50 3.98 91.67
N PHE Z 160 -13.84 5.16 92.18
CA PHE Z 160 -13.21 5.67 93.40
C PHE Z 160 -14.25 6.01 94.47
N PRO Z 161 -14.77 4.98 95.17
CA PRO Z 161 -15.93 5.11 96.06
C PRO Z 161 -15.60 5.72 97.42
N ALA Z 162 -14.34 6.10 97.60
CA ALA Z 162 -13.87 6.78 98.79
C ALA Z 162 -13.28 8.13 98.39
N ALA Z 163 -12.28 8.10 97.50
CA ALA Z 163 -11.66 9.31 96.92
C ALA Z 163 -12.65 10.37 96.44
N MET Z 164 -13.64 9.95 95.67
CA MET Z 164 -14.67 10.84 95.14
C MET Z 164 -15.51 11.51 96.22
N ILE Z 165 -15.73 10.78 97.31
CA ILE Z 165 -16.53 11.29 98.42
C ILE Z 165 -15.85 12.54 98.96
N ALA Z 166 -14.57 12.37 99.29
CA ALA Z 166 -13.71 13.42 99.81
C ALA Z 166 -13.58 14.59 98.84
N ARG Z 167 -13.47 14.26 97.55
CA ARG Z 167 -13.20 15.21 96.48
C ARG Z 167 -14.31 16.25 96.34
N LYS Z 168 -15.47 15.97 96.95
CA LYS Z 168 -16.66 16.79 96.77
C LYS Z 168 -17.21 17.26 98.10
N VAL Z 169 -16.96 16.45 99.14
CA VAL Z 169 -17.37 16.80 100.49
C VAL Z 169 -16.41 17.84 101.07
N GLY Z 170 -15.11 17.56 100.96
CA GLY Z 170 -14.07 18.50 101.36
C GLY Z 170 -14.35 19.94 100.93
N PRO Z 171 -14.40 20.19 99.60
CA PRO Z 171 -14.60 21.56 99.09
C PRO Z 171 -15.93 22.18 99.50
N ALA Z 172 -16.92 21.34 99.77
CA ALA Z 172 -18.27 21.78 100.11
C ALA Z 172 -18.31 22.39 101.50
N LEU Z 173 -18.00 21.54 102.48
CA LEU Z 173 -17.99 21.89 103.90
C LEU Z 173 -17.11 23.10 104.19
N ALA Z 174 -15.89 23.11 103.67
CA ALA Z 174 -14.95 24.21 103.84
C ALA Z 174 -15.49 25.56 103.37
N ALA Z 175 -16.21 25.54 102.25
CA ALA Z 175 -16.84 26.75 101.69
C ALA Z 175 -17.93 27.29 102.60
N GLY Z 176 -18.29 26.49 103.60
CA GLY Z 176 -19.39 26.77 104.52
C GLY Z 176 -20.69 26.18 104.04
N CYS Z 177 -20.64 24.95 103.52
CA CYS Z 177 -21.78 24.33 102.85
C CYS Z 177 -22.10 22.91 103.32
N PRO Z 178 -23.40 22.61 103.49
CA PRO Z 178 -23.85 21.25 103.73
C PRO Z 178 -24.01 20.51 102.40
N ILE Z 179 -23.97 19.19 102.45
CA ILE Z 179 -23.98 18.40 101.24
C ILE Z 179 -24.69 17.06 101.42
N VAL Z 180 -25.44 16.68 100.39
CA VAL Z 180 -26.05 15.35 100.31
C VAL Z 180 -25.37 14.62 99.15
N VAL Z 181 -25.16 13.31 99.33
CA VAL Z 181 -24.33 12.54 98.40
C VAL Z 181 -24.94 11.16 98.10
N LYS Z 182 -25.13 10.87 96.81
CA LYS Z 182 -25.49 9.52 96.36
C LYS Z 182 -24.23 8.76 95.89
N PRO Z 183 -23.76 7.79 96.70
CA PRO Z 183 -22.68 6.87 96.33
C PRO Z 183 -23.07 5.91 95.20
N ALA Z 184 -22.10 5.13 94.72
CA ALA Z 184 -22.37 4.13 93.71
C ALA Z 184 -23.24 3.04 94.34
N GLU Z 185 -24.43 2.85 93.78
CA GLU Z 185 -25.34 1.81 94.23
C GLU Z 185 -24.72 0.41 94.01
N SER Z 186 -23.44 0.40 93.58
CA SER Z 186 -22.67 -0.82 93.36
C SER Z 186 -21.59 -1.02 94.44
N THR Z 187 -21.10 0.09 95.00
CA THR Z 187 -20.14 0.06 96.11
C THR Z 187 -20.53 1.12 97.14
N PRO Z 188 -21.38 0.75 98.10
CA PRO Z 188 -21.91 1.72 99.07
C PRO Z 188 -21.07 1.92 100.34
N PHE Z 189 -20.53 0.83 100.88
CA PHE Z 189 -19.91 0.84 102.22
C PHE Z 189 -18.73 1.80 102.33
N SER Z 190 -17.87 1.82 101.32
CA SER Z 190 -16.72 2.75 101.26
C SER Z 190 -17.14 4.21 101.48
N ALA Z 191 -18.33 4.57 101.03
CA ALA Z 191 -18.85 5.93 101.16
C ALA Z 191 -19.70 6.12 102.43
N LEU Z 192 -20.03 5.02 103.10
CA LEU Z 192 -20.80 5.06 104.35
C LEU Z 192 -19.89 4.87 105.55
N ALA Z 193 -18.77 4.19 105.32
CA ALA Z 193 -17.72 4.04 106.32
C ALA Z 193 -17.03 5.38 106.57
N MET Z 194 -17.22 6.32 105.64
CA MET Z 194 -16.60 7.64 105.70
C MET Z 194 -17.57 8.71 106.21
N ALA Z 195 -18.85 8.50 105.93
CA ALA Z 195 -19.91 9.30 106.55
C ALA Z 195 -19.94 9.06 108.06
N PHE Z 196 -19.54 7.85 108.46
CA PHE Z 196 -19.40 7.45 109.86
C PHE Z 196 -18.22 8.15 110.50
N LEU Z 197 -17.03 7.90 109.96
CA LEU Z 197 -15.80 8.55 110.42
C LEU Z 197 -15.98 10.06 110.53
N ALA Z 198 -16.76 10.65 109.61
CA ALA Z 198 -17.07 12.07 109.69
C ALA Z 198 -17.93 12.38 110.92
N GLU Z 199 -19.08 11.71 111.04
CA GLU Z 199 -20.01 11.88 112.15
C GLU Z 199 -19.29 11.97 113.51
N ARG Z 200 -18.37 11.03 113.71
CA ARG Z 200 -17.57 10.91 114.92
C ARG Z 200 -16.67 12.13 115.14
N ALA Z 201 -16.21 12.75 114.05
CA ALA Z 201 -15.21 13.82 114.09
C ALA Z 201 -15.76 15.17 114.53
N GLY Z 202 -17.03 15.42 114.25
CA GLY Z 202 -17.68 16.66 114.68
C GLY Z 202 -18.60 17.29 113.65
N VAL Z 203 -18.95 16.53 112.62
CA VAL Z 203 -19.83 17.03 111.56
C VAL Z 203 -21.26 17.21 112.11
N PRO Z 204 -21.71 18.47 112.25
CA PRO Z 204 -23.04 18.82 112.78
C PRO Z 204 -24.19 18.13 112.04
N LYS Z 205 -25.34 18.02 112.72
CA LYS Z 205 -26.54 17.36 112.20
C LYS Z 205 -27.04 18.04 110.93
N GLY Z 206 -27.03 17.25 109.86
CA GLY Z 206 -27.17 17.78 108.51
C GLY Z 206 -25.78 17.74 107.91
N VAL Z 207 -25.41 18.82 107.22
CA VAL Z 207 -24.04 19.02 106.71
C VAL Z 207 -23.59 17.90 105.73
N LEU Z 208 -23.53 16.67 106.23
CA LEU Z 208 -23.18 15.51 105.43
C LEU Z 208 -24.31 14.49 105.35
N SER Z 209 -24.57 14.00 104.14
CA SER Z 209 -25.50 12.88 103.93
C SER Z 209 -25.09 11.93 102.79
N VAL Z 210 -24.91 10.67 103.14
CA VAL Z 210 -24.74 9.61 102.17
C VAL Z 210 -26.08 8.86 102.08
N VAL Z 211 -26.90 9.25 101.11
CA VAL Z 211 -28.20 8.60 100.84
C VAL Z 211 -28.05 7.49 99.80
N ILE Z 212 -28.58 6.31 100.13
CA ILE Z 212 -28.47 5.15 99.26
C ILE Z 212 -29.83 4.82 98.62
N GLY Z 213 -29.81 3.96 97.61
CA GLY Z 213 -31.04 3.50 96.97
C GLY Z 213 -31.03 3.68 95.47
N ASP Z 214 -32.12 4.22 94.94
CA ASP Z 214 -32.41 4.18 93.51
C ASP Z 214 -31.80 5.37 92.73
N PRO Z 215 -30.89 5.07 91.77
CA PRO Z 215 -30.18 6.05 90.94
C PRO Z 215 -31.06 7.04 90.15
N LYS Z 216 -32.27 6.62 89.79
CA LYS Z 216 -33.19 7.46 89.06
C LYS Z 216 -34.07 8.25 90.02
N ALA Z 217 -34.50 7.59 91.10
CA ALA Z 217 -35.36 8.21 92.10
C ALA Z 217 -34.61 9.27 92.90
N ILE Z 218 -33.52 8.87 93.55
CA ILE Z 218 -32.72 9.81 94.35
C ILE Z 218 -32.30 11.01 93.52
N GLY Z 219 -31.71 10.74 92.35
CA GLY Z 219 -31.24 11.76 91.41
C GLY Z 219 -32.30 12.76 90.98
N THR Z 220 -33.52 12.29 90.78
CA THR Z 220 -34.64 13.15 90.38
C THR Z 220 -34.94 14.18 91.48
N GLU Z 221 -35.15 13.68 92.71
CA GLU Z 221 -35.38 14.53 93.87
C GLU Z 221 -34.30 15.60 93.99
N ILE Z 222 -33.04 15.17 93.87
CA ILE Z 222 -31.90 16.09 93.92
C ILE Z 222 -32.00 17.13 92.81
N THR Z 223 -32.07 16.66 91.56
CA THR Z 223 -32.05 17.51 90.37
C THR Z 223 -33.23 18.47 90.27
N SER Z 224 -34.23 18.28 91.13
CA SER Z 224 -35.47 19.03 91.03
C SER Z 224 -35.90 19.68 92.36
N ASN Z 225 -35.08 19.52 93.39
CA ASN Z 225 -35.36 20.17 94.67
C ASN Z 225 -34.92 21.63 94.63
N PRO Z 226 -35.83 22.58 94.94
CA PRO Z 226 -35.51 24.02 94.85
C PRO Z 226 -34.45 24.49 95.85
N ILE Z 227 -34.18 23.66 96.86
CA ILE Z 227 -33.18 23.95 97.89
C ILE Z 227 -31.74 23.74 97.36
N VAL Z 228 -31.50 22.59 96.72
CA VAL Z 228 -30.18 22.19 96.21
C VAL Z 228 -29.63 23.13 95.11
N ARG Z 229 -28.59 23.89 95.47
CA ARG Z 229 -28.07 24.95 94.60
C ARG Z 229 -26.78 24.64 93.80
N LYS Z 230 -26.06 23.59 94.20
CA LYS Z 230 -24.92 23.09 93.41
C LYS Z 230 -24.93 21.57 93.24
N LEU Z 231 -24.52 21.13 92.05
CA LEU Z 231 -24.49 19.72 91.72
C LEU Z 231 -23.13 19.31 91.18
N SER Z 232 -22.67 18.14 91.61
CA SER Z 232 -21.42 17.54 91.12
C SER Z 232 -21.61 16.05 90.81
N PHE Z 233 -21.50 15.71 89.53
CA PHE Z 233 -21.59 14.32 89.04
C PHE Z 233 -20.24 13.86 88.48
N THR Z 234 -19.93 12.59 88.72
CA THR Z 234 -18.81 11.93 88.04
C THR Z 234 -19.27 10.57 87.50
N GLY Z 235 -19.02 10.33 86.21
CA GLY Z 235 -19.42 9.11 85.52
C GLY Z 235 -19.47 9.25 84.00
N SER Z 236 -20.57 8.78 83.39
CA SER Z 236 -20.72 8.78 81.93
C SER Z 236 -21.48 10.02 81.45
N THR Z 237 -21.09 10.50 80.26
CA THR Z 237 -21.65 11.71 79.66
C THR Z 237 -23.18 11.70 79.62
N ALA Z 238 -23.76 10.68 78.97
CA ALA Z 238 -25.21 10.54 78.80
C ALA Z 238 -26.01 10.80 80.08
N VAL Z 239 -25.49 10.32 81.20
CA VAL Z 239 -26.14 10.51 82.50
C VAL Z 239 -26.03 11.98 82.92
N GLY Z 240 -24.85 12.58 82.69
CA GLY Z 240 -24.60 13.97 83.05
C GLY Z 240 -25.38 14.97 82.22
N ARG Z 241 -25.48 14.69 80.92
CA ARG Z 241 -26.24 15.50 79.98
C ARG Z 241 -27.71 15.49 80.37
N LEU Z 242 -28.15 14.32 80.82
CA LEU Z 242 -29.52 14.13 81.32
C LEU Z 242 -29.68 14.84 82.67
N LEU Z 243 -28.63 14.82 83.50
CA LEU Z 243 -28.65 15.50 84.81
C LEU Z 243 -28.63 17.03 84.69
N MET Z 244 -27.97 17.54 83.65
CA MET Z 244 -27.97 18.97 83.38
C MET Z 244 -29.37 19.41 82.97
N ALA Z 245 -30.01 18.61 82.11
CA ALA Z 245 -31.38 18.87 81.68
C ALA Z 245 -32.36 18.84 82.88
N GLN Z 246 -32.31 17.74 83.66
CA GLN Z 246 -33.12 17.58 84.88
C GLN Z 246 -32.94 18.74 85.86
N SER Z 247 -31.70 19.20 85.99
CA SER Z 247 -31.33 20.27 86.92
C SER Z 247 -31.61 21.67 86.37
N ALA Z 248 -31.88 21.77 85.08
CA ALA Z 248 -32.10 23.06 84.39
C ALA Z 248 -33.18 23.99 85.01
N PRO Z 249 -34.36 23.44 85.42
CA PRO Z 249 -35.47 24.26 85.97
C PRO Z 249 -35.17 25.07 87.24
N THR Z 250 -34.06 24.74 87.91
CA THR Z 250 -33.67 25.41 89.15
C THR Z 250 -32.35 26.18 89.03
N VAL Z 251 -31.88 26.33 87.79
CA VAL Z 251 -30.64 27.06 87.45
C VAL Z 251 -29.47 26.66 88.38
N LYS Z 252 -29.27 25.35 88.54
CA LYS Z 252 -28.24 24.82 89.44
C LYS Z 252 -26.81 25.01 88.90
N LYS Z 253 -26.00 25.73 89.67
CA LYS Z 253 -24.58 25.92 89.34
C LYS Z 253 -23.93 24.54 89.34
N LEU Z 254 -23.25 24.22 88.25
CA LEU Z 254 -22.99 22.83 87.91
C LEU Z 254 -21.52 22.50 87.70
N THR Z 255 -21.10 21.37 88.28
CA THR Z 255 -19.76 20.83 88.08
C THR Z 255 -19.89 19.38 87.62
N LEU Z 256 -19.25 19.09 86.49
CA LEU Z 256 -19.44 17.83 85.78
C LEU Z 256 -18.12 17.15 85.38
N GLU Z 257 -17.86 15.99 85.96
CA GLU Z 257 -16.65 15.20 85.69
C GLU Z 257 -17.04 13.94 84.91
N LEU Z 258 -17.26 14.12 83.62
CA LEU Z 258 -17.78 13.06 82.75
C LEU Z 258 -16.65 12.18 82.20
N GLY Z 259 -16.96 11.39 81.17
CA GLY Z 259 -16.00 10.47 80.57
C GLY Z 259 -14.98 11.16 79.67
N GLY Z 260 -13.96 10.40 79.27
CA GLY Z 260 -12.93 10.89 78.36
C GLY Z 260 -12.63 9.92 77.23
N ASN Z 261 -11.55 10.19 76.51
CA ASN Z 261 -11.10 9.36 75.39
C ASN Z 261 -9.56 9.49 75.27
N ALA Z 262 -8.89 9.29 76.42
CA ALA Z 262 -7.46 9.58 76.63
C ALA Z 262 -6.47 8.95 75.66
N PRO Z 263 -5.75 9.79 74.91
CA PRO Z 263 -4.65 9.36 74.04
C PRO Z 263 -3.28 9.32 74.75
N PHE Z 264 -2.59 8.20 74.62
CA PHE Z 264 -1.20 8.05 75.10
C PHE Z 264 -0.28 8.12 73.88
N ILE Z 265 0.47 9.21 73.80
CA ILE Z 265 1.26 9.53 72.62
C ILE Z 265 2.74 9.26 72.82
N VAL Z 266 3.26 8.27 72.09
CA VAL Z 266 4.67 7.94 72.12
C VAL Z 266 5.33 8.43 70.83
N PHE Z 267 6.32 9.29 70.96
CA PHE Z 267 6.94 9.93 69.80
C PHE Z 267 8.22 9.24 69.41
N ASP Z 268 8.63 9.49 68.15
CA ASP Z 268 9.92 9.11 67.60
C ASP Z 268 11.08 9.10 68.62
N ASP Z 269 11.13 10.14 69.46
CA ASP Z 269 12.28 10.39 70.34
C ASP Z 269 11.98 10.15 71.82
N ALA Z 270 10.90 9.42 72.09
CA ALA Z 270 10.54 9.04 73.46
C ALA Z 270 11.47 7.97 74.04
N ASP Z 271 11.67 8.02 75.35
CA ASP Z 271 12.31 6.93 76.07
C ASP Z 271 11.32 5.77 76.08
N LEU Z 272 11.53 4.81 75.18
CA LEU Z 272 10.64 3.65 75.08
C LEU Z 272 10.31 3.05 76.46
N ASP Z 273 11.36 2.74 77.22
CA ASP Z 273 11.22 2.04 78.51
C ASP Z 273 10.52 2.82 79.63
N ALA Z 274 10.45 4.14 79.50
CA ALA Z 274 9.70 4.97 80.45
C ALA Z 274 8.24 5.11 80.05
N ALA Z 275 7.98 5.02 78.74
CA ALA Z 275 6.62 5.12 78.21
C ALA Z 275 5.84 3.84 78.43
N VAL Z 276 6.53 2.70 78.41
CA VAL Z 276 5.96 1.42 78.82
C VAL Z 276 5.56 1.49 80.31
N GLU Z 277 6.48 1.95 81.17
CA GLU Z 277 6.18 2.19 82.59
C GLU Z 277 4.95 3.07 82.75
N GLY Z 278 4.87 4.13 81.95
CA GLY Z 278 3.71 5.01 81.95
C GLY Z 278 2.50 4.43 81.22
N ALA Z 279 2.74 3.53 80.28
CA ALA Z 279 1.65 2.86 79.57
C ALA Z 279 0.90 2.00 80.57
N ILE Z 280 1.63 1.10 81.23
CA ILE Z 280 1.11 0.22 82.27
C ILE Z 280 0.39 1.02 83.36
N ALA Z 281 1.06 2.04 83.89
CA ALA Z 281 0.50 2.86 84.96
C ALA Z 281 -0.86 3.48 84.64
N SER Z 282 -1.00 4.02 83.43
CA SER Z 282 -2.19 4.80 83.05
C SER Z 282 -3.29 3.96 82.40
N LYS Z 283 -2.96 2.71 82.06
CA LYS Z 283 -3.91 1.79 81.42
C LYS Z 283 -4.29 0.60 82.29
N TYR Z 284 -3.38 0.17 83.17
CA TYR Z 284 -3.57 -1.09 83.87
C TYR Z 284 -4.00 -1.05 85.33
N ARG Z 285 -3.83 0.09 85.99
CA ARG Z 285 -4.34 0.19 87.35
C ARG Z 285 -5.85 0.42 87.33
N ASN Z 286 -6.50 0.04 88.43
CA ASN Z 286 -7.95 -0.16 88.52
C ASN Z 286 -8.49 -1.02 87.38
N ASN Z 287 -7.68 -1.99 86.97
CA ASN Z 287 -7.96 -2.87 85.82
C ASN Z 287 -8.59 -2.12 84.62
N GLY Z 288 -8.15 -0.89 84.41
CA GLY Z 288 -8.60 -0.06 83.30
C GLY Z 288 -9.79 0.80 83.63
N GLN Z 289 -10.17 0.80 84.91
CA GLN Z 289 -11.41 1.46 85.35
C GLN Z 289 -11.17 2.74 86.14
N THR Z 290 -10.69 3.77 85.45
CA THR Z 290 -10.52 5.11 86.02
C THR Z 290 -10.86 6.14 84.94
N CYS Z 291 -11.41 7.27 85.34
CA CYS Z 291 -11.84 8.33 84.41
C CYS Z 291 -10.71 8.70 83.44
N VAL Z 292 -9.49 8.65 83.94
CA VAL Z 292 -8.33 9.17 83.24
C VAL Z 292 -7.57 8.09 82.46
N CYS Z 293 -8.00 6.83 82.61
CA CYS Z 293 -7.33 5.68 81.98
C CYS Z 293 -7.20 5.82 80.47
N THR Z 294 -6.00 5.49 79.98
CA THR Z 294 -5.68 5.53 78.55
C THR Z 294 -6.67 4.69 77.73
N ASN Z 295 -7.31 5.34 76.78
CA ASN Z 295 -8.18 4.63 75.84
C ASN Z 295 -7.53 4.39 74.47
N ARG Z 296 -6.66 5.30 74.04
CA ARG Z 296 -6.06 5.22 72.72
C ARG Z 296 -4.55 5.41 72.78
N PHE Z 297 -3.80 4.36 72.46
CA PHE Z 297 -2.34 4.46 72.35
C PHE Z 297 -1.93 4.88 70.94
N PHE Z 298 -1.27 6.02 70.81
CA PHE Z 298 -0.72 6.45 69.53
C PHE Z 298 0.78 6.29 69.52
N VAL Z 299 1.27 5.52 68.55
CA VAL Z 299 2.69 5.20 68.49
C VAL Z 299 3.25 5.53 67.12
N HIS Z 300 4.33 6.30 67.11
CA HIS Z 300 5.00 6.68 65.89
C HIS Z 300 5.54 5.45 65.16
N GLU Z 301 5.46 5.47 63.83
CA GLU Z 301 5.93 4.39 62.97
C GLU Z 301 7.26 3.80 63.41
N ARG Z 302 8.22 4.69 63.63
CA ARG Z 302 9.62 4.31 63.79
C ARG Z 302 9.84 3.57 65.11
N VAL Z 303 8.84 3.61 65.99
CA VAL Z 303 8.97 3.01 67.32
C VAL Z 303 7.86 2.02 67.67
N TYR Z 304 6.82 1.99 66.84
CA TYR Z 304 5.66 1.11 66.99
C TYR Z 304 6.00 -0.36 67.24
N ASP Z 305 6.92 -0.92 66.45
CA ASP Z 305 7.32 -2.32 66.59
C ASP Z 305 7.98 -2.60 67.95
N ALA Z 306 8.97 -1.77 68.29
CA ALA Z 306 9.68 -1.89 69.56
C ALA Z 306 8.76 -1.61 70.74
N PHE Z 307 7.78 -0.73 70.54
CA PHE Z 307 6.87 -0.36 71.62
C PHE Z 307 5.90 -1.49 71.96
N ALA Z 308 5.13 -1.95 70.97
CA ALA Z 308 4.24 -3.09 71.17
C ALA Z 308 4.97 -4.27 71.83
N ASP Z 309 6.15 -4.61 71.30
CA ASP Z 309 6.97 -5.69 71.85
C ASP Z 309 7.24 -5.53 73.34
N LYS Z 310 7.55 -4.31 73.75
CA LYS Z 310 7.95 -4.04 75.13
C LYS Z 310 6.75 -4.00 76.09
N LEU Z 311 5.69 -3.32 75.67
CA LEU Z 311 4.40 -3.32 76.37
C LEU Z 311 3.81 -4.73 76.50
N ALA Z 312 3.92 -5.52 75.43
CA ALA Z 312 3.47 -6.91 75.41
C ALA Z 312 4.10 -7.70 76.56
N ALA Z 313 5.42 -7.52 76.74
CA ALA Z 313 6.16 -8.25 77.75
C ALA Z 313 5.87 -7.74 79.16
N ALA Z 314 5.57 -6.44 79.27
CA ALA Z 314 5.28 -5.82 80.56
C ALA Z 314 3.93 -6.28 81.13
N VAL Z 315 2.98 -6.53 80.22
CA VAL Z 315 1.66 -7.03 80.53
C VAL Z 315 1.70 -8.51 80.91
N SER Z 316 2.61 -9.24 80.26
CA SER Z 316 2.82 -10.67 80.53
C SER Z 316 3.39 -10.93 81.93
N LYS Z 317 4.13 -9.95 82.45
CA LYS Z 317 4.75 -10.04 83.78
C LYS Z 317 3.78 -9.61 84.90
N LEU Z 318 2.59 -9.16 84.52
CA LEU Z 318 1.53 -8.85 85.48
C LEU Z 318 0.86 -10.14 85.96
N LYS Z 319 0.09 -10.03 87.05
CA LYS Z 319 -0.61 -11.19 87.62
C LYS Z 319 -2.06 -10.84 87.99
N VAL Z 320 -2.99 -11.69 87.53
CA VAL Z 320 -4.43 -11.51 87.78
C VAL Z 320 -4.85 -12.23 89.05
N GLY Z 321 -5.67 -11.59 89.87
CA GLY Z 321 -6.16 -12.22 91.10
C GLY Z 321 -7.06 -11.34 91.96
N ARG Z 322 -7.59 -11.94 93.02
CA ARG Z 322 -8.40 -11.21 94.02
C ARG Z 322 -7.50 -10.23 94.75
N GLY Z 323 -7.95 -8.98 94.83
CA GLY Z 323 -7.13 -7.88 95.35
C GLY Z 323 -6.73 -7.94 96.82
N THR Z 324 -6.99 -9.09 97.45
CA THR Z 324 -6.65 -9.32 98.86
C THR Z 324 -5.48 -10.31 99.00
N GLU Z 325 -4.76 -10.53 97.92
CA GLU Z 325 -3.72 -11.55 97.90
C GLU Z 325 -2.33 -10.99 97.53
N SER Z 326 -1.29 -11.70 97.96
CA SER Z 326 0.09 -11.40 97.55
C SER Z 326 0.28 -11.64 96.05
N GLY Z 327 0.91 -10.66 95.40
CA GLY Z 327 1.28 -10.78 93.98
C GLY Z 327 0.20 -10.35 92.99
N ALA Z 328 -1.05 -10.26 93.47
CA ALA Z 328 -2.18 -9.86 92.64
C ALA Z 328 -2.19 -8.35 92.37
N THR Z 329 -1.79 -7.97 91.16
CA THR Z 329 -1.78 -6.57 90.72
C THR Z 329 -3.03 -6.17 89.91
N LEU Z 330 -3.74 -7.17 89.39
CA LEU Z 330 -4.91 -6.94 88.53
C LEU Z 330 -6.18 -7.61 89.06
N GLY Z 331 -7.04 -6.83 89.71
CA GLY Z 331 -8.33 -7.33 90.21
C GLY Z 331 -9.35 -7.46 89.09
N PRO Z 332 -10.58 -7.93 89.43
CA PRO Z 332 -11.60 -8.09 88.39
C PRO Z 332 -12.41 -6.82 88.14
N LEU Z 333 -12.98 -6.70 86.94
CA LEU Z 333 -13.92 -5.63 86.62
C LEU Z 333 -15.16 -5.74 87.51
N ILE Z 334 -15.92 -4.65 87.60
CA ILE Z 334 -17.03 -4.56 88.57
C ILE Z 334 -18.21 -5.53 88.28
N ASN Z 335 -19.12 -5.12 87.40
CA ASN Z 335 -20.26 -5.94 87.05
C ASN Z 335 -19.94 -6.88 85.88
N GLU Z 336 -20.93 -7.67 85.44
CA GLU Z 336 -20.80 -8.51 84.23
C GLU Z 336 -20.92 -7.72 82.92
N ALA Z 337 -21.72 -6.66 82.93
CA ALA Z 337 -21.94 -5.81 81.75
C ALA Z 337 -20.63 -5.41 81.07
N ALA Z 338 -19.66 -4.96 81.89
CA ALA Z 338 -18.37 -4.44 81.40
C ALA Z 338 -17.42 -5.53 80.91
N VAL Z 339 -17.57 -6.75 81.42
CA VAL Z 339 -16.80 -7.91 80.94
C VAL Z 339 -17.16 -8.19 79.48
N LYS Z 340 -18.47 -8.23 79.20
CA LYS Z 340 -18.98 -8.40 77.83
C LYS Z 340 -18.53 -7.26 76.92
N LYS Z 341 -18.60 -6.02 77.44
CA LYS Z 341 -18.27 -4.82 76.66
C LYS Z 341 -16.78 -4.68 76.32
N VAL Z 342 -15.93 -5.37 77.09
CA VAL Z 342 -14.50 -5.45 76.78
C VAL Z 342 -14.27 -6.36 75.57
N GLU Z 343 -14.82 -7.58 75.62
CA GLU Z 343 -14.82 -8.52 74.49
C GLU Z 343 -15.49 -7.93 73.25
N SER Z 344 -16.56 -7.17 73.47
CA SER Z 344 -17.28 -6.45 72.41
C SER Z 344 -16.38 -5.54 71.59
N HIS Z 345 -15.46 -4.86 72.27
CA HIS Z 345 -14.49 -3.98 71.61
C HIS Z 345 -13.37 -4.75 70.93
N ILE Z 346 -13.09 -5.94 71.46
CA ILE Z 346 -12.03 -6.81 70.97
C ILE Z 346 -12.41 -7.48 69.63
N ALA Z 347 -13.55 -8.17 69.61
CA ALA Z 347 -14.05 -8.84 68.41
C ALA Z 347 -14.35 -7.84 67.28
N ASP Z 348 -14.87 -6.66 67.64
CA ASP Z 348 -15.00 -5.53 66.72
C ASP Z 348 -13.66 -5.27 66.05
N ALA Z 349 -12.62 -5.11 66.86
CA ALA Z 349 -11.29 -4.81 66.36
C ALA Z 349 -10.77 -5.92 65.45
N LEU Z 350 -11.01 -7.17 65.86
CA LEU Z 350 -10.54 -8.33 65.10
C LEU Z 350 -11.20 -8.47 63.72
N ALA Z 351 -12.52 -8.31 63.68
CA ALA Z 351 -13.28 -8.35 62.43
C ALA Z 351 -13.04 -7.13 61.51
N LYS Z 352 -12.47 -6.07 62.09
CA LYS Z 352 -12.11 -4.87 61.32
C LYS Z 352 -10.63 -4.80 60.92
N GLY Z 353 -9.95 -5.95 61.02
CA GLY Z 353 -8.60 -6.11 60.45
C GLY Z 353 -7.42 -6.14 61.40
N ALA Z 354 -7.69 -6.04 62.70
CA ALA Z 354 -6.63 -5.91 63.71
C ALA Z 354 -5.89 -7.23 64.01
N SER Z 355 -4.72 -7.11 64.64
CA SER Z 355 -4.00 -8.27 65.15
C SER Z 355 -4.13 -8.34 66.67
N LEU Z 356 -3.78 -9.48 67.25
CA LEU Z 356 -3.77 -9.67 68.71
C LEU Z 356 -2.37 -10.03 69.18
N MET Z 357 -1.95 -9.41 70.29
CA MET Z 357 -0.56 -9.52 70.76
C MET Z 357 -0.44 -10.39 72.00
N THR Z 358 -1.28 -10.12 73.00
CA THR Z 358 -1.30 -10.88 74.26
C THR Z 358 -2.71 -10.93 74.85
N GLY Z 359 -2.99 -11.98 75.61
CA GLY Z 359 -4.30 -12.18 76.25
C GLY Z 359 -5.42 -12.33 75.24
N GLY Z 360 -6.59 -11.77 75.56
CA GLY Z 360 -7.73 -11.75 74.65
C GLY Z 360 -9.02 -12.34 75.21
N LYS Z 361 -8.92 -13.58 75.70
CA LYS Z 361 -10.07 -14.28 76.30
C LYS Z 361 -10.32 -13.83 77.75
N ARG Z 362 -11.39 -14.34 78.36
CA ARG Z 362 -11.65 -14.12 79.79
C ARG Z 362 -10.66 -14.93 80.62
N HIS Z 363 -10.66 -14.75 81.94
CA HIS Z 363 -9.70 -15.45 82.80
C HIS Z 363 -10.31 -16.64 83.55
N ALA Z 364 -9.47 -17.63 83.84
CA ALA Z 364 -9.85 -18.85 84.55
C ALA Z 364 -10.78 -18.62 85.77
N LEU Z 365 -10.49 -17.59 86.57
CA LEU Z 365 -11.26 -17.31 87.78
C LEU Z 365 -12.58 -16.56 87.51
N GLY Z 366 -12.96 -16.50 86.24
CA GLY Z 366 -14.28 -15.98 85.80
C GLY Z 366 -14.74 -14.69 86.46
N HIS Z 367 -16.02 -14.67 86.85
CA HIS Z 367 -16.70 -13.50 87.49
C HIS Z 367 -16.59 -12.17 86.74
N GLY Z 368 -15.45 -11.51 86.91
CA GLY Z 368 -15.13 -10.24 86.25
C GLY Z 368 -13.74 -10.30 85.64
N PHE Z 369 -12.90 -11.18 86.19
CA PHE Z 369 -11.50 -11.34 85.76
C PHE Z 369 -11.32 -11.48 84.26
N PHE Z 370 -10.40 -10.68 83.72
CA PHE Z 370 -10.15 -10.65 82.28
C PHE Z 370 -8.66 -10.60 81.96
N GLU Z 371 -8.27 -11.31 80.92
CA GLU Z 371 -6.87 -11.38 80.52
C GLU Z 371 -6.34 -10.00 80.10
N PRO Z 372 -5.16 -9.62 80.63
CA PRO Z 372 -4.56 -8.35 80.19
C PRO Z 372 -4.22 -8.48 78.71
N THR Z 373 -4.85 -7.64 77.89
CA THR Z 373 -4.77 -7.80 76.44
C THR Z 373 -4.31 -6.55 75.63
N VAL Z 374 -3.56 -6.82 74.56
CA VAL Z 374 -2.97 -5.79 73.70
C VAL Z 374 -3.19 -6.10 72.21
N LEU Z 375 -3.66 -5.11 71.45
CA LEU Z 375 -3.91 -5.26 70.02
C LEU Z 375 -2.93 -4.41 69.22
N THR Z 376 -2.30 -5.02 68.21
CA THR Z 376 -1.42 -4.26 67.32
C THR Z 376 -2.10 -4.03 65.99
N GLY Z 377 -1.85 -2.87 65.38
CA GLY Z 377 -2.54 -2.48 64.16
C GLY Z 377 -4.01 -2.23 64.44
N VAL Z 378 -4.31 -1.06 65.01
CA VAL Z 378 -5.68 -0.70 65.35
C VAL Z 378 -6.08 0.56 64.57
N LYS Z 379 -6.81 0.36 63.48
CA LYS Z 379 -7.23 1.46 62.60
C LYS Z 379 -8.26 2.38 63.27
N PRO Z 380 -8.30 3.67 62.88
CA PRO Z 380 -9.21 4.70 63.43
C PRO Z 380 -10.69 4.59 63.04
N ASP Z 381 -11.13 3.40 62.64
CA ASP Z 381 -12.53 3.18 62.27
C ASP Z 381 -13.27 2.30 63.29
N MET Z 382 -12.53 1.48 64.02
CA MET Z 382 -13.08 0.60 65.04
C MET Z 382 -13.78 1.38 66.17
N ASP Z 383 -14.72 0.73 66.85
CA ASP Z 383 -15.59 1.44 67.81
C ASP Z 383 -14.86 1.88 69.09
N VAL Z 384 -13.76 1.19 69.39
CA VAL Z 384 -12.88 1.51 70.53
C VAL Z 384 -12.18 2.88 70.36
N ALA Z 385 -12.27 3.43 69.16
CA ALA Z 385 -11.71 4.75 68.83
C ALA Z 385 -12.70 5.87 69.06
N LYS Z 386 -13.94 5.50 69.39
CA LYS Z 386 -15.00 6.47 69.66
C LYS Z 386 -15.47 6.41 71.11
N GLU Z 387 -15.43 5.20 71.68
CA GLU Z 387 -15.95 4.94 73.04
C GLU Z 387 -14.91 4.28 73.93
N GLU Z 388 -15.07 4.49 75.25
CA GLU Z 388 -14.13 3.97 76.25
C GLU Z 388 -14.39 2.52 76.64
N THR Z 389 -13.30 1.81 76.89
CA THR Z 389 -13.32 0.37 77.12
C THR Z 389 -13.60 0.00 78.59
N PHE Z 390 -12.90 0.68 79.52
CA PHE Z 390 -12.96 0.35 80.95
C PHE Z 390 -12.46 -1.08 81.20
N GLY Z 391 -11.39 -1.48 80.52
CA GLY Z 391 -10.80 -2.81 80.68
C GLY Z 391 -9.32 -2.86 80.37
N PRO Z 392 -8.65 -3.97 80.75
CA PRO Z 392 -7.21 -4.16 80.48
C PRO Z 392 -6.88 -4.37 78.98
N LEU Z 393 -7.34 -3.43 78.16
CA LEU Z 393 -7.16 -3.49 76.72
C LEU Z 393 -6.32 -2.33 76.22
N ALA Z 394 -5.17 -2.66 75.62
CA ALA Z 394 -4.30 -1.65 75.04
C ALA Z 394 -4.33 -1.69 73.51
N PRO Z 395 -5.10 -0.76 72.90
CA PRO Z 395 -5.20 -0.67 71.44
C PRO Z 395 -4.16 0.28 70.87
N LEU Z 396 -3.31 -0.23 69.97
CA LEU Z 396 -2.20 0.59 69.46
C LEU Z 396 -2.45 1.14 68.06
N PHE Z 397 -2.86 2.42 68.01
CA PHE Z 397 -2.95 3.15 66.75
C PHE Z 397 -1.56 3.54 66.27
N ARG Z 398 -1.49 4.04 65.04
CA ARG Z 398 -0.23 4.32 64.36
C ARG Z 398 -0.30 5.72 63.74
N PHE Z 399 0.84 6.42 63.70
CA PHE Z 399 0.94 7.73 63.04
C PHE Z 399 2.32 8.04 62.45
N ALA Z 400 2.36 9.02 61.53
CA ALA Z 400 3.56 9.33 60.74
C ALA Z 400 4.17 10.68 61.08
N SER Z 401 3.35 11.72 61.11
CA SER Z 401 3.83 13.07 61.36
C SER Z 401 3.21 13.68 62.62
N GLU Z 402 3.80 14.79 63.06
CA GLU Z 402 3.29 15.59 64.16
C GLU Z 402 1.87 16.09 63.83
N GLU Z 403 1.70 16.59 62.61
CA GLU Z 403 0.41 17.05 62.09
C GLU Z 403 -0.68 15.99 62.31
N GLU Z 404 -0.46 14.81 61.74
CA GLU Z 404 -1.39 13.69 61.76
C GLU Z 404 -1.84 13.38 63.20
N LEU Z 405 -0.90 13.35 64.12
CA LEU Z 405 -1.21 12.99 65.50
C LEU Z 405 -2.26 13.89 66.13
N VAL Z 406 -2.02 15.21 66.10
CA VAL Z 406 -2.92 16.18 66.73
C VAL Z 406 -4.35 15.99 66.21
N ARG Z 407 -4.49 15.93 64.88
CA ARG Z 407 -5.79 15.76 64.25
C ARG Z 407 -6.46 14.47 64.70
N LEU Z 408 -5.69 13.38 64.74
CA LEU Z 408 -6.18 12.06 65.13
C LEU Z 408 -6.44 11.94 66.64
N ALA Z 409 -5.61 12.60 67.44
CA ALA Z 409 -5.79 12.66 68.90
C ALA Z 409 -7.02 13.47 69.30
N ASN Z 410 -7.26 14.57 68.59
CA ASN Z 410 -8.42 15.44 68.84
C ASN Z 410 -9.72 15.01 68.16
N ASP Z 411 -9.64 13.99 67.31
CA ASP Z 411 -10.78 13.51 66.51
C ASP Z 411 -11.81 12.78 67.38
N THR Z 412 -12.34 13.50 68.37
CA THR Z 412 -13.22 12.92 69.39
C THR Z 412 -14.01 14.04 70.06
N GLU Z 413 -15.15 13.69 70.65
CA GLU Z 413 -15.98 14.65 71.37
C GLU Z 413 -15.43 14.94 72.78
N PHE Z 414 -14.74 13.93 73.35
CA PHE Z 414 -14.25 13.98 74.73
C PHE Z 414 -12.93 14.72 74.90
N GLY Z 415 -12.59 15.08 76.14
CA GLY Z 415 -11.35 15.85 76.42
C GLY Z 415 -10.92 15.90 77.88
N LEU Z 416 -10.66 14.74 78.46
CA LEU Z 416 -10.20 14.68 79.85
C LEU Z 416 -8.67 14.62 79.93
N ALA Z 417 -8.15 13.43 80.19
CA ALA Z 417 -6.71 13.23 80.27
C ALA Z 417 -6.09 12.90 78.91
N ALA Z 418 -4.84 13.33 78.73
CA ALA Z 418 -4.01 12.93 77.61
C ALA Z 418 -2.60 12.70 78.15
N TYR Z 419 -1.82 11.93 77.41
CA TYR Z 419 -0.44 11.68 77.79
C TYR Z 419 0.46 11.74 76.55
N LEU Z 420 1.59 12.43 76.65
CA LEU Z 420 2.54 12.48 75.56
C LEU Z 420 3.96 12.22 76.05
N TYR Z 421 4.63 11.27 75.39
CA TYR Z 421 6.03 10.97 75.65
C TYR Z 421 6.92 11.43 74.50
N SER Z 422 7.64 12.51 74.75
CA SER Z 422 8.65 13.01 73.83
C SER Z 422 9.77 13.56 74.68
N ARG Z 423 10.96 13.73 74.11
CA ARG Z 423 12.10 14.18 74.90
C ARG Z 423 12.52 15.57 74.48
N ASP Z 424 12.02 15.99 73.32
CA ASP Z 424 12.34 17.28 72.73
C ASP Z 424 11.42 18.36 73.31
N ILE Z 425 12.05 19.36 73.94
CA ILE Z 425 11.36 20.48 74.58
C ILE Z 425 10.36 21.20 73.64
N GLY Z 426 10.75 21.41 72.38
CA GLY Z 426 9.88 22.08 71.41
C GLY Z 426 8.63 21.28 71.08
N ARG Z 427 8.83 20.00 70.78
CA ARG Z 427 7.77 19.05 70.43
C ARG Z 427 6.76 18.92 71.56
N VAL Z 428 7.26 18.91 72.80
CA VAL Z 428 6.42 18.80 74.01
C VAL Z 428 5.49 20.00 74.12
N TRP Z 429 6.03 21.19 73.94
CA TRP Z 429 5.25 22.41 74.10
C TRP Z 429 4.20 22.60 73.01
N ARG Z 430 4.54 22.26 71.77
CA ARG Z 430 3.60 22.36 70.64
C ARG Z 430 2.41 21.42 70.80
N VAL Z 431 2.71 20.14 71.04
CA VAL Z 431 1.68 19.10 71.15
C VAL Z 431 0.80 19.31 72.39
N ALA Z 432 1.37 19.81 73.48
CA ALA Z 432 0.62 20.08 74.72
C ALA Z 432 -0.38 21.24 74.53
N GLU Z 433 0.06 22.30 73.84
CA GLU Z 433 -0.81 23.43 73.50
C GLU Z 433 -1.94 23.05 72.54
N ALA Z 434 -1.57 22.41 71.43
CA ALA Z 434 -2.51 22.00 70.38
C ALA Z 434 -3.60 21.02 70.86
N LEU Z 435 -3.21 20.06 71.71
CA LEU Z 435 -4.17 19.09 72.28
C LEU Z 435 -5.31 19.82 72.97
N GLU Z 436 -6.54 19.36 72.73
CA GLU Z 436 -7.70 19.94 73.40
C GLU Z 436 -8.12 19.05 74.57
N TYR Z 437 -7.17 18.82 75.48
CA TYR Z 437 -7.45 18.12 76.73
C TYR Z 437 -7.30 19.05 77.93
N GLY Z 438 -7.90 18.66 79.05
CA GLY Z 438 -7.87 19.49 80.25
C GLY Z 438 -6.66 19.20 81.12
N MET Z 439 -6.04 18.04 80.91
CA MET Z 439 -4.92 17.56 81.72
C MET Z 439 -4.00 16.77 80.80
N VAL Z 440 -2.73 17.17 80.79
CA VAL Z 440 -1.73 16.56 79.91
C VAL Z 440 -0.53 15.99 80.69
N GLY Z 441 -0.39 14.66 80.66
CA GLY Z 441 0.75 13.99 81.28
C GLY Z 441 1.96 14.02 80.37
N ILE Z 442 2.94 14.85 80.74
CA ILE Z 442 4.17 15.00 79.97
C ILE Z 442 5.25 14.09 80.54
N ASN Z 443 5.56 13.04 79.79
CA ASN Z 443 6.53 12.01 80.16
C ASN Z 443 6.22 11.32 81.49
N THR Z 444 4.95 11.36 81.85
CA THR Z 444 4.47 10.62 83.00
C THR Z 444 3.09 10.00 82.71
N GLY Z 445 2.84 8.83 83.28
CA GLY Z 445 1.54 8.16 83.15
C GLY Z 445 0.61 8.41 84.32
N LEU Z 446 1.14 8.91 85.44
CA LEU Z 446 0.34 9.22 86.63
C LEU Z 446 0.29 10.73 86.88
N ILE Z 447 -0.91 11.29 86.98
CA ILE Z 447 -1.06 12.74 86.99
C ILE Z 447 -2.01 13.30 88.06
N SER Z 448 -2.55 12.42 88.91
CA SER Z 448 -3.68 12.78 89.78
C SER Z 448 -3.23 13.27 91.16
N ASN Z 449 -3.66 14.49 91.52
CA ASN Z 449 -3.43 15.02 92.87
C ASN Z 449 -4.37 16.13 93.30
N GLU Z 450 -4.16 16.62 94.53
CA GLU Z 450 -5.06 17.56 95.21
C GLU Z 450 -4.73 19.01 94.92
N VAL Z 451 -3.47 19.30 94.61
CA VAL Z 451 -3.03 20.65 94.31
C VAL Z 451 -3.38 21.06 92.88
N ALA Z 452 -3.49 20.04 92.00
CA ALA Z 452 -3.76 20.24 90.57
C ALA Z 452 -5.26 20.31 90.25
N PRO Z 453 -5.66 21.28 89.41
CA PRO Z 453 -7.05 21.44 89.02
C PRO Z 453 -7.49 20.30 88.08
N PHE Z 454 -8.09 19.27 88.69
CA PHE Z 454 -8.50 18.04 88.02
C PHE Z 454 -9.84 18.25 87.35
N GLY Z 455 -9.87 18.02 86.05
CA GLY Z 455 -11.11 18.09 85.27
C GLY Z 455 -10.85 18.00 83.77
N GLY Z 456 -11.90 18.16 82.98
CA GLY Z 456 -11.80 18.10 81.52
C GLY Z 456 -12.49 19.24 80.77
N VAL Z 457 -12.46 19.13 79.43
CA VAL Z 457 -13.16 20.08 78.54
C VAL Z 457 -14.20 19.37 77.65
N LYS Z 458 -14.81 20.13 76.74
CA LYS Z 458 -15.73 19.59 75.73
C LYS Z 458 -16.84 18.70 76.32
N GLN Z 459 -16.78 17.40 76.10
CA GLN Z 459 -17.82 16.49 76.58
C GLN Z 459 -17.35 15.72 77.81
N SER Z 460 -16.15 16.07 78.29
CA SER Z 460 -15.66 15.61 79.58
C SER Z 460 -16.25 16.46 80.71
N GLY Z 461 -16.81 17.62 80.35
CA GLY Z 461 -17.64 18.40 81.27
C GLY Z 461 -17.26 19.83 81.56
N LEU Z 462 -17.42 20.22 82.83
CA LEU Z 462 -17.23 21.58 83.30
C LEU Z 462 -16.65 21.65 84.71
N GLY Z 463 -16.03 22.77 85.05
CA GLY Z 463 -15.47 23.02 86.39
C GLY Z 463 -14.19 22.25 86.70
N ARG Z 464 -13.65 22.48 87.89
CA ARG Z 464 -12.42 21.81 88.35
C ARG Z 464 -12.51 21.35 89.80
N GLU Z 465 -11.71 20.35 90.16
CA GLU Z 465 -11.73 19.75 91.51
C GLU Z 465 -10.32 19.54 92.09
N GLY Z 466 -10.06 20.16 93.23
CA GLY Z 466 -8.71 20.28 93.76
C GLY Z 466 -8.18 21.67 93.46
N SER Z 467 -7.00 22.00 93.99
CA SER Z 467 -6.35 23.30 93.78
C SER Z 467 -7.16 24.46 94.36
N HIS Z 468 -6.65 25.69 94.18
CA HIS Z 468 -7.34 26.89 94.64
C HIS Z 468 -8.51 27.25 93.71
N TYR Z 469 -8.86 26.32 92.83
CA TYR Z 469 -9.91 26.50 91.84
C TYR Z 469 -11.14 25.67 92.22
N GLY Z 470 -10.88 24.49 92.77
CA GLY Z 470 -11.93 23.54 93.19
C GLY Z 470 -12.90 24.12 94.19
N ILE Z 471 -12.46 25.15 94.92
CA ILE Z 471 -13.27 25.84 95.95
C ILE Z 471 -14.02 27.07 95.41
N ASP Z 472 -13.73 27.46 94.18
CA ASP Z 472 -14.44 28.58 93.56
C ASP Z 472 -15.91 28.27 93.32
N ASP Z 473 -16.16 27.16 92.61
CA ASP Z 473 -17.52 26.79 92.22
C ASP Z 473 -18.42 26.34 93.39
N TYR Z 474 -17.83 26.28 94.58
CA TYR Z 474 -18.57 25.91 95.78
C TYR Z 474 -18.97 27.14 96.60
N VAL Z 475 -18.48 28.31 96.21
CA VAL Z 475 -18.91 29.59 96.81
C VAL Z 475 -19.49 30.53 95.75
N VAL Z 476 -20.21 31.54 96.22
CA VAL Z 476 -20.79 32.52 95.33
C VAL Z 476 -20.26 33.91 95.68
N ILE Z 477 -20.01 34.69 94.63
CA ILE Z 477 -19.34 35.98 94.79
C ILE Z 477 -20.33 37.11 94.99
N LYS Z 478 -19.98 38.02 95.90
CA LYS Z 478 -20.78 39.23 96.15
C LYS Z 478 -19.97 40.50 95.94
N TYR Z 479 -20.43 41.31 95.00
CA TYR Z 479 -19.89 42.64 94.80
C TYR Z 479 -20.59 43.56 95.79
N LEU Z 480 -19.84 44.48 96.38
CA LEU Z 480 -20.39 45.55 97.23
C LEU Z 480 -19.82 46.87 96.77
N CYS Z 481 -20.69 47.80 96.42
CA CYS Z 481 -20.28 49.16 96.10
C CYS Z 481 -20.43 50.04 97.35
N VAL Z 482 -19.46 50.93 97.60
CA VAL Z 482 -19.52 51.82 98.77
C VAL Z 482 -19.21 53.26 98.39
N ALA Z 483 -20.17 54.14 98.68
CA ALA Z 483 -20.06 55.56 98.36
C ALA Z 483 -19.12 56.26 99.33
N VAL Z 484 -18.47 57.33 98.85
CA VAL Z 484 -17.51 58.09 99.63
C VAL Z 484 -17.74 59.59 99.42
N GLY AA 3 -30.92 58.23 59.01
CA GLY AA 3 -31.79 59.45 59.07
C GLY AA 3 -30.97 60.72 58.91
N SER AA 4 -30.81 61.46 60.01
CA SER AA 4 -29.90 62.60 60.05
C SER AA 4 -28.75 62.28 60.99
N MET AA 5 -27.63 61.90 60.38
CA MET AA 5 -26.42 61.50 61.11
C MET AA 5 -25.20 62.09 60.37
N LYS AA 6 -24.00 61.75 60.83
CA LYS AA 6 -22.77 62.14 60.12
C LYS AA 6 -22.35 61.04 59.16
N ASP AA 7 -22.80 59.83 59.44
CA ASP AA 7 -22.51 58.66 58.62
C ASP AA 7 -23.64 57.63 58.78
N PRO AA 8 -24.75 57.84 58.06
CA PRO AA 8 -25.94 57.00 58.26
C PRO AA 8 -25.73 55.53 57.86
N SER AA 9 -24.61 55.22 57.20
CA SER AA 9 -24.24 53.84 56.87
C SER AA 9 -24.00 53.01 58.13
N LEU AA 10 -23.92 53.70 59.26
CA LEU AA 10 -23.92 53.10 60.58
C LEU AA 10 -25.24 52.40 60.90
N LEU AA 11 -26.31 52.83 60.21
CA LEU AA 11 -27.59 52.14 60.25
C LEU AA 11 -27.61 51.06 59.16
N ARG AA 12 -27.79 49.81 59.60
CA ARG AA 12 -27.77 48.64 58.72
C ARG AA 12 -29.16 48.02 58.63
N HIS AA 13 -29.49 47.45 57.47
CA HIS AA 13 -30.75 46.72 57.28
C HIS AA 13 -30.46 45.26 56.94
N GLN AA 14 -29.17 44.96 56.82
CA GLN AA 14 -28.70 43.60 56.65
C GLN AA 14 -28.12 43.08 57.97
N ALA AA 15 -27.92 41.77 58.06
CA ALA AA 15 -27.28 41.16 59.24
C ALA AA 15 -25.86 40.69 58.92
N TYR AA 16 -25.06 40.46 59.96
CA TYR AA 16 -23.64 40.19 59.79
C TYR AA 16 -23.30 38.72 59.99
N ILE AA 17 -23.13 38.01 58.88
CA ILE AA 17 -22.86 36.58 58.90
C ILE AA 17 -21.51 36.28 58.27
N GLY AA 18 -20.59 35.77 59.09
CA GLY AA 18 -19.28 35.31 58.64
C GLY AA 18 -18.37 36.39 58.09
N GLY AA 19 -18.47 37.60 58.67
CA GLY AA 19 -17.64 38.72 58.26
C GLY AA 19 -18.05 39.25 56.92
N GLU AA 20 -19.32 39.00 56.57
CA GLU AA 20 -19.89 39.44 55.30
C GLU AA 20 -21.36 39.83 55.52
N TRP AA 21 -21.75 40.97 54.94
CA TRP AA 21 -23.13 41.51 55.02
C TRP AA 21 -24.13 40.76 54.13
N GLN AA 22 -25.22 40.33 54.76
CA GLN AA 22 -26.21 39.45 54.14
C GLN AA 22 -27.61 39.74 54.65
N ALA AA 23 -28.61 39.51 53.80
CA ALA AA 23 -29.99 39.37 54.25
C ALA AA 23 -30.32 37.89 54.54
N ALA AA 24 -31.56 37.61 54.93
CA ALA AA 24 -32.01 36.24 55.18
C ALA AA 24 -31.93 35.37 53.92
N ASP AA 25 -31.83 34.05 54.11
CA ASP AA 25 -31.85 33.09 53.01
C ASP AA 25 -33.19 33.18 52.28
N SER AA 26 -34.27 33.23 53.07
CA SER AA 26 -35.62 33.41 52.56
C SER AA 26 -35.92 34.87 52.20
N ASP AA 27 -34.89 35.72 52.27
CA ASP AA 27 -35.00 37.18 52.14
C ASP AA 27 -36.16 37.77 52.97
N ALA AA 28 -36.52 37.05 54.04
CA ALA AA 28 -37.55 37.44 54.97
C ALA AA 28 -37.04 38.52 55.93
N THR AA 29 -37.84 39.57 56.12
CA THR AA 29 -37.49 40.71 56.96
C THR AA 29 -38.67 41.14 57.83
N PHE AA 30 -38.40 41.47 59.09
CA PHE AA 30 -39.42 42.01 59.98
C PHE AA 30 -39.16 43.49 60.31
N GLU AA 31 -40.23 44.19 60.72
CA GLU AA 31 -40.22 45.64 60.88
C GLU AA 31 -39.95 46.12 62.33
N VAL AA 32 -39.26 47.26 62.44
CA VAL AA 32 -38.93 47.87 63.74
C VAL AA 32 -39.58 49.25 63.89
N PHE AA 33 -40.23 49.48 65.04
CA PHE AA 33 -40.88 50.75 65.33
C PHE AA 33 -40.19 51.56 66.45
N ASP AA 34 -40.25 52.89 66.31
CA ASP AA 34 -39.84 53.83 67.36
C ASP AA 34 -40.84 53.69 68.52
N PRO AA 35 -40.35 53.37 69.73
CA PRO AA 35 -41.26 53.17 70.87
C PRO AA 35 -42.00 54.44 71.33
N ALA AA 36 -41.50 55.60 70.90
CA ALA AA 36 -42.05 56.90 71.29
C ALA AA 36 -43.17 57.40 70.37
N THR AA 37 -42.87 57.54 69.08
CA THR AA 37 -43.81 58.06 68.10
C THR AA 37 -44.58 56.94 67.38
N GLY AA 38 -43.92 55.79 67.21
CA GLY AA 38 -44.54 54.63 66.56
C GLY AA 38 -44.21 54.48 65.07
N GLU AA 39 -43.37 55.39 64.55
CA GLU AA 39 -43.00 55.34 63.14
C GLU AA 39 -41.97 54.22 62.85
N SER AA 40 -42.25 53.45 61.80
CA SER AA 40 -41.37 52.40 61.34
C SER AA 40 -39.95 52.89 61.14
N LEU AA 41 -39.01 52.34 61.91
CA LEU AA 41 -37.58 52.63 61.78
C LEU AA 41 -36.97 51.91 60.56
N GLY AA 42 -37.67 50.89 60.07
CA GLY AA 42 -37.21 50.09 58.93
C GLY AA 42 -37.32 48.59 59.17
N THR AA 43 -36.66 47.80 58.32
CA THR AA 43 -36.68 46.34 58.44
C THR AA 43 -35.28 45.74 58.56
N VAL AA 44 -35.19 44.70 59.37
CA VAL AA 44 -33.97 43.89 59.49
C VAL AA 44 -34.32 42.44 59.12
N PRO AA 45 -33.33 41.62 58.72
CA PRO AA 45 -33.63 40.26 58.29
C PRO AA 45 -34.24 39.38 59.38
N LYS AA 46 -35.15 38.50 58.96
CA LYS AA 46 -35.68 37.44 59.81
C LYS AA 46 -34.96 36.14 59.42
N MET AA 47 -33.82 35.89 60.07
CA MET AA 47 -33.04 34.69 59.77
C MET AA 47 -33.45 33.52 60.68
N GLY AA 48 -32.99 32.32 60.34
CA GLY AA 48 -33.37 31.11 61.08
C GLY AA 48 -32.20 30.20 61.37
N ALA AA 49 -32.50 28.95 61.72
CA ALA AA 49 -31.50 27.98 62.13
C ALA AA 49 -30.42 27.70 61.07
N ALA AA 50 -30.60 28.20 59.85
CA ALA AA 50 -29.68 27.90 58.75
C ALA AA 50 -28.53 28.89 58.66
N GLU AA 51 -28.80 30.17 58.91
CA GLU AA 51 -27.75 31.19 58.92
C GLU AA 51 -26.97 31.12 60.23
N THR AA 52 -27.69 30.82 61.31
CA THR AA 52 -27.14 30.57 62.64
C THR AA 52 -26.15 29.41 62.57
N ALA AA 53 -26.48 28.36 61.81
CA ALA AA 53 -25.54 27.28 61.54
C ALA AA 53 -24.30 27.79 60.78
N ARG AA 54 -24.52 28.71 59.84
CA ARG AA 54 -23.43 29.25 59.01
C ARG AA 54 -22.52 30.20 59.77
N ALA AA 55 -23.14 31.04 60.62
CA ALA AA 55 -22.39 31.90 61.54
C ALA AA 55 -21.49 31.08 62.49
N ILE AA 56 -22.11 30.15 63.22
CA ILE AA 56 -21.43 29.11 64.03
C ILE AA 56 -20.26 28.45 63.28
N GLU AA 57 -20.49 28.13 62.01
CA GLU AA 57 -19.51 27.48 61.12
C GLU AA 57 -18.30 28.36 60.77
N ALA AA 58 -18.58 29.64 60.48
CA ALA AA 58 -17.56 30.59 60.07
C ALA AA 58 -16.64 30.92 61.25
N ALA AA 59 -17.19 30.83 62.46
CA ALA AA 59 -16.39 30.99 63.66
C ALA AA 59 -15.34 29.88 63.82
N GLN AA 60 -15.77 28.61 63.78
CA GLN AA 60 -14.84 27.49 63.90
C GLN AA 60 -13.71 27.56 62.87
N ALA AA 61 -14.02 28.04 61.68
CA ALA AA 61 -13.00 28.23 60.67
C ALA AA 61 -12.07 29.42 61.00
N ALA AA 62 -12.60 30.46 61.64
CA ALA AA 62 -11.82 31.66 61.96
C ALA AA 62 -11.01 31.55 63.27
N TRP AA 63 -11.35 30.56 64.10
CA TRP AA 63 -10.83 30.44 65.45
C TRP AA 63 -9.32 30.23 65.53
N ALA AA 64 -8.82 29.32 64.70
CA ALA AA 64 -7.41 28.91 64.73
C ALA AA 64 -6.42 30.04 64.41
N GLY AA 65 -6.84 31.01 63.60
CA GLY AA 65 -5.95 32.11 63.21
C GLY AA 65 -6.07 33.29 64.14
N TRP AA 66 -7.12 33.28 64.96
CA TRP AA 66 -7.37 34.33 65.96
C TRP AA 66 -6.54 34.07 67.22
N ARG AA 67 -6.69 32.87 67.79
CA ARG AA 67 -5.91 32.45 68.95
C ARG AA 67 -4.40 32.40 68.65
N MET AA 68 -4.06 32.38 67.36
CA MET AA 68 -2.69 32.33 66.88
C MET AA 68 -2.00 33.67 67.11
N LYS AA 69 -2.80 34.72 67.27
CA LYS AA 69 -2.30 36.04 67.53
C LYS AA 69 -1.90 36.17 69.00
N THR AA 70 -1.03 37.13 69.30
CA THR AA 70 -0.73 37.47 70.69
C THR AA 70 -1.89 38.25 71.26
N ALA AA 71 -2.06 38.18 72.58
CA ALA AA 71 -3.06 38.99 73.28
C ALA AA 71 -2.86 40.48 73.01
N LYS AA 72 -1.60 40.88 72.80
CA LYS AA 72 -1.23 42.25 72.45
C LYS AA 72 -1.81 42.61 71.08
N GLU AA 73 -1.64 41.71 70.11
CA GLU AA 73 -2.14 41.94 68.76
C GLU AA 73 -3.67 41.99 68.73
N ARG AA 74 -4.30 41.08 69.45
CA ARG AA 74 -5.75 41.12 69.66
C ARG AA 74 -6.19 42.39 70.41
N ALA AA 75 -5.30 42.92 71.25
CA ALA AA 75 -5.57 44.16 72.00
C ALA AA 75 -5.55 45.40 71.11
N ALA AA 76 -4.57 45.50 70.22
CA ALA AA 76 -4.49 46.64 69.30
C ALA AA 76 -5.78 46.78 68.47
N ILE AA 77 -6.25 45.67 67.90
CA ILE AA 77 -7.52 45.62 67.18
C ILE AA 77 -8.70 45.99 68.10
N LEU AA 78 -8.79 45.37 69.27
CA LEU AA 78 -9.86 45.71 70.23
C LEU AA 78 -9.73 47.16 70.71
N ARG AA 79 -8.51 47.67 70.78
CA ARG AA 79 -8.27 49.06 71.16
C ARG AA 79 -8.79 50.00 70.10
N ARG AA 80 -8.67 49.57 68.83
CA ARG AA 80 -9.12 50.37 67.70
C ARG AA 80 -10.63 50.41 67.63
N TRP AA 81 -11.26 49.25 67.87
CA TRP AA 81 -12.72 49.11 67.99
C TRP AA 81 -13.24 50.07 69.03
N PHE AA 82 -12.49 50.21 70.12
CA PHE AA 82 -12.76 51.18 71.17
C PHE AA 82 -12.70 52.61 70.64
N ASP AA 83 -11.62 52.98 69.95
CA ASP AA 83 -11.46 54.36 69.45
C ASP AA 83 -12.67 54.78 68.61
N LEU AA 84 -13.14 53.86 67.77
CA LEU AA 84 -14.28 54.09 66.89
C LEU AA 84 -15.54 54.35 67.70
N VAL AA 85 -15.92 53.39 68.54
CA VAL AA 85 -17.08 53.53 69.42
C VAL AA 85 -17.07 54.90 70.14
N ILE AA 86 -15.89 55.40 70.48
CA ILE AA 86 -15.75 56.72 71.09
C ILE AA 86 -15.97 57.85 70.08
N ALA AA 87 -15.36 57.74 68.90
CA ALA AA 87 -15.44 58.79 67.87
C ALA AA 87 -16.84 58.93 67.23
N ASN AA 88 -17.66 57.89 67.39
CA ASN AA 88 -18.99 57.80 66.76
C ASN AA 88 -20.12 57.71 67.79
N SER AA 89 -19.90 58.36 68.93
CA SER AA 89 -20.78 58.22 70.10
C SER AA 89 -22.17 58.83 69.91
N ASP AA 90 -22.22 60.05 69.37
CA ASP AA 90 -23.50 60.71 69.10
C ASP AA 90 -24.44 59.84 68.25
N ASP AA 91 -23.90 59.26 67.18
CA ASP AA 91 -24.67 58.38 66.29
C ASP AA 91 -25.22 57.14 66.98
N LEU AA 92 -24.34 56.40 67.65
CA LEU AA 92 -24.75 55.18 68.34
C LEU AA 92 -25.88 55.43 69.32
N ALA AA 93 -25.77 56.52 70.08
CA ALA AA 93 -26.76 56.90 71.09
C ALA AA 93 -28.01 57.47 70.46
N LEU AA 94 -27.87 58.14 69.32
CA LEU AA 94 -29.02 58.55 68.54
C LEU AA 94 -29.78 57.29 68.15
N ILE AA 95 -29.12 56.42 67.39
CA ILE AA 95 -29.64 55.10 67.02
C ILE AA 95 -30.32 54.40 68.20
N LEU AA 96 -29.62 54.33 69.33
CA LEU AA 96 -30.13 53.67 70.55
C LEU AA 96 -31.34 54.37 71.17
N THR AA 97 -31.37 55.70 71.10
CA THR AA 97 -32.54 56.47 71.55
C THR AA 97 -33.70 56.23 70.60
N THR AA 98 -33.41 56.35 69.30
CA THR AA 98 -34.39 56.18 68.22
C THR AA 98 -35.09 54.83 68.26
N GLU AA 99 -34.45 53.84 68.87
CA GLU AA 99 -34.93 52.45 68.82
C GLU AA 99 -35.25 51.83 70.19
N GLN AA 100 -34.65 52.39 71.25
CA GLN AA 100 -34.96 51.94 72.60
C GLN AA 100 -35.91 52.92 73.29
N GLY AA 101 -35.65 54.22 73.11
CA GLY AA 101 -36.54 55.26 73.65
C GLY AA 101 -35.97 56.10 74.76
N LYS AA 102 -34.94 55.59 75.45
CA LYS AA 102 -34.29 56.34 76.53
C LYS AA 102 -33.60 57.60 75.97
N PRO AA 103 -33.62 58.71 76.76
CA PRO AA 103 -33.09 60.05 76.37
C PRO AA 103 -31.64 60.03 75.86
N LEU AA 104 -31.22 61.11 75.18
CA LEU AA 104 -29.86 61.17 74.62
C LEU AA 104 -28.75 61.13 75.68
N ALA AA 105 -29.05 61.68 76.85
CA ALA AA 105 -28.10 61.66 77.96
C ALA AA 105 -27.93 60.22 78.48
N GLU AA 106 -29.04 59.56 78.82
CA GLU AA 106 -29.02 58.16 79.30
C GLU AA 106 -28.38 57.23 78.27
N ALA AA 107 -28.51 57.60 76.99
CA ALA AA 107 -27.99 56.80 75.88
C ALA AA 107 -26.50 57.02 75.65
N LYS AA 108 -26.04 58.28 75.69
CA LYS AA 108 -24.62 58.61 75.55
C LYS AA 108 -23.76 58.00 76.66
N GLY AA 109 -24.32 57.94 77.87
CA GLY AA 109 -23.70 57.26 78.99
C GLY AA 109 -23.79 55.75 78.92
N GLU AA 110 -24.53 55.23 77.93
CA GLU AA 110 -24.57 53.79 77.65
C GLU AA 110 -23.55 53.44 76.57
N ILE AA 111 -23.13 54.46 75.81
CA ILE AA 111 -22.07 54.28 74.82
C ILE AA 111 -20.70 54.31 75.49
N ALA AA 112 -20.42 55.35 76.29
CA ALA AA 112 -19.19 55.42 77.06
C ALA AA 112 -19.00 54.16 77.95
N TYR AA 113 -20.04 53.79 78.68
CA TYR AA 113 -20.04 52.60 79.55
C TYR AA 113 -19.87 51.29 78.75
N ALA AA 114 -20.33 51.28 77.50
CA ALA AA 114 -20.04 50.19 76.58
C ALA AA 114 -18.56 50.23 76.15
N ALA AA 115 -18.07 51.41 75.77
CA ALA AA 115 -16.70 51.60 75.30
C ALA AA 115 -15.64 51.19 76.33
N SER AA 116 -15.89 51.52 77.60
CA SER AA 116 -15.00 51.14 78.67
C SER AA 116 -14.96 49.62 78.86
N PHE AA 117 -16.02 48.92 78.47
CA PHE AA 117 -16.01 47.46 78.50
C PHE AA 117 -15.09 46.89 77.43
N ILE AA 118 -14.97 47.62 76.33
CA ILE AA 118 -14.06 47.24 75.25
C ILE AA 118 -12.61 47.52 75.66
N GLU AA 119 -12.34 48.75 76.10
CA GLU AA 119 -11.01 49.16 76.57
C GLU AA 119 -10.48 48.20 77.64
N TRP AA 120 -11.32 47.87 78.62
CA TRP AA 120 -10.93 47.03 79.75
C TRP AA 120 -10.57 45.61 79.35
N PHE AA 121 -11.37 45.00 78.47
CA PHE AA 121 -11.12 43.62 78.07
C PHE AA 121 -10.02 43.49 77.02
N ALA AA 122 -9.57 44.61 76.47
CA ALA AA 122 -8.36 44.60 75.66
C ALA AA 122 -7.14 44.41 76.56
N GLU AA 123 -7.19 45.03 77.74
CA GLU AA 123 -6.07 45.00 78.69
C GLU AA 123 -6.11 43.71 79.53
N GLU AA 124 -7.30 43.28 79.91
CA GLU AA 124 -7.48 41.97 80.55
C GLU AA 124 -6.94 40.81 79.72
N GLY AA 125 -6.90 41.00 78.40
CA GLY AA 125 -6.45 39.98 77.46
C GLY AA 125 -4.99 39.64 77.66
N LYS AA 126 -4.16 40.67 77.84
CA LYS AA 126 -2.73 40.49 78.08
C LYS AA 126 -2.41 39.88 79.44
N ARG AA 127 -3.44 39.62 80.26
CA ARG AA 127 -3.26 39.28 81.67
C ARG AA 127 -3.90 37.97 82.09
N VAL AA 128 -4.53 37.28 81.15
CA VAL AA 128 -5.08 35.96 81.42
C VAL AA 128 -3.93 35.07 81.88
N ALA AA 129 -3.86 34.83 83.19
CA ALA AA 129 -2.70 34.21 83.82
C ALA AA 129 -2.94 32.79 84.31
N GLY AA 130 -1.89 31.97 84.29
CA GLY AA 130 -1.94 30.61 84.84
C GLY AA 130 -1.17 30.46 86.15
N ASP AA 131 -0.69 29.24 86.43
CA ASP AA 131 -0.08 28.91 87.72
C ASP AA 131 1.10 27.93 87.66
N THR AA 132 2.19 28.26 88.34
CA THR AA 132 3.14 27.21 88.74
C THR AA 132 2.90 26.94 90.23
N LEU AA 133 2.63 25.68 90.54
CA LEU AA 133 2.24 25.31 91.89
C LEU AA 133 3.22 24.31 92.53
N PRO AA 134 3.29 24.30 93.87
CA PRO AA 134 4.18 23.38 94.58
C PRO AA 134 3.73 21.94 94.40
N THR AA 135 4.61 21.12 93.85
CA THR AA 135 4.30 19.72 93.61
C THR AA 135 4.12 18.92 94.91
N PRO AA 136 3.21 17.93 94.90
CA PRO AA 136 3.10 16.93 95.97
C PRO AA 136 4.00 15.74 95.73
N ASP AA 137 4.62 15.67 94.56
CA ASP AA 137 5.51 14.58 94.20
C ASP AA 137 6.73 15.16 93.51
N ALA AA 138 7.88 15.03 94.15
CA ALA AA 138 9.16 15.59 93.68
C ALA AA 138 9.58 15.20 92.24
N ASN AA 139 8.97 14.15 91.70
CA ASN AA 139 9.20 13.71 90.33
C ASN AA 139 8.33 14.44 89.28
N LYS AA 140 7.38 15.23 89.74
CA LYS AA 140 6.45 15.93 88.86
C LYS AA 140 6.47 17.44 89.08
N ARG AA 141 5.99 18.18 88.08
CA ARG AA 141 6.01 19.64 88.13
C ARG AA 141 4.73 20.16 87.51
N ILE AA 142 4.03 21.01 88.26
CA ILE AA 142 2.69 21.44 87.91
C ILE AA 142 2.69 22.82 87.28
N VAL AA 143 2.34 22.86 86.01
CA VAL AA 143 2.19 24.09 85.29
C VAL AA 143 0.73 24.18 84.83
N VAL AA 144 0.10 25.32 85.08
CA VAL AA 144 -1.26 25.55 84.68
C VAL AA 144 -1.27 26.71 83.70
N VAL AA 145 -1.87 26.49 82.54
CA VAL AA 145 -2.03 27.53 81.54
C VAL AA 145 -3.50 27.69 81.17
N LYS AA 146 -3.83 28.85 80.61
CA LYS AA 146 -5.20 29.11 80.18
C LYS AA 146 -5.24 29.32 78.67
N GLU AA 147 -6.23 28.70 78.03
CA GLU AA 147 -6.50 28.94 76.59
C GLU AA 147 -8.00 29.19 76.34
N PRO AA 148 -8.34 29.87 75.22
CA PRO AA 148 -9.72 30.10 74.79
C PRO AA 148 -10.56 28.83 74.76
N ILE AA 149 -11.80 28.92 75.26
CA ILE AA 149 -12.68 27.75 75.37
C ILE AA 149 -13.09 27.18 74.02
N GLY AA 150 -13.30 28.08 73.05
CA GLY AA 150 -13.81 27.71 71.73
C GLY AA 150 -14.77 28.70 71.11
N VAL AA 151 -15.72 28.19 70.33
CA VAL AA 151 -16.72 29.01 69.66
C VAL AA 151 -17.75 29.43 70.68
N CYS AA 152 -17.88 30.74 70.87
CA CYS AA 152 -18.81 31.27 71.86
C CYS AA 152 -20.08 31.80 71.21
N ALA AA 153 -21.07 32.07 72.07
CA ALA AA 153 -22.37 32.56 71.65
C ALA AA 153 -23.01 33.38 72.76
N ALA AA 154 -23.76 34.40 72.33
CA ALA AA 154 -24.38 35.35 73.24
C ALA AA 154 -25.77 35.74 72.74
N ILE AA 155 -26.71 35.82 73.68
CA ILE AA 155 -28.07 36.29 73.41
C ILE AA 155 -28.30 37.48 74.33
N THR AA 156 -28.54 38.65 73.74
CA THR AA 156 -28.55 39.91 74.47
C THR AA 156 -29.93 40.59 74.45
N PRO AA 157 -30.33 41.22 75.58
CA PRO AA 157 -31.68 41.80 75.67
C PRO AA 157 -31.80 43.22 75.09
N TRP AA 158 -32.98 43.81 75.27
CA TRP AA 158 -33.32 45.13 74.73
C TRP AA 158 -33.06 46.29 75.71
N ASN AA 159 -32.86 46.00 77.00
CA ASN AA 159 -32.71 47.09 77.99
C ASN AA 159 -31.45 47.97 77.81
N PHE AA 160 -30.29 47.34 77.65
CA PHE AA 160 -29.09 48.07 77.23
C PHE AA 160 -28.58 47.53 75.88
N PRO AA 161 -29.14 48.03 74.76
CA PRO AA 161 -28.85 47.49 73.44
C PRO AA 161 -27.39 47.58 72.96
N ALA AA 162 -26.58 48.45 73.57
CA ALA AA 162 -25.16 48.56 73.22
C ALA AA 162 -24.25 47.91 74.26
N ALA AA 163 -24.47 48.24 75.53
CA ALA AA 163 -23.65 47.74 76.64
C ALA AA 163 -23.54 46.22 76.66
N MET AA 164 -24.69 45.54 76.58
CA MET AA 164 -24.77 44.07 76.63
C MET AA 164 -23.90 43.37 75.59
N ILE AA 165 -23.71 44.02 74.44
CA ILE AA 165 -22.82 43.53 73.38
C ILE AA 165 -21.35 43.57 73.81
N ALA AA 166 -20.87 44.76 74.19
CA ALA AA 166 -19.50 44.96 74.66
C ALA AA 166 -19.15 44.16 75.93
N ARG AA 167 -20.15 43.98 76.79
CA ARG AA 167 -20.02 43.12 77.99
C ARG AA 167 -19.78 41.65 77.62
N LYS AA 168 -20.09 41.30 76.38
CA LYS AA 168 -20.11 39.88 75.96
C LYS AA 168 -19.16 39.53 74.82
N VAL AA 169 -18.87 40.50 73.95
CA VAL AA 169 -17.97 40.30 72.80
C VAL AA 169 -16.52 40.65 73.16
N GLY AA 170 -16.36 41.64 74.04
CA GLY AA 170 -15.04 42.01 74.58
C GLY AA 170 -14.31 40.83 75.20
N PRO AA 171 -14.90 40.19 76.23
CA PRO AA 171 -14.26 39.06 76.92
C PRO AA 171 -13.92 37.82 76.07
N ALA AA 172 -14.83 37.39 75.18
CA ALA AA 172 -14.55 36.25 74.28
C ALA AA 172 -13.45 36.55 73.24
N LEU AA 173 -13.45 37.76 72.68
CA LEU AA 173 -12.44 38.13 71.70
C LEU AA 173 -11.06 38.34 72.31
N ALA AA 174 -11.03 38.93 73.50
CA ALA AA 174 -9.78 39.12 74.22
C ALA AA 174 -9.15 37.77 74.56
N ALA AA 175 -9.99 36.83 75.01
CA ALA AA 175 -9.57 35.49 75.39
C ALA AA 175 -9.14 34.60 74.23
N GLY AA 176 -9.32 35.08 73.00
CA GLY AA 176 -8.96 34.32 71.79
C GLY AA 176 -10.08 33.49 71.19
N CYS AA 177 -11.31 33.71 71.65
CA CYS AA 177 -12.51 33.02 71.13
C CYS AA 177 -13.24 33.85 70.06
N PRO AA 178 -13.98 33.17 69.15
CA PRO AA 178 -14.91 33.87 68.26
C PRO AA 178 -16.37 33.79 68.78
N ILE AA 179 -17.24 34.65 68.28
CA ILE AA 179 -18.59 34.72 68.84
C ILE AA 179 -19.71 35.04 67.84
N VAL AA 180 -20.82 34.32 68.00
CA VAL AA 180 -22.06 34.55 67.27
C VAL AA 180 -23.04 35.18 68.25
N VAL AA 181 -23.50 36.38 67.90
CA VAL AA 181 -24.43 37.14 68.75
C VAL AA 181 -25.81 37.16 68.10
N LYS AA 182 -26.84 37.00 68.93
CA LYS AA 182 -28.22 37.30 68.52
C LYS AA 182 -28.75 38.38 69.46
N PRO AA 183 -28.79 39.65 68.98
CA PRO AA 183 -29.39 40.73 69.74
C PRO AA 183 -30.91 40.59 69.72
N ALA AA 184 -31.59 41.31 70.62
CA ALA AA 184 -33.05 41.28 70.71
C ALA AA 184 -33.67 41.71 69.38
N GLU AA 185 -34.80 41.09 69.04
CA GLU AA 185 -35.57 41.46 67.85
C GLU AA 185 -36.08 42.90 68.00
N SER AA 186 -36.28 43.31 69.25
CA SER AA 186 -36.79 44.63 69.59
C SER AA 186 -35.83 45.76 69.23
N THR AA 187 -34.57 45.63 69.64
CA THR AA 187 -33.54 46.66 69.41
C THR AA 187 -32.36 46.14 68.58
N PRO AA 188 -32.50 46.13 67.24
CA PRO AA 188 -31.50 45.47 66.39
C PRO AA 188 -30.37 46.35 65.82
N PHE AA 189 -30.59 47.64 65.66
CA PHE AA 189 -29.65 48.49 64.92
C PHE AA 189 -28.35 48.85 65.67
N SER AA 190 -28.42 48.84 67.01
CA SER AA 190 -27.26 49.11 67.88
C SER AA 190 -26.17 48.04 67.72
N ALA AA 191 -26.59 46.79 67.82
CA ALA AA 191 -25.72 45.63 67.62
C ALA AA 191 -25.04 45.62 66.25
N LEU AA 192 -25.80 45.97 65.22
CA LEU AA 192 -25.29 45.98 63.85
C LEU AA 192 -24.29 47.12 63.63
N ALA AA 193 -24.63 48.32 64.13
CA ALA AA 193 -23.70 49.44 64.13
C ALA AA 193 -22.42 49.08 64.89
N MET AA 194 -22.57 48.30 65.97
CA MET AA 194 -21.43 47.78 66.74
C MET AA 194 -20.59 46.84 65.89
N ALA AA 195 -21.25 45.94 65.16
CA ALA AA 195 -20.59 44.98 64.29
C ALA AA 195 -19.82 45.67 63.16
N PHE AA 196 -20.41 46.73 62.60
CA PHE AA 196 -19.79 47.49 61.52
C PHE AA 196 -18.52 48.22 61.97
N LEU AA 197 -18.47 48.64 63.23
CA LEU AA 197 -17.30 49.33 63.77
C LEU AA 197 -16.14 48.38 64.04
N ALA AA 198 -16.47 47.19 64.55
CA ALA AA 198 -15.49 46.13 64.76
C ALA AA 198 -14.88 45.62 63.44
N GLU AA 199 -15.68 45.72 62.37
CA GLU AA 199 -15.24 45.38 61.02
C GLU AA 199 -14.22 46.41 60.51
N ARG AA 200 -14.45 47.68 60.80
CA ARG AA 200 -13.51 48.74 60.43
C ARG AA 200 -12.33 48.76 61.41
N ALA AA 201 -12.53 48.19 62.60
CA ALA AA 201 -11.44 48.03 63.56
C ALA AA 201 -10.35 47.12 63.00
N GLY AA 202 -10.76 45.96 62.49
CA GLY AA 202 -9.81 45.01 61.89
C GLY AA 202 -10.04 43.59 62.35
N VAL AA 203 -11.19 43.36 63.01
CA VAL AA 203 -11.60 42.01 63.41
C VAL AA 203 -11.82 41.16 62.15
N PRO AA 204 -11.03 40.09 61.97
CA PRO AA 204 -11.09 39.34 60.72
C PRO AA 204 -12.41 38.57 60.57
N LYS AA 205 -12.82 38.37 59.33
CA LYS AA 205 -14.09 37.72 59.00
C LYS AA 205 -14.30 36.39 59.75
N GLY AA 206 -15.48 36.20 60.33
CA GLY AA 206 -15.80 34.94 61.01
C GLY AA 206 -15.62 34.95 62.53
N VAL AA 207 -14.89 35.93 63.05
CA VAL AA 207 -14.63 36.03 64.50
C VAL AA 207 -15.82 36.66 65.25
N LEU AA 208 -16.48 37.63 64.62
CA LEU AA 208 -17.70 38.24 65.16
C LEU AA 208 -18.86 38.15 64.17
N SER AA 209 -19.97 37.57 64.64
CA SER AA 209 -21.20 37.50 63.87
C SER AA 209 -22.40 37.99 64.67
N VAL AA 210 -23.35 38.60 63.95
CA VAL AA 210 -24.60 39.09 64.52
C VAL AA 210 -25.79 38.57 63.69
N VAL AA 211 -26.48 37.56 64.21
CA VAL AA 211 -27.71 37.01 63.61
C VAL AA 211 -28.98 37.65 64.18
N ILE AA 212 -29.88 38.05 63.28
CA ILE AA 212 -31.21 38.57 63.64
C ILE AA 212 -32.32 37.72 63.05
N GLY AA 213 -33.31 37.41 63.88
CA GLY AA 213 -34.55 36.85 63.40
C GLY AA 213 -35.33 36.20 64.50
N ASP AA 214 -35.86 35.03 64.17
CA ASP AA 214 -36.68 34.19 65.02
C ASP AA 214 -35.90 33.80 66.29
N PRO AA 215 -36.33 34.31 67.46
CA PRO AA 215 -35.72 34.02 68.78
C PRO AA 215 -35.84 32.55 69.20
N LYS AA 216 -36.85 31.85 68.69
CA LYS AA 216 -37.01 30.42 68.93
C LYS AA 216 -36.02 29.65 68.07
N ALA AA 217 -36.11 29.83 66.75
CA ALA AA 217 -35.34 29.05 65.78
C ALA AA 217 -33.84 29.23 65.95
N ILE AA 218 -33.38 30.48 65.98
CA ILE AA 218 -31.96 30.79 66.24
C ILE AA 218 -31.50 30.17 67.55
N GLY AA 219 -32.23 30.44 68.63
CA GLY AA 219 -31.94 29.90 69.96
C GLY AA 219 -31.82 28.38 70.02
N THR AA 220 -32.55 27.70 69.12
CA THR AA 220 -32.52 26.24 69.08
C THR AA 220 -31.29 25.74 68.32
N GLU AA 221 -30.83 26.52 67.34
CA GLU AA 221 -29.61 26.18 66.62
C GLU AA 221 -28.38 26.32 67.52
N ILE AA 222 -28.34 27.40 68.28
CA ILE AA 222 -27.21 27.67 69.17
C ILE AA 222 -27.08 26.62 70.28
N THR AA 223 -28.22 26.20 70.85
CA THR AA 223 -28.20 25.22 71.94
C THR AA 223 -27.95 23.77 71.48
N SER AA 224 -28.47 23.42 70.31
CA SER AA 224 -28.32 22.05 69.81
C SER AA 224 -26.94 21.79 69.16
N ASN AA 225 -26.34 22.84 68.60
CA ASN AA 225 -25.12 22.73 67.79
C ASN AA 225 -23.86 22.39 68.63
N PRO AA 226 -23.29 21.19 68.41
CA PRO AA 226 -22.10 20.74 69.18
C PRO AA 226 -20.85 21.61 69.04
N ILE AA 227 -20.82 22.47 68.00
CA ILE AA 227 -19.70 23.39 67.76
C ILE AA 227 -19.69 24.56 68.75
N VAL AA 228 -20.87 24.99 69.20
CA VAL AA 228 -20.97 26.05 70.21
C VAL AA 228 -20.54 25.52 71.57
N ARG AA 229 -19.50 26.12 72.14
CA ARG AA 229 -18.95 25.67 73.41
C ARG AA 229 -19.33 26.57 74.59
N LYS AA 230 -19.58 27.85 74.32
CA LYS AA 230 -20.08 28.75 75.37
C LYS AA 230 -21.27 29.59 74.95
N LEU AA 231 -22.23 29.73 75.86
CA LEU AA 231 -23.42 30.55 75.65
C LEU AA 231 -23.64 31.48 76.85
N SER AA 232 -23.72 32.78 76.58
CA SER AA 232 -24.13 33.75 77.58
C SER AA 232 -25.50 34.39 77.27
N PHE AA 233 -26.48 34.05 78.12
CA PHE AA 233 -27.83 34.58 78.00
C PHE AA 233 -28.08 35.66 79.06
N THR AA 234 -28.52 36.83 78.59
CA THR AA 234 -29.08 37.86 79.47
C THR AA 234 -30.52 38.17 78.99
N GLY AA 235 -31.47 38.06 79.92
CA GLY AA 235 -32.90 38.22 79.63
C GLY AA 235 -33.75 37.71 80.78
N SER AA 236 -34.71 36.83 80.46
CA SER AA 236 -35.65 36.34 81.46
C SER AA 236 -35.38 34.91 81.90
N THR AA 237 -35.64 34.67 83.18
CA THR AA 237 -35.50 33.37 83.83
C THR AA 237 -36.21 32.23 83.07
N ALA AA 238 -37.44 32.48 82.65
CA ALA AA 238 -38.26 31.47 81.96
C ALA AA 238 -37.58 30.93 80.71
N VAL AA 239 -36.86 31.82 80.00
CA VAL AA 239 -36.07 31.41 78.82
C VAL AA 239 -34.77 30.72 79.26
N GLY AA 240 -34.11 31.29 80.27
CA GLY AA 240 -32.84 30.79 80.78
C GLY AA 240 -32.82 29.31 81.11
N ARG AA 241 -33.86 28.86 81.83
CA ARG AA 241 -34.01 27.46 82.22
C ARG AA 241 -34.09 26.51 81.02
N LEU AA 242 -34.74 26.98 79.94
CA LEU AA 242 -34.89 26.20 78.72
C LEU AA 242 -33.56 26.10 78.00
N LEU AA 243 -32.94 27.25 77.74
CA LEU AA 243 -31.60 27.31 77.15
C LEU AA 243 -30.61 26.41 77.90
N MET AA 244 -30.84 26.23 79.20
CA MET AA 244 -30.02 25.35 80.03
C MET AA 244 -30.32 23.86 79.83
N ALA AA 245 -31.59 23.54 79.58
CA ALA AA 245 -31.98 22.18 79.20
C ALA AA 245 -31.58 21.86 77.76
N GLN AA 246 -31.61 22.88 76.90
CA GLN AA 246 -31.34 22.73 75.47
C GLN AA 246 -29.85 22.55 75.16
N SER AA 247 -29.01 22.98 76.10
CA SER AA 247 -27.55 22.89 75.96
C SER AA 247 -27.02 21.61 76.60
N ALA AA 248 -27.79 21.07 77.54
CA ALA AA 248 -27.48 19.83 78.28
C ALA AA 248 -26.98 18.66 77.43
N PRO AA 249 -27.60 18.40 76.24
CA PRO AA 249 -27.03 17.39 75.35
C PRO AA 249 -25.57 17.63 74.96
N THR AA 250 -25.13 18.88 74.85
CA THR AA 250 -23.73 19.17 74.48
C THR AA 250 -22.86 19.80 75.58
N VAL AA 251 -23.44 19.94 76.79
CA VAL AA 251 -22.72 20.37 77.99
C VAL AA 251 -21.82 21.57 77.69
N LYS AA 252 -22.46 22.72 77.47
CA LYS AA 252 -21.74 23.96 77.17
C LYS AA 252 -21.43 24.70 78.47
N LYS AA 253 -20.35 25.48 78.50
CA LYS AA 253 -20.15 26.42 79.61
C LYS AA 253 -21.17 27.53 79.47
N LEU AA 254 -21.98 27.70 80.51
CA LEU AA 254 -23.01 28.71 80.50
C LEU AA 254 -22.72 29.88 81.42
N THR AA 255 -22.90 31.09 80.89
CA THR AA 255 -23.08 32.26 81.74
C THR AA 255 -24.52 32.72 81.57
N LEU AA 256 -25.22 32.95 82.70
CA LEU AA 256 -26.61 33.42 82.67
C LEU AA 256 -26.81 34.66 83.55
N GLU AA 257 -27.16 35.79 82.91
CA GLU AA 257 -27.52 37.02 83.62
C GLU AA 257 -29.05 37.16 83.64
N LEU AA 258 -29.68 36.62 84.69
CA LEU AA 258 -31.14 36.48 84.73
C LEU AA 258 -31.87 37.57 85.52
N GLY AA 259 -33.20 37.51 85.51
CA GLY AA 259 -34.06 38.44 86.24
C GLY AA 259 -33.90 38.32 87.74
N GLY AA 260 -34.29 39.38 88.46
CA GLY AA 260 -34.14 39.45 89.90
C GLY AA 260 -35.41 39.80 90.64
N ASN AA 261 -35.26 40.59 91.71
CA ASN AA 261 -36.35 41.08 92.57
C ASN AA 261 -35.73 42.06 93.56
N ALA AA 262 -34.97 43.01 93.01
CA ALA AA 262 -34.05 43.85 93.78
C ALA AA 262 -34.76 44.68 94.84
N PRO AA 263 -34.34 44.54 96.12
CA PRO AA 263 -34.88 45.39 97.18
C PRO AA 263 -34.31 46.82 97.15
N PHE AA 264 -34.37 47.47 98.31
CA PHE AA 264 -33.87 48.82 98.55
C PHE AA 264 -34.26 49.14 99.98
N ILE AA 265 -33.31 49.03 100.90
CA ILE AA 265 -33.62 49.19 102.30
C ILE AA 265 -33.12 50.52 102.85
N VAL AA 266 -34.07 51.37 103.26
CA VAL AA 266 -33.78 52.58 104.02
C VAL AA 266 -34.03 52.31 105.50
N PHE AA 267 -32.96 52.42 106.29
CA PHE AA 267 -33.03 52.18 107.72
C PHE AA 267 -33.30 53.47 108.50
N ASP AA 268 -33.60 53.29 109.78
CA ASP AA 268 -33.83 54.36 110.74
C ASP AA 268 -32.77 55.47 110.74
N ASP AA 269 -31.51 55.09 110.51
CA ASP AA 269 -30.35 56.02 110.62
C ASP AA 269 -29.82 56.63 109.30
N ALA AA 270 -30.62 56.56 108.25
CA ALA AA 270 -30.20 56.98 106.91
C ALA AA 270 -30.09 58.49 106.74
N ASP AA 271 -29.46 58.93 105.64
CA ASP AA 271 -29.61 60.29 105.15
C ASP AA 271 -30.71 60.21 104.11
N LEU AA 272 -31.58 61.22 104.09
CA LEU AA 272 -32.80 61.13 103.28
C LEU AA 272 -32.64 61.67 101.87
N ASP AA 273 -32.34 62.97 101.73
CA ASP AA 273 -32.19 63.60 100.40
C ASP AA 273 -31.37 62.76 99.41
N ALA AA 274 -30.47 61.93 99.95
CA ALA AA 274 -29.58 61.08 99.16
C ALA AA 274 -29.99 59.59 99.15
N ALA AA 275 -30.93 59.24 100.04
CA ALA AA 275 -31.57 57.92 100.00
C ALA AA 275 -32.65 57.95 98.92
N VAL AA 276 -33.13 59.17 98.66
CA VAL AA 276 -34.11 59.44 97.62
C VAL AA 276 -33.36 59.60 96.29
N GLU AA 277 -32.25 60.36 96.29
CA GLU AA 277 -31.41 60.49 95.08
C GLU AA 277 -30.95 59.12 94.56
N GLY AA 278 -30.76 58.18 95.49
CA GLY AA 278 -30.42 56.80 95.17
C GLY AA 278 -31.63 55.97 94.73
N ALA AA 279 -32.78 56.21 95.38
CA ALA AA 279 -34.06 55.65 94.94
C ALA AA 279 -34.51 56.18 93.57
N ILE AA 280 -34.11 57.41 93.25
CA ILE AA 280 -34.39 58.02 91.94
C ILE AA 280 -33.69 57.26 90.81
N ALA AA 281 -32.43 56.88 91.02
CA ALA AA 281 -31.63 56.26 89.97
C ALA AA 281 -31.71 54.74 89.95
N SER AA 282 -31.92 54.13 91.12
CA SER AA 282 -32.05 52.67 91.23
C SER AA 282 -33.41 52.13 90.70
N LYS AA 283 -34.43 52.96 90.74
CA LYS AA 283 -35.72 52.59 90.15
C LYS AA 283 -35.98 53.30 88.81
N TYR AA 284 -35.85 54.62 88.79
CA TYR AA 284 -36.31 55.42 87.64
C TYR AA 284 -35.23 55.70 86.57
N ARG AA 285 -34.18 54.89 86.53
CA ARG AA 285 -33.19 54.97 85.45
C ARG AA 285 -33.59 53.96 84.38
N ASN AA 286 -33.57 54.41 83.12
CA ASN AA 286 -34.10 53.64 82.00
C ASN AA 286 -35.61 53.32 82.21
N ASN AA 287 -36.21 54.01 83.18
CA ASN AA 287 -37.64 53.93 83.45
C ASN AA 287 -38.08 52.57 84.02
N GLY AA 288 -37.25 52.03 84.91
CA GLY AA 288 -37.51 50.75 85.56
C GLY AA 288 -36.98 49.57 84.75
N GLN AA 289 -36.61 49.86 83.50
CA GLN AA 289 -36.27 48.84 82.51
C GLN AA 289 -34.78 48.50 82.51
N THR AA 290 -34.24 48.13 83.67
CA THR AA 290 -32.90 47.57 83.76
C THR AA 290 -32.94 46.35 84.69
N CYS AA 291 -32.04 45.39 84.47
CA CYS AA 291 -32.00 44.14 85.23
C CYS AA 291 -31.95 44.43 86.73
N VAL AA 292 -31.22 45.49 87.08
CA VAL AA 292 -30.88 45.80 88.48
C VAL AA 292 -31.84 46.77 89.16
N CYS AA 293 -32.77 47.34 88.39
CA CYS AA 293 -33.71 48.32 88.92
C CYS AA 293 -34.50 47.78 90.08
N THR AA 294 -34.73 48.65 91.06
CA THR AA 294 -35.44 48.32 92.29
C THR AA 294 -36.84 47.75 92.03
N ASN AA 295 -37.13 46.64 92.68
CA ASN AA 295 -38.46 46.08 92.67
C ASN AA 295 -39.25 46.54 93.93
N ARG AA 296 -38.65 46.33 95.10
CA ARG AA 296 -39.30 46.56 96.40
C ARG AA 296 -38.55 47.57 97.26
N PHE AA 297 -39.22 48.65 97.67
CA PHE AA 297 -38.65 49.58 98.66
C PHE AA 297 -39.06 49.14 100.06
N PHE AA 298 -38.09 48.82 100.91
CA PHE AA 298 -38.39 48.55 102.32
C PHE AA 298 -38.03 49.77 103.19
N VAL AA 299 -39.06 50.38 103.79
CA VAL AA 299 -38.90 51.61 104.58
C VAL AA 299 -39.38 51.40 106.02
N HIS AA 300 -38.52 51.77 106.98
CA HIS AA 300 -38.82 51.63 108.41
C HIS AA 300 -39.99 52.54 108.81
N GLU AA 301 -40.75 52.09 109.82
CA GLU AA 301 -41.94 52.80 110.29
C GLU AA 301 -41.65 54.24 110.74
N ARG AA 302 -40.58 54.41 111.54
CA ARG AA 302 -40.09 55.72 111.98
C ARG AA 302 -39.71 56.68 110.85
N VAL AA 303 -39.54 56.16 109.63
CA VAL AA 303 -39.21 57.02 108.48
C VAL AA 303 -40.12 56.78 107.29
N TYR AA 304 -41.21 56.03 107.50
CA TYR AA 304 -42.12 55.68 106.41
C TYR AA 304 -42.68 56.91 105.69
N ASP AA 305 -43.12 57.91 106.47
CA ASP AA 305 -43.74 59.12 105.91
C ASP AA 305 -42.71 60.11 105.42
N ALA AA 306 -41.75 60.46 106.30
CA ALA AA 306 -40.64 61.36 105.94
C ALA AA 306 -39.96 60.92 104.63
N PHE AA 307 -39.72 59.62 104.50
CA PHE AA 307 -39.15 59.04 103.27
C PHE AA 307 -40.07 59.21 102.07
N ALA AA 308 -41.36 58.88 102.25
CA ALA AA 308 -42.34 58.97 101.17
C ALA AA 308 -42.54 60.42 100.72
N ASP AA 309 -42.71 61.32 101.70
CA ASP AA 309 -42.93 62.75 101.43
C ASP AA 309 -41.83 63.32 100.54
N LYS AA 310 -40.59 63.00 100.88
CA LYS AA 310 -39.43 63.43 100.10
C LYS AA 310 -39.30 62.67 98.78
N LEU AA 311 -39.59 61.37 98.81
CA LEU AA 311 -39.59 60.54 97.60
C LEU AA 311 -40.53 61.12 96.54
N ALA AA 312 -41.79 61.30 96.93
CA ALA AA 312 -42.80 61.92 96.06
C ALA AA 312 -42.37 63.32 95.60
N ALA AA 313 -41.93 64.14 96.57
CA ALA AA 313 -41.40 65.48 96.29
C ALA AA 313 -40.39 65.47 95.14
N ALA AA 314 -39.40 64.58 95.22
CA ALA AA 314 -38.36 64.47 94.20
C ALA AA 314 -38.91 64.02 92.85
N VAL AA 315 -39.69 62.94 92.88
CA VAL AA 315 -40.24 62.29 91.68
C VAL AA 315 -40.97 63.27 90.74
N SER AA 316 -41.47 64.37 91.30
CA SER AA 316 -42.20 65.37 90.52
C SER AA 316 -41.30 66.32 89.69
N LYS AA 317 -40.02 66.37 90.01
CA LYS AA 317 -39.08 67.22 89.27
C LYS AA 317 -38.70 66.64 87.90
N LEU AA 318 -38.86 65.32 87.74
CA LEU AA 318 -38.48 64.59 86.51
C LEU AA 318 -39.55 64.65 85.40
N LYS AA 319 -39.16 65.14 84.22
CA LYS AA 319 -40.10 65.52 83.15
C LYS AA 319 -40.14 64.55 81.95
N VAL AA 320 -41.22 63.76 81.89
CA VAL AA 320 -41.51 62.74 80.85
C VAL AA 320 -41.47 63.32 79.42
N GLY AA 321 -40.92 62.56 78.46
CA GLY AA 321 -40.89 62.98 77.07
C GLY AA 321 -40.04 62.14 76.11
N ARG AA 322 -40.21 62.40 74.81
CA ARG AA 322 -39.41 61.76 73.77
C ARG AA 322 -37.91 61.98 74.01
N GLY AA 323 -37.12 60.99 73.60
CA GLY AA 323 -35.68 60.95 73.89
C GLY AA 323 -34.78 61.97 73.21
N THR AA 324 -35.23 62.57 72.11
CA THR AA 324 -34.40 63.54 71.39
C THR AA 324 -34.64 64.99 71.83
N GLU AA 325 -35.44 65.12 72.90
CA GLU AA 325 -35.92 66.42 73.41
C GLU AA 325 -35.24 66.80 74.73
N SER AA 326 -34.82 68.07 74.85
CA SER AA 326 -34.16 68.61 76.05
C SER AA 326 -35.03 68.54 77.31
N GLY AA 327 -34.41 68.18 78.44
CA GLY AA 327 -35.12 68.09 79.71
C GLY AA 327 -36.05 66.89 79.83
N ALA AA 328 -35.90 65.92 78.93
CA ALA AA 328 -36.63 64.66 79.00
C ALA AA 328 -35.75 63.61 79.67
N THR AA 329 -36.25 63.04 80.76
CA THR AA 329 -35.47 62.13 81.59
C THR AA 329 -36.21 60.81 81.85
N LEU AA 330 -37.44 60.74 81.34
CA LEU AA 330 -38.22 59.50 81.33
C LEU AA 330 -38.70 59.24 79.90
N GLY AA 331 -38.02 58.33 79.22
CA GLY AA 331 -38.43 57.90 77.88
C GLY AA 331 -39.66 57.00 77.94
N PRO AA 332 -40.18 56.61 76.77
CA PRO AA 332 -41.30 55.68 76.77
C PRO AA 332 -40.85 54.28 77.18
N LEU AA 333 -41.79 53.47 77.66
CA LEU AA 333 -41.60 52.02 77.72
C LEU AA 333 -41.38 51.50 76.29
N ILE AA 334 -40.88 50.27 76.17
CA ILE AA 334 -40.62 49.71 74.83
C ILE AA 334 -41.88 49.21 74.11
N ASN AA 335 -42.64 48.31 74.75
CA ASN AA 335 -43.80 47.71 74.10
C ASN AA 335 -45.07 47.74 74.96
N GLU AA 336 -46.22 47.51 74.30
CA GLU AA 336 -47.55 47.59 74.91
C GLU AA 336 -47.69 46.62 76.10
N ALA AA 337 -47.13 45.42 75.95
CA ALA AA 337 -47.15 44.37 76.98
C ALA AA 337 -46.50 44.81 78.30
N ALA AA 338 -45.49 45.69 78.20
CA ALA AA 338 -44.82 46.28 79.35
C ALA AA 338 -45.68 47.36 79.99
N VAL AA 339 -46.41 48.11 79.16
CA VAL AA 339 -47.36 49.14 79.63
C VAL AA 339 -48.55 48.49 80.34
N LYS AA 340 -49.02 47.37 79.78
CA LYS AA 340 -50.16 46.63 80.34
C LYS AA 340 -49.83 46.04 81.71
N LYS AA 341 -48.60 45.58 81.88
CA LYS AA 341 -48.15 44.98 83.15
C LYS AA 341 -47.83 46.00 84.25
N VAL AA 342 -47.60 47.26 83.88
CA VAL AA 342 -47.51 48.35 84.86
C VAL AA 342 -48.86 48.47 85.56
N GLU AA 343 -49.92 48.33 84.77
CA GLU AA 343 -51.29 48.48 85.24
C GLU AA 343 -51.72 47.32 86.15
N SER AA 344 -51.43 46.09 85.72
CA SER AA 344 -51.84 44.87 86.43
C SER AA 344 -51.22 44.76 87.83
N HIS AA 345 -49.95 45.14 87.94
CA HIS AA 345 -49.23 45.22 89.20
C HIS AA 345 -49.80 46.31 90.12
N ILE AA 346 -50.04 47.50 89.54
CA ILE AA 346 -50.65 48.66 90.22
C ILE AA 346 -52.06 48.34 90.73
N ALA AA 347 -52.84 47.66 89.90
CA ALA AA 347 -54.20 47.26 90.23
C ALA AA 347 -54.29 46.26 91.38
N ASP AA 348 -53.48 45.21 91.32
CA ASP AA 348 -53.49 44.12 92.33
C ASP AA 348 -53.21 44.61 93.74
N ALA AA 349 -52.37 45.64 93.82
CA ALA AA 349 -52.01 46.24 95.12
C ALA AA 349 -53.17 47.09 95.66
N LEU AA 350 -53.68 47.99 94.83
CA LEU AA 350 -54.77 48.89 95.24
C LEU AA 350 -55.95 48.12 95.84
N ALA AA 351 -56.30 46.99 95.20
CA ALA AA 351 -57.37 46.12 95.68
C ALA AA 351 -57.03 45.40 97.00
N LYS AA 352 -55.76 44.98 97.14
CA LYS AA 352 -55.31 44.24 98.33
C LYS AA 352 -55.01 45.13 99.55
N GLY AA 353 -54.95 46.45 99.34
CA GLY AA 353 -54.81 47.41 100.44
C GLY AA 353 -53.92 48.63 100.21
N ALA AA 354 -53.57 48.92 98.95
CA ALA AA 354 -52.66 50.02 98.65
C ALA AA 354 -53.33 51.33 98.21
N SER AA 355 -52.69 52.45 98.54
CA SER AA 355 -53.15 53.79 98.17
C SER AA 355 -52.30 54.35 97.03
N LEU AA 356 -52.80 55.40 96.38
CA LEU AA 356 -52.04 56.11 95.34
C LEU AA 356 -51.43 57.37 95.94
N MET AA 357 -50.47 57.97 95.23
CA MET AA 357 -49.76 59.13 95.76
C MET AA 357 -49.38 60.15 94.68
N THR AA 358 -48.91 59.67 93.53
CA THR AA 358 -48.62 60.53 92.35
C THR AA 358 -48.79 59.75 91.03
N GLY AA 359 -49.24 60.45 90.00
CA GLY AA 359 -49.52 59.83 88.70
C GLY AA 359 -50.53 58.69 88.83
N GLY AA 360 -50.14 57.51 88.36
CA GLY AA 360 -50.93 56.30 88.54
C GLY AA 360 -51.36 55.57 87.27
N LYS AA 361 -51.78 56.34 86.26
CA LYS AA 361 -52.30 55.78 85.02
C LYS AA 361 -51.45 56.22 83.83
N ARG AA 362 -51.75 55.69 82.64
CA ARG AA 362 -51.00 55.99 81.42
C ARG AA 362 -50.85 57.50 81.16
N HIS AA 363 -49.77 57.87 80.48
CA HIS AA 363 -49.48 59.28 80.19
C HIS AA 363 -50.13 59.70 78.88
N ALA AA 364 -50.42 61.00 78.77
CA ALA AA 364 -51.15 61.57 77.63
C ALA AA 364 -50.47 61.43 76.26
N LEU AA 365 -49.16 61.19 76.25
CA LEU AA 365 -48.42 61.02 74.99
C LEU AA 365 -48.54 59.60 74.38
N GLY AA 366 -49.17 58.69 75.12
CA GLY AA 366 -49.54 57.36 74.61
C GLY AA 366 -48.43 56.33 74.52
N HIS AA 367 -48.71 55.25 73.77
CA HIS AA 367 -47.75 54.14 73.48
C HIS AA 367 -47.20 53.42 74.73
N GLY AA 368 -45.98 53.79 75.12
CA GLY AA 368 -45.32 53.24 76.30
C GLY AA 368 -45.24 54.21 77.47
N PHE AA 369 -45.38 55.51 77.18
CA PHE AA 369 -45.30 56.57 78.20
C PHE AA 369 -46.26 56.31 79.36
N PHE AA 370 -45.70 56.04 80.53
CA PHE AA 370 -46.48 55.80 81.74
C PHE AA 370 -46.05 56.79 82.83
N GLU AA 371 -47.01 57.19 83.66
CA GLU AA 371 -46.78 58.22 84.66
C GLU AA 371 -45.93 57.68 85.83
N PRO AA 372 -44.88 58.45 86.23
CA PRO AA 372 -44.06 58.12 87.40
C PRO AA 372 -44.92 57.93 88.66
N THR AA 373 -44.90 56.72 89.22
CA THR AA 373 -45.88 56.31 90.24
C THR AA 373 -45.23 55.92 91.58
N VAL AA 374 -45.93 56.25 92.67
CA VAL AA 374 -45.52 55.87 94.04
C VAL AA 374 -46.68 55.19 94.77
N LEU AA 375 -46.43 53.94 95.17
CA LEU AA 375 -47.44 53.12 95.87
C LEU AA 375 -47.14 52.94 97.35
N THR AA 376 -48.02 53.51 98.19
CA THR AA 376 -47.93 53.34 99.64
C THR AA 376 -48.77 52.15 100.12
N GLY AA 377 -48.49 51.68 101.33
CA GLY AA 377 -49.23 50.57 101.95
C GLY AA 377 -49.17 49.25 101.19
N VAL AA 378 -47.97 48.83 100.82
CA VAL AA 378 -47.75 47.59 100.07
C VAL AA 378 -47.26 46.45 101.00
N LYS AA 379 -47.94 45.30 100.96
CA LYS AA 379 -47.72 44.18 101.90
C LYS AA 379 -47.11 42.93 101.22
N PRO AA 380 -47.01 41.79 101.94
CA PRO AA 380 -46.55 40.54 101.32
C PRO AA 380 -47.55 39.91 100.34
N ASP AA 381 -48.84 40.14 100.56
CA ASP AA 381 -49.90 39.60 99.70
C ASP AA 381 -50.22 40.51 98.49
N MET AA 382 -49.28 40.60 97.55
CA MET AA 382 -49.42 41.41 96.33
C MET AA 382 -48.52 40.88 95.20
N ASP AA 383 -48.86 41.23 93.95
CA ASP AA 383 -48.10 40.81 92.77
C ASP AA 383 -46.66 41.35 92.70
N VAL AA 384 -46.53 42.66 92.87
CA VAL AA 384 -45.23 43.36 92.76
C VAL AA 384 -44.19 42.93 93.83
N ALA AA 385 -44.58 42.00 94.69
CA ALA AA 385 -43.71 41.47 95.74
C ALA AA 385 -43.20 40.04 95.42
N LYS AA 386 -43.27 39.65 94.14
CA LYS AA 386 -42.72 38.38 93.65
C LYS AA 386 -42.47 38.40 92.12
N GLU AA 387 -42.64 39.58 91.51
CA GLU AA 387 -42.48 39.77 90.06
C GLU AA 387 -41.88 41.14 89.69
N GLU AA 388 -40.88 41.12 88.81
CA GLU AA 388 -40.21 42.34 88.38
C GLU AA 388 -41.16 43.25 87.61
N THR AA 389 -41.24 44.50 88.04
CA THR AA 389 -42.17 45.45 87.44
C THR AA 389 -41.75 45.82 86.00
N PHE AA 390 -40.56 46.39 85.86
CA PHE AA 390 -40.03 46.87 84.57
C PHE AA 390 -40.66 48.19 84.09
N GLY AA 391 -41.19 48.95 85.04
CA GLY AA 391 -41.73 50.28 84.77
C GLY AA 391 -41.46 51.19 85.97
N PRO AA 392 -41.78 52.49 85.85
CA PRO AA 392 -41.57 53.48 86.92
C PRO AA 392 -42.57 53.37 88.09
N LEU AA 393 -42.35 52.38 88.95
CA LEU AA 393 -43.25 52.09 90.07
C LEU AA 393 -42.49 51.98 91.38
N ALA AA 394 -42.81 52.87 92.32
CA ALA AA 394 -42.22 52.82 93.65
C ALA AA 394 -43.21 52.24 94.67
N PRO AA 395 -43.12 50.92 94.93
CA PRO AA 395 -43.92 50.27 95.99
C PRO AA 395 -43.18 50.17 97.32
N LEU AA 396 -43.63 50.96 98.30
CA LEU AA 396 -42.97 51.07 99.61
C LEU AA 396 -43.62 50.14 100.63
N PHE AA 397 -42.77 49.41 101.35
CA PHE AA 397 -43.19 48.44 102.35
C PHE AA 397 -42.74 48.93 103.72
N ARG AA 398 -43.33 48.38 104.78
CA ARG AA 398 -42.99 48.76 106.15
C ARG AA 398 -42.19 47.66 106.87
N PHE AA 399 -41.32 48.06 107.80
CA PHE AA 399 -40.66 47.08 108.69
C PHE AA 399 -40.28 47.67 110.06
N ALA AA 400 -40.26 46.80 111.07
CA ALA AA 400 -40.03 47.18 112.46
C ALA AA 400 -38.61 46.85 112.92
N SER AA 401 -38.29 45.56 112.94
CA SER AA 401 -36.97 45.09 113.38
C SER AA 401 -36.03 44.81 112.21
N GLU AA 402 -34.74 44.77 112.52
CA GLU AA 402 -33.70 44.39 111.56
C GLU AA 402 -33.91 42.93 111.14
N GLU AA 403 -34.01 42.04 112.13
CA GLU AA 403 -34.23 40.60 111.90
C GLU AA 403 -35.39 40.34 110.93
N GLU AA 404 -36.49 41.07 111.13
CA GLU AA 404 -37.69 40.96 110.28
C GLU AA 404 -37.37 41.23 108.81
N LEU AA 405 -36.75 42.38 108.56
CA LEU AA 405 -36.40 42.81 107.21
C LEU AA 405 -35.52 41.80 106.46
N VAL AA 406 -34.62 41.15 107.19
CA VAL AA 406 -33.72 40.12 106.63
C VAL AA 406 -34.52 38.94 106.03
N ARG AA 407 -35.60 38.56 106.72
CA ARG AA 407 -36.55 37.55 106.23
C ARG AA 407 -37.36 38.07 105.03
N LEU AA 408 -37.75 39.35 105.09
CA LEU AA 408 -38.47 40.00 104.01
C LEU AA 408 -37.65 40.18 102.73
N ALA AA 409 -36.42 40.64 102.89
CA ALA AA 409 -35.51 40.93 101.76
C ALA AA 409 -35.16 39.69 100.95
N ASN AA 410 -34.87 38.59 101.65
CA ASN AA 410 -34.55 37.30 101.02
C ASN AA 410 -35.72 36.30 101.09
N ASP AA 411 -36.93 36.81 100.83
CA ASP AA 411 -38.13 35.98 100.78
C ASP AA 411 -38.57 35.86 99.33
N THR AA 412 -37.61 35.51 98.49
CA THR AA 412 -37.76 35.49 97.05
C THR AA 412 -36.88 34.37 96.47
N GLU AA 413 -37.24 33.90 95.28
CA GLU AA 413 -36.42 32.95 94.55
C GLU AA 413 -35.19 33.65 93.93
N PHE AA 414 -35.17 34.99 93.97
CA PHE AA 414 -34.17 35.78 93.26
C PHE AA 414 -32.97 36.28 94.11
N GLY AA 415 -31.90 36.69 93.42
CA GLY AA 415 -30.69 37.15 94.08
C GLY AA 415 -29.74 37.95 93.21
N LEU AA 416 -30.27 38.99 92.57
CA LEU AA 416 -29.45 39.89 91.77
C LEU AA 416 -29.02 41.12 92.58
N ALA AA 417 -29.46 42.30 92.15
CA ALA AA 417 -29.14 43.53 92.86
C ALA AA 417 -29.93 43.65 94.18
N ALA AA 418 -29.41 44.51 95.06
CA ALA AA 418 -30.05 44.87 96.32
C ALA AA 418 -29.47 46.23 96.69
N TYR AA 419 -30.19 47.02 97.48
CA TYR AA 419 -29.67 48.33 97.93
C TYR AA 419 -29.92 48.64 99.41
N LEU AA 420 -28.89 49.22 100.04
CA LEU AA 420 -28.85 49.39 101.50
C LEU AA 420 -28.44 50.82 101.85
N TYR AA 421 -29.27 51.44 102.69
CA TYR AA 421 -28.98 52.76 103.27
C TYR AA 421 -29.06 52.70 104.79
N SER AA 422 -27.98 53.17 105.41
CA SER AA 422 -27.84 53.28 106.85
C SER AA 422 -26.74 54.31 107.04
N ARG AA 423 -25.97 54.15 108.12
CA ARG AA 423 -24.85 55.03 108.43
C ARG AA 423 -24.06 54.37 109.55
N ASP AA 424 -24.76 53.57 110.34
CA ASP AA 424 -24.12 52.73 111.34
C ASP AA 424 -23.30 51.65 110.65
N ILE AA 425 -21.99 51.87 110.61
CA ILE AA 425 -21.03 50.93 110.05
C ILE AA 425 -21.33 49.45 110.40
N GLY AA 426 -21.88 49.22 111.60
CA GLY AA 426 -22.15 47.88 112.12
C GLY AA 426 -23.37 47.21 111.51
N ARG AA 427 -24.40 48.02 111.21
CA ARG AA 427 -25.62 47.51 110.58
C ARG AA 427 -25.40 47.27 109.09
N VAL AA 428 -24.82 48.26 108.42
CA VAL AA 428 -24.46 48.19 106.99
C VAL AA 428 -23.78 46.87 106.67
N TRP AA 429 -22.87 46.46 107.54
CA TRP AA 429 -22.09 45.26 107.31
C TRP AA 429 -22.80 43.97 107.69
N ARG AA 430 -23.44 43.96 108.86
CA ARG AA 430 -24.20 42.81 109.35
C ARG AA 430 -25.34 42.42 108.39
N VAL AA 431 -25.98 43.43 107.79
CA VAL AA 431 -27.06 43.22 106.81
C VAL AA 431 -26.54 42.76 105.44
N ALA AA 432 -25.68 43.59 104.82
CA ALA AA 432 -25.13 43.30 103.48
C ALA AA 432 -24.55 41.90 103.36
N GLU AA 433 -24.03 41.38 104.47
CA GLU AA 433 -23.50 40.00 104.54
C GLU AA 433 -24.61 38.94 104.45
N ALA AA 434 -25.65 39.08 105.28
CA ALA AA 434 -26.76 38.13 105.33
C ALA AA 434 -27.72 38.21 104.12
N LEU AA 435 -27.89 39.40 103.54
CA LEU AA 435 -28.60 39.56 102.27
C LEU AA 435 -28.13 38.50 101.26
N GLU AA 436 -29.09 37.76 100.69
CA GLU AA 436 -28.76 36.77 99.67
C GLU AA 436 -28.94 37.38 98.29
N TYR AA 437 -27.93 38.16 97.87
CA TYR AA 437 -27.93 38.89 96.61
C TYR AA 437 -26.56 39.03 96.00
N GLY AA 438 -26.50 38.87 94.68
CA GLY AA 438 -25.25 39.02 93.92
C GLY AA 438 -24.49 40.31 94.18
N MET AA 439 -25.19 41.44 94.11
CA MET AA 439 -24.59 42.77 94.24
C MET AA 439 -25.41 43.66 95.18
N VAL AA 440 -24.72 44.45 96.01
CA VAL AA 440 -25.36 45.34 97.00
C VAL AA 440 -24.71 46.73 97.05
N GLY AA 441 -25.42 47.74 96.58
CA GLY AA 441 -24.99 49.15 96.68
C GLY AA 441 -25.21 49.71 98.08
N ILE AA 442 -24.25 50.51 98.56
CA ILE AA 442 -24.29 51.05 99.92
C ILE AA 442 -24.15 52.57 99.92
N ASN AA 443 -25.29 53.23 100.09
CA ASN AA 443 -25.45 54.70 100.02
C ASN AA 443 -25.28 55.29 98.61
N THR AA 444 -25.54 54.45 97.60
CA THR AA 444 -25.76 54.90 96.23
C THR AA 444 -26.74 53.95 95.52
N GLY AA 445 -27.31 54.38 94.40
CA GLY AA 445 -28.21 53.51 93.62
C GLY AA 445 -27.52 52.92 92.41
N LEU AA 446 -26.38 53.52 92.05
CA LEU AA 446 -25.64 53.19 90.83
C LEU AA 446 -24.42 52.31 91.16
N ILE AA 447 -24.48 51.05 90.79
CA ILE AA 447 -23.43 50.08 91.14
C ILE AA 447 -22.67 49.51 89.93
N SER AA 448 -23.07 49.91 88.73
CA SER AA 448 -22.57 49.33 87.49
C SER AA 448 -21.38 50.10 86.91
N ASN AA 449 -20.27 49.39 86.70
CA ASN AA 449 -19.10 49.87 85.95
C ASN AA 449 -18.29 48.70 85.36
N GLU AA 450 -17.22 49.00 84.64
CA GLU AA 450 -16.46 47.95 83.93
C GLU AA 450 -15.51 47.16 84.82
N VAL AA 451 -15.09 47.79 85.92
CA VAL AA 451 -14.11 47.18 86.82
C VAL AA 451 -14.76 46.29 87.91
N ALA AA 452 -16.08 46.31 88.02
CA ALA AA 452 -16.79 45.50 89.01
C ALA AA 452 -17.45 44.25 88.43
N PRO AA 453 -17.33 43.10 89.13
CA PRO AA 453 -17.93 41.83 88.70
C PRO AA 453 -19.46 41.87 88.81
N PHE AA 454 -20.15 41.26 87.85
CA PHE AA 454 -21.58 41.50 87.67
C PHE AA 454 -22.39 40.24 87.46
N GLY AA 455 -23.54 40.15 88.13
CA GLY AA 455 -24.39 38.96 88.06
C GLY AA 455 -25.05 38.63 89.39
N GLY AA 456 -25.93 37.63 89.37
CA GLY AA 456 -26.73 37.31 90.53
C GLY AA 456 -26.49 35.93 91.13
N VAL AA 457 -27.20 35.67 92.23
CA VAL AA 457 -27.24 34.35 92.87
C VAL AA 457 -28.66 33.78 92.73
N LYS AA 458 -28.81 32.51 93.14
CA LYS AA 458 -30.09 31.79 93.06
C LYS AA 458 -30.63 31.82 91.61
N GLN AA 459 -31.90 32.20 91.44
CA GLN AA 459 -32.49 32.21 90.10
C GLN AA 459 -32.26 33.54 89.36
N SER AA 460 -31.18 34.24 89.74
CA SER AA 460 -30.70 35.40 88.99
C SER AA 460 -29.55 35.03 88.01
N GLY AA 461 -29.19 33.75 87.99
CA GLY AA 461 -28.27 33.25 86.97
C GLY AA 461 -26.93 32.76 87.46
N LEU AA 462 -26.02 32.56 86.51
CA LEU AA 462 -24.70 31.99 86.77
C LEU AA 462 -23.62 32.85 86.13
N GLY AA 463 -22.42 32.81 86.72
CA GLY AA 463 -21.24 33.52 86.22
C GLY AA 463 -21.22 35.01 86.52
N ARG AA 464 -20.09 35.65 86.22
CA ARG AA 464 -19.91 37.10 86.40
C ARG AA 464 -19.35 37.75 85.12
N GLU AA 465 -19.52 39.07 85.02
CA GLU AA 465 -19.02 39.86 83.88
C GLU AA 465 -18.54 41.25 84.26
N GLY AA 466 -17.57 41.76 83.50
CA GLY AA 466 -16.80 42.92 83.92
C GLY AA 466 -15.66 42.43 84.82
N SER AA 467 -14.90 43.36 85.38
CA SER AA 467 -13.74 43.05 86.25
C SER AA 467 -12.75 42.06 85.61
N HIS AA 468 -11.84 41.51 86.40
CA HIS AA 468 -10.95 40.47 85.92
C HIS AA 468 -11.67 39.11 85.86
N TYR AA 469 -12.80 39.02 86.58
CA TYR AA 469 -13.64 37.81 86.61
C TYR AA 469 -14.38 37.55 85.31
N GLY AA 470 -14.51 38.57 84.48
CA GLY AA 470 -15.22 38.48 83.20
C GLY AA 470 -14.59 37.50 82.23
N ILE AA 471 -13.29 37.66 81.99
CA ILE AA 471 -12.59 36.89 80.98
C ILE AA 471 -12.43 35.38 81.34
N ASP AA 472 -12.59 35.07 82.63
CA ASP AA 472 -12.39 33.72 83.15
C ASP AA 472 -13.45 32.71 82.71
N ASP AA 473 -14.66 33.20 82.44
CA ASP AA 473 -15.73 32.37 81.90
C ASP AA 473 -15.43 31.94 80.45
N TYR AA 474 -14.64 32.76 79.77
CA TYR AA 474 -14.38 32.59 78.34
C TYR AA 474 -13.01 31.96 78.06
N VAL AA 475 -12.48 31.25 79.05
CA VAL AA 475 -11.22 30.51 78.90
C VAL AA 475 -11.37 29.17 79.61
N VAL AA 476 -10.41 28.28 79.37
CA VAL AA 476 -10.43 26.98 80.01
C VAL AA 476 -9.03 26.66 80.55
N ILE AA 477 -8.95 25.82 81.57
CA ILE AA 477 -7.68 25.58 82.24
C ILE AA 477 -7.01 24.29 81.75
N LYS AA 478 -5.72 24.39 81.46
CA LYS AA 478 -4.94 23.21 81.13
C LYS AA 478 -3.86 22.92 82.15
N TYR AA 479 -4.02 21.80 82.84
CA TYR AA 479 -3.05 21.35 83.82
C TYR AA 479 -2.01 20.48 83.14
N LEU AA 480 -0.75 20.89 83.29
CA LEU AA 480 0.39 20.22 82.70
C LEU AA 480 1.24 19.56 83.79
N CYS AA 481 1.21 18.23 83.85
CA CYS AA 481 2.00 17.51 84.82
C CYS AA 481 3.27 17.06 84.15
N VAL AA 482 4.38 17.75 84.46
CA VAL AA 482 5.67 17.53 83.81
C VAL AA 482 6.60 16.64 84.64
N ALA AA 483 6.96 15.49 84.09
CA ALA AA 483 7.97 14.64 84.70
C ALA AA 483 9.33 15.36 84.70
N VAL AA 484 9.96 15.47 85.87
CA VAL AA 484 11.23 16.21 85.99
C VAL AA 484 12.46 15.36 85.65
N GLY BA 3 19.48 69.50 65.70
CA GLY BA 3 19.95 70.07 64.39
C GLY BA 3 19.70 69.20 63.17
N SER BA 4 18.89 68.15 63.34
CA SER BA 4 18.65 67.12 62.31
C SER BA 4 17.37 66.32 62.56
N MET BA 5 16.34 67.00 63.07
CA MET BA 5 15.10 66.33 63.47
C MET BA 5 13.88 67.11 63.03
N LYS BA 6 12.75 66.41 62.89
CA LYS BA 6 11.46 67.04 62.60
C LYS BA 6 11.07 68.05 63.70
N ASP BA 7 11.50 67.78 64.93
CA ASP BA 7 11.21 68.61 66.09
C ASP BA 7 12.48 68.82 66.94
N PRO BA 8 13.33 69.77 66.52
CA PRO BA 8 14.59 70.01 67.24
C PRO BA 8 14.42 70.44 68.70
N SER BA 9 13.18 70.75 69.11
CA SER BA 9 12.91 71.09 70.53
C SER BA 9 12.58 69.84 71.39
N LEU BA 10 12.94 68.67 70.86
CA LEU BA 10 12.96 67.43 71.64
C LEU BA 10 14.33 67.31 72.29
N LEU BA 11 15.29 68.06 71.78
CA LEU BA 11 16.62 68.15 72.38
C LEU BA 11 16.68 69.34 73.34
N ARG BA 12 16.77 69.04 74.63
CA ARG BA 12 16.72 70.07 75.69
C ARG BA 12 18.07 70.25 76.38
N HIS BA 13 18.32 71.45 76.89
CA HIS BA 13 19.61 71.77 77.50
C HIS BA 13 19.39 72.37 78.89
N GLN BA 14 18.21 72.07 79.43
CA GLN BA 14 17.78 72.47 80.76
C GLN BA 14 17.08 71.33 81.48
N ALA BA 15 17.21 71.30 82.80
CA ALA BA 15 16.50 70.35 83.64
C ALA BA 15 15.03 70.70 83.77
N TYR BA 16 14.23 69.74 84.21
CA TYR BA 16 12.79 69.92 84.34
C TYR BA 16 12.41 69.74 85.82
N ILE BA 17 12.25 70.87 86.51
CA ILE BA 17 12.12 70.92 87.97
C ILE BA 17 10.70 71.29 88.39
N GLY BA 18 9.99 70.30 88.90
CA GLY BA 18 8.58 70.46 89.29
C GLY BA 18 7.67 71.03 88.22
N GLY BA 19 8.09 70.93 86.96
CA GLY BA 19 7.26 71.39 85.84
C GLY BA 19 7.83 72.56 85.06
N GLU BA 20 9.03 73.01 85.44
CA GLU BA 20 9.69 74.15 84.80
C GLU BA 20 11.03 73.76 84.18
N TRP BA 21 11.29 74.32 82.99
CA TRP BA 21 12.60 74.16 82.40
C TRP BA 21 13.52 75.18 83.03
N GLN BA 22 14.51 74.67 83.76
CA GLN BA 22 15.38 75.49 84.61
C GLN BA 22 16.84 75.19 84.36
N ALA BA 23 17.70 76.16 84.71
CA ALA BA 23 19.15 75.99 84.68
C ALA BA 23 19.66 75.57 86.07
N ALA BA 24 20.97 75.69 86.28
CA ALA BA 24 21.54 75.40 87.59
C ALA BA 24 21.59 76.66 88.44
N ASP BA 25 21.21 76.56 89.71
CA ASP BA 25 21.24 77.71 90.64
C ASP BA 25 22.56 78.51 90.63
N SER BA 26 23.58 77.96 89.98
CA SER BA 26 24.87 78.65 89.85
C SER BA 26 25.23 78.89 88.39
N ASP BA 27 24.33 78.48 87.49
CA ASP BA 27 24.51 78.59 86.04
C ASP BA 27 25.61 77.65 85.53
N ALA BA 28 26.09 76.76 86.41
CA ALA BA 28 27.15 75.82 86.07
C ALA BA 28 26.62 74.73 85.15
N THR BA 29 27.43 74.39 84.15
CA THR BA 29 27.09 73.35 83.20
C THR BA 29 28.26 72.37 83.02
N PHE BA 30 28.00 71.32 82.23
CA PHE BA 30 29.05 70.47 81.65
C PHE BA 30 28.59 70.02 80.27
N GLU BA 31 29.51 69.46 79.48
CA GLU BA 31 29.20 69.07 78.10
C GLU BA 31 28.85 67.60 77.94
N VAL BA 32 28.20 67.29 76.83
CA VAL BA 32 27.82 65.93 76.48
C VAL BA 32 28.42 65.60 75.12
N PHE BA 33 29.21 64.53 75.08
CA PHE BA 33 29.93 64.15 73.86
C PHE BA 33 29.31 62.94 73.17
N ASP BA 34 29.45 62.89 71.85
CA ASP BA 34 29.15 61.69 71.06
C ASP BA 34 30.21 60.64 71.37
N PRO BA 35 29.79 59.40 71.65
CA PRO BA 35 30.79 58.36 71.93
C PRO BA 35 31.54 57.89 70.66
N ALA BA 36 30.92 58.11 69.49
CA ALA BA 36 31.50 57.70 68.22
C ALA BA 36 32.42 58.78 67.65
N THR BA 37 31.82 59.89 67.24
CA THR BA 37 32.54 60.99 66.59
C THR BA 37 33.33 61.85 67.58
N GLY BA 38 32.94 61.82 68.85
CA GLY BA 38 33.65 62.56 69.89
C GLY BA 38 33.35 64.05 69.93
N GLU BA 39 32.36 64.46 69.14
CA GLU BA 39 31.97 65.88 69.04
C GLU BA 39 30.98 66.32 70.15
N SER BA 40 31.10 67.57 70.57
CA SER BA 40 30.18 68.14 71.57
C SER BA 40 28.75 68.21 71.05
N LEU BA 41 27.80 67.95 71.93
CA LEU BA 41 26.39 67.95 71.57
C LEU BA 41 25.60 68.99 72.40
N GLY BA 42 26.30 69.98 72.95
CA GLY BA 42 25.65 71.04 73.73
C GLY BA 42 25.97 70.97 75.22
N THR BA 43 25.11 71.55 76.06
CA THR BA 43 25.31 71.46 77.50
C THR BA 43 24.04 71.18 78.29
N VAL BA 44 24.23 70.80 79.55
CA VAL BA 44 23.17 70.61 80.51
C VAL BA 44 23.60 71.18 81.87
N PRO BA 45 22.63 71.53 82.74
CA PRO BA 45 22.91 72.07 84.08
C PRO BA 45 23.73 71.14 84.99
N LYS BA 46 24.68 71.70 85.73
CA LYS BA 46 25.36 70.99 86.81
C LYS BA 46 24.71 71.36 88.16
N MET BA 47 23.52 70.80 88.40
CA MET BA 47 22.76 71.07 89.60
C MET BA 47 23.25 70.22 90.78
N GLY BA 48 22.82 70.56 91.99
CA GLY BA 48 23.16 69.81 93.19
C GLY BA 48 21.99 69.55 94.14
N ALA BA 49 22.29 69.65 95.43
CA ALA BA 49 21.33 69.36 96.49
C ALA BA 49 20.16 70.35 96.47
N ALA BA 50 20.50 71.64 96.49
CA ALA BA 50 19.52 72.72 96.51
C ALA BA 50 18.37 72.50 95.51
N GLU BA 51 18.72 72.24 94.26
CA GLU BA 51 17.70 72.06 93.23
C GLU BA 51 16.99 70.71 93.34
N THR BA 52 17.70 69.69 93.82
CA THR BA 52 17.11 68.39 94.04
C THR BA 52 16.07 68.48 95.16
N ALA BA 53 16.43 69.17 96.24
CA ALA BA 53 15.47 69.47 97.31
C ALA BA 53 14.18 70.10 96.77
N ARG BA 54 14.33 71.17 95.96
CA ARG BA 54 13.18 71.84 95.33
C ARG BA 54 12.28 70.87 94.59
N ALA BA 55 12.89 70.03 93.76
CA ALA BA 55 12.20 69.02 92.95
C ALA BA 55 11.46 68.02 93.83
N ILE BA 56 12.09 67.62 94.95
CA ILE BA 56 11.45 66.74 95.93
C ILE BA 56 10.26 67.43 96.58
N GLU BA 57 10.46 68.66 97.06
CA GLU BA 57 9.38 69.46 97.65
C GLU BA 57 8.20 69.70 96.70
N ALA BA 58 8.51 70.07 95.46
CA ALA BA 58 7.49 70.24 94.43
C ALA BA 58 6.69 68.97 94.21
N ALA BA 59 7.38 67.82 94.25
CA ALA BA 59 6.71 66.52 94.11
C ALA BA 59 5.71 66.29 95.25
N GLN BA 60 6.10 66.68 96.47
CA GLN BA 60 5.26 66.55 97.65
C GLN BA 60 4.02 67.43 97.54
N ALA BA 61 4.16 68.61 96.94
CA ALA BA 61 3.03 69.50 96.66
C ALA BA 61 2.07 68.94 95.60
N ALA BA 62 2.61 68.22 94.62
CA ALA BA 62 1.81 67.63 93.55
C ALA BA 62 1.11 66.34 93.96
N TRP BA 63 1.69 65.63 94.93
CA TRP BA 63 1.23 64.28 95.26
C TRP BA 63 -0.27 64.20 95.49
N ALA BA 64 -0.82 65.09 96.32
CA ALA BA 64 -2.23 65.02 96.70
C ALA BA 64 -3.17 65.16 95.50
N GLY BA 65 -2.91 66.18 94.67
CA GLY BA 65 -3.65 66.39 93.42
C GLY BA 65 -3.59 65.20 92.47
N TRP BA 66 -2.36 64.78 92.16
CA TRP BA 66 -2.14 63.59 91.36
C TRP BA 66 -2.85 62.34 91.90
N ARG BA 67 -2.73 62.09 93.20
CA ARG BA 67 -3.33 60.87 93.78
C ARG BA 67 -4.86 60.95 93.91
N MET BA 68 -5.41 62.15 93.80
CA MET BA 68 -6.86 62.34 93.92
C MET BA 68 -7.61 61.75 92.71
N LYS BA 69 -6.95 61.75 91.56
CA LYS BA 69 -7.46 61.14 90.32
C LYS BA 69 -7.75 59.65 90.46
N THR BA 70 -8.64 59.14 89.61
CA THR BA 70 -8.85 57.70 89.54
C THR BA 70 -7.77 57.07 88.67
N ALA BA 71 -7.56 55.78 88.85
CA ALA BA 71 -6.61 55.03 88.04
C ALA BA 71 -6.89 55.20 86.54
N LYS BA 72 -8.15 55.01 86.14
CA LYS BA 72 -8.56 55.23 84.74
C LYS BA 72 -8.15 56.62 84.24
N GLU BA 73 -8.36 57.62 85.08
CA GLU BA 73 -8.10 59.01 84.74
C GLU BA 73 -6.61 59.24 84.53
N ARG BA 74 -5.79 58.66 85.41
CA ARG BA 74 -4.32 58.73 85.31
C ARG BA 74 -3.81 57.97 84.08
N ALA BA 75 -4.43 56.83 83.81
CA ALA BA 75 -4.14 56.04 82.62
C ALA BA 75 -4.34 56.86 81.35
N ALA BA 76 -5.38 57.69 81.31
CA ALA BA 76 -5.61 58.56 80.16
C ALA BA 76 -4.41 59.47 79.86
N ILE BA 77 -3.80 60.04 80.90
CA ILE BA 77 -2.63 60.90 80.73
C ILE BA 77 -1.39 60.10 80.29
N LEU BA 78 -1.26 58.87 80.82
CA LEU BA 78 -0.15 58.00 80.48
C LEU BA 78 -0.24 57.50 79.04
N ARG BA 79 -1.42 57.02 78.67
CA ARG BA 79 -1.66 56.61 77.29
C ARG BA 79 -1.41 57.74 76.28
N ARG BA 80 -1.57 59.00 76.71
CA ARG BA 80 -1.29 60.12 75.81
C ARG BA 80 0.20 60.41 75.73
N TRP BA 81 0.93 60.00 76.76
CA TRP BA 81 2.39 60.09 76.77
C TRP BA 81 2.89 58.97 75.87
N PHE BA 82 2.25 57.81 75.98
CA PHE BA 82 2.55 56.66 75.13
C PHE BA 82 2.42 57.04 73.66
N ASP BA 83 1.27 57.61 73.29
CA ASP BA 83 1.02 58.06 71.93
C ASP BA 83 2.09 59.04 71.44
N LEU BA 84 2.56 59.93 72.32
CA LEU BA 84 3.60 60.89 71.92
C LEU BA 84 5.01 60.30 71.82
N VAL BA 85 5.24 59.18 72.49
CA VAL BA 85 6.51 58.48 72.35
C VAL BA 85 6.51 57.73 71.00
N ILE BA 86 5.47 56.92 70.80
CA ILE BA 86 5.24 56.23 69.54
C ILE BA 86 5.28 57.18 68.33
N ALA BA 87 4.64 58.33 68.46
CA ALA BA 87 4.54 59.28 67.36
C ALA BA 87 5.85 60.05 67.08
N ASN BA 88 6.63 60.33 68.13
CA ASN BA 88 7.92 61.01 67.99
C ASN BA 88 9.10 60.04 67.99
N SER BA 89 8.80 58.81 67.58
CA SER BA 89 9.73 57.68 67.68
C SER BA 89 11.07 57.92 67.01
N ASP BA 90 11.05 58.25 65.72
CA ASP BA 90 12.27 58.45 64.92
C ASP BA 90 13.23 59.50 65.52
N ASP BA 91 12.66 60.59 66.02
CA ASP BA 91 13.39 61.68 66.66
C ASP BA 91 14.06 61.22 67.95
N LEU BA 92 13.25 60.65 68.85
CA LEU BA 92 13.72 60.10 70.12
C LEU BA 92 14.86 59.12 69.89
N ALA BA 93 14.72 58.28 68.86
CA ALA BA 93 15.69 57.24 68.50
C ALA BA 93 17.02 57.81 68.06
N LEU BA 94 16.99 58.85 67.24
CA LEU BA 94 18.21 59.48 66.72
C LEU BA 94 18.99 60.24 67.80
N ILE BA 95 18.26 60.85 68.73
CA ILE BA 95 18.88 61.49 69.90
C ILE BA 95 19.61 60.44 70.75
N LEU BA 96 18.95 59.32 70.97
CA LEU BA 96 19.53 58.18 71.67
C LEU BA 96 20.84 57.72 71.03
N THR BA 97 20.79 57.50 69.71
CA THR BA 97 21.96 57.07 68.95
C THR BA 97 23.13 58.05 69.09
N THR BA 98 22.82 59.33 69.06
CA THR BA 98 23.85 60.35 69.09
C THR BA 98 24.57 60.41 70.43
N GLU BA 99 23.82 60.31 71.52
CA GLU BA 99 24.42 60.40 72.87
C GLU BA 99 24.96 59.05 73.40
N GLN BA 100 24.29 57.95 73.04
CA GLN BA 100 24.63 56.64 73.59
C GLN BA 100 25.56 55.81 72.69
N GLY BA 101 25.22 55.72 71.39
CA GLY BA 101 26.07 55.05 70.41
C GLY BA 101 25.42 53.88 69.68
N LYS BA 102 24.43 53.25 70.32
CA LYS BA 102 23.78 52.07 69.75
C LYS BA 102 23.18 52.33 68.34
N PRO BA 103 23.18 51.30 67.47
CA PRO BA 103 22.64 51.43 66.13
C PRO BA 103 21.20 51.95 66.10
N LEU BA 104 20.92 52.81 65.12
CA LEU BA 104 19.61 53.40 64.92
C LEU BA 104 18.47 52.38 65.02
N ALA BA 105 18.69 51.18 64.48
CA ALA BA 105 17.69 50.12 64.53
C ALA BA 105 17.51 49.55 65.95
N GLU BA 106 18.56 49.61 66.74
CA GLU BA 106 18.52 49.26 68.16
C GLU BA 106 17.78 50.34 68.96
N ALA BA 107 18.04 51.60 68.62
CA ALA BA 107 17.39 52.76 69.23
C ALA BA 107 15.89 52.78 68.97
N LYS BA 108 15.48 52.36 67.78
CA LYS BA 108 14.07 52.23 67.44
C LYS BA 108 13.45 51.04 68.19
N GLY BA 109 14.28 50.03 68.47
CA GLY BA 109 13.88 48.90 69.29
C GLY BA 109 13.69 49.33 70.74
N GLU BA 110 14.60 50.16 71.24
CA GLU BA 110 14.51 50.65 72.59
C GLU BA 110 13.26 51.49 72.82
N ILE BA 111 13.01 52.43 71.92
CA ILE BA 111 11.86 53.35 72.00
C ILE BA 111 10.53 52.58 71.99
N ALA BA 112 10.39 51.59 71.12
CA ALA BA 112 9.17 50.78 71.05
C ALA BA 112 8.96 50.00 72.34
N TYR BA 113 10.09 49.65 72.96
CA TYR BA 113 10.14 48.87 74.18
C TYR BA 113 9.91 49.79 75.38
N ALA BA 114 10.59 50.94 75.41
CA ALA BA 114 10.34 52.00 76.40
C ALA BA 114 8.89 52.46 76.41
N ALA BA 115 8.36 52.83 75.25
CA ALA BA 115 6.93 53.13 75.09
C ALA BA 115 6.04 51.99 75.55
N SER BA 116 6.49 50.75 75.38
CA SER BA 116 5.65 49.58 75.71
C SER BA 116 5.44 49.44 77.22
N PHE BA 117 6.38 49.97 77.99
CA PHE BA 117 6.30 49.98 79.45
C PHE BA 117 5.26 50.97 79.97
N ILE BA 118 5.20 52.15 79.36
CA ILE BA 118 4.17 53.15 79.67
C ILE BA 118 2.78 52.53 79.47
N GLU BA 119 2.54 52.01 78.27
CA GLU BA 119 1.26 51.39 77.94
C GLU BA 119 0.88 50.32 78.98
N TRP BA 120 1.83 49.46 79.30
CA TRP BA 120 1.62 48.37 80.25
C TRP BA 120 1.15 48.89 81.59
N PHE BA 121 1.82 49.93 82.08
CA PHE BA 121 1.57 50.40 83.44
C PHE BA 121 0.31 51.27 83.59
N ALA BA 122 0.08 52.18 82.63
CA ALA BA 122 -1.22 52.82 82.50
C ALA BA 122 -2.29 51.78 82.81
N GLU BA 123 -2.17 50.61 82.21
CA GLU BA 123 -3.17 49.55 82.37
C GLU BA 123 -3.14 48.84 83.73
N GLU BA 124 -1.94 48.66 84.31
CA GLU BA 124 -1.83 48.03 85.63
C GLU BA 124 -2.34 48.96 86.72
N GLY BA 125 -2.20 50.27 86.49
CA GLY BA 125 -2.77 51.29 87.38
C GLY BA 125 -4.18 50.92 87.81
N LYS BA 126 -5.01 50.57 86.84
CA LYS BA 126 -6.41 50.19 87.09
C LYS BA 126 -6.58 48.77 87.67
N ARG BA 127 -5.49 48.12 88.07
CA ARG BA 127 -5.59 46.74 88.54
C ARG BA 127 -4.98 46.47 89.91
N VAL BA 128 -4.36 47.49 90.48
CA VAL BA 128 -3.75 47.37 91.80
C VAL BA 128 -4.83 46.85 92.75
N ALA BA 129 -4.68 45.59 93.15
CA ALA BA 129 -5.76 44.87 93.83
C ALA BA 129 -5.52 44.73 95.33
N GLY BA 130 -6.60 44.87 96.10
CA GLY BA 130 -6.58 44.58 97.53
C GLY BA 130 -7.04 43.15 97.80
N ASP BA 131 -7.47 42.90 99.03
CA ASP BA 131 -7.93 41.58 99.43
C ASP BA 131 -9.14 41.71 100.35
N THR BA 132 -10.02 40.70 100.32
CA THR BA 132 -10.96 40.46 101.42
C THR BA 132 -10.82 38.99 101.82
N LEU BA 133 -10.49 38.76 103.09
CA LEU BA 133 -10.05 37.43 103.51
C LEU BA 133 -10.90 36.81 104.64
N PRO BA 134 -10.81 35.47 104.81
CA PRO BA 134 -11.57 34.74 105.83
C PRO BA 134 -11.00 34.98 107.22
N THR BA 135 -11.58 35.98 107.90
CA THR BA 135 -11.29 36.30 109.31
C THR BA 135 -11.30 35.08 110.24
N PRO BA 136 -10.37 35.04 111.22
CA PRO BA 136 -10.33 33.92 112.18
C PRO BA 136 -11.23 34.18 113.39
N ASP BA 137 -11.86 35.36 113.39
CA ASP BA 137 -12.54 35.91 114.54
C ASP BA 137 -13.83 36.58 114.09
N ALA BA 138 -14.96 35.96 114.45
CA ALA BA 138 -16.26 36.62 114.30
C ALA BA 138 -16.18 37.89 115.15
N ASN BA 139 -16.99 38.90 114.80
CA ASN BA 139 -16.89 40.27 115.37
C ASN BA 139 -16.09 41.21 114.46
N LYS BA 140 -15.00 40.70 113.88
CA LYS BA 140 -14.11 41.50 113.01
C LYS BA 140 -14.06 41.08 111.54
N ARG BA 141 -14.02 42.08 110.65
CA ARG BA 141 -13.94 41.88 109.19
C ARG BA 141 -12.63 42.44 108.63
N ILE BA 142 -12.01 41.71 107.71
CA ILE BA 142 -10.70 42.09 107.14
C ILE BA 142 -10.77 42.68 105.74
N VAL BA 143 -10.35 43.95 105.61
CA VAL BA 143 -10.18 44.57 104.31
C VAL BA 143 -8.73 45.01 104.18
N VAL BA 144 -8.06 44.50 103.13
CA VAL BA 144 -6.72 44.94 102.77
C VAL BA 144 -6.82 45.78 101.51
N VAL BA 145 -6.33 47.00 101.60
CA VAL BA 145 -6.31 47.90 100.46
C VAL BA 145 -4.87 48.36 100.18
N LYS BA 146 -4.66 48.94 99.01
CA LYS BA 146 -3.34 49.40 98.59
C LYS BA 146 -3.40 50.84 98.15
N GLU BA 147 -2.33 51.58 98.42
CA GLU BA 147 -2.29 53.00 98.11
C GLU BA 147 -0.87 53.40 97.77
N PRO BA 148 -0.70 54.56 97.11
CA PRO BA 148 0.62 55.01 96.69
C PRO BA 148 1.55 55.31 97.86
N ILE BA 149 2.79 54.82 97.74
CA ILE BA 149 3.85 54.95 98.76
C ILE BA 149 4.18 56.39 99.17
N GLY BA 150 4.23 57.30 98.20
CA GLY BA 150 4.70 58.66 98.46
C GLY BA 150 5.63 59.16 97.38
N VAL BA 151 6.46 60.14 97.72
CA VAL BA 151 7.38 60.76 96.77
C VAL BA 151 8.48 59.77 96.40
N CYS BA 152 8.58 59.48 95.10
CA CYS BA 152 9.54 58.51 94.61
C CYS BA 152 10.75 59.17 93.96
N ALA BA 153 11.84 58.43 93.91
CA ALA BA 153 13.02 58.87 93.21
C ALA BA 153 13.55 57.71 92.40
N ALA BA 154 14.31 58.03 91.35
CA ALA BA 154 14.79 57.04 90.43
C ALA BA 154 16.09 57.53 89.84
N ILE BA 155 17.12 56.70 89.96
CA ILE BA 155 18.42 56.98 89.34
C ILE BA 155 18.67 55.91 88.27
N THR BA 156 18.89 56.37 87.05
CA THR BA 156 18.97 55.49 85.88
C THR BA 156 20.37 55.46 85.24
N PRO BA 157 20.70 54.38 84.50
CA PRO BA 157 22.01 54.28 83.84
C PRO BA 157 22.06 54.85 82.42
N TRP BA 158 23.21 54.73 81.77
CA TRP BA 158 23.41 55.24 80.42
C TRP BA 158 23.18 54.23 79.31
N ASN BA 159 23.14 52.93 79.63
CA ASN BA 159 23.01 51.91 78.60
C ASN BA 159 21.64 51.87 77.95
N PHE BA 160 20.60 52.09 78.74
CA PHE BA 160 19.24 52.20 78.22
C PHE BA 160 18.53 53.48 78.66
N PRO BA 161 19.00 54.62 78.12
CA PRO BA 161 18.68 55.95 78.62
C PRO BA 161 17.23 56.34 78.45
N ALA BA 162 16.48 55.59 77.65
CA ALA BA 162 15.07 55.85 77.44
C ALA BA 162 14.21 54.86 78.22
N ALA BA 163 14.47 53.58 78.02
CA ALA BA 163 13.66 52.53 78.62
C ALA BA 163 13.74 52.50 80.15
N MET BA 164 14.92 52.82 80.70
CA MET BA 164 15.12 52.85 82.15
C MET BA 164 14.19 53.85 82.82
N ILE BA 165 14.06 55.02 82.22
CA ILE BA 165 13.13 56.06 82.68
C ILE BA 165 11.71 55.50 82.63
N ALA BA 166 11.31 54.98 81.48
CA ALA BA 166 9.97 54.42 81.33
C ALA BA 166 9.67 53.29 82.32
N ARG BA 167 10.67 52.44 82.59
CA ARG BA 167 10.54 51.30 83.50
C ARG BA 167 10.27 51.74 84.93
N LYS BA 168 10.70 52.96 85.24
CA LYS BA 168 10.63 53.48 86.58
C LYS BA 168 9.48 54.50 86.73
N VAL BA 169 9.54 55.58 85.95
CA VAL BA 169 8.51 56.60 85.95
C VAL BA 169 7.13 55.98 85.73
N GLY BA 170 7.04 55.10 84.74
CA GLY BA 170 5.81 54.38 84.40
C GLY BA 170 5.02 53.86 85.60
N PRO BA 171 5.56 52.88 86.34
CA PRO BA 171 4.83 52.33 87.47
C PRO BA 171 4.64 53.31 88.62
N ALA BA 172 5.52 54.31 88.75
CA ALA BA 172 5.40 55.29 89.82
C ALA BA 172 4.15 56.12 89.64
N LEU BA 173 4.02 56.76 88.48
CA LEU BA 173 2.85 57.58 88.19
C LEU BA 173 1.57 56.74 88.22
N ALA BA 174 1.59 55.60 87.55
CA ALA BA 174 0.44 54.69 87.48
C ALA BA 174 -0.07 54.19 88.84
N ALA BA 175 0.86 54.06 89.80
CA ALA BA 175 0.51 53.64 91.16
C ALA BA 175 -0.10 54.79 91.95
N GLY BA 176 0.23 56.02 91.57
CA GLY BA 176 -0.35 57.23 92.17
C GLY BA 176 0.67 58.12 92.86
N CYS BA 177 1.93 57.97 92.48
CA CYS BA 177 3.05 58.67 93.12
C CYS BA 177 3.71 59.64 92.15
N PRO BA 178 4.28 60.74 92.68
CA PRO BA 178 5.14 61.57 91.86
C PRO BA 178 6.53 60.97 91.88
N ILE BA 179 7.44 61.52 91.09
CA ILE BA 179 8.78 60.93 90.98
C ILE BA 179 9.85 61.95 90.57
N VAL BA 180 11.01 61.85 91.19
CA VAL BA 180 12.18 62.61 90.81
C VAL BA 180 13.15 61.67 90.11
N VAL BA 181 13.66 62.07 88.95
CA VAL BA 181 14.63 61.29 88.19
C VAL BA 181 15.97 62.00 88.05
N LYS BA 182 17.05 61.28 88.33
CA LYS BA 182 18.39 61.76 87.96
C LYS BA 182 19.05 60.77 86.99
N PRO BA 183 18.97 61.06 85.67
CA PRO BA 183 19.50 60.19 84.63
C PRO BA 183 21.02 60.28 84.58
N ALA BA 184 21.66 59.48 83.74
CA ALA BA 184 23.11 59.42 83.73
C ALA BA 184 23.71 60.66 83.09
N GLU BA 185 24.83 61.14 83.65
CA GLU BA 185 25.52 62.33 83.13
C GLU BA 185 25.81 62.20 81.63
N SER BA 186 26.19 60.99 81.23
CA SER BA 186 26.55 60.71 79.85
C SER BA 186 25.35 60.60 78.90
N THR BA 187 24.15 60.35 79.42
CA THR BA 187 22.97 60.29 78.53
C THR BA 187 21.75 61.07 79.06
N PRO BA 188 21.90 62.39 79.25
CA PRO BA 188 20.80 63.13 79.87
C PRO BA 188 19.67 63.42 78.90
N PHE BA 189 19.97 63.49 77.60
CA PHE BA 189 19.02 64.01 76.61
C PHE BA 189 17.77 63.18 76.39
N SER BA 190 17.90 61.86 76.42
CA SER BA 190 16.74 61.00 76.15
C SER BA 190 15.74 61.04 77.30
N ALA BA 191 16.24 61.36 78.49
CA ALA BA 191 15.38 61.53 79.65
C ALA BA 191 14.53 62.81 79.55
N LEU BA 192 15.19 63.92 79.20
CA LEU BA 192 14.56 65.24 79.07
C LEU BA 192 13.51 65.26 77.97
N ALA BA 193 13.78 64.56 76.87
CA ALA BA 193 12.81 64.44 75.79
C ALA BA 193 11.52 63.78 76.30
N MET BA 194 11.67 62.79 77.17
CA MET BA 194 10.55 62.11 77.84
C MET BA 194 9.79 63.09 78.72
N ALA BA 195 10.54 63.98 79.37
CA ALA BA 195 9.93 64.98 80.20
C ALA BA 195 9.09 65.87 79.30
N PHE BA 196 9.71 66.42 78.25
CA PHE BA 196 9.04 67.34 77.35
C PHE BA 196 7.73 66.78 76.80
N LEU BA 197 7.72 65.48 76.50
CA LEU BA 197 6.49 64.85 76.04
C LEU BA 197 5.54 64.53 77.20
N ALA BA 198 6.09 64.33 78.39
CA ALA BA 198 5.24 64.18 79.58
C ALA BA 198 4.48 65.48 79.84
N GLU BA 199 5.15 66.61 79.60
CA GLU BA 199 4.49 67.92 79.66
C GLU BA 199 3.33 67.98 78.67
N ARG BA 200 3.61 67.70 77.40
CA ARG BA 200 2.61 67.70 76.32
C ARG BA 200 1.45 66.74 76.57
N ALA BA 201 1.74 65.61 77.21
CA ALA BA 201 0.70 64.61 77.51
C ALA BA 201 -0.33 65.19 78.45
N GLY BA 202 0.13 66.08 79.33
CA GLY BA 202 -0.72 66.63 80.37
C GLY BA 202 -0.39 66.06 81.74
N VAL BA 203 0.87 65.65 81.93
CA VAL BA 203 1.36 65.27 83.25
C VAL BA 203 1.59 66.57 84.03
N PRO BA 204 0.85 66.74 85.15
CA PRO BA 204 0.85 67.98 85.95
C PRO BA 204 2.21 68.31 86.51
N LYS BA 205 2.56 69.59 86.45
CA LYS BA 205 3.80 70.11 87.00
C LYS BA 205 3.98 69.61 88.43
N GLY BA 206 5.20 69.16 88.74
CA GLY BA 206 5.51 68.58 90.05
C GLY BA 206 5.58 67.06 90.07
N VAL BA 207 4.62 66.40 89.41
CA VAL BA 207 4.52 64.93 89.37
C VAL BA 207 5.75 64.27 88.76
N LEU BA 208 6.42 64.98 87.86
CA LEU BA 208 7.64 64.48 87.25
C LEU BA 208 8.71 65.55 87.24
N SER BA 209 9.89 65.21 87.74
CA SER BA 209 11.05 66.05 87.59
C SER BA 209 12.20 65.23 87.06
N VAL BA 210 13.05 65.88 86.28
CA VAL BA 210 14.31 65.28 85.86
C VAL BA 210 15.41 66.27 86.23
N VAL BA 211 16.32 65.81 87.07
CA VAL BA 211 17.37 66.64 87.61
C VAL BA 211 18.68 66.23 86.97
N ILE BA 212 19.48 67.20 86.55
CA ILE BA 212 20.81 66.93 85.98
C ILE BA 212 21.89 67.65 86.76
N GLY BA 213 23.05 67.01 86.92
CA GLY BA 213 24.17 67.60 87.63
C GLY BA 213 25.08 66.57 88.26
N ASP BA 214 25.83 66.99 89.27
CA ASP BA 214 26.80 66.14 89.98
C ASP BA 214 26.11 64.96 90.66
N PRO BA 215 26.52 63.72 90.31
CA PRO BA 215 25.86 62.52 90.82
C PRO BA 215 26.02 62.31 92.33
N LYS BA 216 27.15 62.73 92.89
CA LYS BA 216 27.36 62.57 94.34
C LYS BA 216 26.39 63.45 95.14
N ALA BA 217 26.24 64.71 94.72
CA ALA BA 217 25.40 65.66 95.46
C ALA BA 217 23.91 65.40 95.29
N ILE BA 218 23.51 65.02 94.08
CA ILE BA 218 22.12 64.67 93.83
C ILE BA 218 21.76 63.37 94.55
N GLY BA 219 22.66 62.39 94.50
CA GLY BA 219 22.46 61.10 95.16
C GLY BA 219 22.29 61.28 96.66
N THR BA 220 23.11 62.15 97.24
CA THR BA 220 23.10 62.40 98.69
C THR BA 220 21.84 63.14 99.13
N GLU BA 221 21.35 64.04 98.30
CA GLU BA 221 20.14 64.76 98.68
C GLU BA 221 18.97 63.78 98.66
N ILE BA 222 18.83 63.07 97.55
CA ILE BA 222 17.77 62.09 97.35
C ILE BA 222 17.72 61.07 98.48
N THR BA 223 18.88 60.53 98.86
CA THR BA 223 18.91 59.46 99.88
C THR BA 223 18.74 59.98 101.30
N SER BA 224 19.19 61.21 101.56
CA SER BA 224 19.15 61.79 102.90
C SER BA 224 17.81 62.45 103.22
N ASN BA 225 17.09 62.86 102.17
CA ASN BA 225 15.82 63.57 102.31
C ASN BA 225 14.70 62.65 102.78
N PRO BA 226 14.05 63.01 103.90
CA PRO BA 226 13.04 62.15 104.49
C PRO BA 226 11.76 62.07 103.65
N ILE BA 227 11.51 63.07 102.80
CA ILE BA 227 10.33 63.06 101.92
C ILE BA 227 10.36 61.92 100.90
N VAL BA 228 11.55 61.56 100.40
CA VAL BA 228 11.66 60.46 99.46
C VAL BA 228 11.45 59.13 100.19
N ARG BA 229 10.27 58.54 100.02
CA ARG BA 229 9.92 57.31 100.71
C ARG BA 229 10.34 56.04 99.95
N LYS BA 230 10.70 56.21 98.68
CA LYS BA 230 10.96 55.11 97.76
C LYS BA 230 12.01 55.51 96.72
N LEU BA 231 13.05 54.69 96.56
CA LEU BA 231 14.06 54.94 95.54
C LEU BA 231 14.28 53.73 94.65
N SER BA 232 14.29 53.97 93.34
CA SER BA 232 14.61 52.93 92.38
C SER BA 232 15.95 53.25 91.72
N PHE BA 233 16.80 52.25 91.58
CA PHE BA 233 18.14 52.43 91.04
C PHE BA 233 18.52 51.28 90.11
N THR BA 234 19.08 51.63 88.95
CA THR BA 234 19.67 50.67 88.05
C THR BA 234 21.10 51.09 87.78
N GLY BA 235 22.03 50.15 87.91
CA GLY BA 235 23.46 50.47 87.87
C GLY BA 235 24.33 49.39 88.51
N SER BA 236 25.52 49.76 88.97
CA SER BA 236 26.44 48.77 89.49
C SER BA 236 26.09 48.35 90.91
N THR BA 237 26.58 47.18 91.31
CA THR BA 237 26.43 46.69 92.67
C THR BA 237 27.10 47.63 93.69
N ALA BA 238 28.33 48.05 93.41
CA ALA BA 238 29.07 48.97 94.30
C ALA BA 238 28.27 50.24 94.63
N VAL BA 239 27.65 50.83 93.61
CA VAL BA 239 26.84 52.05 93.81
C VAL BA 239 25.50 51.73 94.52
N GLY BA 240 24.99 50.52 94.30
CA GLY BA 240 23.79 50.06 94.97
C GLY BA 240 23.94 49.92 96.47
N ARG BA 241 25.10 49.43 96.90
CA ARG BA 241 25.44 49.27 98.31
C ARG BA 241 25.43 50.60 99.04
N LEU BA 242 26.09 51.60 98.45
CA LEU BA 242 26.22 52.91 99.07
C LEU BA 242 24.85 53.52 99.24
N LEU BA 243 24.03 53.35 98.20
CA LEU BA 243 22.69 53.88 98.17
C LEU BA 243 21.81 53.21 99.22
N MET BA 244 21.98 51.90 99.38
CA MET BA 244 21.31 51.15 100.44
C MET BA 244 21.65 51.71 101.83
N ALA BA 245 22.94 51.84 102.13
CA ALA BA 245 23.37 52.39 103.41
C ALA BA 245 22.93 53.85 103.61
N GLN BA 246 23.01 54.63 102.53
CA GLN BA 246 22.60 56.04 102.58
C GLN BA 246 21.12 56.25 102.78
N SER BA 247 20.32 55.30 102.33
CA SER BA 247 18.87 55.39 102.50
C SER BA 247 18.44 54.91 103.88
N ALA BA 248 19.27 54.13 104.54
CA ALA BA 248 18.90 53.43 105.79
C ALA BA 248 18.43 54.33 106.95
N PRO BA 249 19.08 55.49 107.18
CA PRO BA 249 18.52 56.37 108.21
C PRO BA 249 17.02 56.71 108.04
N THR BA 250 16.51 56.61 106.80
CA THR BA 250 15.09 56.89 106.51
C THR BA 250 14.29 55.65 106.16
N VAL BA 251 14.96 54.51 106.16
CA VAL BA 251 14.34 53.21 105.88
C VAL BA 251 13.45 53.28 104.63
N LYS BA 252 14.02 53.82 103.56
CA LYS BA 252 13.34 53.89 102.27
C LYS BA 252 13.08 52.51 101.70
N LYS BA 253 12.03 52.38 100.90
CA LYS BA 253 11.80 51.18 100.13
C LYS BA 253 12.71 51.23 98.89
N LEU BA 254 13.28 50.09 98.54
CA LEU BA 254 14.35 50.04 97.57
C LEU BA 254 14.12 49.08 96.43
N THR BA 255 14.32 49.58 95.21
CA THR BA 255 14.44 48.72 94.04
C THR BA 255 15.85 48.91 93.52
N LEU BA 256 16.60 47.82 93.47
CA LEU BA 256 17.97 47.86 92.98
C LEU BA 256 18.15 46.84 91.88
N GLU BA 257 18.39 47.32 90.66
CA GLU BA 257 18.77 46.44 89.55
C GLU BA 257 20.27 46.59 89.39
N LEU BA 258 21.04 45.64 89.91
CA LEU BA 258 22.49 45.78 90.02
C LEU BA 258 23.33 45.05 88.96
N GLY BA 259 24.58 44.73 89.28
CA GLY BA 259 25.46 44.05 88.33
C GLY BA 259 25.12 42.58 88.20
N GLY BA 260 25.57 41.96 87.10
CA GLY BA 260 25.40 40.53 86.89
C GLY BA 260 26.70 39.80 86.58
N ASN BA 261 26.55 38.65 85.94
CA ASN BA 261 27.65 37.78 85.53
C ASN BA 261 27.03 36.67 84.70
N ALA BA 262 26.15 37.06 83.79
CA ALA BA 262 25.31 36.12 83.06
C ALA BA 262 26.07 35.03 82.32
N PRO BA 263 25.75 33.75 82.66
CA PRO BA 263 26.26 32.60 81.94
C PRO BA 263 25.38 32.21 80.76
N PHE BA 264 26.03 32.01 79.62
CA PHE BA 264 25.38 31.47 78.43
C PHE BA 264 25.83 30.01 78.33
N ILE BA 265 24.92 29.11 78.68
CA ILE BA 265 25.20 27.69 78.81
C ILE BA 265 24.82 26.93 77.54
N VAL BA 266 25.78 26.17 77.00
CA VAL BA 266 25.57 25.35 75.81
C VAL BA 266 25.89 23.86 76.07
N PHE BA 267 24.87 23.02 76.10
CA PHE BA 267 25.04 21.57 76.29
C PHE BA 267 25.27 20.86 74.95
N ASP BA 268 25.52 19.54 74.99
CA ASP BA 268 25.83 18.76 73.77
C ASP BA 268 24.66 18.55 72.79
N ASP BA 269 23.43 18.48 73.31
CA ASP BA 269 22.24 18.28 72.47
C ASP BA 269 21.62 19.58 71.92
N ALA BA 270 22.23 20.71 72.26
CA ALA BA 270 21.78 22.01 71.77
C ALA BA 270 21.90 22.14 70.26
N ASP BA 271 20.96 22.85 69.64
CA ASP BA 271 21.06 23.25 68.25
C ASP BA 271 22.12 24.35 68.17
N LEU BA 272 23.23 24.03 67.50
CA LEU BA 272 24.42 24.87 67.56
C LEU BA 272 24.32 26.18 66.78
N ASP BA 273 23.57 26.14 65.68
CA ASP BA 273 23.28 27.37 64.95
C ASP BA 273 22.43 28.31 65.81
N ALA BA 274 21.52 27.73 66.58
CA ALA BA 274 20.63 28.50 67.45
C ALA BA 274 21.39 29.10 68.62
N ALA BA 275 22.18 28.28 69.30
CA ALA BA 275 23.01 28.77 70.39
C ALA BA 275 23.89 29.94 69.95
N VAL BA 276 24.45 29.87 68.73
CA VAL BA 276 25.29 30.93 68.19
C VAL BA 276 24.49 32.22 67.95
N GLU BA 277 23.33 32.07 67.32
CA GLU BA 277 22.42 33.18 67.08
C GLU BA 277 22.09 33.92 68.39
N GLY BA 278 21.76 33.17 69.44
CA GLY BA 278 21.44 33.71 70.75
C GLY BA 278 22.64 34.32 71.47
N ALA BA 279 23.81 33.79 71.17
CA ALA BA 279 25.07 34.35 71.68
C ALA BA 279 25.34 35.72 71.08
N ILE BA 280 24.96 35.91 69.81
CA ILE BA 280 25.11 37.20 69.16
C ILE BA 280 24.12 38.23 69.75
N ALA BA 281 22.89 37.78 69.94
CA ALA BA 281 21.84 38.60 70.53
C ALA BA 281 22.15 38.99 71.99
N SER BA 282 22.59 38.01 72.79
CA SER BA 282 22.81 38.26 74.21
C SER BA 282 24.18 38.80 74.58
N LYS BA 283 25.17 38.65 73.70
CA LYS BA 283 26.50 39.17 73.99
C LYS BA 283 26.83 40.46 73.23
N TYR BA 284 26.25 40.62 72.04
CA TYR BA 284 26.62 41.75 71.19
C TYR BA 284 25.54 42.83 70.96
N ARG BA 285 24.40 42.72 71.65
CA ARG BA 285 23.42 43.81 71.63
C ARG BA 285 24.01 44.97 72.40
N ASN BA 286 23.78 46.19 71.89
CA ASN BA 286 24.34 47.41 72.49
C ASN BA 286 25.83 47.23 72.85
N ASN BA 287 26.57 46.57 71.97
CA ASN BA 287 28.01 46.35 72.12
C ASN BA 287 28.45 45.68 73.44
N GLY BA 288 27.60 44.80 73.96
CA GLY BA 288 27.85 44.06 75.20
C GLY BA 288 27.69 44.88 76.47
N GLN BA 289 26.96 45.98 76.37
CA GLN BA 289 26.87 46.95 77.47
C GLN BA 289 25.51 46.92 78.18
N THR BA 290 24.68 45.96 77.81
CA THR BA 290 23.40 45.73 78.46
C THR BA 290 23.59 45.06 79.84
N CYS BA 291 22.64 45.30 80.75
CA CYS BA 291 22.64 44.73 82.11
C CYS BA 291 22.65 43.20 82.10
N VAL BA 292 21.95 42.63 81.14
CA VAL BA 292 21.71 41.20 81.07
C VAL BA 292 22.60 40.52 80.03
N CYS BA 293 23.63 41.23 79.59
CA CYS BA 293 24.58 40.66 78.64
C CYS BA 293 25.31 39.46 79.22
N THR BA 294 25.46 38.45 78.37
CA THR BA 294 26.30 37.31 78.64
C THR BA 294 27.69 37.79 79.04
N ASN BA 295 28.25 37.20 80.08
CA ASN BA 295 29.59 37.56 80.54
C ASN BA 295 30.49 36.33 80.48
N ARG BA 296 29.88 35.16 80.67
CA ARG BA 296 30.61 33.92 80.66
C ARG BA 296 29.85 32.97 79.76
N PHE BA 297 30.52 32.51 78.72
CA PHE BA 297 30.02 31.38 77.97
C PHE BA 297 30.52 30.08 78.61
N PHE BA 298 29.63 29.13 78.77
CA PHE BA 298 29.98 27.82 79.32
C PHE BA 298 29.59 26.76 78.31
N VAL BA 299 30.57 26.31 77.53
CA VAL BA 299 30.35 25.38 76.44
C VAL BA 299 30.83 23.99 76.85
N HIS BA 300 30.06 22.97 76.48
CA HIS BA 300 30.34 21.57 76.86
C HIS BA 300 31.59 21.07 76.13
N GLU BA 301 32.40 20.28 76.83
CA GLU BA 301 33.55 19.58 76.24
C GLU BA 301 33.31 19.15 74.81
N ARG BA 302 32.22 18.42 74.61
CA ARG BA 302 31.96 17.70 73.37
C ARG BA 302 31.75 18.60 72.17
N VAL BA 303 30.94 19.64 72.34
CA VAL BA 303 30.59 20.55 71.26
C VAL BA 303 31.47 21.79 71.22
N TYR BA 304 32.36 21.92 72.19
CA TYR BA 304 33.17 23.13 72.37
C TYR BA 304 33.73 23.69 71.07
N ASP BA 305 34.60 22.89 70.43
CA ASP BA 305 35.30 23.32 69.23
C ASP BA 305 34.33 23.74 68.13
N ALA BA 306 33.25 22.99 67.97
CA ALA BA 306 32.25 23.27 66.95
C ALA BA 306 31.57 24.63 67.16
N PHE BA 307 31.18 24.90 68.41
CA PHE BA 307 30.50 26.13 68.79
C PHE BA 307 31.42 27.32 68.58
N ALA BA 308 32.63 27.20 69.11
CA ALA BA 308 33.68 28.20 68.95
C ALA BA 308 33.93 28.56 67.47
N ASP BA 309 34.04 27.54 66.63
CA ASP BA 309 34.20 27.74 65.19
C ASP BA 309 32.99 28.48 64.61
N LYS BA 310 31.78 28.04 64.96
CA LYS BA 310 30.55 28.64 64.45
C LYS BA 310 30.31 30.08 64.95
N LEU BA 311 30.76 30.38 66.16
CA LEU BA 311 30.58 31.71 66.72
C LEU BA 311 31.47 32.74 66.04
N ALA BA 312 32.77 32.46 65.98
CA ALA BA 312 33.75 33.33 65.32
C ALA BA 312 33.33 33.71 63.91
N ALA BA 313 32.83 32.73 63.16
CA ALA BA 313 32.34 32.96 61.80
C ALA BA 313 31.15 33.93 61.79
N ALA BA 314 30.30 33.82 62.81
CA ALA BA 314 29.15 34.71 62.93
C ALA BA 314 29.54 36.08 63.50
N VAL BA 315 30.59 36.10 64.32
CA VAL BA 315 31.11 37.34 64.90
C VAL BA 315 31.81 38.21 63.85
N SER BA 316 32.73 37.63 63.09
CA SER BA 316 33.46 38.38 62.07
C SER BA 316 32.52 38.89 60.97
N LYS BA 317 31.26 38.44 61.01
CA LYS BA 317 30.25 38.88 60.05
C LYS BA 317 29.52 40.17 60.51
N LEU BA 318 29.89 40.70 61.67
CA LEU BA 318 29.22 41.86 62.24
C LEU BA 318 29.85 43.19 61.80
N LYS BA 319 29.02 44.15 61.42
CA LYS BA 319 29.49 45.42 60.85
C LYS BA 319 29.64 46.55 61.89
N VAL BA 320 30.89 46.87 62.21
CA VAL BA 320 31.20 47.92 63.16
C VAL BA 320 31.09 49.31 62.50
N GLY BA 321 30.33 50.22 63.12
CA GLY BA 321 30.18 51.58 62.60
C GLY BA 321 29.30 52.50 63.43
N ARG BA 322 29.32 53.79 63.07
CA ARG BA 322 28.47 54.80 63.72
C ARG BA 322 27.01 54.38 63.62
N GLY BA 323 26.24 54.70 64.65
CA GLY BA 323 24.84 54.30 64.71
C GLY BA 323 24.00 54.78 63.55
N THR BA 324 24.39 55.91 62.98
CA THR BA 324 23.61 56.59 61.93
C THR BA 324 23.66 55.91 60.56
N GLU BA 325 24.87 55.60 60.08
CA GLU BA 325 25.05 55.02 58.75
C GLU BA 325 24.61 53.55 58.66
N SER BA 326 24.04 53.22 57.49
CA SER BA 326 23.26 51.99 57.28
C SER BA 326 24.10 50.72 57.30
N GLY BA 327 23.52 49.68 57.91
CA GLY BA 327 24.15 48.37 57.99
C GLY BA 327 24.96 48.15 59.26
N ALA BA 328 25.45 49.25 59.85
CA ALA BA 328 26.23 49.20 61.08
C ALA BA 328 25.47 48.52 62.23
N THR BA 329 26.04 47.42 62.72
CA THR BA 329 25.42 46.62 63.76
C THR BA 329 26.06 46.80 65.14
N LEU BA 330 27.31 47.27 65.16
CA LEU BA 330 28.01 47.49 66.42
C LEU BA 330 28.51 48.93 66.59
N GLY BA 331 28.17 49.53 67.72
CA GLY BA 331 28.57 50.90 68.03
C GLY BA 331 29.80 50.98 68.92
N PRO BA 332 30.19 52.21 69.30
CA PRO BA 332 31.33 52.41 70.19
C PRO BA 332 30.94 52.31 71.66
N LEU BA 333 31.91 51.94 72.49
CA LEU BA 333 31.71 51.92 73.93
C LEU BA 333 31.44 53.34 74.41
N ILE BA 334 30.77 53.45 75.55
CA ILE BA 334 30.31 54.73 76.10
C ILE BA 334 31.40 55.78 76.15
N ASN BA 335 32.58 55.43 76.68
CA ASN BA 335 33.68 56.37 76.80
C ASN BA 335 35.04 55.71 76.56
N GLU BA 336 35.97 55.85 77.50
CA GLU BA 336 37.34 55.35 77.33
C GLU BA 336 37.78 54.50 78.52
N ALA BA 337 37.18 54.72 79.68
CA ALA BA 337 37.41 53.85 80.83
C ALA BA 337 36.79 52.49 80.55
N ALA BA 338 35.70 52.50 79.77
CA ALA BA 338 35.05 51.28 79.32
C ALA BA 338 35.93 50.49 78.36
N VAL BA 339 36.58 51.19 77.44
CA VAL BA 339 37.53 50.56 76.51
C VAL BA 339 38.71 49.98 77.29
N LYS BA 340 39.23 50.76 78.24
CA LYS BA 340 40.31 50.29 79.10
C LYS BA 340 39.89 49.07 79.89
N LYS BA 341 38.61 49.00 80.27
CA LYS BA 341 38.08 47.88 81.06
C LYS BA 341 38.16 46.56 80.28
N VAL BA 342 37.83 46.63 78.99
CA VAL BA 342 37.88 45.47 78.11
C VAL BA 342 39.31 44.96 78.04
N GLU BA 343 40.25 45.87 77.82
CA GLU BA 343 41.68 45.55 77.72
C GLU BA 343 42.15 44.73 78.92
N SER BA 344 42.05 45.32 80.12
CA SER BA 344 42.49 44.68 81.35
C SER BA 344 41.94 43.26 81.52
N HIS BA 345 40.75 43.03 80.97
CA HIS BA 345 40.13 41.71 80.98
C HIS BA 345 40.83 40.74 80.03
N ILE BA 346 41.10 41.22 78.81
CA ILE BA 346 41.82 40.44 77.81
C ILE BA 346 43.24 40.09 78.27
N ALA BA 347 44.02 41.12 78.60
CA ALA BA 347 45.39 40.94 79.10
C ALA BA 347 45.48 39.85 80.17
N ASP BA 348 44.78 40.08 81.28
CA ASP BA 348 44.79 39.16 82.42
C ASP BA 348 44.33 37.75 82.04
N ALA BA 349 43.37 37.68 81.11
CA ALA BA 349 42.91 36.41 80.58
C ALA BA 349 43.98 35.83 79.66
N LEU BA 350 44.13 36.45 78.49
CA LEU BA 350 45.07 36.06 77.40
C LEU BA 350 46.51 35.71 77.83
N ALA BA 351 46.95 36.27 78.95
CA ALA BA 351 48.24 35.92 79.53
C ALA BA 351 48.03 34.97 80.71
N LYS BA 352 47.21 33.95 80.49
CA LYS BA 352 46.87 32.96 81.52
C LYS BA 352 46.45 31.63 80.90
N GLY BA 353 46.75 31.45 79.62
CA GLY BA 353 46.37 30.23 78.91
C GLY BA 353 45.28 30.51 77.90
N ALA BA 354 44.63 31.65 78.04
CA ALA BA 354 43.55 32.03 77.14
C ALA BA 354 44.11 32.26 75.74
N SER BA 355 43.23 32.23 74.74
CA SER BA 355 43.66 32.40 73.37
C SER BA 355 42.65 33.17 72.54
N LEU BA 356 43.16 34.15 71.80
CA LEU BA 356 42.37 34.98 70.90
C LEU BA 356 41.81 34.16 69.72
N MET BA 357 40.80 34.69 69.05
CA MET BA 357 40.12 33.96 67.98
C MET BA 357 39.48 34.93 66.99
N THR BA 358 39.29 36.16 67.45
CA THR BA 358 39.00 37.31 66.59
C THR BA 358 39.01 38.53 67.48
N GLY BA 359 39.28 39.70 66.91
CA GLY BA 359 39.34 40.94 67.67
C GLY BA 359 40.60 41.09 68.51
N GLY BA 360 40.43 41.31 69.81
CA GLY BA 360 41.53 41.58 70.74
C GLY BA 360 42.00 43.02 70.70
N LYS BA 361 41.68 43.69 69.60
CA LYS BA 361 42.22 45.00 69.26
C LYS BA 361 41.17 46.10 69.23
N ARG BA 362 41.60 47.31 69.56
CA ARG BA 362 40.83 48.53 69.31
C ARG BA 362 40.62 48.72 67.80
N HIS BA 363 39.72 49.62 67.40
CA HIS BA 363 39.30 49.70 66.01
C HIS BA 363 39.92 50.88 65.23
N ALA BA 364 39.68 50.89 63.92
CA ALA BA 364 40.12 51.94 63.01
C ALA BA 364 39.28 53.20 63.16
N LEU BA 365 38.00 53.03 63.49
CA LEU BA 365 37.06 54.13 63.58
C LEU BA 365 37.38 55.03 64.78
N GLY BA 366 38.23 54.54 65.69
CA GLY BA 366 38.77 55.37 66.77
C GLY BA 366 37.81 55.67 67.92
N HIS BA 367 38.24 56.58 68.80
CA HIS BA 367 37.51 56.99 70.00
C HIS BA 367 37.12 55.83 70.93
N GLY BA 368 35.94 55.26 70.71
CA GLY BA 368 35.38 54.23 71.58
C GLY BA 368 34.98 52.94 70.88
N PHE BA 369 35.29 52.82 69.59
CA PHE BA 369 35.00 51.61 68.84
C PHE BA 369 36.02 50.51 69.17
N PHE BA 370 35.56 49.25 69.14
CA PHE BA 370 36.39 48.11 69.51
C PHE BA 370 35.91 46.83 68.82
N GLU BA 371 36.85 46.13 68.17
CA GLU BA 371 36.56 44.89 67.43
C GLU BA 371 35.94 43.81 68.31
N PRO BA 372 34.81 43.24 67.87
CA PRO BA 372 34.14 42.17 68.60
C PRO BA 372 35.06 40.96 68.77
N THR BA 373 35.23 40.55 70.03
CA THR BA 373 36.26 39.59 70.41
C THR BA 373 35.68 38.25 70.85
N VAL BA 374 36.36 37.17 70.49
CA VAL BA 374 36.06 35.83 71.02
C VAL BA 374 37.30 35.29 71.71
N LEU BA 375 37.10 34.57 72.81
CA LEU BA 375 38.21 34.01 73.60
C LEU BA 375 37.99 32.54 73.98
N THR BA 376 39.06 31.76 73.92
CA THR BA 376 39.01 30.32 74.21
C THR BA 376 39.85 29.93 75.41
N GLY BA 377 39.60 28.73 75.93
CA GLY BA 377 40.32 28.21 77.07
C GLY BA 377 40.43 29.23 78.18
N VAL BA 378 39.28 29.67 78.70
CA VAL BA 378 39.27 30.59 79.81
C VAL BA 378 39.12 29.78 81.09
N LYS BA 379 39.68 30.27 82.19
CA LYS BA 379 39.64 29.56 83.46
C LYS BA 379 39.13 30.45 84.59
N PRO BA 380 38.32 29.89 85.51
CA PRO BA 380 37.76 30.58 86.67
C PRO BA 380 38.70 31.56 87.38
N ASP BA 381 39.99 31.22 87.48
CA ASP BA 381 41.00 32.09 88.11
C ASP BA 381 41.20 33.44 87.40
N MET BA 382 40.56 33.61 86.24
CA MET BA 382 40.65 34.85 85.46
C MET BA 382 39.66 35.93 85.90
N ASP BA 383 39.83 37.14 85.36
CA ASP BA 383 39.09 38.31 85.81
C ASP BA 383 37.68 38.35 85.25
N VAL BA 384 37.55 38.19 83.95
CA VAL BA 384 36.26 38.11 83.27
C VAL BA 384 35.38 36.99 83.86
N ALA BA 385 35.99 36.09 84.63
CA ALA BA 385 35.24 35.07 85.35
C ALA BA 385 34.48 35.65 86.54
N LYS BA 386 35.11 36.58 87.25
CA LYS BA 386 34.55 37.16 88.47
C LYS BA 386 34.00 38.59 88.29
N GLU BA 387 34.26 39.19 87.13
CA GLU BA 387 33.86 40.57 86.84
C GLU BA 387 33.04 40.72 85.57
N GLU BA 388 32.25 41.78 85.51
CA GLU BA 388 31.49 42.09 84.31
C GLU BA 388 32.37 42.89 83.33
N THR BA 389 32.33 42.49 82.06
CA THR BA 389 33.15 43.14 81.03
C THR BA 389 32.59 44.51 80.65
N PHE BA 390 31.33 44.53 80.22
CA PHE BA 390 30.63 45.71 79.71
C PHE BA 390 31.14 46.19 78.35
N GLY BA 391 31.68 45.24 77.58
CA GLY BA 391 32.12 45.46 76.21
C GLY BA 391 31.76 44.25 75.37
N PRO BA 392 32.33 44.14 74.15
CA PRO BA 392 31.92 43.12 73.19
C PRO BA 392 32.87 41.92 73.12
N LEU BA 393 32.94 41.15 74.21
CA LEU BA 393 33.94 40.12 74.40
C LEU BA 393 33.36 38.77 74.83
N ALA BA 394 33.41 37.77 73.94
CA ALA BA 394 32.91 36.41 74.21
C ALA BA 394 33.96 35.48 74.81
N PRO BA 395 33.97 35.29 76.15
CA PRO BA 395 34.96 34.42 76.76
C PRO BA 395 34.39 33.01 77.00
N LEU BA 396 34.85 32.04 76.22
CA LEU BA 396 34.31 30.69 76.29
C LEU BA 396 34.99 29.85 77.36
N PHE BA 397 34.22 29.46 78.37
CA PHE BA 397 34.65 28.48 79.38
C PHE BA 397 34.21 27.08 78.93
N ARG BA 398 34.94 26.07 79.40
CA ARG BA 398 34.71 24.67 79.06
C ARG BA 398 34.22 23.93 80.29
N PHE BA 399 33.28 23.00 80.11
CA PHE BA 399 32.80 22.15 81.21
C PHE BA 399 32.47 20.72 80.75
N ALA BA 400 32.28 19.82 81.70
CA ALA BA 400 32.22 18.36 81.44
C ALA BA 400 30.99 17.66 81.98
N SER BA 401 30.31 18.28 82.94
CA SER BA 401 29.09 17.69 83.49
C SER BA 401 28.04 18.74 83.88
N GLU BA 402 26.79 18.31 83.83
CA GLU BA 402 25.67 19.03 84.37
C GLU BA 402 25.92 19.47 85.83
N GLU BA 403 26.49 18.59 86.63
CA GLU BA 403 26.76 18.88 88.04
C GLU BA 403 27.85 19.94 88.18
N GLU BA 404 28.89 19.82 87.36
CA GLU BA 404 29.96 20.82 87.31
C GLU BA 404 29.40 22.19 86.93
N LEU BA 405 28.67 22.24 85.81
CA LEU BA 405 28.15 23.50 85.26
C LEU BA 405 27.39 24.33 86.29
N VAL BA 406 26.37 23.73 86.89
CA VAL BA 406 25.57 24.38 87.91
C VAL BA 406 26.46 25.00 88.98
N ARG BA 407 27.50 24.27 89.38
CA ARG BA 407 28.45 24.81 90.35
C ARG BA 407 29.18 26.03 89.76
N LEU BA 408 29.77 25.88 88.58
CA LEU BA 408 30.50 26.97 87.94
C LEU BA 408 29.63 28.20 87.75
N ALA BA 409 28.40 27.96 87.29
CA ALA BA 409 27.46 29.04 86.97
C ALA BA 409 26.99 29.79 88.21
N ASN BA 410 26.84 29.09 89.32
CA ASN BA 410 26.34 29.72 90.54
C ASN BA 410 27.42 30.32 91.44
N ASP BA 411 28.68 30.03 91.13
CA ASP BA 411 29.80 30.45 91.96
C ASP BA 411 30.19 31.91 91.65
N THR BA 412 29.39 32.84 92.17
CA THR BA 412 29.54 34.27 91.95
C THR BA 412 28.56 35.03 92.87
N GLU BA 413 28.90 36.28 93.18
CA GLU BA 413 28.06 37.11 94.05
C GLU BA 413 26.75 37.56 93.37
N PHE BA 414 26.69 37.48 92.04
CA PHE BA 414 25.59 38.06 91.28
C PHE BA 414 24.58 37.00 90.85
N GLY BA 415 23.43 37.45 90.35
CA GLY BA 415 22.39 36.54 89.86
C GLY BA 415 21.27 37.24 89.10
N LEU BA 416 21.60 37.80 87.93
CA LEU BA 416 20.61 38.53 87.15
C LEU BA 416 20.02 37.66 86.03
N ALA BA 417 20.67 37.66 84.87
CA ALA BA 417 20.21 36.82 83.77
C ALA BA 417 21.12 35.61 83.59
N ALA BA 418 20.56 34.57 82.98
CA ALA BA 418 21.30 33.41 82.52
C ALA BA 418 20.63 32.89 81.26
N TYR BA 419 21.37 32.14 80.45
CA TYR BA 419 20.82 31.54 79.25
C TYR BA 419 21.26 30.09 79.15
N LEU BA 420 20.38 29.20 78.70
CA LEU BA 420 20.77 27.81 78.52
C LEU BA 420 20.20 27.17 77.26
N TYR BA 421 21.08 26.58 76.45
CA TYR BA 421 20.65 25.86 75.27
C TYR BA 421 20.77 24.36 75.48
N SER BA 422 19.64 23.69 75.39
CA SER BA 422 19.55 22.24 75.44
C SER BA 422 18.19 21.86 74.90
N ARG BA 423 18.10 20.63 74.41
CA ARG BA 423 16.90 20.16 73.75
C ARG BA 423 16.13 19.20 74.63
N ASP BA 424 16.81 18.61 75.60
CA ASP BA 424 16.24 17.60 76.48
C ASP BA 424 15.38 18.27 77.56
N ILE BA 425 14.07 18.06 77.51
CA ILE BA 425 13.13 18.71 78.43
C ILE BA 425 13.47 18.48 79.93
N GLY BA 426 13.99 17.30 80.24
CA GLY BA 426 14.46 16.98 81.58
C GLY BA 426 15.64 17.83 81.99
N ARG BA 427 16.63 17.93 81.11
CA ARG BA 427 17.81 18.74 81.36
C ARG BA 427 17.45 20.20 81.61
N VAL BA 428 16.66 20.78 80.71
CA VAL BA 428 16.27 22.20 80.79
C VAL BA 428 15.73 22.56 82.17
N TRP BA 429 14.77 21.77 82.64
CA TRP BA 429 14.09 22.04 83.91
C TRP BA 429 14.97 21.89 85.14
N ARG BA 430 15.77 20.83 85.19
CA ARG BA 430 16.72 20.64 86.29
C ARG BA 430 17.67 21.83 86.39
N VAL BA 431 18.28 22.21 85.27
CA VAL BA 431 19.26 23.28 85.23
C VAL BA 431 18.61 24.63 85.58
N ALA BA 432 17.48 24.92 84.93
CA ALA BA 432 16.76 26.17 85.15
C ALA BA 432 16.53 26.44 86.64
N GLU BA 433 16.11 25.40 87.35
CA GLU BA 433 15.76 25.49 88.76
C GLU BA 433 16.94 25.56 89.71
N ALA BA 434 18.06 24.96 89.32
CA ALA BA 434 19.29 25.06 90.10
C ALA BA 434 20.06 26.39 89.90
N LEU BA 435 19.84 27.06 88.77
CA LEU BA 435 20.49 28.36 88.49
C LEU BA 435 20.04 29.47 89.45
N GLU BA 436 21.00 30.06 90.15
CA GLU BA 436 20.70 31.13 91.10
C GLU BA 436 20.58 32.49 90.39
N TYR BA 437 19.49 32.63 89.63
CA TYR BA 437 19.29 33.80 88.78
C TYR BA 437 17.84 34.22 88.74
N GLY BA 438 17.64 35.54 88.66
CA GLY BA 438 16.30 36.09 88.50
C GLY BA 438 15.64 35.78 87.18
N MET BA 439 16.44 35.60 86.13
CA MET BA 439 15.91 35.36 84.79
C MET BA 439 16.74 34.34 84.00
N VAL BA 440 16.05 33.44 83.32
CA VAL BA 440 16.70 32.41 82.52
C VAL BA 440 16.07 32.33 81.14
N GLY BA 441 16.88 32.57 80.11
CA GLY BA 441 16.45 32.38 78.72
C GLY BA 441 16.74 30.96 78.29
N ILE BA 442 15.70 30.24 77.92
CA ILE BA 442 15.82 28.84 77.52
C ILE BA 442 15.76 28.72 76.01
N ASN BA 443 16.91 28.43 75.40
CA ASN BA 443 17.04 28.35 73.95
C ASN BA 443 16.78 29.70 73.24
N THR BA 444 17.11 30.80 73.94
CA THR BA 444 17.11 32.13 73.34
C THR BA 444 17.98 33.11 74.13
N GLY BA 445 18.57 34.07 73.43
CA GLY BA 445 19.37 35.10 74.07
C GLY BA 445 18.65 36.43 74.18
N LEU BA 446 17.35 36.44 73.90
CA LEU BA 446 16.54 37.64 74.03
C LEU BA 446 15.33 37.41 74.93
N ILE BA 447 15.35 38.06 76.09
CA ILE BA 447 14.34 37.81 77.13
C ILE BA 447 13.58 39.05 77.59
N SER BA 448 14.12 40.22 77.22
CA SER BA 448 13.58 41.50 77.65
C SER BA 448 12.21 41.82 77.05
N ASN BA 449 11.21 41.92 77.92
CA ASN BA 449 9.86 42.38 77.55
C ASN BA 449 9.11 43.00 78.75
N GLU BA 450 7.95 43.60 78.49
CA GLU BA 450 7.25 44.33 79.53
C GLU BA 450 6.30 43.50 80.41
N VAL BA 451 5.92 42.32 79.94
CA VAL BA 451 4.97 41.48 80.70
C VAL BA 451 5.61 40.56 81.74
N ALA BA 452 6.90 40.29 81.56
CA ALA BA 452 7.66 39.44 82.46
C ALA BA 452 8.38 40.25 83.56
N PRO BA 453 8.67 39.61 84.73
CA PRO BA 453 9.28 40.31 85.85
C PRO BA 453 10.80 40.31 85.76
N PHE BA 454 11.36 41.51 85.74
CA PHE BA 454 12.76 41.74 85.44
C PHE BA 454 13.50 42.10 86.72
N GLY BA 455 14.51 41.31 87.07
CA GLY BA 455 15.30 41.62 88.26
C GLY BA 455 16.22 40.51 88.68
N GLY BA 456 17.11 40.84 89.61
CA GLY BA 456 18.12 39.89 90.05
C GLY BA 456 17.90 39.28 91.41
N VAL BA 457 18.67 38.25 91.71
CA VAL BA 457 18.74 37.68 93.06
C VAL BA 457 20.14 37.92 93.63
N LYS BA 458 20.34 37.56 94.89
CA LYS BA 458 21.64 37.66 95.53
C LYS BA 458 22.13 39.10 95.46
N GLN BA 459 23.28 39.34 94.86
CA GLN BA 459 23.80 40.72 94.85
C GLN BA 459 23.52 41.48 93.55
N SER BA 460 22.62 40.95 92.74
CA SER BA 460 22.15 41.65 91.54
C SER BA 460 20.92 42.51 91.83
N GLY BA 461 20.48 42.52 93.08
CA GLY BA 461 19.49 43.51 93.54
C GLY BA 461 18.27 43.03 94.29
N LEU BA 462 17.27 43.93 94.36
CA LEU BA 462 16.02 43.73 95.08
C LEU BA 462 14.88 44.31 94.27
N GLY BA 463 13.78 43.58 94.18
CA GLY BA 463 12.59 44.03 93.45
C GLY BA 463 12.55 43.55 92.02
N ARG BA 464 11.40 43.72 91.38
CA ARG BA 464 11.24 43.38 89.97
C ARG BA 464 10.67 44.56 89.19
N GLU BA 465 10.98 44.61 87.90
CA GLU BA 465 10.40 45.61 87.01
C GLU BA 465 9.61 44.93 85.88
N GLY BA 466 8.62 45.65 85.32
CA GLY BA 466 7.71 45.07 84.34
C GLY BA 466 6.75 44.12 85.02
N SER BA 467 5.74 43.64 84.28
CA SER BA 467 4.69 42.73 84.80
C SER BA 467 3.85 43.35 85.92
N HIS BA 468 2.95 42.56 86.50
CA HIS BA 468 2.15 43.03 87.63
C HIS BA 468 3.00 43.29 88.89
N TYR BA 469 4.13 42.57 88.99
CA TYR BA 469 5.06 42.73 90.13
C TYR BA 469 5.72 44.11 90.17
N GLY BA 470 5.88 44.71 89.00
CA GLY BA 470 6.57 46.00 88.87
C GLY BA 470 5.92 47.13 89.64
N ILE BA 471 4.62 46.99 89.88
CA ILE BA 471 3.83 48.05 90.52
C ILE BA 471 3.71 47.89 92.04
N ASP BA 472 3.90 46.67 92.55
CA ASP BA 472 3.86 46.38 93.98
C ASP BA 472 4.77 47.28 94.80
N ASP BA 473 5.95 47.57 94.27
CA ASP BA 473 6.98 48.30 95.00
C ASP BA 473 6.78 49.81 94.99
N TYR BA 474 5.70 50.26 94.35
CA TYR BA 474 5.34 51.68 94.34
C TYR BA 474 4.05 51.94 95.13
N VAL BA 475 3.41 50.85 95.56
CA VAL BA 475 2.27 50.95 96.46
C VAL BA 475 2.59 50.46 97.86
N VAL BA 476 1.79 50.92 98.81
CA VAL BA 476 1.93 50.54 100.19
C VAL BA 476 0.62 49.89 100.63
N ILE BA 477 0.75 48.80 101.35
CA ILE BA 477 -0.39 47.98 101.76
C ILE BA 477 -1.00 48.39 103.13
N LYS BA 478 -2.30 48.62 103.16
CA LYS BA 478 -2.99 49.03 104.39
C LYS BA 478 -4.06 48.03 104.85
N TYR BA 479 -3.77 47.36 105.96
CA TYR BA 479 -4.68 46.39 106.57
C TYR BA 479 -5.72 47.12 107.42
N LEU BA 480 -6.97 46.70 107.29
CA LEU BA 480 -8.05 47.30 108.07
C LEU BA 480 -8.79 46.24 108.86
N CYS BA 481 -8.81 46.40 110.18
CA CYS BA 481 -9.70 45.59 111.00
C CYS BA 481 -11.00 46.36 111.15
N VAL BA 482 -12.10 45.69 110.83
CA VAL BA 482 -13.42 46.25 111.03
C VAL BA 482 -14.15 45.44 112.11
N ALA BA 483 -14.74 46.14 113.06
CA ALA BA 483 -15.64 45.51 114.02
C ALA BA 483 -17.09 45.62 113.52
N VAL BA 484 -17.92 44.65 113.88
CA VAL BA 484 -19.33 44.63 113.46
C VAL BA 484 -20.30 44.62 114.67
N GLY CA 3 68.75 -2.25 66.26
CA GLY CA 3 68.59 -3.37 67.24
C GLY CA 3 67.23 -3.40 67.94
N SER CA 4 66.30 -2.58 67.46
CA SER CA 4 64.95 -2.45 68.04
C SER CA 4 63.87 -2.67 66.97
N MET CA 5 64.15 -3.59 66.03
CA MET CA 5 63.32 -3.81 64.84
C MET CA 5 63.21 -5.30 64.53
N LYS CA 6 62.13 -5.72 63.88
CA LYS CA 6 61.95 -7.13 63.47
C LYS CA 6 63.13 -7.66 62.63
N ASP CA 7 63.74 -6.74 61.87
CA ASP CA 7 64.91 -7.06 61.05
C ASP CA 7 66.02 -6.05 61.34
N PRO CA 8 66.90 -6.37 62.33
CA PRO CA 8 67.93 -5.42 62.75
C PRO CA 8 69.06 -5.19 61.74
N SER CA 9 69.25 -6.14 60.81
CA SER CA 9 70.27 -6.00 59.78
C SER CA 9 69.90 -4.95 58.71
N LEU CA 10 68.71 -4.37 58.83
CA LEU CA 10 68.28 -3.25 57.96
C LEU CA 10 69.10 -1.98 58.18
N LEU CA 11 69.51 -1.75 59.43
CA LEU CA 11 70.40 -0.65 59.77
C LEU CA 11 71.83 -1.00 59.36
N ARG CA 12 72.37 -0.28 58.37
CA ARG CA 12 73.68 -0.59 57.82
C ARG CA 12 74.74 0.38 58.33
N HIS CA 13 75.96 -0.12 58.52
CA HIS CA 13 77.04 0.73 59.01
C HIS CA 13 78.21 0.76 58.03
N GLN CA 14 78.05 0.06 56.92
CA GLN CA 14 78.98 0.13 55.80
C GLN CA 14 78.31 0.85 54.63
N ALA CA 15 79.13 1.27 53.66
CA ALA CA 15 78.63 1.89 52.45
C ALA CA 15 78.57 0.85 51.32
N TYR CA 16 77.68 1.08 50.34
CA TYR CA 16 77.44 0.12 49.28
C TYR CA 16 78.16 0.51 47.98
N ILE CA 17 79.21 -0.23 47.64
CA ILE CA 17 80.06 0.12 46.50
C ILE CA 17 80.14 -1.03 45.50
N GLY CA 18 79.42 -0.86 44.40
CA GLY CA 18 79.49 -1.79 43.27
C GLY CA 18 79.05 -3.20 43.61
N GLY CA 19 78.00 -3.31 44.41
CA GLY CA 19 77.43 -4.61 44.77
C GLY CA 19 77.97 -5.17 46.07
N GLU CA 20 79.05 -4.57 46.57
CA GLU CA 20 79.67 -5.02 47.80
C GLU CA 20 79.72 -3.96 48.88
N TRP CA 21 79.40 -4.39 50.10
CA TRP CA 21 79.46 -3.52 51.27
C TRP CA 21 80.90 -3.39 51.76
N GLN CA 22 81.32 -2.14 51.99
CA GLN CA 22 82.63 -1.87 52.56
C GLN CA 22 82.68 -0.53 53.30
N ALA CA 23 83.79 -0.32 54.01
CA ALA CA 23 84.07 0.92 54.69
C ALA CA 23 85.14 1.66 53.90
N ALA CA 24 85.41 2.90 54.30
CA ALA CA 24 86.42 3.73 53.63
C ALA CA 24 87.79 3.05 53.52
N ASP CA 25 88.51 3.34 52.42
CA ASP CA 25 89.86 2.83 52.16
C ASP CA 25 90.79 3.00 53.35
N SER CA 26 90.56 4.07 54.11
CA SER CA 26 91.10 4.26 55.43
C SER CA 26 89.90 4.19 56.36
N ASP CA 27 89.92 3.25 57.31
CA ASP CA 27 88.73 2.96 58.13
C ASP CA 27 88.10 4.15 58.87
N ALA CA 28 88.19 5.34 58.26
CA ALA CA 28 87.61 6.55 58.83
C ALA CA 28 86.09 6.49 58.83
N THR CA 29 85.49 7.18 59.78
CA THR CA 29 84.03 7.29 59.87
C THR CA 29 83.60 8.69 60.27
N PHE CA 30 82.28 8.90 60.26
CA PHE CA 30 81.66 10.02 60.94
C PHE CA 30 80.37 9.49 61.57
N GLU CA 31 79.72 10.30 62.40
CA GLU CA 31 78.69 9.80 63.31
C GLU CA 31 77.35 10.48 63.11
N VAL CA 32 76.28 9.71 63.23
CA VAL CA 32 74.93 10.21 62.97
C VAL CA 32 74.13 10.30 64.26
N PHE CA 33 73.39 11.40 64.44
CA PHE CA 33 72.65 11.65 65.68
C PHE CA 33 71.13 11.79 65.50
N ASP CA 34 70.38 11.44 66.54
CA ASP CA 34 68.93 11.64 66.56
C ASP CA 34 68.66 13.12 66.80
N PRO CA 35 67.90 13.77 65.91
CA PRO CA 35 67.59 15.20 66.03
C PRO CA 35 66.60 15.58 67.13
N ALA CA 36 66.15 14.59 67.91
CA ALA CA 36 65.20 14.81 69.00
C ALA CA 36 65.81 14.48 70.37
N THR CA 37 66.78 13.56 70.36
CA THR CA 37 67.38 13.04 71.57
C THR CA 37 68.83 13.48 71.72
N GLY CA 38 69.52 13.66 70.58
CA GLY CA 38 70.93 13.96 70.58
C GLY CA 38 71.77 12.71 70.77
N GLU CA 39 71.12 11.60 71.10
CA GLU CA 39 71.87 10.37 71.34
C GLU CA 39 72.40 9.78 70.02
N SER CA 40 73.60 9.20 70.10
CA SER CA 40 74.26 8.59 68.94
C SER CA 40 73.36 7.58 68.25
N LEU CA 41 73.54 7.44 66.94
CA LEU CA 41 72.87 6.39 66.17
C LEU CA 41 73.88 5.50 65.43
N GLY CA 42 75.17 5.75 65.65
CA GLY CA 42 76.24 4.91 65.10
C GLY CA 42 77.16 5.57 64.08
N THR CA 43 78.08 4.78 63.53
CA THR CA 43 79.09 5.25 62.56
C THR CA 43 78.80 4.82 61.11
N VAL CA 44 79.23 5.66 60.17
CA VAL CA 44 79.15 5.41 58.73
C VAL CA 44 80.46 5.86 58.11
N PRO CA 45 80.89 5.23 57.00
CA PRO CA 45 82.17 5.60 56.37
C PRO CA 45 82.27 7.08 55.97
N LYS CA 46 83.46 7.65 56.20
CA LYS CA 46 83.83 8.93 55.59
C LYS CA 46 84.68 8.63 54.33
N MET CA 47 84.00 8.45 53.20
CA MET CA 47 84.68 8.15 51.93
C MET CA 47 84.90 9.42 51.11
N GLY CA 48 85.64 9.28 50.01
CA GLY CA 48 85.98 10.42 49.14
C GLY CA 48 86.09 10.06 47.66
N ALA CA 49 86.98 10.76 46.96
CA ALA CA 49 87.14 10.59 45.52
C ALA CA 49 87.40 9.13 45.10
N ALA CA 50 88.29 8.45 45.81
CA ALA CA 50 88.76 7.11 45.42
C ALA CA 50 87.64 6.08 45.42
N GLU CA 51 86.86 6.05 46.50
CA GLU CA 51 85.75 5.11 46.66
C GLU CA 51 84.66 5.36 45.61
N THR CA 52 84.39 6.64 45.36
CA THR CA 52 83.42 7.10 44.38
C THR CA 52 83.81 6.69 42.95
N ALA CA 53 85.11 6.69 42.65
CA ALA CA 53 85.59 6.31 41.33
C ALA CA 53 85.32 4.84 41.05
N ARG CA 54 85.51 4.00 42.08
CA ARG CA 54 85.25 2.57 41.95
C ARG CA 54 83.76 2.30 41.77
N ALA CA 55 82.92 3.04 42.49
CA ALA CA 55 81.48 3.00 42.29
C ALA CA 55 81.11 3.22 40.82
N ILE CA 56 81.65 4.31 40.24
CA ILE CA 56 81.38 4.70 38.85
C ILE CA 56 81.94 3.70 37.83
N GLU CA 57 83.16 3.21 38.06
CA GLU CA 57 83.74 2.20 37.17
C GLU CA 57 82.99 0.88 37.19
N ALA CA 58 82.42 0.56 38.35
CA ALA CA 58 81.62 -0.66 38.51
C ALA CA 58 80.29 -0.49 37.78
N ALA CA 59 79.72 0.71 37.91
CA ALA CA 59 78.48 1.07 37.20
C ALA CA 59 78.60 0.90 35.69
N GLN CA 60 79.70 1.40 35.12
CA GLN CA 60 79.94 1.31 33.69
C GLN CA 60 80.08 -0.13 33.23
N ALA CA 61 80.80 -0.92 34.02
CA ALA CA 61 80.96 -2.36 33.74
C ALA CA 61 79.64 -3.13 33.91
N ALA CA 62 78.76 -2.62 34.77
CA ALA CA 62 77.45 -3.26 35.01
C ALA CA 62 76.44 -2.98 33.90
N TRP CA 63 76.70 -1.94 33.09
CA TRP CA 63 75.73 -1.41 32.13
C TRP CA 63 75.29 -2.38 31.03
N ALA CA 64 76.25 -2.97 30.31
CA ALA CA 64 75.98 -3.87 29.18
C ALA CA 64 75.06 -5.01 29.57
N GLY CA 65 75.33 -5.59 30.75
CA GLY CA 65 74.52 -6.67 31.30
C GLY CA 65 73.14 -6.18 31.66
N TRP CA 66 73.05 -5.00 32.26
CA TRP CA 66 71.79 -4.43 32.72
C TRP CA 66 70.87 -4.00 31.57
N ARG CA 67 71.42 -3.23 30.64
CA ARG CA 67 70.64 -2.78 29.47
C ARG CA 67 70.19 -3.93 28.58
N MET CA 68 70.93 -5.04 28.59
CA MET CA 68 70.60 -6.22 27.78
C MET CA 68 69.34 -6.95 28.25
N LYS CA 69 69.01 -6.80 29.54
CA LYS CA 69 67.74 -7.32 30.06
C LYS CA 69 66.61 -6.55 29.41
N THR CA 70 65.53 -7.24 29.08
CA THR CA 70 64.35 -6.56 28.53
C THR CA 70 63.71 -5.75 29.65
N ALA CA 71 62.98 -4.71 29.28
CA ALA CA 71 62.34 -3.84 30.26
C ALA CA 71 61.53 -4.63 31.31
N LYS CA 72 61.01 -5.77 30.88
CA LYS CA 72 60.12 -6.64 31.67
C LYS CA 72 60.90 -7.36 32.75
N GLU CA 73 62.03 -7.92 32.35
CA GLU CA 73 63.00 -8.49 33.28
C GLU CA 73 63.49 -7.47 34.30
N ARG CA 74 63.62 -6.22 33.89
CA ARG CA 74 64.00 -5.14 34.80
C ARG CA 74 62.83 -4.74 35.71
N ALA CA 75 61.60 -4.97 35.24
CA ALA CA 75 60.43 -4.71 36.05
C ALA CA 75 60.30 -5.78 37.13
N ALA CA 76 60.71 -7.01 36.79
CA ALA CA 76 60.65 -8.12 37.73
C ALA CA 76 61.49 -7.77 38.96
N ILE CA 77 62.74 -7.41 38.70
CA ILE CA 77 63.68 -7.05 39.76
C ILE CA 77 63.23 -5.80 40.55
N LEU CA 78 62.64 -4.83 39.87
CA LEU CA 78 62.18 -3.61 40.52
C LEU CA 78 60.94 -3.82 41.38
N ARG CA 79 60.07 -4.72 40.94
CA ARG CA 79 58.82 -4.97 41.64
C ARG CA 79 59.09 -5.76 42.92
N ARG CA 80 60.12 -6.60 42.87
CA ARG CA 80 60.55 -7.34 44.04
C ARG CA 80 61.09 -6.39 45.09
N TRP CA 81 61.91 -5.43 44.66
CA TRP CA 81 62.40 -4.34 45.50
C TRP CA 81 61.21 -3.61 46.13
N PHE CA 82 60.26 -3.22 45.29
CA PHE CA 82 59.00 -2.62 45.74
C PHE CA 82 58.30 -3.48 46.79
N ASP CA 83 58.28 -4.80 46.57
CA ASP CA 83 57.62 -5.72 47.48
C ASP CA 83 58.26 -5.74 48.85
N LEU CA 84 59.60 -5.64 48.87
CA LEU CA 84 60.38 -5.62 50.09
C LEU CA 84 60.23 -4.30 50.86
N VAL CA 85 60.19 -3.19 50.13
CA VAL CA 85 59.97 -1.88 50.76
C VAL CA 85 58.64 -1.86 51.53
N ILE CA 86 57.59 -2.45 50.93
CA ILE CA 86 56.28 -2.60 51.57
C ILE CA 86 56.33 -3.61 52.74
N ALA CA 87 56.91 -4.78 52.51
CA ALA CA 87 57.07 -5.81 53.53
C ALA CA 87 57.77 -5.29 54.80
N ASN CA 88 58.80 -4.48 54.61
CA ASN CA 88 59.58 -3.94 55.72
C ASN CA 88 59.19 -2.48 56.04
N SER CA 89 57.96 -2.13 55.70
CA SER CA 89 57.49 -0.75 55.80
C SER CA 89 57.66 -0.15 57.19
N ASP CA 90 57.35 -0.95 58.22
CA ASP CA 90 57.42 -0.50 59.62
C ASP CA 90 58.83 -0.18 60.14
N ASP CA 91 59.80 -1.05 59.84
CA ASP CA 91 61.19 -0.78 60.21
C ASP CA 91 61.76 0.44 59.45
N LEU CA 92 61.52 0.48 58.14
CA LEU CA 92 61.95 1.61 57.33
C LEU CA 92 61.30 2.87 57.83
N ALA CA 93 60.06 2.76 58.32
CA ALA CA 93 59.39 3.88 58.95
C ALA CA 93 60.15 4.33 60.20
N LEU CA 94 60.61 3.38 61.00
CA LEU CA 94 61.32 3.68 62.27
C LEU CA 94 62.71 4.27 62.04
N ILE CA 95 63.49 3.65 61.15
CA ILE CA 95 64.82 4.15 60.78
C ILE CA 95 64.76 5.62 60.36
N LEU CA 96 63.81 5.95 59.48
CA LEU CA 96 63.62 7.30 58.94
C LEU CA 96 63.28 8.35 60.00
N THR CA 97 62.40 7.99 60.94
CA THR CA 97 61.99 8.88 62.02
C THR CA 97 63.17 9.17 62.95
N THR CA 98 63.78 8.10 63.44
CA THR CA 98 64.92 8.18 64.35
C THR CA 98 65.96 9.15 63.83
N GLU CA 99 66.38 8.96 62.58
CA GLU CA 99 67.48 9.73 61.98
C GLU CA 99 67.06 11.10 61.44
N GLN CA 100 65.81 11.25 61.05
CA GLN CA 100 65.39 12.50 60.41
C GLN CA 100 64.51 13.34 61.32
N GLY CA 101 63.56 12.72 62.00
CA GLY CA 101 62.77 13.40 63.02
C GLY CA 101 61.26 13.42 62.83
N LYS CA 102 60.78 13.08 61.64
CA LYS CA 102 59.36 13.21 61.33
C LYS CA 102 58.47 12.20 62.08
N PRO CA 103 57.22 12.61 62.40
CA PRO CA 103 56.25 11.72 63.06
C PRO CA 103 56.17 10.36 62.37
N LEU CA 104 56.03 9.31 63.18
CA LEU CA 104 56.04 7.92 62.70
C LEU CA 104 55.00 7.68 61.60
N ALA CA 105 53.90 8.43 61.65
CA ALA CA 105 52.84 8.31 60.64
C ALA CA 105 53.25 8.94 59.30
N GLU CA 106 53.99 10.04 59.38
CA GLU CA 106 54.58 10.67 58.21
C GLU CA 106 55.67 9.78 57.63
N ALA CA 107 56.51 9.24 58.51
CA ALA CA 107 57.56 8.30 58.13
C ALA CA 107 57.01 7.10 57.35
N LYS CA 108 55.85 6.59 57.80
CA LYS CA 108 55.18 5.48 57.11
C LYS CA 108 54.60 5.90 55.77
N GLY CA 109 54.11 7.14 55.73
CA GLY CA 109 53.61 7.77 54.51
C GLY CA 109 54.71 7.89 53.46
N GLU CA 110 55.89 8.32 53.89
CA GLU CA 110 57.03 8.45 52.98
C GLU CA 110 57.41 7.11 52.40
N ILE CA 111 57.19 6.04 53.16
CA ILE CA 111 57.48 4.68 52.68
C ILE CA 111 56.50 4.27 51.58
N ALA CA 112 55.21 4.53 51.81
CA ALA CA 112 54.17 4.27 50.81
C ALA CA 112 54.47 5.07 49.53
N TYR CA 113 54.83 6.33 49.73
CA TYR CA 113 55.22 7.25 48.69
C TYR CA 113 56.43 6.70 47.94
N ALA CA 114 57.50 6.39 48.67
CA ALA CA 114 58.70 5.81 48.07
C ALA CA 114 58.37 4.57 47.26
N ALA CA 115 57.59 3.67 47.85
CA ALA CA 115 57.25 2.41 47.21
C ALA CA 115 56.49 2.62 45.91
N SER CA 116 55.68 3.68 45.87
CA SER CA 116 54.84 3.92 44.71
C SER CA 116 55.60 4.50 43.51
N PHE CA 117 56.75 5.11 43.74
CA PHE CA 117 57.63 5.52 42.65
C PHE CA 117 58.31 4.30 42.03
N ILE CA 118 58.68 3.33 42.86
CA ILE CA 118 59.37 2.13 42.38
C ILE CA 118 58.44 1.32 41.45
N GLU CA 119 57.23 1.07 41.94
CA GLU CA 119 56.19 0.40 41.18
C GLU CA 119 55.89 1.16 39.86
N TRP CA 120 55.83 2.48 39.95
CA TRP CA 120 55.56 3.32 38.79
C TRP CA 120 56.62 3.19 37.70
N PHE CA 121 57.88 3.35 38.09
CA PHE CA 121 58.95 3.34 37.11
C PHE CA 121 59.27 1.96 36.56
N ALA CA 122 58.98 0.92 37.35
CA ALA CA 122 59.04 -0.45 36.83
C ALA CA 122 58.14 -0.56 35.60
N GLU CA 123 56.96 0.06 35.69
CA GLU CA 123 55.97 0.07 34.63
C GLU CA 123 56.36 0.99 33.45
N GLU CA 124 56.88 2.18 33.77
CA GLU CA 124 57.23 3.16 32.75
C GLU CA 124 58.37 2.68 31.85
N GLY CA 125 59.33 1.97 32.43
CA GLY CA 125 60.49 1.47 31.67
C GLY CA 125 60.08 0.56 30.52
N LYS CA 126 58.87 0.00 30.63
CA LYS CA 126 58.29 -0.87 29.63
C LYS CA 126 57.49 -0.10 28.57
N ARG CA 127 57.47 1.22 28.71
CA ARG CA 127 56.63 2.08 27.88
C ARG CA 127 57.38 3.24 27.20
N VAL CA 128 58.70 3.29 27.38
CA VAL CA 128 59.54 4.28 26.72
C VAL CA 128 59.47 4.08 25.21
N ALA CA 129 58.75 4.98 24.54
CA ALA CA 129 58.43 4.82 23.13
C ALA CA 129 59.15 5.83 22.24
N GLY CA 130 59.47 5.40 21.01
CA GLY CA 130 60.00 6.26 19.98
C GLY CA 130 58.94 6.62 18.95
N ASP CA 131 59.37 6.87 17.72
CA ASP CA 131 58.47 7.36 16.66
C ASP CA 131 58.77 6.75 15.31
N THR CA 132 57.71 6.61 14.52
CA THR CA 132 57.85 6.45 13.08
C THR CA 132 57.14 7.63 12.44
N LEU CA 133 57.91 8.58 11.93
CA LEU CA 133 57.34 9.83 11.43
C LEU CA 133 57.24 9.82 9.91
N PRO CA 134 56.30 10.63 9.35
CA PRO CA 134 56.16 10.64 7.88
C PRO CA 134 57.27 11.46 7.21
N THR CA 135 57.97 10.80 6.28
CA THR CA 135 59.14 11.34 5.59
C THR CA 135 58.89 12.57 4.69
N PRO CA 136 59.83 13.53 4.69
CA PRO CA 136 59.84 14.62 3.72
C PRO CA 136 60.63 14.28 2.43
N ASP CA 137 61.13 13.05 2.33
CA ASP CA 137 61.89 12.58 1.17
C ASP CA 137 61.49 11.14 0.90
N ALA CA 138 60.90 10.90 -0.28
CA ALA CA 138 60.31 9.60 -0.61
C ALA CA 138 61.30 8.45 -0.56
N ASN CA 139 62.58 8.75 -0.78
CA ASN CA 139 63.65 7.75 -0.77
C ASN CA 139 64.21 7.40 0.62
N LYS CA 140 63.65 8.03 1.67
CA LYS CA 140 64.12 7.86 3.05
C LYS CA 140 62.99 7.62 4.05
N ARG CA 141 63.28 6.86 5.11
CA ARG CA 141 62.36 6.64 6.22
C ARG CA 141 62.91 7.18 7.53
N ILE CA 142 62.02 7.74 8.34
CA ILE CA 142 62.39 8.25 9.66
C ILE CA 142 61.89 7.32 10.75
N VAL CA 143 62.82 6.89 11.60
CA VAL CA 143 62.54 6.04 12.73
C VAL CA 143 63.33 6.61 13.92
N VAL CA 144 62.63 6.89 15.01
CA VAL CA 144 63.30 7.35 16.22
C VAL CA 144 63.23 6.26 17.28
N VAL CA 145 64.36 5.99 17.94
CA VAL CA 145 64.38 5.07 19.10
C VAL CA 145 64.90 5.75 20.38
N LYS CA 146 64.74 5.08 21.51
CA LYS CA 146 65.20 5.62 22.78
C LYS CA 146 66.07 4.63 23.54
N GLU CA 147 67.21 5.11 24.02
CA GLU CA 147 68.23 4.30 24.65
C GLU CA 147 68.59 4.89 26.02
N PRO CA 148 69.00 4.04 26.97
CA PRO CA 148 69.54 4.51 28.24
C PRO CA 148 70.73 5.44 28.01
N ILE CA 149 70.76 6.58 28.71
CA ILE CA 149 71.86 7.55 28.56
C ILE CA 149 73.23 7.00 28.97
N GLY CA 150 73.28 6.28 30.09
CA GLY CA 150 74.53 5.72 30.63
C GLY CA 150 74.54 5.70 32.16
N VAL CA 151 75.74 5.83 32.72
CA VAL CA 151 75.89 5.91 34.18
C VAL CA 151 75.29 7.22 34.68
N CYS CA 152 74.34 7.10 35.61
CA CYS CA 152 73.77 8.27 36.26
C CYS CA 152 74.29 8.39 37.67
N ALA CA 153 74.12 9.57 38.24
CA ALA CA 153 74.49 9.82 39.61
C ALA CA 153 73.43 10.71 40.21
N ALA CA 154 73.15 10.50 41.49
CA ALA CA 154 72.17 11.31 42.18
C ALA CA 154 72.73 11.82 43.50
N ILE CA 155 72.32 13.04 43.87
CA ILE CA 155 72.64 13.62 45.16
C ILE CA 155 71.34 14.10 45.77
N THR CA 156 70.97 13.45 46.87
CA THR CA 156 69.66 13.58 47.51
C THR CA 156 69.77 14.22 48.88
N PRO CA 157 68.75 15.00 49.28
CA PRO CA 157 68.76 15.71 50.55
C PRO CA 157 68.28 14.85 51.73
N TRP CA 158 68.13 15.49 52.90
CA TRP CA 158 67.77 14.82 54.16
C TRP CA 158 66.26 14.78 54.37
N ASN CA 159 65.55 15.79 53.88
CA ASN CA 159 64.13 15.98 54.18
C ASN CA 159 63.17 14.87 53.74
N PHE CA 160 63.51 14.15 52.68
CA PHE CA 160 62.77 12.96 52.30
C PHE CA 160 63.76 11.84 51.98
N PRO CA 161 64.42 11.30 53.01
CA PRO CA 161 65.60 10.46 52.85
C PRO CA 161 65.36 9.08 52.22
N ALA CA 162 64.10 8.65 52.12
CA ALA CA 162 63.81 7.39 51.45
C ALA CA 162 63.22 7.64 50.06
N ALA CA 163 62.17 8.46 50.01
CA ALA CA 163 61.48 8.76 48.76
C ALA CA 163 62.44 9.31 47.71
N MET CA 164 63.25 10.31 48.08
CA MET CA 164 64.24 10.89 47.17
C MET CA 164 65.12 9.82 46.50
N ILE CA 165 65.43 8.75 47.23
CA ILE CA 165 66.19 7.63 46.67
C ILE CA 165 65.31 6.81 45.69
N ALA CA 166 64.03 6.65 46.02
CA ALA CA 166 63.10 5.96 45.14
C ALA CA 166 62.89 6.73 43.82
N ARG CA 167 62.75 8.05 43.95
CA ARG CA 167 62.44 8.96 42.84
C ARG CA 167 63.52 9.05 41.76
N LYS CA 168 64.70 8.52 42.08
CA LYS CA 168 65.88 8.73 41.28
C LYS CA 168 66.59 7.44 40.87
N VAL CA 169 66.60 6.46 41.77
CA VAL CA 169 67.11 5.12 41.44
C VAL CA 169 66.05 4.44 40.56
N GLY CA 170 64.79 4.73 40.85
CA GLY CA 170 63.65 4.23 40.09
C GLY CA 170 63.78 4.39 38.58
N PRO CA 171 63.72 5.64 38.08
CA PRO CA 171 63.78 5.84 36.63
C PRO CA 171 65.07 5.31 36.01
N ALA CA 172 66.21 5.66 36.60
CA ALA CA 172 67.53 5.25 36.10
C ALA CA 172 67.61 3.76 35.78
N LEU CA 173 67.25 2.94 36.75
CA LEU CA 173 67.30 1.49 36.57
C LEU CA 173 66.30 1.06 35.51
N ALA CA 174 65.08 1.60 35.61
CA ALA CA 174 63.98 1.30 34.70
C ALA CA 174 64.32 1.66 33.26
N ALA CA 175 65.05 2.75 33.09
CA ALA CA 175 65.51 3.23 31.80
C ALA CA 175 66.56 2.30 31.20
N GLY CA 176 67.27 1.59 32.07
CA GLY CA 176 68.35 0.70 31.67
C GLY CA 176 69.71 1.25 32.07
N CYS CA 177 69.72 2.05 33.15
CA CYS CA 177 70.94 2.70 33.62
C CYS CA 177 71.35 2.26 35.02
N PRO CA 178 72.67 2.18 35.28
CA PRO CA 178 73.20 2.05 36.64
C PRO CA 178 73.31 3.42 37.28
N ILE CA 179 73.23 3.46 38.60
CA ILE CA 179 73.27 4.74 39.30
C ILE CA 179 74.16 4.69 40.55
N VAL CA 180 74.82 5.81 40.84
CA VAL CA 180 75.61 5.97 42.04
C VAL CA 180 74.98 7.10 42.83
N VAL CA 181 74.59 6.83 44.07
CA VAL CA 181 73.93 7.85 44.90
C VAL CA 181 74.80 8.25 46.10
N LYS CA 182 74.92 9.55 46.31
CA LYS CA 182 75.37 10.08 47.58
C LYS CA 182 74.14 10.70 48.26
N PRO CA 183 73.65 10.05 49.33
CA PRO CA 183 72.57 10.61 50.15
C PRO CA 183 73.06 11.73 51.08
N ALA CA 184 72.12 12.53 51.58
CA ALA CA 184 72.43 13.55 52.58
C ALA CA 184 73.13 12.99 53.82
N GLU CA 185 74.03 13.79 54.39
CA GLU CA 185 74.88 13.40 55.52
C GLU CA 185 74.11 13.28 56.85
N SER CA 186 73.10 14.14 57.02
CA SER CA 186 72.19 14.05 58.17
C SER CA 186 71.51 12.67 58.28
N THR CA 187 71.15 12.10 57.13
CA THR CA 187 70.24 10.96 57.11
C THR CA 187 70.67 9.89 56.10
N PRO CA 188 71.75 9.15 56.42
CA PRO CA 188 72.25 8.17 55.46
C PRO CA 188 71.59 6.79 55.55
N PHE CA 189 70.94 6.49 56.68
CA PHE CA 189 70.51 5.10 56.96
C PHE CA 189 69.38 4.63 56.05
N SER CA 190 68.43 5.53 55.76
CA SER CA 190 67.30 5.23 54.87
C SER CA 190 67.80 4.76 53.51
N ALA CA 191 68.72 5.53 52.95
CA ALA CA 191 69.32 5.22 51.65
C ALA CA 191 69.97 3.86 51.64
N LEU CA 192 70.73 3.57 52.70
CA LEU CA 192 71.53 2.34 52.80
C LEU CA 192 70.67 1.11 53.05
N ALA CA 193 69.48 1.35 53.60
CA ALA CA 193 68.50 0.30 53.88
C ALA CA 193 67.93 -0.22 52.56
N MET CA 194 67.44 0.70 51.74
CA MET CA 194 66.84 0.35 50.46
C MET CA 194 67.82 -0.25 49.48
N ALA CA 195 69.08 0.19 49.57
CA ALA CA 195 70.13 -0.48 48.81
C ALA CA 195 70.14 -1.93 49.23
N PHE CA 196 70.07 -2.17 50.55
CA PHE CA 196 70.15 -3.52 51.12
C PHE CA 196 68.98 -4.38 50.64
N LEU CA 197 67.81 -3.77 50.55
CA LEU CA 197 66.64 -4.44 50.00
C LEU CA 197 66.76 -4.62 48.48
N ALA CA 198 67.24 -3.59 47.78
CA ALA CA 198 67.45 -3.67 46.34
C ALA CA 198 68.47 -4.74 45.99
N GLU CA 199 69.47 -4.92 46.84
CA GLU CA 199 70.42 -6.00 46.65
C GLU CA 199 69.71 -7.33 46.82
N ARG CA 200 68.90 -7.41 47.87
CA ARG CA 200 68.15 -8.64 48.19
C ARG CA 200 67.08 -8.95 47.13
N ALA CA 201 66.65 -7.91 46.41
CA ALA CA 201 65.69 -8.01 45.31
C ALA CA 201 66.29 -8.61 44.04
N GLY CA 202 67.61 -8.52 43.87
CA GLY CA 202 68.28 -9.13 42.73
C GLY CA 202 68.91 -8.21 41.69
N VAL CA 203 69.03 -6.93 42.02
CA VAL CA 203 69.74 -5.94 41.21
C VAL CA 203 71.21 -6.35 41.11
N PRO CA 204 71.70 -6.65 39.88
CA PRO CA 204 73.05 -7.17 39.74
C PRO CA 204 74.12 -6.26 40.35
N LYS CA 205 75.26 -6.88 40.67
CA LYS CA 205 76.40 -6.18 41.28
C LYS CA 205 77.00 -5.15 40.33
N GLY CA 206 76.98 -3.89 40.77
CA GLY CA 206 77.48 -2.77 39.97
C GLY CA 206 76.40 -1.78 39.60
N VAL CA 207 75.18 -2.28 39.43
CA VAL CA 207 74.06 -1.44 39.02
C VAL CA 207 73.77 -0.34 40.05
N LEU CA 208 73.70 -0.71 41.32
CA LEU CA 208 73.44 0.29 42.38
C LEU CA 208 74.63 0.47 43.31
N SER CA 209 74.92 1.73 43.63
CA SER CA 209 75.97 2.09 44.58
C SER CA 209 75.51 3.24 45.46
N VAL CA 210 75.70 3.11 46.76
CA VAL CA 210 75.42 4.20 47.69
C VAL CA 210 76.71 4.54 48.43
N VAL CA 211 77.19 5.76 48.21
CA VAL CA 211 78.44 6.22 48.81
C VAL CA 211 78.14 7.30 49.84
N ILE CA 212 78.76 7.17 51.02
CA ILE CA 212 78.63 8.20 52.06
C ILE CA 212 80.02 8.69 52.48
N GLY CA 213 80.07 9.96 52.91
CA GLY CA 213 81.31 10.58 53.35
C GLY CA 213 81.31 12.07 53.06
N ASP CA 214 82.48 12.58 52.70
CA ASP CA 214 82.70 13.99 52.38
C ASP CA 214 81.89 14.44 51.15
N PRO CA 215 80.94 15.37 51.34
CA PRO CA 215 80.11 15.84 50.22
C PRO CA 215 80.89 16.52 49.09
N LYS CA 216 81.90 17.33 49.42
CA LYS CA 216 82.72 18.01 48.42
C LYS CA 216 83.64 17.05 47.65
N ALA CA 217 84.31 16.15 48.37
CA ALA CA 217 85.22 15.16 47.75
C ALA CA 217 84.52 14.13 46.86
N ILE CA 218 83.32 13.71 47.27
CA ILE CA 218 82.50 12.79 46.45
C ILE CA 218 81.84 13.54 45.28
N GLY CA 219 81.18 14.66 45.60
CA GLY CA 219 80.47 15.46 44.61
C GLY CA 219 81.34 15.89 43.45
N THR CA 220 82.59 16.22 43.76
CA THR CA 220 83.55 16.65 42.74
C THR CA 220 83.90 15.49 41.81
N GLU CA 221 84.24 14.34 42.39
CA GLU CA 221 84.51 13.14 41.61
C GLU CA 221 83.30 12.81 40.75
N ILE CA 222 82.12 13.13 41.24
CA ILE CA 222 80.91 12.92 40.47
C ILE CA 222 80.82 13.90 39.28
N THR CA 223 81.11 15.17 39.53
CA THR CA 223 80.99 16.20 38.50
C THR CA 223 82.10 16.14 37.46
N SER CA 224 83.28 15.66 37.86
CA SER CA 224 84.42 15.70 36.97
C SER CA 224 84.59 14.45 36.11
N ASN CA 225 84.06 13.31 36.56
CA ASN CA 225 84.30 12.02 35.92
C ASN CA 225 83.56 11.91 34.59
N PRO CA 226 84.31 11.82 33.47
CA PRO CA 226 83.70 11.80 32.13
C PRO CA 226 82.66 10.70 31.98
N ILE CA 227 82.88 9.57 32.66
CA ILE CA 227 81.93 8.43 32.65
C ILE CA 227 80.51 8.82 33.10
N VAL CA 228 80.39 9.68 34.11
CA VAL CA 228 79.06 10.08 34.59
C VAL CA 228 78.38 10.97 33.55
N ARG CA 229 77.43 10.38 32.81
CA ARG CA 229 76.78 11.09 31.71
C ARG CA 229 75.55 11.89 32.12
N LYS CA 230 75.03 11.61 33.31
CA LYS CA 230 73.87 12.32 33.82
C LYS CA 230 73.91 12.47 35.33
N LEU CA 231 73.55 13.64 35.81
CA LEU CA 231 73.55 13.93 37.25
C LEU CA 231 72.23 14.51 37.70
N SER CA 232 71.77 14.05 38.87
CA SER CA 232 70.52 14.51 39.44
C SER CA 232 70.74 15.07 40.84
N PHE CA 233 70.37 16.33 41.04
CA PHE CA 233 70.56 16.97 42.34
C PHE CA 233 69.25 17.49 42.91
N THR CA 234 69.10 17.32 44.22
CA THR CA 234 68.04 17.97 44.97
C THR CA 234 68.65 18.56 46.23
N GLY CA 235 68.34 19.83 46.45
CA GLY CA 235 68.91 20.57 47.56
C GLY CA 235 68.80 22.03 47.25
N SER CA 236 69.66 22.82 47.89
CA SER CA 236 69.62 24.28 47.73
C SER CA 236 70.01 24.75 46.34
N THR CA 237 69.46 25.88 45.94
CA THR CA 237 69.80 26.52 44.69
C THR CA 237 71.31 26.82 44.59
N ALA CA 238 71.89 27.35 45.67
CA ALA CA 238 73.32 27.65 45.71
C ALA CA 238 74.19 26.48 45.23
N VAL CA 239 73.99 25.29 45.80
CA VAL CA 239 74.80 24.13 45.46
C VAL CA 239 74.59 23.65 44.01
N GLY CA 240 73.33 23.60 43.59
CA GLY CA 240 72.94 23.23 42.21
C GLY CA 240 73.63 24.08 41.16
N ARG CA 241 73.61 25.39 41.40
CA ARG CA 241 74.31 26.35 40.56
C ARG CA 241 75.76 25.94 40.34
N LEU CA 242 76.45 25.60 41.42
CA LEU CA 242 77.86 25.21 41.34
C LEU CA 242 78.02 23.85 40.68
N LEU CA 243 77.12 22.92 41.01
CA LEU CA 243 77.17 21.58 40.42
C LEU CA 243 77.04 21.63 38.89
N MET CA 244 76.19 22.54 38.40
CA MET CA 244 75.98 22.70 36.97
C MET CA 244 77.24 23.19 36.27
N ALA CA 245 77.96 24.11 36.91
CA ALA CA 245 79.23 24.60 36.39
C ALA CA 245 80.35 23.56 36.49
N GLN CA 246 80.38 22.80 37.58
CA GLN CA 246 81.40 21.75 37.75
C GLN CA 246 81.17 20.60 36.77
N SER CA 247 79.95 20.51 36.26
CA SER CA 247 79.56 19.49 35.28
C SER CA 247 79.75 19.93 33.82
N ALA CA 248 79.99 21.22 33.61
CA ALA CA 248 80.15 21.79 32.27
C ALA CA 248 81.32 21.21 31.47
N PRO CA 249 82.47 20.91 32.12
CA PRO CA 249 83.56 20.28 31.35
C PRO CA 249 83.12 19.06 30.52
N THR CA 250 82.15 18.31 31.05
CA THR CA 250 81.67 17.07 30.40
C THR CA 250 80.24 17.16 29.91
N VAL CA 251 79.71 18.38 29.83
CA VAL CA 251 78.36 18.65 29.33
C VAL CA 251 77.31 17.60 29.74
N LYS CA 252 77.17 17.38 31.05
CA LYS CA 252 76.28 16.33 31.57
C LYS CA 252 74.82 16.72 31.46
N LYS CA 253 73.96 15.73 31.20
CA LYS CA 253 72.51 15.94 31.29
C LYS CA 253 72.18 16.13 32.76
N LEU CA 254 71.37 17.14 33.06
CA LEU CA 254 71.19 17.60 34.44
C LEU CA 254 69.74 17.82 34.88
N THR CA 255 69.28 17.05 35.87
CA THR CA 255 68.04 17.37 36.56
C THR CA 255 68.39 18.09 37.86
N LEU CA 256 67.79 19.26 38.06
CA LEU CA 256 67.97 20.00 39.29
C LEU CA 256 66.62 20.30 39.93
N GLU CA 257 66.39 19.71 41.10
CA GLU CA 257 65.26 20.08 41.96
C GLU CA 257 65.85 21.00 43.02
N LEU CA 258 65.56 22.29 42.93
CA LEU CA 258 66.19 23.27 43.81
C LEU CA 258 65.21 23.93 44.80
N GLY CA 259 65.47 25.19 45.14
CA GLY CA 259 64.68 25.88 46.14
C GLY CA 259 63.43 26.50 45.56
N GLY CA 260 62.45 26.75 46.43
CA GLY CA 260 61.24 27.47 46.05
C GLY CA 260 61.09 28.76 46.85
N ASN CA 261 59.88 29.32 46.80
CA ASN CA 261 59.45 30.45 47.62
C ASN CA 261 57.92 30.46 47.53
N ALA CA 262 57.33 29.32 47.93
CA ALA CA 262 55.94 28.99 47.68
C ALA CA 262 54.89 29.96 48.28
N PRO CA 263 54.13 30.63 47.40
CA PRO CA 263 52.98 31.44 47.82
C PRO CA 263 51.73 30.59 48.05
N PHE CA 264 51.09 30.80 49.20
CA PHE CA 264 49.81 30.20 49.52
C PHE CA 264 48.79 31.33 49.44
N ILE CA 265 47.78 31.15 48.61
CA ILE CA 265 46.91 32.27 48.24
C ILE CA 265 45.45 32.06 48.67
N VAL CA 266 44.92 33.03 49.42
CA VAL CA 266 43.52 33.02 49.86
C VAL CA 266 42.76 34.25 49.35
N PHE CA 267 41.62 34.01 48.69
CA PHE CA 267 40.77 35.06 48.11
C PHE CA 267 39.44 35.22 48.89
N ASP CA 268 38.63 36.24 48.54
CA ASP CA 268 37.29 36.46 49.14
C ASP CA 268 36.45 35.19 49.14
N ASP CA 269 36.27 34.66 47.93
CA ASP CA 269 35.32 33.59 47.68
C ASP CA 269 35.77 32.24 48.24
N ALA CA 270 36.99 32.18 48.75
CA ALA CA 270 37.54 30.93 49.29
C ALA CA 270 36.82 30.48 50.56
N ASP CA 271 36.51 29.19 50.60
CA ASP CA 271 36.06 28.54 51.83
C ASP CA 271 37.28 28.57 52.75
N LEU CA 272 37.28 29.53 53.67
CA LEU CA 272 38.41 29.72 54.61
C LEU CA 272 38.72 28.45 55.43
N ASP CA 273 37.71 27.64 55.71
CA ASP CA 273 37.89 26.42 56.50
C ASP CA 273 38.68 25.34 55.76
N ALA CA 274 38.44 25.23 54.44
CA ALA CA 274 39.20 24.35 53.56
C ALA CA 274 40.61 24.88 53.39
N ALA CA 275 40.69 26.20 53.14
CA ALA CA 275 41.95 26.91 53.05
C ALA CA 275 42.81 26.67 54.29
N VAL CA 276 42.17 26.64 55.47
CA VAL CA 276 42.91 26.43 56.72
C VAL CA 276 43.46 25.00 56.79
N GLU CA 277 42.65 24.04 56.34
CA GLU CA 277 43.10 22.63 56.31
C GLU CA 277 44.30 22.51 55.36
N GLY CA 278 44.24 23.23 54.24
CA GLY CA 278 45.33 23.29 53.27
C GLY CA 278 46.59 23.92 53.82
N ALA CA 279 46.43 25.05 54.52
CA ALA CA 279 47.56 25.76 55.14
C ALA CA 279 48.35 24.91 56.14
N ILE CA 280 47.64 24.07 56.89
CA ILE CA 280 48.27 23.18 57.89
C ILE CA 280 49.15 22.11 57.25
N ALA CA 281 48.66 21.51 56.16
CA ALA CA 281 49.34 20.44 55.47
C ALA CA 281 50.55 20.96 54.69
N SER CA 282 50.36 22.08 53.99
CA SER CA 282 51.42 22.68 53.18
C SER CA 282 52.52 23.32 54.02
N LYS CA 283 52.18 23.76 55.23
CA LYS CA 283 53.15 24.44 56.07
C LYS CA 283 53.79 23.58 57.15
N TYR CA 284 53.05 22.64 57.74
CA TYR CA 284 53.57 21.98 58.93
C TYR CA 284 54.05 20.53 58.75
N ARG CA 285 53.71 19.93 57.61
CA ARG CA 285 54.31 18.65 57.19
C ARG CA 285 55.83 18.73 57.33
N ASN CA 286 56.44 17.65 57.81
CA ASN CA 286 57.89 17.57 58.01
C ASN CA 286 58.45 18.72 58.86
N ASN CA 287 57.60 19.39 59.62
CA ASN CA 287 57.97 20.60 60.38
C ASN CA 287 58.36 21.73 59.43
N GLY CA 288 57.68 21.80 58.30
CA GLY CA 288 57.92 22.84 57.28
C GLY CA 288 59.18 22.66 56.45
N GLN CA 289 59.77 21.46 56.53
CA GLN CA 289 61.05 21.18 55.86
C GLN CA 289 60.85 20.48 54.51
N THR CA 290 60.04 21.06 53.62
CA THR CA 290 59.88 20.48 52.28
C THR CA 290 60.06 21.53 51.20
N CYS CA 291 60.41 21.05 50.00
CA CYS CA 291 60.60 21.91 48.85
C CYS CA 291 59.27 22.57 48.51
N VAL CA 292 58.19 21.79 48.64
CA VAL CA 292 56.85 22.25 48.29
C VAL CA 292 56.19 23.07 49.39
N CYS CA 293 56.90 23.30 50.49
CA CYS CA 293 56.33 23.99 51.64
C CYS CA 293 56.03 25.45 51.38
N THR CA 294 54.85 25.89 51.79
CA THR CA 294 54.48 27.29 51.75
C THR CA 294 55.55 28.09 52.47
N ASN CA 295 55.90 29.23 51.91
CA ASN CA 295 56.82 30.15 52.55
C ASN CA 295 56.14 31.49 52.74
N ARG CA 296 55.18 31.78 51.87
CA ARG CA 296 54.50 33.06 51.88
C ARG CA 296 52.98 32.86 51.85
N PHE CA 297 52.29 33.44 52.83
CA PHE CA 297 50.84 33.46 52.81
C PHE CA 297 50.34 34.78 52.29
N PHE CA 298 49.66 34.75 51.15
CA PHE CA 298 49.02 35.93 50.62
C PHE CA 298 47.52 35.77 50.78
N VAL CA 299 46.96 36.47 51.77
CA VAL CA 299 45.54 36.39 52.11
C VAL CA 299 44.88 37.71 51.80
N HIS CA 300 43.76 37.64 51.08
CA HIS CA 300 43.03 38.83 50.65
C HIS CA 300 42.59 39.70 51.83
N GLU CA 301 42.63 41.01 51.62
CA GLU CA 301 42.29 42.03 52.61
C GLU CA 301 41.02 41.71 53.40
N ARG CA 302 39.91 41.52 52.68
CA ARG CA 302 38.59 41.31 53.26
C ARG CA 302 38.56 40.18 54.29
N VAL CA 303 39.28 39.10 54.03
CA VAL CA 303 39.21 37.87 54.81
C VAL CA 303 40.45 37.66 55.69
N TYR CA 304 41.34 38.65 55.70
CA TYR CA 304 42.64 38.52 56.34
C TYR CA 304 42.50 38.08 57.80
N ASP CA 305 41.79 38.90 58.57
CA ASP CA 305 41.64 38.70 60.00
C ASP CA 305 40.94 37.39 60.32
N ALA CA 306 39.89 37.11 59.57
CA ALA CA 306 39.15 35.86 59.69
C ALA CA 306 40.04 34.63 59.47
N PHE CA 307 40.88 34.65 58.43
CA PHE CA 307 41.80 33.55 58.13
C PHE CA 307 42.92 33.45 59.17
N ALA CA 308 43.50 34.60 59.50
CA ALA CA 308 44.58 34.67 60.47
C ALA CA 308 44.22 33.92 61.75
N ASP CA 309 43.02 34.18 62.26
CA ASP CA 309 42.58 33.65 63.55
C ASP CA 309 42.32 32.14 63.56
N LYS CA 310 41.55 31.67 62.57
CA LYS CA 310 41.33 30.23 62.37
C LYS CA 310 42.65 29.47 62.30
N LEU CA 311 43.64 30.09 61.65
CA LEU CA 311 44.95 29.48 61.48
C LEU CA 311 45.66 29.31 62.81
N ALA CA 312 45.84 30.40 63.56
CA ALA CA 312 46.46 30.36 64.89
C ALA CA 312 45.73 29.37 65.79
N ALA CA 313 44.40 29.40 65.71
CA ALA CA 313 43.54 28.42 66.37
C ALA CA 313 43.99 27.00 66.05
N ALA CA 314 43.96 26.67 64.75
CA ALA CA 314 44.33 25.33 64.26
C ALA CA 314 45.79 24.95 64.54
N VAL CA 315 46.65 25.95 64.65
CA VAL CA 315 48.08 25.74 64.89
C VAL CA 315 48.35 25.23 66.31
N SER CA 316 47.52 25.67 67.27
CA SER CA 316 47.63 25.25 68.66
C SER CA 316 47.07 23.83 68.87
N LYS CA 317 46.16 23.42 68.00
CA LYS CA 317 45.66 22.02 67.98
C LYS CA 317 46.71 21.01 67.48
N LEU CA 318 47.89 21.49 67.09
CA LEU CA 318 49.02 20.62 66.74
C LEU CA 318 49.89 20.38 67.97
N LYS CA 319 50.62 19.26 67.98
CA LYS CA 319 51.41 18.87 69.14
C LYS CA 319 52.89 18.61 68.79
N VAL CA 320 53.78 19.31 69.49
CA VAL CA 320 55.24 19.13 69.34
C VAL CA 320 55.74 18.00 70.25
N GLY CA 321 56.57 17.12 69.68
CA GLY CA 321 57.17 16.02 70.43
C GLY CA 321 57.96 15.12 69.50
N ARG CA 322 58.61 14.11 70.06
CA ARG CA 322 59.36 13.12 69.29
C ARG CA 322 58.43 12.30 68.40
N GLY CA 323 58.94 11.81 67.27
CA GLY CA 323 58.13 11.06 66.29
C GLY CA 323 57.58 9.74 66.79
N THR CA 324 58.39 9.04 67.58
CA THR CA 324 58.01 7.76 68.21
C THR CA 324 56.82 7.90 69.16
N GLU CA 325 56.78 9.03 69.88
CA GLU CA 325 55.73 9.30 70.85
C GLU CA 325 54.39 9.55 70.16
N SER CA 326 53.42 8.69 70.48
CA SER CA 326 52.09 8.74 69.88
C SER CA 326 51.40 10.10 70.08
N GLY CA 327 50.80 10.61 69.00
CA GLY CA 327 50.04 11.86 69.06
C GLY CA 327 50.80 13.10 68.63
N ALA CA 328 52.12 12.97 68.52
CA ALA CA 328 52.98 14.05 68.06
C ALA CA 328 52.86 14.30 66.55
N THR CA 329 52.43 15.52 66.21
CA THR CA 329 52.28 15.93 64.81
C THR CA 329 53.32 16.98 64.37
N LEU CA 330 54.28 17.28 65.25
CA LEU CA 330 55.36 18.22 64.92
C LEU CA 330 56.68 17.75 65.53
N GLY CA 331 57.52 17.12 64.71
CA GLY CA 331 58.85 16.69 65.15
C GLY CA 331 59.84 17.85 65.29
N PRO CA 332 61.15 17.54 65.36
CA PRO CA 332 62.15 18.59 65.44
C PRO CA 332 62.79 18.94 64.09
N LEU CA 333 63.26 20.18 63.96
CA LEU CA 333 64.09 20.58 62.82
C LEU CA 333 65.38 19.72 62.79
N ILE CA 334 66.02 19.64 61.63
CA ILE CA 334 67.11 18.69 61.39
C ILE CA 334 68.36 18.93 62.26
N ASN CA 335 68.64 20.18 62.59
CA ASN CA 335 69.83 20.53 63.39
C ASN CA 335 69.83 21.96 63.92
N GLU CA 336 70.90 22.32 64.63
CA GLU CA 336 71.05 23.64 65.23
C GLU CA 336 70.85 24.77 64.22
N ALA CA 337 71.65 24.75 63.15
CA ALA CA 337 71.63 25.78 62.10
C ALA CA 337 70.24 26.05 61.52
N ALA CA 338 69.41 25.02 61.44
CA ALA CA 338 68.02 25.17 60.99
C ALA CA 338 67.20 26.04 61.94
N VAL CA 339 67.37 25.83 63.25
CA VAL CA 339 66.67 26.62 64.26
C VAL CA 339 67.04 28.10 64.15
N LYS CA 340 68.34 28.36 64.06
CA LYS CA 340 68.86 29.73 63.98
C LYS CA 340 68.19 30.53 62.85
N LYS CA 341 67.96 29.86 61.72
CA LYS CA 341 67.35 30.49 60.55
C LYS CA 341 65.94 30.96 60.86
N VAL CA 342 65.17 30.12 61.57
CA VAL CA 342 63.79 30.43 61.91
C VAL CA 342 63.72 31.65 62.86
N GLU CA 343 64.60 31.66 63.87
CA GLU CA 343 64.68 32.81 64.78
C GLU CA 343 65.04 34.08 64.02
N SER CA 344 66.01 33.95 63.12
CA SER CA 344 66.44 35.06 62.27
C SER CA 344 65.25 35.68 61.53
N HIS CA 345 64.43 34.83 60.90
CA HIS CA 345 63.28 35.27 60.12
C HIS CA 345 62.16 35.86 60.95
N ILE CA 346 61.98 35.33 62.16
CA ILE CA 346 61.03 35.93 63.11
C ILE CA 346 61.56 37.30 63.57
N ALA CA 347 62.80 37.33 64.06
CA ALA CA 347 63.44 38.56 64.56
C ALA CA 347 63.37 39.69 63.53
N ASP CA 348 63.76 39.37 62.31
CA ASP CA 348 63.76 40.31 61.18
C ASP CA 348 62.37 40.88 60.92
N ALA CA 349 61.38 40.01 60.87
CA ALA CA 349 60.00 40.40 60.60
C ALA CA 349 59.41 41.24 61.74
N LEU CA 350 59.63 40.78 62.97
CA LEU CA 350 59.19 41.51 64.16
C LEU CA 350 59.77 42.91 64.19
N ALA CA 351 61.07 43.03 63.97
CA ALA CA 351 61.75 44.32 63.93
C ALA CA 351 61.15 45.25 62.87
N LYS CA 352 60.87 44.69 61.69
CA LYS CA 352 60.33 45.49 60.58
C LYS CA 352 58.83 45.75 60.71
N GLY CA 353 58.21 45.22 61.76
CA GLY CA 353 56.85 45.62 62.15
C GLY CA 353 55.75 44.59 62.07
N ALA CA 354 56.06 43.35 62.44
CA ALA CA 354 55.09 42.24 62.39
C ALA CA 354 54.57 41.85 63.78
N SER CA 355 53.31 41.44 63.84
CA SER CA 355 52.68 41.01 65.09
C SER CA 355 52.67 39.49 65.25
N LEU CA 356 53.52 38.99 66.16
CA LEU CA 356 53.58 37.56 66.49
C LEU CA 356 52.31 37.04 67.18
N MET CA 357 51.54 36.21 66.48
CA MET CA 357 50.24 35.75 66.99
C MET CA 357 50.28 34.51 67.89
N THR CA 358 51.33 33.69 67.75
CA THR CA 358 51.48 32.44 68.50
C THR CA 358 52.85 31.81 68.23
N GLY CA 359 53.44 31.18 69.25
CA GLY CA 359 54.81 30.68 69.16
C GLY CA 359 55.81 31.83 69.11
N GLY CA 360 56.93 31.62 68.43
CA GLY CA 360 57.94 32.68 68.26
C GLY CA 360 59.23 32.48 69.03
N LYS CA 361 59.39 31.31 69.64
CA LYS CA 361 60.57 30.95 70.44
C LYS CA 361 60.80 29.44 70.39
N ARG CA 362 61.97 29.01 70.83
CA ARG CA 362 62.35 27.59 70.81
C ARG CA 362 61.51 26.80 71.80
N HIS CA 363 61.25 25.53 71.50
CA HIS CA 363 60.44 24.70 72.39
C HIS CA 363 61.24 24.16 73.57
N ALA CA 364 60.57 24.12 74.73
CA ALA CA 364 61.16 23.70 76.00
C ALA CA 364 61.77 22.29 76.00
N LEU CA 365 61.59 21.56 74.91
CA LEU CA 365 62.10 20.18 74.79
C LEU CA 365 63.55 20.13 74.27
N GLY CA 366 64.05 21.27 73.80
CA GLY CA 366 65.45 21.40 73.35
C GLY CA 366 65.71 20.98 71.91
N HIS CA 367 66.97 20.71 71.60
CA HIS CA 367 67.40 20.25 70.28
C HIS CA 367 66.77 21.04 69.11
N GLY CA 368 66.17 20.33 68.16
CA GLY CA 368 65.59 20.96 66.98
C GLY CA 368 64.16 21.45 67.13
N PHE CA 369 63.54 21.19 68.28
CA PHE CA 369 62.13 21.50 68.52
C PHE CA 369 61.85 23.00 68.59
N PHE CA 370 60.81 23.45 67.91
CA PHE CA 370 60.48 24.87 67.83
C PHE CA 370 58.97 25.08 67.74
N GLU CA 371 58.50 26.16 68.36
CA GLU CA 371 57.07 26.45 68.41
C GLU CA 371 56.54 26.85 67.04
N PRO CA 372 55.46 26.17 66.60
CA PRO CA 372 54.76 26.58 65.39
C PRO CA 372 54.34 28.04 65.49
N THR CA 373 55.00 28.88 64.70
CA THR CA 373 54.80 30.32 64.77
C THR CA 373 53.88 30.77 63.66
N VAL CA 374 53.12 31.83 63.92
CA VAL CA 374 52.30 32.49 62.89
C VAL CA 374 52.45 34.01 63.06
N LEU CA 375 53.03 34.67 62.07
CA LEU CA 375 53.18 36.11 62.08
C LEU CA 375 52.11 36.76 61.22
N THR CA 376 51.68 37.96 61.59
CA THR CA 376 50.80 38.75 60.73
C THR CA 376 51.51 40.04 60.37
N GLY CA 377 50.88 40.85 59.51
CA GLY CA 377 51.38 42.17 59.16
C GLY CA 377 52.69 42.17 58.40
N VAL CA 378 52.98 41.06 57.73
CA VAL CA 378 54.22 40.87 56.96
C VAL CA 378 54.19 41.69 55.66
N LYS CA 379 55.36 42.17 55.26
CA LYS CA 379 55.50 43.00 54.05
C LYS CA 379 56.74 42.57 53.24
N PRO CA 380 56.76 42.87 51.91
CA PRO CA 380 57.84 42.52 50.96
C PRO CA 380 59.30 42.77 51.43
N ASP CA 381 59.51 43.85 52.17
CA ASP CA 381 60.82 44.21 52.70
C ASP CA 381 61.40 43.21 53.72
N MET CA 382 60.56 42.32 54.24
CA MET CA 382 61.00 41.32 55.21
C MET CA 382 61.83 40.24 54.55
N ASP CA 383 62.74 39.63 55.31
CA ASP CA 383 63.65 38.66 54.74
C ASP CA 383 62.92 37.44 54.20
N VAL CA 384 61.92 36.98 54.94
CA VAL CA 384 61.15 35.79 54.58
C VAL CA 384 60.55 35.90 53.18
N ALA CA 385 60.22 37.12 52.77
CA ALA CA 385 59.70 37.39 51.43
C ALA CA 385 60.68 36.93 50.35
N LYS CA 386 61.98 36.98 50.66
CA LYS CA 386 63.03 36.64 49.70
C LYS CA 386 63.70 35.29 49.98
N GLU CA 387 63.66 34.82 51.21
CA GLU CA 387 64.40 33.62 51.60
C GLU CA 387 63.46 32.49 52.07
N GLU CA 388 63.87 31.24 51.81
CA GLU CA 388 63.12 30.07 52.29
C GLU CA 388 63.40 29.75 53.76
N THR CA 389 62.33 29.68 54.55
CA THR CA 389 62.44 29.46 55.99
C THR CA 389 62.89 28.05 56.37
N PHE CA 390 62.38 27.04 55.66
CA PHE CA 390 62.62 25.62 55.96
C PHE CA 390 62.22 25.20 57.39
N GLY CA 391 61.32 25.98 58.00
CA GLY CA 391 60.80 25.69 59.34
C GLY CA 391 59.29 25.91 59.46
N PRO CA 392 58.76 25.90 60.70
CA PRO CA 392 57.33 26.02 60.95
C PRO CA 392 56.83 27.45 61.18
N LEU CA 393 57.01 28.32 60.18
CA LEU CA 393 56.65 29.72 60.31
C LEU CA 393 55.63 30.11 59.26
N ALA CA 394 54.53 30.72 59.69
CA ALA CA 394 53.42 31.06 58.78
C ALA CA 394 53.21 32.56 58.66
N PRO CA 395 53.95 33.22 57.76
CA PRO CA 395 53.93 34.67 57.63
C PRO CA 395 52.86 35.18 56.67
N LEU CA 396 51.89 35.92 57.19
CA LEU CA 396 50.76 36.35 56.36
C LEU CA 396 51.03 37.70 55.73
N PHE CA 397 50.73 37.79 54.43
CA PHE CA 397 50.89 39.01 53.65
C PHE CA 397 49.51 39.51 53.26
N ARG CA 398 49.40 40.80 53.00
CA ARG CA 398 48.11 41.41 52.70
C ARG CA 398 48.04 41.79 51.23
N PHE CA 399 46.92 41.45 50.57
CA PHE CA 399 46.67 41.96 49.21
C PHE CA 399 45.25 42.49 48.96
N ALA CA 400 45.14 43.47 48.08
CA ALA CA 400 43.87 44.11 47.76
C ALA CA 400 43.24 43.57 46.46
N SER CA 401 43.95 43.75 45.34
CA SER CA 401 43.44 43.32 44.03
C SER CA 401 44.09 42.04 43.55
N GLU CA 402 43.52 41.50 42.47
CA GLU CA 402 44.02 40.30 41.78
C GLU CA 402 45.36 40.59 41.06
N GLU CA 403 45.39 41.69 40.30
CA GLU CA 403 46.59 42.17 39.64
C GLU CA 403 47.80 42.24 40.58
N GLU CA 404 47.60 42.93 41.71
CA GLU CA 404 48.61 43.09 42.75
C GLU CA 404 49.19 41.77 43.21
N LEU CA 405 48.32 40.79 43.45
CA LEU CA 405 48.76 39.52 44.02
C LEU CA 405 49.68 38.72 43.10
N VAL CA 406 49.33 38.65 41.81
CA VAL CA 406 50.16 38.00 40.80
C VAL CA 406 51.57 38.58 40.83
N ARG CA 407 51.65 39.91 40.75
CA ARG CA 407 52.91 40.67 40.84
C ARG CA 407 53.71 40.30 42.09
N LEU CA 408 53.01 40.19 43.21
CA LEU CA 408 53.62 39.87 44.51
C LEU CA 408 54.13 38.44 44.62
N ALA CA 409 53.36 37.50 44.09
CA ALA CA 409 53.69 36.07 44.18
C ALA CA 409 54.77 35.66 43.18
N ASN CA 410 54.81 36.33 42.03
CA ASN CA 410 55.80 36.06 40.99
C ASN CA 410 57.11 36.83 41.14
N ASP CA 411 57.09 37.85 42.00
CA ASP CA 411 58.27 38.67 42.28
C ASP CA 411 59.33 37.89 43.05
N THR CA 412 59.81 36.81 42.44
CA THR CA 412 60.78 35.92 43.07
C THR CA 412 61.62 35.20 42.02
N GLU CA 413 62.87 34.94 42.35
CA GLU CA 413 63.79 34.27 41.44
C GLU CA 413 63.34 32.84 41.23
N PHE CA 414 62.60 32.30 42.21
CA PHE CA 414 62.19 30.91 42.23
C PHE CA 414 60.77 30.69 41.68
N GLY CA 415 60.37 29.42 41.60
CA GLY CA 415 59.07 29.06 41.04
C GLY CA 415 58.80 27.58 41.11
N LEU CA 416 58.75 27.04 42.33
CA LEU CA 416 58.50 25.61 42.48
C LEU CA 416 57.01 25.37 42.68
N ALA CA 417 56.57 25.28 43.92
CA ALA CA 417 55.15 25.08 44.23
C ALA CA 417 54.40 26.39 44.52
N ALA CA 418 53.09 26.36 44.32
CA ALA CA 418 52.20 27.47 44.67
C ALA CA 418 50.84 26.86 44.99
N TYR CA 419 50.12 27.47 45.94
CA TYR CA 419 48.78 27.00 46.26
C TYR CA 419 47.79 28.16 46.19
N LEU CA 420 46.56 27.85 45.76
CA LEU CA 420 45.58 28.87 45.40
C LEU CA 420 44.16 28.44 45.78
N TYR CA 421 43.63 29.09 46.82
CA TYR CA 421 42.27 28.82 47.30
C TYR CA 421 41.34 29.91 46.81
N SER CA 422 40.52 29.55 45.84
CA SER CA 422 39.42 30.37 45.35
C SER CA 422 38.32 29.43 44.86
N ARG CA 423 37.16 29.99 44.57
CA ARG CA 423 35.99 29.18 44.28
C ARG CA 423 35.38 29.52 42.93
N ASP CA 424 35.65 30.72 42.44
CA ASP CA 424 35.21 31.15 41.11
C ASP CA 424 36.02 30.42 40.03
N ILE CA 425 35.32 29.64 39.22
CA ILE CA 425 35.94 28.89 38.12
C ILE CA 425 36.87 29.78 37.28
N GLY CA 426 36.40 30.98 36.89
CA GLY CA 426 37.14 31.90 36.05
C GLY CA 426 38.38 32.50 36.71
N ARG CA 427 38.29 32.78 38.01
CA ARG CA 427 39.39 33.36 38.80
C ARG CA 427 40.56 32.38 38.94
N VAL CA 428 40.30 31.26 39.61
CA VAL CA 428 41.25 30.16 39.74
C VAL CA 428 42.07 29.99 38.46
N TRP CA 429 41.39 30.00 37.32
CA TRP CA 429 42.04 29.79 36.04
C TRP CA 429 42.85 30.97 35.55
N ARG CA 430 42.33 32.19 35.74
CA ARG CA 430 43.09 33.39 35.44
C ARG CA 430 44.40 33.40 36.21
N VAL CA 431 44.33 33.13 37.51
CA VAL CA 431 45.49 33.16 38.39
C VAL CA 431 46.47 32.02 38.07
N ALA CA 432 45.95 30.80 37.95
CA ALA CA 432 46.79 29.62 37.75
C ALA CA 432 47.70 29.74 36.53
N GLU CA 433 47.19 30.32 35.44
CA GLU CA 433 47.97 30.56 34.21
C GLU CA 433 49.06 31.62 34.38
N ALA CA 434 48.77 32.66 35.18
CA ALA CA 434 49.69 33.78 35.36
C ALA CA 434 50.86 33.46 36.29
N LEU CA 435 50.65 32.59 37.26
CA LEU CA 435 51.69 32.21 38.23
C LEU CA 435 52.87 31.48 37.57
N GLU CA 436 54.06 32.04 37.75
CA GLU CA 436 55.26 31.41 37.23
C GLU CA 436 55.75 30.33 38.19
N TYR CA 437 55.03 29.21 38.19
CA TYR CA 437 55.30 28.07 39.10
C TYR CA 437 55.12 26.73 38.41
N GLY CA 438 55.96 25.77 38.77
CA GLY CA 438 55.97 24.46 38.13
C GLY CA 438 54.79 23.60 38.53
N MET CA 439 54.29 23.84 39.74
CA MET CA 439 53.23 23.03 40.33
C MET CA 439 52.29 23.95 41.11
N VAL CA 440 50.99 23.71 40.98
CA VAL CA 440 49.97 24.55 41.64
C VAL CA 440 48.77 23.75 42.16
N GLY CA 441 48.60 23.79 43.49
CA GLY CA 441 47.41 23.27 44.16
C GLY CA 441 46.27 24.26 44.06
N ILE CA 442 45.13 23.76 43.61
CA ILE CA 442 43.90 24.54 43.51
C ILE CA 442 42.97 24.00 44.57
N ASN CA 443 42.61 24.84 45.54
CA ASN CA 443 41.80 24.42 46.69
C ASN CA 443 42.29 23.17 47.43
N THR CA 444 43.59 22.91 47.34
CA THR CA 444 44.27 21.84 48.09
C THR CA 444 45.70 22.29 48.37
N GLY CA 445 46.36 21.63 49.34
CA GLY CA 445 47.71 21.98 49.76
C GLY CA 445 48.63 20.78 49.81
N LEU CA 446 48.18 19.66 49.25
CA LEU CA 446 49.03 18.51 49.00
C LEU CA 446 48.90 18.11 47.54
N ILE CA 447 50.03 18.12 46.82
CA ILE CA 447 50.00 17.97 45.36
C ILE CA 447 50.99 16.92 44.87
N SER CA 448 51.64 16.23 45.79
CA SER CA 448 52.65 15.27 45.40
C SER CA 448 52.11 13.85 45.29
N ASN CA 449 52.53 13.18 44.23
CA ASN CA 449 52.10 11.81 43.88
C ASN CA 449 52.98 11.36 42.73
N GLU CA 450 53.05 10.04 42.52
CA GLU CA 450 53.99 9.43 41.57
C GLU CA 450 53.59 9.54 40.09
N VAL CA 451 52.46 10.19 39.82
CA VAL CA 451 51.93 10.25 38.46
C VAL CA 451 51.92 11.68 37.91
N ALA CA 452 52.22 12.64 38.77
CA ALA CA 452 52.32 14.03 38.36
C ALA CA 452 53.77 14.45 38.13
N PRO CA 453 54.02 15.32 37.14
CA PRO CA 453 55.39 15.75 36.87
C PRO CA 453 55.90 16.74 37.93
N PHE CA 454 57.05 16.42 38.52
CA PHE CA 454 57.52 17.16 39.67
C PHE CA 454 58.80 17.94 39.41
N GLY CA 455 58.69 19.26 39.53
CA GLY CA 455 59.79 20.18 39.34
C GLY CA 455 59.26 21.58 39.17
N GLY CA 456 60.16 22.55 39.09
CA GLY CA 456 59.79 23.95 38.97
C GLY CA 456 60.26 24.62 37.69
N VAL CA 457 60.06 25.94 37.64
CA VAL CA 457 60.50 26.78 36.54
C VAL CA 457 61.53 27.77 37.08
N LYS CA 458 62.02 28.69 36.23
CA LYS CA 458 63.02 29.70 36.63
C LYS CA 458 64.16 29.09 37.45
N GLN CA 459 64.50 29.69 38.59
CA GLN CA 459 65.68 29.23 39.35
C GLN CA 459 65.41 28.11 40.35
N SER CA 460 64.26 27.45 40.19
CA SER CA 460 63.90 26.31 41.01
C SER CA 460 64.37 24.99 40.37
N GLY CA 461 64.83 25.08 39.12
CA GLY CA 461 65.53 23.97 38.50
C GLY CA 461 65.22 23.60 37.06
N LEU CA 462 65.47 22.33 36.73
CA LEU CA 462 65.32 21.82 35.38
C LEU CA 462 64.71 20.41 35.36
N GLY CA 463 63.77 20.19 34.43
CA GLY CA 463 63.20 18.86 34.21
C GLY CA 463 62.08 18.48 35.16
N ARG CA 464 61.68 17.22 35.11
CA ARG CA 464 60.56 16.73 35.91
C ARG CA 464 60.82 15.33 36.48
N GLU CA 465 60.22 15.02 37.64
CA GLU CA 465 60.20 13.66 38.17
C GLU CA 465 58.78 13.11 38.35
N GLY CA 466 58.60 11.82 38.08
CA GLY CA 466 57.26 11.22 38.08
C GLY CA 466 56.56 11.32 36.73
N SER CA 467 55.35 10.78 36.65
CA SER CA 467 54.58 10.65 35.39
C SER CA 467 55.38 9.94 34.31
N HIS CA 468 55.05 10.18 33.04
CA HIS CA 468 55.86 9.69 31.92
C HIS CA 468 57.04 10.63 31.63
N TYR CA 469 56.96 11.85 32.17
CA TYR CA 469 58.01 12.85 32.00
C TYR CA 469 59.29 12.49 32.77
N GLY CA 470 59.13 11.93 33.96
CA GLY CA 470 60.25 11.64 34.87
C GLY CA 470 61.33 10.68 34.39
N ILE CA 471 61.10 10.05 33.24
CA ILE CA 471 62.03 9.07 32.68
C ILE CA 471 62.72 9.58 31.40
N ASP CA 472 62.16 10.63 30.79
CA ASP CA 472 62.76 11.30 29.63
C ASP CA 472 64.22 11.66 29.85
N ASP CA 473 64.54 12.15 31.05
CA ASP CA 473 65.89 12.61 31.34
C ASP CA 473 66.89 11.48 31.53
N TYR CA 474 66.42 10.24 31.40
CA TYR CA 474 67.25 9.09 31.70
C TYR CA 474 67.55 8.33 30.43
N VAL CA 475 66.81 8.68 29.38
CA VAL CA 475 67.00 8.08 28.08
C VAL CA 475 67.48 9.11 27.10
N VAL CA 476 68.19 8.63 26.09
CA VAL CA 476 68.70 9.48 25.06
C VAL CA 476 67.96 9.17 23.74
N ILE CA 477 67.65 10.20 22.98
CA ILE CA 477 66.92 10.02 21.73
C ILE CA 477 67.79 9.83 20.47
N LYS CA 478 67.42 8.84 19.65
CA LYS CA 478 68.21 8.46 18.49
C LYS CA 478 67.40 8.45 17.20
N TYR CA 479 67.80 9.33 16.27
CA TYR CA 479 67.17 9.41 14.97
C TYR CA 479 67.86 8.50 13.97
N LEU CA 480 67.12 7.54 13.44
CA LEU CA 480 67.62 6.66 12.39
C LEU CA 480 67.04 7.10 11.06
N CYS CA 481 67.91 7.41 10.12
CA CYS CA 481 67.50 7.76 8.75
C CYS CA 481 67.80 6.59 7.83
N VAL CA 482 66.75 5.93 7.34
CA VAL CA 482 66.91 4.72 6.52
C VAL CA 482 66.59 4.97 5.04
N ALA CA 483 67.55 4.66 4.17
CA ALA CA 483 67.35 4.77 2.72
C ALA CA 483 66.55 3.59 2.21
N VAL CA 484 65.64 3.86 1.27
CA VAL CA 484 64.80 2.82 0.71
C VAL CA 484 64.38 3.15 -0.73
N GLY DA 3 39.82 -33.51 39.50
CA GLY DA 3 40.42 -34.87 39.54
C GLY DA 3 41.81 -34.79 40.12
N SER DA 4 42.79 -35.29 39.38
CA SER DA 4 44.20 -35.20 39.78
C SER DA 4 44.78 -33.81 39.50
N MET DA 5 44.56 -32.91 40.46
CA MET DA 5 45.02 -31.52 40.43
C MET DA 5 45.35 -31.05 41.84
N LYS DA 6 46.28 -30.09 41.97
CA LYS DA 6 46.61 -29.49 43.27
C LYS DA 6 45.37 -28.90 43.95
N ASP DA 7 44.60 -28.15 43.17
CA ASP DA 7 43.37 -27.51 43.61
C ASP DA 7 42.28 -27.87 42.61
N PRO DA 8 41.43 -28.86 42.95
CA PRO DA 8 40.45 -29.39 42.01
C PRO DA 8 39.16 -28.58 41.93
N SER DA 9 39.08 -27.48 42.67
CA SER DA 9 37.89 -26.60 42.64
C SER DA 9 37.94 -25.61 41.45
N LEU DA 10 39.10 -25.55 40.79
CA LEU DA 10 39.29 -24.68 39.63
C LEU DA 10 38.44 -25.13 38.44
N LEU DA 11 38.22 -26.45 38.33
CA LEU DA 11 37.33 -27.00 37.31
C LEU DA 11 35.88 -26.71 37.70
N ARG DA 12 35.20 -25.92 36.88
CA ARG DA 12 33.83 -25.50 37.17
C ARG DA 12 32.85 -26.18 36.22
N HIS DA 13 31.67 -26.52 36.74
CA HIS DA 13 30.57 -27.04 35.92
C HIS DA 13 29.38 -26.11 35.99
N GLN DA 14 29.58 -24.98 36.67
CA GLN DA 14 28.60 -23.90 36.76
C GLN DA 14 29.12 -22.65 36.03
N ALA DA 15 28.21 -21.77 35.63
CA ALA DA 15 28.54 -20.51 34.99
C ALA DA 15 28.54 -19.35 36.00
N TYR DA 16 29.28 -18.30 35.68
CA TYR DA 16 29.46 -17.14 36.57
C TYR DA 16 28.56 -15.99 36.13
N ILE DA 17 27.66 -15.57 37.02
CA ILE DA 17 26.57 -14.64 36.68
C ILE DA 17 26.39 -13.55 37.75
N GLY DA 18 26.82 -12.33 37.44
CA GLY DA 18 26.78 -11.23 38.41
C GLY DA 18 27.54 -11.51 39.70
N GLY DA 19 28.49 -12.45 39.63
CA GLY DA 19 29.26 -12.87 40.79
C GLY DA 19 28.79 -14.17 41.42
N GLU DA 20 27.53 -14.53 41.18
CA GLU DA 20 26.97 -15.79 41.67
C GLU DA 20 27.20 -16.92 40.68
N TRP DA 21 27.74 -18.05 41.15
CA TRP DA 21 27.79 -19.27 40.34
C TRP DA 21 26.37 -19.83 40.26
N GLN DA 22 25.94 -20.10 39.02
CA GLN DA 22 24.58 -20.51 38.77
C GLN DA 22 24.58 -21.62 37.72
N ALA DA 23 23.45 -22.30 37.58
CA ALA DA 23 23.22 -23.21 36.46
C ALA DA 23 22.13 -22.62 35.59
N ALA DA 24 21.90 -23.25 34.44
CA ALA DA 24 20.90 -22.77 33.48
C ALA DA 24 19.51 -22.74 34.11
N ASP DA 25 18.74 -21.69 33.80
CA ASP DA 25 17.33 -21.57 34.22
C ASP DA 25 16.56 -22.90 34.08
N SER DA 26 16.73 -23.53 32.93
CA SER DA 26 16.03 -24.76 32.56
C SER DA 26 16.81 -26.02 32.96
N ASP DA 27 17.90 -25.83 33.73
CA ASP DA 27 18.82 -26.91 34.10
C ASP DA 27 19.49 -27.63 32.91
N ALA DA 28 19.28 -27.10 31.71
CA ALA DA 28 19.86 -27.68 30.50
C ALA DA 28 21.38 -27.54 30.51
N THR DA 29 22.07 -28.64 30.25
CA THR DA 29 23.53 -28.67 30.23
C THR DA 29 24.02 -29.40 28.99
N PHE DA 30 25.21 -29.05 28.51
CA PHE DA 30 25.83 -29.83 27.42
C PHE DA 30 27.18 -30.41 27.83
N GLU DA 31 27.60 -31.45 27.11
CA GLU DA 31 28.76 -32.26 27.51
C GLU DA 31 30.03 -31.84 26.77
N VAL DA 32 31.13 -31.71 27.51
CA VAL DA 32 32.42 -31.35 26.93
C VAL DA 32 33.30 -32.60 26.82
N PHE DA 33 34.08 -32.69 25.75
CA PHE DA 33 34.89 -33.87 25.47
C PHE DA 33 36.35 -33.54 25.15
N ASP DA 34 37.21 -34.49 25.48
CA ASP DA 34 38.62 -34.40 25.19
C ASP DA 34 38.85 -34.71 23.71
N PRO DA 35 39.55 -33.82 22.97
CA PRO DA 35 39.80 -34.06 21.56
C PRO DA 35 40.83 -35.15 21.29
N ALA DA 36 41.51 -35.61 22.34
CA ALA DA 36 42.51 -36.67 22.21
C ALA DA 36 41.91 -38.07 22.38
N THR DA 37 40.89 -38.18 23.22
CA THR DA 37 40.35 -39.49 23.65
C THR DA 37 38.85 -39.63 23.47
N GLY DA 38 38.14 -38.52 23.39
CA GLY DA 38 36.69 -38.53 23.23
C GLY DA 38 35.94 -38.78 24.54
N GLU DA 39 36.69 -39.10 25.60
CA GLU DA 39 36.11 -39.33 26.91
C GLU DA 39 35.67 -38.00 27.52
N SER DA 40 34.61 -38.06 28.31
CA SER DA 40 33.91 -36.88 28.80
C SER DA 40 34.67 -36.17 29.93
N LEU DA 41 34.53 -34.85 29.96
CA LEU DA 41 35.11 -34.01 31.01
C LEU DA 41 34.03 -33.49 31.96
N GLY DA 42 32.76 -33.76 31.62
CA GLY DA 42 31.64 -33.31 32.45
C GLY DA 42 30.75 -32.31 31.74
N THR DA 43 29.90 -31.65 32.51
CA THR DA 43 28.90 -30.74 31.94
C THR DA 43 29.17 -29.28 32.26
N VAL DA 44 28.57 -28.42 31.44
CA VAL DA 44 28.48 -26.98 31.68
C VAL DA 44 27.06 -26.60 31.27
N PRO DA 45 26.51 -25.51 31.84
CA PRO DA 45 25.13 -25.17 31.49
C PRO DA 45 24.96 -24.77 30.02
N LYS DA 46 23.81 -25.08 29.46
CA LYS DA 46 23.43 -24.54 28.16
C LYS DA 46 22.42 -23.42 28.37
N MET DA 47 22.96 -22.25 28.73
CA MET DA 47 22.17 -21.06 29.04
C MET DA 47 21.78 -20.33 27.76
N GLY DA 48 20.81 -19.42 27.88
CA GLY DA 48 20.28 -18.68 26.73
C GLY DA 48 20.20 -17.18 26.93
N ALA DA 49 19.14 -16.57 26.40
CA ALA DA 49 18.96 -15.12 26.44
C ALA DA 49 18.61 -14.55 27.83
N ALA DA 50 17.99 -15.35 28.68
CA ALA DA 50 17.59 -14.87 30.01
C ALA DA 50 18.80 -14.64 30.91
N GLU DA 51 19.59 -15.69 31.10
CA GLU DA 51 20.80 -15.61 31.92
C GLU DA 51 21.76 -14.53 31.41
N THR DA 52 21.83 -14.38 30.09
CA THR DA 52 22.63 -13.32 29.48
C THR DA 52 22.10 -11.94 29.88
N ALA DA 53 20.78 -11.74 29.79
CA ALA DA 53 20.15 -10.46 30.15
C ALA DA 53 20.38 -10.08 31.62
N ARG DA 54 20.39 -11.07 32.49
CA ARG DA 54 20.58 -10.85 33.93
C ARG DA 54 22.02 -10.48 34.20
N ALA DA 55 22.94 -11.05 33.41
CA ALA DA 55 24.38 -10.72 33.50
C ALA DA 55 24.63 -9.28 33.06
N ILE DA 56 24.02 -8.90 31.94
CA ILE DA 56 24.07 -7.53 31.44
C ILE DA 56 23.50 -6.55 32.47
N GLU DA 57 22.31 -6.87 33.01
CA GLU DA 57 21.70 -6.09 34.10
C GLU DA 57 22.70 -5.90 35.25
N ALA DA 58 23.37 -6.98 35.66
CA ALA DA 58 24.26 -6.97 36.82
C ALA DA 58 25.53 -6.14 36.62
N ALA DA 59 26.03 -6.12 35.39
CA ALA DA 59 27.19 -5.29 35.04
C ALA DA 59 26.85 -3.81 35.16
N GLN DA 60 25.69 -3.43 34.60
CA GLN DA 60 25.20 -2.05 34.70
C GLN DA 60 25.18 -1.57 36.14
N ALA DA 61 24.62 -2.40 37.03
CA ALA DA 61 24.47 -2.04 38.45
C ALA DA 61 25.81 -1.97 39.19
N ALA DA 62 26.83 -2.63 38.65
CA ALA DA 62 28.14 -2.65 39.29
C ALA DA 62 29.05 -1.52 38.78
N TRP DA 63 28.72 -0.95 37.63
CA TRP DA 63 29.58 0.07 36.97
C TRP DA 63 29.94 1.26 37.86
N ALA DA 64 28.93 1.94 38.41
CA ALA DA 64 29.14 3.13 39.26
C ALA DA 64 30.22 2.92 40.32
N GLY DA 65 30.15 1.79 41.03
CA GLY DA 65 31.07 1.48 42.11
C GLY DA 65 32.44 1.07 41.63
N TRP DA 66 32.51 0.51 40.42
CA TRP DA 66 33.77 0.05 39.87
C TRP DA 66 34.53 1.19 39.20
N ARG DA 67 33.80 2.07 38.53
CA ARG DA 67 34.40 3.25 37.91
C ARG DA 67 34.92 4.26 38.94
N MET DA 68 34.36 4.23 40.15
CA MET DA 68 34.64 5.26 41.16
C MET DA 68 35.96 5.02 41.90
N LYS DA 69 36.35 3.75 41.99
CA LYS DA 69 37.69 3.38 42.40
C LYS DA 69 38.74 4.08 41.51
N THR DA 70 39.90 4.39 42.06
CA THR DA 70 41.00 4.88 41.24
C THR DA 70 41.58 3.75 40.40
N ALA DA 71 42.35 4.10 39.37
CA ALA DA 71 43.02 3.11 38.53
C ALA DA 71 44.07 2.32 39.34
N LYS DA 72 44.67 2.98 40.32
CA LYS DA 72 45.61 2.38 41.27
C LYS DA 72 44.90 1.28 42.09
N GLU DA 73 43.67 1.55 42.49
CA GLU DA 73 42.85 0.57 43.21
C GLU DA 73 42.46 -0.60 42.30
N ARG DA 74 41.89 -0.31 41.14
CA ARG DA 74 41.58 -1.34 40.12
C ARG DA 74 42.81 -2.21 39.82
N ALA DA 75 43.96 -1.54 39.67
CA ALA DA 75 45.22 -2.20 39.37
C ALA DA 75 45.61 -3.19 40.46
N ALA DA 76 45.19 -2.90 41.69
CA ALA DA 76 45.48 -3.79 42.81
C ALA DA 76 44.69 -5.10 42.73
N ILE DA 77 43.40 -5.01 42.39
CA ILE DA 77 42.61 -6.22 42.17
C ILE DA 77 43.21 -7.04 41.02
N LEU DA 78 43.43 -6.38 39.87
CA LEU DA 78 43.94 -7.05 38.66
C LEU DA 78 45.31 -7.66 38.89
N ARG DA 79 46.16 -6.97 39.64
CA ARG DA 79 47.49 -7.50 39.95
C ARG DA 79 47.40 -8.75 40.83
N ARG DA 80 46.44 -8.78 41.75
CA ARG DA 80 46.17 -9.98 42.55
C ARG DA 80 45.71 -11.15 41.68
N TRP DA 81 44.84 -10.83 40.70
CA TRP DA 81 44.35 -11.82 39.73
C TRP DA 81 45.50 -12.41 38.92
N PHE DA 82 46.34 -11.52 38.40
CA PHE DA 82 47.57 -11.89 37.72
C PHE DA 82 48.39 -12.82 38.61
N ASP DA 83 48.62 -12.38 39.85
CA ASP DA 83 49.34 -13.19 40.85
C ASP DA 83 48.76 -14.60 40.97
N LEU DA 84 47.44 -14.68 41.16
CA LEU DA 84 46.73 -15.97 41.26
C LEU DA 84 46.86 -16.83 40.00
N VAL DA 85 46.86 -16.17 38.84
CA VAL DA 85 47.02 -16.88 37.56
C VAL DA 85 48.41 -17.53 37.48
N ILE DA 86 49.45 -16.77 37.82
CA ILE DA 86 50.83 -17.29 37.90
C ILE DA 86 50.95 -18.42 38.94
N ALA DA 87 50.29 -18.24 40.09
CA ALA DA 87 50.36 -19.19 41.21
C ALA DA 87 49.78 -20.57 40.89
N ASN DA 88 48.66 -20.60 40.18
CA ASN DA 88 47.96 -21.83 39.82
C ASN DA 88 48.31 -22.32 38.41
N SER DA 89 49.38 -21.76 37.84
CA SER DA 89 49.81 -22.01 36.47
C SER DA 89 49.75 -23.47 36.00
N ASP DA 90 50.31 -24.38 36.81
CA ASP DA 90 50.35 -25.80 36.47
C ASP DA 90 48.96 -26.41 36.28
N ASP DA 91 48.02 -26.01 37.13
CA ASP DA 91 46.67 -26.56 37.11
C ASP DA 91 45.81 -26.03 35.96
N LEU DA 92 46.01 -24.76 35.62
CA LEU DA 92 45.30 -24.11 34.50
C LEU DA 92 45.70 -24.72 33.17
N ALA DA 93 46.99 -25.03 33.04
CA ALA DA 93 47.58 -25.61 31.83
C ALA DA 93 47.13 -27.05 31.57
N LEU DA 94 46.85 -27.81 32.63
CA LEU DA 94 46.31 -29.16 32.46
C LEU DA 94 44.83 -29.12 32.06
N ILE DA 95 44.09 -28.14 32.60
CA ILE DA 95 42.68 -27.93 32.20
C ILE DA 95 42.60 -27.67 30.70
N LEU DA 96 43.46 -26.77 30.22
CA LEU DA 96 43.46 -26.31 28.84
C LEU DA 96 43.83 -27.44 27.87
N THR DA 97 44.98 -28.07 28.09
CA THR DA 97 45.42 -29.22 27.30
C THR DA 97 44.28 -30.23 27.16
N THR DA 98 43.63 -30.56 28.28
CA THR DA 98 42.59 -31.59 28.33
C THR DA 98 41.34 -31.16 27.55
N GLU DA 99 41.04 -29.87 27.52
CA GLU DA 99 39.84 -29.38 26.83
C GLU DA 99 40.07 -28.90 25.40
N GLN DA 100 41.31 -28.46 25.12
CA GLN DA 100 41.64 -27.87 23.82
C GLN DA 100 42.53 -28.79 22.97
N GLY DA 101 43.42 -29.55 23.61
CA GLY DA 101 44.29 -30.47 22.88
C GLY DA 101 45.77 -30.16 22.80
N LYS DA 102 46.13 -28.88 22.83
CA LYS DA 102 47.55 -28.47 22.68
C LYS DA 102 48.42 -29.00 23.82
N PRO DA 103 49.68 -29.36 23.51
CA PRO DA 103 50.62 -29.88 24.54
C PRO DA 103 50.69 -29.02 25.81
N LEU DA 104 51.09 -29.63 26.92
CA LEU DA 104 51.26 -28.95 28.22
C LEU DA 104 52.21 -27.75 28.13
N ALA DA 105 53.35 -27.99 27.46
CA ALA DA 105 54.36 -26.97 27.23
C ALA DA 105 53.76 -25.78 26.48
N GLU DA 106 52.97 -26.06 25.45
CA GLU DA 106 52.27 -25.00 24.73
C GLU DA 106 51.21 -24.34 25.60
N ALA DA 107 50.54 -25.15 26.42
CA ALA DA 107 49.49 -24.66 27.29
C ALA DA 107 50.08 -23.76 28.36
N LYS DA 108 51.28 -24.11 28.83
CA LYS DA 108 51.97 -23.31 29.83
C LYS DA 108 52.31 -21.93 29.27
N GLY DA 109 52.81 -21.92 28.03
CA GLY DA 109 53.09 -20.70 27.28
C GLY DA 109 51.89 -19.77 27.21
N GLU DA 110 50.71 -20.33 26.92
CA GLU DA 110 49.47 -19.54 26.87
C GLU DA 110 49.03 -19.01 28.23
N ILE DA 111 49.29 -19.77 29.29
CA ILE DA 111 48.93 -19.34 30.65
C ILE DA 111 49.77 -18.11 31.03
N ALA DA 112 51.08 -18.21 30.82
CA ALA DA 112 52.01 -17.09 31.02
C ALA DA 112 51.70 -15.91 30.07
N TYR DA 113 51.30 -16.23 28.85
CA TYR DA 113 50.89 -15.24 27.86
C TYR DA 113 49.60 -14.56 28.32
N ALA DA 114 48.62 -15.35 28.75
CA ALA DA 114 47.39 -14.80 29.33
C ALA DA 114 47.68 -13.83 30.47
N ALA DA 115 48.51 -14.27 31.41
CA ALA DA 115 48.85 -13.50 32.61
C ALA DA 115 49.39 -12.12 32.29
N SER DA 116 50.38 -12.07 31.39
CA SER DA 116 51.05 -10.85 31.00
C SER DA 116 50.10 -9.77 30.49
N PHE DA 117 48.98 -10.19 29.88
CA PHE DA 117 47.93 -9.26 29.45
C PHE DA 117 47.24 -8.63 30.63
N ILE DA 118 46.95 -9.42 31.64
CA ILE DA 118 46.36 -8.91 32.88
C ILE DA 118 47.33 -7.88 33.50
N GLU DA 119 48.60 -8.28 33.62
CA GLU DA 119 49.63 -7.39 34.18
C GLU DA 119 49.75 -6.12 33.36
N TRP DA 120 49.78 -6.27 32.03
CA TRP DA 120 49.92 -5.15 31.12
C TRP DA 120 48.82 -4.12 31.33
N PHE DA 121 47.57 -4.56 31.27
CA PHE DA 121 46.45 -3.63 31.35
C PHE DA 121 46.21 -3.05 32.75
N ALA DA 122 46.49 -3.85 33.78
CA ALA DA 122 46.52 -3.33 35.14
C ALA DA 122 47.32 -2.02 35.17
N GLU DA 123 48.51 -2.06 34.60
CA GLU DA 123 49.40 -0.89 34.48
C GLU DA 123 48.87 0.17 33.52
N GLU DA 124 48.43 -0.24 32.32
CA GLU DA 124 47.89 0.70 31.30
C GLU DA 124 46.78 1.57 31.85
N GLY DA 125 45.91 0.97 32.67
CA GLY DA 125 44.82 1.68 33.32
C GLY DA 125 45.27 2.97 33.97
N LYS DA 126 46.37 2.89 34.72
CA LYS DA 126 46.96 4.05 35.41
C LYS DA 126 47.42 5.18 34.47
N ARG DA 127 47.41 4.92 33.16
CA ARG DA 127 47.92 5.87 32.17
C ARG DA 127 46.90 6.34 31.13
N VAL DA 128 45.62 6.01 31.31
CA VAL DA 128 44.60 6.53 30.40
C VAL DA 128 44.59 8.07 30.45
N ALA DA 129 45.08 8.68 29.38
CA ALA DA 129 45.37 10.11 29.37
C ALA DA 129 44.61 10.88 28.30
N GLY DA 130 44.29 12.13 28.59
CA GLY DA 130 43.72 13.09 27.62
C GLY DA 130 44.71 14.19 27.27
N ASP DA 131 44.20 15.33 26.79
CA ASP DA 131 45.05 16.45 26.32
C ASP DA 131 44.57 17.82 26.78
N THR DA 132 45.51 18.76 26.86
CA THR DA 132 45.21 20.20 26.93
C THR DA 132 45.86 20.86 25.72
N LEU DA 133 45.05 21.53 24.91
CA LEU DA 133 45.48 21.97 23.59
C LEU DA 133 45.48 23.49 23.45
N PRO DA 134 46.34 24.02 22.55
CA PRO DA 134 46.39 25.47 22.34
C PRO DA 134 45.07 25.96 21.77
N THR DA 135 44.50 26.98 22.39
CA THR DA 135 43.23 27.51 21.95
C THR DA 135 43.34 28.25 20.61
N PRO DA 136 42.36 28.03 19.72
CA PRO DA 136 42.17 28.87 18.53
C PRO DA 136 41.38 30.14 18.86
N ASP DA 137 40.83 30.19 20.09
CA ASP DA 137 39.98 31.29 20.51
C ASP DA 137 40.39 31.77 21.91
N ALA DA 138 40.87 33.00 21.97
CA ALA DA 138 41.44 33.60 23.19
C ALA DA 138 40.57 33.36 24.42
N ASN DA 139 39.26 33.55 24.26
CA ASN DA 139 38.29 33.50 25.36
C ASN DA 139 37.89 32.08 25.79
N LYS DA 140 38.53 31.08 25.19
CA LYS DA 140 38.24 29.69 25.53
C LYS DA 140 39.50 28.90 25.83
N ARG DA 141 39.33 27.77 26.48
CA ARG DA 141 40.44 26.89 26.81
C ARG DA 141 40.01 25.44 26.59
N ILE DA 142 40.90 24.63 26.02
CA ILE DA 142 40.57 23.26 25.61
C ILE DA 142 41.11 22.15 26.50
N VAL DA 143 40.19 21.41 27.12
CA VAL DA 143 40.53 20.31 28.00
C VAL DA 143 39.84 19.03 27.51
N VAL DA 144 40.63 17.98 27.27
CA VAL DA 144 40.08 16.68 26.87
C VAL DA 144 40.32 15.63 27.95
N VAL DA 145 39.26 14.94 28.34
CA VAL DA 145 39.41 13.81 29.27
C VAL DA 145 38.86 12.52 28.66
N LYS DA 146 39.19 11.41 29.31
CA LYS DA 146 38.74 10.10 28.88
C LYS DA 146 38.01 9.40 30.03
N GLU DA 147 36.97 8.63 29.68
CA GLU DA 147 36.18 7.87 30.65
C GLU DA 147 35.62 6.62 30.00
N PRO DA 148 35.35 5.56 30.81
CA PRO DA 148 34.83 4.27 30.33
C PRO DA 148 33.61 4.42 29.43
N ILE DA 149 33.61 3.68 28.33
CA ILE DA 149 32.51 3.64 27.34
C ILE DA 149 31.20 3.32 28.03
N GLY DA 150 31.24 2.34 28.94
CA GLY DA 150 30.07 1.76 29.60
C GLY DA 150 30.21 0.24 29.75
N VAL DA 151 29.08 -0.46 29.71
CA VAL DA 151 29.02 -1.92 29.81
C VAL DA 151 29.53 -2.57 28.54
N CYS DA 152 30.35 -3.60 28.70
CA CYS DA 152 31.02 -4.28 27.58
C CYS DA 152 30.67 -5.76 27.53
N ALA DA 153 30.81 -6.35 26.36
CA ALA DA 153 30.73 -7.81 26.22
C ALA DA 153 31.83 -8.29 25.28
N ALA DA 154 32.16 -9.58 25.37
CA ALA DA 154 33.17 -10.19 24.52
C ALA DA 154 32.85 -11.64 24.16
N ILE DA 155 33.03 -11.97 22.88
CA ILE DA 155 32.89 -13.34 22.43
C ILE DA 155 34.26 -13.86 22.01
N THR DA 156 34.62 -15.03 22.53
CA THR DA 156 35.98 -15.58 22.36
C THR DA 156 36.00 -17.03 21.80
N PRO DA 157 37.10 -17.42 21.13
CA PRO DA 157 37.18 -18.73 20.49
C PRO DA 157 37.89 -19.81 21.29
N TRP DA 158 38.03 -20.98 20.68
CA TRP DA 158 38.46 -22.20 21.34
C TRP DA 158 39.96 -22.46 21.26
N ASN DA 159 40.66 -21.73 20.39
CA ASN DA 159 42.07 -22.02 20.09
C ASN DA 159 43.06 -21.45 21.11
N PHE DA 160 42.66 -20.36 21.76
CA PHE DA 160 43.38 -19.84 22.93
C PHE DA 160 42.39 -19.55 24.06
N PRO DA 161 41.80 -20.62 24.63
CA PRO DA 161 40.67 -20.50 25.56
C PRO DA 161 40.96 -19.59 26.73
N ALA DA 162 42.24 -19.46 27.09
CA ALA DA 162 42.67 -18.72 28.27
C ALA DA 162 43.09 -17.28 27.95
N ALA DA 163 44.14 -17.14 27.15
CA ALA DA 163 44.69 -15.83 26.76
C ALA DA 163 43.66 -14.88 26.17
N MET DA 164 42.72 -15.42 25.40
CA MET DA 164 41.59 -14.65 24.86
C MET DA 164 40.74 -13.97 25.94
N ILE DA 165 40.45 -14.68 27.04
CA ILE DA 165 39.70 -14.09 28.16
C ILE DA 165 40.49 -12.94 28.79
N ALA DA 166 41.76 -13.21 29.14
CA ALA DA 166 42.63 -12.20 29.74
C ALA DA 166 42.85 -11.00 28.83
N ARG DA 167 42.71 -11.22 27.51
CA ARG DA 167 42.99 -10.22 26.49
C ARG DA 167 41.83 -9.25 26.28
N LYS DA 168 40.67 -9.61 26.80
CA LYS DA 168 39.47 -8.80 26.60
C LYS DA 168 38.90 -8.27 27.91
N VAL DA 169 38.97 -9.08 28.96
CA VAL DA 169 38.51 -8.70 30.28
C VAL DA 169 39.46 -7.66 30.90
N GLY DA 170 40.76 -7.90 30.72
CA GLY DA 170 41.82 -7.03 31.22
C GLY DA 170 41.69 -5.57 30.85
N PRO DA 171 41.68 -5.25 29.54
CA PRO DA 171 41.60 -3.84 29.13
C PRO DA 171 40.30 -3.15 29.57
N ALA DA 172 39.19 -3.89 29.50
CA ALA DA 172 37.88 -3.37 29.94
C ALA DA 172 37.89 -2.98 31.40
N LEU DA 173 38.25 -3.93 32.24
CA LEU DA 173 38.26 -3.72 33.68
C LEU DA 173 39.20 -2.58 34.07
N ALA DA 174 40.38 -2.56 33.45
CA ALA DA 174 41.38 -1.52 33.74
C ALA DA 174 40.88 -0.11 33.41
N ALA DA 175 40.05 0.01 32.38
CA ALA DA 175 39.50 1.30 31.96
C ALA DA 175 38.33 1.70 32.84
N GLY DA 176 37.80 0.73 33.60
CA GLY DA 176 36.66 0.95 34.48
C GLY DA 176 35.35 0.53 33.85
N CYS DA 177 35.36 -0.60 33.14
CA CYS DA 177 34.18 -1.14 32.46
C CYS DA 177 33.88 -2.55 32.92
N PRO DA 178 32.61 -2.84 33.24
CA PRO DA 178 32.22 -4.24 33.49
C PRO DA 178 32.07 -4.99 32.16
N ILE DA 179 32.25 -6.32 32.21
CA ILE DA 179 32.28 -7.12 30.99
C ILE DA 179 31.52 -8.44 31.11
N VAL DA 180 30.86 -8.82 30.02
CA VAL DA 180 30.16 -10.10 29.96
C VAL DA 180 30.81 -10.91 28.85
N VAL DA 181 31.23 -12.12 29.19
CA VAL DA 181 32.06 -12.92 28.29
C VAL DA 181 31.35 -14.22 27.91
N LYS DA 182 31.29 -14.50 26.61
CA LYS DA 182 30.82 -15.80 26.14
C LYS DA 182 31.99 -16.52 25.50
N PRO DA 183 32.56 -17.51 26.23
CA PRO DA 183 33.65 -18.33 25.72
C PRO DA 183 33.14 -19.33 24.68
N ALA DA 184 34.06 -20.05 24.05
CA ALA DA 184 33.71 -21.05 23.05
C ALA DA 184 33.18 -22.32 23.73
N GLU DA 185 32.07 -22.86 23.19
CA GLU DA 185 31.37 -24.00 23.78
C GLU DA 185 32.18 -25.29 23.88
N SER DA 186 33.29 -25.38 23.14
CA SER DA 186 34.10 -26.58 23.18
C SER DA 186 35.25 -26.49 24.18
N THR DA 187 35.41 -25.31 24.78
CA THR DA 187 36.49 -25.03 25.74
C THR DA 187 36.10 -24.01 26.81
N PRO DA 188 35.03 -24.28 27.58
CA PRO DA 188 34.56 -23.26 28.52
C PRO DA 188 35.29 -23.25 29.86
N PHE DA 189 35.94 -24.37 30.19
CA PHE DA 189 36.51 -24.56 31.52
C PHE DA 189 37.56 -23.51 31.90
N SER DA 190 38.52 -23.26 31.00
CA SER DA 190 39.58 -22.28 31.24
C SER DA 190 39.00 -20.89 31.50
N ALA DA 191 37.94 -20.55 30.77
CA ALA DA 191 37.24 -19.29 30.99
C ALA DA 191 36.72 -19.16 32.41
N LEU DA 192 36.11 -20.24 32.91
CA LEU DA 192 35.50 -20.28 34.24
C LEU DA 192 36.54 -20.39 35.34
N ALA DA 193 37.64 -21.09 35.02
CA ALA DA 193 38.82 -21.14 35.89
C ALA DA 193 39.40 -19.73 36.09
N MET DA 194 39.55 -19.00 35.00
CA MET DA 194 40.01 -17.61 35.03
C MET DA 194 39.01 -16.74 35.77
N ALA DA 195 37.73 -16.97 35.52
CA ALA DA 195 36.65 -16.26 36.22
C ALA DA 195 36.74 -16.49 37.72
N PHE DA 196 36.91 -17.76 38.10
CA PHE DA 196 37.02 -18.16 39.51
C PHE DA 196 38.18 -17.47 40.22
N LEU DA 197 39.35 -17.46 39.58
CA LEU DA 197 40.52 -16.77 40.13
C LEU DA 197 40.33 -15.25 40.19
N ALA DA 198 39.49 -14.71 39.30
CA ALA DA 198 39.14 -13.29 39.36
C ALA DA 198 38.26 -12.98 40.57
N GLU DA 199 37.29 -13.86 40.84
CA GLU DA 199 36.45 -13.77 42.04
C GLU DA 199 37.31 -13.69 43.31
N ARG DA 200 38.36 -14.52 43.36
CA ARG DA 200 39.20 -14.62 44.54
C ARG DA 200 40.10 -13.40 44.75
N ALA DA 201 40.55 -12.81 43.65
CA ALA DA 201 41.39 -11.61 43.71
C ALA DA 201 40.63 -10.35 44.16
N GLY DA 202 39.31 -10.41 44.19
CA GLY DA 202 38.50 -9.31 44.73
C GLY DA 202 37.74 -8.47 43.71
N VAL DA 203 37.49 -9.04 42.53
CA VAL DA 203 36.68 -8.38 41.52
C VAL DA 203 35.25 -8.33 42.06
N PRO DA 204 34.70 -7.12 42.24
CA PRO DA 204 33.36 -7.03 42.83
C PRO DA 204 32.36 -7.82 41.99
N LYS DA 205 31.36 -8.37 42.67
CA LYS DA 205 30.25 -9.07 42.01
C LYS DA 205 29.60 -8.08 41.03
N GLY DA 206 29.35 -8.58 39.81
CA GLY DA 206 28.75 -7.78 38.75
C GLY DA 206 29.71 -7.29 37.68
N VAL DA 207 30.95 -7.02 38.10
CA VAL DA 207 31.96 -6.48 37.19
C VAL DA 207 32.36 -7.53 36.13
N LEU DA 208 32.43 -8.80 36.54
CA LEU DA 208 32.70 -9.91 35.62
C LEU DA 208 31.60 -10.97 35.61
N SER DA 209 31.10 -11.27 34.41
CA SER DA 209 30.23 -12.44 34.20
C SER DA 209 30.75 -13.29 33.03
N VAL DA 210 30.61 -14.62 33.18
CA VAL DA 210 31.00 -15.55 32.12
C VAL DA 210 29.83 -16.49 31.79
N VAL DA 211 29.00 -16.08 30.82
CA VAL DA 211 27.87 -16.90 30.33
C VAL DA 211 28.32 -18.11 29.50
N ILE DA 212 27.47 -19.14 29.40
CA ILE DA 212 27.82 -20.36 28.65
C ILE DA 212 26.58 -21.05 28.07
N GLY DA 213 26.68 -21.44 26.79
CA GLY DA 213 25.62 -22.17 26.14
C GLY DA 213 25.59 -21.93 24.64
N ASP DA 214 24.37 -21.74 24.14
CA ASP DA 214 24.10 -21.59 22.70
C ASP DA 214 24.73 -20.32 22.17
N PRO DA 215 25.62 -20.45 21.16
CA PRO DA 215 26.30 -19.31 20.52
C PRO DA 215 25.34 -18.25 19.98
N LYS DA 216 24.26 -18.70 19.33
CA LYS DA 216 23.33 -17.81 18.68
C LYS DA 216 22.50 -17.03 19.70
N ALA DA 217 21.92 -17.75 20.66
CA ALA DA 217 21.02 -17.17 21.66
C ALA DA 217 21.70 -16.09 22.51
N ILE DA 218 22.91 -16.41 22.98
CA ILE DA 218 23.68 -15.49 23.82
C ILE DA 218 24.15 -14.25 23.03
N GLY DA 219 24.68 -14.48 21.82
CA GLY DA 219 25.09 -13.39 20.93
C GLY DA 219 23.96 -12.44 20.59
N THR DA 220 22.76 -12.98 20.39
CA THR DA 220 21.60 -12.18 20.01
C THR DA 220 21.15 -11.25 21.15
N GLU DA 221 21.23 -11.74 22.38
CA GLU DA 221 20.87 -10.93 23.53
C GLU DA 221 21.86 -9.77 23.67
N ILE DA 222 23.14 -10.09 23.53
CA ILE DA 222 24.22 -9.11 23.61
C ILE DA 222 24.10 -8.03 22.52
N THR DA 223 23.92 -8.47 21.28
CA THR DA 223 23.92 -7.57 20.12
C THR DA 223 22.71 -6.64 20.04
N SER DA 224 21.60 -7.03 20.66
CA SER DA 224 20.35 -6.29 20.59
C SER DA 224 20.10 -5.47 21.85
N ASN DA 225 20.72 -5.90 22.95
CA ASN DA 225 20.52 -5.25 24.24
C ASN DA 225 21.14 -3.86 24.31
N PRO DA 226 20.33 -2.84 24.69
CA PRO DA 226 20.82 -1.45 24.66
C PRO DA 226 21.75 -1.08 25.82
N ILE DA 227 21.89 -1.99 26.79
CA ILE DA 227 22.77 -1.77 27.93
C ILE DA 227 24.23 -1.93 27.52
N VAL DA 228 24.47 -2.86 26.60
CA VAL DA 228 25.82 -3.15 26.09
C VAL DA 228 26.30 -2.03 25.16
N ARG DA 229 27.39 -1.38 25.55
CA ARG DA 229 27.90 -0.24 24.80
C ARG DA 229 29.07 -0.58 23.88
N LYS DA 230 29.73 -1.71 24.15
CA LYS DA 230 30.75 -2.20 23.23
C LYS DA 230 30.95 -3.72 23.20
N LEU DA 231 31.37 -4.21 22.04
CA LEU DA 231 31.53 -5.63 21.79
C LEU DA 231 32.85 -5.96 21.11
N SER DA 232 33.49 -7.01 21.61
CA SER DA 232 34.68 -7.54 21.03
C SER DA 232 34.42 -9.00 20.65
N PHE DA 233 34.73 -9.35 19.41
CA PHE DA 233 34.58 -10.71 18.94
C PHE DA 233 35.86 -11.19 18.27
N THR DA 234 36.27 -12.41 18.64
CA THR DA 234 37.37 -13.07 17.96
C THR DA 234 36.83 -14.40 17.44
N GLY DA 235 36.98 -14.63 16.13
CA GLY DA 235 36.46 -15.83 15.50
C GLY DA 235 36.39 -15.77 13.98
N SER DA 236 35.30 -16.26 13.39
CA SER DA 236 35.19 -16.34 11.95
C SER DA 236 34.71 -15.02 11.37
N THR DA 237 35.17 -14.73 10.17
CA THR DA 237 34.78 -13.52 9.43
C THR DA 237 33.27 -13.45 9.30
N ALA DA 238 32.67 -14.55 8.83
CA ALA DA 238 31.22 -14.63 8.58
C ALA DA 238 30.38 -14.32 9.82
N VAL DA 239 30.78 -14.88 10.96
CA VAL DA 239 30.06 -14.62 12.22
C VAL DA 239 30.23 -13.15 12.60
N GLY DA 240 31.46 -12.66 12.49
CA GLY DA 240 31.78 -11.27 12.81
C GLY DA 240 30.99 -10.26 12.00
N ARG DA 241 30.83 -10.53 10.71
CA ARG DA 241 29.99 -9.72 9.81
C ARG DA 241 28.54 -9.64 10.32
N LEU DA 242 28.00 -10.77 10.76
CA LEU DA 242 26.62 -10.84 11.30
C LEU DA 242 26.47 -10.09 12.64
N LEU DA 243 27.43 -10.31 13.54
CA LEU DA 243 27.49 -9.61 14.82
C LEU DA 243 27.46 -8.10 14.68
N MET DA 244 28.20 -7.60 13.67
CA MET DA 244 28.20 -6.19 13.36
C MET DA 244 26.83 -5.72 12.93
N ALA DA 245 26.18 -6.53 12.08
CA ALA DA 245 24.83 -6.21 11.59
C ALA DA 245 23.82 -6.15 12.74
N GLN DA 246 23.80 -7.21 13.56
CA GLN DA 246 22.89 -7.28 14.71
C GLN DA 246 23.15 -6.18 15.73
N SER DA 247 24.39 -5.67 15.75
CA SER DA 247 24.79 -4.57 16.64
C SER DA 247 24.39 -3.18 16.15
N ALA DA 248 24.06 -3.06 14.86
CA ALA DA 248 23.72 -1.77 14.25
C ALA DA 248 22.68 -0.93 15.01
N PRO DA 249 21.49 -1.51 15.33
CA PRO DA 249 20.39 -0.79 16.00
C PRO DA 249 20.78 0.03 17.22
N THR DA 250 21.75 -0.46 18.00
CA THR DA 250 22.21 0.24 19.19
C THR DA 250 23.56 0.94 18.99
N VAL DA 251 24.10 0.81 17.77
CA VAL DA 251 25.25 1.60 17.30
C VAL DA 251 26.54 1.35 18.12
N LYS DA 252 26.72 0.10 18.56
CA LYS DA 252 27.80 -0.29 19.46
C LYS DA 252 29.22 -0.05 18.91
N LYS DA 253 30.16 0.20 19.83
CA LYS DA 253 31.58 0.23 19.52
C LYS DA 253 32.07 -1.20 19.32
N LEU DA 254 32.68 -1.47 18.18
CA LEU DA 254 33.09 -2.82 17.82
C LEU DA 254 34.59 -2.98 17.63
N THR DA 255 35.13 -4.01 18.27
CA THR DA 255 36.49 -4.49 18.00
C THR DA 255 36.36 -5.89 17.41
N LEU DA 256 37.07 -6.14 16.31
CA LEU DA 256 36.91 -7.41 15.60
C LEU DA 256 38.22 -8.09 15.14
N GLU DA 257 38.50 -9.24 15.73
CA GLU DA 257 39.58 -10.11 15.31
C GLU DA 257 38.93 -11.24 14.50
N LEU DA 258 39.26 -11.32 13.21
CA LEU DA 258 38.58 -12.23 12.31
C LEU DA 258 39.54 -13.17 11.59
N GLY DA 259 39.05 -13.78 10.51
CA GLY DA 259 39.85 -14.67 9.69
C GLY DA 259 41.00 -13.97 8.97
N GLY DA 260 42.00 -14.77 8.61
CA GLY DA 260 43.15 -14.31 7.86
C GLY DA 260 43.51 -15.30 6.78
N ASN DA 261 44.71 -15.16 6.24
CA ASN DA 261 45.20 -16.01 5.17
C ASN DA 261 46.68 -15.74 5.03
N ALA DA 262 47.42 -16.05 6.10
CA ALA DA 262 48.79 -15.58 6.27
C ALA DA 262 49.77 -16.21 5.29
N PRO DA 263 50.45 -15.36 4.49
CA PRO DA 263 51.55 -15.80 3.64
C PRO DA 263 52.89 -15.83 4.36
N PHE DA 264 53.65 -16.90 4.15
CA PHE DA 264 55.03 -17.02 4.64
C PHE DA 264 55.93 -16.88 3.42
N ILE DA 265 56.67 -15.77 3.36
CA ILE DA 265 57.39 -15.36 2.16
C ILE DA 265 58.89 -15.59 2.28
N VAL DA 266 59.41 -16.52 1.48
CA VAL DA 266 60.84 -16.79 1.51
C VAL DA 266 61.52 -16.23 0.25
N PHE DA 267 62.31 -15.19 0.43
CA PHE DA 267 63.04 -14.62 -0.70
C PHE DA 267 64.31 -15.37 -1.04
N ASP DA 268 64.66 -15.30 -2.32
CA ASP DA 268 65.94 -15.73 -2.87
C ASP DA 268 67.09 -15.65 -1.85
N ASP DA 269 67.20 -14.52 -1.16
CA ASP DA 269 68.34 -14.23 -0.28
C ASP DA 269 68.11 -14.49 1.22
N ALA DA 270 67.05 -15.22 1.57
CA ALA DA 270 66.73 -15.55 2.96
C ALA DA 270 67.74 -16.49 3.60
N ASP DA 271 67.77 -16.54 4.93
CA ASP DA 271 68.47 -17.62 5.63
C ASP DA 271 67.52 -18.82 5.64
N LEU DA 272 67.92 -19.90 4.99
CA LEU DA 272 67.06 -21.06 4.80
C LEU DA 272 66.68 -21.80 6.09
N ASP DA 273 67.68 -22.10 6.92
CA ASP DA 273 67.43 -22.84 8.16
C ASP DA 273 66.70 -22.00 9.23
N ALA DA 274 66.92 -20.69 9.19
CA ALA DA 274 66.14 -19.77 10.02
C ALA DA 274 64.70 -19.67 9.48
N ALA DA 275 64.54 -19.78 8.17
CA ALA DA 275 63.22 -19.74 7.55
C ALA DA 275 62.41 -21.02 7.80
N VAL DA 276 63.12 -22.13 7.91
CA VAL DA 276 62.49 -23.42 8.20
C VAL DA 276 61.98 -23.42 9.64
N GLU DA 277 62.87 -23.05 10.58
CA GLU DA 277 62.50 -22.94 12.00
C GLU DA 277 61.35 -21.98 12.24
N GLY DA 278 61.29 -20.91 11.43
CA GLY DA 278 60.21 -19.92 11.48
C GLY DA 278 58.93 -20.43 10.82
N ALA DA 279 59.09 -21.21 9.75
CA ALA DA 279 57.97 -21.88 9.11
C ALA DA 279 57.31 -22.88 10.05
N ILE DA 280 58.14 -23.73 10.67
CA ILE DA 280 57.73 -24.73 11.66
C ILE DA 280 56.87 -24.11 12.78
N ALA DA 281 57.36 -23.04 13.40
CA ALA DA 281 56.67 -22.41 14.53
C ALA DA 281 55.36 -21.70 14.13
N SER DA 282 55.36 -21.06 12.96
CA SER DA 282 54.20 -20.30 12.50
C SER DA 282 53.12 -21.20 11.89
N LYS DA 283 53.50 -22.39 11.44
CA LYS DA 283 52.55 -23.32 10.83
C LYS DA 283 52.03 -24.35 11.81
N TYR DA 284 52.95 -24.96 12.57
CA TYR DA 284 52.64 -26.18 13.28
C TYR DA 284 52.27 -26.04 14.75
N ARG DA 285 52.62 -24.91 15.36
CA ARG DA 285 52.24 -24.70 16.76
C ARG DA 285 50.71 -24.62 16.90
N ASN DA 286 50.21 -25.19 18.00
CA ASN DA 286 48.78 -25.42 18.21
C ASN DA 286 48.14 -26.15 17.04
N ASN DA 287 48.86 -27.14 16.52
CA ASN DA 287 48.45 -27.96 15.37
C ASN DA 287 47.98 -27.17 14.15
N GLY DA 288 48.38 -25.90 14.09
CA GLY DA 288 47.99 -24.99 13.02
C GLY DA 288 46.70 -24.25 13.27
N GLN DA 289 46.13 -24.41 14.47
CA GLN DA 289 44.81 -23.90 14.80
C GLN DA 289 44.84 -22.56 15.53
N THR DA 290 45.57 -21.58 14.97
CA THR DA 290 45.61 -20.23 15.54
C THR DA 290 45.20 -19.18 14.50
N CYS DA 291 44.63 -18.07 14.96
CA CYS DA 291 44.16 -17.00 14.07
C CYS DA 291 45.25 -16.49 13.14
N VAL DA 292 46.50 -16.54 13.61
CA VAL DA 292 47.63 -15.97 12.89
C VAL DA 292 48.48 -16.98 12.11
N CYS DA 293 48.13 -18.28 12.22
CA CYS DA 293 48.96 -19.33 11.62
C CYS DA 293 49.14 -19.18 10.12
N THR DA 294 50.34 -19.51 9.63
CA THR DA 294 50.64 -19.47 8.20
C THR DA 294 49.64 -20.34 7.44
N ASN DA 295 49.03 -19.76 6.41
CA ASN DA 295 48.12 -20.50 5.55
C ASN DA 295 48.66 -20.74 4.13
N ARG DA 296 49.60 -19.90 3.70
CA ARG DA 296 50.18 -19.97 2.35
C ARG DA 296 51.68 -19.71 2.39
N PHE DA 297 52.48 -20.69 1.97
CA PHE DA 297 53.92 -20.48 1.83
C PHE DA 297 54.24 -20.06 0.41
N PHE DA 298 55.01 -18.98 0.27
CA PHE DA 298 55.52 -18.58 -1.04
C PHE DA 298 57.02 -18.70 -1.03
N VAL DA 299 57.55 -19.48 -1.97
CA VAL DA 299 58.99 -19.70 -2.05
C VAL DA 299 59.49 -19.38 -3.45
N HIS DA 300 60.63 -18.69 -3.50
CA HIS DA 300 61.29 -18.29 -4.75
C HIS DA 300 61.82 -19.53 -5.50
N GLU DA 301 61.79 -19.44 -6.84
CA GLU DA 301 62.29 -20.50 -7.74
C GLU DA 301 63.66 -21.07 -7.36
N ARG DA 302 64.61 -20.16 -7.10
CA ARG DA 302 65.98 -20.54 -6.75
C ARG DA 302 66.10 -21.37 -5.47
N VAL DA 303 65.10 -21.25 -4.58
CA VAL DA 303 65.17 -21.86 -3.26
C VAL DA 303 64.00 -22.78 -2.96
N TYR DA 304 63.10 -22.93 -3.92
CA TYR DA 304 61.94 -23.78 -3.74
C TYR DA 304 62.32 -25.18 -3.30
N ASP DA 305 63.09 -25.88 -4.14
CA ASP DA 305 63.44 -27.29 -3.89
C ASP DA 305 64.31 -27.49 -2.65
N ALA DA 306 65.27 -26.59 -2.44
CA ALA DA 306 66.14 -26.67 -1.28
C ALA DA 306 65.34 -26.44 0.01
N PHE DA 307 64.37 -25.53 -0.04
CA PHE DA 307 63.52 -25.21 1.11
C PHE DA 307 62.50 -26.30 1.38
N ALA DA 308 61.95 -26.87 0.30
CA ALA DA 308 60.92 -27.91 0.43
C ALA DA 308 61.45 -29.15 1.16
N ASP DA 309 62.66 -29.57 0.80
CA ASP DA 309 63.30 -30.72 1.43
C ASP DA 309 63.64 -30.45 2.89
N LYS DA 310 64.18 -29.27 3.16
CA LYS DA 310 64.54 -28.86 4.54
C LYS DA 310 63.33 -28.81 5.45
N LEU DA 311 62.24 -28.22 4.96
CA LEU DA 311 60.98 -28.21 5.70
C LEU DA 311 60.48 -29.64 5.89
N ALA DA 312 60.37 -30.37 4.79
CA ALA DA 312 59.88 -31.76 4.79
C ALA DA 312 60.61 -32.64 5.80
N ALA DA 313 61.91 -32.37 5.99
CA ALA DA 313 62.69 -33.03 7.03
C ALA DA 313 62.21 -32.59 8.41
N ALA DA 314 62.21 -31.28 8.65
CA ALA DA 314 61.79 -30.73 9.95
C ALA DA 314 60.39 -31.17 10.38
N VAL DA 315 59.49 -31.28 9.41
CA VAL DA 315 58.10 -31.66 9.67
C VAL DA 315 57.95 -33.13 10.08
N SER DA 316 58.84 -33.99 9.56
CA SER DA 316 58.83 -35.41 9.88
C SER DA 316 59.36 -35.68 11.30
N LYS DA 317 60.34 -34.86 11.71
CA LYS DA 317 60.94 -34.98 13.04
C LYS DA 317 60.06 -34.42 14.17
N LEU DA 318 58.80 -34.09 13.86
CA LEU DA 318 57.86 -33.68 14.90
C LEU DA 318 57.19 -34.93 15.42
N LYS DA 319 56.72 -34.89 16.67
CA LYS DA 319 56.04 -36.05 17.25
C LYS DA 319 54.59 -35.77 17.62
N VAL DA 320 53.69 -36.60 17.07
CA VAL DA 320 52.25 -36.52 17.31
C VAL DA 320 51.90 -37.30 18.58
N GLY DA 321 50.96 -36.78 19.36
CA GLY DA 321 50.51 -37.46 20.58
C GLY DA 321 49.58 -36.63 21.44
N ARG DA 322 49.00 -37.26 22.46
CA ARG DA 322 48.16 -36.56 23.42
C ARG DA 322 48.99 -35.54 24.18
N GLY DA 323 48.39 -34.38 24.43
CA GLY DA 323 49.08 -33.23 25.04
C GLY DA 323 49.84 -33.52 26.31
N THR DA 324 49.28 -34.38 27.16
CA THR DA 324 49.87 -34.72 28.46
C THR DA 324 51.14 -35.57 28.32
N GLU DA 325 51.28 -36.23 27.18
CA GLU DA 325 52.40 -37.15 26.93
C GLU DA 325 53.74 -36.42 26.94
N SER DA 326 54.81 -37.18 27.17
CA SER DA 326 56.16 -36.62 27.21
C SER DA 326 56.74 -36.52 25.81
N GLY DA 327 56.96 -35.29 25.35
CA GLY DA 327 57.60 -35.04 24.06
C GLY DA 327 56.63 -34.80 22.90
N ALA DA 328 55.34 -35.01 23.15
CA ALA DA 328 54.30 -34.78 22.15
C ALA DA 328 54.24 -33.30 21.78
N THR DA 329 54.71 -32.98 20.58
CA THR DA 329 54.77 -31.59 20.11
C THR DA 329 53.51 -31.16 19.34
N LEU DA 330 52.79 -32.13 18.76
CA LEU DA 330 51.53 -31.86 18.07
C LEU DA 330 50.36 -32.61 18.71
N GLY DA 331 49.40 -31.87 19.23
CA GLY DA 331 48.18 -32.49 19.78
C GLY DA 331 47.23 -32.87 18.66
N PRO DA 332 45.92 -33.07 18.99
CA PRO DA 332 44.95 -33.33 17.95
C PRO DA 332 44.26 -32.06 17.47
N LEU DA 333 43.54 -32.16 16.35
CA LEU DA 333 42.60 -31.12 15.94
C LEU DA 333 41.43 -31.11 16.93
N ILE DA 334 40.68 -30.01 16.99
CA ILE DA 334 39.66 -29.85 18.02
C ILE DA 334 38.43 -30.77 17.86
N ASN DA 335 38.12 -31.13 16.61
CA ASN DA 335 36.96 -31.97 16.31
C ASN DA 335 36.99 -32.58 14.90
N GLU DA 336 35.97 -33.36 14.58
CA GLU DA 336 35.82 -34.00 13.28
C GLU DA 336 35.64 -33.02 12.12
N ALA DA 337 34.71 -32.08 12.29
CA ALA DA 337 34.38 -31.10 11.25
C ALA DA 337 35.64 -30.44 10.70
N ALA DA 338 36.60 -30.19 11.59
CA ALA DA 338 37.88 -29.57 11.25
C ALA DA 338 38.81 -30.52 10.50
N VAL DA 339 38.82 -31.80 10.88
CA VAL DA 339 39.65 -32.82 10.23
C VAL DA 339 39.18 -33.03 8.79
N LYS DA 340 37.86 -33.12 8.61
CA LYS DA 340 37.26 -33.16 7.28
C LYS DA 340 37.85 -32.02 6.43
N LYS DA 341 37.79 -30.79 6.94
CA LYS DA 341 38.29 -29.61 6.21
C LYS DA 341 39.73 -29.76 5.72
N VAL DA 342 40.60 -30.32 6.56
CA VAL DA 342 42.00 -30.57 6.18
C VAL DA 342 42.07 -31.52 4.98
N GLU DA 343 41.34 -32.64 5.05
CA GLU DA 343 41.21 -33.57 3.93
C GLU DA 343 40.64 -32.88 2.70
N SER DA 344 39.70 -31.95 2.93
CA SER DA 344 39.02 -31.22 1.87
C SER DA 344 39.91 -30.20 1.17
N HIS DA 345 41.14 -30.01 1.67
CA HIS DA 345 42.12 -29.15 1.02
C HIS DA 345 43.21 -29.97 0.36
N ILE DA 346 43.44 -31.17 0.89
CA ILE DA 346 44.44 -32.10 0.35
C ILE DA 346 43.91 -32.81 -0.88
N ALA DA 347 42.64 -33.22 -0.82
CA ALA DA 347 41.97 -33.81 -1.97
C ALA DA 347 41.94 -32.81 -3.14
N ASP DA 348 41.62 -31.55 -2.84
CA ASP DA 348 41.55 -30.49 -3.84
C ASP DA 348 42.90 -30.12 -4.48
N ALA DA 349 43.97 -30.19 -3.70
CA ALA DA 349 45.31 -29.84 -4.18
C ALA DA 349 45.95 -30.95 -5.00
N LEU DA 350 45.76 -32.20 -4.55
CA LEU DA 350 46.22 -33.38 -5.27
C LEU DA 350 45.50 -33.55 -6.61
N ALA DA 351 44.18 -33.34 -6.61
CA ALA DA 351 43.39 -33.37 -7.83
C ALA DA 351 43.89 -32.34 -8.83
N LYS DA 352 44.10 -31.11 -8.34
CA LYS DA 352 44.49 -29.99 -9.18
C LYS DA 352 46.01 -29.91 -9.46
N GLY DA 353 46.75 -30.91 -9.02
CA GLY DA 353 48.11 -31.14 -9.52
C GLY DA 353 49.31 -31.04 -8.60
N ALA DA 354 49.08 -31.12 -7.28
CA ALA DA 354 50.19 -30.99 -6.32
C ALA DA 354 50.82 -32.33 -5.91
N SER DA 355 51.91 -32.28 -5.15
CA SER DA 355 52.62 -33.49 -4.70
C SER DA 355 52.69 -33.60 -3.18
N LEU DA 356 52.34 -34.78 -2.68
CA LEU DA 356 52.39 -35.09 -1.26
C LEU DA 356 53.85 -35.32 -0.88
N MET DA 357 54.33 -34.55 0.09
CA MET DA 357 55.74 -34.64 0.48
C MET DA 357 55.92 -35.38 1.81
N THR DA 358 55.00 -35.16 2.74
CA THR DA 358 54.96 -35.89 4.01
C THR DA 358 53.52 -35.96 4.49
N GLY DA 359 53.22 -36.90 5.39
CA GLY DA 359 51.87 -37.09 5.90
C GLY DA 359 50.87 -37.28 4.78
N GLY DA 360 49.70 -36.66 4.93
CA GLY DA 360 48.66 -36.70 3.89
C GLY DA 360 47.36 -37.31 4.36
N LYS DA 361 47.45 -38.19 5.36
CA LYS DA 361 46.28 -38.89 5.90
C LYS DA 361 46.25 -38.80 7.43
N ARG DA 362 45.10 -39.17 8.01
CA ARG DA 362 44.89 -39.16 9.46
C ARG DA 362 45.93 -40.01 10.23
N HIS DA 363 46.23 -39.62 11.46
CA HIS DA 363 47.17 -40.37 12.28
C HIS DA 363 46.51 -41.65 12.81
N ALA DA 364 47.32 -42.67 13.07
CA ALA DA 364 46.86 -43.94 13.63
C ALA DA 364 45.96 -43.72 14.87
N LEU DA 365 46.39 -42.84 15.77
CA LEU DA 365 45.68 -42.58 17.02
C LEU DA 365 44.30 -41.92 16.81
N GLY DA 366 43.88 -41.85 15.55
CA GLY DA 366 42.53 -41.40 15.16
C GLY DA 366 42.01 -40.13 15.82
N HIS DA 367 40.77 -40.20 16.30
CA HIS DA 367 40.06 -39.06 16.90
C HIS DA 367 40.19 -37.74 16.14
N GLY DA 368 41.07 -36.87 16.62
CA GLY DA 368 41.33 -35.58 16.00
C GLY DA 368 42.75 -35.47 15.45
N PHE DA 369 43.57 -36.46 15.74
CA PHE DA 369 44.99 -36.49 15.31
C PHE DA 369 45.12 -36.58 13.78
N PHE DA 370 46.09 -35.86 13.24
CA PHE DA 370 46.34 -35.83 11.79
C PHE DA 370 47.80 -35.59 11.46
N GLU DA 371 48.30 -36.38 10.52
CA GLU DA 371 49.71 -36.35 10.10
C GLU DA 371 50.11 -34.94 9.65
N PRO DA 372 51.28 -34.44 10.12
CA PRO DA 372 51.74 -33.16 9.61
C PRO DA 372 52.09 -33.29 8.13
N THR DA 373 51.43 -32.49 7.29
CA THR DA 373 51.55 -32.60 5.84
C THR DA 373 52.18 -31.36 5.19
N VAL DA 374 52.96 -31.62 4.14
CA VAL DA 374 53.57 -30.61 3.28
C VAL DA 374 53.19 -30.93 1.83
N LEU DA 375 52.74 -29.94 1.09
CA LEU DA 375 52.39 -30.13 -0.32
C LEU DA 375 53.24 -29.26 -1.24
N THR DA 376 53.96 -29.88 -2.18
CA THR DA 376 54.70 -29.11 -3.19
C THR DA 376 53.87 -28.85 -4.44
N GLY DA 377 54.27 -27.83 -5.20
CA GLY DA 377 53.63 -27.49 -6.47
C GLY DA 377 52.16 -27.12 -6.34
N VAL DA 378 51.82 -26.41 -5.26
CA VAL DA 378 50.48 -25.90 -5.05
C VAL DA 378 50.33 -24.63 -5.90
N LYS DA 379 49.12 -24.37 -6.34
CA LYS DA 379 48.83 -23.26 -7.27
C LYS DA 379 47.54 -22.50 -6.85
N PRO DA 380 47.40 -21.24 -7.29
CA PRO DA 380 46.26 -20.37 -6.95
C PRO DA 380 44.83 -20.89 -7.28
N ASP DA 381 44.70 -21.82 -8.22
CA ASP DA 381 43.39 -22.37 -8.57
C ASP DA 381 42.77 -23.30 -7.50
N MET DA 382 43.51 -23.53 -6.42
CA MET DA 382 43.11 -24.46 -5.36
C MET DA 382 42.37 -23.81 -4.19
N ASP DA 383 41.57 -24.61 -3.49
CA ASP DA 383 40.70 -24.14 -2.41
C ASP DA 383 41.49 -23.49 -1.28
N VAL DA 384 42.67 -24.03 -1.01
CA VAL DA 384 43.54 -23.56 0.08
C VAL DA 384 44.04 -22.11 -0.11
N ALA DA 385 44.09 -21.67 -1.36
CA ALA DA 385 44.53 -20.31 -1.68
C ALA DA 385 43.51 -19.25 -1.30
N LYS DA 386 42.24 -19.64 -1.26
CA LYS DA 386 41.14 -18.74 -0.85
C LYS DA 386 40.63 -19.03 0.58
N GLU DA 387 40.90 -20.23 1.08
CA GLU DA 387 40.38 -20.72 2.37
C GLU DA 387 41.45 -20.94 3.44
N GLU DA 388 41.07 -20.73 4.70
CA GLU DA 388 41.95 -21.01 5.83
C GLU DA 388 41.79 -22.45 6.30
N THR DA 389 42.92 -23.15 6.48
CA THR DA 389 42.89 -24.60 6.75
C THR DA 389 42.67 -25.01 8.21
N PHE DA 390 43.22 -24.23 9.15
CA PHE DA 390 43.09 -24.49 10.60
C PHE DA 390 43.60 -25.90 10.99
N GLY DA 391 44.73 -26.29 10.42
CA GLY DA 391 45.30 -27.61 10.63
C GLY DA 391 46.70 -27.65 10.08
N PRO DA 392 47.42 -28.77 10.32
CA PRO DA 392 48.85 -28.84 10.04
C PRO DA 392 49.21 -29.15 8.56
N LEU DA 393 48.87 -28.19 7.69
CA LEU DA 393 49.12 -28.31 6.26
C LEU DA 393 49.96 -27.15 5.72
N ALA DA 394 51.14 -27.48 5.21
CA ALA DA 394 52.01 -26.48 4.57
C ALA DA 394 51.88 -26.53 3.03
N PRO DA 395 51.17 -25.55 2.45
CA PRO DA 395 51.03 -25.41 1.00
C PRO DA 395 52.12 -24.52 0.43
N LEU DA 396 53.00 -25.10 -0.39
CA LEU DA 396 54.13 -24.38 -0.95
C LEU DA 396 53.85 -23.86 -2.36
N PHE DA 397 53.58 -22.55 -2.43
CA PHE DA 397 53.39 -21.87 -3.69
C PHE DA 397 54.74 -21.42 -4.21
N ARG DA 398 54.77 -20.87 -5.42
CA ARG DA 398 56.01 -20.51 -6.09
C ARG DA 398 55.90 -19.11 -6.70
N PHE DA 399 56.95 -18.31 -6.55
CA PHE DA 399 56.99 -16.99 -7.17
C PHE DA 399 58.32 -16.71 -7.83
N ALA DA 400 58.29 -15.90 -8.88
CA ALA DA 400 59.49 -15.59 -9.65
C ALA DA 400 60.09 -14.22 -9.32
N SER DA 401 59.24 -13.25 -8.97
CA SER DA 401 59.70 -11.87 -8.74
C SER DA 401 58.99 -11.16 -7.57
N GLU DA 402 59.63 -10.10 -7.07
CA GLU DA 402 59.13 -9.24 -5.99
C GLU DA 402 57.75 -8.67 -6.33
N GLU DA 403 57.63 -8.16 -7.55
CA GLU DA 403 56.38 -7.57 -8.06
C GLU DA 403 55.23 -8.60 -8.07
N GLU DA 404 55.57 -9.85 -8.38
CA GLU DA 404 54.59 -10.93 -8.45
C GLU DA 404 54.16 -11.42 -7.07
N LEU DA 405 55.12 -11.48 -6.14
CA LEU DA 405 54.81 -11.93 -4.78
C LEU DA 405 53.78 -11.03 -4.11
N VAL DA 406 54.05 -9.73 -4.09
CA VAL DA 406 53.17 -8.74 -3.49
C VAL DA 406 51.73 -8.94 -3.95
N ARG DA 407 51.58 -9.03 -5.26
CA ARG DA 407 50.28 -9.22 -5.91
C ARG DA 407 49.57 -10.49 -5.42
N LEU DA 408 50.33 -11.58 -5.30
CA LEU DA 408 49.80 -12.87 -4.84
C LEU DA 408 49.40 -12.89 -3.36
N ALA DA 409 50.32 -12.43 -2.51
CA ALA DA 409 50.06 -12.28 -1.07
C ALA DA 409 48.81 -11.47 -0.75
N ASN DA 410 48.56 -10.43 -1.55
CA ASN DA 410 47.43 -9.54 -1.32
C ASN DA 410 46.14 -9.99 -1.99
N ASP DA 411 46.24 -10.89 -2.98
CA ASP DA 411 45.06 -11.39 -3.69
C ASP DA 411 44.16 -12.19 -2.74
N THR DA 412 43.62 -11.48 -1.76
CA THR DA 412 42.76 -12.04 -0.72
C THR DA 412 41.99 -10.92 -0.07
N GLU DA 413 40.87 -11.25 0.55
CA GLU DA 413 40.08 -10.25 1.26
C GLU DA 413 40.61 -10.05 2.68
N PHE DA 414 41.47 -10.95 3.14
CA PHE DA 414 41.89 -10.98 4.54
C PHE DA 414 43.25 -10.32 4.71
N GLY DA 415 43.49 -9.76 5.89
CA GLY DA 415 44.75 -9.05 6.15
C GLY DA 415 45.12 -9.00 7.62
N LEU DA 416 45.52 -10.13 8.17
CA LEU DA 416 45.85 -10.20 9.58
C LEU DA 416 47.36 -10.22 9.76
N ALA DA 417 47.93 -11.41 9.84
CA ALA DA 417 49.37 -11.58 10.02
C ALA DA 417 50.03 -11.99 8.71
N ALA DA 418 51.30 -11.65 8.56
CA ALA DA 418 52.11 -12.11 7.46
C ALA DA 418 53.54 -12.25 7.95
N TYR DA 419 54.31 -13.11 7.28
CA TYR DA 419 55.70 -13.36 7.64
C TYR DA 419 56.56 -13.33 6.37
N LEU DA 420 57.72 -12.69 6.46
CA LEU DA 420 58.65 -12.63 5.33
C LEU DA 420 60.09 -12.81 5.76
N TYR DA 421 60.78 -13.74 5.10
CA TYR DA 421 62.19 -13.94 5.32
C TYR DA 421 62.98 -13.37 4.14
N SER DA 422 63.96 -12.55 4.48
CA SER DA 422 64.89 -11.92 3.54
C SER DA 422 65.97 -11.21 4.35
N ARG DA 423 67.09 -10.93 3.71
CA ARG DA 423 68.27 -10.48 4.42
C ARG DA 423 68.62 -9.06 4.01
N ASP DA 424 68.15 -8.67 2.83
CA ASP DA 424 68.38 -7.35 2.24
C ASP DA 424 67.45 -6.30 2.86
N ILE DA 425 68.07 -5.30 3.49
CA ILE DA 425 67.36 -4.24 4.22
C ILE DA 425 66.30 -3.52 3.35
N GLY DA 426 66.64 -3.29 2.08
CA GLY DA 426 65.74 -2.62 1.14
C GLY DA 426 64.59 -3.51 0.72
N ARG DA 427 64.88 -4.79 0.50
CA ARG DA 427 63.86 -5.76 0.10
C ARG DA 427 62.84 -5.87 1.22
N VAL DA 428 63.34 -5.96 2.44
CA VAL DA 428 62.50 -6.03 3.63
C VAL DA 428 61.50 -4.88 3.72
N TRP DA 429 61.95 -3.65 3.51
CA TRP DA 429 61.10 -2.48 3.74
C TRP DA 429 60.04 -2.26 2.68
N ARG DA 430 60.37 -2.57 1.42
CA ARG DA 430 59.45 -2.50 0.30
C ARG DA 430 58.29 -3.46 0.47
N VAL DA 431 58.63 -4.73 0.73
CA VAL DA 431 57.63 -5.79 0.86
C VAL DA 431 56.77 -5.53 2.08
N ALA DA 432 57.42 -5.27 3.22
CA ALA DA 432 56.70 -4.96 4.45
C ALA DA 432 55.72 -3.80 4.27
N GLU DA 433 56.16 -2.72 3.62
CA GLU DA 433 55.29 -1.56 3.37
C GLU DA 433 54.13 -1.90 2.46
N ALA DA 434 54.41 -2.67 1.42
CA ALA DA 434 53.41 -3.05 0.44
C ALA DA 434 52.35 -3.98 0.99
N LEU DA 435 52.75 -4.95 1.81
CA LEU DA 435 51.81 -5.96 2.37
C LEU DA 435 50.64 -5.33 3.10
N GLU DA 436 49.43 -5.68 2.70
CA GLU DA 436 48.23 -5.15 3.31
C GLU DA 436 47.85 -6.00 4.51
N TYR DA 437 48.72 -6.02 5.50
CA TYR DA 437 48.52 -6.85 6.69
C TYR DA 437 48.72 -6.04 7.96
N GLY DA 438 48.02 -6.41 9.03
CA GLY DA 438 48.11 -5.69 10.30
C GLY DA 438 49.40 -5.92 11.04
N MET DA 439 49.95 -7.13 10.87
CA MET DA 439 51.14 -7.59 11.58
C MET DA 439 52.07 -8.30 10.60
N VAL DA 440 53.35 -7.95 10.64
CA VAL DA 440 54.33 -8.52 9.73
C VAL DA 440 55.58 -8.97 10.50
N GLY DA 441 55.86 -10.27 10.46
CA GLY DA 441 57.05 -10.80 11.10
C GLY DA 441 58.18 -10.79 10.11
N ILE DA 442 59.22 -10.02 10.42
CA ILE DA 442 60.41 -9.93 9.58
C ILE DA 442 61.51 -10.85 10.09
N ASN DA 443 61.82 -11.89 9.31
CA ASN DA 443 62.75 -12.95 9.70
C ASN DA 443 62.38 -13.67 10.99
N THR DA 444 61.07 -13.77 11.25
CA THR DA 444 60.57 -14.57 12.36
C THR DA 444 59.17 -15.10 12.12
N GLY DA 445 58.86 -16.24 12.75
CA GLY DA 445 57.54 -16.85 12.66
C GLY DA 445 56.65 -16.62 13.88
N LEU DA 446 57.19 -16.01 14.93
CA LEU DA 446 56.45 -15.75 16.16
C LEU DA 446 56.46 -14.26 16.49
N ILE DA 447 55.28 -13.66 16.56
CA ILE DA 447 55.16 -12.20 16.58
C ILE DA 447 54.25 -11.65 17.67
N SER DA 448 53.42 -12.52 18.25
CA SER DA 448 52.36 -12.09 19.17
C SER DA 448 52.84 -11.95 20.63
N ASN DA 449 52.61 -10.77 21.19
CA ASN DA 449 52.92 -10.47 22.58
C ASN DA 449 51.97 -9.44 23.16
N GLU DA 450 52.21 -9.00 24.39
CA GLU DA 450 51.32 -8.07 25.06
C GLU DA 450 51.57 -6.60 24.74
N VAL DA 451 52.82 -6.26 24.47
CA VAL DA 451 53.21 -4.85 24.27
C VAL DA 451 52.99 -4.35 22.85
N ALA DA 452 52.91 -5.25 21.88
CA ALA DA 452 52.70 -4.88 20.47
C ALA DA 452 51.24 -4.98 20.07
N PRO DA 453 50.75 -4.00 19.28
CA PRO DA 453 49.33 -3.92 18.87
C PRO DA 453 48.94 -5.03 17.92
N PHE DA 454 47.98 -5.83 18.36
CA PHE DA 454 47.56 -7.03 17.65
C PHE DA 454 46.19 -6.79 17.00
N GLY DA 455 46.10 -7.09 15.71
CA GLY DA 455 44.86 -6.91 14.95
C GLY DA 455 45.09 -6.93 13.44
N GLY DA 456 43.99 -6.94 12.68
CA GLY DA 456 44.05 -7.02 11.22
C GLY DA 456 43.52 -5.81 10.48
N VAL DA 457 43.60 -5.89 9.15
CA VAL DA 457 43.04 -4.86 8.26
C VAL DA 457 42.04 -5.53 7.31
N LYS DA 458 41.40 -4.73 6.47
CA LYS DA 458 40.46 -5.26 5.48
C LYS DA 458 39.45 -6.16 6.17
N GLN DA 459 39.31 -7.39 5.70
CA GLN DA 459 38.30 -8.31 6.23
C GLN DA 459 38.75 -9.09 7.47
N SER DA 460 39.94 -8.78 7.98
CA SER DA 460 40.40 -9.39 9.23
C SER DA 460 39.87 -8.66 10.47
N GLY DA 461 39.17 -7.54 10.26
CA GLY DA 461 38.43 -6.89 11.33
C GLY DA 461 38.77 -5.45 11.63
N LEU DA 462 38.48 -5.03 12.86
CA LEU DA 462 38.64 -3.66 13.31
C LEU DA 462 39.31 -3.57 14.66
N GLY DA 463 39.99 -2.46 14.90
CA GLY DA 463 40.60 -2.17 16.20
C GLY DA 463 41.86 -2.96 16.48
N ARG DA 464 42.46 -2.67 17.64
CA ARG DA 464 43.69 -3.30 18.06
C ARG DA 464 43.62 -3.74 19.52
N GLU DA 465 44.19 -4.91 19.81
CA GLU DA 465 44.21 -5.45 21.17
C GLU DA 465 45.63 -5.66 21.67
N GLY DA 466 45.88 -5.27 22.92
CA GLY DA 466 47.23 -5.28 23.48
C GLY DA 466 47.90 -3.94 23.21
N SER DA 467 49.09 -3.73 23.77
CA SER DA 467 49.85 -2.47 23.65
C SER DA 467 49.11 -1.28 24.24
N HIS DA 468 49.71 -0.09 24.15
CA HIS DA 468 49.04 1.12 24.62
C HIS DA 468 47.73 1.34 23.85
N TYR DA 469 47.69 0.86 22.60
CA TYR DA 469 46.53 1.01 21.72
C TYR DA 469 45.30 0.24 22.18
N GLY DA 470 45.52 -0.94 22.74
CA GLY DA 470 44.44 -1.86 23.11
C GLY DA 470 43.46 -1.43 24.20
N ILE DA 471 43.66 -0.25 24.78
CA ILE DA 471 42.76 0.24 25.83
C ILE DA 471 41.85 1.38 25.35
N ASP DA 472 42.26 2.07 24.29
CA ASP DA 472 41.49 3.20 23.72
C ASP DA 472 40.03 2.89 23.39
N ASP DA 473 39.79 1.69 22.88
CA ASP DA 473 38.45 1.29 22.44
C ASP DA 473 37.48 1.09 23.61
N TYR DA 474 38.01 0.92 24.81
CA TYR DA 474 37.20 0.73 26.00
C TYR DA 474 36.90 2.05 26.71
N VAL DA 475 37.42 3.14 26.18
CA VAL DA 475 37.14 4.46 26.72
C VAL DA 475 36.56 5.39 25.66
N VAL DA 476 35.68 6.28 26.11
CA VAL DA 476 35.09 7.28 25.24
C VAL DA 476 35.73 8.63 25.57
N ILE DA 477 35.75 9.56 24.61
CA ILE DA 477 36.45 10.83 24.87
C ILE DA 477 35.54 12.04 25.06
N LYS DA 478 35.85 12.83 26.09
CA LYS DA 478 35.07 14.04 26.40
C LYS DA 478 35.85 15.34 26.19
N TYR DA 479 35.30 16.20 25.34
CA TYR DA 479 35.84 17.53 25.11
C TYR DA 479 35.13 18.54 26.02
N LEU DA 480 35.91 19.24 26.84
CA LEU DA 480 35.38 20.32 27.67
C LEU DA 480 35.91 21.63 27.12
N CYS DA 481 34.99 22.56 26.85
CA CYS DA 481 35.36 23.90 26.43
C CYS DA 481 35.11 24.89 27.57
N VAL DA 482 36.16 25.18 28.35
CA VAL DA 482 36.09 26.11 29.50
C VAL DA 482 36.34 27.55 29.06
N ALA DA 483 35.36 28.42 29.29
CA ALA DA 483 35.48 29.83 28.91
C ALA DA 483 36.17 30.62 30.00
N VAL DA 484 36.90 31.67 29.60
CA VAL DA 484 37.54 32.59 30.55
C VAL DA 484 37.95 33.93 29.88
N GLY EA 3 25.94 33.90 -11.61
CA GLY EA 3 25.10 34.88 -12.39
C GLY EA 3 24.82 36.14 -11.59
N SER EA 4 25.53 36.27 -10.47
CA SER EA 4 25.34 37.35 -9.50
C SER EA 4 26.55 37.33 -8.56
N MET EA 5 27.66 36.81 -9.08
CA MET EA 5 28.86 36.56 -8.30
C MET EA 5 30.11 37.01 -9.03
N LYS EA 6 31.17 37.21 -8.26
CA LYS EA 6 32.50 37.58 -8.78
C LYS EA 6 33.06 36.51 -9.72
N ASP EA 7 32.61 35.27 -9.54
CA ASP EA 7 32.95 34.16 -10.44
C ASP EA 7 31.77 33.19 -10.50
N PRO EA 8 30.97 33.29 -11.57
CA PRO EA 8 29.74 32.50 -11.71
C PRO EA 8 29.99 31.02 -11.95
N SER EA 9 31.20 30.66 -12.36
CA SER EA 9 31.56 29.27 -12.60
C SER EA 9 31.53 28.42 -11.31
N LEU EA 10 31.60 29.09 -10.17
CA LEU EA 10 31.57 28.44 -8.84
C LEU EA 10 30.29 27.70 -8.52
N LEU EA 11 29.19 28.09 -9.16
CA LEU EA 11 27.93 27.35 -9.05
C LEU EA 11 27.90 26.31 -10.16
N ARG EA 12 27.85 25.04 -9.77
CA ARG EA 12 27.93 23.94 -10.73
C ARG EA 12 26.59 23.24 -10.84
N HIS EA 13 26.23 22.80 -12.05
CA HIS EA 13 24.99 22.07 -12.27
C HIS EA 13 25.27 20.63 -12.70
N GLN EA 14 26.54 20.32 -12.90
CA GLN EA 14 26.97 18.95 -13.16
C GLN EA 14 27.63 18.39 -11.90
N ALA EA 15 27.69 17.07 -11.80
CA ALA EA 15 28.38 16.43 -10.68
C ALA EA 15 29.84 16.14 -11.02
N TYR EA 16 30.60 15.75 -10.01
CA TYR EA 16 32.04 15.53 -10.13
C TYR EA 16 32.32 14.05 -9.83
N ILE EA 17 32.58 13.28 -10.89
CA ILE EA 17 32.74 11.84 -10.79
C ILE EA 17 34.13 11.46 -11.28
N GLY EA 18 34.99 11.13 -10.32
CA GLY EA 18 36.36 10.70 -10.59
C GLY EA 18 37.17 11.70 -11.39
N GLY EA 19 37.00 12.99 -11.08
CA GLY EA 19 37.78 14.05 -11.72
C GLY EA 19 37.17 14.69 -12.95
N GLU EA 20 36.04 14.15 -13.40
CA GLU EA 20 35.32 14.67 -14.55
C GLU EA 20 33.97 15.25 -14.15
N TRP EA 21 33.63 16.41 -14.71
CA TRP EA 21 32.29 16.99 -14.58
C TRP EA 21 31.31 16.23 -15.48
N GLN EA 22 30.32 15.60 -14.83
CA GLN EA 22 29.41 14.71 -15.53
C GLN EA 22 27.98 14.95 -15.09
N ALA EA 23 27.05 14.69 -16.01
CA ALA EA 23 25.65 14.58 -15.67
C ALA EA 23 25.31 13.12 -15.39
N ALA EA 24 24.13 12.86 -14.84
CA ALA EA 24 23.66 11.50 -14.59
C ALA EA 24 23.57 10.74 -15.91
N ASP EA 25 23.87 9.44 -15.86
CA ASP EA 25 23.82 8.55 -17.02
C ASP EA 25 22.48 8.59 -17.74
N SER EA 26 21.42 8.77 -16.97
CA SER EA 26 20.06 8.79 -17.48
C SER EA 26 19.54 10.23 -17.66
N ASP EA 27 20.45 11.20 -17.56
CA ASP EA 27 20.14 12.64 -17.59
C ASP EA 27 19.04 13.09 -16.62
N ALA EA 28 18.76 12.26 -15.61
CA ALA EA 28 17.87 12.63 -14.51
C ALA EA 28 18.45 13.79 -13.73
N THR EA 29 17.59 14.75 -13.41
CA THR EA 29 17.97 15.92 -12.62
C THR EA 29 16.89 16.21 -11.58
N PHE EA 30 17.28 16.85 -10.48
CA PHE EA 30 16.30 17.42 -9.56
C PHE EA 30 16.57 18.89 -9.27
N GLU EA 31 15.49 19.62 -9.02
CA GLU EA 31 15.52 21.05 -8.84
C GLU EA 31 15.85 21.41 -7.38
N VAL EA 32 16.68 22.44 -7.18
CA VAL EA 32 16.90 23.02 -5.84
C VAL EA 32 16.24 24.40 -5.72
N PHE EA 33 15.59 24.63 -4.58
CA PHE EA 33 14.83 25.85 -4.31
C PHE EA 33 15.47 26.63 -3.16
N ASP EA 34 15.39 27.96 -3.24
CA ASP EA 34 15.81 28.86 -2.16
C ASP EA 34 14.81 28.76 -0.97
N PRO EA 35 15.30 28.35 0.22
CA PRO EA 35 14.37 28.15 1.35
C PRO EA 35 13.67 29.42 1.82
N ALA EA 36 14.15 30.58 1.36
CA ALA EA 36 13.58 31.89 1.73
C ALA EA 36 12.55 32.40 0.72
N THR EA 37 12.96 32.58 -0.53
CA THR EA 37 12.07 33.06 -1.60
C THR EA 37 11.21 31.95 -2.21
N GLY EA 38 11.65 30.70 -2.08
CA GLY EA 38 10.97 29.57 -2.71
C GLY EA 38 11.19 29.45 -4.22
N GLU EA 39 12.12 30.23 -4.77
CA GLU EA 39 12.38 30.23 -6.22
C GLU EA 39 13.53 29.30 -6.64
N SER EA 40 13.40 28.76 -7.86
CA SER EA 40 14.31 27.73 -8.39
C SER EA 40 15.73 28.24 -8.68
N LEU EA 41 16.72 27.50 -8.18
CA LEU EA 41 18.13 27.84 -8.38
C LEU EA 41 18.77 27.03 -9.52
N GLY EA 42 17.97 26.20 -10.18
CA GLY EA 42 18.45 25.36 -11.27
C GLY EA 42 18.47 23.89 -10.87
N THR EA 43 19.12 23.06 -11.67
CA THR EA 43 19.11 21.61 -11.44
C THR EA 43 20.50 21.01 -11.18
N VAL EA 44 20.51 19.85 -10.52
CA VAL EA 44 21.70 19.01 -10.33
C VAL EA 44 21.35 17.60 -10.79
N PRO EA 45 22.35 16.78 -11.18
CA PRO EA 45 22.07 15.41 -11.59
C PRO EA 45 21.45 14.58 -10.48
N LYS EA 46 20.64 13.60 -10.86
CA LYS EA 46 20.15 12.58 -9.93
C LYS EA 46 20.77 11.22 -10.29
N MET EA 47 21.92 10.95 -9.70
CA MET EA 47 22.69 9.76 -10.04
C MET EA 47 22.28 8.58 -9.16
N GLY EA 48 22.72 7.38 -9.52
CA GLY EA 48 22.38 6.18 -8.77
C GLY EA 48 23.58 5.30 -8.49
N ALA EA 49 23.32 3.99 -8.39
CA ALA EA 49 24.38 3.01 -8.19
C ALA EA 49 25.49 3.14 -9.23
N ALA EA 50 25.11 3.32 -10.49
CA ALA EA 50 26.05 3.26 -11.62
C ALA EA 50 27.28 4.17 -11.49
N GLU EA 51 27.04 5.42 -11.10
CA GLU EA 51 28.09 6.44 -11.07
C GLU EA 51 28.85 6.44 -9.74
N THR EA 52 28.15 6.06 -8.67
CA THR EA 52 28.75 5.85 -7.36
C THR EA 52 29.84 4.78 -7.48
N ALA EA 53 29.50 3.68 -8.15
CA ALA EA 53 30.46 2.62 -8.44
C ALA EA 53 31.63 3.17 -9.26
N ARG EA 54 31.33 4.03 -10.24
CA ARG EA 54 32.39 4.63 -11.05
C ARG EA 54 33.29 5.57 -10.25
N ALA EA 55 32.69 6.32 -9.31
CA ALA EA 55 33.45 7.20 -8.42
C ALA EA 55 34.41 6.38 -7.56
N ILE EA 56 33.85 5.41 -6.85
CA ILE EA 56 34.61 4.44 -6.05
C ILE EA 56 35.72 3.78 -6.86
N GLU EA 57 35.42 3.43 -8.11
CA GLU EA 57 36.37 2.76 -8.99
C GLU EA 57 37.53 3.65 -9.44
N ALA EA 58 37.24 4.93 -9.67
CA ALA EA 58 38.29 5.90 -9.96
C ALA EA 58 39.16 6.17 -8.71
N ALA EA 59 38.52 6.12 -7.54
CA ALA EA 59 39.24 6.26 -6.28
C ALA EA 59 40.34 5.20 -6.11
N GLN EA 60 39.99 3.93 -6.27
CA GLN EA 60 40.97 2.85 -6.19
C GLN EA 60 42.12 3.06 -7.18
N ALA EA 61 41.82 3.49 -8.40
CA ALA EA 61 42.86 3.71 -9.39
C ALA EA 61 43.74 4.95 -9.09
N ALA EA 62 43.29 5.80 -8.16
CA ALA EA 62 44.02 7.03 -7.81
C ALA EA 62 44.85 6.89 -6.52
N TRP EA 63 44.45 5.95 -5.66
CA TRP EA 63 45.06 5.75 -4.35
C TRP EA 63 46.58 5.57 -4.38
N ALA EA 64 47.05 4.65 -5.22
CA ALA EA 64 48.49 4.33 -5.30
C ALA EA 64 49.35 5.55 -5.66
N GLY EA 65 48.86 6.40 -6.54
CA GLY EA 65 49.59 7.61 -6.91
C GLY EA 65 49.54 8.67 -5.83
N TRP EA 66 48.42 8.72 -5.11
CA TRP EA 66 48.17 9.74 -4.12
C TRP EA 66 49.00 9.51 -2.86
N ARG EA 67 49.00 8.26 -2.41
CA ARG EA 67 49.70 7.87 -1.18
C ARG EA 67 51.19 7.76 -1.39
N MET EA 68 51.62 7.74 -2.65
CA MET EA 68 53.04 7.68 -2.99
C MET EA 68 53.71 9.04 -2.88
N LYS EA 69 52.90 10.09 -2.92
CA LYS EA 69 53.34 11.44 -2.62
C LYS EA 69 53.70 11.51 -1.13
N THR EA 70 54.69 12.32 -0.78
CA THR EA 70 55.00 12.59 0.63
C THR EA 70 53.89 13.43 1.24
N ALA EA 71 53.77 13.38 2.57
CA ALA EA 71 52.76 14.18 3.28
C ALA EA 71 52.95 15.68 3.05
N LYS EA 72 54.21 16.11 2.92
CA LYS EA 72 54.55 17.50 2.62
C LYS EA 72 53.92 17.91 1.26
N GLU EA 73 54.03 17.03 0.27
CA GLU EA 73 53.52 17.26 -1.08
C GLU EA 73 51.99 17.33 -1.09
N ARG EA 74 51.36 16.38 -0.41
CA ARG EA 74 49.91 16.44 -0.18
C ARG EA 74 49.52 17.71 0.58
N ALA EA 75 50.39 18.13 1.51
CA ALA EA 75 50.16 19.36 2.27
C ALA EA 75 50.10 20.58 1.35
N ALA EA 76 51.03 20.67 0.40
CA ALA EA 76 51.06 21.81 -0.52
C ALA EA 76 49.76 21.92 -1.31
N ILE EA 77 49.30 20.79 -1.84
CA ILE EA 77 48.03 20.70 -2.58
C ILE EA 77 46.85 21.12 -1.71
N LEU EA 78 46.79 20.64 -0.47
CA LEU EA 78 45.67 20.98 0.42
C LEU EA 78 45.73 22.42 0.87
N ARG EA 79 46.94 22.94 1.03
CA ARG EA 79 47.10 24.33 1.40
C ARG EA 79 46.61 25.24 0.27
N ARG EA 80 46.80 24.81 -0.97
CA ARG EA 80 46.34 25.60 -2.12
C ARG EA 80 44.82 25.64 -2.17
N TRP EA 81 44.19 24.50 -1.89
CA TRP EA 81 42.73 24.41 -1.73
C TRP EA 81 42.20 25.34 -0.63
N PHE EA 82 42.93 25.40 0.48
CA PHE EA 82 42.67 26.35 1.57
C PHE EA 82 42.76 27.81 1.12
N ASP EA 83 43.78 28.15 0.34
CA ASP EA 83 43.92 29.51 -0.18
C ASP EA 83 42.72 29.88 -1.04
N LEU EA 84 42.28 28.94 -1.88
CA LEU EA 84 41.17 29.17 -2.80
C LEU EA 84 39.82 29.36 -2.09
N VAL EA 85 39.62 28.65 -0.99
CA VAL EA 85 38.42 28.79 -0.18
C VAL EA 85 38.40 30.20 0.43
N ILE EA 86 39.53 30.60 1.00
CA ILE EA 86 39.70 31.94 1.60
C ILE EA 86 39.49 33.03 0.55
N ALA EA 87 40.17 32.91 -0.58
CA ALA EA 87 40.10 33.90 -1.65
C ALA EA 87 38.66 34.15 -2.10
N ASN EA 88 37.91 33.07 -2.32
CA ASN EA 88 36.55 33.11 -2.88
C ASN EA 88 35.45 32.98 -1.82
N SER EA 89 35.75 33.45 -0.61
CA SER EA 89 34.87 33.37 0.55
C SER EA 89 33.51 34.03 0.33
N ASP EA 90 33.52 35.22 -0.27
CA ASP EA 90 32.30 35.99 -0.52
C ASP EA 90 31.26 35.21 -1.36
N ASP EA 91 31.70 34.70 -2.52
CA ASP EA 91 30.83 33.91 -3.40
C ASP EA 91 30.31 32.63 -2.74
N LEU EA 92 31.21 31.92 -2.07
CA LEU EA 92 30.88 30.67 -1.42
C LEU EA 92 29.76 30.87 -0.41
N ALA EA 93 29.86 31.95 0.37
CA ALA EA 93 28.86 32.29 1.38
C ALA EA 93 27.51 32.68 0.77
N LEU EA 94 27.57 33.38 -0.37
CA LEU EA 94 26.37 33.69 -1.14
C LEU EA 94 25.75 32.39 -1.66
N ILE EA 95 26.58 31.51 -2.22
CA ILE EA 95 26.15 30.18 -2.65
C ILE EA 95 25.49 29.41 -1.50
N LEU EA 96 26.05 29.57 -0.31
CA LEU EA 96 25.59 28.85 0.87
C LEU EA 96 24.24 29.38 1.37
N THR EA 97 24.15 30.69 1.59
CA THR EA 97 22.92 31.34 2.04
C THR EA 97 21.75 31.09 1.07
N THR EA 98 22.02 31.21 -0.23
CA THR EA 98 21.03 31.03 -1.29
C THR EA 98 20.35 29.66 -1.30
N GLU EA 99 21.01 28.64 -0.76
CA GLU EA 99 20.46 27.29 -0.79
C GLU EA 99 20.10 26.74 0.58
N GLN EA 100 20.72 27.31 1.61
CA GLN EA 100 20.58 26.80 2.98
C GLN EA 100 19.72 27.75 3.82
N GLY EA 101 19.97 29.06 3.69
CA GLY EA 101 19.12 30.06 4.31
C GLY EA 101 19.70 30.92 5.42
N LYS EA 102 20.80 30.48 6.03
CA LYS EA 102 21.42 31.25 7.12
C LYS EA 102 22.03 32.57 6.63
N PRO EA 103 22.02 33.61 7.48
CA PRO EA 103 22.54 34.95 7.14
C PRO EA 103 23.94 34.91 6.53
N LEU EA 104 24.27 35.94 5.73
CA LEU EA 104 25.60 36.05 5.14
C LEU EA 104 26.71 35.95 6.18
N ALA EA 105 26.49 36.55 7.36
CA ALA EA 105 27.47 36.55 8.44
C ALA EA 105 27.75 35.15 8.99
N GLU EA 106 26.69 34.35 9.14
CA GLU EA 106 26.82 32.96 9.60
C GLU EA 106 27.43 32.08 8.51
N ALA EA 107 27.12 32.42 7.25
CA ALA EA 107 27.67 31.69 6.11
C ALA EA 107 29.15 31.98 5.92
N LYS EA 108 29.53 33.26 6.03
CA LYS EA 108 30.93 33.69 5.95
C LYS EA 108 31.73 33.10 7.11
N GLY EA 109 31.08 32.96 8.26
CA GLY EA 109 31.65 32.33 9.44
C GLY EA 109 31.80 30.82 9.30
N GLU EA 110 30.98 30.21 8.45
CA GLU EA 110 31.11 28.78 8.16
C GLU EA 110 32.20 28.49 7.12
N ILE EA 111 32.35 29.37 6.14
CA ILE EA 111 33.41 29.23 5.15
C ILE EA 111 34.77 29.26 5.85
N ALA EA 112 35.00 30.27 6.67
CA ALA EA 112 36.24 30.37 7.45
C ALA EA 112 36.46 29.12 8.31
N TYR EA 113 35.40 28.69 9.00
CA TYR EA 113 35.37 27.44 9.78
C TYR EA 113 35.79 26.23 8.93
N ALA EA 114 35.18 26.12 7.74
CA ALA EA 114 35.50 25.08 6.76
C ALA EA 114 36.97 25.11 6.32
N ALA EA 115 37.47 26.32 6.06
CA ALA EA 115 38.83 26.52 5.59
C ALA EA 115 39.85 26.03 6.60
N SER EA 116 39.65 26.39 7.87
CA SER EA 116 40.54 26.01 8.96
C SER EA 116 40.62 24.49 9.19
N PHE EA 117 39.59 23.74 8.78
CA PHE EA 117 39.67 22.28 8.84
C PHE EA 117 40.63 21.73 7.81
N ILE EA 118 40.55 22.24 6.59
CA ILE EA 118 41.48 21.88 5.53
C ILE EA 118 42.92 22.18 5.98
N GLU EA 119 43.15 23.42 6.40
CA GLU EA 119 44.46 23.88 6.85
C GLU EA 119 44.98 23.05 8.01
N TRP EA 120 44.11 22.77 8.98
CA TRP EA 120 44.46 21.91 10.11
C TRP EA 120 44.98 20.55 9.66
N PHE EA 121 44.26 19.92 8.74
CA PHE EA 121 44.57 18.55 8.32
C PHE EA 121 45.71 18.44 7.29
N ALA EA 122 46.02 19.55 6.61
CA ALA EA 122 47.25 19.61 5.85
C ALA EA 122 48.41 19.35 6.81
N GLU EA 123 48.44 20.07 7.91
CA GLU EA 123 49.51 20.00 8.89
C GLU EA 123 49.58 18.63 9.57
N GLU EA 124 48.43 18.11 9.99
CA GLU EA 124 48.32 16.78 10.63
C GLU EA 124 48.88 15.66 9.77
N GLY EA 125 48.68 15.78 8.46
CA GLY EA 125 49.17 14.78 7.52
C GLY EA 125 50.65 14.50 7.73
N LYS EA 126 51.38 15.56 8.07
CA LYS EA 126 52.83 15.51 8.22
C LYS EA 126 53.25 14.96 9.59
N ARG EA 127 52.26 14.66 10.42
CA ARG EA 127 52.49 14.26 11.81
C ARG EA 127 51.84 12.94 12.23
N VAL EA 128 51.29 12.21 11.28
CA VAL EA 128 50.75 10.88 11.54
C VAL EA 128 51.92 9.98 11.92
N ALA EA 129 51.97 9.58 13.19
CA ALA EA 129 53.16 8.93 13.76
C ALA EA 129 52.90 7.55 14.34
N GLY EA 130 53.85 6.63 14.13
CA GLY EA 130 53.82 5.31 14.77
C GLY EA 130 54.71 5.26 16.00
N ASP EA 131 55.23 4.07 16.31
CA ASP EA 131 55.99 3.85 17.56
C ASP EA 131 57.24 2.98 17.41
N THR EA 132 58.17 3.15 18.34
CA THR EA 132 59.12 2.10 18.67
C THR EA 132 58.92 1.79 20.15
N LEU EA 133 58.63 0.53 20.45
CA LEU EA 133 58.26 0.12 21.80
C LEU EA 133 59.26 -0.86 22.38
N PRO EA 134 59.38 -0.91 23.73
CA PRO EA 134 60.38 -1.81 24.31
C PRO EA 134 59.98 -3.27 24.14
N THR EA 135 60.90 -4.09 23.65
CA THR EA 135 60.58 -5.47 23.31
C THR EA 135 60.45 -6.35 24.56
N PRO EA 136 59.44 -7.24 24.60
CA PRO EA 136 59.38 -8.23 25.66
C PRO EA 136 60.23 -9.46 25.34
N ASP EA 137 60.88 -9.45 24.18
CA ASP EA 137 61.78 -10.53 23.76
C ASP EA 137 63.02 -9.96 23.07
N ALA EA 138 64.17 -10.14 23.70
CA ALA EA 138 65.43 -9.50 23.29
C ALA EA 138 65.91 -9.81 21.86
N ASN EA 139 65.42 -10.90 21.28
CA ASN EA 139 65.77 -11.27 19.91
C ASN EA 139 64.84 -10.61 18.89
N LYS EA 140 63.83 -9.90 19.38
CA LYS EA 140 62.84 -9.25 18.54
C LYS EA 140 62.84 -7.73 18.74
N ARG EA 141 62.37 -7.01 17.73
CA ARG EA 141 62.25 -5.54 17.77
C ARG EA 141 60.85 -5.12 17.36
N ILE EA 142 60.29 -4.14 18.06
CA ILE EA 142 58.95 -3.67 17.75
C ILE EA 142 58.94 -2.29 17.07
N VAL EA 143 58.49 -2.30 15.83
CA VAL EA 143 58.29 -1.09 15.05
C VAL EA 143 56.84 -1.07 14.57
N VAL EA 144 56.14 0.01 14.90
CA VAL EA 144 54.75 0.20 14.50
C VAL EA 144 54.68 1.36 13.54
N VAL EA 145 54.12 1.13 12.36
CA VAL EA 145 53.89 2.20 11.39
C VAL EA 145 52.41 2.39 11.14
N LYS EA 146 52.03 3.62 10.84
CA LYS EA 146 50.67 3.95 10.46
C LYS EA 146 50.63 4.23 8.96
N GLU EA 147 49.54 3.81 8.33
CA GLU EA 147 49.39 4.01 6.89
C GLU EA 147 47.91 4.07 6.51
N PRO EA 148 47.60 4.66 5.33
CA PRO EA 148 46.22 4.91 4.90
C PRO EA 148 45.32 3.66 4.83
N ILE EA 149 44.09 3.79 5.34
CA ILE EA 149 43.13 2.70 5.29
C ILE EA 149 42.77 2.28 3.85
N GLY EA 150 42.42 3.26 3.00
CA GLY EA 150 42.01 2.97 1.62
C GLY EA 150 40.96 3.91 1.09
N VAL EA 151 40.08 3.38 0.24
CA VAL EA 151 39.02 4.19 -0.35
C VAL EA 151 37.97 4.55 0.71
N CYS EA 152 37.75 5.85 0.88
CA CYS EA 152 36.88 6.38 1.90
C CYS EA 152 35.64 7.00 1.29
N ALA EA 153 34.59 7.12 2.09
CA ALA EA 153 33.33 7.67 1.65
C ALA EA 153 32.67 8.46 2.77
N ALA EA 154 31.91 9.49 2.38
CA ALA EA 154 31.28 10.41 3.32
C ALA EA 154 29.87 10.80 2.86
N ILE EA 155 28.96 10.88 3.82
CA ILE EA 155 27.61 11.39 3.60
C ILE EA 155 27.43 12.55 4.57
N THR EA 156 27.08 13.72 4.03
CA THR EA 156 27.12 14.95 4.81
C THR EA 156 25.75 15.64 4.85
N PRO EA 157 25.42 16.30 5.98
CA PRO EA 157 24.12 16.93 6.09
C PRO EA 157 24.05 18.32 5.44
N TRP EA 158 22.88 18.94 5.54
CA TRP EA 158 22.60 20.22 4.91
C TRP EA 158 22.84 21.39 5.85
N ASN EA 159 22.76 21.18 7.17
CA ASN EA 159 22.86 22.29 8.13
C ASN EA 159 24.17 23.07 8.06
N PHE EA 160 25.27 22.35 7.87
CA PHE EA 160 26.56 22.96 7.58
C PHE EA 160 27.13 22.40 6.27
N PRO EA 161 26.58 22.84 5.12
CA PRO EA 161 26.86 22.18 3.82
C PRO EA 161 28.25 22.45 3.24
N ALA EA 162 28.98 23.42 3.77
CA ALA EA 162 30.36 23.68 3.36
C ALA EA 162 31.36 23.04 4.34
N ALA EA 163 31.19 23.30 5.63
CA ALA EA 163 32.16 22.85 6.64
C ALA EA 163 32.21 21.33 6.82
N MET EA 164 31.10 20.64 6.57
CA MET EA 164 31.03 19.18 6.71
C MET EA 164 31.90 18.51 5.67
N ILE EA 165 31.96 19.10 4.49
CA ILE EA 165 32.78 18.56 3.42
C ILE EA 165 34.23 18.58 3.88
N ALA EA 166 34.70 19.76 4.27
CA ALA EA 166 36.08 19.96 4.71
C ALA EA 166 36.45 19.05 5.89
N ARG EA 167 35.61 19.04 6.92
CA ARG EA 167 35.74 18.15 8.08
C ARG EA 167 35.98 16.68 7.72
N LYS EA 168 35.70 16.31 6.47
CA LYS EA 168 35.71 14.92 6.08
C LYS EA 168 36.65 14.62 4.93
N VAL EA 169 36.68 15.50 3.92
CA VAL EA 169 37.62 15.41 2.81
C VAL EA 169 39.02 15.64 3.34
N GLY EA 170 39.17 16.70 4.15
CA GLY EA 170 40.44 17.07 4.79
C GLY EA 170 41.27 15.91 5.32
N PRO EA 171 40.79 15.26 6.41
CA PRO EA 171 41.53 14.17 7.04
C PRO EA 171 41.81 12.98 6.12
N ALA EA 172 40.86 12.64 5.25
CA ALA EA 172 41.01 11.51 4.32
C ALA EA 172 42.15 11.71 3.31
N LEU EA 173 42.23 12.90 2.74
CA LEU EA 173 43.27 13.21 1.74
C LEU EA 173 44.64 13.38 2.39
N ALA EA 174 44.63 13.87 3.63
CA ALA EA 174 45.86 14.14 4.37
C ALA EA 174 46.51 12.84 4.82
N ALA EA 175 45.66 11.88 5.20
CA ALA EA 175 46.10 10.53 5.56
C ALA EA 175 46.55 9.76 4.34
N GLY EA 176 46.24 10.29 3.15
CA GLY EA 176 46.60 9.66 1.89
C GLY EA 176 45.55 8.71 1.33
N CYS EA 177 44.27 9.00 1.57
CA CYS EA 177 43.17 8.22 1.01
C CYS EA 177 42.44 9.03 -0.07
N PRO EA 178 41.81 8.33 -1.03
CA PRO EA 178 40.82 8.98 -1.89
C PRO EA 178 39.43 8.89 -1.27
N ILE EA 179 38.61 9.91 -1.46
CA ILE EA 179 37.27 9.90 -0.88
C ILE EA 179 36.16 10.14 -1.90
N VAL EA 180 35.01 9.51 -1.64
CA VAL EA 180 33.78 9.77 -2.37
C VAL EA 180 32.77 10.39 -1.42
N VAL EA 181 32.28 11.58 -1.78
CA VAL EA 181 31.37 12.36 -0.95
C VAL EA 181 29.99 12.47 -1.60
N LYS EA 182 28.95 12.21 -0.82
CA LYS EA 182 27.58 12.52 -1.26
C LYS EA 182 26.97 13.51 -0.29
N PRO EA 183 26.84 14.78 -0.72
CA PRO EA 183 26.24 15.80 0.12
C PRO EA 183 24.72 15.60 0.20
N ALA EA 184 24.06 16.39 1.05
CA ALA EA 184 22.60 16.37 1.14
C ALA EA 184 22.01 16.92 -0.16
N GLU EA 185 20.96 16.27 -0.65
CA GLU EA 185 20.27 16.68 -1.88
C GLU EA 185 19.78 18.13 -1.75
N SER EA 186 19.43 18.52 -0.53
CA SER EA 186 18.90 19.84 -0.22
C SER EA 186 19.90 20.95 -0.52
N THR EA 187 21.17 20.73 -0.18
CA THR EA 187 22.21 21.74 -0.37
C THR EA 187 23.43 21.19 -1.14
N PRO EA 188 23.28 20.94 -2.44
CA PRO EA 188 24.39 20.30 -3.17
C PRO EA 188 25.44 21.26 -3.76
N PHE EA 189 25.11 22.54 -3.90
CA PHE EA 189 25.97 23.52 -4.58
C PHE EA 189 27.25 23.91 -3.81
N SER EA 190 27.13 24.02 -2.48
CA SER EA 190 28.29 24.31 -1.62
C SER EA 190 29.39 23.29 -1.81
N ALA EA 191 29.00 22.01 -1.78
CA ALA EA 191 29.91 20.86 -1.95
C ALA EA 191 30.55 20.84 -3.33
N LEU EA 192 29.75 21.13 -4.34
CA LEU EA 192 30.22 21.15 -5.72
C LEU EA 192 31.18 22.31 -5.97
N ALA EA 193 30.89 23.46 -5.34
CA ALA EA 193 31.76 24.62 -5.41
C ALA EA 193 33.13 24.31 -4.83
N MET EA 194 33.15 23.52 -3.76
CA MET EA 194 34.40 23.12 -3.15
C MET EA 194 35.12 22.02 -3.93
N ALA EA 195 34.37 21.12 -4.56
CA ALA EA 195 34.97 20.16 -5.50
C ALA EA 195 35.73 20.92 -6.59
N PHE EA 196 35.13 22.02 -7.07
CA PHE EA 196 35.70 22.83 -8.14
C PHE EA 196 36.96 23.58 -7.71
N LEU EA 197 36.97 24.06 -6.46
CA LEU EA 197 38.14 24.75 -5.94
C LEU EA 197 39.28 23.78 -5.69
N ALA EA 198 38.94 22.56 -5.28
CA ALA EA 198 39.94 21.51 -5.05
C ALA EA 198 40.59 21.02 -6.35
N GLU EA 199 39.83 21.08 -7.44
CA GLU EA 199 40.31 20.69 -8.78
C GLU EA 199 41.32 21.71 -9.32
N ARG EA 200 41.07 22.99 -9.03
CA ARG EA 200 41.98 24.06 -9.44
C ARG EA 200 43.22 24.01 -8.54
N ALA EA 201 43.04 23.49 -7.33
CA ALA EA 201 44.13 23.29 -6.36
C ALA EA 201 45.18 22.30 -6.84
N GLY EA 202 44.75 21.23 -7.51
CA GLY EA 202 45.66 20.23 -8.03
C GLY EA 202 45.48 18.85 -7.45
N VAL EA 203 44.36 18.65 -6.75
CA VAL EA 203 43.92 17.31 -6.37
C VAL EA 203 43.82 16.47 -7.66
N PRO EA 204 44.58 15.35 -7.73
CA PRO EA 204 44.59 14.58 -8.97
C PRO EA 204 43.24 13.92 -9.22
N LYS EA 205 42.87 13.83 -10.49
CA LYS EA 205 41.59 13.26 -10.87
C LYS EA 205 41.42 11.87 -10.25
N GLY EA 206 40.24 11.63 -9.69
CA GLY EA 206 39.96 10.36 -9.05
C GLY EA 206 40.07 10.39 -7.54
N VAL EA 207 40.87 11.30 -6.98
CA VAL EA 207 41.06 11.34 -5.52
C VAL EA 207 39.83 11.91 -4.78
N LEU EA 208 39.13 12.84 -5.43
CA LEU EA 208 37.93 13.44 -4.86
C LEU EA 208 36.73 13.29 -5.80
N SER EA 209 35.62 12.78 -5.25
CA SER EA 209 34.39 12.68 -6.01
C SER EA 209 33.21 13.16 -5.19
N VAL EA 210 32.36 13.93 -5.85
CA VAL EA 210 31.11 14.38 -5.25
C VAL EA 210 29.94 13.86 -6.08
N VAL EA 211 29.31 12.80 -5.56
CA VAL EA 211 28.16 12.15 -6.17
C VAL EA 211 26.88 12.80 -5.62
N ILE EA 212 26.01 13.20 -6.53
CA ILE EA 212 24.72 13.81 -6.19
C ILE EA 212 23.60 12.98 -6.78
N GLY EA 213 22.55 12.77 -6.00
CA GLY EA 213 21.36 12.12 -6.52
C GLY EA 213 20.59 11.35 -5.48
N ASP EA 214 20.06 10.20 -5.89
CA ASP EA 214 19.19 9.36 -5.06
C ASP EA 214 19.92 8.86 -3.81
N PRO EA 215 19.52 9.36 -2.64
CA PRO EA 215 20.17 9.04 -1.36
C PRO EA 215 20.07 7.58 -0.91
N LYS EA 216 19.09 6.83 -1.43
CA LYS EA 216 18.97 5.40 -1.11
C LYS EA 216 19.92 4.57 -1.96
N ALA EA 217 19.89 4.80 -3.27
CA ALA EA 217 20.67 3.99 -4.21
C ALA EA 217 22.17 4.28 -4.13
N ILE EA 218 22.53 5.54 -3.92
CA ILE EA 218 23.91 5.92 -3.67
C ILE EA 218 24.38 5.28 -2.36
N GLY EA 219 23.62 5.50 -1.29
CA GLY EA 219 23.92 4.92 0.02
C GLY EA 219 24.16 3.43 -0.05
N THR EA 220 23.24 2.72 -0.71
CA THR EA 220 23.34 1.27 -0.85
C THR EA 220 24.61 0.87 -1.61
N GLU EA 221 24.99 1.65 -2.61
CA GLU EA 221 26.18 1.32 -3.38
C GLU EA 221 27.42 1.50 -2.52
N ILE EA 222 27.47 2.59 -1.75
CA ILE EA 222 28.60 2.85 -0.87
C ILE EA 222 28.77 1.75 0.18
N THR EA 223 27.68 1.28 0.75
CA THR EA 223 27.74 0.35 1.86
C THR EA 223 27.96 -1.11 1.44
N SER EA 224 27.50 -1.48 0.26
CA SER EA 224 27.68 -2.86 -0.22
C SER EA 224 28.94 -3.05 -1.06
N ASN EA 225 29.50 -1.95 -1.55
CA ASN EA 225 30.73 -1.99 -2.35
C ASN EA 225 31.96 -2.34 -1.52
N PRO EA 226 32.60 -3.49 -1.82
CA PRO EA 226 33.79 -3.94 -1.08
C PRO EA 226 35.03 -3.05 -1.22
N ILE EA 227 35.13 -2.28 -2.30
CA ILE EA 227 36.29 -1.40 -2.48
C ILE EA 227 36.34 -0.33 -1.38
N VAL EA 228 35.18 0.06 -0.88
CA VAL EA 228 35.09 1.09 0.16
C VAL EA 228 35.40 0.53 1.55
N ARG EA 229 36.56 0.92 2.08
CA ARG EA 229 37.03 0.42 3.37
C ARG EA 229 36.59 1.22 4.60
N LYS EA 230 36.25 2.50 4.43
CA LYS EA 230 35.68 3.28 5.52
C LYS EA 230 34.65 4.32 5.09
N LEU EA 231 33.61 4.44 5.91
CA LEU EA 231 32.53 5.39 5.70
C LEU EA 231 32.39 6.32 6.89
N SER EA 232 32.17 7.59 6.58
CA SER EA 232 31.90 8.61 7.58
C SER EA 232 30.50 9.18 7.34
N PHE EA 233 29.68 9.20 8.39
CA PHE EA 233 28.31 9.67 8.27
C PHE EA 233 27.95 10.71 9.33
N THR EA 234 27.32 11.79 8.87
CA THR EA 234 26.71 12.78 9.78
C THR EA 234 25.27 13.02 9.32
N GLY EA 235 24.32 12.67 10.19
CA GLY EA 235 22.89 12.78 9.88
C GLY EA 235 22.05 12.15 10.97
N SER EA 236 20.85 11.70 10.60
CA SER EA 236 19.89 11.16 11.58
C SER EA 236 20.38 9.85 12.19
N THR EA 237 20.03 9.65 13.45
CA THR EA 237 20.30 8.39 14.14
C THR EA 237 19.71 7.19 13.37
N ALA EA 238 18.44 7.31 12.97
CA ALA EA 238 17.74 6.25 12.28
C ALA EA 238 18.47 5.78 11.00
N VAL EA 239 19.00 6.72 10.23
CA VAL EA 239 19.76 6.41 9.00
C VAL EA 239 21.11 5.79 9.34
N GLY EA 240 21.78 6.38 10.33
CA GLY EA 240 23.07 5.91 10.81
C GLY EA 240 23.05 4.43 11.13
N ARG EA 241 22.02 4.00 11.85
CA ARG EA 241 21.88 2.60 12.25
C ARG EA 241 21.78 1.70 11.03
N LEU EA 242 20.95 2.10 10.06
CA LEU EA 242 20.79 1.34 8.83
C LEU EA 242 22.12 1.20 8.06
N LEU EA 243 22.88 2.29 7.99
CA LEU EA 243 24.15 2.27 7.26
C LEU EA 243 25.21 1.41 7.94
N MET EA 244 25.05 1.18 9.24
CA MET EA 244 25.92 0.26 9.97
C MET EA 244 25.51 -1.19 9.71
N ALA EA 245 24.22 -1.43 9.52
CA ALA EA 245 23.74 -2.77 9.18
C ALA EA 245 24.14 -3.09 7.75
N GLN EA 246 24.19 -2.04 6.92
CA GLN EA 246 24.45 -2.19 5.51
C GLN EA 246 25.92 -2.41 5.20
N SER EA 247 26.78 -2.00 6.15
CA SER EA 247 28.22 -2.09 5.97
C SER EA 247 28.82 -3.33 6.60
N ALA EA 248 28.05 -3.99 7.45
CA ALA EA 248 28.51 -5.19 8.17
C ALA EA 248 29.00 -6.30 7.25
N PRO EA 249 28.33 -6.51 6.10
CA PRO EA 249 28.85 -7.51 5.16
C PRO EA 249 30.32 -7.31 4.72
N THR EA 250 30.83 -6.09 4.79
CA THR EA 250 32.23 -5.85 4.43
C THR EA 250 33.06 -5.23 5.56
N VAL EA 251 32.44 -5.14 6.73
CA VAL EA 251 33.14 -4.73 7.96
C VAL EA 251 33.97 -3.47 7.75
N LYS EA 252 33.31 -2.41 7.29
CA LYS EA 252 33.94 -1.12 7.07
C LYS EA 252 34.18 -0.43 8.40
N LYS EA 253 35.27 0.34 8.48
CA LYS EA 253 35.51 1.21 9.63
C LYS EA 253 34.53 2.37 9.55
N LEU EA 254 33.87 2.66 10.67
CA LEU EA 254 32.84 3.71 10.70
C LEU EA 254 33.16 4.89 11.62
N THR EA 255 32.88 6.09 11.12
CA THR EA 255 32.70 7.27 11.96
C THR EA 255 31.24 7.70 11.84
N LEU EA 256 30.59 7.95 12.98
CA LEU EA 256 29.19 8.35 13.01
C LEU EA 256 28.93 9.56 13.92
N GLU EA 257 28.67 10.70 13.28
CA GLU EA 257 28.26 11.93 13.96
C GLU EA 257 26.74 11.99 13.83
N LEU EA 258 26.04 11.62 14.89
CA LEU EA 258 24.58 11.45 14.83
C LEU EA 258 23.84 12.50 15.65
N GLY EA 259 22.53 12.32 15.81
CA GLY EA 259 21.67 13.25 16.54
C GLY EA 259 21.95 13.32 18.02
N GLY EA 260 21.40 14.36 18.66
CA GLY EA 260 21.61 14.59 20.08
C GLY EA 260 20.35 14.99 20.81
N ASN EA 261 20.53 15.61 21.98
CA ASN EA 261 19.44 16.15 22.79
C ASN EA 261 20.08 17.09 23.81
N ALA EA 262 20.82 18.07 23.29
CA ALA EA 262 21.70 18.92 24.08
C ALA EA 262 21.00 19.66 25.21
N PRO EA 263 21.39 19.37 26.46
CA PRO EA 263 20.89 20.14 27.60
C PRO EA 263 21.72 21.39 27.89
N PHE EA 264 21.04 22.50 28.10
CA PHE EA 264 21.65 23.75 28.48
C PHE EA 264 21.35 24.04 29.95
N ILE EA 265 22.31 23.77 30.81
CA ILE EA 265 22.09 23.89 32.25
C ILE EA 265 22.49 25.24 32.81
N VAL EA 266 21.52 25.94 33.40
CA VAL EA 266 21.76 27.19 34.11
C VAL EA 266 21.64 26.94 35.62
N PHE EA 267 22.78 26.86 36.28
CA PHE EA 267 22.77 26.64 37.71
C PHE EA 267 22.47 27.89 38.53
N ASP EA 268 21.85 27.62 39.68
CA ASP EA 268 21.86 28.46 40.88
C ASP EA 268 22.73 29.74 40.83
N ASP EA 269 24.04 29.59 40.65
CA ASP EA 269 25.03 30.67 40.86
C ASP EA 269 25.65 31.25 39.58
N ALA EA 270 25.04 30.94 38.44
CA ALA EA 270 25.48 31.41 37.13
C ALA EA 270 25.47 32.93 36.99
N ASP EA 271 26.22 33.43 36.01
CA ASP EA 271 26.09 34.81 35.53
C ASP EA 271 24.98 34.76 34.47
N LEU EA 272 23.80 35.23 34.87
CA LEU EA 272 22.59 35.11 34.05
C LEU EA 272 22.73 35.80 32.68
N ASP EA 273 23.33 37.00 32.67
CA ASP EA 273 23.55 37.76 31.44
C ASP EA 273 24.35 36.96 30.42
N ALA EA 274 25.46 36.38 30.89
CA ALA EA 274 26.34 35.54 30.08
C ALA EA 274 25.64 34.25 29.69
N ALA EA 275 24.87 33.70 30.63
CA ALA EA 275 24.08 32.49 30.41
C ALA EA 275 23.02 32.67 29.31
N VAL EA 276 22.47 33.87 29.22
CA VAL EA 276 21.52 34.23 28.18
C VAL EA 276 22.23 34.41 26.84
N GLU EA 277 23.33 35.19 26.83
CA GLU EA 277 24.14 35.38 25.61
C GLU EA 277 24.63 34.03 25.08
N GLY EA 278 24.99 33.15 26.01
CA GLY EA 278 25.31 31.77 25.72
C GLY EA 278 24.12 30.98 25.20
N ALA EA 279 22.94 31.23 25.79
CA ALA EA 279 21.72 30.56 25.34
C ALA EA 279 21.28 31.03 23.95
N ILE EA 280 21.49 32.31 23.67
CA ILE EA 280 21.23 32.88 22.35
C ILE EA 280 22.06 32.16 21.30
N ALA EA 281 23.35 32.01 21.56
CA ALA EA 281 24.28 31.43 20.59
C ALA EA 281 24.02 29.94 20.39
N SER EA 282 23.92 29.19 21.49
CA SER EA 282 23.72 27.74 21.41
C SER EA 282 22.40 27.36 20.75
N LYS EA 283 21.32 28.06 21.09
CA LYS EA 283 20.00 27.72 20.56
C LYS EA 283 19.67 28.38 19.22
N TYR EA 284 19.99 29.67 19.08
CA TYR EA 284 19.45 30.47 17.98
C TYR EA 284 20.42 30.80 16.84
N ARG EA 285 21.54 30.09 16.78
CA ARG EA 285 22.38 30.18 15.58
C ARG EA 285 22.04 29.05 14.61
N ASN EA 286 22.12 29.38 13.32
CA ASN EA 286 21.56 28.54 12.25
C ASN EA 286 20.07 28.24 12.45
N ASN EA 287 19.41 29.11 13.21
CA ASN EA 287 17.98 29.02 13.51
C ASN EA 287 17.63 27.76 14.31
N GLY EA 288 18.62 27.21 15.01
CA GLY EA 288 18.43 26.03 15.85
C GLY EA 288 18.64 24.73 15.11
N GLN EA 289 19.08 24.83 13.86
CA GLN EA 289 19.14 23.69 12.97
C GLN EA 289 20.49 22.97 13.01
N THR EA 290 21.29 23.18 14.04
CA THR EA 290 22.60 22.54 14.11
C THR EA 290 22.66 21.35 15.08
N CYS EA 291 23.47 20.37 14.71
CA CYS EA 291 23.71 19.13 15.48
C CYS EA 291 23.84 19.39 16.98
N VAL EA 292 24.49 20.50 17.33
CA VAL EA 292 24.87 20.79 18.71
C VAL EA 292 23.98 21.84 19.40
N CYS EA 293 23.00 22.35 18.66
CA CYS EA 293 22.03 23.30 19.20
C CYS EA 293 21.28 22.73 20.40
N THR EA 294 21.09 23.58 21.41
CA THR EA 294 20.34 23.25 22.61
C THR EA 294 18.96 22.69 22.27
N ASN EA 295 18.56 21.65 22.99
CA ASN EA 295 17.25 21.08 22.84
C ASN EA 295 16.42 21.30 24.11
N ARG EA 296 17.06 21.11 25.26
CA ARG EA 296 16.41 21.28 26.56
C ARG EA 296 17.16 22.31 27.39
N PHE EA 297 16.48 23.38 27.82
CA PHE EA 297 17.07 24.28 28.81
C PHE EA 297 16.74 23.74 30.18
N PHE EA 298 17.69 23.84 31.11
CA PHE EA 298 17.49 23.38 32.48
C PHE EA 298 17.88 24.48 33.47
N VAL EA 299 16.87 25.21 33.93
CA VAL EA 299 17.06 26.37 34.80
C VAL EA 299 16.66 26.05 36.24
N HIS EA 300 17.40 26.62 37.20
CA HIS EA 300 17.15 26.38 38.61
C HIS EA 300 15.84 27.01 39.08
N GLU EA 301 15.36 26.56 40.25
CA GLU EA 301 14.15 27.12 40.89
C GLU EA 301 14.34 28.60 41.27
N ARG EA 302 15.47 28.91 41.92
CA ARG EA 302 15.74 30.26 42.45
C ARG EA 302 16.03 31.30 41.36
N VAL EA 303 16.22 30.86 40.12
CA VAL EA 303 16.55 31.81 39.05
C VAL EA 303 15.65 31.67 37.82
N TYR EA 304 14.73 30.71 37.87
CA TYR EA 304 13.84 30.43 36.73
C TYR EA 304 13.22 31.69 36.11
N ASP EA 305 12.71 32.58 36.95
CA ASP EA 305 11.96 33.74 36.46
C ASP EA 305 12.88 34.84 35.90
N ALA EA 306 13.92 35.17 36.64
CA ALA EA 306 14.93 36.13 36.21
C ALA EA 306 15.56 35.72 34.86
N PHE EA 307 15.89 34.44 34.73
CA PHE EA 307 16.45 33.90 33.50
C PHE EA 307 15.51 34.05 32.31
N ALA EA 308 14.27 33.59 32.50
CA ALA EA 308 13.26 33.54 31.45
C ALA EA 308 12.95 34.93 30.89
N ASP EA 309 12.86 35.91 31.80
CA ASP EA 309 12.59 37.31 31.42
C ASP EA 309 13.76 37.91 30.64
N LYS EA 310 14.97 37.59 31.07
CA LYS EA 310 16.17 38.10 30.38
C LYS EA 310 16.35 37.42 29.03
N LEU EA 311 16.06 36.13 28.97
CA LEU EA 311 16.08 35.39 27.72
C LEU EA 311 15.04 35.91 26.72
N ALA EA 312 13.85 36.26 27.22
CA ALA EA 312 12.80 36.86 26.38
C ALA EA 312 13.24 38.22 25.85
N ALA EA 313 13.90 39.00 26.71
CA ALA EA 313 14.42 40.30 26.31
C ALA EA 313 15.40 40.15 25.16
N ALA EA 314 16.34 39.22 25.32
CA ALA EA 314 17.37 38.99 24.32
C ALA EA 314 16.80 38.41 23.01
N VAL EA 315 15.82 37.51 23.14
CA VAL EA 315 15.19 36.86 21.99
C VAL EA 315 14.46 37.86 21.08
N SER EA 316 14.03 38.99 21.66
CA SER EA 316 13.26 39.99 20.91
C SER EA 316 14.10 40.87 19.97
N LYS EA 317 15.36 41.10 20.32
CA LYS EA 317 16.26 41.91 19.48
C LYS EA 317 16.64 41.22 18.15
N LEU EA 318 16.41 39.91 18.06
CA LEU EA 318 16.75 39.11 16.88
C LEU EA 318 15.84 39.39 15.68
N LYS EA 319 16.46 39.66 14.52
CA LYS EA 319 15.73 40.14 13.34
C LYS EA 319 15.54 39.05 12.27
N VAL EA 320 14.28 38.69 12.03
CA VAL EA 320 13.93 37.57 11.16
C VAL EA 320 13.79 38.02 9.72
N GLY EA 321 14.71 37.60 8.86
CA GLY EA 321 14.67 38.00 7.45
C GLY EA 321 15.48 37.11 6.53
N ARG EA 322 15.34 37.34 5.23
CA ARG EA 322 16.16 36.68 4.21
C ARG EA 322 17.62 36.99 4.49
N GLY EA 323 18.48 35.99 4.31
CA GLY EA 323 19.90 36.10 4.65
C GLY EA 323 20.77 37.08 3.86
N THR EA 324 20.21 37.65 2.79
CA THR EA 324 20.90 38.69 2.03
C THR EA 324 20.54 40.10 2.53
N GLU EA 325 19.60 40.16 3.48
CA GLU EA 325 19.05 41.42 4.00
C GLU EA 325 19.78 41.88 5.27
N SER EA 326 20.23 43.14 5.28
CA SER EA 326 21.09 43.68 6.33
C SER EA 326 20.45 43.64 7.73
N GLY EA 327 21.21 43.09 8.69
CA GLY EA 327 20.76 43.01 10.07
C GLY EA 327 20.00 41.74 10.44
N ALA EA 328 19.68 40.92 9.45
CA ALA EA 328 18.90 39.69 9.68
C ALA EA 328 19.72 38.64 10.41
N THR EA 329 19.35 38.36 11.65
CA THR EA 329 20.08 37.41 12.49
C THR EA 329 19.45 36.01 12.57
N LEU EA 330 18.20 35.89 12.13
CA LEU EA 330 17.54 34.61 11.94
C LEU EA 330 17.13 34.46 10.47
N GLY EA 331 17.43 33.30 9.89
CA GLY EA 331 17.00 32.99 8.53
C GLY EA 331 15.79 32.07 8.53
N PRO EA 332 15.45 31.47 7.38
CA PRO EA 332 14.34 30.51 7.37
C PRO EA 332 14.78 29.12 7.82
N LEU EA 333 13.83 28.25 8.14
CA LEU EA 333 14.12 26.81 8.25
C LEU EA 333 14.37 26.23 6.86
N ILE EA 334 14.88 25.01 6.81
CA ILE EA 334 15.27 24.36 5.56
C ILE EA 334 14.09 23.95 4.65
N ASN EA 335 12.94 23.63 5.25
CA ASN EA 335 11.75 23.16 4.52
C ASN EA 335 10.50 23.04 5.40
N GLU EA 336 9.39 22.58 4.80
CA GLU EA 336 8.09 22.46 5.47
C GLU EA 336 8.08 21.49 6.65
N ALA EA 337 8.70 20.32 6.47
CA ALA EA 337 8.69 19.27 7.48
C ALA EA 337 9.38 19.76 8.74
N ALA EA 338 10.30 20.71 8.58
CA ALA EA 338 10.98 21.34 9.69
C ALA EA 338 10.03 22.27 10.42
N VAL EA 339 9.30 23.10 9.66
CA VAL EA 339 8.32 24.03 10.22
C VAL EA 339 7.20 23.28 10.95
N LYS EA 340 6.61 22.27 10.30
CA LYS EA 340 5.56 21.46 10.93
C LYS EA 340 6.01 20.79 12.23
N LYS EA 341 7.27 20.36 12.27
CA LYS EA 341 7.88 19.77 13.48
C LYS EA 341 8.02 20.78 14.62
N VAL EA 342 8.32 22.02 14.27
CA VAL EA 342 8.39 23.10 15.26
C VAL EA 342 6.99 23.38 15.81
N GLU EA 343 6.00 23.36 14.92
CA GLU EA 343 4.62 23.59 15.29
C GLU EA 343 4.09 22.50 16.21
N SER EA 344 4.46 21.24 15.90
CA SER EA 344 3.98 20.09 16.64
C SER EA 344 4.57 19.99 18.04
N HIS EA 345 5.86 20.32 18.16
CA HIS EA 345 6.53 20.34 19.47
C HIS EA 345 5.88 21.38 20.39
N ILE EA 346 5.60 22.56 19.83
CA ILE EA 346 4.90 23.65 20.53
C ILE EA 346 3.48 23.26 20.96
N ALA EA 347 2.68 22.78 20.00
CA ALA EA 347 1.29 22.34 20.25
C ALA EA 347 1.22 21.23 21.28
N ASP EA 348 2.19 20.31 21.23
CA ASP EA 348 2.28 19.20 22.17
C ASP EA 348 2.51 19.72 23.58
N ALA EA 349 3.27 20.82 23.67
CA ALA EA 349 3.69 21.39 24.94
C ALA EA 349 2.57 22.11 25.69
N LEU EA 350 1.81 22.96 24.98
CA LEU EA 350 0.71 23.70 25.62
C LEU EA 350 -0.39 22.75 26.10
N ALA EA 351 -0.61 21.68 25.35
CA ALA EA 351 -1.60 20.66 25.67
C ALA EA 351 -1.22 19.81 26.89
N LYS EA 352 -0.10 20.16 27.53
CA LYS EA 352 0.37 19.48 28.74
C LYS EA 352 0.77 20.46 29.84
N GLY EA 353 0.44 21.74 29.65
CA GLY EA 353 0.59 22.76 30.69
C GLY EA 353 1.67 23.83 30.52
N ALA EA 354 2.12 24.04 29.28
CA ALA EA 354 3.14 25.06 28.99
C ALA EA 354 2.53 26.38 28.52
N SER EA 355 3.34 27.44 28.48
CA SER EA 355 2.85 28.78 28.10
C SER EA 355 3.76 29.47 27.08
N LEU EA 356 3.18 29.94 25.98
CA LEU EA 356 3.89 30.82 25.06
C LEU EA 356 4.29 32.09 25.79
N MET EA 357 5.53 32.51 25.60
CA MET EA 357 6.03 33.72 26.23
C MET EA 357 6.41 34.73 25.15
N THR EA 358 6.96 34.23 24.04
CA THR EA 358 7.21 35.02 22.82
C THR EA 358 7.17 34.13 21.57
N GLY EA 359 6.86 34.74 20.42
CA GLY EA 359 6.84 34.01 19.14
C GLY EA 359 5.59 33.17 18.99
N GLY EA 360 5.76 31.92 18.56
CA GLY EA 360 4.69 30.93 18.59
C GLY EA 360 4.21 30.36 17.26
N LYS EA 361 4.09 31.22 16.26
CA LYS EA 361 3.49 30.83 14.99
C LYS EA 361 4.46 31.07 13.82
N ARG EA 362 3.96 30.83 12.61
CA ARG EA 362 4.72 31.09 11.39
C ARG EA 362 4.85 32.60 11.17
N HIS EA 363 5.87 32.98 10.40
CA HIS EA 363 6.17 34.40 10.21
C HIS EA 363 5.53 34.92 8.92
N ALA EA 364 5.20 36.21 8.91
CA ALA EA 364 4.57 36.87 7.76
C ALA EA 364 5.38 36.80 6.45
N LEU EA 365 6.68 36.51 6.57
CA LEU EA 365 7.56 36.40 5.41
C LEU EA 365 7.31 35.11 4.62
N GLY EA 366 6.84 34.07 5.33
CA GLY EA 366 6.37 32.82 4.70
C GLY EA 366 7.34 31.65 4.64
N HIS EA 367 7.17 30.83 3.61
CA HIS EA 367 8.06 29.69 3.31
C HIS EA 367 8.49 28.85 4.51
N GLY EA 368 9.70 29.13 5.00
CA GLY EA 368 10.28 28.39 6.13
C GLY EA 368 10.49 29.22 7.39
N PHE EA 369 10.16 30.52 7.31
CA PHE EA 369 10.33 31.44 8.44
C PHE EA 369 9.38 31.15 9.62
N PHE EA 370 9.97 31.05 10.80
CA PHE EA 370 9.21 30.83 12.03
C PHE EA 370 9.69 31.78 13.13
N GLU EA 371 8.75 32.26 13.94
CA GLU EA 371 9.07 33.19 15.02
C GLU EA 371 9.94 32.53 16.09
N PRO EA 372 10.98 33.24 16.55
CA PRO EA 372 11.79 32.84 17.70
C PRO EA 372 10.88 32.63 18.92
N THR EA 373 10.89 31.41 19.46
CA THR EA 373 9.87 30.98 20.43
C THR EA 373 10.44 30.51 21.76
N VAL EA 374 9.95 31.09 22.85
CA VAL EA 374 10.26 30.63 24.19
C VAL EA 374 9.02 30.01 24.84
N LEU EA 375 9.23 28.89 25.54
CA LEU EA 375 8.20 28.20 26.29
C LEU EA 375 8.55 28.17 27.76
N THR EA 376 7.58 28.45 28.63
CA THR EA 376 7.76 28.25 30.07
C THR EA 376 7.08 26.96 30.55
N GLY EA 377 7.30 26.62 31.81
CA GLY EA 377 6.65 25.46 32.45
C GLY EA 377 6.62 24.20 31.60
N VAL EA 378 7.80 23.72 31.23
CA VAL EA 378 7.94 22.49 30.44
C VAL EA 378 8.35 21.34 31.36
N LYS EA 379 7.83 20.15 31.08
CA LYS EA 379 8.04 18.96 31.90
C LYS EA 379 8.50 17.77 31.02
N PRO EA 380 9.11 16.73 31.64
CA PRO EA 380 9.73 15.60 30.89
C PRO EA 380 8.80 14.74 30.02
N ASP EA 381 7.50 14.76 30.28
CA ASP EA 381 6.54 13.92 29.53
C ASP EA 381 6.34 14.36 28.08
N MET EA 382 6.58 15.65 27.80
CA MET EA 382 6.37 16.24 26.47
C MET EA 382 7.38 15.75 25.42
N ASP EA 383 7.10 16.03 24.14
CA ASP EA 383 7.96 15.60 23.03
C ASP EA 383 9.37 16.18 23.05
N VAL EA 384 9.48 17.50 23.25
CA VAL EA 384 10.77 18.21 23.21
C VAL EA 384 11.80 17.68 24.23
N ALA EA 385 11.32 17.02 25.27
CA ALA EA 385 12.18 16.36 26.24
C ALA EA 385 12.86 15.13 25.63
N LYS EA 386 12.27 14.58 24.57
CA LYS EA 386 12.77 13.34 23.95
C LYS EA 386 13.04 13.43 22.43
N GLU EA 387 13.03 14.64 21.86
CA GLU EA 387 13.23 14.81 20.42
C GLU EA 387 13.89 16.13 20.03
N GLU EA 388 14.79 16.07 19.07
CA GLU EA 388 15.48 17.28 18.57
C GLU EA 388 14.56 18.11 17.68
N THR EA 389 14.32 19.34 18.12
CA THR EA 389 13.40 20.26 17.45
C THR EA 389 13.90 20.74 16.09
N PHE EA 390 15.20 21.03 16.01
CA PHE EA 390 15.81 21.59 14.80
C PHE EA 390 15.11 22.85 14.31
N GLY EA 391 14.76 23.72 15.27
CA GLY EA 391 14.06 24.97 14.99
C GLY EA 391 14.17 25.88 16.20
N PRO EA 392 13.83 27.18 16.05
CA PRO EA 392 14.06 28.20 17.09
C PRO EA 392 13.18 28.10 18.35
N LEU EA 393 13.19 26.94 18.98
CA LEU EA 393 12.39 26.72 20.20
C LEU EA 393 13.27 26.59 21.47
N ALA EA 394 13.01 27.47 22.42
CA ALA EA 394 13.72 27.46 23.70
C ALA EA 394 12.81 27.00 24.84
N PRO EA 395 12.77 25.68 25.12
CA PRO EA 395 11.93 25.12 26.18
C PRO EA 395 12.65 25.05 27.52
N LEU EA 396 12.12 25.74 28.52
CA LEU EA 396 12.83 25.89 29.80
C LEU EA 396 12.24 24.98 30.87
N PHE EA 397 12.87 23.84 31.07
CA PHE EA 397 12.54 22.93 32.17
C PHE EA 397 13.03 23.54 33.48
N ARG EA 398 12.70 22.87 34.58
CA ARG EA 398 12.90 23.40 35.93
C ARG EA 398 13.51 22.32 36.82
N PHE EA 399 14.50 22.67 37.64
CA PHE EA 399 15.11 21.69 38.56
C PHE EA 399 15.45 22.26 39.94
N ALA EA 400 15.41 21.39 40.95
CA ALA EA 400 15.61 21.82 42.33
C ALA EA 400 17.02 21.55 42.83
N SER EA 401 17.59 20.42 42.42
CA SER EA 401 18.89 19.96 42.94
C SER EA 401 19.79 19.31 41.87
N GLU EA 402 21.03 19.02 42.28
CA GLU EA 402 22.06 18.47 41.43
C GLU EA 402 21.75 17.01 41.06
N GLU EA 403 21.57 16.17 42.08
CA GLU EA 403 21.22 14.75 41.91
C GLU EA 403 20.03 14.56 40.96
N GLU EA 404 19.14 15.55 40.95
CA GLU EA 404 17.96 15.57 40.09
C GLU EA 404 18.34 15.91 38.65
N LEU EA 405 19.19 16.92 38.50
CA LEU EA 405 19.58 17.45 37.18
C LEU EA 405 20.41 16.49 36.35
N VAL EA 406 21.36 15.81 37.00
CA VAL EA 406 22.20 14.79 36.38
C VAL EA 406 21.34 13.69 35.76
N ARG EA 407 20.42 13.15 36.55
CA ARG EA 407 19.48 12.12 36.13
C ARG EA 407 18.61 12.62 34.97
N LEU EA 408 18.17 13.87 35.05
CA LEU EA 408 17.32 14.49 34.02
C LEU EA 408 18.02 14.73 32.69
N ALA EA 409 19.25 15.23 32.77
CA ALA EA 409 20.06 15.53 31.59
C ALA EA 409 20.53 14.26 30.90
N ASN EA 410 20.86 13.24 31.70
CA ASN EA 410 21.28 11.94 31.19
C ASN EA 410 20.11 11.05 30.78
N ASP EA 411 18.88 11.48 31.08
CA ASP EA 411 17.70 10.66 30.78
C ASP EA 411 17.27 10.74 29.32
N THR EA 412 18.17 10.31 28.44
CA THR EA 412 17.95 10.25 27.00
C THR EA 412 18.93 9.24 26.39
N GLU EA 413 18.60 8.72 25.21
CA GLU EA 413 19.48 7.78 24.52
C GLU EA 413 20.67 8.49 23.84
N PHE EA 414 20.65 9.82 23.81
CA PHE EA 414 21.64 10.59 23.05
C PHE EA 414 22.71 11.26 23.92
N GLY EA 415 23.80 11.68 23.30
CA GLY EA 415 24.86 12.37 24.04
C GLY EA 415 25.93 13.09 23.24
N LEU EA 416 25.51 14.03 22.39
CA LEU EA 416 26.46 14.81 21.59
C LEU EA 416 26.99 15.99 22.39
N ALA EA 417 26.34 17.15 22.23
CA ALA EA 417 26.74 18.35 22.94
C ALA EA 417 25.93 18.54 24.23
N ALA EA 418 26.52 19.29 25.17
CA ALA EA 418 25.86 19.73 26.40
C ALA EA 418 26.50 21.05 26.85
N TYR EA 419 25.72 21.90 27.51
CA TYR EA 419 26.22 23.20 27.96
C TYR EA 419 25.91 23.41 29.43
N LEU EA 420 26.84 24.06 30.13
CA LEU EA 420 26.80 24.17 31.59
C LEU EA 420 27.26 25.55 32.09
N TYR EA 421 26.41 26.20 32.88
CA TYR EA 421 26.69 27.52 33.45
C TYR EA 421 26.60 27.56 34.96
N SER EA 422 27.77 27.64 35.60
CA SER EA 422 27.92 27.72 37.05
C SER EA 422 29.28 28.31 37.33
N ARG EA 423 29.39 28.98 38.48
CA ARG EA 423 30.59 29.72 38.85
C ARG EA 423 31.49 28.90 39.78
N ASP EA 424 30.92 27.93 40.48
CA ASP EA 424 31.66 27.14 41.45
C ASP EA 424 32.52 26.08 40.77
N ILE EA 425 33.83 26.21 40.96
CA ILE EA 425 34.82 25.30 40.38
C ILE EA 425 34.53 23.82 40.73
N GLY EA 426 34.01 23.58 41.93
CA GLY EA 426 33.72 22.22 42.39
C GLY EA 426 32.46 21.65 41.76
N ARG EA 427 31.50 22.53 41.48
CA ARG EA 427 30.23 22.14 40.87
C ARG EA 427 30.44 21.84 39.38
N VAL EA 428 30.95 22.83 38.66
CA VAL EA 428 31.27 22.69 37.25
C VAL EA 428 31.92 21.33 37.00
N TRP EA 429 32.82 20.93 37.89
CA TRP EA 429 33.57 19.69 37.67
C TRP EA 429 32.81 18.42 38.01
N ARG EA 430 32.07 18.40 39.11
CA ARG EA 430 31.22 17.23 39.46
C ARG EA 430 30.23 16.93 38.32
N VAL EA 431 29.55 17.97 37.86
CA VAL EA 431 28.53 17.86 36.82
C VAL EA 431 29.12 17.41 35.47
N ALA EA 432 30.19 18.08 35.01
CA ALA EA 432 30.78 17.79 33.71
C ALA EA 432 31.26 16.35 33.57
N GLU EA 433 31.76 15.78 34.66
CA GLU EA 433 32.19 14.38 34.69
C GLU EA 433 31.01 13.38 34.73
N ALA EA 434 29.92 13.77 35.39
CA ALA EA 434 28.73 12.93 35.44
C ALA EA 434 27.96 12.98 34.13
N LEU EA 435 28.00 14.13 33.46
CA LEU EA 435 27.32 14.32 32.18
C LEU EA 435 27.81 13.33 31.13
N GLU EA 436 26.90 12.47 30.68
CA GLU EA 436 27.25 11.50 29.64
C GLU EA 436 27.11 12.13 28.25
N TYR EA 437 28.06 13.00 27.93
CA TYR EA 437 28.08 13.69 26.65
C TYR EA 437 29.50 13.66 26.10
N GLY EA 438 29.64 14.01 24.83
CA GLY EA 438 30.94 14.00 24.17
C GLY EA 438 31.61 15.34 24.35
N MET EA 439 30.83 16.40 24.18
CA MET EA 439 31.31 17.76 24.27
C MET EA 439 30.50 18.49 25.31
N VAL EA 440 31.19 19.23 26.17
CA VAL EA 440 30.55 20.03 27.21
C VAL EA 440 31.08 21.46 27.21
N GLY EA 441 30.20 22.41 26.89
CA GLY EA 441 30.48 23.84 27.08
C GLY EA 441 30.43 24.20 28.55
N ILE EA 442 31.35 25.07 28.97
CA ILE EA 442 31.42 25.57 30.35
C ILE EA 442 31.44 27.09 30.32
N ASN EA 443 30.36 27.70 30.80
CA ASN EA 443 30.17 29.16 30.75
C ASN EA 443 30.31 29.78 29.36
N THR EA 444 30.05 28.99 28.31
CA THR EA 444 29.93 29.48 26.94
C THR EA 444 28.96 28.61 26.12
N GLY EA 445 28.50 29.14 25.00
CA GLY EA 445 27.50 28.46 24.16
C GLY EA 445 28.02 28.01 22.81
N LEU EA 446 29.27 28.40 22.51
CA LEU EA 446 29.94 27.99 21.28
C LEU EA 446 31.19 27.19 21.64
N ILE EA 447 31.30 25.99 21.10
CA ILE EA 447 32.35 25.06 21.51
C ILE EA 447 33.15 24.48 20.35
N SER EA 448 32.59 24.59 19.14
CA SER EA 448 33.17 23.99 17.96
C SER EA 448 34.36 24.78 17.41
N ASN EA 449 35.42 24.06 17.11
CA ASN EA 449 36.63 24.55 16.43
C ASN EA 449 37.39 23.38 15.80
N GLU EA 450 38.44 23.68 15.07
CA GLU EA 450 39.16 22.65 14.32
C GLU EA 450 40.09 21.80 15.19
N VAL EA 451 40.45 22.35 16.35
CA VAL EA 451 41.49 21.75 17.19
C VAL EA 451 40.91 20.86 18.30
N ALA EA 452 39.58 20.90 18.42
CA ALA EA 452 38.87 20.08 19.40
C ALA EA 452 38.22 18.83 18.78
N PRO EA 453 38.30 17.68 19.49
CA PRO EA 453 37.68 16.43 19.04
C PRO EA 453 36.16 16.47 19.17
N PHE EA 454 35.49 16.29 18.04
CA PHE EA 454 34.08 16.56 17.88
C PHE EA 454 33.34 15.25 17.66
N GLY EA 455 32.39 14.94 18.52
CA GLY EA 455 31.64 13.69 18.43
C GLY EA 455 30.78 13.42 19.64
N GLY EA 456 30.06 12.29 19.61
CA GLY EA 456 29.11 11.98 20.67
C GLY EA 456 29.32 10.64 21.33
N VAL EA 457 28.62 10.44 22.44
CA VAL EA 457 28.54 9.13 23.09
C VAL EA 457 27.12 8.55 22.96
N LYS EA 458 26.95 7.30 23.38
CA LYS EA 458 25.64 6.61 23.36
C LYS EA 458 25.08 6.55 21.92
N GLN EA 459 23.83 6.96 21.70
CA GLN EA 459 23.29 6.93 20.34
C GLN EA 459 23.69 8.14 19.51
N SER EA 460 24.65 8.92 20.00
CA SER EA 460 25.15 10.07 19.26
C SER EA 460 26.30 9.71 18.31
N GLY EA 461 26.84 8.50 18.44
CA GLY EA 461 27.79 7.98 17.45
C GLY EA 461 29.10 7.36 17.91
N LEU EA 462 30.06 7.30 16.99
CA LEU EA 462 31.35 6.64 17.22
C LEU EA 462 32.47 7.39 16.47
N GLY EA 463 33.61 7.54 17.13
CA GLY EA 463 34.76 8.23 16.54
C GLY EA 463 34.71 9.74 16.73
N ARG EA 464 35.81 10.40 16.36
CA ARG EA 464 35.96 11.86 16.54
C ARG EA 464 36.46 12.59 15.29
N GLU EA 465 36.13 13.87 15.19
CA GLU EA 465 36.60 14.73 14.10
C GLU EA 465 37.28 15.99 14.63
N GLY EA 466 38.32 16.44 13.90
CA GLY EA 466 39.12 17.57 14.33
C GLY EA 466 40.21 17.08 15.27
N SER EA 467 41.11 17.99 15.66
CA SER EA 467 42.30 17.68 16.45
C SER EA 467 43.16 16.59 15.78
N HIS EA 468 44.15 16.09 16.50
CA HIS EA 468 44.94 14.96 16.00
C HIS EA 468 44.15 13.65 16.00
N TYR EA 469 43.07 13.59 16.78
CA TYR EA 469 42.15 12.45 16.82
C TYR EA 469 41.44 12.26 15.48
N GLY EA 470 41.16 13.37 14.79
CA GLY EA 470 40.45 13.36 13.51
C GLY EA 470 41.05 12.50 12.41
N ILE EA 471 42.39 12.42 12.38
CA ILE EA 471 43.09 11.72 11.28
C ILE EA 471 43.38 10.23 11.56
N ASP EA 472 43.20 9.80 12.81
CA ASP EA 472 43.48 8.41 13.19
C ASP EA 472 42.48 7.43 12.59
N ASP EA 473 41.23 7.85 12.46
CA ASP EA 473 40.19 6.97 11.90
C ASP EA 473 40.41 6.69 10.41
N TYR EA 474 41.29 7.49 9.79
CA TYR EA 474 41.58 7.40 8.36
C TYR EA 474 42.90 6.69 8.07
N VAL EA 475 43.54 6.16 9.11
CA VAL EA 475 44.74 5.36 8.91
C VAL EA 475 44.63 4.06 9.64
N VAL EA 476 45.50 3.14 9.25
CA VAL EA 476 45.50 1.79 9.76
C VAL EA 476 46.88 1.51 10.36
N ILE EA 477 46.90 0.77 11.45
CA ILE EA 477 48.17 0.56 12.13
C ILE EA 477 48.81 -0.76 11.71
N LYS EA 478 50.11 -0.73 11.47
CA LYS EA 478 50.86 -1.92 11.07
C LYS EA 478 51.98 -2.20 12.07
N TYR EA 479 52.06 -3.45 12.50
CA TYR EA 479 53.06 -3.86 13.47
C TYR EA 479 54.14 -4.67 12.76
N LEU EA 480 55.39 -4.21 12.84
CA LEU EA 480 56.53 -4.95 12.30
C LEU EA 480 57.34 -5.60 13.42
N CYS EA 481 57.43 -6.93 13.41
CA CYS EA 481 58.20 -7.66 14.40
C CYS EA 481 59.50 -8.10 13.76
N VAL EA 482 60.56 -7.38 14.09
CA VAL EA 482 61.86 -7.53 13.44
C VAL EA 482 62.76 -8.44 14.26
N ALA EA 483 63.16 -9.55 13.67
CA ALA EA 483 64.17 -10.44 14.26
C ALA EA 483 65.51 -9.76 14.18
N VAL EA 484 66.18 -9.62 15.31
CA VAL EA 484 67.51 -9.01 15.38
C VAL EA 484 68.37 -9.76 16.38
N GLY FA 3 73.62 44.90 -4.33
CA GLY FA 3 74.45 45.18 -5.54
C GLY FA 3 74.29 44.15 -6.66
N SER FA 4 74.42 42.88 -6.31
CA SER FA 4 74.18 41.78 -7.24
C SER FA 4 72.75 41.22 -7.08
N MET FA 5 71.83 42.07 -6.62
CA MET FA 5 70.53 41.62 -6.11
C MET FA 5 69.34 42.46 -6.57
N LYS FA 6 68.17 41.81 -6.67
CA LYS FA 6 66.91 42.49 -6.98
C LYS FA 6 66.45 43.42 -5.84
N ASP FA 7 66.83 43.09 -4.61
CA ASP FA 7 66.44 43.89 -3.44
C ASP FA 7 67.65 44.15 -2.51
N PRO FA 8 68.50 45.13 -2.87
CA PRO FA 8 69.75 45.38 -2.18
C PRO FA 8 69.59 45.81 -0.72
N SER FA 9 68.35 46.09 -0.31
CA SER FA 9 68.09 46.48 1.08
C SER FA 9 67.87 45.27 2.00
N LEU FA 10 68.13 44.08 1.47
CA LEU FA 10 68.21 42.89 2.30
C LEU FA 10 69.61 42.81 2.90
N LEU FA 11 70.57 43.51 2.29
CA LEU FA 11 71.90 43.61 2.84
C LEU FA 11 71.97 44.78 3.81
N ARG FA 12 71.88 44.48 5.10
CA ARG FA 12 71.85 45.47 6.16
C ARG FA 12 73.23 45.69 6.77
N HIS FA 13 73.45 46.87 7.35
CA HIS FA 13 74.73 47.20 8.00
C HIS FA 13 74.47 47.77 9.39
N GLN FA 14 73.30 47.46 9.93
CA GLN FA 14 72.92 47.82 11.28
C GLN FA 14 72.31 46.62 11.99
N ALA FA 15 72.34 46.63 13.32
CA ALA FA 15 71.69 45.60 14.12
C ALA FA 15 70.20 45.89 14.27
N TYR FA 16 69.43 44.86 14.55
CA TYR FA 16 68.00 45.02 14.76
C TYR FA 16 67.75 44.85 16.26
N ILE FA 17 67.45 45.95 16.94
CA ILE FA 17 67.27 45.91 18.40
C ILE FA 17 65.85 46.35 18.73
N GLY FA 18 65.03 45.38 19.15
CA GLY FA 18 63.64 45.62 19.53
C GLY FA 18 62.83 46.45 18.56
N GLY FA 19 63.03 46.23 17.26
CA GLY FA 19 62.23 46.90 16.25
C GLY FA 19 62.90 47.99 15.44
N GLU FA 20 64.02 48.52 15.95
CA GLU FA 20 64.78 49.58 15.28
C GLU FA 20 66.10 49.08 14.71
N TRP FA 21 66.49 49.64 13.56
CA TRP FA 21 67.81 49.38 12.99
C TRP FA 21 68.83 50.35 13.55
N GLN FA 22 69.79 49.79 14.30
CA GLN FA 22 70.69 50.62 15.11
C GLN FA 22 72.16 50.37 14.86
N ALA FA 23 72.97 51.39 15.14
CA ALA FA 23 74.41 51.28 15.17
C ALA FA 23 74.84 51.01 16.62
N ALA FA 24 76.11 50.70 16.82
CA ALA FA 24 76.64 50.49 18.16
C ALA FA 24 76.52 51.77 18.98
N ASP FA 25 76.35 51.63 20.30
CA ASP FA 25 76.32 52.74 21.25
C ASP FA 25 77.53 53.65 21.13
N SER FA 26 78.63 53.09 20.62
CA SER FA 26 79.88 53.83 20.49
C SER FA 26 80.26 54.01 19.02
N ASP FA 27 79.31 53.70 18.13
CA ASP FA 27 79.49 53.78 16.67
C ASP FA 27 80.62 52.88 16.12
N ALA FA 28 81.17 52.03 16.98
CA ALA FA 28 82.17 51.04 16.59
C ALA FA 28 81.62 50.09 15.53
N THR FA 29 82.47 49.69 14.60
CA THR FA 29 82.10 48.76 13.55
C THR FA 29 83.20 47.73 13.33
N PHE FA 30 82.87 46.65 12.62
CA PHE FA 30 83.88 45.78 12.05
C PHE FA 30 83.47 45.32 10.66
N GLU FA 31 84.46 44.88 9.89
CA GLU FA 31 84.25 44.62 8.47
C GLU FA 31 84.05 43.15 8.17
N VAL FA 32 83.28 42.87 7.13
CA VAL FA 32 83.02 41.50 6.70
C VAL FA 32 83.64 41.29 5.33
N PHE FA 33 84.36 40.18 5.19
CA PHE FA 33 85.06 39.86 3.96
C PHE FA 33 84.48 38.64 3.27
N ASP FA 34 84.50 38.69 1.95
CA ASP FA 34 84.19 37.53 1.11
C ASP FA 34 85.34 36.55 1.33
N PRO FA 35 85.01 35.30 1.70
CA PRO FA 35 86.07 34.32 1.98
C PRO FA 35 86.71 33.72 0.71
N ALA FA 36 86.12 34.00 -0.45
CA ALA FA 36 86.63 33.50 -1.73
C ALA FA 36 87.53 34.49 -2.44
N THR FA 37 87.24 35.78 -2.30
CA THR FA 37 87.94 36.82 -3.05
C THR FA 37 88.70 37.77 -2.17
N GLY FA 38 88.31 37.83 -0.89
CA GLY FA 38 88.97 38.70 0.08
C GLY FA 38 88.47 40.13 0.12
N GLU FA 39 87.64 40.52 -0.86
CA GLU FA 39 87.16 41.90 -0.93
C GLU FA 39 86.14 42.27 0.17
N SER FA 40 85.97 43.57 0.39
CA SER FA 40 85.13 44.05 1.48
C SER FA 40 83.67 44.04 1.11
N LEU FA 41 82.85 43.51 2.00
CA LEU FA 41 81.41 43.42 1.81
C LEU FA 41 80.69 44.42 2.72
N GLY FA 42 81.48 45.32 3.31
CA GLY FA 42 80.95 46.42 4.14
C GLY FA 42 81.22 46.26 5.62
N THR FA 43 80.51 47.04 6.44
CA THR FA 43 80.63 46.97 7.91
C THR FA 43 79.34 46.56 8.62
N VAL FA 44 79.47 46.16 9.88
CA VAL FA 44 78.35 45.90 10.79
C VAL FA 44 78.70 46.44 12.17
N PRO FA 45 77.70 46.71 13.02
CA PRO FA 45 77.98 47.27 14.34
C PRO FA 45 78.81 46.34 15.22
N LYS FA 46 79.63 46.92 16.09
CA LYS FA 46 80.31 46.14 17.12
C LYS FA 46 79.77 46.52 18.49
N MET FA 47 78.73 45.81 18.92
CA MET FA 47 78.04 46.10 20.17
C MET FA 47 78.55 45.23 21.29
N GLY FA 48 78.17 45.58 22.52
CA GLY FA 48 78.58 44.81 23.69
C GLY FA 48 77.43 44.51 24.62
N ALA FA 49 77.67 44.66 25.91
CA ALA FA 49 76.67 44.41 26.95
C ALA FA 49 75.50 45.39 26.88
N ALA FA 50 75.81 46.67 26.67
CA ALA FA 50 74.81 47.73 26.75
C ALA FA 50 73.64 47.52 25.79
N GLU FA 51 73.94 47.32 24.52
CA GLU FA 51 72.91 47.14 23.53
C GLU FA 51 72.21 45.79 23.72
N THR FA 52 72.99 44.78 24.11
CA THR FA 52 72.46 43.45 24.34
C THR FA 52 71.46 43.49 25.49
N ALA FA 53 71.75 44.24 26.53
CA ALA FA 53 70.81 44.40 27.65
C ALA FA 53 69.51 45.09 27.20
N ARG FA 54 69.63 46.11 26.35
CA ARG FA 54 68.45 46.78 25.79
C ARG FA 54 67.55 45.79 25.05
N ALA FA 55 68.16 44.96 24.22
CA ALA FA 55 67.43 43.97 23.42
C ALA FA 55 66.75 42.93 24.30
N ILE FA 56 67.42 42.51 25.37
CA ILE FA 56 66.84 41.58 26.33
C ILE FA 56 65.63 42.21 27.01
N GLU FA 57 65.78 43.46 27.48
CA GLU FA 57 64.66 44.19 28.07
C GLU FA 57 63.53 44.44 27.08
N ALA FA 58 63.88 44.68 25.81
CA ALA FA 58 62.88 44.82 24.76
C ALA FA 58 62.13 43.52 24.58
N ALA FA 59 62.85 42.40 24.61
CA ALA FA 59 62.23 41.09 24.55
C ALA FA 59 61.20 40.89 25.68
N GLN FA 60 61.51 41.44 26.86
CA GLN FA 60 60.65 41.29 28.03
C GLN FA 60 59.36 42.11 27.92
N ALA FA 61 59.47 43.35 27.44
CA ALA FA 61 58.30 44.21 27.21
C ALA FA 61 57.34 43.63 26.17
N ALA FA 62 57.89 43.08 25.09
CA ALA FA 62 57.10 42.46 24.02
C ALA FA 62 56.42 41.14 24.40
N TRP FA 63 57.02 40.41 25.33
CA TRP FA 63 56.53 39.07 25.67
C TRP FA 63 55.02 38.97 25.94
N ALA FA 64 54.53 39.70 26.95
CA ALA FA 64 53.12 39.61 27.37
C ALA FA 64 52.16 39.71 26.19
N GLY FA 65 52.33 40.75 25.37
CA GLY FA 65 51.54 40.94 24.15
C GLY FA 65 51.64 39.77 23.19
N TRP FA 66 52.86 39.29 22.98
CA TRP FA 66 53.12 38.20 22.03
C TRP FA 66 52.48 36.88 22.47
N ARG FA 67 52.62 36.53 23.74
CA ARG FA 67 52.05 35.29 24.24
C ARG FA 67 50.53 35.35 24.32
N MET FA 68 49.98 36.56 24.27
CA MET FA 68 48.55 36.77 24.41
C MET FA 68 47.82 36.37 23.14
N LYS FA 69 48.53 36.42 22.02
CA LYS FA 69 48.03 35.91 20.74
C LYS FA 69 47.80 34.40 20.81
N THR FA 70 46.84 33.90 20.02
CA THR FA 70 46.65 32.46 19.87
C THR FA 70 47.76 31.89 19.00
N ALA FA 71 47.97 30.58 19.12
CA ALA FA 71 48.91 29.85 18.29
C ALA FA 71 48.66 30.13 16.80
N LYS FA 72 47.39 30.07 16.39
CA LYS FA 72 46.93 30.37 15.03
C LYS FA 72 47.37 31.75 14.57
N GLU FA 73 47.24 32.74 15.47
CA GLU FA 73 47.61 34.11 15.18
C GLU FA 73 49.11 34.28 15.03
N ARG FA 74 49.90 33.60 15.88
CA ARG FA 74 51.36 33.62 15.75
C ARG FA 74 51.78 32.85 14.51
N ALA FA 75 51.07 31.76 14.23
CA ALA FA 75 51.32 30.98 13.03
C ALA FA 75 51.12 31.83 11.78
N ALA FA 76 50.16 32.75 11.81
CA ALA FA 76 49.86 33.61 10.65
C ALA FA 76 51.06 34.47 10.27
N ILE FA 77 51.68 35.07 11.28
CA ILE FA 77 52.85 35.92 11.11
C ILE FA 77 54.06 35.10 10.61
N LEU FA 78 54.31 33.96 11.24
CA LEU FA 78 55.40 33.06 10.86
C LEU FA 78 55.25 32.51 9.45
N ARG FA 79 54.02 32.20 9.06
CA ARG FA 79 53.77 31.76 7.70
C ARG FA 79 54.03 32.87 6.67
N ARG FA 80 53.69 34.11 7.00
CA ARG FA 80 54.01 35.23 6.10
C ARG FA 80 55.52 35.43 5.99
N TRP FA 81 56.22 35.18 7.08
CA TRP FA 81 57.68 35.26 7.10
C TRP FA 81 58.28 34.16 6.22
N PHE FA 82 57.67 32.98 6.27
CA PHE FA 82 58.05 31.84 5.46
C PHE FA 82 57.88 32.15 3.97
N ASP FA 83 56.74 32.76 3.64
CA ASP FA 83 56.45 33.20 2.28
C ASP FA 83 57.49 34.19 1.78
N LEU FA 84 57.86 35.16 2.60
CA LEU FA 84 58.88 36.13 2.23
C LEU FA 84 60.28 35.52 2.09
N VAL FA 85 60.56 34.45 2.85
CA VAL FA 85 61.81 33.73 2.69
C VAL FA 85 61.83 32.95 1.35
N ILE FA 86 60.72 32.31 1.01
CA ILE FA 86 60.55 31.64 -0.28
C ILE FA 86 60.62 32.63 -1.47
N ALA FA 87 59.92 33.75 -1.36
CA ALA FA 87 59.88 34.74 -2.43
C ALA FA 87 61.22 35.42 -2.68
N ASN FA 88 62.02 35.57 -1.62
CA ASN FA 88 63.33 36.23 -1.70
C ASN FA 88 64.50 35.24 -1.66
N SER FA 89 64.24 33.98 -1.97
CA SER FA 89 65.25 32.93 -1.82
C SER FA 89 66.51 33.16 -2.65
N ASP FA 90 66.33 33.59 -3.90
CA ASP FA 90 67.46 33.85 -4.81
C ASP FA 90 68.45 34.88 -4.28
N ASP FA 91 67.93 35.97 -3.75
CA ASP FA 91 68.75 37.03 -3.14
C ASP FA 91 69.36 36.55 -1.84
N LEU FA 92 68.56 35.89 -1.02
CA LEU FA 92 69.04 35.34 0.26
C LEU FA 92 70.17 34.34 0.04
N ALA FA 93 70.07 33.58 -1.05
CA ALA FA 93 71.08 32.59 -1.41
C ALA FA 93 72.38 33.23 -1.86
N LEU FA 94 72.30 34.44 -2.40
CA LEU FA 94 73.49 35.13 -2.88
C LEU FA 94 74.21 35.85 -1.75
N ILE FA 95 73.45 36.39 -0.79
CA ILE FA 95 74.04 36.98 0.42
C ILE FA 95 74.87 35.92 1.13
N LEU FA 96 74.30 34.72 1.23
CA LEU FA 96 74.93 33.58 1.88
C LEU FA 96 76.26 33.19 1.23
N THR FA 97 76.22 32.87 -0.07
CA THR FA 97 77.42 32.49 -0.82
C THR FA 97 78.54 33.52 -0.67
N THR FA 98 78.18 34.78 -0.86
CA THR FA 98 79.13 35.87 -0.79
C THR FA 98 79.84 35.94 0.56
N GLU FA 99 79.10 35.78 1.66
CA GLU FA 99 79.68 35.95 2.99
C GLU FA 99 80.23 34.65 3.58
N GLN FA 100 79.73 33.51 3.10
CA GLN FA 100 80.09 32.22 3.69
C GLN FA 100 81.00 31.38 2.80
N GLY FA 101 80.72 31.35 1.51
CA GLY FA 101 81.58 30.64 0.56
C GLY FA 101 80.89 29.50 -0.18
N LYS FA 102 79.91 28.88 0.46
CA LYS FA 102 79.27 27.72 -0.16
C LYS FA 102 78.67 28.02 -1.55
N PRO FA 103 78.74 27.03 -2.46
CA PRO FA 103 78.20 27.17 -3.82
C PRO FA 103 76.72 27.56 -3.79
N LEU FA 104 76.31 28.44 -4.71
CA LEU FA 104 74.92 28.89 -4.78
C LEU FA 104 73.90 27.79 -4.59
N ALA FA 105 74.11 26.64 -5.23
CA ALA FA 105 73.16 25.53 -5.18
C ALA FA 105 72.96 25.04 -3.75
N GLU FA 106 74.05 25.01 -2.99
CA GLU FA 106 73.99 24.66 -1.58
C GLU FA 106 73.25 25.74 -0.78
N ALA FA 107 73.52 26.99 -1.12
CA ALA FA 107 72.88 28.15 -0.49
C ALA FA 107 71.37 28.16 -0.73
N LYS FA 108 70.96 27.84 -1.95
CA LYS FA 108 69.54 27.73 -2.26
C LYS FA 108 68.90 26.55 -1.52
N GLY FA 109 69.69 25.50 -1.32
CA GLY FA 109 69.27 24.35 -0.54
C GLY FA 109 69.08 24.75 0.91
N GLU FA 110 70.04 25.49 1.45
CA GLU FA 110 69.95 25.95 2.83
C GLU FA 110 68.73 26.84 3.06
N ILE FA 111 68.45 27.74 2.12
CA ILE FA 111 67.34 28.69 2.25
C ILE FA 111 66.00 27.96 2.25
N ALA FA 112 65.85 26.96 1.38
CA ALA FA 112 64.66 26.10 1.38
C ALA FA 112 64.53 25.33 2.69
N TYR FA 113 65.67 24.92 3.23
CA TYR FA 113 65.77 24.15 4.46
C TYR FA 113 65.37 25.04 5.64
N ALA FA 114 65.97 26.23 5.70
CA ALA FA 114 65.65 27.22 6.72
C ALA FA 114 64.16 27.56 6.69
N ALA FA 115 63.65 27.85 5.50
CA ALA FA 115 62.25 28.13 5.32
C ALA FA 115 61.37 26.98 5.82
N SER FA 116 61.83 25.74 5.66
CA SER FA 116 61.04 24.59 6.06
C SER FA 116 60.86 24.52 7.57
N PHE FA 117 61.85 25.01 8.32
CA PHE FA 117 61.76 25.09 9.78
C PHE FA 117 60.73 26.12 10.27
N ILE FA 118 60.60 27.23 9.54
CA ILE FA 118 59.62 28.26 9.91
C ILE FA 118 58.21 27.72 9.74
N GLU FA 119 57.93 27.17 8.56
CA GLU FA 119 56.67 26.47 8.30
C GLU FA 119 56.43 25.35 9.32
N TRP FA 120 57.45 24.52 9.55
CA TRP FA 120 57.31 23.46 10.52
C TRP FA 120 56.78 23.99 11.86
N PHE FA 121 57.51 24.93 12.45
CA PHE FA 121 57.20 25.38 13.82
C PHE FA 121 55.95 26.25 13.93
N ALA FA 122 55.64 27.05 12.91
CA ALA FA 122 54.34 27.67 12.85
C ALA FA 122 53.29 26.61 13.22
N GLU FA 123 53.35 25.48 12.54
CA GLU FA 123 52.40 24.38 12.74
C GLU FA 123 52.49 23.72 14.12
N GLU FA 124 53.70 23.58 14.65
CA GLU FA 124 53.90 23.02 16.01
C GLU FA 124 53.29 23.88 17.10
N GLY FA 125 53.36 25.20 16.93
CA GLY FA 125 52.81 26.15 17.89
C GLY FA 125 51.38 25.81 18.22
N LYS FA 126 50.64 25.30 17.23
CA LYS FA 126 49.24 24.93 17.40
C LYS FA 126 49.01 23.52 17.97
N ARG FA 127 50.11 22.86 18.34
CA ARG FA 127 50.06 21.48 18.80
C ARG FA 127 50.85 21.22 20.09
N VAL FA 128 51.36 22.28 20.71
CA VAL FA 128 51.95 22.19 22.03
C VAL FA 128 50.87 21.67 22.97
N ALA FA 129 51.07 20.46 23.49
CA ALA FA 129 49.99 19.76 24.17
C ALA FA 129 50.32 19.27 25.58
N GLY FA 130 49.34 19.38 26.48
CA GLY FA 130 49.48 18.89 27.84
C GLY FA 130 48.80 17.56 28.08
N ASP FA 131 48.50 17.29 29.35
CA ASP FA 131 47.99 15.99 29.78
C ASP FA 131 46.82 16.18 30.72
N THR FA 132 45.93 15.19 30.74
CA THR FA 132 45.00 14.99 31.84
C THR FA 132 45.17 13.54 32.24
N LEU FA 133 45.40 13.28 33.52
CA LEU FA 133 45.85 11.96 33.96
C LEU FA 133 44.94 11.34 35.03
N PRO FA 134 44.90 9.99 35.11
CA PRO FA 134 44.10 9.31 36.12
C PRO FA 134 44.71 9.53 37.48
N THR FA 135 43.94 10.19 38.34
CA THR FA 135 44.37 10.51 39.69
C THR FA 135 44.67 9.25 40.50
N PRO FA 136 45.63 9.35 41.44
CA PRO FA 136 45.80 8.30 42.44
C PRO FA 136 45.14 8.71 43.77
N ASP FA 137 44.31 9.75 43.72
CA ASP FA 137 43.60 10.28 44.90
C ASP FA 137 42.25 10.79 44.43
N ALA FA 138 41.19 10.10 44.86
CA ALA FA 138 39.81 10.35 44.37
C ALA FA 138 39.31 11.77 44.57
N ASN FA 139 39.94 12.51 45.47
CA ASN FA 139 39.52 13.87 45.77
C ASN FA 139 40.23 14.92 44.92
N LYS FA 140 41.17 14.46 44.10
CA LYS FA 140 41.98 15.35 43.29
C LYS FA 140 41.96 14.96 41.81
N ARG FA 141 42.00 15.97 40.94
CA ARG FA 141 42.12 15.76 39.49
C ARG FA 141 43.44 16.34 38.97
N ILE FA 142 44.08 15.63 38.04
CA ILE FA 142 45.41 16.04 37.56
C ILE FA 142 45.37 16.63 36.16
N VAL FA 143 45.87 17.85 36.03
CA VAL FA 143 45.88 18.59 34.76
C VAL FA 143 47.24 19.25 34.48
N VAL FA 144 47.93 18.77 33.45
CA VAL FA 144 49.22 19.33 33.01
C VAL FA 144 49.01 20.24 31.81
N VAL FA 145 49.44 21.50 31.94
CA VAL FA 145 49.45 22.44 30.81
C VAL FA 145 50.87 22.89 30.49
N LYS FA 146 51.02 23.57 29.35
CA LYS FA 146 52.32 24.08 28.92
C LYS FA 146 52.28 25.56 28.59
N GLU FA 147 53.39 26.24 28.85
CA GLU FA 147 53.46 27.69 28.68
C GLU FA 147 54.83 28.06 28.13
N PRO FA 148 54.93 29.22 27.45
CA PRO FA 148 56.24 29.69 27.01
C PRO FA 148 57.15 29.83 28.20
N ILE FA 149 58.45 29.59 28.01
CA ILE FA 149 59.42 29.70 29.09
C ILE FA 149 59.74 31.16 29.45
N GLY FA 150 59.71 32.02 28.45
CA GLY FA 150 60.04 33.43 28.67
C GLY FA 150 61.00 33.94 27.61
N VAL FA 151 61.89 34.83 28.02
CA VAL FA 151 62.86 35.43 27.10
C VAL FA 151 63.97 34.43 26.73
N CYS FA 152 64.10 34.19 25.44
CA CYS FA 152 65.12 33.29 24.93
C CYS FA 152 66.27 34.03 24.29
N ALA FA 153 67.41 33.36 24.22
CA ALA FA 153 68.54 33.83 23.46
C ALA FA 153 69.12 32.66 22.66
N ALA FA 154 69.79 33.00 21.56
CA ALA FA 154 70.39 32.00 20.69
C ALA FA 154 71.69 32.53 20.10
N ILE FA 155 72.74 31.72 20.20
CA ILE FA 155 74.03 32.02 19.57
C ILE FA 155 74.22 31.03 18.42
N THR FA 156 74.45 31.55 17.22
CA THR FA 156 74.50 30.74 16.02
C THR FA 156 75.86 30.79 15.32
N PRO FA 157 76.23 29.70 14.61
CA PRO FA 157 77.49 29.61 13.85
C PRO FA 157 77.43 30.11 12.39
N TRP FA 158 78.58 30.04 11.73
CA TRP FA 158 78.77 30.49 10.34
C TRP FA 158 78.50 29.44 9.25
N ASN FA 159 78.58 28.16 9.59
CA ASN FA 159 78.44 27.13 8.54
C ASN FA 159 77.08 27.13 7.88
N PHE FA 160 76.05 27.38 8.67
CA PHE FA 160 74.68 27.50 8.16
C PHE FA 160 74.02 28.76 8.70
N PRO FA 161 74.44 29.93 8.18
CA PRO FA 161 74.10 31.23 8.78
C PRO FA 161 72.63 31.64 8.64
N ALA FA 162 71.85 30.94 7.83
CA ALA FA 162 70.42 31.18 7.73
C ALA FA 162 69.63 30.13 8.50
N ALA FA 163 69.90 28.86 8.16
CA ALA FA 163 69.18 27.74 8.73
C ALA FA 163 69.25 27.69 10.25
N MET FA 164 70.39 28.09 10.81
CA MET FA 164 70.58 28.11 12.26
C MET FA 164 69.67 29.12 12.96
N ILE FA 165 69.46 30.28 12.33
CA ILE FA 165 68.54 31.27 12.86
C ILE FA 165 67.15 30.67 12.89
N ALA FA 166 66.73 30.07 11.78
CA ALA FA 166 65.39 29.51 11.66
C ALA FA 166 65.13 28.39 12.67
N ARG FA 167 66.13 27.56 12.91
CA ARG FA 167 66.01 26.41 13.82
C ARG FA 167 65.77 26.83 15.26
N LYS FA 168 66.09 28.09 15.55
CA LYS FA 168 66.03 28.61 16.91
C LYS FA 168 64.95 29.69 17.07
N VAL FA 169 64.88 30.62 16.12
CA VAL FA 169 63.83 31.63 16.11
C VAL FA 169 62.46 30.97 15.89
N GLY FA 170 62.43 30.00 14.99
CA GLY FA 170 61.20 29.27 14.69
C GLY FA 170 60.47 28.76 15.90
N PRO FA 171 61.07 27.82 16.66
CA PRO FA 171 60.33 27.25 17.78
C PRO FA 171 60.05 28.26 18.89
N ALA FA 172 60.99 29.17 19.14
CA ALA FA 172 60.83 30.18 20.20
C ALA FA 172 59.60 31.04 19.95
N LEU FA 173 59.52 31.64 18.76
CA LEU FA 173 58.36 32.46 18.41
C LEU FA 173 57.07 31.63 18.44
N ALA FA 174 57.15 30.39 17.96
CA ALA FA 174 55.99 29.49 17.94
C ALA FA 174 55.53 29.06 19.33
N ALA FA 175 56.45 29.05 20.29
CA ALA FA 175 56.13 28.66 21.67
C ALA FA 175 55.40 29.77 22.42
N GLY FA 176 55.70 31.01 22.07
CA GLY FA 176 55.11 32.19 22.73
C GLY FA 176 56.19 33.05 23.38
N CYS FA 177 57.42 32.92 22.86
CA CYS FA 177 58.59 33.58 23.44
C CYS FA 177 59.16 34.59 22.49
N PRO FA 178 59.73 35.67 23.02
CA PRO FA 178 60.58 36.52 22.22
C PRO FA 178 62.01 35.97 22.27
N ILE FA 179 62.89 36.50 21.44
CA ILE FA 179 64.25 35.96 21.31
C ILE FA 179 65.28 37.00 20.89
N VAL FA 180 66.48 36.86 21.46
CA VAL FA 180 67.61 37.68 21.09
C VAL FA 180 68.67 36.76 20.48
N VAL FA 181 69.18 37.15 19.31
CA VAL FA 181 70.10 36.31 18.54
C VAL FA 181 71.44 36.99 18.33
N LYS FA 182 72.55 36.28 18.61
CA LYS FA 182 73.88 36.75 18.20
C LYS FA 182 74.43 35.81 17.14
N PRO FA 183 74.39 36.24 15.86
CA PRO FA 183 74.87 35.43 14.76
C PRO FA 183 76.39 35.44 14.73
N ALA FA 184 76.98 34.58 13.90
CA ALA FA 184 78.43 34.52 13.77
C ALA FA 184 78.97 35.88 13.33
N GLU FA 185 80.13 36.25 13.84
CA GLU FA 185 80.74 37.51 13.45
C GLU FA 185 81.20 37.45 11.98
N SER FA 186 81.55 36.25 11.51
CA SER FA 186 82.01 36.07 10.13
C SER FA 186 80.89 36.09 9.11
N THR FA 187 79.66 35.77 9.52
CA THR FA 187 78.53 35.72 8.60
C THR FA 187 77.24 36.34 9.18
N PRO FA 188 77.24 37.66 9.45
CA PRO FA 188 76.10 38.25 10.15
C PRO FA 188 74.98 38.77 9.23
N PHE FA 189 75.20 38.77 7.92
CA PHE FA 189 74.23 39.37 7.00
C PHE FA 189 72.96 38.53 6.84
N SER FA 190 73.14 37.22 6.71
CA SER FA 190 72.01 36.31 6.52
C SER FA 190 70.99 36.40 7.65
N ALA FA 191 71.48 36.58 8.87
CA ALA FA 191 70.63 36.73 10.04
C ALA FA 191 69.81 38.03 9.98
N LEU FA 192 70.50 39.12 9.62
CA LEU FA 192 69.86 40.43 9.48
C LEU FA 192 68.83 40.45 8.36
N ALA FA 193 69.17 39.83 7.23
CA ALA FA 193 68.23 39.60 6.15
C ALA FA 193 66.93 38.96 6.65
N MET FA 194 67.06 37.93 7.49
CA MET FA 194 65.92 37.26 8.11
C MET FA 194 65.08 38.20 8.97
N ALA FA 195 65.76 39.08 9.71
CA ALA FA 195 65.08 39.98 10.63
C ALA FA 195 64.37 41.09 9.86
N PHE FA 196 64.99 41.53 8.77
CA PHE FA 196 64.40 42.53 7.90
C PHE FA 196 63.10 41.99 7.34
N LEU FA 197 63.12 40.72 6.97
CA LEU FA 197 61.92 40.06 6.45
C LEU FA 197 60.89 39.71 7.53
N ALA FA 198 61.35 39.52 8.76
CA ALA FA 198 60.45 39.33 9.90
C ALA FA 198 59.66 40.60 10.19
N GLU FA 199 60.29 41.75 10.00
CA GLU FA 199 59.65 43.05 10.16
C GLU FA 199 58.52 43.23 9.13
N ARG FA 200 58.76 42.82 7.87
CA ARG FA 200 57.75 42.87 6.81
C ARG FA 200 56.55 41.93 7.06
N ALA FA 201 56.81 40.81 7.74
CA ALA FA 201 55.78 39.82 8.01
C ALA FA 201 54.86 40.26 9.14
N GLY FA 202 55.33 41.19 9.97
CA GLY FA 202 54.53 41.74 11.05
C GLY FA 202 54.88 41.16 12.41
N VAL FA 203 56.14 40.77 12.58
CA VAL FA 203 56.67 40.37 13.88
C VAL FA 203 56.86 41.64 14.70
N PRO FA 204 56.10 41.77 15.81
CA PRO FA 204 56.11 42.97 16.66
C PRO FA 204 57.51 43.35 17.16
N LYS FA 205 57.71 44.65 17.35
CA LYS FA 205 58.95 45.19 17.89
C LYS FA 205 59.22 44.62 19.26
N GLY FA 206 60.40 44.03 19.43
CA GLY FA 206 60.81 43.41 20.70
C GLY FA 206 60.87 41.89 20.65
N VAL FA 207 60.00 41.28 19.86
CA VAL FA 207 59.88 39.83 19.80
C VAL FA 207 61.16 39.23 19.24
N LEU FA 208 61.69 39.85 18.20
CA LEU FA 208 62.97 39.43 17.61
C LEU FA 208 64.02 40.54 17.65
N SER FA 209 65.24 40.17 18.05
CA SER FA 209 66.38 41.06 17.99
C SER FA 209 67.59 40.30 17.53
N VAL FA 210 68.34 40.91 16.61
CA VAL FA 210 69.61 40.36 16.14
C VAL FA 210 70.73 41.36 16.48
N VAL FA 211 71.63 40.97 17.36
CA VAL FA 211 72.70 41.87 17.77
C VAL FA 211 74.05 41.37 17.26
N ILE FA 212 74.83 42.30 16.71
CA ILE FA 212 76.13 41.98 16.14
C ILE FA 212 77.22 42.72 16.91
N GLY FA 213 78.35 42.05 17.10
CA GLY FA 213 79.48 42.67 17.77
C GLY FA 213 80.41 41.69 18.42
N ASP FA 214 81.03 42.14 19.51
CA ASP FA 214 82.01 41.39 20.29
C ASP FA 214 81.39 40.11 20.87
N PRO FA 215 81.85 38.94 20.41
CA PRO FA 215 81.31 37.64 20.83
C PRO FA 215 81.41 37.42 22.34
N LYS FA 216 82.53 37.79 22.96
CA LYS FA 216 82.70 37.69 24.41
C LYS FA 216 81.74 38.62 25.17
N ALA FA 217 81.70 39.88 24.79
CA ALA FA 217 80.93 40.89 25.53
C ALA FA 217 79.41 40.63 25.47
N ILE FA 218 78.94 40.14 24.32
CA ILE FA 218 77.53 39.82 24.10
C ILE FA 218 77.11 38.49 24.75
N GLY FA 219 77.97 37.48 24.67
CA GLY FA 219 77.73 36.19 25.33
C GLY FA 219 77.55 36.37 26.84
N THR FA 220 78.50 37.07 27.44
CA THR FA 220 78.51 37.38 28.87
C THR FA 220 77.24 38.09 29.36
N GLU FA 221 76.75 39.06 28.59
CA GLU FA 221 75.51 39.72 28.96
C GLU FA 221 74.37 38.74 28.91
N ILE FA 222 74.29 37.99 27.81
CA ILE FA 222 73.26 36.99 27.60
C ILE FA 222 73.24 35.92 28.70
N THR FA 223 74.41 35.40 29.04
CA THR FA 223 74.49 34.29 30.01
C THR FA 223 74.26 34.76 31.45
N SER FA 224 74.56 36.03 31.73
CA SER FA 224 74.46 36.53 33.09
C SER FA 224 73.17 37.30 33.39
N ASN FA 225 72.39 37.61 32.35
CA ASN FA 225 71.17 38.41 32.51
C ASN FA 225 70.01 37.50 32.93
N PRO FA 226 69.42 37.76 34.12
CA PRO FA 226 68.36 36.95 34.73
C PRO FA 226 67.07 36.88 33.90
N ILE FA 227 66.84 37.89 33.07
CA ILE FA 227 65.68 37.89 32.18
C ILE FA 227 65.72 36.73 31.16
N VAL FA 228 66.89 36.49 30.55
CA VAL FA 228 67.06 35.37 29.64
C VAL FA 228 66.90 34.06 30.40
N ARG FA 229 65.76 33.41 30.21
CA ARG FA 229 65.46 32.17 30.93
C ARG FA 229 65.95 30.90 30.22
N LYS FA 230 66.22 31.00 28.91
CA LYS FA 230 66.83 29.88 28.18
C LYS FA 230 67.78 30.29 27.04
N LEU FA 231 68.80 29.48 26.82
CA LEU FA 231 69.77 29.75 25.78
C LEU FA 231 69.97 28.58 24.84
N SER FA 232 69.90 28.87 23.54
CA SER FA 232 70.20 27.89 22.51
C SER FA 232 71.55 28.20 21.89
N PHE FA 233 72.37 27.19 21.72
CA PHE FA 233 73.70 27.40 21.14
C PHE FA 233 74.02 26.29 20.16
N THR FA 234 74.60 26.66 19.03
CA THR FA 234 75.24 25.72 18.13
C THR FA 234 76.68 26.20 17.91
N GLY FA 235 77.63 25.28 18.04
CA GLY FA 235 79.05 25.62 17.89
C GLY FA 235 79.98 24.60 18.51
N SER FA 236 81.17 25.04 18.90
CA SER FA 236 82.19 24.13 19.39
C SER FA 236 81.89 23.68 20.79
N THR FA 237 82.31 22.47 21.14
CA THR FA 237 82.16 21.95 22.49
C THR FA 237 82.82 22.87 23.53
N ALA FA 238 84.02 23.35 23.23
CA ALA FA 238 84.75 24.24 24.14
C ALA FA 238 83.87 25.43 24.56
N VAL FA 239 83.32 26.15 23.57
CA VAL FA 239 82.47 27.31 23.83
C VAL FA 239 81.17 26.91 24.54
N GLY FA 240 80.74 25.68 24.31
CA GLY FA 240 79.55 25.12 24.95
C GLY FA 240 79.70 24.94 26.44
N ARG FA 241 80.86 24.42 26.86
CA ARG FA 241 81.20 24.27 28.27
C ARG FA 241 81.17 25.63 28.94
N LEU FA 242 81.84 26.59 28.29
CA LEU FA 242 81.93 27.95 28.77
C LEU FA 242 80.52 28.52 29.03
N LEU FA 243 79.64 28.39 28.04
CA LEU FA 243 78.31 28.97 28.13
C LEU FA 243 77.48 28.32 29.23
N MET FA 244 77.63 27.00 29.36
CA MET FA 244 76.94 26.23 30.40
C MET FA 244 77.32 26.68 31.82
N ALA FA 245 78.61 26.78 32.10
CA ALA FA 245 79.10 27.24 33.40
C ALA FA 245 78.68 28.69 33.66
N GLN FA 246 78.62 29.49 32.60
CA GLN FA 246 78.23 30.90 32.69
C GLN FA 246 76.74 31.11 32.91
N SER FA 247 75.95 30.08 32.61
CA SER FA 247 74.50 30.14 32.70
C SER FA 247 73.99 29.50 33.97
N ALA FA 248 74.91 28.86 34.70
CA ALA FA 248 74.54 28.12 35.90
C ALA FA 248 74.11 29.01 37.08
N PRO FA 249 74.74 30.19 37.25
CA PRO FA 249 74.23 31.09 38.27
C PRO FA 249 72.75 31.44 38.13
N THR FA 250 72.18 31.30 36.93
CA THR FA 250 70.76 31.63 36.70
C THR FA 250 69.92 30.41 36.31
N VAL FA 251 70.53 29.24 36.41
CA VAL FA 251 69.88 27.95 36.13
C VAL FA 251 69.06 27.96 34.83
N LYS FA 252 69.67 28.47 33.76
CA LYS FA 252 69.00 28.57 32.47
C LYS FA 252 68.67 27.21 31.89
N LYS FA 253 67.62 27.15 31.07
CA LYS FA 253 67.33 25.96 30.27
C LYS FA 253 68.25 25.98 29.02
N LEU FA 254 68.89 24.86 28.71
CA LEU FA 254 69.92 24.83 27.68
C LEU FA 254 69.69 23.82 26.54
N THR FA 255 69.78 24.33 25.32
CA THR FA 255 69.94 23.48 24.13
C THR FA 255 71.34 23.69 23.59
N LEU FA 256 72.11 22.62 23.52
CA LEU FA 256 73.44 22.69 22.94
C LEU FA 256 73.56 21.74 21.75
N GLU FA 257 74.03 22.27 20.63
CA GLU FA 257 74.44 21.47 19.48
C GLU FA 257 75.92 21.73 19.33
N LEU FA 258 76.74 20.79 19.79
CA LEU FA 258 78.18 21.00 19.91
C LEU FA 258 78.98 20.29 18.83
N GLY FA 259 80.22 19.94 19.14
CA GLY FA 259 81.08 19.24 18.20
C GLY FA 259 80.78 17.76 18.08
N GLY FA 260 81.08 17.22 16.92
CA GLY FA 260 80.97 15.78 16.68
C GLY FA 260 82.32 15.14 16.40
N ASN FA 261 82.27 13.98 15.77
CA ASN FA 261 83.44 13.26 15.25
C ASN FA 261 82.83 12.09 14.50
N ALA FA 262 82.08 12.43 13.45
CA ALA FA 262 81.21 11.47 12.78
C ALA FA 262 81.95 10.33 12.10
N PRO FA 263 81.57 9.08 12.42
CA PRO FA 263 82.10 7.94 11.70
C PRO FA 263 81.26 7.60 10.48
N PHE FA 264 81.93 7.43 9.35
CA PHE FA 264 81.29 6.92 8.15
C PHE FA 264 81.74 5.48 7.96
N ILE FA 265 80.82 4.56 8.20
CA ILE FA 265 81.14 3.14 8.29
C ILE FA 265 80.68 2.37 7.05
N VAL FA 266 81.66 1.79 6.34
CA VAL FA 266 81.40 0.97 5.17
C VAL FA 266 81.79 -0.47 5.47
N PHE FA 267 80.83 -1.36 5.34
CA PHE FA 267 81.08 -2.76 5.57
C PHE FA 267 81.43 -3.52 4.30
N ASP FA 268 82.19 -4.59 4.48
CA ASP FA 268 82.10 -5.82 3.73
C ASP FA 268 81.04 -5.84 2.61
N ASP FA 269 79.77 -5.94 3.00
CA ASP FA 269 78.65 -6.15 2.06
C ASP FA 269 77.90 -4.86 1.64
N ALA FA 270 78.55 -3.71 1.78
CA ALA FA 270 77.95 -2.46 1.37
C ALA FA 270 77.85 -2.39 -0.15
N ASP FA 271 76.93 -1.57 -0.64
CA ASP FA 271 76.92 -1.19 -2.04
C ASP FA 271 77.96 -0.09 -2.20
N LEU FA 272 79.13 -0.48 -2.69
CA LEU FA 272 80.28 0.42 -2.83
C LEU FA 272 80.02 1.74 -3.56
N ASP FA 273 79.29 1.69 -4.68
CA ASP FA 273 78.95 2.89 -5.45
C ASP FA 273 78.06 3.85 -4.65
N ALA FA 274 77.11 3.26 -3.94
CA ALA FA 274 76.21 4.00 -3.06
C ALA FA 274 76.99 4.58 -1.89
N ALA FA 275 77.85 3.76 -1.29
CA ALA FA 275 78.70 4.23 -0.21
C ALA FA 275 79.44 5.49 -0.63
N VAL FA 276 80.11 5.46 -1.78
CA VAL FA 276 80.84 6.63 -2.30
C VAL FA 276 79.93 7.86 -2.54
N GLU FA 277 78.77 7.65 -3.14
CA GLU FA 277 77.82 8.74 -3.35
C GLU FA 277 77.51 9.47 -2.03
N GLY FA 278 77.21 8.70 -0.98
CA GLY FA 278 76.94 9.26 0.34
C GLY FA 278 78.18 9.80 1.04
N ALA FA 279 79.34 9.28 0.65
CA ALA FA 279 80.61 9.76 1.18
C ALA FA 279 80.95 11.16 0.69
N ILE FA 280 80.38 11.57 -0.45
CA ILE FA 280 80.62 12.90 -1.01
C ILE FA 280 79.63 13.84 -0.34
N ALA FA 281 78.41 13.35 -0.18
CA ALA FA 281 77.35 14.10 0.45
C ALA FA 281 77.72 14.46 1.89
N SER FA 282 78.20 13.48 2.64
CA SER FA 282 78.47 13.70 4.05
C SER FA 282 79.79 14.40 4.32
N LYS FA 283 80.75 14.24 3.40
CA LYS FA 283 82.10 14.73 3.63
C LYS FA 283 82.42 16.05 2.92
N TYR FA 284 81.87 16.25 1.73
CA TYR FA 284 82.34 17.34 0.87
C TYR FA 284 81.39 18.51 0.61
N ARG FA 285 80.16 18.42 1.09
CA ARG FA 285 79.26 19.57 0.97
C ARG FA 285 79.62 20.61 2.03
N ASN FA 286 79.47 21.88 1.66
CA ASN FA 286 79.89 23.01 2.50
C ASN FA 286 81.38 22.90 2.86
N ASN FA 287 82.14 22.24 1.97
CA ASN FA 287 83.59 22.02 2.10
C ASN FA 287 84.01 21.30 3.39
N GLY FA 288 83.12 20.44 3.88
CA GLY FA 288 83.35 19.64 5.09
C GLY FA 288 83.08 20.37 6.39
N GLN FA 289 82.41 21.52 6.28
CA GLN FA 289 82.27 22.43 7.41
C GLN FA 289 80.89 22.36 8.07
N THR FA 290 80.20 21.24 7.93
CA THR FA 290 78.90 21.05 8.57
C THR FA 290 79.06 20.41 9.96
N CYS FA 291 78.07 20.60 10.82
CA CYS FA 291 78.06 19.99 12.16
C CYS FA 291 78.18 18.46 12.06
N VAL FA 292 77.44 17.89 11.12
CA VAL FA 292 77.29 16.44 10.97
C VAL FA 292 78.23 15.84 9.91
N CYS FA 293 79.37 16.50 9.66
CA CYS FA 293 80.32 16.00 8.69
C CYS FA 293 81.14 14.82 9.16
N THR FA 294 81.21 13.81 8.30
CA THR FA 294 82.09 12.67 8.47
C THR FA 294 83.48 13.21 8.81
N ASN FA 295 84.11 12.63 9.81
CA ASN FA 295 85.45 13.05 10.22
C ASN FA 295 86.37 11.85 10.18
N ARG FA 296 85.78 10.67 10.29
CA ARG FA 296 86.50 9.41 10.27
C ARG FA 296 85.75 8.45 9.37
N PHE FA 297 86.36 8.10 8.23
CA PHE FA 297 85.85 7.01 7.41
C PHE FA 297 86.36 5.67 7.93
N PHE FA 298 85.45 4.74 8.21
CA PHE FA 298 85.82 3.41 8.69
C PHE FA 298 85.38 2.34 7.70
N VAL FA 299 86.36 1.78 6.99
CA VAL FA 299 86.10 0.90 5.88
C VAL FA 299 86.61 -0.50 6.20
N HIS FA 300 85.86 -1.52 5.78
CA HIS FA 300 86.25 -2.90 6.02
C HIS FA 300 87.49 -3.31 5.22
N GLU FA 301 88.35 -4.09 5.88
CA GLU FA 301 89.56 -4.67 5.31
C GLU FA 301 89.34 -5.17 3.89
N ARG FA 302 88.34 -6.02 3.72
CA ARG FA 302 88.08 -6.69 2.45
C ARG FA 302 87.75 -5.74 1.31
N VAL FA 303 87.30 -4.54 1.64
CA VAL FA 303 86.81 -3.59 0.64
C VAL FA 303 87.57 -2.26 0.64
N TYR FA 304 88.57 -2.15 1.51
CA TYR FA 304 89.30 -0.90 1.72
C TYR FA 304 89.73 -0.22 0.43
N ASP FA 305 90.74 -0.79 -0.24
CA ASP FA 305 91.31 -0.26 -1.50
C ASP FA 305 90.27 -0.10 -2.62
N ALA FA 306 89.33 -1.04 -2.71
CA ALA FA 306 88.20 -0.92 -3.63
C ALA FA 306 87.46 0.40 -3.38
N PHE FA 307 87.07 0.65 -2.13
CA PHE FA 307 86.44 1.90 -1.72
C PHE FA 307 87.32 3.12 -2.01
N ALA FA 308 88.57 3.08 -1.55
CA ALA FA 308 89.53 4.16 -1.76
C ALA FA 308 89.70 4.50 -3.24
N ASP FA 309 89.82 3.48 -4.08
CA ASP FA 309 89.82 3.67 -5.54
C ASP FA 309 88.58 4.44 -5.95
N LYS FA 310 87.41 3.91 -5.62
CA LYS FA 310 86.15 4.48 -6.07
C LYS FA 310 85.97 5.92 -5.58
N LEU FA 311 86.32 6.16 -4.31
CA LEU FA 311 86.19 7.48 -3.71
C LEU FA 311 87.09 8.52 -4.38
N ALA FA 312 88.40 8.25 -4.46
CA ALA FA 312 89.37 9.14 -5.15
C ALA FA 312 88.90 9.56 -6.56
N ALA FA 313 88.38 8.59 -7.30
CA ALA FA 313 87.80 8.84 -8.61
C ALA FA 313 86.70 9.90 -8.52
N ALA FA 314 85.72 9.67 -7.66
CA ALA FA 314 84.57 10.58 -7.50
C ALA FA 314 84.99 11.95 -7.00
N VAL FA 315 85.96 11.97 -6.08
CA VAL FA 315 86.47 13.20 -5.48
C VAL FA 315 87.16 14.07 -6.52
N SER FA 316 87.86 13.43 -7.45
CA SER FA 316 88.58 14.17 -8.49
C SER FA 316 87.62 14.76 -9.54
N LYS FA 317 86.37 14.32 -9.53
CA LYS FA 317 85.34 14.89 -10.40
C LYS FA 317 84.65 16.14 -9.81
N LEU FA 318 85.03 16.52 -8.59
CA LEU FA 318 84.48 17.73 -7.93
C LEU FA 318 85.20 19.00 -8.38
N LYS FA 319 84.42 20.04 -8.63
CA LYS FA 319 84.95 21.30 -9.17
C LYS FA 319 85.12 22.36 -8.09
N VAL FA 320 86.36 22.77 -7.87
CA VAL FA 320 86.69 23.81 -6.90
C VAL FA 320 86.63 25.16 -7.58
N GLY FA 321 85.92 26.10 -6.97
CA GLY FA 321 85.89 27.47 -7.45
C GLY FA 321 85.01 28.40 -6.65
N ARG FA 322 84.95 29.66 -7.08
CA ARG FA 322 84.08 30.67 -6.49
C ARG FA 322 82.65 30.16 -6.47
N GLY FA 323 81.96 30.39 -5.36
CA GLY FA 323 80.61 29.87 -5.14
C GLY FA 323 79.55 30.36 -6.10
N THR FA 324 79.87 31.44 -6.82
CA THR FA 324 78.98 32.04 -7.80
C THR FA 324 79.21 31.46 -9.19
N GLU FA 325 80.47 31.11 -9.48
CA GLU FA 325 80.87 30.44 -10.71
C GLU FA 325 80.06 29.16 -10.92
N SER FA 326 79.70 28.89 -12.17
CA SER FA 326 78.95 27.71 -12.54
C SER FA 326 79.85 26.49 -12.51
N GLY FA 327 79.24 25.35 -12.14
CA GLY FA 327 79.96 24.08 -12.06
C GLY FA 327 80.77 23.91 -10.79
N ALA FA 328 81.05 25.01 -10.09
CA ALA FA 328 81.80 24.98 -8.83
C ALA FA 328 81.01 24.31 -7.70
N THR FA 329 81.56 23.22 -7.19
CA THR FA 329 80.90 22.40 -6.17
C THR FA 329 81.66 22.41 -4.85
N LEU FA 330 82.80 23.10 -4.83
CA LEU FA 330 83.57 23.28 -3.61
C LEU FA 330 84.02 24.73 -3.47
N GLY FA 331 83.51 25.40 -2.43
CA GLY FA 331 83.93 26.76 -2.10
C GLY FA 331 85.16 26.79 -1.22
N PRO FA 332 85.53 27.98 -0.74
CA PRO FA 332 86.68 28.07 0.16
C PRO FA 332 86.28 27.86 1.62
N LEU FA 333 87.25 27.41 2.43
CA LEU FA 333 87.08 27.37 3.88
C LEU FA 333 86.80 28.80 4.37
N ILE FA 334 86.16 28.90 5.54
CA ILE FA 334 85.72 30.19 6.09
C ILE FA 334 86.83 31.24 6.22
N ASN FA 335 88.02 30.81 6.61
CA ASN FA 335 89.15 31.71 6.90
C ASN FA 335 90.51 31.03 6.97
N GLU FA 336 91.53 31.83 7.31
CA GLU FA 336 92.90 31.36 7.47
C GLU FA 336 93.09 30.24 8.49
N ALA FA 337 92.58 30.41 9.70
CA ALA FA 337 92.80 29.44 10.78
C ALA FA 337 92.26 28.06 10.43
N ALA FA 338 91.17 28.03 9.67
CA ALA FA 338 90.57 26.79 9.23
C ALA FA 338 91.51 26.05 8.29
N VAL FA 339 92.06 26.78 7.31
CA VAL FA 339 93.05 26.24 6.39
C VAL FA 339 94.25 25.68 7.16
N LYS FA 340 94.80 26.47 8.08
CA LYS FA 340 95.90 26.04 8.91
C LYS FA 340 95.58 24.75 9.67
N LYS FA 341 94.33 24.62 10.12
CA LYS FA 341 93.89 23.40 10.82
C LYS FA 341 93.88 22.19 9.91
N VAL FA 342 93.35 22.34 8.70
CA VAL FA 342 93.34 21.26 7.71
C VAL FA 342 94.78 20.80 7.44
N GLU FA 343 95.67 21.76 7.18
CA GLU FA 343 97.11 21.50 6.96
C GLU FA 343 97.72 20.70 8.11
N SER FA 344 97.45 21.14 9.34
CA SER FA 344 97.98 20.52 10.55
C SER FA 344 97.49 19.08 10.74
N HIS FA 345 96.27 18.80 10.29
CA HIS FA 345 95.72 17.45 10.34
C HIS FA 345 96.37 16.55 9.30
N ILE FA 346 96.55 17.06 8.09
CA ILE FA 346 97.22 16.32 7.03
C ILE FA 346 98.67 16.01 7.42
N ALA FA 347 99.42 17.06 7.76
CA ALA FA 347 100.80 16.95 8.22
C ALA FA 347 101.00 15.87 9.28
N ASP FA 348 100.15 15.90 10.31
CA ASP FA 348 100.26 14.95 11.42
C ASP FA 348 100.08 13.49 11.01
N ALA FA 349 99.08 13.23 10.16
CA ALA FA 349 98.80 11.88 9.69
C ALA FA 349 99.91 11.31 8.80
N LEU FA 350 100.46 12.15 7.92
CA LEU FA 350 101.60 11.78 7.08
C LEU FA 350 102.81 11.36 7.92
N ALA FA 351 103.16 12.20 8.90
CA ALA FA 351 104.26 11.93 9.81
C ALA FA 351 104.07 10.61 10.57
N LYS FA 352 102.82 10.14 10.65
CA LYS FA 352 102.47 8.98 11.46
C LYS FA 352 102.14 7.73 10.63
N GLY FA 353 102.44 7.80 9.33
CA GLY FA 353 102.37 6.64 8.45
C GLY FA 353 101.32 6.67 7.33
N ALA FA 354 100.46 7.68 7.34
CA ALA FA 354 99.37 7.74 6.37
C ALA FA 354 99.85 8.23 5.00
N SER FA 355 99.18 7.80 3.94
CA SER FA 355 99.53 8.22 2.58
C SER FA 355 98.52 9.18 1.93
N LEU FA 356 99.05 10.12 1.16
CA LEU FA 356 98.24 11.11 0.47
C LEU FA 356 97.73 10.57 -0.86
N MET FA 357 96.49 10.11 -0.86
CA MET FA 357 95.87 9.55 -2.05
C MET FA 357 95.50 10.59 -3.11
N THR FA 358 95.18 11.81 -2.67
CA THR FA 358 94.87 12.93 -3.57
C THR FA 358 94.80 14.26 -2.79
N GLY FA 359 94.93 15.39 -3.49
CA GLY FA 359 94.95 16.70 -2.84
C GLY FA 359 96.13 16.90 -1.89
N GLY FA 360 95.86 17.44 -0.71
CA GLY FA 360 96.86 17.62 0.35
C GLY FA 360 97.48 18.99 0.51
N LYS FA 361 97.13 19.93 -0.38
CA LYS FA 361 97.74 21.25 -0.40
C LYS FA 361 96.73 22.35 -0.73
N ARG FA 362 97.07 23.58 -0.35
CA ARG FA 362 96.28 24.77 -0.70
C ARG FA 362 96.10 24.90 -2.22
N HIS FA 363 94.88 25.23 -2.65
CA HIS FA 363 94.57 25.39 -4.08
C HIS FA 363 95.07 26.73 -4.62
N ALA FA 364 95.52 26.72 -5.87
CA ALA FA 364 96.13 27.88 -6.50
C ALA FA 364 95.26 29.14 -6.45
N LEU FA 365 93.94 28.96 -6.37
CA LEU FA 365 93.01 30.10 -6.30
C LEU FA 365 93.21 30.95 -5.03
N GLY FA 366 94.02 30.45 -4.10
CA GLY FA 366 94.41 31.20 -2.89
C GLY FA 366 93.34 31.31 -1.82
N HIS FA 367 93.54 32.25 -0.91
CA HIS FA 367 92.61 32.52 0.21
C HIS FA 367 92.23 31.25 0.98
N GLY FA 368 90.97 30.87 0.91
CA GLY FA 368 90.45 29.72 1.67
C GLY FA 368 90.31 28.42 0.91
N PHE FA 369 90.56 28.47 -0.40
CA PHE FA 369 90.45 27.28 -1.25
C PHE FA 369 91.54 26.26 -0.96
N PHE FA 370 91.15 24.98 -0.94
CA PHE FA 370 92.02 23.88 -0.55
C PHE FA 370 91.55 22.64 -1.31
N GLU FA 371 92.49 21.84 -1.79
CA GLU FA 371 92.17 20.69 -2.63
C GLU FA 371 91.50 19.59 -1.82
N PRO FA 372 90.35 19.08 -2.30
CA PRO FA 372 89.72 17.95 -1.65
C PRO FA 372 90.73 16.83 -1.52
N THR FA 373 90.75 16.18 -0.36
CA THR FA 373 91.87 15.35 0.05
C THR FA 373 91.40 14.00 0.57
N VAL FA 374 92.11 12.94 0.21
CA VAL FA 374 91.80 11.60 0.67
C VAL FA 374 93.07 10.98 1.24
N LEU FA 375 93.02 10.54 2.50
CA LEU FA 375 94.17 9.90 3.15
C LEU FA 375 93.89 8.44 3.42
N THR FA 376 94.88 7.60 3.15
CA THR FA 376 94.77 6.17 3.42
C THR FA 376 95.72 5.83 4.55
N GLY FA 377 95.59 4.63 5.09
CA GLY FA 377 96.41 4.17 6.22
C GLY FA 377 96.36 5.10 7.41
N VAL FA 378 95.17 5.57 7.74
CA VAL FA 378 95.00 6.48 8.87
C VAL FA 378 94.76 5.64 10.11
N LYS FA 379 95.47 5.97 11.19
CA LYS FA 379 95.42 5.19 12.42
C LYS FA 379 94.92 6.02 13.63
N PRO FA 380 94.34 5.34 14.64
CA PRO FA 380 93.81 5.90 15.90
C PRO FA 380 94.70 6.85 16.71
N ASP FA 381 95.97 7.01 16.33
CA ASP FA 381 96.92 7.85 17.07
C ASP FA 381 97.16 9.20 16.39
N MET FA 382 96.45 9.45 15.30
CA MET FA 382 96.54 10.72 14.60
C MET FA 382 95.51 11.68 15.18
N ASP FA 383 95.76 12.97 14.96
CA ASP FA 383 94.93 14.02 15.53
C ASP FA 383 93.50 13.98 14.98
N VAL FA 384 93.36 13.65 13.71
CA VAL FA 384 92.06 13.59 13.05
C VAL FA 384 91.11 12.57 13.71
N ALA FA 385 91.67 11.52 14.31
CA ALA FA 385 90.89 10.53 15.05
C ALA FA 385 90.26 11.10 16.34
N LYS FA 386 90.86 12.18 16.85
CA LYS FA 386 90.45 12.81 18.11
C LYS FA 386 89.79 14.19 17.93
N GLU FA 387 90.01 14.83 16.78
CA GLU FA 387 89.56 16.22 16.52
C GLU FA 387 88.81 16.37 15.21
N GLU FA 388 87.85 17.29 15.19
CA GLU FA 388 87.16 17.64 13.95
C GLU FA 388 88.04 18.47 13.03
N THR FA 389 88.01 18.13 11.75
CA THR FA 389 88.78 18.84 10.72
C THR FA 389 88.09 20.15 10.30
N PHE FA 390 86.80 20.06 9.98
CA PHE FA 390 86.05 21.17 9.38
C PHE FA 390 86.70 21.62 8.06
N GLY FA 391 87.04 20.62 7.24
CA GLY FA 391 87.70 20.83 5.97
C GLY FA 391 87.50 19.63 5.07
N PRO FA 392 87.93 19.75 3.80
CA PRO FA 392 87.70 18.72 2.79
C PRO FA 392 88.69 17.55 2.89
N LEU FA 393 88.73 16.91 4.05
CA LEU FA 393 89.69 15.85 4.32
C LEU FA 393 88.99 14.52 4.58
N ALA FA 394 89.26 13.53 3.73
CA ALA FA 394 88.70 12.18 3.89
C ALA FA 394 89.74 11.18 4.43
N PRO FA 395 89.76 10.94 5.76
CA PRO FA 395 90.76 10.06 6.33
C PRO FA 395 90.23 8.63 6.46
N LEU FA 396 90.84 7.70 5.75
CA LEU FA 396 90.29 6.35 5.68
C LEU FA 396 90.90 5.43 6.71
N PHE FA 397 90.11 5.06 7.70
CA PHE FA 397 90.54 4.12 8.73
C PHE FA 397 90.18 2.71 8.29
N ARG FA 398 90.89 1.75 8.85
CA ARG FA 398 90.78 0.35 8.47
C ARG FA 398 90.27 -0.44 9.67
N PHE FA 399 89.24 -1.26 9.46
CA PHE FA 399 88.84 -2.21 10.49
C PHE FA 399 88.67 -3.63 9.94
N ALA FA 400 88.68 -4.61 10.83
CA ALA FA 400 88.66 -6.01 10.45
C ALA FA 400 87.61 -6.83 11.19
N SER FA 401 86.95 -6.20 12.18
CA SER FA 401 85.78 -6.78 12.84
C SER FA 401 84.76 -5.74 13.30
N GLU FA 402 83.52 -6.20 13.43
CA GLU FA 402 82.36 -5.40 13.87
C GLU FA 402 82.48 -4.86 15.31
N GLU FA 403 82.85 -5.73 16.25
CA GLU FA 403 83.14 -5.36 17.63
C GLU FA 403 84.24 -4.29 17.69
N GLU FA 404 85.31 -4.52 16.94
CA GLU FA 404 86.44 -3.60 16.84
C GLU FA 404 85.96 -2.25 16.34
N LEU FA 405 85.09 -2.29 15.33
CA LEU FA 405 84.54 -1.08 14.73
C LEU FA 405 83.72 -0.28 15.74
N VAL FA 406 82.75 -0.94 16.38
CA VAL FA 406 81.93 -0.29 17.39
C VAL FA 406 82.84 0.36 18.44
N ARG FA 407 83.79 -0.41 18.98
CA ARG FA 407 84.76 0.14 19.91
C ARG FA 407 85.34 1.44 19.33
N LEU FA 408 85.97 1.31 18.16
CA LEU FA 408 86.58 2.42 17.43
C LEU FA 408 85.62 3.58 17.17
N ALA FA 409 84.38 3.25 16.81
CA ALA FA 409 83.38 4.28 16.46
C ALA FA 409 82.98 5.11 17.67
N ASN FA 410 82.86 4.45 18.83
CA ASN FA 410 82.44 5.09 20.08
C ASN FA 410 83.57 5.58 20.99
N ASP FA 411 84.83 5.35 20.61
CA ASP FA 411 85.98 5.79 21.40
C ASP FA 411 86.28 7.29 21.19
N THR FA 412 85.41 8.12 21.71
CA THR FA 412 85.45 9.57 21.53
C THR FA 412 84.49 10.22 22.53
N GLU FA 413 84.85 11.43 22.99
CA GLU FA 413 83.97 12.24 23.85
C GLU FA 413 82.67 12.66 23.13
N PHE FA 414 82.75 12.76 21.80
CA PHE FA 414 81.64 13.28 20.99
C PHE FA 414 80.65 12.20 20.54
N GLY FA 415 79.53 12.63 19.96
CA GLY FA 415 78.44 11.72 19.59
C GLY FA 415 77.25 12.40 18.93
N LEU FA 416 77.50 13.09 17.83
CA LEU FA 416 76.46 13.76 17.07
C LEU FA 416 75.85 12.85 15.99
N ALA FA 417 76.52 12.76 14.83
CA ALA FA 417 76.06 11.95 13.71
C ALA FA 417 77.03 10.83 13.35
N ALA FA 418 76.48 9.79 12.73
CA ALA FA 418 77.24 8.65 12.25
C ALA FA 418 76.56 8.14 11.00
N TYR FA 419 77.35 7.64 10.06
CA TYR FA 419 76.77 7.00 8.87
C TYR FA 419 77.20 5.55 8.81
N LEU FA 420 76.29 4.71 8.31
CA LEU FA 420 76.45 3.27 8.36
C LEU FA 420 75.93 2.62 7.07
N TYR FA 421 76.86 2.09 6.28
CA TYR FA 421 76.54 1.40 5.05
C TYR FA 421 76.74 -0.09 5.17
N SER FA 422 75.65 -0.82 5.00
CA SER FA 422 75.63 -2.26 5.00
C SER FA 422 74.30 -2.66 4.40
N ARG FA 423 74.16 -3.93 4.05
CA ARG FA 423 73.01 -4.35 3.29
C ARG FA 423 72.23 -5.41 4.06
N ASP FA 424 72.87 -5.98 5.08
CA ASP FA 424 72.31 -7.02 5.92
C ASP FA 424 71.48 -6.41 7.05
N ILE FA 425 70.17 -6.65 6.99
CA ILE FA 425 69.21 -6.05 7.94
C ILE FA 425 69.63 -6.17 9.40
N GLY FA 426 70.04 -7.36 9.80
CA GLY FA 426 70.42 -7.62 11.17
C GLY FA 426 71.64 -6.83 11.58
N ARG FA 427 72.64 -6.82 10.70
CA ARG FA 427 73.86 -6.12 11.00
C ARG FA 427 73.58 -4.63 11.16
N VAL FA 428 72.69 -4.11 10.32
CA VAL FA 428 72.37 -2.70 10.35
C VAL FA 428 71.77 -2.30 11.71
N TRP FA 429 70.76 -3.04 12.16
CA TRP FA 429 70.12 -2.81 13.45
C TRP FA 429 71.09 -2.95 14.62
N ARG FA 430 71.84 -4.06 14.64
CA ARG FA 430 72.86 -4.31 15.66
C ARG FA 430 73.77 -3.11 15.87
N VAL FA 431 74.43 -2.70 14.80
CA VAL FA 431 75.42 -1.63 14.85
C VAL FA 431 74.76 -0.29 15.15
N ALA FA 432 73.61 -0.04 14.53
CA ALA FA 432 72.85 1.19 14.77
C ALA FA 432 72.59 1.47 16.26
N GLU FA 433 72.22 0.42 16.99
CA GLU FA 433 71.91 0.53 18.42
C GLU FA 433 73.17 0.68 19.29
N ALA FA 434 74.28 0.13 18.84
CA ALA FA 434 75.52 0.24 19.60
C ALA FA 434 76.23 1.58 19.36
N LEU FA 435 75.76 2.33 18.36
CA LEU FA 435 76.41 3.58 18.00
C LEU FA 435 75.97 4.69 18.93
N GLU FA 436 76.90 5.19 19.73
CA GLU FA 436 76.62 6.26 20.70
C GLU FA 436 76.55 7.62 20.00
N TYR FA 437 75.47 7.78 19.23
CA TYR FA 437 75.29 8.95 18.39
C TYR FA 437 73.82 9.34 18.37
N GLY FA 438 73.55 10.64 18.29
CA GLY FA 438 72.17 11.14 18.29
C GLY FA 438 71.43 10.90 16.99
N MET FA 439 72.21 10.71 15.92
CA MET FA 439 71.69 10.52 14.57
C MET FA 439 72.55 9.51 13.80
N VAL FA 440 71.88 8.64 13.04
CA VAL FA 440 72.55 7.59 12.29
C VAL FA 440 71.96 7.48 10.88
N GLY FA 441 72.80 7.78 9.89
CA GLY FA 441 72.43 7.57 8.49
C GLY FA 441 72.65 6.13 8.11
N ILE FA 442 71.60 5.47 7.63
CA ILE FA 442 71.69 4.06 7.24
C ILE FA 442 71.56 3.93 5.73
N ASN FA 443 72.71 3.70 5.09
CA ASN FA 443 72.83 3.64 3.63
C ASN FA 443 72.50 4.98 2.95
N THR FA 444 72.79 6.07 3.64
CA THR FA 444 72.69 7.42 3.10
C THR FA 444 73.64 8.35 3.84
N GLY FA 445 74.04 9.42 3.17
CA GLY FA 445 74.94 10.41 3.77
C GLY FA 445 74.28 11.75 4.05
N LEU FA 446 72.99 11.84 3.73
CA LEU FA 446 72.21 13.03 4.04
C LEU FA 446 71.03 12.66 4.94
N ILE FA 447 70.94 13.32 6.08
CA ILE FA 447 69.93 12.97 7.09
C ILE FA 447 69.19 14.19 7.64
N SER FA 448 69.55 15.37 7.12
CA SER FA 448 69.01 16.63 7.61
C SER FA 448 67.63 16.95 7.06
N ASN FA 449 66.67 17.13 7.97
CA ASN FA 449 65.33 17.60 7.66
C ASN FA 449 64.61 18.16 8.90
N GLU FA 450 63.54 18.90 8.68
CA GLU FA 450 62.81 19.58 9.75
C GLU FA 450 61.90 18.68 10.57
N VAL FA 451 61.65 17.46 10.12
CA VAL FA 451 60.71 16.61 10.84
C VAL FA 451 61.38 15.63 11.82
N ALA FA 452 62.66 15.35 11.59
CA ALA FA 452 63.46 14.54 12.51
C ALA FA 452 64.13 15.37 13.64
N PRO FA 453 64.30 14.76 14.82
CA PRO FA 453 65.00 15.39 15.95
C PRO FA 453 66.52 15.40 15.72
N PHE FA 454 67.10 16.59 15.83
CA PHE FA 454 68.48 16.83 15.47
C PHE FA 454 69.29 17.17 16.71
N GLY FA 455 70.30 16.37 17.03
CA GLY FA 455 71.14 16.68 18.17
C GLY FA 455 72.11 15.59 18.57
N GLY FA 456 72.96 15.89 19.55
CA GLY FA 456 74.01 14.97 19.93
C GLY FA 456 73.77 14.30 21.25
N VAL FA 457 74.62 13.31 21.56
CA VAL FA 457 74.69 12.73 22.89
C VAL FA 457 76.07 13.02 23.46
N LYS FA 458 76.27 12.67 24.73
CA LYS FA 458 77.57 12.83 25.39
C LYS FA 458 78.03 14.28 25.24
N GLN FA 459 79.22 14.49 24.66
CA GLN FA 459 79.79 15.83 24.56
C GLN FA 459 79.30 16.67 23.39
N SER FA 460 78.35 16.12 22.64
CA SER FA 460 77.81 16.80 21.49
C SER FA 460 76.61 17.65 21.90
N GLY FA 461 76.19 17.51 23.16
CA GLY FA 461 75.27 18.50 23.75
C GLY FA 461 73.97 18.02 24.34
N LEU FA 462 72.97 18.89 24.25
CA LEU FA 462 71.72 18.79 25.02
C LEU FA 462 70.50 19.23 24.22
N GLY FA 463 69.43 18.44 24.27
CA GLY FA 463 68.20 18.77 23.58
C GLY FA 463 68.20 18.41 22.11
N ARG FA 464 67.07 18.66 21.45
CA ARG FA 464 66.91 18.36 20.04
C ARG FA 464 66.32 19.54 19.25
N GLU FA 465 66.60 19.59 17.96
CA GLU FA 465 66.02 20.62 17.08
C GLU FA 465 65.22 20.01 15.93
N GLY FA 466 64.19 20.72 15.48
CA GLY FA 466 63.23 20.18 14.53
C GLY FA 466 62.38 19.15 15.22
N SER FA 467 61.42 18.59 14.49
CA SER FA 467 60.50 17.55 14.99
C SER FA 467 59.57 18.06 16.09
N HIS FA 468 58.69 17.19 16.57
CA HIS FA 468 57.81 17.58 17.67
C HIS FA 468 58.61 17.88 18.94
N TYR FA 469 59.78 17.24 19.08
CA TYR FA 469 60.69 17.47 20.22
C TYR FA 469 61.28 18.89 20.27
N GLY FA 470 61.40 19.54 19.11
CA GLY FA 470 62.11 20.82 19.00
C GLY FA 470 61.48 22.02 19.68
N ILE FA 471 60.20 21.91 19.99
CA ILE FA 471 59.46 22.98 20.65
C ILE FA 471 59.41 22.80 22.18
N ASP FA 472 59.61 21.56 22.65
CA ASP FA 472 59.63 21.24 24.07
C ASP FA 472 60.48 22.22 24.86
N ASP FA 473 61.72 22.41 24.40
CA ASP FA 473 62.72 23.18 25.12
C ASP FA 473 62.42 24.68 25.19
N TYR FA 474 61.38 25.12 24.47
CA TYR FA 474 60.93 26.52 24.57
C TYR FA 474 59.67 26.70 25.42
N VAL FA 475 59.08 25.59 25.85
CA VAL FA 475 57.95 25.63 26.78
C VAL FA 475 58.35 25.14 28.15
N VAL FA 476 57.52 25.49 29.12
CA VAL FA 476 57.73 25.07 30.48
C VAL FA 476 56.47 24.34 30.91
N ILE FA 477 56.61 23.25 31.67
CA ILE FA 477 55.44 22.44 32.05
C ILE FA 477 54.84 22.83 33.44
N LYS FA 478 53.51 22.99 33.47
CA LYS FA 478 52.76 23.35 34.68
C LYS FA 478 51.74 22.29 35.12
N TYR FA 479 51.95 21.74 36.31
CA TYR FA 479 51.06 20.73 36.87
C TYR FA 479 50.05 21.38 37.82
N LEU FA 480 48.78 21.12 37.55
CA LEU FA 480 47.68 21.70 38.31
C LEU FA 480 46.93 20.60 39.04
N CYS FA 481 47.05 20.62 40.36
CA CYS FA 481 46.36 19.67 41.22
C CYS FA 481 45.06 20.28 41.72
N VAL FA 482 43.95 19.85 41.15
CA VAL FA 482 42.63 20.44 41.37
C VAL FA 482 41.77 19.62 42.34
N ALA FA 483 41.45 20.19 43.50
CA ALA FA 483 40.62 19.52 44.49
C ALA FA 483 39.16 19.47 44.05
N VAL FA 484 38.57 18.28 44.15
CA VAL FA 484 37.16 18.06 43.83
C VAL FA 484 36.26 18.15 45.09
#